data_8EFT
#
_entry.id   8EFT
#
_cell.length_a   1.00
_cell.length_b   1.00
_cell.length_c   1.00
_cell.angle_alpha   90.00
_cell.angle_beta   90.00
_cell.angle_gamma   90.00
#
_symmetry.space_group_name_H-M   'P 1'
#
_entity_poly.entity_id   1
_entity_poly.type   'polypeptide(L)'
_entity_poly.pdbx_seq_one_letter_code
;ATDRGSESDKHFRKVSDKEKIDQLQEELLHTQLKYQRILERLEKENKELRKLVLQKDDKGIHHRKLKKSLIDMYSEVLDV
LSDYDASYNTQDHLPRVVVVGDQSAGKTSVLEMIAQARIFPRGSGEMMTRSPVKVTLSEGPHHVALFKDSSREFDLTKEE
DLAALRHEIELRMRKNVKEGCTVSPETISLNVKGPGLQRMVLVDLPGVINTVTSGMAPDTKETIFSISKAYMQNPNAIIL
CIQDGSVDAERSIVTDLVSQMDPHGRRTIFVLTKVDLAEKNVASPSRIQQIIEGKLFPMKALGYFAVVTGKGNSSESIEA
IREYEEEFFQNSKLLKTSMLKAHQVTTRNLSLAVSDCFWKMVRESVEQQADSFKATRFNLETEWKNNYPRLRELDRNELF
EKAKNEILDEVISLSQVTPKHWEEILQQSLWERVSTHVIENIYLPAAQTMNSGTFNTTVDIKLKQWTDKQLPNKAVEVAW
ETLQEEFSRFMTEPKGKEHDDIFDKLKEAVKEESIKRHKWNDFAEDSLRVIQHNALEDRSISDKQQWDAAIYFMEEALQA
RLKDTENAIENMVGPDWKKRWLYWKNRTQEQCVHNETKNELEKMLKCNEEHPAYLASDEITTVRKNLESRGVEVDPSLIK
DTWHQVYRRHFLKTALNHCNLCRRGFYYYQRHFVDSELECNDVVLFWRIQRMLAITANTLRQQLTNTEVRRLEKNVKEVL
EDFAEDGEKKIKLLTGKRVQLAEDLKKVREIQEKLDAFIEALHQEK
;
_entity_poly.pdbx_strand_id   A,B,C,K,D,L,E,M,F,N,G,O,H,P,I,Q,J,R
#
# COMPACT_ATOMS: atom_id res chain seq x y z
N ALA A 1 -27.94 -16.66 6.58
CA ALA A 1 -27.43 -15.49 5.87
C ALA A 1 -25.91 -15.56 5.71
N THR A 2 -25.27 -16.31 6.61
CA THR A 2 -23.82 -16.46 6.52
C THR A 2 -23.42 -17.16 5.23
N ASP A 3 -24.17 -18.18 4.82
CA ASP A 3 -23.93 -18.86 3.55
C ASP A 3 -25.26 -19.42 3.07
N ARG A 4 -25.46 -19.39 1.74
CA ARG A 4 -26.75 -19.75 1.15
C ARG A 4 -26.69 -20.79 0.05
N GLY A 5 -25.55 -20.97 -0.64
CA GLY A 5 -25.51 -21.90 -1.75
C GLY A 5 -25.71 -23.33 -1.33
N SER A 6 -25.12 -23.73 -0.20
CA SER A 6 -25.22 -25.11 0.25
C SER A 6 -26.67 -25.48 0.56
N GLU A 7 -27.43 -24.54 1.13
CA GLU A 7 -28.84 -24.79 1.39
C GLU A 7 -29.60 -25.05 0.10
N SER A 8 -29.32 -24.26 -0.95
CA SER A 8 -29.98 -24.47 -2.23
C SER A 8 -29.63 -25.83 -2.81
N ASP A 9 -28.34 -26.21 -2.74
CA ASP A 9 -27.93 -27.49 -3.29
C ASP A 9 -28.61 -28.64 -2.55
N LYS A 10 -28.65 -28.58 -1.22
CA LYS A 10 -29.32 -29.62 -0.45
C LYS A 10 -30.80 -29.67 -0.76
N HIS A 11 -31.45 -28.50 -0.88
CA HIS A 11 -32.87 -28.45 -1.15
C HIS A 11 -33.21 -29.13 -2.47
N PHE A 12 -32.53 -28.72 -3.54
CA PHE A 12 -32.88 -29.29 -4.84
C PHE A 12 -32.41 -30.73 -4.98
N ARG A 13 -31.35 -31.11 -4.26
CA ARG A 13 -30.97 -32.53 -4.23
C ARG A 13 -32.06 -33.37 -3.59
N LYS A 14 -32.63 -32.89 -2.48
CA LYS A 14 -33.74 -33.61 -1.85
C LYS A 14 -34.97 -33.62 -2.74
N VAL A 15 -35.21 -32.54 -3.47
CA VAL A 15 -36.36 -32.53 -4.39
C VAL A 15 -36.17 -33.56 -5.50
N SER A 16 -34.96 -33.62 -6.06
CA SER A 16 -34.66 -34.63 -7.07
C SER A 16 -34.88 -36.02 -6.51
N ASP A 17 -34.44 -36.26 -5.27
CA ASP A 17 -34.69 -37.55 -4.66
C ASP A 17 -36.19 -37.81 -4.49
N LYS A 18 -36.92 -36.83 -3.97
CA LYS A 18 -38.35 -37.04 -3.75
C LYS A 18 -39.06 -37.43 -5.04
N GLU A 19 -38.64 -36.85 -6.17
CA GLU A 19 -39.34 -37.15 -7.42
C GLU A 19 -38.84 -38.43 -8.09
N LYS A 20 -37.55 -38.76 -8.00
CA LYS A 20 -36.99 -39.84 -8.80
C LYS A 20 -36.31 -40.94 -7.99
N ILE A 21 -36.52 -41.02 -6.68
CA ILE A 21 -35.73 -41.97 -5.89
C ILE A 21 -36.08 -43.41 -6.23
N ASP A 22 -37.34 -43.68 -6.59
CA ASP A 22 -37.72 -45.03 -6.95
C ASP A 22 -36.94 -45.56 -8.15
N GLN A 23 -36.29 -44.68 -8.91
CA GLN A 23 -35.37 -45.07 -9.97
C GLN A 23 -33.91 -44.88 -9.57
N LEU A 24 -33.61 -43.82 -8.81
CA LEU A 24 -32.23 -43.47 -8.49
C LEU A 24 -31.63 -44.43 -7.48
N GLN A 25 -32.42 -44.92 -6.53
CA GLN A 25 -31.89 -45.89 -5.57
C GLN A 25 -31.54 -47.20 -6.28
N GLU A 26 -32.31 -47.57 -7.30
CA GLU A 26 -31.99 -48.75 -8.09
C GLU A 26 -30.74 -48.53 -8.93
N GLU A 27 -30.66 -47.38 -9.62
CA GLU A 27 -29.58 -47.18 -10.58
C GLU A 27 -28.25 -46.87 -9.90
N LEU A 28 -28.28 -46.13 -8.79
CA LEU A 28 -27.07 -45.55 -8.21
C LEU A 28 -26.36 -46.49 -7.23
N LEU A 29 -27.10 -47.20 -6.38
CA LEU A 29 -26.45 -47.95 -5.30
C LEU A 29 -26.79 -49.43 -5.34
N HIS A 30 -28.05 -49.78 -5.57
CA HIS A 30 -28.46 -51.18 -5.56
C HIS A 30 -27.54 -52.03 -6.42
N THR A 31 -27.48 -51.72 -7.71
CA THR A 31 -26.61 -52.46 -8.63
C THR A 31 -25.15 -52.18 -8.32
N GLN A 32 -24.83 -50.93 -7.99
CA GLN A 32 -23.42 -50.55 -7.82
C GLN A 32 -22.80 -51.21 -6.60
N LEU A 33 -23.61 -51.54 -5.59
CA LEU A 33 -23.07 -52.25 -4.43
C LEU A 33 -22.35 -53.52 -4.87
N LYS A 34 -22.89 -54.21 -5.87
CA LYS A 34 -22.30 -55.42 -6.41
C LYS A 34 -21.42 -55.17 -7.63
N TYR A 35 -21.21 -53.91 -8.04
CA TYR A 35 -20.56 -53.64 -9.32
C TYR A 35 -19.17 -54.27 -9.38
N GLN A 36 -18.38 -54.14 -8.31
CA GLN A 36 -17.05 -54.73 -8.32
C GLN A 36 -17.12 -56.24 -8.54
N ARG A 37 -18.11 -56.93 -7.96
CA ARG A 37 -18.24 -58.43 -8.03
C ARG A 37 -18.94 -58.83 -9.35
N ILE A 38 -19.84 -57.99 -9.88
CA ILE A 38 -20.67 -58.29 -11.10
C ILE A 38 -19.77 -58.47 -12.34
N LEU A 39 -18.71 -57.69 -12.49
CA LEU A 39 -17.93 -57.67 -13.79
C LEU A 39 -17.33 -59.06 -14.10
N GLU A 40 -16.78 -59.80 -13.12
CA GLU A 40 -16.14 -61.11 -13.46
C GLU A 40 -17.24 -62.06 -14.01
N ARG A 41 -18.41 -62.11 -13.38
CA ARG A 41 -19.56 -62.95 -13.87
C ARG A 41 -20.01 -62.41 -15.23
N LEU A 42 -20.10 -61.08 -15.38
CA LEU A 42 -20.65 -60.41 -16.60
C LEU A 42 -19.79 -60.66 -17.85
N GLU A 43 -18.45 -60.64 -17.76
CA GLU A 43 -17.53 -60.66 -18.94
C GLU A 43 -16.56 -61.85 -18.94
N LYS A 44 -15.76 -62.06 -17.87
CA LYS A 44 -14.73 -63.09 -17.82
C LYS A 44 -15.36 -64.47 -17.90
N GLU A 45 -16.26 -64.74 -16.95
CA GLU A 45 -16.96 -66.05 -16.89
C GLU A 45 -17.65 -66.25 -18.25
N ASN A 46 -18.06 -65.21 -18.98
CA ASN A 46 -18.74 -65.32 -20.31
C ASN A 46 -17.73 -65.86 -21.35
N LYS A 47 -16.49 -65.35 -21.39
CA LYS A 47 -15.46 -65.77 -22.32
C LYS A 47 -15.07 -67.21 -22.07
N GLU A 48 -14.98 -67.59 -20.79
CA GLU A 48 -14.69 -68.98 -20.48
C GLU A 48 -15.84 -69.88 -20.92
N LEU A 49 -17.07 -69.50 -20.62
CA LEU A 49 -18.19 -70.41 -20.83
C LEU A 49 -18.31 -70.82 -22.28
N ARG A 50 -18.23 -69.86 -23.22
CA ARG A 50 -18.34 -70.18 -24.68
C ARG A 50 -17.08 -70.96 -25.12
N LYS A 51 -15.89 -70.68 -24.56
CA LYS A 51 -14.67 -71.49 -24.90
C LYS A 51 -14.93 -72.94 -24.44
N LEU A 52 -15.54 -73.13 -23.26
CA LEU A 52 -15.86 -74.48 -22.69
C LEU A 52 -16.87 -75.18 -23.61
N VAL A 53 -17.84 -74.44 -24.20
CA VAL A 53 -18.83 -75.03 -25.17
C VAL A 53 -18.05 -75.56 -26.38
N LEU A 54 -17.02 -74.85 -26.86
CA LEU A 54 -16.18 -75.32 -28.01
C LEU A 54 -15.31 -76.50 -27.52
N GLN A 55 -14.81 -76.49 -26.28
CA GLN A 55 -14.05 -77.63 -25.67
C GLN A 55 -15.00 -78.83 -25.58
N LYS A 56 -16.29 -78.62 -25.25
CA LYS A 56 -17.33 -79.70 -25.20
C LYS A 56 -17.51 -80.26 -26.62
N ASP A 57 -17.50 -79.40 -27.66
CA ASP A 57 -17.59 -79.86 -29.09
C ASP A 57 -16.33 -80.70 -29.37
N ASP A 58 -15.16 -80.29 -28.85
CA ASP A 58 -13.87 -81.04 -28.97
C ASP A 58 -14.05 -82.38 -28.21
N LYS A 59 -14.81 -82.40 -27.09
CA LYS A 59 -15.06 -83.62 -26.23
C LYS A 59 -13.78 -83.92 -25.42
N GLY A 60 -12.90 -82.92 -25.20
CA GLY A 60 -11.67 -83.06 -24.37
C GLY A 60 -11.85 -82.28 -23.07
N ILE A 61 -11.53 -82.85 -21.89
CA ILE A 61 -11.76 -82.19 -20.57
C ILE A 61 -10.91 -80.90 -20.50
N HIS A 62 -11.46 -79.74 -20.10
CA HIS A 62 -10.68 -78.49 -19.93
C HIS A 62 -9.66 -78.64 -18.78
N HIS A 63 -10.07 -79.23 -17.65
CA HIS A 63 -9.16 -79.32 -16.47
C HIS A 63 -7.96 -80.20 -16.82
N ARG A 64 -8.18 -81.40 -17.37
CA ARG A 64 -7.07 -82.35 -17.67
C ARG A 64 -6.16 -81.68 -18.72
N LYS A 65 -4.83 -81.76 -18.54
CA LYS A 65 -3.83 -81.18 -19.48
C LYS A 65 -3.63 -82.06 -20.72
N LEU A 66 -2.96 -81.55 -21.78
CA LEU A 66 -2.75 -82.27 -23.09
C LEU A 66 -4.01 -82.04 -23.94
N LYS A 67 -4.94 -81.17 -23.51
CA LYS A 67 -6.19 -80.82 -24.24
C LYS A 67 -5.80 -80.24 -25.62
N LYS A 68 -4.70 -79.48 -25.71
CA LYS A 68 -4.29 -78.77 -26.98
C LYS A 68 -2.80 -79.07 -27.29
N SER A 69 -2.34 -78.83 -28.53
CA SER A 69 -0.92 -79.09 -28.98
C SER A 69 -0.01 -78.07 -28.29
N LEU A 70 1.28 -78.40 -28.07
CA LEU A 70 2.20 -77.50 -27.30
C LEU A 70 2.33 -76.17 -28.04
N ILE A 71 2.45 -76.19 -29.37
CA ILE A 71 2.57 -74.95 -30.20
C ILE A 71 1.28 -74.11 -30.05
N ASP A 72 0.09 -74.73 -30.01
CA ASP A 72 -1.19 -73.98 -29.89
C ASP A 72 -1.13 -73.23 -28.54
N MET A 73 -0.58 -73.85 -27.49
CA MET A 73 -0.40 -73.20 -26.14
C MET A 73 0.64 -72.07 -26.30
N TYR A 74 1.69 -72.25 -27.11
CA TYR A 74 2.79 -71.25 -27.32
C TYR A 74 2.30 -69.98 -28.05
N SER A 75 1.26 -70.03 -28.87
CA SER A 75 0.61 -68.87 -29.46
C SER A 75 0.03 -67.96 -28.39
N GLU A 76 -0.60 -68.55 -27.37
CA GLU A 76 -1.08 -67.74 -26.25
C GLU A 76 0.08 -67.11 -25.50
N VAL A 77 1.20 -67.81 -25.41
CA VAL A 77 2.38 -67.24 -24.75
C VAL A 77 2.82 -65.98 -25.48
N LEU A 78 2.97 -66.08 -26.80
CA LEU A 78 3.39 -64.91 -27.58
C LEU A 78 2.35 -63.81 -27.52
N ASP A 79 1.07 -64.18 -27.52
CA ASP A 79 0.00 -63.19 -27.45
C ASP A 79 0.04 -62.44 -26.12
N VAL A 80 0.30 -63.13 -25.02
CA VAL A 80 0.35 -62.46 -23.72
C VAL A 80 1.59 -61.57 -23.62
N LEU A 81 2.73 -62.00 -24.19
CA LEU A 81 3.85 -61.07 -24.24
C LEU A 81 3.53 -59.85 -25.09
N SER A 82 2.85 -60.03 -26.22
CA SER A 82 2.48 -58.88 -27.05
C SER A 82 1.55 -57.95 -26.29
N ASP A 83 0.58 -58.50 -25.56
CA ASP A 83 -0.36 -57.66 -24.83
C ASP A 83 0.33 -56.92 -23.70
N TYR A 84 1.18 -57.61 -22.94
CA TYR A 84 1.89 -56.96 -21.84
C TYR A 84 2.75 -55.81 -22.35
N ASP A 85 3.51 -56.04 -23.41
CA ASP A 85 4.34 -55.00 -24.00
C ASP A 85 4.53 -55.32 -25.47
N ALA A 86 3.90 -54.52 -26.33
CA ALA A 86 3.97 -54.75 -27.77
C ALA A 86 5.28 -54.27 -28.38
N SER A 87 6.09 -53.53 -27.64
CA SER A 87 7.36 -53.04 -28.18
C SER A 87 8.31 -54.21 -28.41
N TYR A 88 9.23 -54.01 -29.36
CA TYR A 88 10.23 -55.04 -29.64
C TYR A 88 11.08 -55.36 -28.42
N ASN A 89 11.19 -54.42 -27.47
CA ASN A 89 11.98 -54.67 -26.27
C ASN A 89 11.49 -55.89 -25.51
N THR A 90 10.19 -56.22 -25.64
CA THR A 90 9.63 -57.42 -25.03
C THR A 90 9.43 -58.53 -26.03
N GLN A 91 9.23 -58.21 -27.31
CA GLN A 91 9.16 -59.23 -28.34
C GLN A 91 10.46 -60.04 -28.41
N ASP A 92 11.58 -59.38 -28.11
CA ASP A 92 12.89 -60.02 -28.27
C ASP A 92 13.04 -61.26 -27.40
N HIS A 93 12.20 -61.40 -26.37
CA HIS A 93 12.41 -62.46 -25.39
C HIS A 93 12.14 -63.85 -25.95
N LEU A 94 11.21 -63.98 -26.90
CA LEU A 94 10.80 -65.31 -27.34
C LEU A 94 10.93 -65.48 -28.85
N PRO A 95 11.07 -66.72 -29.32
CA PRO A 95 11.14 -66.97 -30.76
C PRO A 95 9.92 -66.50 -31.53
N ARG A 96 10.16 -66.06 -32.76
CA ARG A 96 9.11 -65.73 -33.71
C ARG A 96 9.60 -66.09 -35.12
N VAL A 97 8.66 -66.14 -36.06
CA VAL A 97 8.98 -66.26 -37.47
C VAL A 97 8.38 -65.07 -38.19
N VAL A 98 9.24 -64.31 -38.86
CA VAL A 98 8.84 -63.10 -39.60
C VAL A 98 8.72 -63.49 -41.06
N VAL A 99 7.62 -63.09 -41.69
CA VAL A 99 7.39 -63.32 -43.11
C VAL A 99 7.44 -61.94 -43.79
N VAL A 100 8.55 -61.61 -44.44
CA VAL A 100 8.73 -60.30 -45.05
C VAL A 100 9.21 -60.50 -46.47
N GLY A 101 8.83 -59.59 -47.36
CA GLY A 101 9.26 -59.69 -48.75
C GLY A 101 8.83 -58.47 -49.53
N ASP A 102 9.20 -58.48 -50.82
CA ASP A 102 8.82 -57.41 -51.72
C ASP A 102 7.31 -57.37 -51.87
N GLN A 103 6.78 -56.17 -52.14
CA GLN A 103 5.34 -56.02 -52.32
C GLN A 103 4.84 -56.99 -53.40
N SER A 104 3.76 -57.70 -53.07
CA SER A 104 3.06 -58.55 -54.03
C SER A 104 4.01 -59.54 -54.69
N ALA A 105 4.97 -60.03 -53.91
CA ALA A 105 5.91 -61.05 -54.38
C ALA A 105 5.39 -62.46 -54.18
N GLY A 106 4.20 -62.63 -53.59
CA GLY A 106 3.69 -63.94 -53.27
C GLY A 106 4.02 -64.42 -51.87
N LYS A 107 4.59 -63.56 -51.02
CA LYS A 107 4.92 -63.96 -49.66
C LYS A 107 3.69 -64.40 -48.89
N THR A 108 2.55 -63.75 -49.12
CA THR A 108 1.31 -64.21 -48.49
C THR A 108 0.98 -65.62 -48.96
N SER A 109 1.21 -65.91 -50.24
CA SER A 109 1.02 -67.26 -50.73
C SER A 109 2.02 -68.23 -50.11
N VAL A 110 3.25 -67.78 -49.84
CA VAL A 110 4.21 -68.64 -49.15
C VAL A 110 3.67 -69.02 -47.78
N LEU A 111 3.20 -68.03 -47.03
CA LEU A 111 2.67 -68.31 -45.70
C LEU A 111 1.45 -69.22 -45.77
N GLU A 112 0.54 -68.96 -46.72
CA GLU A 112 -0.68 -69.74 -46.82
C GLU A 112 -0.38 -71.18 -47.21
N MET A 113 0.59 -71.38 -48.11
CA MET A 113 0.98 -72.73 -48.47
C MET A 113 1.62 -73.46 -47.29
N ILE A 114 2.43 -72.75 -46.50
CA ILE A 114 2.93 -73.34 -45.27
C ILE A 114 1.77 -73.69 -44.34
N ALA A 115 0.77 -72.81 -44.28
CA ALA A 115 -0.43 -73.08 -43.48
C ALA A 115 -1.37 -74.07 -44.15
N GLN A 116 -1.13 -74.43 -45.41
CA GLN A 116 -1.93 -75.44 -46.11
C GLN A 116 -3.37 -74.99 -46.30
N ALA A 117 -3.58 -73.70 -46.50
CA ALA A 117 -4.92 -73.20 -46.79
C ALA A 117 -4.83 -71.73 -47.19
N ARG A 118 -5.80 -71.28 -47.98
CA ARG A 118 -5.93 -69.87 -48.36
C ARG A 118 -6.66 -69.15 -47.23
N ILE A 119 -5.89 -68.82 -46.18
CA ILE A 119 -6.47 -68.29 -44.95
C ILE A 119 -6.54 -66.77 -44.96
N PHE A 120 -5.66 -66.07 -45.75
CA PHE A 120 -5.64 -64.61 -45.69
C PHE A 120 -6.35 -63.99 -46.89
N PRO A 121 -7.01 -62.85 -46.70
CA PRO A 121 -7.69 -62.20 -47.82
C PRO A 121 -6.71 -61.67 -48.85
N ARG A 122 -7.13 -61.71 -50.11
CA ARG A 122 -6.33 -61.20 -51.22
C ARG A 122 -7.22 -60.39 -52.15
N GLY A 123 -8.07 -59.54 -51.56
CA GLY A 123 -9.06 -58.83 -52.34
C GLY A 123 -8.46 -57.95 -53.42
N SER A 124 -7.37 -57.26 -53.09
CA SER A 124 -6.71 -56.36 -54.03
C SER A 124 -5.21 -56.58 -53.97
N GLY A 125 -4.51 -56.05 -54.97
CA GLY A 125 -3.07 -56.20 -55.08
C GLY A 125 -2.26 -55.00 -54.65
N GLU A 126 -2.88 -53.95 -54.13
CA GLU A 126 -2.13 -52.75 -53.72
C GLU A 126 -2.19 -52.52 -52.22
N MET A 127 -3.40 -52.38 -51.67
CA MET A 127 -3.52 -52.08 -50.25
C MET A 127 -3.60 -53.35 -49.40
N MET A 128 -4.06 -54.45 -49.99
CA MET A 128 -4.23 -55.69 -49.25
C MET A 128 -2.93 -56.46 -49.07
N THR A 129 -1.85 -56.02 -49.72
CA THR A 129 -0.55 -56.65 -49.61
C THR A 129 0.42 -55.84 -48.75
N ARG A 130 -0.05 -54.77 -48.10
CA ARG A 130 0.79 -53.88 -47.32
C ARG A 130 0.26 -53.71 -45.89
N SER A 131 -0.31 -54.77 -45.33
CA SER A 131 -0.83 -54.75 -43.97
C SER A 131 -0.52 -56.06 -43.27
N PRO A 132 -0.34 -56.05 -41.95
CA PRO A 132 0.11 -57.26 -41.25
C PRO A 132 -1.02 -58.21 -40.85
N VAL A 133 -0.69 -59.49 -40.83
CA VAL A 133 -1.49 -60.52 -40.16
C VAL A 133 -0.53 -61.41 -39.39
N LYS A 134 -1.02 -62.10 -38.36
CA LYS A 134 -0.26 -63.13 -37.67
C LYS A 134 -1.06 -64.43 -37.60
N VAL A 135 -0.40 -65.55 -37.88
CA VAL A 135 -1.05 -66.85 -37.83
C VAL A 135 -0.13 -67.85 -37.12
N THR A 136 -0.68 -68.58 -36.15
CA THR A 136 0.03 -69.71 -35.58
C THR A 136 -0.27 -70.97 -36.39
N LEU A 137 0.72 -71.86 -36.44
CA LEU A 137 0.65 -73.11 -37.18
C LEU A 137 0.83 -74.26 -36.20
N SER A 138 -0.13 -75.19 -36.19
CA SER A 138 -0.15 -76.28 -35.24
C SER A 138 -0.54 -77.59 -35.91
N GLU A 139 -0.04 -78.69 -35.35
CA GLU A 139 -0.45 -80.01 -35.77
C GLU A 139 -1.91 -80.26 -35.38
N GLY A 140 -2.60 -81.03 -36.21
CA GLY A 140 -3.97 -81.40 -35.92
C GLY A 140 -4.43 -82.62 -36.69
N PRO A 141 -5.55 -83.21 -36.27
CA PRO A 141 -6.17 -84.27 -37.06
C PRO A 141 -7.10 -83.77 -38.16
N HIS A 142 -7.39 -82.47 -38.18
CA HIS A 142 -8.28 -81.89 -39.17
C HIS A 142 -7.88 -80.43 -39.37
N HIS A 143 -8.00 -79.96 -40.61
CA HIS A 143 -7.57 -78.61 -40.98
C HIS A 143 -8.65 -77.63 -40.54
N VAL A 144 -8.44 -76.97 -39.40
CA VAL A 144 -9.43 -76.08 -38.81
C VAL A 144 -8.74 -74.84 -38.25
N ALA A 145 -9.44 -73.71 -38.31
CA ALA A 145 -8.89 -72.44 -37.87
C ALA A 145 -9.81 -71.80 -36.84
N LEU A 146 -9.20 -71.08 -35.90
CA LEU A 146 -9.93 -70.43 -34.81
C LEU A 146 -9.23 -69.12 -34.44
N PHE A 147 -10.01 -68.06 -34.27
CA PHE A 147 -9.44 -66.78 -33.88
C PHE A 147 -9.28 -66.67 -32.37
N LYS A 148 -8.36 -65.79 -31.98
CA LYS A 148 -8.23 -65.43 -30.57
C LYS A 148 -9.54 -64.91 -30.01
N ASP A 149 -10.25 -64.09 -30.78
CA ASP A 149 -11.40 -63.34 -30.29
C ASP A 149 -12.73 -63.83 -30.85
N SER A 150 -12.80 -65.10 -31.27
CA SER A 150 -14.03 -65.63 -31.83
C SER A 150 -14.17 -67.10 -31.43
N SER A 151 -15.41 -67.52 -31.17
CA SER A 151 -15.71 -68.90 -30.87
C SER A 151 -15.94 -69.76 -32.11
N ARG A 152 -16.00 -69.15 -33.29
CA ARG A 152 -16.28 -69.89 -34.52
C ARG A 152 -15.04 -70.64 -34.99
N GLU A 153 -15.22 -71.90 -35.34
CA GLU A 153 -14.19 -72.69 -36.00
C GLU A 153 -14.46 -72.72 -37.49
N PHE A 154 -13.40 -72.63 -38.29
CA PHE A 154 -13.50 -72.53 -39.74
C PHE A 154 -12.95 -73.81 -40.37
N ASP A 155 -13.75 -74.42 -41.24
CA ASP A 155 -13.32 -75.60 -41.98
C ASP A 155 -12.42 -75.14 -43.13
N LEU A 156 -11.17 -75.57 -43.11
CA LEU A 156 -10.17 -75.10 -44.07
C LEU A 156 -10.20 -75.86 -45.39
N THR A 157 -11.09 -76.84 -45.52
CA THR A 157 -11.23 -77.59 -46.77
C THR A 157 -12.44 -77.16 -47.58
N LYS A 158 -13.19 -76.16 -47.13
CA LYS A 158 -14.40 -75.70 -47.80
C LYS A 158 -14.27 -74.21 -48.11
N GLU A 159 -14.84 -73.81 -49.24
CA GLU A 159 -14.67 -72.42 -49.70
C GLU A 159 -15.42 -71.46 -48.78
N GLU A 160 -16.58 -71.86 -48.26
CA GLU A 160 -17.39 -70.94 -47.47
C GLU A 160 -16.66 -70.52 -46.20
N ASP A 161 -16.08 -71.47 -45.47
CA ASP A 161 -15.43 -71.16 -44.20
C ASP A 161 -14.11 -70.42 -44.43
N LEU A 162 -13.37 -70.79 -45.47
CA LEU A 162 -12.17 -70.04 -45.82
C LEU A 162 -12.51 -68.61 -46.21
N ALA A 163 -13.61 -68.43 -46.93
CA ALA A 163 -14.05 -67.09 -47.30
C ALA A 163 -14.43 -66.28 -46.07
N ALA A 164 -15.14 -66.88 -45.12
CA ALA A 164 -15.49 -66.18 -43.89
C ALA A 164 -14.25 -65.84 -43.08
N LEU A 165 -13.28 -66.76 -43.06
CA LEU A 165 -12.02 -66.52 -42.36
C LEU A 165 -11.27 -65.34 -42.97
N ARG A 166 -11.13 -65.35 -44.30
CA ARG A 166 -10.51 -64.24 -45.01
C ARG A 166 -11.29 -62.96 -44.77
N HIS A 167 -12.62 -63.07 -44.67
CA HIS A 167 -13.45 -61.89 -44.46
C HIS A 167 -13.20 -61.27 -43.09
N GLU A 168 -13.13 -62.08 -42.05
CA GLU A 168 -12.81 -61.56 -40.73
C GLU A 168 -11.44 -60.90 -40.72
N ILE A 169 -10.44 -61.58 -41.30
CA ILE A 169 -9.12 -60.97 -41.34
C ILE A 169 -9.20 -59.66 -42.10
N GLU A 170 -9.85 -59.64 -43.26
CA GLU A 170 -9.96 -58.43 -44.07
C GLU A 170 -10.63 -57.29 -43.31
N LEU A 171 -11.71 -57.61 -42.58
CA LEU A 171 -12.37 -56.59 -41.78
C LEU A 171 -11.39 -55.95 -40.82
N ARG A 172 -10.48 -56.75 -40.28
CA ARG A 172 -9.46 -56.16 -39.42
C ARG A 172 -8.35 -55.47 -40.24
N MET A 173 -8.06 -55.99 -41.44
CA MET A 173 -6.93 -55.52 -42.23
C MET A 173 -7.16 -54.14 -42.82
N ARG A 174 -8.34 -53.88 -43.36
CA ARG A 174 -8.58 -52.67 -44.11
C ARG A 174 -8.89 -51.50 -43.18
N LYS A 175 -8.88 -51.73 -41.87
CA LYS A 175 -9.09 -50.71 -40.87
C LYS A 175 -7.84 -50.39 -40.07
N ASN A 176 -6.93 -51.36 -39.92
CA ASN A 176 -5.70 -51.17 -39.17
C ASN A 176 -4.65 -50.51 -40.04
N VAL A 177 -5.00 -49.32 -40.55
CA VAL A 177 -4.15 -48.58 -41.47
C VAL A 177 -4.40 -47.10 -41.26
N LYS A 178 -3.33 -46.31 -41.21
CA LYS A 178 -3.48 -44.87 -41.17
C LYS A 178 -4.09 -44.37 -42.46
N GLU A 179 -4.99 -43.39 -42.35
CA GLU A 179 -5.70 -42.89 -43.51
C GLU A 179 -4.72 -42.28 -44.51
N GLY A 180 -4.84 -42.67 -45.76
CA GLY A 180 -3.89 -42.29 -46.79
C GLY A 180 -2.64 -43.16 -46.80
N CYS A 181 -2.04 -43.36 -45.62
CA CYS A 181 -0.88 -44.24 -45.51
C CYS A 181 -1.24 -45.65 -45.94
N THR A 182 -2.40 -46.15 -45.50
CA THR A 182 -2.84 -47.51 -45.77
C THR A 182 -1.91 -48.54 -45.15
N VAL A 183 -1.08 -48.12 -44.19
CA VAL A 183 -0.13 -49.01 -43.53
C VAL A 183 0.00 -48.58 -42.07
N SER A 184 -0.37 -49.46 -41.15
CA SER A 184 -0.21 -49.21 -39.73
C SER A 184 0.10 -50.53 -39.03
N PRO A 185 0.92 -50.49 -37.98
CA PRO A 185 1.14 -51.71 -37.19
C PRO A 185 -0.07 -52.05 -36.34
N GLU A 186 -0.40 -53.34 -36.29
CA GLU A 186 -1.48 -53.83 -35.47
C GLU A 186 -1.43 -55.35 -35.48
N THR A 187 -2.10 -55.96 -34.51
CA THR A 187 -2.04 -57.40 -34.28
C THR A 187 -3.37 -58.04 -34.65
N ILE A 188 -3.29 -59.05 -35.52
CA ILE A 188 -4.41 -59.95 -35.81
C ILE A 188 -3.91 -61.37 -35.61
N SER A 189 -4.58 -62.12 -34.75
CA SER A 189 -4.07 -63.42 -34.28
C SER A 189 -5.05 -64.51 -34.65
N LEU A 190 -4.63 -65.42 -35.53
CA LEU A 190 -5.40 -66.58 -35.92
C LEU A 190 -4.59 -67.84 -35.65
N ASN A 191 -5.25 -68.88 -35.16
CA ASN A 191 -4.61 -70.18 -34.95
C ASN A 191 -5.11 -71.16 -36.02
N VAL A 192 -4.20 -71.63 -36.86
CA VAL A 192 -4.51 -72.54 -37.94
C VAL A 192 -3.92 -73.91 -37.58
N LYS A 193 -4.75 -74.94 -37.68
CA LYS A 193 -4.41 -76.30 -37.25
C LYS A 193 -4.67 -77.26 -38.40
N GLY A 194 -3.94 -78.37 -38.41
CA GLY A 194 -4.21 -79.43 -39.36
C GLY A 194 -3.09 -80.42 -39.53
N PRO A 195 -3.39 -81.58 -40.12
CA PRO A 195 -2.35 -82.57 -40.39
C PRO A 195 -1.23 -82.01 -41.26
N GLY A 196 0.00 -82.39 -40.93
CA GLY A 196 1.15 -81.99 -41.71
C GLY A 196 1.67 -80.60 -41.40
N LEU A 197 0.93 -79.83 -40.59
CA LEU A 197 1.33 -78.48 -40.27
C LEU A 197 2.28 -78.47 -39.08
N GLN A 198 3.30 -77.62 -39.16
CA GLN A 198 4.36 -77.61 -38.17
C GLN A 198 4.10 -76.74 -36.94
N ARG A 199 5.01 -76.85 -35.94
CA ARG A 199 4.94 -76.06 -34.68
C ARG A 199 5.64 -74.71 -34.95
N MET A 200 4.95 -73.71 -35.51
CA MET A 200 5.48 -72.36 -35.79
C MET A 200 4.54 -71.22 -35.44
N VAL A 201 4.99 -69.98 -35.54
CA VAL A 201 4.15 -68.78 -35.46
C VAL A 201 4.68 -67.75 -36.45
N LEU A 202 3.95 -67.52 -37.54
CA LEU A 202 4.43 -66.67 -38.63
C LEU A 202 3.70 -65.34 -38.65
N VAL A 203 4.45 -64.27 -38.84
CA VAL A 203 3.91 -62.91 -38.95
C VAL A 203 4.13 -62.42 -40.37
N ASP A 204 3.03 -62.23 -41.12
CA ASP A 204 3.06 -61.60 -42.43
C ASP A 204 3.05 -60.09 -42.22
N LEU A 205 4.09 -59.42 -42.70
CA LEU A 205 4.26 -57.98 -42.52
C LEU A 205 4.06 -57.24 -43.84
N PRO A 206 3.67 -55.95 -43.78
CA PRO A 206 3.40 -55.20 -45.02
C PRO A 206 4.46 -55.38 -46.09
N GLY A 207 4.02 -55.55 -47.33
CA GLY A 207 4.97 -55.67 -48.43
C GLY A 207 5.89 -54.47 -48.51
N VAL A 208 7.14 -54.73 -48.87
CA VAL A 208 8.16 -53.70 -48.89
C VAL A 208 8.13 -52.98 -50.24
N ILE A 209 8.33 -51.67 -50.22
CA ILE A 209 8.36 -50.86 -51.44
C ILE A 209 9.62 -49.99 -51.44
N ASN A 210 10.02 -49.60 -52.65
CA ASN A 210 11.14 -48.67 -52.82
C ASN A 210 10.71 -47.30 -53.36
N THR A 211 9.57 -47.21 -54.01
CA THR A 211 9.07 -45.96 -54.57
C THR A 211 7.61 -45.77 -54.18
N VAL A 212 7.14 -44.53 -54.31
CA VAL A 212 5.78 -44.15 -53.99
C VAL A 212 5.15 -43.50 -55.22
N THR A 213 3.87 -43.76 -55.43
CA THR A 213 3.12 -43.27 -56.57
C THR A 213 1.96 -42.39 -56.11
N SER A 214 1.18 -41.90 -57.07
CA SER A 214 0.13 -40.94 -56.77
C SER A 214 -1.02 -41.56 -55.98
N GLY A 215 -1.16 -42.88 -56.02
CA GLY A 215 -2.20 -43.56 -55.28
C GLY A 215 -1.82 -43.89 -53.86
N MET A 216 -0.63 -43.48 -53.41
CA MET A 216 -0.14 -43.81 -52.08
C MET A 216 0.51 -42.58 -51.49
N ALA A 217 0.58 -42.55 -50.16
CA ALA A 217 1.20 -41.43 -49.47
C ALA A 217 2.74 -41.54 -49.58
N PRO A 218 3.44 -40.41 -49.60
CA PRO A 218 4.91 -40.48 -49.61
C PRO A 218 5.47 -41.15 -48.37
N ASP A 219 4.82 -40.95 -47.22
CA ASP A 219 5.28 -41.58 -45.98
C ASP A 219 5.13 -43.09 -46.00
N THR A 220 4.30 -43.63 -46.91
CA THR A 220 4.04 -45.05 -46.90
C THR A 220 5.32 -45.86 -46.95
N LYS A 221 6.31 -45.38 -47.71
CA LYS A 221 7.57 -46.12 -47.82
C LYS A 221 8.24 -46.27 -46.47
N GLU A 222 8.25 -45.19 -45.67
CA GLU A 222 8.92 -45.25 -44.38
C GLU A 222 8.12 -46.06 -43.36
N THR A 223 6.80 -45.86 -43.31
CA THR A 223 6.00 -46.57 -42.32
C THR A 223 6.17 -48.07 -42.45
N ILE A 224 6.14 -48.58 -43.69
CA ILE A 224 6.36 -50.01 -43.89
C ILE A 224 7.67 -50.42 -43.24
N PHE A 225 8.73 -49.67 -43.52
CA PHE A 225 10.03 -50.01 -42.95
C PHE A 225 9.94 -50.08 -41.43
N SER A 226 9.26 -49.09 -40.84
CA SER A 226 9.15 -49.05 -39.38
C SER A 226 8.48 -50.31 -38.86
N ILE A 227 7.42 -50.75 -39.54
CA ILE A 227 6.80 -52.02 -39.16
C ILE A 227 7.75 -53.16 -39.48
N SER A 228 8.35 -53.13 -40.68
CA SER A 228 9.19 -54.22 -41.12
C SER A 228 10.36 -54.42 -40.17
N LYS A 229 10.94 -53.31 -39.72
CA LYS A 229 12.08 -53.37 -38.81
C LYS A 229 11.65 -53.83 -37.41
N ALA A 230 10.40 -53.60 -37.03
CA ALA A 230 9.98 -53.86 -35.66
C ALA A 230 10.11 -55.35 -35.28
N TYR A 231 9.55 -56.25 -36.10
CA TYR A 231 9.62 -57.68 -35.79
C TYR A 231 10.94 -58.31 -36.22
N MET A 232 11.62 -57.77 -37.24
CA MET A 232 12.97 -58.22 -37.58
C MET A 232 13.96 -58.02 -36.43
N GLN A 233 13.73 -57.02 -35.57
CA GLN A 233 14.71 -56.73 -34.54
C GLN A 233 14.88 -57.91 -33.60
N ASN A 234 13.83 -58.72 -33.44
CA ASN A 234 13.88 -59.87 -32.56
C ASN A 234 15.09 -60.74 -32.88
N PRO A 235 16.08 -60.82 -31.98
CA PRO A 235 17.23 -61.71 -32.24
C PRO A 235 16.85 -63.18 -32.26
N ASN A 236 15.69 -63.54 -31.72
CA ASN A 236 15.21 -64.92 -31.72
C ASN A 236 14.21 -65.17 -32.84
N ALA A 237 14.17 -64.30 -33.84
CA ALA A 237 13.26 -64.49 -34.96
C ALA A 237 13.98 -65.16 -36.12
N ILE A 238 13.24 -66.00 -36.84
CA ILE A 238 13.66 -66.51 -38.13
C ILE A 238 13.01 -65.63 -39.18
N ILE A 239 13.81 -64.93 -39.96
CA ILE A 239 13.31 -63.92 -40.89
C ILE A 239 13.30 -64.52 -42.28
N LEU A 240 12.11 -64.70 -42.85
CA LEU A 240 11.95 -65.18 -44.21
C LEU A 240 11.94 -63.97 -45.13
N CYS A 241 13.07 -63.76 -45.82
CA CYS A 241 13.24 -62.69 -46.79
C CYS A 241 12.78 -63.26 -48.13
N ILE A 242 11.60 -62.82 -48.56
CA ILE A 242 10.89 -63.42 -49.68
C ILE A 242 11.00 -62.45 -50.84
N GLN A 243 11.65 -62.89 -51.92
CA GLN A 243 11.93 -62.04 -53.05
C GLN A 243 11.27 -62.57 -54.30
N ASP A 244 10.80 -61.64 -55.12
CA ASP A 244 10.13 -61.94 -56.38
C ASP A 244 11.18 -62.43 -57.37
N GLY A 245 11.08 -63.69 -57.76
CA GLY A 245 12.08 -64.28 -58.64
C GLY A 245 12.08 -63.74 -60.05
N SER A 246 11.05 -62.96 -60.42
CA SER A 246 10.97 -62.42 -61.77
C SER A 246 11.82 -61.18 -61.97
N VAL A 247 12.39 -60.63 -60.89
CA VAL A 247 13.24 -59.44 -60.98
C VAL A 247 14.63 -59.79 -60.45
N ASP A 248 15.59 -58.94 -60.80
CA ASP A 248 16.97 -59.19 -60.43
C ASP A 248 17.13 -59.26 -58.92
N ALA A 249 17.95 -60.20 -58.47
CA ALA A 249 18.26 -60.30 -57.05
C ALA A 249 18.97 -59.05 -56.55
N GLU A 250 19.79 -58.43 -57.41
CA GLU A 250 20.49 -57.21 -57.03
C GLU A 250 19.52 -56.07 -56.76
N ARG A 251 18.29 -56.17 -57.25
CA ARG A 251 17.29 -55.11 -57.12
C ARG A 251 16.30 -55.38 -55.99
N SER A 252 16.55 -56.39 -55.16
CA SER A 252 15.65 -56.68 -54.05
C SER A 252 15.54 -55.48 -53.14
N ILE A 253 14.31 -55.19 -52.72
CA ILE A 253 14.04 -54.06 -51.84
C ILE A 253 14.05 -54.49 -50.37
N VAL A 254 13.48 -55.66 -50.09
CA VAL A 254 13.42 -56.16 -48.72
C VAL A 254 14.82 -56.41 -48.16
N THR A 255 15.75 -56.83 -49.01
CA THR A 255 17.10 -57.13 -48.53
C THR A 255 17.71 -55.93 -47.82
N ASP A 256 17.57 -54.73 -48.41
CA ASP A 256 18.16 -53.54 -47.84
C ASP A 256 17.59 -53.22 -46.46
N LEU A 257 16.45 -53.82 -46.10
CA LEU A 257 15.89 -53.73 -44.76
C LEU A 257 16.40 -54.83 -43.86
N VAL A 258 16.49 -56.06 -44.38
CA VAL A 258 16.96 -57.18 -43.56
C VAL A 258 18.38 -56.94 -43.11
N SER A 259 19.21 -56.37 -43.97
CA SER A 259 20.59 -56.06 -43.61
C SER A 259 20.68 -55.02 -42.49
N GLN A 260 19.60 -54.30 -42.20
CA GLN A 260 19.61 -53.38 -41.07
C GLN A 260 19.36 -54.07 -39.73
N MET A 261 18.85 -55.30 -39.75
CA MET A 261 18.68 -56.09 -38.54
C MET A 261 19.60 -57.30 -38.48
N ASP A 262 20.03 -57.79 -39.63
CA ASP A 262 20.99 -58.90 -39.69
C ASP A 262 21.92 -58.62 -40.86
N PRO A 263 22.97 -57.81 -40.64
CA PRO A 263 23.79 -57.35 -41.76
C PRO A 263 24.37 -58.48 -42.61
N HIS A 264 24.50 -59.68 -42.05
CA HIS A 264 25.09 -60.81 -42.76
C HIS A 264 24.11 -61.97 -42.92
N GLY A 265 22.84 -61.79 -42.58
CA GLY A 265 21.86 -62.83 -42.77
C GLY A 265 22.03 -64.04 -41.85
N ARG A 266 22.62 -63.85 -40.68
CA ARG A 266 22.89 -64.98 -39.79
C ARG A 266 21.61 -65.72 -39.42
N ARG A 267 20.54 -64.99 -39.09
CA ARG A 267 19.30 -65.62 -38.64
C ARG A 267 18.21 -65.53 -39.69
N THR A 268 18.57 -65.36 -40.96
CA THR A 268 17.63 -65.15 -42.04
C THR A 268 17.63 -66.33 -43.00
N ILE A 269 16.54 -66.45 -43.74
CA ILE A 269 16.38 -67.46 -44.78
C ILE A 269 15.89 -66.75 -46.04
N PHE A 270 16.39 -67.20 -47.19
CA PHE A 270 15.99 -66.63 -48.46
C PHE A 270 14.89 -67.48 -49.08
N VAL A 271 13.85 -66.81 -49.59
CA VAL A 271 12.74 -67.46 -50.27
C VAL A 271 12.62 -66.86 -51.66
N LEU A 272 12.61 -67.72 -52.68
CA LEU A 272 12.48 -67.31 -54.07
C LEU A 272 11.06 -67.62 -54.52
N THR A 273 10.29 -66.58 -54.85
CA THR A 273 8.90 -66.75 -55.25
C THR A 273 8.76 -66.70 -56.77
N LYS A 274 7.58 -67.13 -57.23
CA LYS A 274 7.24 -67.08 -58.66
C LYS A 274 8.27 -67.83 -59.49
N VAL A 275 8.69 -68.99 -59.00
CA VAL A 275 9.73 -69.77 -59.67
C VAL A 275 9.24 -70.25 -61.03
N ASP A 276 7.96 -70.58 -61.15
CA ASP A 276 7.39 -71.07 -62.40
C ASP A 276 6.98 -69.94 -63.33
N LEU A 277 7.13 -68.69 -62.90
CA LEU A 277 6.94 -67.53 -63.76
C LEU A 277 8.25 -66.87 -64.15
N ALA A 278 9.27 -66.94 -63.30
CA ALA A 278 10.59 -66.36 -63.59
C ALA A 278 11.45 -67.37 -64.37
N GLU A 279 10.99 -67.67 -65.59
CA GLU A 279 11.68 -68.66 -66.40
C GLU A 279 13.13 -68.27 -66.67
N LYS A 280 13.41 -66.97 -66.80
CA LYS A 280 14.76 -66.53 -67.13
C LYS A 280 15.78 -66.96 -66.08
N ASN A 281 15.34 -67.23 -64.85
CA ASN A 281 16.22 -67.65 -63.77
C ASN A 281 16.19 -69.15 -63.55
N VAL A 282 15.00 -69.72 -63.30
CA VAL A 282 14.90 -71.13 -62.97
C VAL A 282 15.47 -72.01 -64.07
N ALA A 283 15.61 -71.48 -65.28
CA ALA A 283 16.16 -72.23 -66.41
C ALA A 283 17.65 -71.99 -66.61
N SER A 284 18.30 -71.22 -65.74
CA SER A 284 19.70 -70.86 -65.96
C SER A 284 20.51 -71.00 -64.67
N PRO A 285 21.46 -71.94 -64.60
CA PRO A 285 22.27 -72.06 -63.38
C PRO A 285 23.00 -70.79 -63.00
N SER A 286 23.45 -70.00 -63.97
CA SER A 286 24.32 -68.87 -63.68
C SER A 286 23.68 -67.84 -62.76
N ARG A 287 22.34 -67.86 -62.65
CA ARG A 287 21.62 -67.00 -61.73
C ARG A 287 21.16 -67.75 -60.50
N ILE A 288 20.64 -68.96 -60.69
CA ILE A 288 20.00 -69.69 -59.60
C ILE A 288 21.03 -70.18 -58.60
N GLN A 289 22.19 -70.65 -59.05
CA GLN A 289 23.14 -71.20 -58.08
C GLN A 289 23.69 -70.08 -57.20
N GLN A 290 23.88 -68.88 -57.75
CA GLN A 290 24.26 -67.74 -56.92
C GLN A 290 23.14 -67.32 -55.99
N ILE A 291 21.90 -67.31 -56.49
CA ILE A 291 20.78 -66.80 -55.68
C ILE A 291 20.49 -67.76 -54.53
N ILE A 292 20.62 -69.07 -54.77
CA ILE A 292 20.25 -70.07 -53.77
C ILE A 292 21.41 -70.50 -52.89
N GLU A 293 22.66 -70.31 -53.34
CA GLU A 293 23.80 -70.68 -52.50
C GLU A 293 24.18 -69.57 -51.53
N GLY A 294 23.86 -68.32 -51.86
CA GLY A 294 24.19 -67.20 -51.02
C GLY A 294 25.34 -66.37 -51.56
N LYS A 295 25.57 -66.45 -52.87
CA LYS A 295 26.61 -65.69 -53.52
C LYS A 295 26.08 -64.44 -54.21
N LEU A 296 24.82 -64.44 -54.62
CA LEU A 296 24.22 -63.28 -55.27
C LEU A 296 23.74 -62.24 -54.26
N PHE A 297 23.71 -62.59 -52.97
CA PHE A 297 23.23 -61.71 -51.92
C PHE A 297 24.35 -61.41 -50.93
N PRO A 298 24.28 -60.29 -50.21
CA PRO A 298 25.15 -60.10 -49.04
C PRO A 298 24.77 -61.00 -47.88
N MET A 299 23.63 -61.67 -47.96
CA MET A 299 23.08 -62.44 -46.85
C MET A 299 23.55 -63.88 -46.90
N LYS A 300 24.08 -64.36 -45.77
CA LYS A 300 24.53 -65.75 -45.60
C LYS A 300 23.50 -66.41 -44.68
N ALA A 301 22.48 -67.00 -45.29
CA ALA A 301 21.26 -67.37 -44.60
C ALA A 301 21.39 -68.67 -43.82
N LEU A 302 20.39 -68.91 -42.97
CA LEU A 302 20.17 -70.23 -42.40
C LEU A 302 19.82 -71.26 -43.46
N GLY A 303 19.33 -70.82 -44.61
CA GLY A 303 18.94 -71.72 -45.68
C GLY A 303 18.37 -70.92 -46.83
N TYR A 304 18.18 -71.62 -47.95
CA TYR A 304 17.69 -70.99 -49.17
C TYR A 304 16.65 -71.92 -49.78
N PHE A 305 15.48 -71.38 -50.13
CA PHE A 305 14.38 -72.19 -50.61
C PHE A 305 13.67 -71.53 -51.78
N ALA A 306 13.11 -72.36 -52.66
CA ALA A 306 12.36 -71.91 -53.84
C ALA A 306 10.94 -72.47 -53.77
N VAL A 307 9.95 -71.62 -54.07
CA VAL A 307 8.54 -71.98 -53.94
C VAL A 307 7.75 -71.43 -55.12
N VAL A 308 6.59 -72.05 -55.35
CA VAL A 308 5.61 -71.59 -56.34
C VAL A 308 4.46 -70.92 -55.59
N THR A 309 4.20 -69.65 -55.90
CA THR A 309 3.23 -68.85 -55.17
C THR A 309 1.94 -68.58 -55.97
N GLY A 310 1.79 -69.17 -57.15
CA GLY A 310 0.63 -68.90 -57.97
C GLY A 310 0.97 -68.29 -59.31
N LYS A 311 0.19 -68.61 -60.33
CA LYS A 311 0.50 -68.24 -61.72
C LYS A 311 -0.12 -66.90 -62.07
N GLY A 312 0.17 -65.90 -61.24
CA GLY A 312 -0.34 -64.56 -61.44
C GLY A 312 -1.75 -64.34 -60.95
N ASN A 313 -2.41 -65.36 -60.41
CA ASN A 313 -3.78 -65.26 -59.91
C ASN A 313 -3.72 -65.10 -58.40
N SER A 314 -4.08 -63.91 -57.92
CA SER A 314 -4.02 -63.61 -56.49
C SER A 314 -5.02 -64.43 -55.69
N SER A 315 -6.03 -65.02 -56.33
CA SER A 315 -7.09 -65.74 -55.64
C SER A 315 -7.04 -67.24 -55.91
N GLU A 316 -5.95 -67.74 -56.48
CA GLU A 316 -5.85 -69.15 -56.81
C GLU A 316 -5.81 -70.00 -55.54
N SER A 317 -6.43 -71.17 -55.59
CA SER A 317 -6.50 -72.03 -54.42
C SER A 317 -5.11 -72.53 -54.02
N ILE A 318 -4.88 -72.59 -52.71
CA ILE A 318 -3.57 -73.01 -52.21
C ILE A 318 -3.31 -74.47 -52.54
N GLU A 319 -4.34 -75.32 -52.50
CA GLU A 319 -4.14 -76.73 -52.79
C GLU A 319 -3.65 -76.94 -54.22
N ALA A 320 -4.29 -76.26 -55.17
CA ALA A 320 -3.84 -76.33 -56.55
C ALA A 320 -2.43 -75.77 -56.68
N ILE A 321 -2.13 -74.70 -55.95
CA ILE A 321 -0.79 -74.10 -56.03
C ILE A 321 0.25 -75.10 -55.55
N ARG A 322 -0.04 -75.83 -54.48
CA ARG A 322 0.93 -76.80 -53.97
C ARG A 322 1.08 -77.98 -54.92
N GLU A 323 -0.02 -78.46 -55.51
CA GLU A 323 0.09 -79.53 -56.50
C GLU A 323 0.95 -79.08 -57.68
N TYR A 324 0.71 -77.86 -58.15
CA TYR A 324 1.49 -77.32 -59.26
C TYR A 324 2.94 -77.09 -58.85
N GLU A 325 3.18 -76.73 -57.58
CA GLU A 325 4.55 -76.57 -57.10
C GLU A 325 5.29 -77.90 -57.16
N GLU A 326 4.67 -78.97 -56.68
CA GLU A 326 5.33 -80.27 -56.73
C GLU A 326 5.56 -80.70 -58.17
N GLU A 327 4.61 -80.43 -59.06
CA GLU A 327 4.78 -80.82 -60.46
C GLU A 327 5.86 -79.99 -61.15
N PHE A 328 5.95 -78.69 -60.83
CA PHE A 328 6.80 -77.79 -61.58
C PHE A 328 8.27 -78.15 -61.46
N PHE A 329 8.75 -78.36 -60.23
CA PHE A 329 10.17 -78.61 -60.04
C PHE A 329 10.61 -79.86 -60.78
N GLN A 330 9.76 -80.89 -60.79
CA GLN A 330 10.02 -82.07 -61.62
C GLN A 330 10.04 -81.70 -63.09
N ASN A 331 9.08 -80.88 -63.54
CA ASN A 331 9.05 -80.46 -64.94
C ASN A 331 10.25 -79.60 -65.29
N SER A 332 10.66 -78.72 -64.38
CA SER A 332 11.66 -77.71 -64.69
C SER A 332 13.05 -78.32 -64.87
N LYS A 333 13.90 -77.57 -65.59
CA LYS A 333 15.30 -77.93 -65.74
C LYS A 333 16.01 -78.00 -64.40
N LEU A 334 15.51 -77.28 -63.40
CA LEU A 334 16.29 -77.00 -62.20
C LEU A 334 16.70 -78.28 -61.46
N LEU A 335 15.80 -79.25 -61.36
CA LEU A 335 16.14 -80.49 -60.67
C LEU A 335 17.16 -81.31 -61.46
N LYS A 336 17.03 -81.32 -62.79
CA LYS A 336 17.90 -82.14 -63.61
C LYS A 336 19.34 -81.66 -63.58
N THR A 337 19.55 -80.34 -63.64
CA THR A 337 20.88 -79.77 -63.74
C THR A 337 21.43 -79.26 -62.41
N SER A 338 20.75 -79.57 -61.30
CA SER A 338 21.25 -79.30 -59.96
C SER A 338 21.64 -77.84 -59.77
N MET A 339 20.78 -76.94 -60.24
CA MET A 339 20.89 -75.53 -59.86
C MET A 339 20.15 -75.25 -58.56
N LEU A 340 19.07 -75.97 -58.31
CA LEU A 340 18.41 -76.02 -57.00
C LEU A 340 18.46 -77.45 -56.50
N LYS A 341 18.76 -77.62 -55.22
CA LYS A 341 18.82 -78.94 -54.63
C LYS A 341 17.45 -79.34 -54.09
N ALA A 342 17.24 -80.66 -54.02
CA ALA A 342 15.91 -81.18 -53.72
C ALA A 342 15.40 -80.68 -52.37
N HIS A 343 16.29 -80.52 -51.39
CA HIS A 343 15.90 -80.01 -50.08
C HIS A 343 15.73 -78.49 -50.07
N GLN A 344 16.01 -77.82 -51.18
CA GLN A 344 15.86 -76.37 -51.27
C GLN A 344 14.60 -75.94 -52.00
N VAL A 345 13.68 -76.87 -52.29
CA VAL A 345 12.52 -76.57 -53.11
C VAL A 345 11.25 -77.02 -52.40
N THR A 346 10.14 -76.36 -52.76
CA THR A 346 8.81 -76.73 -52.31
C THR A 346 8.53 -76.27 -50.89
N THR A 347 7.25 -76.28 -50.52
CA THR A 347 6.83 -75.79 -49.21
C THR A 347 7.36 -76.68 -48.08
N ARG A 348 7.38 -78.00 -48.31
CA ARG A 348 7.70 -78.93 -47.23
C ARG A 348 9.06 -78.65 -46.62
N ASN A 349 10.08 -78.42 -47.46
CA ASN A 349 11.44 -78.28 -46.96
C ASN A 349 11.61 -76.99 -46.17
N LEU A 350 11.08 -75.89 -46.70
CA LEU A 350 11.13 -74.61 -45.99
C LEU A 350 10.41 -74.72 -44.65
N SER A 351 9.22 -75.30 -44.67
CA SER A 351 8.43 -75.42 -43.45
C SER A 351 9.18 -76.25 -42.42
N LEU A 352 9.75 -77.38 -42.82
CA LEU A 352 10.43 -78.25 -41.87
C LEU A 352 11.67 -77.60 -41.29
N ALA A 353 12.47 -76.93 -42.13
CA ALA A 353 13.67 -76.28 -41.60
C ALA A 353 13.31 -75.20 -40.58
N VAL A 354 12.40 -74.30 -40.96
CA VAL A 354 12.06 -73.21 -40.07
C VAL A 354 11.38 -73.77 -38.82
N SER A 355 10.57 -74.82 -38.98
CA SER A 355 9.92 -75.45 -37.83
C SER A 355 10.94 -76.00 -36.85
N ASP A 356 11.94 -76.72 -37.35
CA ASP A 356 12.91 -77.32 -36.44
C ASP A 356 13.63 -76.25 -35.65
N CYS A 357 14.17 -75.25 -36.36
CA CYS A 357 14.89 -74.19 -35.66
C CYS A 357 13.98 -73.51 -34.64
N PHE A 358 12.88 -72.93 -35.13
CA PHE A 358 11.93 -72.17 -34.28
C PHE A 358 11.50 -73.03 -33.09
N TRP A 359 10.91 -74.21 -33.31
CA TRP A 359 10.30 -75.04 -32.22
C TRP A 359 11.35 -75.54 -31.20
N LYS A 360 12.53 -75.97 -31.65
CA LYS A 360 13.61 -76.44 -30.73
C LYS A 360 14.06 -75.22 -29.92
N MET A 361 14.18 -74.05 -30.58
CA MET A 361 14.55 -72.78 -29.90
C MET A 361 13.42 -72.46 -28.90
N VAL A 362 12.14 -72.65 -29.26
CA VAL A 362 10.96 -72.34 -28.39
C VAL A 362 10.98 -73.23 -27.14
N ARG A 363 11.25 -74.54 -27.27
CA ARG A 363 11.23 -75.47 -26.09
C ARG A 363 12.26 -74.93 -25.08
N GLU A 364 13.49 -74.62 -25.54
CA GLU A 364 14.58 -74.08 -24.68
C GLU A 364 14.26 -72.65 -24.22
N SER A 365 13.77 -71.79 -25.13
CA SER A 365 13.53 -70.33 -24.87
C SER A 365 12.41 -70.12 -23.86
N VAL A 366 11.29 -70.87 -23.94
CA VAL A 366 10.14 -70.74 -22.98
C VAL A 366 10.66 -71.19 -21.60
N GLU A 367 11.49 -72.24 -21.53
CA GLU A 367 12.05 -72.74 -20.23
C GLU A 367 12.87 -71.58 -19.59
N GLN A 368 13.54 -70.73 -20.40
CA GLN A 368 14.32 -69.60 -19.91
C GLN A 368 13.43 -68.42 -19.51
N GLN A 369 12.42 -68.11 -20.31
CA GLN A 369 11.69 -66.86 -20.15
C GLN A 369 10.64 -66.90 -19.04
N ALA A 370 10.12 -68.08 -18.70
CA ALA A 370 9.30 -68.15 -17.50
C ALA A 370 10.07 -67.58 -16.31
N ASP A 371 11.29 -68.06 -16.10
CA ASP A 371 12.13 -67.55 -15.04
C ASP A 371 12.58 -66.13 -15.31
N SER A 372 12.76 -65.77 -16.59
CA SER A 372 13.11 -64.38 -16.92
C SER A 372 12.07 -63.41 -16.40
N PHE A 373 10.78 -63.62 -16.73
CA PHE A 373 9.68 -62.67 -16.38
C PHE A 373 9.39 -62.82 -14.87
N LYS A 374 9.50 -64.02 -14.29
CA LYS A 374 9.37 -64.23 -12.82
C LYS A 374 10.52 -63.47 -12.13
N ALA A 375 11.74 -63.53 -12.67
CA ALA A 375 12.94 -62.80 -12.17
C ALA A 375 12.64 -61.31 -12.32
N THR A 376 11.98 -60.91 -13.42
CA THR A 376 11.62 -59.47 -13.67
C THR A 376 10.66 -59.07 -12.53
N ARG A 377 9.72 -59.93 -12.10
CA ARG A 377 8.84 -59.58 -10.92
C ARG A 377 9.74 -59.41 -9.69
N PHE A 378 10.73 -60.30 -9.49
CA PHE A 378 11.67 -60.20 -8.34
C PHE A 378 12.48 -58.90 -8.46
N ASN A 379 12.97 -58.53 -9.65
CA ASN A 379 13.74 -57.27 -9.90
C ASN A 379 12.83 -56.06 -9.65
N LEU A 380 11.56 -56.14 -10.09
CA LEU A 380 10.55 -55.06 -9.93
C LEU A 380 10.30 -54.91 -8.41
N GLU A 381 10.32 -56.02 -7.64
CA GLU A 381 10.06 -56.01 -6.16
C GLU A 381 11.27 -55.43 -5.40
N THR A 382 12.52 -55.54 -5.87
CA THR A 382 13.63 -54.90 -5.19
C THR A 382 13.53 -53.39 -5.32
N GLU A 383 13.32 -52.91 -6.56
CA GLU A 383 13.19 -51.47 -6.77
C GLU A 383 12.01 -50.90 -6.00
N TRP A 384 10.87 -51.60 -6.00
CA TRP A 384 9.66 -51.06 -5.42
C TRP A 384 9.76 -50.98 -3.90
N LYS A 385 10.38 -52.01 -3.28
CA LYS A 385 10.62 -52.04 -1.81
C LYS A 385 11.63 -50.93 -1.46
N ASN A 386 12.65 -50.68 -2.31
CA ASN A 386 13.67 -49.70 -1.97
C ASN A 386 13.14 -48.27 -2.12
N ASN A 387 12.36 -48.02 -3.17
CA ASN A 387 11.85 -46.67 -3.43
C ASN A 387 10.91 -46.21 -2.33
N TYR A 388 9.93 -47.04 -1.98
CA TYR A 388 8.93 -46.70 -0.99
C TYR A 388 8.75 -47.86 -0.04
N PRO A 389 8.28 -47.62 1.18
CA PRO A 389 7.78 -48.72 1.99
C PRO A 389 6.68 -49.44 1.24
N ARG A 390 6.73 -50.78 1.25
CA ARG A 390 5.73 -51.68 0.60
C ARG A 390 4.35 -51.02 0.67
N LEU A 391 3.78 -50.53 -0.45
CA LEU A 391 2.43 -50.00 -0.45
C LEU A 391 1.95 -49.89 -1.89
N ARG A 392 0.67 -50.23 -2.11
CA ARG A 392 0.05 -50.17 -3.42
C ARG A 392 -1.32 -49.50 -3.37
N GLU A 393 -1.61 -48.77 -2.30
CA GLU A 393 -2.95 -48.19 -2.13
C GLU A 393 -3.22 -47.13 -3.20
N LEU A 394 -2.22 -46.34 -3.56
CA LEU A 394 -2.43 -45.18 -4.43
C LEU A 394 -2.49 -45.58 -5.90
N ASP A 395 -2.83 -44.62 -6.74
CA ASP A 395 -2.86 -44.79 -8.19
C ASP A 395 -2.85 -43.42 -8.84
N ARG A 396 -2.48 -43.40 -10.11
CA ARG A 396 -2.42 -42.14 -10.86
C ARG A 396 -3.77 -41.44 -10.85
N ASN A 397 -4.84 -42.17 -11.14
CA ASN A 397 -6.19 -41.60 -11.09
C ASN A 397 -6.56 -41.22 -9.66
N GLU A 398 -6.17 -42.05 -8.69
CA GLU A 398 -6.43 -41.74 -7.30
C GLU A 398 -5.68 -40.51 -6.84
N LEU A 399 -4.54 -40.18 -7.47
CA LEU A 399 -3.90 -38.93 -7.15
C LEU A 399 -4.79 -37.74 -7.52
N PHE A 400 -5.41 -37.79 -8.69
CA PHE A 400 -6.36 -36.74 -9.04
C PHE A 400 -7.52 -36.73 -8.05
N GLU A 401 -8.03 -37.89 -7.67
CA GLU A 401 -9.18 -37.91 -6.77
C GLU A 401 -8.82 -37.29 -5.42
N LYS A 402 -7.63 -37.62 -4.89
CA LYS A 402 -7.23 -37.11 -3.59
C LYS A 402 -6.91 -35.63 -3.64
N ALA A 403 -6.24 -35.16 -4.70
CA ALA A 403 -5.98 -33.74 -4.81
C ALA A 403 -7.28 -32.96 -5.01
N LYS A 404 -8.24 -33.54 -5.74
CA LYS A 404 -9.55 -32.94 -5.89
C LYS A 404 -10.24 -32.77 -4.55
N ASN A 405 -10.24 -33.82 -3.73
CA ASN A 405 -10.89 -33.73 -2.43
C ASN A 405 -10.16 -32.77 -1.51
N GLU A 406 -8.82 -32.78 -1.53
CA GLU A 406 -8.07 -31.79 -0.77
C GLU A 406 -8.44 -30.37 -1.16
N ILE A 407 -8.54 -30.12 -2.47
CA ILE A 407 -8.85 -28.77 -2.93
C ILE A 407 -10.25 -28.36 -2.50
N LEU A 408 -11.22 -29.26 -2.68
CA LEU A 408 -12.59 -28.91 -2.30
C LEU A 408 -12.72 -28.73 -0.79
N ASP A 409 -12.01 -29.54 -0.01
CA ASP A 409 -12.03 -29.37 1.44
C ASP A 409 -11.45 -28.05 1.85
N GLU A 410 -10.33 -27.65 1.24
CA GLU A 410 -9.73 -26.36 1.56
C GLU A 410 -10.62 -25.21 1.11
N VAL A 411 -11.31 -25.37 -0.02
CA VAL A 411 -12.22 -24.33 -0.48
C VAL A 411 -13.40 -24.18 0.48
N ILE A 412 -13.97 -25.30 0.93
CA ILE A 412 -15.03 -25.22 1.92
C ILE A 412 -14.52 -24.55 3.19
N SER A 413 -13.40 -25.04 3.73
CA SER A 413 -12.86 -24.45 4.95
C SER A 413 -12.60 -22.96 4.77
N LEU A 414 -12.13 -22.57 3.58
CA LEU A 414 -12.04 -21.16 3.23
C LEU A 414 -13.38 -20.47 3.41
N SER A 415 -14.46 -21.13 2.95
CA SER A 415 -15.79 -20.54 3.10
C SER A 415 -16.22 -20.44 4.56
N GLN A 416 -15.77 -21.34 5.42
CA GLN A 416 -16.05 -21.25 6.85
C GLN A 416 -14.91 -20.66 7.67
N VAL A 417 -13.94 -20.00 7.04
CA VAL A 417 -12.95 -19.26 7.82
C VAL A 417 -13.68 -18.22 8.66
N THR A 418 -13.23 -18.06 9.92
CA THR A 418 -13.81 -17.06 10.80
C THR A 418 -13.95 -15.75 10.04
N PRO A 419 -15.16 -15.24 9.84
CA PRO A 419 -15.31 -13.98 9.09
C PRO A 419 -14.44 -12.87 9.64
N LYS A 420 -14.34 -12.75 10.97
CA LYS A 420 -13.62 -11.63 11.58
C LYS A 420 -12.22 -11.52 10.99
N HIS A 421 -11.61 -12.65 10.66
CA HIS A 421 -10.31 -12.66 10.03
C HIS A 421 -10.39 -12.06 8.63
N TRP A 422 -11.49 -12.35 7.92
CA TRP A 422 -11.70 -11.76 6.60
C TRP A 422 -11.78 -10.24 6.70
N GLU A 423 -12.54 -9.73 7.68
CA GLU A 423 -12.62 -8.28 7.83
C GLU A 423 -11.29 -7.68 8.24
N GLU A 424 -10.53 -8.37 9.09
CA GLU A 424 -9.22 -7.83 9.46
C GLU A 424 -8.32 -7.68 8.25
N ILE A 425 -8.30 -8.69 7.38
CA ILE A 425 -7.49 -8.61 6.18
C ILE A 425 -7.96 -7.44 5.31
N LEU A 426 -9.28 -7.36 5.09
CA LEU A 426 -9.82 -6.32 4.22
C LEU A 426 -9.55 -4.93 4.79
N GLN A 427 -9.68 -4.77 6.11
CA GLN A 427 -9.47 -3.48 6.75
C GLN A 427 -8.03 -3.03 6.60
N GLN A 428 -7.07 -3.90 6.91
CA GLN A 428 -5.67 -3.49 6.80
C GLN A 428 -5.31 -3.17 5.35
N SER A 429 -5.78 -3.99 4.41
CA SER A 429 -5.50 -3.72 3.00
C SER A 429 -6.11 -2.40 2.57
N LEU A 430 -7.34 -2.12 3.00
CA LEU A 430 -8.01 -0.88 2.63
C LEU A 430 -7.25 0.32 3.16
N TRP A 431 -6.81 0.26 4.43
CA TRP A 431 -6.07 1.39 4.97
C TRP A 431 -4.77 1.61 4.21
N GLU A 432 -4.04 0.53 3.91
CA GLU A 432 -2.80 0.69 3.16
C GLU A 432 -3.07 1.28 1.78
N ARG A 433 -4.20 0.89 1.18
CA ARG A 433 -4.52 1.36 -0.17
C ARG A 433 -4.93 2.84 -0.15
N VAL A 434 -5.57 3.30 0.93
CA VAL A 434 -6.19 4.62 0.93
C VAL A 434 -5.43 5.71 1.68
N SER A 435 -4.45 5.36 2.52
CA SER A 435 -3.80 6.37 3.34
C SER A 435 -3.18 7.48 2.50
N THR A 436 -2.72 7.15 1.29
CA THR A 436 -2.11 8.17 0.44
C THR A 436 -3.11 9.27 0.10
N HIS A 437 -4.32 8.89 -0.30
CA HIS A 437 -5.37 9.88 -0.55
C HIS A 437 -5.81 10.54 0.75
N VAL A 438 -5.84 9.78 1.85
CA VAL A 438 -6.31 10.32 3.12
C VAL A 438 -5.47 11.50 3.56
N ILE A 439 -4.14 11.37 3.48
CA ILE A 439 -3.29 12.42 4.04
C ILE A 439 -2.80 13.39 2.95
N GLU A 440 -2.36 12.90 1.80
CA GLU A 440 -1.75 13.79 0.83
C GLU A 440 -2.77 14.74 0.21
N ASN A 441 -3.98 14.23 -0.08
CA ASN A 441 -4.99 15.04 -0.76
C ASN A 441 -6.04 15.60 0.17
N ILE A 442 -6.34 14.92 1.26
CA ILE A 442 -7.47 15.30 2.10
C ILE A 442 -6.99 16.03 3.35
N TYR A 443 -6.18 15.36 4.17
CA TYR A 443 -5.75 15.97 5.42
C TYR A 443 -4.75 17.10 5.19
N LEU A 444 -3.73 16.85 4.39
CA LEU A 444 -2.60 17.78 4.27
C LEU A 444 -3.07 19.16 3.83
N PRO A 445 -3.84 19.27 2.75
CA PRO A 445 -4.31 20.61 2.34
C PRO A 445 -5.38 21.19 3.24
N ALA A 446 -6.13 20.35 3.95
CA ALA A 446 -7.29 20.85 4.70
C ALA A 446 -6.90 21.45 6.05
N ALA A 447 -5.96 20.82 6.74
CA ALA A 447 -5.63 21.23 8.10
C ALA A 447 -4.63 22.38 8.16
N GLN A 448 -4.21 22.90 7.01
CA GLN A 448 -3.35 24.08 6.96
C GLN A 448 -4.12 25.38 7.10
N THR A 449 -5.44 25.32 7.10
CA THR A 449 -6.25 26.52 7.16
C THR A 449 -6.37 27.00 8.61
N MET A 450 -6.82 28.25 8.75
CA MET A 450 -7.05 28.85 10.06
C MET A 450 -8.53 28.84 10.43
N ASN A 451 -9.31 27.96 9.80
CA ASN A 451 -10.73 27.86 10.06
C ASN A 451 -11.15 26.39 10.00
N SER A 452 -11.76 25.89 11.06
CA SER A 452 -12.20 24.50 11.08
C SER A 452 -13.22 24.23 10.00
N GLY A 453 -14.04 25.23 9.65
CA GLY A 453 -14.99 25.04 8.57
C GLY A 453 -14.32 24.84 7.23
N THR A 454 -13.17 25.48 7.01
CA THR A 454 -12.42 25.26 5.79
C THR A 454 -11.67 23.94 5.79
N PHE A 455 -11.18 23.50 6.95
CA PHE A 455 -10.65 22.15 7.05
C PHE A 455 -11.70 21.15 6.63
N ASN A 456 -12.89 21.23 7.24
CA ASN A 456 -13.95 20.28 6.93
C ASN A 456 -14.44 20.44 5.50
N THR A 457 -14.45 21.66 4.96
CA THR A 457 -14.94 21.87 3.60
C THR A 457 -13.98 21.27 2.58
N THR A 458 -12.68 21.53 2.73
CA THR A 458 -11.70 20.89 1.86
C THR A 458 -11.79 19.38 1.99
N VAL A 459 -11.84 18.87 3.22
CA VAL A 459 -11.94 17.43 3.45
C VAL A 459 -13.16 16.88 2.74
N ASP A 460 -14.31 17.54 2.88
CA ASP A 460 -15.55 16.99 2.36
C ASP A 460 -15.63 17.07 0.85
N ILE A 461 -15.07 18.11 0.25
CA ILE A 461 -15.00 18.17 -1.20
C ILE A 461 -14.15 17.03 -1.73
N LYS A 462 -12.95 16.87 -1.17
CA LYS A 462 -12.07 15.81 -1.61
C LYS A 462 -12.69 14.44 -1.35
N LEU A 463 -13.39 14.30 -0.22
CA LEU A 463 -14.01 13.03 0.11
C LEU A 463 -15.19 12.72 -0.81
N LYS A 464 -15.98 13.71 -1.19
CA LYS A 464 -17.07 13.42 -2.11
C LYS A 464 -16.51 12.95 -3.44
N GLN A 465 -15.52 13.67 -3.96
CA GLN A 465 -14.93 13.31 -5.24
C GLN A 465 -14.27 11.93 -5.14
N TRP A 466 -13.58 11.66 -4.03
CA TRP A 466 -12.83 10.42 -3.85
C TRP A 466 -13.74 9.23 -3.60
N THR A 467 -14.73 9.38 -2.73
CA THR A 467 -15.69 8.31 -2.44
C THR A 467 -16.54 8.00 -3.65
N ASP A 468 -16.69 8.95 -4.58
CA ASP A 468 -17.44 8.64 -5.78
C ASP A 468 -16.57 8.05 -6.89
N LYS A 469 -15.32 8.50 -7.04
CA LYS A 469 -14.54 8.10 -8.19
C LYS A 469 -13.58 6.93 -7.93
N GLN A 470 -12.58 7.14 -7.07
CA GLN A 470 -11.53 6.14 -6.91
C GLN A 470 -11.84 5.15 -5.80
N LEU A 471 -12.26 5.65 -4.63
CA LEU A 471 -12.29 4.82 -3.43
C LEU A 471 -13.13 3.54 -3.62
N PRO A 472 -14.33 3.59 -4.19
CA PRO A 472 -15.08 2.33 -4.40
C PRO A 472 -14.36 1.35 -5.30
N ASN A 473 -13.74 1.85 -6.39
CA ASN A 473 -13.00 0.97 -7.28
C ASN A 473 -11.83 0.32 -6.56
N LYS A 474 -11.11 1.10 -5.76
CA LYS A 474 -10.01 0.56 -4.99
C LYS A 474 -10.49 -0.49 -4.01
N ALA A 475 -11.62 -0.26 -3.35
CA ALA A 475 -12.16 -1.23 -2.41
C ALA A 475 -12.54 -2.52 -3.13
N VAL A 476 -13.14 -2.42 -4.31
CA VAL A 476 -13.52 -3.62 -5.05
C VAL A 476 -12.27 -4.39 -5.48
N GLU A 477 -11.23 -3.68 -5.91
CA GLU A 477 -9.96 -4.34 -6.23
C GLU A 477 -9.40 -5.05 -5.00
N VAL A 478 -9.46 -4.40 -3.85
CA VAL A 478 -8.95 -4.99 -2.62
C VAL A 478 -9.71 -6.27 -2.29
N ALA A 479 -11.04 -6.24 -2.42
CA ALA A 479 -11.83 -7.43 -2.12
C ALA A 479 -11.52 -8.57 -3.08
N TRP A 480 -11.43 -8.27 -4.38
CA TRP A 480 -11.08 -9.29 -5.36
C TRP A 480 -9.75 -9.94 -5.00
N GLU A 481 -8.72 -9.13 -4.79
CA GLU A 481 -7.41 -9.67 -4.51
C GLU A 481 -7.38 -10.39 -3.17
N THR A 482 -8.15 -9.93 -2.18
CA THR A 482 -8.21 -10.63 -0.90
C THR A 482 -8.76 -12.04 -1.09
N LEU A 483 -9.87 -12.17 -1.82
CA LEU A 483 -10.44 -13.50 -2.01
C LEU A 483 -9.48 -14.39 -2.79
N GLN A 484 -8.90 -13.87 -3.88
CA GLN A 484 -8.02 -14.71 -4.69
C GLN A 484 -6.75 -15.09 -3.94
N GLU A 485 -6.24 -14.18 -3.10
CA GLU A 485 -5.02 -14.46 -2.37
C GLU A 485 -5.26 -15.47 -1.25
N GLU A 486 -6.38 -15.34 -0.53
CA GLU A 486 -6.68 -16.34 0.49
C GLU A 486 -6.93 -17.70 -0.15
N PHE A 487 -7.60 -17.73 -1.30
CA PHE A 487 -7.77 -18.98 -2.03
C PHE A 487 -6.41 -19.57 -2.39
N SER A 488 -5.50 -18.74 -2.91
CA SER A 488 -4.16 -19.22 -3.24
C SER A 488 -3.45 -19.77 -2.01
N ARG A 489 -3.59 -19.08 -0.87
CA ARG A 489 -2.92 -19.53 0.35
C ARG A 489 -3.44 -20.90 0.78
N PHE A 490 -4.76 -21.09 0.74
CA PHE A 490 -5.31 -22.40 1.10
C PHE A 490 -4.83 -23.49 0.14
N MET A 491 -4.62 -23.13 -1.12
CA MET A 491 -4.18 -24.10 -2.13
C MET A 491 -2.71 -24.47 -2.02
N THR A 492 -1.90 -23.73 -1.26
CA THR A 492 -0.46 -23.84 -1.35
C THR A 492 0.28 -23.92 -0.03
N GLU A 493 -0.38 -23.73 1.10
CA GLU A 493 0.34 -23.63 2.37
C GLU A 493 1.16 -24.90 2.62
N PRO A 494 2.48 -24.78 2.89
CA PRO A 494 3.28 -25.96 3.30
C PRO A 494 3.06 -26.32 4.75
N LYS A 495 1.98 -27.05 5.01
CA LYS A 495 1.51 -27.27 6.37
C LYS A 495 2.41 -28.24 7.13
N GLY A 496 3.64 -27.82 7.40
CA GLY A 496 4.53 -28.62 8.23
C GLY A 496 4.70 -30.01 7.67
N LYS A 497 4.50 -31.00 8.52
CA LYS A 497 4.65 -32.40 8.15
C LYS A 497 3.39 -32.97 7.51
N GLU A 498 2.29 -32.21 7.50
CA GLU A 498 1.04 -32.67 6.93
C GLU A 498 0.90 -32.32 5.46
N HIS A 499 1.91 -31.68 4.87
CA HIS A 499 1.88 -31.32 3.46
C HIS A 499 2.29 -32.50 2.58
N ASP A 500 1.62 -32.62 1.43
CA ASP A 500 1.95 -33.62 0.41
C ASP A 500 2.39 -32.91 -0.86
N ASP A 501 3.62 -33.19 -1.30
CA ASP A 501 4.14 -32.55 -2.51
C ASP A 501 3.43 -33.08 -3.76
N ILE A 502 3.06 -34.36 -3.76
CA ILE A 502 2.59 -35.00 -4.99
C ILE A 502 1.39 -34.27 -5.55
N PHE A 503 0.46 -33.85 -4.68
CA PHE A 503 -0.76 -33.19 -5.13
C PHE A 503 -0.50 -31.78 -5.64
N ASP A 504 0.67 -31.20 -5.35
CA ASP A 504 0.88 -29.78 -5.59
C ASP A 504 0.61 -29.42 -7.05
N LYS A 505 1.00 -30.30 -7.98
CA LYS A 505 0.84 -30.00 -9.39
C LYS A 505 -0.61 -29.63 -9.70
N LEU A 506 -1.57 -30.41 -9.19
CA LEU A 506 -2.96 -30.06 -9.43
C LEU A 506 -3.33 -28.74 -8.76
N LYS A 507 -2.86 -28.55 -7.52
CA LYS A 507 -3.21 -27.34 -6.79
C LYS A 507 -2.87 -26.10 -7.58
N GLU A 508 -1.78 -26.14 -8.35
CA GLU A 508 -1.40 -24.98 -9.16
C GLU A 508 -2.31 -24.84 -10.38
N ALA A 509 -2.62 -25.95 -11.05
CA ALA A 509 -3.42 -25.87 -12.27
C ALA A 509 -4.84 -25.40 -11.96
N VAL A 510 -5.44 -25.90 -10.88
CA VAL A 510 -6.78 -25.49 -10.52
C VAL A 510 -6.77 -24.05 -10.02
N LYS A 511 -5.83 -23.72 -9.13
CA LYS A 511 -5.78 -22.39 -8.55
C LYS A 511 -5.81 -21.33 -9.63
N GLU A 512 -5.02 -21.54 -10.69
CA GLU A 512 -5.04 -20.59 -11.81
C GLU A 512 -6.42 -20.55 -12.46
N GLU A 513 -6.96 -21.70 -12.84
CA GLU A 513 -8.20 -21.71 -13.60
C GLU A 513 -9.37 -21.20 -12.76
N SER A 514 -9.49 -21.65 -11.52
CA SER A 514 -10.62 -21.27 -10.69
C SER A 514 -10.69 -19.76 -10.54
N ILE A 515 -9.55 -19.09 -10.46
CA ILE A 515 -9.53 -17.65 -10.34
C ILE A 515 -10.10 -17.00 -11.59
N LYS A 516 -9.68 -17.49 -12.77
CA LYS A 516 -10.10 -16.87 -14.01
C LYS A 516 -11.58 -17.07 -14.28
N ARG A 517 -12.19 -18.13 -13.74
CA ARG A 517 -13.61 -18.34 -13.93
C ARG A 517 -14.47 -17.57 -12.94
N HIS A 518 -13.87 -16.79 -12.05
CA HIS A 518 -14.60 -15.96 -11.11
C HIS A 518 -14.44 -14.49 -11.48
N LYS A 519 -15.51 -13.72 -11.27
CA LYS A 519 -15.47 -12.28 -11.40
C LYS A 519 -16.24 -11.66 -10.23
N TRP A 520 -15.76 -10.52 -9.74
CA TRP A 520 -16.44 -9.83 -8.67
C TRP A 520 -17.55 -8.97 -9.25
N ASN A 521 -18.69 -8.95 -8.57
CA ASN A 521 -19.84 -8.18 -9.04
C ASN A 521 -19.51 -6.70 -8.99
N ASP A 522 -19.44 -6.06 -10.17
CA ASP A 522 -19.02 -4.67 -10.25
C ASP A 522 -19.97 -3.72 -9.53
N PHE A 523 -21.25 -4.07 -9.41
CA PHE A 523 -22.20 -3.20 -8.74
C PHE A 523 -21.72 -2.76 -7.36
N ALA A 524 -20.82 -3.53 -6.74
CA ALA A 524 -20.33 -3.15 -5.42
C ALA A 524 -19.82 -1.72 -5.43
N GLU A 525 -19.19 -1.28 -6.53
CA GLU A 525 -18.64 0.07 -6.57
C GLU A 525 -19.69 1.09 -6.20
N ASP A 526 -20.91 0.93 -6.69
CA ASP A 526 -21.96 1.88 -6.33
C ASP A 526 -22.42 1.69 -4.90
N SER A 527 -22.63 0.44 -4.47
CA SER A 527 -23.09 0.20 -3.11
C SER A 527 -22.07 0.78 -2.12
N LEU A 528 -20.80 0.47 -2.33
CA LEU A 528 -19.76 1.01 -1.46
C LEU A 528 -19.84 2.52 -1.40
N ARG A 529 -20.08 3.18 -2.55
CA ARG A 529 -20.17 4.63 -2.55
C ARG A 529 -21.17 5.10 -1.51
N VAL A 530 -22.35 4.50 -1.48
CA VAL A 530 -23.31 4.87 -0.45
C VAL A 530 -22.77 4.49 0.92
N ILE A 531 -22.35 3.24 1.08
CA ILE A 531 -21.99 2.75 2.41
C ILE A 531 -20.85 3.57 2.97
N GLN A 532 -19.81 3.77 2.16
CA GLN A 532 -18.69 4.58 2.62
C GLN A 532 -19.17 5.93 3.12
N HIS A 533 -20.01 6.61 2.32
CA HIS A 533 -20.47 7.93 2.74
C HIS A 533 -21.08 7.85 4.12
N ASN A 534 -21.92 6.85 4.35
CA ASN A 534 -22.60 6.75 5.63
C ASN A 534 -21.61 6.67 6.78
N ALA A 535 -20.57 5.85 6.62
CA ALA A 535 -19.59 5.73 7.70
C ALA A 535 -18.89 7.06 7.94
N LEU A 536 -18.57 7.78 6.88
CA LEU A 536 -18.01 9.11 7.05
C LEU A 536 -19.04 10.06 7.62
N GLU A 537 -20.32 9.87 7.23
CA GLU A 537 -21.34 10.87 7.52
C GLU A 537 -21.42 11.18 9.01
N ASP A 538 -21.13 10.21 9.86
CA ASP A 538 -21.10 10.43 11.30
C ASP A 538 -19.87 11.26 11.63
N ARG A 539 -20.07 12.56 11.84
CA ARG A 539 -19.01 13.48 12.21
C ARG A 539 -19.02 13.79 13.71
N SER A 540 -19.90 13.14 14.46
CA SER A 540 -20.21 13.56 15.82
C SER A 540 -19.53 12.62 16.82
N ILE A 541 -18.54 13.14 17.53
CA ILE A 541 -17.89 12.43 18.62
C ILE A 541 -18.59 12.89 19.90
N SER A 542 -19.45 12.04 20.44
CA SER A 542 -20.36 12.44 21.50
C SER A 542 -19.76 12.34 22.91
N ASP A 543 -18.68 11.57 23.09
CA ASP A 543 -18.19 11.30 24.44
C ASP A 543 -16.68 11.06 24.40
N LYS A 544 -16.13 10.82 25.59
CA LYS A 544 -14.69 10.67 25.75
C LYS A 544 -14.16 9.43 25.03
N GLN A 545 -14.93 8.34 25.04
CA GLN A 545 -14.42 7.09 24.47
C GLN A 545 -14.17 7.23 22.97
N GLN A 546 -15.12 7.79 22.24
CA GLN A 546 -14.93 8.00 20.81
C GLN A 546 -13.93 9.10 20.54
N TRP A 547 -13.83 10.08 21.45
CA TRP A 547 -12.80 11.10 21.33
C TRP A 547 -11.42 10.46 21.36
N ASP A 548 -11.22 9.51 22.28
CA ASP A 548 -9.94 8.82 22.38
C ASP A 548 -9.68 7.90 21.20
N ALA A 549 -10.71 7.18 20.73
CA ALA A 549 -10.53 6.36 19.54
C ALA A 549 -10.13 7.21 18.35
N ALA A 550 -10.79 8.36 18.20
CA ALA A 550 -10.50 9.27 17.11
C ALA A 550 -9.08 9.79 17.19
N ILE A 551 -8.65 10.22 18.38
CA ILE A 551 -7.30 10.71 18.55
C ILE A 551 -6.29 9.60 18.28
N TYR A 552 -6.60 8.37 18.70
CA TYR A 552 -5.71 7.25 18.41
C TYR A 552 -5.50 7.08 16.91
N PHE A 553 -6.59 7.02 16.14
CA PHE A 553 -6.41 6.78 14.71
C PHE A 553 -5.69 7.95 14.05
N MET A 554 -6.02 9.18 14.47
CA MET A 554 -5.32 10.34 13.92
C MET A 554 -3.83 10.30 14.23
N GLU A 555 -3.49 9.94 15.48
CA GLU A 555 -2.08 9.84 15.83
C GLU A 555 -1.38 8.76 15.02
N GLU A 556 -2.02 7.61 14.84
CA GLU A 556 -1.38 6.53 14.08
C GLU A 556 -1.13 6.96 12.64
N ALA A 557 -2.17 7.47 11.98
CA ALA A 557 -2.06 7.81 10.57
C ALA A 557 -1.04 8.92 10.35
N LEU A 558 -1.01 9.92 11.24
CA LEU A 558 -0.08 11.02 11.06
C LEU A 558 1.34 10.63 11.48
N GLN A 559 1.49 9.75 12.46
CA GLN A 559 2.83 9.30 12.86
C GLN A 559 3.50 8.49 11.77
N ALA A 560 2.74 7.67 11.04
CA ALA A 560 3.37 6.92 9.95
C ALA A 560 3.99 7.87 8.93
N ARG A 561 3.22 8.88 8.50
CA ARG A 561 3.73 9.81 7.50
C ARG A 561 4.84 10.68 8.08
N LEU A 562 4.75 11.03 9.35
CA LEU A 562 5.80 11.82 9.99
C LEU A 562 7.11 11.04 10.03
N LYS A 563 7.04 9.75 10.33
CA LYS A 563 8.25 8.93 10.35
C LYS A 563 8.84 8.83 8.95
N ASP A 564 7.99 8.67 7.93
CA ASP A 564 8.51 8.64 6.56
C ASP A 564 9.19 9.96 6.21
N THR A 565 8.56 11.08 6.55
CA THR A 565 9.13 12.38 6.25
C THR A 565 10.44 12.58 7.00
N GLU A 566 10.50 12.13 8.25
CA GLU A 566 11.71 12.29 9.04
C GLU A 566 12.86 11.46 8.49
N ASN A 567 12.58 10.23 8.03
CA ASN A 567 13.62 9.45 7.40
C ASN A 567 14.14 10.13 6.13
N ALA A 568 13.21 10.65 5.32
CA ALA A 568 13.63 11.36 4.12
C ALA A 568 14.48 12.56 4.47
N ILE A 569 14.08 13.32 5.49
CA ILE A 569 14.81 14.52 5.88
C ILE A 569 16.18 14.16 6.45
N GLU A 570 16.26 13.08 7.22
CA GLU A 570 17.56 12.67 7.75
C GLU A 570 18.52 12.30 6.62
N ASN A 571 18.04 11.57 5.61
CA ASN A 571 18.91 11.26 4.49
C ASN A 571 19.28 12.52 3.72
N MET A 572 18.33 13.45 3.60
CA MET A 572 18.53 14.64 2.78
C MET A 572 19.49 15.62 3.44
N VAL A 573 19.37 15.80 4.76
CA VAL A 573 20.14 16.80 5.49
C VAL A 573 21.47 16.24 5.99
N GLY A 574 21.48 14.98 6.42
CA GLY A 574 22.70 14.35 6.86
C GLY A 574 22.72 14.09 8.36
N PRO A 575 23.81 13.48 8.83
CA PRO A 575 23.88 13.11 10.24
C PRO A 575 23.99 14.32 11.16
N ASP A 576 23.73 14.06 12.44
CA ASP A 576 23.86 15.06 13.48
C ASP A 576 25.35 15.25 13.80
N TRP A 577 25.66 16.27 14.61
CA TRP A 577 27.05 16.52 14.96
C TRP A 577 27.62 15.36 15.78
N LYS A 578 26.79 14.76 16.64
CA LYS A 578 27.25 13.66 17.47
C LYS A 578 27.80 12.54 16.61
N LYS A 579 27.10 12.23 15.52
CA LYS A 579 27.58 11.22 14.59
C LYS A 579 28.86 11.69 13.91
N ARG A 580 28.92 12.99 13.59
CA ARG A 580 30.03 13.51 12.81
C ARG A 580 31.35 13.39 13.55
N TRP A 581 31.35 13.57 14.88
CA TRP A 581 32.59 13.34 15.65
C TRP A 581 32.69 12.00 16.37
N LEU A 582 31.60 11.31 16.66
CA LEU A 582 31.74 10.03 17.36
C LEU A 582 31.90 8.86 16.39
N TYR A 583 31.18 8.87 15.27
CA TYR A 583 31.29 7.84 14.25
C TYR A 583 31.87 8.38 12.95
N TRP A 584 32.31 9.63 12.94
CA TRP A 584 32.95 10.24 11.77
C TRP A 584 32.03 10.19 10.56
N LYS A 585 30.73 10.40 10.80
CA LYS A 585 29.74 10.47 9.73
C LYS A 585 29.74 11.90 9.18
N ASN A 586 30.78 12.19 8.39
CA ASN A 586 30.91 13.51 7.81
C ASN A 586 29.84 13.74 6.75
N ARG A 587 29.34 14.97 6.69
CA ARG A 587 28.29 15.31 5.75
C ARG A 587 28.84 15.56 4.35
N THR A 588 27.99 15.36 3.35
CA THR A 588 28.31 15.75 1.99
C THR A 588 27.97 17.22 1.77
N GLN A 589 28.46 17.76 0.65
CA GLN A 589 28.18 19.15 0.32
C GLN A 589 26.68 19.38 0.15
N GLU A 590 26.00 18.45 -0.51
CA GLU A 590 24.56 18.56 -0.65
C GLU A 590 23.89 18.54 0.72
N GLN A 591 24.35 17.67 1.61
CA GLN A 591 23.76 17.59 2.93
C GLN A 591 23.95 18.89 3.70
N CYS A 592 25.12 19.51 3.60
CA CYS A 592 25.34 20.79 4.27
C CYS A 592 24.43 21.88 3.70
N VAL A 593 24.30 21.92 2.38
CA VAL A 593 23.43 22.93 1.76
C VAL A 593 22.00 22.72 2.22
N HIS A 594 21.54 21.46 2.20
CA HIS A 594 20.19 21.14 2.63
C HIS A 594 20.00 21.50 4.09
N ASN A 595 21.03 21.28 4.92
CA ASN A 595 20.94 21.62 6.33
C ASN A 595 20.74 23.12 6.51
N GLU A 596 21.50 23.93 5.78
CA GLU A 596 21.36 25.38 5.93
C GLU A 596 20.00 25.87 5.42
N THR A 597 19.54 25.32 4.29
CA THR A 597 18.21 25.70 3.79
C THR A 597 17.13 25.30 4.79
N LYS A 598 17.26 24.11 5.37
CA LYS A 598 16.33 23.67 6.40
C LYS A 598 16.36 24.61 7.59
N ASN A 599 17.55 25.08 7.98
CA ASN A 599 17.65 26.00 9.10
C ASN A 599 16.91 27.31 8.79
N GLU A 600 17.03 27.79 7.56
CA GLU A 600 16.28 28.99 7.15
C GLU A 600 14.77 28.76 7.28
N LEU A 601 14.28 27.67 6.67
CA LEU A 601 12.85 27.42 6.66
C LEU A 601 12.35 27.15 8.07
N GLU A 602 13.19 26.52 8.90
CA GLU A 602 12.80 26.15 10.24
C GLU A 602 12.80 27.35 11.18
N LYS A 603 13.72 28.31 11.02
CA LYS A 603 13.56 29.51 11.83
C LYS A 603 12.25 30.20 11.45
N MET A 604 11.93 30.21 10.15
CA MET A 604 10.68 30.84 9.75
C MET A 604 9.50 30.16 10.45
N LEU A 605 9.46 28.82 10.40
CA LEU A 605 8.33 28.09 10.99
C LEU A 605 8.33 28.17 12.51
N LYS A 606 9.51 28.20 13.15
CA LYS A 606 9.56 28.34 14.60
C LYS A 606 9.02 29.69 15.04
N CYS A 607 9.39 30.75 14.32
CA CYS A 607 8.85 32.07 14.65
C CYS A 607 7.35 32.12 14.42
N ASN A 608 6.85 31.44 13.39
CA ASN A 608 5.44 31.46 13.04
C ASN A 608 5.04 30.05 12.59
N GLU A 609 4.41 29.31 13.51
CA GLU A 609 3.95 27.96 13.20
C GLU A 609 2.73 27.95 12.28
N GLU A 610 2.09 29.10 12.09
CA GLU A 610 0.87 29.19 11.28
C GLU A 610 1.16 29.35 9.79
N HIS A 611 2.43 29.41 9.40
CA HIS A 611 2.73 29.67 8.00
C HIS A 611 2.18 28.55 7.13
N PRO A 612 1.52 28.87 6.01
CA PRO A 612 1.00 27.82 5.13
C PRO A 612 2.11 27.19 4.31
N ALA A 613 1.75 26.11 3.62
CA ALA A 613 2.73 25.36 2.83
C ALA A 613 3.36 26.23 1.75
N TYR A 614 2.58 27.07 1.10
CA TYR A 614 3.05 27.74 -0.11
C TYR A 614 3.65 29.10 0.19
N LEU A 615 4.88 29.28 -0.25
CA LEU A 615 5.64 30.52 -0.11
C LEU A 615 5.45 31.37 -1.37
N ALA A 616 5.91 32.62 -1.26
CA ALA A 616 6.03 33.46 -2.45
C ALA A 616 7.26 33.07 -3.25
N SER A 617 7.22 33.34 -4.55
CA SER A 617 8.40 33.13 -5.39
C SER A 617 9.52 34.09 -4.98
N ASP A 618 9.16 35.33 -4.65
CA ASP A 618 10.16 36.25 -4.10
C ASP A 618 10.68 35.76 -2.76
N GLU A 619 9.87 35.01 -2.01
CA GLU A 619 10.38 34.37 -0.81
C GLU A 619 11.42 33.31 -1.15
N ILE A 620 11.18 32.51 -2.20
CA ILE A 620 12.18 31.49 -2.67
C ILE A 620 13.46 32.28 -3.01
N THR A 621 13.34 33.43 -3.70
CA THR A 621 14.50 34.30 -4.05
C THR A 621 15.15 34.84 -2.76
N THR A 622 14.36 35.26 -1.76
CA THR A 622 14.87 35.77 -0.46
C THR A 622 15.61 34.62 0.26
N VAL A 623 15.05 33.40 0.23
CA VAL A 623 15.67 32.20 0.89
C VAL A 623 17.01 31.95 0.15
N ARG A 624 17.02 32.02 -1.19
CA ARG A 624 18.26 31.82 -1.98
C ARG A 624 19.27 32.94 -1.66
N LYS A 625 18.82 34.20 -1.61
CA LYS A 625 19.73 35.37 -1.41
C LYS A 625 20.33 35.31 0.00
N ASN A 626 19.51 35.00 1.02
CA ASN A 626 20.00 34.90 2.43
C ASN A 626 20.98 33.71 2.47
N LEU A 627 20.63 32.60 1.80
CA LEU A 627 21.51 31.40 1.77
C LEU A 627 22.80 31.80 1.05
N GLU A 628 22.73 32.54 -0.07
CA GLU A 628 23.92 32.94 -0.90
C GLU A 628 24.82 33.84 -0.02
N SER A 629 24.22 34.74 0.78
CA SER A 629 24.98 35.69 1.64
C SER A 629 25.86 34.89 2.61
N ARG A 630 25.32 33.86 3.30
CA ARG A 630 26.08 33.14 4.31
C ARG A 630 27.14 32.25 3.67
N GLY A 631 26.92 31.84 2.42
CA GLY A 631 27.88 31.01 1.71
C GLY A 631 27.36 29.64 1.36
N VAL A 632 26.07 29.55 1.10
CA VAL A 632 25.42 28.29 0.73
C VAL A 632 24.82 28.45 -0.66
N GLU A 633 25.15 27.52 -1.55
CA GLU A 633 24.64 27.52 -2.91
C GLU A 633 23.26 26.88 -2.93
N VAL A 634 22.28 27.61 -3.42
CA VAL A 634 20.89 27.15 -3.39
C VAL A 634 20.15 27.69 -4.61
N ASP A 635 19.20 26.90 -5.09
CA ASP A 635 18.38 27.21 -6.25
C ASP A 635 16.92 26.91 -5.90
N PRO A 636 15.98 27.42 -6.70
CA PRO A 636 14.57 27.28 -6.33
C PRO A 636 14.10 25.84 -6.18
N SER A 637 14.74 24.90 -6.88
CA SER A 637 14.31 23.51 -6.80
C SER A 637 14.74 22.85 -5.50
N LEU A 638 15.96 23.15 -5.06
CA LEU A 638 16.41 22.67 -3.75
C LEU A 638 15.49 23.22 -2.66
N ILE A 639 15.14 24.51 -2.74
CA ILE A 639 14.27 25.10 -1.74
C ILE A 639 12.89 24.45 -1.79
N LYS A 640 12.36 24.17 -2.97
CA LYS A 640 11.02 23.61 -3.03
C LYS A 640 10.99 22.19 -2.48
N ASP A 641 12.00 21.38 -2.78
CA ASP A 641 12.01 20.02 -2.23
C ASP A 641 12.22 20.06 -0.71
N THR A 642 13.20 20.85 -0.25
CA THR A 642 13.46 20.95 1.18
C THR A 642 12.22 21.46 1.90
N TRP A 643 11.60 22.47 1.28
CA TRP A 643 10.37 23.11 1.80
C TRP A 643 9.27 22.06 1.92
N HIS A 644 9.04 21.27 0.90
CA HIS A 644 7.98 20.27 0.93
C HIS A 644 8.19 19.32 2.10
N GLN A 645 9.39 18.73 2.20
CA GLN A 645 9.61 17.78 3.28
C GLN A 645 9.53 18.45 4.65
N VAL A 646 10.14 19.63 4.78
CA VAL A 646 10.23 20.31 6.07
C VAL A 646 8.85 20.76 6.54
N TYR A 647 8.06 21.34 5.64
CA TYR A 647 6.74 21.80 6.01
C TYR A 647 5.83 20.63 6.34
N ARG A 648 5.97 19.51 5.62
CA ARG A 648 5.17 18.34 6.00
C ARG A 648 5.57 17.83 7.38
N ARG A 649 6.87 17.81 7.68
CA ARG A 649 7.29 17.41 9.02
C ARG A 649 6.71 18.33 10.08
N HIS A 650 6.84 19.64 9.86
CA HIS A 650 6.28 20.62 10.78
C HIS A 650 4.78 20.42 10.94
N PHE A 651 4.08 20.25 9.83
CA PHE A 651 2.64 20.07 9.83
C PHE A 651 2.24 18.85 10.66
N LEU A 652 2.89 17.71 10.41
CA LEU A 652 2.50 16.47 11.08
C LEU A 652 2.87 16.50 12.56
N LYS A 653 4.05 17.06 12.89
CA LYS A 653 4.45 17.11 14.29
C LYS A 653 3.59 18.11 15.06
N THR A 654 3.20 19.22 14.42
CA THR A 654 2.26 20.13 15.03
C THR A 654 0.91 19.45 15.24
N ALA A 655 0.49 18.63 14.28
CA ALA A 655 -0.75 17.87 14.45
C ALA A 655 -0.65 16.93 15.65
N LEU A 656 0.51 16.31 15.87
CA LEU A 656 0.64 15.40 17.01
C LEU A 656 0.73 16.16 18.34
N ASN A 657 1.35 17.35 18.34
CA ASN A 657 1.27 18.18 19.54
C ASN A 657 -0.16 18.62 19.80
N HIS A 658 -0.91 18.87 18.74
CA HIS A 658 -2.34 19.16 18.87
C HIS A 658 -3.08 17.93 19.38
N CYS A 659 -2.61 16.73 19.06
CA CYS A 659 -3.14 15.52 19.70
C CYS A 659 -2.89 15.57 21.20
N ASN A 660 -1.66 15.92 21.58
CA ASN A 660 -1.32 16.00 23.00
C ASN A 660 -2.23 16.98 23.73
N LEU A 661 -2.60 18.06 23.07
CA LEU A 661 -3.50 19.04 23.69
C LEU A 661 -4.98 18.62 23.62
N CYS A 662 -5.39 17.95 22.55
CA CYS A 662 -6.76 17.46 22.47
C CYS A 662 -7.04 16.44 23.56
N ARG A 663 -6.05 15.60 23.87
CA ARG A 663 -6.23 14.60 24.92
C ARG A 663 -6.77 15.21 26.20
N ARG A 664 -6.58 16.50 26.41
CA ARG A 664 -7.09 17.19 27.59
C ARG A 664 -7.74 18.53 27.20
N GLY A 665 -8.55 18.52 26.12
CA GLY A 665 -9.22 19.74 25.58
C GLY A 665 -10.74 19.58 25.57
N PHE A 666 -11.48 20.13 26.54
CA PHE A 666 -12.97 20.03 26.68
C PHE A 666 -13.58 21.31 27.30
N TYR A 667 -13.00 21.84 28.39
CA TYR A 667 -13.48 23.06 29.09
C TYR A 667 -13.50 24.28 28.16
N TYR A 668 -12.52 24.43 27.25
CA TYR A 668 -12.39 25.67 26.42
C TYR A 668 -13.67 25.80 25.57
N TYR A 669 -14.25 24.68 25.12
CA TYR A 669 -15.43 24.68 24.20
C TYR A 669 -16.67 25.08 25.02
N GLN A 670 -16.80 24.66 26.30
CA GLN A 670 -17.96 25.07 27.17
C GLN A 670 -17.82 26.57 27.51
N ARG A 671 -16.59 27.11 27.64
CA ARG A 671 -16.37 28.56 27.91
C ARG A 671 -16.78 29.39 26.69
N HIS A 672 -16.56 28.88 25.46
CA HIS A 672 -16.70 29.69 24.22
C HIS A 672 -15.59 30.74 24.34
N PHE A 673 -14.49 30.42 25.04
CA PHE A 673 -13.49 31.44 25.36
C PHE A 673 -12.79 31.91 24.09
N VAL A 674 -12.67 33.24 23.93
CA VAL A 674 -12.28 33.81 22.65
C VAL A 674 -10.78 33.67 22.35
N ASP A 675 -9.93 33.61 23.36
CA ASP A 675 -8.49 33.57 23.15
C ASP A 675 -7.98 32.16 22.89
N SER A 676 -8.86 31.19 22.73
CA SER A 676 -8.48 29.78 22.63
C SER A 676 -8.12 29.44 21.19
N GLU A 677 -6.84 29.17 20.94
CA GLU A 677 -6.41 28.72 19.62
C GLU A 677 -6.86 27.29 19.34
N LEU A 678 -6.81 26.41 20.35
CA LEU A 678 -7.03 25.00 20.14
C LEU A 678 -8.44 24.72 19.62
N GLU A 679 -8.53 24.11 18.45
CA GLU A 679 -9.77 23.54 17.94
C GLU A 679 -9.48 22.16 17.37
N CYS A 680 -10.10 21.13 17.95
CA CYS A 680 -9.75 19.74 17.70
C CYS A 680 -10.73 19.13 16.71
N ASN A 681 -10.53 19.44 15.42
CA ASN A 681 -11.42 18.95 14.37
C ASN A 681 -10.80 17.88 13.47
N ASP A 682 -9.48 17.76 13.43
CA ASP A 682 -8.85 16.69 12.66
C ASP A 682 -9.21 15.32 13.25
N VAL A 683 -9.47 15.30 14.55
CA VAL A 683 -9.84 14.09 15.27
C VAL A 683 -11.07 13.48 14.63
N VAL A 684 -12.04 14.32 14.26
CA VAL A 684 -13.27 13.83 13.65
C VAL A 684 -12.97 13.17 12.30
N LEU A 685 -12.09 13.78 11.50
CA LEU A 685 -11.74 13.18 10.21
C LEU A 685 -11.18 11.78 10.38
N PHE A 686 -10.19 11.61 11.24
CA PHE A 686 -9.58 10.29 11.33
C PHE A 686 -10.51 9.29 12.03
N TRP A 687 -11.37 9.76 12.93
CA TRP A 687 -12.42 8.89 13.46
C TRP A 687 -13.32 8.37 12.34
N ARG A 688 -13.78 9.29 11.48
CA ARG A 688 -14.63 8.92 10.37
C ARG A 688 -13.94 7.93 9.46
N ILE A 689 -12.67 8.16 9.16
CA ILE A 689 -11.96 7.28 8.24
C ILE A 689 -11.73 5.91 8.85
N GLN A 690 -11.41 5.85 10.15
CA GLN A 690 -11.30 4.54 10.80
C GLN A 690 -12.61 3.77 10.67
N ARG A 691 -13.73 4.44 10.96
CA ARG A 691 -15.02 3.75 10.89
C ARG A 691 -15.36 3.39 9.45
N MET A 692 -14.99 4.23 8.49
CA MET A 692 -15.23 3.91 7.08
C MET A 692 -14.40 2.73 6.62
N LEU A 693 -13.16 2.63 7.09
CA LEU A 693 -12.35 1.46 6.77
C LEU A 693 -13.03 0.21 7.30
N ALA A 694 -13.52 0.28 8.54
CA ALA A 694 -14.22 -0.86 9.11
C ALA A 694 -15.45 -1.23 8.27
N ILE A 695 -16.23 -0.23 7.85
CA ILE A 695 -17.48 -0.52 7.15
C ILE A 695 -17.18 -1.10 5.77
N THR A 696 -16.18 -0.55 5.08
CA THR A 696 -15.85 -1.06 3.76
C THR A 696 -15.33 -2.48 3.84
N ALA A 697 -14.45 -2.76 4.80
CA ALA A 697 -13.94 -4.11 4.97
C ALA A 697 -15.06 -5.08 5.27
N ASN A 698 -16.01 -4.67 6.12
CA ASN A 698 -17.07 -5.59 6.51
C ASN A 698 -18.03 -5.86 5.35
N THR A 699 -18.39 -4.82 4.60
CA THR A 699 -19.26 -5.00 3.45
C THR A 699 -18.61 -5.92 2.43
N LEU A 700 -17.32 -5.70 2.18
CA LEU A 700 -16.61 -6.55 1.23
C LEU A 700 -16.57 -7.99 1.72
N ARG A 701 -16.36 -8.18 3.03
CA ARG A 701 -16.35 -9.53 3.57
C ARG A 701 -17.70 -10.20 3.38
N GLN A 702 -18.79 -9.47 3.64
CA GLN A 702 -20.11 -10.06 3.52
C GLN A 702 -20.40 -10.46 2.08
N GLN A 703 -20.07 -9.57 1.13
CA GLN A 703 -20.21 -9.92 -0.28
C GLN A 703 -19.39 -11.16 -0.60
N LEU A 704 -18.20 -11.26 -0.02
CA LEU A 704 -17.33 -12.40 -0.25
C LEU A 704 -17.95 -13.69 0.28
N THR A 705 -18.40 -13.66 1.53
CA THR A 705 -18.78 -14.88 2.25
C THR A 705 -20.17 -15.38 1.90
N ASN A 706 -21.05 -14.53 1.36
CA ASN A 706 -22.39 -15.00 1.00
C ASN A 706 -22.64 -15.09 -0.50
N THR A 707 -21.89 -14.35 -1.31
CA THR A 707 -22.15 -14.35 -2.75
C THR A 707 -20.96 -14.88 -3.53
N GLU A 708 -19.77 -14.31 -3.29
CA GLU A 708 -18.64 -14.60 -4.14
C GLU A 708 -17.94 -15.91 -3.77
N VAL A 709 -17.88 -16.26 -2.48
CA VAL A 709 -17.16 -17.47 -2.09
C VAL A 709 -17.91 -18.71 -2.55
N ARG A 710 -19.24 -18.69 -2.51
CA ARG A 710 -20.01 -19.83 -3.03
C ARG A 710 -19.92 -19.93 -4.55
N ARG A 711 -19.88 -18.79 -5.24
CA ARG A 711 -19.62 -18.83 -6.68
C ARG A 711 -18.24 -19.40 -6.95
N LEU A 712 -17.27 -19.08 -6.10
CA LEU A 712 -15.93 -19.64 -6.25
C LEU A 712 -15.94 -21.14 -6.04
N GLU A 713 -16.69 -21.62 -5.05
CA GLU A 713 -16.78 -23.06 -4.84
C GLU A 713 -17.39 -23.74 -6.06
N LYS A 714 -18.44 -23.15 -6.64
CA LYS A 714 -19.03 -23.70 -7.86
C LYS A 714 -18.01 -23.74 -8.99
N ASN A 715 -17.26 -22.64 -9.18
CA ASN A 715 -16.27 -22.58 -10.25
C ASN A 715 -15.17 -23.59 -10.03
N VAL A 716 -14.75 -23.79 -8.78
CA VAL A 716 -13.71 -24.76 -8.47
C VAL A 716 -14.20 -26.18 -8.78
N LYS A 717 -15.45 -26.48 -8.42
CA LYS A 717 -15.98 -27.79 -8.75
C LYS A 717 -16.03 -28.00 -10.26
N GLU A 718 -16.42 -26.95 -11.00
CA GLU A 718 -16.44 -27.05 -12.46
C GLU A 718 -15.04 -27.30 -13.01
N VAL A 719 -14.05 -26.56 -12.49
CA VAL A 719 -12.67 -26.72 -12.95
C VAL A 719 -12.16 -28.11 -12.64
N LEU A 720 -12.46 -28.61 -11.43
CA LEU A 720 -12.01 -29.95 -11.05
C LEU A 720 -12.65 -31.02 -11.92
N GLU A 721 -13.94 -30.85 -12.25
CA GLU A 721 -14.58 -31.81 -13.15
C GLU A 721 -13.94 -31.77 -14.53
N ASP A 722 -13.67 -30.56 -15.04
CA ASP A 722 -13.08 -30.44 -16.37
C ASP A 722 -11.68 -31.06 -16.39
N PHE A 723 -10.93 -30.91 -15.31
CA PHE A 723 -9.60 -31.50 -15.24
C PHE A 723 -9.67 -33.01 -15.02
N ALA A 724 -10.71 -33.48 -14.33
CA ALA A 724 -10.90 -34.92 -14.14
C ALA A 724 -11.16 -35.60 -15.46
N GLU A 725 -11.97 -34.98 -16.32
CA GLU A 725 -12.23 -35.56 -17.63
C GLU A 725 -11.00 -35.49 -18.53
N ASP A 726 -10.14 -34.49 -18.32
CA ASP A 726 -8.95 -34.31 -19.14
C ASP A 726 -7.93 -35.40 -18.81
N GLY A 727 -7.75 -36.36 -19.72
CA GLY A 727 -6.73 -37.38 -19.51
C GLY A 727 -5.32 -36.81 -19.59
N GLU A 728 -5.11 -35.84 -20.50
CA GLU A 728 -3.78 -35.24 -20.63
C GLU A 728 -3.36 -34.54 -19.34
N LYS A 729 -4.29 -33.87 -18.66
CA LYS A 729 -3.93 -33.20 -17.42
C LYS A 729 -3.53 -34.20 -16.35
N LYS A 730 -4.23 -35.33 -16.25
CA LYS A 730 -3.80 -36.37 -15.33
C LYS A 730 -2.45 -36.92 -15.70
N ILE A 731 -2.18 -37.06 -17.02
CA ILE A 731 -0.89 -37.56 -17.46
C ILE A 731 0.23 -36.59 -17.06
N LYS A 732 0.00 -35.29 -17.24
CA LYS A 732 1.03 -34.28 -17.02
C LYS A 732 0.93 -33.61 -15.65
N LEU A 733 -0.03 -34.02 -14.82
CA LEU A 733 -0.07 -33.63 -13.42
C LEU A 733 -0.21 -34.86 -12.54
N LEU A 734 0.24 -34.73 -11.30
CA LEU A 734 0.08 -35.78 -10.29
C LEU A 734 0.71 -37.09 -10.78
N THR A 735 1.98 -37.01 -11.17
CA THR A 735 2.70 -38.13 -11.77
C THR A 735 3.71 -38.77 -10.82
N GLY A 736 3.77 -38.31 -9.56
CA GLY A 736 4.89 -38.63 -8.70
C GLY A 736 4.90 -40.00 -8.05
N LYS A 737 3.78 -40.72 -8.07
CA LYS A 737 3.72 -41.94 -7.28
C LYS A 737 4.51 -43.07 -7.94
N ARG A 738 4.92 -44.03 -7.11
CA ARG A 738 5.66 -45.22 -7.52
C ARG A 738 4.76 -46.37 -7.94
N VAL A 739 3.44 -46.15 -7.98
CA VAL A 739 2.51 -47.23 -8.31
C VAL A 739 2.81 -47.77 -9.70
N GLN A 740 3.35 -46.94 -10.59
CA GLN A 740 3.61 -47.37 -11.95
C GLN A 740 4.54 -48.57 -11.97
N LEU A 741 5.59 -48.52 -11.14
CA LEU A 741 6.53 -49.63 -11.05
C LEU A 741 5.83 -50.92 -10.60
N ALA A 742 4.92 -50.80 -9.63
CA ALA A 742 4.20 -51.96 -9.13
C ALA A 742 3.22 -52.52 -10.17
N GLU A 743 2.75 -51.67 -11.09
CA GLU A 743 1.82 -52.15 -12.10
C GLU A 743 2.46 -53.21 -12.99
N ASP A 744 3.74 -53.04 -13.32
CA ASP A 744 4.44 -54.09 -14.06
C ASP A 744 4.56 -55.36 -13.23
N LEU A 745 4.95 -55.24 -11.96
CA LEU A 745 5.13 -56.41 -11.05
C LEU A 745 3.85 -57.26 -11.14
N LYS A 746 2.67 -56.62 -11.15
CA LYS A 746 1.35 -57.32 -11.12
C LYS A 746 0.95 -57.76 -12.55
N LYS A 747 1.17 -56.95 -13.59
CA LYS A 747 0.69 -57.26 -14.95
C LYS A 747 1.43 -58.44 -15.56
N VAL A 748 2.72 -58.63 -15.29
CA VAL A 748 3.53 -59.72 -15.95
C VAL A 748 3.05 -61.09 -15.43
N ARG A 749 2.09 -61.16 -14.49
CA ARG A 749 1.50 -62.45 -13.97
C ARG A 749 0.83 -63.29 -15.09
N GLU A 750 0.30 -62.69 -16.18
CA GLU A 750 -0.27 -63.46 -17.29
C GLU A 750 0.83 -64.14 -18.08
N ILE A 751 1.94 -63.43 -18.31
CA ILE A 751 3.06 -64.00 -19.05
C ILE A 751 3.60 -65.15 -18.22
N GLN A 752 3.71 -64.93 -16.89
CA GLN A 752 4.25 -65.94 -15.93
C GLN A 752 3.40 -67.23 -16.00
N GLU A 753 2.06 -67.11 -16.06
CA GLU A 753 1.16 -68.26 -16.17
C GLU A 753 1.26 -69.01 -17.48
N LYS A 754 1.26 -68.28 -18.59
CA LYS A 754 1.34 -68.93 -19.89
C LYS A 754 2.65 -69.70 -20.02
N LEU A 755 3.77 -69.10 -19.60
CA LEU A 755 5.07 -69.73 -19.79
C LEU A 755 5.22 -70.99 -18.93
N ASP A 756 4.89 -70.88 -17.63
CA ASP A 756 5.03 -72.01 -16.67
C ASP A 756 4.10 -73.14 -17.14
N ALA A 757 2.85 -72.84 -17.51
CA ALA A 757 1.85 -73.85 -17.97
C ALA A 757 2.40 -74.52 -19.24
N PHE A 758 3.04 -73.76 -20.14
CA PHE A 758 3.66 -74.31 -21.39
C PHE A 758 4.80 -75.26 -20.99
N ILE A 759 5.64 -74.88 -20.02
CA ILE A 759 6.80 -75.73 -19.57
C ILE A 759 6.25 -77.03 -18.97
N GLU A 760 5.19 -76.96 -18.15
CA GLU A 760 4.60 -78.17 -17.50
C GLU A 760 4.00 -79.03 -18.63
N ALA A 761 3.51 -78.39 -19.71
CA ALA A 761 2.99 -79.14 -20.88
C ALA A 761 4.19 -79.83 -21.56
N LEU A 762 5.39 -79.21 -21.63
CA LEU A 762 6.63 -79.85 -22.17
C LEU A 762 6.96 -81.07 -21.29
N HIS A 763 6.71 -80.98 -19.97
CA HIS A 763 7.06 -82.05 -18.98
C HIS A 763 6.03 -83.20 -19.03
N GLN A 764 4.74 -82.93 -19.32
CA GLN A 764 3.67 -83.98 -19.46
C GLN A 764 3.90 -84.72 -20.78
N GLU A 765 4.43 -84.03 -21.79
CA GLU A 765 4.68 -84.58 -23.17
C GLU A 765 6.03 -85.36 -23.15
N LYS A 766 6.94 -85.05 -22.22
CA LYS A 766 8.31 -85.65 -22.19
C LYS A 766 8.89 -85.62 -20.75
N ALA B 1 35.28 16.27 -25.43
CA ALA B 1 33.99 16.79 -25.89
C ALA B 1 32.87 16.30 -24.98
N THR B 2 33.06 15.13 -24.39
CA THR B 2 32.05 14.57 -23.50
C THR B 2 31.89 15.47 -22.27
N ASP B 3 30.64 15.60 -21.82
CA ASP B 3 30.33 16.40 -20.64
C ASP B 3 30.79 17.85 -20.81
N ARG B 4 30.62 18.39 -22.01
CA ARG B 4 30.93 19.78 -22.31
C ARG B 4 29.65 20.52 -22.66
N GLY B 5 29.43 21.67 -22.03
CA GLY B 5 28.18 22.39 -22.26
C GLY B 5 28.03 22.88 -23.69
N SER B 6 29.10 23.42 -24.27
CA SER B 6 29.03 23.91 -25.64
C SER B 6 28.75 22.77 -26.62
N GLU B 7 29.37 21.62 -26.39
CA GLU B 7 29.10 20.46 -27.24
C GLU B 7 27.64 20.04 -27.13
N SER B 8 27.09 20.04 -25.90
CA SER B 8 25.68 19.64 -25.64
C SER B 8 24.75 20.63 -26.39
N ASP B 9 24.99 21.93 -26.26
CA ASP B 9 24.12 22.98 -26.90
C ASP B 9 24.21 22.83 -28.42
N LYS B 10 25.41 22.62 -28.98
CA LYS B 10 25.60 22.47 -30.46
C LYS B 10 24.88 21.19 -30.91
N HIS B 11 24.98 20.10 -30.13
CA HIS B 11 24.31 18.80 -30.45
C HIS B 11 22.79 19.02 -30.41
N PHE B 12 22.30 19.77 -29.42
CA PHE B 12 20.84 20.05 -29.26
C PHE B 12 20.39 20.84 -30.50
N ARG B 13 21.19 21.82 -30.95
CA ARG B 13 20.83 22.68 -32.13
C ARG B 13 20.76 21.78 -33.38
N LYS B 14 21.70 20.84 -33.55
CA LYS B 14 21.71 19.91 -34.73
C LYS B 14 20.45 19.02 -34.67
N VAL B 15 20.09 18.50 -33.49
CA VAL B 15 18.85 17.67 -33.28
C VAL B 15 17.64 18.57 -33.55
N SER B 16 17.68 19.84 -33.10
CA SER B 16 16.58 20.83 -33.25
C SER B 16 16.36 21.11 -34.74
N ASP B 17 17.41 21.20 -35.56
CA ASP B 17 17.33 21.55 -37.01
C ASP B 17 16.65 20.39 -37.78
N LYS B 18 16.86 19.13 -37.38
CA LYS B 18 16.19 18.00 -38.01
C LYS B 18 14.69 18.03 -37.72
N GLU B 19 14.29 18.39 -36.49
CA GLU B 19 12.87 18.55 -36.21
C GLU B 19 12.25 19.69 -37.01
N LYS B 20 13.04 20.74 -37.28
CA LYS B 20 12.52 21.84 -38.08
C LYS B 20 12.24 21.41 -39.51
N ILE B 21 12.93 20.37 -40.00
CA ILE B 21 12.60 19.85 -41.32
C ILE B 21 11.85 18.53 -41.20
N ASP B 22 11.05 18.38 -40.14
CA ASP B 22 10.23 17.20 -39.95
C ASP B 22 9.08 17.15 -40.95
N GLN B 23 8.53 15.94 -41.14
CA GLN B 23 7.40 15.77 -42.05
C GLN B 23 6.20 16.59 -41.62
N LEU B 24 6.00 16.82 -40.31
CA LEU B 24 4.93 17.72 -39.89
C LEU B 24 5.15 19.10 -40.49
N GLN B 25 6.35 19.66 -40.33
CA GLN B 25 6.64 20.98 -40.87
C GLN B 25 6.59 20.98 -42.39
N GLU B 26 7.08 19.91 -43.02
CA GLU B 26 7.06 19.85 -44.49
C GLU B 26 5.64 19.83 -45.02
N GLU B 27 4.77 19.02 -44.41
CA GLU B 27 3.37 19.01 -44.81
C GLU B 27 2.72 20.35 -44.51
N LEU B 28 3.10 20.99 -43.41
CA LEU B 28 2.59 22.32 -43.12
C LEU B 28 2.95 23.29 -44.23
N LEU B 29 4.19 23.25 -44.71
CA LEU B 29 4.60 24.12 -45.81
C LEU B 29 3.81 23.80 -47.08
N HIS B 30 3.67 22.52 -47.41
CA HIS B 30 2.99 22.15 -48.65
C HIS B 30 1.53 22.57 -48.62
N THR B 31 0.84 22.32 -47.49
CA THR B 31 -0.56 22.74 -47.38
C THR B 31 -0.68 24.25 -47.33
N GLN B 32 0.27 24.92 -46.67
CA GLN B 32 0.23 26.38 -46.58
C GLN B 32 0.38 27.02 -47.94
N LEU B 33 1.18 26.42 -48.83
CA LEU B 33 1.34 27.00 -50.16
C LEU B 33 0.01 27.04 -50.90
N LYS B 34 -0.79 25.97 -50.82
CA LYS B 34 -2.11 25.99 -51.42
C LYS B 34 -3.04 26.95 -50.66
N TYR B 35 -2.93 27.01 -49.34
CA TYR B 35 -3.80 27.88 -48.56
C TYR B 35 -3.56 29.35 -48.88
N GLN B 36 -2.32 29.72 -49.19
CA GLN B 36 -2.04 31.11 -49.57
C GLN B 36 -2.84 31.53 -50.79
N ARG B 37 -3.21 30.56 -51.63
CA ARG B 37 -4.05 30.82 -52.80
C ARG B 37 -5.52 30.54 -52.51
N ILE B 38 -5.82 29.54 -51.67
CA ILE B 38 -7.20 29.25 -51.31
C ILE B 38 -7.73 30.35 -50.40
N LEU B 39 -8.98 30.75 -50.63
CA LEU B 39 -9.60 31.86 -49.91
C LEU B 39 -8.75 33.14 -50.00
N GLU B 40 -8.11 33.23 -51.16
CA GLU B 40 -7.24 34.40 -51.41
C GLU B 40 -7.54 34.97 -52.80
N ARG B 41 -6.87 36.06 -53.20
CA ARG B 41 -7.10 36.87 -54.40
C ARG B 41 -8.32 37.77 -54.18
N LEU B 42 -9.02 37.62 -53.06
CA LEU B 42 -10.04 38.60 -52.68
C LEU B 42 -9.38 39.88 -52.18
N GLU B 43 -8.20 39.76 -51.55
CA GLU B 43 -7.61 40.88 -50.84
C GLU B 43 -7.30 42.05 -51.79
N LYS B 44 -6.75 41.75 -52.96
CA LYS B 44 -6.37 42.82 -53.87
C LYS B 44 -7.58 43.64 -54.31
N GLU B 45 -8.71 42.96 -54.56
CA GLU B 45 -9.94 43.68 -54.85
C GLU B 45 -10.44 44.44 -53.62
N ASN B 46 -10.25 43.86 -52.43
CA ASN B 46 -10.77 44.46 -51.22
C ASN B 46 -10.16 45.84 -50.96
N LYS B 47 -8.89 46.03 -51.35
CA LYS B 47 -8.20 47.27 -51.01
C LYS B 47 -8.93 48.51 -51.51
N GLU B 48 -9.72 48.37 -52.58
CA GLU B 48 -10.42 49.52 -53.13
C GLU B 48 -11.41 50.10 -52.12
N LEU B 49 -11.46 51.42 -52.04
CA LEU B 49 -12.31 52.12 -51.09
C LEU B 49 -13.60 52.64 -51.71
N ARG B 50 -13.86 52.35 -52.99
CA ARG B 50 -15.03 52.91 -53.66
C ARG B 50 -16.32 52.46 -52.99
N LYS B 51 -16.41 51.17 -52.65
CA LYS B 51 -17.58 50.68 -51.93
C LYS B 51 -17.72 51.39 -50.60
N LEU B 52 -16.60 51.58 -49.90
CA LEU B 52 -16.63 52.31 -48.64
C LEU B 52 -17.09 53.74 -48.85
N VAL B 53 -16.68 54.37 -49.95
CA VAL B 53 -17.11 55.74 -50.22
C VAL B 53 -18.62 55.78 -50.42
N LEU B 54 -19.18 54.80 -51.13
CA LEU B 54 -20.63 54.76 -51.30
C LEU B 54 -21.32 54.59 -49.95
N GLN B 55 -20.78 53.73 -49.09
CA GLN B 55 -21.36 53.55 -47.77
C GLN B 55 -21.27 54.84 -46.95
N LYS B 56 -20.16 55.57 -47.07
CA LYS B 56 -20.04 56.87 -46.41
C LYS B 56 -21.11 57.82 -46.91
N ASP B 57 -21.34 57.82 -48.23
CA ASP B 57 -22.36 58.70 -48.81
C ASP B 57 -23.72 58.37 -48.22
N ASP B 58 -24.03 57.08 -48.08
CA ASP B 58 -25.27 56.71 -47.42
C ASP B 58 -25.31 57.20 -45.98
N LYS B 59 -24.20 57.07 -45.26
CA LYS B 59 -24.16 57.49 -43.86
C LYS B 59 -24.20 59.01 -43.72
N GLY B 60 -23.48 59.73 -44.59
CA GLY B 60 -23.39 61.18 -44.48
C GLY B 60 -24.24 61.91 -45.48
N ILE B 61 -23.59 62.62 -46.43
CA ILE B 61 -24.29 63.39 -47.51
C ILE B 61 -24.52 62.41 -48.67
N HIS B 62 -25.72 61.85 -48.83
CA HIS B 62 -26.09 61.01 -49.96
C HIS B 62 -26.66 61.84 -51.11
N HIS B 63 -26.60 63.17 -51.00
CA HIS B 63 -26.97 64.11 -52.06
C HIS B 63 -28.39 63.88 -52.57
N ARG B 64 -29.19 63.12 -51.83
CA ARG B 64 -30.55 62.79 -52.21
C ARG B 64 -31.44 62.90 -50.97
N LYS B 65 -32.72 63.16 -51.21
CA LYS B 65 -33.64 63.44 -50.12
C LYS B 65 -33.66 62.31 -49.11
N LEU B 66 -33.42 61.08 -49.57
CA LEU B 66 -33.47 59.93 -48.69
C LEU B 66 -32.47 60.04 -47.54
N LYS B 67 -31.42 60.84 -47.71
CA LYS B 67 -30.30 60.83 -46.77
C LYS B 67 -30.75 61.23 -45.37
N LYS B 68 -30.05 60.70 -44.35
CA LYS B 68 -30.29 61.08 -42.91
C LYS B 68 -31.79 60.95 -42.57
N SER B 69 -32.51 59.96 -43.11
CA SER B 69 -33.92 59.79 -42.76
C SER B 69 -34.05 59.27 -41.33
N LEU B 70 -34.86 59.96 -40.51
CA LEU B 70 -35.06 59.63 -39.06
C LEU B 70 -35.78 58.28 -38.88
N ILE B 71 -36.67 57.85 -39.78
CA ILE B 71 -37.24 56.51 -39.74
C ILE B 71 -36.18 55.46 -40.05
N ASP B 72 -35.25 55.79 -40.95
CA ASP B 72 -34.17 54.88 -41.27
C ASP B 72 -33.35 54.54 -40.02
N MET B 73 -33.11 55.54 -39.17
CA MET B 73 -32.39 55.28 -37.92
C MET B 73 -33.27 54.54 -36.93
N TYR B 74 -34.57 54.80 -36.94
CA TYR B 74 -35.46 54.04 -36.05
C TYR B 74 -35.41 52.54 -36.37
N SER B 75 -35.29 52.20 -37.65
CA SER B 75 -35.17 50.79 -38.01
C SER B 75 -33.98 50.14 -37.32
N GLU B 76 -32.83 50.81 -37.34
CA GLU B 76 -31.64 50.30 -36.67
C GLU B 76 -31.87 50.24 -35.16
N VAL B 77 -32.56 51.23 -34.61
CA VAL B 77 -32.84 51.24 -33.18
C VAL B 77 -33.60 49.98 -32.78
N LEU B 78 -34.68 49.69 -33.51
CA LEU B 78 -35.47 48.51 -33.17
C LEU B 78 -34.66 47.23 -33.38
N ASP B 79 -33.83 47.18 -34.43
CA ASP B 79 -33.01 46.00 -34.64
C ASP B 79 -32.05 45.77 -33.47
N VAL B 80 -31.45 46.84 -32.95
CA VAL B 80 -30.51 46.68 -31.84
C VAL B 80 -31.25 46.35 -30.54
N LEU B 81 -32.47 46.85 -30.36
CA LEU B 81 -33.27 46.35 -29.23
C LEU B 81 -33.52 44.85 -29.36
N SER B 82 -33.83 44.38 -30.55
CA SER B 82 -34.02 42.94 -30.73
C SER B 82 -32.75 42.17 -30.41
N ASP B 83 -31.61 42.69 -30.85
CA ASP B 83 -30.33 42.07 -30.53
C ASP B 83 -30.07 42.04 -29.03
N TYR B 84 -30.41 43.11 -28.32
CA TYR B 84 -30.15 43.14 -26.88
C TYR B 84 -30.89 42.00 -26.18
N ASP B 85 -32.16 41.77 -26.53
CA ASP B 85 -33.01 40.84 -25.80
C ASP B 85 -33.87 40.05 -26.79
N ALA B 86 -33.63 38.74 -26.86
CA ALA B 86 -34.58 37.86 -27.54
C ALA B 86 -35.95 37.92 -26.87
N SER B 87 -35.97 38.00 -25.54
CA SER B 87 -37.23 38.10 -24.82
C SER B 87 -37.97 39.38 -25.19
N TYR B 88 -39.30 39.26 -25.22
CA TYR B 88 -40.16 40.32 -25.77
C TYR B 88 -40.13 41.58 -24.92
N ASN B 89 -39.86 41.45 -23.62
CA ASN B 89 -40.05 42.55 -22.69
C ASN B 89 -39.37 43.83 -23.17
N THR B 90 -38.09 43.74 -23.53
CA THR B 90 -37.34 44.93 -23.93
C THR B 90 -37.68 45.38 -25.34
N GLN B 91 -38.02 44.45 -26.24
CA GLN B 91 -38.50 44.86 -27.55
C GLN B 91 -39.79 45.68 -27.43
N ASP B 92 -40.58 45.40 -26.40
CA ASP B 92 -41.79 46.17 -26.14
C ASP B 92 -41.50 47.58 -25.64
N HIS B 93 -40.25 47.88 -25.31
CA HIS B 93 -39.92 49.22 -24.82
C HIS B 93 -40.21 50.29 -25.87
N LEU B 94 -39.97 49.99 -27.15
CA LEU B 94 -40.04 51.03 -28.16
C LEU B 94 -41.15 50.77 -29.17
N PRO B 95 -41.81 51.83 -29.62
CA PRO B 95 -42.96 51.68 -30.52
C PRO B 95 -42.63 51.01 -31.86
N ARG B 96 -43.63 50.29 -32.38
CA ARG B 96 -43.66 49.79 -33.74
C ARG B 96 -45.12 49.51 -34.07
N VAL B 97 -45.42 49.30 -35.35
CA VAL B 97 -46.76 48.92 -35.76
C VAL B 97 -46.79 47.41 -35.94
N VAL B 98 -47.66 46.74 -35.18
CA VAL B 98 -47.78 45.29 -35.22
C VAL B 98 -49.09 44.96 -35.92
N VAL B 99 -49.01 44.18 -36.99
CA VAL B 99 -50.15 43.87 -37.84
C VAL B 99 -50.54 42.42 -37.60
N VAL B 100 -51.74 42.20 -37.10
CA VAL B 100 -52.30 40.87 -36.91
C VAL B 100 -53.48 40.74 -37.85
N GLY B 101 -53.82 39.52 -38.21
CA GLY B 101 -54.99 39.32 -39.06
C GLY B 101 -55.46 37.89 -39.06
N ASP B 102 -56.70 37.71 -39.50
CA ASP B 102 -57.24 36.36 -39.69
C ASP B 102 -56.43 35.62 -40.73
N GLN B 103 -56.22 34.32 -40.50
CA GLN B 103 -55.44 33.52 -41.44
C GLN B 103 -56.04 33.60 -42.83
N SER B 104 -55.18 33.85 -43.83
CA SER B 104 -55.58 33.93 -45.23
C SER B 104 -56.58 35.06 -45.47
N ALA B 105 -56.49 36.12 -44.67
CA ALA B 105 -57.34 37.29 -44.86
C ALA B 105 -56.82 38.25 -45.92
N GLY B 106 -55.64 37.99 -46.47
CA GLY B 106 -55.01 38.89 -47.42
C GLY B 106 -54.04 39.88 -46.80
N LYS B 107 -53.70 39.71 -45.53
CA LYS B 107 -52.89 40.66 -44.79
C LYS B 107 -51.59 40.98 -45.51
N THR B 108 -50.95 39.99 -46.13
CA THR B 108 -49.74 40.28 -46.89
C THR B 108 -50.02 41.16 -48.10
N SER B 109 -51.19 41.05 -48.71
CA SER B 109 -51.53 41.97 -49.79
C SER B 109 -51.68 43.40 -49.26
N VAL B 110 -52.25 43.56 -48.07
CA VAL B 110 -52.33 44.87 -47.45
C VAL B 110 -50.94 45.42 -47.19
N LEU B 111 -50.05 44.59 -46.65
CA LEU B 111 -48.71 45.04 -46.35
C LEU B 111 -47.92 45.35 -47.61
N GLU B 112 -48.22 44.65 -48.71
CA GLU B 112 -47.57 44.95 -49.99
C GLU B 112 -48.07 46.27 -50.55
N MET B 113 -49.38 46.53 -50.46
CA MET B 113 -49.89 47.81 -50.93
C MET B 113 -49.30 48.96 -50.13
N ILE B 114 -49.16 48.78 -48.82
CA ILE B 114 -48.55 49.82 -48.00
C ILE B 114 -47.07 49.97 -48.35
N ALA B 115 -46.36 48.85 -48.53
CA ALA B 115 -44.97 48.88 -48.96
C ALA B 115 -44.83 49.11 -50.45
N GLN B 116 -45.92 49.04 -51.22
CA GLN B 116 -45.93 49.35 -52.64
C GLN B 116 -45.05 48.39 -53.44
N ALA B 117 -44.88 47.17 -52.95
CA ALA B 117 -44.06 46.19 -53.64
C ALA B 117 -44.51 44.79 -53.26
N ARG B 118 -44.26 43.84 -54.17
CA ARG B 118 -44.60 42.43 -53.94
C ARG B 118 -43.49 41.78 -53.14
N ILE B 119 -43.42 42.15 -51.86
CA ILE B 119 -42.33 41.73 -50.98
C ILE B 119 -42.81 40.83 -49.86
N PHE B 120 -44.10 40.46 -49.85
CA PHE B 120 -44.62 39.57 -48.83
C PHE B 120 -45.11 38.27 -49.46
N PRO B 121 -45.07 37.15 -48.72
CA PRO B 121 -45.53 35.88 -49.29
C PRO B 121 -46.98 35.98 -49.74
N ARG B 122 -47.21 35.72 -51.02
CA ARG B 122 -48.54 35.80 -51.62
C ARG B 122 -48.93 34.42 -52.13
N GLY B 123 -50.12 33.98 -51.73
CA GLY B 123 -50.65 32.70 -52.17
C GLY B 123 -52.15 32.68 -52.06
N SER B 124 -52.76 31.71 -52.71
CA SER B 124 -54.22 31.58 -52.76
C SER B 124 -54.67 30.55 -51.73
N GLY B 125 -55.49 31.00 -50.79
CA GLY B 125 -56.12 30.10 -49.84
C GLY B 125 -55.17 29.25 -49.02
N GLU B 126 -54.12 29.86 -48.47
CA GLU B 126 -53.14 29.13 -47.69
C GLU B 126 -52.51 30.08 -46.68
N MET B 127 -51.99 29.50 -45.59
CA MET B 127 -51.23 30.30 -44.64
C MET B 127 -50.08 30.99 -45.35
N MET B 128 -50.05 32.32 -45.25
CA MET B 128 -49.05 33.15 -45.92
C MET B 128 -47.94 33.56 -44.96
N THR B 129 -48.30 34.08 -43.79
CA THR B 129 -47.32 34.40 -42.75
C THR B 129 -47.28 33.28 -41.72
N ARG B 130 -46.10 32.70 -41.52
CA ARG B 130 -45.90 31.69 -40.49
C ARG B 130 -44.84 32.06 -39.48
N SER B 131 -43.88 32.90 -39.84
CA SER B 131 -42.97 33.53 -38.91
C SER B 131 -42.99 35.04 -39.11
N PRO B 132 -43.13 35.83 -38.05
CA PRO B 132 -43.35 37.27 -38.24
C PRO B 132 -42.18 37.93 -38.96
N VAL B 133 -42.50 38.92 -39.80
CA VAL B 133 -41.49 39.63 -40.59
C VAL B 133 -41.70 41.12 -40.39
N LYS B 134 -40.67 41.81 -39.91
CA LYS B 134 -40.75 43.25 -39.67
C LYS B 134 -40.09 44.00 -40.83
N VAL B 135 -40.89 44.75 -41.58
CA VAL B 135 -40.42 45.58 -42.69
C VAL B 135 -40.62 47.04 -42.31
N THR B 136 -39.58 47.85 -42.46
CA THR B 136 -39.64 49.27 -42.16
C THR B 136 -39.69 50.05 -43.46
N LEU B 137 -40.65 50.98 -43.55
CA LEU B 137 -40.88 51.76 -44.76
C LEU B 137 -40.43 53.20 -44.55
N SER B 138 -39.62 53.69 -45.49
CA SER B 138 -39.07 55.03 -45.50
C SER B 138 -39.10 55.57 -46.93
N GLU B 139 -39.14 56.89 -47.05
CA GLU B 139 -39.18 57.54 -48.36
C GLU B 139 -37.83 57.45 -49.06
N GLY B 140 -37.86 57.37 -50.39
CA GLY B 140 -36.65 57.41 -51.18
C GLY B 140 -36.90 57.17 -52.66
N PRO B 141 -36.14 57.85 -53.53
CA PRO B 141 -36.34 57.68 -54.97
C PRO B 141 -36.04 56.28 -55.48
N HIS B 142 -35.24 55.49 -54.76
CA HIS B 142 -34.83 54.16 -55.19
C HIS B 142 -35.70 53.15 -54.45
N HIS B 143 -36.54 52.44 -55.22
CA HIS B 143 -37.49 51.49 -54.65
C HIS B 143 -36.77 50.17 -54.48
N VAL B 144 -36.06 50.02 -53.36
CA VAL B 144 -35.13 48.92 -53.13
C VAL B 144 -35.35 48.35 -51.74
N ALA B 145 -35.11 47.05 -51.62
CA ALA B 145 -35.20 46.33 -50.35
C ALA B 145 -33.85 45.72 -50.00
N LEU B 146 -33.54 45.65 -48.71
CA LEU B 146 -32.30 45.04 -48.26
C LEU B 146 -32.51 44.33 -46.94
N PHE B 147 -31.99 43.11 -46.83
CA PHE B 147 -32.06 42.36 -45.58
C PHE B 147 -31.05 42.88 -44.57
N LYS B 148 -31.40 42.75 -43.29
CA LYS B 148 -30.47 43.03 -42.22
C LYS B 148 -29.22 42.17 -42.33
N ASP B 149 -29.38 40.91 -42.75
CA ASP B 149 -28.33 39.90 -42.65
C ASP B 149 -27.59 39.67 -43.96
N SER B 150 -27.82 40.47 -44.99
CA SER B 150 -27.28 40.19 -46.31
C SER B 150 -26.74 41.47 -46.93
N SER B 151 -26.13 41.31 -48.10
CA SER B 151 -25.62 42.43 -48.89
C SER B 151 -26.37 42.60 -50.21
N ARG B 152 -27.25 41.67 -50.56
CA ARG B 152 -28.02 41.76 -51.80
C ARG B 152 -29.15 42.77 -51.64
N GLU B 153 -29.21 43.72 -52.58
CA GLU B 153 -30.32 44.63 -52.68
C GLU B 153 -31.27 44.12 -53.75
N PHE B 154 -32.57 44.22 -53.47
CA PHE B 154 -33.61 43.75 -54.37
C PHE B 154 -34.31 44.94 -54.98
N ASP B 155 -34.36 44.96 -56.31
CA ASP B 155 -35.06 46.02 -57.04
C ASP B 155 -36.55 45.69 -57.02
N LEU B 156 -37.34 46.59 -56.45
CA LEU B 156 -38.74 46.32 -56.18
C LEU B 156 -39.65 46.69 -57.36
N THR B 157 -39.07 47.08 -58.49
CA THR B 157 -39.83 47.35 -59.70
C THR B 157 -39.75 46.21 -60.72
N LYS B 158 -39.05 45.14 -60.40
CA LYS B 158 -38.80 44.05 -61.34
C LYS B 158 -39.12 42.72 -60.68
N GLU B 159 -39.77 41.83 -61.46
CA GLU B 159 -40.37 40.63 -60.87
C GLU B 159 -39.32 39.63 -60.42
N GLU B 160 -38.18 39.55 -61.12
CA GLU B 160 -37.19 38.55 -60.74
C GLU B 160 -36.68 38.80 -59.32
N ASP B 161 -36.33 40.05 -59.00
CA ASP B 161 -35.84 40.37 -57.66
C ASP B 161 -36.95 40.28 -56.63
N LEU B 162 -38.16 40.68 -56.99
CA LEU B 162 -39.28 40.57 -56.05
C LEU B 162 -39.56 39.12 -55.70
N ALA B 163 -39.53 38.23 -56.69
CA ALA B 163 -39.75 36.81 -56.42
C ALA B 163 -38.60 36.22 -55.61
N ALA B 164 -37.36 36.60 -55.93
CA ALA B 164 -36.24 36.14 -55.13
C ALA B 164 -36.39 36.58 -53.69
N LEU B 165 -36.81 37.83 -53.48
CA LEU B 165 -37.01 38.34 -52.13
C LEU B 165 -38.12 37.59 -51.41
N ARG B 166 -39.25 37.36 -52.09
CA ARG B 166 -40.36 36.67 -51.46
C ARG B 166 -39.96 35.26 -51.06
N HIS B 167 -39.27 34.54 -51.94
CA HIS B 167 -38.93 33.15 -51.65
C HIS B 167 -37.80 33.06 -50.63
N GLU B 168 -36.88 34.03 -50.62
CA GLU B 168 -35.88 34.08 -49.56
C GLU B 168 -36.55 34.32 -48.21
N ILE B 169 -37.56 35.20 -48.18
CA ILE B 169 -38.31 35.43 -46.96
C ILE B 169 -39.02 34.16 -46.53
N GLU B 170 -39.59 33.43 -47.49
CA GLU B 170 -40.24 32.16 -47.19
C GLU B 170 -39.24 31.16 -46.58
N LEU B 171 -38.04 31.09 -47.18
CA LEU B 171 -37.03 30.16 -46.68
C LEU B 171 -36.58 30.54 -45.28
N ARG B 172 -36.38 31.84 -45.04
CA ARG B 172 -36.00 32.29 -43.70
C ARG B 172 -37.12 31.99 -42.69
N MET B 173 -38.36 32.20 -43.10
CA MET B 173 -39.52 31.88 -42.28
C MET B 173 -39.48 30.41 -41.87
N ARG B 174 -39.26 29.54 -42.85
CA ARG B 174 -39.19 28.11 -42.56
C ARG B 174 -38.02 27.78 -41.65
N LYS B 175 -36.87 28.40 -41.90
CA LYS B 175 -35.67 28.16 -41.10
C LYS B 175 -35.81 28.66 -39.68
N ASN B 176 -36.80 29.51 -39.39
CA ASN B 176 -37.07 29.90 -38.02
C ASN B 176 -37.96 28.89 -37.28
N VAL B 177 -38.43 27.85 -37.97
CA VAL B 177 -39.37 26.90 -37.40
C VAL B 177 -38.66 25.55 -37.22
N LYS B 178 -38.84 24.94 -36.05
CA LYS B 178 -38.27 23.62 -35.81
C LYS B 178 -38.94 22.58 -36.69
N GLU B 179 -38.19 21.52 -37.00
CA GLU B 179 -38.71 20.45 -37.82
C GLU B 179 -39.96 19.84 -37.19
N GLY B 180 -40.99 19.65 -38.01
CA GLY B 180 -42.25 19.11 -37.55
C GLY B 180 -43.27 20.15 -37.12
N CYS B 181 -42.82 21.38 -36.86
CA CYS B 181 -43.70 22.50 -36.56
C CYS B 181 -43.80 23.42 -37.76
N THR B 182 -44.73 24.38 -37.67
CA THR B 182 -45.06 25.26 -38.78
C THR B 182 -44.86 26.73 -38.49
N VAL B 183 -44.85 27.14 -37.22
CA VAL B 183 -44.91 28.55 -36.84
C VAL B 183 -43.81 28.82 -35.82
N SER B 184 -43.19 30.01 -35.92
CA SER B 184 -42.10 30.40 -35.02
C SER B 184 -42.08 31.91 -34.77
N PRO B 185 -41.65 32.36 -33.59
CA PRO B 185 -41.69 33.81 -33.29
C PRO B 185 -40.61 34.63 -33.96
N GLU B 186 -39.49 34.03 -34.36
CA GLU B 186 -38.33 34.82 -34.78
C GLU B 186 -38.70 35.76 -35.92
N THR B 187 -38.24 37.01 -35.79
CA THR B 187 -38.66 38.09 -36.69
C THR B 187 -37.60 38.33 -37.76
N ILE B 188 -38.03 38.37 -39.01
CA ILE B 188 -37.16 38.71 -40.13
C ILE B 188 -37.21 40.22 -40.35
N SER B 189 -36.04 40.85 -40.49
CA SER B 189 -35.93 42.29 -40.64
C SER B 189 -35.52 42.62 -42.07
N LEU B 190 -36.38 43.36 -42.77
CA LEU B 190 -36.10 43.88 -44.10
C LEU B 190 -36.31 45.39 -44.11
N ASN B 191 -35.31 46.12 -44.59
CA ASN B 191 -35.41 47.57 -44.74
C ASN B 191 -35.78 47.88 -46.18
N VAL B 192 -36.95 48.48 -46.37
CA VAL B 192 -37.49 48.78 -47.69
C VAL B 192 -37.63 50.29 -47.83
N LYS B 193 -37.14 50.82 -48.95
CA LYS B 193 -37.24 52.24 -49.24
C LYS B 193 -37.83 52.41 -50.64
N GLY B 194 -38.55 53.52 -50.83
CA GLY B 194 -39.14 53.80 -52.12
C GLY B 194 -40.02 55.05 -52.06
N PRO B 195 -40.36 55.58 -53.22
CA PRO B 195 -41.15 56.82 -53.25
C PRO B 195 -42.57 56.58 -52.75
N GLY B 196 -43.08 57.54 -51.98
CA GLY B 196 -44.42 57.49 -51.46
C GLY B 196 -44.58 56.68 -50.18
N LEU B 197 -43.53 55.99 -49.75
CA LEU B 197 -43.60 55.23 -48.51
C LEU B 197 -43.64 56.17 -47.32
N GLN B 198 -44.39 55.76 -46.29
CA GLN B 198 -44.47 56.54 -45.07
C GLN B 198 -43.44 56.03 -44.08
N ARG B 199 -43.19 56.84 -43.02
CA ARG B 199 -42.29 56.45 -41.90
C ARG B 199 -43.06 55.41 -41.08
N MET B 200 -42.99 54.10 -41.36
CA MET B 200 -43.83 53.09 -40.66
C MET B 200 -43.17 51.73 -40.46
N VAL B 201 -42.70 51.39 -39.25
CA VAL B 201 -42.31 50.00 -39.01
C VAL B 201 -43.56 49.12 -38.94
N LEU B 202 -43.56 48.03 -39.72
CA LEU B 202 -44.72 47.17 -39.87
C LEU B 202 -44.30 45.72 -39.63
N VAL B 203 -44.95 45.05 -38.69
CA VAL B 203 -44.58 43.69 -38.29
C VAL B 203 -45.71 42.75 -38.72
N ASP B 204 -45.47 41.99 -39.78
CA ASP B 204 -46.35 40.90 -40.14
C ASP B 204 -46.25 39.78 -39.11
N LEU B 205 -47.42 39.18 -38.80
CA LEU B 205 -47.58 38.21 -37.73
C LEU B 205 -48.19 36.93 -38.28
N PRO B 206 -47.87 35.76 -37.71
CA PRO B 206 -48.55 34.53 -38.13
C PRO B 206 -50.06 34.64 -38.05
N GLY B 207 -50.75 34.27 -39.12
CA GLY B 207 -52.20 34.37 -39.16
C GLY B 207 -52.89 33.56 -38.08
N VAL B 208 -53.91 34.15 -37.45
CA VAL B 208 -54.61 33.51 -36.33
C VAL B 208 -55.72 32.64 -36.88
N ILE B 209 -55.96 31.52 -36.20
CA ILE B 209 -56.91 30.49 -36.64
C ILE B 209 -57.95 30.28 -35.57
N ASN B 210 -59.22 30.31 -35.95
CA ASN B 210 -60.27 29.85 -35.06
C ASN B 210 -60.02 28.42 -34.61
N THR B 211 -59.79 27.53 -35.58
CA THR B 211 -59.36 26.16 -35.31
C THR B 211 -58.39 25.72 -36.38
N VAL B 212 -57.54 24.76 -36.04
CA VAL B 212 -56.61 24.20 -37.01
C VAL B 212 -57.38 23.43 -38.07
N THR B 213 -57.04 23.66 -39.33
CA THR B 213 -57.50 22.77 -40.38
C THR B 213 -56.73 21.46 -40.29
N SER B 214 -57.32 20.40 -40.83
CA SER B 214 -56.77 19.06 -40.63
C SER B 214 -55.35 18.98 -41.20
N GLY B 215 -55.11 19.58 -42.36
CA GLY B 215 -53.78 19.51 -42.96
C GLY B 215 -52.72 20.16 -42.10
N MET B 216 -53.04 21.29 -41.49
CA MET B 216 -52.07 22.02 -40.68
C MET B 216 -51.79 21.29 -39.37
N ALA B 217 -50.56 21.45 -38.88
CA ALA B 217 -50.19 20.84 -37.62
C ALA B 217 -50.98 21.48 -36.49
N PRO B 218 -51.41 20.70 -35.49
CA PRO B 218 -52.13 21.31 -34.35
C PRO B 218 -51.31 22.37 -33.62
N ASP B 219 -50.00 22.14 -33.50
CA ASP B 219 -49.11 23.05 -32.77
C ASP B 219 -49.49 24.50 -33.00
N THR B 220 -49.69 24.86 -34.27
CA THR B 220 -49.79 26.27 -34.64
C THR B 220 -50.79 27.01 -33.76
N LYS B 221 -51.91 26.36 -33.42
CA LYS B 221 -52.98 27.10 -32.75
C LYS B 221 -52.49 27.68 -31.43
N GLU B 222 -51.74 26.88 -30.65
CA GLU B 222 -51.16 27.43 -29.44
C GLU B 222 -50.00 28.36 -29.75
N THR B 223 -49.17 27.99 -30.73
CA THR B 223 -48.01 28.81 -31.05
C THR B 223 -48.43 30.16 -31.60
N ILE B 224 -49.31 30.16 -32.60
CA ILE B 224 -49.60 31.38 -33.35
C ILE B 224 -50.02 32.50 -32.41
N PHE B 225 -50.97 32.22 -31.53
CA PHE B 225 -51.47 33.27 -30.67
C PHE B 225 -50.39 33.77 -29.74
N SER B 226 -49.61 32.86 -29.13
CA SER B 226 -48.57 33.29 -28.22
C SER B 226 -47.64 34.26 -28.91
N ILE B 227 -47.16 33.90 -30.10
CA ILE B 227 -46.30 34.78 -30.87
C ILE B 227 -46.96 36.13 -31.05
N SER B 228 -48.22 36.13 -31.47
CA SER B 228 -48.90 37.39 -31.69
C SER B 228 -48.89 38.21 -30.42
N LYS B 229 -49.22 37.59 -29.29
CA LYS B 229 -49.24 38.33 -28.03
C LYS B 229 -47.89 38.97 -27.79
N ALA B 230 -46.80 38.22 -28.04
CA ALA B 230 -45.45 38.69 -27.76
C ALA B 230 -45.24 40.07 -28.34
N TYR B 231 -45.79 40.29 -29.53
CA TYR B 231 -45.61 41.54 -30.26
C TYR B 231 -46.78 42.48 -30.06
N MET B 232 -47.96 41.92 -29.80
CA MET B 232 -49.20 42.69 -29.67
C MET B 232 -49.24 43.46 -28.37
N GLN B 233 -48.69 42.87 -27.30
CA GLN B 233 -48.76 43.43 -25.95
C GLN B 233 -47.93 44.69 -25.80
N ASN B 234 -47.04 44.98 -26.74
CA ASN B 234 -46.18 46.15 -26.65
C ASN B 234 -47.01 47.38 -26.27
N PRO B 235 -46.83 47.94 -25.07
CA PRO B 235 -47.64 49.12 -24.70
C PRO B 235 -47.36 50.34 -25.54
N ASN B 236 -46.28 50.35 -26.31
CA ASN B 236 -45.92 51.49 -27.15
C ASN B 236 -46.22 51.24 -28.63
N ALA B 237 -46.98 50.21 -28.98
CA ALA B 237 -47.17 49.82 -30.36
C ALA B 237 -48.62 50.03 -30.80
N ILE B 238 -48.80 50.20 -32.10
CA ILE B 238 -50.11 50.27 -32.72
C ILE B 238 -50.51 48.87 -33.16
N ILE B 239 -51.78 48.53 -32.98
CA ILE B 239 -52.34 47.27 -33.43
C ILE B 239 -53.10 47.51 -34.72
N LEU B 240 -52.65 46.90 -35.81
CA LEU B 240 -53.37 46.94 -37.08
C LEU B 240 -54.06 45.60 -37.26
N CYS B 241 -55.40 45.62 -37.22
CA CYS B 241 -56.22 44.41 -37.23
C CYS B 241 -56.79 44.19 -38.62
N ILE B 242 -56.43 43.05 -39.23
CA ILE B 242 -56.84 42.70 -40.58
C ILE B 242 -57.85 41.58 -40.47
N GLN B 243 -59.11 41.85 -40.82
CA GLN B 243 -60.17 40.87 -40.70
C GLN B 243 -60.80 40.62 -42.07
N ASP B 244 -61.13 39.35 -42.33
CA ASP B 244 -61.74 38.95 -43.59
C ASP B 244 -63.21 39.36 -43.56
N GLY B 245 -63.57 40.33 -44.40
CA GLY B 245 -64.93 40.83 -44.48
C GLY B 245 -65.78 40.20 -45.56
N SER B 246 -65.29 39.16 -46.22
CA SER B 246 -66.05 38.43 -47.23
C SER B 246 -66.57 37.10 -46.71
N VAL B 247 -66.49 36.87 -45.39
CA VAL B 247 -66.92 35.62 -44.77
C VAL B 247 -67.80 35.97 -43.58
N ASP B 248 -68.51 34.96 -43.08
CA ASP B 248 -69.31 35.12 -41.88
C ASP B 248 -68.39 35.58 -40.74
N ALA B 249 -68.64 36.80 -40.25
CA ALA B 249 -67.76 37.37 -39.24
C ALA B 249 -67.77 36.57 -37.94
N GLU B 250 -68.81 35.75 -37.72
CA GLU B 250 -68.84 34.92 -36.53
C GLU B 250 -67.67 33.96 -36.48
N ARG B 251 -67.10 33.62 -37.64
CA ARG B 251 -66.00 32.66 -37.71
C ARG B 251 -64.64 33.31 -37.46
N SER B 252 -64.58 34.64 -37.39
CA SER B 252 -63.32 35.33 -37.19
C SER B 252 -62.81 35.17 -35.77
N ILE B 253 -61.49 35.27 -35.61
CA ILE B 253 -60.86 35.16 -34.29
C ILE B 253 -59.88 36.27 -33.98
N VAL B 254 -59.41 37.05 -34.97
CA VAL B 254 -58.37 38.04 -34.69
C VAL B 254 -58.86 39.09 -33.70
N THR B 255 -60.13 39.47 -33.79
CA THR B 255 -60.64 40.55 -32.95
C THR B 255 -60.61 40.20 -31.47
N ASP B 256 -60.67 38.91 -31.13
CA ASP B 256 -60.61 38.52 -29.72
C ASP B 256 -59.21 38.75 -29.17
N LEU B 257 -58.19 38.37 -29.95
CA LEU B 257 -56.82 38.64 -29.53
C LEU B 257 -56.55 40.13 -29.48
N VAL B 258 -57.08 40.89 -30.44
CA VAL B 258 -56.89 42.34 -30.41
C VAL B 258 -57.52 42.94 -29.16
N SER B 259 -58.74 42.50 -28.81
CA SER B 259 -59.38 42.99 -27.61
C SER B 259 -58.61 42.58 -26.36
N GLN B 260 -57.99 41.40 -26.38
CA GLN B 260 -57.17 40.99 -25.23
C GLN B 260 -55.94 41.88 -25.10
N MET B 261 -55.31 42.22 -26.23
CA MET B 261 -54.04 42.92 -26.20
C MET B 261 -54.21 44.43 -26.05
N ASP B 262 -55.34 44.96 -26.52
CA ASP B 262 -55.67 46.38 -26.37
C ASP B 262 -57.14 46.49 -26.00
N PRO B 263 -57.48 46.31 -24.71
CA PRO B 263 -58.89 46.36 -24.32
C PRO B 263 -59.57 47.67 -24.62
N HIS B 264 -58.83 48.78 -24.74
CA HIS B 264 -59.42 50.10 -24.90
C HIS B 264 -59.21 50.70 -26.28
N GLY B 265 -58.50 50.02 -27.17
CA GLY B 265 -58.23 50.58 -28.48
C GLY B 265 -57.34 51.80 -28.43
N ARG B 266 -56.42 51.84 -27.47
CA ARG B 266 -55.56 53.00 -27.30
C ARG B 266 -54.70 53.26 -28.53
N ARG B 267 -54.22 52.21 -29.19
CA ARG B 267 -53.49 52.33 -30.45
C ARG B 267 -53.93 51.23 -31.41
N THR B 268 -55.23 51.04 -31.56
CA THR B 268 -55.77 49.97 -32.39
C THR B 268 -56.41 50.54 -33.65
N ILE B 269 -56.04 49.99 -34.80
CA ILE B 269 -56.62 50.34 -36.10
C ILE B 269 -57.16 49.07 -36.72
N PHE B 270 -58.44 49.11 -37.12
CA PHE B 270 -59.14 47.95 -37.64
C PHE B 270 -59.30 48.08 -39.16
N VAL B 271 -59.06 46.98 -39.87
CA VAL B 271 -59.14 46.95 -41.33
C VAL B 271 -59.89 45.69 -41.74
N LEU B 272 -60.83 45.84 -42.67
CA LEU B 272 -61.40 44.69 -43.37
C LEU B 272 -60.66 44.44 -44.68
N THR B 273 -60.62 43.18 -45.09
CA THR B 273 -59.96 42.78 -46.32
C THR B 273 -60.91 42.00 -47.20
N LYS B 274 -60.46 41.71 -48.42
CA LYS B 274 -61.26 41.00 -49.41
C LYS B 274 -62.57 41.74 -49.67
N VAL B 275 -62.50 43.07 -49.70
CA VAL B 275 -63.71 43.86 -49.89
C VAL B 275 -64.29 43.63 -51.27
N ASP B 276 -63.45 43.55 -52.30
CA ASP B 276 -63.95 43.28 -53.64
C ASP B 276 -64.66 41.93 -53.69
N LEU B 277 -64.07 40.92 -53.06
CA LEU B 277 -64.76 39.65 -52.91
C LEU B 277 -66.00 39.82 -52.03
N ALA B 278 -65.92 40.69 -51.02
CA ALA B 278 -67.06 40.91 -50.12
C ALA B 278 -68.26 41.49 -50.85
N GLU B 279 -68.07 42.14 -51.99
CA GLU B 279 -69.20 42.74 -52.70
C GLU B 279 -70.26 41.69 -53.00
N LYS B 280 -69.86 40.53 -53.50
CA LYS B 280 -70.76 39.42 -53.73
C LYS B 280 -70.85 38.49 -52.53
N ASN B 281 -69.97 38.63 -51.55
CA ASN B 281 -69.91 37.77 -50.38
C ASN B 281 -69.78 38.59 -49.11
N VAL B 282 -70.54 39.69 -49.02
CA VAL B 282 -70.41 40.60 -47.88
C VAL B 282 -70.71 39.86 -46.59
N ALA B 283 -69.91 40.13 -45.57
CA ALA B 283 -70.21 39.65 -44.23
C ALA B 283 -71.49 40.31 -43.74
N SER B 284 -72.39 39.51 -43.17
CA SER B 284 -73.71 40.00 -42.84
C SER B 284 -73.61 41.15 -41.83
N PRO B 285 -74.50 42.14 -41.91
CA PRO B 285 -74.43 43.26 -40.95
C PRO B 285 -74.43 42.80 -39.51
N SER B 286 -75.22 41.77 -39.18
CA SER B 286 -75.50 41.41 -37.80
C SER B 286 -74.25 40.97 -37.04
N ARG B 287 -73.17 40.68 -37.74
CA ARG B 287 -71.92 40.27 -37.10
C ARG B 287 -70.76 41.20 -37.43
N ILE B 288 -70.74 41.74 -38.65
CA ILE B 288 -69.60 42.57 -39.05
C ILE B 288 -69.76 43.99 -38.55
N GLN B 289 -70.98 44.54 -38.58
CA GLN B 289 -71.16 45.91 -38.13
C GLN B 289 -70.96 46.03 -36.63
N GLN B 290 -71.28 44.98 -35.88
CA GLN B 290 -71.00 44.97 -34.45
C GLN B 290 -69.51 44.88 -34.15
N ILE B 291 -68.72 44.41 -35.11
CA ILE B 291 -67.26 44.46 -35.00
C ILE B 291 -66.75 45.86 -35.35
N ILE B 292 -67.29 46.43 -36.43
CA ILE B 292 -66.89 47.77 -36.84
C ILE B 292 -67.24 48.78 -35.76
N GLU B 293 -68.37 48.57 -35.08
CA GLU B 293 -68.80 49.47 -34.01
C GLU B 293 -68.23 49.08 -32.65
N GLY B 294 -67.42 48.03 -32.58
CA GLY B 294 -66.84 47.62 -31.32
C GLY B 294 -67.85 47.10 -30.31
N LYS B 295 -68.89 46.41 -30.78
CA LYS B 295 -69.94 45.89 -29.93
C LYS B 295 -69.94 44.38 -29.81
N LEU B 296 -69.64 43.65 -30.88
CA LEU B 296 -69.54 42.20 -30.79
C LEU B 296 -68.30 41.80 -29.99
N PHE B 297 -67.24 42.60 -30.08
CA PHE B 297 -66.00 42.36 -29.36
C PHE B 297 -65.61 43.61 -28.57
N PRO B 298 -64.92 43.46 -27.44
CA PRO B 298 -64.49 44.64 -26.68
C PRO B 298 -63.54 45.54 -27.47
N MET B 299 -63.00 45.07 -28.58
CA MET B 299 -62.05 45.84 -29.36
C MET B 299 -62.62 47.20 -29.72
N LYS B 300 -61.95 48.25 -29.26
CA LYS B 300 -62.14 49.60 -29.77
C LYS B 300 -60.97 49.94 -30.69
N ALA B 301 -61.14 50.99 -31.48
CA ALA B 301 -60.14 51.32 -32.49
C ALA B 301 -60.08 52.82 -32.70
N LEU B 302 -58.96 53.26 -33.28
CA LEU B 302 -58.80 54.62 -33.75
C LEU B 302 -59.61 54.89 -35.01
N GLY B 303 -60.17 53.85 -35.60
CA GLY B 303 -60.94 53.94 -36.81
C GLY B 303 -61.05 52.57 -37.45
N TYR B 304 -62.16 52.35 -38.13
CA TYR B 304 -62.47 51.06 -38.72
C TYR B 304 -62.35 51.19 -40.23
N PHE B 305 -61.33 50.55 -40.78
CA PHE B 305 -60.90 50.74 -42.15
C PHE B 305 -61.21 49.50 -42.97
N ALA B 306 -60.94 49.59 -44.27
CA ALA B 306 -61.04 48.42 -45.13
C ALA B 306 -60.19 48.64 -46.37
N VAL B 307 -59.51 47.58 -46.81
CA VAL B 307 -58.73 47.59 -48.04
C VAL B 307 -59.01 46.30 -48.78
N VAL B 308 -58.74 46.32 -50.08
CA VAL B 308 -58.94 45.14 -50.91
C VAL B 308 -57.59 44.43 -51.06
N THR B 309 -57.64 43.10 -51.06
CA THR B 309 -56.43 42.30 -51.14
C THR B 309 -56.32 41.53 -52.44
N GLY B 310 -57.26 41.70 -53.36
CA GLY B 310 -57.32 40.98 -54.61
C GLY B 310 -58.57 40.13 -54.69
N LYS B 311 -58.61 39.28 -55.71
CA LYS B 311 -59.67 38.30 -55.89
C LYS B 311 -59.22 36.88 -55.58
N GLY B 312 -58.15 36.72 -54.79
CA GLY B 312 -57.61 35.42 -54.48
C GLY B 312 -56.44 35.03 -55.37
N ASN B 313 -56.23 35.72 -56.48
CA ASN B 313 -55.05 35.48 -57.29
C ASN B 313 -53.82 36.02 -56.59
N SER B 314 -52.73 35.26 -56.66
CA SER B 314 -51.52 35.57 -55.91
C SER B 314 -50.57 36.50 -56.65
N SER B 315 -50.71 36.63 -57.96
CA SER B 315 -49.79 37.42 -58.77
C SER B 315 -50.27 38.85 -58.99
N GLU B 316 -51.40 39.25 -58.41
CA GLU B 316 -51.95 40.56 -58.66
C GLU B 316 -50.97 41.66 -58.23
N SER B 317 -50.86 42.68 -59.07
CA SER B 317 -49.96 43.79 -58.83
C SER B 317 -50.56 44.77 -57.81
N ILE B 318 -49.72 45.71 -57.36
CA ILE B 318 -50.17 46.72 -56.42
C ILE B 318 -51.22 47.62 -57.06
N GLU B 319 -50.94 48.12 -58.27
CA GLU B 319 -51.83 49.07 -58.93
C GLU B 319 -53.19 48.45 -59.21
N ALA B 320 -53.20 47.20 -59.70
CA ALA B 320 -54.48 46.53 -59.95
C ALA B 320 -55.32 46.50 -58.68
N ILE B 321 -54.72 46.01 -57.59
CA ILE B 321 -55.47 45.87 -56.34
C ILE B 321 -56.04 47.21 -55.90
N ARG B 322 -55.22 48.26 -55.99
CA ARG B 322 -55.70 49.59 -55.58
C ARG B 322 -56.86 50.06 -56.46
N GLU B 323 -56.77 49.81 -57.77
CA GLU B 323 -57.88 50.16 -58.66
C GLU B 323 -59.15 49.42 -58.25
N TYR B 324 -59.01 48.13 -57.97
CA TYR B 324 -60.19 47.35 -57.61
C TYR B 324 -60.78 47.90 -56.32
N GLU B 325 -59.89 48.32 -55.40
CA GLU B 325 -60.30 48.94 -54.14
C GLU B 325 -61.17 50.16 -54.39
N GLU B 326 -60.73 51.02 -55.31
CA GLU B 326 -61.47 52.24 -55.59
C GLU B 326 -62.85 51.92 -56.17
N GLU B 327 -62.90 50.98 -57.12
CA GLU B 327 -64.21 50.60 -57.68
C GLU B 327 -65.14 50.08 -56.57
N PHE B 328 -64.63 49.16 -55.75
CA PHE B 328 -65.46 48.59 -54.70
C PHE B 328 -66.01 49.66 -53.78
N PHE B 329 -65.13 50.51 -53.23
CA PHE B 329 -65.58 51.48 -52.25
C PHE B 329 -66.45 52.57 -52.88
N GLN B 330 -66.34 52.82 -54.18
CA GLN B 330 -67.33 53.68 -54.81
C GLN B 330 -68.69 53.02 -54.89
N ASN B 331 -68.76 51.70 -55.13
CA ASN B 331 -70.05 51.10 -55.46
C ASN B 331 -70.66 50.18 -54.40
N SER B 332 -69.94 49.80 -53.36
CA SER B 332 -70.33 48.63 -52.58
C SER B 332 -70.91 49.00 -51.20
N LYS B 333 -71.28 47.93 -50.47
CA LYS B 333 -72.10 48.06 -49.27
C LYS B 333 -71.32 48.63 -48.09
N LEU B 334 -69.99 48.48 -48.07
CA LEU B 334 -69.23 48.88 -46.88
C LEU B 334 -69.46 50.34 -46.54
N LEU B 335 -69.78 51.17 -47.54
CA LEU B 335 -70.09 52.59 -47.31
C LEU B 335 -71.56 52.94 -47.48
N LYS B 336 -72.25 52.34 -48.44
CA LYS B 336 -73.62 52.77 -48.73
C LYS B 336 -74.54 52.55 -47.53
N THR B 337 -74.24 51.55 -46.70
CA THR B 337 -75.02 51.28 -45.50
C THR B 337 -74.33 51.78 -44.24
N SER B 338 -73.25 52.56 -44.39
CA SER B 338 -72.65 53.29 -43.27
C SER B 338 -72.18 52.36 -42.16
N MET B 339 -71.33 51.41 -42.51
CA MET B 339 -70.56 50.68 -41.49
C MET B 339 -69.20 51.31 -41.30
N LEU B 340 -68.44 51.42 -42.38
CA LEU B 340 -67.11 52.01 -42.36
C LEU B 340 -67.20 53.48 -42.76
N LYS B 341 -66.18 54.23 -42.37
CA LYS B 341 -66.14 55.66 -42.63
C LYS B 341 -65.43 55.91 -43.95
N ALA B 342 -65.96 56.86 -44.74
CA ALA B 342 -65.44 57.09 -46.07
C ALA B 342 -63.98 57.52 -46.04
N HIS B 343 -63.58 58.30 -45.04
CA HIS B 343 -62.21 58.74 -44.90
C HIS B 343 -61.30 57.65 -44.35
N GLN B 344 -61.84 56.48 -44.03
CA GLN B 344 -61.07 55.37 -43.46
C GLN B 344 -61.00 54.16 -44.38
N VAL B 345 -61.29 54.32 -45.67
CA VAL B 345 -61.24 53.20 -46.61
C VAL B 345 -60.23 53.53 -47.70
N THR B 346 -59.80 52.48 -48.40
CA THR B 346 -58.81 52.55 -49.46
C THR B 346 -57.41 52.54 -48.87
N THR B 347 -56.41 52.16 -49.68
CA THR B 347 -55.06 51.95 -49.17
C THR B 347 -54.46 53.24 -48.62
N ARG B 348 -54.63 54.35 -49.34
CA ARG B 348 -53.93 55.57 -48.97
C ARG B 348 -54.38 56.08 -47.60
N ASN B 349 -55.67 56.02 -47.31
CA ASN B 349 -56.17 56.53 -46.04
C ASN B 349 -55.66 55.70 -44.87
N LEU B 350 -55.65 54.37 -45.03
CA LEU B 350 -55.13 53.51 -43.98
C LEU B 350 -53.63 53.76 -43.77
N SER B 351 -52.88 53.86 -44.87
CA SER B 351 -51.44 54.09 -44.75
C SER B 351 -51.16 55.41 -44.06
N LEU B 352 -51.87 56.48 -44.42
CA LEU B 352 -51.63 57.77 -43.82
C LEU B 352 -52.03 57.78 -42.35
N ALA B 353 -53.16 57.17 -42.01
CA ALA B 353 -53.57 57.11 -40.60
C ALA B 353 -52.53 56.36 -39.78
N VAL B 354 -52.06 55.22 -40.29
CA VAL B 354 -51.06 54.45 -39.56
C VAL B 354 -49.77 55.23 -39.39
N SER B 355 -49.29 55.89 -40.45
CA SER B 355 -48.05 56.65 -40.34
C SER B 355 -48.16 57.78 -39.33
N ASP B 356 -49.29 58.50 -39.36
CA ASP B 356 -49.45 59.65 -38.47
C ASP B 356 -49.51 59.18 -37.02
N CYS B 357 -50.37 58.20 -36.74
CA CYS B 357 -50.47 57.71 -35.37
C CYS B 357 -49.15 57.10 -34.93
N PHE B 358 -48.50 56.35 -35.82
CA PHE B 358 -47.24 55.71 -35.48
C PHE B 358 -46.19 56.75 -35.12
N TRP B 359 -45.98 57.75 -35.99
CA TRP B 359 -44.85 58.71 -35.78
C TRP B 359 -45.15 59.61 -34.59
N LYS B 360 -46.41 59.95 -34.31
CA LYS B 360 -46.69 60.69 -33.08
C LYS B 360 -46.39 59.85 -31.85
N MET B 361 -46.84 58.59 -31.86
CA MET B 361 -46.52 57.68 -30.77
C MET B 361 -45.02 57.52 -30.61
N VAL B 362 -44.29 57.50 -31.72
CA VAL B 362 -42.83 57.40 -31.68
C VAL B 362 -42.23 58.62 -31.02
N ARG B 363 -42.60 59.81 -31.48
CA ARG B 363 -42.09 61.08 -30.90
C ARG B 363 -42.31 61.03 -29.38
N GLU B 364 -43.50 60.60 -28.93
CA GLU B 364 -43.82 60.66 -27.51
C GLU B 364 -43.12 59.57 -26.70
N SER B 365 -42.99 58.37 -27.24
CA SER B 365 -42.51 57.24 -26.44
C SER B 365 -41.02 56.98 -26.59
N VAL B 366 -40.43 57.26 -27.75
CA VAL B 366 -39.04 56.93 -27.96
C VAL B 366 -38.12 57.84 -27.18
N GLU B 367 -38.48 59.12 -27.04
CA GLU B 367 -37.64 60.00 -26.23
C GLU B 367 -37.61 59.56 -24.77
N GLN B 368 -38.78 59.23 -24.21
CA GLN B 368 -38.80 58.74 -22.83
C GLN B 368 -38.02 57.45 -22.71
N GLN B 369 -38.22 56.52 -23.65
CA GLN B 369 -37.53 55.24 -23.54
C GLN B 369 -36.05 55.36 -23.89
N ALA B 370 -35.66 56.41 -24.61
CA ALA B 370 -34.25 56.63 -24.92
C ALA B 370 -33.51 57.20 -23.72
N ASP B 371 -34.15 58.13 -23.00
CA ASP B 371 -33.62 58.49 -21.70
C ASP B 371 -33.55 57.27 -20.79
N SER B 372 -34.58 56.44 -20.86
CA SER B 372 -34.58 55.20 -20.08
C SER B 372 -33.50 54.23 -20.56
N PHE B 373 -33.10 54.29 -21.83
CA PHE B 373 -32.04 53.42 -22.32
C PHE B 373 -30.65 53.94 -21.98
N LYS B 374 -30.49 55.25 -21.87
CA LYS B 374 -29.31 55.77 -21.20
C LYS B 374 -29.26 55.24 -19.78
N ALA B 375 -30.40 55.33 -19.10
CA ALA B 375 -30.51 54.75 -17.76
C ALA B 375 -30.21 53.25 -17.80
N THR B 376 -30.64 52.56 -18.85
CA THR B 376 -30.44 51.12 -18.95
C THR B 376 -28.97 50.77 -19.07
N ARG B 377 -28.22 51.55 -19.87
CA ARG B 377 -26.80 51.28 -20.00
C ARG B 377 -26.07 51.59 -18.70
N PHE B 378 -26.43 52.68 -18.01
CA PHE B 378 -25.84 52.89 -16.69
C PHE B 378 -26.26 51.79 -15.72
N ASN B 379 -27.48 51.27 -15.85
CA ASN B 379 -27.95 50.21 -14.97
C ASN B 379 -27.14 48.93 -15.18
N LEU B 380 -26.86 48.60 -16.45
CA LEU B 380 -25.97 47.48 -16.73
C LEU B 380 -24.58 47.74 -16.19
N GLU B 381 -24.12 48.98 -16.25
CA GLU B 381 -22.82 49.31 -15.67
C GLU B 381 -22.82 49.04 -14.17
N THR B 382 -23.90 49.41 -13.49
CA THR B 382 -24.03 49.28 -12.05
C THR B 382 -23.79 47.84 -11.64
N GLU B 383 -24.62 46.92 -12.12
CA GLU B 383 -24.47 45.51 -11.76
C GLU B 383 -23.15 44.94 -12.28
N TRP B 384 -22.81 45.21 -13.54
CA TRP B 384 -21.66 44.56 -14.13
C TRP B 384 -20.37 44.87 -13.39
N LYS B 385 -20.15 46.15 -13.06
CA LYS B 385 -18.90 46.52 -12.40
C LYS B 385 -18.79 45.85 -11.04
N ASN B 386 -19.90 45.76 -10.31
CA ASN B 386 -19.90 45.01 -9.06
C ASN B 386 -19.55 43.55 -9.29
N ASN B 387 -20.12 42.95 -10.34
CA ASN B 387 -19.87 41.54 -10.62
C ASN B 387 -18.41 41.30 -10.97
N TYR B 388 -17.85 42.09 -11.88
CA TYR B 388 -16.49 41.88 -12.39
C TYR B 388 -15.76 43.21 -12.41
N PRO B 389 -15.42 43.73 -11.22
CA PRO B 389 -14.64 44.98 -11.19
C PRO B 389 -13.28 44.87 -11.85
N ARG B 390 -12.57 43.76 -11.61
CA ARG B 390 -11.24 43.60 -12.19
C ARG B 390 -11.30 43.42 -13.70
N LEU B 391 -12.27 42.65 -14.19
CA LEU B 391 -12.33 42.25 -15.58
C LEU B 391 -13.65 42.71 -16.20
N ARG B 392 -13.58 43.27 -17.41
CA ARG B 392 -14.75 43.79 -18.09
C ARG B 392 -15.03 43.01 -19.37
N GLU B 393 -16.32 42.80 -19.63
CA GLU B 393 -16.81 42.13 -20.84
C GLU B 393 -15.98 40.91 -21.23
N LEU B 394 -15.84 39.98 -20.30
CA LEU B 394 -15.22 38.69 -20.60
C LEU B 394 -16.18 37.69 -21.24
N ASP B 395 -15.67 36.95 -22.23
CA ASP B 395 -16.42 35.95 -22.94
C ASP B 395 -15.97 34.50 -22.78
N ARG B 396 -16.89 33.55 -22.97
CA ARG B 396 -16.62 32.17 -22.58
C ARG B 396 -15.60 31.59 -23.55
N ASN B 397 -15.61 32.01 -24.82
CA ASN B 397 -14.61 31.53 -25.75
C ASN B 397 -13.21 32.00 -25.40
N GLU B 398 -13.08 33.26 -24.99
CA GLU B 398 -11.82 33.78 -24.49
C GLU B 398 -11.37 32.98 -23.28
N LEU B 399 -12.31 32.69 -22.38
CA LEU B 399 -12.00 31.90 -21.19
C LEU B 399 -11.50 30.52 -21.56
N PHE B 400 -12.13 29.90 -22.57
CA PHE B 400 -11.68 28.59 -23.02
C PHE B 400 -10.26 28.63 -23.56
N GLU B 401 -9.96 29.65 -24.37
CA GLU B 401 -8.60 29.74 -24.90
C GLU B 401 -7.59 29.90 -23.77
N LYS B 402 -7.91 30.74 -22.79
CA LYS B 402 -7.03 30.93 -21.65
C LYS B 402 -6.84 29.62 -20.89
N ALA B 403 -7.93 28.88 -20.67
CA ALA B 403 -7.84 27.61 -19.96
C ALA B 403 -7.02 26.59 -20.74
N LYS B 404 -7.19 26.57 -22.07
CA LYS B 404 -6.39 25.67 -22.89
C LYS B 404 -4.92 25.96 -22.74
N ASN B 405 -4.53 27.24 -22.79
CA ASN B 405 -3.13 27.58 -22.62
C ASN B 405 -2.63 27.14 -21.25
N GLU B 406 -3.41 27.43 -20.20
CA GLU B 406 -2.99 27.07 -18.85
C GLU B 406 -2.83 25.56 -18.69
N ILE B 407 -3.77 24.80 -19.25
CA ILE B 407 -3.76 23.35 -19.08
C ILE B 407 -2.58 22.74 -19.83
N LEU B 408 -2.31 23.21 -21.04
CA LEU B 408 -1.15 22.69 -21.77
C LEU B 408 0.14 23.06 -21.06
N ASP B 409 0.18 24.27 -20.49
CA ASP B 409 1.32 24.66 -19.68
C ASP B 409 1.46 23.75 -18.46
N GLU B 410 0.35 23.35 -17.85
CA GLU B 410 0.42 22.42 -16.72
C GLU B 410 0.97 21.08 -17.14
N VAL B 411 0.62 20.60 -18.34
CA VAL B 411 1.23 19.37 -18.84
C VAL B 411 2.74 19.56 -18.97
N ILE B 412 3.16 20.69 -19.52
CA ILE B 412 4.60 20.95 -19.66
C ILE B 412 5.26 20.98 -18.29
N SER B 413 4.59 21.59 -17.30
CA SER B 413 5.12 21.61 -15.95
C SER B 413 5.23 20.20 -15.39
N LEU B 414 4.27 19.34 -15.72
CA LEU B 414 4.37 17.93 -15.35
C LEU B 414 5.64 17.32 -15.92
N SER B 415 6.00 17.65 -17.17
CA SER B 415 7.28 17.20 -17.78
C SER B 415 8.42 17.71 -16.90
N GLN B 416 8.27 18.91 -16.28
CA GLN B 416 9.33 19.51 -15.47
C GLN B 416 9.51 18.85 -14.11
N VAL B 417 8.58 17.97 -13.71
CA VAL B 417 8.75 17.28 -12.43
C VAL B 417 10.06 16.52 -12.44
N THR B 418 10.80 16.61 -11.35
CA THR B 418 12.13 16.04 -11.30
C THR B 418 12.04 14.52 -11.45
N PRO B 419 12.99 13.90 -12.16
CA PRO B 419 12.93 12.44 -12.31
C PRO B 419 12.89 11.69 -11.00
N LYS B 420 13.63 12.18 -10.00
CA LYS B 420 13.65 11.52 -8.70
C LYS B 420 12.27 11.51 -8.07
N HIS B 421 11.48 12.55 -8.28
CA HIS B 421 10.13 12.57 -7.74
C HIS B 421 9.30 11.41 -8.28
N TRP B 422 9.32 11.25 -9.61
CA TRP B 422 8.58 10.16 -10.23
C TRP B 422 9.10 8.82 -9.74
N GLU B 423 10.43 8.66 -9.70
CA GLU B 423 11.01 7.38 -9.30
C GLU B 423 10.67 7.06 -7.85
N GLU B 424 10.68 8.08 -6.98
CA GLU B 424 10.34 7.86 -5.58
C GLU B 424 8.91 7.37 -5.44
N ILE B 425 7.97 8.06 -6.12
CA ILE B 425 6.58 7.62 -6.04
C ILE B 425 6.45 6.19 -6.53
N LEU B 426 7.06 5.91 -7.69
CA LEU B 426 6.92 4.59 -8.30
C LEU B 426 7.50 3.51 -7.39
N GLN B 427 8.70 3.73 -6.84
CA GLN B 427 9.33 2.71 -6.02
C GLN B 427 8.58 2.49 -4.71
N GLN B 428 8.13 3.57 -4.07
CA GLN B 428 7.42 3.39 -2.81
C GLN B 428 6.14 2.60 -3.04
N SER B 429 5.39 2.96 -4.08
CA SER B 429 4.18 2.21 -4.39
C SER B 429 4.50 0.77 -4.74
N LEU B 430 5.58 0.56 -5.51
CA LEU B 430 5.95 -0.79 -5.92
C LEU B 430 6.29 -1.66 -4.71
N TRP B 431 7.03 -1.11 -3.76
CA TRP B 431 7.40 -1.85 -2.57
C TRP B 431 6.19 -2.13 -1.69
N GLU B 432 5.24 -1.20 -1.62
CA GLU B 432 4.02 -1.48 -0.87
C GLU B 432 3.27 -2.68 -1.44
N ARG B 433 3.48 -2.97 -2.72
CA ARG B 433 2.69 -3.99 -3.41
C ARG B 433 3.24 -5.40 -3.24
N VAL B 434 4.44 -5.55 -2.68
CA VAL B 434 5.10 -6.85 -2.70
C VAL B 434 5.66 -7.26 -1.34
N SER B 435 5.96 -6.29 -0.48
CA SER B 435 6.69 -6.59 0.75
C SER B 435 5.96 -7.61 1.61
N THR B 436 4.64 -7.45 1.74
CA THR B 436 3.88 -8.44 2.49
C THR B 436 4.00 -9.81 1.83
N HIS B 437 3.94 -9.85 0.50
CA HIS B 437 4.17 -11.10 -0.20
C HIS B 437 5.60 -11.56 -0.07
N VAL B 438 6.56 -10.64 -0.04
CA VAL B 438 7.96 -11.02 0.12
C VAL B 438 8.15 -11.82 1.39
N ILE B 439 7.58 -11.36 2.50
CA ILE B 439 7.77 -12.09 3.75
C ILE B 439 6.85 -13.30 3.83
N GLU B 440 5.57 -13.13 3.48
CA GLU B 440 4.60 -14.18 3.69
C GLU B 440 4.88 -15.39 2.80
N ASN B 441 5.26 -15.16 1.55
CA ASN B 441 5.38 -16.23 0.57
C ASN B 441 6.82 -16.74 0.41
N ILE B 442 7.81 -15.89 0.63
CA ILE B 442 9.22 -16.25 0.46
C ILE B 442 9.91 -16.39 1.81
N TYR B 443 9.99 -15.29 2.58
CA TYR B 443 10.90 -15.26 3.71
C TYR B 443 10.54 -16.32 4.75
N LEU B 444 9.26 -16.35 5.13
CA LEU B 444 8.84 -17.27 6.20
C LEU B 444 9.14 -18.72 5.84
N PRO B 445 8.68 -19.26 4.71
CA PRO B 445 9.03 -20.64 4.36
C PRO B 445 10.49 -20.83 4.01
N ALA B 446 11.15 -19.82 3.44
CA ALA B 446 12.54 -19.98 3.05
C ALA B 446 13.45 -20.04 4.26
N ALA B 447 13.23 -19.16 5.23
CA ALA B 447 14.12 -19.03 6.38
C ALA B 447 13.99 -20.18 7.37
N GLN B 448 12.99 -21.04 7.22
CA GLN B 448 12.79 -22.16 8.14
C GLN B 448 13.55 -23.41 7.71
N THR B 449 14.30 -23.36 6.61
CA THR B 449 14.95 -24.55 6.10
C THR B 449 16.21 -24.85 6.90
N MET B 450 16.64 -26.12 6.81
CA MET B 450 17.93 -26.57 7.32
C MET B 450 18.98 -26.57 6.22
N ASN B 451 18.64 -26.11 5.03
CA ASN B 451 19.53 -26.12 3.88
C ASN B 451 19.26 -24.84 3.10
N SER B 452 20.23 -23.93 3.11
CA SER B 452 20.04 -22.64 2.47
C SER B 452 19.75 -22.75 0.98
N GLY B 453 20.09 -23.88 0.36
CA GLY B 453 19.72 -24.09 -1.03
C GLY B 453 18.22 -24.12 -1.23
N THR B 454 17.48 -24.68 -0.27
CA THR B 454 16.03 -24.67 -0.35
C THR B 454 15.44 -23.32 0.03
N PHE B 455 16.12 -22.58 0.91
CA PHE B 455 15.79 -21.18 1.11
C PHE B 455 15.82 -20.44 -0.22
N ASN B 456 16.93 -20.53 -0.94
CA ASN B 456 17.06 -19.82 -2.20
C ASN B 456 16.13 -20.40 -3.26
N THR B 457 15.82 -21.70 -3.18
CA THR B 457 14.89 -22.29 -4.13
C THR B 457 13.48 -21.73 -3.93
N THR B 458 13.04 -21.60 -2.68
CA THR B 458 11.76 -20.95 -2.42
C THR B 458 11.77 -19.52 -2.93
N VAL B 459 12.85 -18.80 -2.62
CA VAL B 459 13.05 -17.45 -3.16
C VAL B 459 12.81 -17.44 -4.67
N ASP B 460 13.53 -18.29 -5.39
CA ASP B 460 13.51 -18.23 -6.84
C ASP B 460 12.17 -18.67 -7.40
N ILE B 461 11.53 -19.67 -6.79
CA ILE B 461 10.20 -20.08 -7.25
C ILE B 461 9.25 -18.90 -7.21
N LYS B 462 9.15 -18.25 -6.04
CA LYS B 462 8.18 -17.17 -5.92
C LYS B 462 8.56 -15.99 -6.79
N LEU B 463 9.84 -15.62 -6.81
CA LEU B 463 10.26 -14.45 -7.58
C LEU B 463 10.07 -14.68 -9.07
N LYS B 464 10.39 -15.88 -9.57
CA LYS B 464 10.25 -16.13 -10.99
C LYS B 464 8.79 -16.15 -11.39
N GLN B 465 7.93 -16.76 -10.57
CA GLN B 465 6.50 -16.73 -10.89
C GLN B 465 5.98 -15.30 -10.93
N TRP B 466 6.34 -14.49 -9.92
CA TRP B 466 5.86 -13.11 -9.87
C TRP B 466 6.38 -12.30 -11.06
N THR B 467 7.67 -12.45 -11.38
CA THR B 467 8.25 -11.70 -12.49
C THR B 467 7.58 -12.09 -13.80
N ASP B 468 7.34 -13.39 -14.01
CA ASP B 468 6.78 -13.84 -15.27
C ASP B 468 5.34 -13.36 -15.43
N LYS B 469 4.54 -13.42 -14.37
CA LYS B 469 3.11 -13.18 -14.50
C LYS B 469 2.57 -12.01 -13.70
N GLN B 470 3.31 -11.45 -12.75
CA GLN B 470 2.77 -10.39 -11.91
C GLN B 470 3.49 -9.06 -12.07
N LEU B 471 4.81 -9.02 -11.85
CA LEU B 471 5.49 -7.74 -11.70
C LEU B 471 5.28 -6.80 -12.88
N PRO B 472 5.39 -7.24 -14.14
CA PRO B 472 5.14 -6.31 -15.26
C PRO B 472 3.71 -5.83 -15.34
N ASN B 473 2.78 -6.44 -14.60
CA ASN B 473 1.39 -5.99 -14.56
C ASN B 473 1.14 -5.03 -13.42
N LYS B 474 1.80 -5.22 -12.27
CA LYS B 474 1.68 -4.28 -11.18
C LYS B 474 2.40 -2.98 -11.47
N ALA B 475 3.56 -3.07 -12.12
CA ALA B 475 4.37 -1.87 -12.36
C ALA B 475 3.65 -0.88 -13.26
N VAL B 476 2.97 -1.38 -14.30
CA VAL B 476 2.27 -0.48 -15.20
C VAL B 476 1.09 0.16 -14.51
N GLU B 477 0.39 -0.59 -13.66
CA GLU B 477 -0.68 0.00 -12.88
C GLU B 477 -0.16 1.13 -12.02
N VAL B 478 0.95 0.87 -11.31
CA VAL B 478 1.53 1.90 -10.44
C VAL B 478 1.88 3.14 -11.25
N ALA B 479 2.55 2.94 -12.39
CA ALA B 479 3.05 4.09 -13.14
C ALA B 479 1.93 4.91 -13.76
N TRP B 480 0.94 4.25 -14.37
CA TRP B 480 -0.09 5.02 -15.05
C TRP B 480 -1.01 5.69 -14.04
N GLU B 481 -1.29 5.02 -12.91
CA GLU B 481 -2.00 5.67 -11.83
C GLU B 481 -1.22 6.86 -11.30
N THR B 482 0.11 6.72 -11.16
CA THR B 482 0.92 7.82 -10.65
C THR B 482 0.88 9.01 -11.59
N LEU B 483 0.98 8.76 -12.90
CA LEU B 483 0.90 9.85 -13.85
C LEU B 483 -0.46 10.51 -13.81
N GLN B 484 -1.53 9.71 -13.74
CA GLN B 484 -2.86 10.29 -13.66
C GLN B 484 -3.01 11.15 -12.41
N GLU B 485 -2.49 10.67 -11.28
CA GLU B 485 -2.67 11.39 -10.02
C GLU B 485 -1.87 12.69 -10.00
N GLU B 486 -0.61 12.65 -10.45
CA GLU B 486 0.20 13.87 -10.47
C GLU B 486 -0.35 14.85 -11.51
N PHE B 487 -0.83 14.34 -12.64
CA PHE B 487 -1.50 15.18 -13.63
C PHE B 487 -2.70 15.89 -13.00
N SER B 488 -3.49 15.17 -12.21
CA SER B 488 -4.60 15.78 -11.50
C SER B 488 -4.10 16.85 -10.53
N ARG B 489 -3.04 16.55 -9.78
CA ARG B 489 -2.61 17.45 -8.73
C ARG B 489 -2.04 18.76 -9.27
N PHE B 490 -1.23 18.70 -10.34
CA PHE B 490 -0.73 19.93 -10.93
C PHE B 490 -1.87 20.82 -11.39
N MET B 491 -2.98 20.23 -11.81
CA MET B 491 -4.08 20.98 -12.38
C MET B 491 -5.06 21.53 -11.34
N THR B 492 -4.94 21.15 -10.07
CA THR B 492 -5.97 21.48 -9.09
C THR B 492 -5.43 22.09 -7.81
N GLU B 493 -4.23 21.72 -7.38
CA GLU B 493 -3.75 22.14 -6.07
C GLU B 493 -3.27 23.59 -6.12
N PRO B 494 -3.82 24.48 -5.30
CA PRO B 494 -3.39 25.88 -5.35
C PRO B 494 -1.98 26.06 -4.84
N LYS B 495 -1.25 26.98 -5.46
CA LYS B 495 0.09 27.36 -5.00
C LYS B 495 -0.03 28.58 -4.08
N GLY B 496 -0.73 28.37 -2.97
CA GLY B 496 -0.95 29.42 -2.00
C GLY B 496 -2.05 30.38 -2.42
N LYS B 497 -2.00 31.57 -1.83
CA LYS B 497 -3.06 32.56 -2.01
C LYS B 497 -3.11 33.11 -3.43
N GLU B 498 -2.08 32.89 -4.25
CA GLU B 498 -2.04 33.45 -5.60
C GLU B 498 -2.79 32.59 -6.61
N HIS B 499 -3.34 31.45 -6.21
CA HIS B 499 -4.03 30.57 -7.15
C HIS B 499 -5.27 31.24 -7.74
N ASP B 500 -5.48 31.04 -9.04
CA ASP B 500 -6.68 31.49 -9.74
C ASP B 500 -7.45 30.24 -10.19
N ASP B 501 -8.65 30.06 -9.65
CA ASP B 501 -9.47 28.88 -9.90
C ASP B 501 -10.43 29.05 -11.06
N ILE B 502 -10.32 30.14 -11.83
CA ILE B 502 -11.29 30.43 -12.88
C ILE B 502 -11.40 29.27 -13.86
N PHE B 503 -10.27 28.65 -14.21
CA PHE B 503 -10.24 27.57 -15.19
C PHE B 503 -10.23 26.18 -14.56
N ASP B 504 -10.51 26.08 -13.26
CA ASP B 504 -10.47 24.77 -12.61
C ASP B 504 -11.51 23.83 -13.20
N LYS B 505 -12.71 24.36 -13.50
CA LYS B 505 -13.72 23.52 -14.14
C LYS B 505 -13.22 22.98 -15.47
N LEU B 506 -12.61 23.85 -16.29
CA LEU B 506 -12.11 23.43 -17.58
C LEU B 506 -10.96 22.44 -17.42
N LYS B 507 -10.10 22.66 -16.42
CA LYS B 507 -9.02 21.71 -16.15
C LYS B 507 -9.58 20.33 -15.82
N GLU B 508 -10.58 20.28 -14.94
CA GLU B 508 -11.16 19.00 -14.55
C GLU B 508 -11.83 18.33 -15.75
N ALA B 509 -12.51 19.12 -16.59
CA ALA B 509 -13.14 18.56 -17.76
C ALA B 509 -12.11 17.99 -18.74
N VAL B 510 -10.99 18.70 -18.93
CA VAL B 510 -9.93 18.20 -19.81
C VAL B 510 -9.33 16.91 -19.25
N LYS B 511 -9.17 16.85 -17.93
CA LYS B 511 -8.41 15.76 -17.32
C LYS B 511 -8.95 14.39 -17.70
N GLU B 512 -10.25 14.16 -17.51
CA GLU B 512 -10.80 12.84 -17.70
C GLU B 512 -10.75 12.43 -19.18
N GLU B 513 -11.11 13.34 -20.08
CA GLU B 513 -11.07 13.03 -21.51
C GLU B 513 -9.65 12.73 -21.96
N SER B 514 -8.68 13.53 -21.50
CA SER B 514 -7.30 13.31 -21.91
C SER B 514 -6.80 11.97 -21.41
N ILE B 515 -7.07 11.64 -20.14
CA ILE B 515 -6.61 10.37 -19.60
C ILE B 515 -7.25 9.21 -20.36
N LYS B 516 -8.55 9.30 -20.60
CA LYS B 516 -9.23 8.21 -21.30
C LYS B 516 -8.69 8.01 -22.70
N ARG B 517 -8.52 9.10 -23.45
CA ARG B 517 -7.94 8.98 -24.79
C ARG B 517 -6.52 8.47 -24.74
N HIS B 518 -5.74 8.95 -23.77
CA HIS B 518 -4.35 8.53 -23.68
C HIS B 518 -4.26 7.13 -23.05
N LYS B 519 -3.23 6.39 -23.47
CA LYS B 519 -2.92 5.09 -22.89
C LYS B 519 -1.44 5.02 -22.56
N TRP B 520 -1.13 4.18 -21.58
CA TRP B 520 0.25 3.79 -21.36
C TRP B 520 0.64 2.75 -22.39
N ASN B 521 1.86 2.84 -22.91
CA ASN B 521 2.24 1.99 -24.02
C ASN B 521 2.29 0.52 -23.61
N ASP B 522 1.85 -0.35 -24.52
CA ASP B 522 1.75 -1.78 -24.23
C ASP B 522 3.12 -2.40 -24.00
N PHE B 523 4.13 -1.97 -24.76
CA PHE B 523 5.42 -2.64 -24.74
C PHE B 523 5.99 -2.74 -23.33
N ALA B 524 5.73 -1.73 -22.49
CA ALA B 524 6.31 -1.66 -21.16
C ALA B 524 6.33 -3.01 -20.45
N GLU B 525 5.19 -3.69 -20.44
CA GLU B 525 5.06 -4.88 -19.61
C GLU B 525 6.13 -5.92 -19.95
N ASP B 526 6.48 -6.03 -21.23
CA ASP B 526 7.52 -6.99 -21.59
C ASP B 526 8.88 -6.52 -21.09
N SER B 527 9.23 -5.25 -21.35
CA SER B 527 10.54 -4.77 -20.94
C SER B 527 10.70 -4.90 -19.44
N LEU B 528 9.69 -4.45 -18.69
CA LEU B 528 9.72 -4.62 -17.24
C LEU B 528 9.95 -6.08 -16.87
N ARG B 529 9.21 -6.98 -17.51
CA ARG B 529 9.35 -8.41 -17.20
C ARG B 529 10.80 -8.83 -17.33
N VAL B 530 11.49 -8.34 -18.35
CA VAL B 530 12.91 -8.66 -18.47
C VAL B 530 13.70 -7.90 -17.43
N ILE B 531 13.50 -6.59 -17.34
CA ILE B 531 14.36 -5.76 -16.51
C ILE B 531 14.31 -6.25 -15.08
N GLN B 532 13.10 -6.39 -14.54
CA GLN B 532 12.94 -6.87 -13.17
C GLN B 532 13.71 -8.17 -12.98
N HIS B 533 13.53 -9.11 -13.89
CA HIS B 533 14.19 -10.40 -13.75
C HIS B 533 15.68 -10.20 -13.57
N ASN B 534 16.30 -9.41 -14.45
CA ASN B 534 17.74 -9.25 -14.38
C ASN B 534 18.15 -8.63 -13.05
N ALA B 535 17.38 -7.64 -12.58
CA ALA B 535 17.73 -7.02 -11.30
C ALA B 535 17.74 -8.06 -10.19
N LEU B 536 16.81 -9.00 -10.24
CA LEU B 536 16.83 -10.10 -9.29
C LEU B 536 17.94 -11.09 -9.61
N GLU B 537 18.13 -11.38 -10.90
CA GLU B 537 19.06 -12.44 -11.28
C GLU B 537 20.46 -12.16 -10.78
N ASP B 538 20.86 -10.89 -10.74
CA ASP B 538 22.12 -10.50 -10.14
C ASP B 538 22.02 -10.69 -8.63
N ARG B 539 22.81 -11.60 -8.10
CA ARG B 539 22.78 -11.94 -6.68
C ARG B 539 23.98 -11.41 -5.91
N SER B 540 24.85 -10.65 -6.56
CA SER B 540 26.14 -10.27 -5.99
C SER B 540 26.07 -8.84 -5.47
N ILE B 541 26.24 -8.68 -4.16
CA ILE B 541 26.29 -7.36 -3.55
C ILE B 541 27.67 -6.76 -3.77
N SER B 542 27.71 -5.61 -4.44
CA SER B 542 28.96 -5.08 -4.96
C SER B 542 29.87 -4.51 -3.88
N ASP B 543 29.33 -4.01 -2.78
CA ASP B 543 30.17 -3.32 -1.81
C ASP B 543 29.53 -3.35 -0.43
N LYS B 544 30.29 -2.89 0.56
CA LYS B 544 29.81 -2.86 1.94
C LYS B 544 28.61 -1.94 2.11
N GLN B 545 28.64 -0.77 1.47
CA GLN B 545 27.52 0.17 1.63
C GLN B 545 26.23 -0.45 1.14
N GLN B 546 26.30 -1.15 0.00
CA GLN B 546 25.13 -1.84 -0.52
C GLN B 546 24.67 -2.94 0.43
N TRP B 547 25.62 -3.66 1.02
CA TRP B 547 25.25 -4.71 1.98
C TRP B 547 24.52 -4.11 3.17
N ASP B 548 25.01 -2.98 3.67
CA ASP B 548 24.37 -2.31 4.80
C ASP B 548 22.99 -1.79 4.43
N ALA B 549 22.84 -1.24 3.22
CA ALA B 549 21.52 -0.80 2.78
C ALA B 549 20.56 -1.97 2.67
N ALA B 550 21.05 -3.11 2.20
CA ALA B 550 20.22 -4.31 2.17
C ALA B 550 19.78 -4.70 3.58
N ILE B 551 20.69 -4.60 4.55
CA ILE B 551 20.30 -4.95 5.91
C ILE B 551 19.30 -3.95 6.48
N TYR B 552 19.45 -2.67 6.16
CA TYR B 552 18.47 -1.68 6.61
C TYR B 552 17.09 -1.93 6.01
N PHE B 553 17.05 -2.24 4.72
CA PHE B 553 15.80 -2.54 4.04
C PHE B 553 15.14 -3.80 4.62
N MET B 554 15.96 -4.82 4.88
CA MET B 554 15.47 -6.03 5.54
C MET B 554 14.95 -5.73 6.93
N GLU B 555 15.64 -4.86 7.68
CA GLU B 555 15.16 -4.48 9.00
C GLU B 555 13.83 -3.75 8.91
N GLU B 556 13.66 -2.87 7.94
CA GLU B 556 12.36 -2.22 7.77
C GLU B 556 11.26 -3.26 7.58
N ALA B 557 11.48 -4.18 6.65
CA ALA B 557 10.43 -5.16 6.36
C ALA B 557 10.13 -6.04 7.58
N LEU B 558 11.18 -6.55 8.23
CA LEU B 558 11.02 -7.47 9.34
C LEU B 558 10.43 -6.78 10.55
N GLN B 559 10.83 -5.53 10.82
CA GLN B 559 10.28 -4.78 11.92
C GLN B 559 8.83 -4.46 11.69
N ALA B 560 8.45 -4.15 10.44
CA ALA B 560 7.06 -3.86 10.16
C ALA B 560 6.19 -5.09 10.39
N ARG B 561 6.62 -6.24 9.88
CA ARG B 561 5.79 -7.42 10.09
C ARG B 561 5.80 -7.84 11.56
N LEU B 562 6.91 -7.63 12.26
CA LEU B 562 6.94 -7.96 13.68
C LEU B 562 5.99 -7.09 14.48
N LYS B 563 5.97 -5.78 14.22
CA LYS B 563 5.06 -4.93 14.99
C LYS B 563 3.62 -5.28 14.66
N ASP B 564 3.33 -5.60 13.39
CA ASP B 564 1.98 -5.98 13.03
C ASP B 564 1.56 -7.26 13.74
N THR B 565 2.47 -8.23 13.80
CA THR B 565 2.18 -9.48 14.50
C THR B 565 1.92 -9.23 15.99
N GLU B 566 2.73 -8.37 16.61
CA GLU B 566 2.55 -8.08 18.02
C GLU B 566 1.21 -7.39 18.27
N ASN B 567 0.83 -6.45 17.40
CA ASN B 567 -0.45 -5.77 17.58
C ASN B 567 -1.61 -6.74 17.38
N ALA B 568 -1.50 -7.64 16.42
CA ALA B 568 -2.54 -8.66 16.24
C ALA B 568 -2.63 -9.57 17.47
N ILE B 569 -1.49 -9.92 18.05
CA ILE B 569 -1.51 -10.70 19.28
C ILE B 569 -2.27 -9.94 20.36
N GLU B 570 -1.89 -8.69 20.61
CA GLU B 570 -2.59 -7.92 21.63
C GLU B 570 -4.07 -7.81 21.32
N ASN B 571 -4.44 -7.81 20.04
CA ASN B 571 -5.85 -7.76 19.68
C ASN B 571 -6.57 -9.03 20.09
N MET B 572 -5.95 -10.19 19.90
CA MET B 572 -6.65 -11.44 20.23
C MET B 572 -6.52 -11.86 21.70
N VAL B 573 -5.38 -11.59 22.35
CA VAL B 573 -5.16 -12.07 23.71
C VAL B 573 -5.66 -11.08 24.76
N GLY B 574 -5.82 -9.81 24.40
CA GLY B 574 -6.36 -8.84 25.31
C GLY B 574 -5.34 -8.21 26.24
N PRO B 575 -5.81 -7.27 27.05
CA PRO B 575 -4.92 -6.50 27.93
C PRO B 575 -3.96 -7.29 28.79
N ASP B 576 -2.87 -6.64 29.19
CA ASP B 576 -1.99 -7.19 30.21
C ASP B 576 -2.60 -7.00 31.60
N TRP B 577 -2.03 -7.71 32.57
CA TRP B 577 -2.39 -7.53 33.97
C TRP B 577 -1.89 -6.20 34.49
N LYS B 578 -0.66 -5.83 34.11
CA LYS B 578 -0.19 -4.50 34.42
C LYS B 578 -1.11 -3.44 33.83
N LYS B 579 -1.67 -3.71 32.64
CA LYS B 579 -2.71 -2.83 32.11
C LYS B 579 -3.94 -2.84 33.00
N ARG B 580 -4.25 -3.98 33.63
CA ARG B 580 -5.40 -3.99 34.53
C ARG B 580 -5.20 -3.05 35.70
N TRP B 581 -4.07 -3.14 36.42
CA TRP B 581 -3.85 -2.19 37.49
C TRP B 581 -3.66 -0.76 36.96
N LEU B 582 -3.09 -0.60 35.77
CA LEU B 582 -2.78 0.73 35.29
C LEU B 582 -4.03 1.49 34.86
N TYR B 583 -4.81 0.90 33.96
CA TYR B 583 -6.03 1.51 33.43
C TYR B 583 -7.30 0.74 33.73
N TRP B 584 -7.25 -0.32 34.55
CA TRP B 584 -8.44 -1.10 34.87
C TRP B 584 -9.00 -1.78 33.62
N LYS B 585 -8.11 -2.28 32.79
CA LYS B 585 -8.44 -2.66 31.43
C LYS B 585 -7.92 -4.08 31.19
N ASN B 586 -8.85 -5.03 31.08
CA ASN B 586 -8.56 -6.45 31.26
C ASN B 586 -8.95 -7.24 30.02
N ARG B 587 -8.65 -8.52 30.08
CA ARG B 587 -8.98 -9.45 28.99
C ARG B 587 -10.48 -9.69 28.94
N THR B 588 -11.00 -9.73 27.72
CA THR B 588 -12.33 -10.31 27.54
C THR B 588 -12.21 -11.83 27.55
N GLN B 589 -13.35 -12.51 27.69
CA GLN B 589 -13.32 -13.96 27.86
C GLN B 589 -12.61 -14.62 26.68
N GLU B 590 -12.95 -14.22 25.46
CA GLU B 590 -12.24 -14.71 24.29
C GLU B 590 -10.77 -14.33 24.36
N GLN B 591 -10.49 -13.10 24.80
CA GLN B 591 -9.10 -12.69 24.98
C GLN B 591 -8.42 -13.48 26.08
N CYS B 592 -9.14 -13.86 27.14
CA CYS B 592 -8.55 -14.72 28.16
C CYS B 592 -8.14 -16.06 27.57
N VAL B 593 -9.02 -16.66 26.77
CA VAL B 593 -8.68 -17.94 26.15
C VAL B 593 -7.49 -17.77 25.22
N HIS B 594 -7.49 -16.69 24.43
CA HIS B 594 -6.38 -16.46 23.51
C HIS B 594 -5.07 -16.31 24.25
N ASN B 595 -5.06 -15.58 25.37
CA ASN B 595 -3.81 -15.37 26.07
C ASN B 595 -3.31 -16.67 26.72
N GLU B 596 -4.22 -17.47 27.29
CA GLU B 596 -3.76 -18.73 27.87
C GLU B 596 -3.15 -19.62 26.80
N THR B 597 -3.80 -19.67 25.62
CA THR B 597 -3.22 -20.41 24.51
C THR B 597 -1.86 -19.85 24.14
N LYS B 598 -1.73 -18.51 24.11
CA LYS B 598 -0.48 -17.89 23.75
C LYS B 598 0.63 -18.24 24.73
N ASN B 599 0.31 -18.24 26.03
CA ASN B 599 1.31 -18.57 27.03
C ASN B 599 1.79 -20.01 26.86
N GLU B 600 0.87 -20.96 26.58
CA GLU B 600 1.23 -22.40 26.39
C GLU B 600 2.05 -22.53 25.09
N LEU B 601 1.78 -21.71 24.06
CA LEU B 601 2.49 -21.77 22.74
C LEU B 601 3.83 -21.05 22.86
N GLU B 602 4.00 -20.10 23.81
CA GLU B 602 5.29 -19.48 24.08
C GLU B 602 6.17 -20.41 24.90
N LYS B 603 5.58 -21.17 25.83
CA LYS B 603 6.34 -22.21 26.51
C LYS B 603 6.87 -23.23 25.51
N MET B 604 6.02 -23.58 24.52
CA MET B 604 6.36 -24.56 23.44
C MET B 604 7.55 -24.03 22.63
N LEU B 605 7.62 -22.73 22.34
CA LEU B 605 8.74 -22.15 21.60
C LEU B 605 9.97 -21.95 22.48
N LYS B 606 9.78 -21.67 23.78
CA LYS B 606 10.92 -21.62 24.69
C LYS B 606 11.63 -22.97 24.75
N CYS B 607 10.86 -24.06 24.87
CA CYS B 607 11.46 -25.38 24.90
C CYS B 607 12.13 -25.70 23.57
N ASN B 608 11.51 -25.30 22.46
CA ASN B 608 12.04 -25.57 21.12
C ASN B 608 11.94 -24.28 20.31
N GLU B 609 13.06 -23.58 20.18
CA GLU B 609 13.10 -22.36 19.39
C GLU B 609 13.05 -22.62 17.89
N GLU B 610 13.27 -23.86 17.47
CA GLU B 610 13.28 -24.21 16.05
C GLU B 610 11.98 -24.87 15.62
N HIS B 611 10.93 -24.79 16.44
CA HIS B 611 9.67 -25.41 16.09
C HIS B 611 9.22 -24.93 14.70
N PRO B 612 8.74 -25.83 13.83
CA PRO B 612 8.25 -25.37 12.52
C PRO B 612 7.05 -24.46 12.66
N ALA B 613 6.84 -23.64 11.62
CA ALA B 613 5.80 -22.63 11.66
C ALA B 613 4.40 -23.23 11.75
N TYR B 614 4.25 -24.51 11.44
CA TYR B 614 2.94 -25.14 11.38
C TYR B 614 2.77 -26.09 12.55
N LEU B 615 1.66 -25.92 13.28
CA LEU B 615 1.27 -26.89 14.29
C LEU B 615 0.48 -28.01 13.63
N ALA B 616 0.94 -29.24 13.80
CA ALA B 616 0.20 -30.39 13.32
C ALA B 616 -1.05 -30.59 14.17
N SER B 617 -1.98 -31.40 13.65
CA SER B 617 -3.24 -31.61 14.36
C SER B 617 -3.01 -32.17 15.75
N ASP B 618 -1.99 -33.03 15.93
CA ASP B 618 -1.64 -33.62 17.26
C ASP B 618 -1.13 -32.48 18.16
N GLU B 619 -0.32 -31.55 17.61
CA GLU B 619 0.24 -30.39 18.36
C GLU B 619 -0.93 -29.47 18.77
N ILE B 620 -1.89 -29.25 17.87
CA ILE B 620 -3.07 -28.43 18.12
C ILE B 620 -3.92 -29.08 19.20
N THR B 621 -4.13 -30.40 19.11
CA THR B 621 -4.97 -31.19 20.07
C THR B 621 -4.29 -31.18 21.44
N THR B 622 -2.96 -31.35 21.49
CA THR B 622 -2.20 -31.40 22.77
C THR B 622 -2.37 -30.01 23.42
N VAL B 623 -2.43 -28.91 22.64
CA VAL B 623 -2.67 -27.51 23.15
C VAL B 623 -4.15 -27.43 23.60
N ARG B 624 -5.14 -27.88 22.82
CA ARG B 624 -6.57 -27.83 23.11
C ARG B 624 -6.88 -28.52 24.42
N LYS B 625 -6.41 -29.75 24.61
CA LYS B 625 -6.75 -30.54 25.82
C LYS B 625 -5.97 -29.96 27.00
N ASN B 626 -4.70 -29.57 26.80
CA ASN B 626 -3.85 -29.00 27.90
C ASN B 626 -4.60 -27.78 28.47
N LEU B 627 -5.29 -27.01 27.63
CA LEU B 627 -6.06 -25.84 28.05
C LEU B 627 -7.43 -26.23 28.59
N GLU B 628 -8.03 -27.26 28.02
CA GLU B 628 -9.27 -27.80 28.59
C GLU B 628 -9.04 -28.33 29.99
N SER B 629 -7.85 -28.90 30.26
CA SER B 629 -7.45 -29.39 31.60
C SER B 629 -7.31 -28.16 32.50
N ARG B 630 -6.74 -27.06 31.97
CA ARG B 630 -6.71 -25.80 32.71
C ARG B 630 -8.10 -25.22 32.91
N GLY B 631 -9.09 -25.68 32.16
CA GLY B 631 -10.41 -25.08 32.14
C GLY B 631 -10.61 -24.08 31.04
N VAL B 632 -9.54 -23.70 30.33
CA VAL B 632 -9.68 -22.82 29.18
C VAL B 632 -10.30 -23.58 28.02
N GLU B 633 -11.17 -22.92 27.29
CA GLU B 633 -12.01 -23.55 26.27
C GLU B 633 -11.41 -23.18 24.91
N VAL B 634 -10.75 -24.16 24.27
CA VAL B 634 -9.96 -23.91 23.08
C VAL B 634 -10.40 -24.82 21.95
N ASP B 635 -10.23 -24.34 20.73
CA ASP B 635 -10.58 -25.02 19.50
C ASP B 635 -9.46 -24.88 18.49
N PRO B 636 -9.42 -25.74 17.46
CA PRO B 636 -8.25 -25.75 16.56
C PRO B 636 -7.98 -24.44 15.85
N SER B 637 -9.00 -23.65 15.54
CA SER B 637 -8.77 -22.41 14.78
C SER B 637 -8.20 -21.31 15.66
N LEU B 638 -8.71 -21.21 16.90
CA LEU B 638 -8.13 -20.30 17.87
C LEU B 638 -6.63 -20.53 17.98
N ILE B 639 -6.23 -21.79 18.15
CA ILE B 639 -4.81 -22.09 18.29
C ILE B 639 -4.07 -21.88 16.99
N LYS B 640 -4.67 -22.21 15.84
CA LYS B 640 -3.94 -22.03 14.60
C LYS B 640 -3.59 -20.56 14.38
N ASP B 641 -4.54 -19.67 14.64
CA ASP B 641 -4.29 -18.25 14.41
C ASP B 641 -3.39 -17.65 15.49
N THR B 642 -3.62 -18.02 16.76
CA THR B 642 -2.75 -17.54 17.82
C THR B 642 -1.33 -18.03 17.61
N TRP B 643 -1.17 -19.29 17.19
CA TRP B 643 0.13 -19.82 16.86
C TRP B 643 0.78 -19.08 15.70
N HIS B 644 0.01 -18.79 14.66
CA HIS B 644 0.60 -18.02 13.56
C HIS B 644 1.16 -16.71 14.08
N GLN B 645 0.39 -16.00 14.90
CA GLN B 645 0.87 -14.71 15.39
C GLN B 645 2.08 -14.87 16.32
N VAL B 646 2.00 -15.79 17.28
CA VAL B 646 3.08 -15.96 18.24
C VAL B 646 4.35 -16.43 17.53
N TYR B 647 4.21 -17.40 16.64
CA TYR B 647 5.36 -17.95 15.93
C TYR B 647 5.98 -16.90 15.03
N ARG B 648 5.17 -16.09 14.35
CA ARG B 648 5.75 -15.05 13.51
C ARG B 648 6.44 -13.98 14.35
N ARG B 649 5.91 -13.69 15.53
CA ARG B 649 6.62 -12.79 16.44
C ARG B 649 8.01 -13.35 16.76
N HIS B 650 8.05 -14.61 17.19
CA HIS B 650 9.32 -15.27 17.50
C HIS B 650 10.25 -15.27 16.29
N PHE B 651 9.70 -15.62 15.13
CA PHE B 651 10.50 -15.78 13.92
C PHE B 651 11.07 -14.43 13.46
N LEU B 652 10.27 -13.37 13.54
CA LEU B 652 10.73 -12.07 13.07
C LEU B 652 11.70 -11.44 14.06
N LYS B 653 11.52 -11.66 15.37
CA LYS B 653 12.53 -11.20 16.30
C LYS B 653 13.86 -11.93 16.09
N THR B 654 13.79 -13.24 15.83
CA THR B 654 15.01 -13.97 15.48
C THR B 654 15.63 -13.41 14.20
N ALA B 655 14.78 -13.07 13.23
CA ALA B 655 15.27 -12.51 11.98
C ALA B 655 15.94 -11.16 12.18
N LEU B 656 15.47 -10.37 13.15
CA LEU B 656 16.13 -9.09 13.43
C LEU B 656 17.44 -9.30 14.20
N ASN B 657 17.48 -10.31 15.06
CA ASN B 657 18.77 -10.66 15.66
C ASN B 657 19.76 -11.09 14.57
N HIS B 658 19.29 -11.81 13.56
CA HIS B 658 20.14 -12.16 12.43
C HIS B 658 20.51 -10.93 11.61
N CYS B 659 19.59 -9.97 11.50
CA CYS B 659 19.92 -8.68 10.90
C CYS B 659 21.15 -8.10 11.57
N ASN B 660 21.15 -8.06 12.91
CA ASN B 660 22.28 -7.52 13.64
C ASN B 660 23.53 -8.36 13.43
N LEU B 661 23.39 -9.69 13.40
CA LEU B 661 24.55 -10.56 13.20
C LEU B 661 25.20 -10.32 11.84
N CYS B 662 24.39 -10.24 10.78
CA CYS B 662 24.93 -10.25 9.42
C CYS B 662 25.79 -9.04 9.11
N ARG B 663 25.76 -8.00 9.94
CA ARG B 663 26.51 -6.79 9.63
C ARG B 663 28.00 -7.08 9.47
N ARG B 664 28.60 -7.78 10.43
CA ARG B 664 30.05 -7.89 10.50
C ARG B 664 30.62 -8.52 9.23
N GLY B 665 30.13 -9.71 8.86
CA GLY B 665 30.76 -10.45 7.79
C GLY B 665 29.85 -10.93 6.67
N PHE B 666 30.03 -10.34 5.49
CA PHE B 666 29.50 -10.92 4.27
C PHE B 666 30.31 -12.18 3.93
N TYR B 667 31.58 -12.17 4.32
CA TYR B 667 32.47 -13.32 4.14
C TYR B 667 32.00 -14.53 4.92
N TYR B 668 31.55 -14.33 6.16
CA TYR B 668 30.97 -15.44 6.91
C TYR B 668 29.83 -16.07 6.12
N TYR B 669 29.02 -15.24 5.47
CA TYR B 669 28.00 -15.76 4.55
C TYR B 669 28.66 -16.55 3.43
N GLN B 670 29.74 -16.01 2.87
CA GLN B 670 30.38 -16.65 1.72
C GLN B 670 30.88 -18.02 2.20
N ARG B 671 31.35 -18.08 3.45
CA ARG B 671 31.83 -19.35 3.98
C ARG B 671 30.76 -20.45 3.87
N HIS B 672 29.55 -20.14 4.34
CA HIS B 672 28.44 -21.09 4.32
C HIS B 672 28.85 -22.41 4.97
N PHE B 673 29.65 -22.29 6.04
CA PHE B 673 30.12 -23.51 6.69
C PHE B 673 28.97 -24.24 7.36
N VAL B 674 28.17 -23.57 8.15
CA VAL B 674 27.11 -24.22 8.93
C VAL B 674 26.12 -23.17 9.39
N ASP B 675 24.91 -23.60 9.74
CA ASP B 675 23.87 -22.66 10.15
C ASP B 675 24.30 -21.76 11.29
N SER B 676 25.07 -22.29 12.24
CA SER B 676 25.54 -21.47 13.35
C SER B 676 26.43 -20.34 12.84
N GLU B 677 27.32 -20.65 11.90
CA GLU B 677 28.03 -19.59 11.19
C GLU B 677 27.01 -18.77 10.40
N LEU B 678 27.34 -17.51 10.17
CA LEU B 678 26.38 -16.61 9.53
C LEU B 678 25.90 -17.20 8.22
N GLU B 679 24.58 -17.26 8.06
CA GLU B 679 23.94 -17.74 6.84
C GLU B 679 23.01 -16.62 6.38
N CYS B 680 23.60 -15.64 5.70
CA CYS B 680 22.89 -14.41 5.32
C CYS B 680 22.46 -14.46 3.86
N ASN B 681 21.58 -15.42 3.56
CA ASN B 681 20.81 -15.36 2.33
C ASN B 681 19.69 -14.32 2.42
N ASP B 682 19.37 -13.90 3.64
CA ASP B 682 18.30 -12.94 3.87
C ASP B 682 18.68 -11.56 3.36
N VAL B 683 19.92 -11.14 3.66
CA VAL B 683 20.39 -9.84 3.22
C VAL B 683 20.48 -9.78 1.71
N VAL B 684 20.96 -10.86 1.09
CA VAL B 684 21.08 -10.88 -0.37
C VAL B 684 19.70 -10.89 -1.01
N LEU B 685 18.73 -11.56 -0.38
CA LEU B 685 17.35 -11.51 -0.88
C LEU B 685 16.81 -10.09 -0.88
N PHE B 686 16.94 -9.39 0.25
CA PHE B 686 16.36 -8.07 0.34
C PHE B 686 17.12 -7.07 -0.54
N TRP B 687 18.42 -7.30 -0.73
CA TRP B 687 19.18 -6.58 -1.75
C TRP B 687 18.66 -6.82 -3.16
N ARG B 688 18.38 -8.06 -3.51
CA ARG B 688 17.90 -8.34 -4.86
C ARG B 688 16.58 -7.63 -5.11
N ILE B 689 15.68 -7.66 -4.13
CA ILE B 689 14.40 -6.99 -4.34
C ILE B 689 14.57 -5.48 -4.27
N GLN B 690 15.54 -4.99 -3.50
CA GLN B 690 15.92 -3.58 -3.59
C GLN B 690 16.22 -3.19 -5.03
N ARG B 691 17.07 -3.98 -5.69
CA ARG B 691 17.41 -3.70 -7.08
C ARG B 691 16.18 -3.78 -7.97
N MET B 692 15.37 -4.82 -7.78
CA MET B 692 14.17 -4.98 -8.62
C MET B 692 13.27 -3.75 -8.52
N LEU B 693 12.99 -3.32 -7.29
CA LEU B 693 12.07 -2.21 -7.09
C LEU B 693 12.65 -0.91 -7.63
N ALA B 694 13.93 -0.66 -7.37
CA ALA B 694 14.53 0.59 -7.84
C ALA B 694 14.57 0.65 -9.35
N ILE B 695 14.95 -0.46 -10.00
CA ILE B 695 15.03 -0.46 -11.46
C ILE B 695 13.64 -0.37 -12.07
N THR B 696 12.65 -1.02 -11.47
CA THR B 696 11.28 -0.89 -11.96
C THR B 696 10.82 0.56 -11.88
N ALA B 697 11.08 1.21 -10.75
CA ALA B 697 10.69 2.61 -10.59
C ALA B 697 11.36 3.50 -11.62
N ASN B 698 12.66 3.28 -11.87
CA ASN B 698 13.35 4.15 -12.81
C ASN B 698 12.92 3.89 -14.25
N THR B 699 12.66 2.62 -14.60
CA THR B 699 12.16 2.33 -15.95
C THR B 699 10.80 2.99 -16.16
N LEU B 700 9.92 2.88 -15.17
CA LEU B 700 8.61 3.50 -15.29
C LEU B 700 8.74 5.01 -15.42
N ARG B 701 9.62 5.60 -14.60
CA ARG B 701 9.86 7.03 -14.67
C ARG B 701 10.37 7.45 -16.04
N GLN B 702 11.31 6.68 -16.60
CA GLN B 702 11.88 7.05 -17.89
C GLN B 702 10.83 7.00 -18.99
N GLN B 703 10.04 5.92 -19.03
CA GLN B 703 8.98 5.87 -20.03
C GLN B 703 8.00 7.01 -19.83
N LEU B 704 7.71 7.34 -18.57
CA LEU B 704 6.82 8.46 -18.29
C LEU B 704 7.35 9.75 -18.88
N THR B 705 8.59 10.09 -18.53
CA THR B 705 9.13 11.42 -18.83
C THR B 705 9.57 11.59 -20.27
N ASN B 706 9.88 10.50 -20.98
CA ASN B 706 10.33 10.61 -22.36
C ASN B 706 9.32 10.11 -23.38
N THR B 707 8.35 9.30 -22.97
CA THR B 707 7.36 8.77 -23.90
C THR B 707 5.96 9.22 -23.56
N GLU B 708 5.52 9.06 -22.31
CA GLU B 708 4.11 9.21 -21.99
C GLU B 708 3.71 10.66 -21.75
N VAL B 709 4.61 11.50 -21.25
CA VAL B 709 4.25 12.88 -20.98
C VAL B 709 4.02 13.65 -22.27
N ARG B 710 4.86 13.42 -23.29
CA ARG B 710 4.67 14.09 -24.57
C ARG B 710 3.42 13.58 -25.28
N ARG B 711 3.15 12.27 -25.21
CA ARG B 711 1.87 11.75 -25.69
C ARG B 711 0.71 12.38 -24.95
N LEU B 712 0.89 12.60 -23.64
CA LEU B 712 -0.14 13.24 -22.83
C LEU B 712 -0.40 14.65 -23.31
N GLU B 713 0.67 15.40 -23.60
CA GLU B 713 0.50 16.76 -24.09
C GLU B 713 -0.24 16.77 -25.42
N LYS B 714 0.10 15.83 -26.31
CA LYS B 714 -0.61 15.74 -27.58
C LYS B 714 -2.09 15.44 -27.37
N ASN B 715 -2.40 14.48 -26.49
CA ASN B 715 -3.78 14.12 -26.22
C ASN B 715 -4.55 15.29 -25.59
N VAL B 716 -3.88 16.06 -24.73
CA VAL B 716 -4.52 17.21 -24.10
C VAL B 716 -4.81 18.29 -25.14
N LYS B 717 -3.87 18.52 -26.06
CA LYS B 717 -4.15 19.48 -27.13
C LYS B 717 -5.36 19.03 -27.96
N GLU B 718 -5.46 17.73 -28.26
CA GLU B 718 -6.61 17.24 -29.01
C GLU B 718 -7.90 17.45 -28.22
N VAL B 719 -7.88 17.12 -26.93
CA VAL B 719 -9.07 17.25 -26.09
C VAL B 719 -9.49 18.72 -26.00
N LEU B 720 -8.51 19.62 -25.90
CA LEU B 720 -8.82 21.04 -25.83
C LEU B 720 -9.32 21.56 -27.16
N GLU B 721 -8.91 20.95 -28.27
CA GLU B 721 -9.54 21.28 -29.55
C GLU B 721 -11.00 20.87 -29.56
N ASP B 722 -11.29 19.68 -29.01
CA ASP B 722 -12.69 19.27 -28.88
C ASP B 722 -13.47 20.21 -27.98
N PHE B 723 -12.82 20.74 -26.93
CA PHE B 723 -13.37 21.85 -26.18
C PHE B 723 -13.67 23.05 -27.07
N ALA B 724 -12.76 23.37 -27.98
CA ALA B 724 -12.97 24.50 -28.88
C ALA B 724 -14.23 24.30 -29.70
N GLU B 725 -14.45 23.06 -30.15
CA GLU B 725 -15.55 22.81 -31.08
C GLU B 725 -16.92 23.04 -30.44
N ASP B 726 -17.09 22.67 -29.18
CA ASP B 726 -18.40 22.66 -28.54
C ASP B 726 -18.54 23.85 -27.58
N GLY B 727 -19.53 24.71 -27.85
CA GLY B 727 -19.81 25.81 -26.93
C GLY B 727 -20.52 25.36 -25.68
N GLU B 728 -21.47 24.43 -25.81
CA GLU B 728 -22.11 23.87 -24.63
C GLU B 728 -21.07 23.32 -23.67
N LYS B 729 -20.04 22.66 -24.20
CA LYS B 729 -19.02 22.08 -23.34
C LYS B 729 -18.26 23.17 -22.60
N LYS B 730 -18.34 24.41 -23.10
CA LYS B 730 -17.90 25.57 -22.32
C LYS B 730 -18.88 26.03 -21.24
N ILE B 731 -20.21 26.01 -21.47
CA ILE B 731 -21.25 26.38 -20.45
C ILE B 731 -21.90 25.07 -19.94
N LYS B 732 -21.13 24.02 -19.63
CA LYS B 732 -21.76 22.82 -19.08
C LYS B 732 -22.20 23.18 -17.67
N LEU B 733 -21.38 23.93 -16.95
CA LEU B 733 -21.76 24.45 -15.64
C LEU B 733 -22.35 25.84 -15.83
N LEU B 734 -23.56 26.04 -15.31
CA LEU B 734 -24.35 27.22 -15.63
C LEU B 734 -23.94 28.38 -14.71
N THR B 735 -22.73 28.88 -14.96
CA THR B 735 -22.20 30.08 -14.34
C THR B 735 -21.89 31.16 -15.37
N GLY B 736 -22.62 31.16 -16.49
CA GLY B 736 -22.28 31.90 -17.69
C GLY B 736 -22.44 33.41 -17.67
N LYS B 737 -22.57 34.03 -16.49
CA LYS B 737 -22.85 35.46 -16.45
C LYS B 737 -21.83 36.27 -17.25
N ARG B 738 -20.58 35.82 -17.29
CA ARG B 738 -19.53 36.62 -17.94
C ARG B 738 -19.91 36.96 -19.39
N VAL B 739 -20.17 35.94 -20.19
CA VAL B 739 -20.36 36.13 -21.63
C VAL B 739 -21.64 36.91 -21.91
N GLN B 740 -22.73 36.54 -21.23
CA GLN B 740 -24.01 37.20 -21.46
C GLN B 740 -23.94 38.66 -21.06
N LEU B 741 -23.30 38.95 -19.93
CA LEU B 741 -23.17 40.32 -19.47
C LEU B 741 -22.33 41.15 -20.43
N ALA B 742 -21.23 40.59 -20.95
CA ALA B 742 -20.44 41.32 -21.93
C ALA B 742 -21.26 41.66 -23.16
N GLU B 743 -21.99 40.66 -23.68
CA GLU B 743 -22.80 40.88 -24.88
C GLU B 743 -23.85 41.94 -24.61
N ASP B 744 -24.49 41.89 -23.45
CA ASP B 744 -25.53 42.85 -23.12
C ASP B 744 -24.96 44.27 -23.02
N LEU B 745 -23.77 44.40 -22.42
CA LEU B 745 -23.17 45.73 -22.32
C LEU B 745 -22.93 46.31 -23.70
N LYS B 746 -22.33 45.53 -24.60
CA LYS B 746 -22.01 46.05 -25.93
C LYS B 746 -23.29 46.41 -26.68
N LYS B 747 -24.31 45.55 -26.60
CA LYS B 747 -25.54 45.80 -27.32
C LYS B 747 -26.32 46.98 -26.76
N VAL B 748 -26.29 47.18 -25.44
CA VAL B 748 -26.95 48.35 -24.87
C VAL B 748 -26.25 49.62 -25.29
N ARG B 749 -24.91 49.59 -25.39
CA ARG B 749 -24.23 50.77 -25.90
C ARG B 749 -24.66 51.09 -27.33
N GLU B 750 -24.79 50.06 -28.18
CA GLU B 750 -25.29 50.32 -29.53
C GLU B 750 -26.71 50.89 -29.48
N ILE B 751 -27.56 50.31 -28.64
CA ILE B 751 -28.95 50.79 -28.54
C ILE B 751 -28.95 52.29 -28.27
N GLN B 752 -28.21 52.71 -27.25
CA GLN B 752 -28.27 54.10 -26.84
C GLN B 752 -27.60 54.99 -27.88
N GLU B 753 -26.54 54.50 -28.52
CA GLU B 753 -25.87 55.30 -29.54
C GLU B 753 -26.82 55.61 -30.70
N LYS B 754 -27.61 54.63 -31.12
CA LYS B 754 -28.56 54.90 -32.19
C LYS B 754 -29.73 55.76 -31.72
N LEU B 755 -30.20 55.55 -30.48
CA LEU B 755 -31.31 56.36 -29.98
C LEU B 755 -30.91 57.82 -29.82
N ASP B 756 -29.65 58.10 -29.54
CA ASP B 756 -29.22 59.49 -29.38
C ASP B 756 -29.35 60.26 -30.68
N ALA B 757 -28.86 59.69 -31.78
CA ALA B 757 -29.02 60.34 -33.08
C ALA B 757 -30.48 60.42 -33.47
N PHE B 758 -31.27 59.39 -33.15
CA PHE B 758 -32.69 59.44 -33.47
C PHE B 758 -33.36 60.63 -32.76
N ILE B 759 -33.05 60.80 -31.48
CA ILE B 759 -33.71 61.87 -30.72
C ILE B 759 -33.23 63.24 -31.18
N GLU B 760 -31.91 63.40 -31.35
CA GLU B 760 -31.32 64.71 -31.76
C GLU B 760 -31.95 65.06 -33.11
N ALA B 761 -32.14 64.06 -33.99
CA ALA B 761 -32.78 64.27 -35.30
C ALA B 761 -34.23 64.73 -35.04
N LEU B 762 -34.94 64.16 -34.06
CA LEU B 762 -36.33 64.62 -33.71
C LEU B 762 -36.28 66.08 -33.21
N HIS B 763 -35.29 66.46 -32.39
CA HIS B 763 -35.18 67.87 -31.87
C HIS B 763 -34.92 68.83 -33.05
N GLN B 764 -33.99 68.50 -33.95
CA GLN B 764 -33.69 69.32 -35.17
C GLN B 764 -34.88 69.30 -36.14
N GLU B 765 -35.51 68.12 -36.35
CA GLU B 765 -36.52 67.84 -37.44
C GLU B 765 -37.96 67.77 -36.90
N LYS B 766 -38.36 66.69 -36.20
CA LYS B 766 -39.76 66.36 -35.73
C LYS B 766 -40.18 65.13 -36.56
N ALA C 1 28.77 -54.66 -4.54
CA ALA C 1 29.15 -53.61 -5.48
C ALA C 1 30.65 -53.58 -5.69
N THR C 2 31.39 -54.07 -4.70
CA THR C 2 32.85 -54.11 -4.82
C THR C 2 33.28 -55.01 -5.98
N ASP C 3 32.61 -56.15 -6.15
CA ASP C 3 32.87 -57.04 -7.27
C ASP C 3 31.59 -57.80 -7.58
N ARG C 4 31.36 -58.05 -8.87
CA ARG C 4 30.09 -58.62 -9.32
C ARG C 4 30.22 -59.86 -10.21
N GLY C 5 31.35 -60.06 -10.91
CA GLY C 5 31.44 -61.18 -11.82
C GLY C 5 31.39 -62.52 -11.12
N SER C 6 32.07 -62.63 -9.97
CA SER C 6 32.10 -63.90 -9.26
C SER C 6 30.71 -64.32 -8.82
N GLU C 7 29.87 -63.37 -8.40
CA GLU C 7 28.50 -63.69 -8.03
C GLU C 7 27.73 -64.26 -9.22
N SER C 8 27.90 -63.66 -10.40
CA SER C 8 27.23 -64.18 -11.59
C SER C 8 27.70 -65.59 -11.91
N ASP C 9 29.01 -65.83 -11.83
CA ASP C 9 29.53 -67.15 -12.15
C ASP C 9 28.98 -68.19 -11.17
N LYS C 10 28.97 -67.87 -9.87
CA LYS C 10 28.43 -68.81 -8.88
C LYS C 10 26.95 -69.04 -9.12
N HIS C 11 26.20 -67.99 -9.42
CA HIS C 11 24.76 -68.12 -9.63
C HIS C 11 24.46 -69.06 -10.78
N PHE C 12 25.06 -68.81 -11.94
CA PHE C 12 24.73 -69.65 -13.10
C PHE C 12 25.35 -71.04 -12.97
N ARG C 13 26.45 -71.19 -12.25
CA ARG C 13 26.96 -72.53 -11.96
C ARG C 13 25.97 -73.32 -11.13
N LYS C 14 25.39 -72.69 -10.11
CA LYS C 14 24.39 -73.36 -9.30
C LYS C 14 23.13 -73.65 -10.10
N VAL C 15 22.75 -72.76 -11.02
CA VAL C 15 21.59 -73.03 -11.87
C VAL C 15 21.86 -74.24 -12.76
N SER C 16 23.05 -74.30 -13.36
CA SER C 16 23.41 -75.46 -14.18
C SER C 16 23.34 -76.73 -13.36
N ASP C 17 23.83 -76.68 -12.11
CA ASP C 17 23.73 -77.85 -11.25
C ASP C 17 22.27 -78.20 -10.98
N LYS C 18 21.45 -77.21 -10.61
CA LYS C 18 20.06 -77.50 -10.29
C LYS C 18 19.35 -78.19 -11.45
N GLU C 19 19.68 -77.80 -12.68
CA GLU C 19 18.98 -78.40 -13.82
C GLU C 19 19.58 -79.73 -14.26
N LYS C 20 20.90 -79.93 -14.17
CA LYS C 20 21.54 -81.10 -14.76
C LYS C 20 22.35 -81.95 -13.79
N ILE C 21 22.18 -81.80 -12.48
CA ILE C 21 23.08 -82.50 -11.56
C ILE C 21 22.86 -84.00 -11.61
N ASP C 22 21.62 -84.44 -11.86
CA ASP C 22 21.36 -85.87 -11.93
C ASP C 22 22.15 -86.54 -13.04
N GLN C 23 22.69 -85.78 -13.98
CA GLN C 23 23.61 -86.28 -14.99
C GLN C 23 25.06 -85.89 -14.70
N LEU C 24 25.27 -84.68 -14.19
CA LEU C 24 26.63 -84.16 -14.00
C LEU C 24 27.35 -84.85 -12.85
N GLN C 25 26.64 -85.21 -11.78
CA GLN C 25 27.28 -85.93 -10.69
C GLN C 25 27.73 -87.31 -11.14
N GLU C 26 26.97 -87.94 -12.04
CA GLU C 26 27.39 -89.22 -12.60
C GLU C 26 28.58 -89.05 -13.53
N GLU C 27 28.53 -88.07 -14.43
CA GLU C 27 29.56 -87.96 -15.46
C GLU C 27 30.88 -87.41 -14.91
N LEU C 28 30.81 -86.46 -13.96
CA LEU C 28 31.98 -85.68 -13.56
C LEU C 28 32.79 -86.34 -12.46
N LEU C 29 32.14 -86.93 -11.45
CA LEU C 29 32.89 -87.40 -10.28
C LEU C 29 32.71 -88.89 -10.02
N HIS C 30 31.47 -89.38 -10.11
CA HIS C 30 31.20 -90.79 -9.82
C HIS C 30 32.18 -91.71 -10.54
N THR C 31 32.16 -91.65 -11.88
CA THR C 31 33.07 -92.47 -12.66
C THR C 31 34.51 -92.01 -12.50
N GLN C 32 34.72 -90.70 -12.43
CA GLN C 32 36.09 -90.17 -12.39
C GLN C 32 36.81 -90.51 -11.10
N LEU C 33 36.06 -90.72 -10.00
CA LEU C 33 36.70 -91.14 -8.75
C LEU C 33 37.52 -92.41 -8.98
N LYS C 34 37.02 -93.31 -9.80
CA LYS C 34 37.70 -94.55 -10.14
C LYS C 34 38.52 -94.47 -11.41
N TYR C 35 38.60 -93.30 -12.06
CA TYR C 35 39.20 -93.23 -13.39
C TYR C 35 40.64 -93.73 -13.40
N GLN C 36 41.43 -93.33 -12.42
CA GLN C 36 42.82 -93.78 -12.38
C GLN C 36 42.88 -95.30 -12.30
N ARG C 37 41.95 -95.91 -11.57
CA ARG C 37 41.87 -97.37 -11.52
C ARG C 37 41.45 -97.94 -12.86
N ILE C 38 40.59 -97.24 -13.60
CA ILE C 38 40.01 -97.81 -14.82
C ILE C 38 41.09 -98.14 -15.83
N LEU C 39 42.09 -97.27 -15.98
CA LEU C 39 43.03 -97.40 -17.09
C LEU C 39 43.71 -98.76 -17.08
N GLU C 40 44.03 -99.29 -15.89
CA GLU C 40 44.62 -100.66 -15.75
C GLU C 40 43.56 -101.73 -16.04
N ARG C 41 42.51 -101.86 -15.22
CA ARG C 41 41.54 -103.01 -15.37
C ARG C 41 40.82 -102.96 -16.74
N LEU C 42 40.37 -101.78 -17.18
CA LEU C 42 39.64 -101.64 -18.48
C LEU C 42 40.57 -102.00 -19.66
N GLU C 43 41.83 -101.54 -19.69
CA GLU C 43 42.72 -101.72 -20.88
C GLU C 43 43.82 -102.78 -20.68
N LYS C 44 44.66 -102.66 -19.63
CA LYS C 44 45.82 -103.59 -19.45
C LYS C 44 45.33 -105.03 -19.23
N GLU C 45 44.31 -105.23 -18.38
CA GLU C 45 43.78 -106.60 -18.09
C GLU C 45 43.17 -107.14 -19.40
N ASN C 46 42.45 -106.32 -20.16
CA ASN C 46 41.74 -106.79 -21.40
C ASN C 46 42.76 -107.30 -22.43
N LYS C 47 43.88 -106.59 -22.61
CA LYS C 47 44.94 -106.99 -23.59
C LYS C 47 45.50 -108.34 -23.14
N GLU C 48 45.76 -108.50 -21.84
CA GLU C 48 46.26 -109.78 -21.24
C GLU C 48 45.18 -110.87 -21.41
N LEU C 49 43.89 -110.54 -21.24
CA LEU C 49 42.78 -111.55 -21.21
C LEU C 49 42.58 -112.21 -22.60
N ARG C 50 42.70 -111.47 -23.71
CA ARG C 50 42.42 -112.05 -25.06
C ARG C 50 43.58 -112.97 -25.47
N LYS C 51 44.83 -112.64 -25.20
CA LYS C 51 46.02 -113.45 -25.41
C LYS C 51 45.87 -114.79 -24.70
N LEU C 52 45.42 -114.75 -23.45
CA LEU C 52 45.17 -116.00 -22.73
C LEU C 52 44.16 -116.85 -23.49
N VAL C 53 43.11 -116.21 -24.01
CA VAL C 53 42.10 -116.96 -24.75
C VAL C 53 42.74 -117.65 -25.94
N LEU C 54 43.72 -117.01 -26.56
CA LEU C 54 44.46 -117.68 -27.62
C LEU C 54 45.39 -118.75 -27.05
N GLN C 55 46.11 -118.41 -25.97
CA GLN C 55 47.02 -119.38 -25.36
C GLN C 55 46.24 -120.57 -24.81
N LYS C 56 45.02 -120.34 -24.34
CA LYS C 56 44.20 -121.45 -23.86
C LYS C 56 43.91 -122.45 -24.96
N ASP C 57 43.93 -122.00 -26.22
CA ASP C 57 43.83 -122.96 -27.33
C ASP C 57 44.99 -123.96 -27.29
N ASP C 58 46.20 -123.46 -27.04
CA ASP C 58 47.36 -124.34 -26.97
C ASP C 58 47.27 -125.31 -25.81
N LYS C 59 46.76 -124.85 -24.66
CA LYS C 59 46.64 -125.68 -23.45
C LYS C 59 48.00 -126.08 -22.89
N GLY C 60 48.86 -125.08 -22.68
CA GLY C 60 50.18 -125.35 -22.13
C GLY C 60 50.11 -125.80 -20.68
N ILE C 61 51.12 -126.58 -20.26
CA ILE C 61 51.19 -127.05 -18.88
C ILE C 61 51.77 -125.96 -17.97
N HIS C 62 51.39 -126.01 -16.69
CA HIS C 62 51.84 -125.04 -15.71
C HIS C 62 53.21 -125.41 -15.16
N HIS C 63 54.10 -124.42 -15.05
CA HIS C 63 55.48 -124.58 -14.58
C HIS C 63 56.33 -125.38 -15.55
N ARG C 64 55.84 -125.64 -16.77
CA ARG C 64 56.64 -126.37 -17.75
C ARG C 64 57.92 -125.63 -18.10
N LYS C 65 57.83 -124.30 -18.25
CA LYS C 65 58.91 -123.46 -18.75
C LYS C 65 58.98 -123.64 -20.26
N LEU C 66 59.94 -122.98 -20.92
CA LEU C 66 60.10 -123.09 -22.36
C LEU C 66 58.78 -122.75 -23.07
N LYS C 67 58.09 -121.73 -22.55
CA LYS C 67 56.76 -121.40 -23.04
C LYS C 67 56.80 -121.01 -24.51
N LYS C 68 57.80 -120.24 -24.92
CA LYS C 68 57.91 -119.76 -26.29
C LYS C 68 59.32 -120.01 -26.80
N SER C 69 59.43 -120.07 -28.13
CA SER C 69 60.75 -120.12 -28.75
C SER C 69 61.51 -118.84 -28.42
N LEU C 70 62.83 -118.98 -28.27
CA LEU C 70 63.64 -117.86 -27.79
C LEU C 70 63.55 -116.66 -28.73
N ILE C 71 63.58 -116.91 -30.04
CA ILE C 71 63.56 -115.82 -31.01
C ILE C 71 62.23 -115.10 -31.02
N ASP C 72 61.12 -115.82 -30.81
CA ASP C 72 59.82 -115.16 -30.73
C ASP C 72 59.87 -114.16 -29.58
N MET C 73 60.59 -114.51 -28.52
CA MET C 73 60.71 -113.63 -27.36
C MET C 73 61.67 -112.47 -27.64
N TYR C 74 62.80 -112.76 -28.30
CA TYR C 74 63.64 -111.68 -28.82
C TYR C 74 62.97 -110.69 -29.75
N SER C 75 61.92 -111.11 -30.45
CA SER C 75 61.13 -110.16 -31.22
C SER C 75 60.51 -109.11 -30.31
N GLU C 76 59.95 -109.54 -29.17
CA GLU C 76 59.44 -108.58 -28.21
C GLU C 76 60.55 -107.71 -27.66
N VAL C 77 61.74 -108.28 -27.48
CA VAL C 77 62.88 -107.50 -27.00
C VAL C 77 63.18 -106.36 -27.98
N LEU C 78 63.29 -106.70 -29.26
CA LEU C 78 63.59 -105.67 -30.26
C LEU C 78 62.44 -104.67 -30.37
N ASP C 79 61.20 -105.16 -30.24
CA ASP C 79 60.05 -104.26 -30.30
C ASP C 79 60.06 -103.26 -29.15
N VAL C 80 60.40 -103.72 -27.95
CA VAL C 80 60.44 -102.80 -26.81
C VAL C 80 61.59 -101.81 -26.94
N LEU C 81 62.74 -102.23 -27.47
CA LEU C 81 63.77 -101.23 -27.75
C LEU C 81 63.30 -100.22 -28.79
N SER C 82 62.61 -100.68 -29.83
CA SER C 82 62.11 -99.77 -30.84
C SER C 82 61.12 -98.78 -30.25
N ASP C 83 60.24 -99.26 -29.38
CA ASP C 83 59.23 -98.40 -28.78
C ASP C 83 59.88 -97.38 -27.85
N TYR C 84 60.82 -97.84 -27.00
CA TYR C 84 61.49 -96.93 -26.08
C TYR C 84 62.22 -95.82 -26.84
N ASP C 85 62.96 -96.19 -27.87
CA ASP C 85 63.69 -95.21 -28.69
C ASP C 85 63.86 -95.79 -30.08
N ALA C 86 63.13 -95.24 -31.05
CA ALA C 86 63.18 -95.74 -32.42
C ALA C 86 64.42 -95.27 -33.17
N SER C 87 65.18 -94.33 -32.62
CA SER C 87 66.38 -93.85 -33.29
C SER C 87 67.44 -94.95 -33.35
N TYR C 88 68.30 -94.86 -34.37
CA TYR C 88 69.38 -95.82 -34.49
C TYR C 88 70.29 -95.83 -33.27
N ASN C 89 70.33 -94.72 -32.52
CA ASN C 89 71.18 -94.66 -31.33
C ASN C 89 70.83 -95.75 -30.33
N THR C 90 69.58 -96.20 -30.33
CA THR C 90 69.15 -97.31 -29.49
C THR C 90 69.02 -98.61 -30.24
N GLN C 91 68.76 -98.56 -31.55
CA GLN C 91 68.76 -99.78 -32.36
C GLN C 91 70.12 -100.44 -32.33
N ASP C 92 71.19 -99.66 -32.22
CA ASP C 92 72.54 -100.19 -32.32
C ASP C 92 72.84 -101.22 -31.23
N HIS C 93 72.05 -101.24 -30.16
CA HIS C 93 72.38 -102.06 -29.00
C HIS C 93 72.23 -103.55 -29.28
N LEU C 94 71.28 -103.94 -30.13
CA LEU C 94 71.00 -105.36 -30.29
C LEU C 94 71.09 -105.81 -31.75
N PRO C 95 71.34 -107.10 -31.97
CA PRO C 95 71.40 -107.62 -33.34
C PRO C 95 70.11 -107.41 -34.13
N ARG C 96 70.28 -107.22 -35.44
CA ARG C 96 69.18 -107.17 -36.39
C ARG C 96 69.65 -107.74 -37.71
N VAL C 97 68.70 -108.06 -38.58
CA VAL C 97 69.00 -108.43 -39.96
C VAL C 97 68.26 -107.45 -40.86
N VAL C 98 69.02 -106.76 -41.71
CA VAL C 98 68.49 -105.77 -42.64
C VAL C 98 68.36 -106.43 -44.01
N VAL C 99 67.21 -106.27 -44.65
CA VAL C 99 66.96 -106.78 -45.99
C VAL C 99 66.86 -105.57 -46.91
N VAL C 100 67.92 -105.28 -47.66
CA VAL C 100 67.96 -104.09 -48.52
C VAL C 100 68.41 -104.52 -49.89
N GLY C 101 67.92 -103.84 -50.93
CA GLY C 101 68.32 -104.17 -52.28
C GLY C 101 67.75 -103.18 -53.27
N ASP C 102 68.09 -103.40 -54.54
CA ASP C 102 67.59 -102.56 -55.62
C ASP C 102 66.06 -102.68 -55.70
N GLN C 103 65.41 -101.62 -56.17
CA GLN C 103 63.97 -101.64 -56.31
C GLN C 103 63.53 -102.82 -57.16
N SER C 104 62.54 -103.55 -56.66
CA SER C 104 61.89 -104.63 -57.41
C SER C 104 62.92 -105.65 -57.89
N ALA C 105 63.94 -105.89 -57.08
CA ALA C 105 64.95 -106.89 -57.39
C ALA C 105 64.58 -108.28 -56.90
N GLY C 106 63.43 -108.43 -56.25
CA GLY C 106 63.06 -109.71 -55.64
C GLY C 106 63.47 -109.87 -54.20
N LYS C 107 63.98 -108.81 -53.56
CA LYS C 107 64.39 -108.91 -52.17
C LYS C 107 63.23 -109.30 -51.27
N THR C 108 62.02 -108.80 -51.56
CA THR C 108 60.85 -109.25 -50.80
C THR C 108 60.63 -110.74 -50.98
N SER C 109 60.86 -111.25 -52.19
CA SER C 109 60.79 -112.69 -52.40
C SER C 109 61.89 -113.42 -51.65
N VAL C 110 63.08 -112.83 -51.54
CA VAL C 110 64.14 -113.44 -50.74
C VAL C 110 63.68 -113.59 -49.30
N LEU C 111 63.14 -112.52 -48.72
CA LEU C 111 62.66 -112.59 -47.34
C LEU C 111 61.54 -113.60 -47.19
N GLU C 112 60.59 -113.60 -48.13
CA GLU C 112 59.45 -114.49 -48.02
C GLU C 112 59.88 -115.95 -48.13
N MET C 113 60.82 -116.24 -49.03
CA MET C 113 61.35 -117.60 -49.14
C MET C 113 62.07 -118.01 -47.88
N ILE C 114 62.83 -117.09 -47.27
CA ILE C 114 63.43 -117.40 -45.97
C ILE C 114 62.34 -117.66 -44.95
N ALA C 115 61.25 -116.88 -45.01
CA ALA C 115 60.11 -117.09 -44.12
C ALA C 115 59.26 -118.27 -44.53
N GLN C 116 59.49 -118.84 -45.72
CA GLN C 116 58.77 -120.04 -46.18
C GLN C 116 57.28 -119.77 -46.38
N ALA C 117 56.94 -118.56 -46.80
CA ALA C 117 55.56 -118.23 -47.13
C ALA C 117 55.49 -116.87 -47.81
N ARG C 118 54.46 -116.68 -48.62
CA ARG C 118 54.19 -115.38 -49.25
C ARG C 118 53.42 -114.52 -48.25
N ILE C 119 54.18 -113.92 -47.34
CA ILE C 119 53.60 -113.22 -46.20
C ILE C 119 53.38 -111.74 -46.49
N PHE C 120 54.17 -111.13 -47.44
CA PHE C 120 54.05 -109.69 -47.66
C PHE C 120 53.26 -109.39 -48.92
N PRO C 121 52.49 -108.30 -48.92
CA PRO C 121 51.72 -107.94 -50.12
C PRO C 121 52.62 -107.53 -51.27
N ARG C 122 52.17 -107.86 -52.48
CA ARG C 122 52.88 -107.51 -53.71
C ARG C 122 51.89 -106.97 -54.73
N GLY C 123 50.99 -106.10 -54.26
CA GLY C 123 49.90 -105.65 -55.13
C GLY C 123 50.38 -104.94 -56.38
N SER C 124 51.42 -104.10 -56.25
CA SER C 124 51.96 -103.35 -57.36
C SER C 124 53.48 -103.43 -57.34
N GLY C 125 54.09 -103.04 -58.45
CA GLY C 125 55.53 -103.08 -58.60
C GLY C 125 56.24 -101.75 -58.45
N GLU C 126 55.54 -100.67 -58.10
CA GLU C 126 56.18 -99.38 -57.96
C GLU C 126 56.15 -98.87 -56.53
N MET C 127 54.95 -98.72 -55.97
CA MET C 127 54.84 -98.15 -54.62
C MET C 127 54.90 -99.24 -53.55
N MET C 128 54.54 -100.47 -53.90
CA MET C 128 54.49 -101.56 -52.91
C MET C 128 55.87 -102.15 -52.65
N THR C 129 56.88 -101.76 -53.43
CA THR C 129 58.25 -102.24 -53.25
C THR C 129 59.16 -101.19 -52.62
N ARG C 130 58.61 -100.07 -52.16
CA ARG C 130 59.39 -98.98 -51.61
C ARG C 130 58.88 -98.57 -50.22
N SER C 131 58.43 -99.55 -49.43
CA SER C 131 57.95 -99.30 -48.08
C SER C 131 58.39 -100.43 -47.16
N PRO C 132 58.62 -100.14 -45.88
CA PRO C 132 59.19 -101.15 -44.98
C PRO C 132 58.17 -102.10 -44.35
N VAL C 133 58.63 -103.32 -44.10
CA VAL C 133 57.95 -104.27 -43.21
C VAL C 133 59.02 -104.90 -42.33
N LYS C 134 58.61 -105.42 -41.17
CA LYS C 134 59.49 -106.22 -40.33
C LYS C 134 58.82 -107.54 -39.97
N VAL C 135 59.57 -108.63 -40.06
CA VAL C 135 59.06 -109.96 -39.73
C VAL C 135 60.09 -110.71 -38.89
N THR C 136 59.64 -111.28 -37.78
CA THR C 136 60.46 -112.22 -37.04
C THR C 136 60.27 -113.64 -37.58
N LEU C 137 61.33 -114.42 -37.50
CA LEU C 137 61.36 -115.80 -37.98
C LEU C 137 61.68 -116.71 -36.80
N SER C 138 60.82 -117.71 -36.59
CA SER C 138 60.92 -118.59 -35.43
C SER C 138 60.64 -120.03 -35.83
N GLU C 139 61.27 -120.95 -35.09
CA GLU C 139 60.96 -122.36 -35.22
C GLU C 139 59.55 -122.65 -34.74
N GLY C 140 58.91 -123.63 -35.36
CA GLY C 140 57.60 -124.05 -34.95
C GLY C 140 57.23 -125.43 -35.45
N PRO C 141 56.18 -126.02 -34.87
CA PRO C 141 55.64 -127.27 -35.42
C PRO C 141 54.65 -127.08 -36.55
N HIS C 142 54.22 -125.84 -36.80
CA HIS C 142 53.26 -125.54 -37.84
C HIS C 142 53.51 -124.13 -38.34
N HIS C 143 53.31 -123.92 -39.64
CA HIS C 143 53.60 -122.64 -40.27
C HIS C 143 52.45 -121.69 -39.99
N VAL C 144 52.63 -120.80 -39.00
CA VAL C 144 51.57 -119.91 -38.55
C VAL C 144 52.15 -118.53 -38.26
N ALA C 145 51.35 -117.49 -38.51
CA ALA C 145 51.79 -116.11 -38.34
C ALA C 145 50.84 -115.37 -37.41
N LEU C 146 51.40 -114.43 -36.65
CA LEU C 146 50.64 -113.65 -35.69
C LEU C 146 51.23 -112.24 -35.61
N PHE C 147 50.36 -111.24 -35.60
CA PHE C 147 50.80 -109.86 -35.49
C PHE C 147 51.02 -109.45 -34.04
N LYS C 148 51.85 -108.43 -33.86
CA LYS C 148 51.99 -107.79 -32.55
C LYS C 148 50.64 -107.29 -32.04
N ASP C 149 49.84 -106.70 -32.93
CA ASP C 149 48.64 -105.96 -32.54
C ASP C 149 47.35 -106.68 -32.94
N SER C 150 47.39 -108.00 -33.10
CA SER C 150 46.19 -108.74 -33.48
C SER C 150 46.21 -110.11 -32.81
N SER C 151 45.02 -110.58 -32.42
CA SER C 151 44.86 -111.90 -31.84
C SER C 151 44.68 -112.99 -32.89
N ARG C 152 44.53 -112.64 -34.16
CA ARG C 152 44.29 -113.62 -35.20
C ARG C 152 45.58 -114.33 -35.58
N GLU C 153 45.51 -115.66 -35.68
CA GLU C 153 46.59 -116.47 -36.22
C GLU C 153 46.28 -116.81 -37.66
N PHE C 154 47.31 -116.78 -38.52
CA PHE C 154 47.15 -116.98 -39.95
C PHE C 154 47.80 -118.29 -40.35
N ASP C 155 47.04 -119.13 -41.05
CA ASP C 155 47.56 -120.40 -41.57
C ASP C 155 48.38 -120.08 -42.83
N LEU C 156 49.68 -120.39 -42.78
CA LEU C 156 50.58 -120.03 -43.86
C LEU C 156 50.59 -121.04 -44.99
N THR C 157 49.80 -122.10 -44.92
CA THR C 157 49.70 -123.08 -45.98
C THR C 157 48.42 -122.93 -46.80
N LYS C 158 47.60 -121.93 -46.51
CA LYS C 158 46.33 -121.72 -47.21
C LYS C 158 46.32 -120.31 -47.80
N GLU C 159 45.68 -120.19 -48.97
CA GLU C 159 45.70 -118.91 -49.67
C GLU C 159 44.89 -117.85 -48.94
N GLU C 160 43.79 -118.25 -48.29
CA GLU C 160 42.92 -117.27 -47.64
C GLU C 160 43.64 -116.54 -46.52
N ASP C 161 44.33 -117.28 -45.65
CA ASP C 161 44.98 -116.67 -44.50
C ASP C 161 46.21 -115.88 -44.92
N LEU C 162 46.96 -116.38 -45.91
CA LEU C 162 48.08 -115.61 -46.45
C LEU C 162 47.58 -114.32 -47.08
N ALA C 163 46.45 -114.37 -47.78
CA ALA C 163 45.88 -113.18 -48.38
C ALA C 163 45.45 -112.17 -47.31
N ALA C 164 44.83 -112.65 -46.24
CA ALA C 164 44.45 -111.75 -45.14
C ALA C 164 45.68 -111.15 -44.47
N LEU C 165 46.73 -111.96 -44.32
CA LEU C 165 47.98 -111.48 -43.73
C LEU C 165 48.60 -110.39 -44.59
N ARG C 166 48.70 -110.64 -45.90
CA ARG C 166 49.19 -109.64 -46.83
C ARG C 166 48.30 -108.41 -46.81
N HIS C 167 46.99 -108.61 -46.63
CA HIS C 167 46.06 -107.49 -46.61
C HIS C 167 46.29 -106.59 -45.40
N GLU C 168 46.47 -107.18 -44.23
CA GLU C 168 46.76 -106.38 -43.05
C GLU C 168 48.07 -105.62 -43.23
N ILE C 169 49.10 -106.31 -43.70
CA ILE C 169 50.36 -105.61 -43.93
C ILE C 169 50.14 -104.47 -44.92
N GLU C 170 49.45 -104.75 -46.03
CA GLU C 170 49.21 -103.73 -47.06
C GLU C 170 48.46 -102.54 -46.49
N LEU C 171 47.43 -102.79 -45.67
CA LEU C 171 46.69 -101.69 -45.05
C LEU C 171 47.64 -100.80 -44.27
N ARG C 172 48.64 -101.40 -43.63
CA ARG C 172 49.63 -100.56 -42.94
C ARG C 172 50.63 -99.95 -43.94
N MET C 173 50.94 -100.66 -45.03
CA MET C 173 52.00 -100.26 -45.95
C MET C 173 51.63 -99.05 -46.77
N ARG C 174 50.41 -99.01 -47.29
CA ARG C 174 50.02 -97.98 -48.25
C ARG C 174 49.64 -96.68 -47.55
N LYS C 175 49.71 -96.67 -46.22
CA LYS C 175 49.42 -95.48 -45.43
C LYS C 175 50.67 -94.91 -44.77
N ASN C 176 51.66 -95.75 -44.47
CA ASN C 176 52.90 -95.31 -43.83
C ASN C 176 53.86 -94.73 -44.86
N VAL C 177 53.38 -93.71 -45.57
CA VAL C 177 54.12 -93.08 -46.65
C VAL C 177 53.73 -91.61 -46.72
N LYS C 178 54.73 -90.76 -46.88
CA LYS C 178 54.45 -89.35 -47.10
C LYS C 178 53.75 -89.16 -48.44
N GLU C 179 52.77 -88.26 -48.47
CA GLU C 179 51.98 -88.06 -49.67
C GLU C 179 52.87 -87.57 -50.81
N GLY C 180 52.76 -88.22 -51.95
CA GLY C 180 53.64 -87.95 -53.09
C GLY C 180 54.95 -88.69 -52.98
N CYS C 181 55.60 -88.60 -51.82
CA CYS C 181 56.84 -89.34 -51.60
C CYS C 181 56.62 -90.84 -51.73
N THR C 182 55.52 -91.34 -51.15
CA THR C 182 55.20 -92.76 -51.14
C THR C 182 56.24 -93.57 -50.37
N VAL C 183 57.06 -92.89 -49.56
CA VAL C 183 58.10 -93.54 -48.78
C VAL C 183 58.24 -92.83 -47.43
N SER C 184 57.98 -93.55 -46.35
CA SER C 184 58.15 -93.02 -45.01
C SER C 184 58.61 -94.14 -44.08
N PRO C 185 59.46 -93.83 -43.09
CA PRO C 185 59.81 -94.85 -42.10
C PRO C 185 58.67 -95.12 -41.15
N GLU C 186 58.46 -96.39 -40.85
CA GLU C 186 57.45 -96.82 -39.89
C GLU C 186 57.65 -98.29 -39.61
N THR C 187 57.06 -98.77 -38.51
CA THR C 187 57.27 -100.11 -38.01
C THR C 187 56.00 -100.94 -38.19
N ILE C 188 56.15 -102.09 -38.85
CA ILE C 188 55.12 -103.12 -38.92
C ILE C 188 55.76 -104.41 -38.48
N SER C 189 55.19 -105.05 -37.45
CA SER C 189 55.83 -106.18 -36.78
C SER C 189 54.94 -107.41 -36.87
N LEU C 190 55.43 -108.42 -37.58
CA LEU C 190 54.77 -109.70 -37.72
C LEU C 190 55.70 -110.81 -37.25
N ASN C 191 55.15 -111.80 -36.54
CA ASN C 191 55.91 -112.97 -36.11
C ASN C 191 55.47 -114.16 -36.95
N VAL C 192 56.41 -114.71 -37.72
CA VAL C 192 56.16 -115.84 -38.60
C VAL C 192 56.88 -117.06 -38.02
N LYS C 193 56.15 -118.16 -37.87
CA LYS C 193 56.63 -119.36 -37.20
C LYS C 193 56.43 -120.55 -38.14
N GLY C 194 57.26 -121.58 -37.97
CA GLY C 194 57.06 -122.82 -38.69
C GLY C 194 58.28 -123.72 -38.72
N PRO C 195 58.06 -125.00 -39.06
CA PRO C 195 59.19 -125.93 -39.18
C PRO C 195 60.22 -125.45 -40.20
N GLY C 196 61.49 -125.65 -39.86
CA GLY C 196 62.58 -125.30 -40.75
C GLY C 196 62.97 -123.85 -40.73
N LEU C 197 62.19 -123.00 -40.05
CA LEU C 197 62.46 -121.58 -40.01
C LEU C 197 63.44 -121.25 -38.90
N GLN C 198 64.37 -120.35 -39.18
CA GLN C 198 65.46 -120.06 -38.26
C GLN C 198 65.15 -118.99 -37.21
N ARG C 199 66.12 -118.79 -36.32
CA ARG C 199 66.04 -117.78 -35.26
C ARG C 199 66.57 -116.41 -35.69
N MET C 200 65.74 -115.67 -36.43
CA MET C 200 66.13 -114.37 -37.00
C MET C 200 65.11 -113.27 -36.81
N VAL C 201 65.43 -112.03 -37.18
CA VAL C 201 64.48 -110.92 -37.28
C VAL C 201 64.88 -110.06 -38.48
N LEU C 202 64.11 -110.11 -39.56
CA LEU C 202 64.47 -109.46 -40.80
C LEU C 202 63.61 -108.22 -41.04
N VAL C 203 64.25 -107.14 -41.48
CA VAL C 203 63.57 -105.89 -41.82
C VAL C 203 63.70 -105.67 -43.32
N ASP C 204 62.58 -105.73 -44.02
CA ASP C 204 62.51 -105.36 -45.44
C ASP C 204 62.36 -103.84 -45.53
N LEU C 205 63.32 -103.19 -46.17
CA LEU C 205 63.36 -101.74 -46.28
C LEU C 205 63.05 -101.29 -47.70
N PRO C 206 62.55 -100.05 -47.88
CA PRO C 206 62.16 -99.58 -49.22
C PRO C 206 63.22 -99.87 -50.28
N GLY C 207 62.75 -100.31 -51.45
CA GLY C 207 63.67 -100.57 -52.54
C GLY C 207 64.48 -99.33 -52.89
N VAL C 208 65.73 -99.54 -53.26
CA VAL C 208 66.65 -98.44 -53.52
C VAL C 208 66.51 -98.01 -54.98
N ILE C 209 66.59 -96.71 -55.22
CA ILE C 209 66.50 -96.15 -56.56
C ILE C 209 67.67 -95.20 -56.79
N ASN C 210 68.00 -95.00 -58.07
CA ASN C 210 69.02 -94.04 -58.47
C ASN C 210 68.46 -92.84 -59.23
N THR C 211 67.28 -92.98 -59.85
CA THR C 211 66.66 -91.91 -60.61
C THR C 211 65.20 -91.78 -60.19
N VAL C 212 64.61 -90.63 -60.54
CA VAL C 212 63.22 -90.32 -60.23
C VAL C 212 62.51 -89.98 -61.53
N THR C 213 61.25 -90.39 -61.63
CA THR C 213 60.42 -90.21 -62.81
C THR C 213 59.20 -89.35 -62.46
N SER C 214 58.36 -89.12 -63.47
CA SER C 214 57.22 -88.22 -63.32
C SER C 214 56.16 -88.77 -62.37
N GLY C 215 56.13 -90.08 -62.15
CA GLY C 215 55.20 -90.70 -61.24
C GLY C 215 55.64 -90.71 -59.81
N MET C 216 56.80 -90.12 -59.50
CA MET C 216 57.34 -90.14 -58.16
C MET C 216 57.91 -88.76 -57.84
N ALA C 217 58.00 -88.47 -56.55
CA ALA C 217 58.55 -87.19 -56.11
C ALA C 217 60.06 -87.18 -56.27
N PRO C 218 60.66 -86.01 -56.54
CA PRO C 218 62.14 -85.96 -56.59
C PRO C 218 62.79 -86.32 -55.28
N ASP C 219 62.16 -85.96 -54.16
CA ASP C 219 62.71 -86.29 -52.85
C ASP C 219 62.70 -87.79 -52.57
N THR C 220 61.91 -88.56 -53.32
CA THR C 220 61.78 -89.98 -53.03
C THR C 220 63.14 -90.67 -52.99
N LYS C 221 64.06 -90.26 -53.87
CA LYS C 221 65.36 -90.89 -53.90
C LYS C 221 66.08 -90.71 -52.56
N GLU C 222 66.02 -89.51 -51.99
CA GLU C 222 66.73 -89.24 -50.74
C GLU C 222 66.04 -89.90 -49.55
N THR C 223 64.71 -89.83 -49.48
CA THR C 223 64.00 -90.39 -48.34
C THR C 223 64.32 -91.87 -48.19
N ILE C 224 64.31 -92.61 -49.30
CA ILE C 224 64.65 -94.03 -49.24
C ILE C 224 66.01 -94.19 -48.59
N PHE C 225 66.99 -93.41 -49.05
CA PHE C 225 68.33 -93.52 -48.49
C PHE C 225 68.29 -93.29 -46.99
N SER C 226 67.54 -92.28 -46.56
CA SER C 226 67.46 -91.97 -45.13
C SER C 226 66.93 -93.16 -44.35
N ILE C 227 65.90 -93.82 -44.88
CA ILE C 227 65.41 -95.04 -44.24
C ILE C 227 66.46 -96.13 -44.38
N SER C 228 67.02 -96.28 -45.59
CA SER C 228 67.95 -97.36 -45.84
C SER C 228 69.16 -97.26 -44.94
N LYS C 229 69.64 -96.04 -44.73
CA LYS C 229 70.80 -95.82 -43.89
C LYS C 229 70.47 -96.03 -42.40
N ALA C 230 69.20 -95.84 -42.02
CA ALA C 230 68.85 -95.87 -40.59
C ALA C 230 69.14 -97.23 -39.96
N TYR C 231 68.63 -98.33 -40.56
CA TYR C 231 68.85 -99.66 -39.98
C TYR C 231 70.22 -100.24 -40.34
N MET C 232 70.81 -99.85 -41.48
CA MET C 232 72.19 -100.24 -41.79
C MET C 232 73.18 -99.73 -40.75
N GLN C 233 72.88 -98.60 -40.09
CA GLN C 233 73.86 -98.04 -39.18
C GLN C 233 74.17 -99.00 -38.03
N ASN C 234 73.22 -99.85 -37.67
CA ASN C 234 73.39 -100.80 -36.59
C ASN C 234 74.67 -101.59 -36.80
N PRO C 235 75.69 -101.42 -35.95
CA PRO C 235 76.91 -102.24 -36.09
C PRO C 235 76.67 -103.70 -35.80
N ASN C 236 75.57 -104.06 -35.15
CA ASN C 236 75.22 -105.44 -34.87
C ASN C 236 74.21 -105.99 -35.87
N ALA C 237 74.06 -105.34 -37.02
CA ALA C 237 73.15 -105.82 -38.03
C ALA C 237 73.90 -106.65 -39.07
N ILE C 238 73.22 -107.67 -39.58
CA ILE C 238 73.65 -108.39 -40.78
C ILE C 238 72.89 -107.79 -41.94
N ILE C 239 73.59 -107.19 -42.88
CA ILE C 239 72.98 -106.42 -43.96
C ILE C 239 72.99 -107.29 -45.22
N LEU C 240 71.80 -107.66 -45.68
CA LEU C 240 71.65 -108.42 -46.92
C LEU C 240 71.50 -107.43 -48.05
N CYS C 241 72.58 -107.24 -48.81
CA CYS C 241 72.62 -106.38 -49.97
C CYS C 241 72.19 -107.22 -51.16
N ILE C 242 70.96 -106.99 -51.62
CA ILE C 242 70.28 -107.85 -52.56
C ILE C 242 70.26 -107.12 -53.90
N GLN C 243 70.90 -107.71 -54.89
CA GLN C 243 71.09 -107.07 -56.19
C GLN C 243 70.43 -107.89 -57.27
N ASP C 244 69.86 -107.17 -58.24
CA ASP C 244 69.18 -107.78 -59.38
C ASP C 244 70.25 -108.35 -60.31
N GLY C 245 70.27 -109.68 -60.44
CA GLY C 245 71.28 -110.33 -61.24
C GLY C 245 71.19 -110.08 -62.73
N SER C 246 70.09 -109.48 -63.19
CA SER C 246 69.91 -109.22 -64.61
C SER C 246 70.64 -107.97 -65.08
N VAL C 247 71.19 -107.17 -64.17
CA VAL C 247 71.91 -105.96 -64.51
C VAL C 247 73.33 -106.07 -64.00
N ASP C 248 74.21 -105.22 -64.54
CA ASP C 248 75.62 -105.27 -64.20
C ASP C 248 75.82 -105.04 -62.70
N ALA C 249 76.74 -105.80 -62.12
CA ALA C 249 77.10 -105.59 -60.73
C ALA C 249 77.70 -104.21 -60.51
N GLU C 250 78.44 -103.70 -61.51
CA GLU C 250 79.02 -102.37 -61.40
C GLU C 250 77.95 -101.29 -61.32
N ARG C 251 76.72 -101.60 -61.71
CA ARG C 251 75.64 -100.62 -61.74
C ARG C 251 74.71 -100.75 -60.54
N SER C 252 75.08 -101.56 -59.54
CA SER C 252 74.24 -101.71 -58.36
C SER C 252 74.04 -100.35 -57.69
N ILE C 253 72.80 -100.10 -57.27
CA ILE C 253 72.45 -98.85 -56.61
C ILE C 253 72.55 -98.99 -55.10
N VAL C 254 72.10 -100.13 -54.57
CA VAL C 254 72.13 -100.36 -53.13
C VAL C 254 73.56 -100.37 -52.60
N THR C 255 74.51 -100.86 -53.40
CA THR C 255 75.89 -100.94 -52.93
C THR C 255 76.39 -99.57 -52.49
N ASP C 256 76.12 -98.54 -53.29
CA ASP C 256 76.62 -97.21 -52.97
C ASP C 256 76.05 -96.67 -51.67
N LEU C 257 74.98 -97.29 -51.16
CA LEU C 257 74.47 -96.99 -49.83
C LEU C 257 75.10 -97.85 -48.75
N VAL C 258 75.29 -99.14 -49.03
CA VAL C 258 75.89 -100.04 -48.04
C VAL C 258 77.30 -99.58 -47.70
N SER C 259 78.04 -99.12 -48.70
CA SER C 259 79.39 -98.63 -48.47
C SER C 259 79.42 -97.40 -47.58
N GLN C 260 78.28 -96.72 -47.37
CA GLN C 260 78.24 -95.60 -46.44
C GLN C 260 78.09 -96.04 -44.98
N MET C 261 77.70 -97.29 -44.75
CA MET C 261 77.63 -97.84 -43.40
C MET C 261 78.67 -98.92 -43.16
N ASP C 262 79.12 -99.60 -44.21
CA ASP C 262 80.17 -100.61 -44.11
C ASP C 262 81.05 -100.47 -45.34
N PRO C 263 82.00 -99.55 -45.32
CA PRO C 263 82.75 -99.25 -46.56
C PRO C 263 83.42 -100.46 -47.19
N HIS C 264 83.68 -101.52 -46.43
CA HIS C 264 84.35 -102.71 -46.93
C HIS C 264 83.48 -103.96 -46.84
N GLY C 265 82.20 -103.82 -46.46
CA GLY C 265 81.33 -104.98 -46.40
C GLY C 265 81.64 -105.95 -45.29
N ARG C 266 82.24 -105.49 -44.20
CA ARG C 266 82.64 -106.40 -43.13
C ARG C 266 81.45 -107.17 -42.55
N ARG C 267 80.32 -106.48 -42.32
CA ARG C 267 79.16 -107.11 -41.71
C ARG C 267 78.04 -107.33 -42.71
N THR C 268 78.35 -107.37 -44.00
CA THR C 268 77.36 -107.46 -45.05
C THR C 268 77.45 -108.80 -45.77
N ILE C 269 76.35 -109.16 -46.42
CA ILE C 269 76.25 -110.36 -47.24
C ILE C 269 75.67 -109.97 -48.58
N PHE C 270 76.17 -110.58 -49.65
CA PHE C 270 75.70 -110.31 -51.00
C PHE C 270 74.65 -111.35 -51.39
N VAL C 271 73.54 -110.89 -51.97
CA VAL C 271 72.49 -111.76 -52.45
C VAL C 271 72.27 -111.45 -53.93
N LEU C 272 72.31 -112.48 -54.76
CA LEU C 272 72.10 -112.37 -56.20
C LEU C 272 70.70 -112.89 -56.51
N THR C 273 69.83 -112.00 -57.00
CA THR C 273 68.46 -112.37 -57.29
C THR C 273 68.27 -112.62 -58.78
N LYS C 274 67.12 -113.24 -59.11
CA LYS C 274 66.74 -113.49 -60.50
C LYS C 274 67.81 -114.30 -61.21
N VAL C 275 68.35 -115.31 -60.53
CA VAL C 275 69.43 -116.11 -61.09
C VAL C 275 68.96 -116.89 -62.31
N ASP C 276 67.72 -117.34 -62.30
CA ASP C 276 67.16 -118.11 -63.41
C ASP C 276 66.62 -117.23 -64.52
N LEU C 277 66.66 -115.91 -64.35
CA LEU C 277 66.34 -114.96 -65.41
C LEU C 277 67.57 -114.27 -65.97
N ALA C 278 68.62 -114.08 -65.17
CA ALA C 278 69.86 -113.47 -65.62
C ALA C 278 70.78 -114.52 -66.23
N GLU C 279 70.33 -115.09 -67.35
CA GLU C 279 71.09 -116.16 -68.00
C GLU C 279 72.48 -115.70 -68.40
N LYS C 280 72.63 -114.43 -68.78
CA LYS C 280 73.92 -113.94 -69.25
C LYS C 280 75.00 -114.08 -68.19
N ASN C 281 74.63 -114.13 -66.92
CA ASN C 281 75.58 -114.25 -65.82
C ASN C 281 75.70 -115.69 -65.31
N VAL C 282 74.58 -116.30 -64.91
CA VAL C 282 74.62 -117.62 -64.30
C VAL C 282 75.24 -118.65 -65.25
N ALA C 283 75.30 -118.35 -66.54
CA ALA C 283 75.89 -119.25 -67.52
C ALA C 283 77.34 -118.92 -67.84
N SER C 284 77.94 -117.94 -67.17
CA SER C 284 79.29 -117.51 -67.51
C SER C 284 80.14 -117.33 -66.26
N PRO C 285 81.18 -118.15 -66.06
CA PRO C 285 82.03 -117.97 -64.87
C PRO C 285 82.65 -116.58 -64.77
N SER C 286 83.00 -115.95 -65.90
CA SER C 286 83.76 -114.71 -65.88
C SER C 286 83.04 -113.60 -65.14
N ARG C 287 81.73 -113.71 -64.96
CA ARG C 287 80.94 -112.75 -64.20
C ARG C 287 80.60 -113.28 -62.82
N ILE C 288 80.19 -114.55 -62.75
CA ILE C 288 79.65 -115.11 -61.52
C ILE C 288 80.75 -115.29 -60.48
N GLN C 289 81.95 -115.75 -60.89
CA GLN C 289 82.96 -116.00 -59.89
C GLN C 289 83.42 -114.69 -59.24
N GLN C 290 83.49 -113.61 -60.03
CA GLN C 290 83.79 -112.31 -59.45
C GLN C 290 82.65 -111.82 -58.57
N ILE C 291 81.40 -112.02 -59.01
CA ILE C 291 80.27 -111.46 -58.26
C ILE C 291 80.11 -112.19 -56.93
N ILE C 292 80.35 -113.50 -56.92
CA ILE C 292 80.10 -114.32 -55.74
C ILE C 292 81.33 -114.47 -54.85
N GLU C 293 82.54 -114.26 -55.38
CA GLU C 293 83.73 -114.36 -54.54
C GLU C 293 84.03 -113.05 -53.82
N GLY C 294 83.58 -111.93 -54.37
CA GLY C 294 83.83 -110.63 -53.77
C GLY C 294 84.89 -109.83 -54.51
N LYS C 295 85.08 -110.15 -55.79
CA LYS C 295 86.03 -109.43 -56.63
C LYS C 295 85.36 -108.39 -57.52
N LEU C 296 84.09 -108.58 -57.86
CA LEU C 296 83.36 -107.63 -58.68
C LEU C 296 82.82 -106.46 -57.88
N PHE C 297 82.85 -106.55 -56.55
CA PHE C 297 82.33 -105.53 -55.66
C PHE C 297 83.44 -104.95 -54.80
N PRO C 298 83.28 -103.71 -54.31
CA PRO C 298 84.16 -103.23 -53.24
C PRO C 298 83.91 -103.92 -51.91
N MET C 299 82.83 -104.69 -51.80
CA MET C 299 82.38 -105.28 -50.54
C MET C 299 83.00 -106.65 -50.32
N LYS C 300 83.60 -106.85 -49.16
CA LYS C 300 84.18 -108.12 -48.75
C LYS C 300 83.24 -108.69 -47.67
N ALA C 301 82.27 -109.48 -48.11
CA ALA C 301 81.11 -109.81 -47.31
C ALA C 301 81.38 -110.93 -46.30
N LEU C 302 80.44 -111.08 -45.37
CA LEU C 302 80.36 -112.28 -44.55
C LEU C 302 80.08 -113.52 -45.38
N GLY C 303 79.52 -113.36 -46.57
CA GLY C 303 79.20 -114.48 -47.42
C GLY C 303 78.52 -113.97 -48.68
N TYR C 304 78.36 -114.88 -49.64
CA TYR C 304 77.78 -114.56 -50.93
C TYR C 304 76.81 -115.67 -51.31
N PHE C 305 75.59 -115.31 -51.71
CA PHE C 305 74.56 -116.30 -51.97
C PHE C 305 73.75 -115.94 -53.20
N ALA C 306 73.25 -116.97 -53.88
CA ALA C 306 72.42 -116.84 -55.08
C ALA C 306 71.07 -117.48 -54.84
N VAL C 307 70.00 -116.80 -55.26
CA VAL C 307 68.63 -117.25 -55.00
C VAL C 307 67.76 -117.01 -56.23
N VAL C 308 66.65 -117.77 -56.27
CA VAL C 308 65.61 -117.59 -57.29
C VAL C 308 64.43 -116.90 -56.63
N THR C 309 64.04 -115.74 -57.17
CA THR C 309 63.01 -114.91 -56.56
C THR C 309 61.69 -114.91 -57.33
N GLY C 310 61.56 -115.73 -58.37
CA GLY C 310 60.35 -115.72 -59.17
C GLY C 310 60.60 -115.35 -60.62
N LYS C 311 59.81 -115.94 -61.52
CA LYS C 311 60.05 -115.83 -62.96
C LYS C 311 59.29 -114.63 -63.54
N GLY C 312 59.51 -113.48 -62.92
CA GLY C 312 58.87 -112.25 -63.36
C GLY C 312 57.46 -112.06 -62.85
N ASN C 313 56.92 -113.01 -62.10
CA ASN C 313 55.56 -112.94 -61.57
C ASN C 313 55.65 -112.48 -60.11
N SER C 314 55.19 -111.26 -59.86
CA SER C 314 55.26 -110.69 -58.51
C SER C 314 54.36 -111.41 -57.52
N SER C 315 53.40 -112.20 -57.99
CA SER C 315 52.44 -112.87 -57.13
C SER C 315 52.62 -114.39 -57.11
N GLU C 316 53.74 -114.89 -57.63
CA GLU C 316 53.96 -116.33 -57.68
C GLU C 316 54.12 -116.90 -56.28
N SER C 317 53.61 -118.11 -56.08
CA SER C 317 53.66 -118.72 -54.76
C SER C 317 55.09 -119.00 -54.34
N ILE C 318 55.37 -118.79 -53.05
CA ILE C 318 56.73 -119.00 -52.54
C ILE C 318 57.12 -120.46 -52.60
N GLU C 319 56.18 -121.37 -52.35
CA GLU C 319 56.50 -122.80 -52.38
C GLU C 319 56.96 -123.22 -53.76
N ALA C 320 56.24 -122.80 -54.80
CA ALA C 320 56.66 -123.10 -56.15
C ALA C 320 58.00 -122.46 -56.46
N ILE C 321 58.22 -121.24 -55.96
CA ILE C 321 59.48 -120.56 -56.21
C ILE C 321 60.64 -121.34 -55.59
N ARG C 322 60.45 -121.88 -54.39
CA ARG C 322 61.52 -122.65 -53.74
C ARG C 322 61.75 -123.97 -54.47
N GLU C 323 60.68 -124.64 -54.90
CA GLU C 323 60.88 -125.87 -55.67
C GLU C 323 61.65 -125.59 -56.94
N TYR C 324 61.28 -124.51 -57.64
CA TYR C 324 61.98 -124.13 -58.86
C TYR C 324 63.40 -123.69 -58.57
N GLU C 325 63.64 -123.07 -57.41
CA GLU C 325 65.01 -122.71 -57.02
C GLU C 325 65.88 -123.94 -56.87
N GLU C 326 65.37 -124.96 -56.17
CA GLU C 326 66.15 -126.18 -56.00
C GLU C 326 66.39 -126.87 -57.34
N GLU C 327 65.38 -126.86 -58.21
CA GLU C 327 65.55 -127.49 -59.52
C GLU C 327 66.53 -126.72 -60.41
N PHE C 328 66.50 -125.38 -60.35
CA PHE C 328 67.24 -124.56 -61.30
C PHE C 328 68.74 -124.77 -61.17
N PHE C 329 69.27 -124.69 -59.96
CA PHE C 329 70.72 -124.77 -59.78
C PHE C 329 71.25 -126.10 -60.29
N GLN C 330 70.50 -127.19 -60.07
CA GLN C 330 70.86 -128.47 -60.67
C GLN C 330 70.79 -128.40 -62.19
N ASN C 331 69.75 -127.77 -62.73
CA ASN C 331 69.64 -127.64 -64.18
C ASN C 331 70.74 -126.76 -64.74
N SER C 332 71.09 -125.68 -64.04
CA SER C 332 71.97 -124.68 -64.59
C SER C 332 73.41 -125.18 -64.72
N LYS C 333 74.17 -124.51 -65.60
CA LYS C 333 75.59 -124.77 -65.75
C LYS C 333 76.35 -124.52 -64.44
N LEU C 334 75.81 -123.65 -63.58
CA LEU C 334 76.59 -123.08 -62.50
C LEU C 334 77.14 -124.14 -61.55
N LEU C 335 76.34 -125.16 -61.22
CA LEU C 335 76.82 -126.20 -60.32
C LEU C 335 77.89 -127.06 -60.99
N LYS C 336 77.72 -127.35 -62.28
CA LYS C 336 78.64 -128.25 -62.97
C LYS C 336 80.03 -127.63 -63.10
N THR C 337 80.11 -126.34 -63.41
CA THR C 337 81.38 -125.67 -63.69
C THR C 337 81.92 -124.88 -62.50
N SER C 338 81.29 -125.02 -61.33
CA SER C 338 81.81 -124.45 -60.08
C SER C 338 82.06 -122.96 -60.19
N MET C 339 81.11 -122.24 -60.79
CA MET C 339 81.09 -120.79 -60.69
C MET C 339 80.37 -120.32 -59.44
N LEU C 340 79.36 -121.07 -59.00
CA LEU C 340 78.76 -120.92 -57.69
C LEU C 340 78.95 -122.22 -56.92
N LYS C 341 79.30 -122.10 -55.65
CA LYS C 341 79.51 -123.29 -54.82
C LYS C 341 78.20 -123.69 -54.15
N ALA C 342 78.11 -124.98 -53.81
CA ALA C 342 76.84 -125.54 -53.35
C ALA C 342 76.33 -124.85 -52.11
N HIS C 343 77.22 -124.41 -51.23
CA HIS C 343 76.83 -123.70 -50.02
C HIS C 343 76.51 -122.23 -50.29
N GLN C 344 76.71 -121.76 -51.51
CA GLN C 344 76.41 -120.38 -51.88
C GLN C 344 75.09 -120.22 -52.62
N VAL C 345 74.27 -121.25 -52.68
CA VAL C 345 73.06 -121.22 -53.48
C VAL C 345 71.86 -121.63 -52.65
N THR C 346 70.68 -121.17 -53.09
CA THR C 346 69.40 -121.56 -52.50
C THR C 346 69.11 -120.86 -51.18
N THR C 347 67.85 -120.90 -50.76
CA THR C 347 67.42 -120.21 -49.54
C THR C 347 68.08 -120.81 -48.30
N ARG C 348 68.21 -122.14 -48.27
CA ARG C 348 68.64 -122.82 -47.05
C ARG C 348 70.00 -122.29 -46.57
N ASN C 349 70.96 -122.15 -47.49
CA ASN C 349 72.31 -121.80 -47.08
C ASN C 349 72.38 -120.37 -46.56
N LEU C 350 71.74 -119.44 -47.27
CA LEU C 350 71.68 -118.05 -46.82
C LEU C 350 71.02 -117.96 -45.45
N SER C 351 69.88 -118.64 -45.30
CA SER C 351 69.15 -118.58 -44.05
C SER C 351 69.99 -119.12 -42.91
N LEU C 352 70.66 -120.26 -43.12
CA LEU C 352 71.44 -120.86 -42.05
C LEU C 352 72.64 -120.00 -41.66
N ALA C 353 73.35 -119.44 -42.65
CA ALA C 353 74.50 -118.61 -42.32
C ALA C 353 74.07 -117.39 -41.50
N VAL C 354 73.06 -116.66 -42.00
CA VAL C 354 72.64 -115.45 -41.31
C VAL C 354 72.06 -115.81 -39.96
N SER C 355 71.35 -116.94 -39.88
CA SER C 355 70.80 -117.39 -38.60
C SER C 355 71.89 -117.65 -37.59
N ASP C 356 72.94 -118.36 -37.97
CA ASP C 356 73.99 -118.69 -37.01
C ASP C 356 74.63 -117.42 -36.49
N CYS C 357 75.04 -116.52 -37.40
CA CYS C 357 75.68 -115.29 -36.94
C CYS C 357 74.73 -114.52 -36.03
N PHE C 358 73.50 -114.29 -36.51
CA PHE C 358 72.56 -113.46 -35.79
C PHE C 358 72.26 -114.03 -34.41
N TRP C 359 71.96 -115.32 -34.32
CA TRP C 359 71.48 -115.85 -33.05
C TRP C 359 72.61 -116.01 -32.04
N LYS C 360 73.83 -116.35 -32.47
CA LYS C 360 74.92 -116.35 -31.50
C LYS C 360 75.12 -114.95 -30.94
N MET C 361 75.17 -113.96 -31.84
CA MET C 361 75.37 -112.59 -31.39
C MET C 361 74.20 -112.10 -30.56
N VAL C 362 72.99 -112.62 -30.82
CA VAL C 362 71.81 -112.27 -30.01
C VAL C 362 71.94 -112.82 -28.60
N ARG C 363 72.34 -114.07 -28.46
CA ARG C 363 72.49 -114.62 -27.11
C ARG C 363 73.43 -113.74 -26.30
N GLU C 364 74.63 -113.49 -26.85
CA GLU C 364 75.60 -112.71 -26.09
C GLU C 364 75.16 -111.25 -25.94
N SER C 365 74.52 -110.71 -26.98
CA SER C 365 74.11 -109.31 -26.97
C SER C 365 73.04 -108.97 -25.95
N VAL C 366 72.06 -109.84 -25.75
CA VAL C 366 71.06 -109.57 -24.72
C VAL C 366 71.62 -109.82 -23.33
N GLU C 367 72.49 -110.84 -23.19
CA GLU C 367 73.13 -111.03 -21.89
C GLU C 367 73.87 -109.72 -21.57
N GLN C 368 74.44 -109.07 -22.58
CA GLN C 368 75.12 -107.80 -22.35
C GLN C 368 74.13 -106.65 -22.14
N GLN C 369 73.07 -106.59 -22.94
CA GLN C 369 72.23 -105.39 -22.98
C GLN C 369 71.23 -105.32 -21.85
N ALA C 370 70.84 -106.45 -21.26
CA ALA C 370 70.05 -106.36 -20.03
C ALA C 370 70.80 -105.50 -19.01
N ASP C 371 72.07 -105.82 -18.77
CA ASP C 371 72.88 -105.04 -17.86
C ASP C 371 73.19 -103.66 -18.43
N SER C 372 73.30 -103.54 -19.76
CA SER C 372 73.51 -102.23 -20.35
C SER C 372 72.38 -101.26 -19.98
N PHE C 373 71.12 -101.65 -20.22
CA PHE C 373 69.94 -100.76 -20.00
C PHE C 373 69.70 -100.63 -18.48
N LYS C 374 69.95 -101.69 -17.69
CA LYS C 374 69.89 -101.61 -16.19
C LYS C 374 70.97 -100.64 -15.71
N ALA C 375 72.18 -100.69 -16.30
CA ALA C 375 73.31 -99.78 -16.00
C ALA C 375 72.88 -98.37 -16.42
N THR C 376 72.14 -98.25 -17.54
CA THR C 376 71.64 -96.94 -18.04
C THR C 376 70.69 -96.40 -16.96
N ARG C 377 69.84 -97.23 -16.32
CA ARG C 377 68.97 -96.75 -15.20
C ARG C 377 69.87 -96.27 -14.06
N PHE C 378 70.96 -97.01 -13.75
CA PHE C 378 71.92 -96.60 -12.68
C PHE C 378 72.60 -95.28 -13.08
N ASN C 379 73.01 -95.11 -14.35
CA ASN C 379 73.65 -93.86 -14.86
C ASN C 379 72.63 -92.71 -14.81
N LEU C 380 71.37 -92.98 -15.17
CA LEU C 380 70.26 -91.99 -15.17
C LEU C 380 70.04 -91.57 -13.70
N GLU C 381 70.18 -92.50 -12.73
CA GLU C 381 69.98 -92.24 -11.27
C GLU C 381 71.14 -91.41 -10.69
N THR C 382 72.38 -91.49 -11.19
CA THR C 382 73.45 -90.63 -10.70
C THR C 382 73.20 -89.19 -11.11
N GLU C 383 72.91 -88.98 -12.41
CA GLU C 383 72.64 -87.63 -12.88
C GLU C 383 71.42 -87.03 -12.18
N TRP C 384 70.36 -87.81 -12.00
CA TRP C 384 69.13 -87.28 -11.47
C TRP C 384 69.27 -86.90 -9.99
N LYS C 385 70.01 -87.71 -9.24
CA LYS C 385 70.24 -87.42 -7.79
C LYS C 385 71.20 -86.21 -7.70
N ASN C 386 72.15 -86.04 -8.63
CA ASN C 386 73.09 -84.93 -8.54
C ASN C 386 72.42 -83.61 -8.93
N ASN C 387 71.59 -83.63 -9.97
CA ASN C 387 70.94 -82.42 -10.46
C ASN C 387 69.99 -81.84 -9.42
N TYR C 388 69.11 -82.66 -8.87
CA TYR C 388 68.10 -82.22 -7.93
C TYR C 388 68.06 -83.20 -6.77
N PRO C 389 67.60 -82.75 -5.59
CA PRO C 389 67.24 -83.72 -4.56
C PRO C 389 66.19 -84.67 -5.12
N ARG C 390 66.39 -85.97 -4.88
CA ARG C 390 65.50 -87.05 -5.40
C ARG C 390 64.03 -86.59 -5.29
N LEU C 391 63.37 -86.32 -6.42
CA LEU C 391 61.97 -85.92 -6.47
C LEU C 391 61.44 -86.13 -7.88
N ARG C 392 60.19 -86.62 -7.97
CA ARG C 392 59.53 -86.86 -9.24
C ARG C 392 58.10 -86.33 -9.25
N GLU C 393 57.77 -85.43 -8.33
CA GLU C 393 56.40 -84.94 -8.22
C GLU C 393 55.99 -84.14 -9.45
N LEU C 394 56.90 -83.35 -10.00
CA LEU C 394 56.56 -82.41 -11.06
C LEU C 394 56.50 -83.10 -12.43
N ASP C 395 56.04 -82.35 -13.42
CA ASP C 395 55.99 -82.80 -14.80
C ASP C 395 55.84 -81.59 -15.71
N ARG C 396 56.18 -81.78 -16.97
CA ARG C 396 56.09 -80.70 -17.95
C ARG C 396 54.69 -80.12 -18.01
N ASN C 397 53.68 -80.98 -18.11
CA ASN C 397 52.29 -80.53 -18.10
C ASN C 397 51.93 -79.92 -16.75
N GLU C 398 52.42 -80.52 -15.67
CA GLU C 398 52.17 -79.97 -14.35
C GLU C 398 52.81 -78.61 -14.17
N LEU C 399 53.89 -78.30 -14.90
CA LEU C 399 54.43 -76.96 -14.86
C LEU C 399 53.42 -75.95 -15.40
N PHE C 400 52.78 -76.28 -16.52
CA PHE C 400 51.71 -75.42 -17.01
C PHE C 400 50.58 -75.30 -16.00
N GLU C 401 50.20 -76.42 -15.38
CA GLU C 401 49.09 -76.36 -14.43
C GLU C 401 49.43 -75.47 -13.24
N LYS C 402 50.64 -75.58 -12.71
CA LYS C 402 51.04 -74.79 -11.56
C LYS C 402 51.21 -73.32 -11.91
N ALA C 403 51.80 -73.02 -13.07
CA ALA C 403 51.92 -71.62 -13.46
C ALA C 403 50.55 -71.01 -13.75
N LYS C 404 49.63 -71.81 -14.30
CA LYS C 404 48.26 -71.37 -14.51
C LYS C 404 47.60 -70.99 -13.19
N ASN C 405 47.73 -71.87 -12.18
CA ASN C 405 47.11 -71.58 -10.90
C ASN C 405 47.77 -70.40 -10.21
N GLU C 406 49.09 -70.30 -10.30
CA GLU C 406 49.78 -69.11 -9.77
C GLU C 406 49.25 -67.84 -10.41
N ILE C 407 49.10 -67.85 -11.74
CA ILE C 407 48.65 -66.65 -12.44
C ILE C 407 47.23 -66.29 -12.03
N LEU C 408 46.34 -67.28 -11.98
CA LEU C 408 44.96 -66.99 -11.62
C LEU C 408 44.85 -66.54 -10.16
N ASP C 409 45.67 -67.12 -9.28
CA ASP C 409 45.66 -66.68 -7.88
C ASP C 409 46.14 -65.24 -7.76
N GLU C 410 47.19 -64.88 -8.49
CA GLU C 410 47.67 -63.51 -8.44
C GLU C 410 46.66 -62.55 -9.07
N VAL C 411 45.96 -62.99 -10.11
CA VAL C 411 44.93 -62.14 -10.72
C VAL C 411 43.78 -61.91 -9.75
N ILE C 412 43.34 -62.97 -9.07
CA ILE C 412 42.29 -62.78 -8.07
C ILE C 412 42.78 -61.84 -6.98
N SER C 413 43.95 -62.11 -6.40
CA SER C 413 44.48 -61.25 -5.34
C SER C 413 44.58 -59.81 -5.82
N LEU C 414 44.98 -59.62 -7.09
CA LEU C 414 44.92 -58.30 -7.70
C LEU C 414 43.52 -57.72 -7.60
N SER C 415 42.51 -58.53 -7.86
CA SER C 415 41.14 -58.06 -7.77
C SER C 415 40.72 -57.71 -6.35
N GLN C 416 41.30 -58.38 -5.34
CA GLN C 416 41.04 -58.04 -3.94
C GLN C 416 42.14 -57.20 -3.30
N VAL C 417 43.03 -56.60 -4.09
CA VAL C 417 43.96 -55.63 -3.51
C VAL C 417 43.17 -54.51 -2.86
N THR C 418 43.62 -54.09 -1.68
CA THR C 418 42.98 -52.98 -0.98
C THR C 418 42.70 -51.86 -1.97
N PRO C 419 41.43 -51.50 -2.20
CA PRO C 419 41.15 -50.43 -3.16
C PRO C 419 41.93 -49.16 -2.89
N LYS C 420 42.05 -48.79 -1.61
CA LYS C 420 42.68 -47.51 -1.27
C LYS C 420 44.04 -47.39 -1.93
N HIS C 421 44.74 -48.51 -2.05
CA HIS C 421 46.03 -48.52 -2.73
C HIS C 421 45.85 -48.22 -4.22
N TRP C 422 44.77 -48.74 -4.81
CA TRP C 422 44.46 -48.44 -6.21
C TRP C 422 44.23 -46.94 -6.39
N GLU C 423 43.46 -46.32 -5.49
CA GLU C 423 43.24 -44.87 -5.62
C GLU C 423 44.53 -44.09 -5.40
N GLU C 424 45.37 -44.53 -4.47
CA GLU C 424 46.63 -43.82 -4.26
C GLU C 424 47.47 -43.82 -5.53
N ILE C 425 47.58 -44.98 -6.18
CA ILE C 425 48.33 -45.07 -7.42
C ILE C 425 47.73 -44.14 -8.47
N LEU C 426 46.41 -44.21 -8.64
CA LEU C 426 45.75 -43.42 -9.66
C LEU C 426 45.90 -41.93 -9.38
N GLN C 427 45.79 -41.52 -8.11
CA GLN C 427 45.90 -40.12 -7.74
C GLN C 427 47.28 -39.57 -8.04
N GLN C 428 48.32 -40.29 -7.63
CA GLN C 428 49.67 -39.78 -7.87
C GLN C 428 49.96 -39.72 -9.37
N SER C 429 49.54 -40.75 -10.10
CA SER C 429 49.77 -40.73 -11.55
C SER C 429 49.02 -39.57 -12.20
N LEU C 430 47.77 -39.34 -11.78
CA LEU C 430 46.98 -38.26 -12.35
C LEU C 430 47.63 -36.91 -12.09
N TRP C 431 48.10 -36.68 -10.86
CA TRP C 431 48.76 -35.41 -10.58
C TRP C 431 50.01 -35.22 -11.43
N GLU C 432 50.82 -36.27 -11.55
CA GLU C 432 52.03 -36.15 -12.36
C GLU C 432 51.66 -35.88 -13.82
N ARG C 433 50.56 -36.47 -14.29
CA ARG C 433 50.15 -36.30 -15.68
C ARG C 433 49.61 -34.89 -15.93
N VAL C 434 48.96 -34.29 -14.93
CA VAL C 434 48.21 -33.05 -15.15
C VAL C 434 48.90 -31.77 -14.67
N SER C 435 49.92 -31.87 -13.81
CA SER C 435 50.50 -30.66 -13.22
C SER C 435 50.98 -29.68 -14.29
N THR C 436 51.44 -30.19 -15.44
CA THR C 436 51.92 -29.32 -16.49
C THR C 436 50.81 -28.40 -16.99
N HIS C 437 49.63 -28.95 -17.26
CA HIS C 437 48.49 -28.13 -17.64
C HIS C 437 48.02 -27.25 -16.47
N VAL C 438 48.10 -27.79 -15.25
CA VAL C 438 47.61 -27.07 -14.09
C VAL C 438 48.35 -25.75 -13.92
N ILE C 439 49.67 -25.78 -14.03
CA ILE C 439 50.44 -24.57 -13.73
C ILE C 439 50.81 -23.80 -14.99
N GLU C 440 51.27 -24.46 -16.05
CA GLU C 440 51.76 -23.71 -17.21
C GLU C 440 50.63 -23.01 -17.95
N ASN C 441 49.48 -23.66 -18.08
CA ASN C 441 48.38 -23.09 -18.85
C ASN C 441 47.30 -22.45 -18.00
N ILE C 442 47.10 -22.93 -16.78
CA ILE C 442 45.96 -22.50 -15.98
C ILE C 442 46.40 -21.50 -14.92
N TYR C 443 47.29 -21.93 -14.02
CA TYR C 443 47.70 -21.04 -12.93
C TYR C 443 48.57 -19.90 -13.43
N LEU C 444 49.60 -20.21 -14.22
CA LEU C 444 50.63 -19.24 -14.55
C LEU C 444 50.02 -18.00 -15.22
N PRO C 445 49.20 -18.17 -16.28
CA PRO C 445 48.60 -16.99 -16.91
C PRO C 445 47.50 -16.35 -16.09
N ALA C 446 46.85 -17.08 -15.19
CA ALA C 446 45.68 -16.56 -14.51
C ALA C 446 46.05 -15.68 -13.32
N ALA C 447 47.07 -16.07 -12.55
CA ALA C 447 47.39 -15.38 -11.31
C ALA C 447 48.28 -14.16 -11.53
N GLN C 448 48.62 -13.83 -12.77
CA GLN C 448 49.37 -12.62 -13.08
C GLN C 448 48.47 -11.39 -13.15
N THR C 449 47.15 -11.57 -13.09
CA THR C 449 46.25 -10.44 -13.22
C THR C 449 46.11 -9.71 -11.89
N MET C 450 45.56 -8.50 -11.96
CA MET C 450 45.31 -7.68 -10.79
C MET C 450 43.84 -7.75 -10.35
N ASN C 451 43.13 -8.79 -10.76
CA ASN C 451 41.73 -8.97 -10.42
C ASN C 451 41.47 -10.45 -10.20
N SER C 452 40.93 -10.79 -9.02
CA SER C 452 40.62 -12.18 -8.71
C SER C 452 39.60 -12.75 -9.68
N GLY C 453 38.69 -11.91 -10.17
CA GLY C 453 37.72 -12.39 -11.15
C GLY C 453 38.37 -12.79 -12.46
N THR C 454 39.45 -12.10 -12.85
CA THR C 454 40.18 -12.49 -14.04
C THR C 454 41.06 -13.71 -13.82
N PHE C 455 41.63 -13.87 -12.63
CA PHE C 455 42.28 -15.12 -12.29
C PHE C 455 41.31 -16.28 -12.46
N ASN C 456 40.14 -16.18 -11.82
CA ASN C 456 39.17 -17.27 -11.90
C ASN C 456 38.62 -17.43 -13.31
N THR C 457 38.49 -16.34 -14.07
CA THR C 457 37.94 -16.45 -15.42
C THR C 457 38.92 -17.15 -16.35
N THR C 458 40.19 -16.75 -16.31
CA THR C 458 41.21 -17.47 -17.08
C THR C 458 41.27 -18.92 -16.67
N VAL C 459 41.29 -19.18 -15.36
CA VAL C 459 41.34 -20.55 -14.86
C VAL C 459 40.16 -21.34 -15.39
N ASP C 460 38.95 -20.77 -15.33
CA ASP C 460 37.76 -21.51 -15.67
C ASP C 460 37.63 -21.74 -17.17
N ILE C 461 38.08 -20.78 -17.99
CA ILE C 461 38.10 -20.99 -19.43
C ILE C 461 39.03 -22.15 -19.77
N LYS C 462 40.26 -22.09 -19.23
CA LYS C 462 41.23 -23.13 -19.51
C LYS C 462 40.75 -24.47 -18.96
N LEU C 463 40.10 -24.45 -17.79
CA LEU C 463 39.60 -25.68 -17.19
C LEU C 463 38.45 -26.27 -17.98
N LYS C 464 37.54 -25.44 -18.50
CA LYS C 464 36.46 -26.00 -19.31
C LYS C 464 37.02 -26.67 -20.55
N GLN C 465 37.93 -25.97 -21.24
CA GLN C 465 38.52 -26.53 -22.45
C GLN C 465 39.31 -27.81 -22.13
N TRP C 466 40.05 -27.79 -21.02
CA TRP C 466 40.92 -28.90 -20.64
C TRP C 466 40.13 -30.10 -20.13
N THR C 467 39.16 -29.87 -19.24
CA THR C 467 38.32 -30.93 -18.72
C THR C 467 37.47 -31.55 -19.81
N ASP C 468 37.20 -30.82 -20.89
CA ASP C 468 36.45 -31.42 -21.98
C ASP C 468 37.34 -32.14 -22.99
N LYS C 469 38.53 -31.62 -23.28
CA LYS C 469 39.31 -32.17 -24.37
C LYS C 469 40.39 -33.17 -23.94
N GLN C 470 41.39 -32.71 -23.17
CA GLN C 470 42.54 -33.56 -22.88
C GLN C 470 42.36 -34.34 -21.58
N LEU C 471 41.92 -33.67 -20.52
CA LEU C 471 41.99 -34.24 -19.18
C LEU C 471 41.29 -35.59 -19.09
N PRO C 472 40.07 -35.77 -19.61
CA PRO C 472 39.44 -37.10 -19.52
C PRO C 472 40.23 -38.18 -20.26
N ASN C 473 40.76 -37.85 -21.44
CA ASN C 473 41.55 -38.82 -22.19
C ASN C 473 42.81 -39.21 -21.41
N LYS C 474 43.46 -38.22 -20.81
CA LYS C 474 44.64 -38.50 -20.00
C LYS C 474 44.29 -39.39 -18.81
N ALA C 475 43.15 -39.12 -18.17
CA ALA C 475 42.74 -39.94 -17.03
C ALA C 475 42.46 -41.38 -17.46
N VAL C 476 41.82 -41.56 -18.62
CA VAL C 476 41.55 -42.90 -19.10
C VAL C 476 42.85 -43.64 -19.42
N GLU C 477 43.80 -42.93 -20.03
CA GLU C 477 45.11 -43.52 -20.28
C GLU C 477 45.77 -43.94 -18.97
N VAL C 478 45.69 -43.07 -17.96
CA VAL C 478 46.29 -43.38 -16.66
C VAL C 478 45.67 -44.63 -16.07
N ALA C 479 44.34 -44.74 -16.13
CA ALA C 479 43.67 -45.92 -15.58
C ALA C 479 44.07 -47.18 -16.32
N TRP C 480 44.08 -47.13 -17.65
CA TRP C 480 44.50 -48.30 -18.43
C TRP C 480 45.90 -48.74 -18.02
N GLU C 481 46.85 -47.81 -18.02
CA GLU C 481 48.22 -48.18 -17.69
C GLU C 481 48.35 -48.62 -16.24
N THR C 482 47.57 -48.04 -15.33
CA THR C 482 47.61 -48.48 -13.94
C THR C 482 47.19 -49.94 -13.82
N LEU C 483 46.08 -50.31 -14.46
CA LEU C 483 45.63 -51.70 -14.38
C LEU C 483 46.65 -52.63 -15.02
N GLN C 484 47.15 -52.29 -16.20
CA GLN C 484 48.07 -53.19 -16.89
C GLN C 484 49.40 -53.30 -16.13
N GLU C 485 49.85 -52.21 -15.51
CA GLU C 485 51.12 -52.22 -14.79
C GLU C 485 51.00 -53.02 -13.49
N GLU C 486 49.90 -52.85 -12.76
CA GLU C 486 49.72 -53.65 -11.56
C GLU C 486 49.58 -55.14 -11.91
N PHE C 487 48.88 -55.44 -13.00
CA PHE C 487 48.81 -56.82 -13.47
C PHE C 487 50.21 -57.35 -13.77
N SER C 488 51.02 -56.55 -14.47
CA SER C 488 52.39 -56.98 -14.77
C SER C 488 53.18 -57.21 -13.50
N ARG C 489 53.02 -56.33 -12.51
CA ARG C 489 53.76 -56.46 -11.25
C ARG C 489 53.38 -57.76 -10.54
N PHE C 490 52.09 -58.09 -10.49
CA PHE C 490 51.68 -59.33 -9.86
C PHE C 490 52.22 -60.54 -10.62
N MET C 491 52.37 -60.42 -11.94
CA MET C 491 52.86 -61.52 -12.75
C MET C 491 54.37 -61.74 -12.64
N THR C 492 55.12 -60.79 -12.08
CA THR C 492 56.57 -60.80 -12.21
C THR C 492 57.36 -60.55 -10.94
N GLU C 493 56.72 -60.19 -9.84
CA GLU C 493 57.45 -59.79 -8.64
C GLU C 493 58.40 -60.92 -8.20
N PRO C 494 59.70 -60.62 -8.01
CA PRO C 494 60.64 -61.62 -7.43
C PRO C 494 60.48 -61.71 -5.92
N LYS C 495 59.49 -62.48 -5.48
CA LYS C 495 59.08 -62.47 -4.09
C LYS C 495 60.09 -63.18 -3.19
N GLY C 496 61.28 -62.62 -3.07
CA GLY C 496 62.26 -63.15 -2.14
C GLY C 496 62.56 -64.61 -2.43
N LYS C 497 62.47 -65.43 -1.39
CA LYS C 497 62.74 -66.86 -1.50
C LYS C 497 61.52 -67.64 -1.97
N GLU C 498 60.36 -67.01 -2.07
CA GLU C 498 59.14 -67.67 -2.47
C GLU C 498 58.93 -67.63 -3.98
N HIS C 499 59.85 -67.03 -4.72
CA HIS C 499 59.75 -66.96 -6.17
C HIS C 499 60.24 -68.25 -6.83
N ASP C 500 59.56 -68.65 -7.91
CA ASP C 500 59.96 -69.79 -8.73
C ASP C 500 60.28 -69.30 -10.13
N ASP C 501 61.52 -69.54 -10.57
CA ASP C 501 61.94 -69.12 -11.90
C ASP C 501 61.26 -69.94 -12.99
N ILE C 502 61.02 -71.23 -12.73
CA ILE C 502 60.57 -72.13 -13.79
C ILE C 502 59.29 -71.64 -14.42
N PHE C 503 58.36 -71.13 -13.60
CA PHE C 503 57.06 -70.69 -14.12
C PHE C 503 57.16 -69.39 -14.90
N ASP C 504 58.28 -68.66 -14.77
CA ASP C 504 58.34 -67.30 -15.30
C ASP C 504 58.01 -67.26 -16.78
N LYS C 505 58.46 -68.26 -17.55
CA LYS C 505 58.21 -68.25 -18.98
C LYS C 505 56.74 -68.09 -19.29
N LEU C 506 55.87 -68.82 -18.59
CA LEU C 506 54.45 -68.66 -18.84
C LEU C 506 53.98 -67.28 -18.40
N LYS C 507 54.47 -66.80 -17.25
CA LYS C 507 54.02 -65.52 -16.74
C LYS C 507 54.22 -64.41 -17.78
N GLU C 508 55.28 -64.52 -18.58
CA GLU C 508 55.52 -63.51 -19.61
C GLU C 508 54.58 -63.69 -20.79
N ALA C 509 54.35 -64.93 -21.22
CA ALA C 509 53.51 -65.15 -22.39
C ALA C 509 52.07 -64.76 -22.12
N VAL C 510 51.55 -65.10 -20.94
CA VAL C 510 50.18 -64.75 -20.60
C VAL C 510 50.06 -63.24 -20.38
N LYS C 511 50.99 -62.67 -19.62
CA LYS C 511 50.94 -61.24 -19.31
C LYS C 511 50.77 -60.42 -20.57
N GLU C 512 51.54 -60.76 -21.60
CA GLU C 512 51.40 -60.05 -22.87
C GLU C 512 50.01 -60.26 -23.45
N GLU C 513 49.57 -61.51 -23.57
CA GLU C 513 48.32 -61.77 -24.27
C GLU C 513 47.13 -61.21 -23.49
N SER C 514 47.10 -61.43 -22.18
CA SER C 514 45.95 -60.99 -21.40
C SER C 514 45.74 -59.50 -21.53
N ILE C 515 46.82 -58.73 -21.63
CA ILE C 515 46.70 -57.29 -21.78
C ILE C 515 46.04 -56.95 -23.12
N LYS C 516 46.47 -57.62 -24.19
CA LYS C 516 45.95 -57.29 -25.52
C LYS C 516 44.49 -57.68 -25.68
N ARG C 517 44.00 -58.65 -24.91
CA ARG C 517 42.60 -59.03 -24.99
C ARG C 517 41.70 -58.16 -24.13
N HIS C 518 42.25 -57.17 -23.43
CA HIS C 518 41.47 -56.23 -22.63
C HIS C 518 41.48 -54.86 -23.28
N LYS C 519 40.34 -54.16 -23.17
CA LYS C 519 40.24 -52.77 -23.59
C LYS C 519 39.46 -52.02 -22.52
N TRP C 520 39.84 -50.76 -22.29
CA TRP C 520 39.13 -49.94 -21.32
C TRP C 520 37.92 -49.31 -22.01
N ASN C 521 36.80 -49.26 -21.29
CA ASN C 521 35.58 -48.70 -21.85
C ASN C 521 35.76 -47.20 -22.10
N ASP C 522 35.73 -46.81 -23.38
CA ASP C 522 36.03 -45.42 -23.74
C ASP C 522 35.00 -44.44 -23.18
N PHE C 523 33.77 -44.88 -22.92
CA PHE C 523 32.76 -43.98 -22.39
C PHE C 523 33.23 -43.24 -21.15
N ALA C 524 34.22 -43.79 -20.43
CA ALA C 524 34.71 -43.13 -19.24
C ALA C 524 35.08 -41.68 -19.54
N GLU C 525 35.63 -41.42 -20.73
CA GLU C 525 36.05 -40.06 -21.06
C GLU C 525 34.92 -39.07 -20.83
N ASP C 526 33.69 -39.43 -21.23
CA ASP C 526 32.58 -38.52 -21.01
C ASP C 526 32.19 -38.48 -19.54
N SER C 527 32.10 -39.64 -18.88
CA SER C 527 31.71 -39.63 -17.47
C SER C 527 32.69 -38.80 -16.67
N LEU C 528 33.99 -39.02 -16.88
CA LEU C 528 34.99 -38.24 -16.17
C LEU C 528 34.76 -36.76 -16.40
N ARG C 529 34.44 -36.37 -17.64
CA ARG C 529 34.20 -34.95 -17.92
C ARG C 529 33.19 -34.38 -16.94
N VAL C 530 32.07 -35.06 -16.74
CA VAL C 530 31.12 -34.58 -15.75
C VAL C 530 31.73 -34.63 -14.37
N ILE C 531 32.26 -35.79 -13.99
CA ILE C 531 32.71 -35.99 -12.62
C ILE C 531 33.78 -34.97 -12.27
N GLN C 532 34.77 -34.84 -13.14
CA GLN C 532 35.83 -33.87 -12.91
C GLN C 532 35.24 -32.49 -12.66
N HIS C 533 34.32 -32.05 -13.52
CA HIS C 533 33.74 -30.72 -13.34
C HIS C 533 33.19 -30.58 -11.94
N ASN C 534 32.45 -31.59 -11.48
CA ASN C 534 31.81 -31.50 -10.18
C ASN C 534 32.85 -31.27 -9.10
N ALA C 535 33.96 -32.01 -9.14
CA ALA C 535 34.97 -31.83 -8.10
C ALA C 535 35.55 -30.42 -8.15
N LEU C 536 35.77 -29.90 -9.35
CA LEU C 536 36.20 -28.51 -9.47
C LEU C 536 35.10 -27.57 -9.04
N GLU C 537 33.84 -27.94 -9.31
CA GLU C 537 32.74 -27.00 -9.19
C GLU C 537 32.67 -26.41 -7.78
N ASP C 538 33.07 -27.17 -6.77
CA ASP C 538 33.12 -26.67 -5.40
C ASP C 538 34.28 -25.68 -5.29
N ARG C 539 33.96 -24.40 -5.33
CA ARG C 539 34.94 -23.33 -5.19
C ARG C 539 34.93 -22.74 -3.79
N SER C 540 34.14 -23.30 -2.88
CA SER C 540 33.83 -22.66 -1.60
C SER C 540 34.63 -23.32 -0.48
N ILE C 541 35.58 -22.59 0.07
CA ILE C 541 36.33 -23.01 1.26
C ILE C 541 35.63 -22.37 2.45
N SER C 542 34.86 -23.18 3.18
CA SER C 542 33.95 -22.65 4.19
C SER C 542 34.61 -22.43 5.55
N ASP C 543 35.76 -23.05 5.83
CA ASP C 543 36.31 -23.01 7.18
C ASP C 543 37.82 -23.11 7.12
N LYS C 544 38.43 -23.07 8.32
CA LYS C 544 39.89 -23.06 8.43
C LYS C 544 40.51 -24.36 7.93
N GLN C 545 39.85 -25.50 8.19
CA GLN C 545 40.46 -26.78 7.84
C GLN C 545 40.66 -26.92 6.33
N GLN C 546 39.63 -26.59 5.55
CA GLN C 546 39.75 -26.65 4.10
C GLN C 546 40.64 -25.53 3.58
N TRP C 547 40.67 -24.40 4.28
CA TRP C 547 41.60 -23.33 3.92
C TRP C 547 43.04 -23.84 4.01
N ASP C 548 43.35 -24.57 5.08
CA ASP C 548 44.70 -25.10 5.26
C ASP C 548 45.00 -26.20 4.26
N ALA C 549 44.04 -27.09 3.99
CA ALA C 549 44.27 -28.12 2.97
C ALA C 549 44.53 -27.48 1.61
N ALA C 550 43.76 -26.44 1.28
CA ALA C 550 43.93 -25.74 0.03
C ALA C 550 45.30 -25.09 -0.06
N ILE C 551 45.73 -24.40 1.01
CA ILE C 551 47.03 -23.77 1.01
C ILE C 551 48.13 -24.82 0.91
N TYR C 552 47.95 -25.96 1.57
CA TYR C 552 48.94 -27.03 1.46
C TYR C 552 49.12 -27.47 0.02
N PHE C 553 48.01 -27.79 -0.67
CA PHE C 553 48.18 -28.28 -2.03
C PHE C 553 48.77 -27.20 -2.93
N MET C 554 48.34 -25.95 -2.75
CA MET C 554 48.89 -24.86 -3.55
C MET C 554 50.40 -24.72 -3.30
N GLU C 555 50.81 -24.78 -2.03
CA GLU C 555 52.23 -24.69 -1.72
C GLU C 555 53.00 -25.84 -2.36
N GLU C 556 52.48 -27.06 -2.28
CA GLU C 556 53.20 -28.20 -2.84
C GLU C 556 53.36 -28.04 -4.36
N ALA C 557 52.25 -27.76 -5.04
CA ALA C 557 52.29 -27.69 -6.50
C ALA C 557 53.19 -26.55 -6.97
N LEU C 558 53.15 -25.41 -6.28
CA LEU C 558 53.97 -24.29 -6.72
C LEU C 558 55.43 -24.46 -6.31
N GLN C 559 55.70 -25.12 -5.17
CA GLN C 559 57.08 -25.36 -4.76
C GLN C 559 57.80 -26.30 -5.71
N ALA C 560 57.10 -27.32 -6.22
CA ALA C 560 57.76 -28.20 -7.18
C ALA C 560 58.26 -27.42 -8.39
N ARG C 561 57.39 -26.58 -8.98
CA ARG C 561 57.77 -25.82 -10.15
C ARG C 561 58.81 -24.77 -9.82
N LEU C 562 58.72 -24.18 -8.62
CA LEU C 562 59.71 -23.20 -8.20
C LEU C 562 61.09 -23.84 -8.07
N LYS C 563 61.16 -25.04 -7.52
CA LYS C 563 62.44 -25.73 -7.41
C LYS C 563 63.00 -26.05 -8.79
N ASP C 564 62.14 -26.48 -9.72
CA ASP C 564 62.63 -26.73 -11.08
C ASP C 564 63.17 -25.45 -11.71
N THR C 565 62.43 -24.34 -11.56
CA THR C 565 62.87 -23.08 -12.13
C THR C 565 64.18 -22.62 -11.49
N GLU C 566 64.31 -22.81 -10.18
CA GLU C 566 65.53 -22.40 -9.49
C GLU C 566 66.73 -23.22 -9.92
N ASN C 567 66.55 -24.53 -10.13
CA ASN C 567 67.65 -25.32 -10.64
C ASN C 567 68.06 -24.86 -12.05
N ALA C 568 67.07 -24.60 -12.90
CA ALA C 568 67.39 -24.10 -14.24
C ALA C 568 68.13 -22.77 -14.15
N ILE C 569 67.69 -21.88 -13.27
CA ILE C 569 68.30 -20.56 -13.15
C ILE C 569 69.71 -20.68 -12.59
N GLU C 570 69.94 -21.59 -11.63
CA GLU C 570 71.27 -21.76 -11.10
C GLU C 570 72.23 -22.25 -12.18
N ASN C 571 71.80 -23.21 -13.00
CA ASN C 571 72.66 -23.66 -14.09
C ASN C 571 72.88 -22.54 -15.11
N MET C 572 71.85 -21.74 -15.35
CA MET C 572 71.91 -20.73 -16.40
C MET C 572 72.79 -19.54 -15.98
N VAL C 573 72.69 -19.13 -14.71
CA VAL C 573 73.38 -17.93 -14.23
C VAL C 573 74.76 -18.27 -13.69
N GLY C 574 74.92 -19.42 -13.03
CA GLY C 574 76.20 -19.85 -12.52
C GLY C 574 76.30 -19.80 -11.01
N PRO C 575 77.44 -20.21 -10.49
CA PRO C 575 77.60 -20.29 -9.03
C PRO C 575 77.61 -18.93 -8.37
N ASP C 576 77.41 -18.95 -7.06
CA ASP C 576 77.48 -17.76 -6.23
C ASP C 576 78.95 -17.38 -6.02
N TRP C 577 79.18 -16.20 -5.45
CA TRP C 577 80.55 -15.76 -5.20
C TRP C 577 81.26 -16.69 -4.21
N LYS C 578 80.52 -17.17 -3.21
CA LYS C 578 81.10 -18.05 -2.20
C LYS C 578 81.72 -19.26 -2.86
N LYS C 579 81.03 -19.85 -3.83
CA LYS C 579 81.58 -20.97 -4.58
C LYS C 579 82.78 -20.52 -5.39
N ARG C 580 82.71 -19.32 -5.96
CA ARG C 580 83.74 -18.86 -6.88
C ARG C 580 85.09 -18.72 -6.20
N TRP C 581 85.11 -18.28 -4.92
CA TRP C 581 86.38 -18.24 -4.18
C TRP C 581 86.63 -19.39 -3.22
N LEU C 582 85.62 -20.13 -2.75
CA LEU C 582 85.90 -21.23 -1.84
C LEU C 582 86.15 -22.54 -2.56
N TYR C 583 85.40 -22.81 -3.63
CA TYR C 583 85.58 -24.01 -4.44
C TYR C 583 86.07 -23.69 -5.84
N TRP C 584 86.38 -22.42 -6.11
CA TRP C 584 86.92 -21.99 -7.40
C TRP C 584 85.98 -22.36 -8.54
N LYS C 585 84.69 -22.21 -8.28
CA LYS C 585 83.65 -22.45 -9.30
C LYS C 585 83.51 -21.16 -10.11
N ASN C 586 84.49 -20.94 -10.98
CA ASN C 586 84.47 -19.74 -11.81
C ASN C 586 83.36 -19.83 -12.86
N ARG C 587 82.74 -18.68 -13.12
CA ARG C 587 81.63 -18.63 -14.07
C ARG C 587 82.12 -18.60 -15.51
N THR C 588 81.26 -19.07 -16.40
CA THR C 588 81.51 -18.93 -17.83
C THR C 588 81.03 -17.56 -18.31
N GLN C 589 81.44 -17.22 -19.54
CA GLN C 589 81.01 -15.94 -20.12
C GLN C 589 79.50 -15.88 -20.25
N GLU C 590 78.88 -16.99 -20.69
CA GLU C 590 77.43 -17.02 -20.78
C GLU C 590 76.80 -16.83 -19.41
N GLN C 591 77.37 -17.47 -18.39
CA GLN C 591 76.83 -17.34 -17.04
C GLN C 591 76.92 -15.90 -16.55
N CYS C 592 78.04 -15.22 -16.82
CA CYS C 592 78.15 -13.82 -16.42
C CYS C 592 77.11 -12.95 -17.15
N VAL C 593 76.95 -13.17 -18.45
CA VAL C 593 75.96 -12.39 -19.20
C VAL C 593 74.57 -12.63 -18.64
N HIS C 594 74.24 -13.90 -18.41
CA HIS C 594 72.94 -14.25 -17.86
C HIS C 594 72.75 -13.64 -16.49
N ASN C 595 73.81 -13.60 -15.69
CA ASN C 595 73.74 -12.99 -14.36
C ASN C 595 73.40 -11.51 -14.45
N GLU C 596 74.06 -10.79 -15.36
CA GLU C 596 73.79 -9.37 -15.48
C GLU C 596 72.39 -9.11 -16.02
N THR C 597 71.93 -9.90 -17.00
CA THR C 597 70.57 -9.75 -17.50
C THR C 597 69.56 -10.04 -16.40
N LYS C 598 69.82 -11.08 -15.60
CA LYS C 598 68.96 -11.39 -14.46
C LYS C 598 68.93 -10.24 -13.48
N ASN C 599 70.08 -9.60 -13.25
CA ASN C 599 70.12 -8.47 -12.33
C ASN C 599 69.26 -7.32 -12.84
N GLU C 600 69.29 -7.07 -14.15
CA GLU C 600 68.42 -6.05 -14.74
C GLU C 600 66.95 -6.39 -14.50
N LEU C 601 66.55 -7.61 -14.88
CA LEU C 601 65.14 -7.98 -14.77
C LEU C 601 64.71 -8.01 -13.30
N GLU C 602 65.63 -8.39 -12.42
CA GLU C 602 65.32 -8.52 -11.01
C GLU C 602 65.23 -7.17 -10.33
N LYS C 603 66.05 -6.18 -10.71
CA LYS C 603 65.80 -4.87 -10.14
C LYS C 603 64.43 -4.40 -10.57
N MET C 604 64.07 -4.65 -11.84
CA MET C 604 62.74 -4.24 -12.29
C MET C 604 61.66 -4.87 -11.42
N LEU C 605 61.74 -6.18 -11.22
CA LEU C 605 60.71 -6.87 -10.44
C LEU C 605 60.74 -6.50 -8.96
N LYS C 606 61.93 -6.25 -8.40
CA LYS C 606 62.02 -5.83 -7.00
C LYS C 606 61.37 -4.47 -6.80
N CYS C 607 61.60 -3.55 -7.74
CA CYS C 607 60.95 -2.24 -7.63
C CYS C 607 59.44 -2.36 -7.80
N ASN C 608 58.99 -3.28 -8.66
CA ASN C 608 57.57 -3.45 -8.94
C ASN C 608 57.29 -4.94 -9.09
N GLU C 609 56.76 -5.56 -8.03
CA GLU C 609 56.42 -6.97 -8.05
C GLU C 609 55.18 -7.26 -8.89
N GLU C 610 54.43 -6.23 -9.27
CA GLU C 610 53.19 -6.40 -10.02
C GLU C 610 53.42 -6.51 -11.52
N HIS C 611 54.66 -6.43 -11.98
CA HIS C 611 54.91 -6.41 -13.41
C HIS C 611 54.43 -7.73 -14.03
N PRO C 612 53.71 -7.69 -15.15
CA PRO C 612 53.28 -8.93 -15.80
C PRO C 612 54.42 -9.62 -16.53
N ALA C 613 54.14 -10.84 -16.99
CA ALA C 613 55.16 -11.62 -17.66
C ALA C 613 55.68 -10.93 -18.91
N TYR C 614 54.79 -10.30 -19.68
CA TYR C 614 55.16 -9.85 -21.02
C TYR C 614 55.65 -8.41 -20.99
N LEU C 615 56.84 -8.21 -21.54
CA LEU C 615 57.47 -6.91 -21.67
C LEU C 615 57.19 -6.33 -23.05
N ALA C 616 57.52 -5.05 -23.21
CA ALA C 616 57.52 -4.45 -24.53
C ALA C 616 58.76 -4.89 -25.31
N SER C 617 58.66 -4.88 -26.64
CA SER C 617 59.83 -5.14 -27.46
C SER C 617 60.87 -4.02 -27.30
N ASP C 618 60.41 -2.78 -27.20
CA ASP C 618 61.32 -1.68 -26.89
C ASP C 618 61.92 -1.86 -25.50
N GLU C 619 61.21 -2.52 -24.59
CA GLU C 619 61.80 -2.86 -23.30
C GLU C 619 62.94 -3.87 -23.48
N ILE C 620 62.76 -4.82 -24.40
CA ILE C 620 63.85 -5.75 -24.72
C ILE C 620 65.05 -4.97 -25.26
N THR C 621 64.79 -4.01 -26.15
CA THR C 621 65.87 -3.19 -26.69
C THR C 621 66.54 -2.38 -25.59
N THR C 622 65.76 -1.83 -24.66
CA THR C 622 66.32 -1.08 -23.55
C THR C 622 67.20 -1.96 -22.67
N VAL C 623 66.75 -3.18 -22.39
CA VAL C 623 67.57 -4.10 -21.61
C VAL C 623 68.87 -4.40 -22.34
N ARG C 624 68.79 -4.66 -23.65
CA ARG C 624 70.01 -4.90 -24.41
C ARG C 624 70.93 -3.70 -24.33
N LYS C 625 70.36 -2.51 -24.44
CA LYS C 625 71.17 -1.29 -24.49
C LYS C 625 71.87 -1.06 -23.16
N ASN C 626 71.16 -1.23 -22.05
CA ASN C 626 71.78 -1.06 -20.74
C ASN C 626 72.86 -2.12 -20.51
N LEU C 627 72.56 -3.38 -20.83
CA LEU C 627 73.53 -4.44 -20.63
C LEU C 627 74.78 -4.19 -21.48
N GLU C 628 74.59 -3.76 -22.73
CA GLU C 628 75.71 -3.43 -23.59
C GLU C 628 76.49 -2.24 -23.04
N SER C 629 75.79 -1.25 -22.51
CA SER C 629 76.45 -0.06 -21.98
C SER C 629 77.35 -0.41 -20.80
N ARG C 630 76.84 -1.24 -19.88
CA ARG C 630 77.70 -1.68 -18.77
C ARG C 630 78.82 -2.58 -19.29
N GLY C 631 78.61 -3.25 -20.41
CA GLY C 631 79.62 -4.11 -21.00
C GLY C 631 79.23 -5.56 -21.07
N VAL C 632 77.93 -5.82 -21.24
CA VAL C 632 77.40 -7.17 -21.32
C VAL C 632 76.76 -7.34 -22.69
N GLU C 633 77.14 -8.40 -23.39
CA GLU C 633 76.60 -8.70 -24.72
C GLU C 633 75.29 -9.45 -24.54
N VAL C 634 74.22 -8.92 -25.12
CA VAL C 634 72.88 -9.49 -24.95
C VAL C 634 72.07 -9.27 -26.21
N ASP C 635 71.18 -10.22 -26.48
CA ASP C 635 70.30 -10.21 -27.64
C ASP C 635 68.89 -10.56 -27.18
N PRO C 636 67.88 -10.30 -28.01
CA PRO C 636 66.49 -10.48 -27.56
C PRO C 636 66.18 -11.91 -27.11
N SER C 637 66.88 -12.91 -27.64
CA SER C 637 66.59 -14.29 -27.29
C SER C 637 67.12 -14.63 -25.90
N LEU C 638 68.32 -14.16 -25.59
CA LEU C 638 68.84 -14.32 -24.24
C LEU C 638 67.91 -13.66 -23.23
N ILE C 639 67.44 -12.46 -23.54
CA ILE C 639 66.54 -11.76 -22.62
C ILE C 639 65.23 -12.52 -22.48
N LYS C 640 64.69 -13.06 -23.57
CA LYS C 640 63.41 -13.75 -23.46
C LYS C 640 63.53 -15.03 -22.65
N ASP C 641 64.60 -15.80 -22.84
CA ASP C 641 64.76 -17.01 -22.03
C ASP C 641 65.02 -16.67 -20.56
N THR C 642 65.92 -15.72 -20.31
CA THR C 642 66.21 -15.31 -18.94
C THR C 642 64.96 -14.79 -18.27
N TRP C 643 64.22 -13.98 -19.05
CA TRP C 643 62.96 -13.36 -18.61
C TRP C 643 61.97 -14.46 -18.22
N HIS C 644 61.78 -15.45 -19.07
CA HIS C 644 60.82 -16.51 -18.79
C HIS C 644 61.16 -17.20 -17.47
N GLN C 645 62.40 -17.65 -17.31
CA GLN C 645 62.76 -18.34 -16.09
C GLN C 645 62.65 -17.43 -14.88
N VAL C 646 63.15 -16.19 -15.00
CA VAL C 646 63.20 -15.27 -13.87
C VAL C 646 61.81 -14.87 -13.43
N TYR C 647 60.93 -14.54 -14.39
CA TYR C 647 59.58 -14.13 -14.05
C TYR C 647 58.81 -15.30 -13.46
N ARG C 648 59.03 -16.52 -13.96
CA ARG C 648 58.35 -17.65 -13.32
C ARG C 648 58.84 -17.84 -11.90
N ARG C 649 60.14 -17.69 -11.65
CA ARG C 649 60.63 -17.80 -10.29
C ARG C 649 60.01 -16.73 -9.39
N HIS C 650 60.00 -15.48 -9.86
CA HIS C 650 59.37 -14.39 -9.12
C HIS C 650 57.91 -14.69 -8.86
N PHE C 651 57.19 -15.14 -9.88
CA PHE C 651 55.78 -15.45 -9.79
C PHE C 651 55.51 -16.52 -8.73
N LEU C 652 56.26 -17.62 -8.78
CA LEU C 652 56.01 -18.73 -7.86
C LEU C 652 56.43 -18.38 -6.43
N LYS C 653 57.55 -17.67 -6.27
CA LYS C 653 57.98 -17.30 -4.92
C LYS C 653 57.06 -16.26 -4.32
N THR C 654 56.55 -15.34 -5.15
CA THR C 654 55.54 -14.41 -4.68
C THR C 654 54.27 -15.15 -4.29
N ALA C 655 53.90 -16.18 -5.04
CA ALA C 655 52.75 -16.99 -4.67
C ALA C 655 52.97 -17.67 -3.32
N LEU C 656 54.19 -18.13 -3.04
CA LEU C 656 54.45 -18.78 -1.76
C LEU C 656 54.50 -17.78 -0.61
N ASN C 657 54.99 -16.56 -0.86
CA ASN C 657 54.87 -15.52 0.17
C ASN C 657 53.41 -15.17 0.41
N HIS C 658 52.61 -15.20 -0.66
CA HIS C 658 51.17 -15.02 -0.51
C HIS C 658 50.56 -16.18 0.26
N CYS C 659 51.13 -17.38 0.14
CA CYS C 659 50.75 -18.48 1.03
C CYS C 659 51.04 -18.11 2.48
N ASN C 660 52.23 -17.59 2.73
CA ASN C 660 52.60 -17.21 4.10
C ASN C 660 51.63 -16.19 4.67
N LEU C 661 51.12 -15.28 3.83
CA LEU C 661 50.16 -14.30 4.29
C LEU C 661 48.74 -14.84 4.37
N CYS C 662 48.35 -15.76 3.47
CA CYS C 662 47.03 -16.37 3.55
C CYS C 662 46.88 -17.17 4.82
N ARG C 663 47.97 -17.85 5.24
CA ARG C 663 47.91 -18.63 6.46
C ARG C 663 47.34 -17.84 7.63
N ARG C 664 47.42 -16.52 7.58
CA ARG C 664 46.87 -15.66 8.63
C ARG C 664 46.09 -14.49 8.03
N GLY C 665 45.29 -14.77 7.01
CA GLY C 665 44.43 -13.73 6.47
C GLY C 665 42.96 -14.07 6.49
N PHE C 666 42.23 -13.44 7.41
CA PHE C 666 40.77 -13.51 7.45
C PHE C 666 40.10 -12.18 7.80
N TYR C 667 40.78 -11.28 8.51
CA TYR C 667 40.16 -10.05 8.97
C TYR C 667 39.80 -9.14 7.79
N TYR C 668 40.67 -9.10 6.79
CA TYR C 668 40.49 -8.18 5.67
C TYR C 668 39.12 -8.34 5.05
N TYR C 669 38.64 -9.58 4.98
CA TYR C 669 37.39 -9.89 4.28
C TYR C 669 36.19 -9.66 5.17
N GLN C 670 36.38 -9.76 6.50
CA GLN C 670 35.35 -9.32 7.43
C GLN C 670 35.13 -7.81 7.32
N ARG C 671 36.22 -7.05 7.16
CA ARG C 671 36.11 -5.59 7.20
C ARG C 671 35.91 -4.95 5.83
N HIS C 672 36.20 -5.65 4.73
CA HIS C 672 36.12 -5.04 3.39
C HIS C 672 37.03 -3.81 3.30
N PHE C 673 38.19 -3.88 3.95
CA PHE C 673 39.08 -2.74 4.02
C PHE C 673 39.69 -2.47 2.65
N VAL C 674 39.69 -1.19 2.24
CA VAL C 674 39.99 -0.85 0.85
C VAL C 674 41.48 -0.91 0.52
N ASP C 675 42.37 -0.69 1.49
CA ASP C 675 43.80 -0.64 1.22
C ASP C 675 44.44 -2.03 1.20
N SER C 676 43.64 -3.09 1.27
CA SER C 676 44.15 -4.45 1.43
C SER C 676 44.51 -5.03 0.06
N GLU C 677 45.80 -5.24 -0.18
CA GLU C 677 46.23 -5.89 -1.42
C GLU C 677 45.91 -7.38 -1.40
N LEU C 678 46.08 -8.03 -0.25
CA LEU C 678 45.97 -9.49 -0.17
C LEU C 678 44.59 -9.97 -0.56
N GLU C 679 44.53 -10.81 -1.60
CA GLU C 679 43.33 -11.57 -1.93
C GLU C 679 43.75 -13.00 -2.23
N CYS C 680 43.24 -13.95 -1.44
CA CYS C 680 43.71 -15.32 -1.43
C CYS C 680 42.76 -16.21 -2.24
N ASN C 681 42.90 -16.14 -3.57
CA ASN C 681 42.02 -16.90 -4.47
C ASN C 681 42.71 -18.06 -5.18
N ASP C 682 44.04 -18.07 -5.25
CA ASP C 682 44.75 -19.21 -5.83
C ASP C 682 44.53 -20.47 -4.97
N VAL C 683 44.32 -20.25 -3.68
CA VAL C 683 44.08 -21.32 -2.73
C VAL C 683 42.90 -22.16 -3.18
N VAL C 684 41.84 -21.50 -3.66
CA VAL C 684 40.66 -22.21 -4.11
C VAL C 684 40.98 -23.08 -5.32
N LEU C 685 41.77 -22.57 -6.27
CA LEU C 685 42.14 -23.37 -7.43
C LEU C 685 42.82 -24.66 -7.02
N PHE C 686 43.87 -24.56 -6.19
CA PHE C 686 44.59 -25.78 -5.88
C PHE C 686 43.80 -26.71 -4.95
N TRP C 687 42.91 -26.16 -4.12
CA TRP C 687 41.96 -26.99 -3.40
C TRP C 687 41.09 -27.79 -4.35
N ARG C 688 40.52 -27.11 -5.34
CA ARG C 688 39.67 -27.75 -6.33
C ARG C 688 40.42 -28.84 -7.06
N ILE C 689 41.67 -28.56 -7.45
CA ILE C 689 42.43 -29.54 -8.23
C ILE C 689 42.80 -30.74 -7.37
N GLN C 690 43.16 -30.52 -6.11
CA GLN C 690 43.41 -31.65 -5.23
C GLN C 690 42.18 -32.55 -5.14
N ARG C 691 41.01 -31.93 -4.93
CA ARG C 691 39.79 -32.74 -4.81
C ARG C 691 39.45 -33.40 -6.14
N MET C 692 39.71 -32.73 -7.26
CA MET C 692 39.47 -33.34 -8.56
C MET C 692 40.39 -34.52 -8.83
N LEU C 693 41.65 -34.41 -8.41
CA LEU C 693 42.55 -35.55 -8.53
C LEU C 693 42.02 -36.72 -7.74
N ALA C 694 41.56 -36.45 -6.52
CA ALA C 694 40.97 -37.52 -5.71
C ALA C 694 39.78 -38.15 -6.41
N ILE C 695 38.88 -37.32 -6.97
CA ILE C 695 37.65 -37.86 -7.54
C ILE C 695 37.96 -38.66 -8.80
N THR C 696 38.88 -38.17 -9.63
CA THR C 696 39.22 -38.90 -10.85
C THR C 696 39.89 -40.23 -10.52
N ALA C 697 40.81 -40.23 -9.56
CA ALA C 697 41.46 -41.48 -9.18
C ALA C 697 40.44 -42.46 -8.63
N ASN C 698 39.48 -41.99 -7.84
CA ASN C 698 38.53 -42.90 -7.22
C ASN C 698 37.56 -43.47 -8.26
N THR C 699 37.09 -42.63 -9.18
CA THR C 699 36.20 -43.11 -10.23
C THR C 699 36.91 -44.15 -11.09
N LEU C 700 38.17 -43.87 -11.45
CA LEU C 700 38.92 -44.83 -12.25
C LEU C 700 39.12 -46.13 -11.48
N ARG C 701 39.39 -46.04 -10.18
CA ARG C 701 39.53 -47.25 -9.38
C ARG C 701 38.24 -48.06 -9.38
N GLN C 702 37.11 -47.40 -9.22
CA GLN C 702 35.84 -48.11 -9.17
C GLN C 702 35.56 -48.81 -10.49
N GLN C 703 35.76 -48.09 -11.60
CA GLN C 703 35.62 -48.73 -12.91
C GLN C 703 36.54 -49.92 -13.03
N LEU C 704 37.76 -49.80 -12.49
CA LEU C 704 38.73 -50.89 -12.54
C LEU C 704 38.24 -52.09 -11.73
N THR C 705 37.82 -51.87 -10.49
CA THR C 705 37.59 -52.95 -9.55
C THR C 705 36.25 -53.63 -9.73
N ASN C 706 35.27 -52.98 -10.38
CA ASN C 706 33.98 -53.62 -10.58
C ASN C 706 33.69 -54.02 -12.02
N THR C 707 34.34 -53.40 -13.00
CA THR C 707 34.04 -53.70 -14.39
C THR C 707 35.26 -54.27 -15.11
N GLU C 708 36.39 -53.57 -15.04
CA GLU C 708 37.52 -53.91 -15.87
C GLU C 708 38.35 -55.05 -15.29
N VAL C 709 38.48 -55.14 -13.96
CA VAL C 709 39.32 -56.18 -13.38
C VAL C 709 38.68 -57.55 -13.57
N ARG C 710 37.36 -57.65 -13.47
CA ARG C 710 36.68 -58.92 -13.72
C ARG C 710 36.75 -59.31 -15.20
N ARG C 711 36.66 -58.33 -16.09
CA ARG C 711 36.88 -58.61 -17.51
C ARG C 711 38.30 -59.12 -17.74
N LEU C 712 39.26 -58.55 -17.00
CA LEU C 712 40.64 -59.00 -17.11
C LEU C 712 40.78 -60.44 -16.62
N GLU C 713 40.10 -60.78 -15.52
CA GLU C 713 40.15 -62.15 -15.03
C GLU C 713 39.58 -63.11 -16.07
N LYS C 714 38.47 -62.73 -16.70
CA LYS C 714 37.90 -63.56 -17.76
C LYS C 714 38.88 -63.72 -18.91
N ASN C 715 39.51 -62.62 -19.33
CA ASN C 715 40.46 -62.68 -20.44
C ASN C 715 41.67 -63.54 -20.09
N VAL C 716 42.14 -63.44 -18.85
CA VAL C 716 43.27 -64.24 -18.41
C VAL C 716 42.91 -65.72 -18.41
N LYS C 717 41.71 -66.07 -17.94
CA LYS C 717 41.29 -67.47 -18.00
C LYS C 717 41.22 -67.95 -19.43
N GLU C 718 40.71 -67.11 -20.34
CA GLU C 718 40.66 -67.50 -21.75
C GLU C 718 42.06 -67.72 -22.31
N VAL C 719 42.99 -66.82 -21.99
CA VAL C 719 44.37 -66.93 -22.48
C VAL C 719 45.01 -68.19 -21.93
N LEU C 720 44.80 -68.47 -20.64
CA LEU C 720 45.39 -69.65 -20.03
C LEU C 720 44.82 -70.93 -20.64
N GLU C 721 43.52 -70.94 -20.94
CA GLU C 721 42.95 -72.12 -21.61
C GLU C 721 43.54 -72.28 -22.99
N ASP C 722 43.68 -71.19 -23.74
CA ASP C 722 44.23 -71.27 -25.09
C ASP C 722 45.67 -71.76 -25.05
N PHE C 723 46.43 -71.33 -24.05
CA PHE C 723 47.81 -71.78 -23.94
C PHE C 723 47.89 -73.22 -23.43
N ALA C 724 46.92 -73.64 -22.62
CA ALA C 724 46.88 -75.02 -22.15
C ALA C 724 46.64 -75.98 -23.30
N GLU C 725 45.75 -75.60 -24.23
CA GLU C 725 45.53 -76.44 -25.39
C GLU C 725 46.71 -76.44 -26.34
N ASP C 726 47.48 -75.35 -26.37
CA ASP C 726 48.62 -75.24 -27.27
C ASP C 726 49.75 -76.13 -26.78
N GLY C 727 49.99 -77.23 -27.50
CA GLY C 727 51.11 -78.10 -27.16
C GLY C 727 52.45 -77.44 -27.39
N GLU C 728 52.55 -76.65 -28.48
CA GLU C 728 53.80 -75.97 -28.78
C GLU C 728 54.20 -75.01 -27.67
N LYS C 729 53.23 -74.30 -27.10
CA LYS C 729 53.55 -73.36 -26.02
C LYS C 729 54.08 -74.09 -24.80
N LYS C 730 53.50 -75.25 -24.46
CA LYS C 730 54.04 -76.05 -23.37
C LYS C 730 55.44 -76.54 -23.70
N ILE C 731 55.67 -76.90 -24.96
CA ILE C 731 57.00 -77.36 -25.36
C ILE C 731 58.03 -76.25 -25.21
N LYS C 732 57.67 -75.03 -25.62
CA LYS C 732 58.61 -73.90 -25.65
C LYS C 732 58.48 -72.99 -24.43
N LEU C 733 57.59 -73.32 -23.49
CA LEU C 733 57.56 -72.66 -22.19
C LEU C 733 57.56 -73.71 -21.09
N LEU C 734 58.02 -73.30 -19.91
CA LEU C 734 58.00 -74.16 -18.73
C LEU C 734 58.73 -75.47 -18.98
N THR C 735 59.98 -75.35 -19.44
CA THR C 735 60.78 -76.50 -19.84
C THR C 735 61.87 -76.84 -18.84
N GLY C 736 61.93 -76.15 -17.70
CA GLY C 736 63.10 -76.19 -16.84
C GLY C 736 63.25 -77.41 -15.95
N LYS C 737 62.21 -78.22 -15.78
CA LYS C 737 62.29 -79.25 -14.77
C LYS C 737 63.16 -80.43 -15.22
N ARG C 738 63.69 -81.16 -14.25
CA ARG C 738 64.53 -82.34 -14.47
C ARG C 738 63.72 -83.63 -14.62
N VAL C 739 62.40 -83.53 -14.63
CA VAL C 739 61.56 -84.73 -14.71
C VAL C 739 61.86 -85.51 -15.99
N GLN C 740 62.31 -84.82 -17.03
CA GLN C 740 62.57 -85.48 -18.30
C GLN C 740 63.61 -86.57 -18.14
N LEU C 741 64.67 -86.28 -17.38
CA LEU C 741 65.71 -87.26 -17.12
C LEU C 741 65.15 -88.48 -16.40
N ALA C 742 64.27 -88.26 -15.43
CA ALA C 742 63.67 -89.36 -14.69
C ALA C 742 62.72 -90.20 -15.55
N GLU C 743 62.15 -89.59 -16.59
CA GLU C 743 61.23 -90.33 -17.44
C GLU C 743 61.95 -91.48 -18.15
N ASP C 744 63.19 -91.28 -18.56
CA ASP C 744 63.98 -92.38 -19.12
C ASP C 744 64.23 -93.46 -18.07
N LEU C 745 64.66 -93.05 -16.86
CA LEU C 745 64.98 -94.01 -15.76
C LEU C 745 63.77 -94.96 -15.62
N LYS C 746 62.54 -94.44 -15.70
CA LYS C 746 61.29 -95.24 -15.49
C LYS C 746 60.89 -95.99 -16.78
N LYS C 747 61.01 -95.38 -17.97
CA LYS C 747 60.53 -95.97 -19.21
C LYS C 747 61.36 -97.19 -19.62
N VAL C 748 62.66 -97.20 -19.38
CA VAL C 748 63.55 -98.32 -19.86
C VAL C 748 63.22 -99.61 -19.06
N ARG C 749 62.29 -99.58 -18.08
CA ARG C 749 61.85 -100.79 -17.30
C ARG C 749 61.23 -101.88 -18.21
N GLU C 750 60.62 -101.57 -19.37
CA GLU C 750 60.09 -102.57 -20.28
C GLU C 750 61.23 -103.30 -20.98
N ILE C 751 62.26 -102.55 -21.39
CA ILE C 751 63.40 -103.16 -22.06
C ILE C 751 64.08 -104.07 -21.04
N GLN C 752 64.20 -103.59 -19.80
CA GLN C 752 64.87 -104.34 -18.69
C GLN C 752 64.13 -105.68 -18.47
N GLU C 753 62.79 -105.70 -18.49
CA GLU C 753 62.00 -106.92 -18.33
C GLU C 753 62.14 -107.90 -19.48
N LYS C 754 62.04 -107.40 -20.71
CA LYS C 754 62.15 -108.29 -21.86
C LYS C 754 63.52 -108.96 -21.91
N LEU C 755 64.58 -108.18 -21.65
CA LEU C 755 65.93 -108.72 -21.78
C LEU C 755 66.22 -109.76 -20.71
N ASP C 756 65.81 -109.50 -19.45
CA ASP C 756 66.09 -110.44 -18.38
C ASP C 756 65.30 -111.73 -18.56
N ALA C 757 64.02 -111.62 -18.93
CA ALA C 757 63.26 -112.84 -19.19
C ALA C 757 63.82 -113.63 -20.36
N PHE C 758 64.35 -112.95 -21.38
CA PHE C 758 64.99 -113.65 -22.48
C PHE C 758 66.25 -114.37 -22.02
N ILE C 759 67.00 -113.77 -21.10
CA ILE C 759 68.19 -114.43 -20.56
C ILE C 759 67.76 -115.69 -19.83
N GLU C 760 66.72 -115.59 -19.01
CA GLU C 760 66.23 -116.78 -18.31
C GLU C 760 65.80 -117.86 -19.28
N ALA C 761 65.07 -117.48 -20.33
CA ALA C 761 64.68 -118.47 -21.34
C ALA C 761 65.89 -119.05 -22.05
N LEU C 762 66.92 -118.24 -22.29
CA LEU C 762 68.15 -118.76 -22.87
C LEU C 762 68.72 -119.87 -22.00
N HIS C 763 68.78 -119.64 -20.69
CA HIS C 763 69.28 -120.68 -19.79
C HIS C 763 68.38 -121.91 -19.79
N GLN C 764 67.05 -121.71 -19.80
CA GLN C 764 66.15 -122.86 -19.79
C GLN C 764 66.34 -123.73 -21.02
N GLU C 765 66.44 -123.13 -22.21
CA GLU C 765 66.60 -123.94 -23.40
C GLU C 765 67.92 -124.70 -23.40
N LYS C 766 69.01 -124.06 -22.97
CA LYS C 766 70.31 -124.72 -22.91
C LYS C 766 70.26 -125.90 -21.95
N ALA D 1 87.62 -23.13 -45.15
CA ALA D 1 86.28 -22.83 -45.63
C ALA D 1 85.23 -23.23 -44.59
N THR D 2 85.55 -24.25 -43.80
CA THR D 2 84.63 -24.70 -42.77
C THR D 2 84.42 -23.61 -41.73
N ASP D 3 83.17 -23.49 -41.26
CA ASP D 3 82.82 -22.52 -40.24
C ASP D 3 83.13 -21.10 -40.70
N ARG D 4 82.87 -20.81 -41.97
CA ARG D 4 83.05 -19.48 -42.55
C ARG D 4 81.69 -18.95 -42.98
N GLY D 5 81.37 -17.72 -42.57
CA GLY D 5 80.07 -17.15 -42.87
C GLY D 5 79.82 -16.98 -44.36
N SER D 6 80.82 -16.46 -45.08
CA SER D 6 80.67 -16.26 -46.52
C SER D 6 80.46 -17.59 -47.24
N GLU D 7 81.20 -18.62 -46.83
CA GLU D 7 81.01 -19.94 -47.42
C GLU D 7 79.61 -20.45 -47.17
N SER D 8 79.09 -20.24 -45.95
CA SER D 8 77.71 -20.63 -45.66
C SER D 8 76.73 -19.89 -46.55
N ASP D 9 76.96 -18.59 -46.77
CA ASP D 9 76.08 -17.83 -47.64
C ASP D 9 76.10 -18.39 -49.06
N LYS D 10 77.28 -18.72 -49.58
CA LYS D 10 77.37 -19.26 -50.93
C LYS D 10 76.66 -20.60 -51.03
N HIS D 11 76.82 -21.46 -50.02
CA HIS D 11 76.11 -22.73 -50.01
C HIS D 11 74.61 -22.52 -49.99
N PHE D 12 74.13 -21.57 -49.19
CA PHE D 12 72.71 -21.25 -49.18
C PHE D 12 72.23 -20.77 -50.53
N ARG D 13 73.05 -19.96 -51.22
CA ARG D 13 72.66 -19.48 -52.54
C ARG D 13 72.47 -20.64 -53.50
N LYS D 14 73.41 -21.60 -53.50
CA LYS D 14 73.28 -22.76 -54.38
C LYS D 14 72.03 -23.56 -54.04
N VAL D 15 71.79 -23.79 -52.74
CA VAL D 15 70.65 -24.59 -52.31
C VAL D 15 69.35 -23.92 -52.72
N SER D 16 69.29 -22.59 -52.59
CA SER D 16 68.08 -21.86 -52.95
C SER D 16 67.87 -21.84 -54.46
N ASP D 17 68.95 -21.80 -55.25
CA ASP D 17 68.78 -21.84 -56.69
C ASP D 17 68.20 -23.19 -57.13
N LYS D 18 68.69 -24.29 -56.55
CA LYS D 18 68.10 -25.58 -56.91
C LYS D 18 66.61 -25.62 -56.57
N GLU D 19 66.22 -25.06 -55.42
CA GLU D 19 64.80 -24.98 -55.10
C GLU D 19 64.06 -24.07 -56.07
N LYS D 20 64.73 -23.04 -56.58
CA LYS D 20 64.09 -22.15 -57.55
C LYS D 20 63.81 -22.89 -58.86
N ILE D 21 64.58 -23.93 -59.17
CA ILE D 21 64.27 -24.74 -60.35
C ILE D 21 63.64 -26.07 -59.95
N ASP D 22 62.89 -26.07 -58.84
CA ASP D 22 62.20 -27.27 -58.39
C ASP D 22 61.03 -27.61 -59.31
N GLN D 23 60.60 -28.87 -59.24
CA GLN D 23 59.46 -29.32 -60.04
C GLN D 23 58.19 -28.54 -59.73
N LEU D 24 58.01 -28.08 -58.48
CA LEU D 24 56.88 -27.22 -58.19
C LEU D 24 56.94 -25.96 -59.04
N GLN D 25 58.09 -25.28 -59.05
CA GLN D 25 58.23 -24.07 -59.84
C GLN D 25 58.14 -24.36 -61.33
N GLU D 26 58.71 -25.49 -61.77
CA GLU D 26 58.67 -25.82 -63.20
C GLU D 26 57.23 -26.08 -63.66
N GLU D 27 56.46 -26.84 -62.87
CA GLU D 27 55.06 -27.05 -63.19
C GLU D 27 54.29 -25.74 -63.12
N LEU D 28 54.64 -24.86 -62.18
CA LEU D 28 54.01 -23.55 -62.13
C LEU D 28 54.24 -22.79 -63.42
N LEU D 29 55.47 -22.81 -63.93
CA LEU D 29 55.76 -22.14 -65.20
C LEU D 29 54.98 -22.77 -66.35
N HIS D 30 54.96 -24.10 -66.42
CA HIS D 30 54.27 -24.76 -67.54
C HIS D 30 52.78 -24.46 -67.51
N THR D 31 52.15 -24.55 -66.33
CA THR D 31 50.72 -24.25 -66.23
C THR D 31 50.46 -22.77 -66.47
N GLN D 32 51.35 -21.90 -65.99
CA GLN D 32 51.18 -20.47 -66.18
C GLN D 32 51.22 -20.10 -67.65
N LEU D 33 52.05 -20.77 -68.44
CA LEU D 33 52.12 -20.46 -69.87
C LEU D 33 50.77 -20.68 -70.54
N LYS D 34 50.09 -21.78 -70.22
CA LYS D 34 48.75 -21.98 -70.75
C LYS D 34 47.75 -21.00 -70.14
N TYR D 35 47.91 -20.67 -68.86
CA TYR D 35 46.96 -19.75 -68.22
C TYR D 35 47.06 -18.34 -68.82
N GLN D 36 48.25 -17.93 -69.27
CA GLN D 36 48.38 -16.62 -69.91
C GLN D 36 47.51 -16.53 -71.16
N ARG D 37 47.21 -17.67 -71.78
CA ARG D 37 46.32 -17.71 -72.93
C ARG D 37 44.89 -18.06 -72.53
N ILE D 38 44.72 -18.90 -71.51
CA ILE D 38 43.38 -19.23 -71.03
C ILE D 38 42.77 -18.03 -70.32
N LEU D 39 41.48 -17.80 -70.57
CA LEU D 39 40.79 -16.62 -70.04
C LEU D 39 41.51 -15.32 -70.42
N GLU D 40 42.10 -15.40 -71.60
CA GLU D 40 42.85 -14.24 -72.12
C GLU D 40 42.45 -13.97 -73.57
N ARG D 41 42.99 -12.92 -74.20
CA ARG D 41 42.66 -12.38 -75.51
C ARG D 41 41.37 -11.57 -75.42
N LEU D 42 40.72 -11.56 -74.26
CA LEU D 42 39.63 -10.63 -74.02
C LEU D 42 40.17 -9.21 -73.80
N GLU D 43 41.37 -9.11 -73.22
CA GLU D 43 41.88 -7.82 -72.77
C GLU D 43 42.04 -6.84 -73.93
N LYS D 44 42.59 -7.30 -75.06
CA LYS D 44 42.84 -6.40 -76.18
C LYS D 44 41.54 -5.80 -76.70
N GLU D 45 40.48 -6.61 -76.77
CA GLU D 45 39.17 -6.06 -77.13
C GLU D 45 38.64 -5.13 -76.05
N ASN D 46 38.92 -5.45 -74.78
CA ASN D 46 38.37 -4.67 -73.67
C ASN D 46 38.86 -3.23 -73.72
N LYS D 47 40.09 -3.00 -74.20
CA LYS D 47 40.67 -1.66 -74.13
C LYS D 47 39.80 -0.62 -74.82
N GLU D 48 39.00 -1.02 -75.81
CA GLU D 48 38.19 -0.07 -76.54
C GLU D 48 37.18 0.60 -75.61
N LEU D 49 37.01 1.91 -75.78
CA LEU D 49 36.11 2.70 -74.95
C LEU D 49 34.76 2.97 -75.60
N ARG D 50 34.51 2.41 -76.77
CA ARG D 50 33.27 2.73 -77.49
C ARG D 50 32.03 2.31 -76.69
N LYS D 51 32.08 1.11 -76.10
CA LYS D 51 30.99 0.66 -75.25
C LYS D 51 30.81 1.61 -74.07
N LEU D 52 31.93 2.03 -73.47
CA LEU D 52 31.87 2.98 -72.38
C LEU D 52 31.27 4.29 -72.84
N VAL D 53 31.59 4.73 -74.05
CA VAL D 53 31.02 5.98 -74.56
C VAL D 53 29.51 5.85 -74.70
N LEU D 54 29.03 4.71 -75.19
CA LEU D 54 27.58 4.50 -75.27
C LEU D 54 26.95 4.54 -73.88
N GLN D 55 27.59 3.91 -72.90
CA GLN D 55 27.06 3.95 -71.53
C GLN D 55 27.06 5.37 -70.99
N LYS D 56 28.09 6.15 -71.29
CA LYS D 56 28.10 7.57 -70.90
C LYS D 56 26.94 8.30 -71.53
N ASP D 57 26.67 8.03 -72.81
CA ASP D 57 25.57 8.68 -73.50
C ASP D 57 24.25 8.36 -72.80
N ASP D 58 24.06 7.11 -72.40
CA ASP D 58 22.88 6.74 -71.63
C ASP D 58 22.84 7.51 -70.31
N LYS D 59 23.98 7.62 -69.62
CA LYS D 59 24.01 8.30 -68.34
C LYS D 59 23.84 9.81 -68.49
N GLY D 60 24.41 10.45 -69.52
CA GLY D 60 24.39 11.93 -69.69
C GLY D 60 23.47 12.32 -70.84
N ILE D 61 24.00 12.96 -71.90
CA ILE D 61 23.20 13.39 -73.09
C ILE D 61 23.04 12.18 -74.01
N HIS D 62 21.91 11.45 -73.97
CA HIS D 62 21.59 10.38 -74.90
C HIS D 62 20.91 10.92 -76.15
N HIS D 63 20.85 12.25 -76.30
CA HIS D 63 20.35 12.93 -77.51
C HIS D 63 18.94 12.48 -77.91
N ARG D 64 18.26 11.81 -76.99
CA ARG D 64 16.91 11.29 -77.24
C ARG D 64 16.06 11.56 -76.01
N LYS D 65 14.74 11.66 -76.23
CA LYS D 65 13.84 12.07 -75.17
C LYS D 65 13.96 11.15 -73.96
N LEU D 66 14.29 9.88 -74.19
CA LEU D 66 14.38 8.92 -73.11
C LEU D 66 15.41 9.34 -72.05
N LYS D 67 16.36 10.19 -72.41
CA LYS D 67 17.50 10.47 -71.54
C LYS D 67 17.06 11.09 -70.22
N LYS D 68 17.82 10.78 -69.15
CA LYS D 68 17.61 11.39 -67.80
C LYS D 68 16.19 11.14 -67.29
N SER D 69 15.51 10.05 -67.70
CA SER D 69 14.08 9.83 -67.28
C SER D 69 14.09 9.72 -65.75
N LEU D 70 13.14 10.33 -65.03
CA LEU D 70 13.10 10.36 -63.54
C LEU D 70 12.49 9.04 -63.03
N ILE D 71 11.65 8.34 -63.82
CA ILE D 71 11.20 6.99 -63.51
C ILE D 71 12.36 6.00 -63.66
N ASP D 72 13.22 6.23 -64.64
CA ASP D 72 14.38 5.37 -64.83
C ASP D 72 15.26 5.36 -63.58
N MET D 73 15.42 6.54 -62.96
CA MET D 73 16.22 6.71 -61.72
C MET D 73 15.46 6.10 -60.54
N TYR D 74 14.11 6.10 -60.54
CA TYR D 74 13.33 5.45 -59.50
C TYR D 74 13.50 3.94 -59.53
N SER D 75 13.64 3.36 -60.72
CA SER D 75 13.86 1.92 -60.80
C SER D 75 15.14 1.53 -60.07
N GLU D 76 16.21 2.28 -60.27
CA GLU D 76 17.46 2.02 -59.56
C GLU D 76 17.29 2.24 -58.06
N VAL D 77 16.52 3.25 -57.68
CA VAL D 77 16.29 3.52 -56.27
C VAL D 77 15.65 2.29 -55.60
N LEU D 78 14.59 1.77 -56.20
CA LEU D 78 13.93 0.61 -55.62
C LEU D 78 14.85 -0.60 -55.62
N ASP D 79 15.65 -0.78 -56.67
CA ASP D 79 16.56 -1.91 -56.69
C ASP D 79 17.57 -1.82 -55.54
N VAL D 80 18.09 -0.62 -55.26
CA VAL D 80 19.07 -0.47 -54.18
C VAL D 80 18.40 -0.61 -52.81
N LEU D 81 17.14 -0.20 -52.67
CA LEU D 81 16.43 -0.54 -51.44
C LEU D 81 16.32 -2.04 -51.26
N SER D 82 16.02 -2.78 -52.33
CA SER D 82 15.96 -4.23 -52.22
C SER D 82 17.31 -4.80 -51.82
N ASP D 83 18.39 -4.28 -52.41
CA ASP D 83 19.73 -4.71 -52.03
C ASP D 83 20.03 -4.43 -50.56
N TYR D 84 19.61 -3.27 -50.06
CA TYR D 84 19.90 -2.94 -48.67
C TYR D 84 19.30 -3.97 -47.72
N ASP D 85 18.05 -4.38 -47.97
CA ASP D 85 17.31 -5.23 -47.03
C ASP D 85 16.51 -6.26 -47.81
N ALA D 86 16.87 -7.54 -47.64
CA ALA D 86 15.98 -8.62 -48.09
C ALA D 86 14.64 -8.54 -47.40
N SER D 87 14.64 -8.21 -46.10
CA SER D 87 13.41 -8.09 -45.36
C SER D 87 12.53 -6.98 -45.92
N TYR D 88 11.21 -7.21 -45.88
CA TYR D 88 10.25 -6.36 -46.58
C TYR D 88 10.19 -4.96 -45.99
N ASN D 89 10.50 -4.82 -44.71
CA ASN D 89 10.24 -3.57 -43.99
C ASN D 89 10.77 -2.35 -44.73
N THR D 90 12.04 -2.41 -45.13
CA THR D 90 12.66 -1.26 -45.78
C THR D 90 12.25 -1.11 -47.24
N GLN D 91 11.96 -2.23 -47.92
CA GLN D 91 11.41 -2.12 -49.27
C GLN D 91 10.06 -1.42 -49.24
N ASP D 92 9.33 -1.56 -48.14
CA ASP D 92 8.05 -0.87 -47.98
C ASP D 92 8.23 0.63 -47.77
N HIS D 93 9.45 1.10 -47.57
CA HIS D 93 9.66 2.53 -47.36
C HIS D 93 9.26 3.35 -48.57
N LEU D 94 9.47 2.84 -49.78
CA LEU D 94 9.28 3.64 -50.97
C LEU D 94 8.17 3.10 -51.85
N PRO D 95 7.39 3.99 -52.47
CA PRO D 95 6.24 3.56 -53.28
C PRO D 95 6.60 2.68 -54.48
N ARG D 96 5.65 1.79 -54.80
CA ARG D 96 5.64 1.02 -56.04
C ARG D 96 4.20 0.57 -56.24
N VAL D 97 3.89 0.08 -57.44
CA VAL D 97 2.58 -0.48 -57.71
C VAL D 97 2.68 -1.99 -57.60
N VAL D 98 1.91 -2.58 -56.69
CA VAL D 98 1.91 -4.02 -56.43
C VAL D 98 0.63 -4.60 -57.00
N VAL D 99 0.76 -5.56 -57.92
CA VAL D 99 -0.38 -6.13 -58.63
C VAL D 99 -0.61 -7.53 -58.10
N VAL D 100 -1.77 -7.75 -57.50
CA VAL D 100 -2.19 -9.07 -57.04
C VAL D 100 -3.39 -9.48 -57.88
N GLY D 101 -3.63 -10.77 -57.99
CA GLY D 101 -4.79 -11.24 -58.72
C GLY D 101 -5.11 -12.68 -58.43
N ASP D 102 -6.34 -13.05 -58.78
CA ASP D 102 -6.76 -14.44 -58.67
C ASP D 102 -5.91 -15.30 -59.59
N GLN D 103 -5.57 -16.50 -59.14
CA GLN D 103 -4.75 -17.39 -59.94
C GLN D 103 -5.39 -17.65 -61.29
N SER D 104 -4.60 -17.52 -62.35
CA SER D 104 -5.04 -17.76 -63.72
C SER D 104 -6.14 -16.78 -64.13
N ALA D 105 -6.14 -15.59 -63.55
CA ALA D 105 -7.10 -14.56 -63.91
C ALA D 105 -6.70 -13.78 -65.16
N GLY D 106 -5.51 -14.03 -65.72
CA GLY D 106 -5.01 -13.28 -66.84
C GLY D 106 -4.13 -12.11 -66.47
N LYS D 107 -3.73 -12.00 -65.20
CA LYS D 107 -2.99 -10.86 -64.70
C LYS D 107 -1.74 -10.55 -65.54
N THR D 108 -1.03 -11.60 -65.98
CA THR D 108 0.13 -11.36 -66.83
C THR D 108 -0.27 -10.75 -68.18
N SER D 109 -1.45 -11.09 -68.70
CA SER D 109 -1.90 -10.42 -69.92
C SER D 109 -2.17 -8.94 -69.66
N VAL D 110 -2.72 -8.61 -68.50
CA VAL D 110 -2.92 -7.20 -68.14
C VAL D 110 -1.57 -6.48 -68.06
N LEU D 111 -0.59 -7.13 -67.41
CA LEU D 111 0.71 -6.50 -67.25
C LEU D 111 1.43 -6.39 -68.59
N GLU D 112 1.16 -7.31 -69.53
CA GLU D 112 1.74 -7.21 -70.86
C GLU D 112 1.10 -6.07 -71.65
N MET D 113 -0.22 -5.91 -71.54
CA MET D 113 -0.86 -4.80 -72.22
C MET D 113 -0.36 -3.47 -71.68
N ILE D 114 -0.17 -3.38 -70.37
CA ILE D 114 0.36 -2.15 -69.79
C ILE D 114 1.81 -1.93 -70.23
N ALA D 115 2.61 -3.00 -70.23
CA ALA D 115 3.98 -2.93 -70.72
C ALA D 115 4.07 -2.98 -72.25
N GLN D 116 2.96 -3.30 -72.92
CA GLN D 116 2.88 -3.28 -74.38
C GLN D 116 3.82 -4.29 -75.02
N ALA D 117 4.13 -5.37 -74.32
CA ALA D 117 5.02 -6.39 -74.85
C ALA D 117 4.72 -7.73 -74.18
N ARG D 118 5.02 -8.80 -74.91
CA ARG D 118 4.82 -10.17 -74.39
C ARG D 118 6.03 -10.55 -73.54
N ILE D 119 6.09 -9.94 -72.36
CA ILE D 119 7.24 -10.08 -71.47
C ILE D 119 6.87 -10.79 -70.17
N PHE D 120 5.63 -11.26 -70.03
CA PHE D 120 5.23 -11.97 -68.83
C PHE D 120 4.85 -13.41 -69.17
N PRO D 121 5.02 -14.35 -68.24
CA PRO D 121 4.66 -15.75 -68.54
C PRO D 121 3.19 -15.87 -68.92
N ARG D 122 2.96 -16.38 -70.12
CA ARG D 122 1.62 -16.54 -70.67
C ARG D 122 1.33 -18.02 -70.88
N GLY D 123 0.20 -18.49 -70.36
CA GLY D 123 -0.21 -19.87 -70.51
C GLY D 123 -1.70 -19.99 -70.33
N SER D 124 -2.23 -21.13 -70.77
CA SER D 124 -3.67 -21.39 -70.73
C SER D 124 -3.99 -22.23 -69.50
N GLY D 125 -4.82 -21.69 -68.61
CA GLY D 125 -5.35 -22.43 -67.49
C GLY D 125 -4.29 -23.02 -66.56
N GLU D 126 -3.29 -22.23 -66.19
CA GLU D 126 -2.23 -22.70 -65.32
C GLU D 126 -1.65 -21.53 -64.54
N MET D 127 -1.05 -21.83 -63.39
CA MET D 127 -0.34 -20.80 -62.65
C MET D 127 0.71 -20.15 -63.53
N MET D 128 0.62 -18.84 -63.69
CA MET D 128 1.51 -18.07 -64.55
C MET D 128 2.62 -17.39 -63.74
N THR D 129 2.24 -16.68 -62.67
CA THR D 129 3.21 -16.07 -61.76
C THR D 129 3.38 -16.97 -60.54
N ARG D 130 4.62 -17.40 -60.28
CA ARG D 130 4.95 -18.17 -59.10
C ARG D 130 5.99 -17.51 -58.22
N SER D 131 6.86 -16.67 -58.79
CA SER D 131 7.73 -15.80 -58.03
C SER D 131 7.56 -14.37 -58.52
N PRO D 132 7.37 -13.40 -57.62
CA PRO D 132 7.02 -12.04 -58.07
C PRO D 132 8.09 -11.43 -58.95
N VAL D 133 7.66 -10.67 -59.95
CA VAL D 133 8.56 -10.04 -60.91
C VAL D 133 8.22 -8.56 -60.99
N LYS D 134 9.20 -7.70 -60.71
CA LYS D 134 8.99 -6.25 -60.74
C LYS D 134 9.54 -5.69 -62.05
N VAL D 135 8.65 -5.18 -62.89
CA VAL D 135 9.01 -4.54 -64.16
C VAL D 135 8.68 -3.06 -64.06
N THR D 136 9.64 -2.21 -64.40
CA THR D 136 9.45 -0.77 -64.38
C THR D 136 9.27 -0.25 -65.80
N LEU D 137 8.25 0.56 -66.02
CA LEU D 137 7.90 1.06 -67.34
C LEU D 137 8.21 2.54 -67.44
N SER D 138 8.95 2.91 -68.49
CA SER D 138 9.37 4.27 -68.79
C SER D 138 9.25 4.51 -70.28
N GLU D 139 9.08 5.77 -70.65
CA GLU D 139 8.94 6.15 -72.06
C GLU D 139 10.27 6.05 -72.79
N GLY D 140 10.21 5.71 -74.08
CA GLY D 140 11.39 5.70 -74.92
C GLY D 140 11.12 5.16 -76.31
N PRO D 141 11.79 5.72 -77.32
CA PRO D 141 11.55 5.24 -78.70
C PRO D 141 11.98 3.81 -78.95
N HIS D 142 12.87 3.26 -78.12
CA HIS D 142 13.40 1.91 -78.31
C HIS D 142 12.65 0.98 -77.36
N HIS D 143 11.86 0.07 -77.92
CA HIS D 143 11.02 -0.83 -77.15
C HIS D 143 11.87 -2.03 -76.75
N VAL D 144 12.63 -1.88 -75.67
CA VAL D 144 13.65 -2.84 -75.28
C VAL D 144 13.53 -3.15 -73.79
N ALA D 145 13.90 -4.37 -73.43
CA ALA D 145 13.91 -4.84 -72.05
C ALA D 145 15.33 -5.24 -71.66
N LEU D 146 15.67 -5.04 -70.39
CA LEU D 146 16.98 -5.43 -69.89
C LEU D 146 16.87 -5.89 -68.45
N PHE D 147 17.51 -7.01 -68.14
CA PHE D 147 17.55 -7.51 -66.77
C PHE D 147 18.54 -6.71 -65.92
N LYS D 148 18.23 -6.63 -64.63
CA LYS D 148 19.17 -6.06 -63.67
C LYS D 148 20.49 -6.81 -63.67
N ASP D 149 20.44 -8.13 -63.84
CA ASP D 149 21.57 -9.01 -63.59
C ASP D 149 22.30 -9.43 -64.87
N SER D 150 21.97 -8.86 -66.02
CA SER D 150 22.49 -9.35 -67.29
C SER D 150 22.89 -8.17 -68.17
N SER D 151 23.48 -8.50 -69.31
CA SER D 151 23.85 -7.52 -70.32
C SER D 151 23.07 -7.67 -71.61
N ARG D 152 22.25 -8.72 -71.73
CA ARG D 152 21.46 -8.95 -72.93
C ARG D 152 20.25 -8.03 -72.93
N GLU D 153 20.07 -7.30 -74.01
CA GLU D 153 18.86 -6.52 -74.24
C GLU D 153 17.93 -7.31 -75.15
N PHE D 154 16.64 -7.28 -74.83
CA PHE D 154 15.63 -8.00 -75.57
C PHE D 154 14.80 -7.02 -76.37
N ASP D 155 14.71 -7.25 -77.68
CA ASP D 155 13.89 -6.43 -78.56
C ASP D 155 12.44 -6.87 -78.41
N LEU D 156 11.58 -5.96 -77.98
CA LEU D 156 10.22 -6.29 -77.60
C LEU D 156 9.25 -6.24 -78.79
N THR D 157 9.76 -6.03 -80.00
CA THR D 157 8.95 -6.06 -81.20
C THR D 157 9.10 -7.36 -81.99
N LYS D 158 9.91 -8.30 -81.50
CA LYS D 158 10.23 -9.51 -82.23
C LYS D 158 10.06 -10.73 -81.32
N GLU D 159 9.49 -11.79 -81.87
CA GLU D 159 9.01 -12.91 -81.05
C GLU D 159 10.17 -13.70 -80.45
N GLU D 160 11.28 -13.81 -81.17
CA GLU D 160 12.39 -14.62 -80.66
C GLU D 160 12.90 -14.07 -79.33
N ASP D 161 13.15 -12.75 -79.29
CA ASP D 161 13.64 -12.14 -78.06
C ASP D 161 12.58 -12.12 -76.97
N LEU D 162 11.32 -11.91 -77.35
CA LEU D 162 10.24 -11.93 -76.36
C LEU D 162 10.11 -13.30 -75.72
N ALA D 163 10.19 -14.36 -76.52
CA ALA D 163 10.12 -15.72 -75.99
C ALA D 163 11.34 -16.03 -75.12
N ALA D 164 12.53 -15.62 -75.58
CA ALA D 164 13.72 -15.81 -74.75
C ALA D 164 13.57 -15.11 -73.41
N LEU D 165 13.04 -13.89 -73.43
CA LEU D 165 12.82 -13.15 -72.19
C LEU D 165 11.81 -13.83 -71.29
N ARG D 166 10.69 -14.29 -71.86
CA ARG D 166 9.66 -14.95 -71.05
C ARG D 166 10.21 -16.22 -70.41
N HIS D 167 10.95 -17.02 -71.18
CA HIS D 167 11.43 -18.29 -70.64
C HIS D 167 12.59 -18.08 -69.68
N GLU D 168 13.41 -17.06 -69.89
CA GLU D 168 14.42 -16.71 -68.91
C GLU D 168 13.78 -16.26 -67.61
N ILE D 169 12.70 -15.49 -67.69
CA ILE D 169 11.96 -15.09 -66.49
C ILE D 169 11.38 -16.32 -65.80
N GLU D 170 10.85 -17.27 -66.58
CA GLU D 170 10.35 -18.51 -66.01
C GLU D 170 11.45 -19.28 -65.28
N LEU D 171 12.63 -19.36 -65.90
CA LEU D 171 13.75 -20.08 -65.28
C LEU D 171 14.20 -19.40 -64.01
N ARG D 172 14.28 -18.06 -64.01
CA ARG D 172 14.64 -17.32 -62.82
C ARG D 172 13.60 -17.51 -61.72
N MET D 173 12.32 -17.50 -62.10
CA MET D 173 11.23 -17.76 -61.18
C MET D 173 11.41 -19.11 -60.50
N ARG D 174 11.70 -20.13 -61.30
CA ARG D 174 11.90 -21.47 -60.75
C ARG D 174 13.12 -21.51 -59.85
N LYS D 175 14.21 -20.85 -60.27
CA LYS D 175 15.44 -20.83 -59.49
C LYS D 175 15.29 -20.08 -58.17
N ASN D 176 14.24 -19.28 -58.02
CA ASN D 176 13.97 -18.65 -56.73
C ASN D 176 13.20 -19.56 -55.78
N VAL D 177 12.81 -20.76 -56.23
CA VAL D 177 11.98 -21.68 -55.45
C VAL D 177 12.83 -22.88 -55.06
N LYS D 178 12.74 -23.27 -53.79
CA LYS D 178 13.44 -24.46 -53.31
C LYS D 178 12.85 -25.71 -53.94
N GLU D 179 13.69 -26.74 -54.08
CA GLU D 179 13.24 -28.00 -54.67
C GLU D 179 12.08 -28.57 -53.88
N GLY D 180 11.04 -29.01 -54.58
CA GLY D 180 9.86 -29.56 -53.98
C GLY D 180 8.76 -28.55 -53.71
N CYS D 181 9.09 -27.25 -53.71
CA CYS D 181 8.12 -26.18 -53.59
C CYS D 181 7.90 -25.52 -54.94
N THR D 182 6.89 -24.66 -54.99
CA THR D 182 6.44 -24.04 -56.24
C THR D 182 6.50 -22.52 -56.23
N VAL D 183 6.51 -21.87 -55.07
CA VAL D 183 6.33 -20.44 -54.96
C VAL D 183 7.42 -19.87 -54.07
N SER D 184 7.92 -18.68 -54.42
CA SER D 184 9.00 -18.02 -53.66
C SER D 184 8.88 -16.49 -53.71
N PRO D 185 9.31 -15.79 -52.65
CA PRO D 185 9.13 -14.32 -52.64
C PRO D 185 10.11 -13.55 -53.50
N GLU D 186 11.27 -14.12 -53.82
CA GLU D 186 12.34 -13.32 -54.44
C GLU D 186 11.85 -12.66 -55.73
N THR D 187 12.19 -11.38 -55.86
CA THR D 187 11.66 -10.53 -56.92
C THR D 187 12.65 -10.41 -58.07
N ILE D 188 12.18 -10.65 -59.29
CA ILE D 188 12.98 -10.46 -60.48
C ILE D 188 12.78 -9.03 -60.98
N SER D 189 13.87 -8.35 -61.31
CA SER D 189 13.85 -6.96 -61.73
C SER D 189 14.19 -6.87 -63.21
N LEU D 190 13.24 -6.36 -64.00
CA LEU D 190 13.42 -6.10 -65.42
C LEU D 190 13.08 -4.64 -65.70
N ASN D 191 13.98 -3.93 -66.37
CA ASN D 191 13.75 -2.56 -66.77
C ASN D 191 13.31 -2.56 -68.24
N VAL D 192 12.08 -2.10 -68.48
CA VAL D 192 11.47 -2.13 -69.81
C VAL D 192 11.19 -0.69 -70.22
N LYS D 193 11.59 -0.35 -71.44
CA LYS D 193 11.35 0.98 -72.00
C LYS D 193 10.72 0.82 -73.37
N GLY D 194 9.88 1.79 -73.74
CA GLY D 194 9.23 1.78 -75.03
C GLY D 194 8.24 2.92 -75.17
N PRO D 195 7.81 3.19 -76.40
CA PRO D 195 6.91 4.32 -76.63
C PRO D 195 5.53 4.07 -76.03
N GLY D 196 4.96 5.11 -75.43
CA GLY D 196 3.64 5.03 -74.85
C GLY D 196 3.60 4.48 -73.44
N LEU D 197 4.72 3.98 -72.92
CA LEU D 197 4.76 3.47 -71.56
C LEU D 197 4.66 4.62 -70.57
N GLN D 198 3.99 4.36 -69.45
CA GLN D 198 3.86 5.35 -68.41
C GLN D 198 4.97 5.13 -67.37
N ARG D 199 5.18 6.15 -66.51
CA ARG D 199 6.15 6.07 -65.38
C ARG D 199 5.49 5.15 -64.34
N MET D 200 5.68 3.82 -64.36
CA MET D 200 4.95 2.89 -63.44
C MET D 200 5.75 1.66 -63.02
N VAL D 201 6.29 1.60 -61.80
CA VAL D 201 6.81 0.34 -61.30
C VAL D 201 5.66 -0.62 -61.02
N LEU D 202 5.73 -1.84 -61.57
CA LEU D 202 4.65 -2.82 -61.49
C LEU D 202 5.22 -4.14 -61.01
N VAL D 203 4.67 -4.67 -59.92
CA VAL D 203 5.17 -5.90 -59.30
C VAL D 203 4.14 -6.99 -59.48
N ASP D 204 4.41 -7.93 -60.38
CA ASP D 204 3.63 -9.14 -60.49
C ASP D 204 3.86 -10.02 -59.27
N LEU D 205 2.77 -10.64 -58.80
CA LEU D 205 2.73 -11.41 -57.56
C LEU D 205 2.22 -12.81 -57.83
N PRO D 206 2.68 -13.81 -57.06
CA PRO D 206 2.11 -15.17 -57.19
C PRO D 206 0.60 -15.17 -57.07
N GLY D 207 -0.09 -15.80 -58.03
CA GLY D 207 -1.55 -15.84 -58.01
C GLY D 207 -2.12 -16.48 -56.77
N VAL D 208 -3.17 -15.88 -56.20
CA VAL D 208 -3.77 -16.34 -54.97
C VAL D 208 -4.82 -17.40 -55.28
N ILE D 209 -4.93 -18.38 -54.39
CA ILE D 209 -5.79 -19.55 -54.58
C ILE D 209 -6.77 -19.64 -53.44
N ASN D 210 -8.05 -19.81 -53.77
CA ASN D 210 -9.03 -20.17 -52.74
C ASN D 210 -8.63 -21.46 -52.06
N THR D 211 -8.34 -22.49 -52.85
CA THR D 211 -7.78 -23.74 -52.34
C THR D 211 -6.80 -24.30 -53.35
N VAL D 212 -5.84 -25.10 -52.86
CA VAL D 212 -4.90 -25.74 -53.76
C VAL D 212 -5.62 -26.78 -54.60
N THR D 213 -5.34 -26.76 -55.90
CA THR D 213 -5.74 -27.88 -56.75
C THR D 213 -4.84 -29.07 -56.45
N SER D 214 -5.36 -30.27 -56.74
CA SER D 214 -4.66 -31.48 -56.33
C SER D 214 -3.26 -31.55 -56.92
N GLY D 215 -3.11 -31.16 -58.18
CA GLY D 215 -1.81 -31.24 -58.83
C GLY D 215 -0.78 -30.35 -58.15
N MET D 216 -1.20 -29.14 -57.76
CA MET D 216 -0.28 -28.20 -57.15
C MET D 216 0.11 -28.63 -55.74
N ALA D 217 1.32 -28.27 -55.35
CA ALA D 217 1.79 -28.58 -54.01
C ALA D 217 0.98 -27.80 -52.98
N PRO D 218 0.65 -28.41 -51.84
CA PRO D 218 -0.09 -27.65 -50.81
C PRO D 218 0.65 -26.41 -50.33
N ASP D 219 1.97 -26.49 -50.22
CA ASP D 219 2.79 -25.38 -49.72
C ASP D 219 2.26 -24.04 -50.21
N THR D 220 2.00 -23.96 -51.52
CA THR D 220 1.75 -22.66 -52.14
C THR D 220 0.71 -21.86 -51.38
N LYS D 221 -0.33 -22.53 -50.88
CA LYS D 221 -1.44 -21.77 -50.29
C LYS D 221 -0.97 -20.90 -49.14
N GLU D 222 -0.12 -21.46 -48.26
CA GLU D 222 0.43 -20.64 -47.20
C GLU D 222 1.49 -19.68 -47.73
N THR D 223 2.31 -20.17 -48.66
CA THR D 223 3.39 -19.33 -49.19
C THR D 223 2.82 -18.15 -49.98
N ILE D 224 1.92 -18.42 -50.92
CA ILE D 224 1.49 -17.41 -51.87
C ILE D 224 1.01 -16.17 -51.14
N PHE D 225 0.10 -16.35 -50.18
CA PHE D 225 -0.48 -15.20 -49.50
C PHE D 225 0.59 -14.43 -48.73
N SER D 226 1.46 -15.15 -48.01
CA SER D 226 2.48 -14.44 -47.25
C SER D 226 3.30 -13.54 -48.15
N ILE D 227 3.78 -14.09 -49.27
CA ILE D 227 4.53 -13.31 -50.23
C ILE D 227 3.73 -12.09 -50.64
N SER D 228 2.46 -12.28 -51.00
CA SER D 228 1.66 -11.14 -51.42
C SER D 228 1.63 -10.09 -50.33
N LYS D 229 1.40 -10.52 -49.08
CA LYS D 229 1.34 -9.55 -48.00
C LYS D 229 2.64 -8.75 -47.94
N ALA D 230 3.77 -9.44 -48.09
CA ALA D 230 5.08 -8.81 -47.97
C ALA D 230 5.15 -7.55 -48.81
N TYR D 231 4.55 -7.62 -49.99
CA TYR D 231 4.58 -6.52 -50.96
C TYR D 231 3.33 -5.66 -50.88
N MET D 232 2.21 -6.27 -50.47
CA MET D 232 0.92 -5.60 -50.44
C MET D 232 0.85 -4.60 -49.30
N GLN D 233 1.48 -4.92 -48.16
CA GLN D 233 1.39 -4.12 -46.96
C GLN D 233 2.10 -2.78 -47.08
N ASN D 234 2.93 -2.60 -48.10
CA ASN D 234 3.68 -1.37 -48.26
C ASN D 234 2.75 -0.17 -48.10
N PRO D 235 2.90 0.63 -47.04
CA PRO D 235 2.00 1.78 -46.85
C PRO D 235 2.13 2.84 -47.94
N ASN D 236 3.18 2.79 -48.74
CA ASN D 236 3.41 3.76 -49.80
C ASN D 236 3.10 3.22 -51.18
N ALA D 237 2.43 2.08 -51.29
CA ALA D 237 2.24 1.41 -52.57
C ALA D 237 0.76 1.40 -52.97
N ILE D 238 0.53 1.30 -54.27
CA ILE D 238 -0.80 1.12 -54.83
C ILE D 238 -1.08 -0.36 -54.98
N ILE D 239 -2.30 -0.77 -54.67
CA ILE D 239 -2.74 -2.15 -54.85
C ILE D 239 -3.57 -2.22 -56.12
N LEU D 240 -3.09 -2.98 -57.11
CA LEU D 240 -3.85 -3.25 -58.32
C LEU D 240 -4.42 -4.67 -58.21
N CYS D 241 -5.74 -4.76 -58.11
CA CYS D 241 -6.44 -6.01 -57.84
C CYS D 241 -7.03 -6.56 -59.15
N ILE D 242 -6.58 -7.75 -59.54
CA ILE D 242 -6.99 -8.38 -60.78
C ILE D 242 -7.89 -9.55 -60.41
N GLN D 243 -9.18 -9.47 -60.75
CA GLN D 243 -10.14 -10.50 -60.39
C GLN D 243 -10.78 -11.07 -61.65
N ASP D 244 -10.99 -12.38 -61.65
CA ASP D 244 -11.61 -13.07 -62.78
C ASP D 244 -13.10 -12.80 -62.77
N GLY D 245 -13.57 -12.04 -63.76
CA GLY D 245 -14.97 -11.69 -63.87
C GLY D 245 -15.79 -12.59 -64.77
N SER D 246 -15.22 -13.69 -65.25
CA SER D 246 -15.94 -14.66 -66.06
C SER D 246 -16.32 -15.91 -65.27
N VAL D 247 -16.18 -15.88 -63.94
CA VAL D 247 -16.47 -17.01 -63.08
C VAL D 247 -17.35 -16.52 -61.92
N ASP D 248 -17.93 -17.47 -61.21
CA ASP D 248 -18.71 -17.14 -60.02
C ASP D 248 -17.83 -16.40 -59.04
N ALA D 249 -18.16 -15.13 -58.79
CA ALA D 249 -17.32 -14.29 -57.93
C ALA D 249 -17.21 -14.82 -56.51
N GLU D 250 -18.16 -15.68 -56.10
CA GLU D 250 -18.08 -16.26 -54.76
C GLU D 250 -16.81 -17.10 -54.59
N ARG D 251 -16.26 -17.60 -55.68
CA ARG D 251 -15.07 -18.44 -55.64
C ARG D 251 -13.77 -17.64 -55.57
N SER D 252 -13.84 -16.32 -55.75
CA SER D 252 -12.64 -15.50 -55.76
C SER D 252 -12.09 -15.33 -54.34
N ILE D 253 -10.78 -15.09 -54.27
CA ILE D 253 -10.10 -14.89 -52.99
C ILE D 253 -9.22 -13.65 -52.94
N VAL D 254 -8.86 -13.04 -54.07
CA VAL D 254 -7.90 -11.93 -54.04
C VAL D 254 -8.47 -10.76 -53.25
N THR D 255 -9.77 -10.52 -53.35
CA THR D 255 -10.36 -9.34 -52.71
C THR D 255 -10.26 -9.39 -51.20
N ASP D 256 -10.19 -10.59 -50.61
CA ASP D 256 -10.04 -10.69 -49.16
C ASP D 256 -8.65 -10.24 -48.73
N LEU D 257 -7.62 -10.67 -49.46
CA LEU D 257 -6.28 -10.21 -49.17
C LEU D 257 -6.14 -8.71 -49.41
N VAL D 258 -6.78 -8.21 -50.48
CA VAL D 258 -6.73 -6.77 -50.74
C VAL D 258 -7.37 -5.99 -49.60
N SER D 259 -8.53 -6.46 -49.12
CA SER D 259 -9.19 -5.81 -48.00
C SER D 259 -8.35 -5.90 -46.73
N GLN D 260 -7.61 -7.00 -46.54
CA GLN D 260 -6.73 -7.10 -45.39
C GLN D 260 -5.58 -6.11 -45.49
N MET D 261 -5.02 -5.94 -46.68
CA MET D 261 -3.81 -5.13 -46.85
C MET D 261 -4.14 -3.65 -46.99
N ASP D 262 -5.32 -3.31 -47.49
CA ASP D 262 -5.78 -1.93 -47.60
C ASP D 262 -7.25 -1.87 -47.19
N PRO D 263 -7.52 -1.83 -45.89
CA PRO D 263 -8.92 -1.83 -45.44
C PRO D 263 -9.74 -0.67 -45.96
N HIS D 264 -9.12 0.46 -46.31
CA HIS D 264 -9.83 1.66 -46.69
C HIS D 264 -9.71 2.00 -48.18
N GLY D 265 -8.97 1.22 -48.96
CA GLY D 265 -8.79 1.54 -50.35
C GLY D 265 -8.02 2.82 -50.58
N ARG D 266 -7.07 3.13 -49.69
CA ARG D 266 -6.32 4.37 -49.78
C ARG D 266 -5.53 4.46 -51.09
N ARG D 267 -4.97 3.34 -51.54
CA ARG D 267 -4.31 3.29 -52.84
C ARG D 267 -4.65 1.99 -53.55
N THR D 268 -5.94 1.65 -53.61
CA THR D 268 -6.39 0.40 -54.19
C THR D 268 -7.12 0.66 -55.50
N ILE D 269 -6.73 -0.07 -56.54
CA ILE D 269 -7.37 -0.03 -57.85
C ILE D 269 -7.82 -1.44 -58.19
N PHE D 270 -9.10 -1.59 -58.54
CA PHE D 270 -9.70 -2.90 -58.80
C PHE D 270 -9.92 -3.07 -60.30
N VAL D 271 -9.59 -4.26 -60.80
CA VAL D 271 -9.71 -4.58 -62.22
C VAL D 271 -10.35 -5.97 -62.34
N LEU D 272 -11.33 -6.09 -63.25
CA LEU D 272 -11.81 -7.39 -63.68
C LEU D 272 -11.07 -7.81 -64.95
N THR D 273 -10.94 -9.13 -65.11
CA THR D 273 -10.26 -9.71 -66.28
C THR D 273 -11.17 -10.72 -66.95
N LYS D 274 -10.72 -11.19 -68.12
CA LYS D 274 -11.48 -12.16 -68.91
C LYS D 274 -12.86 -11.61 -69.24
N VAL D 275 -12.92 -10.30 -69.53
CA VAL D 275 -14.20 -9.68 -69.81
C VAL D 275 -14.80 -10.22 -71.10
N ASP D 276 -13.99 -10.42 -72.13
CA ASP D 276 -14.49 -10.99 -73.37
C ASP D 276 -15.07 -12.38 -73.13
N LEU D 277 -14.37 -13.20 -72.33
CA LEU D 277 -14.94 -14.47 -71.91
C LEU D 277 -16.16 -14.24 -71.03
N ALA D 278 -16.14 -13.19 -70.21
CA ALA D 278 -17.26 -12.90 -69.33
C ALA D 278 -18.54 -12.57 -70.09
N GLU D 279 -18.43 -12.14 -71.35
CA GLU D 279 -19.65 -11.80 -72.10
C GLU D 279 -20.60 -12.97 -72.15
N LYS D 280 -20.10 -14.18 -72.43
CA LYS D 280 -20.91 -15.38 -72.41
C LYS D 280 -20.88 -16.07 -71.04
N ASN D 281 -19.98 -15.66 -70.15
CA ASN D 281 -19.81 -16.27 -68.84
C ASN D 281 -19.71 -15.20 -67.77
N VAL D 282 -20.57 -14.18 -67.85
CA VAL D 282 -20.50 -13.07 -66.91
C VAL D 282 -20.70 -13.55 -65.49
N ALA D 283 -19.90 -13.02 -64.58
CA ALA D 283 -20.11 -13.26 -63.16
C ALA D 283 -21.43 -12.63 -62.73
N SER D 284 -22.23 -13.39 -62.00
CA SER D 284 -23.59 -12.96 -61.70
C SER D 284 -23.56 -11.63 -60.93
N PRO D 285 -24.55 -10.75 -61.16
CA PRO D 285 -24.56 -9.47 -60.43
C PRO D 285 -24.47 -9.63 -58.93
N SER D 286 -25.14 -10.65 -58.38
CA SER D 286 -25.36 -10.75 -56.95
C SER D 286 -24.05 -10.93 -56.18
N ARG D 287 -22.97 -11.26 -56.85
CA ARG D 287 -21.67 -11.42 -56.20
C ARG D 287 -20.63 -10.47 -56.77
N ILE D 288 -20.68 -10.18 -58.05
CA ILE D 288 -19.64 -9.35 -58.67
C ILE D 288 -19.92 -7.87 -58.45
N GLN D 289 -21.19 -7.46 -58.52
CA GLN D 289 -21.48 -6.04 -58.33
C GLN D 289 -21.25 -5.61 -56.89
N GLN D 290 -21.44 -6.52 -55.93
CA GLN D 290 -21.12 -6.23 -54.55
C GLN D 290 -19.62 -6.12 -54.31
N ILE D 291 -18.82 -6.71 -55.19
CA ILE D 291 -17.37 -6.50 -55.16
C ILE D 291 -17.01 -5.17 -55.79
N ILE D 292 -17.63 -4.86 -56.93
CA ILE D 292 -17.38 -3.60 -57.62
C ILE D 292 -17.79 -2.43 -56.73
N GLU D 293 -18.86 -2.60 -55.97
CA GLU D 293 -19.35 -1.55 -55.08
C GLU D 293 -18.71 -1.61 -53.70
N GLY D 294 -17.81 -2.56 -53.46
CA GLY D 294 -17.15 -2.67 -52.17
C GLY D 294 -18.08 -3.07 -51.05
N LYS D 295 -19.06 -3.92 -51.33
CA LYS D 295 -20.03 -4.36 -50.34
C LYS D 295 -19.89 -5.81 -49.92
N LEU D 296 -19.54 -6.70 -50.86
CA LEU D 296 -19.30 -8.09 -50.50
C LEU D 296 -18.01 -8.23 -49.70
N PHE D 297 -17.03 -7.36 -49.98
CA PHE D 297 -15.77 -7.34 -49.29
C PHE D 297 -15.47 -5.94 -48.77
N PRO D 298 -14.74 -5.80 -47.66
CA PRO D 298 -14.39 -4.47 -47.17
C PRO D 298 -13.56 -3.66 -48.16
N MET D 299 -13.02 -4.29 -49.18
CA MET D 299 -12.16 -3.60 -50.14
C MET D 299 -12.87 -2.39 -50.73
N LYS D 300 -12.29 -1.22 -50.51
CA LYS D 300 -12.62 -0.02 -51.25
C LYS D 300 -11.52 0.24 -52.26
N ALA D 301 -11.80 1.10 -53.24
CA ALA D 301 -10.88 1.31 -54.34
C ALA D 301 -10.95 2.75 -54.83
N LEU D 302 -9.90 3.16 -55.54
CA LEU D 302 -9.90 4.42 -56.26
C LEU D 302 -10.75 4.36 -57.52
N GLY D 303 -11.23 3.18 -57.87
CA GLY D 303 -12.04 2.96 -59.04
C GLY D 303 -12.03 1.50 -59.40
N TYR D 304 -13.14 1.05 -59.98
CA TYR D 304 -13.34 -0.36 -60.29
C TYR D 304 -13.28 -0.51 -61.80
N PHE D 305 -12.23 -1.16 -62.27
CA PHE D 305 -11.84 -1.19 -63.67
C PHE D 305 -12.05 -2.60 -64.22
N ALA D 306 -11.84 -2.74 -65.52
CA ALA D 306 -11.85 -4.06 -66.15
C ALA D 306 -11.06 -4.00 -67.44
N VAL D 307 -10.30 -5.07 -67.70
CA VAL D 307 -9.56 -5.23 -68.93
C VAL D 307 -9.73 -6.66 -69.41
N VAL D 308 -9.50 -6.87 -70.70
CA VAL D 308 -9.60 -8.20 -71.29
C VAL D 308 -8.21 -8.80 -71.35
N THR D 309 -8.12 -10.10 -71.09
CA THR D 309 -6.85 -10.80 -71.07
C THR D 309 -6.70 -11.80 -72.21
N GLY D 310 -7.68 -11.89 -73.10
CA GLY D 310 -7.70 -12.84 -74.18
C GLY D 310 -8.87 -13.79 -74.04
N LYS D 311 -8.86 -14.83 -74.88
CA LYS D 311 -9.84 -15.92 -74.82
C LYS D 311 -9.23 -17.21 -74.27
N GLY D 312 -8.14 -17.10 -73.51
CA GLY D 312 -7.46 -18.26 -72.99
C GLY D 312 -6.28 -18.73 -73.82
N ASN D 313 -6.17 -18.24 -75.06
CA ASN D 313 -5.00 -18.54 -75.87
C ASN D 313 -3.80 -17.76 -75.34
N SER D 314 -2.65 -18.43 -75.32
CA SER D 314 -1.46 -17.86 -74.69
C SER D 314 -0.62 -17.02 -75.64
N SER D 315 -0.81 -17.17 -76.95
CA SER D 315 0.01 -16.46 -77.94
C SER D 315 -0.61 -15.15 -78.40
N GLU D 316 -1.76 -14.76 -77.85
CA GLU D 316 -2.44 -13.56 -78.32
C GLU D 316 -1.56 -12.33 -78.16
N SER D 317 -1.57 -11.48 -79.19
CA SER D 317 -0.78 -10.26 -79.20
C SER D 317 -1.44 -9.17 -78.36
N ILE D 318 -0.68 -8.09 -78.14
CA ILE D 318 -1.19 -6.95 -77.39
C ILE D 318 -2.34 -6.29 -78.13
N GLU D 319 -2.14 -6.02 -79.43
CA GLU D 319 -3.13 -5.30 -80.22
C GLU D 319 -4.44 -6.08 -80.31
N ALA D 320 -4.35 -7.39 -80.56
CA ALA D 320 -5.55 -8.21 -80.61
C ALA D 320 -6.35 -8.07 -79.32
N ILE D 321 -5.69 -8.28 -78.18
CA ILE D 321 -6.38 -8.24 -76.90
C ILE D 321 -7.06 -6.89 -76.70
N ARG D 322 -6.35 -5.80 -77.02
CA ARG D 322 -6.94 -4.48 -76.86
C ARG D 322 -8.17 -4.29 -77.75
N GLU D 323 -8.09 -4.78 -78.99
CA GLU D 323 -9.25 -4.71 -79.89
C GLU D 323 -10.43 -5.46 -79.29
N TYR D 324 -10.17 -6.66 -78.76
CA TYR D 324 -11.26 -7.45 -78.22
C TYR D 324 -11.85 -6.71 -77.01
N GLU D 325 -10.99 -6.06 -76.24
CA GLU D 325 -11.42 -5.23 -75.11
C GLU D 325 -12.41 -4.17 -75.55
N GLU D 326 -12.08 -3.47 -76.64
CA GLU D 326 -12.93 -2.40 -77.10
C GLU D 326 -14.29 -2.94 -77.55
N GLU D 327 -14.30 -4.05 -78.30
CA GLU D 327 -15.57 -4.64 -78.70
C GLU D 327 -16.41 -5.02 -77.49
N PHE D 328 -15.80 -5.71 -76.52
CA PHE D 328 -16.53 -6.14 -75.35
C PHE D 328 -17.15 -4.96 -74.63
N PHE D 329 -16.35 -3.95 -74.30
CA PHE D 329 -16.87 -2.85 -73.50
C PHE D 329 -17.85 -1.98 -74.28
N GLN D 330 -17.79 -2.00 -75.62
CA GLN D 330 -18.88 -1.36 -76.35
C GLN D 330 -20.19 -2.13 -76.23
N ASN D 331 -20.13 -3.47 -76.22
CA ASN D 331 -21.36 -4.24 -76.37
C ASN D 331 -21.85 -4.99 -75.13
N SER D 332 -21.06 -5.11 -74.06
CA SER D 332 -21.33 -6.12 -73.05
C SER D 332 -21.89 -5.55 -71.74
N LYS D 333 -22.14 -6.47 -70.81
CA LYS D 333 -22.93 -6.19 -69.61
C LYS D 333 -22.19 -5.33 -68.61
N LEU D 334 -20.84 -5.37 -68.62
CA LEU D 334 -20.10 -4.67 -67.57
C LEU D 334 -20.46 -3.19 -67.50
N LEU D 335 -20.88 -2.61 -68.63
CA LEU D 335 -21.31 -1.21 -68.66
C LEU D 335 -22.81 -1.03 -68.81
N LYS D 336 -23.47 -1.86 -69.63
CA LYS D 336 -24.88 -1.62 -69.92
C LYS D 336 -25.74 -1.68 -68.67
N THR D 337 -25.32 -2.46 -67.67
CA THR D 337 -26.03 -2.57 -66.40
C THR D 337 -25.36 -1.77 -65.29
N SER D 338 -24.38 -0.94 -65.64
CA SER D 338 -23.82 0.04 -64.71
C SER D 338 -23.23 -0.62 -63.46
N MET D 339 -22.29 -1.53 -63.66
CA MET D 339 -21.44 -1.99 -62.56
C MET D 339 -20.12 -1.21 -62.55
N LEU D 340 -19.41 -1.25 -63.67
CA LEU D 340 -18.15 -0.54 -63.83
C LEU D 340 -18.39 0.81 -64.50
N LYS D 341 -17.44 1.71 -64.31
CA LYS D 341 -17.54 3.05 -64.84
C LYS D 341 -16.90 3.11 -66.22
N ALA D 342 -17.55 3.83 -67.14
CA ALA D 342 -17.08 3.84 -68.52
C ALA D 342 -15.67 4.40 -68.63
N HIS D 343 -15.32 5.39 -67.82
CA HIS D 343 -13.99 5.96 -67.84
C HIS D 343 -12.97 5.09 -67.12
N GLN D 344 -13.39 3.96 -66.56
CA GLN D 344 -12.50 3.06 -65.82
C GLN D 344 -12.34 1.70 -66.51
N VAL D 345 -12.68 1.58 -67.78
CA VAL D 345 -12.54 0.31 -68.49
C VAL D 345 -11.61 0.50 -69.68
N THR D 346 -11.10 -0.62 -70.18
CA THR D 346 -10.14 -0.66 -71.28
C THR D 346 -8.73 -0.45 -70.77
N THR D 347 -7.73 -0.88 -71.54
CA THR D 347 -6.36 -0.86 -71.05
C THR D 347 -5.87 0.55 -70.79
N ARG D 348 -6.16 1.48 -71.69
CA ARG D 348 -5.57 2.81 -71.60
C ARG D 348 -6.02 3.53 -70.33
N ASN D 349 -7.30 3.41 -69.98
CA ASN D 349 -7.80 4.12 -68.80
C ASN D 349 -7.18 3.58 -67.53
N LEU D 350 -7.05 2.26 -67.43
CA LEU D 350 -6.42 1.65 -66.26
C LEU D 350 -4.95 2.08 -66.17
N SER D 351 -4.24 2.03 -67.30
CA SER D 351 -2.83 2.41 -67.29
C SER D 351 -2.66 3.86 -66.88
N LEU D 352 -3.48 4.76 -67.41
CA LEU D 352 -3.34 6.17 -67.07
C LEU D 352 -3.70 6.43 -65.62
N ALA D 353 -4.76 5.80 -65.11
CA ALA D 353 -5.11 5.97 -63.71
C ALA D 353 -3.99 5.49 -62.81
N VAL D 354 -3.42 4.32 -63.11
CA VAL D 354 -2.34 3.80 -62.29
C VAL D 354 -1.12 4.71 -62.33
N SER D 355 -0.75 5.18 -63.51
CA SER D 355 0.42 6.06 -63.61
C SER D 355 0.23 7.35 -62.84
N ASP D 356 -0.96 7.95 -62.95
CA ASP D 356 -1.19 9.23 -62.29
C ASP D 356 -1.17 9.05 -60.79
N CYS D 357 -1.93 8.07 -60.28
CA CYS D 357 -1.94 7.84 -58.84
C CYS D 357 -0.55 7.46 -58.35
N PHE D 358 0.13 6.61 -59.11
CA PHE D 358 1.46 6.17 -58.71
C PHE D 358 2.42 7.34 -58.60
N TRP D 359 2.49 8.17 -59.63
CA TRP D 359 3.53 9.18 -59.60
C TRP D 359 3.19 10.31 -58.64
N LYS D 360 1.90 10.61 -58.41
CA LYS D 360 1.60 11.55 -57.34
C LYS D 360 2.01 10.99 -55.98
N MET D 361 1.68 9.71 -55.72
CA MET D 361 2.11 9.06 -54.49
C MET D 361 3.63 9.07 -54.38
N VAL D 362 4.33 8.90 -55.51
CA VAL D 362 5.78 8.93 -55.51
C VAL D 362 6.28 10.31 -55.11
N ARG D 363 5.78 11.36 -55.75
CA ARG D 363 6.25 12.71 -55.42
C ARG D 363 6.02 13.01 -53.95
N GLU D 364 4.89 12.54 -53.39
CA GLU D 364 4.62 12.85 -52.00
C GLU D 364 5.44 12.01 -51.03
N SER D 365 5.67 10.73 -51.33
CA SER D 365 6.27 9.83 -50.36
C SER D 365 7.79 9.68 -50.52
N VAL D 366 8.30 9.78 -51.74
CA VAL D 366 9.72 9.53 -51.96
C VAL D 366 10.57 10.67 -51.40
N GLU D 367 10.09 11.91 -51.48
CA GLU D 367 10.87 13.00 -50.90
C GLU D 367 10.98 12.85 -49.38
N GLN D 368 9.87 12.54 -48.72
CA GLN D 368 9.93 12.33 -47.28
C GLN D 368 10.83 11.16 -46.94
N GLN D 369 10.70 10.05 -47.69
CA GLN D 369 11.50 8.88 -47.36
C GLN D 369 12.95 9.06 -47.80
N ALA D 370 13.23 9.98 -48.72
CA ALA D 370 14.60 10.25 -49.13
C ALA D 370 15.30 11.11 -48.10
N ASP D 371 14.60 12.10 -47.54
CA ASP D 371 15.14 12.77 -46.36
C ASP D 371 15.35 11.75 -45.24
N SER D 372 14.40 10.83 -45.09
CA SER D 372 14.55 9.77 -44.09
C SER D 372 15.69 8.81 -44.44
N PHE D 373 16.05 8.67 -45.71
CA PHE D 373 17.18 7.82 -46.07
C PHE D 373 18.51 8.52 -45.89
N LYS D 374 18.55 9.84 -46.05
CA LYS D 374 19.70 10.58 -45.55
C LYS D 374 19.84 10.33 -44.06
N ALA D 375 18.72 10.46 -43.34
CA ALA D 375 18.70 10.14 -41.92
C ALA D 375 19.14 8.70 -41.68
N THR D 376 18.75 7.78 -42.57
CA THR D 376 19.08 6.37 -42.41
C THR D 376 20.58 6.15 -42.53
N ARG D 377 21.22 6.80 -43.49
CA ARG D 377 22.66 6.64 -43.63
C ARG D 377 23.40 7.26 -42.44
N PHE D 378 22.95 8.43 -41.96
CA PHE D 378 23.55 8.94 -40.73
C PHE D 378 23.27 8.03 -39.56
N ASN D 379 22.10 7.38 -39.53
CA ASN D 379 21.77 6.47 -38.44
C ASN D 379 22.69 5.27 -38.45
N LEU D 380 22.96 4.72 -39.63
CA LEU D 380 23.93 3.64 -39.73
C LEU D 380 25.31 4.12 -39.32
N GLU D 381 25.66 5.37 -39.64
CA GLU D 381 26.93 5.90 -39.19
C GLU D 381 27.00 5.93 -37.67
N THR D 382 25.91 6.34 -37.03
CA THR D 382 25.83 6.48 -35.59
C THR D 382 26.22 5.17 -34.91
N GLU D 383 25.47 4.11 -35.18
CA GLU D 383 25.76 2.82 -34.56
C GLU D 383 27.11 2.28 -35.01
N TRP D 384 27.39 2.33 -36.32
CA TRP D 384 28.59 1.67 -36.83
C TRP D 384 29.85 2.25 -36.22
N LYS D 385 29.96 3.58 -36.15
CA LYS D 385 31.19 4.17 -35.63
C LYS D 385 31.40 3.79 -34.17
N ASN D 386 30.32 3.74 -33.40
CA ASN D 386 30.44 3.26 -32.02
C ASN D 386 30.92 1.82 -31.99
N ASN D 387 30.37 0.97 -32.88
CA ASN D 387 30.75 -0.43 -32.89
C ASN D 387 32.23 -0.62 -33.26
N TYR D 388 32.67 0.03 -34.33
CA TYR D 388 34.02 -0.15 -34.85
C TYR D 388 34.64 1.22 -35.15
N PRO D 389 34.96 1.98 -34.11
CA PRO D 389 35.61 3.28 -34.35
C PRO D 389 36.95 3.16 -35.04
N ARG D 390 37.77 2.18 -34.63
CA ARG D 390 39.10 2.03 -35.23
C ARG D 390 39.02 1.56 -36.67
N LEU D 391 38.10 0.62 -36.95
CA LEU D 391 38.05 -0.04 -38.25
C LEU D 391 36.67 0.17 -38.88
N ARG D 392 36.65 0.49 -40.17
CA ARG D 392 35.42 0.76 -40.88
C ARG D 392 35.17 -0.28 -41.98
N GLU D 393 33.91 -0.64 -42.14
CA GLU D 393 33.44 -1.58 -43.17
C GLU D 393 34.39 -2.77 -43.36
N LEU D 394 34.64 -3.48 -42.27
CA LEU D 394 35.36 -4.75 -42.35
C LEU D 394 34.49 -5.94 -42.74
N ASP D 395 35.05 -6.80 -43.59
CA ASP D 395 34.36 -7.99 -44.07
C ASP D 395 34.95 -9.33 -43.66
N ARG D 396 34.13 -10.38 -43.62
CA ARG D 396 34.53 -11.62 -42.98
C ARG D 396 35.58 -12.30 -43.86
N ASN D 397 35.50 -12.13 -45.19
CA ASN D 397 36.52 -12.69 -46.07
C ASN D 397 37.88 -12.04 -45.87
N GLU D 398 37.89 -10.72 -45.71
CA GLU D 398 39.11 -10.00 -45.39
C GLU D 398 39.67 -10.51 -44.06
N LEU D 399 38.79 -10.70 -43.08
CA LEU D 399 39.21 -11.21 -41.78
C LEU D 399 39.82 -12.59 -41.91
N PHE D 400 39.23 -13.44 -42.75
CA PHE D 400 39.78 -14.78 -42.96
C PHE D 400 41.17 -14.72 -43.56
N GLU D 401 41.36 -13.85 -44.57
CA GLU D 401 42.68 -13.75 -45.17
C GLU D 401 43.71 -13.29 -44.14
N LYS D 402 43.33 -12.30 -43.33
CA LYS D 402 44.22 -11.81 -42.28
C LYS D 402 44.57 -12.92 -41.28
N ALA D 403 43.56 -13.70 -40.88
CA ALA D 403 43.79 -14.79 -39.94
C ALA D 403 44.68 -15.87 -40.56
N LYS D 404 44.48 -16.16 -41.84
CA LYS D 404 45.33 -17.13 -42.52
C LYS D 404 46.78 -16.69 -42.49
N ASN D 405 47.03 -15.42 -42.81
CA ASN D 405 48.40 -14.93 -42.76
C ASN D 405 48.97 -15.04 -41.36
N GLU D 406 48.20 -14.63 -40.35
CA GLU D 406 48.70 -14.68 -38.99
C GLU D 406 49.00 -16.10 -38.54
N ILE D 407 48.12 -17.05 -38.91
CA ILE D 407 48.29 -18.42 -38.47
C ILE D 407 49.49 -19.07 -39.13
N LEU D 408 49.68 -18.82 -40.43
CA LEU D 408 50.85 -19.37 -41.09
C LEU D 408 52.13 -18.75 -40.53
N ASP D 409 52.06 -17.46 -40.19
CA ASP D 409 53.19 -16.82 -39.53
C ASP D 409 53.45 -17.45 -38.17
N GLU D 410 52.41 -17.83 -37.44
CA GLU D 410 52.58 -18.50 -36.16
C GLU D 410 53.27 -19.85 -36.34
N VAL D 411 52.91 -20.58 -37.41
CA VAL D 411 53.64 -21.83 -37.70
C VAL D 411 55.12 -21.53 -37.92
N ILE D 412 55.41 -20.49 -38.70
CA ILE D 412 56.81 -20.15 -38.96
C ILE D 412 57.50 -19.79 -37.65
N SER D 413 56.80 -19.07 -36.77
CA SER D 413 57.37 -18.74 -35.46
C SER D 413 57.63 -20.00 -34.65
N LEU D 414 56.75 -20.99 -34.77
CA LEU D 414 56.99 -22.27 -34.14
C LEU D 414 58.30 -22.87 -34.64
N SER D 415 58.59 -22.76 -35.94
CA SER D 415 59.89 -23.22 -36.52
C SER D 415 61.00 -22.43 -35.80
N GLN D 416 60.75 -21.17 -35.42
CA GLN D 416 61.77 -20.32 -34.79
C GLN D 416 62.05 -20.69 -33.34
N VAL D 417 61.23 -21.54 -32.73
CA VAL D 417 61.49 -21.95 -31.36
C VAL D 417 62.87 -22.59 -31.28
N THR D 418 63.63 -22.22 -30.27
CA THR D 418 65.01 -22.65 -30.18
C THR D 418 65.06 -24.18 -30.03
N PRO D 419 66.04 -24.84 -30.64
CA PRO D 419 66.11 -26.30 -30.51
C PRO D 419 66.19 -26.77 -29.07
N LYS D 420 66.91 -26.03 -28.22
CA LYS D 420 67.03 -26.44 -26.83
C LYS D 420 65.67 -26.44 -26.14
N HIS D 421 64.78 -25.53 -26.51
CA HIS D 421 63.45 -25.52 -25.92
C HIS D 421 62.73 -26.83 -26.19
N TRP D 422 62.72 -27.25 -27.46
CA TRP D 422 62.07 -28.50 -27.83
C TRP D 422 62.72 -29.67 -27.12
N GLU D 423 64.06 -29.71 -27.12
CA GLU D 423 64.78 -30.82 -26.50
C GLU D 423 64.52 -30.88 -25.00
N GLU D 424 64.45 -29.72 -24.35
CA GLU D 424 64.17 -29.69 -22.91
C GLU D 424 62.80 -30.26 -22.62
N ILE D 425 61.78 -29.81 -23.37
CA ILE D 425 60.43 -30.34 -23.14
C ILE D 425 60.43 -31.86 -23.35
N LEU D 426 61.03 -32.30 -24.46
CA LEU D 426 61.01 -33.72 -24.80
C LEU D 426 61.71 -34.55 -23.74
N GLN D 427 62.90 -34.12 -23.29
CA GLN D 427 63.65 -34.90 -22.32
C GLN D 427 62.96 -34.92 -20.96
N GLN D 428 62.43 -33.78 -20.51
CA GLN D 428 61.77 -33.77 -19.21
C GLN D 428 60.56 -34.71 -19.22
N SER D 429 59.75 -34.62 -20.28
CA SER D 429 58.61 -35.52 -20.39
C SER D 429 59.07 -36.97 -20.48
N LEU D 430 60.13 -37.23 -21.23
CA LEU D 430 60.62 -38.60 -21.39
C LEU D 430 61.08 -39.18 -20.05
N TRP D 431 61.79 -38.38 -19.26
CA TRP D 431 62.25 -38.85 -17.97
C TRP D 431 61.10 -39.07 -17.00
N GLU D 432 60.07 -38.22 -17.06
CA GLU D 432 58.90 -38.45 -16.21
C GLU D 432 58.26 -39.80 -16.51
N ARG D 433 58.45 -40.33 -17.72
CA ARG D 433 57.75 -41.51 -18.17
C ARG D 433 58.43 -42.81 -17.76
N VAL D 434 59.66 -42.76 -17.23
CA VAL D 434 60.44 -43.97 -17.04
C VAL D 434 61.08 -44.05 -15.65
N SER D 435 61.30 -42.90 -15.01
CA SER D 435 62.10 -42.89 -13.78
C SER D 435 61.49 -43.80 -12.72
N THR D 436 60.17 -43.73 -12.54
CA THR D 436 59.53 -44.62 -11.59
C THR D 436 59.76 -46.06 -11.98
N HIS D 437 59.66 -46.38 -13.28
CA HIS D 437 59.98 -47.72 -13.74
C HIS D 437 61.47 -48.01 -13.59
N VAL D 438 62.33 -47.02 -13.78
CA VAL D 438 63.77 -47.24 -13.61
C VAL D 438 64.06 -47.76 -12.22
N ILE D 439 63.49 -47.13 -11.20
CA ILE D 439 63.79 -47.59 -9.83
C ILE D 439 62.98 -48.84 -9.48
N GLU D 440 61.69 -48.85 -9.80
CA GLU D 440 60.82 -49.93 -9.35
C GLU D 440 61.19 -51.26 -10.00
N ASN D 441 61.51 -51.25 -11.29
CA ASN D 441 61.72 -52.47 -12.06
C ASN D 441 63.18 -52.86 -12.18
N ILE D 442 64.09 -51.90 -12.18
CA ILE D 442 65.53 -52.16 -12.33
C ILE D 442 66.27 -51.98 -11.02
N TYR D 443 66.27 -50.76 -10.48
CA TYR D 443 67.20 -50.42 -9.42
C TYR D 443 66.96 -51.28 -8.18
N LEU D 444 65.71 -51.36 -7.74
CA LEU D 444 65.41 -52.09 -6.49
C LEU D 444 65.84 -53.54 -6.58
N PRO D 445 65.40 -54.32 -7.58
CA PRO D 445 65.87 -55.72 -7.66
C PRO D 445 67.33 -55.84 -8.04
N ALA D 446 67.88 -54.91 -8.82
CA ALA D 446 69.26 -55.02 -9.24
C ALA D 446 70.21 -54.77 -8.08
N ALA D 447 69.93 -53.73 -7.28
CA ALA D 447 70.84 -53.30 -6.23
C ALA D 447 70.84 -54.24 -5.03
N GLN D 448 69.92 -55.20 -4.96
CA GLN D 448 69.87 -56.14 -3.85
C GLN D 448 70.72 -57.37 -4.06
N THR D 449 71.43 -57.46 -5.19
CA THR D 449 72.18 -58.67 -5.49
C THR D 449 73.49 -58.71 -4.70
N MET D 450 74.03 -59.92 -4.57
CA MET D 450 75.38 -60.14 -4.04
C MET D 450 76.39 -60.28 -5.16
N ASN D 451 75.97 -60.08 -6.41
CA ASN D 451 76.82 -60.23 -7.57
C ASN D 451 76.41 -59.16 -8.57
N SER D 452 77.30 -58.19 -8.79
CA SER D 452 76.96 -57.06 -9.64
C SER D 452 76.64 -57.49 -11.06
N GLY D 453 77.07 -58.68 -11.48
CA GLY D 453 76.68 -59.19 -12.77
C GLY D 453 75.19 -59.39 -12.90
N THR D 454 74.53 -59.82 -11.82
CA THR D 454 73.09 -59.95 -11.83
C THR D 454 72.38 -58.61 -11.69
N PHE D 455 73.01 -57.66 -11.00
CA PHE D 455 72.55 -56.28 -11.06
C PHE D 455 72.47 -55.80 -12.51
N ASN D 456 73.57 -55.94 -13.24
CA ASN D 456 73.59 -55.48 -14.63
C ASN D 456 72.70 -56.34 -15.51
N THR D 457 72.52 -57.61 -15.17
CA THR D 457 71.62 -58.46 -15.94
C THR D 457 70.18 -58.00 -15.79
N THR D 458 69.76 -57.67 -14.57
CA THR D 458 68.42 -57.10 -14.37
C THR D 458 68.28 -55.80 -15.15
N VAL D 459 69.30 -54.94 -15.05
CA VAL D 459 69.34 -53.72 -15.84
C VAL D 459 69.06 -54.01 -17.29
N ASP D 460 69.84 -54.92 -17.88
CA ASP D 460 69.78 -55.15 -19.31
C ASP D 460 68.47 -55.80 -19.72
N ILE D 461 67.95 -56.71 -18.90
CA ILE D 461 66.66 -57.32 -19.21
C ILE D 461 65.60 -56.24 -19.35
N LYS D 462 65.47 -55.40 -18.33
CA LYS D 462 64.40 -54.40 -18.37
C LYS D 462 64.64 -53.38 -19.46
N LEU D 463 65.88 -52.91 -19.62
CA LEU D 463 66.17 -51.89 -20.61
C LEU D 463 65.95 -52.41 -22.02
N LYS D 464 66.38 -53.65 -22.29
CA LYS D 464 66.22 -54.19 -23.63
C LYS D 464 64.76 -54.41 -23.96
N GLN D 465 63.98 -54.92 -23.00
CA GLN D 465 62.55 -55.08 -23.25
C GLN D 465 61.89 -53.74 -23.54
N TRP D 466 62.21 -52.72 -22.72
CA TRP D 466 61.59 -51.41 -22.91
C TRP D 466 62.00 -50.81 -24.26
N THR D 467 63.28 -50.90 -24.60
CA THR D 467 63.76 -50.33 -25.86
C THR D 467 63.11 -51.03 -27.04
N ASP D 468 62.98 -52.36 -26.98
CA ASP D 468 62.42 -53.08 -28.11
C ASP D 468 60.94 -52.78 -28.29
N LYS D 469 60.19 -52.70 -27.20
CA LYS D 469 58.74 -52.63 -27.31
C LYS D 469 58.10 -51.37 -26.72
N GLN D 470 58.82 -50.58 -25.94
CA GLN D 470 58.20 -49.42 -25.28
C GLN D 470 58.79 -48.09 -25.72
N LEU D 471 60.09 -47.90 -25.58
CA LEU D 471 60.66 -46.55 -25.71
C LEU D 471 60.32 -45.88 -27.04
N PRO D 472 60.44 -46.55 -28.19
CA PRO D 472 60.08 -45.88 -29.45
C PRO D 472 58.61 -45.55 -29.56
N ASN D 473 57.77 -46.08 -28.68
CA ASN D 473 56.34 -45.77 -28.66
C ASN D 473 56.02 -44.62 -27.70
N LYS D 474 56.74 -44.54 -26.59
CA LYS D 474 56.56 -43.40 -25.68
C LYS D 474 57.15 -42.13 -26.26
N ALA D 475 58.29 -42.24 -26.93
CA ALA D 475 58.97 -41.04 -27.43
C ALA D 475 58.13 -40.32 -28.47
N VAL D 476 57.47 -41.06 -29.36
CA VAL D 476 56.67 -40.42 -30.39
C VAL D 476 55.45 -39.76 -29.78
N GLU D 477 54.85 -40.39 -28.76
CA GLU D 477 53.74 -39.76 -28.06
C GLU D 477 54.19 -38.44 -27.45
N VAL D 478 55.33 -38.46 -26.77
CA VAL D 478 55.83 -37.24 -26.13
C VAL D 478 56.04 -36.16 -27.18
N ALA D 479 56.70 -36.51 -28.30
CA ALA D 479 57.06 -35.49 -29.27
C ALA D 479 55.85 -34.91 -29.99
N TRP D 480 54.91 -35.75 -30.41
CA TRP D 480 53.80 -35.23 -31.18
C TRP D 480 52.84 -34.47 -30.27
N GLU D 481 52.67 -34.92 -29.03
CA GLU D 481 51.92 -34.13 -28.05
C GLU D 481 52.60 -32.80 -27.79
N THR D 482 53.93 -32.80 -27.69
CA THR D 482 54.66 -31.55 -27.45
C THR D 482 54.47 -30.58 -28.60
N LEU D 483 54.56 -31.07 -29.83
CA LEU D 483 54.36 -30.19 -30.98
C LEU D 483 52.93 -29.66 -30.99
N GLN D 484 51.95 -30.52 -30.72
CA GLN D 484 50.57 -30.05 -30.69
C GLN D 484 50.38 -28.98 -29.62
N GLU D 485 50.97 -29.18 -28.45
CA GLU D 485 50.77 -28.26 -27.34
C GLU D 485 51.44 -26.91 -27.61
N GLU D 486 52.68 -26.93 -28.09
CA GLU D 486 53.36 -25.67 -28.39
C GLU D 486 52.70 -24.95 -29.57
N PHE D 487 52.23 -25.72 -30.56
CA PHE D 487 51.46 -25.16 -31.65
C PHE D 487 50.22 -24.44 -31.13
N SER D 488 49.52 -25.07 -30.18
CA SER D 488 48.38 -24.42 -29.54
C SER D 488 48.80 -23.15 -28.81
N ARG D 489 49.91 -23.20 -28.09
CA ARG D 489 50.28 -22.07 -27.22
C ARG D 489 50.70 -20.86 -28.05
N PHE D 490 51.49 -21.06 -29.11
CA PHE D 490 51.85 -19.92 -29.96
C PHE D 490 50.62 -19.23 -30.53
N MET D 491 49.55 -20.00 -30.77
CA MET D 491 48.37 -19.47 -31.42
C MET D 491 47.38 -18.82 -30.47
N THR D 492 47.58 -18.93 -29.15
CA THR D 492 46.54 -18.50 -28.21
C THR D 492 47.06 -17.60 -27.10
N GLU D 493 48.29 -17.79 -26.66
CA GLU D 493 48.77 -17.08 -25.47
C GLU D 493 49.11 -15.64 -25.82
N PRO D 494 48.50 -14.65 -25.16
CA PRO D 494 48.79 -13.25 -25.49
C PRO D 494 50.20 -12.86 -25.09
N LYS D 495 50.82 -12.01 -25.92
CA LYS D 495 52.13 -11.43 -25.59
C LYS D 495 51.92 -10.07 -24.92
N GLY D 496 51.26 -10.13 -23.76
CA GLY D 496 50.98 -8.93 -23.01
C GLY D 496 49.78 -8.17 -23.55
N LYS D 497 49.74 -6.89 -23.19
CA LYS D 497 48.58 -6.04 -23.51
C LYS D 497 48.43 -5.79 -25.02
N GLU D 498 49.45 -6.07 -25.82
CA GLU D 498 49.40 -5.80 -27.25
C GLU D 498 48.72 -6.90 -28.05
N HIS D 499 48.28 -7.97 -27.41
CA HIS D 499 47.66 -9.08 -28.13
C HIS D 499 46.35 -8.65 -28.77
N ASP D 500 46.12 -9.11 -30.00
CA ASP D 500 44.85 -8.92 -30.72
C ASP D 500 44.21 -10.29 -30.88
N ASP D 501 43.04 -10.47 -30.27
CA ASP D 501 42.33 -11.74 -30.25
C ASP D 501 41.32 -11.88 -31.38
N ILE D 502 41.31 -10.97 -32.35
CA ILE D 502 40.28 -10.97 -33.39
C ILE D 502 40.26 -12.31 -34.13
N PHE D 503 41.43 -12.88 -34.40
CA PHE D 503 41.54 -14.12 -35.15
C PHE D 503 41.70 -15.35 -34.27
N ASP D 504 41.47 -15.22 -32.96
CA ASP D 504 41.65 -16.37 -32.07
C ASP D 504 40.68 -17.50 -32.43
N LYS D 505 39.44 -17.15 -32.76
CA LYS D 505 38.49 -18.17 -33.19
C LYS D 505 39.01 -18.92 -34.41
N LEU D 506 39.50 -18.18 -35.40
CA LEU D 506 40.01 -18.80 -36.61
C LEU D 506 41.26 -19.62 -36.33
N LYS D 507 42.11 -19.14 -35.43
CA LYS D 507 43.28 -19.92 -35.03
C LYS D 507 42.86 -21.25 -34.42
N GLU D 508 41.91 -21.22 -33.49
CA GLU D 508 41.46 -22.44 -32.85
C GLU D 508 40.83 -23.39 -33.86
N ALA D 509 40.05 -22.85 -34.80
CA ALA D 509 39.44 -23.68 -35.83
C ALA D 509 40.50 -24.34 -36.71
N VAL D 510 41.53 -23.59 -37.08
CA VAL D 510 42.60 -24.15 -37.90
C VAL D 510 43.34 -25.24 -37.14
N LYS D 511 43.54 -25.03 -35.84
CA LYS D 511 44.42 -25.91 -35.06
C LYS D 511 44.01 -27.38 -35.16
N GLU D 512 42.75 -27.67 -34.87
CA GLU D 512 42.31 -29.05 -34.78
C GLU D 512 42.36 -29.73 -36.15
N GLU D 513 41.89 -29.05 -37.18
CA GLU D 513 41.92 -29.63 -38.53
C GLU D 513 43.35 -29.88 -38.99
N SER D 514 44.26 -28.93 -38.72
CA SER D 514 45.64 -29.10 -39.15
C SER D 514 46.28 -30.28 -38.43
N ILE D 515 46.08 -30.37 -37.11
CA ILE D 515 46.67 -31.47 -36.36
C ILE D 515 46.12 -32.80 -36.85
N LYS D 516 44.81 -32.88 -37.04
CA LYS D 516 44.21 -34.14 -37.49
C LYS D 516 44.75 -34.56 -38.85
N ARG D 517 44.79 -33.61 -39.81
CA ARG D 517 45.31 -33.94 -41.12
C ARG D 517 46.80 -34.31 -41.05
N HIS D 518 47.55 -33.60 -40.21
CA HIS D 518 48.97 -33.85 -40.11
C HIS D 518 49.22 -35.09 -39.24
N LYS D 519 50.30 -35.80 -39.55
CA LYS D 519 50.75 -36.93 -38.75
C LYS D 519 52.24 -36.81 -38.49
N TRP D 520 52.67 -37.41 -37.37
CA TRP D 520 54.07 -37.63 -37.14
C TRP D 520 54.53 -38.82 -37.98
N ASN D 521 55.73 -38.71 -38.56
CA ASN D 521 56.15 -39.73 -39.51
C ASN D 521 56.34 -41.08 -38.82
N ASP D 522 55.97 -42.14 -39.53
CA ASP D 522 56.01 -43.49 -38.96
C ASP D 522 57.44 -43.94 -38.68
N PHE D 523 58.38 -43.57 -39.55
CA PHE D 523 59.74 -44.11 -39.47
C PHE D 523 60.35 -43.88 -38.09
N ALA D 524 60.02 -42.76 -37.45
CA ALA D 524 60.63 -42.37 -36.19
C ALA D 524 60.79 -43.55 -35.23
N GLU D 525 59.72 -44.33 -35.04
CA GLU D 525 59.73 -45.34 -34.00
C GLU D 525 60.88 -46.32 -34.18
N ASP D 526 61.21 -46.65 -35.42
CA ASP D 526 62.33 -47.56 -35.65
C ASP D 526 63.65 -46.88 -35.31
N SER D 527 63.86 -45.67 -35.82
CA SER D 527 65.14 -45.00 -35.57
C SER D 527 65.36 -44.81 -34.08
N LEU D 528 64.33 -44.33 -33.39
CA LEU D 528 64.41 -44.20 -31.94
C LEU D 528 64.79 -45.54 -31.30
N ARG D 529 64.12 -46.62 -31.73
CA ARG D 529 64.41 -47.93 -31.16
C ARG D 529 65.90 -48.24 -31.26
N VAL D 530 66.50 -47.91 -32.39
CA VAL D 530 67.94 -48.11 -32.51
C VAL D 530 68.69 -47.09 -31.67
N ILE D 531 68.36 -45.81 -31.83
CA ILE D 531 69.16 -44.76 -31.21
C ILE D 531 69.20 -44.98 -29.71
N GLN D 532 68.02 -45.11 -29.11
CA GLN D 532 67.95 -45.33 -27.67
C GLN D 532 68.85 -46.49 -27.26
N HIS D 533 68.72 -47.61 -27.97
CA HIS D 533 69.52 -48.78 -27.61
C HIS D 533 70.98 -48.41 -27.55
N ASN D 534 71.50 -47.76 -28.59
CA ASN D 534 72.92 -47.46 -28.61
C ASN D 534 73.31 -46.56 -27.46
N ALA D 535 72.46 -45.57 -27.14
CA ALA D 535 72.78 -44.69 -26.03
C ALA D 535 72.92 -45.48 -24.73
N LEU D 536 72.08 -46.50 -24.56
CA LEU D 536 72.24 -47.39 -23.42
C LEU D 536 73.43 -48.31 -23.60
N GLU D 537 73.61 -48.84 -24.82
CA GLU D 537 74.62 -49.86 -25.04
C GLU D 537 76.01 -49.35 -24.65
N ASP D 538 76.27 -48.08 -24.89
CA ASP D 538 77.52 -47.47 -24.43
C ASP D 538 77.47 -47.37 -22.90
N ARG D 539 78.37 -48.09 -22.24
CA ARG D 539 78.40 -48.15 -20.78
C ARG D 539 79.57 -47.37 -20.19
N SER D 540 80.36 -46.69 -21.01
CA SER D 540 81.61 -46.10 -20.59
C SER D 540 81.42 -44.60 -20.34
N ILE D 541 81.62 -44.17 -19.10
CA ILE D 541 81.55 -42.76 -18.76
C ILE D 541 82.86 -42.10 -19.16
N SER D 542 82.78 -41.10 -20.03
CA SER D 542 83.96 -40.58 -20.70
C SER D 542 84.84 -39.72 -19.80
N ASP D 543 84.28 -39.07 -18.78
CA ASP D 543 85.09 -38.14 -17.99
C ASP D 543 84.48 -37.95 -16.61
N LYS D 544 85.22 -37.23 -15.77
CA LYS D 544 84.78 -36.98 -14.41
C LYS D 544 83.51 -36.15 -14.35
N GLN D 545 83.40 -35.13 -15.20
CA GLN D 545 82.21 -34.29 -15.16
C GLN D 545 80.97 -35.11 -15.48
N GLN D 546 81.07 -35.99 -16.46
CA GLN D 546 79.96 -36.87 -16.79
C GLN D 546 79.63 -37.81 -15.63
N TRP D 547 80.65 -38.32 -14.94
CA TRP D 547 80.43 -39.18 -13.79
C TRP D 547 79.67 -38.43 -12.70
N ASP D 548 80.07 -37.18 -12.45
CA ASP D 548 79.40 -36.36 -11.45
C ASP D 548 77.97 -36.06 -11.84
N ALA D 549 77.73 -35.77 -13.13
CA ALA D 549 76.37 -35.54 -13.58
C ALA D 549 75.51 -36.79 -13.42
N ALA D 550 76.09 -37.96 -13.69
CA ALA D 550 75.39 -39.21 -13.45
C ALA D 550 75.03 -39.34 -11.98
N ILE D 551 75.94 -38.98 -11.08
CA ILE D 551 75.63 -39.10 -9.65
C ILE D 551 74.56 -38.10 -9.26
N TYR D 552 74.57 -36.89 -9.82
CA TYR D 552 73.52 -35.92 -9.51
C TYR D 552 72.15 -36.41 -9.99
N PHE D 553 72.10 -36.97 -11.19
CA PHE D 553 70.87 -37.50 -11.75
C PHE D 553 70.35 -38.66 -10.91
N MET D 554 71.26 -39.55 -10.50
CA MET D 554 70.92 -40.65 -9.60
C MET D 554 70.40 -40.12 -8.26
N GLU D 555 71.03 -39.07 -7.74
CA GLU D 555 70.56 -38.48 -6.49
C GLU D 555 69.16 -37.91 -6.65
N GLU D 556 68.88 -37.24 -7.77
CA GLU D 556 67.52 -36.77 -7.99
C GLU D 556 66.53 -37.91 -7.93
N ALA D 557 66.80 -38.98 -8.67
CA ALA D 557 65.84 -40.09 -8.72
C ALA D 557 65.67 -40.73 -7.35
N LEU D 558 66.78 -41.01 -6.66
CA LEU D 558 66.73 -41.71 -5.39
C LEU D 558 66.12 -40.84 -4.30
N GLN D 559 66.40 -39.54 -4.31
CA GLN D 559 65.82 -38.63 -3.34
C GLN D 559 64.32 -38.50 -3.57
N ALA D 560 63.90 -38.47 -4.83
CA ALA D 560 62.48 -38.37 -5.10
C ALA D 560 61.73 -39.60 -4.59
N ARG D 561 62.26 -40.79 -4.89
CA ARG D 561 61.55 -41.97 -4.42
C ARG D 561 61.64 -42.10 -2.90
N LEU D 562 62.74 -41.65 -2.30
CA LEU D 562 62.84 -41.71 -0.85
C LEU D 562 61.83 -40.78 -0.19
N LYS D 563 61.68 -39.55 -0.69
CA LYS D 563 60.72 -38.66 -0.06
C LYS D 563 59.31 -39.19 -0.25
N ASP D 564 59.03 -39.77 -1.42
CA ASP D 564 57.70 -40.33 -1.64
C ASP D 564 57.43 -41.48 -0.68
N THR D 565 58.43 -42.35 -0.47
CA THR D 565 58.27 -43.45 0.47
C THR D 565 58.03 -42.93 1.88
N GLU D 566 58.77 -41.91 2.29
CA GLU D 566 58.60 -41.35 3.63
C GLU D 566 57.22 -40.76 3.81
N ASN D 567 56.72 -40.04 2.79
CA ASN D 567 55.40 -39.45 2.90
C ASN D 567 54.32 -40.54 2.94
N ALA D 568 54.50 -41.61 2.16
CA ALA D 568 53.55 -42.72 2.23
C ALA D 568 53.58 -43.37 3.61
N ILE D 569 54.78 -43.50 4.20
CA ILE D 569 54.85 -44.03 5.56
C ILE D 569 54.06 -43.15 6.50
N GLU D 570 54.32 -41.84 6.49
CA GLU D 570 53.58 -40.96 7.37
C GLU D 570 52.08 -41.04 7.12
N ASN D 571 51.69 -41.32 5.89
CA ASN D 571 50.27 -41.47 5.59
C ASN D 571 49.68 -42.70 6.26
N MET D 572 50.41 -43.80 6.28
CA MET D 572 49.85 -45.02 6.87
C MET D 572 50.05 -45.12 8.38
N VAL D 573 51.18 -44.65 8.91
CA VAL D 573 51.48 -44.82 10.32
C VAL D 573 50.93 -43.70 11.19
N GLY D 574 50.62 -42.54 10.60
CA GLY D 574 50.03 -41.46 11.34
C GLY D 574 51.01 -40.58 12.07
N PRO D 575 50.47 -39.55 12.72
CA PRO D 575 51.31 -38.54 13.40
C PRO D 575 52.37 -39.08 14.34
N ASP D 576 53.40 -38.26 14.55
CA ASP D 576 54.35 -38.52 15.62
C ASP D 576 53.76 -38.12 16.98
N TRP D 577 54.43 -38.57 18.04
CA TRP D 577 54.09 -38.16 19.39
C TRP D 577 54.48 -36.70 19.62
N LYS D 578 55.65 -36.31 19.13
CA LYS D 578 56.02 -34.91 19.15
C LYS D 578 54.97 -34.09 18.41
N LYS D 579 54.41 -34.62 17.32
CA LYS D 579 53.28 -33.95 16.68
C LYS D 579 52.07 -33.90 17.62
N ARG D 580 51.90 -34.91 18.47
CA ARG D 580 50.77 -34.86 19.41
C ARG D 580 50.92 -33.69 20.37
N TRP D 581 52.07 -33.55 21.03
CA TRP D 581 52.24 -32.38 21.89
C TRP D 581 52.27 -31.07 21.09
N LEU D 582 52.79 -31.11 19.87
CA LEU D 582 52.96 -29.86 19.12
C LEU D 582 51.62 -29.33 18.62
N TYR D 583 50.87 -30.15 17.87
CA TYR D 583 49.60 -29.74 17.30
C TYR D 583 48.41 -30.57 17.81
N TRP D 584 48.59 -31.43 18.81
CA TRP D 584 47.48 -32.24 19.32
C TRP D 584 46.96 -33.19 18.26
N LYS D 585 47.87 -33.76 17.50
CA LYS D 585 47.55 -34.42 16.26
C LYS D 585 48.19 -35.81 16.27
N ASN D 586 47.35 -36.85 16.38
CA ASN D 586 47.78 -38.17 16.81
C ASN D 586 47.43 -39.22 15.76
N ARG D 587 47.85 -40.44 16.05
CA ARG D 587 47.58 -41.58 15.19
C ARG D 587 46.11 -41.96 15.25
N THR D 588 45.55 -42.29 14.09
CA THR D 588 44.29 -43.00 14.08
C THR D 588 44.56 -44.47 14.37
N GLN D 589 43.48 -45.20 14.69
CA GLN D 589 43.66 -46.59 15.13
C GLN D 589 44.39 -47.40 14.07
N GLU D 590 43.98 -47.27 12.81
CA GLU D 590 44.70 -47.92 11.73
C GLU D 590 46.13 -47.40 11.66
N GLN D 591 46.31 -46.09 11.84
CA GLN D 591 47.65 -45.54 11.87
C GLN D 591 48.44 -46.04 13.08
N CYS D 592 47.78 -46.27 14.22
CA CYS D 592 48.48 -46.85 15.36
C CYS D 592 49.01 -48.24 15.02
N VAL D 593 48.17 -49.06 14.38
CA VAL D 593 48.61 -50.40 14.00
C VAL D 593 49.76 -50.32 13.00
N HIS D 594 49.64 -49.41 12.03
CA HIS D 594 50.68 -49.26 11.03
C HIS D 594 51.99 -48.86 11.66
N ASN D 595 51.97 -47.93 12.63
CA ASN D 595 53.22 -47.48 13.21
C ASN D 595 53.84 -48.58 14.06
N GLU D 596 53.03 -49.33 14.82
CA GLU D 596 53.63 -50.40 15.61
C GLU D 596 54.28 -51.44 14.71
N THR D 597 53.62 -51.77 13.60
CA THR D 597 54.24 -52.65 12.61
C THR D 597 55.52 -52.05 12.08
N LYS D 598 55.51 -50.75 11.80
CA LYS D 598 56.70 -50.09 11.26
C LYS D 598 57.85 -50.15 12.24
N ASN D 599 57.58 -49.92 13.52
CA ASN D 599 58.64 -49.97 14.53
C ASN D 599 59.24 -51.37 14.61
N GLU D 600 58.40 -52.40 14.58
CA GLU D 600 58.95 -53.76 14.61
C GLU D 600 59.77 -54.05 13.35
N LEU D 601 59.30 -53.60 12.19
CA LEU D 601 60.05 -53.82 10.95
C LEU D 601 61.36 -53.05 10.95
N GLU D 602 61.37 -51.85 11.54
CA GLU D 602 62.59 -51.08 11.62
C GLU D 602 63.58 -51.75 12.57
N LYS D 603 63.09 -52.36 13.65
CA LYS D 603 63.97 -53.18 14.48
C LYS D 603 64.57 -54.32 13.66
N MET D 604 63.74 -54.96 12.83
CA MET D 604 64.26 -56.03 11.98
C MET D 604 65.38 -55.53 11.08
N LEU D 605 65.17 -54.38 10.43
CA LEU D 605 66.21 -53.86 9.54
C LEU D 605 67.45 -53.40 10.31
N LYS D 606 67.27 -52.89 11.54
CA LYS D 606 68.42 -52.55 12.36
C LYS D 606 69.25 -53.80 12.66
N CYS D 607 68.59 -54.90 13.01
CA CYS D 607 69.32 -56.14 13.27
C CYS D 607 69.98 -56.65 11.99
N ASN D 608 69.30 -56.53 10.86
CA ASN D 608 69.80 -57.01 9.57
C ASN D 608 69.56 -55.91 8.54
N GLU D 609 70.61 -55.15 8.23
CA GLU D 609 70.52 -54.10 7.22
C GLU D 609 70.45 -54.66 5.79
N GLU D 610 70.76 -55.94 5.61
CA GLU D 610 70.77 -56.56 4.28
C GLU D 610 69.52 -57.40 4.05
N HIS D 611 68.51 -57.26 4.88
CA HIS D 611 67.29 -58.04 4.71
C HIS D 611 66.76 -57.88 3.28
N PRO D 612 66.35 -58.96 2.63
CA PRO D 612 65.77 -58.82 1.29
C PRO D 612 64.49 -58.00 1.29
N ALA D 613 64.19 -57.42 0.13
CA ALA D 613 63.05 -56.52 0.02
C ALA D 613 61.72 -57.21 0.30
N TYR D 614 61.69 -58.54 0.24
CA TYR D 614 60.44 -59.29 0.36
C TYR D 614 60.39 -60.00 1.71
N LEU D 615 59.30 -59.80 2.43
CA LEU D 615 59.02 -60.58 3.63
C LEU D 615 58.33 -61.87 3.23
N ALA D 616 58.91 -63.00 3.62
CA ALA D 616 58.27 -64.28 3.39
C ALA D 616 57.06 -64.41 4.32
N SER D 617 56.11 -65.28 3.94
CA SER D 617 54.85 -65.47 4.70
C SER D 617 55.24 -65.74 6.17
N ASP D 618 56.27 -66.55 6.43
CA ASP D 618 56.75 -66.83 7.82
C ASP D 618 57.28 -65.51 8.45
N GLU D 619 58.03 -64.67 7.71
CA GLU D 619 58.50 -63.34 8.20
C GLU D 619 57.30 -62.41 8.43
N ILE D 620 56.27 -62.44 7.58
CA ILE D 620 55.03 -61.61 7.72
C ILE D 620 54.33 -62.19 8.95
N THR D 621 54.29 -63.52 9.11
CA THR D 621 53.64 -64.21 10.26
C THR D 621 54.42 -63.76 11.51
N THR D 622 55.74 -63.63 11.44
CA THR D 622 56.50 -63.27 12.67
C THR D 622 55.96 -61.93 13.13
N VAL D 623 55.82 -60.99 12.18
CA VAL D 623 55.31 -59.61 12.52
C VAL D 623 53.82 -59.69 12.96
N ARG D 624 52.97 -60.37 12.18
CA ARG D 624 51.51 -60.51 12.44
C ARG D 624 51.32 -60.98 13.87
N LYS D 625 51.81 -62.18 14.17
CA LYS D 625 51.67 -62.80 15.52
C LYS D 625 52.42 -62.00 16.59
N ASN D 626 53.63 -61.49 16.34
CA ASN D 626 54.44 -60.72 17.34
C ASN D 626 53.61 -59.52 17.81
N LEU D 627 52.85 -58.91 16.89
CA LEU D 627 52.04 -57.70 17.22
C LEU D 627 50.72 -58.17 17.86
N GLU D 628 50.18 -59.33 17.51
CA GLU D 628 48.97 -59.91 18.20
C GLU D 628 49.30 -60.06 19.70
N SER D 629 50.57 -60.28 20.06
CA SER D 629 51.02 -60.38 21.45
C SER D 629 51.08 -59.01 22.10
N ARG D 630 51.57 -58.01 21.37
CA ARG D 630 51.51 -56.63 21.84
C ARG D 630 50.07 -56.15 22.00
N GLY D 631 49.11 -56.83 21.40
CA GLY D 631 47.74 -56.37 21.33
C GLY D 631 47.41 -55.61 20.06
N VAL D 632 48.42 -55.29 19.24
CA VAL D 632 48.17 -54.66 17.96
C VAL D 632 47.59 -55.69 17.00
N GLU D 633 46.63 -55.27 16.20
CA GLU D 633 45.84 -56.15 15.34
C GLU D 633 46.36 -56.01 13.92
N VAL D 634 47.02 -57.05 13.41
CA VAL D 634 47.73 -56.97 12.10
C VAL D 634 47.30 -58.10 11.14
N ASP D 635 47.34 -57.86 9.82
CA ASP D 635 46.94 -58.84 8.76
C ASP D 635 48.06 -58.88 7.71
N PRO D 636 48.22 -59.95 6.90
CA PRO D 636 49.37 -60.05 5.99
C PRO D 636 49.57 -58.86 5.02
N SER D 637 48.53 -58.06 4.70
CA SER D 637 48.61 -56.99 3.72
C SER D 637 49.11 -55.69 4.35
N LEU D 638 48.63 -55.40 5.55
CA LEU D 638 49.14 -54.27 6.31
C LEU D 638 50.67 -54.34 6.39
N ILE D 639 51.23 -55.51 6.77
CA ILE D 639 52.72 -55.65 6.96
C ILE D 639 53.38 -55.75 5.58
N LYS D 640 52.72 -56.22 4.53
CA LYS D 640 53.39 -56.23 3.24
C LYS D 640 53.58 -54.80 2.73
N ASP D 641 52.56 -53.97 2.86
CA ASP D 641 52.66 -52.60 2.35
C ASP D 641 53.53 -51.73 3.25
N THR D 642 53.39 -51.86 4.58
CA THR D 642 54.24 -51.11 5.49
C THR D 642 55.69 -51.51 5.31
N TRP D 643 55.95 -52.80 5.13
CA TRP D 643 57.30 -53.28 4.85
C TRP D 643 57.83 -52.72 3.54
N HIS D 644 57.01 -52.70 2.49
CA HIS D 644 57.49 -52.11 1.25
C HIS D 644 57.94 -50.67 1.48
N GLN D 645 57.13 -49.89 2.19
CA GLN D 645 57.50 -48.50 2.39
C GLN D 645 58.74 -48.37 3.27
N VAL D 646 58.77 -49.08 4.40
CA VAL D 646 59.90 -48.97 5.33
C VAL D 646 61.18 -49.44 4.66
N TYR D 647 61.11 -50.59 3.99
CA TYR D 647 62.28 -51.16 3.34
C TYR D 647 62.78 -50.26 2.22
N ARG D 648 61.87 -49.67 1.43
CA ARG D 648 62.33 -48.77 0.40
C ARG D 648 62.93 -47.50 0.97
N ARG D 649 62.42 -47.02 2.11
CA ARG D 649 63.07 -45.92 2.78
C ARG D 649 64.51 -46.27 3.15
N HIS D 650 64.68 -47.42 3.81
CA HIS D 650 66.01 -47.90 4.18
C HIS D 650 66.91 -48.05 2.95
N PHE D 651 66.36 -48.66 1.91
CA PHE D 651 67.14 -48.97 0.71
C PHE D 651 67.56 -47.70 -0.01
N LEU D 652 66.67 -46.72 -0.11
CA LEU D 652 66.99 -45.50 -0.84
C LEU D 652 67.93 -44.61 -0.03
N LYS D 653 67.80 -44.58 1.30
CA LYS D 653 68.79 -43.86 2.09
C LYS D 653 70.17 -44.50 1.94
N THR D 654 70.23 -45.83 1.95
CA THR D 654 71.50 -46.50 1.69
C THR D 654 72.02 -46.16 0.30
N ALA D 655 71.12 -46.08 -0.68
CA ALA D 655 71.52 -45.74 -2.03
C ALA D 655 72.06 -44.32 -2.13
N LEU D 656 71.55 -43.40 -1.31
CA LEU D 656 72.09 -42.05 -1.31
C LEU D 656 73.43 -41.98 -0.58
N ASN D 657 73.60 -42.79 0.46
CA ASN D 657 74.93 -42.91 1.05
C ASN D 657 75.93 -43.45 0.03
N HIS D 658 75.49 -44.39 -0.81
CA HIS D 658 76.35 -44.88 -1.89
C HIS D 658 76.56 -43.81 -2.94
N CYS D 659 75.56 -42.97 -3.18
CA CYS D 659 75.75 -41.80 -4.04
C CYS D 659 76.94 -40.99 -3.55
N ASN D 660 76.96 -40.70 -2.25
CA ASN D 660 78.06 -39.92 -1.68
C ASN D 660 79.38 -40.68 -1.80
N LEU D 661 79.36 -41.99 -1.56
CA LEU D 661 80.60 -42.78 -1.64
C LEU D 661 81.19 -42.75 -3.05
N CYS D 662 80.34 -42.94 -4.06
CA CYS D 662 80.84 -43.17 -5.43
C CYS D 662 81.58 -41.97 -6.00
N ARG D 663 81.47 -40.81 -5.39
CA ARG D 663 82.09 -39.61 -5.95
C ARG D 663 83.60 -39.79 -6.12
N ARG D 664 84.28 -40.25 -5.07
CA ARG D 664 85.74 -40.21 -5.06
C ARG D 664 86.34 -41.02 -6.20
N GLY D 665 85.95 -42.29 -6.31
CA GLY D 665 86.62 -43.18 -7.25
C GLY D 665 85.73 -43.95 -8.21
N PHE D 666 85.81 -43.58 -9.50
CA PHE D 666 85.31 -44.44 -10.56
C PHE D 666 86.22 -45.65 -10.68
N TYR D 667 87.50 -45.47 -10.37
CA TYR D 667 88.49 -46.55 -10.37
C TYR D 667 88.17 -47.61 -9.34
N TYR D 668 87.72 -47.22 -8.14
CA TYR D 668 87.28 -48.21 -7.17
C TYR D 668 86.18 -49.07 -7.77
N TYR D 669 85.27 -48.47 -8.54
CA TYR D 669 84.29 -49.24 -9.28
C TYR D 669 84.99 -50.16 -10.27
N GLN D 670 85.99 -49.65 -10.97
CA GLN D 670 86.66 -50.46 -12.00
C GLN D 670 87.30 -51.64 -11.29
N ARG D 671 87.81 -51.43 -10.08
CA ARG D 671 88.42 -52.52 -9.35
C ARG D 671 87.45 -53.70 -9.19
N HIS D 672 86.23 -53.41 -8.73
CA HIS D 672 85.22 -54.45 -8.52
C HIS D 672 85.78 -55.57 -7.65
N PHE D 673 86.59 -55.18 -6.66
CA PHE D 673 87.20 -56.20 -5.81
C PHE D 673 86.14 -56.90 -4.96
N VAL D 674 85.30 -56.15 -4.27
CA VAL D 674 84.34 -56.73 -3.33
C VAL D 674 83.26 -55.70 -3.05
N ASP D 675 82.11 -56.16 -2.56
CA ASP D 675 80.98 -55.26 -2.30
C ASP D 675 81.38 -54.11 -1.37
N SER D 676 82.21 -54.39 -0.36
CA SER D 676 82.64 -53.32 0.54
C SER D 676 83.40 -52.24 -0.21
N GLU D 677 84.28 -52.64 -1.11
CA GLU D 677 84.86 -51.69 -2.05
C GLU D 677 83.75 -51.13 -2.93
N LEU D 678 83.96 -49.91 -3.41
CA LEU D 678 82.90 -49.25 -4.16
C LEU D 678 82.45 -50.13 -5.32
N GLU D 679 81.12 -50.33 -5.40
CA GLU D 679 80.50 -51.09 -6.48
C GLU D 679 79.45 -50.16 -7.09
N CYS D 680 79.92 -49.28 -7.98
CA CYS D 680 79.09 -48.23 -8.55
C CYS D 680 78.62 -48.60 -9.96
N ASN D 681 77.84 -49.67 -10.02
CA ASN D 681 77.03 -49.91 -11.21
C ASN D 681 75.82 -48.98 -11.27
N ASP D 682 75.50 -48.36 -10.14
CA ASP D 682 74.34 -47.47 -10.04
C ASP D 682 74.59 -46.19 -10.83
N VAL D 683 75.78 -45.62 -10.67
CA VAL D 683 76.12 -44.38 -11.37
C VAL D 683 76.15 -44.62 -12.87
N VAL D 684 76.72 -45.74 -13.30
CA VAL D 684 76.80 -46.03 -14.72
C VAL D 684 75.41 -46.29 -15.28
N LEU D 685 74.52 -46.91 -14.50
CA LEU D 685 73.14 -47.08 -14.93
C LEU D 685 72.46 -45.73 -15.17
N PHE D 686 72.56 -44.83 -14.21
CA PHE D 686 71.85 -43.57 -14.35
C PHE D 686 72.49 -42.70 -15.43
N TRP D 687 73.80 -42.85 -15.64
CA TRP D 687 74.45 -42.27 -16.81
C TRP D 687 73.91 -42.83 -18.12
N ARG D 688 73.75 -44.14 -18.21
CA ARG D 688 73.26 -44.72 -19.46
C ARG D 688 71.87 -44.18 -19.78
N ILE D 689 71.00 -44.11 -18.78
CA ILE D 689 69.66 -43.60 -19.05
C ILE D 689 69.68 -42.09 -19.28
N GLN D 690 70.62 -41.37 -18.66
CA GLN D 690 70.87 -39.98 -19.04
C GLN D 690 71.08 -39.86 -20.53
N ARG D 691 71.99 -40.68 -21.07
CA ARG D 691 72.26 -40.65 -22.50
C ARG D 691 71.02 -41.01 -23.31
N MET D 692 70.33 -42.06 -22.89
CA MET D 692 69.13 -42.49 -23.62
C MET D 692 68.12 -41.34 -23.71
N LEU D 693 67.82 -40.71 -22.58
CA LEU D 693 66.81 -39.67 -22.55
C LEU D 693 67.25 -38.45 -23.36
N ALA D 694 68.50 -38.03 -23.21
CA ALA D 694 68.97 -36.86 -23.93
C ALA D 694 68.96 -37.10 -25.43
N ILE D 695 69.42 -38.27 -25.88
CA ILE D 695 69.46 -38.54 -27.31
C ILE D 695 68.06 -38.70 -27.87
N THR D 696 67.15 -39.31 -27.10
CA THR D 696 65.76 -39.39 -27.54
C THR D 696 65.17 -38.00 -27.72
N ALA D 697 65.41 -37.13 -26.75
CA ALA D 697 64.88 -35.76 -26.83
C ALA D 697 65.43 -35.04 -28.05
N ASN D 698 66.73 -35.18 -28.32
CA ASN D 698 67.32 -34.45 -29.43
C ASN D 698 66.88 -35.03 -30.78
N THR D 699 66.72 -36.36 -30.87
CA THR D 699 66.21 -36.94 -32.11
C THR D 699 64.80 -36.46 -32.38
N LEU D 700 63.95 -36.46 -31.34
CA LEU D 700 62.59 -35.99 -31.52
C LEU D 700 62.58 -34.53 -31.94
N ARG D 701 63.41 -33.72 -31.30
CA ARG D 701 63.51 -32.31 -31.66
C ARG D 701 63.94 -32.13 -33.10
N GLN D 702 64.93 -32.90 -33.55
CA GLN D 702 65.43 -32.75 -34.90
C GLN D 702 64.36 -33.10 -35.92
N GLN D 703 63.68 -34.24 -35.73
CA GLN D 703 62.59 -34.57 -36.64
C GLN D 703 61.52 -33.50 -36.61
N LEU D 704 61.23 -32.95 -35.43
CA LEU D 704 60.25 -31.89 -35.32
C LEU D 704 60.64 -30.69 -36.18
N THR D 705 61.85 -30.18 -35.97
CA THR D 705 62.25 -28.90 -36.53
C THR D 705 62.63 -28.97 -38.00
N ASN D 706 63.02 -30.14 -38.50
CA ASN D 706 63.43 -30.26 -39.90
C ASN D 706 62.44 -31.04 -40.75
N THR D 707 61.57 -31.84 -40.15
CA THR D 707 60.60 -32.64 -40.92
C THR D 707 59.17 -32.24 -40.61
N GLU D 708 58.79 -32.19 -39.33
CA GLU D 708 57.37 -32.11 -38.98
C GLU D 708 56.84 -30.69 -39.00
N VAL D 709 57.68 -29.69 -38.70
CA VAL D 709 57.19 -28.32 -38.69
C VAL D 709 56.86 -27.83 -40.10
N ARG D 710 57.69 -28.19 -41.08
CA ARG D 710 57.39 -27.81 -42.46
C ARG D 710 56.17 -28.54 -43.00
N ARG D 711 56.03 -29.83 -42.67
CA ARG D 711 54.81 -30.55 -42.99
C ARG D 711 53.61 -29.90 -42.32
N LEU D 712 53.80 -29.41 -41.09
CA LEU D 712 52.74 -28.72 -40.37
C LEU D 712 52.33 -27.44 -41.10
N GLU D 713 53.31 -26.67 -41.56
CA GLU D 713 53.01 -25.46 -42.32
C GLU D 713 52.23 -25.78 -43.58
N LYS D 714 52.63 -26.84 -44.29
CA LYS D 714 51.89 -27.25 -45.48
C LYS D 714 50.45 -27.62 -45.15
N ASN D 715 50.27 -28.42 -44.09
CA ASN D 715 48.93 -28.83 -43.70
C ASN D 715 48.08 -27.64 -43.27
N VAL D 716 48.69 -26.66 -42.60
CA VAL D 716 47.96 -25.46 -42.17
C VAL D 716 47.55 -24.64 -43.38
N LYS D 717 48.43 -24.51 -44.38
CA LYS D 717 48.03 -23.82 -45.60
C LYS D 717 46.85 -24.51 -46.26
N GLU D 718 46.88 -25.84 -46.31
CA GLU D 718 45.75 -26.58 -46.89
C GLU D 718 44.46 -26.34 -46.10
N VAL D 719 44.55 -26.41 -44.77
CA VAL D 719 43.38 -26.21 -43.92
C VAL D 719 42.83 -24.80 -44.09
N LEU D 720 43.72 -23.82 -44.21
CA LEU D 720 43.27 -22.44 -44.40
C LEU D 720 42.68 -22.24 -45.79
N GLU D 721 43.13 -23.01 -46.78
CA GLU D 721 42.43 -22.99 -48.06
C GLU D 721 41.01 -23.54 -47.92
N ASP D 722 40.85 -24.61 -47.14
CA ASP D 722 39.50 -25.12 -46.88
C ASP D 722 38.66 -24.08 -46.14
N PHE D 723 39.30 -23.31 -45.24
CA PHE D 723 38.65 -22.13 -44.68
C PHE D 723 38.22 -21.15 -45.77
N ALA D 724 39.08 -20.93 -46.77
CA ALA D 724 38.73 -20.02 -47.85
C ALA D 724 37.47 -20.50 -48.57
N GLU D 725 37.34 -21.81 -48.77
CA GLU D 725 36.25 -22.34 -49.58
C GLU D 725 34.89 -22.11 -48.93
N ASP D 726 34.80 -22.23 -47.61
CA ASP D 726 33.50 -22.24 -46.93
C ASP D 726 33.28 -20.91 -46.20
N GLY D 727 32.21 -20.20 -46.59
CA GLY D 727 31.85 -18.97 -45.89
C GLY D 727 31.22 -19.22 -44.53
N GLU D 728 30.36 -20.24 -44.44
CA GLU D 728 29.81 -20.62 -43.14
C GLU D 728 30.93 -20.88 -42.15
N LYS D 729 32.00 -21.53 -42.60
CA LYS D 729 33.09 -21.84 -41.69
C LYS D 729 33.77 -20.56 -41.20
N LYS D 730 33.56 -19.46 -41.93
CA LYS D 730 33.91 -18.14 -41.41
C LYS D 730 32.92 -17.56 -40.40
N ILE D 731 31.59 -17.75 -40.56
CA ILE D 731 30.54 -17.28 -39.57
C ILE D 731 30.04 -18.51 -38.79
N LYS D 732 30.91 -19.41 -38.32
CA LYS D 732 30.42 -20.52 -37.52
C LYS D 732 29.99 -19.94 -36.19
N LEU D 733 30.76 -18.99 -35.66
CA LEU D 733 30.36 -18.27 -34.46
C LEU D 733 29.63 -17.00 -34.88
N LEU D 734 28.42 -16.81 -34.37
CA LEU D 734 27.51 -15.79 -34.86
C LEU D 734 27.85 -14.44 -34.20
N THR D 735 29.00 -13.89 -34.61
CA THR D 735 29.42 -12.55 -34.24
C THR D 735 29.61 -11.67 -35.48
N GLY D 736 28.84 -11.96 -36.53
CA GLY D 736 29.06 -11.43 -37.87
C GLY D 736 28.77 -9.97 -38.13
N LYS D 737 28.60 -9.15 -37.08
CA LYS D 737 28.20 -7.76 -37.31
C LYS D 737 29.11 -7.04 -38.29
N ARG D 738 30.41 -7.37 -38.32
CA ARG D 738 31.36 -6.65 -39.15
C ARG D 738 30.90 -6.61 -40.60
N VAL D 739 30.71 -7.80 -41.19
CA VAL D 739 30.46 -7.90 -42.63
C VAL D 739 29.11 -7.31 -42.99
N GLN D 740 28.08 -7.64 -42.21
CA GLN D 740 26.75 -7.16 -42.50
C GLN D 740 26.68 -5.64 -42.40
N LEU D 741 27.33 -5.08 -41.37
CA LEU D 741 27.33 -3.63 -41.19
C LEU D 741 28.05 -2.94 -42.33
N ALA D 742 29.19 -3.50 -42.77
CA ALA D 742 29.89 -2.90 -43.91
C ALA D 742 29.00 -2.88 -45.15
N GLU D 743 28.36 -4.02 -45.43
CA GLU D 743 27.50 -4.10 -46.61
C GLU D 743 26.35 -3.12 -46.51
N ASP D 744 25.75 -2.99 -45.32
CA ASP D 744 24.64 -2.07 -45.13
C ASP D 744 25.07 -0.64 -45.34
N LEU D 745 26.26 -0.27 -44.83
CA LEU D 745 26.74 1.09 -45.01
C LEU D 745 26.89 1.41 -46.49
N LYS D 746 27.53 0.53 -47.25
CA LYS D 746 27.75 0.80 -48.66
C LYS D 746 26.43 0.90 -49.42
N LYS D 747 25.50 -0.01 -49.12
CA LYS D 747 24.23 -0.03 -49.82
C LYS D 747 23.35 1.17 -49.45
N VAL D 748 23.41 1.63 -48.21
CA VAL D 748 22.64 2.82 -47.84
C VAL D 748 23.21 4.05 -48.53
N ARG D 749 24.55 4.11 -48.68
CA ARG D 749 25.10 5.23 -49.43
C ARG D 749 24.61 5.22 -50.87
N GLU D 750 24.55 4.05 -51.50
CA GLU D 750 23.99 3.99 -52.85
C GLU D 750 22.52 4.42 -52.86
N ILE D 751 21.74 3.95 -51.88
CA ILE D 751 20.33 4.32 -51.82
C ILE D 751 20.19 5.83 -51.83
N GLN D 752 20.92 6.51 -50.94
CA GLN D 752 20.73 7.94 -50.81
C GLN D 752 21.28 8.68 -52.03
N GLU D 753 22.37 8.16 -52.61
CA GLU D 753 22.93 8.80 -53.79
C GLU D 753 21.93 8.80 -54.95
N LYS D 754 21.22 7.68 -55.14
CA LYS D 754 20.21 7.66 -56.19
C LYS D 754 18.98 8.49 -55.84
N LEU D 755 18.58 8.48 -54.57
CA LEU D 755 17.41 9.27 -54.17
C LEU D 755 17.67 10.76 -54.32
N ASP D 756 18.91 11.20 -54.16
CA ASP D 756 19.20 12.63 -54.28
C ASP D 756 18.96 13.12 -55.70
N ALA D 757 19.47 12.39 -56.70
CA ALA D 757 19.21 12.76 -58.08
C ALA D 757 17.73 12.64 -58.40
N PHE D 758 17.07 11.61 -57.87
CA PHE D 758 15.64 11.48 -58.13
C PHE D 758 14.88 12.71 -57.63
N ILE D 759 15.20 13.17 -56.42
CA ILE D 759 14.47 14.30 -55.84
C ILE D 759 14.80 15.59 -56.58
N GLU D 760 16.05 15.74 -57.07
CA GLU D 760 16.44 16.92 -57.91
C GLU D 760 15.54 16.87 -59.16
N ALA D 761 15.28 15.68 -59.71
CA ALA D 761 14.34 15.51 -60.85
C ALA D 761 12.93 15.87 -60.36
N LEU D 762 12.52 15.51 -59.15
CA LEU D 762 11.18 15.94 -58.66
C LEU D 762 11.14 17.49 -58.63
N HIS D 763 12.20 18.20 -58.24
CA HIS D 763 12.10 19.67 -58.03
C HIS D 763 11.68 20.39 -59.33
N GLN D 764 12.10 19.96 -60.55
CA GLN D 764 11.64 20.56 -61.85
C GLN D 764 11.24 19.51 -62.93
N GLU D 765 11.86 18.33 -63.01
CA GLU D 765 11.61 17.33 -64.10
C GLU D 765 10.16 16.81 -64.01
N LYS D 766 9.54 16.75 -62.81
CA LYS D 766 8.10 16.35 -62.61
C LYS D 766 7.58 15.38 -63.68
N ALA E 1 -81.59 24.81 23.64
CA ALA E 1 -80.95 26.04 23.18
C ALA E 1 -79.44 25.86 23.07
N THR E 2 -78.89 24.91 23.82
CA THR E 2 -77.46 24.63 23.75
C THR E 2 -77.06 24.16 22.36
N ASP E 3 -77.88 23.30 21.74
CA ASP E 3 -77.64 22.86 20.37
C ASP E 3 -78.98 22.54 19.74
N ARG E 4 -79.13 22.82 18.45
CA ARG E 4 -80.41 22.71 17.76
C ARG E 4 -80.38 21.88 16.49
N GLY E 5 -79.24 21.74 15.81
CA GLY E 5 -79.22 21.03 14.54
C GLY E 5 -79.57 19.56 14.67
N SER E 6 -79.06 18.91 15.71
CA SER E 6 -79.31 17.49 15.90
C SER E 6 -80.80 17.21 16.08
N GLU E 7 -81.50 18.10 16.80
CA GLU E 7 -82.93 17.92 16.96
C GLU E 7 -83.65 17.99 15.63
N SER E 8 -83.26 18.93 14.76
CA SER E 8 -83.87 19.02 13.44
C SER E 8 -83.60 17.77 12.63
N ASP E 9 -82.36 17.27 12.65
CA ASP E 9 -82.04 16.08 11.88
C ASP E 9 -82.85 14.89 12.37
N LYS E 10 -82.95 14.70 13.69
CA LYS E 10 -83.74 13.60 14.22
C LYS E 10 -85.21 13.75 13.86
N HIS E 11 -85.74 14.97 13.95
CA HIS E 11 -87.14 15.19 13.65
C HIS E 11 -87.47 14.83 12.22
N PHE E 12 -86.71 15.36 11.25
CA PHE E 12 -87.05 15.09 9.87
C PHE E 12 -86.68 13.65 9.47
N ARG E 13 -85.71 13.04 10.14
CA ARG E 13 -85.45 11.62 9.90
C ARG E 13 -86.64 10.78 10.33
N LYS E 14 -87.21 11.09 11.50
CA LYS E 14 -88.41 10.37 11.95
C LYS E 14 -89.59 10.64 11.04
N VAL E 15 -89.72 11.86 10.52
CA VAL E 15 -90.81 12.15 9.59
C VAL E 15 -90.65 11.33 8.31
N SER E 16 -89.42 11.27 7.77
CA SER E 16 -89.17 10.45 6.60
C SER E 16 -89.53 8.99 6.88
N ASP E 17 -89.17 8.49 8.06
CA ASP E 17 -89.56 7.13 8.41
C ASP E 17 -91.08 7.00 8.47
N LYS E 18 -91.76 7.91 9.15
CA LYS E 18 -93.21 7.80 9.28
C LYS E 18 -93.88 7.73 7.92
N GLU E 19 -93.36 8.47 6.94
CA GLU E 19 -94.02 8.48 5.64
C GLU E 19 -93.61 7.31 4.74
N LYS E 20 -92.35 6.86 4.81
CA LYS E 20 -91.85 5.88 3.83
C LYS E 20 -91.30 4.60 4.44
N ILE E 21 -91.58 4.28 5.70
CA ILE E 21 -90.92 3.14 6.32
C ILE E 21 -91.38 1.84 5.70
N ASP E 22 -92.63 1.76 5.25
CA ASP E 22 -93.12 0.53 4.63
C ASP E 22 -92.33 0.18 3.38
N GLN E 23 -91.56 1.11 2.82
CA GLN E 23 -90.64 0.85 1.74
C GLN E 23 -89.18 0.83 2.21
N LEU E 24 -88.83 1.69 3.15
CA LEU E 24 -87.45 1.85 3.59
C LEU E 24 -86.97 0.65 4.41
N GLN E 25 -87.85 0.07 5.22
CA GLN E 25 -87.45 -1.11 6.00
C GLN E 25 -87.19 -2.29 5.06
N GLU E 26 -87.94 -2.38 3.97
CA GLU E 26 -87.67 -3.42 2.97
C GLU E 26 -86.37 -3.15 2.23
N GLU E 27 -86.16 -1.92 1.78
CA GLU E 27 -85.03 -1.64 0.91
C GLU E 27 -83.71 -1.60 1.68
N LEU E 28 -83.72 -1.06 2.90
CA LEU E 28 -82.50 -0.73 3.62
C LEU E 28 -81.92 -1.89 4.42
N LEU E 29 -82.76 -2.68 5.10
CA LEU E 29 -82.23 -3.67 6.03
C LEU E 29 -82.68 -5.09 5.70
N HIS E 30 -83.96 -5.27 5.36
CA HIS E 30 -84.49 -6.60 5.10
C HIS E 30 -83.60 -7.36 4.12
N THR E 31 -83.46 -6.82 2.91
CA THR E 31 -82.62 -7.46 1.91
C THR E 31 -81.15 -7.37 2.29
N GLN E 32 -80.73 -6.24 2.87
CA GLN E 32 -79.32 -6.04 3.15
C GLN E 32 -78.82 -6.96 4.25
N LEU E 33 -79.69 -7.41 5.16
CA LEU E 33 -79.27 -8.36 6.16
C LEU E 33 -78.65 -9.59 5.52
N LYS E 34 -79.20 -10.02 4.38
CA LYS E 34 -78.69 -11.16 3.63
C LYS E 34 -77.73 -10.77 2.51
N TYR E 35 -77.39 -9.48 2.37
CA TYR E 35 -76.66 -9.04 1.18
C TYR E 35 -75.33 -9.77 1.04
N GLN E 36 -74.59 -9.92 2.14
CA GLN E 36 -73.31 -10.62 2.06
C GLN E 36 -73.50 -12.04 1.56
N ARG E 37 -74.60 -12.68 1.96
CA ARG E 37 -74.91 -14.01 1.46
C ARG E 37 -75.26 -13.96 -0.03
N ILE E 38 -75.92 -12.89 -0.48
CA ILE E 38 -76.45 -12.85 -1.84
C ILE E 38 -75.33 -12.99 -2.86
N LEU E 39 -74.19 -12.33 -2.63
CA LEU E 39 -73.18 -12.22 -3.67
C LEU E 39 -72.72 -13.58 -4.15
N GLU E 40 -72.45 -14.51 -3.22
CA GLU E 40 -72.10 -15.87 -3.61
C GLU E 40 -73.29 -16.57 -4.25
N ARG E 41 -74.48 -16.40 -3.66
CA ARG E 41 -75.65 -17.15 -4.13
C ARG E 41 -76.06 -16.71 -5.52
N LEU E 42 -75.99 -15.41 -5.83
CA LEU E 42 -76.61 -14.90 -7.04
C LEU E 42 -75.78 -15.12 -8.29
N GLU E 43 -74.59 -14.49 -8.35
CA GLU E 43 -73.82 -14.51 -9.59
C GLU E 43 -73.00 -15.79 -9.71
N LYS E 44 -72.21 -16.10 -8.68
CA LYS E 44 -71.27 -17.22 -8.80
C LYS E 44 -72.00 -18.50 -9.16
N GLU E 45 -73.04 -18.84 -8.39
CA GLU E 45 -73.80 -20.04 -8.68
C GLU E 45 -74.30 -20.02 -10.12
N ASN E 46 -74.81 -18.86 -10.56
CA ASN E 46 -75.33 -18.76 -11.92
C ASN E 46 -74.26 -19.14 -12.92
N LYS E 47 -73.05 -18.60 -12.79
CA LYS E 47 -72.00 -18.92 -13.75
C LYS E 47 -71.76 -20.42 -13.77
N GLU E 48 -71.76 -21.04 -12.59
CA GLU E 48 -71.61 -22.49 -12.54
C GLU E 48 -72.80 -23.17 -13.18
N LEU E 49 -74.02 -22.74 -12.84
CA LEU E 49 -75.20 -23.49 -13.25
C LEU E 49 -75.28 -23.60 -14.76
N ARG E 50 -75.16 -22.48 -15.47
CA ARG E 50 -75.26 -22.56 -16.92
C ARG E 50 -74.19 -23.49 -17.48
N LYS E 51 -72.99 -23.46 -16.88
CA LYS E 51 -71.94 -24.36 -17.35
C LYS E 51 -72.38 -25.80 -17.21
N LEU E 52 -72.95 -26.15 -16.05
CA LEU E 52 -73.48 -27.48 -15.87
C LEU E 52 -74.53 -27.79 -16.93
N VAL E 53 -75.40 -26.82 -17.23
CA VAL E 53 -76.43 -27.04 -18.22
C VAL E 53 -75.79 -27.35 -19.57
N LEU E 54 -74.64 -26.73 -19.86
CA LEU E 54 -73.91 -27.09 -21.07
C LEU E 54 -73.24 -28.44 -20.90
N GLN E 55 -72.59 -28.67 -19.75
CA GLN E 55 -71.93 -29.96 -19.52
C GLN E 55 -72.94 -31.10 -19.50
N LYS E 56 -74.16 -30.82 -19.01
CA LYS E 56 -75.19 -31.86 -19.03
C LYS E 56 -75.52 -32.31 -20.45
N ASP E 57 -75.28 -31.44 -21.44
CA ASP E 57 -75.42 -31.88 -22.83
C ASP E 57 -74.45 -33.02 -23.13
N ASP E 58 -73.22 -32.90 -22.65
CA ASP E 58 -72.22 -33.94 -22.88
C ASP E 58 -72.60 -35.24 -22.18
N LYS E 59 -73.15 -35.14 -20.96
CA LYS E 59 -73.53 -36.32 -20.17
C LYS E 59 -72.31 -37.15 -19.75
N GLY E 60 -71.30 -36.46 -19.19
CA GLY E 60 -70.07 -37.13 -18.72
C GLY E 60 -70.41 -38.20 -17.68
N ILE E 61 -69.85 -39.41 -17.77
CA ILE E 61 -70.14 -40.54 -16.84
C ILE E 61 -69.60 -40.17 -15.45
N HIS E 62 -70.25 -40.58 -14.35
CA HIS E 62 -69.74 -40.36 -12.95
C HIS E 62 -68.48 -41.22 -12.76
N HIS E 63 -67.53 -40.82 -11.90
CA HIS E 63 -66.32 -41.66 -11.62
C HIS E 63 -65.55 -41.89 -12.94
N ARG E 64 -65.47 -40.90 -13.84
CA ARG E 64 -64.86 -41.04 -15.21
C ARG E 64 -63.43 -40.44 -15.28
N LYS E 65 -63.15 -39.25 -14.69
CA LYS E 65 -61.76 -38.68 -14.72
C LYS E 65 -61.50 -38.19 -16.16
N LEU E 66 -60.34 -37.55 -16.43
CA LEU E 66 -59.99 -37.10 -17.82
C LEU E 66 -61.17 -36.23 -18.28
N LYS E 67 -61.74 -35.38 -17.39
CA LYS E 67 -63.00 -34.61 -17.68
C LYS E 67 -62.77 -33.66 -18.88
N LYS E 68 -61.61 -33.00 -18.97
CA LYS E 68 -61.28 -32.02 -20.06
C LYS E 68 -59.85 -32.25 -20.57
N SER E 69 -59.57 -31.95 -21.85
CA SER E 69 -58.21 -32.02 -22.38
C SER E 69 -57.29 -31.12 -21.57
N LEU E 70 -56.06 -31.59 -21.38
CA LEU E 70 -55.09 -30.91 -20.47
C LEU E 70 -54.82 -29.47 -20.93
N ILE E 71 -54.78 -29.17 -22.24
CA ILE E 71 -54.51 -27.81 -22.73
C ILE E 71 -55.70 -26.90 -22.51
N ASP E 72 -56.92 -27.42 -22.64
CA ASP E 72 -58.10 -26.59 -22.36
C ASP E 72 -58.01 -26.11 -20.92
N MET E 73 -57.52 -27.00 -20.02
CA MET E 73 -57.35 -26.71 -18.57
C MET E 73 -56.21 -25.69 -18.42
N TYR E 74 -55.05 -25.87 -19.09
CA TYR E 74 -54.00 -24.86 -19.12
C TYR E 74 -54.40 -23.49 -19.63
N SER E 75 -55.42 -23.42 -20.48
CA SER E 75 -55.95 -22.11 -20.86
C SER E 75 -56.49 -21.37 -19.65
N GLU E 76 -57.23 -22.08 -18.78
CA GLU E 76 -57.68 -21.46 -17.54
C GLU E 76 -56.51 -21.08 -16.66
N VAL E 77 -55.46 -21.90 -16.67
CA VAL E 77 -54.27 -21.57 -15.87
C VAL E 77 -53.68 -20.23 -16.33
N LEU E 78 -53.48 -20.10 -17.64
CA LEU E 78 -52.92 -18.85 -18.17
C LEU E 78 -53.87 -17.69 -17.93
N ASP E 79 -55.18 -17.94 -18.05
CA ASP E 79 -56.16 -16.88 -17.81
C ASP E 79 -56.11 -16.40 -16.37
N VAL E 80 -55.97 -17.31 -15.41
CA VAL E 80 -55.92 -16.91 -14.01
C VAL E 80 -54.62 -16.17 -13.71
N LEU E 81 -53.49 -16.59 -14.30
CA LEU E 81 -52.29 -15.77 -14.15
C LEU E 81 -52.47 -14.38 -14.75
N SER E 82 -53.12 -14.29 -15.91
CA SER E 82 -53.33 -12.98 -16.51
C SER E 82 -54.23 -12.12 -15.63
N ASP E 83 -55.26 -12.71 -15.04
CA ASP E 83 -56.17 -11.94 -14.20
C ASP E 83 -55.48 -11.48 -12.92
N TYR E 84 -54.72 -12.38 -12.28
CA TYR E 84 -54.01 -12.03 -11.05
C TYR E 84 -53.04 -10.87 -11.31
N ASP E 85 -52.25 -10.97 -12.37
CA ASP E 85 -51.30 -9.93 -12.72
C ASP E 85 -51.07 -9.98 -14.22
N ALA E 86 -51.59 -8.98 -14.94
CA ALA E 86 -51.47 -8.94 -16.39
C ALA E 86 -50.09 -8.48 -16.87
N SER E 87 -49.26 -7.96 -15.97
CA SER E 87 -47.93 -7.51 -16.36
C SER E 87 -47.06 -8.69 -16.78
N TYR E 88 -46.10 -8.41 -17.65
CA TYR E 88 -45.17 -9.45 -18.10
C TYR E 88 -44.42 -10.08 -16.93
N ASN E 89 -44.28 -9.35 -15.82
CA ASN E 89 -43.56 -9.89 -14.66
C ASN E 89 -44.20 -11.18 -14.16
N THR E 90 -45.50 -11.35 -14.38
CA THR E 90 -46.18 -12.59 -14.04
C THR E 90 -46.45 -13.48 -15.25
N GLN E 91 -46.55 -12.90 -16.45
CA GLN E 91 -46.66 -13.71 -17.65
C GLN E 91 -45.44 -14.59 -17.82
N ASP E 92 -44.27 -14.12 -17.38
CA ASP E 92 -43.03 -14.83 -17.62
C ASP E 92 -43.01 -16.22 -17.00
N HIS E 93 -43.91 -16.48 -16.04
CA HIS E 93 -43.84 -17.72 -15.27
C HIS E 93 -44.21 -18.94 -16.11
N LEU E 94 -45.10 -18.80 -17.09
CA LEU E 94 -45.59 -19.98 -17.78
C LEU E 94 -45.41 -19.87 -19.30
N PRO E 95 -45.36 -21.01 -19.99
CA PRO E 95 -45.24 -20.99 -21.46
C PRO E 95 -46.38 -20.27 -22.15
N ARG E 96 -46.04 -19.64 -23.27
CA ARG E 96 -47.01 -19.04 -24.17
C ARG E 96 -46.49 -19.17 -25.60
N VAL E 97 -47.38 -18.96 -26.56
CA VAL E 97 -47.00 -18.84 -27.96
C VAL E 97 -47.47 -17.47 -28.46
N VAL E 98 -46.52 -16.69 -28.95
CA VAL E 98 -46.77 -15.34 -29.45
C VAL E 98 -46.86 -15.41 -30.97
N VAL E 99 -47.89 -14.81 -31.53
CA VAL E 99 -48.08 -14.73 -32.98
C VAL E 99 -47.87 -13.28 -33.38
N VAL E 100 -46.70 -12.94 -33.92
CA VAL E 100 -46.38 -11.56 -34.26
C VAL E 100 -45.85 -11.52 -35.68
N GLY E 101 -46.12 -10.43 -36.39
CA GLY E 101 -45.63 -10.31 -37.76
C GLY E 101 -45.91 -8.93 -38.31
N ASP E 102 -45.48 -8.74 -39.55
CA ASP E 102 -45.72 -7.48 -40.24
C ASP E 102 -47.22 -7.27 -40.43
N GLN E 103 -47.64 -6.00 -40.48
CA GLN E 103 -49.04 -5.69 -40.68
C GLN E 103 -49.58 -6.38 -41.93
N SER E 104 -50.73 -7.04 -41.78
CA SER E 104 -51.45 -7.62 -42.91
C SER E 104 -50.56 -8.56 -43.72
N ALA E 105 -49.68 -9.28 -43.01
CA ALA E 105 -48.82 -10.27 -43.64
C ALA E 105 -49.46 -11.64 -43.74
N GLY E 106 -50.68 -11.81 -43.23
CA GLY E 106 -51.32 -13.10 -43.18
C GLY E 106 -51.10 -13.87 -41.88
N LYS E 107 -50.49 -13.23 -40.87
CA LYS E 107 -50.27 -13.91 -39.60
C LYS E 107 -51.57 -14.37 -38.96
N THR E 108 -52.63 -13.59 -39.10
CA THR E 108 -53.93 -14.04 -38.61
C THR E 108 -54.37 -15.29 -39.35
N SER E 109 -54.09 -15.36 -40.65
CA SER E 109 -54.39 -16.58 -41.40
C SER E 109 -53.50 -17.73 -40.95
N VAL E 110 -52.26 -17.46 -40.56
CA VAL E 110 -51.40 -18.52 -40.01
C VAL E 110 -52.04 -19.10 -38.76
N LEU E 111 -52.46 -18.23 -37.85
CA LEU E 111 -53.07 -18.70 -36.61
C LEU E 111 -54.37 -19.46 -36.91
N GLU E 112 -55.20 -18.93 -37.80
CA GLU E 112 -56.47 -19.57 -38.10
C GLU E 112 -56.28 -20.94 -38.74
N MET E 113 -55.31 -21.06 -39.64
CA MET E 113 -54.99 -22.35 -40.24
C MET E 113 -54.49 -23.33 -39.20
N ILE E 114 -53.66 -22.86 -38.26
CA ILE E 114 -53.26 -23.72 -37.15
C ILE E 114 -54.49 -24.13 -36.35
N ALA E 115 -55.42 -23.20 -36.14
CA ALA E 115 -56.67 -23.50 -35.45
C ALA E 115 -57.66 -24.25 -36.32
N GLN E 116 -57.40 -24.38 -37.62
CA GLN E 116 -58.24 -25.16 -38.53
C GLN E 116 -59.63 -24.56 -38.67
N ALA E 117 -59.72 -23.23 -38.62
CA ALA E 117 -60.99 -22.56 -38.85
C ALA E 117 -60.76 -21.07 -38.96
N ARG E 118 -61.65 -20.39 -39.69
CA ARG E 118 -61.64 -18.92 -39.78
C ARG E 118 -62.36 -18.36 -38.55
N ILE E 119 -61.62 -18.30 -37.46
CA ILE E 119 -62.21 -17.97 -36.17
C ILE E 119 -62.15 -16.47 -35.88
N PHE E 120 -61.17 -15.72 -36.48
CA PHE E 120 -61.03 -14.31 -36.15
C PHE E 120 -61.62 -13.41 -37.23
N PRO E 121 -62.19 -12.27 -36.85
CA PRO E 121 -62.76 -11.36 -37.85
C PRO E 121 -61.68 -10.73 -38.72
N ARG E 122 -62.04 -10.50 -39.98
CA ARG E 122 -61.16 -9.87 -40.95
C ARG E 122 -61.93 -8.82 -41.73
N GLY E 123 -62.73 -8.02 -41.01
CA GLY E 123 -63.62 -7.09 -41.68
C GLY E 123 -62.89 -6.07 -42.54
N SER E 124 -61.77 -5.57 -42.06
CA SER E 124 -60.98 -4.57 -42.78
C SER E 124 -59.51 -4.94 -42.73
N GLY E 125 -58.72 -4.30 -43.58
CA GLY E 125 -57.31 -4.55 -43.67
C GLY E 125 -56.41 -3.54 -43.00
N GLU E 126 -56.96 -2.55 -42.30
CA GLU E 126 -56.14 -1.54 -41.65
C GLU E 126 -56.24 -1.59 -40.13
N MET E 127 -57.46 -1.43 -39.61
CA MET E 127 -57.61 -1.40 -38.15
C MET E 127 -57.86 -2.78 -37.58
N MET E 128 -58.37 -3.72 -38.38
CA MET E 128 -58.69 -5.04 -37.88
C MET E 128 -57.47 -5.96 -37.82
N THR E 129 -56.32 -5.51 -38.34
CA THR E 129 -55.08 -6.27 -38.31
C THR E 129 -54.09 -5.72 -37.29
N ARG E 130 -54.50 -4.76 -36.46
CA ARG E 130 -53.62 -4.12 -35.50
C ARG E 130 -54.20 -4.16 -34.09
N SER E 131 -54.89 -5.26 -33.75
CA SER E 131 -55.47 -5.43 -32.43
C SER E 131 -55.32 -6.89 -31.99
N PRO E 132 -55.19 -7.14 -30.69
CA PRO E 132 -54.89 -8.49 -30.21
C PRO E 132 -56.11 -9.38 -30.04
N VAL E 133 -55.89 -10.69 -30.25
CA VAL E 133 -56.81 -11.74 -29.82
C VAL E 133 -55.96 -12.85 -29.20
N LYS E 134 -56.57 -13.66 -28.34
CA LYS E 134 -55.92 -14.87 -27.84
C LYS E 134 -56.84 -16.08 -28.04
N VAL E 135 -56.26 -17.19 -28.51
CA VAL E 135 -57.02 -18.42 -28.73
C VAL E 135 -56.22 -19.60 -28.20
N THR E 136 -56.88 -20.44 -27.40
CA THR E 136 -56.31 -21.73 -27.04
C THR E 136 -56.67 -22.77 -28.09
N LEU E 137 -55.76 -23.73 -28.28
CA LEU E 137 -55.91 -24.81 -29.24
C LEU E 137 -55.87 -26.13 -28.50
N SER E 138 -56.89 -26.96 -28.70
CA SER E 138 -57.07 -28.21 -27.97
C SER E 138 -57.53 -29.31 -28.89
N GLU E 139 -57.14 -30.54 -28.53
CA GLU E 139 -57.66 -31.72 -29.21
C GLU E 139 -59.14 -31.89 -28.92
N GLY E 140 -59.87 -32.43 -29.90
CA GLY E 140 -61.27 -32.71 -29.73
C GLY E 140 -61.79 -33.72 -30.74
N PRO E 141 -62.98 -34.27 -30.47
CA PRO E 141 -63.65 -35.11 -31.47
C PRO E 141 -64.47 -34.32 -32.48
N HIS E 142 -64.66 -33.02 -32.26
CA HIS E 142 -65.45 -32.17 -33.14
C HIS E 142 -64.92 -30.76 -33.06
N HIS E 143 -64.94 -30.05 -34.19
CA HIS E 143 -64.37 -28.70 -34.27
C HIS E 143 -65.38 -27.73 -33.69
N VAL E 144 -65.17 -27.31 -32.44
CA VAL E 144 -66.11 -26.46 -31.72
C VAL E 144 -65.35 -25.43 -30.91
N ALA E 145 -65.93 -24.24 -30.77
CA ALA E 145 -65.30 -23.13 -30.08
C ALA E 145 -66.21 -22.61 -28.97
N LEU E 146 -65.59 -22.14 -27.89
CA LEU E 146 -66.31 -21.64 -26.73
C LEU E 146 -65.53 -20.51 -26.10
N PHE E 147 -66.21 -19.43 -25.74
CA PHE E 147 -65.56 -18.29 -25.10
C PHE E 147 -65.45 -18.50 -23.59
N LYS E 148 -64.48 -17.80 -23.00
CA LYS E 148 -64.39 -17.72 -21.56
C LYS E 148 -65.68 -17.20 -20.94
N ASP E 149 -66.27 -16.17 -21.56
CA ASP E 149 -67.38 -15.42 -20.98
C ASP E 149 -68.72 -15.69 -21.66
N SER E 150 -68.87 -16.84 -22.32
CA SER E 150 -70.13 -17.14 -23.00
C SER E 150 -70.41 -18.63 -22.90
N SER E 151 -71.68 -18.97 -22.77
CA SER E 151 -72.12 -20.35 -22.74
C SER E 151 -72.36 -20.93 -24.13
N ARG E 152 -72.31 -20.11 -25.18
CA ARG E 152 -72.59 -20.58 -26.52
C ARG E 152 -71.40 -21.34 -27.10
N GLU E 153 -71.68 -22.49 -27.69
CA GLU E 153 -70.68 -23.24 -28.45
C GLU E 153 -70.89 -22.96 -29.94
N PHE E 154 -69.78 -22.81 -30.66
CA PHE E 154 -69.81 -22.45 -32.07
C PHE E 154 -69.35 -23.62 -32.92
N ASP E 155 -70.15 -23.98 -33.92
CA ASP E 155 -69.78 -25.03 -34.86
C ASP E 155 -68.80 -24.44 -35.86
N LEU E 156 -67.59 -24.99 -35.89
CA LEU E 156 -66.52 -24.45 -36.71
C LEU E 156 -66.55 -24.94 -38.15
N THR E 157 -67.51 -25.78 -38.50
CA THR E 157 -67.66 -26.27 -39.87
C THR E 157 -68.79 -25.59 -40.62
N LYS E 158 -69.46 -24.62 -40.00
CA LYS E 158 -70.59 -23.93 -40.61
C LYS E 158 -70.32 -22.44 -40.63
N GLU E 159 -70.79 -21.76 -41.69
CA GLU E 159 -70.50 -20.35 -41.85
C GLU E 159 -71.20 -19.50 -40.80
N GLU E 160 -72.41 -19.89 -40.39
CA GLU E 160 -73.17 -19.06 -39.46
C GLU E 160 -72.47 -18.96 -38.12
N ASP E 161 -72.01 -20.08 -37.57
CA ASP E 161 -71.40 -20.07 -36.25
C ASP E 161 -70.01 -19.44 -36.29
N LEU E 162 -69.26 -19.67 -37.37
CA LEU E 162 -67.98 -18.99 -37.52
C LEU E 162 -68.18 -17.48 -37.64
N ALA E 163 -69.23 -17.06 -38.34
CA ALA E 163 -69.53 -15.65 -38.46
C ALA E 163 -69.89 -15.05 -37.12
N ALA E 164 -70.71 -15.75 -36.32
CA ALA E 164 -71.06 -15.26 -34.99
C ALA E 164 -69.82 -15.20 -34.09
N LEU E 165 -68.94 -16.19 -34.22
CA LEU E 165 -67.69 -16.20 -33.45
C LEU E 165 -66.82 -15.01 -33.80
N ARG E 166 -66.62 -14.78 -35.10
CA ARG E 166 -65.87 -13.63 -35.56
C ARG E 166 -66.55 -12.34 -35.11
N HIS E 167 -67.88 -12.34 -35.07
CA HIS E 167 -68.63 -11.15 -34.66
C HIS E 167 -68.37 -10.82 -33.19
N GLU E 168 -68.43 -11.82 -32.32
CA GLU E 168 -68.14 -11.59 -30.91
C GLU E 168 -66.72 -11.07 -30.74
N ILE E 169 -65.76 -11.72 -31.40
CA ILE E 169 -64.39 -11.25 -31.30
C ILE E 169 -64.32 -9.81 -31.78
N GLU E 170 -64.90 -9.51 -32.95
CA GLU E 170 -64.87 -8.17 -33.51
C GLU E 170 -65.47 -7.14 -32.57
N LEU E 171 -66.62 -7.48 -31.94
CA LEU E 171 -67.23 -6.57 -30.99
C LEU E 171 -66.24 -6.22 -29.88
N ARG E 172 -65.43 -7.19 -29.47
CA ARG E 172 -64.40 -6.87 -28.49
C ARG E 172 -63.20 -6.15 -29.13
N MET E 173 -62.90 -6.45 -30.40
CA MET E 173 -61.70 -5.95 -31.06
C MET E 173 -61.77 -4.47 -31.37
N ARG E 174 -62.89 -4.01 -31.89
CA ARG E 174 -63.00 -2.65 -32.39
C ARG E 174 -63.26 -1.66 -31.27
N LYS E 175 -63.32 -2.14 -30.03
CA LYS E 175 -63.50 -1.30 -28.86
C LYS E 175 -62.26 -1.25 -27.98
N ASN E 176 -61.45 -2.32 -27.99
CA ASN E 176 -60.24 -2.39 -27.18
C ASN E 176 -59.09 -1.67 -27.88
N VAL E 177 -59.31 -0.40 -28.15
CA VAL E 177 -58.37 0.43 -28.89
C VAL E 177 -58.50 1.86 -28.41
N LYS E 178 -57.37 2.52 -28.19
CA LYS E 178 -57.39 3.94 -27.87
C LYS E 178 -57.91 4.73 -29.06
N GLU E 179 -58.72 5.75 -28.78
CA GLU E 179 -59.32 6.53 -29.85
C GLU E 179 -58.24 7.22 -30.67
N GLY E 180 -58.34 7.08 -31.98
CA GLY E 180 -57.31 7.55 -32.89
C GLY E 180 -56.15 6.59 -33.03
N CYS E 181 -55.62 6.12 -31.90
CA CYS E 181 -54.55 5.14 -31.93
C CYS E 181 -55.00 3.86 -32.63
N THR E 182 -56.22 3.40 -32.33
CA THR E 182 -56.76 2.17 -32.87
C THR E 182 -55.96 0.95 -32.42
N VAL E 183 -55.14 1.12 -31.39
CA VAL E 183 -54.31 0.03 -30.87
C VAL E 183 -54.20 0.16 -29.36
N SER E 184 -54.70 -0.84 -28.63
CA SER E 184 -54.59 -0.88 -27.19
C SER E 184 -54.42 -2.33 -26.74
N PRO E 185 -53.64 -2.57 -25.68
CA PRO E 185 -53.56 -3.93 -25.13
C PRO E 185 -54.85 -4.30 -24.40
N GLU E 186 -55.29 -5.55 -24.62
CA GLU E 186 -56.45 -6.08 -23.93
C GLU E 186 -56.51 -7.57 -24.23
N THR E 187 -57.29 -8.29 -23.41
CA THR E 187 -57.37 -9.74 -23.46
C THR E 187 -58.73 -10.19 -23.99
N ILE E 188 -58.69 -11.02 -25.03
CA ILE E 188 -59.87 -11.72 -25.53
C ILE E 188 -59.50 -13.20 -25.59
N SER E 189 -60.27 -14.04 -24.91
CA SER E 189 -59.90 -15.44 -24.69
C SER E 189 -60.96 -16.35 -25.29
N LEU E 190 -60.57 -17.10 -26.30
CA LEU E 190 -61.41 -18.10 -26.95
C LEU E 190 -60.72 -19.45 -26.89
N ASN E 191 -61.49 -20.51 -26.64
CA ASN E 191 -61.00 -21.87 -26.65
C ASN E 191 -61.53 -22.57 -27.89
N VAL E 192 -60.62 -22.97 -28.79
CA VAL E 192 -60.96 -23.63 -30.04
C VAL E 192 -60.50 -25.08 -29.94
N LYS E 193 -61.40 -26.01 -30.25
CA LYS E 193 -61.20 -27.43 -30.07
C LYS E 193 -61.50 -28.14 -31.39
N GLY E 194 -60.86 -29.29 -31.60
CA GLY E 194 -61.18 -30.12 -32.74
C GLY E 194 -60.14 -31.17 -33.06
N PRO E 195 -60.51 -32.15 -33.87
CA PRO E 195 -59.55 -33.17 -34.30
C PRO E 195 -58.34 -32.56 -35.01
N GLY E 196 -57.16 -33.11 -34.73
CA GLY E 196 -55.94 -32.69 -35.37
C GLY E 196 -55.34 -31.43 -34.78
N LEU E 197 -56.03 -30.77 -33.87
CA LEU E 197 -55.54 -29.53 -33.28
C LEU E 197 -54.65 -29.85 -32.08
N GLN E 198 -53.56 -29.09 -31.96
CA GLN E 198 -52.55 -29.37 -30.96
C GLN E 198 -52.79 -28.73 -29.60
N ARG E 199 -51.90 -29.06 -28.66
CA ARG E 199 -51.94 -28.51 -27.30
C ARG E 199 -51.15 -27.21 -27.16
N MET E 200 -51.76 -26.11 -27.59
CA MET E 200 -51.09 -24.79 -27.59
C MET E 200 -51.94 -23.65 -27.05
N VAL E 201 -51.39 -22.46 -26.90
CA VAL E 201 -52.13 -21.22 -26.61
C VAL E 201 -51.46 -20.08 -27.37
N LEU E 202 -52.12 -19.59 -28.42
CA LEU E 202 -51.52 -18.60 -29.31
C LEU E 202 -52.13 -17.22 -29.09
N VAL E 203 -51.28 -16.20 -29.06
CA VAL E 203 -51.70 -14.81 -28.92
C VAL E 203 -51.38 -14.08 -30.22
N ASP E 204 -52.42 -13.66 -30.94
CA ASP E 204 -52.26 -12.79 -32.10
C ASP E 204 -52.16 -11.36 -31.62
N LEU E 205 -51.04 -10.70 -31.92
CA LEU E 205 -50.75 -9.34 -31.47
C LEU E 205 -50.84 -8.36 -32.63
N PRO E 206 -51.10 -7.07 -32.34
CA PRO E 206 -51.25 -6.08 -33.42
C PRO E 206 -50.16 -6.14 -34.47
N GLY E 207 -50.55 -6.04 -35.73
CA GLY E 207 -49.57 -6.04 -36.80
C GLY E 207 -48.55 -4.94 -36.62
N VAL E 208 -47.32 -5.24 -36.99
CA VAL E 208 -46.19 -4.32 -36.78
C VAL E 208 -46.11 -3.37 -37.97
N ILE E 209 -45.80 -2.10 -37.69
CA ILE E 209 -45.64 -1.08 -38.72
C ILE E 209 -44.32 -0.36 -38.52
N ASN E 210 -43.82 0.22 -39.62
CA ASN E 210 -42.62 1.05 -39.58
C ASN E 210 -42.90 2.52 -39.86
N THR E 211 -44.01 2.84 -40.52
CA THR E 211 -44.36 4.22 -40.84
C THR E 211 -45.82 4.48 -40.46
N VAL E 212 -46.16 5.76 -40.37
CA VAL E 212 -47.52 6.19 -40.03
C VAL E 212 -48.01 7.12 -41.13
N THR E 213 -49.30 7.02 -41.42
CA THR E 213 -49.96 7.78 -42.47
C THR E 213 -51.06 8.66 -41.88
N SER E 214 -51.74 9.41 -42.75
CA SER E 214 -52.73 10.38 -42.30
C SER E 214 -53.96 9.74 -41.69
N GLY E 215 -54.21 8.47 -41.99
CA GLY E 215 -55.33 7.76 -41.42
C GLY E 215 -55.05 7.13 -40.08
N MET E 216 -53.86 7.33 -39.52
CA MET E 216 -53.47 6.72 -38.27
C MET E 216 -52.72 7.75 -37.42
N ALA E 217 -52.73 7.52 -36.11
CA ALA E 217 -52.04 8.42 -35.20
C ALA E 217 -50.52 8.20 -35.29
N PRO E 218 -49.73 9.25 -35.06
CA PRO E 218 -48.27 9.03 -35.04
C PRO E 218 -47.83 8.10 -33.94
N ASP E 219 -48.51 8.13 -32.79
CA ASP E 219 -48.16 7.25 -31.69
C ASP E 219 -48.45 5.79 -32.00
N THR E 220 -49.27 5.51 -33.02
CA THR E 220 -49.66 4.14 -33.30
C THR E 220 -48.45 3.23 -33.47
N LYS E 221 -47.39 3.76 -34.08
CA LYS E 221 -46.19 2.94 -34.30
C LYS E 221 -45.60 2.48 -32.98
N GLU E 222 -45.54 3.37 -31.98
CA GLU E 222 -44.94 3.01 -30.71
C GLU E 222 -45.84 2.11 -29.89
N THR E 223 -47.15 2.41 -29.85
CA THR E 223 -48.06 1.61 -29.04
C THR E 223 -48.01 0.15 -29.44
N ILE E 224 -48.02 -0.12 -30.75
CA ILE E 224 -47.92 -1.49 -31.22
C ILE E 224 -46.68 -2.15 -30.63
N PHE E 225 -45.54 -1.46 -30.72
CA PHE E 225 -44.31 -2.01 -30.19
C PHE E 225 -44.48 -2.35 -28.72
N SER E 226 -45.10 -1.44 -27.96
CA SER E 226 -45.27 -1.67 -26.53
C SER E 226 -46.08 -2.93 -26.28
N ILE E 227 -47.13 -3.14 -27.06
CA ILE E 227 -47.88 -4.39 -26.95
C ILE E 227 -47.02 -5.54 -27.46
N SER E 228 -46.36 -5.34 -28.60
CA SER E 228 -45.59 -6.40 -29.23
C SER E 228 -44.48 -6.87 -28.30
N LYS E 229 -43.84 -5.93 -27.63
CA LYS E 229 -42.76 -6.26 -26.71
C LYS E 229 -43.28 -6.94 -25.44
N ALA E 230 -44.54 -6.67 -25.06
CA ALA E 230 -45.04 -7.15 -23.77
C ALA E 230 -45.05 -8.68 -23.70
N TYR E 231 -45.65 -9.36 -24.68
CA TYR E 231 -45.72 -10.82 -24.65
C TYR E 231 -44.43 -11.48 -25.14
N MET E 232 -43.66 -10.82 -26.03
CA MET E 232 -42.34 -11.33 -26.40
C MET E 232 -41.40 -11.43 -25.21
N GLN E 233 -41.58 -10.59 -24.19
CA GLN E 233 -40.63 -10.60 -23.09
C GLN E 233 -40.60 -11.95 -22.38
N ASN E 234 -41.72 -12.67 -22.41
CA ASN E 234 -41.82 -13.97 -21.76
C ASN E 234 -40.68 -14.87 -22.21
N PRO E 235 -39.73 -15.22 -21.32
CA PRO E 235 -38.66 -16.14 -21.71
C PRO E 235 -39.16 -17.54 -22.02
N ASN E 236 -40.37 -17.89 -21.59
CA ASN E 236 -40.97 -19.19 -21.87
C ASN E 236 -41.93 -19.12 -23.05
N ALA E 237 -41.85 -18.09 -23.86
CA ALA E 237 -42.71 -17.97 -25.03
C ALA E 237 -42.00 -18.48 -26.27
N ILE E 238 -42.77 -19.09 -27.16
CA ILE E 238 -42.34 -19.39 -28.51
C ILE E 238 -42.87 -18.28 -29.40
N ILE E 239 -41.97 -17.51 -30.01
CA ILE E 239 -42.33 -16.31 -30.73
C ILE E 239 -42.34 -16.64 -32.22
N LEU E 240 -43.50 -16.59 -32.84
CA LEU E 240 -43.64 -16.79 -34.28
C LEU E 240 -43.51 -15.44 -34.95
N CYS E 241 -42.33 -15.20 -35.55
CA CYS E 241 -42.02 -13.99 -36.29
C CYS E 241 -42.46 -14.25 -37.72
N ILE E 242 -43.57 -13.63 -38.09
CA ILE E 242 -44.28 -13.93 -39.33
C ILE E 242 -44.03 -12.78 -40.29
N GLN E 243 -43.38 -13.07 -41.41
CA GLN E 243 -42.96 -12.04 -42.34
C GLN E 243 -43.62 -12.27 -43.70
N ASP E 244 -43.96 -11.15 -44.33
CA ASP E 244 -44.60 -11.16 -45.65
C ASP E 244 -43.54 -11.55 -46.68
N GLY E 245 -43.73 -12.70 -47.31
CA GLY E 245 -42.74 -13.20 -48.25
C GLY E 245 -42.63 -12.41 -49.53
N SER E 246 -43.57 -11.49 -49.78
CA SER E 246 -43.54 -10.69 -51.01
C SER E 246 -42.58 -9.51 -50.93
N VAL E 247 -42.01 -9.24 -49.76
CA VAL E 247 -41.07 -8.14 -49.59
C VAL E 247 -39.74 -8.70 -49.10
N ASP E 248 -38.69 -7.90 -49.24
CA ASP E 248 -37.36 -8.34 -48.88
C ASP E 248 -37.29 -8.71 -47.41
N ALA E 249 -36.56 -9.80 -47.13
CA ALA E 249 -36.33 -10.19 -45.75
C ALA E 249 -35.55 -9.12 -45.00
N GLU E 250 -34.62 -8.45 -45.69
CA GLU E 250 -33.85 -7.38 -45.06
C GLU E 250 -34.73 -6.21 -44.61
N ARG E 251 -35.95 -6.11 -45.15
CA ARG E 251 -36.84 -5.02 -44.84
C ARG E 251 -37.91 -5.40 -43.82
N SER E 252 -37.78 -6.56 -43.19
CA SER E 252 -38.75 -6.98 -42.20
C SER E 252 -38.81 -5.96 -41.06
N ILE E 253 -40.02 -5.63 -40.63
CA ILE E 253 -40.25 -4.68 -39.56
C ILE E 253 -40.33 -5.37 -38.21
N VAL E 254 -41.02 -6.51 -38.17
CA VAL E 254 -41.19 -7.25 -36.93
C VAL E 254 -39.84 -7.73 -36.39
N THR E 255 -38.91 -8.08 -37.27
CA THR E 255 -37.62 -8.59 -36.81
C THR E 255 -36.94 -7.59 -35.87
N ASP E 256 -36.95 -6.31 -36.22
CA ASP E 256 -36.28 -5.30 -35.41
C ASP E 256 -36.90 -5.19 -34.02
N LEU E 257 -38.10 -5.74 -33.83
CA LEU E 257 -38.71 -5.85 -32.50
C LEU E 257 -38.34 -7.16 -31.81
N VAL E 258 -38.33 -8.26 -32.55
CA VAL E 258 -38.00 -9.55 -31.95
C VAL E 258 -36.58 -9.54 -31.41
N SER E 259 -35.67 -8.90 -32.14
CA SER E 259 -34.29 -8.79 -31.67
C SER E 259 -34.17 -8.00 -30.38
N GLN E 260 -35.19 -7.24 -29.98
CA GLN E 260 -35.15 -6.55 -28.70
C GLN E 260 -35.53 -7.46 -27.53
N MET E 261 -36.14 -8.61 -27.80
CA MET E 261 -36.43 -9.60 -26.77
C MET E 261 -35.61 -10.87 -26.91
N ASP E 262 -35.19 -11.19 -28.12
CA ASP E 262 -34.32 -12.34 -28.37
C ASP E 262 -33.31 -11.93 -29.43
N PRO E 263 -32.22 -11.28 -29.03
CA PRO E 263 -31.30 -10.70 -30.01
C PRO E 263 -30.78 -11.70 -31.03
N HIS E 264 -30.78 -12.99 -30.72
CA HIS E 264 -30.25 -14.02 -31.61
C HIS E 264 -31.32 -15.02 -32.04
N GLY E 265 -32.58 -14.79 -31.69
CA GLY E 265 -33.65 -15.69 -32.10
C GLY E 265 -33.62 -17.05 -31.44
N ARG E 266 -33.08 -17.15 -30.23
CA ARG E 266 -32.95 -18.45 -29.57
C ARG E 266 -34.30 -19.12 -29.38
N ARG E 267 -35.32 -18.37 -28.96
CA ARG E 267 -36.62 -18.95 -28.67
C ARG E 267 -37.66 -18.56 -29.72
N THR E 268 -37.21 -18.18 -30.92
CA THR E 268 -38.09 -17.69 -31.97
C THR E 268 -38.15 -18.68 -33.13
N ILE E 269 -39.20 -18.55 -33.92
CA ILE E 269 -39.41 -19.32 -35.13
C ILE E 269 -39.77 -18.34 -36.25
N PHE E 270 -39.25 -18.61 -37.45
CA PHE E 270 -39.53 -17.78 -38.61
C PHE E 270 -40.68 -18.39 -39.41
N VAL E 271 -41.63 -17.55 -39.82
CA VAL E 271 -42.77 -17.96 -40.63
C VAL E 271 -42.76 -17.08 -41.89
N LEU E 272 -42.80 -17.74 -43.04
CA LEU E 272 -42.82 -17.06 -44.34
C LEU E 272 -44.24 -17.14 -44.88
N THR E 273 -44.91 -15.99 -45.03
CA THR E 273 -46.28 -15.97 -45.50
C THR E 273 -46.35 -15.62 -46.98
N LYS E 274 -47.54 -15.83 -47.55
CA LYS E 274 -47.80 -15.48 -48.95
C LYS E 274 -46.80 -16.16 -49.89
N VAL E 275 -46.51 -17.44 -49.61
CA VAL E 275 -45.52 -18.16 -50.39
C VAL E 275 -45.97 -18.33 -51.83
N ASP E 276 -47.27 -18.50 -52.05
CA ASP E 276 -47.82 -18.70 -53.38
C ASP E 276 -48.08 -17.38 -54.09
N LEU E 277 -47.85 -16.25 -53.43
CA LEU E 277 -47.90 -14.94 -54.06
C LEU E 277 -46.51 -14.34 -54.28
N ALA E 278 -45.54 -14.66 -53.41
CA ALA E 278 -44.18 -14.17 -53.55
C ALA E 278 -43.37 -15.08 -54.48
N GLU E 279 -43.79 -15.11 -55.75
CA GLU E 279 -43.14 -15.99 -56.72
C GLU E 279 -41.66 -15.69 -56.86
N LYS E 280 -41.27 -14.42 -56.74
CA LYS E 280 -39.87 -14.06 -56.93
C LYS E 280 -38.94 -14.77 -55.95
N ASN E 281 -39.47 -15.22 -54.81
CA ASN E 281 -38.66 -15.92 -53.81
C ASN E 281 -38.85 -17.43 -53.88
N VAL E 282 -40.08 -17.91 -53.78
CA VAL E 282 -40.32 -19.36 -53.73
C VAL E 282 -39.78 -20.05 -54.96
N ALA E 283 -39.54 -19.32 -56.04
CA ALA E 283 -38.99 -19.90 -57.27
C ALA E 283 -37.48 -19.76 -57.38
N SER E 284 -36.80 -19.22 -56.36
CA SER E 284 -35.37 -18.97 -56.46
C SER E 284 -34.65 -19.42 -55.21
N PRO E 285 -33.78 -20.44 -55.28
CA PRO E 285 -33.05 -20.87 -54.09
C PRO E 285 -32.23 -19.77 -53.44
N SER E 286 -31.67 -18.85 -54.24
CA SER E 286 -30.72 -17.88 -53.71
C SER E 286 -31.32 -17.00 -52.63
N ARG E 287 -32.65 -16.91 -52.56
CA ARG E 287 -33.35 -16.17 -51.52
C ARG E 287 -33.92 -17.09 -50.46
N ILE E 288 -34.53 -18.19 -50.90
CA ILE E 288 -35.28 -19.05 -50.00
C ILE E 288 -34.35 -19.81 -49.07
N GLN E 289 -33.21 -20.30 -49.57
CA GLN E 289 -32.36 -21.10 -48.70
C GLN E 289 -31.77 -20.23 -47.60
N GLN E 290 -31.44 -18.97 -47.91
CA GLN E 290 -31.00 -18.05 -46.86
C GLN E 290 -32.13 -17.71 -45.90
N ILE E 291 -33.34 -17.49 -46.43
CA ILE E 291 -34.44 -17.04 -45.58
C ILE E 291 -34.87 -18.17 -44.63
N ILE E 292 -34.84 -19.40 -45.11
CA ILE E 292 -35.34 -20.53 -44.33
C ILE E 292 -34.26 -21.24 -43.52
N GLU E 293 -32.98 -21.08 -43.88
CA GLU E 293 -31.93 -21.71 -43.10
C GLU E 293 -31.50 -20.84 -41.93
N GLY E 294 -31.70 -19.53 -42.01
CA GLY E 294 -31.31 -18.62 -40.96
C GLY E 294 -30.06 -17.83 -41.30
N LYS E 295 -29.78 -17.67 -42.60
CA LYS E 295 -28.64 -16.89 -43.06
C LYS E 295 -29.03 -15.49 -43.52
N LEU E 296 -30.27 -15.30 -43.95
CA LEU E 296 -30.74 -13.99 -44.38
C LEU E 296 -31.17 -13.12 -43.21
N PHE E 297 -31.30 -13.70 -42.02
CA PHE E 297 -31.74 -13.00 -40.83
C PHE E 297 -30.66 -12.99 -39.77
N PRO E 298 -30.67 -12.02 -38.85
CA PRO E 298 -29.84 -12.14 -37.64
C PRO E 298 -30.34 -13.21 -36.68
N MET E 299 -31.54 -13.75 -36.92
CA MET E 299 -32.21 -14.65 -36.00
C MET E 299 -31.85 -16.10 -36.31
N LYS E 300 -31.42 -16.82 -35.28
CA LYS E 300 -31.10 -18.24 -35.35
C LYS E 300 -32.22 -18.98 -34.62
N ALA E 301 -33.26 -19.35 -35.36
CA ALA E 301 -34.55 -19.72 -34.79
C ALA E 301 -34.57 -21.16 -34.27
N LEU E 302 -35.62 -21.46 -33.52
CA LEU E 302 -35.99 -22.84 -33.21
C LEU E 302 -36.36 -23.61 -34.47
N GLY E 303 -36.76 -22.92 -35.52
CA GLY E 303 -37.17 -23.56 -36.76
C GLY E 303 -37.61 -22.51 -37.76
N TYR E 304 -37.81 -22.96 -38.99
CA TYR E 304 -38.19 -22.07 -40.09
C TYR E 304 -39.28 -22.76 -40.90
N PHE E 305 -40.38 -22.05 -41.17
CA PHE E 305 -41.52 -22.67 -41.83
C PHE E 305 -42.12 -21.73 -42.87
N ALA E 306 -42.70 -22.32 -43.90
CA ALA E 306 -43.35 -21.60 -44.99
C ALA E 306 -44.81 -22.02 -45.08
N VAL E 307 -45.71 -21.04 -45.24
CA VAL E 307 -47.15 -21.28 -45.23
C VAL E 307 -47.84 -20.45 -46.31
N VAL E 308 -49.04 -20.90 -46.68
CA VAL E 308 -49.92 -20.17 -47.60
C VAL E 308 -51.04 -19.55 -46.77
N THR E 309 -51.18 -18.24 -46.84
CA THR E 309 -52.12 -17.50 -46.01
C THR E 309 -53.32 -16.97 -46.76
N GLY E 310 -53.47 -17.31 -48.05
CA GLY E 310 -54.57 -16.77 -48.83
C GLY E 310 -54.11 -15.95 -50.01
N LYS E 311 -54.88 -16.00 -51.11
CA LYS E 311 -54.47 -15.42 -52.38
C LYS E 311 -54.95 -13.97 -52.49
N GLY E 312 -54.62 -13.18 -51.47
CA GLY E 312 -55.00 -11.79 -51.43
C GLY E 312 -56.41 -11.53 -50.95
N ASN E 313 -57.18 -12.58 -50.64
CA ASN E 313 -58.55 -12.44 -50.17
C ASN E 313 -58.56 -12.57 -48.65
N SER E 314 -58.83 -11.46 -47.96
CA SER E 314 -58.81 -11.45 -46.51
C SER E 314 -59.92 -12.31 -45.90
N SER E 315 -60.95 -12.66 -46.68
CA SER E 315 -62.09 -13.41 -46.17
C SER E 315 -62.16 -14.83 -46.73
N GLU E 316 -61.09 -15.31 -47.35
CA GLU E 316 -61.09 -16.65 -47.93
C GLU E 316 -61.19 -17.71 -46.84
N SER E 317 -61.91 -18.79 -47.15
CA SER E 317 -62.11 -19.84 -46.16
C SER E 317 -60.78 -20.53 -45.82
N ILE E 318 -60.61 -20.86 -44.54
CA ILE E 318 -59.38 -21.49 -44.08
C ILE E 318 -59.23 -22.88 -44.69
N GLU E 319 -60.33 -23.61 -44.84
CA GLU E 319 -60.23 -24.96 -45.40
C GLU E 319 -59.71 -24.94 -46.82
N ALA E 320 -60.23 -24.04 -47.64
CA ALA E 320 -59.72 -23.89 -49.01
C ALA E 320 -58.26 -23.45 -48.98
N ILE E 321 -57.91 -22.57 -48.05
CA ILE E 321 -56.53 -22.10 -47.98
C ILE E 321 -55.59 -23.25 -47.65
N ARG E 322 -56.00 -24.15 -46.75
CA ARG E 322 -55.14 -25.29 -46.41
C ARG E 322 -55.04 -26.27 -47.57
N GLU E 323 -56.16 -26.52 -48.27
CA GLU E 323 -56.08 -27.39 -49.44
C GLU E 323 -55.14 -26.82 -50.48
N TYR E 324 -55.26 -25.51 -50.73
CA TYR E 324 -54.38 -24.85 -51.68
C TYR E 324 -52.94 -24.83 -51.19
N GLU E 325 -52.72 -24.75 -49.87
CA GLU E 325 -51.38 -24.81 -49.33
C GLU E 325 -50.73 -26.16 -49.61
N GLU E 326 -51.48 -27.24 -49.37
CA GLU E 326 -50.93 -28.57 -49.66
C GLU E 326 -50.67 -28.75 -51.14
N GLU E 327 -51.55 -28.23 -51.99
CA GLU E 327 -51.34 -28.35 -53.44
C GLU E 327 -50.16 -27.50 -53.92
N PHE E 328 -49.98 -26.32 -53.35
CA PHE E 328 -49.02 -25.36 -53.89
C PHE E 328 -47.59 -25.88 -53.79
N PHE E 329 -47.19 -26.35 -52.61
CA PHE E 329 -45.80 -26.78 -52.43
C PHE E 329 -45.45 -27.89 -53.39
N GLN E 330 -46.38 -28.82 -53.62
CA GLN E 330 -46.18 -29.84 -54.65
C GLN E 330 -46.06 -29.20 -56.04
N ASN E 331 -46.93 -28.23 -56.33
CA ASN E 331 -46.86 -27.56 -57.62
C ASN E 331 -45.57 -26.76 -57.77
N SER E 332 -45.12 -26.11 -56.70
CA SER E 332 -44.03 -25.16 -56.78
C SER E 332 -42.69 -25.84 -57.03
N LYS E 333 -41.75 -25.06 -57.56
CA LYS E 333 -40.37 -25.52 -57.73
C LYS E 333 -39.73 -25.91 -56.41
N LEU E 334 -40.23 -25.33 -55.31
CA LEU E 334 -39.48 -25.36 -54.06
C LEU E 334 -39.22 -26.78 -53.56
N LEU E 335 -40.20 -27.67 -53.68
CA LEU E 335 -39.99 -29.05 -53.23
C LEU E 335 -39.02 -29.79 -54.13
N LYS E 336 -39.09 -29.54 -55.44
CA LYS E 336 -38.25 -30.27 -56.38
C LYS E 336 -36.77 -29.94 -56.21
N THR E 337 -36.46 -28.66 -56.00
CA THR E 337 -35.07 -28.20 -55.96
C THR E 337 -34.55 -28.02 -54.53
N SER E 338 -35.30 -28.46 -53.53
CA SER E 338 -34.84 -28.50 -52.15
C SER E 338 -34.34 -27.14 -51.67
N MET E 339 -35.09 -26.09 -51.99
CA MET E 339 -34.89 -24.80 -51.34
C MET E 339 -35.66 -24.70 -50.03
N LEU E 340 -36.81 -25.34 -49.96
CA LEU E 340 -37.52 -25.58 -48.70
C LEU E 340 -37.63 -27.08 -48.48
N LYS E 341 -37.40 -27.51 -47.26
CA LYS E 341 -37.48 -28.93 -46.92
C LYS E 341 -38.91 -29.28 -46.51
N ALA E 342 -39.24 -30.57 -46.71
CA ALA E 342 -40.62 -31.00 -46.55
C ALA E 342 -41.15 -30.73 -45.14
N HIS E 343 -40.30 -30.84 -44.13
CA HIS E 343 -40.70 -30.55 -42.76
C HIS E 343 -40.75 -29.06 -42.46
N GLN E 344 -40.35 -28.21 -43.41
CA GLN E 344 -40.37 -26.76 -43.23
C GLN E 344 -41.57 -26.09 -43.90
N VAL E 345 -42.54 -26.86 -44.39
CA VAL E 345 -43.63 -26.29 -45.17
C VAL E 345 -44.96 -26.75 -44.60
N THR E 346 -45.99 -25.94 -44.87
CA THR E 346 -47.37 -26.26 -44.53
C THR E 346 -47.68 -26.06 -43.05
N THR E 347 -48.97 -26.01 -42.74
CA THR E 347 -49.41 -25.75 -41.36
C THR E 347 -49.01 -26.87 -40.42
N ARG E 348 -49.09 -28.13 -40.89
CA ARG E 348 -48.90 -29.27 -40.00
C ARG E 348 -47.55 -29.22 -39.30
N ASN E 349 -46.48 -28.94 -40.06
CA ASN E 349 -45.14 -29.03 -39.50
C ASN E 349 -44.91 -27.93 -38.46
N LEU E 350 -45.30 -26.70 -38.80
CA LEU E 350 -45.18 -25.59 -37.86
C LEU E 350 -45.96 -25.88 -36.58
N SER E 351 -47.21 -26.34 -36.74
CA SER E 351 -48.06 -26.61 -35.60
C SER E 351 -47.44 -27.69 -34.72
N LEU E 352 -46.95 -28.77 -35.32
CA LEU E 352 -46.39 -29.87 -34.54
C LEU E 352 -45.13 -29.45 -33.80
N ALA E 353 -44.23 -28.71 -34.47
CA ALA E 353 -43.00 -28.29 -33.80
C ALA E 353 -43.31 -27.40 -32.60
N VAL E 354 -44.13 -26.36 -32.83
CA VAL E 354 -44.42 -25.43 -31.74
C VAL E 354 -45.20 -26.14 -30.65
N SER E 355 -46.09 -27.06 -31.03
CA SER E 355 -46.84 -27.83 -30.05
C SER E 355 -45.93 -28.66 -29.16
N ASP E 356 -44.96 -29.36 -29.76
CA ASP E 356 -44.10 -30.22 -28.95
C ASP E 356 -43.32 -29.37 -27.95
N CYS E 357 -42.66 -28.31 -28.44
CA CYS E 357 -41.89 -27.47 -27.52
C CYS E 357 -42.79 -26.92 -26.42
N PHE E 358 -43.90 -26.31 -26.83
CA PHE E 358 -44.78 -25.63 -25.88
C PHE E 358 -45.32 -26.60 -24.85
N TRP E 359 -45.84 -27.75 -25.26
CA TRP E 359 -46.53 -28.61 -24.31
C TRP E 359 -45.55 -29.33 -23.38
N LYS E 360 -44.37 -29.72 -23.86
CA LYS E 360 -43.40 -30.28 -22.93
C LYS E 360 -43.05 -29.25 -21.87
N MET E 361 -42.74 -28.04 -22.31
CA MET E 361 -42.36 -27.00 -21.37
C MET E 361 -43.53 -26.63 -20.48
N VAL E 362 -44.77 -26.78 -20.96
CA VAL E 362 -45.95 -26.53 -20.13
C VAL E 362 -46.06 -27.57 -19.02
N ARG E 363 -45.89 -28.84 -19.35
CA ARG E 363 -45.98 -29.87 -18.31
C ARG E 363 -45.00 -29.54 -17.19
N GLU E 364 -43.73 -29.34 -17.56
CA GLU E 364 -42.74 -29.09 -16.52
C GLU E 364 -42.96 -27.74 -15.85
N SER E 365 -43.38 -26.74 -16.62
CA SER E 365 -43.55 -25.39 -16.09
C SER E 365 -44.65 -25.26 -15.06
N VAL E 366 -45.78 -25.93 -15.24
CA VAL E 366 -46.83 -25.87 -14.24
C VAL E 366 -46.46 -26.71 -13.02
N GLU E 367 -45.80 -27.86 -13.25
CA GLU E 367 -45.34 -28.63 -12.10
C GLU E 367 -44.44 -27.70 -11.26
N GLN E 368 -43.66 -26.85 -11.93
CA GLN E 368 -42.81 -25.90 -11.21
C GLN E 368 -43.62 -24.75 -10.62
N GLN E 369 -44.57 -24.20 -11.37
CA GLN E 369 -45.18 -22.93 -10.99
C GLN E 369 -46.29 -23.09 -9.96
N ALA E 370 -46.92 -24.26 -9.86
CA ALA E 370 -47.80 -24.47 -8.71
C ALA E 370 -47.05 -24.21 -7.42
N ASP E 371 -45.88 -24.83 -7.27
CA ASP E 371 -45.05 -24.61 -6.10
C ASP E 371 -44.47 -23.21 -6.09
N SER E 372 -44.19 -22.63 -7.27
CA SER E 372 -43.70 -21.26 -7.31
C SER E 372 -44.70 -20.30 -6.65
N PHE E 373 -45.98 -20.32 -7.05
CA PHE E 373 -47.01 -19.36 -6.56
C PHE E 373 -47.38 -19.75 -5.11
N LYS E 374 -47.41 -21.05 -4.78
CA LYS E 374 -47.62 -21.52 -3.37
C LYS E 374 -46.44 -21.03 -2.51
N ALA E 375 -45.21 -21.09 -3.03
CA ALA E 375 -43.97 -20.58 -2.36
C ALA E 375 -44.13 -19.07 -2.24
N THR E 376 -44.70 -18.40 -3.25
CA THR E 376 -44.94 -16.93 -3.23
C THR E 376 -45.90 -16.66 -2.06
N ARG E 377 -46.94 -17.49 -1.83
CA ARG E 377 -47.84 -17.29 -0.64
C ARG E 377 -46.99 -17.44 0.63
N PHE E 378 -46.09 -18.43 0.68
CA PHE E 378 -45.20 -18.65 1.85
C PHE E 378 -44.27 -17.42 2.01
N ASN E 379 -43.70 -16.88 0.94
CA ASN E 379 -42.81 -15.68 0.95
C ASN E 379 -43.63 -14.46 1.40
N LEU E 380 -44.87 -14.34 0.91
CA LEU E 380 -45.80 -13.21 1.26
C LEU E 380 -46.10 -13.33 2.76
N GLU E 381 -46.22 -14.55 3.31
CA GLU E 381 -46.55 -14.82 4.75
C GLU E 381 -45.32 -14.49 5.65
N THR E 382 -44.07 -14.63 5.20
CA THR E 382 -42.93 -14.23 6.03
C THR E 382 -42.91 -12.72 6.18
N GLU E 383 -43.01 -12.00 5.06
CA GLU E 383 -43.01 -10.54 5.11
C GLU E 383 -44.18 -10.02 5.95
N TRP E 384 -45.37 -10.60 5.77
CA TRP E 384 -46.55 -10.07 6.42
C TRP E 384 -46.51 -10.29 7.93
N LYS E 385 -46.08 -11.47 8.36
CA LYS E 385 -45.85 -11.69 9.79
C LYS E 385 -44.81 -10.72 10.33
N ASN E 386 -43.69 -10.56 9.63
CA ASN E 386 -42.60 -9.76 10.18
C ASN E 386 -43.00 -8.29 10.29
N ASN E 387 -43.70 -7.78 9.28
CA ASN E 387 -44.09 -6.36 9.28
C ASN E 387 -45.05 -6.04 10.42
N TYR E 388 -46.10 -6.81 10.57
CA TYR E 388 -47.12 -6.57 11.58
C TYR E 388 -47.45 -7.88 12.27
N PRO E 389 -47.95 -7.82 13.50
CA PRO E 389 -48.57 -9.00 14.08
C PRO E 389 -49.70 -9.46 13.16
N ARG E 390 -49.83 -10.77 13.01
CA ARG E 390 -50.76 -11.31 12.03
C ARG E 390 -52.14 -10.68 12.22
N LEU E 391 -52.59 -9.95 11.21
CA LEU E 391 -53.89 -9.29 11.27
C LEU E 391 -54.29 -8.87 9.86
N ARG E 392 -55.59 -9.04 9.55
CA ARG E 392 -56.13 -8.67 8.25
C ARG E 392 -57.45 -7.90 8.39
N GLU E 393 -57.73 -7.36 9.58
CA GLU E 393 -59.00 -6.70 9.81
C GLU E 393 -59.15 -5.44 8.96
N LEU E 394 -58.06 -4.69 8.79
CA LEU E 394 -58.13 -3.38 8.15
C LEU E 394 -58.14 -3.49 6.63
N ASP E 395 -58.37 -2.35 5.98
CA ASP E 395 -58.34 -2.25 4.53
C ASP E 395 -58.19 -0.79 4.15
N ARG E 396 -57.75 -0.56 2.91
CA ARG E 396 -57.55 0.80 2.42
C ARG E 396 -58.83 1.61 2.53
N ASN E 397 -59.95 1.05 2.07
CA ASN E 397 -61.24 1.73 2.19
C ASN E 397 -61.65 1.87 3.65
N GLU E 398 -61.38 0.83 4.45
CA GLU E 398 -61.68 0.89 5.87
C GLU E 398 -60.85 1.95 6.57
N LEU E 399 -59.66 2.27 6.06
CA LEU E 399 -58.92 3.39 6.63
C LEU E 399 -59.68 4.70 6.48
N PHE E 400 -60.25 4.93 5.30
CA PHE E 400 -61.10 6.10 5.12
C PHE E 400 -62.29 6.05 6.06
N GLU E 401 -62.92 4.87 6.19
CA GLU E 401 -64.10 4.80 7.04
C GLU E 401 -63.76 5.11 8.50
N LYS E 402 -62.64 4.58 8.99
CA LYS E 402 -62.24 4.80 10.37
C LYS E 402 -61.80 6.23 10.62
N ALA E 403 -61.04 6.82 9.69
CA ALA E 403 -60.66 8.21 9.86
C ALA E 403 -61.88 9.12 9.77
N LYS E 404 -62.84 8.79 8.92
CA LYS E 404 -64.09 9.52 8.84
C LYS E 404 -64.83 9.51 10.18
N ASN E 405 -64.95 8.32 10.77
CA ASN E 405 -65.66 8.22 12.04
C ASN E 405 -64.88 8.92 13.16
N GLU E 406 -63.56 8.80 13.17
CA GLU E 406 -62.76 9.55 14.14
C GLU E 406 -62.99 11.05 14.01
N ILE E 407 -63.01 11.56 12.77
CA ILE E 407 -63.18 12.99 12.57
C ILE E 407 -64.55 13.43 13.03
N LEU E 408 -65.59 12.69 12.65
CA LEU E 408 -66.94 13.08 13.05
C LEU E 408 -67.13 12.97 14.56
N ASP E 409 -66.51 11.98 15.20
CA ASP E 409 -66.61 11.86 16.64
C ASP E 409 -65.93 13.04 17.32
N GLU E 410 -64.74 13.43 16.83
CA GLU E 410 -64.06 14.57 17.41
C GLU E 410 -64.82 15.86 17.16
N VAL E 411 -65.47 15.99 16.01
CA VAL E 411 -66.27 17.18 15.72
C VAL E 411 -67.47 17.25 16.66
N ILE E 412 -68.15 16.13 16.87
CA ILE E 412 -69.25 16.12 17.82
C ILE E 412 -68.75 16.49 19.21
N SER E 413 -67.70 15.80 19.68
CA SER E 413 -67.17 16.09 21.01
C SER E 413 -66.78 17.57 21.12
N LEU E 414 -66.22 18.13 20.04
CA LEU E 414 -65.99 19.56 19.98
C LEU E 414 -67.28 20.33 20.24
N SER E 415 -68.38 19.87 19.64
CA SER E 415 -69.66 20.55 19.85
C SER E 415 -70.15 20.41 21.29
N GLN E 416 -69.82 19.32 21.98
CA GLN E 416 -70.17 19.17 23.39
C GLN E 416 -69.01 19.48 24.34
N VAL E 417 -67.96 20.15 23.88
CA VAL E 417 -66.95 20.64 24.82
C VAL E 417 -67.62 21.57 25.82
N THR E 418 -67.24 21.44 27.09
CA THR E 418 -67.76 22.31 28.13
C THR E 418 -67.74 23.75 27.63
N PRO E 419 -68.90 24.40 27.51
CA PRO E 419 -68.91 25.78 27.00
C PRO E 419 -67.97 26.68 27.78
N LYS E 420 -67.93 26.54 29.10
CA LYS E 420 -67.15 27.44 29.94
C LYS E 420 -65.71 27.55 29.43
N HIS E 421 -65.19 26.44 28.91
CA HIS E 421 -63.86 26.44 28.33
C HIS E 421 -63.82 27.29 27.07
N TRP E 422 -64.91 27.24 26.28
CA TRP E 422 -65.00 28.09 25.09
C TRP E 422 -64.95 29.56 25.49
N GLU E 423 -65.72 29.95 26.52
CA GLU E 423 -65.69 31.35 26.94
C GLU E 423 -64.32 31.72 27.49
N GLU E 424 -63.66 30.82 28.22
CA GLU E 424 -62.34 31.15 28.73
C GLU E 424 -61.37 31.45 27.60
N ILE E 425 -61.39 30.62 26.55
CA ILE E 425 -60.53 30.85 25.40
C ILE E 425 -60.85 32.20 24.77
N LEU E 426 -62.15 32.44 24.53
CA LEU E 426 -62.55 33.67 23.86
C LEU E 426 -62.19 34.90 24.69
N GLN E 427 -62.37 34.82 26.01
CA GLN E 427 -62.08 35.94 26.90
C GLN E 427 -60.60 36.28 26.89
N GLN E 428 -59.74 35.28 27.04
CA GLN E 428 -58.30 35.57 27.07
C GLN E 428 -57.85 36.13 25.72
N SER E 429 -58.34 35.54 24.62
CA SER E 429 -57.97 36.04 23.29
C SER E 429 -58.44 37.48 23.11
N LEU E 430 -59.67 37.77 23.54
CA LEU E 430 -60.21 39.12 23.40
C LEU E 430 -59.38 40.13 24.17
N TRP E 431 -59.02 39.80 25.41
CA TRP E 431 -58.19 40.73 26.19
C TRP E 431 -56.84 40.96 25.52
N GLU E 432 -56.20 39.90 25.04
CA GLU E 432 -54.91 40.08 24.38
C GLU E 432 -55.07 40.93 23.13
N ARG E 433 -56.19 40.77 22.42
CA ARG E 433 -56.42 41.52 21.19
C ARG E 433 -56.69 43.00 21.48
N VAL E 434 -57.34 43.30 22.61
CA VAL E 434 -57.85 44.64 22.84
C VAL E 434 -57.03 45.50 23.80
N SER E 435 -56.13 44.91 24.59
CA SER E 435 -55.43 45.68 25.62
C SER E 435 -54.68 46.87 25.02
N THR E 436 -54.19 46.74 23.79
CA THR E 436 -53.46 47.83 23.17
C THR E 436 -54.34 49.07 23.02
N HIS E 437 -55.56 48.89 22.51
CA HIS E 437 -56.51 49.99 22.43
C HIS E 437 -56.94 50.44 23.82
N VAL E 438 -57.10 49.49 24.74
CA VAL E 438 -57.58 49.83 26.07
C VAL E 438 -56.66 50.82 26.76
N ILE E 439 -55.35 50.58 26.70
CA ILE E 439 -54.45 51.42 27.47
C ILE E 439 -53.82 52.52 26.61
N GLU E 440 -53.36 52.22 25.39
CA GLU E 440 -52.63 53.22 24.63
C GLU E 440 -53.54 54.35 24.18
N ASN E 441 -54.77 54.03 23.76
CA ASN E 441 -55.67 55.04 23.21
C ASN E 441 -56.71 55.52 24.20
N ILE E 442 -57.12 54.67 25.14
CA ILE E 442 -58.26 54.99 26.00
C ILE E 442 -57.77 55.43 27.37
N TYR E 443 -57.07 54.54 28.08
CA TYR E 443 -56.64 54.86 29.44
C TYR E 443 -55.55 55.93 29.46
N LEU E 444 -54.51 55.74 28.65
CA LEU E 444 -53.30 56.55 28.75
C LEU E 444 -53.63 58.03 28.57
N PRO E 445 -54.34 58.42 27.50
CA PRO E 445 -54.67 59.85 27.35
C PRO E 445 -55.73 60.34 28.31
N ALA E 446 -56.59 59.47 28.83
CA ALA E 446 -57.72 59.92 29.62
C ALA E 446 -57.34 60.21 31.06
N ALA E 447 -56.51 59.37 31.66
CA ALA E 447 -56.20 59.49 33.08
C ALA E 447 -55.11 60.51 33.38
N GLN E 448 -54.59 61.20 32.37
CA GLN E 448 -53.63 62.27 32.57
C GLN E 448 -54.30 63.59 32.94
N THR E 449 -55.62 63.66 32.89
CA THR E 449 -56.32 64.90 33.16
C THR E 449 -56.47 65.10 34.66
N MET E 450 -56.81 66.34 35.03
CA MET E 450 -57.06 66.70 36.42
C MET E 450 -58.55 66.75 36.73
N ASN E 451 -59.38 66.09 35.93
CA ASN E 451 -60.81 66.08 36.13
C ASN E 451 -61.33 64.70 35.75
N SER E 452 -62.04 64.07 36.70
CA SER E 452 -62.60 62.74 36.42
C SER E 452 -63.60 62.78 35.28
N GLY E 453 -64.31 63.89 35.11
CA GLY E 453 -65.21 64.01 33.98
C GLY E 453 -64.50 63.99 32.66
N THR E 454 -63.29 64.55 32.60
CA THR E 454 -62.51 64.50 31.37
C THR E 454 -61.87 63.14 31.14
N PHE E 455 -61.47 62.45 32.21
CA PHE E 455 -61.07 61.05 32.07
C PHE E 455 -62.19 60.25 31.44
N ASN E 456 -63.39 60.33 32.01
CA ASN E 456 -64.50 59.56 31.49
C ASN E 456 -64.92 60.03 30.10
N THR E 457 -64.80 61.32 29.81
CA THR E 457 -65.20 61.83 28.50
C THR E 457 -64.25 61.35 27.41
N THR E 458 -62.94 61.45 27.65
CA THR E 458 -61.98 60.89 26.71
C THR E 458 -62.20 59.40 26.53
N VAL E 459 -62.36 58.68 27.65
CA VAL E 459 -62.60 57.25 27.60
C VAL E 459 -63.82 56.95 26.75
N ASP E 460 -64.92 57.68 26.99
CA ASP E 460 -66.17 57.35 26.33
C ASP E 460 -66.16 57.72 24.86
N ILE E 461 -65.49 58.80 24.49
CA ILE E 461 -65.35 59.13 23.07
C ILE E 461 -64.58 58.03 22.37
N LYS E 462 -63.42 57.65 22.93
CA LYS E 462 -62.62 56.62 22.31
C LYS E 462 -63.37 55.29 22.29
N LEU E 463 -64.12 55.00 23.35
CA LEU E 463 -64.87 53.76 23.41
C LEU E 463 -66.02 53.74 22.42
N LYS E 464 -66.71 54.85 22.22
CA LYS E 464 -67.77 54.85 21.21
C LYS E 464 -67.19 54.58 19.84
N GLN E 465 -66.12 55.30 19.50
CA GLN E 465 -65.50 55.12 18.19
C GLN E 465 -64.96 53.69 18.04
N TRP E 466 -64.35 53.16 19.09
CA TRP E 466 -63.72 51.84 19.06
C TRP E 466 -64.75 50.72 19.04
N THR E 467 -65.76 50.79 19.91
CA THR E 467 -66.82 49.79 19.95
C THR E 467 -67.64 49.78 18.68
N ASP E 468 -67.66 50.90 17.95
CA ASP E 468 -68.38 50.90 16.69
C ASP E 468 -67.52 50.44 15.51
N LYS E 469 -66.23 50.79 15.49
CA LYS E 469 -65.43 50.54 14.30
C LYS E 469 -64.58 49.27 14.36
N GLN E 470 -63.61 49.21 15.28
CA GLN E 470 -62.66 48.11 15.28
C GLN E 470 -63.11 46.96 16.17
N LEU E 471 -63.53 47.27 17.40
CA LEU E 471 -63.70 46.23 18.41
C LEU E 471 -64.63 45.10 17.97
N PRO E 472 -65.80 45.37 17.36
CA PRO E 472 -66.63 44.24 16.91
C PRO E 472 -65.96 43.39 15.85
N ASN E 473 -65.25 44.02 14.91
CA ASN E 473 -64.55 43.26 13.88
C ASN E 473 -63.48 42.38 14.49
N LYS E 474 -62.73 42.93 15.45
CA LYS E 474 -61.71 42.16 16.14
C LYS E 474 -62.32 40.98 16.89
N ALA E 475 -63.47 41.20 17.54
CA ALA E 475 -64.13 40.12 18.26
C ALA E 475 -64.59 39.02 17.30
N VAL E 476 -65.12 39.40 16.14
CA VAL E 476 -65.56 38.41 15.17
C VAL E 476 -64.37 37.62 14.65
N GLU E 477 -63.26 38.29 14.39
CA GLU E 477 -62.03 37.59 13.99
C GLU E 477 -61.59 36.62 15.07
N VAL E 478 -61.65 37.04 16.33
CA VAL E 478 -61.25 36.18 17.43
C VAL E 478 -62.13 34.94 17.48
N ALA E 479 -63.44 35.11 17.33
CA ALA E 479 -64.34 33.97 17.37
C ALA E 479 -64.08 33.01 16.21
N TRP E 480 -63.91 33.54 15.00
CA TRP E 480 -63.61 32.69 13.86
C TRP E 480 -62.36 31.86 14.12
N GLU E 481 -61.27 32.53 14.52
CA GLU E 481 -60.03 31.81 14.73
C GLU E 481 -60.13 30.86 15.90
N THR E 482 -60.89 31.20 16.94
CA THR E 482 -61.08 30.28 18.06
C THR E 482 -61.74 28.98 17.58
N LEU E 483 -62.82 29.09 16.82
CA LEU E 483 -63.49 27.89 16.36
C LEU E 483 -62.58 27.08 15.45
N GLN E 484 -61.90 27.73 14.50
CA GLN E 484 -61.07 26.98 13.57
C GLN E 484 -59.87 26.36 14.27
N GLU E 485 -59.32 27.03 15.29
CA GLU E 485 -58.16 26.50 15.99
C GLU E 485 -58.54 25.34 16.88
N GLU E 486 -59.68 25.43 17.58
CA GLU E 486 -60.12 24.28 18.37
C GLU E 486 -60.44 23.10 17.48
N PHE E 487 -61.07 23.35 16.32
CA PHE E 487 -61.30 22.29 15.36
C PHE E 487 -59.98 21.64 14.94
N SER E 488 -58.99 22.47 14.62
CA SER E 488 -57.69 21.93 14.24
C SER E 488 -57.07 21.11 15.37
N ARG E 489 -57.20 21.58 16.61
CA ARG E 489 -56.65 20.84 17.74
C ARG E 489 -57.29 19.48 17.88
N PHE E 490 -58.62 19.42 17.76
CA PHE E 490 -59.29 18.12 17.85
C PHE E 490 -58.87 17.20 16.71
N MET E 491 -58.57 17.76 15.55
CA MET E 491 -58.17 16.96 14.39
C MET E 491 -56.74 16.43 14.48
N THR E 492 -55.91 16.95 15.39
CA THR E 492 -54.47 16.72 15.31
C THR E 492 -53.81 16.32 16.62
N GLU E 493 -54.50 16.36 17.75
CA GLU E 493 -53.84 16.16 19.04
C GLU E 493 -53.15 14.79 19.06
N PRO E 494 -51.84 14.73 19.39
CA PRO E 494 -51.16 13.42 19.58
C PRO E 494 -51.48 12.82 20.94
N LYS E 495 -52.63 12.16 21.02
CA LYS E 495 -53.17 11.73 22.29
C LYS E 495 -52.40 10.56 22.88
N GLY E 496 -51.16 10.80 23.26
CA GLY E 496 -50.38 9.78 23.95
C GLY E 496 -50.30 8.51 23.14
N LYS E 497 -50.62 7.40 23.78
CA LYS E 497 -50.58 6.09 23.14
C LYS E 497 -51.85 5.78 22.38
N GLU E 498 -52.88 6.61 22.48
CA GLU E 498 -54.15 6.40 21.80
C GLU E 498 -54.17 7.02 20.41
N HIS E 499 -53.08 7.66 19.99
CA HIS E 499 -53.02 8.28 18.68
C HIS E 499 -52.68 7.26 17.60
N ASP E 500 -53.29 7.42 16.43
CA ASP E 500 -53.00 6.60 15.25
C ASP E 500 -52.44 7.50 14.15
N ASP E 501 -51.22 7.20 13.70
CA ASP E 501 -50.60 8.00 12.65
C ASP E 501 -51.28 7.78 11.30
N ILE E 502 -51.76 6.56 11.05
CA ILE E 502 -52.23 6.20 9.70
C ILE E 502 -53.34 7.15 9.26
N PHE E 503 -54.26 7.47 10.16
CA PHE E 503 -55.40 8.32 9.81
C PHE E 503 -55.00 9.77 9.59
N ASP E 504 -53.80 10.17 10.02
CA ASP E 504 -53.46 11.59 10.06
C ASP E 504 -53.62 12.24 8.69
N LYS E 505 -53.26 11.52 7.62
CA LYS E 505 -53.34 12.10 6.29
C LYS E 505 -54.73 12.65 6.01
N LEU E 506 -55.77 11.88 6.34
CA LEU E 506 -57.12 12.39 6.12
C LEU E 506 -57.40 13.58 7.03
N LYS E 507 -56.97 13.50 8.29
CA LYS E 507 -57.25 14.57 9.23
C LYS E 507 -56.77 15.92 8.71
N GLU E 508 -55.65 15.92 7.97
CA GLU E 508 -55.14 17.15 7.41
C GLU E 508 -55.98 17.61 6.22
N ALA E 509 -56.34 16.68 5.33
CA ALA E 509 -57.08 17.07 4.13
C ALA E 509 -58.46 17.60 4.48
N VAL E 510 -59.15 16.96 5.41
CA VAL E 510 -60.48 17.43 5.82
C VAL E 510 -60.36 18.74 6.59
N LYS E 511 -59.44 18.80 7.54
CA LYS E 511 -59.31 19.99 8.38
C LYS E 511 -59.19 21.23 7.51
N GLU E 512 -58.38 21.16 6.46
CA GLU E 512 -58.27 22.29 5.55
C GLU E 512 -59.60 22.59 4.88
N GLU E 513 -60.22 21.58 4.26
CA GLU E 513 -61.43 21.83 3.48
C GLU E 513 -62.58 22.28 4.36
N SER E 514 -62.79 21.61 5.49
CA SER E 514 -63.93 21.94 6.35
C SER E 514 -63.88 23.39 6.78
N ILE E 515 -62.68 23.92 7.02
CA ILE E 515 -62.55 25.31 7.43
C ILE E 515 -62.99 26.23 6.29
N LYS E 516 -62.56 25.94 5.07
CA LYS E 516 -62.87 26.82 3.94
C LYS E 516 -64.36 26.82 3.59
N ARG E 517 -65.07 25.73 3.91
CA ARG E 517 -66.50 25.69 3.64
C ARG E 517 -67.34 26.33 4.73
N HIS E 518 -66.71 26.88 5.78
CA HIS E 518 -67.41 27.59 6.83
C HIS E 518 -67.11 29.07 6.75
N LYS E 519 -68.11 29.89 7.07
CA LYS E 519 -67.95 31.32 7.22
C LYS E 519 -68.71 31.77 8.46
N TRP E 520 -68.16 32.74 9.17
CA TRP E 520 -68.83 33.28 10.35
C TRP E 520 -69.83 34.34 9.91
N ASN E 521 -71.00 34.34 10.54
CA ASN E 521 -72.05 35.28 10.19
C ASN E 521 -71.60 36.70 10.53
N ASP E 522 -71.43 37.53 9.50
CA ASP E 522 -70.88 38.87 9.70
C ASP E 522 -71.78 39.76 10.56
N PHE E 523 -73.09 39.50 10.58
CA PHE E 523 -74.00 40.32 11.37
C PHE E 523 -73.54 40.45 12.82
N ALA E 524 -72.74 39.50 13.31
CA ALA E 524 -72.28 39.57 14.69
C ALA E 524 -71.65 40.93 14.97
N GLU E 525 -70.94 41.50 13.99
CA GLU E 525 -70.27 42.77 14.23
C GLU E 525 -71.24 43.81 14.77
N ASP E 526 -72.45 43.85 14.21
CA ASP E 526 -73.43 44.81 14.72
C ASP E 526 -73.97 44.39 16.08
N SER E 527 -74.31 43.11 16.24
CA SER E 527 -74.85 42.67 17.52
C SER E 527 -73.84 42.95 18.63
N LEU E 528 -72.58 42.58 18.41
CA LEU E 528 -71.54 42.84 19.39
C LEU E 528 -71.51 44.31 19.74
N ARG E 529 -71.61 45.18 18.73
CA ARG E 529 -71.59 46.62 19.01
C ARG E 529 -72.60 46.97 20.08
N VAL E 530 -73.83 46.50 19.96
CA VAL E 530 -74.80 46.75 21.01
C VAL E 530 -74.36 46.08 22.31
N ILE E 531 -74.06 44.78 22.23
CA ILE E 531 -73.81 44.02 23.45
C ILE E 531 -72.63 44.61 24.20
N GLN E 532 -71.53 44.85 23.48
CA GLN E 532 -70.37 45.46 24.11
C GLN E 532 -70.75 46.73 24.84
N HIS E 533 -71.49 47.63 24.16
CA HIS E 533 -71.86 48.88 24.81
C HIS E 533 -72.53 48.59 26.14
N ASN E 534 -73.47 47.65 26.15
CA ASN E 534 -74.22 47.38 27.37
C ASN E 534 -73.29 46.99 28.50
N ALA E 535 -72.32 46.12 28.22
CA ALA E 535 -71.41 45.71 29.29
C ALA E 535 -70.61 46.89 29.80
N LEU E 536 -70.17 47.78 28.90
CA LEU E 536 -69.52 48.99 29.35
C LEU E 536 -70.50 49.92 30.05
N GLU E 537 -71.75 49.92 29.60
CA GLU E 537 -72.70 50.93 30.05
C GLU E 537 -72.82 50.97 31.56
N ASP E 538 -72.66 49.82 32.21
CA ASP E 538 -72.68 49.77 33.67
C ASP E 538 -71.39 50.41 34.20
N ARG E 539 -71.50 51.65 34.65
CA ARG E 539 -70.38 52.39 35.22
C ARG E 539 -70.44 52.41 36.74
N SER E 540 -71.40 51.72 37.34
CA SER E 540 -71.74 51.90 38.74
C SER E 540 -71.18 50.72 39.55
N ILE E 541 -70.19 51.01 40.38
CA ILE E 541 -69.66 50.05 41.35
C ILE E 541 -70.37 50.33 42.66
N SER E 542 -71.34 49.47 43.00
CA SER E 542 -72.26 49.75 44.10
C SER E 542 -71.72 49.33 45.46
N ASP E 543 -70.74 48.44 45.53
CA ASP E 543 -70.33 47.88 46.82
C ASP E 543 -68.86 47.50 46.78
N LYS E 544 -68.38 47.00 47.93
CA LYS E 544 -66.96 46.68 48.09
C LYS E 544 -66.52 45.57 47.16
N GLN E 545 -67.36 44.57 46.93
CA GLN E 545 -66.94 43.41 46.16
C GLN E 545 -66.60 43.80 44.71
N GLN E 546 -67.48 44.58 44.08
CA GLN E 546 -67.20 45.03 42.73
C GLN E 546 -66.10 46.07 42.71
N TRP E 547 -65.96 46.84 43.78
CA TRP E 547 -64.84 47.76 43.89
C TRP E 547 -63.51 46.99 43.84
N ASP E 548 -63.44 45.88 44.56
CA ASP E 548 -62.23 45.08 44.59
C ASP E 548 -62.00 44.37 43.24
N ALA E 549 -63.06 43.85 42.62
CA ALA E 549 -62.90 43.25 41.30
C ALA E 549 -62.38 44.28 40.30
N ALA E 550 -62.94 45.48 40.36
CA ALA E 550 -62.52 46.56 39.47
C ALA E 550 -61.05 46.91 39.69
N ILE E 551 -60.65 47.06 40.96
CA ILE E 551 -59.26 47.39 41.25
C ILE E 551 -58.34 46.27 40.82
N TYR E 552 -58.78 45.01 40.97
CA TYR E 552 -57.97 43.90 40.51
C TYR E 552 -57.71 43.99 39.00
N PHE E 553 -58.77 44.17 38.21
CA PHE E 553 -58.54 44.18 36.77
C PHE E 553 -57.69 45.39 36.37
N MET E 554 -57.93 46.55 37.00
CA MET E 554 -57.11 47.72 36.71
C MET E 554 -55.65 47.47 37.05
N GLU E 555 -55.39 46.87 38.21
CA GLU E 555 -54.02 46.56 38.59
C GLU E 555 -53.38 45.61 37.60
N GLU E 556 -54.10 44.57 37.18
CA GLU E 556 -53.52 43.60 36.25
C GLU E 556 -53.17 44.26 34.93
N ALA E 557 -54.12 44.98 34.35
CA ALA E 557 -53.92 45.57 33.04
C ALA E 557 -52.81 46.61 33.07
N LEU E 558 -52.73 47.41 34.14
CA LEU E 558 -51.69 48.43 34.20
C LEU E 558 -50.33 47.84 34.56
N GLN E 559 -50.30 46.77 35.37
CA GLN E 559 -49.04 46.14 35.72
C GLN E 559 -48.39 45.50 34.52
N ALA E 560 -49.18 44.89 33.62
CA ALA E 560 -48.57 44.31 32.42
C ALA E 560 -47.82 45.38 31.62
N ARG E 561 -48.47 46.52 31.37
CA ARG E 561 -47.84 47.56 30.58
C ARG E 561 -46.69 48.21 31.34
N LEU E 562 -46.82 48.31 32.67
CA LEU E 562 -45.73 48.87 33.47
C LEU E 562 -44.49 47.97 33.40
N LYS E 563 -44.68 46.65 33.45
CA LYS E 563 -43.55 45.75 33.34
C LYS E 563 -42.90 45.85 31.97
N ASP E 564 -43.72 45.97 30.92
CA ASP E 564 -43.14 46.15 29.58
C ASP E 564 -42.33 47.44 29.51
N THR E 565 -42.89 48.53 30.03
CA THR E 565 -42.18 49.82 30.01
C THR E 565 -40.90 49.74 30.82
N GLU E 566 -40.94 49.06 31.97
CA GLU E 566 -39.75 48.95 32.82
C GLU E 566 -38.67 48.14 32.15
N ASN E 567 -39.03 47.05 31.45
CA ASN E 567 -38.01 46.30 30.71
C ASN E 567 -37.39 47.16 29.62
N ALA E 568 -38.23 47.91 28.89
CA ALA E 568 -37.70 48.79 27.86
C ALA E 568 -36.76 49.83 28.47
N ILE E 569 -37.14 50.40 29.60
CA ILE E 569 -36.33 51.43 30.24
C ILE E 569 -35.03 50.86 30.77
N GLU E 570 -35.07 49.64 31.31
CA GLU E 570 -33.84 49.02 31.79
C GLU E 570 -32.86 48.79 30.64
N ASN E 571 -33.37 48.30 29.51
CA ASN E 571 -32.47 48.13 28.36
C ASN E 571 -31.96 49.48 27.86
N MET E 572 -32.82 50.50 27.90
CA MET E 572 -32.47 51.79 27.32
C MET E 572 -31.46 52.55 28.19
N VAL E 573 -31.63 52.47 29.51
CA VAL E 573 -30.81 53.25 30.45
C VAL E 573 -29.57 52.48 30.88
N GLY E 574 -29.68 51.16 31.05
CA GLY E 574 -28.54 50.35 31.41
C GLY E 574 -28.62 49.81 32.82
N PRO E 575 -27.61 49.03 33.20
CA PRO E 575 -27.62 48.38 34.52
C PRO E 575 -27.46 49.39 35.65
N ASP E 576 -27.80 48.92 36.85
CA ASP E 576 -27.64 49.70 38.06
C ASP E 576 -26.16 49.67 38.46
N TRP E 577 -25.80 50.50 39.46
CA TRP E 577 -24.41 50.54 39.89
C TRP E 577 -23.98 49.20 40.50
N LYS E 578 -24.89 48.53 41.21
CA LYS E 578 -24.58 47.26 41.82
C LYS E 578 -24.09 46.27 40.77
N LYS E 579 -24.77 46.23 39.62
CA LYS E 579 -24.32 45.38 38.53
C LYS E 579 -22.98 45.86 37.99
N ARG E 580 -22.79 47.18 37.93
CA ARG E 580 -21.61 47.73 37.29
C ARG E 580 -20.34 47.35 38.04
N TRP E 581 -20.38 47.27 39.38
CA TRP E 581 -19.21 46.79 40.13
C TRP E 581 -19.26 45.34 40.58
N LEU E 582 -20.42 44.69 40.71
CA LEU E 582 -20.42 43.30 41.14
C LEU E 582 -20.31 42.33 39.98
N TYR E 583 -20.98 42.62 38.86
CA TYR E 583 -20.91 41.79 37.67
C TYR E 583 -20.22 42.51 36.51
N TRP E 584 -19.67 43.70 36.76
CA TRP E 584 -18.93 44.46 35.75
C TRP E 584 -19.79 44.72 34.51
N LYS E 585 -21.07 45.01 34.76
CA LYS E 585 -22.01 45.37 33.70
C LYS E 585 -21.85 46.86 33.42
N ASN E 586 -20.76 47.20 32.74
CA ASN E 586 -20.49 48.59 32.42
C ASN E 586 -21.48 49.11 31.39
N ARG E 587 -21.87 50.37 31.55
CA ARG E 587 -22.86 50.98 30.66
C ARG E 587 -22.20 51.43 29.35
N THR E 588 -23.02 51.51 28.32
CA THR E 588 -22.61 52.11 27.06
C THR E 588 -22.80 53.63 27.12
N GLN E 589 -22.22 54.31 26.14
CA GLN E 589 -22.36 55.76 26.07
C GLN E 589 -23.82 56.16 25.91
N GLU E 590 -24.56 55.43 25.06
CA GLU E 590 -25.97 55.71 24.90
C GLU E 590 -26.71 55.50 26.21
N GLN E 591 -26.37 54.43 26.94
CA GLN E 591 -27.03 54.17 28.20
C GLN E 591 -26.76 55.27 29.22
N CYS E 592 -25.53 55.78 29.27
CA CYS E 592 -25.24 56.89 30.18
C CYS E 592 -26.02 58.14 29.79
N VAL E 593 -26.09 58.45 28.50
CA VAL E 593 -26.84 59.63 28.06
C VAL E 593 -28.30 59.47 28.43
N HIS E 594 -28.86 58.29 28.16
CA HIS E 594 -30.25 58.02 28.48
C HIS E 594 -30.48 58.12 29.97
N ASN E 595 -29.53 57.65 30.78
CA ASN E 595 -29.64 57.72 32.22
C ASN E 595 -29.73 59.18 32.68
N GLU E 596 -28.86 60.04 32.14
CA GLU E 596 -28.89 61.44 32.56
C GLU E 596 -30.17 62.14 32.11
N THR E 597 -30.62 61.86 30.89
CA THR E 597 -31.88 62.44 30.43
C THR E 597 -33.05 61.97 31.30
N LYS E 598 -33.05 60.69 31.64
CA LYS E 598 -34.06 60.14 32.55
C LYS E 598 -34.01 60.84 33.90
N ASN E 599 -32.80 61.11 34.40
CA ASN E 599 -32.68 61.79 35.68
C ASN E 599 -33.28 63.19 35.60
N GLU E 600 -33.07 63.89 34.49
CA GLU E 600 -33.70 65.20 34.30
C GLU E 600 -35.22 65.10 34.33
N LEU E 601 -35.77 64.20 33.51
CA LEU E 601 -37.22 64.09 33.42
C LEU E 601 -37.81 63.61 34.74
N GLU E 602 -37.06 62.76 35.45
CA GLU E 602 -37.55 62.19 36.68
C GLU E 602 -37.48 63.18 37.83
N LYS E 603 -36.48 64.06 37.88
CA LYS E 603 -36.57 65.10 38.90
C LYS E 603 -37.80 65.95 38.62
N MET E 604 -38.05 66.24 37.34
CA MET E 604 -39.24 67.05 37.03
C MET E 604 -40.49 66.36 37.55
N LEU E 605 -40.64 65.07 37.25
CA LEU E 605 -41.85 64.35 37.66
C LEU E 605 -41.92 64.15 39.16
N LYS E 606 -40.79 63.93 39.83
CA LYS E 606 -40.78 63.79 41.28
C LYS E 606 -41.22 65.09 41.96
N CYS E 607 -40.74 66.22 41.46
CA CYS E 607 -41.17 67.50 42.02
C CYS E 607 -42.65 67.74 41.76
N ASN E 608 -43.16 67.31 40.60
CA ASN E 608 -44.54 67.53 40.21
C ASN E 608 -45.05 66.28 39.50
N GLU E 609 -45.78 65.43 40.23
CA GLU E 609 -46.34 64.21 39.66
C GLU E 609 -47.51 64.50 38.72
N GLU E 610 -48.04 65.71 38.73
CA GLU E 610 -49.20 66.08 37.92
C GLU E 610 -48.83 66.47 36.50
N HIS E 611 -47.55 66.48 36.16
CA HIS E 611 -47.15 66.98 34.85
C HIS E 611 -47.76 66.10 33.76
N PRO E 612 -48.33 66.69 32.71
CA PRO E 612 -48.90 65.87 31.63
C PRO E 612 -47.81 65.30 30.74
N ALA E 613 -48.23 64.41 29.84
CA ALA E 613 -47.28 63.74 28.96
C ALA E 613 -46.53 64.73 28.08
N TYR E 614 -47.20 65.76 27.57
CA TYR E 614 -46.63 66.60 26.53
C TYR E 614 -45.92 67.81 27.11
N LEU E 615 -44.65 67.95 26.75
CA LEU E 615 -43.80 69.06 27.14
C LEU E 615 -43.85 70.16 26.07
N ALA E 616 -43.29 71.31 26.43
CA ALA E 616 -43.05 72.35 25.43
C ALA E 616 -41.82 71.99 24.60
N SER E 617 -41.77 72.51 23.37
CA SER E 617 -40.58 72.35 22.55
C SER E 617 -39.40 73.11 23.17
N ASP E 618 -39.66 74.28 23.76
CA ASP E 618 -38.60 75.07 24.48
C ASP E 618 -38.23 74.28 25.75
N GLU E 619 -39.11 73.39 26.25
CA GLU E 619 -38.80 72.49 27.42
C GLU E 619 -37.87 71.38 26.89
N ILE E 620 -37.98 70.94 25.62
CA ILE E 620 -37.03 70.02 25.01
C ILE E 620 -35.67 70.69 24.86
N THR E 621 -35.67 71.99 24.46
CA THR E 621 -34.40 72.80 24.34
C THR E 621 -33.80 72.94 25.74
N THR E 622 -34.62 73.24 26.76
CA THR E 622 -34.18 73.39 28.18
C THR E 622 -33.47 72.12 28.61
N VAL E 623 -34.02 70.95 28.26
CA VAL E 623 -33.46 69.66 28.66
C VAL E 623 -32.15 69.42 27.93
N ARG E 624 -32.13 69.67 26.61
CA ARG E 624 -30.89 69.50 25.86
C ARG E 624 -29.81 70.38 26.44
N LYS E 625 -30.10 71.66 26.66
CA LYS E 625 -29.03 72.63 27.04
C LYS E 625 -28.58 72.35 28.49
N ASN E 626 -29.40 71.72 29.33
CA ASN E 626 -29.04 71.36 30.74
C ASN E 626 -28.20 70.07 30.70
N LEU E 627 -28.53 69.08 29.86
CA LEU E 627 -27.77 67.86 29.67
C LEU E 627 -26.42 68.15 29.03
N GLU E 628 -26.40 69.04 28.05
CA GLU E 628 -25.16 69.45 27.42
C GLU E 628 -24.26 70.17 28.40
N SER E 629 -24.85 71.05 29.23
CA SER E 629 -24.11 71.85 30.25
C SER E 629 -23.38 70.87 31.19
N ARG E 630 -24.09 69.85 31.73
CA ARG E 630 -23.44 68.89 32.60
C ARG E 630 -22.43 68.04 31.84
N GLY E 631 -22.63 67.88 30.53
CA GLY E 631 -21.71 67.13 29.71
C GLY E 631 -22.33 65.91 29.07
N VAL E 632 -23.62 65.98 28.77
CA VAL E 632 -24.35 64.88 28.15
C VAL E 632 -24.86 65.36 26.79
N GLU E 633 -24.58 64.58 25.75
CA GLU E 633 -25.01 64.88 24.40
C GLU E 633 -26.44 64.39 24.22
N VAL E 634 -27.34 65.29 23.85
CA VAL E 634 -28.75 64.96 23.74
C VAL E 634 -29.39 65.79 22.63
N ASP E 635 -30.38 65.19 21.97
CA ASP E 635 -31.12 65.79 20.87
C ASP E 635 -32.60 65.57 21.11
N PRO E 636 -33.46 66.32 20.41
CA PRO E 636 -34.90 66.24 20.69
C PRO E 636 -35.49 64.85 20.56
N SER E 637 -34.90 64.00 19.71
CA SER E 637 -35.45 62.67 19.50
C SER E 637 -35.14 61.74 20.66
N LEU E 638 -33.92 61.83 21.19
CA LEU E 638 -33.59 61.08 22.40
C LEU E 638 -34.51 61.49 23.54
N ILE E 639 -34.74 62.79 23.70
CA ILE E 639 -35.60 63.26 24.77
C ILE E 639 -37.03 62.77 24.56
N LYS E 640 -37.52 62.78 23.32
CA LYS E 640 -38.91 62.37 23.12
C LYS E 640 -39.08 60.87 23.39
N ASP E 641 -38.13 60.03 22.96
CA ASP E 641 -38.26 58.60 23.25
C ASP E 641 -38.12 58.33 24.75
N THR E 642 -37.11 58.93 25.38
CA THR E 642 -36.91 58.73 26.81
C THR E 642 -38.12 59.21 27.58
N TRP E 643 -38.63 60.38 27.14
CA TRP E 643 -39.82 61.01 27.73
C TRP E 643 -41.00 60.07 27.62
N HIS E 644 -41.26 59.50 26.46
CA HIS E 644 -42.40 58.63 26.28
C HIS E 644 -42.33 57.45 27.25
N GLN E 645 -41.19 56.76 27.26
CA GLN E 645 -41.10 55.59 28.15
C GLN E 645 -41.19 56.01 29.62
N VAL E 646 -40.48 57.08 30.00
CA VAL E 646 -40.41 57.49 31.39
C VAL E 646 -41.76 57.97 31.89
N TYR E 647 -42.45 58.78 31.10
CA TYR E 647 -43.75 59.29 31.51
C TYR E 647 -44.76 58.16 31.58
N ARG E 648 -44.70 57.18 30.66
CA ARG E 648 -45.61 56.06 30.79
C ARG E 648 -45.32 55.26 32.05
N ARG E 649 -44.04 55.07 32.39
CA ARG E 649 -43.73 54.37 33.63
C ARG E 649 -44.25 55.14 34.84
N HIS E 650 -44.01 56.44 34.88
CA HIS E 650 -44.53 57.28 35.96
C HIS E 650 -46.05 57.19 36.03
N PHE E 651 -46.71 57.30 34.88
CA PHE E 651 -48.16 57.25 34.80
C PHE E 651 -48.70 55.94 35.36
N LEU E 652 -48.14 54.81 34.93
CA LEU E 652 -48.67 53.52 35.33
C LEU E 652 -48.36 53.24 36.81
N LYS E 653 -47.16 53.60 37.27
CA LYS E 653 -46.83 53.35 38.67
C LYS E 653 -47.64 54.27 39.59
N THR E 654 -47.89 55.50 39.15
CA THR E 654 -48.78 56.38 39.90
C THR E 654 -50.19 55.80 39.93
N ALA E 655 -50.63 55.21 38.82
CA ALA E 655 -51.94 54.55 38.81
C ALA E 655 -51.98 53.41 39.81
N LEU E 656 -50.88 52.65 39.93
CA LEU E 656 -50.88 51.54 40.89
C LEU E 656 -50.79 52.01 42.34
N ASN E 657 -50.09 53.12 42.59
CA ASN E 657 -50.15 53.71 43.92
C ASN E 657 -51.55 54.22 44.22
N HIS E 658 -52.22 54.74 43.20
CA HIS E 658 -53.62 55.13 43.35
C HIS E 658 -54.49 53.91 43.59
N CYS E 659 -54.10 52.75 43.05
CA CYS E 659 -54.77 51.49 43.43
C CYS E 659 -54.59 51.24 44.92
N ASN E 660 -53.35 51.39 45.41
CA ASN E 660 -53.08 51.16 46.83
C ASN E 660 -53.91 52.07 47.70
N LEU E 661 -54.17 53.29 47.25
CA LEU E 661 -55.01 54.22 48.02
C LEU E 661 -56.51 53.96 47.83
N CYS E 662 -56.93 53.54 46.63
CA CYS E 662 -58.34 53.20 46.41
C CYS E 662 -58.75 52.03 47.27
N ARG E 663 -57.84 51.05 47.45
CA ARG E 663 -58.16 49.89 48.28
C ARG E 663 -58.71 50.30 49.64
N ARG E 664 -58.43 51.51 50.09
CA ARG E 664 -58.93 52.01 51.38
C ARG E 664 -59.43 53.44 51.23
N GLY E 665 -60.16 53.72 50.15
CA GLY E 665 -60.78 55.04 50.02
C GLY E 665 -62.28 54.99 49.85
N PHE E 666 -62.99 55.37 50.91
CA PHE E 666 -64.44 55.58 50.86
C PHE E 666 -64.92 56.78 51.67
N TYR E 667 -64.18 57.21 52.69
CA TYR E 667 -64.65 58.28 53.56
C TYR E 667 -64.73 59.60 52.80
N TYR E 668 -63.76 59.85 51.92
CA TYR E 668 -63.66 61.12 51.23
C TYR E 668 -64.96 61.47 50.55
N TYR E 669 -65.63 60.46 49.98
CA TYR E 669 -66.81 60.68 49.18
C TYR E 669 -68.06 60.79 50.05
N GLN E 670 -68.03 60.17 51.23
CA GLN E 670 -69.07 60.43 52.22
C GLN E 670 -69.03 61.87 52.69
N ARG E 671 -67.83 62.43 52.87
CA ARG E 671 -67.70 63.76 53.45
C ARG E 671 -67.64 64.89 52.43
N HIS E 672 -67.35 64.60 51.16
CA HIS E 672 -67.18 65.65 50.16
C HIS E 672 -66.08 66.64 50.57
N PHE E 673 -65.03 66.11 51.20
CA PHE E 673 -63.97 66.97 51.73
C PHE E 673 -63.18 67.60 50.59
N VAL E 674 -62.93 68.90 50.69
CA VAL E 674 -62.43 69.66 49.55
C VAL E 674 -60.94 69.45 49.28
N ASP E 675 -60.15 69.13 50.30
CA ASP E 675 -58.70 68.99 50.12
C ASP E 675 -58.30 67.61 49.61
N SER E 676 -59.27 66.78 49.23
CA SER E 676 -59.00 65.39 48.88
C SER E 676 -58.60 65.28 47.42
N GLU E 677 -57.34 64.94 47.16
CA GLU E 677 -56.88 64.72 45.80
C GLU E 677 -57.44 63.42 45.22
N LEU E 678 -57.51 62.37 46.05
CA LEU E 678 -57.85 61.03 45.57
C LEU E 678 -59.25 60.99 44.97
N GLU E 679 -59.33 60.63 43.69
CA GLU E 679 -60.60 60.28 43.04
C GLU E 679 -60.39 59.01 42.23
N CYS E 680 -61.13 57.96 42.59
CA CYS E 680 -60.89 56.62 42.09
C CYS E 680 -61.87 56.29 40.96
N ASN E 681 -61.58 56.81 39.76
CA ASN E 681 -62.46 56.62 38.61
C ASN E 681 -61.90 55.68 37.55
N ASP E 682 -60.59 55.45 37.52
CA ASP E 682 -60.02 54.49 36.58
C ASP E 682 -60.52 53.07 36.88
N VAL E 683 -60.83 52.84 38.15
CA VAL E 683 -61.34 51.55 38.62
C VAL E 683 -62.60 51.19 37.83
N VAL E 684 -63.47 52.17 37.60
CA VAL E 684 -64.71 51.92 36.86
C VAL E 684 -64.40 51.50 35.43
N LEU E 685 -63.43 52.17 34.79
CA LEU E 685 -63.08 51.79 33.42
C LEU E 685 -62.65 50.34 33.33
N PHE E 686 -61.72 49.93 34.18
CA PHE E 686 -61.23 48.55 34.03
C PHE E 686 -62.27 47.53 34.50
N TRP E 687 -63.14 47.90 35.44
CA TRP E 687 -64.28 47.06 35.76
C TRP E 687 -65.16 46.84 34.54
N ARG E 688 -65.50 47.94 33.86
CA ARG E 688 -66.33 47.87 32.67
C ARG E 688 -65.69 47.01 31.60
N ILE E 689 -64.37 47.17 31.40
CA ILE E 689 -63.71 46.42 30.35
C ILE E 689 -63.63 44.93 30.69
N GLN E 690 -63.38 44.61 31.96
CA GLN E 690 -63.41 43.20 32.35
C GLN E 690 -64.78 42.59 32.04
N ARG E 691 -65.84 43.29 32.42
CA ARG E 691 -67.18 42.76 32.18
C ARG E 691 -67.49 42.70 30.68
N MET E 692 -67.00 43.67 29.91
CA MET E 692 -67.20 43.64 28.46
C MET E 692 -66.44 42.50 27.81
N LEU E 693 -65.24 42.20 28.29
CA LEU E 693 -64.52 41.04 27.78
C LEU E 693 -65.33 39.78 28.04
N ALA E 694 -65.88 39.66 29.25
CA ALA E 694 -66.70 38.50 29.56
C ALA E 694 -67.91 38.42 28.64
N ILE E 695 -68.58 39.55 28.40
CA ILE E 695 -69.81 39.51 27.62
C ILE E 695 -69.51 39.17 26.17
N THR E 696 -68.44 39.75 25.62
CA THR E 696 -68.08 39.47 24.23
C THR E 696 -67.69 38.01 24.05
N ALA E 697 -66.87 37.48 24.98
CA ALA E 697 -66.50 36.08 24.89
C ALA E 697 -67.72 35.17 24.97
N ASN E 698 -68.67 35.50 25.85
CA ASN E 698 -69.82 34.63 26.02
C ASN E 698 -70.74 34.68 24.82
N THR E 699 -70.97 35.87 24.26
CA THR E 699 -71.80 35.99 23.08
C THR E 699 -71.18 35.23 21.91
N LEU E 700 -69.87 35.37 21.75
CA LEU E 700 -69.19 34.65 20.67
C LEU E 700 -69.30 33.14 20.89
N ARG E 701 -69.16 32.69 22.13
CA ARG E 701 -69.30 31.27 22.42
C ARG E 701 -70.69 30.79 22.05
N GLN E 702 -71.72 31.55 22.42
CA GLN E 702 -73.08 31.12 22.14
C GLN E 702 -73.33 31.02 20.64
N GLN E 703 -72.89 32.03 19.89
CA GLN E 703 -72.99 31.98 18.43
C GLN E 703 -72.27 30.75 17.92
N LEU E 704 -71.11 30.43 18.51
CA LEU E 704 -70.34 29.27 18.08
C LEU E 704 -71.09 27.97 18.34
N THR E 705 -71.60 27.80 19.56
CA THR E 705 -72.11 26.52 20.02
C THR E 705 -73.52 26.22 19.54
N ASN E 706 -74.30 27.24 19.14
CA ASN E 706 -75.65 26.97 18.66
C ASN E 706 -75.84 27.19 17.17
N THR E 707 -74.99 28.00 16.53
CA THR E 707 -75.18 28.29 15.11
C THR E 707 -74.01 27.80 14.28
N GLU E 708 -72.79 28.20 14.66
CA GLU E 708 -71.64 27.98 13.81
C GLU E 708 -71.08 26.56 13.94
N VAL E 709 -71.11 25.97 15.14
CA VAL E 709 -70.52 24.65 15.31
C VAL E 709 -71.34 23.58 14.59
N ARG E 710 -72.67 23.72 14.59
CA ARG E 710 -73.51 22.79 13.85
C ARG E 710 -73.35 22.96 12.34
N ARG E 711 -73.19 24.20 11.88
CA ARG E 711 -72.86 24.42 10.48
C ARG E 711 -71.52 23.77 10.14
N LEU E 712 -70.57 23.84 11.06
CA LEU E 712 -69.28 23.20 10.85
C LEU E 712 -69.43 21.69 10.76
N GLU E 713 -70.26 21.10 11.62
CA GLU E 713 -70.50 19.66 11.55
C GLU E 713 -71.10 19.28 10.20
N LYS E 714 -72.06 20.07 9.72
CA LYS E 714 -72.63 19.81 8.40
C LYS E 714 -71.57 19.90 7.31
N ASN E 715 -70.72 20.94 7.37
CA ASN E 715 -69.69 21.11 6.35
C ASN E 715 -68.68 19.97 6.41
N VAL E 716 -68.34 19.51 7.61
CA VAL E 716 -67.41 18.39 7.76
C VAL E 716 -68.00 17.13 7.18
N LYS E 717 -69.29 16.87 7.43
CA LYS E 717 -69.91 15.70 6.84
C LYS E 717 -69.91 15.79 5.31
N GLU E 718 -70.17 16.98 4.77
CA GLU E 718 -70.12 17.17 3.33
C GLU E 718 -68.73 16.91 2.78
N VAL E 719 -67.71 17.43 3.46
CA VAL E 719 -66.33 17.24 3.02
C VAL E 719 -65.96 15.76 3.07
N LEU E 720 -66.35 15.08 4.15
CA LEU E 720 -66.03 13.66 4.27
C LEU E 720 -66.73 12.84 3.21
N GLU E 721 -67.98 13.18 2.87
CA GLU E 721 -68.65 12.46 1.80
C GLU E 721 -67.94 12.71 0.46
N ASP E 722 -67.55 13.96 0.19
CA ASP E 722 -66.88 14.27 -1.06
C ASP E 722 -65.55 13.54 -1.16
N PHE E 723 -64.84 13.42 -0.04
CA PHE E 723 -63.57 12.70 -0.04
C PHE E 723 -63.78 11.19 -0.13
N ALA E 724 -64.90 10.70 0.44
CA ALA E 724 -65.21 9.28 0.34
C ALA E 724 -65.47 8.88 -1.11
N GLU E 725 -66.18 9.73 -1.85
CA GLU E 725 -66.42 9.42 -3.25
C GLU E 725 -65.15 9.55 -4.09
N ASP E 726 -64.22 10.40 -3.66
CA ASP E 726 -62.98 10.62 -4.40
C ASP E 726 -62.07 9.40 -4.25
N GLY E 727 -61.93 8.62 -5.32
CA GLY E 727 -61.01 7.50 -5.29
C GLY E 727 -59.56 7.93 -5.21
N GLU E 728 -59.22 9.03 -5.90
CA GLU E 728 -57.85 9.51 -5.88
C GLU E 728 -57.43 9.91 -4.47
N LYS E 729 -58.33 10.53 -3.71
CA LYS E 729 -57.97 10.93 -2.34
C LYS E 729 -57.71 9.70 -1.47
N LYS E 730 -58.51 8.64 -1.61
CA LYS E 730 -58.23 7.42 -0.89
C LYS E 730 -56.90 6.81 -1.33
N ILE E 731 -56.59 6.90 -2.63
CA ILE E 731 -55.31 6.38 -3.12
C ILE E 731 -54.14 7.15 -2.52
N LYS E 732 -54.25 8.47 -2.45
CA LYS E 732 -53.15 9.32 -2.01
C LYS E 732 -53.26 9.72 -0.54
N LEU E 733 -54.28 9.26 0.17
CA LEU E 733 -54.35 9.39 1.62
C LEU E 733 -54.65 8.03 2.23
N LEU E 734 -54.25 7.88 3.49
CA LEU E 734 -54.54 6.68 4.27
C LEU E 734 -54.01 5.43 3.57
N THR E 735 -52.72 5.47 3.23
CA THR E 735 -52.06 4.42 2.46
C THR E 735 -51.16 3.52 3.30
N GLY E 736 -51.12 3.72 4.61
CA GLY E 736 -50.07 3.15 5.43
C GLY E 736 -50.22 1.69 5.80
N LYS E 737 -51.39 1.09 5.62
CA LYS E 737 -51.59 -0.25 6.16
C LYS E 737 -50.87 -1.31 5.32
N ARG E 738 -50.58 -2.44 5.96
CA ARG E 738 -49.93 -3.59 5.35
C ARG E 738 -50.91 -4.55 4.69
N VAL E 739 -52.20 -4.20 4.66
CA VAL E 739 -53.20 -5.11 4.10
C VAL E 739 -52.89 -5.41 2.64
N GLN E 740 -52.23 -4.48 1.95
CA GLN E 740 -51.94 -4.66 0.53
C GLN E 740 -51.11 -5.92 0.31
N LEU E 741 -50.11 -6.13 1.17
CA LEU E 741 -49.28 -7.32 1.07
C LEU E 741 -50.11 -8.59 1.24
N ALA E 742 -51.04 -8.58 2.19
CA ALA E 742 -51.89 -9.74 2.44
C ALA E 742 -52.86 -10.01 1.28
N GLU E 743 -53.21 -8.96 0.52
CA GLU E 743 -54.14 -9.15 -0.58
C GLU E 743 -53.54 -10.08 -1.64
N ASP E 744 -52.24 -9.97 -1.89
CA ASP E 744 -51.59 -10.91 -2.80
C ASP E 744 -51.63 -12.33 -2.23
N LEU E 745 -51.28 -12.48 -0.95
CA LEU E 745 -51.25 -13.83 -0.27
C LEU E 745 -52.60 -14.51 -0.56
N LYS E 746 -53.71 -13.77 -0.48
CA LYS E 746 -55.09 -14.34 -0.63
C LYS E 746 -55.46 -14.47 -2.13
N LYS E 747 -55.12 -13.50 -2.99
CA LYS E 747 -55.55 -13.50 -4.38
C LYS E 747 -54.89 -14.61 -5.20
N VAL E 748 -53.63 -14.96 -4.93
CA VAL E 748 -52.90 -15.97 -5.76
C VAL E 748 -53.52 -17.38 -5.53
N ARG E 749 -54.53 -17.54 -4.66
CA ARG E 749 -55.24 -18.83 -4.41
C ARG E 749 -55.93 -19.38 -5.68
N GLU E 750 -56.35 -18.54 -6.65
CA GLU E 750 -56.93 -19.03 -7.90
C GLU E 750 -55.86 -19.65 -8.78
N ILE E 751 -54.68 -19.02 -8.84
CA ILE E 751 -53.58 -19.54 -9.64
C ILE E 751 -53.18 -20.87 -9.03
N GLN E 752 -53.12 -20.92 -7.68
CA GLN E 752 -52.71 -22.14 -6.91
C GLN E 752 -53.67 -23.29 -7.25
N GLU E 753 -55.00 -23.05 -7.34
CA GLU E 753 -55.97 -24.07 -7.68
C GLU E 753 -55.88 -24.57 -9.11
N LYS E 754 -55.76 -23.63 -10.07
CA LYS E 754 -55.67 -24.05 -11.46
C LYS E 754 -54.43 -24.89 -11.70
N LEU E 755 -53.29 -24.49 -11.13
CA LEU E 755 -52.04 -25.20 -11.39
C LEU E 755 -52.04 -26.60 -10.80
N ASP E 756 -52.42 -26.72 -9.51
CA ASP E 756 -52.36 -28.03 -8.78
C ASP E 756 -53.42 -28.97 -9.39
N ALA E 757 -54.61 -28.45 -9.75
CA ALA E 757 -55.68 -29.26 -10.40
C ALA E 757 -55.11 -29.75 -11.74
N PHE E 758 -54.39 -28.89 -12.47
CA PHE E 758 -53.77 -29.25 -13.78
C PHE E 758 -52.71 -30.35 -13.56
N ILE E 759 -51.90 -30.27 -12.50
CA ILE E 759 -50.85 -31.30 -12.18
C ILE E 759 -51.55 -32.63 -11.85
N GLU E 760 -52.66 -32.60 -11.10
CA GLU E 760 -53.44 -33.83 -10.77
C GLU E 760 -53.95 -34.36 -12.12
N ALA E 761 -54.38 -33.48 -13.03
CA ALA E 761 -54.87 -33.87 -14.38
C ALA E 761 -53.71 -34.52 -15.17
N LEU E 762 -52.47 -34.03 -15.06
CA LEU E 762 -51.33 -34.60 -15.84
C LEU E 762 -51.19 -36.06 -15.36
N HIS E 763 -51.27 -36.29 -14.04
CA HIS E 763 -51.20 -37.66 -13.43
C HIS E 763 -52.41 -38.49 -13.89
N GLN E 764 -53.61 -37.89 -13.93
CA GLN E 764 -54.87 -38.62 -14.27
C GLN E 764 -54.73 -39.14 -15.72
N GLU E 765 -54.19 -38.33 -16.64
CA GLU E 765 -53.94 -38.73 -18.05
C GLU E 765 -52.85 -39.81 -18.11
N LYS E 766 -51.78 -39.69 -17.31
CA LYS E 766 -50.58 -40.60 -17.37
C LYS E 766 -50.67 -41.70 -16.29
N ALA F 1 -14.32 57.14 0.47
CA ALA F 1 -15.53 57.85 0.08
C ALA F 1 -16.73 57.30 0.84
N THR F 2 -16.68 56.03 1.21
CA THR F 2 -17.77 55.41 1.95
C THR F 2 -17.91 56.07 3.31
N ASP F 3 -19.16 56.23 3.75
CA ASP F 3 -19.47 56.82 5.05
C ASP F 3 -18.87 58.23 5.18
N ARG F 4 -18.95 59.00 4.10
CA ARG F 4 -18.49 60.38 4.07
C ARG F 4 -19.69 61.28 3.83
N GLY F 5 -19.84 62.32 4.66
CA GLY F 5 -21.01 63.19 4.54
C GLY F 5 -21.05 63.95 3.23
N SER F 6 -19.91 64.49 2.79
CA SER F 6 -19.88 65.23 1.54
C SER F 6 -20.21 64.33 0.36
N GLU F 7 -19.70 63.09 0.38
CA GLU F 7 -20.02 62.14 -0.68
C GLU F 7 -21.53 61.86 -0.70
N SER F 8 -22.12 61.64 0.48
CA SER F 8 -23.58 61.34 0.62
C SER F 8 -24.36 62.53 0.02
N ASP F 9 -23.95 63.77 0.33
CA ASP F 9 -24.65 65.00 -0.18
C ASP F 9 -24.51 65.05 -1.72
N LYS F 10 -23.33 64.75 -2.27
CA LYS F 10 -23.10 64.75 -3.75
C LYS F 10 -23.96 63.65 -4.38
N HIS F 11 -24.03 62.47 -3.74
CA HIS F 11 -24.85 61.32 -4.24
C HIS F 11 -26.33 61.76 -4.22
N PHE F 12 -26.74 62.46 -3.15
CA PHE F 12 -28.15 62.93 -3.00
C PHE F 12 -28.42 63.91 -4.15
N ARG F 13 -27.47 64.80 -4.47
CA ARG F 13 -27.67 65.82 -5.55
C ARG F 13 -27.84 65.10 -6.90
N LYS F 14 -27.03 64.06 -7.17
CA LYS F 14 -27.09 63.31 -8.47
C LYS F 14 -28.47 62.64 -8.57
N VAL F 15 -28.96 62.02 -7.48
CA VAL F 15 -30.31 61.37 -7.44
C VAL F 15 -31.37 62.48 -7.58
N SER F 16 -31.17 63.62 -6.91
CA SER F 16 -32.13 64.77 -6.90
C SER F 16 -32.27 65.37 -8.31
N ASP F 17 -31.19 65.48 -9.08
CA ASP F 17 -31.19 66.14 -10.42
C ASP F 17 -31.92 65.23 -11.42
N LYS F 18 -31.84 63.90 -11.25
CA LYS F 18 -32.58 62.97 -12.10
C LYS F 18 -34.08 63.09 -11.87
N GLU F 19 -34.50 63.25 -10.60
CA GLU F 19 -35.92 63.48 -10.33
C GLU F 19 -36.39 64.81 -10.92
N LYS F 20 -35.51 65.81 -10.96
CA LYS F 20 -35.89 67.09 -11.55
C LYS F 20 -36.13 66.96 -13.05
N ILE F 21 -35.52 65.98 -13.70
CA ILE F 21 -35.83 65.74 -15.11
C ILE F 21 -36.71 64.50 -15.28
N ASP F 22 -37.56 64.23 -14.29
CA ASP F 22 -38.47 63.11 -14.35
C ASP F 22 -39.59 63.35 -15.37
N GLN F 23 -40.22 62.26 -15.81
CA GLN F 23 -41.31 62.37 -16.77
C GLN F 23 -42.47 63.20 -16.23
N LEU F 24 -42.70 63.20 -14.91
CA LEU F 24 -43.70 64.10 -14.35
C LEU F 24 -43.35 65.55 -14.66
N GLN F 25 -42.11 65.94 -14.37
CA GLN F 25 -41.69 67.31 -14.63
C GLN F 25 -41.66 67.61 -16.13
N GLU F 26 -41.24 66.64 -16.94
CA GLU F 26 -41.19 66.86 -18.38
C GLU F 26 -42.59 67.07 -18.96
N GLU F 27 -43.55 66.25 -18.54
CA GLU F 27 -44.92 66.43 -18.98
C GLU F 27 -45.47 67.75 -18.45
N LEU F 28 -45.09 68.13 -17.23
CA LEU F 28 -45.50 69.43 -16.71
C LEU F 28 -45.00 70.56 -17.61
N LEU F 29 -43.74 70.48 -18.04
CA LEU F 29 -43.21 71.51 -18.94
C LEU F 29 -43.96 71.51 -20.28
N HIS F 30 -44.19 70.32 -20.85
CA HIS F 30 -44.84 70.26 -22.16
C HIS F 30 -46.26 70.82 -22.08
N THR F 31 -47.03 70.42 -21.06
CA THR F 31 -48.38 70.93 -20.90
C THR F 31 -48.38 72.42 -20.56
N GLN F 32 -47.41 72.86 -19.76
CA GLN F 32 -47.33 74.27 -19.40
C GLN F 32 -47.06 75.14 -20.61
N LEU F 33 -46.27 74.65 -21.56
CA LEU F 33 -46.01 75.44 -22.75
C LEU F 33 -47.29 75.75 -23.53
N LYS F 34 -48.18 74.76 -23.66
CA LYS F 34 -49.47 75.03 -24.28
C LYS F 34 -50.35 75.90 -23.40
N TYR F 35 -50.28 75.69 -22.08
CA TYR F 35 -51.11 76.49 -21.17
C TYR F 35 -50.74 77.97 -21.19
N GLN F 36 -49.44 78.27 -21.44
CA GLN F 36 -48.92 79.67 -21.51
C GLN F 36 -49.59 80.38 -22.69
N ARG F 37 -50.14 79.63 -23.66
CA ARG F 37 -50.85 80.18 -24.87
C ARG F 37 -52.37 79.98 -24.68
N ILE F 38 -52.79 78.91 -24.00
CA ILE F 38 -54.24 78.59 -23.72
C ILE F 38 -54.73 79.61 -22.67
N LEU F 39 -55.93 80.17 -22.81
CA LEU F 39 -56.48 81.17 -21.91
C LEU F 39 -55.52 82.35 -21.73
N GLU F 40 -54.71 82.67 -22.77
CA GLU F 40 -53.62 83.69 -22.66
C GLU F 40 -53.55 84.56 -23.93
N ARG F 41 -52.98 85.79 -23.86
CA ARG F 41 -52.92 86.83 -24.94
C ARG F 41 -54.18 87.70 -24.73
N LEU F 42 -55.11 87.28 -23.86
CA LEU F 42 -56.25 88.12 -23.39
C LEU F 42 -55.58 89.23 -22.58
N GLU F 43 -54.50 88.90 -21.83
CA GLU F 43 -53.82 89.83 -20.89
C GLU F 43 -53.25 91.07 -21.62
N LYS F 44 -52.68 90.92 -22.81
CA LYS F 44 -52.04 92.08 -23.53
C LYS F 44 -53.15 93.12 -23.81
N GLU F 45 -54.36 92.69 -24.21
CA GLU F 45 -55.50 93.60 -24.53
C GLU F 45 -56.07 94.18 -23.22
N ASN F 46 -55.98 93.44 -22.11
CA ASN F 46 -56.50 93.86 -20.81
C ASN F 46 -55.79 95.09 -20.28
N LYS F 47 -54.50 95.24 -20.58
CA LYS F 47 -53.71 96.31 -19.99
C LYS F 47 -54.31 97.69 -20.27
N GLU F 48 -55.06 97.83 -21.36
CA GLU F 48 -55.62 99.13 -21.71
C GLU F 48 -56.61 99.58 -20.64
N LEU F 49 -56.55 100.87 -20.31
CA LEU F 49 -57.38 101.46 -19.26
C LEU F 49 -58.59 102.20 -19.81
N ARG F 50 -58.81 102.18 -21.13
CA ARG F 50 -59.90 102.97 -21.72
C ARG F 50 -61.25 102.52 -21.19
N LYS F 51 -61.47 101.21 -21.10
CA LYS F 51 -62.71 100.69 -20.52
C LYS F 51 -62.85 101.16 -19.09
N LEU F 52 -61.75 101.11 -18.33
CA LEU F 52 -61.77 101.58 -16.96
C LEU F 52 -62.11 103.07 -16.90
N VAL F 53 -61.59 103.84 -17.85
CA VAL F 53 -61.89 105.28 -17.87
C VAL F 53 -63.38 105.50 -18.10
N LEU F 54 -63.98 104.73 -19.01
CA LEU F 54 -65.43 104.85 -19.21
C LEU F 54 -66.19 104.49 -17.95
N GLN F 55 -65.77 103.45 -17.25
CA GLN F 55 -66.43 103.08 -16.00
C GLN F 55 -66.26 104.17 -14.95
N LYS F 56 -65.09 104.80 -14.89
CA LYS F 56 -64.89 105.94 -14.00
C LYS F 56 -65.85 107.06 -14.34
N ASP F 57 -66.01 107.33 -15.64
CA ASP F 57 -66.92 108.39 -16.07
C ASP F 57 -68.33 108.10 -15.60
N ASP F 58 -68.76 106.84 -15.71
CA ASP F 58 -70.06 106.45 -15.19
C ASP F 58 -70.13 106.68 -13.67
N LYS F 59 -69.06 106.31 -12.96
CA LYS F 59 -69.06 106.45 -11.51
C LYS F 59 -68.98 107.92 -11.08
N GLY F 60 -68.16 108.71 -11.77
CA GLY F 60 -67.94 110.10 -11.38
C GLY F 60 -68.68 111.09 -12.25
N ILE F 61 -67.95 111.88 -13.03
CA ILE F 61 -68.55 112.83 -13.97
C ILE F 61 -68.75 112.10 -15.28
N HIS F 62 -70.01 111.79 -15.59
CA HIS F 62 -70.39 111.22 -16.87
C HIS F 62 -70.83 112.30 -17.85
N HIS F 63 -70.66 113.58 -17.48
CA HIS F 63 -70.91 114.73 -18.37
C HIS F 63 -72.31 114.74 -18.96
N ARG F 64 -73.20 113.93 -18.39
CA ARG F 64 -74.57 113.80 -18.87
C ARG F 64 -75.50 113.75 -17.67
N LYS F 65 -76.74 114.18 -17.89
CA LYS F 65 -77.69 114.33 -16.79
C LYS F 65 -77.84 113.03 -16.01
N LEU F 66 -77.71 111.90 -16.70
CA LEU F 66 -77.89 110.61 -16.06
C LEU F 66 -76.93 110.41 -14.88
N LYS F 67 -75.81 111.13 -14.86
CA LYS F 67 -74.75 110.84 -13.91
C LYS F 67 -75.23 111.01 -12.46
N LYS F 68 -74.70 110.16 -11.58
CA LYS F 68 -74.93 110.27 -10.14
C LYS F 68 -76.41 110.27 -9.80
N SER F 69 -77.19 109.50 -10.55
CA SER F 69 -78.62 109.40 -10.28
C SER F 69 -78.87 108.64 -8.98
N LEU F 70 -79.70 109.20 -8.11
CA LEU F 70 -79.92 108.60 -6.80
C LEU F 70 -80.70 107.28 -6.89
N ILE F 71 -81.67 107.20 -7.81
CA ILE F 71 -82.36 105.94 -8.05
C ILE F 71 -81.38 104.87 -8.53
N ASP F 72 -80.38 105.28 -9.31
CA ASP F 72 -79.37 104.34 -9.76
C ASP F 72 -78.65 103.71 -8.59
N MET F 73 -78.35 104.50 -7.54
CA MET F 73 -77.72 103.95 -6.35
C MET F 73 -78.70 103.10 -5.54
N TYR F 74 -79.98 103.49 -5.53
CA TYR F 74 -80.97 102.65 -4.86
C TYR F 74 -81.03 101.25 -5.45
N SER F 75 -80.88 101.14 -6.77
CA SER F 75 -80.87 99.82 -7.38
C SER F 75 -79.77 98.95 -6.79
N GLU F 76 -78.56 99.51 -6.65
CA GLU F 76 -77.46 98.76 -6.06
C GLU F 76 -77.76 98.45 -4.60
N VAL F 77 -78.40 99.38 -3.89
CA VAL F 77 -78.73 99.14 -2.49
C VAL F 77 -79.62 97.91 -2.37
N LEU F 78 -80.69 97.86 -3.17
CA LEU F 78 -81.59 96.71 -3.08
C LEU F 78 -80.88 95.43 -3.51
N ASP F 79 -80.02 95.50 -4.52
CA ASP F 79 -79.30 94.31 -4.93
C ASP F 79 -78.42 93.77 -3.80
N VAL F 80 -77.75 94.66 -3.07
CA VAL F 80 -76.89 94.22 -1.97
C VAL F 80 -77.71 93.71 -0.79
N LEU F 81 -78.89 94.28 -0.55
CA LEU F 81 -79.78 93.65 0.44
C LEU F 81 -80.15 92.23 0.02
N SER F 82 -80.45 92.03 -1.26
CA SER F 82 -80.75 90.67 -1.71
C SER F 82 -79.57 89.75 -1.50
N ASP F 83 -78.36 90.23 -1.81
CA ASP F 83 -77.15 89.45 -1.58
C ASP F 83 -76.97 89.11 -0.10
N TYR F 84 -77.25 90.05 0.80
CA TYR F 84 -77.07 89.78 2.22
C TYR F 84 -77.93 88.61 2.67
N ASP F 85 -79.19 88.57 2.24
CA ASP F 85 -80.15 87.59 2.76
C ASP F 85 -81.02 87.09 1.61
N ALA F 86 -80.91 85.80 1.29
CA ALA F 86 -81.89 85.16 0.43
C ALA F 86 -83.28 85.22 1.05
N SER F 87 -83.36 85.05 2.37
CA SER F 87 -84.63 85.12 3.05
C SER F 87 -85.25 86.52 2.93
N TYR F 88 -86.58 86.54 2.82
CA TYR F 88 -87.32 87.75 2.46
C TYR F 88 -87.21 88.83 3.53
N ASN F 89 -87.02 88.43 4.79
CA ASN F 89 -87.16 89.35 5.92
C ASN F 89 -86.35 90.61 5.72
N THR F 90 -85.07 90.47 5.37
CA THR F 90 -84.20 91.65 5.23
C THR F 90 -84.43 92.38 3.93
N GLN F 91 -84.82 91.68 2.86
CA GLN F 91 -85.19 92.38 1.64
C GLN F 91 -86.41 93.27 1.88
N ASP F 92 -87.27 92.88 2.82
CA ASP F 92 -88.43 93.69 3.17
C ASP F 92 -88.03 94.94 3.94
N HIS F 93 -86.77 95.07 4.37
CA HIS F 93 -86.36 96.25 5.12
C HIS F 93 -86.50 97.52 4.28
N LEU F 94 -86.23 97.45 2.98
CA LEU F 94 -86.15 98.66 2.18
C LEU F 94 -87.24 98.70 1.10
N PRO F 95 -87.79 99.89 0.85
CA PRO F 95 -88.90 100.01 -0.11
C PRO F 95 -88.57 99.58 -1.53
N ARG F 96 -89.60 99.07 -2.21
CA ARG F 96 -89.60 98.83 -3.65
C ARG F 96 -91.07 98.77 -4.07
N VAL F 97 -91.32 98.82 -5.37
CA VAL F 97 -92.68 98.67 -5.89
C VAL F 97 -92.83 97.22 -6.35
N VAL F 98 -93.78 96.50 -5.77
CA VAL F 98 -94.03 95.10 -6.08
C VAL F 98 -95.32 95.03 -6.88
N VAL F 99 -95.26 94.46 -8.08
CA VAL F 99 -96.38 94.43 -9.01
C VAL F 99 -96.89 92.99 -9.06
N VAL F 100 -98.14 92.81 -8.64
CA VAL F 100 -98.82 91.51 -8.73
C VAL F 100 -99.96 91.68 -9.71
N GLY F 101 -100.39 90.58 -10.31
CA GLY F 101 -101.54 90.66 -11.20
C GLY F 101 -102.11 89.30 -11.50
N ASP F 102 -103.34 89.32 -12.02
CA ASP F 102 -103.99 88.10 -12.46
C ASP F 102 -103.20 87.49 -13.61
N GLN F 103 -103.11 86.16 -13.63
CA GLN F 103 -102.37 85.49 -14.67
C GLN F 103 -102.89 85.88 -16.05
N SER F 104 -101.96 86.24 -16.94
CA SER F 104 -102.29 86.60 -18.32
C SER F 104 -103.17 87.85 -18.37
N ALA F 105 -103.03 88.72 -17.38
CA ALA F 105 -103.78 89.98 -17.36
C ALA F 105 -103.11 91.07 -18.21
N GLY F 106 -101.93 90.81 -18.76
CA GLY F 106 -101.19 91.81 -19.50
C GLY F 106 -100.17 92.57 -18.67
N LYS F 107 -99.91 92.14 -17.44
CA LYS F 107 -99.05 92.86 -16.51
C LYS F 107 -97.69 93.19 -17.12
N THR F 108 -97.11 92.27 -17.90
CA THR F 108 -95.84 92.58 -18.55
C THR F 108 -95.98 93.70 -19.57
N SER F 109 -97.14 93.81 -20.24
CA SER F 109 -97.35 94.95 -21.12
C SER F 109 -97.40 96.25 -20.34
N VAL F 110 -98.01 96.25 -19.16
CA VAL F 110 -98.01 97.43 -18.30
C VAL F 110 -96.58 97.79 -17.90
N LEU F 111 -95.80 96.78 -17.50
CA LEU F 111 -94.44 97.04 -17.08
C LEU F 111 -93.57 97.51 -18.23
N GLU F 112 -93.88 97.06 -19.45
CA GLU F 112 -93.15 97.53 -20.63
C GLU F 112 -93.51 98.97 -20.95
N MET F 113 -94.78 99.33 -20.84
CA MET F 113 -95.16 100.72 -21.08
C MET F 113 -94.51 101.64 -20.06
N ILE F 114 -94.45 101.20 -18.79
CA ILE F 114 -93.79 102.00 -17.77
C ILE F 114 -92.29 102.08 -18.04
N ALA F 115 -91.68 100.96 -18.41
CA ALA F 115 -90.27 100.94 -18.79
C ALA F 115 -90.03 101.43 -20.21
N GLN F 116 -91.10 101.61 -21.00
CA GLN F 116 -91.01 102.18 -22.34
C GLN F 116 -90.18 101.31 -23.28
N ALA F 117 -90.13 100.00 -23.03
CA ALA F 117 -89.36 99.10 -23.86
C ALA F 117 -89.94 97.70 -23.78
N ARG F 118 -89.75 96.93 -24.85
CA ARG F 118 -90.22 95.53 -24.90
C ARG F 118 -89.20 94.64 -24.21
N ILE F 119 -89.16 94.75 -22.88
CA ILE F 119 -88.15 94.08 -22.06
C ILE F 119 -88.77 93.03 -21.16
N PHE F 120 -90.08 92.78 -21.25
CA PHE F 120 -90.72 91.77 -20.43
C PHE F 120 -91.29 90.67 -21.32
N PRO F 121 -91.38 89.43 -20.80
CA PRO F 121 -91.92 88.34 -21.62
C PRO F 121 -93.34 88.65 -22.09
N ARG F 122 -93.52 88.67 -23.40
CA ARG F 122 -94.81 88.98 -24.01
C ARG F 122 -95.30 87.77 -24.79
N GLY F 123 -96.54 87.37 -24.52
CA GLY F 123 -97.15 86.25 -25.21
C GLY F 123 -98.66 86.35 -25.15
N SER F 124 -99.32 85.58 -26.00
CA SER F 124 -100.77 85.60 -26.11
C SER F 124 -101.36 84.45 -25.32
N GLY F 125 -102.18 84.78 -24.33
CA GLY F 125 -102.94 83.78 -23.59
C GLY F 125 -102.10 82.71 -22.93
N GLU F 126 -101.03 83.10 -22.24
CA GLU F 126 -100.16 82.15 -21.57
C GLU F 126 -99.50 82.83 -20.39
N MET F 127 -99.08 82.01 -19.41
CA MET F 127 -98.30 82.54 -18.30
C MET F 127 -97.06 83.25 -18.84
N MET F 128 -96.92 84.52 -18.48
CA MET F 128 -95.83 85.36 -18.94
C MET F 128 -94.72 85.47 -17.89
N THR F 129 -95.09 85.80 -16.66
CA THR F 129 -94.14 85.83 -15.55
C THR F 129 -94.25 84.54 -14.75
N ARG F 130 -93.14 83.82 -14.63
CA ARG F 130 -93.07 82.62 -13.81
C ARG F 130 -92.03 82.69 -12.71
N SER F 131 -90.99 83.50 -12.88
CA SER F 131 -90.07 83.85 -11.81
C SER F 131 -89.96 85.37 -11.73
N PRO F 132 -90.07 85.95 -10.53
CA PRO F 132 -90.16 87.42 -10.45
C PRO F 132 -88.91 88.09 -10.98
N VAL F 133 -89.11 89.23 -11.64
CA VAL F 133 -88.00 89.98 -12.25
C VAL F 133 -88.09 91.44 -11.77
N LYS F 134 -87.02 91.92 -11.14
CA LYS F 134 -86.99 93.29 -10.63
C LYS F 134 -86.22 94.18 -11.60
N VAL F 135 -86.91 95.12 -12.22
CA VAL F 135 -86.32 96.10 -13.13
C VAL F 135 -86.41 97.47 -12.48
N THR F 136 -85.30 98.20 -12.45
CA THR F 136 -85.26 99.54 -11.89
C THR F 136 -85.18 100.56 -13.01
N LEU F 137 -86.03 101.56 -12.95
CA LEU F 137 -86.15 102.58 -13.99
C LEU F 137 -85.59 103.90 -13.49
N SER F 138 -84.70 104.48 -14.30
CA SER F 138 -84.03 105.75 -14.04
C SER F 138 -83.95 106.55 -15.34
N GLU F 139 -83.87 107.87 -15.21
CA GLU F 139 -83.79 108.75 -16.36
C GLU F 139 -82.42 108.67 -17.03
N GLY F 140 -82.39 108.84 -18.35
CA GLY F 140 -81.14 108.92 -19.08
C GLY F 140 -81.35 108.99 -20.58
N PRO F 141 -80.49 109.73 -21.28
CA PRO F 141 -80.65 109.86 -22.74
C PRO F 141 -80.42 108.56 -23.50
N HIS F 142 -79.74 107.59 -22.90
CA HIS F 142 -79.42 106.33 -23.57
C HIS F 142 -80.42 105.28 -23.08
N HIS F 143 -81.27 104.81 -23.98
CA HIS F 143 -82.33 103.86 -23.64
C HIS F 143 -81.73 102.46 -23.70
N VAL F 144 -81.09 102.06 -22.61
CA VAL F 144 -80.28 100.85 -22.57
C VAL F 144 -80.60 100.04 -21.32
N ALA F 145 -80.48 98.72 -21.44
CA ALA F 145 -80.70 97.79 -20.35
C ALA F 145 -79.42 97.01 -20.08
N LEU F 146 -79.18 96.66 -18.81
CA LEU F 146 -78.01 95.87 -18.46
C LEU F 146 -78.36 94.94 -17.30
N PHE F 147 -77.95 93.68 -17.42
CA PHE F 147 -78.14 92.72 -16.33
C PHE F 147 -77.13 92.95 -15.21
N LYS F 148 -77.56 92.61 -14.00
CA LYS F 148 -76.66 92.60 -12.85
C LYS F 148 -75.48 91.66 -13.10
N ASP F 149 -75.73 90.52 -13.76
CA ASP F 149 -74.79 89.42 -13.82
C ASP F 149 -74.00 89.36 -15.12
N SER F 150 -74.11 90.37 -15.98
CA SER F 150 -73.53 90.29 -17.33
C SER F 150 -72.86 91.61 -17.66
N SER F 151 -72.20 91.62 -18.83
CA SER F 151 -71.57 92.81 -19.37
C SER F 151 -72.23 93.29 -20.66
N ARG F 152 -73.19 92.54 -21.20
CA ARG F 152 -73.87 92.93 -22.42
C ARG F 152 -74.91 94.00 -22.11
N GLU F 153 -74.85 95.10 -22.85
CA GLU F 153 -75.88 96.12 -22.81
C GLU F 153 -76.82 95.91 -23.98
N PHE F 154 -78.12 96.07 -23.73
CA PHE F 154 -79.15 95.87 -24.73
C PHE F 154 -79.71 97.22 -25.12
N ASP F 155 -79.69 97.50 -26.43
CA ASP F 155 -80.26 98.74 -26.96
C ASP F 155 -81.77 98.55 -27.05
N LEU F 156 -82.51 99.39 -26.34
CA LEU F 156 -83.94 99.21 -26.18
C LEU F 156 -84.76 99.87 -27.28
N THR F 157 -84.10 100.41 -28.31
CA THR F 157 -84.76 100.98 -29.47
C THR F 157 -84.74 100.06 -30.68
N LYS F 158 -84.15 98.87 -30.55
CA LYS F 158 -83.95 97.97 -31.67
C LYS F 158 -84.43 96.57 -31.29
N GLU F 159 -85.10 95.91 -32.24
CA GLU F 159 -85.83 94.68 -31.92
C GLU F 159 -84.90 93.53 -31.63
N GLU F 160 -83.74 93.47 -32.30
CA GLU F 160 -82.85 92.33 -32.08
C GLU F 160 -82.40 92.26 -30.63
N ASP F 161 -81.95 93.38 -30.07
CA ASP F 161 -81.49 93.39 -28.68
C ASP F 161 -82.66 93.22 -27.72
N LEU F 162 -83.81 93.79 -28.04
CA LEU F 162 -84.98 93.62 -27.17
C LEU F 162 -85.40 92.16 -27.10
N ALA F 163 -85.41 91.47 -28.25
CA ALA F 163 -85.75 90.06 -28.27
C ALA F 163 -84.70 89.22 -27.55
N ALA F 164 -83.41 89.54 -27.76
CA ALA F 164 -82.38 88.83 -27.02
C ALA F 164 -82.56 89.00 -25.53
N LEU F 165 -82.88 90.22 -25.10
CA LEU F 165 -83.10 90.48 -23.68
C LEU F 165 -84.30 89.72 -23.15
N ARG F 166 -85.41 89.73 -23.90
CA ARG F 166 -86.61 89.03 -23.45
C ARG F 166 -86.35 87.54 -23.31
N HIS F 167 -85.68 86.94 -24.30
CA HIS F 167 -85.47 85.51 -24.27
C HIS F 167 -84.41 85.11 -23.25
N GLU F 168 -83.41 85.98 -23.03
CA GLU F 168 -82.46 85.73 -21.94
C GLU F 168 -83.17 85.78 -20.58
N ILE F 169 -84.09 86.72 -20.42
CA ILE F 169 -84.89 86.78 -19.20
C ILE F 169 -85.72 85.52 -19.05
N GLU F 170 -86.31 85.06 -20.15
CA GLU F 170 -87.07 83.80 -20.11
C GLU F 170 -86.20 82.64 -19.69
N LEU F 171 -84.98 82.55 -20.24
CA LEU F 171 -84.08 81.46 -19.90
C LEU F 171 -83.66 81.53 -18.44
N ARG F 172 -83.37 82.73 -17.95
CA ARG F 172 -83.02 82.90 -16.54
C ARG F 172 -84.19 82.52 -15.64
N MET F 173 -85.40 82.92 -16.04
CA MET F 173 -86.61 82.54 -15.32
C MET F 173 -86.72 81.04 -15.21
N ARG F 174 -86.52 80.34 -16.33
CA ARG F 174 -86.60 78.89 -16.32
C ARG F 174 -85.51 78.29 -15.46
N LYS F 175 -84.29 78.83 -15.54
CA LYS F 175 -83.16 78.33 -14.77
C LYS F 175 -83.33 78.55 -13.28
N ASN F 176 -84.25 79.43 -12.87
CA ASN F 176 -84.56 79.58 -11.46
C ASN F 176 -85.55 78.54 -10.96
N VAL F 177 -86.08 77.70 -11.83
CA VAL F 177 -87.13 76.74 -11.50
C VAL F 177 -86.55 75.33 -11.55
N LYS F 178 -86.83 74.53 -10.53
CA LYS F 178 -86.39 73.15 -10.52
C LYS F 178 -87.11 72.34 -11.61
N GLU F 179 -86.44 71.30 -12.10
CA GLU F 179 -87.00 70.45 -13.13
C GLU F 179 -88.34 69.86 -12.66
N GLY F 180 -89.34 69.92 -13.53
CA GLY F 180 -90.66 69.43 -13.22
C GLY F 180 -91.59 70.46 -12.63
N CYS F 181 -91.07 71.58 -12.13
CA CYS F 181 -91.85 72.69 -11.64
C CYS F 181 -91.81 73.83 -12.65
N THR F 182 -92.66 74.84 -12.41
CA THR F 182 -92.87 75.93 -13.34
C THR F 182 -92.56 77.31 -12.77
N VAL F 183 -92.58 77.47 -11.44
CA VAL F 183 -92.53 78.76 -10.80
C VAL F 183 -91.46 78.75 -9.71
N SER F 184 -90.74 79.87 -9.57
CA SER F 184 -89.65 79.98 -8.57
C SER F 184 -89.52 81.41 -8.03
N PRO F 185 -89.11 81.59 -6.77
CA PRO F 185 -89.04 82.95 -6.21
C PRO F 185 -87.87 83.78 -6.68
N GLU F 186 -86.79 83.16 -7.15
CA GLU F 186 -85.54 83.90 -7.38
C GLU F 186 -85.76 85.07 -8.32
N THR F 187 -85.22 86.23 -7.94
CA THR F 187 -85.49 87.49 -8.62
C THR F 187 -84.36 87.83 -9.60
N ILE F 188 -84.73 88.14 -10.84
CA ILE F 188 -83.78 88.61 -11.84
C ILE F 188 -83.69 90.12 -11.76
N SER F 189 -82.48 90.65 -11.75
CA SER F 189 -82.23 92.09 -11.62
C SER F 189 -81.72 92.65 -12.95
N LEU F 190 -82.49 93.58 -13.51
CA LEU F 190 -82.11 94.31 -14.72
C LEU F 190 -82.17 95.80 -14.43
N ASN F 191 -81.10 96.51 -14.75
CA ASN F 191 -81.06 97.97 -14.61
C ASN F 191 -81.34 98.57 -15.97
N VAL F 192 -82.45 99.32 -16.08
CA VAL F 192 -82.89 99.90 -17.34
C VAL F 192 -82.89 101.42 -17.19
N LYS F 193 -82.31 102.10 -18.16
CA LYS F 193 -82.28 103.55 -18.18
C LYS F 193 -82.77 104.04 -19.53
N GLY F 194 -83.39 105.22 -19.54
CA GLY F 194 -83.89 105.80 -20.76
C GLY F 194 -84.66 107.08 -20.50
N PRO F 195 -84.90 107.86 -21.55
CA PRO F 195 -85.58 109.15 -21.36
C PRO F 195 -87.03 108.95 -20.96
N GLY F 196 -87.49 109.79 -20.03
CA GLY F 196 -88.87 109.77 -19.57
C GLY F 196 -89.14 108.76 -18.49
N LEU F 197 -88.19 107.90 -18.15
CA LEU F 197 -88.38 106.93 -17.09
C LEU F 197 -88.39 107.63 -15.74
N GLN F 198 -89.22 107.11 -14.83
CA GLN F 198 -89.29 107.65 -13.49
C GLN F 198 -88.36 106.87 -12.58
N ARG F 199 -88.12 107.42 -11.40
CA ARG F 199 -87.34 106.74 -10.36
C ARG F 199 -88.17 105.65 -9.72
N MET F 200 -88.21 104.42 -10.27
CA MET F 200 -89.16 103.38 -9.80
C MET F 200 -88.63 101.95 -9.85
N VAL F 201 -88.25 101.34 -8.72
CA VAL F 201 -87.99 99.91 -8.74
C VAL F 201 -89.30 99.15 -8.87
N LEU F 202 -89.38 98.24 -9.85
CA LEU F 202 -90.60 97.52 -10.19
C LEU F 202 -90.31 96.03 -10.22
N VAL F 203 -91.06 95.25 -9.45
CA VAL F 203 -90.84 93.82 -9.31
C VAL F 203 -92.01 93.08 -9.94
N ASP F 204 -91.79 92.52 -11.13
CA ASP F 204 -92.75 91.59 -11.71
C ASP F 204 -92.80 90.31 -10.91
N LEU F 205 -94.01 89.77 -10.75
CA LEU F 205 -94.31 88.64 -9.91
C LEU F 205 -95.00 87.54 -10.71
N PRO F 206 -94.81 86.26 -10.35
CA PRO F 206 -95.57 85.19 -11.02
C PRO F 206 -97.07 85.43 -10.97
N GLY F 207 -97.74 85.35 -12.12
CA GLY F 207 -99.17 85.58 -12.18
C GLY F 207 -99.98 84.66 -11.29
N VAL F 208 -100.97 85.20 -10.59
CA VAL F 208 -101.78 84.43 -9.64
C VAL F 208 -102.94 83.79 -10.38
N ILE F 209 -103.30 82.58 -9.93
CA ILE F 209 -104.30 81.76 -10.60
C ILE F 209 -105.42 81.44 -9.61
N ASN F 210 -106.66 81.66 -10.03
CA ASN F 210 -107.79 81.14 -9.27
C ASN F 210 -107.68 79.63 -9.10
N THR F 211 -107.49 78.92 -10.21
CA THR F 211 -107.19 77.50 -10.19
C THR F 211 -106.21 77.18 -11.30
N VAL F 212 -105.46 76.10 -11.11
CA VAL F 212 -104.54 75.65 -12.15
C VAL F 212 -105.32 75.16 -13.36
N THR F 213 -104.90 75.59 -14.55
CA THR F 213 -105.38 74.96 -15.76
C THR F 213 -104.73 73.59 -15.90
N SER F 214 -105.39 72.71 -16.65
CA SER F 214 -104.95 71.32 -16.70
C SER F 214 -103.52 71.21 -17.22
N GLY F 215 -103.18 71.99 -18.24
CA GLY F 215 -101.84 71.92 -18.80
C GLY F 215 -100.77 72.29 -17.80
N MET F 216 -101.02 73.32 -17.00
CA MET F 216 -100.03 73.77 -16.04
C MET F 216 -99.87 72.79 -14.89
N ALA F 217 -98.67 72.75 -14.33
CA ALA F 217 -98.40 71.87 -13.20
C ALA F 217 -99.20 72.36 -11.98
N PRO F 218 -99.73 71.45 -11.17
CA PRO F 218 -100.45 71.91 -9.96
C PRO F 218 -99.58 72.72 -9.02
N ASP F 219 -98.30 72.35 -8.91
CA ASP F 219 -97.39 73.02 -7.99
C ASP F 219 -97.62 74.52 -7.95
N THR F 220 -97.72 75.13 -9.13
CA THR F 220 -97.68 76.58 -9.21
C THR F 220 -98.67 77.22 -8.25
N LYS F 221 -99.85 76.64 -8.07
CA LYS F 221 -100.87 77.33 -7.31
C LYS F 221 -100.40 77.61 -5.89
N GLU F 222 -99.76 76.62 -5.26
CA GLU F 222 -99.20 76.86 -3.93
C GLU F 222 -97.95 77.72 -4.03
N THR F 223 -97.11 77.47 -5.04
CA THR F 223 -95.87 78.22 -5.17
C THR F 223 -96.15 79.69 -5.46
N ILE F 224 -96.97 79.96 -6.47
CA ILE F 224 -97.11 81.33 -6.98
C ILE F 224 -97.48 82.28 -5.85
N PHE F 225 -98.49 81.93 -5.07
CA PHE F 225 -98.95 82.84 -4.03
C PHE F 225 -97.87 83.05 -2.99
N SER F 226 -97.21 81.97 -2.56
CA SER F 226 -96.18 82.13 -1.54
C SER F 226 -95.12 83.12 -2.00
N ILE F 227 -94.63 82.95 -3.23
CA ILE F 227 -93.66 83.87 -3.79
C ILE F 227 -94.19 85.28 -3.73
N SER F 228 -95.43 85.48 -4.18
CA SER F 228 -95.98 86.82 -4.17
C SER F 228 -95.97 87.39 -2.76
N LYS F 229 -96.40 86.59 -1.78
CA LYS F 229 -96.42 87.08 -0.42
C LYS F 229 -95.02 87.54 0.00
N ALA F 230 -94.00 86.74 -0.36
CA ALA F 230 -92.63 87.02 0.05
C ALA F 230 -92.27 88.47 -0.25
N TYR F 231 -92.74 88.97 -1.40
CA TYR F 231 -92.42 90.30 -1.87
C TYR F 231 -93.51 91.29 -1.53
N MET F 232 -94.76 90.80 -1.42
CA MET F 232 -95.91 91.65 -1.19
C MET F 232 -95.95 92.16 0.25
N GLN F 233 -95.51 91.33 1.20
CA GLN F 233 -95.60 91.63 2.62
C GLN F 233 -94.67 92.76 3.05
N ASN F 234 -93.72 93.13 2.20
CA ASN F 234 -92.76 94.18 2.54
C ASN F 234 -93.50 95.39 3.12
N PRO F 235 -93.34 95.70 4.41
CA PRO F 235 -94.05 96.84 4.98
C PRO F 235 -93.63 98.18 4.39
N ASN F 236 -92.52 98.23 3.66
CA ASN F 236 -92.03 99.46 3.08
C ASN F 236 -92.27 99.54 1.57
N ALA F 237 -93.10 98.67 1.01
CA ALA F 237 -93.26 98.56 -0.43
C ALA F 237 -94.66 98.99 -0.86
N ILE F 238 -94.76 99.42 -2.12
CA ILE F 238 -96.03 99.72 -2.75
C ILE F 238 -96.53 98.47 -3.46
N ILE F 239 -97.83 98.22 -3.38
CA ILE F 239 -98.47 97.12 -4.09
C ILE F 239 -99.15 97.67 -5.32
N LEU F 240 -98.70 97.25 -6.51
CA LEU F 240 -99.36 97.59 -7.75
C LEU F 240 -100.16 96.38 -8.22
N CYS F 241 -101.48 96.51 -8.21
CA CYS F 241 -102.40 95.40 -8.47
C CYS F 241 -102.92 95.50 -9.90
N ILE F 242 -102.63 94.47 -10.71
CA ILE F 242 -103.00 94.43 -12.11
C ILE F 242 -104.11 93.40 -12.25
N GLN F 243 -105.32 93.85 -12.58
CA GLN F 243 -106.48 92.96 -12.68
C GLN F 243 -107.06 93.04 -14.09
N ASP F 244 -107.48 91.88 -14.60
CA ASP F 244 -108.07 91.78 -15.93
C ASP F 244 -109.49 92.31 -15.88
N GLY F 245 -109.73 93.45 -16.52
CA GLY F 245 -111.03 94.09 -16.54
C GLY F 245 -111.88 93.75 -17.75
N SER F 246 -111.45 92.81 -18.59
CA SER F 246 -112.23 92.37 -19.73
C SER F 246 -112.88 91.01 -19.49
N VAL F 247 -112.88 90.53 -18.24
CA VAL F 247 -113.45 89.24 -17.89
C VAL F 247 -114.35 89.43 -16.68
N ASP F 248 -115.17 88.41 -16.41
CA ASP F 248 -115.99 88.43 -15.21
C ASP F 248 -115.11 88.58 -13.99
N ALA F 249 -115.27 89.69 -13.28
CA ALA F 249 -114.39 89.99 -12.14
C ALA F 249 -114.54 88.96 -11.03
N GLU F 250 -115.65 88.21 -11.00
CA GLU F 250 -115.81 87.17 -10.00
C GLU F 250 -114.73 86.11 -10.10
N ARG F 251 -114.14 85.95 -11.28
CA ARG F 251 -113.12 84.93 -11.51
C ARG F 251 -111.73 85.39 -11.09
N SER F 252 -111.55 86.66 -10.76
CA SER F 252 -110.24 87.19 -10.41
C SER F 252 -109.83 86.72 -9.02
N ILE F 253 -108.50 86.66 -8.80
CA ILE F 253 -107.96 86.24 -7.51
C ILE F 253 -106.89 87.18 -6.97
N VAL F 254 -106.32 88.09 -7.76
CA VAL F 254 -105.21 88.90 -7.27
C VAL F 254 -105.65 89.79 -6.12
N THR F 255 -106.88 90.29 -6.17
CA THR F 255 -107.33 91.24 -5.16
C THR F 255 -107.42 90.62 -3.78
N ASP F 256 -107.60 89.30 -3.69
CA ASP F 256 -107.64 88.66 -2.38
C ASP F 256 -106.25 88.63 -1.75
N LEU F 257 -105.22 88.32 -2.55
CA LEU F 257 -103.86 88.37 -2.06
C LEU F 257 -103.46 89.79 -1.70
N VAL F 258 -103.89 90.76 -2.52
CA VAL F 258 -103.57 92.16 -2.21
C VAL F 258 -104.21 92.57 -0.89
N SER F 259 -105.47 92.19 -0.67
CA SER F 259 -106.13 92.50 0.60
C SER F 259 -105.47 91.80 1.76
N GLN F 260 -104.94 90.59 1.54
CA GLN F 260 -104.21 89.89 2.60
C GLN F 260 -102.92 90.62 2.94
N MET F 261 -102.21 91.11 1.92
CA MET F 261 -100.88 91.66 2.13
C MET F 261 -100.93 93.13 2.55
N ASP F 262 -101.99 93.85 2.16
CA ASP F 262 -102.21 95.24 2.57
C ASP F 262 -103.68 95.41 2.91
N PRO F 263 -104.08 95.03 4.12
CA PRO F 263 -105.50 95.13 4.47
C PRO F 263 -106.06 96.54 4.42
N HIS F 264 -105.23 97.57 4.53
CA HIS F 264 -105.69 98.95 4.61
C HIS F 264 -105.35 99.78 3.38
N GLY F 265 -104.67 99.20 2.39
CA GLY F 265 -104.30 99.98 1.22
C GLY F 265 -103.30 101.08 1.53
N ARG F 266 -102.43 100.85 2.52
CA ARG F 266 -101.48 101.87 2.93
C ARG F 266 -100.55 102.28 1.79
N ARG F 267 -100.13 101.33 0.96
CA ARG F 267 -99.33 101.62 -0.23
C ARG F 267 -99.81 100.76 -1.40
N THR F 268 -101.12 100.73 -1.63
CA THR F 268 -101.71 99.89 -2.65
C THR F 268 -102.24 100.75 -3.80
N ILE F 269 -101.86 100.38 -5.02
CA ILE F 269 -102.33 101.03 -6.24
C ILE F 269 -102.96 99.96 -7.11
N PHE F 270 -104.21 100.19 -7.54
CA PHE F 270 -104.98 99.21 -8.30
C PHE F 270 -105.07 99.64 -9.76
N VAL F 271 -104.88 98.68 -10.67
CA VAL F 271 -104.90 98.93 -12.10
C VAL F 271 -105.73 97.84 -12.77
N LEU F 272 -106.61 98.25 -13.68
CA LEU F 272 -107.24 97.33 -14.61
C LEU F 272 -106.47 97.26 -15.91
N THR F 273 -106.52 96.10 -16.56
CA THR F 273 -105.82 95.87 -17.82
C THR F 273 -106.81 95.36 -18.87
N LYS F 274 -106.32 95.28 -20.10
CA LYS F 274 -107.12 94.83 -21.23
C LYS F 274 -108.35 95.73 -21.40
N VAL F 275 -108.17 97.02 -21.16
CA VAL F 275 -109.30 97.94 -21.23
C VAL F 275 -109.83 98.04 -22.66
N ASP F 276 -108.94 98.08 -23.65
CA ASP F 276 -109.41 98.11 -25.03
C ASP F 276 -110.23 96.87 -25.36
N LEU F 277 -109.75 95.70 -24.91
CA LEU F 277 -110.57 94.50 -25.03
C LEU F 277 -111.82 94.62 -24.19
N ALA F 278 -111.72 95.27 -23.02
CA ALA F 278 -112.87 95.43 -22.13
C ALA F 278 -113.99 96.24 -22.77
N GLU F 279 -113.68 97.08 -23.76
CA GLU F 279 -114.73 97.90 -24.37
C GLU F 279 -115.86 97.03 -24.91
N LYS F 280 -115.53 95.95 -25.60
CA LYS F 280 -116.52 94.99 -26.07
C LYS F 280 -116.74 93.86 -25.07
N ASN F 281 -115.90 93.73 -24.06
CA ASN F 281 -115.97 92.67 -23.07
C ASN F 281 -115.83 93.22 -21.66
N VAL F 282 -116.49 94.35 -21.39
CA VAL F 282 -116.34 95.01 -20.10
C VAL F 282 -116.77 94.08 -18.97
N ALA F 283 -116.00 94.07 -17.89
CA ALA F 283 -116.41 93.37 -16.68
C ALA F 283 -117.65 94.05 -16.11
N SER F 284 -118.63 93.23 -15.74
CA SER F 284 -119.92 93.78 -15.36
C SER F 284 -119.77 94.70 -14.15
N PRO F 285 -120.56 95.78 -14.06
CA PRO F 285 -120.45 96.68 -12.91
C PRO F 285 -120.56 95.96 -11.57
N SER F 286 -121.44 94.96 -11.48
CA SER F 286 -121.81 94.38 -10.20
C SER F 286 -120.65 93.70 -9.50
N ARG F 287 -119.56 93.43 -10.21
CA ARG F 287 -118.40 92.79 -9.62
C ARG F 287 -117.14 93.65 -9.74
N ILE F 288 -117.01 94.41 -10.83
CA ILE F 288 -115.79 95.20 -11.04
C ILE F 288 -115.85 96.52 -10.27
N GLN F 289 -117.02 97.16 -10.23
CA GLN F 289 -117.10 98.45 -9.53
C GLN F 289 -116.96 98.26 -8.03
N GLN F 290 -117.41 97.12 -7.50
CA GLN F 290 -117.19 96.81 -6.09
C GLN F 290 -115.73 96.53 -5.78
N ILE F 291 -114.93 96.18 -6.78
CA ILE F 291 -113.49 96.08 -6.61
C ILE F 291 -112.84 97.45 -6.68
N ILE F 292 -113.28 98.26 -7.65
CA ILE F 292 -112.75 99.62 -7.78
C ILE F 292 -113.07 100.44 -6.54
N GLU F 293 -114.24 100.20 -5.94
CA GLU F 293 -114.64 100.92 -4.74
C GLU F 293 -114.16 100.24 -3.46
N GLY F 294 -113.47 99.11 -3.56
CA GLY F 294 -112.98 98.42 -2.38
C GLY F 294 -114.08 97.81 -1.54
N LYS F 295 -115.15 97.33 -2.15
CA LYS F 295 -116.28 96.76 -1.45
C LYS F 295 -116.42 95.26 -1.62
N LEU F 296 -116.12 94.72 -2.81
CA LEU F 296 -116.15 93.28 -2.99
C LEU F 296 -115.00 92.62 -2.25
N PHE F 297 -113.87 93.32 -2.14
CA PHE F 297 -112.70 92.84 -1.44
C PHE F 297 -112.23 93.87 -0.42
N PRO F 298 -111.61 93.45 0.68
CA PRO F 298 -111.11 94.42 1.66
C PRO F 298 -110.06 95.36 1.10
N MET F 299 -109.51 95.05 -0.07
CA MET F 299 -108.45 95.87 -0.67
C MET F 299 -108.89 97.32 -0.78
N LYS F 300 -108.15 98.20 -0.10
CA LYS F 300 -108.20 99.62 -0.35
C LYS F 300 -106.97 100.02 -1.14
N ALA F 301 -107.01 101.22 -1.72
CA ALA F 301 -105.94 101.63 -2.62
C ALA F 301 -105.74 103.13 -2.55
N LEU F 302 -104.56 103.57 -2.99
CA LEU F 302 -104.26 104.99 -3.17
C LEU F 302 -104.97 105.55 -4.39
N GLY F 303 -105.59 104.70 -5.19
CA GLY F 303 -106.30 105.09 -6.39
C GLY F 303 -106.50 103.88 -7.28
N TYR F 304 -107.59 103.90 -8.02
CA TYR F 304 -107.98 102.77 -8.86
C TYR F 304 -107.78 103.17 -10.30
N PHE F 305 -106.80 102.56 -10.95
CA PHE F 305 -106.29 102.97 -12.24
C PHE F 305 -106.66 101.92 -13.29
N ALA F 306 -106.32 102.23 -14.54
CA ALA F 306 -106.47 101.26 -15.61
C ALA F 306 -105.56 101.63 -16.76
N VAL F 307 -104.95 100.62 -17.37
CA VAL F 307 -104.11 100.79 -18.55
C VAL F 307 -104.47 99.69 -19.54
N VAL F 308 -104.14 99.92 -20.80
CA VAL F 308 -104.39 98.95 -21.85
C VAL F 308 -103.11 98.16 -22.08
N THR F 309 -103.27 96.87 -22.35
CA THR F 309 -102.13 95.98 -22.53
C THR F 309 -102.02 95.46 -23.96
N GLY F 310 -102.90 95.89 -24.85
CA GLY F 310 -102.97 95.42 -26.22
C GLY F 310 -104.28 94.72 -26.50
N LYS F 311 -104.33 94.09 -27.67
CA LYS F 311 -105.47 93.27 -28.06
C LYS F 311 -105.16 91.78 -28.02
N GLY F 312 -104.15 91.39 -27.24
CA GLY F 312 -103.73 90.00 -27.17
C GLY F 312 -102.57 89.67 -28.07
N ASN F 313 -102.24 90.54 -29.03
CA ASN F 313 -101.05 90.34 -29.84
C ASN F 313 -99.80 90.62 -29.01
N SER F 314 -98.79 89.79 -29.19
CA SER F 314 -97.59 89.85 -28.36
C SER F 314 -96.53 90.79 -28.88
N SER F 315 -96.60 91.18 -30.15
CA SER F 315 -95.58 92.03 -30.77
C SER F 315 -95.92 93.52 -30.71
N GLU F 316 -97.05 93.89 -30.11
CA GLU F 316 -97.46 95.29 -30.11
C GLU F 316 -96.41 96.18 -29.46
N SER F 317 -96.18 97.33 -30.08
CA SER F 317 -95.20 98.29 -29.60
C SER F 317 -95.76 99.10 -28.43
N ILE F 318 -94.87 99.85 -27.78
CA ILE F 318 -95.27 100.72 -26.68
C ILE F 318 -96.21 101.81 -27.16
N GLU F 319 -95.83 102.50 -28.24
CA GLU F 319 -96.60 103.63 -28.74
C GLU F 319 -97.99 103.20 -29.18
N ALA F 320 -98.09 102.08 -29.89
CA ALA F 320 -99.41 101.59 -30.31
C ALA F 320 -100.31 101.40 -29.10
N ILE F 321 -99.81 100.67 -28.10
CA ILE F 321 -100.62 100.36 -26.92
C ILE F 321 -101.08 101.64 -26.25
N ARG F 322 -100.18 102.61 -26.11
CA ARG F 322 -100.57 103.87 -25.48
C ARG F 322 -101.64 104.60 -26.28
N GLU F 323 -101.51 104.60 -27.61
CA GLU F 323 -102.54 105.22 -28.45
C GLU F 323 -103.88 104.54 -28.24
N TYR F 324 -103.87 103.21 -28.19
CA TYR F 324 -105.13 102.49 -28.03
C TYR F 324 -105.72 102.84 -26.67
N GLU F 325 -104.86 102.99 -25.67
CA GLU F 325 -105.27 103.40 -24.32
C GLU F 325 -106.02 104.73 -24.37
N GLU F 326 -105.46 105.69 -25.10
CA GLU F 326 -106.08 107.00 -25.15
C GLU F 326 -107.45 106.94 -25.82
N GLU F 327 -107.55 106.20 -26.94
CA GLU F 327 -108.85 106.06 -27.59
C GLU F 327 -109.86 105.43 -26.64
N PHE F 328 -109.49 104.32 -25.99
CA PHE F 328 -110.41 103.64 -25.10
C PHE F 328 -110.91 104.57 -24.01
N PHE F 329 -109.98 105.21 -23.28
CA PHE F 329 -110.39 106.02 -22.15
C PHE F 329 -111.14 107.29 -22.57
N GLN F 330 -110.94 107.76 -23.81
CA GLN F 330 -111.82 108.82 -24.29
C GLN F 330 -113.24 108.32 -24.52
N ASN F 331 -113.41 107.07 -25.02
CA ASN F 331 -114.73 106.67 -25.51
C ASN F 331 -115.46 105.63 -24.66
N SER F 332 -114.82 104.98 -23.69
CA SER F 332 -115.35 103.74 -23.16
C SER F 332 -115.96 103.89 -21.75
N LYS F 333 -116.46 102.75 -21.26
CA LYS F 333 -117.32 102.72 -20.07
C LYS F 333 -116.54 102.99 -18.78
N LEU F 334 -115.24 102.71 -18.75
CA LEU F 334 -114.51 102.81 -17.50
C LEU F 334 -114.63 104.20 -16.88
N LEU F 335 -114.82 105.22 -17.71
CA LEU F 335 -115.02 106.59 -17.22
C LEU F 335 -116.45 107.10 -17.36
N LYS F 336 -117.14 106.76 -18.45
CA LYS F 336 -118.45 107.36 -18.69
C LYS F 336 -119.44 107.02 -17.58
N THR F 337 -119.27 105.86 -16.94
CA THR F 337 -120.12 105.43 -15.84
C THR F 337 -119.45 105.63 -14.49
N SER F 338 -118.32 106.31 -14.45
CA SER F 338 -117.71 106.76 -13.20
C SER F 338 -117.38 105.60 -12.28
N MET F 339 -116.58 104.65 -12.78
CA MET F 339 -115.94 103.68 -11.90
C MET F 339 -114.53 104.13 -11.54
N LEU F 340 -113.71 104.37 -12.56
CA LEU F 340 -112.34 104.82 -12.39
C LEU F 340 -112.29 106.34 -12.49
N LYS F 341 -111.23 106.91 -11.94
CA LYS F 341 -111.05 108.35 -11.92
C LYS F 341 -110.26 108.78 -13.15
N ALA F 342 -110.67 109.90 -13.76
CA ALA F 342 -110.07 110.33 -15.00
C ALA F 342 -108.58 110.61 -14.85
N HIS F 343 -108.17 111.15 -13.70
CA HIS F 343 -106.76 111.41 -13.44
C HIS F 343 -105.97 110.16 -13.07
N GLN F 344 -106.63 109.01 -13.00
CA GLN F 344 -106.00 107.76 -12.64
C GLN F 344 -105.99 106.73 -13.78
N VAL F 345 -106.21 107.16 -15.02
CA VAL F 345 -106.20 106.24 -16.15
C VAL F 345 -105.11 106.67 -17.13
N THR F 346 -104.75 105.73 -18.01
CA THR F 346 -103.69 105.92 -19.00
C THR F 346 -102.33 105.65 -18.38
N THR F 347 -101.33 105.34 -19.22
CA THR F 347 -100.03 104.92 -18.71
C THR F 347 -99.35 106.02 -17.91
N ARG F 348 -99.39 107.25 -18.40
CA ARG F 348 -98.61 108.32 -17.79
C ARG F 348 -99.08 108.60 -16.36
N ASN F 349 -100.38 108.59 -16.13
CA ASN F 349 -100.89 108.90 -14.79
C ASN F 349 -100.51 107.83 -13.80
N LEU F 350 -100.61 106.56 -14.20
CA LEU F 350 -100.21 105.47 -13.33
C LEU F 350 -98.72 105.54 -13.02
N SER F 351 -97.90 105.78 -14.06
CA SER F 351 -96.46 105.84 -13.85
C SER F 351 -96.10 106.97 -12.91
N LEU F 352 -96.70 108.15 -13.09
CA LEU F 352 -96.37 109.28 -12.24
C LEU F 352 -96.84 109.06 -10.80
N ALA F 353 -98.04 108.49 -10.63
CA ALA F 353 -98.51 108.22 -9.28
C ALA F 353 -97.58 107.22 -8.58
N VAL F 354 -97.18 106.16 -9.28
CA VAL F 354 -96.30 105.18 -8.68
C VAL F 354 -94.95 105.79 -8.33
N SER F 355 -94.38 106.59 -9.22
CA SER F 355 -93.08 107.19 -8.93
C SER F 355 -93.15 108.12 -7.73
N ASP F 356 -94.19 108.94 -7.66
CA ASP F 356 -94.29 109.91 -6.57
C ASP F 356 -94.46 109.18 -5.24
N CYS F 357 -95.42 108.25 -5.18
CA CYS F 357 -95.63 107.52 -3.94
C CYS F 357 -94.39 106.72 -3.57
N PHE F 358 -93.76 106.10 -4.58
CA PHE F 358 -92.57 105.29 -4.33
C PHE F 358 -91.46 106.13 -3.74
N TRP F 359 -91.13 107.26 -4.37
CA TRP F 359 -89.95 107.97 -3.92
C TRP F 359 -90.21 108.71 -2.61
N LYS F 360 -91.45 109.15 -2.33
CA LYS F 360 -91.71 109.65 -1.00
C LYS F 360 -91.55 108.57 0.06
N MET F 361 -92.10 107.39 -0.20
CA MET F 361 -91.93 106.26 0.70
C MET F 361 -90.44 105.93 0.86
N VAL F 362 -89.67 106.05 -0.21
CA VAL F 362 -88.23 105.81 -0.15
C VAL F 362 -87.56 106.83 0.77
N ARG F 363 -87.82 108.12 0.56
CA ARG F 363 -87.17 109.12 1.40
C ARG F 363 -87.52 108.91 2.86
N GLU F 364 -88.74 108.49 3.15
CA GLU F 364 -89.13 108.30 4.55
C GLU F 364 -88.56 107.03 5.16
N SER F 365 -88.51 105.94 4.40
CA SER F 365 -88.17 104.64 4.98
C SER F 365 -86.70 104.27 4.83
N VAL F 366 -86.04 104.72 3.76
CA VAL F 366 -84.67 104.29 3.53
C VAL F 366 -83.72 104.96 4.51
N GLU F 367 -83.97 106.21 4.88
CA GLU F 367 -83.09 106.84 5.87
C GLU F 367 -83.17 106.13 7.21
N GLN F 368 -84.39 105.82 7.67
CA GLN F 368 -84.53 105.09 8.92
C GLN F 368 -83.87 103.72 8.82
N GLN F 369 -84.08 103.01 7.71
CA GLN F 369 -83.52 101.67 7.59
C GLN F 369 -82.03 101.72 7.32
N ALA F 370 -81.51 102.84 6.82
CA ALA F 370 -80.08 102.98 6.60
C ALA F 370 -79.35 103.25 7.92
N ASP F 371 -79.94 104.07 8.77
CA ASP F 371 -79.44 104.15 10.15
C ASP F 371 -79.52 102.78 10.79
N SER F 372 -80.61 102.06 10.55
CA SER F 372 -80.75 100.71 11.06
C SER F 372 -79.75 99.74 10.45
N PHE F 373 -79.28 100.01 9.22
CA PHE F 373 -78.28 99.14 8.60
C PHE F 373 -76.87 99.47 9.09
N LYS F 374 -76.60 100.72 9.45
CA LYS F 374 -75.41 100.99 10.24
C LYS F 374 -75.47 100.19 11.52
N ALA F 375 -76.63 100.25 12.19
CA ALA F 375 -76.86 99.45 13.38
C ALA F 375 -76.69 97.97 13.07
N THR F 376 -77.12 97.54 11.89
CA THR F 376 -77.05 96.12 11.52
C THR F 376 -75.60 95.67 11.37
N ARG F 377 -74.76 96.51 10.77
CA ARG F 377 -73.35 96.13 10.63
C ARG F 377 -72.66 96.11 11.99
N PHE F 378 -72.96 97.09 12.86
CA PHE F 378 -72.42 96.99 14.22
C PHE F 378 -72.98 95.77 14.95
N ASN F 379 -74.23 95.41 14.68
CA ASN F 379 -74.83 94.24 15.32
C ASN F 379 -74.12 92.98 14.89
N LEU F 380 -73.81 92.86 13.61
CA LEU F 380 -73.02 91.72 13.14
C LEU F 380 -71.63 91.74 13.75
N GLU F 381 -71.06 92.93 13.95
CA GLU F 381 -69.77 93.01 14.62
C GLU F 381 -69.86 92.47 16.04
N THR F 382 -70.94 92.81 16.74
CA THR F 382 -71.14 92.42 18.13
C THR F 382 -71.05 90.91 18.27
N GLU F 383 -71.94 90.18 17.58
CA GLU F 383 -71.93 88.73 17.68
C GLU F 383 -70.64 88.14 17.10
N TRP F 384 -70.21 88.62 15.92
CA TRP F 384 -69.09 87.97 15.25
C TRP F 384 -67.83 88.02 16.09
N LYS F 385 -67.50 89.20 16.66
CA LYS F 385 -66.27 89.32 17.41
C LYS F 385 -66.28 88.39 18.63
N ASN F 386 -67.43 88.26 19.29
CA ASN F 386 -67.55 87.30 20.37
C ASN F 386 -67.32 85.88 19.87
N ASN F 387 -67.88 85.55 18.71
CA ASN F 387 -67.74 84.20 18.18
C ASN F 387 -66.29 83.88 17.83
N TYR F 388 -65.63 84.78 17.11
CA TYR F 388 -64.27 84.55 16.61
C TYR F 388 -63.42 85.79 16.87
N PRO F 389 -63.09 86.04 18.14
CA PRO F 389 -62.22 87.19 18.44
C PRO F 389 -60.84 87.07 17.81
N ARG F 390 -60.24 85.88 17.85
CA ARG F 390 -58.90 85.70 17.30
C ARG F 390 -58.90 85.81 15.78
N LEU F 391 -59.91 85.24 15.12
CA LEU F 391 -59.94 85.12 13.67
C LEU F 391 -61.18 85.81 13.12
N ARG F 392 -61.01 86.57 12.04
CA ARG F 392 -62.10 87.33 11.44
C ARG F 392 -62.38 86.84 10.03
N GLU F 393 -63.67 86.80 9.68
CA GLU F 393 -64.17 86.41 8.36
C GLU F 393 -63.42 85.22 7.77
N LEU F 394 -63.39 84.12 8.50
CA LEU F 394 -62.88 82.86 7.98
C LEU F 394 -63.90 82.09 7.13
N ASP F 395 -63.40 81.50 6.04
CA ASP F 395 -64.21 80.72 5.12
C ASP F 395 -63.89 79.24 5.01
N ARG F 396 -64.88 78.44 4.63
CA ARG F 396 -64.75 76.99 4.74
C ARG F 396 -63.73 76.50 3.72
N ASN F 397 -63.65 77.16 2.55
CA ASN F 397 -62.65 76.77 1.56
C ASN F 397 -61.23 77.03 2.05
N GLU F 398 -61.02 78.18 2.70
CA GLU F 398 -59.74 78.47 3.33
C GLU F 398 -59.41 77.42 4.38
N LEU F 399 -60.41 77.05 5.17
CA LEU F 399 -60.24 76.03 6.20
C LEU F 399 -59.84 74.70 5.58
N PHE F 400 -60.46 74.35 4.45
CA PHE F 400 -60.12 73.11 3.77
C PHE F 400 -58.67 73.12 3.29
N GLU F 401 -58.24 74.23 2.70
CA GLU F 401 -56.86 74.29 2.24
C GLU F 401 -55.89 74.14 3.41
N LYS F 402 -56.19 74.82 4.52
CA LYS F 402 -55.35 74.70 5.71
C LYS F 402 -55.30 73.26 6.21
N ALA F 403 -56.47 72.60 6.26
CA ALA F 403 -56.52 71.22 6.71
C ALA F 403 -55.76 70.30 5.77
N LYS F 404 -55.86 70.54 4.47
CA LYS F 404 -55.11 69.74 3.50
C LYS F 404 -53.62 69.85 3.76
N ASN F 405 -53.13 71.08 3.96
CA ASN F 405 -51.71 71.25 4.24
C ASN F 405 -51.32 70.52 5.51
N GLU F 406 -52.12 70.67 6.57
CA GLU F 406 -51.79 70.03 7.84
C GLU F 406 -51.78 68.51 7.71
N ILE F 407 -52.75 67.96 6.99
CA ILE F 407 -52.86 66.50 6.88
C ILE F 407 -51.71 65.94 6.07
N LEU F 408 -51.35 66.61 4.96
CA LEU F 408 -50.21 66.12 4.19
C LEU F 408 -48.92 66.23 5.00
N ASP F 409 -48.81 67.30 5.80
CA ASP F 409 -47.67 67.42 6.70
C ASP F 409 -47.66 66.29 7.73
N GLU F 410 -48.84 65.89 8.20
CA GLU F 410 -48.91 64.77 9.15
C GLU F 410 -48.44 63.47 8.49
N VAL F 411 -48.78 63.27 7.21
CA VAL F 411 -48.26 62.11 6.50
C VAL F 411 -46.72 62.17 6.46
N ILE F 412 -46.18 63.35 6.15
CA ILE F 412 -44.73 63.49 6.09
C ILE F 412 -44.13 63.20 7.48
N SER F 413 -44.79 63.67 8.54
CA SER F 413 -44.33 63.38 9.89
C SER F 413 -44.36 61.89 10.17
N LEU F 414 -45.38 61.20 9.65
CA LEU F 414 -45.42 59.75 9.74
C LEU F 414 -44.18 59.13 9.12
N SER F 415 -43.74 59.66 7.96
CA SER F 415 -42.47 59.21 7.31
C SER F 415 -41.33 59.44 8.32
N GLN F 416 -41.41 60.51 9.14
CA GLN F 416 -40.35 60.85 10.07
C GLN F 416 -40.29 59.92 11.29
N VAL F 417 -41.30 59.08 11.49
CA VAL F 417 -41.25 58.15 12.61
C VAL F 417 -40.01 57.29 12.50
N THR F 418 -39.33 57.10 13.61
CA THR F 418 -38.05 56.41 13.58
C THR F 418 -38.27 54.96 13.15
N PRO F 419 -37.34 54.39 12.37
CA PRO F 419 -37.52 53.00 11.93
C PRO F 419 -37.68 52.03 13.08
N LYS F 420 -36.95 52.25 14.18
CA LYS F 420 -37.06 51.35 15.32
C LYS F 420 -38.46 51.35 15.90
N HIS F 421 -39.14 52.50 15.86
CA HIS F 421 -40.51 52.54 16.37
C HIS F 421 -41.41 51.59 15.58
N TRP F 422 -41.34 51.67 14.24
CA TRP F 422 -42.14 50.79 13.41
C TRP F 422 -41.77 49.34 13.64
N GLU F 423 -40.46 49.05 13.68
CA GLU F 423 -40.00 47.67 13.86
C GLU F 423 -40.44 47.13 15.21
N GLU F 424 -40.38 47.94 16.25
CA GLU F 424 -40.80 47.50 17.58
C GLU F 424 -42.28 47.14 17.58
N ILE F 425 -43.12 48.01 17.02
CA ILE F 425 -44.55 47.71 16.97
C ILE F 425 -44.78 46.42 16.20
N LEU F 426 -44.14 46.29 15.04
CA LEU F 426 -44.35 45.13 14.18
C LEU F 426 -43.92 43.85 14.87
N GLN F 427 -42.73 43.86 15.49
CA GLN F 427 -42.23 42.65 16.13
C GLN F 427 -43.06 42.26 17.35
N GLN F 428 -43.44 43.23 18.17
CA GLN F 428 -44.23 42.88 19.35
C GLN F 428 -45.56 42.27 18.93
N SER F 429 -46.23 42.90 17.96
CA SER F 429 -47.49 42.33 17.47
C SER F 429 -47.26 40.96 16.86
N LEU F 430 -46.18 40.80 16.11
CA LEU F 430 -45.91 39.51 15.46
C LEU F 430 -45.69 38.41 16.48
N TRP F 431 -44.95 38.71 17.54
CA TRP F 431 -44.72 37.71 18.58
C TRP F 431 -45.98 37.38 19.35
N GLU F 432 -46.85 38.37 19.57
CA GLU F 432 -48.13 38.07 20.22
C GLU F 432 -48.95 37.09 19.41
N ARG F 433 -48.70 37.01 18.10
CA ARG F 433 -49.55 36.23 17.20
C ARG F 433 -49.13 34.76 17.12
N VAL F 434 -47.98 34.39 17.68
CA VAL F 434 -47.42 33.06 17.42
C VAL F 434 -46.97 32.35 18.69
N SER F 435 -46.63 33.13 19.73
CA SER F 435 -45.98 32.53 20.90
C SER F 435 -46.84 31.43 21.53
N THR F 436 -48.14 31.68 21.65
CA THR F 436 -49.03 30.65 22.17
C THR F 436 -48.99 29.42 21.27
N HIS F 437 -48.99 29.64 19.95
CA HIS F 437 -48.84 28.53 19.02
C HIS F 437 -47.45 27.91 19.12
N VAL F 438 -46.42 28.73 19.35
CA VAL F 438 -45.07 28.20 19.47
C VAL F 438 -45.02 27.15 20.57
N ILE F 439 -45.59 27.45 21.73
CA ILE F 439 -45.51 26.48 22.83
C ILE F 439 -46.55 25.38 22.65
N GLU F 440 -47.78 25.73 22.30
CA GLU F 440 -48.86 24.74 22.28
C GLU F 440 -48.64 23.70 21.18
N ASN F 441 -48.19 24.13 20.00
CA ASN F 441 -48.10 23.26 18.84
C ASN F 441 -46.71 22.66 18.63
N ILE F 442 -45.66 23.35 19.04
CA ILE F 442 -44.28 22.90 18.85
C ILE F 442 -43.66 22.44 20.16
N TYR F 443 -43.53 23.36 21.12
CA TYR F 443 -42.67 23.10 22.27
C TYR F 443 -43.18 21.91 23.09
N LEU F 444 -44.47 21.91 23.41
CA LEU F 444 -45.02 20.86 24.26
C LEU F 444 -44.83 19.48 23.65
N PRO F 445 -45.28 19.22 22.41
CA PRO F 445 -45.03 17.89 21.83
C PRO F 445 -43.57 17.63 21.50
N ALA F 446 -42.81 18.66 21.15
CA ALA F 446 -41.42 18.45 20.77
C ALA F 446 -40.57 18.08 21.97
N ALA F 447 -40.77 18.78 23.09
CA ALA F 447 -39.92 18.61 24.27
C ALA F 447 -40.20 17.31 25.02
N GLN F 448 -41.26 16.59 24.68
CA GLN F 448 -41.59 15.34 25.35
C GLN F 448 -40.93 14.13 24.71
N THR F 449 -40.14 14.32 23.68
CA THR F 449 -39.56 13.19 22.97
C THR F 449 -38.37 12.61 23.73
N MET F 450 -38.05 11.36 23.42
CA MET F 450 -36.82 10.71 23.87
C MET F 450 -35.72 10.80 22.81
N ASN F 451 -35.98 11.53 21.72
CA ASN F 451 -35.04 11.64 20.62
C ASN F 451 -35.15 13.07 20.08
N SER F 452 -34.10 13.87 20.30
CA SER F 452 -34.16 15.27 19.92
C SER F 452 -34.38 15.46 18.43
N GLY F 453 -34.11 14.45 17.61
CA GLY F 453 -34.43 14.53 16.20
C GLY F 453 -35.92 14.68 15.96
N THR F 454 -36.74 14.02 16.77
CA THR F 454 -38.19 14.18 16.64
C THR F 454 -38.68 15.48 17.26
N PHE F 455 -37.98 15.98 18.28
CA PHE F 455 -38.20 17.34 18.73
C PHE F 455 -38.04 18.33 17.58
N ASN F 456 -36.90 18.26 16.88
CA ASN F 456 -36.66 19.18 15.79
C ASN F 456 -37.58 18.90 14.61
N THR F 457 -38.00 17.64 14.43
CA THR F 457 -38.94 17.33 13.36
C THR F 457 -40.30 17.97 13.61
N THR F 458 -40.78 17.90 14.86
CA THR F 458 -42.02 18.60 15.20
C THR F 458 -41.87 20.10 14.97
N VAL F 459 -40.74 20.64 15.44
CA VAL F 459 -40.41 22.04 15.18
C VAL F 459 -40.58 22.36 13.70
N ASP F 460 -39.89 21.60 12.85
CA ASP F 460 -39.84 21.93 11.43
C ASP F 460 -41.18 21.74 10.76
N ILE F 461 -41.93 20.71 11.15
CA ILE F 461 -43.26 20.51 10.58
C ILE F 461 -44.11 21.75 10.81
N LYS F 462 -44.21 22.17 12.08
CA LYS F 462 -45.08 23.30 12.39
C LYS F 462 -44.57 24.59 11.76
N LEU F 463 -43.27 24.82 11.85
CA LEU F 463 -42.70 26.07 11.33
C LEU F 463 -42.84 26.15 9.82
N LYS F 464 -42.60 25.05 9.12
CA LYS F 464 -42.70 25.07 7.66
C LYS F 464 -44.13 25.27 7.23
N GLN F 465 -45.09 24.60 7.89
CA GLN F 465 -46.48 24.82 7.54
C GLN F 465 -46.88 26.28 7.76
N TRP F 466 -46.50 26.85 8.91
CA TRP F 466 -46.86 28.23 9.21
C TRP F 466 -46.22 29.19 8.22
N THR F 467 -44.93 28.99 7.91
CA THR F 467 -44.24 29.86 6.98
C THR F 467 -44.87 29.79 5.60
N ASP F 468 -45.21 28.59 5.15
CA ASP F 468 -45.75 28.44 3.81
C ASP F 468 -47.13 29.08 3.70
N LYS F 469 -47.98 28.89 4.71
CA LYS F 469 -49.39 29.28 4.57
C LYS F 469 -49.86 30.33 5.56
N GLN F 470 -49.12 30.62 6.62
CA GLN F 470 -49.60 31.56 7.64
C GLN F 470 -48.77 32.82 7.76
N LEU F 471 -47.46 32.70 8.02
CA LEU F 471 -46.69 33.85 8.44
C LEU F 471 -46.76 35.01 7.45
N PRO F 472 -46.62 34.82 6.13
CA PRO F 472 -46.74 35.95 5.21
C PRO F 472 -48.11 36.58 5.18
N ASN F 473 -49.13 35.93 5.76
CA ASN F 473 -50.47 36.49 5.84
C ASN F 473 -50.70 37.24 7.14
N LYS F 474 -50.10 36.76 8.25
CA LYS F 474 -50.20 37.49 9.50
C LYS F 474 -49.36 38.75 9.48
N ALA F 475 -48.18 38.69 8.86
CA ALA F 475 -47.26 39.82 8.89
C ALA F 475 -47.85 41.03 8.16
N VAL F 476 -48.52 40.80 7.03
CA VAL F 476 -49.09 41.92 6.28
C VAL F 476 -50.25 42.52 7.05
N GLU F 477 -51.05 41.69 7.73
CA GLU F 477 -52.11 42.23 8.57
C GLU F 477 -51.52 43.12 9.65
N VAL F 478 -50.48 42.63 10.33
CA VAL F 478 -49.86 43.41 11.39
C VAL F 478 -49.36 44.73 10.85
N ALA F 479 -48.66 44.70 9.72
CA ALA F 479 -48.02 45.92 9.21
C ALA F 479 -49.04 46.94 8.73
N TRP F 480 -50.06 46.50 7.97
CA TRP F 480 -50.98 47.48 7.42
C TRP F 480 -51.89 48.03 8.51
N GLU F 481 -52.27 47.18 9.49
CA GLU F 481 -52.99 47.70 10.65
C GLU F 481 -52.13 48.68 11.43
N THR F 482 -50.82 48.40 11.58
CA THR F 482 -49.94 49.29 12.31
C THR F 482 -49.84 50.64 11.61
N LEU F 483 -49.70 50.63 10.28
CA LEU F 483 -49.63 51.89 9.55
C LEU F 483 -50.94 52.65 9.69
N GLN F 484 -52.07 51.95 9.57
CA GLN F 484 -53.35 52.63 9.72
C GLN F 484 -53.49 53.25 11.11
N GLU F 485 -53.07 52.52 12.14
CA GLU F 485 -53.23 53.00 13.51
C GLU F 485 -52.33 54.19 13.79
N GLU F 486 -51.06 54.12 13.39
CA GLU F 486 -50.16 55.24 13.62
C GLU F 486 -50.57 56.45 12.78
N PHE F 487 -51.03 56.21 11.56
CA PHE F 487 -51.58 57.28 10.72
C PHE F 487 -52.74 57.97 11.44
N SER F 488 -53.63 57.18 12.05
CA SER F 488 -54.71 57.77 12.84
C SER F 488 -54.18 58.57 14.01
N ARG F 489 -53.17 58.04 14.71
CA ARG F 489 -52.72 58.68 15.94
C ARG F 489 -52.02 60.01 15.67
N PHE F 490 -51.17 60.07 14.64
CA PHE F 490 -50.53 61.34 14.30
C PHE F 490 -51.56 62.41 13.99
N MET F 491 -52.70 62.01 13.43
CA MET F 491 -53.72 62.95 12.98
C MET F 491 -54.69 63.39 14.08
N THR F 492 -54.65 62.77 15.25
CA THR F 492 -55.70 63.01 16.24
C THR F 492 -55.17 63.31 17.65
N GLU F 493 -54.03 62.76 18.02
CA GLU F 493 -53.58 62.86 19.41
C GLU F 493 -52.99 64.25 19.64
N PRO F 494 -53.49 65.02 20.61
CA PRO F 494 -52.94 66.36 20.85
C PRO F 494 -51.53 66.30 21.43
N LYS F 495 -50.70 67.26 21.01
CA LYS F 495 -49.36 67.42 21.58
C LYS F 495 -49.42 68.44 22.71
N GLY F 496 -50.20 68.09 23.73
CA GLY F 496 -50.36 68.96 24.87
C GLY F 496 -51.35 70.08 24.61
N LYS F 497 -51.24 71.13 25.43
CA LYS F 497 -52.19 72.23 25.41
C LYS F 497 -52.12 73.05 24.12
N GLU F 498 -51.09 72.88 23.31
CA GLU F 498 -50.93 73.67 22.09
C GLU F 498 -51.70 73.10 20.90
N HIS F 499 -52.37 71.96 21.06
CA HIS F 499 -53.08 71.34 19.96
C HIS F 499 -54.24 72.22 19.47
N ASP F 500 -54.39 72.29 18.16
CA ASP F 500 -55.53 72.97 17.52
C ASP F 500 -56.37 71.91 16.81
N ASP F 501 -57.61 71.75 17.27
CA ASP F 501 -58.51 70.72 16.78
C ASP F 501 -59.41 71.20 15.63
N ILE F 502 -59.15 72.40 15.09
CA ILE F 502 -60.05 72.97 14.08
C ILE F 502 -60.21 72.03 12.89
N PHE F 503 -59.13 71.38 12.47
CA PHE F 503 -59.14 70.50 11.30
C PHE F 503 -59.27 69.03 11.66
N ASP F 504 -59.62 68.70 12.91
CA ASP F 504 -59.73 67.30 13.30
C ASP F 504 -60.82 66.59 12.50
N LYS F 505 -61.96 67.27 12.28
CA LYS F 505 -63.00 66.68 11.45
C LYS F 505 -62.48 66.35 10.06
N LEU F 506 -61.77 67.29 9.44
CA LEU F 506 -61.24 67.07 8.11
C LEU F 506 -60.18 65.98 8.11
N LYS F 507 -59.36 65.92 9.16
CA LYS F 507 -58.38 64.85 9.28
C LYS F 507 -59.08 63.49 9.32
N GLU F 508 -60.11 63.36 10.15
CA GLU F 508 -60.82 62.10 10.26
C GLU F 508 -61.48 61.73 8.94
N ALA F 509 -62.05 62.72 8.25
CA ALA F 509 -62.68 62.44 6.95
C ALA F 509 -61.65 61.97 5.93
N VAL F 510 -60.47 62.60 5.90
CA VAL F 510 -59.42 62.18 4.99
C VAL F 510 -58.96 60.76 5.30
N LYS F 511 -58.86 60.43 6.59
CA LYS F 511 -58.23 59.18 7.02
C LYS F 511 -58.86 57.96 6.35
N GLU F 512 -60.19 57.83 6.46
CA GLU F 512 -60.84 56.62 5.99
C GLU F 512 -60.76 56.50 4.48
N GLU F 513 -60.99 57.59 3.75
CA GLU F 513 -60.91 57.55 2.30
C GLU F 513 -59.51 57.21 1.84
N SER F 514 -58.49 57.81 2.48
CA SER F 514 -57.12 57.56 2.07
C SER F 514 -56.76 56.09 2.31
N ILE F 515 -57.12 55.56 3.49
CA ILE F 515 -56.79 54.17 3.79
C ILE F 515 -57.49 53.24 2.80
N LYS F 516 -58.77 53.49 2.54
CA LYS F 516 -59.51 52.63 1.63
C LYS F 516 -58.91 52.64 0.23
N ARG F 517 -58.61 53.84 -0.29
CA ARG F 517 -58.01 53.92 -1.61
C ARG F 517 -56.62 53.29 -1.62
N HIS F 518 -55.85 53.49 -0.55
CA HIS F 518 -54.51 52.93 -0.49
C HIS F 518 -54.57 51.44 -0.15
N LYS F 519 -53.59 50.69 -0.67
CA LYS F 519 -53.42 49.29 -0.33
C LYS F 519 -51.97 49.02 0.02
N TRP F 520 -51.77 47.98 0.82
CA TRP F 520 -50.44 47.42 1.02
C TRP F 520 -50.10 46.57 -0.19
N ASN F 521 -48.85 46.65 -0.64
CA ASN F 521 -48.49 45.99 -1.89
C ASN F 521 -48.60 44.47 -1.76
N ASP F 522 -49.06 43.83 -2.83
CA ASP F 522 -49.30 42.39 -2.83
C ASP F 522 -48.00 41.61 -2.68
N PHE F 523 -46.92 42.08 -3.32
CA PHE F 523 -45.69 41.30 -3.38
C PHE F 523 -45.20 40.88 -2.00
N ALA F 524 -45.42 41.74 -0.99
CA ALA F 524 -44.89 41.51 0.35
C ALA F 524 -45.03 40.06 0.79
N GLU F 525 -46.22 39.48 0.62
CA GLU F 525 -46.49 38.17 1.21
C GLU F 525 -45.50 37.12 0.71
N ASP F 526 -45.10 37.22 -0.56
CA ASP F 526 -44.12 36.27 -1.07
C ASP F 526 -42.75 36.50 -0.44
N SER F 527 -42.29 37.76 -0.44
CA SER F 527 -40.96 38.02 0.09
C SER F 527 -40.88 37.61 1.55
N LEU F 528 -41.89 37.98 2.34
CA LEU F 528 -41.94 37.56 3.72
C LEU F 528 -41.86 36.04 3.81
N ARG F 529 -42.64 35.34 2.99
CA ARG F 529 -42.63 33.88 3.03
C ARG F 529 -41.23 33.35 2.87
N VAL F 530 -40.45 33.95 1.97
CA VAL F 530 -39.06 33.54 1.84
C VAL F 530 -38.25 34.01 3.04
N ILE F 531 -38.35 35.30 3.37
CA ILE F 531 -37.46 35.87 4.37
C ILE F 531 -37.62 35.12 5.68
N GLN F 532 -38.86 34.99 6.14
CA GLN F 532 -39.12 34.29 7.38
C GLN F 532 -38.47 32.91 7.35
N HIS F 533 -38.69 32.18 6.27
CA HIS F 533 -38.15 30.83 6.17
C HIS F 533 -36.65 30.85 6.44
N ASN F 534 -35.94 31.74 5.75
CA ASN F 534 -34.50 31.73 5.90
C ASN F 534 -34.10 32.06 7.32
N ALA F 535 -34.79 33.00 7.96
CA ALA F 535 -34.47 33.34 9.34
C ALA F 535 -34.60 32.12 10.23
N LEU F 536 -35.59 31.29 9.96
CA LEU F 536 -35.71 30.03 10.70
C LEU F 536 -34.68 29.03 10.22
N GLU F 537 -34.45 28.97 8.90
CA GLU F 537 -33.61 27.91 8.36
C GLU F 537 -32.20 27.97 8.95
N ASP F 538 -31.70 29.17 9.23
CA ASP F 538 -30.44 29.31 9.94
C ASP F 538 -30.63 28.86 11.38
N ARG F 539 -29.94 27.78 11.75
CA ARG F 539 -30.08 27.18 13.08
C ARG F 539 -28.87 27.45 13.97
N SER F 540 -27.91 28.23 13.51
CA SER F 540 -26.63 28.37 14.18
C SER F 540 -26.60 29.68 14.96
N ILE F 541 -26.47 29.58 16.27
CA ILE F 541 -26.34 30.75 17.14
C ILE F 541 -24.90 31.25 17.07
N SER F 542 -24.73 32.49 16.64
CA SER F 542 -23.42 32.99 16.27
C SER F 542 -22.50 33.26 17.46
N ASP F 543 -23.05 33.60 18.63
CA ASP F 543 -22.21 34.01 19.74
C ASP F 543 -22.92 33.79 21.06
N LYS F 544 -22.17 33.98 22.14
CA LYS F 544 -22.71 33.79 23.48
C LYS F 544 -23.83 34.77 23.80
N GLN F 545 -23.68 36.03 23.39
CA GLN F 545 -24.71 37.02 23.70
C GLN F 545 -26.03 36.63 23.05
N GLN F 546 -25.96 36.16 21.81
CA GLN F 546 -27.16 35.69 21.13
C GLN F 546 -27.75 34.48 21.84
N TRP F 547 -26.91 33.56 22.31
CA TRP F 547 -27.41 32.41 23.04
C TRP F 547 -28.14 32.83 24.30
N ASP F 548 -27.58 33.80 25.03
CA ASP F 548 -28.20 34.30 26.23
C ASP F 548 -29.53 35.00 25.93
N ALA F 549 -29.57 35.79 24.85
CA ALA F 549 -30.82 36.42 24.46
C ALA F 549 -31.87 35.38 24.10
N ALA F 550 -31.47 34.31 23.42
CA ALA F 550 -32.38 33.22 23.15
C ALA F 550 -32.92 32.62 24.43
N ILE F 551 -32.06 32.44 25.44
CA ILE F 551 -32.54 31.88 26.70
C ILE F 551 -33.48 32.85 27.41
N TYR F 552 -33.20 34.16 27.35
CA TYR F 552 -34.12 35.12 27.96
C TYR F 552 -35.48 35.11 27.27
N PHE F 553 -35.48 35.06 25.95
CA PHE F 553 -36.72 35.02 25.19
C PHE F 553 -37.51 33.74 25.49
N MET F 554 -36.81 32.61 25.57
CA MET F 554 -37.42 31.35 25.98
C MET F 554 -37.98 31.44 27.39
N GLU F 555 -37.26 32.08 28.30
CA GLU F 555 -37.76 32.25 29.66
C GLU F 555 -39.02 33.09 29.67
N GLU F 556 -39.07 34.16 28.89
CA GLU F 556 -40.29 34.95 28.81
C GLU F 556 -41.47 34.07 28.38
N ALA F 557 -41.29 33.31 27.30
CA ALA F 557 -42.41 32.51 26.80
C ALA F 557 -42.83 31.45 27.82
N LEU F 558 -41.86 30.74 28.38
CA LEU F 558 -42.16 29.64 29.29
C LEU F 558 -42.74 30.14 30.60
N GLN F 559 -42.25 31.27 31.11
CA GLN F 559 -42.78 31.86 32.33
C GLN F 559 -44.20 32.34 32.10
N ALA F 560 -44.48 32.92 30.94
CA ALA F 560 -45.83 33.38 30.66
C ALA F 560 -46.80 32.22 30.63
N ARG F 561 -46.45 31.15 29.92
CA ARG F 561 -47.40 30.03 29.88
C ARG F 561 -47.49 29.35 31.23
N LEU F 562 -46.40 29.32 32.01
CA LEU F 562 -46.47 28.72 33.33
C LEU F 562 -47.37 29.51 34.26
N LYS F 563 -47.27 30.85 34.25
CA LYS F 563 -48.15 31.61 35.14
C LYS F 563 -49.59 31.47 34.70
N ASP F 564 -49.83 31.43 33.39
CA ASP F 564 -51.20 31.25 32.93
C ASP F 564 -51.76 29.90 33.36
N THR F 565 -50.94 28.85 33.27
CA THR F 565 -51.37 27.53 33.71
C THR F 565 -51.68 27.52 35.20
N GLU F 566 -50.82 28.16 35.99
CA GLU F 566 -51.06 28.21 37.44
C GLU F 566 -52.34 28.96 37.77
N ASN F 567 -52.59 30.08 37.09
CA ASN F 567 -53.81 30.82 37.35
C ASN F 567 -55.04 30.03 36.94
N ALA F 568 -54.97 29.30 35.82
CA ALA F 568 -56.08 28.45 35.42
C ALA F 568 -56.30 27.34 36.45
N ILE F 569 -55.22 26.78 36.99
CA ILE F 569 -55.38 25.79 38.05
C ILE F 569 -56.12 26.39 39.23
N GLU F 570 -55.65 27.54 39.72
CA GLU F 570 -56.32 28.16 40.85
C GLU F 570 -57.78 28.46 40.53
N ASN F 571 -58.08 28.74 39.26
CA ASN F 571 -59.46 28.99 38.87
C ASN F 571 -60.31 27.74 39.01
N MET F 572 -59.78 26.57 38.62
CA MET F 572 -60.60 25.36 38.68
C MET F 572 -60.58 24.67 40.04
N VAL F 573 -59.46 24.69 40.77
CA VAL F 573 -59.33 23.95 42.01
C VAL F 573 -59.79 24.77 43.22
N GLY F 574 -59.83 26.09 43.11
CA GLY F 574 -60.33 26.92 44.18
C GLY F 574 -59.30 27.26 45.23
N PRO F 575 -59.73 28.07 46.20
CA PRO F 575 -58.83 28.58 47.24
C PRO F 575 -57.97 27.55 47.95
N ASP F 576 -56.85 28.00 48.51
CA ASP F 576 -56.08 27.21 49.43
C ASP F 576 -56.73 27.18 50.81
N TRP F 577 -56.27 26.25 51.64
CA TRP F 577 -56.69 26.20 53.03
C TRP F 577 -56.09 27.37 53.82
N LYS F 578 -54.82 27.67 53.56
CA LYS F 578 -54.25 28.88 54.13
C LYS F 578 -55.06 30.10 53.72
N LYS F 579 -55.56 30.12 52.49
CA LYS F 579 -56.51 31.17 52.10
C LYS F 579 -57.77 31.11 52.94
N ARG F 580 -58.20 29.91 53.34
CA ARG F 580 -59.39 29.83 54.17
C ARG F 580 -59.18 30.52 55.51
N TRP F 581 -58.09 30.18 56.23
CA TRP F 581 -57.83 30.90 57.47
C TRP F 581 -57.51 32.38 57.23
N LEU F 582 -56.87 32.70 56.11
CA LEU F 582 -56.42 34.07 55.90
C LEU F 582 -57.58 34.99 55.59
N TYR F 583 -58.37 34.67 54.56
CA TYR F 583 -59.50 35.48 54.13
C TYR F 583 -60.85 34.78 54.24
N TRP F 584 -60.93 33.59 54.84
CA TRP F 584 -62.20 32.88 54.96
C TRP F 584 -62.76 32.50 53.59
N LYS F 585 -61.86 32.09 52.71
CA LYS F 585 -62.16 32.00 51.29
C LYS F 585 -61.75 30.62 50.81
N ASN F 586 -62.75 29.79 50.48
CA ASN F 586 -62.60 28.34 50.39
C ASN F 586 -63.00 27.84 49.01
N ARG F 587 -62.81 26.54 48.83
CA ARG F 587 -63.16 25.88 47.59
C ARG F 587 -64.67 25.80 47.44
N THR F 588 -65.15 26.02 46.23
CA THR F 588 -66.50 25.62 45.90
C THR F 588 -66.51 24.13 45.61
N GLN F 589 -67.71 23.54 45.59
CA GLN F 589 -67.82 22.09 45.47
C GLN F 589 -67.11 21.59 44.22
N GLU F 590 -67.37 22.25 43.08
CA GLU F 590 -66.64 21.93 41.86
C GLU F 590 -65.15 22.15 42.05
N GLN F 591 -64.78 23.24 42.73
CA GLN F 591 -63.38 23.47 43.03
C GLN F 591 -62.81 22.43 43.98
N CYS F 592 -63.62 21.93 44.92
CA CYS F 592 -63.15 20.84 45.78
C CYS F 592 -62.83 19.60 44.96
N VAL F 593 -63.71 19.25 44.02
CA VAL F 593 -63.46 18.08 43.18
C VAL F 593 -62.22 18.31 42.33
N HIS F 594 -62.08 19.51 41.77
CA HIS F 594 -60.92 19.81 40.94
C HIS F 594 -59.63 19.69 41.73
N ASN F 595 -59.61 20.19 42.98
CA ASN F 595 -58.38 20.15 43.74
C ASN F 595 -58.04 18.71 44.14
N GLU F 596 -59.03 17.91 44.51
CA GLU F 596 -58.71 16.52 44.87
C GLU F 596 -58.14 15.79 43.66
N THR F 597 -58.73 16.03 42.48
CA THR F 597 -58.16 15.47 41.26
C THR F 597 -56.74 15.96 41.05
N LYS F 598 -56.51 17.25 41.28
CA LYS F 598 -55.17 17.83 41.08
C LYS F 598 -54.16 17.19 42.01
N ASN F 599 -54.54 16.98 43.27
CA ASN F 599 -53.61 16.36 44.22
C ASN F 599 -53.25 14.95 43.79
N GLU F 600 -54.24 14.17 43.33
CA GLU F 600 -53.93 12.82 42.87
C GLU F 600 -53.03 12.86 41.63
N LEU F 601 -53.29 13.79 40.71
CA LEU F 601 -52.46 13.89 39.51
C LEU F 601 -51.05 14.35 39.86
N GLU F 602 -50.91 15.22 40.85
CA GLU F 602 -49.59 15.66 41.28
C GLU F 602 -48.84 14.52 41.94
N LYS F 603 -49.54 13.66 42.68
CA LYS F 603 -48.89 12.44 43.17
C LYS F 603 -48.41 11.58 42.00
N MET F 604 -49.23 11.46 40.96
CA MET F 604 -48.81 10.71 39.78
C MET F 604 -47.53 11.27 39.19
N LEU F 605 -47.47 12.60 39.02
CA LEU F 605 -46.27 13.19 38.44
C LEU F 605 -45.07 13.11 39.37
N LYS F 606 -45.29 13.15 40.69
CA LYS F 606 -44.20 12.92 41.63
C LYS F 606 -43.62 11.53 41.45
N CYS F 607 -44.49 10.52 41.34
CA CYS F 607 -44.00 9.17 41.14
C CYS F 607 -43.29 9.04 39.78
N ASN F 608 -43.82 9.70 38.76
CA ASN F 608 -43.26 9.63 37.41
C ASN F 608 -43.21 11.05 36.86
N GLU F 609 -42.02 11.66 36.90
CA GLU F 609 -41.84 13.00 36.37
C GLU F 609 -41.84 13.03 34.84
N GLU F 610 -41.72 11.88 34.19
CA GLU F 610 -41.66 11.80 32.73
C GLU F 610 -43.00 11.36 32.15
N HIS F 611 -44.07 11.37 32.93
CA HIS F 611 -45.36 10.95 32.42
C HIS F 611 -45.70 11.73 31.15
N PRO F 612 -46.22 11.07 30.12
CA PRO F 612 -46.60 11.79 28.90
C PRO F 612 -47.72 12.78 29.17
N ALA F 613 -47.80 13.80 28.30
CA ALA F 613 -48.77 14.88 28.50
C ALA F 613 -50.20 14.40 28.44
N TYR F 614 -50.46 13.22 27.88
CA TYR F 614 -51.81 12.74 27.66
C TYR F 614 -52.12 11.60 28.62
N LEU F 615 -53.24 11.73 29.34
CA LEU F 615 -53.76 10.63 30.13
C LEU F 615 -54.62 9.73 29.25
N ALA F 616 -54.26 8.46 29.19
CA ALA F 616 -55.09 7.49 28.47
C ALA F 616 -56.40 7.26 29.23
N SER F 617 -57.36 6.65 28.55
CA SER F 617 -58.66 6.43 29.15
C SER F 617 -58.54 5.60 30.43
N ASP F 618 -57.61 4.64 30.46
CA ASP F 618 -57.43 3.84 31.67
C ASP F 618 -56.85 4.69 32.80
N GLU F 619 -55.90 5.58 32.49
CA GLU F 619 -55.39 6.49 33.52
C GLU F 619 -56.49 7.40 34.02
N ILE F 620 -57.29 7.94 33.09
CA ILE F 620 -58.40 8.81 33.47
C ILE F 620 -59.36 8.06 34.37
N THR F 621 -59.66 6.80 34.02
CA THR F 621 -60.58 6.00 34.82
C THR F 621 -59.99 5.67 36.19
N THR F 622 -58.69 5.41 36.25
CA THR F 622 -58.07 5.17 37.54
C THR F 622 -58.27 6.38 38.44
N VAL F 623 -58.04 7.59 37.89
CA VAL F 623 -58.27 8.79 38.68
C VAL F 623 -59.74 8.90 39.07
N ARG F 624 -60.64 8.67 38.11
CA ARG F 624 -62.07 8.79 38.36
C ARG F 624 -62.50 7.90 39.51
N LYS F 625 -62.11 6.63 39.48
CA LYS F 625 -62.65 5.67 40.41
C LYS F 625 -61.90 5.69 41.74
N ASN F 626 -60.63 6.11 41.75
CA ASN F 626 -59.97 6.36 43.02
C ASN F 626 -60.61 7.55 43.73
N LEU F 627 -60.93 8.62 42.99
CA LEU F 627 -61.62 9.75 43.61
C LEU F 627 -63.04 9.39 44.03
N GLU F 628 -63.71 8.55 43.24
CA GLU F 628 -65.01 8.04 43.66
C GLU F 628 -64.89 7.23 44.94
N SER F 629 -63.80 6.48 45.09
CA SER F 629 -63.53 5.80 46.35
C SER F 629 -63.32 6.81 47.48
N ARG F 630 -62.59 7.89 47.20
CA ARG F 630 -62.48 8.98 48.16
C ARG F 630 -63.83 9.64 48.44
N GLY F 631 -64.82 9.42 47.58
CA GLY F 631 -66.08 10.13 47.64
C GLY F 631 -66.14 11.34 46.75
N VAL F 632 -65.01 11.74 46.15
CA VAL F 632 -65.02 12.84 45.20
C VAL F 632 -65.64 12.36 43.89
N GLU F 633 -66.43 13.23 43.28
CA GLU F 633 -67.25 12.88 42.12
C GLU F 633 -66.57 13.44 40.87
N VAL F 634 -65.97 12.55 40.08
CA VAL F 634 -65.10 12.95 38.99
C VAL F 634 -65.56 12.30 37.69
N ASP F 635 -65.29 13.00 36.59
CA ASP F 635 -65.65 12.59 35.25
C ASP F 635 -64.46 12.81 34.31
N PRO F 636 -64.45 12.16 33.14
CA PRO F 636 -63.25 12.20 32.29
C PRO F 636 -62.83 13.60 31.85
N SER F 637 -63.76 14.53 31.66
CA SER F 637 -63.40 15.86 31.16
C SER F 637 -62.77 16.71 32.26
N LEU F 638 -63.33 16.62 33.47
CA LEU F 638 -62.72 17.28 34.62
C LEU F 638 -61.25 16.89 34.73
N ILE F 639 -60.96 15.59 34.67
CA ILE F 639 -59.59 15.14 34.80
C ILE F 639 -58.78 15.52 33.58
N LYS F 640 -59.34 15.48 32.37
CA LYS F 640 -58.54 15.81 31.21
C LYS F 640 -58.06 17.25 31.28
N ASP F 641 -58.94 18.17 31.68
CA ASP F 641 -58.56 19.58 31.74
C ASP F 641 -57.66 19.87 32.94
N THR F 642 -57.98 19.30 34.10
CA THR F 642 -57.12 19.49 35.27
C THR F 642 -55.74 18.91 35.00
N TRP F 643 -55.67 17.75 34.36
CA TRP F 643 -54.40 17.16 33.97
C TRP F 643 -53.65 18.05 33.00
N HIS F 644 -54.34 18.60 32.00
CA HIS F 644 -53.63 19.50 31.10
C HIS F 644 -52.99 20.64 31.87
N GLN F 645 -53.74 21.25 32.79
CA GLN F 645 -53.16 22.38 33.53
C GLN F 645 -52.02 21.92 34.45
N VAL F 646 -52.23 20.86 35.22
CA VAL F 646 -51.20 20.41 36.16
C VAL F 646 -49.96 19.97 35.41
N TYR F 647 -50.13 19.19 34.35
CA TYR F 647 -49.01 18.68 33.58
C TYR F 647 -48.25 19.82 32.91
N ARG F 648 -48.96 20.82 32.38
CA ARG F 648 -48.26 21.94 31.76
C ARG F 648 -47.52 22.76 32.81
N ARG F 649 -48.07 22.88 34.02
CA ARG F 649 -47.32 23.52 35.10
C ARG F 649 -46.02 22.78 35.36
N HIS F 650 -46.11 21.46 35.54
CA HIS F 650 -44.92 20.64 35.75
C HIS F 650 -43.93 20.78 34.59
N PHE F 651 -44.45 20.70 33.38
CA PHE F 651 -43.61 20.71 32.17
C PHE F 651 -42.91 22.05 32.00
N LEU F 652 -43.61 23.15 32.25
CA LEU F 652 -43.02 24.47 32.06
C LEU F 652 -42.04 24.81 33.18
N LYS F 653 -42.31 24.37 34.42
CA LYS F 653 -41.30 24.55 35.46
C LYS F 653 -40.05 23.74 35.15
N THR F 654 -40.21 22.52 34.63
CA THR F 654 -39.03 21.76 34.20
C THR F 654 -38.31 22.49 33.06
N ALA F 655 -39.08 23.08 32.15
CA ALA F 655 -38.49 23.82 31.04
C ALA F 655 -37.72 25.03 31.52
N LEU F 656 -38.16 25.67 32.61
CA LEU F 656 -37.41 26.81 33.15
C LEU F 656 -36.17 26.34 33.89
N ASN F 657 -36.24 25.19 34.56
CA ASN F 657 -35.01 24.61 35.11
C ASN F 657 -34.02 24.31 34.00
N HIS F 658 -34.51 23.84 32.85
CA HIS F 658 -33.63 23.62 31.70
C HIS F 658 -33.12 24.95 31.14
N CYS F 659 -33.95 25.99 31.20
CA CYS F 659 -33.48 27.33 30.87
C CYS F 659 -32.23 27.66 31.67
N ASN F 660 -32.24 27.39 32.98
CA ASN F 660 -31.08 27.72 33.88
C ASN F 660 -29.88 26.83 33.47
N LEU F 661 -30.09 25.52 33.27
CA LEU F 661 -29.01 24.53 32.93
C LEU F 661 -28.36 24.86 31.58
N CYS F 662 -29.13 25.28 30.57
CA CYS F 662 -28.65 25.57 29.17
C CYS F 662 -27.62 26.70 29.20
N ARG F 663 -27.79 27.70 30.08
CA ARG F 663 -26.90 28.90 30.11
C ARG F 663 -25.47 28.39 30.33
N ARG F 664 -25.28 27.36 31.16
CA ARG F 664 -23.91 26.84 31.51
C ARG F 664 -23.18 26.33 30.25
N GLY F 665 -23.85 25.58 29.34
CA GLY F 665 -23.19 24.98 28.15
C GLY F 665 -23.91 25.13 26.80
N PHE F 666 -23.24 25.54 25.71
CA PHE F 666 -23.76 25.55 24.30
C PHE F 666 -22.96 24.43 23.59
N TYR F 667 -21.67 24.22 23.90
CA TYR F 667 -20.83 23.05 23.51
C TYR F 667 -21.42 21.76 24.10
N TYR F 668 -21.98 21.81 25.32
CA TYR F 668 -22.64 20.63 25.97
C TYR F 668 -23.88 20.28 25.11
N TYR F 669 -24.60 21.28 24.59
CA TYR F 669 -25.74 21.05 23.64
C TYR F 669 -25.17 20.42 22.35
N GLN F 670 -24.01 20.88 21.87
CA GLN F 670 -23.39 20.36 20.62
C GLN F 670 -23.04 18.87 20.85
N ARG F 671 -22.54 18.49 22.04
CA ARG F 671 -22.18 17.08 22.36
C ARG F 671 -23.37 16.18 22.00
N HIS F 672 -24.56 16.47 22.53
CA HIS F 672 -25.76 15.64 22.28
C HIS F 672 -25.48 14.19 22.68
N PHE F 673 -24.73 14.03 23.78
CA PHE F 673 -24.40 12.68 24.20
C PHE F 673 -25.64 11.93 24.68
N VAL F 674 -26.42 12.52 25.56
CA VAL F 674 -27.55 11.84 26.17
C VAL F 674 -28.48 12.89 26.79
N ASP F 675 -29.74 12.50 27.02
CA ASP F 675 -30.72 13.43 27.56
C ASP F 675 -30.25 14.07 28.87
N SER F 676 -29.59 13.29 29.73
CA SER F 676 -29.09 13.85 30.98
C SER F 676 -28.09 14.96 30.72
N GLU F 677 -27.19 14.76 29.78
CA GLU F 677 -26.37 15.86 29.30
C GLU F 677 -27.26 16.90 28.65
N LEU F 678 -26.79 18.17 28.69
CA LEU F 678 -27.60 19.32 28.19
C LEU F 678 -28.12 19.00 26.78
N GLU F 679 -29.44 19.03 26.57
CA GLU F 679 -30.06 18.86 25.26
C GLU F 679 -30.87 20.14 25.00
N CYS F 680 -30.17 21.17 24.54
CA CYS F 680 -30.75 22.50 24.39
C CYS F 680 -31.12 22.78 22.92
N ASN F 681 -32.06 21.97 22.42
CA ASN F 681 -32.76 22.34 21.20
C ASN F 681 -33.78 23.44 21.46
N ASP F 682 -34.13 23.66 22.72
CA ASP F 682 -35.12 24.64 23.10
C ASP F 682 -34.59 26.05 22.87
N VAL F 683 -33.35 26.29 23.28
CA VAL F 683 -32.74 27.60 23.13
C VAL F 683 -32.58 27.94 21.65
N VAL F 684 -32.15 26.96 20.86
CA VAL F 684 -31.97 27.20 19.43
C VAL F 684 -33.31 27.43 18.75
N LEU F 685 -34.37 26.76 19.21
CA LEU F 685 -35.72 27.02 18.69
C LEU F 685 -36.12 28.46 18.95
N PHE F 686 -35.99 28.92 20.19
CA PHE F 686 -36.47 30.25 20.51
C PHE F 686 -35.59 31.32 19.87
N TRP F 687 -34.30 31.02 19.67
CA TRP F 687 -33.43 31.84 18.84
C TRP F 687 -33.91 31.92 17.40
N ARG F 688 -34.27 30.79 16.80
CA ARG F 688 -34.71 30.81 15.41
C ARG F 688 -35.95 31.68 15.26
N ILE F 689 -36.90 31.56 16.18
CA ILE F 689 -38.10 32.37 16.06
C ILE F 689 -37.81 33.82 16.44
N GLN F 690 -36.84 34.07 17.31
CA GLN F 690 -36.33 35.42 17.51
C GLN F 690 -35.93 36.05 16.18
N ARG F 691 -35.13 35.32 15.41
CA ARG F 691 -34.70 35.83 14.11
C ARG F 691 -35.89 36.03 13.18
N MET F 692 -36.79 35.05 13.14
CA MET F 692 -37.94 35.16 12.25
C MET F 692 -38.74 36.43 12.56
N LEU F 693 -39.05 36.64 13.85
CA LEU F 693 -39.88 37.78 14.22
C LEU F 693 -39.16 39.10 13.95
N ALA F 694 -37.88 39.18 14.30
CA ALA F 694 -37.16 40.43 14.10
C ALA F 694 -37.05 40.76 12.62
N ILE F 695 -36.72 39.77 11.78
CA ILE F 695 -36.58 40.04 10.36
C ILE F 695 -37.92 40.37 9.73
N THR F 696 -39.00 39.72 10.18
CA THR F 696 -40.33 40.06 9.67
C THR F 696 -40.65 41.51 10.01
N ALA F 697 -40.39 41.90 11.26
CA ALA F 697 -40.67 43.28 11.67
C ALA F 697 -39.88 44.27 10.85
N ASN F 698 -38.60 43.99 10.60
CA ASN F 698 -37.78 44.95 9.86
C ASN F 698 -38.16 45.01 8.39
N THR F 699 -38.52 43.87 7.79
CA THR F 699 -38.98 43.88 6.41
C THR F 699 -40.26 44.69 6.28
N LEU F 700 -41.20 44.47 7.21
CA LEU F 700 -42.45 45.22 7.17
C LEU F 700 -42.18 46.71 7.34
N ARG F 701 -41.29 47.06 8.27
CA ARG F 701 -40.93 48.46 8.48
C ARG F 701 -40.31 49.06 7.23
N GLN F 702 -39.43 48.33 6.57
CA GLN F 702 -38.76 48.87 5.38
C GLN F 702 -39.76 49.13 4.27
N GLN F 703 -40.63 48.16 4.00
CA GLN F 703 -41.65 48.40 2.98
C GLN F 703 -42.53 49.58 3.37
N LEU F 704 -42.86 49.69 4.65
CA LEU F 704 -43.66 50.81 5.13
C LEU F 704 -42.98 52.13 4.80
N THR F 705 -41.74 52.29 5.24
CA THR F 705 -41.07 53.59 5.23
C THR F 705 -40.55 53.99 3.85
N ASN F 706 -40.31 53.04 2.96
CA ASN F 706 -39.78 53.36 1.64
C ASN F 706 -40.78 53.14 0.52
N THR F 707 -41.84 52.37 0.73
CA THR F 707 -42.82 52.11 -0.31
C THR F 707 -44.20 52.63 0.07
N GLU F 708 -44.71 52.28 1.25
CA GLU F 708 -46.11 52.49 1.54
C GLU F 708 -46.40 53.91 2.05
N VAL F 709 -45.45 54.54 2.73
CA VAL F 709 -45.71 55.89 3.25
C VAL F 709 -45.80 56.90 2.12
N ARG F 710 -44.93 56.78 1.11
CA ARG F 710 -45.02 57.69 -0.03
C ARG F 710 -46.27 57.45 -0.87
N ARG F 711 -46.66 56.18 -1.05
CA ARG F 711 -47.94 55.87 -1.67
C ARG F 711 -49.08 56.46 -0.84
N LEU F 712 -48.95 56.42 0.49
CA LEU F 712 -49.96 56.99 1.37
C LEU F 712 -50.07 58.49 1.17
N GLU F 713 -48.93 59.17 1.06
CA GLU F 713 -48.95 60.61 0.82
C GLU F 713 -49.63 60.93 -0.50
N LYS F 714 -49.32 60.15 -1.54
CA LYS F 714 -49.98 60.37 -2.83
C LYS F 714 -51.50 60.18 -2.72
N ASN F 715 -51.93 59.09 -2.05
CA ASN F 715 -53.35 58.83 -1.90
C ASN F 715 -54.03 59.93 -1.08
N VAL F 716 -53.34 60.45 -0.06
CA VAL F 716 -53.91 61.52 0.75
C VAL F 716 -54.06 62.80 -0.07
N LYS F 717 -53.06 63.11 -0.90
CA LYS F 717 -53.21 64.27 -1.78
C LYS F 717 -54.41 64.11 -2.71
N GLU F 718 -54.59 62.90 -3.26
CA GLU F 718 -55.76 62.67 -4.11
C GLU F 718 -57.06 62.84 -3.34
N VAL F 719 -57.13 62.28 -2.14
CA VAL F 719 -58.34 62.36 -1.33
C VAL F 719 -58.63 63.82 -0.97
N LEU F 720 -57.59 64.58 -0.67
CA LEU F 720 -57.78 65.99 -0.34
C LEU F 720 -58.17 66.80 -1.56
N GLU F 721 -57.76 66.37 -2.76
CA GLU F 721 -58.29 67.00 -3.96
C GLU F 721 -59.79 66.72 -4.09
N ASP F 722 -60.21 65.49 -3.80
CA ASP F 722 -61.64 65.19 -3.80
C ASP F 722 -62.37 66.03 -2.75
N PHE F 723 -61.73 66.27 -1.60
CA PHE F 723 -62.23 67.27 -0.66
C PHE F 723 -62.38 68.64 -1.31
N ALA F 724 -61.40 69.04 -2.12
CA ALA F 724 -61.46 70.33 -2.79
C ALA F 724 -62.70 70.40 -3.68
N GLU F 725 -63.01 69.30 -4.36
CA GLU F 725 -64.08 69.34 -5.36
C GLU F 725 -65.45 69.57 -4.73
N ASP F 726 -65.71 68.99 -3.56
CA ASP F 726 -67.05 68.98 -2.98
C ASP F 726 -67.14 69.96 -1.82
N GLY F 727 -68.03 70.95 -1.94
CA GLY F 727 -68.25 71.88 -0.84
C GLY F 727 -69.06 71.28 0.29
N GLU F 728 -70.08 70.48 -0.05
CA GLU F 728 -70.81 69.77 0.98
C GLU F 728 -69.88 68.95 1.84
N LYS F 729 -68.88 68.32 1.23
CA LYS F 729 -67.96 67.48 1.99
C LYS F 729 -67.15 68.35 2.95
N LYS F 730 -67.10 69.67 2.69
CA LYS F 730 -66.59 70.60 3.70
C LYS F 730 -67.58 70.95 4.81
N ILE F 731 -68.89 71.10 4.54
CA ILE F 731 -69.95 71.35 5.59
C ILE F 731 -70.74 70.04 5.82
N LYS F 732 -70.07 68.89 5.94
CA LYS F 732 -70.82 67.67 6.23
C LYS F 732 -71.31 67.80 7.67
N LEU F 733 -70.45 68.32 8.55
CA LEU F 733 -70.85 68.61 9.92
C LEU F 733 -71.31 70.06 9.98
N LEU F 734 -72.52 70.27 10.49
CA LEU F 734 -73.19 71.57 10.38
C LEU F 734 -72.72 72.48 11.51
N THR F 735 -71.46 72.92 11.39
CA THR F 735 -70.87 73.92 12.27
C THR F 735 -70.41 75.14 11.45
N GLY F 736 -71.09 75.41 10.34
CA GLY F 736 -70.63 76.33 9.32
C GLY F 736 -70.66 77.82 9.62
N LYS F 737 -70.81 78.21 10.90
CA LYS F 737 -70.94 79.63 11.21
C LYS F 737 -69.83 80.48 10.60
N ARG F 738 -68.62 79.93 10.52
CA ARG F 738 -67.47 80.72 10.06
C ARG F 738 -67.75 81.38 8.70
N VAL F 739 -68.07 80.56 7.70
CA VAL F 739 -68.17 81.03 6.33
C VAL F 739 -69.36 81.96 6.16
N GLN F 740 -70.51 81.57 6.72
CA GLN F 740 -71.71 82.38 6.58
C GLN F 740 -71.54 83.72 7.26
N LEU F 741 -70.93 83.74 8.44
CA LEU F 741 -70.71 84.99 9.16
C LEU F 741 -69.76 85.90 8.40
N ALA F 742 -68.69 85.34 7.82
CA ALA F 742 -67.79 86.16 7.02
C ALA F 742 -68.52 86.80 5.85
N GLU F 743 -69.31 85.99 5.13
CA GLU F 743 -70.03 86.51 3.98
C GLU F 743 -71.01 87.60 4.40
N ASP F 744 -71.70 87.39 5.52
CA ASP F 744 -72.67 88.37 5.99
C ASP F 744 -71.98 89.66 6.37
N LEU F 745 -70.82 89.59 7.04
CA LEU F 745 -70.11 90.80 7.40
C LEU F 745 -69.75 91.62 6.16
N LYS F 746 -69.17 90.95 5.16
CA LYS F 746 -68.76 91.68 3.96
C LYS F 746 -69.97 92.30 3.24
N LYS F 747 -71.05 91.54 3.14
CA LYS F 747 -72.22 92.04 2.43
C LYS F 747 -72.93 93.15 3.19
N VAL F 748 -72.94 93.11 4.52
CA VAL F 748 -73.53 94.19 5.29
C VAL F 748 -72.69 95.46 5.13
N ARG F 749 -71.37 95.32 5.08
CA ARG F 749 -70.56 96.51 4.82
C ARG F 749 -70.89 97.12 3.48
N GLU F 750 -71.07 96.28 2.44
CA GLU F 750 -71.48 96.85 1.16
C GLU F 750 -72.84 97.52 1.25
N ILE F 751 -73.79 96.89 1.94
CA ILE F 751 -75.12 97.47 2.10
C ILE F 751 -75.01 98.88 2.65
N GLN F 752 -74.29 99.02 3.76
CA GLN F 752 -74.25 100.31 4.41
C GLN F 752 -73.46 101.33 3.60
N GLU F 753 -72.41 100.87 2.90
CA GLU F 753 -71.64 101.77 2.07
C GLU F 753 -72.49 102.39 0.97
N LYS F 754 -73.35 101.57 0.34
CA LYS F 754 -74.22 102.14 -0.69
C LYS F 754 -75.33 103.00 -0.10
N LEU F 755 -75.87 102.60 1.07
CA LEU F 755 -76.93 103.40 1.68
C LEU F 755 -76.42 104.75 2.13
N ASP F 756 -75.14 104.87 2.49
CA ASP F 756 -74.61 106.15 2.94
C ASP F 756 -74.61 107.17 1.80
N ALA F 757 -74.13 106.77 0.63
CA ALA F 757 -74.16 107.66 -0.52
C ALA F 757 -75.60 107.95 -0.93
N PHE F 758 -76.48 106.95 -0.85
CA PHE F 758 -77.88 107.20 -1.19
C PHE F 758 -78.47 108.28 -0.30
N ILE F 759 -78.21 108.19 1.00
CA ILE F 759 -78.81 109.15 1.94
C ILE F 759 -78.20 110.53 1.76
N GLU F 760 -76.89 110.60 1.49
CA GLU F 760 -76.29 111.91 1.22
C GLU F 760 -76.89 112.52 -0.04
N ALA F 761 -77.18 111.70 -1.04
CA ALA F 761 -77.85 112.20 -2.24
C ALA F 761 -79.27 112.66 -1.93
N LEU F 762 -79.95 111.99 -0.99
CA LEU F 762 -81.24 112.49 -0.53
C LEU F 762 -81.10 113.87 0.09
N HIS F 763 -80.07 114.06 0.91
CA HIS F 763 -79.85 115.37 1.52
C HIS F 763 -79.57 116.43 0.47
N GLN F 764 -78.77 116.11 -0.55
CA GLN F 764 -78.34 117.09 -1.53
C GLN F 764 -79.20 117.10 -2.80
N GLU F 765 -79.36 115.95 -3.46
CA GLU F 765 -79.98 115.93 -4.78
C GLU F 765 -81.51 115.99 -4.68
N LYS F 766 -82.11 114.99 -4.04
CA LYS F 766 -83.57 114.87 -4.01
C LYS F 766 -84.13 114.88 -5.43
N ALA G 1 -132.45 67.17 45.94
CA ALA G 1 -131.66 68.38 45.78
C ALA G 1 -130.17 68.05 45.72
N THR G 2 -129.79 66.92 46.30
CA THR G 2 -128.39 66.51 46.26
C THR G 2 -127.93 66.27 44.82
N ASP G 3 -128.77 65.64 44.00
CA ASP G 3 -128.48 65.44 42.59
C ASP G 3 -129.80 65.39 41.84
N ARG G 4 -129.80 65.94 40.62
CA ARG G 4 -131.02 66.09 39.85
C ARG G 4 -130.98 65.53 38.43
N GLY G 5 -129.80 65.39 37.82
CA GLY G 5 -129.76 64.94 36.43
C GLY G 5 -130.27 63.52 36.26
N SER G 6 -129.90 62.63 37.18
CA SER G 6 -130.31 61.23 37.06
C SER G 6 -131.82 61.09 37.10
N GLU G 7 -132.49 61.90 37.93
CA GLU G 7 -133.94 61.86 37.98
C GLU G 7 -134.54 62.26 36.64
N SER G 8 -133.99 63.30 36.01
CA SER G 8 -134.48 63.71 34.69
C SER G 8 -134.28 62.61 33.66
N ASP G 9 -133.10 61.98 33.67
CA ASP G 9 -132.84 60.93 32.70
C ASP G 9 -133.80 59.77 32.89
N LYS G 10 -134.02 59.34 34.14
CA LYS G 10 -134.96 58.25 34.40
C LYS G 10 -136.37 58.64 33.98
N HIS G 11 -136.78 59.86 34.29
CA HIS G 11 -138.13 60.31 33.96
C HIS G 11 -138.38 60.24 32.45
N PHE G 12 -137.49 60.87 31.67
CA PHE G 12 -137.74 60.90 30.24
C PHE G 12 -137.50 59.54 29.59
N ARG G 13 -136.64 58.70 30.18
CA ARG G 13 -136.50 57.34 29.69
C ARG G 13 -137.81 56.56 29.87
N LYS G 14 -138.44 56.71 31.04
CA LYS G 14 -139.73 56.06 31.27
C LYS G 14 -140.80 56.63 30.36
N VAL G 15 -140.77 57.94 30.08
CA VAL G 15 -141.74 58.52 29.16
C VAL G 15 -141.57 57.94 27.76
N SER G 16 -140.32 57.84 27.30
CA SER G 16 -140.05 57.24 26.00
C SER G 16 -140.57 55.80 25.97
N ASP G 17 -140.36 55.05 27.04
CA ASP G 17 -140.91 53.71 27.10
C ASP G 17 -142.44 53.73 27.04
N LYS G 18 -143.07 54.57 27.85
CA LYS G 18 -144.52 54.60 27.88
C LYS G 18 -145.09 54.87 26.49
N GLU G 19 -144.43 55.72 25.70
CA GLU G 19 -144.99 56.04 24.40
C GLU G 19 -144.61 55.03 23.31
N LYS G 20 -143.42 54.42 23.36
CA LYS G 20 -142.94 53.61 22.25
C LYS G 20 -142.58 52.18 22.60
N ILE G 21 -142.99 51.67 23.78
CA ILE G 21 -142.48 50.36 24.19
C ILE G 21 -143.02 49.25 23.29
N ASP G 22 -144.24 49.40 22.77
CA ASP G 22 -144.79 48.38 21.89
C ASP G 22 -143.95 48.18 20.65
N GLN G 23 -143.05 49.12 20.33
CA GLN G 23 -142.07 48.95 19.28
C GLN G 23 -140.67 48.67 19.81
N LEU G 24 -140.32 49.30 20.93
CA LEU G 24 -138.96 49.22 21.47
C LEU G 24 -138.67 47.84 22.06
N GLN G 25 -139.66 47.22 22.69
CA GLN G 25 -139.45 45.88 23.24
C GLN G 25 -139.22 44.88 22.12
N GLU G 26 -139.88 45.08 20.98
CA GLU G 26 -139.66 44.22 19.82
C GLU G 26 -138.28 44.47 19.21
N GLU G 27 -137.92 45.74 19.03
CA GLU G 27 -136.68 46.05 18.30
C GLU G 27 -135.44 45.80 19.14
N LEU G 28 -135.50 46.08 20.44
CA LEU G 28 -134.31 46.14 21.28
C LEU G 28 -133.92 44.79 21.87
N LEU G 29 -134.88 43.99 22.33
CA LEU G 29 -134.52 42.79 23.08
C LEU G 29 -135.09 41.51 22.45
N HIS G 30 -136.35 41.55 22.01
CA HIS G 30 -136.98 40.36 21.46
C HIS G 30 -136.10 39.71 20.40
N THR G 31 -135.82 40.45 19.33
CA THR G 31 -134.96 39.92 18.28
C THR G 31 -133.53 39.76 18.76
N GLN G 32 -133.04 40.71 19.57
CA GLN G 32 -131.64 40.70 19.96
C GLN G 32 -131.32 39.53 20.89
N LEU G 33 -132.31 39.02 21.64
CA LEU G 33 -132.07 37.85 22.46
C LEU G 33 -131.52 36.71 21.62
N LYS G 34 -132.01 36.56 20.39
CA LYS G 34 -131.57 35.53 19.47
C LYS G 34 -130.49 36.02 18.51
N TYR G 35 -130.01 37.27 18.64
CA TYR G 35 -129.14 37.84 17.61
C TYR G 35 -127.89 36.99 17.41
N GLN G 36 -127.25 36.56 18.49
CA GLN G 36 -126.04 35.76 18.34
C GLN G 36 -126.34 34.48 17.56
N ARG G 37 -127.52 33.90 17.77
CA ARG G 37 -127.93 32.74 16.99
C ARG G 37 -128.16 33.11 15.53
N ILE G 38 -128.67 34.31 15.27
CA ILE G 38 -129.08 34.67 13.91
C ILE G 38 -127.90 34.60 12.95
N LEU G 39 -126.73 35.07 13.38
CA LEU G 39 -125.62 35.26 12.45
C LEU G 39 -125.27 33.96 11.73
N GLU G 40 -125.17 32.87 12.47
CA GLU G 40 -124.93 31.57 11.84
C GLU G 40 -126.13 31.14 11.01
N ARG G 41 -127.33 31.32 11.55
CA ARG G 41 -128.53 30.82 10.88
C ARG G 41 -128.79 31.55 9.57
N LEU G 42 -128.56 32.86 9.53
CA LEU G 42 -129.03 33.67 8.42
C LEU G 42 -128.12 33.59 7.20
N GLU G 43 -126.89 34.09 7.32
CA GLU G 43 -126.03 34.21 6.15
C GLU G 43 -125.32 32.89 5.84
N LYS G 44 -124.64 32.31 6.82
CA LYS G 44 -123.82 31.14 6.55
C LYS G 44 -124.65 30.04 5.89
N GLU G 45 -125.77 29.67 6.52
CA GLU G 45 -126.62 28.64 5.96
C GLU G 45 -127.00 29.00 4.53
N ASN G 46 -127.36 30.26 4.30
CA ASN G 46 -127.75 30.68 2.96
C ASN G 46 -126.64 30.37 1.96
N LYS G 47 -125.40 30.75 2.27
CA LYS G 47 -124.32 30.49 1.32
C LYS G 47 -124.23 29.00 1.02
N GLU G 48 -124.38 28.18 2.06
CA GLU G 48 -124.38 26.74 1.84
C GLU G 48 -125.59 26.32 1.00
N LEU G 49 -126.77 26.83 1.35
CA LEU G 49 -128.00 26.31 0.73
C LEU G 49 -127.97 26.49 -0.77
N ARG G 50 -127.68 27.71 -1.24
CA ARG G 50 -127.67 27.92 -2.69
C ARG G 50 -126.65 26.99 -3.35
N LYS G 51 -125.50 26.77 -2.69
CA LYS G 51 -124.51 25.87 -3.27
C LYS G 51 -125.10 24.48 -3.43
N LEU G 52 -125.81 23.99 -2.40
CA LEU G 52 -126.47 22.71 -2.52
C LEU G 52 -127.46 22.73 -3.68
N VAL G 53 -128.20 23.83 -3.82
CA VAL G 53 -129.16 23.92 -4.91
C VAL G 53 -128.46 23.80 -6.25
N LEU G 54 -127.24 24.33 -6.35
CA LEU G 54 -126.46 24.12 -7.56
C LEU G 54 -125.93 22.69 -7.62
N GLN G 55 -125.40 22.18 -6.51
CA GLN G 55 -124.89 20.82 -6.49
C GLN G 55 -126.01 19.80 -6.75
N LYS G 56 -127.22 20.12 -6.29
CA LYS G 56 -128.36 19.23 -6.57
C LYS G 56 -128.61 19.10 -8.06
N ASP G 57 -128.22 20.10 -8.86
CA ASP G 57 -128.28 19.95 -10.30
C ASP G 57 -127.41 18.79 -10.77
N ASP G 58 -126.20 18.68 -10.21
CA ASP G 58 -125.31 17.59 -10.58
C ASP G 58 -125.87 16.23 -10.17
N LYS G 59 -126.50 16.16 -8.99
CA LYS G 59 -127.06 14.90 -8.48
C LYS G 59 -125.97 13.89 -8.14
N GLY G 60 -124.98 14.31 -7.36
CA GLY G 60 -123.92 13.40 -6.98
C GLY G 60 -124.39 12.31 -6.04
N ILE G 61 -123.71 11.17 -6.07
CA ILE G 61 -124.04 10.05 -5.19
C ILE G 61 -123.44 10.26 -3.80
N HIS G 62 -124.10 9.69 -2.80
CA HIS G 62 -123.66 9.81 -1.40
C HIS G 62 -122.56 8.80 -1.08
N HIS G 63 -121.53 9.26 -0.38
CA HIS G 63 -120.35 8.47 -0.01
C HIS G 63 -119.51 8.08 -1.21
N ARG G 64 -119.76 8.66 -2.38
CA ARG G 64 -118.96 8.34 -3.55
C ARG G 64 -117.50 8.73 -3.34
N LYS G 65 -117.26 9.89 -2.75
CA LYS G 65 -115.93 10.49 -2.62
C LYS G 65 -115.57 11.11 -3.96
N LEU G 66 -114.37 11.67 -4.08
CA LEU G 66 -113.94 12.30 -5.33
C LEU G 66 -114.95 13.34 -5.79
N LYS G 67 -115.50 14.10 -4.82
CA LYS G 67 -116.59 15.02 -5.13
C LYS G 67 -116.14 16.09 -6.12
N LYS G 68 -114.93 16.61 -5.97
CA LYS G 68 -114.42 17.66 -6.82
C LYS G 68 -113.02 17.30 -7.31
N SER G 69 -112.64 17.92 -8.42
CA SER G 69 -111.27 17.79 -8.89
C SER G 69 -110.32 18.42 -7.86
N LEU G 70 -109.14 17.82 -7.73
CA LEU G 70 -108.23 18.22 -6.66
C LEU G 70 -107.85 19.69 -6.77
N ILE G 71 -107.59 20.16 -7.99
CA ILE G 71 -107.15 21.54 -8.19
C ILE G 71 -108.26 22.53 -7.86
N ASP G 72 -109.51 22.19 -8.16
CA ASP G 72 -110.61 23.07 -7.80
C ASP G 72 -110.60 23.25 -6.29
N MET G 73 -110.23 22.19 -5.56
CA MET G 73 -110.17 22.26 -4.11
C MET G 73 -108.92 23.04 -3.62
N TYR G 74 -107.78 22.81 -4.28
CA TYR G 74 -106.64 23.68 -4.04
C TYR G 74 -106.85 25.16 -4.29
N SER G 75 -107.80 25.51 -5.17
CA SER G 75 -108.15 26.91 -5.32
C SER G 75 -108.71 27.47 -4.03
N GLU G 76 -109.58 26.70 -3.36
CA GLU G 76 -110.08 27.12 -2.05
C GLU G 76 -108.95 27.19 -1.04
N VAL G 77 -107.98 26.27 -1.14
CA VAL G 77 -106.83 26.31 -0.24
C VAL G 77 -106.07 27.63 -0.39
N LEU G 78 -105.76 28.00 -1.63
CA LEU G 78 -105.04 29.24 -1.87
C LEU G 78 -105.89 30.43 -1.47
N ASP G 79 -107.20 30.37 -1.70
CA ASP G 79 -108.08 31.47 -1.32
C ASP G 79 -108.10 31.66 0.19
N VAL G 80 -108.14 30.57 0.96
CA VAL G 80 -108.15 30.69 2.41
C VAL G 80 -106.82 31.21 2.92
N LEU G 81 -105.69 30.79 2.32
CA LEU G 81 -104.43 31.42 2.70
C LEU G 81 -104.42 32.91 2.39
N SER G 82 -104.95 33.29 1.22
CA SER G 82 -105.00 34.70 0.88
C SER G 82 -105.86 35.48 1.87
N ASP G 83 -107.00 34.91 2.26
CA ASP G 83 -107.89 35.61 3.18
C ASP G 83 -107.26 35.73 4.57
N TYR G 84 -106.65 34.64 5.06
CA TYR G 84 -106.00 34.68 6.37
C TYR G 84 -104.91 35.74 6.41
N ASP G 85 -104.05 35.76 5.39
CA ASP G 85 -102.97 36.74 5.31
C ASP G 85 -102.64 36.95 3.84
N ALA G 86 -102.99 38.11 3.30
CA ALA G 86 -102.75 38.41 1.90
C ALA G 86 -101.31 38.79 1.61
N SER G 87 -100.50 39.03 2.63
CA SER G 87 -99.11 39.40 2.42
C SER G 87 -98.33 38.23 1.83
N TYR G 88 -97.28 38.56 1.08
CA TYR G 88 -96.43 37.53 0.51
C TYR G 88 -95.83 36.62 1.57
N ASN G 89 -95.71 37.09 2.80
CA ASN G 89 -95.15 36.27 3.88
C ASN G 89 -95.94 34.98 4.07
N THR G 90 -97.23 35.00 3.74
CA THR G 90 -98.07 33.81 3.79
C THR G 90 -98.32 33.20 2.43
N GLN G 91 -98.27 34.01 1.36
CA GLN G 91 -98.35 33.46 0.02
C GLN G 91 -97.22 32.50 -0.27
N ASP G 92 -96.05 32.74 0.34
CA ASP G 92 -94.87 31.95 0.04
C ASP G 92 -95.05 30.48 0.37
N HIS G 93 -96.04 30.14 1.21
CA HIS G 93 -96.15 28.78 1.72
C HIS G 93 -96.57 27.78 0.65
N LEU G 94 -97.36 28.21 -0.34
CA LEU G 94 -97.91 27.24 -1.28
C LEU G 94 -97.60 27.61 -2.73
N PRO G 95 -97.61 26.63 -3.63
CA PRO G 95 -97.37 26.91 -5.05
C PRO G 95 -98.38 27.87 -5.66
N ARG G 96 -97.89 28.66 -6.62
CA ARG G 96 -98.72 29.53 -7.44
C ARG G 96 -98.11 29.62 -8.82
N VAL G 97 -98.89 30.10 -9.78
CA VAL G 97 -98.39 30.45 -11.10
C VAL G 97 -98.68 31.92 -11.35
N VAL G 98 -97.62 32.68 -11.62
CA VAL G 98 -97.70 34.11 -11.86
C VAL G 98 -97.67 34.33 -13.36
N VAL G 99 -98.60 35.14 -13.86
CA VAL G 99 -98.65 35.51 -15.27
C VAL G 99 -98.28 36.98 -15.36
N VAL G 100 -97.04 37.28 -15.76
CA VAL G 100 -96.56 38.66 -15.80
C VAL G 100 -95.91 38.90 -17.16
N GLY G 101 -96.01 40.13 -17.65
CA GLY G 101 -95.41 40.45 -18.93
C GLY G 101 -95.51 41.93 -19.23
N ASP G 102 -94.96 42.31 -20.37
CA ASP G 102 -95.03 43.69 -20.82
C ASP G 102 -96.47 44.10 -21.05
N GLN G 103 -96.75 45.40 -20.88
CA GLN G 103 -98.10 45.90 -21.10
C GLN G 103 -98.61 45.52 -22.48
N SER G 104 -99.81 44.98 -22.53
CA SER G 104 -100.50 44.71 -23.80
C SER G 104 -99.65 43.84 -24.72
N ALA G 105 -98.90 42.92 -24.11
CA ALA G 105 -98.10 41.97 -24.87
C ALA G 105 -98.86 40.72 -25.27
N GLY G 106 -100.13 40.60 -24.88
CA GLY G 106 -100.89 39.39 -25.12
C GLY G 106 -100.85 38.39 -24.00
N LYS G 107 -100.28 38.74 -22.85
CA LYS G 107 -100.22 37.81 -21.72
C LYS G 107 -101.60 37.39 -21.27
N THR G 108 -102.58 38.30 -21.31
CA THR G 108 -103.94 37.91 -21.00
C THR G 108 -104.44 36.88 -21.99
N SER G 109 -104.08 37.03 -23.27
CA SER G 109 -104.42 36.01 -24.26
C SER G 109 -103.70 34.71 -23.97
N VAL G 110 -102.47 34.76 -23.47
CA VAL G 110 -101.77 33.53 -23.11
C VAL G 110 -102.56 32.79 -22.03
N LEU G 111 -102.96 33.52 -20.98
CA LEU G 111 -103.72 32.89 -19.91
C LEU G 111 -105.05 32.35 -20.41
N GLU G 112 -105.75 33.13 -21.24
CA GLU G 112 -107.06 32.71 -21.72
C GLU G 112 -106.95 31.47 -22.61
N MET G 113 -105.91 31.42 -23.46
CA MET G 113 -105.69 30.24 -24.29
C MET G 113 -105.36 29.02 -23.42
N ILE G 114 -104.57 29.22 -22.37
CA ILE G 114 -104.35 28.12 -21.43
C ILE G 114 -105.68 27.71 -20.79
N ALA G 115 -106.52 28.69 -20.46
CA ALA G 115 -107.85 28.40 -19.92
C ALA G 115 -108.84 27.94 -20.97
N GLN G 116 -108.48 28.03 -22.26
CA GLN G 116 -109.32 27.53 -23.35
C GLN G 116 -110.64 28.31 -23.45
N ALA G 117 -110.60 29.60 -23.15
CA ALA G 117 -111.77 30.45 -23.31
C ALA G 117 -111.38 31.90 -23.11
N ARG G 118 -112.15 32.80 -23.74
CA ARG G 118 -111.98 34.24 -23.55
C ARG G 118 -112.74 34.64 -22.29
N ILE G 119 -112.08 34.40 -21.14
CA ILE G 119 -112.73 34.55 -19.85
C ILE G 119 -112.55 35.95 -19.27
N PHE G 120 -111.45 36.69 -19.66
CA PHE G 120 -111.20 37.99 -19.04
C PHE G 120 -111.62 39.13 -19.97
N PRO G 121 -112.10 40.23 -19.39
CA PRO G 121 -112.49 41.38 -20.23
C PRO G 121 -111.30 42.03 -20.91
N ARG G 122 -111.53 42.53 -22.11
CA ARG G 122 -110.50 43.24 -22.89
C ARG G 122 -111.12 44.50 -23.48
N GLY G 123 -111.88 45.23 -22.68
CA GLY G 123 -112.62 46.37 -23.19
C GLY G 123 -111.73 47.44 -23.80
N SER G 124 -110.59 47.72 -23.16
CA SER G 124 -109.67 48.73 -23.62
C SER G 124 -108.24 48.20 -23.56
N GLY G 125 -107.33 48.90 -24.22
CA GLY G 125 -105.94 48.50 -24.28
C GLY G 125 -105.00 49.27 -23.37
N GLU G 126 -105.51 50.17 -22.53
CA GLU G 126 -104.64 50.93 -21.64
C GLU G 126 -104.88 50.61 -20.17
N MET G 127 -106.11 50.79 -19.70
CA MET G 127 -106.38 50.58 -18.28
C MET G 127 -106.80 49.15 -18.00
N MET G 128 -107.34 48.44 -18.99
CA MET G 128 -107.82 47.08 -18.79
C MET G 128 -106.71 46.05 -18.84
N THR G 129 -105.49 46.46 -19.19
CA THR G 129 -104.34 45.57 -19.23
C THR G 129 -103.39 45.79 -18.08
N ARG G 130 -103.76 46.63 -17.11
CA ARG G 130 -102.89 46.97 -15.97
C ARG G 130 -103.59 46.72 -14.64
N SER G 131 -104.41 45.67 -14.56
CA SER G 131 -105.11 45.32 -13.34
C SER G 131 -105.13 43.80 -13.19
N PRO G 132 -105.13 43.29 -11.95
CA PRO G 132 -105.01 41.84 -11.73
C PRO G 132 -106.32 41.08 -11.81
N VAL G 133 -106.22 39.83 -12.26
CA VAL G 133 -107.26 38.82 -12.11
C VAL G 133 -106.58 37.53 -11.66
N LYS G 134 -107.33 36.63 -11.02
CA LYS G 134 -106.85 35.29 -10.73
C LYS G 134 -107.87 34.25 -11.21
N VAL G 135 -107.37 33.20 -11.86
CA VAL G 135 -108.23 32.13 -12.35
C VAL G 135 -107.60 30.78 -12.03
N THR G 136 -108.40 29.88 -11.45
CA THR G 136 -107.98 28.50 -11.31
C THR G 136 -108.36 27.70 -12.56
N LEU G 137 -107.55 26.71 -12.88
CA LEU G 137 -107.71 25.86 -14.05
C LEU G 137 -107.87 24.42 -13.58
N SER G 138 -108.95 23.78 -14.00
CA SER G 138 -109.31 22.44 -13.54
C SER G 138 -109.80 21.58 -14.69
N GLU G 139 -109.57 20.27 -14.56
CA GLU G 139 -110.14 19.31 -15.49
C GLU G 139 -111.66 19.26 -15.32
N GLY G 140 -112.35 19.00 -16.43
CA GLY G 140 -113.78 18.85 -16.40
C GLY G 140 -114.32 18.11 -17.61
N PRO G 141 -115.57 17.66 -17.53
CA PRO G 141 -116.24 17.12 -18.71
C PRO G 141 -116.90 18.17 -19.59
N HIS G 142 -116.97 19.41 -19.14
CA HIS G 142 -117.61 20.49 -19.88
C HIS G 142 -116.94 21.80 -19.48
N HIS G 143 -116.81 22.71 -20.46
CA HIS G 143 -116.10 23.97 -20.24
C HIS G 143 -117.05 24.93 -19.53
N VAL G 144 -116.90 25.06 -18.21
CA VAL G 144 -117.81 25.86 -17.40
C VAL G 144 -117.01 26.64 -16.36
N ALA G 145 -117.49 27.84 -16.03
CA ALA G 145 -116.80 28.71 -15.09
C ALA G 145 -117.73 29.11 -13.96
N LEU G 146 -117.16 29.29 -12.77
CA LEU G 146 -117.92 29.66 -11.58
C LEU G 146 -117.08 30.55 -10.69
N PHE G 147 -117.68 31.61 -10.18
CA PHE G 147 -116.97 32.52 -9.28
C PHE G 147 -117.00 32.03 -7.85
N LYS G 148 -116.02 32.49 -7.08
CA LYS G 148 -116.04 32.28 -5.63
C LYS G 148 -117.32 32.82 -5.01
N ASP G 149 -117.75 34.01 -5.45
CA ASP G 149 -118.81 34.76 -4.79
C ASP G 149 -120.11 34.77 -5.60
N SER G 150 -120.34 33.80 -6.47
CA SER G 150 -121.55 33.77 -7.27
C SER G 150 -121.98 32.33 -7.49
N SER G 151 -123.30 32.12 -7.50
CA SER G 151 -123.87 30.81 -7.76
C SER G 151 -124.06 30.54 -9.25
N ARG G 152 -123.84 31.53 -10.11
CA ARG G 152 -124.07 31.36 -11.54
C ARG G 152 -122.91 30.59 -12.18
N GLU G 153 -123.25 29.61 -13.01
CA GLU G 153 -122.28 28.91 -13.85
C GLU G 153 -122.33 29.50 -15.25
N PHE G 154 -121.18 29.65 -15.87
CA PHE G 154 -121.05 30.28 -17.17
C PHE G 154 -120.63 29.23 -18.21
N ASP G 155 -121.39 29.17 -19.31
CA ASP G 155 -121.06 28.28 -20.41
C ASP G 155 -119.94 28.92 -21.21
N LEU G 156 -118.79 28.25 -21.28
CA LEU G 156 -117.61 28.83 -21.91
C LEU G 156 -117.58 28.62 -23.41
N THR G 157 -118.58 27.97 -23.98
CA THR G 157 -118.67 27.77 -25.43
C THR G 157 -119.67 28.70 -26.09
N LYS G 158 -120.30 29.60 -25.35
CA LYS G 158 -121.29 30.53 -25.87
C LYS G 158 -120.88 31.96 -25.58
N GLU G 159 -121.19 32.86 -26.51
CA GLU G 159 -120.74 34.24 -26.37
C GLU G 159 -121.44 34.94 -25.22
N GLU G 160 -122.71 34.62 -24.98
CA GLU G 160 -123.46 35.34 -23.94
C GLU G 160 -122.85 35.11 -22.56
N ASP G 161 -122.56 33.86 -22.22
CA ASP G 161 -122.06 33.55 -20.89
C ASP G 161 -120.61 34.02 -20.72
N LEU G 162 -119.81 33.92 -21.77
CA LEU G 162 -118.45 34.47 -21.72
C LEU G 162 -118.50 35.98 -21.55
N ALA G 163 -119.44 36.64 -22.23
CA ALA G 163 -119.59 38.09 -22.08
C ALA G 163 -120.00 38.45 -20.65
N ALA G 164 -120.93 37.70 -20.07
CA ALA G 164 -121.34 37.97 -18.69
C ALA G 164 -120.17 37.72 -17.73
N LEU G 165 -119.38 36.68 -17.99
CA LEU G 165 -118.22 36.38 -17.16
C LEU G 165 -117.20 37.52 -17.23
N ARG G 166 -116.89 37.96 -18.44
CA ARG G 166 -115.99 39.09 -18.63
C ARG G 166 -116.56 40.33 -17.97
N HIS G 167 -117.90 40.47 -18.00
CA HIS G 167 -118.54 41.65 -17.42
C HIS G 167 -118.38 41.66 -15.91
N GLU G 168 -118.61 40.52 -15.26
CA GLU G 168 -118.40 40.46 -13.81
C GLU G 168 -116.95 40.76 -13.46
N ILE G 169 -116.02 40.15 -14.18
CA ILE G 169 -114.62 40.45 -13.90
C ILE G 169 -114.36 41.92 -14.09
N GLU G 170 -114.82 42.49 -15.21
CA GLU G 170 -114.62 43.91 -15.49
C GLU G 170 -115.19 44.80 -14.40
N LEU G 171 -116.40 44.49 -13.92
CA LEU G 171 -116.99 45.26 -12.84
C LEU G 171 -116.06 45.28 -11.64
N ARG G 172 -115.39 44.16 -11.38
CA ARG G 172 -114.41 44.17 -10.30
C ARG G 172 -113.11 44.87 -10.71
N MET G 173 -112.73 44.78 -11.99
CA MET G 173 -111.43 45.26 -12.46
C MET G 173 -111.33 46.77 -12.48
N ARG G 174 -112.37 47.44 -12.97
CA ARG G 174 -112.30 48.88 -13.20
C ARG G 174 -112.54 49.66 -11.92
N LYS G 175 -112.75 48.96 -10.81
CA LYS G 175 -112.94 49.59 -9.51
C LYS G 175 -111.78 49.31 -8.57
N ASN G 176 -111.08 48.19 -8.74
CA ASN G 176 -109.96 47.83 -7.88
C ASN G 176 -108.68 48.53 -8.37
N VAL G 177 -108.76 49.86 -8.39
CA VAL G 177 -107.67 50.69 -8.90
C VAL G 177 -107.71 52.02 -8.15
N LYS G 178 -106.53 52.49 -7.74
CA LYS G 178 -106.44 53.82 -7.14
C LYS G 178 -106.78 54.87 -8.19
N GLU G 179 -107.50 55.90 -7.76
CA GLU G 179 -107.94 56.93 -8.70
C GLU G 179 -106.73 57.64 -9.30
N GLY G 180 -106.74 57.76 -10.62
CA GLY G 180 -105.60 58.28 -11.36
C GLY G 180 -104.54 57.24 -11.60
N CYS G 181 -104.16 56.51 -10.56
CA CYS G 181 -103.18 55.43 -10.72
C CYS G 181 -103.71 54.37 -11.68
N THR G 182 -104.98 54.00 -11.55
CA THR G 182 -105.61 52.96 -12.36
C THR G 182 -104.96 51.60 -12.10
N VAL G 183 -104.21 51.47 -11.01
CA VAL G 183 -103.53 50.21 -10.68
C VAL G 183 -103.53 50.05 -9.16
N SER G 184 -104.18 48.99 -8.68
CA SER G 184 -104.19 48.66 -7.26
C SER G 184 -104.20 47.15 -7.10
N PRO G 185 -103.54 46.63 -6.06
CA PRO G 185 -103.65 45.19 -5.79
C PRO G 185 -105.01 44.82 -5.23
N GLU G 186 -105.55 43.71 -5.71
CA GLU G 186 -106.81 43.19 -5.21
C GLU G 186 -107.01 41.80 -5.79
N THR G 187 -107.91 41.03 -5.18
CA THR G 187 -108.13 39.64 -5.52
C THR G 187 -109.47 39.45 -6.21
N ILE G 188 -109.45 38.84 -7.38
CA ILE G 188 -110.64 38.37 -8.08
C ILE G 188 -110.41 36.90 -8.41
N SER G 189 -111.32 36.04 -7.96
CA SER G 189 -111.10 34.59 -7.98
C SER G 189 -112.19 33.93 -8.81
N LEU G 190 -111.81 33.34 -9.94
CA LEU G 190 -112.69 32.60 -10.81
C LEU G 190 -112.15 31.18 -10.98
N ASN G 191 -113.04 30.19 -10.98
CA ASN G 191 -112.68 28.81 -11.24
C ASN G 191 -113.17 28.42 -12.63
N VAL G 192 -112.24 28.10 -13.51
CA VAL G 192 -112.54 27.73 -14.89
C VAL G 192 -112.24 26.24 -15.05
N LYS G 193 -113.21 25.51 -15.59
CA LYS G 193 -113.16 24.06 -15.69
C LYS G 193 -113.42 23.65 -17.13
N GLY G 194 -112.89 22.49 -17.53
CA GLY G 194 -113.19 21.94 -18.83
C GLY G 194 -112.24 20.86 -19.29
N PRO G 195 -112.65 20.09 -20.29
CA PRO G 195 -111.76 19.07 -20.86
C PRO G 195 -110.45 19.66 -21.36
N GLY G 196 -109.35 18.94 -21.13
CA GLY G 196 -108.05 19.35 -21.60
C GLY G 196 -107.36 20.38 -20.74
N LEU G 197 -108.07 20.94 -19.76
CA LEU G 197 -107.51 21.97 -18.91
C LEU G 197 -106.75 21.35 -17.75
N GLN G 198 -105.60 21.94 -17.42
CA GLN G 198 -104.70 21.36 -16.44
C GLN G 198 -104.98 21.75 -14.99
N ARG G 199 -104.21 21.15 -14.08
CA ARG G 199 -104.30 21.43 -12.65
C ARG G 199 -103.39 22.58 -12.21
N MET G 200 -103.86 23.81 -12.45
CA MET G 200 -103.07 25.03 -12.16
C MET G 200 -103.85 26.13 -11.45
N VAL G 201 -103.19 27.20 -11.03
CA VAL G 201 -103.82 28.44 -10.55
C VAL G 201 -102.99 29.62 -11.03
N LEU G 202 -103.51 30.38 -12.00
CA LEU G 202 -102.74 31.44 -12.64
C LEU G 202 -103.23 32.81 -12.20
N VAL G 203 -102.29 33.70 -11.91
CA VAL G 203 -102.57 35.08 -11.53
C VAL G 203 -102.07 36.00 -12.63
N ASP G 204 -103.00 36.66 -13.33
CA ASP G 204 -102.68 37.71 -14.28
C ASP G 204 -102.48 39.01 -13.51
N LEU G 205 -101.27 39.59 -13.63
CA LEU G 205 -100.89 40.78 -12.90
C LEU G 205 -100.78 41.98 -13.84
N PRO G 206 -100.94 43.20 -13.32
CA PRO G 206 -100.91 44.39 -14.18
C PRO G 206 -99.74 44.41 -15.17
N GLY G 207 -100.03 44.79 -16.41
CA GLY G 207 -98.97 44.88 -17.40
C GLY G 207 -97.86 45.81 -16.94
N VAL G 208 -96.63 45.45 -17.29
CA VAL G 208 -95.45 46.18 -16.84
C VAL G 208 -95.18 47.32 -17.80
N ILE G 209 -94.76 48.47 -17.26
CA ILE G 209 -94.42 49.64 -18.07
C ILE G 209 -93.05 50.15 -17.65
N ASN G 210 -92.41 50.87 -18.58
CA ASN G 210 -91.15 51.55 -18.32
C ASN G 210 -91.26 53.06 -18.31
N THR G 211 -92.28 53.63 -18.96
CA THR G 211 -92.46 55.07 -19.03
C THR G 211 -93.91 55.40 -18.70
N VAL G 212 -94.13 56.67 -18.37
CA VAL G 212 -95.45 57.19 -18.03
C VAL G 212 -95.78 58.36 -18.95
N THR G 213 -97.04 58.46 -19.33
CA THR G 213 -97.53 59.48 -20.25
C THR G 213 -98.57 60.35 -19.56
N SER G 214 -99.11 61.32 -20.32
CA SER G 214 -100.02 62.30 -19.74
C SER G 214 -101.36 61.69 -19.33
N GLY G 215 -101.72 60.54 -19.90
CA GLY G 215 -102.94 59.87 -19.54
C GLY G 215 -102.83 58.96 -18.33
N MET G 216 -101.67 58.93 -17.68
CA MET G 216 -101.45 58.05 -16.55
C MET G 216 -100.68 58.81 -15.48
N ALA G 217 -100.81 58.33 -14.24
CA ALA G 217 -100.11 58.97 -13.14
C ALA G 217 -98.62 58.59 -13.17
N PRO G 218 -97.74 59.48 -12.70
CA PRO G 218 -96.32 59.11 -12.64
C PRO G 218 -96.06 57.94 -11.72
N ASP G 219 -96.83 57.83 -10.62
CA ASP G 219 -96.66 56.72 -9.69
C ASP G 219 -97.06 55.39 -10.30
N THR G 220 -97.82 55.41 -11.41
CA THR G 220 -98.32 54.16 -11.97
C THR G 220 -97.20 53.17 -12.24
N LYS G 221 -96.04 53.67 -12.68
CA LYS G 221 -94.92 52.79 -12.98
C LYS G 221 -94.49 52.02 -11.74
N GLU G 222 -94.41 52.70 -10.60
CA GLU G 222 -93.95 52.04 -9.38
C GLU G 222 -95.01 51.11 -8.81
N THR G 223 -96.27 51.54 -8.79
CA THR G 223 -97.32 50.71 -8.20
C THR G 223 -97.38 49.36 -8.88
N ILE G 224 -97.32 49.34 -10.22
CA ILE G 224 -97.32 48.08 -10.95
C ILE G 224 -96.20 47.19 -10.42
N PHE G 225 -95.00 47.76 -10.31
CA PHE G 225 -93.87 46.97 -9.82
C PHE G 225 -94.19 46.39 -8.46
N SER G 226 -94.77 47.19 -7.57
CA SER G 226 -95.08 46.73 -6.23
C SER G 226 -96.03 45.53 -6.28
N ILE G 227 -97.03 45.60 -7.15
CA ILE G 227 -97.90 44.44 -7.33
C ILE G 227 -97.13 43.32 -8.00
N SER G 228 -96.36 43.66 -9.05
CA SER G 228 -95.66 42.65 -9.82
C SER G 228 -94.68 41.89 -8.94
N LYS G 229 -94.00 42.60 -8.06
CA LYS G 229 -93.03 41.99 -7.16
C LYS G 229 -93.72 41.15 -6.08
N ALA G 230 -94.97 41.49 -5.73
CA ALA G 230 -95.62 40.83 -4.59
C ALA G 230 -95.79 39.32 -4.82
N TYR G 231 -96.36 38.91 -5.95
CA TYR G 231 -96.58 37.49 -6.22
C TYR G 231 -95.33 36.80 -6.76
N MET G 232 -94.43 37.52 -7.43
CA MET G 232 -93.15 36.94 -7.83
C MET G 232 -92.32 36.51 -6.62
N GLN G 233 -92.49 37.15 -5.47
CA GLN G 233 -91.63 36.84 -4.34
C GLN G 233 -91.80 35.39 -3.92
N ASN G 234 -92.99 34.81 -4.15
CA ASN G 234 -93.26 33.44 -3.78
C ASN G 234 -92.17 32.50 -4.32
N PRO G 235 -91.35 31.90 -3.46
CA PRO G 235 -90.34 30.95 -3.97
C PRO G 235 -90.95 29.70 -4.58
N ASN G 236 -92.23 29.42 -4.29
CA ASN G 236 -92.92 28.27 -4.85
C ASN G 236 -93.78 28.66 -6.05
N ALA G 237 -93.53 29.82 -6.64
CA ALA G 237 -94.29 30.25 -7.80
C ALA G 237 -93.52 29.91 -9.09
N ILE G 238 -94.29 29.57 -10.12
CA ILE G 238 -93.77 29.48 -11.48
C ILE G 238 -94.12 30.79 -12.16
N ILE G 239 -93.11 31.54 -12.55
CA ILE G 239 -93.29 32.91 -13.04
C ILE G 239 -93.20 32.86 -14.57
N LEU G 240 -94.31 33.16 -15.23
CA LEU G 240 -94.35 33.25 -16.69
C LEU G 240 -94.03 34.69 -17.08
N CYS G 241 -92.79 34.90 -17.54
CA CYS G 241 -92.31 36.18 -18.01
C CYS G 241 -92.65 36.25 -19.49
N ILE G 242 -93.66 37.05 -19.80
CA ILE G 242 -94.30 37.07 -21.11
C ILE G 242 -93.86 38.34 -21.80
N GLN G 243 -93.16 38.20 -22.92
CA GLN G 243 -92.57 39.32 -23.62
C GLN G 243 -93.13 39.44 -25.02
N ASP G 244 -93.31 40.69 -25.44
CA ASP G 244 -93.84 41.00 -26.76
C ASP G 244 -92.75 40.70 -27.79
N GLY G 245 -93.00 39.71 -28.65
CA GLY G 245 -92.00 39.29 -29.60
C GLY G 245 -91.71 40.30 -30.69
N SER G 246 -92.52 41.35 -30.81
CA SER G 246 -92.33 42.35 -31.85
C SER G 246 -91.26 43.37 -31.49
N VAL G 247 -90.75 43.36 -30.26
CA VAL G 247 -89.72 44.30 -29.82
C VAL G 247 -88.51 43.50 -29.38
N ASP G 248 -87.37 44.19 -29.30
CA ASP G 248 -86.12 43.54 -28.95
C ASP G 248 -86.20 42.89 -27.59
N ALA G 249 -85.62 41.70 -27.48
CA ALA G 249 -85.54 41.03 -26.18
C ALA G 249 -84.71 41.84 -25.20
N GLU G 250 -83.68 42.53 -25.68
CA GLU G 250 -82.85 43.36 -24.82
C GLU G 250 -83.64 44.51 -24.21
N ARG G 251 -84.80 44.85 -24.78
CA ARG G 251 -85.60 45.97 -24.32
C ARG G 251 -86.78 45.53 -23.45
N SER G 252 -86.81 44.25 -23.06
CA SER G 252 -87.90 43.77 -22.21
C SER G 252 -87.95 44.56 -20.92
N ILE G 253 -89.16 44.93 -20.50
CA ILE G 253 -89.35 45.69 -19.28
C ILE G 253 -89.63 44.76 -18.10
N VAL G 254 -90.42 43.71 -18.32
CA VAL G 254 -90.76 42.77 -17.26
C VAL G 254 -89.52 42.06 -16.74
N THR G 255 -88.55 41.78 -17.63
CA THR G 255 -87.36 41.06 -17.20
C THR G 255 -86.67 41.76 -16.05
N ASP G 256 -86.53 43.08 -16.14
CA ASP G 256 -85.83 43.84 -15.11
C ASP G 256 -86.53 43.76 -13.76
N LEU G 257 -87.79 43.33 -13.74
CA LEU G 257 -88.51 43.03 -12.51
C LEU G 257 -88.34 41.58 -12.07
N VAL G 258 -88.37 40.64 -13.01
CA VAL G 258 -88.23 39.23 -12.66
C VAL G 258 -86.86 38.99 -12.05
N SER G 259 -85.83 39.64 -12.58
CA SER G 259 -84.48 39.50 -12.02
C SER G 259 -84.39 40.02 -10.59
N GLN G 260 -85.36 40.80 -10.12
CA GLN G 260 -85.35 41.22 -8.71
C GLN G 260 -85.91 40.16 -7.77
N MET G 261 -86.61 39.16 -8.30
CA MET G 261 -87.09 38.04 -7.50
C MET G 261 -86.39 36.73 -7.84
N ASP G 262 -85.90 36.60 -9.07
CA ASP G 262 -85.13 35.42 -9.48
C ASP G 262 -84.01 35.91 -10.38
N PRO G 263 -82.89 36.34 -9.79
CA PRO G 263 -81.84 36.99 -10.59
C PRO G 263 -81.34 36.16 -11.76
N HIS G 264 -81.50 34.83 -11.70
CA HIS G 264 -81.02 33.94 -12.75
C HIS G 264 -82.13 33.16 -13.43
N GLY G 265 -83.39 33.47 -13.11
CA GLY G 265 -84.51 32.78 -13.76
C GLY G 265 -84.67 31.34 -13.37
N ARG G 266 -84.23 30.95 -12.18
CA ARG G 266 -84.28 29.54 -11.79
C ARG G 266 -85.71 28.99 -11.80
N ARG G 267 -86.68 29.76 -11.30
CA ARG G 267 -88.05 29.29 -11.21
C ARG G 267 -88.95 29.99 -12.23
N THR G 268 -88.38 30.53 -13.29
CA THR G 268 -89.12 31.31 -14.27
C THR G 268 -89.17 30.58 -15.61
N ILE G 269 -90.16 30.96 -16.42
CA ILE G 269 -90.34 30.47 -17.78
C ILE G 269 -90.51 31.66 -18.70
N PHE G 270 -89.93 31.58 -19.89
CA PHE G 270 -90.04 32.64 -20.88
C PHE G 270 -91.17 32.32 -21.85
N VAL G 271 -91.99 33.33 -22.14
CA VAL G 271 -93.09 33.22 -23.09
C VAL G 271 -92.91 34.29 -24.14
N LEU G 272 -92.92 33.89 -25.41
CA LEU G 272 -92.77 34.79 -26.54
C LEU G 272 -94.15 34.98 -27.18
N THR G 273 -94.67 36.21 -27.13
CA THR G 273 -96.00 36.48 -27.66
C THR G 273 -95.91 37.10 -29.05
N LYS G 274 -97.07 37.13 -29.72
CA LYS G 274 -97.19 37.77 -31.03
C LYS G 274 -96.18 37.17 -32.03
N VAL G 275 -96.04 35.85 -31.99
CA VAL G 275 -95.06 35.17 -32.84
C VAL G 275 -95.43 35.33 -34.31
N ASP G 276 -96.71 35.34 -34.63
CA ASP G 276 -97.17 35.48 -36.00
C ASP G 276 -97.25 36.93 -36.46
N LEU G 277 -96.96 37.87 -35.57
CA LEU G 277 -96.81 39.27 -35.94
C LEU G 277 -95.37 39.75 -35.94
N ALA G 278 -94.51 39.16 -35.11
CA ALA G 278 -93.09 39.51 -35.07
C ALA G 278 -92.31 38.70 -36.11
N GLU G 279 -92.63 38.96 -37.38
CA GLU G 279 -92.00 38.22 -38.47
C GLU G 279 -90.49 38.37 -38.46
N LYS G 280 -89.99 39.54 -38.06
CA LYS G 280 -88.54 39.78 -38.10
C LYS G 280 -87.78 38.79 -37.23
N ASN G 281 -88.42 38.19 -36.23
CA ASN G 281 -87.78 37.23 -35.35
C ASN G 281 -88.10 35.79 -35.71
N VAL G 282 -89.39 35.44 -35.79
CA VAL G 282 -89.77 34.05 -36.03
C VAL G 282 -89.20 33.53 -37.34
N ALA G 283 -88.81 34.43 -38.24
CA ALA G 283 -88.23 34.04 -39.52
C ALA G 283 -86.71 34.03 -39.52
N SER G 284 -86.06 34.28 -38.38
CA SER G 284 -84.61 34.39 -38.34
C SER G 284 -84.04 33.62 -37.15
N PRO G 285 -83.27 32.55 -37.39
CA PRO G 285 -82.68 31.81 -36.25
C PRO G 285 -81.81 32.68 -35.36
N SER G 286 -81.10 33.66 -35.93
CA SER G 286 -80.10 34.40 -35.16
C SER G 286 -80.69 35.13 -33.97
N ARG G 287 -82.01 35.35 -33.96
CA ARG G 287 -82.71 35.96 -32.84
C ARG G 287 -83.46 34.92 -32.01
N ILE G 288 -84.14 34.00 -32.70
CA ILE G 288 -85.03 33.07 -32.02
C ILE G 288 -84.26 32.04 -31.21
N GLN G 289 -83.14 31.54 -31.74
CA GLN G 289 -82.45 30.50 -30.98
C GLN G 289 -81.86 31.08 -29.70
N GLN G 290 -81.38 32.33 -29.74
CA GLN G 290 -80.94 32.96 -28.51
C GLN G 290 -82.11 33.25 -27.57
N ILE G 291 -83.23 33.71 -28.11
CA ILE G 291 -84.35 34.10 -27.26
C ILE G 291 -84.97 32.88 -26.57
N ILE G 292 -85.02 31.75 -27.29
CA ILE G 292 -85.70 30.56 -26.78
C ILE G 292 -84.76 29.59 -26.06
N GLU G 293 -83.45 29.68 -26.31
CA GLU G 293 -82.52 28.80 -25.60
C GLU G 293 -82.10 29.37 -24.25
N GLY G 294 -82.16 30.69 -24.11
CA GLY G 294 -81.76 31.34 -22.87
C GLY G 294 -80.43 32.04 -22.97
N LYS G 295 -80.04 32.40 -24.19
CA LYS G 295 -78.79 33.12 -24.43
C LYS G 295 -79.00 34.61 -24.62
N LEU G 296 -80.18 35.03 -25.09
CA LEU G 296 -80.48 36.44 -25.27
C LEU G 296 -80.91 37.11 -23.98
N PHE G 297 -81.20 36.33 -22.93
CA PHE G 297 -81.66 36.85 -21.66
C PHE G 297 -80.66 36.52 -20.56
N PRO G 298 -80.64 37.30 -19.47
CA PRO G 298 -79.93 36.86 -18.26
C PRO G 298 -80.62 35.69 -17.57
N MET G 299 -81.84 35.36 -17.97
CA MET G 299 -82.66 34.37 -17.28
C MET G 299 -82.43 32.98 -17.85
N LYS G 300 -82.16 32.03 -16.95
CA LYS G 300 -81.98 30.61 -17.29
C LYS G 300 -83.22 29.89 -16.78
N ALA G 301 -84.23 29.79 -17.64
CA ALA G 301 -85.58 29.46 -17.23
C ALA G 301 -85.79 27.97 -17.01
N LEU G 302 -86.93 27.65 -16.39
CA LEU G 302 -87.45 26.29 -16.38
C LEU G 302 -87.79 25.81 -17.79
N GLY G 303 -88.04 26.73 -18.71
CA GLY G 303 -88.41 26.38 -20.06
C GLY G 303 -88.67 27.65 -20.85
N TYR G 304 -88.81 27.46 -22.17
CA TYR G 304 -89.01 28.58 -23.09
C TYR G 304 -90.09 28.18 -24.08
N PHE G 305 -91.09 29.05 -24.28
CA PHE G 305 -92.24 28.70 -25.10
C PHE G 305 -92.65 29.89 -25.97
N ALA G 306 -93.21 29.57 -27.14
CA ALA G 306 -93.69 30.56 -28.10
C ALA G 306 -95.18 30.33 -28.35
N VAL G 307 -95.96 31.41 -28.38
CA VAL G 307 -97.41 31.34 -28.49
C VAL G 307 -97.92 32.42 -29.42
N VAL G 308 -99.13 32.19 -29.96
CA VAL G 308 -99.86 33.17 -30.76
C VAL G 308 -100.98 33.75 -29.90
N THR G 309 -100.98 35.07 -29.71
CA THR G 309 -101.90 35.74 -28.81
C THR G 309 -102.99 36.53 -29.51
N GLY G 310 -103.06 36.46 -30.84
CA GLY G 310 -104.04 37.26 -31.57
C GLY G 310 -103.40 38.22 -32.54
N LYS G 311 -104.08 38.46 -33.66
CA LYS G 311 -103.52 39.23 -34.77
C LYS G 311 -103.84 40.71 -34.63
N GLY G 312 -103.51 41.26 -33.46
CA GLY G 312 -103.76 42.65 -33.16
C GLY G 312 -105.17 42.98 -32.72
N ASN G 313 -106.06 41.99 -32.67
CA ASN G 313 -107.44 42.18 -32.26
C ASN G 313 -107.59 41.76 -30.80
N SER G 314 -107.80 42.75 -29.92
CA SER G 314 -107.90 42.48 -28.50
C SER G 314 -109.13 41.65 -28.14
N SER G 315 -110.12 41.57 -29.03
CA SER G 315 -111.37 40.87 -28.75
C SER G 315 -111.54 39.61 -29.57
N GLU G 316 -110.47 39.14 -30.22
CA GLU G 316 -110.57 37.95 -31.05
C GLU G 316 -110.84 36.71 -30.20
N SER G 317 -111.65 35.80 -30.74
CA SER G 317 -112.03 34.60 -30.00
C SER G 317 -110.82 33.73 -29.73
N ILE G 318 -110.78 33.14 -28.53
CA ILE G 318 -109.65 32.30 -28.13
C ILE G 318 -109.59 31.04 -28.99
N GLU G 319 -110.75 30.47 -29.34
CA GLU G 319 -110.74 29.25 -30.14
C GLU G 319 -110.09 29.49 -31.50
N ALA G 320 -110.47 30.59 -32.17
CA ALA G 320 -109.84 30.93 -33.44
C ALA G 320 -108.36 31.18 -33.24
N ILE G 321 -107.98 31.83 -32.14
CA ILE G 321 -106.58 32.12 -31.89
C ILE G 321 -105.78 30.82 -31.75
N ARG G 322 -106.35 29.83 -31.06
CA ARG G 322 -105.64 28.55 -30.90
C ARG G 322 -105.55 27.80 -32.23
N GLU G 323 -106.62 27.81 -33.03
CA GLU G 323 -106.55 27.18 -34.33
C GLU G 323 -105.47 27.83 -35.19
N TYR G 324 -105.43 29.16 -35.18
CA TYR G 324 -104.42 29.89 -35.94
C TYR G 324 -103.03 29.65 -35.36
N GLU G 325 -102.91 29.46 -34.05
CA GLU G 325 -101.63 29.15 -33.44
C GLU G 325 -101.11 27.81 -33.96
N GLU G 326 -101.97 26.79 -33.97
CA GLU G 326 -101.53 25.49 -34.47
C GLU G 326 -101.17 25.58 -35.95
N GLU G 327 -101.92 26.34 -36.73
CA GLU G 327 -101.62 26.46 -38.16
C GLU G 327 -100.33 27.25 -38.40
N PHE G 328 -100.08 28.28 -37.60
CA PHE G 328 -98.98 29.20 -37.88
C PHE G 328 -97.62 28.52 -37.81
N PHE G 329 -97.37 27.79 -36.71
CA PHE G 329 -96.05 27.19 -36.54
C PHE G 329 -95.73 26.24 -37.68
N GLN G 330 -96.74 25.49 -38.15
CA GLN G 330 -96.55 24.67 -39.33
C GLN G 330 -96.26 25.53 -40.55
N ASN G 331 -97.00 26.63 -40.71
CA ASN G 331 -96.76 27.52 -41.85
C ASN G 331 -95.39 28.19 -41.75
N SER G 332 -94.97 28.56 -40.54
CA SER G 332 -93.79 29.39 -40.37
C SER G 332 -92.50 28.61 -40.68
N LYS G 333 -91.45 29.37 -40.99
CA LYS G 333 -90.12 28.81 -41.17
C LYS G 333 -89.63 28.10 -39.91
N LEU G 334 -90.15 28.50 -38.75
CA LEU G 334 -89.50 28.16 -37.49
C LEU G 334 -89.42 26.65 -37.27
N LEU G 335 -90.49 25.91 -37.61
CA LEU G 335 -90.45 24.46 -37.43
C LEU G 335 -89.49 23.80 -38.40
N LYS G 336 -89.42 24.30 -39.64
CA LYS G 336 -88.59 23.66 -40.65
C LYS G 336 -87.11 23.79 -40.33
N THR G 337 -86.68 24.97 -39.86
CA THR G 337 -85.27 25.25 -39.65
C THR G 337 -84.84 25.10 -38.19
N SER G 338 -85.72 24.57 -37.34
CA SER G 338 -85.37 24.21 -35.96
C SER G 338 -84.78 25.39 -35.19
N MET G 339 -85.39 26.57 -35.34
CA MET G 339 -85.11 27.68 -34.44
C MET G 339 -85.96 27.61 -33.19
N LEU G 340 -87.18 27.09 -33.31
CA LEU G 340 -88.01 26.71 -32.18
C LEU G 340 -88.28 25.22 -32.26
N LYS G 341 -88.20 24.55 -31.13
CA LYS G 341 -88.45 23.11 -31.09
C LYS G 341 -89.93 22.83 -30.84
N ALA G 342 -90.37 21.66 -31.29
CA ALA G 342 -91.80 21.36 -31.31
C ALA G 342 -92.40 21.43 -29.91
N HIS G 343 -91.66 21.03 -28.89
CA HIS G 343 -92.13 21.10 -27.52
C HIS G 343 -92.06 22.51 -26.93
N GLN G 344 -91.50 23.47 -27.67
CA GLN G 344 -91.39 24.84 -27.22
C GLN G 344 -92.45 25.76 -27.81
N VAL G 345 -93.45 25.22 -28.49
CA VAL G 345 -94.41 26.03 -29.21
C VAL G 345 -95.83 25.64 -28.82
N THR G 346 -96.75 26.59 -28.98
CA THR G 346 -98.18 26.37 -28.80
C THR G 346 -98.58 26.33 -27.34
N THR G 347 -99.88 26.45 -27.09
CA THR G 347 -100.40 26.50 -25.72
C THR G 347 -100.19 25.18 -24.99
N ARG G 348 -100.36 24.06 -25.70
CA ARG G 348 -100.37 22.76 -25.06
C ARG G 348 -99.06 22.51 -24.28
N ASN G 349 -97.93 22.81 -24.90
CA ASN G 349 -96.64 22.46 -24.28
C ASN G 349 -96.38 23.31 -23.05
N LEU G 350 -96.63 24.62 -23.16
CA LEU G 350 -96.47 25.52 -22.02
C LEU G 350 -97.37 25.08 -20.87
N SER G 351 -98.64 24.81 -21.19
CA SER G 351 -99.60 24.41 -20.16
C SER G 351 -99.16 23.14 -19.48
N LEU G 352 -98.74 22.14 -20.25
CA LEU G 352 -98.37 20.86 -19.66
C LEU G 352 -97.12 20.98 -18.79
N ALA G 353 -96.11 21.72 -19.25
CA ALA G 353 -94.90 21.86 -18.44
C ALA G 353 -95.22 22.55 -17.11
N VAL G 354 -95.90 23.70 -17.17
CA VAL G 354 -96.18 24.43 -15.95
C VAL G 354 -97.12 23.62 -15.06
N SER G 355 -98.06 22.89 -15.67
CA SER G 355 -98.97 22.04 -14.91
C SER G 355 -98.21 20.96 -14.14
N ASP G 356 -97.27 20.28 -14.81
CA ASP G 356 -96.56 19.20 -14.14
C ASP G 356 -95.79 19.74 -12.95
N CYS G 357 -94.99 20.80 -13.17
CA CYS G 357 -94.22 21.35 -12.07
C CYS G 357 -95.14 21.78 -10.94
N PHE G 358 -96.15 22.59 -11.28
CA PHE G 358 -97.03 23.17 -10.28
C PHE G 358 -97.74 22.10 -9.48
N TRP G 359 -98.34 21.10 -10.15
CA TRP G 359 -99.19 20.16 -9.42
C TRP G 359 -98.37 19.17 -8.60
N LYS G 360 -97.19 18.75 -9.08
CA LYS G 360 -96.36 17.91 -8.22
C LYS G 360 -95.98 18.68 -6.96
N MET G 361 -95.53 19.92 -7.14
CA MET G 361 -95.12 20.70 -5.99
C MET G 361 -96.32 21.03 -5.10
N VAL G 362 -97.52 21.12 -5.68
CA VAL G 362 -98.73 21.33 -4.88
C VAL G 362 -99.04 20.13 -4.01
N ARG G 363 -98.97 18.92 -4.57
CA ARG G 363 -99.24 17.75 -3.76
C ARG G 363 -98.32 17.74 -2.55
N GLU G 364 -97.02 17.86 -2.79
CA GLU G 364 -96.09 17.79 -1.66
C GLU G 364 -96.22 19.01 -0.76
N SER G 365 -96.49 20.18 -1.34
CA SER G 365 -96.56 21.41 -0.58
C SER G 365 -97.72 21.48 0.40
N VAL G 366 -98.90 20.98 0.02
CA VAL G 366 -100.01 20.97 0.95
C VAL G 366 -99.83 19.87 2.00
N GLU G 367 -99.27 18.72 1.60
CA GLU G 367 -98.97 17.70 2.60
C GLU G 367 -98.06 18.35 3.64
N GLN G 368 -97.15 19.22 3.21
CA GLN G 368 -96.27 19.91 4.15
C GLN G 368 -97.00 21.01 4.91
N GLN G 369 -97.83 21.80 4.22
CA GLN G 369 -98.34 23.03 4.80
C GLN G 369 -99.53 22.81 5.73
N ALA G 370 -100.28 21.72 5.56
CA ALA G 370 -101.27 21.40 6.58
C ALA G 370 -100.60 21.33 7.94
N ASP G 371 -99.51 20.56 8.04
CA ASP G 371 -98.77 20.46 9.27
C ASP G 371 -98.04 21.76 9.59
N SER G 372 -97.63 22.52 8.57
CA SER G 372 -97.00 23.81 8.82
C SER G 372 -97.94 24.72 9.60
N PHE G 373 -99.18 24.93 9.13
CA PHE G 373 -100.15 25.88 9.74
C PHE G 373 -100.68 25.27 11.05
N LYS G 374 -100.85 23.94 11.13
CA LYS G 374 -101.23 23.24 12.41
C LYS G 374 -100.08 23.44 13.40
N ALA G 375 -98.81 23.33 12.96
CA ALA G 375 -97.60 23.56 13.79
C ALA G 375 -97.61 25.03 14.20
N THR G 376 -98.03 25.93 13.30
CA THR G 376 -98.12 27.39 13.60
C THR G 376 -99.15 27.55 14.73
N ARG G 377 -100.26 26.81 14.75
CA ARG G 377 -101.24 26.88 15.89
C ARG G 377 -100.51 26.40 17.16
N PHE G 378 -99.72 25.32 17.06
CA PHE G 378 -98.95 24.78 18.22
C PHE G 378 -97.92 25.84 18.68
N ASN G 379 -97.22 26.51 17.75
CA ASN G 379 -96.21 27.58 18.06
C ASN G 379 -96.94 28.78 18.69
N LEU G 380 -98.11 29.13 18.17
CA LEU G 380 -98.97 30.27 18.67
C LEU G 380 -99.39 29.90 20.10
N GLU G 381 -99.67 28.62 20.38
CA GLU G 381 -100.13 28.13 21.73
C GLU G 381 -98.97 28.13 22.74
N THR G 382 -97.70 27.95 22.35
CA THR G 382 -96.60 28.05 23.30
C THR G 382 -96.43 29.49 23.76
N GLU G 383 -96.38 30.41 22.78
CA GLU G 383 -96.23 31.83 23.14
C GLU G 383 -97.41 32.31 23.98
N TRP G 384 -98.63 31.92 23.63
CA TRP G 384 -99.80 32.45 24.30
C TRP G 384 -99.91 31.94 25.74
N LYS G 385 -99.63 30.65 25.94
CA LYS G 385 -99.54 30.15 27.31
C LYS G 385 -98.46 30.88 28.09
N ASN G 386 -97.27 31.04 27.51
CA ASN G 386 -96.16 31.59 28.27
C ASN G 386 -96.41 33.05 28.64
N ASN G 387 -96.98 33.82 27.72
CA ASN G 387 -97.22 35.25 27.97
C ASN G 387 -98.22 35.45 29.09
N TYR G 388 -99.36 34.79 29.02
CA TYR G 388 -100.42 34.94 30.00
C TYR G 388 -100.93 33.58 30.40
N PRO G 389 -101.52 33.46 31.59
CA PRO G 389 -102.30 32.26 31.89
C PRO G 389 -103.40 32.12 30.84
N ARG G 390 -103.65 30.88 30.41
CA ARG G 390 -104.55 30.66 29.29
C ARG G 390 -105.86 31.38 29.53
N LEU G 391 -106.16 32.35 28.65
CA LEU G 391 -107.39 33.11 28.77
C LEU G 391 -107.63 33.84 27.45
N ARG G 392 -108.90 33.88 27.03
CA ARG G 392 -109.31 34.54 25.80
C ARG G 392 -110.55 35.41 26.01
N GLU G 393 -110.87 35.74 27.26
CA GLU G 393 -112.09 36.50 27.54
C GLU G 393 -112.04 37.90 26.95
N LEU G 394 -110.87 38.54 27.00
CA LEU G 394 -110.75 39.95 26.62
C LEU G 394 -110.66 40.13 25.11
N ASP G 395 -110.72 41.39 24.69
CA ASP G 395 -110.57 41.76 23.28
C ASP G 395 -110.24 43.24 23.21
N ARG G 396 -109.68 43.65 22.07
CA ARG G 396 -109.32 45.05 21.87
C ARG G 396 -110.51 45.97 22.07
N ASN G 397 -111.64 45.63 21.43
CA ASN G 397 -112.86 46.41 21.61
C ASN G 397 -113.36 46.31 23.05
N GLU G 398 -113.27 45.12 23.63
CA GLU G 398 -113.67 44.95 25.02
C GLU G 398 -112.80 45.75 25.97
N LEU G 399 -111.55 46.03 25.61
CA LEU G 399 -110.74 46.93 26.43
C LEU G 399 -111.37 48.32 26.48
N PHE G 400 -111.81 48.84 25.33
CA PHE G 400 -112.53 50.11 25.35
C PHE G 400 -113.79 50.01 26.18
N GLU G 401 -114.53 48.91 26.05
CA GLU G 401 -115.78 48.82 26.80
C GLU G 401 -115.52 48.80 28.31
N LYS G 402 -114.50 48.06 28.75
CA LYS G 402 -114.21 47.97 30.17
C LYS G 402 -113.64 49.28 30.71
N ALA G 403 -112.76 49.94 29.96
CA ALA G 403 -112.25 51.22 30.43
C ALA G 403 -113.36 52.27 30.44
N LYS G 404 -114.29 52.20 29.49
CA LYS G 404 -115.45 53.08 29.49
C LYS G 404 -116.28 52.89 30.74
N ASN G 405 -116.57 51.63 31.09
CA ASN G 405 -117.38 51.38 32.27
C ASN G 405 -116.64 51.77 33.55
N GLU G 406 -115.33 51.50 33.62
CA GLU G 406 -114.55 51.95 34.75
C GLU G 406 -114.62 53.46 34.91
N ILE G 407 -114.48 54.20 33.80
CA ILE G 407 -114.49 55.65 33.87
C ILE G 407 -115.84 56.16 34.32
N LEU G 408 -116.92 55.61 33.74
CA LEU G 408 -118.24 56.08 34.13
C LEU G 408 -118.57 55.71 35.58
N ASP G 409 -118.11 54.54 36.04
CA ASP G 409 -118.33 54.17 37.43
C ASP G 409 -117.59 55.10 38.37
N GLU G 410 -116.35 55.45 38.03
CA GLU G 410 -115.60 56.38 38.87
C GLU G 410 -116.20 57.77 38.83
N VAL G 411 -116.74 58.19 37.68
CA VAL G 411 -117.39 59.49 37.60
C VAL G 411 -118.65 59.52 38.45
N ILE G 412 -119.45 58.46 38.40
CA ILE G 412 -120.62 58.40 39.27
C ILE G 412 -120.19 58.44 40.72
N SER G 413 -119.26 57.56 41.12
CA SER G 413 -118.80 57.54 42.50
C SER G 413 -118.29 58.90 42.92
N LEU G 414 -117.59 59.60 42.01
CA LEU G 414 -117.21 60.98 42.25
C LEU G 414 -118.44 61.82 42.58
N SER G 415 -119.53 61.62 41.83
CA SER G 415 -120.75 62.37 42.10
C SER G 415 -121.37 62.03 43.44
N GLN G 416 -121.19 60.80 43.94
CA GLN G 416 -121.66 60.42 45.26
C GLN G 416 -120.57 60.41 46.32
N VAL G 417 -119.42 61.04 46.06
CA VAL G 417 -118.45 61.23 47.14
C VAL G 417 -119.10 62.01 48.26
N THR G 418 -118.83 61.61 49.51
CA THR G 418 -119.34 62.32 50.66
C THR G 418 -119.15 63.82 50.46
N PRO G 419 -120.22 64.61 50.39
CA PRO G 419 -120.05 66.04 50.18
C PRO G 419 -119.09 66.68 51.16
N LYS G 420 -119.16 66.28 52.43
CA LYS G 420 -118.37 66.92 53.47
C LYS G 420 -116.90 66.94 53.08
N HIS G 421 -116.45 65.91 52.39
CA HIS G 421 -115.08 65.86 51.89
C HIS G 421 -114.87 66.93 50.83
N TRP G 422 -115.88 67.16 49.98
CA TRP G 422 -115.79 68.21 48.99
C TRP G 422 -115.63 69.58 49.66
N GLU G 423 -116.43 69.84 50.70
CA GLU G 423 -116.30 71.13 51.40
C GLU G 423 -114.95 71.24 52.08
N GLU G 424 -114.45 70.14 52.66
CA GLU G 424 -113.13 70.21 53.31
C GLU G 424 -112.06 70.62 52.30
N ILE G 425 -112.07 70.01 51.13
CA ILE G 425 -111.11 70.35 50.10
C ILE G 425 -111.25 71.82 49.72
N LEU G 426 -112.48 72.26 49.46
CA LEU G 426 -112.71 73.62 49.02
C LEU G 426 -112.29 74.62 50.09
N GLN G 427 -112.59 74.32 51.36
CA GLN G 427 -112.26 75.21 52.46
C GLN G 427 -110.75 75.38 52.61
N GLN G 428 -110.01 74.27 52.61
CA GLN G 428 -108.56 74.39 52.78
C GLN G 428 -107.95 75.14 51.59
N SER G 429 -108.41 74.83 50.38
CA SER G 429 -107.88 75.52 49.20
C SER G 429 -108.20 77.01 49.26
N LEU G 430 -109.42 77.36 49.69
CA LEU G 430 -109.81 78.76 49.77
C LEU G 430 -108.95 79.50 50.78
N TRP G 431 -108.71 78.90 51.95
CA TRP G 431 -107.88 79.57 52.94
C TRP G 431 -106.46 79.77 52.41
N GLU G 432 -105.89 78.75 51.77
CA GLU G 432 -104.54 78.91 51.23
C GLU G 432 -104.51 79.99 50.16
N ARG G 433 -105.58 80.11 49.38
CA ARG G 433 -105.63 81.09 48.31
C ARG G 433 -105.79 82.51 48.86
N VAL G 434 -106.49 82.66 49.99
CA VAL G 434 -106.88 84.00 50.45
C VAL G 434 -106.05 84.55 51.60
N SER G 435 -105.28 83.72 52.32
CA SER G 435 -104.59 84.20 53.52
C SER G 435 -103.68 85.39 53.21
N THR G 436 -103.12 85.44 52.01
CA THR G 436 -102.23 86.54 51.65
C THR G 436 -102.97 87.87 51.70
N HIS G 437 -104.16 87.93 51.09
CA HIS G 437 -104.98 89.13 51.17
C HIS G 437 -105.48 89.35 52.59
N VAL G 438 -105.79 88.27 53.31
CA VAL G 438 -106.35 88.40 54.64
C VAL G 438 -105.39 89.14 55.56
N ILE G 439 -104.12 88.76 55.54
CA ILE G 439 -103.19 89.34 56.51
C ILE G 439 -102.40 90.50 55.93
N GLU G 440 -101.88 90.38 54.70
CA GLU G 440 -100.99 91.43 54.19
C GLU G 440 -101.75 92.72 53.92
N ASN G 441 -102.96 92.62 53.38
CA ASN G 441 -103.71 93.81 52.98
C ASN G 441 -104.78 94.22 53.98
N ILE G 442 -105.34 93.26 54.72
CA ILE G 442 -106.50 93.53 55.55
C ILE G 442 -106.09 93.64 57.01
N TYR G 443 -105.53 92.57 57.57
CA TYR G 443 -105.19 92.57 58.99
C TYR G 443 -104.00 93.48 59.28
N LEU G 444 -102.92 93.33 58.51
CA LEU G 444 -101.65 93.97 58.84
C LEU G 444 -101.81 95.49 58.93
N PRO G 445 -102.39 96.14 57.93
CA PRO G 445 -102.56 97.61 58.03
C PRO G 445 -103.65 98.02 59.01
N ALA G 446 -104.63 97.17 59.30
CA ALA G 446 -105.78 97.59 60.09
C ALA G 446 -105.48 97.56 61.58
N ALA G 447 -104.77 96.54 62.06
CA ALA G 447 -104.58 96.34 63.49
C ALA G 447 -103.42 97.16 64.04
N GLN G 448 -102.76 97.96 63.22
CA GLN G 448 -101.72 98.86 63.69
C GLN G 448 -102.27 100.16 64.26
N THR G 449 -103.58 100.38 64.14
CA THR G 449 -104.16 101.62 64.61
C THR G 449 -104.42 101.55 66.11
N MET G 450 -104.66 102.73 66.71
CA MET G 450 -104.97 102.86 68.12
C MET G 450 -106.47 103.00 68.35
N ASN G 451 -107.30 102.61 67.38
CA ASN G 451 -108.74 102.72 67.49
C ASN G 451 -109.37 101.50 66.82
N SER G 452 -110.21 100.78 67.58
CA SER G 452 -110.87 99.61 67.02
C SER G 452 -111.76 99.97 65.85
N GLY G 453 -112.34 101.17 65.86
CA GLY G 453 -113.15 101.60 64.73
C GLY G 453 -112.33 101.76 63.47
N THR G 454 -111.07 102.18 63.59
CA THR G 454 -110.20 102.27 62.42
C THR G 454 -109.69 100.92 61.98
N PHE G 455 -109.44 99.99 62.91
CA PHE G 455 -109.17 98.62 62.51
C PHE G 455 -110.31 98.08 61.67
N ASN G 456 -111.54 98.18 62.19
CA ASN G 456 -112.68 97.65 61.45
C ASN G 456 -112.93 98.42 60.17
N THR G 457 -112.66 99.73 60.15
CA THR G 457 -112.91 100.51 58.94
C THR G 457 -111.93 100.14 57.83
N THR G 458 -110.63 100.05 58.17
CA THR G 458 -109.66 99.57 57.19
C THR G 458 -110.02 98.18 56.71
N VAL G 459 -110.34 97.28 57.66
CA VAL G 459 -110.70 95.92 57.30
C VAL G 459 -111.89 95.92 56.35
N ASP G 460 -112.92 96.71 56.65
CA ASP G 460 -114.15 96.66 55.88
C ASP G 460 -113.99 97.30 54.51
N ILE G 461 -113.18 98.35 54.40
CA ILE G 461 -112.90 98.93 53.08
C ILE G 461 -112.18 97.89 52.22
N LYS G 462 -111.12 97.30 52.77
CA LYS G 462 -110.38 96.31 52.00
C LYS G 462 -111.24 95.10 51.68
N LEU G 463 -112.11 94.70 52.62
CA LEU G 463 -112.98 93.56 52.39
C LEU G 463 -114.04 93.86 51.34
N LYS G 464 -114.60 95.06 51.32
CA LYS G 464 -115.57 95.37 50.29
C LYS G 464 -114.91 95.31 48.92
N GLN G 465 -113.75 95.95 48.79
CA GLN G 465 -113.05 95.95 47.51
C GLN G 465 -112.65 94.53 47.11
N TRP G 466 -112.18 93.74 48.08
CA TRP G 466 -111.69 92.39 47.82
C TRP G 466 -112.82 91.41 47.52
N THR G 467 -113.88 91.44 48.32
CA THR G 467 -115.03 90.56 48.11
C THR G 467 -115.75 90.89 46.81
N ASP G 468 -115.60 92.12 46.32
CA ASP G 468 -116.21 92.44 45.03
C ASP G 468 -115.30 92.12 43.85
N LYS G 469 -113.99 92.32 43.97
CA LYS G 469 -113.13 92.21 42.81
C LYS G 469 -112.41 90.86 42.67
N GLN G 470 -111.53 90.53 43.62
CA GLN G 470 -110.69 89.34 43.45
C GLN G 470 -111.33 88.10 44.07
N LEU G 471 -111.82 88.22 45.31
CA LEU G 471 -112.17 87.04 46.09
C LEU G 471 -113.16 86.13 45.38
N PRO G 472 -114.25 86.63 44.77
CA PRO G 472 -115.15 85.71 44.05
C PRO G 472 -114.48 85.00 42.88
N ASN G 473 -113.65 85.71 42.13
CA ASN G 473 -112.95 85.09 41.01
C ASN G 473 -112.01 83.99 41.51
N LYS G 474 -111.30 84.26 42.59
CA LYS G 474 -110.42 83.26 43.17
C LYS G 474 -111.21 82.05 43.65
N ALA G 475 -112.37 82.27 44.26
CA ALA G 475 -113.19 81.15 44.71
C ALA G 475 -113.68 80.32 43.53
N VAL G 476 -114.07 80.96 42.43
CA VAL G 476 -114.53 80.22 41.26
C VAL G 476 -113.39 79.41 40.67
N GLU G 477 -112.19 80.00 40.61
CA GLU G 477 -111.02 79.25 40.16
C GLU G 477 -110.77 78.04 41.04
N VAL G 478 -110.88 78.23 42.36
CA VAL G 478 -110.66 77.13 43.30
C VAL G 478 -111.66 76.01 43.05
N ALA G 479 -112.93 76.37 42.85
CA ALA G 479 -113.95 75.33 42.61
C ALA G 479 -113.69 74.59 41.31
N TRP G 480 -113.37 75.32 40.24
CA TRP G 480 -113.06 74.67 38.97
C TRP G 480 -111.93 73.67 39.15
N GLU G 481 -110.81 74.12 39.73
CA GLU G 481 -109.67 73.25 39.86
C GLU G 481 -109.95 72.10 40.82
N THR G 482 -110.76 72.33 41.86
CA THR G 482 -111.13 71.24 42.75
C THR G 482 -111.87 70.14 42.01
N LEU G 483 -112.87 70.52 41.21
CA LEU G 483 -113.62 69.50 40.48
C LEU G 483 -112.72 68.78 39.49
N GLN G 484 -111.91 69.53 38.73
CA GLN G 484 -111.09 68.87 37.71
C GLN G 484 -110.01 68.00 38.35
N GLU G 485 -109.49 68.40 39.51
CA GLU G 485 -108.44 67.62 40.17
C GLU G 485 -109.00 66.36 40.78
N GLU G 486 -110.18 66.44 41.42
CA GLU G 486 -110.79 65.22 41.95
C GLU G 486 -111.17 64.28 40.81
N PHE G 487 -111.66 64.82 39.70
CA PHE G 487 -111.92 63.98 38.54
C PHE G 487 -110.65 63.29 38.08
N SER G 488 -109.55 64.04 37.98
CA SER G 488 -108.28 63.44 37.58
C SER G 488 -107.86 62.35 38.56
N ARG G 489 -108.03 62.59 39.86
CA ARG G 489 -107.64 61.60 40.85
C ARG G 489 -108.44 60.32 40.69
N PHE G 490 -109.74 60.42 40.48
CA PHE G 490 -110.55 59.22 40.28
C PHE G 490 -110.13 58.49 39.01
N MET G 491 -109.68 59.23 37.99
CA MET G 491 -109.28 58.62 36.73
C MET G 491 -107.92 57.92 36.79
N THR G 492 -107.12 58.17 37.83
CA THR G 492 -105.70 57.79 37.80
C THR G 492 -105.19 57.07 39.05
N GLU G 493 -105.96 56.98 40.11
CA GLU G 493 -105.43 56.47 41.36
C GLU G 493 -104.88 55.05 41.17
N PRO G 494 -103.62 54.78 41.55
CA PRO G 494 -103.08 53.40 41.52
C PRO G 494 -103.57 52.59 42.71
N LYS G 495 -104.77 52.05 42.59
CA LYS G 495 -105.46 51.46 43.73
C LYS G 495 -104.87 50.11 44.12
N GLY G 496 -103.63 50.14 44.61
CA GLY G 496 -103.03 48.92 45.13
C GLY G 496 -103.00 47.83 44.09
N LYS G 497 -103.49 46.66 44.47
CA LYS G 497 -103.52 45.50 43.60
C LYS G 497 -104.75 45.48 42.71
N GLU G 498 -105.70 46.40 42.92
CA GLU G 498 -106.92 46.45 42.14
C GLU G 498 -106.77 47.33 40.90
N HIS G 499 -105.61 47.91 40.68
CA HIS G 499 -105.37 48.76 39.51
C HIS G 499 -105.05 47.93 38.28
N ASP G 500 -105.55 48.38 37.13
CA ASP G 500 -105.24 47.77 35.83
C ASP G 500 -104.52 48.78 34.96
N ASP G 501 -103.31 48.44 34.54
CA ASP G 501 -102.52 49.34 33.70
C ASP G 501 -103.11 49.47 32.30
N ILE G 502 -103.68 48.38 31.78
CA ILE G 502 -104.08 48.34 30.37
C ILE G 502 -105.05 49.46 30.05
N PHE G 503 -106.00 49.73 30.95
CA PHE G 503 -107.02 50.74 30.70
C PHE G 503 -106.47 52.15 30.79
N ASP G 504 -105.27 52.33 31.37
CA ASP G 504 -104.79 53.66 31.71
C ASP G 504 -104.77 54.57 30.48
N LYS G 505 -104.41 54.04 29.32
CA LYS G 505 -104.32 54.86 28.13
C LYS G 505 -105.63 55.60 27.88
N LEU G 506 -106.76 54.91 27.99
CA LEU G 506 -108.03 55.60 27.79
C LEU G 506 -108.27 56.63 28.90
N LYS G 507 -107.95 56.26 30.14
CA LYS G 507 -108.20 57.16 31.26
C LYS G 507 -107.54 58.51 31.03
N GLU G 508 -106.37 58.52 30.38
CA GLU G 508 -105.70 59.79 30.11
C GLU G 508 -106.37 60.55 28.98
N ALA G 509 -106.78 59.85 27.91
CA ALA G 509 -107.37 60.53 26.77
C ALA G 509 -108.71 61.15 27.14
N VAL G 510 -109.54 60.42 27.89
CA VAL G 510 -110.83 60.96 28.28
C VAL G 510 -110.66 62.07 29.30
N LYS G 511 -109.80 61.85 30.31
CA LYS G 511 -109.62 62.83 31.36
C LYS G 511 -109.31 64.20 30.77
N GLU G 512 -108.44 64.24 29.78
CA GLU G 512 -108.14 65.50 29.11
C GLU G 512 -109.37 66.06 28.44
N GLU G 513 -110.04 65.26 27.60
CA GLU G 513 -111.15 65.80 26.81
C GLU G 513 -112.32 66.20 27.70
N SER G 514 -112.68 65.36 28.66
CA SER G 514 -113.85 65.64 29.48
C SER G 514 -113.69 66.98 30.20
N ILE G 515 -112.47 67.31 30.61
CA ILE G 515 -112.23 68.57 31.29
C ILE G 515 -112.49 69.73 30.34
N LYS G 516 -112.01 69.63 29.10
CA LYS G 516 -112.14 70.74 28.16
C LYS G 516 -113.57 70.97 27.73
N ARG G 517 -114.42 69.93 27.78
CA ARG G 517 -115.81 70.10 27.42
C ARG G 517 -116.67 70.63 28.57
N HIS G 518 -116.08 70.89 29.73
CA HIS G 518 -116.78 71.46 30.87
C HIS G 518 -116.33 72.88 31.10
N LYS G 519 -117.27 73.74 31.51
CA LYS G 519 -116.97 75.08 31.95
C LYS G 519 -117.78 75.37 33.21
N TRP G 520 -117.20 76.13 34.13
CA TRP G 520 -117.90 76.51 35.35
C TRP G 520 -118.76 77.73 35.06
N ASN G 521 -119.97 77.74 35.61
CA ASN G 521 -120.89 78.86 35.39
C ASN G 521 -120.33 80.12 36.04
N ASP G 522 -119.99 81.11 35.21
CA ASP G 522 -119.33 82.32 35.69
C ASP G 522 -120.19 83.12 36.66
N PHE G 523 -121.52 83.01 36.55
CA PHE G 523 -122.40 83.77 37.43
C PHE G 523 -122.06 83.56 38.90
N ALA G 524 -121.41 82.44 39.23
CA ALA G 524 -121.05 82.21 40.63
C ALA G 524 -120.31 83.40 41.21
N GLU G 525 -119.46 84.07 40.41
CA GLU G 525 -118.69 85.19 40.93
C GLU G 525 -119.60 86.21 41.60
N ASP G 526 -120.75 86.49 40.99
CA ASP G 526 -121.66 87.45 41.62
C ASP G 526 -122.36 86.84 42.83
N SER G 527 -122.84 85.60 42.73
CA SER G 527 -123.51 84.99 43.86
C SER G 527 -122.57 84.94 45.06
N LEU G 528 -121.34 84.47 44.84
CA LEU G 528 -120.37 84.42 45.91
C LEU G 528 -120.21 85.80 46.55
N ARG G 529 -120.15 86.85 45.72
CA ARG G 529 -120.00 88.19 46.28
C ARG G 529 -121.04 88.45 47.35
N VAL G 530 -122.31 88.14 47.06
CA VAL G 530 -123.34 88.31 48.09
C VAL G 530 -123.07 87.35 49.24
N ILE G 531 -122.89 86.07 48.94
CA ILE G 531 -122.82 85.06 49.99
C ILE G 531 -121.65 85.36 50.90
N GLN G 532 -120.48 85.62 50.31
CA GLN G 532 -119.31 85.96 51.12
C GLN G 532 -119.63 87.10 52.06
N HIS G 533 -120.21 88.19 51.53
CA HIS G 533 -120.51 89.32 52.39
C HIS G 533 -121.31 88.87 53.60
N ASN G 534 -122.33 88.05 53.36
CA ASN G 534 -123.20 87.65 54.46
C ASN G 534 -122.41 86.95 55.55
N ALA G 535 -121.51 86.04 55.16
CA ALA G 535 -120.73 85.34 56.17
C ALA G 535 -119.86 86.31 56.96
N LEU G 536 -119.27 87.29 56.28
CA LEU G 536 -118.53 88.32 56.99
C LEU G 536 -119.46 89.19 57.80
N GLU G 537 -120.68 89.42 57.29
CA GLU G 537 -121.55 90.43 57.87
C GLU G 537 -121.79 90.20 59.34
N ASP G 538 -121.79 88.94 59.78
CA ASP G 538 -121.93 88.62 61.19
C ASP G 538 -120.64 88.99 61.90
N ARG G 539 -120.65 90.14 62.57
CA ARG G 539 -119.51 90.62 63.35
C ARG G 539 -119.69 90.36 64.84
N SER G 540 -120.76 89.68 65.23
CA SER G 540 -121.20 89.63 66.62
C SER G 540 -120.82 88.27 67.22
N ILE G 541 -119.88 88.27 68.14
CA ILE G 541 -119.52 87.10 68.93
C ILE G 541 -120.32 87.19 70.23
N SER G 542 -121.38 86.40 70.33
CA SER G 542 -122.34 86.58 71.41
C SER G 542 -121.97 85.85 72.70
N ASP G 543 -121.08 84.86 72.65
CA ASP G 543 -120.84 84.02 73.82
C ASP G 543 -119.41 83.50 73.80
N LYS G 544 -119.08 82.73 74.85
CA LYS G 544 -117.72 82.24 75.03
C LYS G 544 -117.30 81.27 73.93
N GLN G 545 -118.23 80.43 73.46
CA GLN G 545 -117.87 79.40 72.49
C GLN G 545 -117.38 80.02 71.19
N GLN G 546 -118.12 80.99 70.66
CA GLN G 546 -117.69 81.67 69.44
C GLN G 546 -116.49 82.55 69.69
N TRP G 547 -116.36 83.09 70.91
CA TRP G 547 -115.16 83.84 71.26
C TRP G 547 -113.93 82.95 71.14
N ASP G 548 -114.03 81.72 71.63
CA ASP G 548 -112.90 80.79 71.55
C ASP G 548 -112.64 80.33 70.13
N ALA G 549 -113.70 80.06 69.36
CA ALA G 549 -113.49 79.71 67.95
C ALA G 549 -112.79 80.84 67.21
N ALA G 550 -113.22 82.07 67.46
CA ALA G 550 -112.63 83.24 66.83
C ALA G 550 -111.16 83.38 67.21
N ILE G 551 -110.85 83.24 68.49
CA ILE G 551 -109.47 83.35 68.93
C ILE G 551 -108.63 82.22 68.33
N TYR G 552 -109.21 81.02 68.22
CA TYR G 552 -108.47 79.93 67.59
C TYR G 552 -108.08 80.28 66.15
N PHE G 553 -109.05 80.73 65.35
CA PHE G 553 -108.71 80.99 63.95
C PHE G 553 -107.72 82.14 63.85
N MET G 554 -107.89 83.18 64.68
CA MET G 554 -106.94 84.28 64.67
C MET G 554 -105.54 83.82 65.04
N GLU G 555 -105.44 82.97 66.07
CA GLU G 555 -104.13 82.45 66.47
C GLU G 555 -103.51 81.63 65.34
N GLU G 556 -104.30 80.78 64.70
CA GLU G 556 -103.75 79.94 63.63
C GLU G 556 -103.22 80.80 62.49
N ALA G 557 -104.07 81.72 62.00
CA ALA G 557 -103.70 82.53 60.85
C ALA G 557 -102.49 83.40 61.15
N LEU G 558 -102.42 83.97 62.35
CA LEU G 558 -101.29 84.84 62.67
C LEU G 558 -100.03 84.04 63.00
N GLN G 559 -100.18 82.85 63.57
CA GLN G 559 -99.01 82.01 63.86
C GLN G 559 -98.33 81.54 62.59
N ALA G 560 -99.10 81.21 61.56
CA ALA G 560 -98.46 80.80 60.31
C ALA G 560 -97.55 81.91 59.77
N ARG G 561 -98.07 83.15 59.72
CA ARG G 561 -97.27 84.24 59.20
C ARG G 561 -96.13 84.59 60.13
N LEU G 562 -96.35 84.47 61.44
CA LEU G 562 -95.28 84.73 62.39
C LEU G 562 -94.14 83.73 62.23
N LYS G 563 -94.46 82.46 62.00
CA LYS G 563 -93.41 81.46 61.79
C LYS G 563 -92.66 81.75 60.49
N ASP G 564 -93.37 82.16 59.45
CA ASP G 564 -92.67 82.53 58.21
C ASP G 564 -91.73 83.70 58.44
N THR G 565 -92.22 84.74 59.13
CA THR G 565 -91.39 85.91 59.41
C THR G 565 -90.18 85.54 60.26
N GLU G 566 -90.39 84.66 61.25
CA GLU G 566 -89.29 84.26 62.12
C GLU G 566 -88.24 83.46 61.36
N ASN G 567 -88.65 82.59 60.45
CA ASN G 567 -87.66 81.88 59.64
C ASN G 567 -86.87 82.85 58.78
N ALA G 568 -87.57 83.81 58.16
CA ALA G 568 -86.87 84.81 57.36
C ALA G 568 -85.89 85.60 58.21
N ILE G 569 -86.30 85.99 59.42
CA ILE G 569 -85.45 86.79 60.28
C ILE G 569 -84.25 85.97 60.77
N GLU G 570 -84.46 84.69 61.06
CA GLU G 570 -83.34 83.85 61.48
C GLU G 570 -82.30 83.73 60.37
N ASN G 571 -82.75 83.53 59.12
CA ASN G 571 -81.80 83.48 58.03
C ASN G 571 -81.11 84.83 57.84
N MET G 572 -81.86 85.92 58.01
CA MET G 572 -81.35 87.25 57.73
C MET G 572 -80.34 87.71 58.78
N VAL G 573 -80.62 87.41 60.05
CA VAL G 573 -79.81 87.90 61.17
C VAL G 573 -78.68 86.93 61.51
N GLY G 574 -78.94 85.62 61.42
CA GLY G 574 -77.92 84.63 61.67
C GLY G 574 -78.15 83.85 62.95
N PRO G 575 -77.27 82.89 63.22
CA PRO G 575 -77.45 82.02 64.39
C PRO G 575 -77.28 82.77 65.71
N ASP G 576 -77.77 82.12 66.76
CA ASP G 576 -77.62 82.63 68.11
C ASP G 576 -76.19 82.37 68.59
N TRP G 577 -75.83 82.94 69.74
CA TRP G 577 -74.47 82.74 70.27
C TRP G 577 -74.24 81.28 70.61
N LYS G 578 -75.26 80.59 71.12
CA LYS G 578 -75.13 79.19 71.49
C LYS G 578 -74.65 78.37 70.30
N LYS G 579 -75.23 78.63 69.13
CA LYS G 579 -74.79 77.96 67.92
C LYS G 579 -73.37 78.37 67.57
N ARG G 580 -73.05 79.65 67.77
CA ARG G 580 -71.77 80.17 67.32
C ARG G 580 -70.60 79.52 68.06
N TRP G 581 -70.76 79.20 69.35
CA TRP G 581 -69.71 78.46 70.05
C TRP G 581 -69.93 76.95 70.22
N LEU G 582 -71.16 76.44 70.14
CA LEU G 582 -71.33 75.00 70.30
C LEU G 582 -71.24 74.26 68.97
N TYR G 583 -71.77 74.83 67.89
CA TYR G 583 -71.69 74.24 66.57
C TYR G 583 -70.85 75.08 65.61
N TRP G 584 -70.21 76.13 66.12
CA TRP G 584 -69.32 76.98 65.33
C TRP G 584 -70.05 77.56 64.13
N LYS G 585 -71.31 77.94 64.34
CA LYS G 585 -72.11 78.60 63.31
C LYS G 585 -71.78 80.09 63.35
N ASN G 586 -70.62 80.43 62.82
CA ASN G 586 -70.19 81.82 62.79
C ASN G 586 -71.04 82.62 61.82
N ARG G 587 -71.31 83.87 62.21
CA ARG G 587 -72.15 84.74 61.40
C ARG G 587 -71.37 85.35 60.26
N THR G 588 -72.09 85.72 59.20
CA THR G 588 -71.51 86.50 58.12
C THR G 588 -71.56 87.99 58.46
N GLN G 589 -70.84 88.77 57.67
CA GLN G 589 -70.83 90.22 57.88
C GLN G 589 -72.23 90.80 57.71
N GLU G 590 -72.96 90.34 56.70
CA GLU G 590 -74.33 90.80 56.51
C GLU G 590 -75.18 90.43 57.71
N GLN G 591 -75.00 89.21 58.23
CA GLN G 591 -75.78 88.78 59.38
C GLN G 591 -75.49 89.64 60.60
N CYS G 592 -74.22 89.99 60.83
CA CYS G 592 -73.89 90.87 61.94
C CYS G 592 -74.52 92.25 61.77
N VAL G 593 -74.44 92.81 60.56
CA VAL G 593 -75.04 94.12 60.32
C VAL G 593 -76.54 94.06 60.57
N HIS G 594 -77.18 93.03 60.04
CA HIS G 594 -78.62 92.86 60.21
C HIS G 594 -78.97 92.70 61.68
N ASN G 595 -78.12 91.98 62.43
CA ASN G 595 -78.35 91.80 63.86
C ASN G 595 -78.32 93.13 64.59
N GLU G 596 -77.33 93.98 64.28
CA GLU G 596 -77.25 95.26 64.97
C GLU G 596 -78.41 96.18 64.59
N THR G 597 -78.80 96.19 63.31
CA THR G 597 -79.95 96.99 62.90
C THR G 597 -81.23 96.49 63.59
N LYS G 598 -81.38 95.17 63.67
CA LYS G 598 -82.51 94.59 64.39
C LYS G 598 -82.49 95.00 65.85
N ASN G 599 -81.31 95.04 66.47
CA ASN G 599 -81.22 95.45 67.86
C ASN G 599 -81.68 96.90 68.03
N GLU G 600 -81.31 97.76 67.09
CA GLU G 600 -81.78 99.15 67.12
C GLU G 600 -83.31 99.21 67.04
N LEU G 601 -83.88 98.56 66.03
CA LEU G 601 -85.32 98.63 65.83
C LEU G 601 -86.05 97.98 67.00
N GLU G 602 -85.46 96.93 67.56
CA GLU G 602 -86.09 96.19 68.64
C GLU G 602 -86.03 96.93 69.96
N LYS G 603 -84.95 97.67 70.24
CA LYS G 603 -85.02 98.50 71.43
C LYS G 603 -86.12 99.53 71.26
N MET G 604 -86.24 100.09 70.05
CA MET G 604 -87.31 101.06 69.83
C MET G 604 -88.66 100.43 70.13
N LEU G 605 -88.93 99.25 69.57
CA LEU G 605 -90.22 98.62 69.76
C LEU G 605 -90.44 98.13 71.20
N LYS G 606 -89.38 97.67 71.86
CA LYS G 606 -89.51 97.26 73.26
C LYS G 606 -89.87 98.44 74.15
N CYS G 607 -89.24 99.59 73.91
CA CYS G 607 -89.59 100.78 74.69
C CYS G 607 -91.01 101.22 74.40
N ASN G 608 -91.46 101.08 73.14
CA ASN G 608 -92.79 101.52 72.73
C ASN G 608 -93.35 100.50 71.76
N GLU G 609 -94.22 99.61 72.27
CA GLU G 609 -94.85 98.60 71.43
C GLU G 609 -95.91 99.18 70.50
N GLU G 610 -96.31 100.44 70.72
CA GLU G 610 -97.36 101.06 69.93
C GLU G 610 -96.85 101.68 68.63
N HIS G 611 -95.55 101.61 68.38
CA HIS G 611 -95.00 102.30 67.22
C HIS G 611 -95.60 101.71 65.94
N PRO G 612 -96.02 102.55 65.00
CA PRO G 612 -96.58 102.02 63.74
C PRO G 612 -95.49 101.51 62.82
N ALA G 613 -95.93 100.86 61.75
CA ALA G 613 -94.97 100.27 60.81
C ALA G 613 -94.07 101.32 60.19
N TYR G 614 -94.59 102.49 59.86
CA TYR G 614 -93.85 103.43 59.02
C TYR G 614 -93.08 104.42 59.88
N LEU G 615 -91.78 104.49 59.62
CA LEU G 615 -90.86 105.40 60.28
C LEU G 615 -90.71 106.68 59.45
N ALA G 616 -90.08 107.68 60.05
CA ALA G 616 -89.65 108.85 59.29
C ALA G 616 -88.40 108.53 58.48
N SER G 617 -88.21 109.26 57.39
CA SER G 617 -86.97 109.12 56.63
C SER G 617 -85.77 109.61 57.45
N ASP G 618 -85.95 110.69 58.21
CA ASP G 618 -84.91 111.12 59.13
C ASP G 618 -84.68 110.08 60.21
N GLU G 619 -85.71 109.30 60.56
CA GLU G 619 -85.49 108.17 61.46
C GLU G 619 -84.60 107.12 60.81
N ILE G 620 -84.78 106.88 59.51
CA ILE G 620 -83.88 105.98 58.79
C ILE G 620 -82.45 106.51 58.85
N THR G 621 -82.29 107.82 58.63
CA THR G 621 -80.97 108.43 58.71
C THR G 621 -80.38 108.30 60.11
N THR G 622 -81.22 108.49 61.14
CA THR G 622 -80.76 108.35 62.52
C THR G 622 -80.30 106.93 62.81
N VAL G 623 -81.06 105.94 62.32
CA VAL G 623 -80.66 104.54 62.48
C VAL G 623 -79.33 104.29 61.80
N ARG G 624 -79.18 104.78 60.57
CA ARG G 624 -77.91 104.62 59.87
C ARG G 624 -76.79 105.24 60.68
N LYS G 625 -77.03 106.44 61.21
CA LYS G 625 -75.99 107.18 61.90
C LYS G 625 -75.56 106.46 63.16
N ASN G 626 -76.52 105.97 63.96
CA ASN G 626 -76.17 105.24 65.17
C ASN G 626 -75.43 103.94 64.83
N LEU G 627 -75.93 103.20 63.83
CA LEU G 627 -75.28 101.95 63.46
C LEU G 627 -73.85 102.20 62.98
N GLU G 628 -73.67 103.25 62.18
CA GLU G 628 -72.35 103.63 61.71
C GLU G 628 -71.46 104.05 62.88
N SER G 629 -72.02 104.78 63.84
CA SER G 629 -71.24 105.25 64.98
C SER G 629 -70.73 104.08 65.81
N ARG G 630 -71.59 103.09 66.08
CA ARG G 630 -71.11 101.91 66.79
C ARG G 630 -70.14 101.12 65.93
N GLY G 631 -70.25 101.23 64.61
CA GLY G 631 -69.34 100.55 63.71
C GLY G 631 -70.02 99.54 62.81
N VAL G 632 -71.28 99.82 62.44
CA VAL G 632 -72.06 98.95 61.59
C VAL G 632 -72.41 99.73 60.32
N GLU G 633 -72.12 99.13 59.17
CA GLU G 633 -72.42 99.73 57.88
C GLU G 633 -73.87 99.44 57.52
N VAL G 634 -74.64 100.49 57.28
CA VAL G 634 -76.08 100.36 57.03
C VAL G 634 -76.52 101.44 56.06
N ASP G 635 -77.52 101.10 55.25
CA ASP G 635 -78.10 101.98 54.24
C ASP G 635 -79.62 101.88 54.35
N PRO G 636 -80.34 102.84 53.76
CA PRO G 636 -81.80 102.87 53.93
C PRO G 636 -82.51 101.60 53.50
N SER G 637 -81.95 100.87 52.53
CA SER G 637 -82.61 99.67 52.03
C SER G 637 -82.48 98.51 53.01
N LEU G 638 -81.30 98.36 53.61
CA LEU G 638 -81.14 97.36 54.67
C LEU G 638 -82.10 97.66 55.82
N ILE G 639 -82.21 98.93 56.22
CA ILE G 639 -83.11 99.27 57.31
C ILE G 639 -84.56 98.99 56.92
N LYS G 640 -84.94 99.29 55.68
CA LYS G 640 -86.34 99.08 55.31
C LYS G 640 -86.69 97.59 55.27
N ASP G 641 -85.80 96.76 54.75
CA ASP G 641 -86.09 95.32 54.74
C ASP G 641 -86.10 94.75 56.16
N THR G 642 -85.09 95.10 56.96
CA THR G 642 -85.02 94.62 58.33
C THR G 642 -86.24 95.08 59.11
N TRP G 643 -86.59 96.35 58.87
CA TRP G 643 -87.75 97.00 59.51
C TRP G 643 -89.02 96.24 59.15
N HIS G 644 -89.23 95.93 57.89
CA HIS G 644 -90.44 95.24 57.47
C HIS G 644 -90.56 93.91 58.19
N GLN G 645 -89.50 93.09 58.14
CA GLN G 645 -89.59 91.78 58.78
C GLN G 645 -89.75 91.92 60.29
N VAL G 646 -88.98 92.80 60.91
CA VAL G 646 -88.97 92.93 62.36
C VAL G 646 -90.31 93.46 62.87
N TYR G 647 -90.85 94.48 62.21
CA TYR G 647 -92.12 95.04 62.64
C TYR G 647 -93.25 94.04 62.42
N ARG G 648 -93.20 93.27 61.34
CA ARG G 648 -94.23 92.23 61.19
C ARG G 648 -94.12 91.18 62.29
N ARG G 649 -92.90 90.79 62.66
CA ARG G 649 -92.75 89.84 63.75
C ARG G 649 -93.31 90.42 65.05
N HIS G 650 -92.93 91.66 65.36
CA HIS G 650 -93.45 92.34 66.55
C HIS G 650 -94.97 92.40 66.51
N PHE G 651 -95.52 92.80 65.37
CA PHE G 651 -96.96 92.93 65.20
C PHE G 651 -97.67 91.62 65.46
N LEU G 652 -97.19 90.53 64.84
CA LEU G 652 -97.88 89.25 64.97
C LEU G 652 -97.72 88.66 66.36
N LYS G 653 -96.53 88.79 66.96
CA LYS G 653 -96.34 88.25 68.30
C LYS G 653 -97.11 89.05 69.33
N THR G 654 -97.21 90.37 69.14
CA THR G 654 -98.07 91.19 69.99
C THR G 654 -99.52 90.77 69.82
N ALA G 655 -99.93 90.46 68.59
CA ALA G 655 -101.29 89.97 68.37
C ALA G 655 -101.53 88.66 69.13
N LEU G 656 -100.53 87.78 69.16
CA LEU G 656 -100.71 86.51 69.88
C LEU G 656 -100.69 86.70 71.40
N ASN G 657 -99.90 87.64 71.90
CA ASN G 657 -100.00 87.97 73.32
C ASN G 657 -101.37 88.58 73.63
N HIS G 658 -101.90 89.36 72.69
CA HIS G 658 -103.26 89.86 72.83
C HIS G 658 -104.27 88.72 72.78
N CYS G 659 -103.97 87.66 72.04
CA CYS G 659 -104.77 86.43 72.14
C CYS G 659 -104.74 85.88 73.55
N ASN G 660 -103.54 85.80 74.13
CA ASN G 660 -103.39 85.28 75.49
C ASN G 660 -104.21 86.09 76.47
N LEU G 661 -104.31 87.41 76.26
CA LEU G 661 -105.11 88.24 77.13
C LEU G 661 -106.61 88.20 76.81
N CYS G 662 -106.97 88.06 75.54
CA CYS G 662 -108.38 87.93 75.17
C CYS G 662 -108.98 86.67 75.76
N ARG G 663 -108.19 85.60 75.81
CA ARG G 663 -108.68 84.35 76.37
C ARG G 663 -109.30 84.54 77.74
N ARG G 664 -108.93 85.61 78.44
CA ARG G 664 -109.48 85.90 79.76
C ARG G 664 -109.83 87.39 79.87
N GLY G 665 -110.44 87.95 78.83
CA GLY G 665 -110.90 89.32 78.92
C GLY G 665 -112.39 89.47 78.66
N PHE G 666 -113.14 89.73 79.73
CA PHE G 666 -114.55 90.10 79.63
C PHE G 666 -114.97 91.17 80.62
N TYR G 667 -114.28 91.32 81.76
CA TYR G 667 -114.70 92.25 82.80
C TYR G 667 -114.59 93.70 82.31
N TYR G 668 -113.53 93.99 81.56
CA TYR G 668 -113.24 95.36 81.14
C TYR G 668 -114.46 95.97 80.46
N TYR G 669 -115.17 95.16 79.67
CA TYR G 669 -116.27 95.67 78.86
C TYR G 669 -117.56 95.74 79.65
N GLN G 670 -117.69 94.92 80.70
CA GLN G 670 -118.77 95.11 81.65
C GLN G 670 -118.62 96.42 82.39
N ARG G 671 -117.39 96.79 82.75
CA ARG G 671 -117.18 97.96 83.59
C ARG G 671 -116.92 99.25 82.81
N HIS G 672 -116.56 99.17 81.53
CA HIS G 672 -116.21 100.38 80.77
C HIS G 672 -115.06 101.13 81.43
N PHE G 673 -114.12 100.39 82.00
CA PHE G 673 -113.02 100.99 82.75
C PHE G 673 -112.08 101.73 81.80
N VAL G 674 -111.72 102.96 82.17
CA VAL G 674 -111.04 103.86 81.24
C VAL G 674 -109.58 103.54 81.02
N ASP G 675 -108.90 102.94 82.00
CA ASP G 675 -107.47 102.68 81.89
C ASP G 675 -107.16 101.38 81.13
N SER G 676 -108.17 100.75 80.54
CA SER G 676 -108.02 99.43 79.95
C SER G 676 -107.52 99.56 78.51
N GLU G 677 -106.28 99.14 78.28
CA GLU G 677 -105.74 99.12 76.92
C GLU G 677 -106.38 98.03 76.07
N LEU G 678 -106.62 96.85 76.67
CA LEU G 678 -107.05 95.68 75.91
C LEU G 678 -108.40 95.92 75.23
N GLU G 679 -108.41 95.80 73.91
CA GLU G 679 -109.65 95.74 73.13
C GLU G 679 -109.50 94.62 72.11
N CYS G 680 -110.37 93.61 72.20
CA CYS G 680 -110.23 92.37 71.46
C CYS G 680 -111.15 92.38 70.23
N ASN G 681 -110.71 93.08 69.18
CA ASN G 681 -111.51 93.21 67.97
C ASN G 681 -110.96 92.44 66.78
N ASP G 682 -109.68 92.06 66.78
CA ASP G 682 -109.14 91.24 65.70
C ASP G 682 -109.79 89.86 65.69
N VAL G 683 -110.24 89.43 66.88
CA VAL G 683 -110.91 88.15 67.04
C VAL G 683 -112.13 88.08 66.13
N VAL G 684 -112.88 89.17 66.05
CA VAL G 684 -114.07 89.21 65.20
C VAL G 684 -113.70 89.03 63.74
N LEU G 685 -112.62 89.70 63.29
CA LEU G 685 -112.19 89.56 61.90
C LEU G 685 -111.90 88.10 61.56
N PHE G 686 -111.08 87.43 62.36
CA PHE G 686 -110.73 86.07 61.97
C PHE G 686 -111.89 85.10 62.17
N TRP G 687 -112.79 85.38 63.11
CA TRP G 687 -114.04 84.62 63.18
C TRP G 687 -114.83 84.74 61.89
N ARG G 688 -115.01 85.99 61.43
CA ARG G 688 -115.75 86.23 60.21
C ARG G 688 -115.10 85.52 59.03
N ILE G 689 -113.78 85.56 58.95
CA ILE G 689 -113.11 84.97 57.80
C ILE G 689 -113.20 83.45 57.85
N GLN G 690 -113.08 82.85 59.04
CA GLN G 690 -113.29 81.41 59.15
C GLN G 690 -114.67 81.03 58.64
N ARG G 691 -115.70 81.76 59.10
CA ARG G 691 -117.05 81.44 58.67
C ARG G 691 -117.25 81.69 57.17
N MET G 692 -116.60 82.73 56.65
CA MET G 692 -116.69 83.01 55.21
C MET G 692 -116.01 81.92 54.39
N LEU G 693 -114.88 81.41 54.87
CA LEU G 693 -114.25 80.29 54.19
C LEU G 693 -115.19 79.10 54.15
N ALA G 694 -115.84 78.82 55.28
CA ALA G 694 -116.80 77.73 55.31
C ALA G 694 -117.93 77.96 54.31
N ILE G 695 -118.47 79.18 54.27
CA ILE G 695 -119.63 79.42 53.42
C ILE G 695 -119.25 79.34 51.95
N THR G 696 -118.08 79.89 51.59
CA THR G 696 -117.65 79.83 50.19
C THR G 696 -117.39 78.40 49.76
N ALA G 697 -116.71 77.61 50.61
CA ALA G 697 -116.46 76.23 50.26
C ALA G 697 -117.77 75.47 50.10
N ASN G 698 -118.75 75.72 50.97
CA ASN G 698 -119.99 74.97 50.90
C ASN G 698 -120.81 75.35 49.68
N THR G 699 -120.87 76.64 49.36
CA THR G 699 -121.59 77.08 48.16
C THR G 699 -120.96 76.49 46.92
N LEU G 700 -119.63 76.50 46.85
CA LEU G 700 -118.95 75.93 45.70
C LEU G 700 -119.22 74.43 45.61
N ARG G 701 -119.22 73.74 46.76
CA ARG G 701 -119.53 72.32 46.74
C ARG G 701 -120.92 72.07 46.20
N GLN G 702 -121.90 72.86 46.65
CA GLN G 702 -123.27 72.64 46.21
C GLN G 702 -123.41 72.86 44.71
N GLN G 703 -122.81 73.94 44.21
CA GLN G 703 -122.80 74.17 42.77
C GLN G 703 -122.16 72.99 42.05
N LEU G 704 -121.10 72.44 42.63
CA LEU G 704 -120.41 71.30 42.04
C LEU G 704 -121.32 70.07 42.00
N THR G 705 -121.93 69.73 43.13
CA THR G 705 -122.59 68.46 43.29
C THR G 705 -123.98 68.41 42.68
N ASN G 706 -124.63 69.56 42.45
CA ASN G 706 -125.96 69.55 41.85
C ASN G 706 -126.00 70.07 40.41
N THR G 707 -125.04 70.88 40.00
CA THR G 707 -125.08 71.46 38.65
C THR G 707 -123.89 71.00 37.82
N GLU G 708 -122.68 71.18 38.34
CA GLU G 708 -121.49 70.99 37.53
C GLU G 708 -121.09 69.53 37.41
N VAL G 709 -121.28 68.73 38.46
CA VAL G 709 -120.84 67.33 38.41
C VAL G 709 -121.70 66.53 37.44
N ARG G 710 -123.00 66.81 37.40
CA ARG G 710 -123.87 66.13 36.44
C ARG G 710 -123.58 66.57 35.01
N ARG G 711 -123.25 67.85 34.81
CA ARG G 711 -122.80 68.28 33.49
C ARG G 711 -121.51 67.58 33.11
N LEU G 712 -120.62 67.35 34.09
CA LEU G 712 -119.39 66.63 33.82
C LEU G 712 -119.68 65.18 33.43
N GLU G 713 -120.64 64.54 34.12
CA GLU G 713 -121.01 63.19 33.75
C GLU G 713 -121.53 63.13 32.32
N LYS G 714 -122.37 64.10 31.95
CA LYS G 714 -122.86 64.17 30.57
C LYS G 714 -121.70 64.33 29.58
N ASN G 715 -120.77 65.24 29.89
CA ASN G 715 -119.65 65.48 29.00
C ASN G 715 -118.76 64.25 28.89
N VAL G 716 -118.57 63.53 30.00
CA VAL G 716 -117.76 62.32 29.97
C VAL G 716 -118.44 61.25 29.12
N LYS G 717 -119.76 61.10 29.24
CA LYS G 717 -120.45 60.13 28.39
C LYS G 717 -120.31 60.52 26.92
N GLU G 718 -120.41 61.81 26.61
CA GLU G 718 -120.24 62.26 25.23
C GLU G 718 -118.83 61.95 24.73
N VAL G 719 -117.82 62.21 25.55
CA VAL G 719 -116.44 61.95 25.17
C VAL G 719 -116.22 60.46 24.95
N LEU G 720 -116.76 59.64 25.84
CA LEU G 720 -116.59 58.20 25.72
C LEU G 720 -117.28 57.68 24.47
N GLU G 721 -118.46 58.21 24.14
CA GLU G 721 -119.11 57.80 22.89
C GLU G 721 -118.28 58.20 21.68
N ASP G 722 -117.75 59.43 21.70
CA ASP G 722 -116.95 59.89 20.57
C ASP G 722 -115.70 59.05 20.41
N PHE G 723 -115.09 58.63 21.52
CA PHE G 723 -113.90 57.80 21.44
C PHE G 723 -114.27 56.37 21.05
N ALA G 724 -115.45 55.91 21.44
CA ALA G 724 -115.91 54.57 21.05
C ALA G 724 -116.09 54.48 19.54
N GLU G 725 -116.64 55.54 18.94
CA GLU G 725 -116.80 55.52 17.49
C GLU G 725 -115.47 55.66 16.77
N ASP G 726 -114.50 56.32 17.41
CA ASP G 726 -113.18 56.53 16.80
C ASP G 726 -112.42 55.21 16.76
N GLY G 727 -112.27 54.63 15.57
CA GLY G 727 -111.47 53.43 15.44
C GLY G 727 -110.00 53.67 15.69
N GLU G 728 -109.50 54.83 15.24
CA GLU G 728 -108.09 55.15 15.45
C GLU G 728 -107.74 55.22 16.93
N LYS G 729 -108.64 55.79 17.74
CA LYS G 729 -108.35 55.87 19.17
C LYS G 729 -108.28 54.49 19.80
N LYS G 730 -109.16 53.57 19.40
CA LYS G 730 -109.07 52.20 19.88
C LYS G 730 -107.77 51.54 19.42
N ILE G 731 -107.35 51.84 18.19
CA ILE G 731 -106.10 51.28 17.67
C ILE G 731 -104.91 51.79 18.48
N LYS G 732 -104.89 53.08 18.81
CA LYS G 732 -103.75 53.69 19.47
C LYS G 732 -103.93 53.83 20.97
N LEU G 733 -105.05 53.35 21.53
CA LEU G 733 -105.23 53.21 22.96
C LEU G 733 -105.69 51.80 23.28
N LEU G 734 -105.42 51.38 24.51
CA LEU G 734 -105.89 50.09 25.01
C LEU G 734 -105.43 48.95 24.10
N THR G 735 -104.12 48.89 23.86
CA THR G 735 -103.52 47.95 22.95
C THR G 735 -102.78 46.82 23.64
N GLY G 736 -102.82 46.76 24.97
CA GLY G 736 -101.90 45.93 25.72
C GLY G 736 -102.22 44.44 25.79
N LYS G 737 -103.42 44.02 25.41
CA LYS G 737 -103.81 42.65 25.67
C LYS G 737 -103.12 41.69 24.68
N ARG G 738 -103.00 40.43 25.11
CA ARG G 738 -102.42 39.35 24.32
C ARG G 738 -103.44 38.64 23.43
N VAL G 739 -104.68 39.14 23.39
CA VAL G 739 -105.72 38.47 22.60
C VAL G 739 -105.33 38.42 21.14
N GLN G 740 -104.52 39.39 20.68
CA GLN G 740 -104.15 39.44 19.28
C GLN G 740 -103.43 38.16 18.86
N LEU G 741 -102.53 37.68 19.72
CA LEU G 741 -101.81 36.44 19.44
C LEU G 741 -102.77 35.26 19.32
N ALA G 742 -103.77 35.20 20.19
CA ALA G 742 -104.75 34.13 20.14
C ALA G 742 -105.64 34.19 18.91
N GLU G 743 -105.83 35.39 18.36
CA GLU G 743 -106.68 35.53 17.18
C GLU G 743 -106.10 34.76 16.00
N ASP G 744 -104.77 34.75 15.85
CA ASP G 744 -104.15 33.93 14.81
C ASP G 744 -104.38 32.45 15.09
N LEU G 745 -104.15 32.02 16.34
CA LEU G 745 -104.31 30.57 16.74
C LEU G 745 -105.69 30.11 16.24
N LYS G 746 -106.73 30.95 16.40
CA LYS G 746 -108.13 30.58 16.05
C LYS G 746 -108.39 30.77 14.54
N LYS G 747 -107.89 31.84 13.91
CA LYS G 747 -108.21 32.15 12.52
C LYS G 747 -107.60 31.15 11.54
N VAL G 748 -106.42 30.61 11.81
CA VAL G 748 -105.71 29.70 10.84
C VAL G 748 -106.49 28.36 10.76
N ARG G 749 -107.58 28.16 11.53
CA ARG G 749 -108.43 26.92 11.47
C ARG G 749 -109.07 26.71 10.07
N GLU G 750 -109.32 27.75 9.26
CA GLU G 750 -109.85 27.59 7.90
C GLU G 750 -108.78 27.02 6.99
N ILE G 751 -107.55 27.52 7.13
CA ILE G 751 -106.44 27.03 6.30
C ILE G 751 -106.23 25.57 6.67
N GLN G 752 -106.27 25.27 7.98
CA GLN G 752 -106.05 23.88 8.51
C GLN G 752 -107.10 22.93 7.90
N GLU G 753 -108.37 23.34 7.79
CA GLU G 753 -109.42 22.51 7.20
C GLU G 753 -109.26 22.29 5.70
N LYS G 754 -108.98 23.37 4.95
CA LYS G 754 -108.82 23.22 3.51
C LYS G 754 -107.65 22.30 3.19
N LEU G 755 -106.52 22.46 3.89
CA LEU G 755 -105.33 21.68 3.57
C LEU G 755 -105.53 20.20 3.88
N ASP G 756 -106.12 19.88 5.03
CA ASP G 756 -106.31 18.49 5.42
C ASP G 756 -107.30 17.80 4.50
N ALA G 757 -108.41 18.47 4.17
CA ALA G 757 -109.35 17.86 3.24
C ALA G 757 -108.74 17.66 1.86
N PHE G 758 -107.86 18.58 1.43
CA PHE G 758 -107.17 18.40 0.16
C PHE G 758 -106.23 17.20 0.21
N ILE G 759 -105.58 16.97 1.36
CA ILE G 759 -104.72 15.80 1.51
C ILE G 759 -105.57 14.54 1.37
N GLU G 760 -106.72 14.52 2.04
CA GLU G 760 -107.59 13.35 1.93
C GLU G 760 -108.03 13.13 0.48
N ALA G 761 -108.40 14.20 -0.22
CA ALA G 761 -108.78 14.07 -1.61
C ALA G 761 -107.60 13.59 -2.46
N LEU G 762 -106.39 14.05 -2.14
CA LEU G 762 -105.20 13.56 -2.84
C LEU G 762 -105.11 12.05 -2.71
N HIS G 763 -105.29 11.53 -1.49
CA HIS G 763 -105.23 10.09 -1.31
C HIS G 763 -106.36 9.38 -2.06
N GLN G 764 -107.57 9.95 -2.03
CA GLN G 764 -108.69 9.30 -2.71
C GLN G 764 -108.44 9.19 -4.21
N GLU G 765 -107.95 10.25 -4.84
CA GLU G 765 -107.71 10.19 -6.28
C GLU G 765 -106.63 9.17 -6.62
N LYS G 766 -105.54 9.13 -5.84
CA LYS G 766 -104.47 8.18 -6.09
C LYS G 766 -104.99 6.75 -5.96
N ALA H 1 -60.69 95.49 33.56
CA ALA H 1 -61.79 96.40 33.25
C ALA H 1 -63.09 95.85 33.82
N THR H 2 -63.19 94.54 33.92
CA THR H 2 -64.39 93.92 34.47
C THR H 2 -64.58 94.31 35.93
N ASP H 3 -65.84 94.54 36.31
CA ASP H 3 -66.18 94.90 37.68
C ASP H 3 -65.46 96.18 38.12
N ARG H 4 -65.37 97.14 37.21
CA ARG H 4 -64.79 98.45 37.48
C ARG H 4 -65.87 99.51 37.35
N GLY H 5 -65.98 100.38 38.36
CA GLY H 5 -67.04 101.38 38.35
C GLY H 5 -66.90 102.37 37.21
N SER H 6 -65.68 102.85 36.96
CA SER H 6 -65.47 103.81 35.88
C SER H 6 -65.80 103.19 34.52
N GLU H 7 -65.42 101.93 34.33
CA GLU H 7 -65.76 101.23 33.09
C GLU H 7 -67.27 101.13 32.92
N SER H 8 -67.97 100.83 34.01
CA SER H 8 -69.43 100.78 33.96
C SER H 8 -70.01 102.13 33.58
N ASP H 9 -69.45 103.22 34.15
CA ASP H 9 -69.93 104.55 33.80
C ASP H 9 -69.73 104.83 32.32
N LYS H 10 -68.57 104.47 31.78
CA LYS H 10 -68.31 104.72 30.36
C LYS H 10 -69.27 103.92 29.47
N HIS H 11 -69.52 102.66 29.84
CA HIS H 11 -70.47 101.85 29.10
C HIS H 11 -71.86 102.47 29.14
N PHE H 12 -72.27 102.96 30.31
CA PHE H 12 -73.56 103.63 30.42
C PHE H 12 -73.61 104.87 29.53
N ARG H 13 -72.51 105.62 29.47
CA ARG H 13 -72.48 106.82 28.62
C ARG H 13 -72.71 106.44 27.16
N LYS H 14 -72.03 105.39 26.69
CA LYS H 14 -72.22 104.97 25.31
C LYS H 14 -73.67 104.54 25.06
N VAL H 15 -74.21 103.75 25.99
CA VAL H 15 -75.57 103.23 25.83
C VAL H 15 -76.57 104.38 25.80
N SER H 16 -76.36 105.38 26.64
CA SER H 16 -77.27 106.53 26.69
C SER H 16 -77.13 107.39 25.44
N ASP H 17 -75.93 107.51 24.87
CA ASP H 17 -75.79 108.27 23.64
C ASP H 17 -76.53 107.60 22.50
N LYS H 18 -76.45 106.27 22.39
CA LYS H 18 -77.22 105.61 21.33
C LYS H 18 -78.71 105.86 21.50
N GLU H 19 -79.21 105.83 22.74
CA GLU H 19 -80.62 106.16 22.96
C GLU H 19 -80.90 107.61 22.63
N LYS H 20 -79.93 108.50 22.83
CA LYS H 20 -80.13 109.90 22.48
C LYS H 20 -80.27 110.08 20.98
N ILE H 21 -79.71 109.18 20.18
CA ILE H 21 -79.92 109.25 18.73
C ILE H 21 -80.91 108.17 18.28
N ASP H 22 -81.85 107.82 19.15
CA ASP H 22 -82.86 106.84 18.81
C ASP H 22 -83.87 107.40 17.79
N GLN H 23 -84.57 106.49 17.11
CA GLN H 23 -85.57 106.90 16.14
C GLN H 23 -86.68 107.74 16.76
N LEU H 24 -87.02 107.51 18.03
CA LEU H 24 -87.96 108.40 18.70
C LEU H 24 -87.45 109.83 18.70
N GLN H 25 -86.20 110.02 19.14
CA GLN H 25 -85.62 111.36 19.17
C GLN H 25 -85.45 111.93 17.76
N GLU H 26 -85.06 111.09 16.81
CA GLU H 26 -84.87 111.57 15.44
C GLU H 26 -86.18 112.04 14.84
N GLU H 27 -87.25 111.26 15.02
CA GLU H 27 -88.57 111.69 14.55
C GLU H 27 -89.02 112.94 15.30
N LEU H 28 -88.70 113.03 16.59
CA LEU H 28 -89.02 114.25 17.33
C LEU H 28 -88.34 115.46 16.70
N LEU H 29 -87.07 115.33 16.34
CA LEU H 29 -86.38 116.43 15.69
C LEU H 29 -87.01 116.78 14.34
N HIS H 30 -87.31 115.76 13.53
CA HIS H 30 -87.86 116.02 12.21
C HIS H 30 -89.22 116.70 12.30
N THR H 31 -90.09 116.21 13.18
CA THR H 31 -91.41 116.82 13.36
C THR H 31 -91.29 118.21 13.98
N GLN H 32 -90.34 118.39 14.91
CA GLN H 32 -90.14 119.68 15.55
C GLN H 32 -89.69 120.73 14.54
N LEU H 33 -88.89 120.33 13.55
CA LEU H 33 -88.45 121.31 12.57
C LEU H 33 -89.63 121.90 11.80
N LYS H 34 -90.59 121.06 11.42
CA LYS H 34 -91.80 121.59 10.78
C LYS H 34 -92.66 122.37 11.78
N TYR H 35 -92.71 121.91 13.04
CA TYR H 35 -93.54 122.60 14.02
C TYR H 35 -93.01 124.01 14.31
N GLN H 36 -91.70 124.20 14.25
CA GLN H 36 -91.14 125.54 14.45
C GLN H 36 -91.68 126.52 13.44
N ARG H 37 -92.08 126.04 12.26
CA ARG H 37 -92.68 126.87 11.23
C ARG H 37 -94.21 126.83 11.28
N ILE H 38 -94.78 125.68 11.65
CA ILE H 38 -96.23 125.57 11.78
C ILE H 38 -96.69 126.34 13.00
N LEU H 39 -97.81 127.05 12.86
CA LEU H 39 -98.33 127.92 13.91
C LEU H 39 -97.28 128.93 14.37
N GLU H 40 -96.47 129.31 13.38
CA GLU H 40 -95.39 130.28 13.66
C GLU H 40 -95.39 131.37 12.58
N ARG H 41 -94.50 132.36 12.68
CA ARG H 41 -94.41 133.58 11.88
C ARG H 41 -95.48 134.57 12.34
N LEU H 42 -96.36 134.17 13.26
CA LEU H 42 -97.23 135.14 13.92
C LEU H 42 -96.46 135.98 14.92
N GLU H 43 -95.42 135.40 15.53
CA GLU H 43 -94.75 136.04 16.65
C GLU H 43 -94.12 137.37 16.26
N LYS H 44 -93.45 137.41 15.10
CA LYS H 44 -92.77 138.64 14.70
C LYS H 44 -93.76 139.79 14.52
N GLU H 45 -94.94 139.51 13.95
CA GLU H 45 -95.98 140.52 13.88
C GLU H 45 -96.51 140.87 15.26
N ASN H 46 -96.60 139.87 16.15
CA ASN H 46 -97.19 140.09 17.47
C ASN H 46 -96.40 141.12 18.27
N LYS H 47 -95.08 141.16 18.08
CA LYS H 47 -94.24 142.02 18.92
C LYS H 47 -94.67 143.48 18.88
N GLU H 48 -95.30 143.91 17.80
CA GLU H 48 -95.72 145.30 17.67
C GLU H 48 -96.74 145.66 18.76
N LEU H 49 -96.57 146.84 19.34
CA LEU H 49 -97.43 147.31 20.43
C LEU H 49 -98.51 148.28 19.97
N ARG H 50 -98.62 148.53 18.66
CA ARG H 50 -99.57 149.53 18.17
C ARG H 50 -101.00 149.16 18.53
N LYS H 51 -101.36 147.88 18.34
CA LYS H 51 -102.68 147.41 18.73
C LYS H 51 -102.90 147.60 20.22
N LEU H 52 -101.87 147.28 21.02
CA LEU H 52 -101.95 147.49 22.45
C LEU H 52 -102.14 148.96 22.77
N VAL H 53 -101.47 149.85 22.03
CA VAL H 53 -101.62 151.28 22.28
C VAL H 53 -103.06 151.71 22.01
N LEU H 54 -103.66 151.20 20.93
CA LEU H 54 -105.07 151.53 20.67
C LEU H 54 -105.96 151.02 21.79
N GLN H 55 -105.70 149.81 22.29
CA GLN H 55 -106.50 149.30 23.40
C GLN H 55 -106.31 150.15 24.65
N LYS H 56 -105.08 150.62 24.90
CA LYS H 56 -104.84 151.54 26.01
C LYS H 56 -105.66 152.81 25.85
N ASP H 57 -105.69 153.34 24.62
CA ASP H 57 -106.45 154.55 24.36
C ASP H 57 -107.93 154.33 24.67
N ASP H 58 -108.45 153.17 24.29
CA ASP H 58 -109.83 152.85 24.66
C ASP H 58 -110.00 152.78 26.17
N LYS H 59 -109.03 152.17 26.86
CA LYS H 59 -109.13 152.04 28.31
C LYS H 59 -108.93 153.37 29.02
N GLY H 60 -107.99 154.18 28.56
CA GLY H 60 -107.67 155.44 29.22
C GLY H 60 -108.24 156.67 28.52
N ILE H 61 -107.36 157.49 27.96
CA ILE H 61 -107.78 158.66 27.19
C ILE H 61 -107.96 158.23 25.74
N HIS H 62 -109.21 158.12 25.31
CA HIS H 62 -109.54 157.84 23.92
C HIS H 62 -109.79 159.14 23.15
N HIS H 63 -109.53 160.29 23.76
CA HIS H 63 -109.59 161.61 23.12
C HIS H 63 -110.94 161.89 22.46
N ARG H 64 -111.94 161.09 22.80
CA ARG H 64 -113.28 161.22 22.23
C ARG H 64 -114.30 161.05 23.35
N LYS H 65 -115.47 161.65 23.14
CA LYS H 65 -116.48 161.70 24.18
C LYS H 65 -116.83 160.30 24.68
N LEU H 66 -116.74 159.31 23.79
CA LEU H 66 -117.11 157.95 24.16
C LEU H 66 -116.27 157.42 25.32
N LYS H 67 -115.09 157.99 25.56
CA LYS H 67 -114.14 157.41 26.49
C LYS H 67 -114.72 157.36 27.91
N LYS H 68 -114.35 156.30 28.63
CA LYS H 68 -114.67 156.15 30.05
C LYS H 68 -116.18 156.28 30.30
N SER H 69 -116.97 155.75 29.38
CA SER H 69 -118.42 155.76 29.54
C SER H 69 -118.83 154.79 30.64
N LEU H 70 -119.67 155.27 31.55
CA LEU H 70 -120.07 154.46 32.70
C LEU H 70 -120.96 153.29 32.31
N ILE H 71 -121.86 153.49 31.34
CA ILE H 71 -122.65 152.38 30.82
C ILE H 71 -121.74 151.32 30.20
N ASP H 72 -120.65 151.76 29.57
CA ASP H 72 -119.69 150.81 29.00
C ASP H 72 -119.14 149.88 30.07
N MET H 73 -118.86 150.43 31.26
CA MET H 73 -118.38 149.60 32.36
C MET H 73 -119.49 148.73 32.93
N TYR H 74 -120.73 149.25 32.93
CA TYR H 74 -121.84 148.43 33.38
C TYR H 74 -122.01 147.18 32.52
N SER H 75 -121.75 147.30 31.22
CA SER H 75 -121.83 146.12 30.36
C SER H 75 -120.87 145.03 30.83
N GLU H 76 -119.63 145.42 31.14
CA GLU H 76 -118.66 144.45 31.65
C GLU H 76 -119.10 143.89 32.99
N VAL H 77 -119.69 144.75 33.83
CA VAL H 77 -120.16 144.29 35.14
C VAL H 77 -121.18 143.17 34.96
N LEU H 78 -122.17 143.39 34.11
CA LEU H 78 -123.19 142.36 33.91
C LEU H 78 -122.58 141.10 33.28
N ASP H 79 -121.64 141.27 32.36
CA ASP H 79 -121.00 140.10 31.77
C ASP H 79 -120.28 139.26 32.82
N VAL H 80 -119.59 139.93 33.76
CA VAL H 80 -118.86 139.18 34.78
C VAL H 80 -119.82 138.56 35.79
N LEU H 81 -120.96 139.21 36.07
CA LEU H 81 -121.97 138.51 36.86
C LEU H 81 -122.46 137.24 36.15
N SER H 82 -122.67 137.32 34.84
CA SER H 82 -123.07 136.10 34.11
C SER H 82 -122.00 135.03 34.20
N ASP H 83 -120.73 135.42 34.07
CA ASP H 83 -119.63 134.48 34.21
C ASP H 83 -119.60 133.85 35.61
N TYR H 84 -119.85 134.63 36.66
CA TYR H 84 -119.81 134.09 38.01
C TYR H 84 -120.82 132.96 38.17
N ASP H 85 -122.04 133.13 37.66
CA ASP H 85 -123.14 132.20 37.92
C ASP H 85 -123.96 132.03 36.64
N ALA H 86 -123.95 130.81 36.09
CA ALA H 86 -124.91 130.46 35.06
C ALA H 86 -126.33 130.56 35.61
N SER H 87 -126.54 130.16 36.85
CA SER H 87 -127.85 130.24 37.47
C SER H 87 -128.31 131.70 37.57
N TYR H 88 -129.62 131.88 37.40
CA TYR H 88 -130.19 133.21 37.24
C TYR H 88 -130.08 134.05 38.51
N ASN H 89 -130.02 133.40 39.67
CA ASN H 89 -130.16 134.09 40.95
C ASN H 89 -129.22 135.29 41.05
N THR H 90 -127.93 135.07 40.76
CA THR H 90 -126.95 136.14 40.91
C THR H 90 -127.00 137.13 39.76
N GLN H 91 -127.37 136.69 38.55
CA GLN H 91 -127.57 137.65 37.47
C GLN H 91 -128.71 138.60 37.81
N ASP H 92 -129.68 138.14 38.59
CA ASP H 92 -130.76 139.00 39.04
C ASP H 92 -130.31 140.03 40.06
N HIS H 93 -129.09 139.93 40.57
CA HIS H 93 -128.62 140.90 41.56
C HIS H 93 -128.57 142.31 40.99
N LEU H 94 -128.21 142.46 39.71
CA LEU H 94 -127.95 143.78 39.17
C LEU H 94 -128.94 144.15 38.07
N PRO H 95 -129.34 145.41 38.02
CA PRO H 95 -130.36 145.84 37.04
C PRO H 95 -129.95 145.65 35.59
N ARG H 96 -130.97 145.40 34.76
CA ARG H 96 -130.89 145.43 33.31
C ARG H 96 -132.31 145.62 32.79
N VAL H 97 -132.45 145.95 31.52
CA VAL H 97 -133.77 146.04 30.89
C VAL H 97 -134.02 144.74 30.15
N VAL H 98 -135.09 144.04 30.53
CA VAL H 98 -135.46 142.75 29.93
C VAL H 98 -136.68 142.99 29.06
N VAL H 99 -136.57 142.64 27.77
CA VAL H 99 -137.61 142.92 26.80
C VAL H 99 -138.27 141.58 26.44
N VAL H 100 -139.55 141.46 26.74
CA VAL H 100 -140.34 140.30 26.35
C VAL H 100 -141.39 140.78 25.36
N GLY H 101 -141.88 139.86 24.53
CA GLY H 101 -142.93 140.24 23.60
C GLY H 101 -143.62 139.03 23.01
N ASP H 102 -144.80 139.29 22.44
CA ASP H 102 -145.52 138.25 21.72
C ASP H 102 -144.70 137.79 20.53
N GLN H 103 -144.74 136.49 20.26
CA GLN H 103 -143.99 135.94 19.14
C GLN H 103 -144.36 136.64 17.84
N SER H 104 -143.34 137.05 17.10
CA SER H 104 -143.51 137.71 15.80
C SER H 104 -144.27 139.04 15.94
N ALA H 105 -144.12 139.69 17.09
CA ALA H 105 -144.73 141.00 17.32
C ALA H 105 -143.91 142.14 16.74
N GLY H 106 -142.71 141.86 16.22
CA GLY H 106 -141.81 142.89 15.74
C GLY H 106 -140.80 143.37 16.75
N LYS H 107 -140.68 142.68 17.88
CA LYS H 107 -139.82 143.10 18.98
C LYS H 107 -138.40 143.38 18.54
N THR H 108 -137.86 142.58 17.62
CA THR H 108 -136.51 142.86 17.13
C THR H 108 -136.46 144.16 16.33
N SER H 109 -137.54 144.52 15.64
CA SER H 109 -137.56 145.83 14.98
C SER H 109 -137.54 146.96 16.01
N VAL H 110 -138.24 146.79 17.12
CA VAL H 110 -138.20 147.78 18.20
C VAL H 110 -136.78 147.89 18.74
N LEU H 111 -136.13 146.75 18.97
CA LEU H 111 -134.78 146.78 19.53
C LEU H 111 -133.79 147.34 18.53
N GLU H 112 -134.04 147.17 17.23
CA GLU H 112 -133.18 147.77 16.22
C GLU H 112 -133.36 149.28 16.17
N MET H 113 -134.61 149.76 16.27
CA MET H 113 -134.82 151.20 16.29
C MET H 113 -134.17 151.83 17.51
N ILE H 114 -134.25 151.15 18.66
CA ILE H 114 -133.60 151.67 19.86
C ILE H 114 -132.08 151.63 19.70
N ALA H 115 -131.56 150.53 19.15
CA ALA H 115 -130.13 150.43 18.86
C ALA H 115 -129.74 151.15 17.58
N GLN H 116 -130.71 151.59 16.78
CA GLN H 116 -130.46 152.40 15.58
C GLN H 116 -129.64 151.63 14.54
N ALA H 117 -129.75 150.30 14.53
CA ALA H 117 -129.01 149.49 13.57
C ALA H 117 -129.74 148.18 13.36
N ARG H 118 -129.54 147.60 12.18
CA ARG H 118 -130.14 146.31 11.82
C ARG H 118 -129.26 145.19 12.39
N ILE H 119 -129.32 145.04 13.71
CA ILE H 119 -128.46 144.12 14.43
C ILE H 119 -129.25 142.99 15.08
N PHE H 120 -130.56 142.92 14.86
CA PHE H 120 -131.37 141.85 15.43
C PHE H 120 -131.96 140.99 14.31
N PRO H 121 -132.22 139.71 14.56
CA PRO H 121 -132.80 138.86 13.52
C PRO H 121 -134.14 139.42 13.04
N ARG H 122 -134.22 139.70 11.74
CA ARG H 122 -135.41 140.26 11.13
C ARG H 122 -135.95 139.28 10.11
N GLY H 123 -137.24 138.99 10.22
CA GLY H 123 -137.91 138.09 9.29
C GLY H 123 -139.40 138.36 9.28
N SER H 124 -140.05 137.83 8.25
CA SER H 124 -141.49 138.03 8.06
C SER H 124 -142.25 136.82 8.58
N GLY H 125 -143.12 137.05 9.56
CA GLY H 125 -144.02 136.03 10.04
C GLY H 125 -143.35 134.76 10.54
N GLU H 126 -142.30 134.90 11.35
CA GLU H 126 -141.59 133.74 11.87
C GLU H 126 -140.95 134.10 13.20
N MET H 127 -140.69 133.08 14.01
CA MET H 127 -139.96 133.29 15.25
C MET H 127 -138.63 133.95 14.94
N MET H 128 -138.39 135.10 15.55
CA MET H 128 -137.18 135.89 15.33
C MET H 128 -136.15 135.68 16.44
N THR H 129 -136.58 135.80 17.70
CA THR H 129 -135.73 135.51 18.84
C THR H 129 -136.03 134.12 19.36
N ARG H 130 -135.00 133.27 19.40
CA ARG H 130 -135.13 131.92 19.98
C ARG H 130 -134.17 131.68 21.12
N SER H 131 -133.04 132.38 21.18
CA SER H 131 -132.19 132.41 22.35
C SER H 131 -131.93 133.87 22.73
N PRO H 132 -132.08 134.23 24.01
CA PRO H 132 -132.03 135.64 24.38
C PRO H 132 -130.68 136.27 24.05
N VAL H 133 -130.70 137.53 23.63
CA VAL H 133 -129.49 138.26 23.24
C VAL H 133 -129.47 139.58 23.99
N LYS H 134 -128.41 139.82 24.76
CA LYS H 134 -128.29 141.05 25.53
C LYS H 134 -127.35 142.01 24.81
N VAL H 135 -127.90 143.14 24.35
CA VAL H 135 -127.15 144.19 23.69
C VAL H 135 -127.16 145.42 24.58
N THR H 136 -125.98 145.99 24.82
CA THR H 136 -125.85 147.19 25.63
C THR H 136 -125.58 148.39 24.73
N LEU H 137 -126.34 149.46 24.96
CA LEU H 137 -126.26 150.66 24.12
C LEU H 137 -125.62 151.79 24.90
N SER H 138 -124.60 152.41 24.28
CA SER H 138 -123.84 153.52 24.82
C SER H 138 -123.58 154.53 23.72
N GLU H 139 -123.38 155.79 24.11
CA GLU H 139 -123.13 156.85 23.14
C GLU H 139 -121.72 156.74 22.56
N GLY H 140 -121.57 157.16 21.31
CA GLY H 140 -120.27 157.24 20.68
C GLY H 140 -120.33 157.61 19.21
N PRO H 141 -119.35 158.38 18.72
CA PRO H 141 -119.38 158.79 17.31
C PRO H 141 -119.24 157.65 16.33
N HIS H 142 -118.71 156.50 16.75
CA HIS H 142 -118.46 155.36 15.87
C HIS H 142 -119.58 154.35 16.08
N HIS H 143 -120.41 154.17 15.06
CA HIS H 143 -121.59 153.30 15.15
C HIS H 143 -121.12 151.88 14.85
N VAL H 144 -120.61 151.20 15.87
CA VAL H 144 -119.93 149.93 15.72
C VAL H 144 -120.44 148.93 16.77
N ALA H 145 -120.43 147.66 16.39
CA ALA H 145 -120.83 146.57 17.28
C ALA H 145 -119.66 145.62 17.46
N LEU H 146 -119.56 145.01 18.65
CA LEU H 146 -118.51 144.03 18.91
C LEU H 146 -119.03 142.95 19.84
N PHE H 147 -118.75 141.70 19.51
CA PHE H 147 -119.11 140.58 20.36
C PHE H 147 -118.18 140.47 21.56
N LYS H 148 -118.73 139.96 22.66
CA LYS H 148 -117.93 139.63 23.83
C LYS H 148 -116.84 138.62 23.48
N ASP H 149 -117.14 137.68 22.60
CA ASP H 149 -116.32 136.50 22.37
C ASP H 149 -115.43 136.61 21.13
N SER H 150 -115.38 137.76 20.48
CA SER H 150 -114.71 137.87 19.19
C SER H 150 -113.88 139.14 19.15
N SER H 151 -113.14 139.31 18.05
CA SER H 151 -112.35 140.50 17.79
C SER H 151 -112.85 141.28 16.59
N ARG H 152 -113.82 140.76 15.85
CA ARG H 152 -114.38 141.45 14.69
C ARG H 152 -115.33 142.54 15.15
N GLU H 153 -115.10 143.76 14.64
CA GLU H 153 -116.02 144.86 14.81
C GLU H 153 -116.88 144.99 13.58
N PHE H 154 -118.17 145.24 13.78
CA PHE H 154 -119.14 145.35 12.71
C PHE H 154 -119.53 146.81 12.55
N ASP H 155 -119.38 147.32 11.33
CA ASP H 155 -119.77 148.69 11.01
C ASP H 155 -121.28 148.69 10.80
N LEU H 156 -122.00 149.47 11.62
CA LEU H 156 -123.44 149.42 11.66
C LEU H 156 -124.10 150.38 10.66
N THR H 157 -123.30 151.02 9.80
CA THR H 157 -123.82 151.86 8.74
C THR H 157 -123.79 151.19 7.38
N LYS H 158 -123.33 149.94 7.30
CA LYS H 158 -123.14 149.25 6.04
C LYS H 158 -123.78 147.87 6.10
N GLU H 159 -124.44 147.48 5.01
CA GLU H 159 -125.31 146.31 5.04
C GLU H 159 -124.52 145.01 5.15
N GLU H 160 -123.33 144.95 4.55
CA GLU H 160 -122.57 143.71 4.59
C GLU H 160 -122.24 143.31 6.02
N ASP H 161 -121.73 144.25 6.83
CA ASP H 161 -121.39 143.95 8.21
C ASP H 161 -122.64 143.73 9.06
N LEU H 162 -123.70 144.48 8.79
CA LEU H 162 -124.95 144.28 9.53
C LEU H 162 -125.52 142.89 9.28
N ALA H 163 -125.50 142.43 8.03
CA ALA H 163 -125.99 141.10 7.71
C ALA H 163 -125.08 140.02 8.30
N ALA H 164 -123.76 140.23 8.24
CA ALA H 164 -122.85 139.28 8.88
C ALA H 164 -123.13 139.19 10.37
N LEU H 165 -123.37 140.34 11.01
CA LEU H 165 -123.67 140.35 12.43
C LEU H 165 -124.99 139.63 12.73
N ARG H 166 -126.03 139.92 11.94
CA ARG H 166 -127.32 139.28 12.19
C ARG H 166 -127.22 137.77 12.03
N HIS H 167 -126.53 137.30 10.98
CA HIS H 167 -126.47 135.87 10.76
C HIS H 167 -125.53 135.17 11.73
N GLU H 168 -124.48 135.86 12.17
CA GLU H 168 -123.65 135.31 13.25
C GLU H 168 -124.46 135.18 14.53
N ILE H 169 -125.29 136.17 14.83
CA ILE H 169 -126.17 136.09 16.00
C ILE H 169 -127.14 134.92 15.85
N GLU H 170 -127.67 134.74 14.64
CA GLU H 170 -128.56 133.60 14.39
C GLU H 170 -127.83 132.29 14.62
N LEU H 171 -126.60 132.18 14.14
CA LEU H 171 -125.84 130.94 14.31
C LEU H 171 -125.54 130.69 15.77
N ARG H 172 -125.16 131.72 16.51
CA ARG H 172 -124.91 131.58 17.94
C ARG H 172 -126.18 131.18 18.68
N MET H 173 -127.31 131.77 18.29
CA MET H 173 -128.61 131.42 18.85
C MET H 173 -128.88 129.94 18.66
N ARG H 174 -128.67 129.45 17.44
CA ARG H 174 -128.88 128.04 17.16
C ARG H 174 -127.92 127.16 17.95
N LYS H 175 -126.66 127.57 18.04
CA LYS H 175 -125.65 126.81 18.77
C LYS H 175 -125.91 126.77 20.26
N ASN H 176 -126.77 127.65 20.78
CA ASN H 176 -127.17 127.56 22.18
C ASN H 176 -128.31 126.57 22.41
N VAL H 177 -128.85 125.97 21.34
CA VAL H 177 -130.01 125.09 21.43
C VAL H 177 -129.56 123.66 21.13
N LYS H 178 -130.00 122.72 21.95
CA LYS H 178 -129.71 121.32 21.71
C LYS H 178 -130.41 120.82 20.46
N GLU H 179 -129.81 119.82 19.82
CA GLU H 179 -130.37 119.25 18.61
C GLU H 179 -131.79 118.74 18.87
N GLY H 180 -132.71 119.08 17.97
CA GLY H 180 -134.10 118.68 18.09
C GLY H 180 -134.97 119.69 18.82
N CYS H 181 -134.36 120.62 19.56
CA CYS H 181 -135.08 121.71 20.22
C CYS H 181 -134.85 123.00 19.45
N THR H 182 -135.61 124.03 19.84
CA THR H 182 -135.63 125.29 19.13
C THR H 182 -135.23 126.49 19.98
N VAL H 183 -135.33 126.40 21.30
CA VAL H 183 -135.21 127.55 22.19
C VAL H 183 -134.24 127.20 23.32
N SER H 184 -133.42 128.19 23.72
CA SER H 184 -132.42 127.98 24.78
C SER H 184 -132.19 129.27 25.60
N PRO H 185 -131.87 129.15 26.89
CA PRO H 185 -131.70 130.36 27.72
C PRO H 185 -130.42 131.13 27.48
N GLU H 186 -129.37 130.49 26.97
CA GLU H 186 -128.05 131.11 26.96
C GLU H 186 -128.08 132.46 26.25
N THR H 187 -127.44 133.46 26.87
CA THR H 187 -127.53 134.84 26.45
C THR H 187 -126.31 135.24 25.62
N ILE H 188 -126.55 135.81 24.45
CA ILE H 188 -125.48 136.35 23.62
C ILE H 188 -125.25 137.81 24.00
N SER H 189 -123.98 138.19 24.19
CA SER H 189 -123.60 139.53 24.60
C SER H 189 -122.95 140.27 23.44
N LEU H 190 -123.56 141.37 23.03
CA LEU H 190 -123.02 142.26 22.02
C LEU H 190 -122.96 143.67 22.59
N ASN H 191 -121.80 144.31 22.48
CA ASN H 191 -121.62 145.70 22.90
C ASN H 191 -121.73 146.59 21.67
N VAL H 192 -122.74 147.44 21.66
CA VAL H 192 -123.04 148.30 20.52
C VAL H 192 -122.89 149.75 20.96
N LYS H 193 -122.17 150.54 20.17
CA LYS H 193 -121.99 151.97 20.44
C LYS H 193 -122.33 152.75 19.18
N GLY H 194 -122.82 153.97 19.37
CA GLY H 194 -123.17 154.82 18.26
C GLY H 194 -123.82 156.11 18.73
N PRO H 195 -123.90 157.10 17.84
CA PRO H 195 -124.46 158.39 18.23
C PRO H 195 -125.95 158.29 18.50
N GLY H 196 -126.40 158.99 19.54
CA GLY H 196 -127.80 159.03 19.90
C GLY H 196 -128.26 157.87 20.76
N LEU H 197 -127.43 156.86 20.97
CA LEU H 197 -127.80 155.73 21.81
C LEU H 197 -127.85 156.16 23.27
N GLN H 198 -128.79 155.58 24.00
CA GLN H 198 -128.92 155.85 25.42
C GLN H 198 -128.14 154.82 26.22
N ARG H 199 -127.94 155.11 27.49
CA ARG H 199 -127.32 154.17 28.42
C ARG H 199 -128.31 153.07 28.79
N MET H 200 -128.41 151.98 28.00
CA MET H 200 -129.50 150.99 28.20
C MET H 200 -129.12 149.54 27.90
N VAL H 201 -128.89 148.70 28.91
CA VAL H 201 -128.78 147.27 28.64
C VAL H 201 -130.14 146.71 28.27
N LEU H 202 -130.22 146.00 27.13
CA LEU H 202 -131.48 145.51 26.59
C LEU H 202 -131.34 144.03 26.28
N VAL H 203 -132.23 143.21 26.84
CA VAL H 203 -132.15 141.75 26.71
C VAL H 203 -133.34 141.29 25.88
N ASP H 204 -133.09 140.94 24.61
CA ASP H 204 -134.09 140.25 23.81
C ASP H 204 -134.32 138.85 24.34
N LEU H 205 -135.59 138.44 24.31
CA LEU H 205 -136.07 137.20 24.91
C LEU H 205 -136.80 136.37 23.86
N PRO H 206 -136.76 135.03 23.97
CA PRO H 206 -137.57 134.20 23.06
C PRO H 206 -139.04 134.59 23.06
N GLY H 207 -139.62 134.80 21.88
CA GLY H 207 -141.01 135.21 21.79
C GLY H 207 -141.97 134.22 22.43
N VAL H 208 -142.96 134.73 23.16
CA VAL H 208 -143.91 133.89 23.90
C VAL H 208 -145.07 133.53 22.98
N ILE H 209 -145.59 132.32 23.16
CA ILE H 209 -146.61 131.75 22.29
C ILE H 209 -147.83 131.38 23.13
N ASN H 210 -149.01 131.82 22.69
CA ASN H 210 -150.24 131.30 23.27
C ASN H 210 -150.28 129.78 23.14
N THR H 211 -150.07 129.28 21.93
CA THR H 211 -149.93 127.84 21.68
C THR H 211 -148.90 127.64 20.58
N VAL H 212 -148.27 126.46 20.60
CA VAL H 212 -147.33 126.11 19.55
C VAL H 212 -148.06 125.95 18.23
N THR H 213 -147.50 126.55 17.18
CA THR H 213 -147.95 126.22 15.83
C THR H 213 -147.42 124.84 15.46
N SER H 214 -148.11 124.19 14.53
CA SER H 214 -147.81 122.80 14.23
C SER H 214 -146.36 122.63 13.78
N GLY H 215 -145.86 123.55 12.96
CA GLY H 215 -144.50 123.43 12.47
C GLY H 215 -143.47 123.47 13.58
N MET H 216 -143.69 124.35 14.56
CA MET H 216 -142.73 124.52 15.65
C MET H 216 -142.77 123.31 16.58
N ALA H 217 -141.62 123.03 17.19
CA ALA H 217 -141.54 121.94 18.15
C ALA H 217 -142.37 122.27 19.38
N PRO H 218 -143.06 121.29 19.97
CA PRO H 218 -143.82 121.58 21.20
C PRO H 218 -142.95 122.10 22.34
N ASP H 219 -141.72 121.58 22.45
CA ASP H 219 -140.82 121.96 23.53
C ASP H 219 -140.90 123.44 23.86
N THR H 220 -140.86 124.27 22.81
CA THR H 220 -140.67 125.70 23.01
C THR H 220 -141.65 126.26 24.02
N LYS H 221 -142.90 125.78 24.01
CA LYS H 221 -143.92 126.43 24.84
C LYS H 221 -143.52 126.37 26.31
N GLU H 222 -143.04 125.22 26.77
CA GLU H 222 -142.56 125.15 28.14
C GLU H 222 -141.23 125.86 28.29
N THR H 223 -140.34 125.71 27.31
CA THR H 223 -139.02 126.32 27.41
C THR H 223 -139.13 127.85 27.40
N ILE H 224 -139.84 128.39 26.41
CA ILE H 224 -139.81 129.83 26.16
C ILE H 224 -140.16 130.59 27.44
N PHE H 225 -141.27 130.22 28.07
CA PHE H 225 -141.71 130.96 29.24
C PHE H 225 -140.70 130.85 30.37
N SER H 226 -140.18 129.64 30.61
CA SER H 226 -139.22 129.48 31.70
C SER H 226 -138.05 130.42 31.51
N ILE H 227 -137.48 130.43 30.30
CA ILE H 227 -136.38 131.32 29.99
C ILE H 227 -136.77 132.75 30.29
N SER H 228 -137.95 133.16 29.82
CA SER H 228 -138.36 134.54 30.06
C SER H 228 -138.40 134.82 31.56
N LYS H 229 -138.99 133.91 32.33
CA LYS H 229 -139.07 134.13 33.76
C LYS H 229 -137.67 134.35 34.34
N ALA H 230 -136.71 133.53 33.89
CA ALA H 230 -135.36 133.57 34.42
C ALA H 230 -134.83 134.99 34.43
N TYR H 231 -135.15 135.73 33.39
CA TYR H 231 -134.66 137.09 33.20
C TYR H 231 -135.68 138.12 33.67
N MET H 232 -136.97 137.77 33.60
CA MET H 232 -138.05 138.68 33.93
C MET H 232 -138.15 138.91 35.44
N GLN H 233 -137.87 137.87 36.23
CA GLN H 233 -138.04 137.91 37.67
C GLN H 233 -137.05 138.82 38.36
N ASN H 234 -136.00 139.24 37.67
CA ASN H 234 -134.97 140.09 38.27
C ASN H 234 -135.63 141.23 39.03
N PRO H 235 -135.54 141.28 40.35
CA PRO H 235 -136.19 142.37 41.10
C PRO H 235 -135.59 143.74 40.81
N ASN H 236 -134.42 143.79 40.18
CA ASN H 236 -133.76 145.06 39.86
C ASN H 236 -133.87 145.44 38.39
N ALA H 237 -134.74 144.79 37.63
CA ALA H 237 -134.79 144.98 36.19
C ALA H 237 -136.10 145.64 35.77
N ILE H 238 -136.06 146.30 34.62
CA ILE H 238 -137.25 146.86 33.98
C ILE H 238 -137.80 145.82 33.01
N ILE H 239 -139.13 145.72 32.96
CA ILE H 239 -139.81 144.85 32.01
C ILE H 239 -140.34 145.70 30.87
N LEU H 240 -139.83 145.45 29.67
CA LEU H 240 -140.36 146.10 28.47
C LEU H 240 -141.23 145.10 27.72
N CYS H 241 -142.54 145.37 27.68
CA CYS H 241 -143.54 144.45 27.15
C CYS H 241 -143.93 144.87 25.74
N ILE H 242 -143.68 143.99 24.77
CA ILE H 242 -143.94 144.25 23.37
C ILE H 242 -145.14 143.40 22.97
N GLN H 243 -146.26 144.03 22.66
CA GLN H 243 -147.48 143.32 22.32
C GLN H 243 -147.95 143.73 20.92
N ASP H 244 -148.43 142.74 20.18
CA ASP H 244 -148.92 142.96 18.82
C ASP H 244 -150.28 143.63 18.89
N GLY H 245 -150.36 144.89 18.46
CA GLY H 245 -151.58 145.65 18.49
C GLY H 245 -152.37 145.65 17.20
N SER H 246 -151.96 144.85 16.21
CA SER H 246 -152.69 144.71 14.96
C SER H 246 -153.49 143.42 14.90
N VAL H 247 -153.63 142.72 16.02
CA VAL H 247 -154.36 141.46 16.08
C VAL H 247 -155.33 141.52 17.25
N ASP H 248 -156.25 140.56 17.27
CA ASP H 248 -157.18 140.45 18.39
C ASP H 248 -156.39 140.26 19.68
N ALA H 249 -156.48 141.24 20.58
CA ALA H 249 -155.68 141.21 21.79
C ALA H 249 -156.01 140.01 22.68
N GLU H 250 -157.19 139.40 22.49
CA GLU H 250 -157.53 138.22 23.27
C GLU H 250 -156.55 137.08 23.02
N ARG H 251 -155.90 137.07 21.86
CA ARG H 251 -154.96 136.02 21.50
C ARG H 251 -153.57 136.22 22.08
N SER H 252 -153.30 137.39 22.66
CA SER H 252 -151.98 137.69 23.19
C SER H 252 -151.72 136.91 24.49
N ILE H 253 -150.43 136.67 24.77
CA ILE H 253 -150.04 135.95 25.97
C ILE H 253 -148.93 136.65 26.76
N VAL H 254 -148.21 137.62 26.18
CA VAL H 254 -147.07 138.19 26.89
C VAL H 254 -147.50 138.90 28.17
N THR H 255 -148.67 139.54 28.14
CA THR H 255 -149.11 140.32 29.29
C THR H 255 -149.36 139.45 30.52
N ASP H 256 -149.68 138.18 30.34
CA ASP H 256 -149.88 137.30 31.49
C ASP H 256 -148.56 137.00 32.18
N LEU H 257 -147.52 136.73 31.39
CA LEU H 257 -146.19 136.54 31.97
C LEU H 257 -145.68 137.82 32.61
N VAL H 258 -145.95 138.97 31.99
CA VAL H 258 -145.52 140.23 32.58
C VAL H 258 -146.21 140.45 33.92
N SER H 259 -147.52 140.18 33.98
CA SER H 259 -148.24 140.32 35.24
C SER H 259 -147.75 139.34 36.29
N GLN H 260 -147.33 138.15 35.87
CA GLN H 260 -146.76 137.19 36.81
C GLN H 260 -145.43 137.69 37.36
N MET H 261 -144.59 138.27 36.49
CA MET H 261 -143.24 138.63 36.89
C MET H 261 -143.18 139.99 37.58
N ASP H 262 -144.12 140.87 37.28
CA ASP H 262 -144.23 142.18 37.95
C ASP H 262 -145.70 142.45 38.23
N PRO H 263 -146.24 141.89 39.31
CA PRO H 263 -147.67 142.08 39.60
C PRO H 263 -148.08 143.53 39.78
N HIS H 264 -147.15 144.42 40.15
CA HIS H 264 -147.48 145.80 40.47
C HIS H 264 -146.97 146.81 39.43
N GLY H 265 -146.27 146.36 38.40
CA GLY H 265 -145.72 147.30 37.44
C GLY H 265 -144.66 148.20 38.01
N ARG H 266 -143.89 147.69 38.97
CA ARG H 266 -142.88 148.50 39.65
C ARG H 266 -141.82 149.00 38.67
N ARG H 267 -141.44 148.19 37.69
CA ARG H 267 -140.53 148.61 36.63
C ARG H 267 -140.99 148.05 35.29
N THR H 268 -142.27 148.21 34.98
CA THR H 268 -142.87 147.64 33.77
C THR H 268 -143.21 148.76 32.79
N ILE H 269 -142.77 148.59 31.55
CA ILE H 269 -143.09 149.51 30.45
C ILE H 269 -143.75 148.70 29.35
N PHE H 270 -144.93 149.15 28.90
CA PHE H 270 -145.73 148.43 27.93
C PHE H 270 -145.66 149.13 26.57
N VAL H 271 -145.49 148.34 25.51
CA VAL H 271 -145.37 148.86 24.16
C VAL H 271 -146.25 148.02 23.23
N LEU H 272 -147.02 148.69 22.37
CA LEU H 272 -147.67 148.03 21.24
C LEU H 272 -146.78 148.12 20.00
N THR H 273 -146.91 147.13 19.14
CA THR H 273 -146.15 147.06 17.90
C THR H 273 -147.08 146.86 16.71
N LYS H 274 -146.50 146.96 15.52
CA LYS H 274 -147.27 146.84 14.28
C LYS H 274 -148.38 147.88 14.23
N VAL H 275 -148.09 149.08 14.72
CA VAL H 275 -149.12 150.11 14.76
C VAL H 275 -149.52 150.54 13.36
N ASP H 276 -148.56 150.67 12.45
CA ASP H 276 -148.91 151.01 11.07
C ASP H 276 -149.81 149.96 10.46
N LEU H 277 -149.50 148.68 10.69
CA LEU H 277 -150.41 147.61 10.30
C LEU H 277 -151.72 147.71 11.07
N ALA H 278 -151.64 148.12 12.34
CA ALA H 278 -152.84 148.23 13.18
C ALA H 278 -153.81 149.28 12.66
N GLU H 279 -153.35 150.25 11.86
CA GLU H 279 -154.25 151.27 11.37
C GLU H 279 -155.42 150.66 10.61
N LYS H 280 -155.14 149.69 9.73
CA LYS H 280 -156.18 148.96 9.03
C LYS H 280 -156.60 147.70 9.77
N ASN H 281 -155.85 147.29 10.79
CA ASN H 281 -156.11 146.06 11.54
C ASN H 281 -156.01 146.33 13.03
N VAL H 282 -156.60 147.45 13.49
CA VAL H 282 -156.49 147.83 14.89
C VAL H 282 -157.09 146.77 15.78
N ALA H 283 -156.41 146.46 16.88
CA ALA H 283 -156.98 145.60 17.91
C ALA H 283 -158.18 146.28 18.53
N SER H 284 -159.27 145.54 18.66
CA SER H 284 -160.53 146.15 19.07
C SER H 284 -160.38 146.80 20.45
N PRO H 285 -161.07 147.92 20.70
CA PRO H 285 -160.96 148.56 22.01
C PRO H 285 -161.24 147.63 23.17
N SER H 286 -162.22 146.73 23.01
CA SER H 286 -162.76 145.97 24.13
C SER H 286 -161.72 145.03 24.75
N ARG H 287 -160.62 144.78 24.06
CA ARG H 287 -159.56 143.92 24.59
C ARG H 287 -158.24 144.65 24.72
N ILE H 288 -157.93 145.58 23.80
CA ILE H 288 -156.64 146.24 23.83
C ILE H 288 -156.62 147.39 24.82
N GLN H 289 -157.72 148.15 24.93
CA GLN H 289 -157.73 149.27 25.85
C GLN H 289 -157.72 148.79 27.31
N GLN H 290 -158.32 147.63 27.57
CA GLN H 290 -158.26 147.03 28.90
C GLN H 290 -156.87 146.53 29.24
N ILE H 291 -156.02 146.30 28.23
CA ILE H 291 -154.61 146.00 28.46
C ILE H 291 -153.83 147.28 28.71
N ILE H 292 -154.11 148.31 27.90
CA ILE H 292 -153.44 149.60 28.05
C ILE H 292 -153.77 150.20 29.42
N GLU H 293 -154.99 149.99 29.88
CA GLU H 293 -155.42 150.50 31.18
C GLU H 293 -155.13 149.54 32.33
N GLY H 294 -154.53 148.39 32.04
CA GLY H 294 -154.21 147.44 33.08
C GLY H 294 -155.42 146.81 33.73
N LYS H 295 -156.49 146.57 32.97
CA LYS H 295 -157.72 146.01 33.49
C LYS H 295 -158.00 144.60 33.01
N LEU H 296 -157.65 144.26 31.77
CA LEU H 296 -157.82 142.89 31.30
C LEU H 296 -156.80 141.97 31.96
N PHE H 297 -155.62 142.51 32.27
CA PHE H 297 -154.55 141.78 32.93
C PHE H 297 -154.07 142.54 34.16
N PRO H 298 -153.59 141.85 35.19
CA PRO H 298 -153.07 142.56 36.38
C PRO H 298 -151.89 143.46 36.06
N MET H 299 -151.29 143.32 34.88
CA MET H 299 -150.12 144.11 34.53
C MET H 299 -150.39 145.60 34.69
N LYS H 300 -149.62 146.24 35.57
CA LYS H 300 -149.51 147.69 35.59
C LYS H 300 -148.19 148.09 34.97
N ALA H 301 -148.06 149.36 34.64
CA ALA H 301 -146.89 149.82 33.90
C ALA H 301 -146.54 151.25 34.29
N LEU H 302 -145.29 151.62 34.00
CA LEU H 302 -144.85 153.00 34.11
C LEU H 302 -145.40 153.86 32.99
N GLY H 303 -146.04 153.26 32.01
CA GLY H 303 -146.61 153.93 30.87
C GLY H 303 -146.85 152.95 29.76
N TYR H 304 -147.87 153.23 28.96
CA TYR H 304 -148.31 152.34 27.90
C TYR H 304 -147.95 152.98 26.57
N PHE H 305 -146.99 152.39 25.89
CA PHE H 305 -146.33 152.97 24.73
C PHE H 305 -146.73 152.20 23.48
N ALA H 306 -146.26 152.70 22.33
CA ALA H 306 -146.43 151.97 21.09
C ALA H 306 -145.38 152.45 20.08
N VAL H 307 -144.84 151.51 19.32
CA VAL H 307 -143.90 151.80 18.26
C VAL H 307 -144.29 150.95 17.05
N VAL H 308 -143.83 151.38 15.88
CA VAL H 308 -144.10 150.66 14.65
C VAL H 308 -142.89 149.79 14.34
N THR H 309 -143.15 148.59 13.82
CA THR H 309 -142.10 147.63 13.52
C THR H 309 -141.92 147.39 12.04
N GLY H 310 -142.68 148.08 11.19
CA GLY H 310 -142.69 147.89 9.76
C GLY H 310 -144.04 147.40 9.27
N LYS H 311 -144.06 147.01 8.00
CA LYS H 311 -145.24 146.41 7.38
C LYS H 311 -145.08 144.92 7.15
N GLY H 312 -144.19 144.27 7.90
CA GLY H 312 -143.91 142.86 7.72
C GLY H 312 -142.71 142.58 6.84
N ASN H 313 -142.23 143.57 6.09
CA ASN H 313 -141.01 143.40 5.33
C ASN H 313 -139.81 143.37 6.27
N SER H 314 -138.86 142.48 5.99
CA SER H 314 -137.74 142.24 6.89
C SER H 314 -136.55 143.15 6.63
N SER H 315 -136.48 143.78 5.46
CA SER H 315 -135.34 144.60 5.08
C SER H 315 -135.53 146.07 5.40
N GLU H 316 -136.66 146.46 6.01
CA GLU H 316 -136.93 147.87 6.25
C GLU H 316 -135.86 148.49 7.12
N SER H 317 -135.45 149.71 6.75
CA SER H 317 -134.43 150.44 7.47
C SER H 317 -135.00 151.08 8.74
N ILE H 318 -134.09 151.59 9.57
CA ILE H 318 -134.49 152.27 10.80
C ILE H 318 -135.27 153.53 10.49
N GLU H 319 -134.73 154.37 9.59
CA GLU H 319 -135.35 155.65 9.28
C GLU H 319 -136.74 155.47 8.68
N ALA H 320 -136.90 154.53 7.76
CA ALA H 320 -138.21 154.27 7.17
C ALA H 320 -139.22 153.96 8.27
N ILE H 321 -138.89 153.00 9.13
CA ILE H 321 -139.81 152.57 10.18
C ILE H 321 -140.20 153.75 11.06
N ARG H 322 -139.22 154.56 11.44
CA ARG H 322 -139.52 155.72 12.28
C ARG H 322 -140.45 156.71 11.58
N GLU H 323 -140.22 156.94 10.29
CA GLU H 323 -141.11 157.82 9.53
C GLU H 323 -142.52 157.26 9.52
N TYR H 324 -142.66 155.95 9.30
CA TYR H 324 -143.99 155.37 9.24
C TYR H 324 -144.65 155.51 10.61
N GLU H 325 -143.85 155.37 11.68
CA GLU H 325 -144.34 155.57 13.05
C GLU H 325 -144.94 156.95 13.22
N GLU H 326 -144.23 157.97 12.73
CA GLU H 326 -144.71 159.33 12.90
C GLU H 326 -146.02 159.55 12.15
N GLU H 327 -146.10 159.05 10.90
CA GLU H 327 -147.35 159.19 10.17
C GLU H 327 -148.50 158.50 10.91
N PHE H 328 -148.28 157.26 11.35
CA PHE H 328 -149.34 156.53 12.03
C PHE H 328 -149.83 157.29 13.25
N PHE H 329 -148.90 157.67 14.14
CA PHE H 329 -149.32 158.30 15.39
C PHE H 329 -149.90 159.69 15.18
N GLN H 330 -149.56 160.36 14.07
CA GLN H 330 -150.29 161.58 13.77
C GLN H 330 -151.73 161.30 13.34
N ASN H 331 -151.98 160.21 12.61
CA ASN H 331 -153.29 160.04 11.98
C ASN H 331 -154.19 158.96 12.56
N SER H 332 -153.69 158.07 13.41
CA SER H 332 -154.38 156.82 13.66
C SER H 332 -155.09 156.76 15.03
N LYS H 333 -155.74 155.62 15.26
CA LYS H 333 -156.69 155.46 16.36
C LYS H 333 -156.00 155.39 17.73
N LEU H 334 -154.73 154.97 17.78
CA LEU H 334 -154.10 154.74 19.08
C LEU H 334 -154.12 156.00 19.94
N LEU H 335 -154.14 157.18 19.32
CA LEU H 335 -154.25 158.44 20.05
C LEU H 335 -155.59 159.13 19.93
N LYS H 336 -156.23 159.09 18.75
CA LYS H 336 -157.45 159.85 18.57
C LYS H 336 -158.55 159.42 19.52
N THR H 337 -158.56 158.15 19.92
CA THR H 337 -159.53 157.62 20.87
C THR H 337 -158.95 157.48 22.28
N SER H 338 -157.77 158.02 22.51
CA SER H 338 -157.22 158.15 23.86
C SER H 338 -157.07 156.80 24.56
N MET H 339 -156.34 155.88 23.93
CA MET H 339 -155.87 154.70 24.64
C MET H 339 -154.46 154.91 25.16
N LEU H 340 -153.53 155.25 24.26
CA LEU H 340 -152.15 155.50 24.59
C LEU H 340 -151.93 156.99 24.78
N LYS H 341 -150.87 157.32 25.51
CA LYS H 341 -150.56 158.71 25.82
C LYS H 341 -149.64 159.27 24.74
N ALA H 342 -149.88 160.52 24.36
CA ALA H 342 -149.14 161.11 23.25
C ALA H 342 -147.65 161.18 23.55
N HIS H 343 -147.27 161.44 24.80
CA HIS H 343 -145.87 161.50 25.18
C HIS H 343 -145.25 160.12 25.34
N GLN H 344 -146.03 159.05 25.15
CA GLN H 344 -145.54 157.69 25.30
C GLN H 344 -145.55 156.90 23.98
N VAL H 345 -145.62 157.58 22.84
CA VAL H 345 -145.61 156.90 21.55
C VAL H 345 -144.43 157.38 20.74
N THR H 346 -144.08 156.59 19.72
CA THR H 346 -142.93 156.84 18.85
C THR H 346 -141.66 156.31 19.48
N THR H 347 -140.63 156.05 18.66
CA THR H 347 -139.43 155.40 19.14
C THR H 347 -138.71 156.24 20.19
N ARG H 348 -138.59 157.54 19.95
CA ARG H 348 -137.76 158.38 20.80
C ARG H 348 -138.30 158.43 22.23
N ASN H 349 -139.62 158.53 22.37
CA ASN H 349 -140.20 158.65 23.70
C ASN H 349 -140.00 157.36 24.50
N LEU H 350 -140.20 156.21 23.84
CA LEU H 350 -139.98 154.93 24.52
C LEU H 350 -138.51 154.78 24.91
N SER H 351 -137.61 155.11 23.99
CA SER H 351 -136.18 154.98 24.29
C SER H 351 -135.77 155.86 25.45
N LEU H 352 -136.25 157.11 25.48
CA LEU H 352 -135.87 158.02 26.55
C LEU H 352 -136.48 157.58 27.88
N ALA H 353 -137.74 157.14 27.87
CA ALA H 353 -138.34 156.65 29.11
C ALA H 353 -137.57 155.46 29.65
N VAL H 354 -137.22 154.51 28.79
CA VAL H 354 -136.49 153.33 29.24
C VAL H 354 -135.13 153.71 29.78
N SER H 355 -134.40 154.59 29.09
CA SER H 355 -133.08 154.99 29.57
C SER H 355 -133.15 155.67 30.92
N ASP H 356 -134.11 156.57 31.09
CA ASP H 356 -134.20 157.32 32.35
C ASP H 356 -134.54 156.38 33.49
N CYS H 357 -135.59 155.57 33.32
CA CYS H 357 -135.98 154.64 34.37
C CYS H 357 -134.84 153.66 34.64
N PHE H 358 -134.22 153.16 33.57
CA PHE H 358 -133.14 152.20 33.73
C PHE H 358 -131.99 152.79 34.54
N TRP H 359 -131.51 153.96 34.16
CA TRP H 359 -130.30 154.44 34.81
C TRP H 359 -130.59 154.95 36.23
N LYS H 360 -131.80 155.46 36.50
CA LYS H 360 -132.11 155.73 37.90
C LYS H 360 -132.14 154.46 38.73
N MET H 361 -132.80 153.41 38.20
CA MET H 361 -132.79 152.12 38.88
C MET H 361 -131.37 151.61 39.07
N VAL H 362 -130.51 151.84 38.09
CA VAL H 362 -129.12 151.43 38.18
C VAL H 362 -128.41 152.17 39.32
N ARG H 363 -128.53 153.50 39.35
CA ARG H 363 -127.85 154.25 40.40
C ARG H 363 -128.33 153.80 41.78
N GLU H 364 -129.61 153.47 41.90
CA GLU H 364 -130.12 153.08 43.22
C GLU H 364 -129.73 151.65 43.59
N SER H 365 -129.74 150.72 42.64
CA SER H 365 -129.57 149.31 42.97
C SER H 365 -128.13 148.82 42.84
N VAL H 366 -127.35 149.38 41.92
CA VAL H 366 -126.01 148.85 41.69
C VAL H 366 -125.08 149.21 42.84
N GLU H 367 -125.24 150.39 43.44
CA GLU H 367 -124.39 150.72 44.57
C GLU H 367 -124.64 149.78 45.75
N GLN H 368 -125.92 149.52 46.06
CA GLN H 368 -126.22 148.59 47.13
C GLN H 368 -125.69 147.20 46.80
N GLN H 369 -125.90 146.75 45.56
CA GLN H 369 -125.47 145.40 45.22
C GLN H 369 -123.95 145.33 45.04
N ALA H 370 -123.29 146.46 44.81
CA ALA H 370 -121.84 146.47 44.72
C ALA H 370 -121.20 146.40 46.10
N ASP H 371 -121.77 147.11 47.06
CA ASP H 371 -121.36 146.87 48.44
C ASP H 371 -121.64 145.41 48.81
N SER H 372 -122.78 144.89 48.35
CA SER H 372 -123.09 143.49 48.60
C SER H 372 -122.14 142.55 47.86
N PHE H 373 -121.55 142.99 46.74
CA PHE H 373 -120.59 142.15 46.02
C PHE H 373 -119.21 142.21 46.64
N LYS H 374 -118.84 143.33 47.26
CA LYS H 374 -117.69 143.31 48.15
C LYS H 374 -117.94 142.30 49.26
N ALA H 375 -119.13 142.37 49.85
CA ALA H 375 -119.53 141.38 50.84
C ALA H 375 -119.49 139.98 50.26
N THR H 376 -119.87 139.82 48.99
CA THR H 376 -119.90 138.52 48.36
C THR H 376 -118.50 137.93 48.21
N ARG H 377 -117.53 138.76 47.83
CA ARG H 377 -116.17 138.27 47.71
C ARG H 377 -115.58 137.93 49.07
N PHE H 378 -115.86 138.74 50.09
CA PHE H 378 -115.44 138.33 51.44
C PHE H 378 -116.17 137.07 51.88
N ASN H 379 -117.43 136.90 51.48
CA ASN H 379 -118.19 135.71 51.83
C ASN H 379 -117.58 134.47 51.21
N LEU H 380 -117.19 134.56 49.94
CA LEU H 380 -116.47 133.46 49.31
C LEU H 380 -115.14 133.20 50.00
N GLU H 381 -114.47 134.26 50.46
CA GLU H 381 -113.24 134.07 51.20
C GLU H 381 -113.49 133.27 52.48
N THR H 382 -114.59 133.61 53.17
CA THR H 382 -114.94 132.98 54.44
C THR H 382 -115.01 131.47 54.29
N GLU H 383 -115.90 130.99 53.42
CA GLU H 383 -116.05 129.55 53.23
C GLU H 383 -114.79 128.94 52.63
N TRP H 384 -114.22 129.58 51.60
CA TRP H 384 -113.12 128.96 50.87
C TRP H 384 -111.92 128.71 51.78
N LYS H 385 -111.54 129.71 52.58
CA LYS H 385 -110.35 129.54 53.42
C LYS H 385 -110.55 128.41 54.43
N ASN H 386 -111.76 128.29 54.98
CA ASN H 386 -112.06 127.16 55.85
C ASN H 386 -111.93 125.85 55.09
N ASN H 387 -112.43 125.81 53.85
CA ASN H 387 -112.39 124.57 53.07
C ASN H 387 -110.95 124.16 52.76
N TYR H 388 -110.14 125.11 52.26
CA TYR H 388 -108.78 124.82 51.80
C TYR H 388 -107.84 125.88 52.35
N PRO H 389 -107.58 125.85 53.67
CA PRO H 389 -106.63 126.80 54.24
C PRO H 389 -105.23 126.66 53.68
N ARG H 390 -104.75 125.42 53.52
CA ARG H 390 -103.40 125.21 53.03
C ARG H 390 -103.26 125.61 51.56
N LEU H 391 -104.27 125.28 50.75
CA LEU H 391 -104.19 125.44 49.30
C LEU H 391 -105.32 126.36 48.82
N ARG H 392 -104.99 127.29 47.93
CA ARG H 392 -105.95 128.26 47.42
C ARG H 392 -106.16 128.07 45.92
N GLU H 393 -107.41 128.25 45.50
CA GLU H 393 -107.83 128.18 44.11
C GLU H 393 -107.16 127.05 43.34
N LEU H 394 -107.31 125.82 43.85
CA LEU H 394 -106.90 124.65 43.11
C LEU H 394 -107.90 124.17 42.07
N ASP H 395 -107.39 123.74 40.92
CA ASP H 395 -108.20 123.26 39.81
C ASP H 395 -108.01 121.79 39.44
N ARG H 396 -109.04 121.19 38.84
CA ARG H 396 -109.07 119.74 38.69
C ARG H 396 -108.03 119.34 37.64
N ASN H 397 -107.78 120.20 36.64
CA ASN H 397 -106.75 119.88 35.66
C ASN H 397 -105.35 119.89 36.26
N GLU H 398 -105.08 120.86 37.13
CA GLU H 398 -103.84 120.89 37.88
C GLU H 398 -103.69 119.63 38.73
N LEU H 399 -104.79 119.23 39.38
CA LEU H 399 -104.80 118.02 40.19
C LEU H 399 -104.49 116.80 39.34
N PHE H 400 -105.06 116.73 38.13
CA PHE H 400 -104.78 115.61 37.24
C PHE H 400 -103.31 115.55 36.86
N GLU H 401 -102.73 116.70 36.53
CA GLU H 401 -101.32 116.69 36.17
C GLU H 401 -100.46 116.22 37.34
N LYS H 402 -100.78 116.69 38.55
CA LYS H 402 -100.05 116.26 39.73
C LYS H 402 -100.18 114.76 39.94
N ALA H 403 -101.41 114.24 39.79
CA ALA H 403 -101.63 112.80 39.96
C ALA H 403 -100.90 112.01 38.90
N LYS H 404 -100.87 112.50 37.67
CA LYS H 404 -100.12 111.82 36.61
C LYS H 404 -98.66 111.71 36.97
N ASN H 405 -98.07 112.81 37.44
CA ASN H 405 -96.66 112.76 37.83
C ASN H 405 -96.45 111.76 38.96
N GLU H 406 -97.31 111.80 39.97
CA GLU H 406 -97.15 110.90 41.11
C GLU H 406 -97.28 109.45 40.69
N ILE H 407 -98.24 109.15 39.81
CA ILE H 407 -98.49 107.77 39.41
C ILE H 407 -97.34 107.24 38.57
N LEU H 408 -96.82 108.05 37.65
CA LEU H 408 -95.68 107.60 36.86
C LEU H 408 -94.46 107.41 37.75
N ASP H 409 -94.30 108.28 38.74
CA ASP H 409 -93.23 108.11 39.73
C ASP H 409 -93.42 106.82 40.51
N GLU H 410 -94.66 106.46 40.82
CA GLU H 410 -94.91 105.20 41.52
C GLU H 410 -94.53 104.01 40.65
N VAL H 411 -94.80 104.09 39.34
CA VAL H 411 -94.32 103.03 38.46
C VAL H 411 -92.80 102.93 38.52
N ILE H 412 -92.12 104.07 38.47
CA ILE H 412 -90.66 104.05 38.53
C ILE H 412 -90.20 103.44 39.86
N SER H 413 -90.89 103.77 40.95
CA SER H 413 -90.57 103.19 42.25
C SER H 413 -90.78 101.68 42.23
N LEU H 414 -91.81 101.22 41.52
CA LEU H 414 -92.00 99.79 41.33
C LEU H 414 -90.79 99.17 40.66
N SER H 415 -90.20 99.86 39.66
CA SER H 415 -88.94 99.40 39.02
C SER H 415 -87.86 99.31 40.11
N GLN H 416 -87.90 100.20 41.12
CA GLN H 416 -86.89 100.23 42.16
C GLN H 416 -87.03 99.10 43.17
N VAL H 417 -88.12 98.35 43.15
CA VAL H 417 -88.26 97.23 44.07
C VAL H 417 -87.11 96.26 43.86
N THR H 418 -86.53 95.80 44.95
CA THR H 418 -85.33 94.98 44.86
C THR H 418 -85.65 93.67 44.14
N PRO H 419 -84.74 93.16 43.32
CA PRO H 419 -85.02 91.91 42.61
C PRO H 419 -85.36 90.76 43.53
N LYS H 420 -84.70 90.69 44.69
CA LYS H 420 -84.98 89.61 45.63
C LYS H 420 -86.42 89.66 46.11
N HIS H 421 -86.98 90.86 46.26
CA HIS H 421 -88.38 90.95 46.68
C HIS H 421 -89.30 90.27 45.67
N TRP H 422 -89.12 90.60 44.39
CA TRP H 422 -89.93 89.99 43.34
C TRP H 422 -89.72 88.49 43.31
N GLU H 423 -88.46 88.06 43.37
CA GLU H 423 -88.16 86.63 43.30
C GLU H 423 -88.76 85.89 44.49
N GLU H 424 -88.70 86.48 45.68
CA GLU H 424 -89.26 85.84 46.86
C GLU H 424 -90.77 85.65 46.71
N ILE H 425 -91.47 86.71 46.27
CA ILE H 425 -92.92 86.58 46.09
C ILE H 425 -93.21 85.49 45.07
N LEU H 426 -92.49 85.52 43.94
CA LEU H 426 -92.75 84.58 42.87
C LEU H 426 -92.50 83.15 43.31
N GLN H 427 -91.38 82.91 43.99
CA GLN H 427 -91.04 81.54 44.40
C GLN H 427 -92.01 81.03 45.47
N GLN H 428 -92.36 81.86 46.45
CA GLN H 428 -93.27 81.40 47.49
C GLN H 428 -94.61 81.03 46.88
N SER H 429 -95.14 81.90 46.01
CA SER H 429 -96.39 81.58 45.35
C SER H 429 -96.27 80.33 44.50
N LEU H 430 -95.14 80.19 43.78
CA LEU H 430 -94.94 79.03 42.91
C LEU H 430 -94.94 77.74 43.71
N TRP H 431 -94.26 77.74 44.86
CA TRP H 431 -94.19 76.55 45.69
C TRP H 431 -95.55 76.23 46.31
N GLU H 432 -96.33 77.25 46.67
CA GLU H 432 -97.68 76.97 47.17
C GLU H 432 -98.52 76.26 46.12
N ARG H 433 -98.19 76.41 44.84
CA ARG H 433 -99.03 75.90 43.77
C ARG H 433 -98.75 74.45 43.42
N VAL H 434 -97.69 73.84 43.96
CA VAL H 434 -97.26 72.53 43.48
C VAL H 434 -96.98 71.56 44.62
N SER H 435 -96.65 72.07 45.81
CA SER H 435 -96.15 71.19 46.87
C SER H 435 -97.16 70.11 47.22
N THR H 436 -98.44 70.47 47.31
CA THR H 436 -99.46 69.47 47.56
C THR H 436 -99.47 68.44 46.44
N HIS H 437 -99.34 68.89 45.19
CA HIS H 437 -99.24 67.97 44.08
C HIS H 437 -97.92 67.20 44.13
N VAL H 438 -96.85 67.84 44.58
CA VAL H 438 -95.56 67.14 44.67
C VAL H 438 -95.71 65.91 45.54
N ILE H 439 -96.34 66.04 46.71
CA ILE H 439 -96.44 64.88 47.59
C ILE H 439 -97.56 63.95 47.14
N GLU H 440 -98.72 64.50 46.80
CA GLU H 440 -99.88 63.67 46.52
C GLU H 440 -99.69 62.83 45.25
N ASN H 441 -99.10 63.43 44.21
CA ASN H 441 -99.01 62.78 42.91
C ASN H 441 -97.68 62.08 42.66
N ILE H 442 -96.59 62.56 43.26
CA ILE H 442 -95.27 62.00 43.07
C ILE H 442 -94.79 61.24 44.30
N TYR H 443 -94.65 61.93 45.44
CA TYR H 443 -93.91 61.36 46.56
C TYR H 443 -94.60 60.11 47.08
N LEU H 444 -95.91 60.20 47.33
CA LEU H 444 -96.62 59.07 47.93
C LEU H 444 -96.53 57.81 47.07
N PRO H 445 -96.89 57.85 45.77
CA PRO H 445 -96.74 56.64 44.95
C PRO H 445 -95.29 56.28 44.66
N ALA H 446 -94.41 57.27 44.57
CA ALA H 446 -93.02 56.97 44.24
C ALA H 446 -92.31 56.29 45.40
N ALA H 447 -92.53 56.78 46.62
CA ALA H 447 -91.80 56.29 47.79
C ALA H 447 -92.25 54.92 48.25
N GLN H 448 -93.35 54.40 47.71
CA GLN H 448 -93.86 53.09 48.10
C GLN H 448 -93.28 51.96 47.28
N THR H 449 -92.39 52.25 46.34
CA THR H 449 -91.87 51.22 45.47
C THR H 449 -90.80 50.38 46.17
N MET H 450 -90.59 49.18 45.64
CA MET H 450 -89.47 48.33 46.02
C MET H 450 -88.29 48.48 45.08
N ASN H 451 -88.38 49.43 44.13
CA ASN H 451 -87.35 49.64 43.13
C ASN H 451 -87.28 51.14 42.89
N SER H 452 -86.18 51.77 43.31
CA SER H 452 -86.06 53.21 43.22
C SER H 452 -86.15 53.71 41.78
N GLY H 453 -85.91 52.83 40.80
CA GLY H 453 -86.12 53.23 39.41
C GLY H 453 -87.55 53.59 39.12
N THR H 454 -88.50 52.88 39.73
CA THR H 454 -89.91 53.22 39.55
C THR H 454 -90.31 54.43 40.39
N PHE H 455 -89.65 54.65 41.53
CA PHE H 455 -89.77 55.91 42.22
C PHE H 455 -89.42 57.07 41.29
N ASN H 456 -88.25 57.01 40.67
CA ASN H 456 -87.83 58.09 39.79
C ASN H 456 -88.67 58.14 38.52
N THR H 457 -89.20 56.99 38.08
CA THR H 457 -90.08 56.99 36.92
C THR H 457 -91.38 57.73 37.21
N THR H 458 -91.97 57.48 38.38
CA THR H 458 -93.16 58.25 38.79
C THR H 458 -92.83 59.73 38.86
N VAL H 459 -91.70 60.05 39.50
CA VAL H 459 -91.21 61.43 39.53
C VAL H 459 -91.23 62.03 38.14
N ASP H 460 -90.56 61.37 37.19
CA ASP H 460 -90.35 61.96 35.88
C ASP H 460 -91.66 62.04 35.10
N ILE H 461 -92.53 61.06 35.24
CA ILE H 461 -93.83 61.12 34.57
C ILE H 461 -94.56 62.38 34.99
N LYS H 462 -94.72 62.56 36.30
CA LYS H 462 -95.50 63.70 36.77
C LYS H 462 -94.82 65.02 36.45
N LEU H 463 -93.50 65.09 36.65
CA LEU H 463 -92.78 66.33 36.42
C LEU H 463 -92.80 66.71 34.96
N LYS H 464 -92.61 65.74 34.06
CA LYS H 464 -92.58 66.06 32.64
C LYS H 464 -93.96 66.50 32.17
N GLN H 465 -95.03 65.82 32.63
CA GLN H 465 -96.35 66.26 32.25
C GLN H 465 -96.62 67.69 32.73
N TRP H 466 -96.28 67.98 33.98
CA TRP H 466 -96.53 69.31 34.52
C TRP H 466 -95.71 70.37 33.78
N THR H 467 -94.44 70.08 33.52
CA THR H 467 -93.59 71.03 32.82
C THR H 467 -94.11 71.30 31.43
N ASP H 468 -94.53 70.25 30.72
CA ASP H 468 -94.97 70.41 29.35
C ASP H 468 -96.27 71.21 29.28
N LYS H 469 -97.22 70.93 30.18
CA LYS H 469 -98.56 71.50 30.05
C LYS H 469 -99.01 72.39 31.20
N GLN H 470 -98.32 72.39 32.34
CA GLN H 470 -98.79 73.16 33.49
C GLN H 470 -97.85 74.28 33.90
N LEU H 471 -96.59 73.96 34.20
CA LEU H 471 -95.73 74.93 34.89
C LEU H 471 -95.61 76.25 34.15
N PRO H 472 -95.39 76.29 32.83
CA PRO H 472 -95.32 77.58 32.14
C PRO H 472 -96.62 78.36 32.15
N ASN H 473 -97.74 77.73 32.52
CA ASN H 473 -99.02 78.40 32.64
C ASN H 473 -99.28 78.92 34.05
N LYS H 474 -98.82 78.19 35.07
CA LYS H 474 -98.94 78.67 36.44
C LYS H 474 -97.98 79.81 36.72
N ALA H 475 -96.76 79.73 36.16
CA ALA H 475 -95.74 80.73 36.47
C ALA H 475 -96.15 82.10 35.96
N VAL H 476 -96.74 82.17 34.77
CA VAL H 476 -97.14 83.47 34.23
C VAL H 476 -98.30 84.04 35.03
N GLU H 477 -99.23 83.19 35.48
CA GLU H 477 -100.29 83.67 36.35
C GLU H 477 -99.71 84.27 37.62
N VAL H 478 -98.77 83.56 38.24
CA VAL H 478 -98.16 84.04 39.48
C VAL H 478 -97.49 85.38 39.23
N ALA H 479 -96.71 85.49 38.15
CA ALA H 479 -95.92 86.70 37.95
C ALA H 479 -96.79 87.90 37.60
N TRP H 480 -97.77 87.74 36.73
CA TRP H 480 -98.55 88.90 36.32
C TRP H 480 -99.49 89.33 37.44
N GLU H 481 -100.03 88.36 38.21
CA GLU H 481 -100.78 88.72 39.41
C GLU H 481 -99.89 89.44 40.41
N THR H 482 -98.64 88.98 40.57
CA THR H 482 -97.74 89.62 41.51
C THR H 482 -97.45 91.06 41.11
N LEU H 483 -97.19 91.28 39.81
CA LEU H 483 -96.95 92.63 39.35
C LEU H 483 -98.18 93.50 39.55
N GLN H 484 -99.37 92.97 39.23
CA GLN H 484 -100.58 93.76 39.44
C GLN H 484 -100.77 94.11 40.92
N GLU H 485 -100.50 93.16 41.81
CA GLU H 485 -100.73 93.39 43.23
C GLU H 485 -99.73 94.38 43.79
N GLU H 486 -98.45 94.26 43.46
CA GLU H 486 -97.46 95.21 43.96
C GLU H 486 -97.67 96.58 43.35
N PHE H 487 -98.07 96.63 42.08
CA PHE H 487 -98.45 97.89 41.44
C PHE H 487 -99.58 98.56 42.21
N SER H 488 -100.58 97.78 42.60
CA SER H 488 -101.67 98.32 43.42
C SER H 488 -101.15 98.83 44.76
N ARG H 489 -100.26 98.07 45.40
CA ARG H 489 -99.84 98.41 46.76
C ARG H 489 -98.99 99.68 46.79
N PHE H 490 -98.06 99.83 45.85
CA PHE H 490 -97.28 101.06 45.80
C PHE H 490 -98.18 102.28 45.65
N MET H 491 -99.30 102.12 44.96
CA MET H 491 -100.17 103.25 44.64
C MET H 491 -101.18 103.58 45.75
N THR H 492 -101.31 102.74 46.77
CA THR H 492 -102.39 102.90 47.73
C THR H 492 -101.95 102.88 49.19
N GLU H 493 -100.90 102.14 49.51
CA GLU H 493 -100.56 101.93 50.92
C GLU H 493 -99.85 103.17 51.46
N PRO H 494 -100.35 103.80 52.53
CA PRO H 494 -99.69 105.00 53.05
C PRO H 494 -98.34 104.67 53.69
N LYS H 495 -97.39 105.59 53.51
CA LYS H 495 -96.09 105.48 54.18
C LYS H 495 -96.14 106.28 55.49
N GLY H 496 -97.03 105.82 56.38
CA GLY H 496 -97.20 106.48 57.66
C GLY H 496 -98.05 107.73 57.56
N LYS H 497 -97.88 108.59 58.58
CA LYS H 497 -98.72 109.78 58.72
C LYS H 497 -98.48 110.80 57.61
N GLU H 498 -97.40 110.68 56.85
CA GLU H 498 -97.07 111.66 55.82
C GLU H 498 -97.79 111.42 54.51
N HIS H 499 -98.58 110.35 54.41
CA HIS H 499 -99.26 110.03 53.15
C HIS H 499 -100.29 111.11 52.79
N ASP H 500 -100.33 111.46 51.49
CA ASP H 500 -101.33 112.37 50.93
C ASP H 500 -102.22 111.56 49.99
N ASP H 501 -103.50 111.45 50.33
CA ASP H 501 -104.46 110.64 49.59
C ASP H 501 -105.21 111.43 48.52
N ILE H 502 -104.80 112.66 48.23
CA ILE H 502 -105.54 113.52 47.31
C ILE H 502 -105.71 112.84 45.95
N PHE H 503 -104.66 112.17 45.47
CA PHE H 503 -104.67 111.53 44.16
C PHE H 503 -104.98 110.05 44.21
N ASP H 504 -105.45 109.54 45.34
CA ASP H 504 -105.74 108.11 45.45
C ASP H 504 -106.82 107.69 44.46
N LYS H 505 -107.86 108.52 44.31
CA LYS H 505 -108.89 108.22 43.33
C LYS H 505 -108.30 108.09 41.94
N LEU H 506 -107.45 109.05 41.56
CA LEU H 506 -106.84 109.04 40.24
C LEU H 506 -105.89 107.84 40.09
N LYS H 507 -105.17 107.51 41.15
CA LYS H 507 -104.32 106.32 41.11
C LYS H 507 -105.14 105.07 40.85
N GLU H 508 -106.25 104.90 41.57
CA GLU H 508 -107.09 103.72 41.38
C GLU H 508 -107.67 103.69 39.98
N ALA H 509 -108.09 104.84 39.47
CA ALA H 509 -108.63 104.89 38.12
C ALA H 509 -107.58 104.52 37.08
N VAL H 510 -106.35 105.00 37.25
CA VAL H 510 -105.27 104.64 36.33
C VAL H 510 -104.98 103.15 36.38
N LYS H 511 -105.02 102.57 37.58
CA LYS H 511 -104.56 101.20 37.79
C LYS H 511 -105.25 100.21 36.87
N GLU H 512 -106.58 100.22 36.87
CA GLU H 512 -107.32 99.20 36.14
C GLU H 512 -107.12 99.35 34.63
N GLU H 513 -107.19 100.58 34.13
CA GLU H 513 -107.01 100.80 32.70
C GLU H 513 -105.60 100.41 32.26
N SER H 514 -104.59 100.76 33.06
CA SER H 514 -103.22 100.42 32.70
C SER H 514 -103.02 98.92 32.67
N ILE H 515 -103.52 98.22 33.69
CA ILE H 515 -103.36 96.77 33.74
C ILE H 515 -104.07 96.12 32.55
N LYS H 516 -105.30 96.55 32.26
CA LYS H 516 -106.04 95.97 31.16
C LYS H 516 -105.33 96.19 29.83
N ARG H 517 -104.88 97.41 29.57
CA ARG H 517 -104.17 97.68 28.33
C ARG H 517 -102.85 96.90 28.29
N HIS H 518 -102.16 96.81 29.42
CA HIS H 518 -100.89 96.10 29.43
C HIS H 518 -101.11 94.59 29.48
N LYS H 519 -100.18 93.85 28.88
CA LYS H 519 -100.18 92.40 28.94
C LYS H 519 -98.79 91.91 29.31
N TRP H 520 -98.77 90.73 29.92
CA TRP H 520 -97.52 89.99 30.08
C TRP H 520 -97.17 89.34 28.74
N ASN H 521 -95.89 89.36 28.39
CA ASN H 521 -95.50 88.92 27.06
C ASN H 521 -95.76 87.42 26.89
N ASP H 522 -96.19 87.06 25.68
CA ASP H 522 -96.58 85.68 25.38
C ASP H 522 -95.38 84.74 25.45
N PHE H 523 -94.21 85.20 24.99
CA PHE H 523 -93.07 84.32 24.85
C PHE H 523 -92.73 83.59 26.14
N ALA H 524 -92.94 84.25 27.29
CA ALA H 524 -92.55 83.72 28.58
C ALA H 524 -92.86 82.24 28.72
N GLU H 525 -94.09 81.84 28.37
CA GLU H 525 -94.54 80.48 28.67
C GLU H 525 -93.62 79.45 28.03
N ASP H 526 -93.11 79.73 26.84
CA ASP H 526 -92.20 78.78 26.21
C ASP H 526 -90.87 78.74 26.95
N SER H 527 -90.28 79.91 27.23
CA SER H 527 -88.98 79.93 27.88
C SER H 527 -89.06 79.23 29.22
N LEU H 528 -90.08 79.56 30.01
CA LEU H 528 -90.28 78.89 31.28
C LEU H 528 -90.35 77.38 31.07
N ARG H 529 -91.14 76.94 30.09
CA ARG H 529 -91.28 75.51 29.83
C ARG H 529 -89.92 74.87 29.67
N VAL H 530 -89.02 75.54 28.95
CA VAL H 530 -87.68 75.00 28.82
C VAL H 530 -86.92 75.14 30.13
N ILE H 531 -86.92 76.35 30.70
CA ILE H 531 -86.05 76.62 31.85
C ILE H 531 -86.39 75.65 32.97
N GLN H 532 -87.68 75.58 33.32
CA GLN H 532 -88.10 74.69 34.39
C GLN H 532 -87.59 73.28 34.12
N HIS H 533 -87.81 72.79 32.90
CA HIS H 533 -87.39 71.44 32.58
C HIS H 533 -85.93 71.24 32.93
N ASN H 534 -85.07 72.15 32.47
CA ASN H 534 -83.65 71.97 32.70
C ASN H 534 -83.34 71.97 34.18
N ALA H 535 -83.99 72.84 34.95
CA ALA H 535 -83.73 72.87 36.39
C ALA H 535 -84.06 71.53 37.01
N LEU H 536 -85.11 70.88 36.53
CA LEU H 536 -85.41 69.53 37.00
C LEU H 536 -84.43 68.52 36.39
N GLU H 537 -84.12 68.69 35.10
CA GLU H 537 -83.34 67.66 34.41
C GLU H 537 -82.00 67.45 35.09
N ASP H 538 -81.40 68.52 35.62
CA ASP H 538 -80.19 68.38 36.42
C ASP H 538 -80.53 67.68 37.73
N ARG H 539 -79.99 66.48 37.93
CA ARG H 539 -80.29 65.67 39.10
C ARG H 539 -79.14 65.63 40.10
N SER H 540 -78.06 66.36 39.84
CA SER H 540 -76.83 66.23 40.61
C SER H 540 -76.73 67.35 41.63
N ILE H 541 -76.72 66.99 42.91
CA ILE H 541 -76.55 67.96 43.98
C ILE H 541 -75.07 68.29 44.10
N SER H 542 -74.74 69.57 43.94
CA SER H 542 -73.35 69.98 43.75
C SER H 542 -72.53 69.92 45.02
N ASP H 543 -73.13 70.08 46.20
CA ASP H 543 -72.33 70.17 47.42
C ASP H 543 -73.17 69.79 48.62
N LYS H 544 -72.49 69.69 49.77
CA LYS H 544 -73.14 69.32 51.01
C LYS H 544 -74.19 70.34 51.44
N GLN H 545 -73.88 71.63 51.30
CA GLN H 545 -74.83 72.65 51.74
C GLN H 545 -76.13 72.53 50.95
N GLN H 546 -76.01 72.31 49.65
CA GLN H 546 -77.19 72.11 48.82
C GLN H 546 -77.96 70.87 49.24
N TRP H 547 -77.25 69.79 49.57
CA TRP H 547 -77.91 68.57 50.03
C TRP H 547 -78.70 68.84 51.30
N ASP H 548 -78.10 69.58 52.23
CA ASP H 548 -78.77 69.91 53.48
C ASP H 548 -79.98 70.80 53.25
N ALA H 549 -79.86 71.77 52.33
CA ALA H 549 -81.01 72.61 52.00
C ALA H 549 -82.13 71.79 51.39
N ALA H 550 -81.77 70.82 50.54
CA ALA H 550 -82.78 69.91 50.00
C ALA H 550 -83.47 69.14 51.11
N ILE H 551 -82.72 68.68 52.11
CA ILE H 551 -83.35 67.95 53.20
C ILE H 551 -84.24 68.87 54.03
N TYR H 552 -83.84 70.12 54.25
CA TYR H 552 -84.69 71.06 54.98
C TYR H 552 -85.99 71.33 54.24
N PHE H 553 -85.89 71.52 52.92
CA PHE H 553 -87.07 71.76 52.10
C PHE H 553 -88.00 70.55 52.11
N MET H 554 -87.41 69.36 52.00
CA MET H 554 -88.19 68.12 52.11
C MET H 554 -88.84 68.00 53.47
N GLU H 555 -88.14 68.37 54.54
CA GLU H 555 -88.72 68.34 55.87
C GLU H 555 -89.89 69.30 55.98
N GLU H 556 -89.77 70.50 55.40
CA GLU H 556 -90.89 71.42 55.42
C GLU H 556 -92.12 70.77 54.76
N ALA H 557 -91.93 70.22 53.56
CA ALA H 557 -93.08 69.66 52.85
C ALA H 557 -93.69 68.48 53.61
N LEU H 558 -92.83 67.58 54.08
CA LEU H 558 -93.32 66.37 54.74
C LEU H 558 -93.94 66.68 56.08
N GLN H 559 -93.39 67.62 56.83
CA GLN H 559 -93.95 68.02 58.10
C GLN H 559 -95.30 68.70 57.91
N ALA H 560 -95.42 69.51 56.86
CA ALA H 560 -96.69 70.17 56.60
C ALA H 560 -97.77 69.15 56.28
N ARG H 561 -97.48 68.20 55.40
CA ARG H 561 -98.51 67.23 55.09
C ARG H 561 -98.78 66.31 56.27
N LEU H 562 -97.77 66.01 57.08
CA LEU H 562 -98.00 65.18 58.27
C LEU H 562 -98.89 65.89 59.27
N LYS H 563 -98.66 67.18 59.53
CA LYS H 563 -99.52 67.86 60.51
C LYS H 563 -100.93 67.96 59.96
N ASP H 564 -101.08 68.20 58.66
CA ASP H 564 -102.42 68.27 58.08
C ASP H 564 -103.14 66.93 58.21
N THR H 565 -102.42 65.83 57.96
CA THR H 565 -103.01 64.51 58.11
C THR H 565 -103.44 64.26 59.55
N GLU H 566 -102.59 64.64 60.50
CA GLU H 566 -102.92 64.43 61.91
C GLU H 566 -104.15 65.24 62.31
N ASN H 567 -104.24 66.48 61.85
CA ASN H 567 -105.40 67.31 62.18
C ASN H 567 -106.66 66.75 61.55
N ALA H 568 -106.58 66.24 60.31
CA ALA H 568 -107.73 65.61 59.69
C ALA H 568 -108.15 64.36 60.46
N ILE H 569 -107.17 63.59 60.95
CA ILE H 569 -107.51 62.43 61.77
C ILE H 569 -108.28 62.89 63.00
N GLU H 570 -107.73 63.86 63.74
CA GLU H 570 -108.43 64.33 64.93
C GLU H 570 -109.82 64.85 64.59
N ASN H 571 -109.99 65.40 63.39
CA ASN H 571 -111.31 65.88 62.97
C ASN H 571 -112.28 64.72 62.80
N MET H 572 -111.84 63.60 62.23
CA MET H 572 -112.77 62.49 62.01
C MET H 572 -112.93 61.56 63.21
N VAL H 573 -111.87 61.32 63.98
CA VAL H 573 -111.92 60.35 65.07
C VAL H 573 -112.40 60.97 66.38
N GLY H 574 -112.29 62.29 66.53
CA GLY H 574 -112.79 62.94 67.71
C GLY H 574 -111.81 62.97 68.87
N PRO H 575 -112.23 63.62 69.95
CA PRO H 575 -111.37 63.82 71.12
C PRO H 575 -110.68 62.58 71.66
N ASP H 576 -109.57 62.80 72.36
CA ASP H 576 -108.96 61.75 73.15
C ASP H 576 -109.73 61.54 74.46
N TRP H 577 -109.42 60.43 75.12
CA TRP H 577 -109.95 60.16 76.45
C TRP H 577 -109.30 61.07 77.48
N LYS H 578 -108.00 61.29 77.36
CA LYS H 578 -107.35 62.29 78.18
C LYS H 578 -107.99 63.65 77.98
N LYS H 579 -108.40 63.96 76.75
CA LYS H 579 -109.20 65.16 76.53
C LYS H 579 -110.53 65.09 77.25
N ARG H 580 -111.11 63.89 77.38
CA ARG H 580 -112.37 63.79 78.11
C ARG H 580 -112.19 64.19 79.58
N TRP H 581 -111.20 63.60 80.26
CA TRP H 581 -110.97 64.03 81.64
C TRP H 581 -110.49 65.48 81.72
N LEU H 582 -109.73 65.94 80.72
CA LEU H 582 -109.13 67.26 80.81
C LEU H 582 -110.17 68.36 80.62
N TYR H 583 -110.90 68.32 79.51
CA TYR H 583 -111.91 69.32 79.18
C TYR H 583 -113.32 68.77 79.07
N TRP H 584 -113.56 67.51 79.42
CA TRP H 584 -114.91 66.93 79.33
C TRP H 584 -115.39 66.89 77.88
N LYS H 585 -114.47 66.54 76.98
CA LYS H 585 -114.66 66.76 75.57
C LYS H 585 -114.36 65.46 74.84
N ASN H 586 -115.40 64.83 74.30
CA ASN H 586 -115.39 63.42 73.95
C ASN H 586 -115.73 63.23 72.48
N ARG H 587 -115.66 61.98 72.04
CA ARG H 587 -115.97 61.60 70.68
C ARG H 587 -117.47 61.72 70.42
N THR H 588 -117.82 62.23 69.25
CA THR H 588 -119.18 62.05 68.77
C THR H 588 -119.32 60.64 68.20
N GLN H 589 -120.57 60.22 67.99
CA GLN H 589 -120.80 58.83 67.59
C GLN H 589 -120.05 58.50 66.30
N GLU H 590 -120.15 59.39 65.31
CA GLU H 590 -119.37 59.22 64.09
C GLU H 590 -117.87 59.24 64.40
N GLN H 591 -117.46 60.13 65.30
CA GLN H 591 -116.06 60.15 65.73
C GLN H 591 -115.69 58.88 66.49
N CYS H 592 -116.61 58.31 67.27
CA CYS H 592 -116.33 57.03 67.91
C CYS H 592 -116.05 55.94 66.89
N VAL H 593 -116.89 55.87 65.85
CA VAL H 593 -116.70 54.87 64.82
C VAL H 593 -115.37 55.11 64.10
N HIS H 594 -115.08 56.37 63.79
CA HIS H 594 -113.83 56.70 63.11
C HIS H 594 -112.62 56.28 63.94
N ASN H 595 -112.65 56.53 65.25
CA ASN H 595 -111.50 56.20 66.07
C ASN H 595 -111.33 54.69 66.19
N GLU H 596 -112.42 53.94 66.35
CA GLU H 596 -112.28 52.49 66.44
C GLU H 596 -111.68 51.94 65.14
N THR H 597 -112.15 52.46 64.01
CA THR H 597 -111.55 52.08 62.73
C THR H 597 -110.07 52.44 62.71
N LYS H 598 -109.72 53.63 63.20
CA LYS H 598 -108.34 54.07 63.20
C LYS H 598 -107.46 53.16 64.04
N ASN H 599 -107.96 52.76 65.22
CA ASN H 599 -107.18 51.88 66.08
C ASN H 599 -106.93 50.53 65.40
N GLU H 600 -107.95 49.99 64.74
CA GLU H 600 -107.74 48.72 64.03
C GLU H 600 -106.74 48.89 62.89
N LEU H 601 -106.84 50.00 62.15
CA LEU H 601 -105.91 50.24 61.04
C LEU H 601 -104.49 50.45 61.55
N GLU H 602 -104.35 51.10 62.70
CA GLU H 602 -103.03 51.29 63.29
C GLU H 602 -102.44 49.98 63.75
N LYS H 603 -103.28 49.07 64.27
CA LYS H 603 -102.80 47.72 64.55
C LYS H 603 -102.31 47.05 63.27
N MET H 604 -103.06 47.23 62.17
CA MET H 604 -102.62 46.65 60.90
C MET H 604 -101.25 47.19 60.50
N LEU H 605 -101.05 48.50 60.60
CA LEU H 605 -99.75 49.06 60.21
C LEU H 605 -98.65 48.65 61.19
N LYS H 606 -98.97 48.48 62.48
CA LYS H 606 -97.97 47.96 63.41
C LYS H 606 -97.53 46.56 63.00
N CYS H 607 -98.48 45.69 62.64
CA CYS H 607 -98.11 44.36 62.20
C CYS H 607 -97.32 44.40 60.90
N ASN H 608 -97.70 45.31 59.99
CA ASN H 608 -97.04 45.44 58.69
C ASN H 608 -96.81 46.92 58.43
N GLU H 609 -95.57 47.37 58.67
CA GLU H 609 -95.21 48.76 58.41
C GLU H 609 -95.09 49.07 56.93
N GLU H 610 -95.03 48.07 56.07
CA GLU H 610 -94.87 48.25 54.64
C GLU H 610 -96.20 48.08 53.89
N HIS H 611 -97.31 48.07 54.60
CA HIS H 611 -98.60 47.91 53.95
C HIS H 611 -98.76 48.95 52.84
N PRO H 612 -99.25 48.55 51.66
CA PRO H 612 -99.47 49.53 50.59
C PRO H 612 -100.51 50.57 50.99
N ALA H 613 -100.42 51.73 50.33
CA ALA H 613 -101.27 52.86 50.68
C ALA H 613 -102.75 52.56 50.44
N TYR H 614 -103.07 51.55 49.65
CA TYR H 614 -104.44 51.27 49.26
C TYR H 614 -104.94 50.02 49.96
N LEU H 615 -106.09 50.14 50.62
CA LEU H 615 -106.79 48.97 51.15
C LEU H 615 -107.65 48.36 50.05
N ALA H 616 -107.42 47.07 49.77
CA ALA H 616 -108.27 46.37 48.83
C ALA H 616 -109.65 46.14 49.45
N SER H 617 -110.61 45.79 48.60
CA SER H 617 -111.98 45.60 49.08
C SER H 617 -112.05 44.55 50.17
N ASP H 618 -111.22 43.50 50.06
CA ASP H 618 -111.21 42.48 51.10
C ASP H 618 -110.65 43.02 52.41
N GLU H 619 -109.59 43.83 52.34
CA GLU H 619 -109.07 44.48 53.55
C GLU H 619 -110.12 45.40 54.16
N ILE H 620 -110.78 46.19 53.31
CA ILE H 620 -111.82 47.08 53.78
C ILE H 620 -112.92 46.29 54.47
N THR H 621 -113.32 45.17 53.85
CA THR H 621 -114.37 44.33 54.43
C THR H 621 -113.94 43.69 55.73
N THR H 622 -112.67 43.27 55.82
CA THR H 622 -112.18 42.73 57.08
C THR H 622 -112.33 43.76 58.19
N VAL H 623 -111.94 45.01 57.90
CA VAL H 623 -112.11 46.06 58.89
C VAL H 623 -113.59 46.27 59.21
N ARG H 624 -114.43 46.32 58.16
CA ARG H 624 -115.85 46.55 58.35
C ARG H 624 -116.46 45.52 59.28
N LYS H 625 -116.19 44.24 59.02
CA LYS H 625 -116.90 43.19 59.72
C LYS H 625 -116.26 42.88 61.06
N ASN H 626 -114.97 43.14 61.22
CA ASN H 626 -114.38 43.08 62.56
C ASN H 626 -114.95 44.17 63.45
N LEU H 627 -115.12 45.39 62.91
CA LEU H 627 -115.73 46.46 63.71
C LEU H 627 -117.21 46.18 63.96
N GLU H 628 -117.89 45.59 62.99
CA GLU H 628 -119.26 45.16 63.22
C GLU H 628 -119.34 44.11 64.32
N SER H 629 -118.33 43.23 64.39
CA SER H 629 -118.24 42.29 65.50
C SER H 629 -118.01 43.04 66.81
N ARG H 630 -117.17 44.07 66.80
CA ARG H 630 -117.03 44.94 67.95
C ARG H 630 -118.31 45.68 68.28
N GLY H 631 -119.25 45.74 67.33
CA GLY H 631 -120.43 46.56 67.46
C GLY H 631 -120.30 47.92 66.82
N VAL H 632 -119.10 48.29 66.38
CA VAL H 632 -118.92 49.55 65.67
C VAL H 632 -119.48 49.40 64.25
N GLU H 633 -120.13 50.45 63.77
CA GLU H 633 -120.89 50.43 62.53
C GLU H 633 -120.05 51.13 61.46
N VAL H 634 -119.49 50.33 60.54
CA VAL H 634 -118.50 50.84 59.61
C VAL H 634 -118.92 50.51 58.18
N ASP H 635 -118.49 51.36 57.25
CA ASP H 635 -118.78 51.26 55.83
C ASP H 635 -117.51 51.51 55.04
N PRO H 636 -117.47 51.10 53.77
CA PRO H 636 -116.20 51.17 53.01
C PRO H 636 -115.62 52.56 52.88
N SER H 637 -116.44 53.62 52.83
CA SER H 637 -115.90 54.96 52.62
C SER H 637 -115.28 55.52 53.90
N LEU H 638 -115.94 55.26 55.03
CA LEU H 638 -115.36 55.62 56.32
C LEU H 638 -113.95 55.05 56.44
N ILE H 639 -113.79 53.77 56.14
CA ILE H 639 -112.48 53.15 56.26
C ILE H 639 -111.54 53.66 55.19
N LYS H 640 -112.01 53.91 53.97
CA LYS H 640 -111.09 54.36 52.94
C LYS H 640 -110.48 55.70 53.33
N ASP H 641 -111.29 56.63 53.84
CA ASP H 641 -110.78 57.94 54.20
C ASP H 641 -109.95 57.90 55.48
N THR H 642 -110.42 57.15 56.49
CA THR H 642 -109.64 57.01 57.71
C THR H 642 -108.30 56.35 57.42
N TRP H 643 -108.30 55.34 56.57
CA TRP H 643 -107.07 54.68 56.15
C TRP H 643 -106.15 55.65 55.42
N HIS H 644 -106.70 56.46 54.51
CA HIS H 644 -105.85 57.43 53.85
C HIS H 644 -105.16 58.31 54.86
N GLN H 645 -105.91 58.82 55.84
CA GLN H 645 -105.29 59.72 56.82
C GLN H 645 -104.28 58.98 57.69
N VAL H 646 -104.65 57.82 58.22
CA VAL H 646 -103.75 57.08 59.11
C VAL H 646 -102.49 56.65 58.38
N TYR H 647 -102.66 56.11 57.17
CA TYR H 647 -101.53 55.64 56.38
C TYR H 647 -100.62 56.79 56.00
N ARG H 648 -101.18 57.94 55.62
CA ARG H 648 -100.32 59.07 55.30
C ARG H 648 -99.59 59.59 56.52
N ARG H 649 -100.23 59.54 57.69
CA ARG H 649 -99.51 59.87 58.92
C ARG H 649 -98.31 58.95 59.10
N HIS H 650 -98.54 57.64 59.01
CA HIS H 650 -97.46 56.67 59.13
C HIS H 650 -96.38 56.91 58.08
N PHE H 651 -96.79 57.14 56.85
CA PHE H 651 -95.87 57.27 55.73
C PHE H 651 -95.02 58.53 55.86
N LEU H 652 -95.64 59.64 56.28
CA LEU H 652 -94.90 60.90 56.38
C LEU H 652 -93.99 60.90 57.60
N LYS H 653 -94.39 60.27 58.71
CA LYS H 653 -93.46 60.13 59.83
C LYS H 653 -92.27 59.26 59.43
N THR H 654 -92.51 58.19 58.69
CA THR H 654 -91.39 57.40 58.18
C THR H 654 -90.52 58.24 57.25
N ALA H 655 -91.14 59.09 56.43
CA ALA H 655 -90.39 59.94 55.53
C ALA H 655 -89.54 60.95 56.27
N LEU H 656 -90.00 61.41 57.44
CA LEU H 656 -89.19 62.33 58.24
C LEU H 656 -88.06 61.60 58.95
N ASN H 657 -88.30 60.35 59.36
CA ASN H 657 -87.19 59.55 59.87
C ASN H 657 -86.14 59.35 58.78
N HIS H 658 -86.58 59.16 57.53
CA HIS H 658 -85.65 59.07 56.42
C HIS H 658 -84.96 60.41 56.16
N CYS H 659 -85.69 61.52 56.38
CA CYS H 659 -85.06 62.83 56.34
C CYS H 659 -83.85 62.87 57.26
N ASN H 660 -84.05 62.41 58.50
CA ASN H 660 -82.96 62.40 59.47
C ASN H 660 -81.85 61.45 59.03
N LEU H 661 -82.20 60.29 58.49
CA LEU H 661 -81.19 59.33 58.05
C LEU H 661 -80.32 59.90 56.93
N CYS H 662 -80.94 60.53 55.94
CA CYS H 662 -80.22 60.90 54.72
C CYS H 662 -79.13 61.93 54.95
N ARG H 663 -79.11 62.59 56.12
CA ARG H 663 -78.13 63.64 56.35
C ARG H 663 -76.70 63.12 56.20
N ARG H 664 -76.38 62.00 56.85
CA ARG H 664 -74.99 61.59 56.97
C ARG H 664 -74.36 61.35 55.60
N GLY H 665 -74.98 60.51 54.78
CA GLY H 665 -74.34 60.09 53.55
C GLY H 665 -75.14 60.25 52.27
N PHE H 666 -74.70 61.19 51.42
CA PHE H 666 -75.13 61.21 50.03
C PHE H 666 -74.51 60.02 49.30
N TYR H 667 -73.32 59.62 49.75
CA TYR H 667 -72.62 58.46 49.19
C TYR H 667 -73.40 57.17 49.42
N TYR H 668 -73.97 57.00 50.61
CA TYR H 668 -74.84 55.84 50.83
C TYR H 668 -75.94 55.80 49.79
N TYR H 669 -76.50 56.96 49.45
CA TYR H 669 -77.44 57.03 48.34
C TYR H 669 -76.78 56.59 47.04
N GLN H 670 -75.55 57.05 46.80
CA GLN H 670 -74.87 56.75 45.55
C GLN H 670 -74.67 55.24 45.50
N ARG H 671 -74.42 54.62 46.65
CA ARG H 671 -74.23 53.18 46.68
C ARG H 671 -75.45 52.46 46.09
N HIS H 672 -76.64 52.81 46.56
CA HIS H 672 -77.88 52.19 46.09
C HIS H 672 -77.78 50.67 46.22
N PHE H 673 -77.14 50.21 47.30
CA PHE H 673 -76.98 48.78 47.47
C PHE H 673 -78.32 48.10 47.72
N VAL H 674 -79.10 48.59 48.64
CA VAL H 674 -80.35 47.94 49.05
C VAL H 674 -81.21 48.94 49.80
N ASP H 675 -82.51 48.67 49.87
CA ASP H 675 -83.44 49.60 50.54
C ASP H 675 -83.02 49.91 51.96
N SER H 676 -82.51 48.91 52.69
CA SER H 676 -82.06 49.16 54.06
C SER H 676 -80.94 50.19 54.08
N GLU H 677 -79.98 50.07 53.16
CA GLU H 677 -79.02 51.14 52.96
C GLU H 677 -79.76 52.37 52.49
N LEU H 678 -79.19 53.54 52.78
CA LEU H 678 -79.89 54.78 52.48
C LEU H 678 -80.26 54.82 51.00
N GLU H 679 -81.54 55.10 50.74
CA GLU H 679 -82.07 55.25 49.39
C GLU H 679 -82.72 56.63 49.34
N CYS H 680 -81.88 57.64 49.12
CA CYS H 680 -82.32 59.03 49.20
C CYS H 680 -82.54 59.62 47.80
N ASN H 681 -83.51 59.04 47.10
CA ASN H 681 -84.07 59.71 45.94
C ASN H 681 -85.00 60.85 46.34
N ASP H 682 -85.43 60.85 47.61
CA ASP H 682 -86.34 61.86 48.11
C ASP H 682 -85.66 63.23 48.20
N VAL H 683 -84.42 63.23 48.71
CA VAL H 683 -83.68 64.49 48.86
C VAL H 683 -83.37 65.06 47.49
N VAL H 684 -82.99 64.21 46.53
CA VAL H 684 -82.66 64.70 45.20
C VAL H 684 -83.93 65.20 44.51
N LEU H 685 -85.07 64.57 44.76
CA LEU H 685 -86.34 65.08 44.23
C LEU H 685 -86.62 66.49 44.74
N PHE H 686 -86.55 66.68 46.05
CA PHE H 686 -86.91 67.98 46.60
C PHE H 686 -85.88 69.04 46.23
N TRP H 687 -84.63 68.63 46.05
CA TRP H 687 -83.61 69.50 45.45
C TRP H 687 -83.96 69.91 44.03
N ARG H 688 -84.39 68.95 43.20
CA ARG H 688 -84.71 69.29 41.82
C ARG H 688 -85.84 70.30 41.77
N ILE H 689 -86.87 70.12 42.59
CA ILE H 689 -87.98 71.06 42.57
C ILE H 689 -87.56 72.39 43.22
N GLN H 690 -86.64 72.34 44.20
CA GLN H 690 -86.02 73.57 44.68
C GLN H 690 -85.46 74.38 43.53
N ARG H 691 -84.67 73.73 42.67
CA ARG H 691 -84.10 74.42 41.53
C ARG H 691 -85.18 74.94 40.59
N MET H 692 -86.17 74.09 40.30
CA MET H 692 -87.23 74.49 39.39
C MET H 692 -87.92 75.76 39.90
N LEU H 693 -88.31 75.76 41.17
CA LEU H 693 -89.06 76.89 41.71
C LEU H 693 -88.19 78.15 41.76
N ALA H 694 -86.93 78.02 42.19
CA ALA H 694 -86.07 79.20 42.29
C ALA H 694 -85.81 79.78 40.90
N ILE H 695 -85.54 78.94 39.91
CA ILE H 695 -85.24 79.45 38.58
C ILE H 695 -86.49 80.05 37.96
N THR H 696 -87.65 79.45 38.19
CA THR H 696 -88.90 80.03 37.68
C THR H 696 -89.11 81.41 38.29
N ALA H 697 -88.90 81.54 39.60
CA ALA H 697 -89.09 82.82 40.26
C ALA H 697 -88.14 83.87 39.69
N ASN H 698 -86.87 83.50 39.48
CA ASN H 698 -85.91 84.48 38.99
C ASN H 698 -86.17 84.85 37.53
N THR H 699 -86.58 83.89 36.71
CA THR H 699 -86.93 84.22 35.32
C THR H 699 -88.11 85.18 35.28
N LEU H 700 -89.14 84.90 36.09
CA LEU H 700 -90.29 85.78 36.13
C LEU H 700 -89.89 87.17 36.60
N ARG H 701 -89.05 87.23 37.64
CA ARG H 701 -88.57 88.51 38.14
C ARG H 701 -87.80 89.27 37.07
N GLN H 702 -86.93 88.58 36.33
CA GLN H 702 -86.13 89.26 35.32
C GLN H 702 -87.02 89.83 34.22
N GLN H 703 -87.95 89.03 33.71
CA GLN H 703 -88.86 89.58 32.70
C GLN H 703 -89.64 90.75 33.26
N LEU H 704 -90.06 90.65 34.53
CA LEU H 704 -90.78 91.75 35.15
C LEU H 704 -89.95 93.02 35.14
N THR H 705 -88.74 92.95 35.67
CA THR H 705 -87.95 94.15 35.95
C THR H 705 -87.29 94.74 34.72
N ASN H 706 -87.07 93.95 33.67
CA ASN H 706 -86.41 94.45 32.48
C ASN H 706 -87.33 94.57 31.28
N THR H 707 -88.47 93.89 31.26
CA THR H 707 -89.39 93.95 30.13
C THR H 707 -90.73 94.55 30.53
N GLU H 708 -91.36 94.03 31.58
CA GLU H 708 -92.76 94.34 31.84
C GLU H 708 -92.95 95.65 32.59
N VAL H 709 -91.99 96.04 33.44
CA VAL H 709 -92.16 97.28 34.19
C VAL H 709 -92.06 98.50 33.28
N ARG H 710 -91.14 98.48 32.32
CA ARG H 710 -91.03 99.59 31.38
C ARG H 710 -92.24 99.66 30.44
N ARG H 711 -92.73 98.50 29.99
CA ARG H 711 -93.99 98.46 29.26
C ARG H 711 -95.13 99.00 30.10
N LEU H 712 -95.10 98.69 31.40
CA LEU H 712 -96.12 99.19 32.33
C LEU H 712 -96.06 100.71 32.41
N GLU H 713 -94.86 101.27 32.52
CA GLU H 713 -94.71 102.71 32.56
C GLU H 713 -95.25 103.36 31.28
N LYS H 714 -94.95 102.76 30.14
CA LYS H 714 -95.47 103.29 28.88
C LYS H 714 -97.00 103.25 28.86
N ASN H 715 -97.58 102.12 29.27
CA ASN H 715 -99.04 102.00 29.29
C ASN H 715 -99.67 102.99 30.27
N VAL H 716 -99.03 103.22 31.40
CA VAL H 716 -99.54 104.18 32.38
C VAL H 716 -99.50 105.59 31.82
N LYS H 717 -98.41 105.95 31.12
CA LYS H 717 -98.37 107.26 30.47
C LYS H 717 -99.50 107.41 29.47
N GLU H 718 -99.76 106.36 28.69
CA GLU H 718 -100.86 106.42 27.73
C GLU H 718 -102.20 106.59 28.44
N VAL H 719 -102.42 105.83 29.51
CA VAL H 719 -103.69 105.90 30.24
C VAL H 719 -103.86 107.28 30.86
N LEU H 720 -102.77 107.85 31.36
CA LEU H 720 -102.85 109.18 31.96
C LEU H 720 -103.06 110.25 30.90
N GLU H 721 -102.59 110.01 29.67
CA GLU H 721 -102.97 110.90 28.58
C GLU H 721 -104.47 110.83 28.31
N ASP H 722 -105.03 109.62 28.33
CA ASP H 722 -106.48 109.49 28.19
C ASP H 722 -107.20 110.19 29.33
N PHE H 723 -106.63 110.15 30.54
CA PHE H 723 -107.11 110.99 31.64
C PHE H 723 -107.07 112.47 31.25
N ALA H 724 -105.98 112.90 30.61
CA ALA H 724 -105.88 114.30 30.19
C ALA H 724 -107.02 114.68 29.26
N GLU H 725 -107.38 113.76 28.36
CA GLU H 725 -108.36 114.11 27.33
C GLU H 725 -109.74 114.37 27.92
N ASP H 726 -110.15 113.61 28.94
CA ASP H 726 -111.53 113.65 29.42
C ASP H 726 -111.61 114.39 30.74
N GLY H 727 -112.39 115.48 30.77
CA GLY H 727 -112.60 116.21 32.01
C GLY H 727 -113.55 115.50 32.95
N GLU H 728 -114.62 114.90 32.40
CA GLU H 728 -115.50 114.09 33.23
C GLU H 728 -114.73 113.02 33.97
N LYS H 729 -113.74 112.41 33.29
CA LYS H 729 -112.98 111.36 33.93
C LYS H 729 -112.16 111.92 35.10
N LYS H 730 -111.96 113.25 35.11
CA LYS H 730 -111.45 113.91 36.29
C LYS H 730 -112.48 114.15 37.40
N ILE H 731 -113.75 114.49 37.08
CA ILE H 731 -114.85 114.67 38.10
C ILE H 731 -115.78 113.43 38.02
N LYS H 732 -115.25 112.21 37.96
CA LYS H 732 -116.14 111.05 37.95
C LYS H 732 -116.71 110.96 39.36
N LEU H 733 -115.89 111.20 40.37
CA LEU H 733 -116.36 111.27 41.75
C LEU H 733 -116.68 112.73 42.07
N LEU H 734 -117.90 112.98 42.53
CA LEU H 734 -118.43 114.34 42.64
C LEU H 734 -117.96 114.96 43.96
N THR H 735 -116.66 115.26 44.00
CA THR H 735 -116.04 116.01 45.09
C THR H 735 -115.40 117.29 44.56
N GLY H 736 -115.95 117.86 43.49
CA GLY H 736 -115.33 118.89 42.69
C GLY H 736 -115.24 120.29 43.28
N LYS H 737 -115.44 120.45 44.60
CA LYS H 737 -115.46 121.80 45.17
C LYS H 737 -114.23 122.61 44.82
N ARG H 738 -113.07 121.96 44.68
CA ARG H 738 -111.82 122.68 44.45
C ARG H 738 -111.93 123.61 43.25
N VAL H 739 -112.24 123.03 42.09
CA VAL H 739 -112.18 123.77 40.82
C VAL H 739 -113.27 124.84 40.78
N GLN H 740 -114.48 124.48 41.18
CA GLN H 740 -115.59 125.44 41.13
C GLN H 740 -115.33 126.61 42.07
N LEU H 741 -114.82 126.32 43.27
CA LEU H 741 -114.53 127.38 44.23
C LEU H 741 -113.44 128.31 43.72
N ALA H 742 -112.39 127.75 43.11
CA ALA H 742 -111.35 128.60 42.54
C ALA H 742 -111.92 129.53 41.47
N GLU H 743 -112.73 128.97 40.57
CA GLU H 743 -113.30 129.77 39.50
C GLU H 743 -114.19 130.86 40.07
N ASP H 744 -114.99 130.52 41.08
CA ASP H 744 -115.89 131.50 41.68
C ASP H 744 -115.11 132.61 42.35
N LEU H 745 -114.02 132.28 43.05
CA LEU H 745 -113.22 133.32 43.69
C LEU H 745 -112.68 134.31 42.65
N LYS H 746 -112.10 133.78 41.57
CA LYS H 746 -111.52 134.68 40.57
C LYS H 746 -112.59 135.55 39.93
N LYS H 747 -113.74 134.95 39.60
CA LYS H 747 -114.80 135.69 38.93
C LYS H 747 -115.45 136.72 39.86
N VAL H 748 -115.56 136.42 41.16
CA VAL H 748 -116.12 137.41 42.08
C VAL H 748 -115.15 138.58 42.23
N ARG H 749 -113.83 138.30 42.22
CA ARG H 749 -112.89 139.42 42.26
C ARG H 749 -113.06 140.31 41.04
N GLU H 750 -113.23 139.72 39.86
CA GLU H 750 -113.48 140.54 38.68
C GLU H 750 -114.78 141.35 38.83
N ILE H 751 -115.83 140.69 39.33
CA ILE H 751 -117.11 141.39 39.51
C ILE H 751 -116.91 142.64 40.33
N GLN H 752 -116.26 142.49 41.48
CA GLN H 752 -116.15 143.63 42.39
C GLN H 752 -115.20 144.68 41.83
N GLU H 753 -114.15 144.24 41.12
CA GLU H 753 -113.22 145.20 40.53
C GLU H 753 -113.92 146.10 39.53
N LYS H 754 -114.81 145.53 38.70
CA LYS H 754 -115.54 146.36 37.75
C LYS H 754 -116.60 147.22 38.44
N LEU H 755 -117.26 146.68 39.47
CA LEU H 755 -118.28 147.45 40.16
C LEU H 755 -117.68 148.63 40.90
N ASP H 756 -116.43 148.53 41.34
CA ASP H 756 -115.80 149.64 42.06
C ASP H 756 -115.62 150.85 41.15
N ALA H 757 -115.07 150.62 39.95
CA ALA H 757 -114.94 151.71 39.00
C ALA H 757 -116.30 152.24 38.58
N PHE H 758 -117.28 151.35 38.40
CA PHE H 758 -118.61 151.81 38.03
C PHE H 758 -119.16 152.77 39.09
N ILE H 759 -119.02 152.41 40.36
CA ILE H 759 -119.59 153.22 41.43
C ILE H 759 -118.83 154.54 41.57
N GLU H 760 -117.51 154.52 41.40
CA GLU H 760 -116.76 155.77 41.42
C GLU H 760 -117.20 156.67 40.27
N ALA H 761 -117.50 156.09 39.12
CA ALA H 761 -118.01 156.89 38.00
C ALA H 761 -119.40 157.44 38.30
N LEU H 762 -120.20 156.69 39.05
CA LEU H 762 -121.47 157.23 39.52
C LEU H 762 -121.25 158.44 40.42
N HIS H 763 -120.28 158.35 41.31
CA HIS H 763 -119.98 159.49 42.18
C HIS H 763 -119.51 160.70 41.39
N GLN H 764 -118.67 160.48 40.37
CA GLN H 764 -118.07 161.58 39.62
C GLN H 764 -118.82 161.92 38.34
N GLU H 765 -119.04 160.94 37.46
CA GLU H 765 -119.56 161.24 36.12
C GLU H 765 -121.07 161.46 36.14
N LYS H 766 -121.82 160.43 36.53
CA LYS H 766 -123.28 160.47 36.44
C LYS H 766 -123.72 160.82 35.03
N ALA I 1 88.41 -89.00 -10.51
CA ALA I 1 88.64 -88.14 -11.66
C ALA I 1 90.14 -88.02 -11.95
N THR I 2 90.96 -88.23 -10.92
CA THR I 2 92.41 -88.17 -11.10
C THR I 2 92.88 -89.25 -12.07
N ASP I 3 92.33 -90.45 -11.96
CA ASP I 3 92.64 -91.53 -12.91
C ASP I 3 91.42 -92.44 -12.99
N ARG I 4 91.17 -92.97 -14.19
CA ARG I 4 89.95 -93.74 -14.45
C ARG I 4 90.18 -95.11 -15.07
N GLY I 5 91.29 -95.35 -15.77
CA GLY I 5 91.47 -96.62 -16.44
C GLY I 5 91.58 -97.79 -15.49
N SER I 6 92.29 -97.61 -14.37
CA SER I 6 92.46 -98.69 -13.42
C SER I 6 91.13 -99.14 -12.83
N GLU I 7 90.23 -98.19 -12.58
CA GLU I 7 88.90 -98.55 -12.08
C GLU I 7 88.15 -99.41 -13.09
N SER I 8 88.23 -99.06 -14.37
CA SER I 8 87.58 -99.87 -15.40
C SER I 8 88.17 -101.28 -15.45
N ASP I 9 89.50 -101.37 -15.40
CA ASP I 9 90.13 -102.68 -15.46
C ASP I 9 89.71 -103.54 -14.26
N LYS I 10 89.72 -102.97 -13.06
CA LYS I 10 89.30 -103.72 -11.88
C LYS I 10 87.83 -104.13 -11.99
N HIS I 11 86.98 -103.22 -12.46
CA HIS I 11 85.55 -103.52 -12.57
C HIS I 11 85.31 -104.71 -13.49
N PHE I 12 85.85 -104.65 -14.71
CA PHE I 12 85.57 -105.73 -15.64
C PHE I 12 86.31 -107.00 -15.27
N ARG I 13 87.45 -106.90 -14.58
CA ARG I 13 88.10 -108.10 -14.07
C ARG I 13 87.21 -108.80 -13.04
N LYS I 14 86.61 -108.02 -12.14
CA LYS I 14 85.70 -108.60 -11.16
C LYS I 14 84.45 -109.16 -11.82
N VAL I 15 83.96 -108.51 -12.89
CA VAL I 15 82.81 -109.04 -13.61
C VAL I 15 83.16 -110.39 -14.24
N SER I 16 84.33 -110.47 -14.88
CA SER I 16 84.77 -111.73 -15.46
C SER I 16 84.86 -112.81 -14.40
N ASP I 17 85.37 -112.46 -13.22
CA ASP I 17 85.41 -113.43 -12.13
C ASP I 17 84.00 -113.84 -11.72
N LYS I 18 83.11 -112.87 -11.52
CA LYS I 18 81.76 -113.21 -11.08
C LYS I 18 81.09 -114.18 -12.04
N GLU I 19 81.34 -114.04 -13.33
CA GLU I 19 80.67 -114.91 -14.29
C GLU I 19 81.37 -116.25 -14.48
N LYS I 20 82.71 -116.30 -14.42
CA LYS I 20 83.43 -117.51 -14.80
C LYS I 20 84.35 -118.07 -13.72
N ILE I 21 84.22 -117.66 -12.46
CA ILE I 21 85.21 -118.08 -11.46
C ILE I 21 85.12 -119.57 -11.20
N ASP I 22 83.94 -120.16 -11.28
CA ASP I 22 83.80 -121.59 -11.06
C ASP I 22 84.62 -122.42 -12.04
N GLN I 23 85.06 -121.81 -13.14
CA GLN I 23 85.99 -122.43 -14.08
C GLN I 23 87.41 -121.86 -13.95
N LEU I 24 87.52 -120.56 -13.69
CA LEU I 24 88.81 -119.89 -13.68
C LEU I 24 89.64 -120.27 -12.45
N GLN I 25 89.00 -120.46 -11.31
CA GLN I 25 89.75 -120.87 -10.12
C GLN I 25 90.30 -122.28 -10.31
N GLU I 26 89.58 -123.14 -11.02
CA GLU I 26 90.10 -124.47 -11.34
C GLU I 26 91.25 -124.39 -12.34
N GLU I 27 91.07 -123.62 -13.41
CA GLU I 27 92.06 -123.63 -14.48
C GLU I 27 93.33 -122.87 -14.13
N LEU I 28 93.20 -121.76 -13.39
CA LEU I 28 94.30 -120.82 -13.21
C LEU I 28 95.21 -121.16 -12.04
N LEU I 29 94.65 -121.58 -10.90
CA LEU I 29 95.48 -121.73 -9.71
C LEU I 29 95.44 -123.14 -9.14
N HIS I 30 94.26 -123.75 -9.07
CA HIS I 30 94.13 -125.09 -8.48
C HIS I 30 95.17 -126.05 -9.06
N THR I 31 95.11 -126.27 -10.37
CA THR I 31 96.07 -127.16 -11.01
C THR I 31 97.46 -126.54 -11.02
N GLN I 32 97.55 -125.22 -11.22
CA GLN I 32 98.85 -124.60 -11.37
C GLN I 32 99.64 -124.59 -10.06
N LEU I 33 98.96 -124.63 -8.92
CA LEU I 33 99.67 -124.73 -7.64
C LEU I 33 100.60 -125.93 -7.65
N LYS I 34 100.17 -127.03 -8.25
CA LYS I 34 100.96 -128.25 -8.36
C LYS I 34 101.72 -128.36 -9.66
N TYR I 35 101.66 -127.35 -10.53
CA TYR I 35 102.21 -127.51 -11.89
C TYR I 35 103.69 -127.87 -11.86
N GLN I 36 104.48 -127.20 -11.02
CA GLN I 36 105.89 -127.52 -10.96
C GLN I 36 106.11 -128.97 -10.57
N ARG I 37 105.26 -129.50 -9.69
CA ARG I 37 105.33 -130.92 -9.34
C ARG I 37 104.92 -131.79 -10.52
N ILE I 38 103.97 -131.33 -11.34
CA ILE I 38 103.41 -132.18 -12.39
C ILE I 38 104.49 -132.63 -13.36
N LEU I 39 105.40 -131.71 -13.74
CA LEU I 39 106.31 -132.00 -14.84
C LEU I 39 107.13 -133.25 -14.59
N GLU I 40 107.68 -133.40 -13.40
CA GLU I 40 108.39 -134.63 -13.06
C GLU I 40 107.43 -135.81 -12.98
N ARG I 41 106.27 -135.61 -12.36
CA ARG I 41 105.34 -136.72 -12.13
C ARG I 41 104.78 -137.26 -13.44
N LEU I 42 104.47 -136.39 -14.39
CA LEU I 42 103.69 -136.80 -15.55
C LEU I 42 104.51 -137.49 -16.62
N GLU I 43 105.45 -136.77 -17.23
CA GLU I 43 106.16 -137.32 -18.38
C GLU I 43 107.32 -138.21 -17.96
N LYS I 44 108.20 -137.70 -17.09
CA LYS I 44 109.41 -138.44 -16.76
C LYS I 44 109.07 -139.83 -16.25
N GLU I 45 108.21 -139.90 -15.23
CA GLU I 45 107.82 -141.18 -14.69
C GLU I 45 107.29 -142.09 -15.80
N ASN I 46 106.44 -141.53 -16.67
CA ASN I 46 105.89 -142.32 -17.75
C ASN I 46 106.99 -142.97 -18.58
N LYS I 47 107.99 -142.18 -18.98
CA LYS I 47 109.05 -142.76 -19.80
C LYS I 47 109.73 -143.90 -19.06
N GLU I 48 109.94 -143.74 -17.75
CA GLU I 48 110.50 -144.82 -16.98
C GLU I 48 109.53 -145.99 -16.91
N LEU I 49 108.26 -145.72 -16.63
CA LEU I 49 107.33 -146.82 -16.35
C LEU I 49 107.23 -147.78 -17.52
N ARG I 50 107.00 -147.26 -18.73
CA ARG I 50 106.89 -148.16 -19.86
C ARG I 50 108.16 -148.97 -20.03
N LYS I 51 109.32 -148.36 -19.77
CA LYS I 51 110.57 -149.10 -19.89
C LYS I 51 110.57 -150.26 -18.91
N LEU I 52 110.16 -150.01 -17.67
CA LEU I 52 110.05 -151.10 -16.70
C LEU I 52 109.10 -152.17 -17.23
N VAL I 53 107.98 -151.76 -17.82
CA VAL I 53 107.03 -152.72 -18.33
C VAL I 53 107.69 -153.58 -19.39
N LEU I 54 108.60 -153.01 -20.17
CA LEU I 54 109.36 -153.81 -21.11
C LEU I 54 110.40 -154.65 -20.38
N GLN I 55 111.11 -154.04 -19.44
CA GLN I 55 112.13 -154.77 -18.69
C GLN I 55 111.50 -155.90 -17.87
N LYS I 56 110.27 -155.68 -17.39
CA LYS I 56 109.58 -156.73 -16.65
C LYS I 56 109.35 -157.96 -17.52
N ASP I 57 109.29 -157.79 -18.84
CA ASP I 57 109.25 -158.95 -19.73
C ASP I 57 110.49 -159.81 -19.55
N ASP I 58 111.66 -159.17 -19.46
CA ASP I 58 112.91 -159.91 -19.28
C ASP I 58 112.94 -160.62 -17.93
N LYS I 59 112.42 -159.98 -16.88
CA LYS I 59 112.42 -160.55 -15.53
C LYS I 59 113.83 -160.70 -14.97
N GLY I 60 114.60 -159.61 -15.00
CA GLY I 60 115.95 -159.65 -14.47
C GLY I 60 115.97 -159.79 -12.96
N ILE I 61 117.06 -160.38 -12.44
CA ILE I 61 117.22 -160.55 -11.00
C ILE I 61 117.72 -159.25 -10.36
N HIS I 62 117.38 -159.07 -9.09
CA HIS I 62 117.78 -157.87 -8.35
C HIS I 62 119.19 -158.01 -7.80
N HIS I 63 119.97 -156.94 -7.93
CA HIS I 63 121.37 -156.88 -7.52
C HIS I 63 122.28 -157.79 -8.34
N ARG I 64 121.78 -158.33 -9.45
CA ARG I 64 122.61 -159.17 -10.30
C ARG I 64 123.80 -158.40 -10.86
N LYS I 65 123.58 -157.15 -11.27
CA LYS I 65 124.56 -156.34 -11.98
C LYS I 65 124.61 -156.82 -13.43
N LEU I 66 125.48 -156.24 -14.25
CA LEU I 66 125.60 -156.64 -15.65
C LEU I 66 124.23 -156.54 -16.34
N LYS I 67 123.47 -155.51 -16.00
CA LYS I 67 122.09 -155.41 -16.49
C LYS I 67 122.04 -155.32 -18.01
N LYS I 68 122.95 -154.57 -18.61
CA LYS I 68 122.98 -154.37 -20.05
C LYS I 68 124.39 -154.62 -20.58
N SER I 69 124.47 -154.93 -21.87
CA SER I 69 125.76 -154.98 -22.53
C SER I 69 126.41 -153.60 -22.51
N LEU I 70 127.73 -153.59 -22.39
CA LEU I 70 128.44 -152.33 -22.19
C LEU I 70 128.22 -151.37 -23.35
N ILE I 71 128.23 -151.87 -24.58
CA ILE I 71 128.07 -151.02 -25.76
C ILE I 71 126.67 -150.44 -25.84
N ASP I 72 125.66 -151.19 -25.44
CA ASP I 72 124.31 -150.64 -25.43
C ASP I 72 124.29 -149.43 -24.52
N MET I 73 125.07 -149.49 -23.43
CA MET I 73 125.14 -148.38 -22.49
C MET I 73 125.98 -147.22 -23.04
N TYR I 74 127.11 -147.54 -23.69
CA TYR I 74 127.83 -146.52 -24.45
C TYR I 74 127.03 -145.81 -25.53
N SER I 75 126.00 -146.46 -26.07
CA SER I 75 125.12 -145.76 -26.98
C SER I 75 124.42 -144.61 -26.28
N GLU I 76 123.95 -144.84 -25.05
CA GLU I 76 123.36 -143.74 -24.27
C GLU I 76 124.41 -142.68 -23.97
N VAL I 77 125.65 -143.10 -23.74
CA VAL I 77 126.72 -142.13 -23.48
C VAL I 77 126.88 -141.20 -24.68
N LEU I 78 126.99 -141.79 -25.88
CA LEU I 78 127.15 -140.98 -27.08
C LEU I 78 125.91 -140.12 -27.32
N ASP I 79 124.73 -140.67 -27.04
CA ASP I 79 123.49 -139.92 -27.22
C ASP I 79 123.44 -138.71 -26.31
N VAL I 80 123.87 -138.87 -25.05
CA VAL I 80 123.85 -137.74 -24.12
C VAL I 80 124.89 -136.69 -24.51
N LEU I 81 126.06 -137.12 -24.99
CA LEU I 81 126.99 -136.12 -25.53
C LEU I 81 126.38 -135.38 -26.73
N SER I 82 125.72 -136.11 -27.61
CA SER I 82 125.10 -135.46 -28.77
C SER I 82 124.03 -134.47 -28.33
N ASP I 83 123.23 -134.84 -27.34
CA ASP I 83 122.17 -133.95 -26.88
C ASP I 83 122.74 -132.71 -26.20
N TYR I 84 123.74 -132.90 -25.34
CA TYR I 84 124.35 -131.76 -24.66
C TYR I 84 124.94 -130.78 -25.65
N ASP I 85 125.70 -131.28 -26.63
CA ASP I 85 126.29 -130.44 -27.66
C ASP I 85 126.48 -131.28 -28.91
N ALA I 86 125.67 -131.01 -29.94
CA ALA I 86 125.73 -131.77 -31.18
C ALA I 86 126.89 -131.36 -32.07
N SER I 87 127.57 -130.26 -31.77
CA SER I 87 128.70 -129.82 -32.58
C SER I 87 129.86 -130.81 -32.46
N TYR I 88 130.67 -130.87 -33.51
CA TYR I 88 131.84 -131.73 -33.49
C TYR I 88 132.79 -131.41 -32.34
N ASN I 89 132.74 -130.17 -31.84
CA ASN I 89 133.61 -129.79 -30.74
C ASN I 89 133.40 -130.68 -29.51
N THR I 90 132.20 -131.23 -29.36
CA THR I 90 131.90 -132.17 -28.28
C THR I 90 131.88 -133.61 -28.76
N GLN I 91 131.58 -133.85 -30.03
CA GLN I 91 131.67 -135.20 -30.58
C GLN I 91 133.08 -135.73 -30.48
N ASP I 92 134.08 -134.84 -30.58
CA ASP I 92 135.47 -135.27 -30.64
C ASP I 92 135.90 -136.02 -29.39
N HIS I 93 135.15 -135.89 -28.28
CA HIS I 93 135.60 -136.42 -27.01
C HIS I 93 135.57 -137.95 -26.97
N LEU I 94 134.65 -138.59 -27.68
CA LEU I 94 134.49 -140.02 -27.54
C LEU I 94 134.59 -140.75 -28.88
N PRO I 95 134.95 -142.04 -28.86
CA PRO I 95 135.01 -142.82 -30.09
C PRO I 95 133.69 -142.90 -30.84
N ARG I 96 133.81 -142.95 -32.16
CA ARG I 96 132.68 -143.20 -33.04
C ARG I 96 133.16 -143.99 -34.25
N VAL I 97 132.22 -144.56 -34.99
CA VAL I 97 132.50 -145.18 -36.28
C VAL I 97 131.64 -144.48 -37.33
N VAL I 98 132.31 -143.92 -38.32
CA VAL I 98 131.66 -143.19 -39.40
C VAL I 98 131.56 -144.13 -40.60
N VAL I 99 130.37 -144.20 -41.20
CA VAL I 99 130.13 -145.00 -42.40
C VAL I 99 129.89 -144.02 -43.54
N VAL I 100 130.89 -143.80 -44.39
CA VAL I 100 130.79 -142.81 -45.47
C VAL I 100 131.24 -143.47 -46.76
N GLY I 101 130.66 -143.06 -47.87
CA GLY I 101 131.04 -143.63 -49.15
C GLY I 101 130.35 -142.92 -50.29
N ASP I 102 130.67 -143.36 -51.51
CA ASP I 102 130.05 -142.82 -52.70
C ASP I 102 128.55 -143.08 -52.69
N GLN I 103 127.78 -142.20 -53.33
CA GLN I 103 126.34 -142.37 -53.39
C GLN I 103 125.99 -143.75 -53.95
N SER I 104 125.09 -144.44 -53.27
CA SER I 104 124.53 -145.70 -53.75
C SER I 104 125.63 -146.70 -54.07
N ALA I 105 126.70 -146.68 -53.27
CA ALA I 105 127.79 -147.63 -53.43
C ALA I 105 127.57 -148.92 -52.65
N GLY I 106 126.47 -149.04 -51.92
CA GLY I 106 126.24 -150.18 -51.06
C GLY I 106 126.70 -150.00 -49.64
N LYS I 107 127.13 -148.80 -49.25
CA LYS I 107 127.58 -148.57 -47.89
C LYS I 107 126.50 -148.86 -46.87
N THR I 108 125.24 -148.55 -47.19
CA THR I 108 124.15 -148.93 -46.31
C THR I 108 124.06 -150.43 -46.17
N SER I 109 124.31 -151.16 -47.27
CA SER I 109 124.36 -152.62 -47.17
C SER I 109 125.56 -153.08 -46.34
N VAL I 110 126.68 -152.37 -46.41
CA VAL I 110 127.81 -152.71 -45.56
C VAL I 110 127.42 -152.61 -44.10
N LEU I 111 126.80 -151.50 -43.73
CA LEU I 111 126.38 -151.30 -42.33
C LEU I 111 125.36 -152.36 -41.93
N GLU I 112 124.38 -152.63 -42.79
CA GLU I 112 123.33 -153.59 -42.46
C GLU I 112 123.90 -154.99 -42.29
N MET I 113 124.84 -155.38 -43.16
CA MET I 113 125.48 -156.68 -43.02
C MET I 113 126.29 -156.76 -41.73
N ILE I 114 126.98 -155.67 -41.37
CA ILE I 114 127.64 -155.65 -40.07
C ILE I 114 126.61 -155.79 -38.96
N ALA I 115 125.45 -155.14 -39.11
CA ALA I 115 124.37 -155.25 -38.15
C ALA I 115 123.60 -156.57 -38.27
N GLN I 116 123.86 -157.35 -39.33
CA GLN I 116 123.24 -158.67 -39.50
C GLN I 116 121.74 -158.58 -39.67
N ALA I 117 121.27 -157.52 -40.32
CA ALA I 117 119.84 -157.40 -40.63
C ALA I 117 119.65 -156.21 -41.56
N ARG I 118 118.56 -156.29 -42.35
CA ARG I 118 118.15 -155.17 -43.22
C ARG I 118 117.34 -154.19 -42.37
N ILE I 119 118.07 -153.36 -41.64
CA ILE I 119 117.45 -152.49 -40.64
C ILE I 119 117.08 -151.13 -41.21
N PHE I 120 117.78 -150.66 -42.30
CA PHE I 120 117.51 -149.32 -42.80
C PHE I 120 116.65 -149.35 -44.05
N PRO I 121 115.79 -148.35 -44.24
CA PRO I 121 114.95 -148.32 -45.44
C PRO I 121 115.77 -148.07 -46.69
N ARG I 122 115.32 -148.68 -47.80
CA ARG I 122 115.95 -148.53 -49.10
C ARG I 122 114.89 -148.31 -50.16
N GLY I 123 113.92 -147.44 -49.84
CA GLY I 123 112.76 -147.27 -50.72
C GLY I 123 113.15 -146.79 -52.11
N SER I 124 114.09 -145.87 -52.20
CA SER I 124 114.53 -145.32 -53.47
C SER I 124 116.05 -145.25 -53.51
N GLY I 125 116.59 -145.06 -54.70
CA GLY I 125 118.02 -144.99 -54.91
C GLY I 125 118.61 -143.60 -55.07
N GLU I 126 117.81 -142.55 -54.91
CA GLU I 126 118.33 -141.19 -55.07
C GLU I 126 118.29 -140.40 -53.77
N MET I 127 117.10 -140.24 -53.19
CA MET I 127 116.97 -139.44 -51.99
C MET I 127 117.18 -140.26 -50.72
N MET I 128 116.92 -141.56 -50.79
CA MET I 128 117.02 -142.42 -49.61
C MET I 128 118.45 -142.83 -49.31
N THR I 129 119.39 -142.52 -50.19
CA THR I 129 120.81 -142.83 -49.99
C THR I 129 121.63 -141.60 -49.63
N ARG I 130 120.99 -140.46 -49.39
CA ARG I 130 121.68 -139.21 -49.10
C ARG I 130 121.18 -138.58 -47.80
N SER I 131 120.84 -139.41 -46.81
CA SER I 131 120.38 -138.93 -45.52
C SER I 131 120.96 -139.80 -44.41
N PRO I 132 121.20 -139.23 -43.22
CA PRO I 132 121.89 -139.98 -42.17
C PRO I 132 120.99 -140.87 -41.32
N VAL I 133 121.56 -141.96 -40.83
CA VAL I 133 121.01 -142.77 -39.74
C VAL I 133 122.16 -143.10 -38.81
N LYS I 134 121.85 -143.41 -37.55
CA LYS I 134 122.82 -143.94 -36.60
C LYS I 134 122.29 -145.21 -35.96
N VAL I 135 123.14 -146.23 -35.86
CA VAL I 135 122.76 -147.50 -35.24
C VAL I 135 123.89 -147.96 -34.32
N THR I 136 123.53 -148.33 -33.09
CA THR I 136 124.46 -149.03 -32.22
C THR I 136 124.39 -150.53 -32.45
N LEU I 137 125.53 -151.19 -32.27
CA LEU I 137 125.67 -152.62 -32.47
C LEU I 137 126.11 -153.25 -31.14
N SER I 138 125.36 -154.25 -30.69
CA SER I 138 125.58 -154.86 -29.39
C SER I 138 125.43 -156.37 -29.47
N GLU I 139 126.16 -157.05 -28.59
CA GLU I 139 125.99 -158.49 -28.42
C GLU I 139 124.63 -158.80 -27.81
N GLY I 140 124.06 -159.94 -28.20
CA GLY I 140 122.81 -160.37 -27.64
C GLY I 140 122.57 -161.85 -27.84
N PRO I 141 121.60 -162.41 -27.10
CA PRO I 141 121.17 -163.78 -27.36
C PRO I 141 120.12 -163.91 -28.45
N HIS I 142 119.58 -162.80 -28.93
CA HIS I 142 118.55 -162.80 -29.95
C HIS I 142 118.65 -161.51 -30.74
N HIS I 143 118.39 -161.59 -32.05
CA HIS I 143 118.54 -160.44 -32.94
C HIS I 143 117.30 -159.56 -32.79
N VAL I 144 117.43 -158.47 -32.02
CA VAL I 144 116.31 -157.60 -31.70
C VAL I 144 116.77 -156.15 -31.73
N ALA I 145 115.86 -155.26 -32.15
CA ALA I 145 116.17 -153.84 -32.28
C ALA I 145 115.18 -153.01 -31.47
N LEU I 146 115.67 -151.89 -30.94
CA LEU I 146 114.87 -150.99 -30.13
C LEU I 146 115.32 -149.56 -30.35
N PHE I 147 114.36 -148.66 -30.51
CA PHE I 147 114.68 -147.24 -30.71
C PHE I 147 114.89 -146.53 -29.38
N LYS I 148 115.63 -145.43 -29.45
CA LYS I 148 115.74 -144.52 -28.31
C LYS I 148 114.38 -144.06 -27.85
N ASP I 149 113.49 -143.72 -28.80
CA ASP I 149 112.24 -143.03 -28.51
C ASP I 149 111.01 -143.93 -28.68
N SER I 150 111.18 -145.24 -28.57
CA SER I 150 110.05 -146.15 -28.73
C SER I 150 110.21 -147.34 -27.80
N SER I 151 109.08 -147.82 -27.27
CA SER I 151 109.07 -149.01 -26.43
C SER I 151 108.96 -150.31 -27.21
N ARG I 152 108.74 -150.23 -28.53
CA ARG I 152 108.56 -151.43 -29.33
C ARG I 152 109.90 -152.08 -29.63
N GLU I 153 109.96 -153.41 -29.45
CA GLU I 153 111.10 -154.21 -29.87
C GLU I 153 110.77 -154.87 -31.21
N PHE I 154 111.76 -154.92 -32.09
CA PHE I 154 111.58 -155.43 -33.44
C PHE I 154 112.35 -156.73 -33.60
N ASP I 155 111.65 -157.77 -34.09
CA ASP I 155 112.28 -159.05 -34.36
C ASP I 155 113.02 -158.94 -35.69
N LEU I 156 114.34 -159.11 -35.65
CA LEU I 156 115.18 -158.90 -36.82
C LEU I 156 115.25 -160.12 -37.73
N THR I 157 114.57 -161.21 -37.39
CA THR I 157 114.51 -162.40 -38.23
C THR I 157 113.22 -162.53 -39.01
N LYS I 158 112.30 -161.57 -38.88
CA LYS I 158 111.01 -161.61 -39.54
C LYS I 158 110.84 -160.37 -40.40
N GLU I 159 110.15 -160.54 -41.54
CA GLU I 159 110.03 -159.44 -42.50
C GLU I 159 109.14 -158.32 -41.95
N GLU I 160 108.11 -158.68 -41.18
CA GLU I 160 107.16 -157.67 -40.70
C GLU I 160 107.85 -156.66 -39.78
N ASP I 161 108.63 -157.14 -38.82
CA ASP I 161 109.25 -156.25 -37.85
C ASP I 161 110.40 -155.47 -38.48
N LEU I 162 111.15 -156.09 -39.39
CA LEU I 162 112.17 -155.35 -40.12
C LEU I 162 111.54 -154.27 -40.98
N ALA I 163 110.39 -154.57 -41.59
CA ALA I 163 109.70 -153.57 -42.39
C ALA I 163 109.21 -152.41 -41.53
N ALA I 164 108.66 -152.71 -40.35
CA ALA I 164 108.24 -151.65 -39.45
C ALA I 164 109.42 -150.81 -38.97
N LEU I 165 110.55 -151.47 -38.71
CA LEU I 165 111.77 -150.77 -38.30
C LEU I 165 112.25 -149.83 -39.39
N ARG I 166 112.34 -150.34 -40.62
CA ARG I 166 112.71 -149.51 -41.76
C ARG I 166 111.70 -148.39 -41.94
N HIS I 167 110.42 -148.66 -41.66
CA HIS I 167 109.39 -147.65 -41.82
C HIS I 167 109.57 -146.51 -40.84
N GLU I 168 109.83 -146.82 -39.58
CA GLU I 168 110.09 -145.77 -38.59
C GLU I 168 111.31 -144.96 -39.00
N ILE I 169 112.39 -145.63 -39.38
CA ILE I 169 113.56 -144.89 -39.80
C ILE I 169 113.21 -144.00 -40.99
N GLU I 170 112.52 -144.56 -41.98
CA GLU I 170 112.14 -143.80 -43.18
C GLU I 170 111.30 -142.58 -42.82
N LEU I 171 110.33 -142.75 -41.93
CA LEU I 171 109.51 -141.62 -41.51
C LEU I 171 110.39 -140.50 -40.97
N ARG I 172 111.46 -140.87 -40.27
CA ARG I 172 112.39 -139.83 -39.82
C ARG I 172 113.29 -139.34 -40.96
N MET I 173 113.63 -140.24 -41.90
CA MET I 173 114.63 -139.94 -42.93
C MET I 173 114.11 -138.96 -43.97
N ARG I 174 112.89 -139.14 -44.43
CA ARG I 174 112.37 -138.36 -45.55
C ARG I 174 111.87 -137.00 -45.11
N LYS I 175 111.99 -136.70 -43.82
CA LYS I 175 111.61 -135.41 -43.27
C LYS I 175 112.81 -134.61 -42.79
N ASN I 176 113.90 -135.27 -42.39
CA ASN I 176 115.11 -134.60 -41.90
C ASN I 176 115.97 -134.17 -43.09
N VAL I 177 115.38 -133.37 -43.96
CA VAL I 177 116.03 -132.91 -45.18
C VAL I 177 115.49 -131.53 -45.53
N LYS I 178 116.40 -130.63 -45.91
CA LYS I 178 115.97 -129.33 -46.39
C LYS I 178 115.22 -129.49 -47.70
N GLU I 179 114.16 -128.70 -47.87
CA GLU I 179 113.32 -128.82 -49.05
C GLU I 179 114.13 -128.50 -50.30
N GLY I 180 114.04 -129.38 -51.28
CA GLY I 180 114.85 -129.28 -52.49
C GLY I 180 116.23 -129.86 -52.30
N CYS I 181 116.91 -129.48 -51.21
CA CYS I 181 118.21 -130.05 -50.91
C CYS I 181 118.13 -131.55 -50.73
N THR I 182 117.11 -132.02 -50.01
CA THR I 182 116.92 -133.43 -49.69
C THR I 182 118.06 -133.96 -48.82
N VAL I 183 118.83 -133.07 -48.21
CA VAL I 183 119.96 -133.45 -47.37
C VAL I 183 120.07 -132.47 -46.21
N SER I 184 119.91 -132.97 -44.98
CA SER I 184 120.08 -132.15 -43.78
C SER I 184 120.67 -133.01 -42.68
N PRO I 185 121.51 -132.43 -41.82
CA PRO I 185 121.99 -133.19 -40.66
C PRO I 185 120.91 -133.37 -39.62
N GLU I 186 120.83 -134.57 -39.05
CA GLU I 186 119.90 -134.87 -37.97
C GLU I 186 120.25 -136.23 -37.42
N THR I 187 119.75 -136.51 -36.22
CA THR I 187 120.09 -137.71 -35.47
C THR I 187 118.91 -138.66 -35.41
N ILE I 188 119.14 -139.90 -35.83
CA ILE I 188 118.21 -141.01 -35.64
C ILE I 188 118.99 -142.13 -34.97
N SER I 189 118.51 -142.58 -33.82
CA SER I 189 119.28 -143.49 -32.95
C SER I 189 118.52 -144.78 -32.77
N LEU I 190 119.07 -145.87 -33.28
CA LEU I 190 118.53 -147.21 -33.11
C LEU I 190 119.58 -148.11 -32.47
N ASN I 191 119.15 -148.97 -31.56
CA ASN I 191 120.04 -149.96 -30.94
C ASN I 191 119.69 -151.33 -31.50
N VAL I 192 120.65 -151.94 -32.18
CA VAL I 192 120.47 -153.26 -32.80
C VAL I 192 121.33 -154.25 -32.03
N LYS I 193 120.72 -155.36 -31.62
CA LYS I 193 121.33 -156.35 -30.76
C LYS I 193 121.22 -157.73 -31.41
N GLY I 194 122.15 -158.62 -31.08
CA GLY I 194 122.05 -159.99 -31.52
C GLY I 194 123.35 -160.77 -31.43
N PRO I 195 123.24 -162.10 -31.49
CA PRO I 195 124.45 -162.94 -31.49
C PRO I 195 125.39 -162.58 -32.62
N GLY I 196 126.69 -162.60 -32.32
CA GLY I 196 127.71 -162.35 -33.31
C GLY I 196 127.96 -160.89 -33.61
N LEU I 197 127.13 -160.00 -33.07
CA LEU I 197 127.26 -158.58 -33.35
C LEU I 197 128.24 -157.95 -32.36
N GLN I 198 129.06 -157.04 -32.86
CA GLN I 198 130.14 -156.47 -32.08
C GLN I 198 129.77 -155.25 -31.26
N ARG I 199 130.74 -154.79 -30.46
CA ARG I 199 130.59 -153.59 -29.64
C ARG I 199 130.98 -152.30 -30.36
N MET I 200 130.06 -151.81 -31.19
CA MET I 200 130.32 -150.61 -32.03
C MET I 200 129.19 -149.59 -32.02
N VAL I 201 129.38 -148.43 -32.64
CA VAL I 201 128.33 -147.45 -32.92
C VAL I 201 128.61 -146.82 -34.28
N LEU I 202 127.80 -147.16 -35.29
CA LEU I 202 128.07 -146.76 -36.67
C LEU I 202 127.08 -145.67 -37.10
N VAL I 203 127.61 -144.65 -37.78
CA VAL I 203 126.81 -143.56 -38.33
C VAL I 203 126.87 -143.65 -39.85
N ASP I 204 125.73 -143.95 -40.48
CA ASP I 204 125.59 -143.89 -41.93
C ASP I 204 125.29 -142.44 -42.31
N LEU I 205 126.16 -141.85 -43.13
CA LEU I 205 126.05 -140.45 -43.52
C LEU I 205 125.65 -140.34 -45.00
N PRO I 206 125.03 -139.21 -45.39
CA PRO I 206 124.57 -139.06 -46.78
C PRO I 206 125.61 -139.47 -47.82
N GLY I 207 125.15 -140.19 -48.84
CA GLY I 207 126.06 -140.58 -49.90
C GLY I 207 126.72 -139.38 -50.53
N VAL I 208 127.99 -139.55 -50.92
CA VAL I 208 128.79 -138.44 -51.44
C VAL I 208 128.57 -138.35 -52.94
N ILE I 209 128.50 -137.10 -53.45
CA ILE I 209 128.33 -136.85 -54.87
C ILE I 209 129.39 -135.87 -55.35
N ASN I 210 129.67 -135.92 -56.66
CA ASN I 210 130.57 -134.97 -57.29
C ASN I 210 129.88 -134.01 -58.26
N THR I 211 128.70 -134.37 -58.77
CA THR I 211 127.94 -133.55 -59.69
C THR I 211 126.50 -133.46 -59.24
N VAL I 212 125.79 -132.46 -59.78
CA VAL I 212 124.39 -132.23 -59.48
C VAL I 212 123.60 -132.21 -60.79
N THR I 213 122.39 -132.75 -60.73
CA THR I 213 121.52 -132.88 -61.88
C THR I 213 120.22 -132.09 -61.66
N SER I 214 119.34 -132.14 -62.65
CA SER I 214 118.13 -131.33 -62.61
C SER I 214 117.16 -131.76 -61.52
N GLY I 215 117.27 -133.01 -61.05
CA GLY I 215 116.42 -133.49 -59.99
C GLY I 215 116.90 -133.17 -58.60
N MET I 216 118.01 -132.44 -58.48
CA MET I 216 118.59 -132.13 -57.19
C MET I 216 119.04 -130.68 -57.19
N ALA I 217 119.14 -130.11 -55.98
CA ALA I 217 119.57 -128.73 -55.84
C ALA I 217 121.07 -128.62 -56.08
N PRO I 218 121.54 -127.48 -56.61
CA PRO I 218 123.01 -127.31 -56.75
C PRO I 218 123.73 -127.34 -55.42
N ASP I 219 123.10 -126.81 -54.36
CA ASP I 219 123.73 -126.81 -53.05
C ASP I 219 123.86 -128.22 -52.47
N THR I 220 123.13 -129.19 -53.01
CA THR I 220 123.14 -130.53 -52.43
C THR I 220 124.57 -131.07 -52.32
N LYS I 221 125.41 -130.77 -53.30
CA LYS I 221 126.78 -131.28 -53.27
C LYS I 221 127.51 -130.77 -52.05
N GLU I 222 127.35 -129.48 -51.72
CA GLU I 222 128.07 -128.91 -50.58
C GLU I 222 127.48 -129.37 -49.26
N THR I 223 126.15 -129.39 -49.14
CA THR I 223 125.54 -129.77 -47.87
C THR I 223 126.00 -131.15 -47.44
N ILE I 224 126.03 -132.11 -48.37
CA ILE I 224 126.51 -133.45 -48.04
C ILE I 224 127.90 -133.35 -47.44
N PHE I 225 128.78 -132.60 -48.10
CA PHE I 225 130.14 -132.46 -47.60
C PHE I 225 130.12 -131.94 -46.17
N SER I 226 129.29 -130.94 -45.91
CA SER I 226 129.24 -130.34 -44.58
C SER I 226 128.84 -131.38 -43.55
N ILE I 227 127.86 -132.23 -43.89
CA ILE I 227 127.52 -133.32 -42.99
C ILE I 227 128.66 -134.33 -42.96
N SER I 228 129.19 -134.67 -44.14
CA SER I 228 130.21 -135.71 -44.22
C SER I 228 131.44 -135.31 -43.41
N LYS I 229 131.80 -134.03 -43.48
CA LYS I 229 132.97 -133.54 -42.75
C LYS I 229 132.70 -133.47 -41.25
N ALA I 230 131.43 -133.33 -40.84
CA ALA I 230 131.13 -133.09 -39.43
C ALA I 230 131.57 -134.26 -38.55
N TYR I 231 131.16 -135.49 -38.89
CA TYR I 231 131.52 -136.65 -38.07
C TYR I 231 132.92 -137.17 -38.37
N MET I 232 133.44 -136.96 -39.59
CA MET I 232 134.84 -137.30 -39.87
C MET I 232 135.81 -136.50 -39.01
N GLN I 233 135.43 -135.30 -38.58
CA GLN I 233 136.37 -134.47 -37.85
C GLN I 233 136.80 -135.14 -36.56
N ASN I 234 135.94 -135.98 -35.98
CA ASN I 234 136.24 -136.66 -34.74
C ASN I 234 137.59 -137.37 -34.84
N PRO I 235 138.61 -136.94 -34.10
CA PRO I 235 139.89 -137.66 -34.13
C PRO I 235 139.82 -139.05 -33.55
N ASN I 236 138.77 -139.35 -32.78
CA ASN I 236 138.57 -140.68 -32.21
C ASN I 236 137.58 -141.51 -33.03
N ALA I 237 137.34 -141.13 -34.27
CA ALA I 237 136.45 -141.88 -35.13
C ALA I 237 137.24 -142.83 -36.01
N ILE I 238 136.65 -143.99 -36.27
CA ILE I 238 137.11 -144.89 -37.31
C ILE I 238 136.25 -144.63 -38.54
N ILE I 239 136.87 -144.17 -39.61
CA ILE I 239 136.15 -143.70 -40.79
C ILE I 239 136.20 -144.80 -41.84
N LEU I 240 135.05 -145.37 -42.16
CA LEU I 240 134.93 -146.38 -43.21
C LEU I 240 134.65 -145.65 -44.51
N CYS I 241 135.68 -145.54 -45.35
CA CYS I 241 135.61 -144.92 -46.66
C CYS I 241 135.22 -146.03 -47.63
N ILE I 242 133.96 -146.01 -48.06
CA ILE I 242 133.34 -147.10 -48.78
C ILE I 242 133.20 -146.67 -50.23
N GLN I 243 133.87 -147.39 -51.12
CA GLN I 243 133.94 -147.02 -52.52
C GLN I 243 133.35 -148.11 -53.39
N ASP I 244 132.68 -147.66 -54.44
CA ASP I 244 132.02 -148.54 -55.41
C ASP I 244 133.11 -149.19 -56.25
N GLY I 245 133.25 -150.51 -56.11
CA GLY I 245 134.30 -151.23 -56.81
C GLY I 245 134.14 -151.29 -58.31
N SER I 246 132.97 -150.90 -58.83
CA SER I 246 132.72 -150.96 -60.27
C SER I 246 133.32 -149.77 -61.02
N VAL I 247 133.81 -148.76 -60.31
CA VAL I 247 134.41 -147.58 -60.93
C VAL I 247 135.85 -147.46 -60.48
N ASP I 248 136.62 -146.67 -61.23
CA ASP I 248 138.04 -146.52 -60.94
C ASP I 248 138.26 -145.97 -59.54
N ALA I 249 139.27 -146.51 -58.87
CA ALA I 249 139.65 -145.99 -57.56
C ALA I 249 140.12 -144.54 -57.67
N GLU I 250 140.78 -144.19 -58.76
CA GLU I 250 141.23 -142.82 -58.96
C GLU I 250 140.07 -141.84 -59.05
N ARG I 251 138.86 -142.33 -59.32
CA ARG I 251 137.69 -141.48 -59.48
C ARG I 251 136.81 -141.44 -58.24
N SER I 252 137.30 -141.98 -57.12
CA SER I 252 136.51 -141.96 -55.90
C SER I 252 136.20 -140.53 -55.50
N ILE I 253 134.96 -140.30 -55.09
CA ILE I 253 134.50 -138.97 -54.67
C ILE I 253 134.66 -138.79 -53.17
N VAL I 254 134.34 -139.83 -52.40
CA VAL I 254 134.44 -139.76 -50.94
C VAL I 254 135.87 -139.52 -50.49
N THR I 255 136.84 -140.09 -51.22
CA THR I 255 138.24 -139.95 -50.81
C THR I 255 138.63 -138.49 -50.68
N ASP I 256 138.23 -137.67 -51.66
CA ASP I 256 138.60 -136.26 -51.65
C ASP I 256 138.03 -135.52 -50.46
N LEU I 257 137.04 -136.10 -49.78
CA LEU I 257 136.53 -135.59 -48.51
C LEU I 257 137.29 -136.15 -47.31
N VAL I 258 137.59 -137.45 -47.34
CA VAL I 258 138.30 -138.06 -46.21
C VAL I 258 139.68 -137.43 -46.04
N SER I 259 140.34 -137.12 -47.16
CA SER I 259 141.64 -136.48 -47.10
C SER I 259 141.57 -135.08 -46.47
N GLN I 260 140.39 -134.48 -46.35
CA GLN I 260 140.27 -133.21 -45.67
C GLN I 260 140.20 -133.35 -44.16
N MET I 261 139.95 -134.55 -43.65
CA MET I 261 139.98 -134.82 -42.21
C MET I 261 141.12 -135.72 -41.80
N ASP I 262 141.59 -136.58 -42.72
CA ASP I 262 142.74 -137.44 -42.47
C ASP I 262 143.55 -137.49 -43.75
N PRO I 263 144.43 -136.50 -43.96
CA PRO I 263 145.11 -136.39 -45.26
C PRO I 263 145.86 -137.64 -45.67
N HIS I 264 146.24 -138.50 -44.72
CA HIS I 264 147.01 -139.70 -45.01
C HIS I 264 146.27 -140.98 -44.62
N GLY I 265 145.00 -140.87 -44.22
CA GLY I 265 144.23 -142.06 -43.88
C GLY I 265 144.67 -142.76 -42.62
N ARG I 266 145.27 -142.03 -41.67
CA ARG I 266 145.78 -142.66 -40.46
C ARG I 266 144.69 -143.39 -39.69
N ARG I 267 143.51 -142.78 -39.54
CA ARG I 267 142.43 -143.37 -38.75
C ARG I 267 141.30 -143.88 -39.63
N THR I 268 141.58 -144.17 -40.90
CA THR I 268 140.57 -144.56 -41.86
C THR I 268 140.77 -146.00 -42.29
N ILE I 269 139.69 -146.59 -42.81
CA ILE I 269 139.68 -147.94 -43.36
C ILE I 269 139.03 -147.87 -44.73
N PHE I 270 139.55 -148.64 -45.68
CA PHE I 270 139.01 -148.71 -47.02
C PHE I 270 138.06 -149.89 -47.14
N VAL I 271 136.89 -149.65 -47.75
CA VAL I 271 135.90 -150.69 -48.00
C VAL I 271 135.61 -150.72 -49.49
N LEU I 272 135.73 -151.89 -50.09
CA LEU I 272 135.46 -152.10 -51.51
C LEU I 272 134.11 -152.79 -51.65
N THR I 273 133.15 -152.10 -52.26
CA THR I 273 131.81 -152.65 -52.40
C THR I 273 131.59 -153.22 -53.80
N LYS I 274 130.51 -153.98 -53.93
CA LYS I 274 130.11 -154.55 -55.22
C LYS I 274 131.24 -155.39 -55.82
N VAL I 275 131.89 -156.19 -54.96
CA VAL I 275 133.02 -156.98 -55.41
C VAL I 275 132.59 -158.03 -56.42
N ASP I 276 131.39 -158.59 -56.26
CA ASP I 276 130.88 -159.62 -57.16
C ASP I 276 130.22 -159.03 -58.39
N LEU I 277 130.14 -157.70 -58.49
CA LEU I 277 129.70 -157.03 -59.71
C LEU I 277 130.84 -156.36 -60.46
N ALA I 278 131.89 -155.92 -59.76
CA ALA I 278 133.05 -155.31 -60.40
C ALA I 278 134.06 -156.38 -60.82
N GLU I 279 133.62 -157.20 -61.78
CA GLU I 279 134.46 -158.32 -62.23
C GLU I 279 135.79 -157.83 -62.79
N LYS I 280 135.80 -156.66 -63.44
CA LYS I 280 137.04 -156.16 -64.05
C LYS I 280 138.15 -155.97 -63.04
N ASN I 281 137.82 -155.81 -61.75
CA ASN I 281 138.82 -155.62 -60.72
C ASN I 281 139.09 -156.90 -59.94
N VAL I 282 138.04 -157.50 -59.35
CA VAL I 282 138.23 -158.67 -58.49
C VAL I 282 138.92 -159.80 -59.25
N ALA I 283 138.90 -159.78 -60.57
CA ALA I 283 139.54 -160.80 -61.38
C ALA I 283 140.95 -160.42 -61.83
N SER I 284 141.47 -159.28 -61.40
CA SER I 284 142.77 -158.81 -61.89
C SER I 284 143.63 -158.29 -60.74
N PRO I 285 144.75 -158.96 -60.44
CA PRO I 285 145.61 -158.47 -59.35
C PRO I 285 146.11 -157.04 -59.57
N SER I 286 146.35 -156.63 -60.82
CA SER I 286 147.00 -155.36 -61.08
C SER I 286 146.19 -154.18 -60.54
N ARG I 287 144.90 -154.36 -60.29
CA ARG I 287 144.06 -153.34 -59.70
C ARG I 287 143.81 -153.61 -58.22
N ILE I 288 143.52 -154.86 -57.88
CA ILE I 288 143.09 -155.21 -56.53
C ILE I 288 144.23 -155.08 -55.54
N GLN I 289 145.44 -155.49 -55.91
CA GLN I 289 146.51 -155.44 -54.93
C GLN I 289 146.86 -154.00 -54.59
N GLN I 290 146.80 -153.10 -55.59
CA GLN I 290 146.99 -151.69 -55.29
C GLN I 290 145.84 -151.13 -54.47
N ILE I 291 144.60 -151.52 -54.80
CA ILE I 291 143.45 -150.92 -54.12
C ILE I 291 143.39 -151.38 -52.66
N ILE I 292 143.77 -152.63 -52.40
CA ILE I 292 143.63 -153.20 -51.07
C ILE I 292 144.89 -153.06 -50.23
N GLU I 293 146.06 -152.85 -50.85
CA GLU I 293 147.28 -152.67 -50.07
C GLU I 293 147.48 -151.23 -49.64
N GLY I 294 146.90 -150.27 -50.38
CA GLY I 294 147.05 -148.87 -50.06
C GLY I 294 148.00 -148.16 -51.01
N LYS I 295 148.17 -148.70 -52.21
CA LYS I 295 149.03 -148.10 -53.22
C LYS I 295 148.23 -147.33 -54.27
N LEU I 296 146.98 -147.70 -54.50
CA LEU I 296 146.14 -147.01 -55.46
C LEU I 296 145.51 -145.74 -54.88
N PHE I 297 145.59 -145.56 -53.56
CA PHE I 297 145.00 -144.42 -52.87
C PHE I 297 146.08 -143.59 -52.21
N PRO I 298 145.81 -142.29 -51.97
CA PRO I 298 146.68 -141.52 -51.06
C PRO I 298 146.53 -141.95 -49.61
N MET I 299 145.54 -142.77 -49.30
CA MET I 299 145.19 -143.12 -47.93
C MET I 299 145.94 -144.36 -47.47
N LYS I 300 146.59 -144.25 -46.31
CA LYS I 300 147.31 -145.36 -45.68
C LYS I 300 146.47 -145.77 -44.47
N ALA I 301 145.56 -146.72 -44.70
CA ALA I 301 144.46 -146.98 -43.78
C ALA I 301 144.88 -147.84 -42.59
N LEU I 302 143.98 -147.88 -41.60
CA LEU I 302 144.03 -148.89 -40.55
C LEU I 302 143.85 -150.29 -41.10
N GLY I 303 143.23 -150.42 -42.26
CA GLY I 303 143.00 -151.72 -42.86
C GLY I 303 142.24 -151.55 -44.16
N TYR I 304 142.15 -152.65 -44.90
CA TYR I 304 141.48 -152.65 -46.20
C TYR I 304 140.62 -153.89 -46.30
N PHE I 305 139.36 -153.74 -46.70
CA PHE I 305 138.42 -154.85 -46.69
C PHE I 305 137.54 -154.82 -47.94
N ALA I 306 137.12 -156.00 -48.37
CA ALA I 306 136.26 -156.19 -49.53
C ALA I 306 134.98 -156.89 -49.10
N VAL I 307 133.83 -156.41 -49.59
CA VAL I 307 132.53 -156.91 -49.18
C VAL I 307 131.59 -157.01 -50.38
N VAL I 308 130.56 -157.85 -50.23
CA VAL I 308 129.48 -157.98 -51.20
C VAL I 308 128.25 -157.28 -50.63
N THR I 309 127.74 -156.29 -51.37
CA THR I 309 126.65 -155.44 -50.90
C THR I 309 125.32 -155.72 -51.58
N GLY I 310 125.23 -156.74 -52.42
CA GLY I 310 124.00 -157.01 -53.15
C GLY I 310 124.17 -156.92 -54.66
N LYS I 311 123.42 -157.75 -55.38
CA LYS I 311 123.60 -157.92 -56.83
C LYS I 311 122.72 -156.94 -57.59
N GLY I 312 122.84 -155.66 -57.24
CA GLY I 312 122.07 -154.62 -57.88
C GLY I 312 120.67 -154.45 -57.36
N ASN I 313 120.24 -155.27 -56.39
CA ASN I 313 118.91 -155.21 -55.82
C ASN I 313 118.99 -154.46 -54.50
N SER I 314 118.42 -153.25 -54.47
CA SER I 314 118.49 -152.41 -53.28
C SER I 314 117.69 -153.00 -52.11
N SER I 315 116.79 -153.94 -52.37
CA SER I 315 115.93 -154.50 -51.34
C SER I 315 116.25 -155.96 -51.03
N GLU I 316 117.39 -156.45 -51.49
CA GLU I 316 117.75 -157.84 -51.26
C GLU I 316 118.01 -158.10 -49.78
N SER I 317 117.62 -159.28 -49.31
CA SER I 317 117.77 -159.61 -47.90
C SER I 317 119.25 -159.67 -47.51
N ILE I 318 119.54 -159.17 -46.30
CA ILE I 318 120.92 -159.14 -45.82
C ILE I 318 121.45 -160.55 -45.61
N GLU I 319 120.60 -161.47 -45.13
CA GLU I 319 121.06 -162.84 -44.88
C GLU I 319 121.52 -163.49 -46.18
N ALA I 320 120.72 -163.36 -47.24
CA ALA I 320 121.13 -163.91 -48.53
C ALA I 320 122.40 -163.23 -49.02
N ILE I 321 122.52 -161.91 -48.78
CA ILE I 321 123.70 -161.19 -49.24
C ILE I 321 124.95 -161.72 -48.54
N ARG I 322 124.85 -162.01 -47.23
CA ARG I 322 126.00 -162.54 -46.51
C ARG I 322 126.34 -163.95 -46.96
N GLU I 323 125.33 -164.79 -47.19
CA GLU I 323 125.61 -166.12 -47.70
C GLU I 323 126.31 -166.05 -49.05
N TYR I 324 125.83 -165.18 -49.92
CA TYR I 324 126.44 -165.00 -51.23
C TYR I 324 127.83 -164.38 -51.11
N GLU I 325 128.05 -163.52 -50.11
CA GLU I 325 129.38 -162.97 -49.88
C GLU I 325 130.37 -164.06 -49.51
N GLU I 326 129.97 -164.95 -48.59
CA GLU I 326 130.87 -166.04 -48.23
C GLU I 326 131.13 -166.96 -49.41
N GLU I 327 130.11 -167.22 -50.22
CA GLU I 327 130.30 -168.09 -51.38
C GLU I 327 131.17 -167.44 -52.45
N PHE I 328 131.02 -166.12 -52.65
CA PHE I 328 131.64 -165.47 -53.79
C PHE I 328 133.16 -165.50 -53.71
N PHE I 329 133.72 -165.12 -52.55
CA PHE I 329 135.17 -165.05 -52.43
C PHE I 329 135.81 -166.40 -52.69
N GLN I 330 135.17 -167.48 -52.23
CA GLN I 330 135.63 -168.81 -52.56
C GLN I 330 135.52 -169.07 -54.06
N ASN I 331 134.40 -168.66 -54.66
CA ASN I 331 134.23 -168.84 -56.10
C ASN I 331 135.23 -168.00 -56.90
N SER I 332 135.50 -166.78 -56.44
CA SER I 332 136.27 -165.82 -57.23
C SER I 332 137.74 -166.23 -57.31
N LYS I 333 138.39 -165.69 -58.35
CA LYS I 333 139.84 -165.85 -58.51
C LYS I 333 140.60 -165.26 -57.33
N LEU I 334 140.01 -164.30 -56.63
CA LEU I 334 140.77 -163.44 -55.73
C LEU I 334 141.44 -164.23 -54.61
N LEU I 335 140.75 -165.23 -54.04
CA LEU I 335 141.36 -166.01 -52.98
C LEU I 335 142.49 -166.90 -53.52
N LYS I 336 142.31 -167.46 -54.71
CA LYS I 336 143.29 -168.39 -55.25
C LYS I 336 144.61 -167.69 -55.57
N THR I 337 144.55 -166.49 -56.14
CA THR I 337 145.75 -165.80 -56.61
C THR I 337 146.24 -164.73 -55.63
N SER I 338 145.67 -164.68 -54.43
CA SER I 338 146.17 -163.83 -53.35
C SER I 338 146.27 -162.37 -53.77
N MET I 339 145.24 -161.87 -54.45
CA MET I 339 145.08 -160.44 -54.65
C MET I 339 144.35 -159.79 -53.48
N LEU I 340 143.45 -160.53 -52.85
CA LEU I 340 142.87 -160.16 -51.57
C LEU I 340 143.21 -161.25 -50.56
N LYS I 341 143.58 -160.84 -49.36
CA LYS I 341 143.93 -161.80 -48.33
C LYS I 341 142.69 -162.18 -47.52
N ALA I 342 142.72 -163.37 -46.93
CA ALA I 342 141.54 -163.94 -46.30
C ALA I 342 141.00 -163.04 -45.20
N HIS I 343 141.88 -162.37 -44.46
CA HIS I 343 141.45 -161.45 -43.40
C HIS I 343 140.98 -160.10 -43.95
N GLN I 344 141.09 -159.88 -45.25
CA GLN I 344 140.66 -158.64 -45.88
C GLN I 344 139.31 -158.74 -46.57
N VAL I 345 138.58 -159.85 -46.38
CA VAL I 345 137.35 -160.08 -47.12
C VAL I 345 136.22 -160.41 -46.15
N THR I 346 134.99 -160.16 -46.61
CA THR I 346 133.78 -160.53 -45.91
C THR I 346 133.46 -159.59 -44.74
N THR I 347 132.22 -159.66 -44.25
CA THR I 347 131.77 -158.78 -43.19
C THR I 347 132.52 -159.05 -41.88
N ARG I 348 132.78 -160.33 -41.59
CA ARG I 348 133.31 -160.70 -40.28
C ARG I 348 134.62 -159.97 -39.98
N ASN I 349 135.54 -159.93 -40.95
CA ASN I 349 136.87 -159.39 -40.69
C ASN I 349 136.81 -157.88 -40.48
N LEU I 350 136.06 -157.17 -41.34
CA LEU I 350 135.88 -155.74 -41.17
C LEU I 350 135.27 -155.42 -39.82
N SER I 351 134.20 -156.15 -39.47
CA SER I 351 133.50 -155.90 -38.22
C SER I 351 134.43 -156.13 -37.04
N LEU I 352 135.20 -157.22 -37.05
CA LEU I 352 136.06 -157.52 -35.93
C LEU I 352 137.18 -156.49 -35.78
N ALA I 353 137.81 -156.10 -36.89
CA ALA I 353 138.88 -155.11 -36.79
C ALA I 353 138.36 -153.78 -36.23
N VAL I 354 137.27 -153.27 -36.81
CA VAL I 354 136.77 -151.98 -36.36
C VAL I 354 136.25 -152.11 -34.93
N SER I 355 135.65 -153.25 -34.58
CA SER I 355 135.19 -153.47 -33.22
C SER I 355 136.33 -153.43 -32.22
N ASP I 356 137.44 -154.11 -32.52
CA ASP I 356 138.53 -154.13 -31.56
C ASP I 356 139.07 -152.73 -31.34
N CYS I 357 139.37 -152.02 -32.43
CA CYS I 357 139.91 -150.66 -32.27
C CYS I 357 138.91 -149.81 -31.49
N PHE I 358 137.65 -149.79 -31.94
CA PHE I 358 136.65 -148.91 -31.36
C PHE I 358 136.46 -149.21 -29.88
N TRP I 359 136.28 -150.48 -29.51
CA TRP I 359 135.89 -150.77 -28.14
C TRP I 359 137.06 -150.61 -27.17
N LYS I 360 138.29 -150.94 -27.58
CA LYS I 360 139.41 -150.63 -26.70
C LYS I 360 139.49 -149.14 -26.43
N MET I 361 139.41 -148.36 -27.51
CA MET I 361 139.51 -146.92 -27.36
C MET I 361 138.31 -146.37 -26.60
N VAL I 362 137.16 -147.04 -26.68
CA VAL I 362 135.98 -146.63 -25.90
C VAL I 362 136.21 -146.86 -24.42
N ARG I 363 136.73 -148.02 -24.05
CA ARG I 363 136.97 -148.27 -22.63
C ARG I 363 137.85 -147.16 -22.06
N GLU I 364 138.99 -146.92 -22.71
CA GLU I 364 139.90 -145.92 -22.17
C GLU I 364 139.32 -144.51 -22.29
N SER I 365 138.61 -144.24 -23.39
CA SER I 365 138.07 -142.92 -23.65
C SER I 365 137.02 -142.47 -22.66
N VAL I 366 136.12 -143.37 -22.24
CA VAL I 366 135.13 -142.98 -21.24
C VAL I 366 135.76 -142.87 -19.86
N GLU I 367 136.72 -143.77 -19.56
CA GLU I 367 137.42 -143.63 -18.28
C GLU I 367 138.03 -142.23 -18.27
N GLN I 368 138.51 -141.75 -19.42
CA GLN I 368 139.07 -140.40 -19.49
C GLN I 368 137.99 -139.32 -19.46
N GLN I 369 136.90 -139.53 -20.20
CA GLN I 369 135.95 -138.44 -20.45
C GLN I 369 134.98 -138.23 -19.30
N ALA I 370 134.72 -139.24 -18.47
CA ALA I 370 133.97 -138.96 -17.26
C ALA I 370 134.65 -137.85 -16.47
N ASP I 371 135.96 -138.01 -16.23
CA ASP I 371 136.73 -136.98 -15.54
C ASP I 371 136.88 -135.73 -16.39
N SER I 372 136.94 -135.88 -17.72
CA SER I 372 137.00 -134.71 -18.59
C SER I 372 135.80 -133.79 -18.36
N PHE I 373 134.57 -134.32 -18.44
CA PHE I 373 133.32 -133.50 -18.35
C PHE I 373 133.12 -133.09 -16.88
N LYS I 374 133.49 -133.93 -15.90
CA LYS I 374 133.47 -133.56 -14.44
C LYS I 374 134.47 -132.41 -14.24
N ALA I 375 135.65 -132.49 -14.86
CA ALA I 375 136.70 -131.44 -14.80
C ALA I 375 136.12 -130.19 -15.48
N THR I 376 135.35 -130.37 -16.57
CA THR I 376 134.70 -129.23 -17.30
C THR I 376 133.74 -128.57 -16.29
N ARG I 377 132.99 -129.32 -15.46
CA ARG I 377 132.11 -128.71 -14.42
C ARG I 377 133.01 -127.92 -13.45
N PHE I 378 134.15 -128.47 -13.04
CA PHE I 378 135.10 -127.78 -12.13
C PHE I 378 135.65 -126.51 -12.82
N ASN I 379 136.00 -126.57 -14.12
CA ASN I 379 136.50 -125.40 -14.91
C ASN I 379 135.38 -124.37 -15.04
N LEU I 380 134.14 -124.82 -15.27
CA LEU I 380 132.94 -123.94 -15.41
C LEU I 380 132.73 -123.25 -14.05
N GLU I 381 132.99 -123.94 -12.92
CA GLU I 381 132.80 -123.40 -11.54
C GLU I 381 133.91 -122.36 -11.20
N THR I 382 135.13 -122.45 -11.74
CA THR I 382 136.12 -121.42 -11.47
C THR I 382 135.72 -120.12 -12.16
N GLU I 383 135.38 -120.21 -13.46
CA GLU I 383 134.95 -119.02 -14.18
C GLU I 383 133.71 -118.39 -13.55
N TRP I 384 132.74 -119.21 -13.16
CA TRP I 384 131.47 -118.68 -12.69
C TRP I 384 131.62 -118.00 -11.34
N LYS I 385 132.39 -118.60 -10.43
CA LYS I 385 132.72 -117.92 -9.18
C LYS I 385 133.45 -116.62 -9.45
N ASN I 386 134.45 -116.63 -10.32
CA ASN I 386 135.28 -115.44 -10.50
C ASN I 386 134.49 -114.30 -11.12
N ASN I 387 133.63 -114.60 -12.09
CA ASN I 387 132.85 -113.58 -12.77
C ASN I 387 131.87 -112.88 -11.83
N TYR I 388 131.09 -113.65 -11.09
CA TYR I 388 130.08 -113.11 -10.20
C TYR I 388 130.17 -113.83 -8.87
N PRO I 389 129.71 -113.20 -7.79
CA PRO I 389 129.48 -113.96 -6.56
C PRO I 389 128.50 -115.08 -6.86
N ARG I 390 128.74 -116.25 -6.27
CA ARG I 390 127.98 -117.44 -6.62
C ARG I 390 126.48 -117.13 -6.53
N LEU I 391 125.81 -117.21 -7.67
CA LEU I 391 124.38 -116.95 -7.73
C LEU I 391 123.83 -117.50 -9.03
N ARG I 392 122.64 -118.10 -8.96
CA ARG I 392 121.96 -118.66 -10.12
C ARG I 392 120.49 -118.27 -10.17
N GLU I 393 120.11 -117.23 -9.43
CA GLU I 393 118.69 -116.86 -9.36
C GLU I 393 118.17 -116.37 -10.70
N LEU I 394 118.98 -115.63 -11.44
CA LEU I 394 118.52 -114.95 -12.65
C LEU I 394 118.49 -115.91 -13.85
N ASP I 395 117.93 -115.42 -14.95
CA ASP I 395 117.88 -116.15 -16.20
C ASP I 395 117.59 -115.17 -17.33
N ARG I 396 117.91 -115.59 -18.55
CA ARG I 396 117.68 -114.74 -19.72
C ARG I 396 116.23 -114.32 -19.82
N ASN I 397 115.30 -115.28 -19.68
CA ASN I 397 113.88 -114.96 -19.71
C ASN I 397 113.50 -114.10 -18.50
N GLU I 398 114.08 -114.42 -17.34
CA GLU I 398 113.82 -113.64 -16.14
C GLU I 398 114.33 -112.22 -16.28
N LEU I 399 115.35 -111.98 -17.11
CA LEU I 399 115.76 -110.61 -17.36
C LEU I 399 114.65 -109.84 -18.04
N PHE I 400 114.00 -110.44 -19.05
CA PHE I 400 112.84 -109.79 -19.65
C PHE I 400 111.74 -109.57 -18.62
N GLU I 401 111.49 -110.57 -17.78
CA GLU I 401 110.40 -110.41 -16.81
C GLU I 401 110.68 -109.26 -15.84
N LYS I 402 111.93 -109.16 -15.36
CA LYS I 402 112.28 -108.11 -14.41
C LYS I 402 112.30 -106.74 -15.06
N ALA I 403 112.82 -106.63 -16.28
CA ALA I 403 112.79 -105.33 -16.96
C ALA I 403 111.37 -104.93 -17.29
N LYS I 404 110.51 -105.90 -17.62
CA LYS I 404 109.10 -105.63 -17.85
C LYS I 404 108.45 -105.05 -16.60
N ASN I 405 108.69 -105.69 -15.45
CA ASN I 405 108.08 -105.20 -14.22
C ASN I 405 108.64 -103.84 -13.82
N GLU I 406 109.95 -103.65 -13.98
CA GLU I 406 110.54 -102.33 -13.74
C GLU I 406 109.87 -101.27 -14.61
N ILE I 407 109.67 -101.55 -15.89
CA ILE I 407 109.10 -100.57 -16.79
C ILE I 407 107.66 -100.27 -16.40
N LEU I 408 106.87 -101.30 -16.11
CA LEU I 408 105.48 -101.06 -15.74
C LEU I 408 105.38 -100.34 -14.41
N ASP I 409 106.27 -100.64 -13.46
CA ASP I 409 106.26 -99.92 -12.19
C ASP I 409 106.60 -98.46 -12.38
N GLU I 410 107.60 -98.16 -13.22
CA GLU I 410 107.94 -96.77 -13.48
C GLU I 410 106.83 -96.06 -14.24
N VAL I 411 106.13 -96.76 -15.13
CA VAL I 411 105.01 -96.14 -15.85
C VAL I 411 103.88 -95.83 -14.88
N ILE I 412 103.56 -96.75 -13.99
CA ILE I 412 102.53 -96.46 -13.00
C ILE I 412 102.96 -95.27 -12.13
N SER I 413 104.18 -95.32 -11.58
CA SER I 413 104.64 -94.22 -10.75
C SER I 413 104.59 -92.91 -11.51
N LEU I 414 104.92 -92.94 -12.80
CA LEU I 414 104.74 -91.79 -13.67
C LEU I 414 103.28 -91.32 -13.61
N SER I 415 102.34 -92.26 -13.66
CA SER I 415 100.93 -91.89 -13.60
C SER I 415 100.55 -91.30 -12.25
N GLN I 416 101.21 -91.70 -11.17
CA GLN I 416 100.96 -91.11 -9.86
C GLN I 416 102.00 -90.06 -9.45
N VAL I 417 102.80 -89.55 -10.39
CA VAL I 417 103.65 -88.41 -10.06
C VAL I 417 102.77 -87.25 -9.61
N THR I 418 103.22 -86.55 -8.57
CA THR I 418 102.50 -85.38 -8.07
C THR I 418 102.08 -84.52 -9.26
N PRO I 419 100.78 -84.33 -9.49
CA PRO I 419 100.36 -83.52 -10.64
C PRO I 419 101.02 -82.16 -10.67
N LYS I 420 101.14 -81.51 -9.50
CA LYS I 420 101.66 -80.15 -9.44
C LYS I 420 102.98 -80.05 -10.18
N HIS I 421 103.79 -81.10 -10.11
CA HIS I 421 105.04 -81.13 -10.85
C HIS I 421 104.78 -81.16 -12.35
N TRP I 422 103.74 -81.88 -12.77
CA TRP I 422 103.37 -81.90 -14.18
C TRP I 422 103.00 -80.50 -14.66
N GLU I 423 102.18 -79.78 -13.87
CA GLU I 423 101.83 -78.42 -14.27
C GLU I 423 103.04 -77.51 -14.27
N GLU I 424 103.95 -77.67 -13.31
CA GLU I 424 105.16 -76.81 -13.31
C GLU I 424 105.94 -77.01 -14.61
N ILE I 425 106.13 -78.26 -15.00
CA ILE I 425 106.86 -78.53 -16.24
C ILE I 425 106.14 -77.90 -17.43
N LEU I 426 104.83 -78.12 -17.51
CA LEU I 426 104.07 -77.62 -18.65
C LEU I 426 104.08 -76.09 -18.68
N GLN I 427 103.97 -75.45 -17.51
CA GLN I 427 103.95 -73.99 -17.44
C GLN I 427 105.27 -73.40 -17.90
N GLN I 428 106.39 -73.93 -17.41
CA GLN I 428 107.67 -73.35 -17.82
C GLN I 428 107.90 -73.57 -19.30
N SER I 429 107.57 -74.77 -19.80
CA SER I 429 107.75 -75.04 -21.23
C SER I 429 106.87 -74.11 -22.06
N LEU I 430 105.63 -73.90 -21.63
CA LEU I 430 104.71 -73.03 -22.37
C LEU I 430 105.24 -71.60 -22.42
N TRP I 431 105.72 -71.09 -21.30
CA TRP I 431 106.27 -69.73 -21.31
C TRP I 431 107.46 -69.63 -22.23
N GLU I 432 108.37 -70.60 -22.18
CA GLU I 432 109.53 -70.54 -23.07
C GLU I 432 109.09 -70.60 -24.53
N ARG I 433 108.05 -71.37 -24.81
CA ARG I 433 107.58 -71.52 -26.19
C ARG I 433 106.89 -70.26 -26.69
N VAL I 434 106.22 -69.52 -25.80
CA VAL I 434 105.35 -68.43 -26.22
C VAL I 434 105.92 -67.02 -26.04
N SER I 435 106.98 -66.85 -25.24
CA SER I 435 107.45 -65.50 -24.94
C SER I 435 107.80 -64.73 -26.21
N THR I 436 108.28 -65.42 -27.25
CA THR I 436 108.64 -64.74 -28.48
C THR I 436 107.44 -64.04 -29.10
N HIS I 437 106.30 -64.74 -29.20
CA HIS I 437 105.07 -64.11 -29.67
C HIS I 437 104.57 -63.07 -28.68
N VAL I 438 104.73 -63.34 -27.38
CA VAL I 438 104.21 -62.43 -26.38
C VAL I 438 104.84 -61.04 -26.51
N ILE I 439 106.14 -60.98 -26.68
CA ILE I 439 106.79 -59.67 -26.67
C ILE I 439 107.06 -59.15 -28.07
N GLU I 440 107.54 -59.97 -29.00
CA GLU I 440 107.92 -59.44 -30.30
C GLU I 440 106.71 -59.00 -31.12
N ASN I 441 105.61 -59.76 -31.05
CA ASN I 441 104.44 -59.48 -31.87
C ASN I 441 103.34 -58.77 -31.12
N ILE I 442 103.22 -59.00 -29.81
CA ILE I 442 102.07 -58.51 -29.07
C ILE I 442 102.45 -57.28 -28.26
N TYR I 443 103.40 -57.43 -27.34
CA TYR I 443 103.76 -56.31 -26.46
C TYR I 443 104.50 -55.22 -27.22
N LEU I 444 105.53 -55.59 -27.98
CA LEU I 444 106.44 -54.63 -28.56
C LEU I 444 105.70 -53.62 -29.44
N PRO I 445 104.88 -54.07 -30.39
CA PRO I 445 104.14 -53.10 -31.22
C PRO I 445 103.01 -52.39 -30.49
N ALA I 446 102.47 -52.99 -29.43
CA ALA I 446 101.26 -52.44 -28.81
C ALA I 446 101.59 -51.31 -27.85
N ALA I 447 102.66 -51.44 -27.07
CA ALA I 447 102.96 -50.48 -26.01
C ALA I 447 103.72 -49.26 -26.51
N GLN I 448 103.99 -49.18 -27.82
CA GLN I 448 104.60 -47.99 -28.39
C GLN I 448 103.59 -46.89 -28.68
N THR I 449 102.29 -47.16 -28.51
CA THR I 449 101.29 -46.17 -28.82
C THR I 449 101.12 -45.19 -27.66
N MET I 450 100.46 -44.08 -27.94
CA MET I 450 100.15 -43.06 -26.95
C MET I 450 98.73 -43.17 -26.44
N ASN I 451 98.11 -44.33 -26.59
CA ASN I 451 96.74 -44.56 -26.14
C ASN I 451 96.62 -45.97 -25.62
N SER I 452 96.16 -46.10 -24.38
CA SER I 452 96.00 -47.43 -23.78
C SER I 452 95.01 -48.27 -24.56
N GLY I 453 94.00 -47.64 -25.17
CA GLY I 453 93.05 -48.38 -25.98
C GLY I 453 93.70 -48.98 -27.21
N THR I 454 94.70 -48.30 -27.78
CA THR I 454 95.42 -48.86 -28.91
C THR I 454 96.41 -49.93 -28.49
N PHE I 455 97.03 -49.79 -27.31
CA PHE I 455 97.81 -50.89 -26.77
C PHE I 455 96.96 -52.14 -26.64
N ASN I 456 95.81 -52.01 -25.99
CA ASN I 456 94.94 -53.17 -25.79
C ASN I 456 94.36 -53.66 -27.11
N THR I 457 94.10 -52.77 -28.06
CA THR I 457 93.53 -53.20 -29.34
C THR I 457 94.54 -54.00 -30.15
N THR I 458 95.77 -53.49 -30.26
CA THR I 458 96.83 -54.24 -30.92
C THR I 458 97.04 -55.58 -30.23
N VAL I 459 97.13 -55.55 -28.90
CA VAL I 459 97.32 -56.78 -28.14
C VAL I 459 96.21 -57.77 -28.43
N ASP I 460 94.95 -57.30 -28.43
CA ASP I 460 93.83 -58.21 -28.55
C ASP I 460 93.68 -58.74 -29.97
N ILE I 461 94.00 -57.94 -30.98
CA ILE I 461 94.00 -58.44 -32.35
C ILE I 461 95.03 -59.55 -32.49
N LYS I 462 96.26 -59.27 -32.04
CA LYS I 462 97.32 -60.27 -32.15
C LYS I 462 96.98 -61.50 -31.32
N LEU I 463 96.37 -61.30 -30.15
CA LEU I 463 96.01 -62.43 -29.28
C LEU I 463 94.90 -63.26 -29.89
N LYS I 464 93.90 -62.63 -30.51
CA LYS I 464 92.86 -63.44 -31.14
C LYS I 464 93.44 -64.30 -32.24
N GLN I 465 94.26 -63.69 -33.10
CA GLN I 465 94.86 -64.43 -34.20
C GLN I 465 95.77 -65.54 -33.68
N TRP I 466 96.55 -65.22 -32.63
CA TRP I 466 97.54 -66.15 -32.07
C TRP I 466 96.88 -67.28 -31.29
N THR I 467 95.91 -66.96 -30.43
CA THR I 467 95.19 -67.97 -29.66
C THR I 467 94.37 -68.87 -30.55
N ASP I 468 94.01 -68.40 -31.75
CA ASP I 468 93.28 -69.27 -32.65
C ASP I 468 94.20 -70.11 -33.54
N LYS I 469 95.33 -69.56 -33.99
CA LYS I 469 96.14 -70.25 -34.99
C LYS I 469 97.31 -71.04 -34.41
N GLN I 470 98.29 -70.35 -33.80
CA GLN I 470 99.52 -71.01 -33.40
C GLN I 470 99.45 -71.52 -31.97
N LEU I 471 98.99 -70.68 -31.04
CA LEU I 471 99.15 -70.97 -29.62
C LEU I 471 98.59 -72.32 -29.21
N PRO I 472 97.37 -72.71 -29.62
CA PRO I 472 96.88 -74.05 -29.24
C PRO I 472 97.74 -75.17 -29.79
N ASN I 473 98.21 -75.05 -31.03
CA ASN I 473 99.06 -76.08 -31.61
C ASN I 473 100.37 -76.19 -30.84
N LYS I 474 100.95 -75.05 -30.48
CA LYS I 474 102.17 -75.05 -29.69
C LYS I 474 101.94 -75.69 -28.33
N ALA I 475 100.80 -75.41 -27.70
CA ALA I 475 100.51 -76.00 -26.40
C ALA I 475 100.35 -77.52 -26.52
N VAL I 476 99.71 -78.00 -27.58
CA VAL I 476 99.54 -79.43 -27.77
C VAL I 476 100.90 -80.09 -28.00
N GLU I 477 101.76 -79.46 -28.78
CA GLU I 477 103.11 -79.97 -28.97
C GLU I 477 103.86 -80.03 -27.64
N VAL I 478 103.71 -78.99 -26.82
CA VAL I 478 104.38 -78.97 -25.52
C VAL I 478 103.90 -80.12 -24.65
N ALA I 479 102.59 -80.36 -24.63
CA ALA I 479 102.06 -81.45 -23.81
C ALA I 479 102.55 -82.80 -24.30
N TRP I 480 102.52 -83.03 -25.62
CA TRP I 480 103.02 -84.29 -26.16
C TRP I 480 104.47 -84.52 -25.74
N GLU I 481 105.33 -83.52 -25.97
CA GLU I 481 106.73 -83.70 -25.65
C GLU I 481 106.95 -83.81 -24.15
N THR I 482 106.15 -83.13 -23.34
CA THR I 482 106.27 -83.27 -21.89
C THR I 482 106.00 -84.70 -21.47
N LEU I 483 104.91 -85.29 -21.96
CA LEU I 483 104.61 -86.66 -21.57
C LEU I 483 105.68 -87.62 -22.05
N GLN I 484 106.11 -87.48 -23.31
CA GLN I 484 107.09 -88.43 -23.84
C GLN I 484 108.44 -88.25 -23.15
N GLU I 485 108.81 -87.03 -22.78
CA GLU I 485 110.09 -86.79 -22.13
C GLU I 485 110.09 -87.30 -20.70
N GLU I 486 109.00 -87.08 -19.96
CA GLU I 486 108.93 -87.64 -18.62
C GLU I 486 108.93 -89.16 -18.66
N PHE I 487 108.22 -89.75 -19.63
CA PHE I 487 108.29 -91.19 -19.80
C PHE I 487 109.72 -91.65 -20.07
N SER I 488 110.42 -90.95 -20.96
CA SER I 488 111.81 -91.30 -21.23
C SER I 488 112.66 -91.19 -19.96
N ARG I 489 112.45 -90.14 -19.18
CA ARG I 489 113.23 -89.97 -17.95
C ARG I 489 113.01 -91.10 -16.98
N PHE I 490 111.75 -91.53 -16.79
CA PHE I 490 111.48 -92.65 -15.91
C PHE I 490 112.12 -93.93 -16.43
N MET I 491 112.21 -94.08 -17.76
CA MET I 491 112.79 -95.27 -18.35
C MET I 491 114.31 -95.33 -18.27
N THR I 492 114.98 -94.22 -17.96
CA THR I 492 116.42 -94.13 -18.16
C THR I 492 117.23 -93.55 -17.00
N GLU I 493 116.58 -93.03 -15.96
CA GLU I 493 117.31 -92.33 -14.91
C GLU I 493 118.38 -93.25 -14.29
N PRO I 494 119.65 -92.82 -14.24
CA PRO I 494 120.69 -93.60 -13.51
C PRO I 494 120.60 -93.38 -12.01
N LYS I 495 119.69 -94.13 -11.37
CA LYS I 495 119.33 -93.85 -9.99
C LYS I 495 120.42 -94.29 -9.02
N GLY I 496 121.56 -93.61 -9.08
CA GLY I 496 122.62 -93.85 -8.11
C GLY I 496 123.04 -95.30 -8.12
N LYS I 497 123.07 -95.90 -6.93
CA LYS I 497 123.47 -97.29 -6.76
C LYS I 497 122.32 -98.26 -6.99
N GLU I 498 121.10 -97.76 -7.16
CA GLU I 498 119.93 -98.59 -7.37
C GLU I 498 119.68 -98.89 -8.84
N HIS I 499 120.52 -98.37 -9.73
CA HIS I 499 120.36 -98.62 -11.16
C HIS I 499 120.95 -99.96 -11.58
N ASP I 500 120.28 -100.62 -12.51
CA ASP I 500 120.75 -101.87 -13.10
C ASP I 500 121.00 -101.66 -14.58
N ASP I 501 122.24 -101.88 -15.03
CA ASP I 501 122.57 -101.70 -16.43
C ASP I 501 121.93 -102.79 -17.30
N ILE I 502 121.82 -104.02 -16.77
CA ILE I 502 121.44 -105.15 -17.61
C ILE I 502 120.08 -104.91 -18.26
N PHE I 503 119.15 -104.34 -17.52
CA PHE I 503 117.80 -104.13 -18.05
C PHE I 503 117.75 -103.01 -19.08
N ASP I 504 118.80 -102.17 -19.15
CA ASP I 504 118.72 -100.95 -19.95
C ASP I 504 118.34 -101.24 -21.39
N LYS I 505 118.85 -102.34 -21.96
CA LYS I 505 118.56 -102.64 -23.35
C LYS I 505 117.07 -102.68 -23.61
N LEU I 506 116.30 -103.33 -22.73
CA LEU I 506 114.86 -103.34 -22.93
C LEU I 506 114.27 -101.95 -22.77
N LYS I 507 114.74 -101.21 -21.77
CA LYS I 507 114.19 -99.88 -21.51
C LYS I 507 114.25 -99.01 -22.75
N GLU I 508 115.30 -99.18 -23.57
CA GLU I 508 115.41 -98.39 -24.79
C GLU I 508 114.45 -98.89 -25.86
N ALA I 509 114.33 -100.21 -26.02
CA ALA I 509 113.48 -100.75 -27.07
C ALA I 509 112.01 -100.43 -26.82
N VAL I 510 111.56 -100.57 -25.57
CA VAL I 510 110.18 -100.26 -25.24
C VAL I 510 109.93 -98.76 -25.33
N LYS I 511 110.83 -97.96 -24.74
CA LYS I 511 110.64 -96.52 -24.72
C LYS I 511 110.36 -95.99 -26.11
N GLU I 512 111.12 -96.47 -27.10
CA GLU I 512 110.89 -96.06 -28.47
C GLU I 512 109.50 -96.50 -28.93
N GLU I 513 109.18 -97.78 -28.78
CA GLU I 513 107.93 -98.29 -29.33
C GLU I 513 106.72 -97.69 -28.63
N SER I 514 106.75 -97.63 -27.30
CA SER I 514 105.59 -97.15 -26.57
C SER I 514 105.22 -95.74 -26.99
N ILE I 515 106.23 -94.91 -27.30
CA ILE I 515 105.96 -93.55 -27.73
C ILE I 515 105.23 -93.56 -29.07
N LYS I 516 105.69 -94.39 -30.01
CA LYS I 516 105.11 -94.39 -31.35
C LYS I 516 103.68 -94.92 -31.35
N ARG I 517 103.32 -95.76 -30.38
CA ARG I 517 101.95 -96.26 -30.31
C ARG I 517 101.01 -95.31 -29.60
N HIS I 518 101.48 -94.17 -29.15
CA HIS I 518 100.64 -93.15 -28.52
C HIS I 518 100.49 -91.95 -29.43
N LYS I 519 99.31 -91.34 -29.41
CA LYS I 519 99.05 -90.08 -30.09
C LYS I 519 98.24 -89.20 -29.16
N TRP I 520 98.50 -87.90 -29.20
CA TRP I 520 97.75 -86.96 -28.40
C TRP I 520 96.46 -86.58 -29.13
N ASN I 521 95.36 -86.48 -28.39
CA ASN I 521 94.08 -86.17 -28.99
C ASN I 521 94.11 -84.74 -29.54
N ASP I 522 94.00 -84.62 -30.87
CA ASP I 522 94.15 -83.33 -31.52
C ASP I 522 93.06 -82.34 -31.12
N PHE I 523 91.88 -82.82 -30.72
CA PHE I 523 90.80 -81.92 -30.33
C PHE I 523 91.24 -80.91 -29.29
N ALA I 524 92.29 -81.21 -28.53
CA ALA I 524 92.76 -80.27 -27.52
C ALA I 524 92.98 -78.89 -28.13
N GLU I 525 93.46 -78.83 -29.37
CA GLU I 525 93.75 -77.54 -29.98
C GLU I 525 92.53 -76.63 -29.91
N ASP I 526 91.34 -77.17 -30.16
CA ASP I 526 90.15 -76.34 -30.07
C ASP I 526 89.79 -76.02 -28.63
N SER I 527 89.84 -77.03 -27.74
CA SER I 527 89.50 -76.77 -26.36
C SER I 527 90.41 -75.70 -25.78
N LEU I 528 91.72 -75.85 -26.00
CA LEU I 528 92.66 -74.86 -25.52
C LEU I 528 92.29 -73.47 -26.04
N ARG I 529 91.90 -73.38 -27.31
CA ARG I 529 91.52 -72.07 -27.85
C ARG I 529 90.49 -71.40 -26.96
N VAL I 530 89.44 -72.13 -26.57
CA VAL I 530 88.47 -71.55 -25.66
C VAL I 530 89.13 -71.25 -24.32
N ILE I 531 89.78 -72.26 -23.74
CA ILE I 531 90.29 -72.12 -22.38
C ILE I 531 91.27 -70.97 -22.30
N GLN I 532 92.22 -70.93 -23.23
CA GLN I 532 93.18 -69.84 -23.25
C GLN I 532 92.47 -68.50 -23.26
N HIS I 533 91.49 -68.33 -24.15
CA HIS I 533 90.79 -67.06 -24.21
C HIS I 533 90.27 -66.68 -22.84
N ASN I 534 89.64 -67.63 -22.15
CA ASN I 534 89.04 -67.33 -20.86
C ASN I 534 90.08 -66.79 -19.90
N ALA I 535 91.25 -67.42 -19.84
CA ALA I 535 92.27 -66.94 -18.92
C ALA I 535 92.71 -65.54 -19.28
N LEU I 536 92.85 -65.25 -20.58
CA LEU I 536 93.14 -63.88 -20.99
C LEU I 536 91.96 -62.97 -20.70
N GLU I 537 90.74 -63.50 -20.84
CA GLU I 537 89.55 -62.66 -20.85
C GLU I 537 89.47 -61.80 -19.59
N ASP I 538 89.98 -62.30 -18.47
CA ASP I 538 90.02 -61.52 -17.23
C ASP I 538 91.09 -60.45 -17.38
N ARG I 539 90.64 -59.22 -17.67
CA ARG I 539 91.51 -58.06 -17.79
C ARG I 539 91.50 -57.20 -16.54
N SER I 540 90.80 -57.62 -15.50
CA SER I 540 90.47 -56.76 -14.36
C SER I 540 91.36 -57.12 -13.18
N ILE I 541 92.25 -56.20 -12.83
CA ILE I 541 93.08 -56.30 -11.63
C ILE I 541 92.35 -55.50 -10.55
N SER I 542 91.68 -56.20 -9.64
CA SER I 542 90.76 -55.56 -8.71
C SER I 542 91.43 -55.01 -7.46
N ASP I 543 92.64 -55.45 -7.12
CA ASP I 543 93.23 -55.08 -5.83
C ASP I 543 94.75 -55.06 -5.94
N LYS I 544 95.38 -54.71 -4.82
CA LYS I 544 96.84 -54.55 -4.77
C LYS I 544 97.57 -55.87 -5.03
N GLN I 545 97.03 -56.99 -4.52
CA GLN I 545 97.74 -58.25 -4.63
C GLN I 545 97.91 -58.68 -6.08
N GLN I 546 96.82 -58.62 -6.86
CA GLN I 546 96.92 -58.96 -8.28
C GLN I 546 97.67 -57.90 -9.06
N TRP I 547 97.62 -56.65 -8.60
CA TRP I 547 98.43 -55.61 -9.21
C TRP I 547 99.91 -55.96 -9.10
N ASP I 548 100.33 -56.41 -7.92
CA ASP I 548 101.72 -56.78 -7.70
C ASP I 548 102.10 -58.04 -8.47
N ALA I 549 101.21 -59.04 -8.51
CA ALA I 549 101.51 -60.23 -9.31
C ALA I 549 101.68 -59.86 -10.78
N ALA I 550 100.80 -58.99 -11.27
CA ALA I 550 100.86 -58.54 -12.65
C ALA I 550 102.16 -57.81 -12.94
N ILE I 551 102.54 -56.89 -12.05
CA ILE I 551 103.79 -56.15 -12.25
C ILE I 551 104.97 -57.10 -12.18
N TYR I 552 104.92 -58.09 -11.29
CA TYR I 552 106.00 -59.07 -11.24
C TYR I 552 106.18 -59.79 -12.57
N PHE I 553 105.09 -60.33 -13.12
CA PHE I 553 105.27 -61.08 -14.37
C PHE I 553 105.72 -60.16 -15.50
N MET I 554 105.17 -58.94 -15.55
CA MET I 554 105.61 -57.99 -16.58
C MET I 554 107.09 -57.66 -16.43
N GLU I 555 107.55 -57.44 -15.20
CA GLU I 555 108.95 -57.16 -14.98
C GLU I 555 109.82 -58.33 -15.41
N GLU I 556 109.41 -59.55 -15.06
CA GLU I 556 110.22 -60.72 -15.42
C GLU I 556 110.32 -60.86 -16.94
N ALA I 557 109.18 -60.84 -17.61
CA ALA I 557 109.16 -61.06 -19.05
C ALA I 557 109.93 -59.98 -19.79
N LEU I 558 109.80 -58.72 -19.35
CA LEU I 558 110.50 -57.64 -20.04
C LEU I 558 111.99 -57.60 -19.68
N GLN I 559 112.35 -57.99 -18.45
CA GLN I 559 113.76 -58.01 -18.07
C GLN I 559 114.53 -59.06 -18.84
N ALA I 560 113.92 -60.22 -19.10
CA ALA I 560 114.63 -61.22 -19.90
C ALA I 560 115.02 -60.66 -21.26
N ARG I 561 114.05 -60.05 -21.96
CA ARG I 561 114.33 -59.51 -23.28
C ARG I 561 115.27 -58.32 -23.21
N LEU I 562 115.16 -57.51 -22.16
CA LEU I 562 116.06 -56.38 -22.00
C LEU I 562 117.50 -56.86 -21.81
N LYS I 563 117.70 -57.91 -21.03
CA LYS I 563 119.04 -58.44 -20.84
C LYS I 563 119.59 -59.00 -22.16
N ASP I 564 118.75 -59.68 -22.94
CA ASP I 564 119.20 -60.16 -24.24
C ASP I 564 119.61 -59.00 -25.14
N THR I 565 118.77 -57.95 -25.19
CA THR I 565 119.08 -56.80 -26.02
C THR I 565 120.35 -56.11 -25.55
N GLU I 566 120.55 -56.01 -24.24
CA GLU I 566 121.74 -55.36 -23.71
C GLU I 566 122.99 -56.15 -24.03
N ASN I 567 122.93 -57.48 -23.96
CA ASN I 567 124.09 -58.26 -24.35
C ASN I 567 124.41 -58.06 -25.83
N ALA I 568 123.37 -58.07 -26.68
CA ALA I 568 123.60 -57.84 -28.09
C ALA I 568 124.21 -56.46 -28.33
N ILE I 569 123.71 -55.45 -27.61
CA ILE I 569 124.21 -54.09 -27.80
C ILE I 569 125.63 -53.96 -27.29
N GLU I 570 125.97 -54.63 -26.19
CA GLU I 570 127.35 -54.57 -25.70
C GLU I 570 128.30 -55.19 -26.70
N ASN I 571 127.93 -56.34 -27.29
CA ASN I 571 128.80 -56.92 -28.32
C ASN I 571 128.88 -56.01 -29.54
N MET I 572 127.77 -55.37 -29.90
CA MET I 572 127.70 -54.59 -31.13
C MET I 572 128.48 -53.28 -31.00
N VAL I 573 128.38 -52.63 -29.83
CA VAL I 573 128.97 -51.31 -29.64
C VAL I 573 130.39 -51.39 -29.11
N GLY I 574 130.67 -52.36 -28.24
CA GLY I 574 132.01 -52.57 -27.73
C GLY I 574 132.14 -52.21 -26.26
N PRO I 575 133.34 -52.39 -25.71
CA PRO I 575 133.56 -52.15 -24.29
C PRO I 575 133.46 -50.68 -23.92
N ASP I 576 133.30 -50.45 -22.62
CA ASP I 576 133.28 -49.12 -22.06
C ASP I 576 134.71 -48.58 -22.00
N TRP I 577 134.85 -47.28 -21.69
CA TRP I 577 136.17 -46.69 -21.60
C TRP I 577 136.99 -47.33 -20.48
N LYS I 578 136.33 -47.66 -19.37
CA LYS I 578 137.02 -48.26 -18.24
C LYS I 578 137.75 -49.52 -18.67
N LYS I 579 137.08 -50.35 -19.47
CA LYS I 579 137.71 -51.55 -19.99
C LYS I 579 138.84 -51.18 -20.94
N ARG I 580 138.64 -50.12 -21.74
CA ARG I 580 139.59 -49.78 -22.78
C ARG I 580 140.94 -49.37 -22.20
N TRP I 581 140.97 -48.69 -21.05
CA TRP I 581 142.24 -48.39 -20.39
C TRP I 581 142.63 -49.30 -19.24
N LEU I 582 141.71 -49.99 -18.58
CA LEU I 582 142.13 -50.85 -17.47
C LEU I 582 142.47 -52.27 -17.93
N TYR I 583 141.72 -52.81 -18.89
CA TYR I 583 141.99 -54.13 -19.44
C TYR I 583 142.40 -54.06 -20.90
N TRP I 584 142.59 -52.85 -21.44
CA TRP I 584 143.04 -52.66 -22.81
C TRP I 584 142.10 -53.34 -23.80
N LYS I 585 140.81 -53.26 -23.52
CA LYS I 585 139.78 -53.78 -24.42
C LYS I 585 139.49 -52.71 -25.46
N ASN I 586 140.41 -52.58 -26.41
CA ASN I 586 140.26 -51.60 -27.47
C ASN I 586 139.12 -51.99 -28.40
N ARG I 587 138.39 -50.99 -28.88
CA ARG I 587 137.26 -51.22 -29.75
C ARG I 587 137.70 -51.45 -31.18
N THR I 588 136.86 -52.16 -31.93
CA THR I 588 137.04 -52.30 -33.36
C THR I 588 136.43 -51.10 -34.09
N GLN I 589 136.75 -50.98 -35.37
CA GLN I 589 136.19 -49.90 -36.18
C GLN I 589 134.67 -50.00 -36.25
N GLU I 590 134.15 -51.22 -36.43
CA GLU I 590 132.70 -51.40 -36.43
C GLU I 590 132.11 -50.99 -35.10
N GLN I 591 132.77 -51.36 -34.00
CA GLN I 591 132.26 -51.00 -32.69
C GLN I 591 132.22 -49.49 -32.50
N CYS I 592 133.26 -48.78 -32.95
CA CYS I 592 133.25 -47.32 -32.86
C CYS I 592 132.12 -46.72 -33.69
N VAL I 593 131.93 -47.21 -34.91
CA VAL I 593 130.86 -46.70 -35.76
C VAL I 593 129.51 -46.93 -35.09
N HIS I 594 129.30 -48.15 -34.59
CA HIS I 594 128.06 -48.50 -33.91
C HIS I 594 127.86 -47.63 -32.68
N ASN I 595 128.94 -47.33 -31.96
CA ASN I 595 128.84 -46.48 -30.78
C ASN I 595 128.36 -45.08 -31.15
N GLU I 596 128.92 -44.51 -32.22
CA GLU I 596 128.51 -43.17 -32.62
C GLU I 596 127.07 -43.15 -33.13
N THR I 597 126.68 -44.16 -33.91
CA THR I 597 125.29 -44.24 -34.35
C THR I 597 124.33 -44.39 -33.17
N LYS I 598 124.72 -45.21 -32.19
CA LYS I 598 123.94 -45.35 -30.98
C LYS I 598 123.83 -44.03 -30.24
N ASN I 599 124.92 -43.26 -30.20
CA ASN I 599 124.88 -41.96 -29.53
C ASN I 599 123.89 -41.03 -30.23
N GLU I 600 123.86 -41.06 -31.56
CA GLU I 600 122.88 -40.26 -32.29
C GLU I 600 121.45 -40.66 -31.93
N LEU I 601 121.16 -41.97 -32.02
CA LEU I 601 119.80 -42.43 -31.76
C LEU I 601 119.42 -42.19 -30.31
N GLU I 602 120.40 -42.30 -29.42
CA GLU I 602 120.14 -42.16 -28.00
C GLU I 602 119.95 -40.72 -27.59
N LYS I 603 120.65 -39.77 -28.20
CA LYS I 603 120.30 -38.38 -27.90
C LYS I 603 118.88 -38.14 -28.36
N MET I 604 118.50 -38.68 -29.53
CA MET I 604 117.13 -38.48 -29.99
C MET I 604 116.14 -39.01 -28.96
N LEU I 605 116.36 -40.24 -28.49
CA LEU I 605 115.42 -40.85 -27.55
C LEU I 605 115.46 -40.18 -26.17
N LYS I 606 116.63 -39.72 -25.73
CA LYS I 606 116.73 -39.01 -24.46
C LYS I 606 115.96 -37.70 -24.51
N CYS I 607 116.06 -36.97 -25.61
CA CYS I 607 115.30 -35.73 -25.75
C CYS I 607 113.81 -36.02 -25.81
N ASN I 608 113.42 -37.12 -26.44
CA ASN I 608 112.00 -37.48 -26.62
C ASN I 608 111.87 -38.98 -26.44
N GLU I 609 111.45 -39.41 -25.25
CA GLU I 609 111.23 -40.83 -24.96
C GLU I 609 110.00 -41.39 -25.67
N GLU I 610 109.15 -40.53 -26.22
CA GLU I 610 107.91 -40.96 -26.86
C GLU I 610 108.10 -41.37 -28.31
N HIS I 611 109.31 -41.27 -28.84
CA HIS I 611 109.51 -41.53 -30.26
C HIS I 611 109.15 -42.97 -30.56
N PRO I 612 108.40 -43.23 -31.64
CA PRO I 612 108.06 -44.60 -31.99
C PRO I 612 109.24 -45.33 -32.62
N ALA I 613 109.06 -46.64 -32.81
CA ALA I 613 110.14 -47.46 -33.36
C ALA I 613 110.54 -46.99 -34.75
N TYR I 614 109.58 -46.61 -35.60
CA TYR I 614 109.86 -46.42 -37.01
C TYR I 614 110.21 -44.97 -37.31
N LEU I 615 111.36 -44.78 -37.93
CA LEU I 615 111.86 -43.48 -38.36
C LEU I 615 111.47 -43.23 -39.80
N ALA I 616 111.68 -41.99 -40.24
CA ALA I 616 111.58 -41.67 -41.65
C ALA I 616 112.83 -42.15 -42.39
N SER I 617 112.68 -42.42 -43.68
CA SER I 617 113.86 -42.74 -44.50
C SER I 617 114.78 -41.53 -44.61
N ASP I 618 114.21 -40.33 -44.75
CA ASP I 618 115.02 -39.13 -44.71
C ASP I 618 115.68 -38.96 -43.35
N GLU I 619 115.06 -39.47 -42.28
CA GLU I 619 115.73 -39.49 -40.98
C GLU I 619 116.95 -40.41 -41.02
N ILE I 620 116.84 -41.55 -41.71
CA ILE I 620 118.00 -42.42 -41.90
C ILE I 620 119.10 -41.67 -42.63
N THR I 621 118.72 -40.94 -43.69
CA THR I 621 119.70 -40.16 -44.43
C THR I 621 120.33 -39.08 -43.56
N THR I 622 119.52 -38.43 -42.72
CA THR I 622 120.04 -37.41 -41.81
C THR I 622 121.03 -38.01 -40.83
N VAL I 623 120.71 -39.18 -40.28
CA VAL I 623 121.63 -39.85 -39.37
C VAL I 623 122.93 -40.18 -40.09
N ARG I 624 122.84 -40.71 -41.32
CA ARG I 624 124.04 -41.00 -42.08
C ARG I 624 124.85 -39.73 -42.27
N LYS I 625 124.17 -38.63 -42.61
CA LYS I 625 124.85 -37.40 -42.93
C LYS I 625 125.58 -36.84 -41.72
N ASN I 626 124.92 -36.82 -40.56
CA ASN I 626 125.56 -36.33 -39.35
C ASN I 626 126.74 -37.22 -38.95
N LEU I 627 126.55 -38.54 -39.00
CA LEU I 627 127.63 -39.46 -38.64
C LEU I 627 128.82 -39.28 -39.58
N GLU I 628 128.55 -39.13 -40.87
CA GLU I 628 129.60 -38.88 -41.85
C GLU I 628 130.28 -37.55 -41.59
N SER I 629 129.50 -36.52 -41.23
CA SER I 629 130.07 -35.21 -40.99
C SER I 629 131.03 -35.23 -39.80
N ARG I 630 130.65 -35.89 -38.71
CA ARG I 630 131.57 -36.02 -37.60
C ARG I 630 132.75 -36.90 -37.96
N GLY I 631 132.57 -37.81 -38.92
CA GLY I 631 133.64 -38.66 -39.37
C GLY I 631 133.39 -40.14 -39.12
N VAL I 632 132.12 -40.53 -39.17
CA VAL I 632 131.71 -41.92 -38.96
C VAL I 632 131.05 -42.42 -40.24
N GLU I 633 131.52 -43.56 -40.72
CA GLU I 633 130.97 -44.18 -41.93
C GLU I 633 129.74 -44.99 -41.54
N VAL I 634 128.60 -44.69 -42.16
CA VAL I 634 127.34 -45.32 -41.80
C VAL I 634 126.46 -45.44 -43.04
N ASP I 635 125.66 -46.50 -43.07
CA ASP I 635 124.75 -46.81 -44.17
C ASP I 635 123.40 -47.18 -43.58
N PRO I 636 122.34 -47.18 -44.39
CA PRO I 636 120.99 -47.39 -43.84
C PRO I 636 120.83 -48.71 -43.10
N SER I 637 121.61 -49.73 -43.46
CA SER I 637 121.46 -51.03 -42.81
C SER I 637 122.07 -51.04 -41.42
N LEU I 638 123.22 -50.40 -41.26
CA LEU I 638 123.80 -50.24 -39.92
C LEU I 638 122.84 -49.46 -39.03
N ILE I 639 122.24 -48.40 -39.56
CA ILE I 639 121.31 -47.61 -38.75
C ILE I 639 120.09 -48.43 -38.39
N LYS I 640 119.57 -49.24 -39.34
CA LYS I 640 118.36 -49.99 -39.01
C LYS I 640 118.62 -51.07 -37.97
N ASP I 641 119.76 -51.76 -38.05
CA ASP I 641 120.07 -52.75 -37.02
C ASP I 641 120.33 -52.10 -35.68
N THR I 642 121.14 -51.04 -35.66
CA THR I 642 121.43 -50.34 -34.42
C THR I 642 120.16 -49.80 -33.81
N TRP I 643 119.32 -49.24 -34.69
CA TRP I 643 118.03 -48.66 -34.32
C TRP I 643 117.16 -49.74 -33.69
N HIS I 644 117.05 -50.90 -34.29
CA HIS I 644 116.19 -51.95 -33.76
C HIS I 644 116.64 -52.31 -32.35
N GLN I 645 117.92 -52.61 -32.18
CA GLN I 645 118.38 -53.01 -30.84
C GLN I 645 118.23 -51.87 -29.84
N VAL I 646 118.60 -50.65 -30.23
CA VAL I 646 118.59 -49.53 -29.32
C VAL I 646 117.18 -49.15 -28.90
N TYR I 647 116.26 -49.11 -29.86
CA TYR I 647 114.88 -48.77 -29.55
C TYR I 647 114.24 -49.85 -28.70
N ARG I 648 114.56 -51.13 -28.94
CA ARG I 648 114.01 -52.16 -28.07
C ARG I 648 114.56 -52.01 -26.65
N ARG I 649 115.85 -51.69 -26.51
CA ARG I 649 116.40 -51.48 -25.18
C ARG I 649 115.70 -50.30 -24.49
N HIS I 650 115.56 -49.18 -25.20
CA HIS I 650 114.85 -48.02 -24.67
C HIS I 650 113.44 -48.39 -24.27
N PHE I 651 112.73 -49.10 -25.15
CA PHE I 651 111.35 -49.51 -24.92
C PHE I 651 111.23 -50.35 -23.65
N LEU I 652 112.08 -51.37 -23.52
CA LEU I 652 111.96 -52.28 -22.39
C LEU I 652 112.39 -51.61 -21.09
N LYS I 653 113.44 -50.79 -21.12
CA LYS I 653 113.88 -50.12 -19.90
C LYS I 653 112.88 -49.05 -19.47
N THR I 654 112.25 -48.38 -20.44
CA THR I 654 111.17 -47.45 -20.13
C THR I 654 110.00 -48.21 -19.52
N ALA I 655 109.70 -49.40 -20.04
CA ALA I 655 108.65 -50.22 -19.46
C ALA I 655 108.96 -50.58 -18.01
N LEU I 656 110.24 -50.87 -17.71
CA LEU I 656 110.59 -51.22 -16.33
C LEU I 656 110.59 -49.99 -15.41
N ASN I 657 110.95 -48.81 -15.92
CA ASN I 657 110.77 -47.60 -15.13
C ASN I 657 109.29 -47.34 -14.88
N HIS I 658 108.46 -47.66 -15.88
CA HIS I 658 107.02 -47.57 -15.71
C HIS I 658 106.54 -48.60 -14.69
N CYS I 659 107.23 -49.74 -14.59
CA CYS I 659 106.97 -50.66 -13.48
C CYS I 659 107.27 -49.99 -12.15
N ASN I 660 108.41 -49.32 -12.06
CA ASN I 660 108.79 -48.64 -10.83
C ASN I 660 107.75 -47.61 -10.43
N LEU I 661 107.13 -46.95 -11.41
CA LEU I 661 106.09 -45.97 -11.11
C LEU I 661 104.72 -46.61 -10.84
N CYS I 662 104.40 -47.72 -11.53
CA CYS I 662 103.16 -48.42 -11.26
C CYS I 662 103.12 -48.96 -9.84
N ARG I 663 104.28 -49.42 -9.35
CA ARG I 663 104.33 -49.95 -7.99
C ARG I 663 103.72 -48.99 -6.98
N ARG I 664 103.67 -47.69 -7.31
CA ARG I 664 103.09 -46.70 -6.43
C ARG I 664 102.18 -45.75 -7.21
N GLY I 665 101.37 -46.30 -8.12
CA GLY I 665 100.41 -45.47 -8.81
C GLY I 665 98.97 -45.93 -8.65
N PHE I 666 98.21 -45.19 -7.84
CA PHE I 666 96.77 -45.37 -7.72
C PHE I 666 95.99 -44.07 -7.61
N TYR I 667 96.59 -42.98 -7.13
CA TYR I 667 95.87 -41.74 -6.89
C TYR I 667 95.39 -41.14 -8.20
N TYR I 668 96.22 -41.23 -9.24
CA TYR I 668 95.92 -40.58 -10.51
C TYR I 668 94.55 -40.98 -11.01
N TYR I 669 94.19 -42.24 -10.82
CA TYR I 669 92.97 -42.79 -11.38
C TYR I 669 91.77 -42.49 -10.48
N GLN I 670 92.02 -42.30 -9.18
CA GLN I 670 90.97 -41.77 -8.31
C GLN I 670 90.61 -40.35 -8.70
N ARG I 671 91.60 -39.54 -9.07
CA ARG I 671 91.36 -38.13 -9.33
C ARG I 671 91.06 -37.79 -10.79
N HIS I 672 91.38 -38.67 -11.74
CA HIS I 672 91.21 -38.37 -13.15
C HIS I 672 91.98 -37.11 -13.54
N PHE I 673 93.17 -36.94 -12.95
CA PHE I 673 93.96 -35.72 -13.16
C PHE I 673 94.49 -35.69 -14.59
N VAL I 674 94.35 -34.54 -15.25
CA VAL I 674 94.57 -34.47 -16.69
C VAL I 674 96.05 -34.46 -17.07
N ASP I 675 96.94 -33.97 -16.22
CA ASP I 675 98.35 -33.86 -16.56
C ASP I 675 99.12 -35.15 -16.33
N SER I 676 98.44 -36.25 -16.00
CA SER I 676 99.07 -37.49 -15.60
C SER I 676 99.44 -38.30 -16.84
N GLU I 677 100.74 -38.44 -17.10
CA GLU I 677 101.20 -39.30 -18.19
C GLU I 677 101.02 -40.78 -17.86
N LEU I 678 101.28 -41.16 -16.61
CA LEU I 678 101.33 -42.57 -16.24
C LEU I 678 99.98 -43.24 -16.45
N GLU I 679 99.96 -44.29 -17.28
CA GLU I 679 98.83 -45.20 -17.40
C GLU I 679 99.38 -46.62 -17.43
N CYS I 680 98.98 -47.41 -16.43
CA CYS I 680 99.59 -48.72 -16.17
C CYS I 680 98.71 -49.83 -16.75
N ASN I 681 98.80 -50.03 -18.06
CA ASN I 681 97.97 -51.03 -18.75
C ASN I 681 98.74 -52.25 -19.22
N ASP I 682 100.07 -52.16 -19.37
CA ASP I 682 100.86 -53.33 -19.74
C ASP I 682 100.80 -54.39 -18.65
N VAL I 683 100.61 -53.93 -17.41
CA VAL I 683 100.51 -54.81 -16.25
C VAL I 683 99.39 -55.81 -16.47
N VAL I 684 98.26 -55.36 -17.01
CA VAL I 684 97.13 -56.24 -17.25
C VAL I 684 97.49 -57.32 -18.27
N LEU I 685 98.21 -56.94 -19.34
CA LEU I 685 98.62 -57.93 -20.33
C LEU I 685 99.44 -59.04 -19.70
N PHE I 686 100.48 -58.69 -18.96
CA PHE I 686 101.33 -59.75 -18.45
C PHE I 686 100.66 -60.52 -17.32
N TRP I 687 99.75 -59.90 -16.57
CA TRP I 687 98.91 -60.64 -15.65
C TRP I 687 98.09 -61.70 -16.38
N ARG I 688 97.42 -61.28 -17.46
CA ARG I 688 96.61 -62.20 -18.24
C ARG I 688 97.44 -63.34 -18.78
N ILE I 689 98.65 -63.04 -19.28
CA ILE I 689 99.47 -64.08 -19.88
C ILE I 689 99.99 -65.05 -18.82
N GLN I 690 100.37 -64.54 -17.64
CA GLN I 690 100.75 -65.44 -16.57
C GLN I 690 99.61 -66.39 -16.23
N ARG I 691 98.40 -65.86 -16.10
CA ARG I 691 97.27 -66.72 -15.76
C ARG I 691 96.94 -67.69 -16.91
N MET I 692 97.11 -67.24 -18.15
CA MET I 692 96.87 -68.12 -19.29
C MET I 692 97.90 -69.23 -19.36
N LEU I 693 99.16 -68.93 -19.04
CA LEU I 693 100.17 -69.99 -18.97
C LEU I 693 99.77 -71.02 -17.93
N ALA I 694 99.32 -70.55 -16.77
CA ALA I 694 98.87 -71.48 -15.73
C ALA I 694 97.72 -72.33 -16.23
N ILE I 695 96.74 -71.72 -16.89
CA ILE I 695 95.54 -72.47 -17.29
C ILE I 695 95.89 -73.49 -18.37
N THR I 696 96.72 -73.10 -19.33
CA THR I 696 97.10 -74.03 -20.39
C THR I 696 97.89 -75.20 -19.83
N ALA I 697 98.86 -74.92 -18.94
CA ALA I 697 99.62 -75.99 -18.33
C ALA I 697 98.72 -76.94 -17.56
N ASN I 698 97.74 -76.40 -16.83
CA ASN I 698 96.90 -77.24 -16.00
C ASN I 698 95.96 -78.09 -16.85
N THR I 699 95.39 -77.51 -17.89
CA THR I 699 94.52 -78.27 -18.78
C THR I 699 95.29 -79.39 -19.45
N LEU I 700 96.51 -79.09 -19.92
CA LEU I 700 97.33 -80.11 -20.54
C LEU I 700 97.67 -81.21 -19.54
N ARG I 701 97.97 -80.83 -18.30
CA ARG I 701 98.26 -81.84 -17.28
C ARG I 701 97.06 -82.74 -17.06
N GLN I 702 95.86 -82.15 -16.98
CA GLN I 702 94.67 -82.95 -16.71
C GLN I 702 94.41 -83.94 -17.85
N GLN I 703 94.52 -83.45 -19.10
CA GLN I 703 94.40 -84.34 -20.24
C GLN I 703 95.43 -85.46 -20.15
N LEU I 704 96.64 -85.12 -19.71
CA LEU I 704 97.71 -86.11 -19.59
C LEU I 704 97.36 -87.16 -18.53
N THR I 705 96.97 -86.72 -17.35
CA THR I 705 96.87 -87.59 -16.20
C THR I 705 95.58 -88.41 -16.17
N ASN I 706 94.53 -88.00 -16.89
CA ASN I 706 93.30 -88.78 -16.89
C ASN I 706 93.02 -89.50 -18.20
N THR I 707 93.56 -89.03 -19.32
CA THR I 707 93.26 -89.64 -20.61
C THR I 707 94.50 -90.24 -21.25
N GLU I 708 95.56 -89.44 -21.38
CA GLU I 708 96.69 -89.84 -22.18
C GLU I 708 97.64 -90.76 -21.42
N VAL I 709 97.82 -90.57 -20.12
CA VAL I 709 98.78 -91.38 -19.37
C VAL I 709 98.27 -92.82 -19.24
N ARG I 710 96.96 -93.00 -19.07
CA ARG I 710 96.41 -94.36 -19.02
C ARG I 710 96.46 -95.03 -20.38
N ARG I 711 96.25 -94.27 -21.46
CA ARG I 711 96.46 -94.83 -22.80
C ARG I 711 97.91 -95.23 -22.98
N LEU I 712 98.84 -94.44 -22.43
CA LEU I 712 100.25 -94.79 -22.52
C LEU I 712 100.54 -96.07 -21.75
N GLU I 713 99.94 -96.23 -20.58
CA GLU I 713 100.12 -97.47 -19.82
C GLU I 713 99.62 -98.67 -20.62
N LYS I 714 98.46 -98.53 -21.25
CA LYS I 714 97.94 -99.60 -22.10
C LYS I 714 98.90 -99.91 -23.24
N ASN I 715 99.40 -98.87 -23.90
CA ASN I 715 100.32 -99.08 -25.03
C ASN I 715 101.62 -99.73 -24.57
N VAL I 716 102.11 -99.33 -23.38
CA VAL I 716 103.33 -99.93 -22.85
C VAL I 716 103.11 -101.40 -22.54
N LYS I 717 101.96 -101.75 -21.95
CA LYS I 717 101.69 -103.16 -21.70
C LYS I 717 101.60 -103.94 -23.00
N GLU I 718 101.00 -103.36 -24.03
CA GLU I 718 100.94 -104.01 -25.33
C GLU I 718 102.34 -104.23 -25.90
N VAL I 719 103.19 -103.20 -25.82
CA VAL I 719 104.55 -103.29 -26.34
C VAL I 719 105.33 -104.36 -25.58
N LEU I 720 105.19 -104.38 -24.25
CA LEU I 720 105.91 -105.36 -23.45
C LEU I 720 105.44 -106.77 -23.76
N GLU I 721 104.14 -106.96 -23.98
CA GLU I 721 103.67 -108.29 -24.37
C GLU I 721 104.23 -108.69 -25.72
N ASP I 722 104.24 -107.76 -26.69
CA ASP I 722 104.75 -108.07 -28.02
C ASP I 722 106.23 -108.42 -27.96
N PHE I 723 106.98 -107.72 -27.11
CA PHE I 723 108.41 -108.02 -26.97
C PHE I 723 108.62 -109.31 -26.19
N ALA I 724 107.73 -109.63 -25.25
CA ALA I 724 107.84 -110.89 -24.52
C ALA I 724 107.66 -112.07 -25.44
N GLU I 725 106.71 -111.98 -26.37
CA GLU I 725 106.52 -113.06 -27.33
C GLU I 725 107.67 -113.15 -28.32
N ASP I 726 108.34 -112.03 -28.60
CA ASP I 726 109.44 -112.00 -29.56
C ASP I 726 110.66 -112.68 -28.96
N GLY I 727 110.99 -113.87 -29.45
CA GLY I 727 112.19 -114.55 -29.00
C GLY I 727 113.46 -113.83 -29.43
N GLU I 728 113.44 -113.28 -30.65
CA GLU I 728 114.61 -112.58 -31.15
C GLU I 728 114.94 -111.37 -30.29
N LYS I 729 113.93 -110.64 -29.81
CA LYS I 729 114.19 -109.48 -28.97
C LYS I 729 114.83 -109.90 -27.65
N LYS I 730 114.37 -111.00 -27.06
CA LYS I 730 115.02 -111.51 -25.85
C LYS I 730 116.45 -111.94 -26.14
N ILE I 731 116.68 -112.54 -27.32
CA ILE I 731 118.04 -112.95 -27.69
C ILE I 731 118.95 -111.74 -27.82
N LYS I 732 118.47 -110.67 -28.44
CA LYS I 732 119.29 -109.50 -28.74
C LYS I 732 119.11 -108.38 -27.73
N LEU I 733 118.29 -108.57 -26.70
CA LEU I 733 118.23 -107.67 -25.56
C LEU I 733 118.36 -108.46 -24.28
N LEU I 734 118.82 -107.78 -23.23
CA LEU I 734 118.92 -108.37 -21.90
C LEU I 734 119.77 -109.64 -21.92
N THR I 735 120.99 -109.50 -22.45
CA THR I 735 121.89 -110.64 -22.65
C THR I 735 123.04 -110.67 -21.66
N GLY I 736 123.06 -109.75 -20.69
CA GLY I 736 124.26 -109.51 -19.89
C GLY I 736 124.55 -110.50 -18.78
N LYS I 737 123.59 -111.34 -18.40
CA LYS I 737 123.80 -112.15 -17.20
C LYS I 737 124.77 -113.30 -17.46
N ARG I 738 125.39 -113.77 -16.38
CA ARG I 738 126.34 -114.89 -16.40
C ARG I 738 125.66 -116.24 -16.24
N VAL I 739 124.32 -116.27 -16.21
CA VAL I 739 123.61 -117.54 -16.00
C VAL I 739 123.94 -118.53 -17.11
N GLN I 740 124.28 -118.02 -18.29
CA GLN I 740 124.57 -118.91 -19.42
C GLN I 740 125.72 -119.86 -19.08
N LEU I 741 126.77 -119.31 -18.45
CA LEU I 741 127.90 -120.13 -18.05
C LEU I 741 127.49 -121.22 -17.07
N ALA I 742 126.62 -120.88 -16.13
CA ALA I 742 126.14 -121.86 -15.14
C ALA I 742 125.26 -122.93 -15.78
N GLU I 743 124.60 -122.60 -16.89
CA GLU I 743 123.74 -123.59 -17.52
C GLU I 743 124.53 -124.79 -18.01
N ASP I 744 125.75 -124.56 -18.53
CA ASP I 744 126.61 -125.68 -18.89
C ASP I 744 127.00 -126.49 -17.66
N LEU I 745 127.42 -125.82 -16.58
CA LEU I 745 127.86 -126.49 -15.31
C LEU I 745 126.75 -127.49 -14.94
N LYS I 746 125.48 -127.12 -15.06
CA LYS I 746 124.32 -127.95 -14.62
C LYS I 746 123.95 -128.99 -15.72
N LYS I 747 123.97 -128.63 -17.01
CA LYS I 747 123.52 -129.51 -18.08
C LYS I 747 124.44 -130.71 -18.28
N VAL I 748 125.76 -130.56 -18.10
CA VAL I 748 126.73 -131.66 -18.39
C VAL I 748 126.55 -132.78 -17.33
N ARG I 749 125.65 -132.64 -16.33
CA ARG I 749 125.35 -133.70 -15.30
C ARG I 749 124.82 -135.00 -15.93
N GLU I 750 124.14 -134.98 -17.10
CA GLU I 750 123.68 -136.20 -17.77
C GLU I 750 124.87 -136.95 -18.37
N ILE I 751 125.80 -136.22 -18.97
CA ILE I 751 126.99 -136.85 -19.55
C ILE I 751 127.77 -137.47 -18.41
N GLN I 752 127.89 -136.73 -17.29
CA GLN I 752 128.65 -137.17 -16.09
C GLN I 752 128.06 -138.50 -15.57
N GLU I 753 126.72 -138.64 -15.52
CA GLU I 753 126.07 -139.87 -15.07
C GLU I 753 126.26 -141.05 -16.01
N LYS I 754 126.07 -140.83 -17.31
CA LYS I 754 126.23 -141.92 -18.25
C LYS I 754 127.66 -142.45 -18.23
N LEU I 755 128.65 -141.55 -18.21
CA LEU I 755 130.04 -141.98 -18.28
C LEU I 755 130.46 -142.75 -17.03
N ASP I 756 130.07 -142.28 -15.85
CA ASP I 756 130.46 -142.95 -14.61
C ASP I 756 129.80 -144.31 -14.48
N ALA I 757 128.51 -144.39 -14.81
CA ALA I 757 127.85 -145.70 -14.77
C ALA I 757 128.46 -146.67 -15.79
N PHE I 758 128.88 -146.16 -16.95
CA PHE I 758 129.56 -147.02 -17.92
C PHE I 758 130.90 -147.52 -17.38
N ILE I 759 131.61 -146.67 -16.65
CA ILE I 759 132.87 -147.10 -16.04
C ILE I 759 132.59 -148.22 -15.05
N GLU I 760 131.56 -148.04 -14.21
CA GLU I 760 131.23 -149.10 -13.27
C GLU I 760 130.86 -150.39 -13.98
N ALA I 761 130.07 -150.31 -15.05
CA ALA I 761 129.74 -151.50 -15.81
C ALA I 761 130.98 -152.12 -16.45
N LEU I 762 131.92 -151.29 -16.90
CA LEU I 762 133.18 -151.80 -17.42
C LEU I 762 133.87 -152.65 -16.37
N HIS I 763 133.95 -152.15 -15.14
CA HIS I 763 134.58 -152.94 -14.08
C HIS I 763 133.80 -154.22 -13.79
N GLN I 764 132.47 -154.15 -13.77
CA GLN I 764 131.68 -155.33 -13.48
C GLN I 764 131.90 -156.43 -14.52
N GLU I 765 131.91 -156.07 -15.81
CA GLU I 765 132.11 -157.10 -16.83
C GLU I 765 133.50 -157.72 -16.73
N LYS I 766 134.53 -156.90 -16.50
CA LYS I 766 135.89 -157.43 -16.37
C LYS I 766 135.99 -158.38 -15.19
N ALA J 1 142.68 -61.49 -59.53
CA ALA J 1 141.30 -61.41 -60.00
C ALA J 1 140.33 -61.69 -58.86
N THR J 2 140.77 -62.49 -57.89
CA THR J 2 139.93 -62.79 -56.75
C THR J 2 139.64 -61.53 -55.94
N ASP J 3 138.41 -61.43 -55.44
CA ASP J 3 137.99 -60.30 -54.62
C ASP J 3 138.16 -58.98 -55.37
N ARG J 4 137.83 -58.99 -56.66
CA ARG J 4 137.86 -57.80 -57.50
C ARG J 4 136.45 -57.48 -57.96
N GLY J 5 136.04 -56.23 -57.80
CA GLY J 5 134.67 -55.86 -58.15
C GLY J 5 134.36 -56.01 -59.62
N SER J 6 135.28 -55.57 -60.48
CA SER J 6 135.07 -55.68 -61.92
C SER J 6 134.96 -57.15 -62.35
N GLU J 7 135.81 -58.00 -61.77
CA GLU J 7 135.74 -59.42 -62.07
C GLU J 7 134.39 -60.00 -61.66
N SER J 8 133.88 -59.58 -60.49
CA SER J 8 132.57 -60.02 -60.05
C SER J 8 131.49 -59.57 -61.02
N ASP J 9 131.58 -58.33 -61.51
CA ASP J 9 130.62 -57.84 -62.48
C ASP J 9 130.64 -58.67 -63.75
N LYS J 10 131.83 -59.00 -64.25
CA LYS J 10 131.94 -59.81 -65.46
C LYS J 10 131.34 -61.20 -65.26
N HIS J 11 131.64 -61.81 -64.10
CA HIS J 11 131.05 -63.11 -63.80
C HIS J 11 129.53 -63.03 -63.75
N PHE J 12 129.00 -61.97 -63.14
CA PHE J 12 127.54 -61.80 -63.11
C PHE J 12 126.98 -61.64 -64.52
N ARG J 13 127.69 -60.92 -65.39
CA ARG J 13 127.23 -60.77 -66.76
C ARG J 13 127.12 -62.12 -67.46
N LYS J 14 128.14 -62.96 -67.31
CA LYS J 14 128.09 -64.29 -67.93
C LYS J 14 126.94 -65.11 -67.37
N VAL J 15 126.77 -65.08 -66.05
CA VAL J 15 125.73 -65.88 -65.40
C VAL J 15 124.35 -65.42 -65.88
N SER J 16 124.17 -64.11 -66.01
CA SER J 16 122.89 -63.57 -66.45
C SER J 16 122.63 -63.88 -67.93
N ASP J 17 123.67 -63.90 -68.75
CA ASP J 17 123.46 -64.27 -70.15
C ASP J 17 122.99 -65.71 -70.28
N LYS J 18 123.60 -66.63 -69.51
CA LYS J 18 123.13 -68.01 -69.57
C LYS J 18 121.67 -68.11 -69.16
N GLU J 19 121.26 -67.37 -68.13
CA GLU J 19 119.85 -67.34 -67.76
C GLU J 19 118.99 -66.73 -68.86
N LYS J 20 119.54 -65.76 -69.60
CA LYS J 20 118.79 -65.16 -70.70
C LYS J 20 118.55 -66.17 -71.81
N ILE J 21 119.40 -67.18 -71.93
CA ILE J 21 119.13 -68.24 -72.93
C ILE J 21 118.64 -69.50 -72.23
N ASP J 22 117.94 -69.34 -71.11
CA ASP J 22 117.39 -70.48 -70.39
C ASP J 22 116.22 -71.10 -71.15
N GLN J 23 115.92 -72.36 -70.81
CA GLN J 23 114.80 -73.06 -71.45
C GLN J 23 113.47 -72.35 -71.23
N LEU J 24 113.29 -71.66 -70.11
CA LEU J 24 112.09 -70.85 -69.93
C LEU J 24 112.00 -69.80 -71.03
N GLN J 25 113.08 -69.04 -71.22
CA GLN J 25 113.08 -68.00 -72.27
C GLN J 25 112.98 -68.61 -73.66
N GLU J 26 113.63 -69.75 -73.89
CA GLU J 26 113.58 -70.38 -75.21
C GLU J 26 112.16 -70.84 -75.53
N GLU J 27 111.50 -71.48 -74.56
CA GLU J 27 110.11 -71.88 -74.76
C GLU J 27 109.22 -70.66 -74.93
N LEU J 28 109.51 -69.58 -74.20
CA LEU J 28 108.76 -68.35 -74.38
C LEU J 28 108.88 -67.85 -75.82
N LEU J 29 110.09 -67.87 -76.37
CA LEU J 29 110.27 -67.45 -77.77
C LEU J 29 109.52 -68.36 -78.72
N HIS J 30 109.62 -69.68 -78.52
CA HIS J 30 108.97 -70.61 -79.44
C HIS J 30 107.46 -70.45 -79.41
N THR J 31 106.88 -70.34 -78.21
CA THR J 31 105.43 -70.16 -78.10
C THR J 31 105.02 -68.78 -78.62
N GLN J 32 105.84 -67.77 -78.37
CA GLN J 32 105.52 -66.42 -78.83
C GLN J 32 105.49 -66.35 -80.35
N LEU J 33 106.36 -67.11 -81.02
CA LEU J 33 106.35 -67.09 -82.48
C LEU J 33 105.00 -67.57 -83.04
N LYS J 34 104.44 -68.63 -82.46
CA LYS J 34 103.10 -69.06 -82.87
C LYS J 34 102.05 -68.05 -82.44
N TYR J 35 102.21 -67.46 -81.25
CA TYR J 35 101.20 -66.51 -80.77
C TYR J 35 101.14 -65.25 -81.65
N GLN J 36 102.27 -64.85 -82.22
CA GLN J 36 102.26 -63.69 -83.12
C GLN J 36 101.34 -63.93 -84.32
N ARG J 37 101.13 -65.20 -84.68
CA ARG J 37 100.22 -65.56 -85.75
C ARG J 37 98.84 -65.93 -85.22
N ILE J 38 98.78 -66.56 -84.04
CA ILE J 38 97.49 -66.90 -83.44
C ILE J 38 96.80 -65.63 -82.96
N LEU J 39 95.48 -65.57 -83.18
CA LEU J 39 94.70 -64.38 -82.86
C LEU J 39 95.27 -63.13 -83.52
N GLU J 40 95.84 -63.40 -84.71
CA GLU J 40 96.46 -62.30 -85.48
C GLU J 40 96.00 -62.37 -86.94
N ARG J 41 96.41 -61.44 -87.79
CA ARG J 41 95.99 -61.21 -89.18
C ARG J 41 94.63 -60.52 -89.18
N LEU J 42 94.01 -60.32 -88.02
CA LEU J 42 92.85 -59.45 -87.92
C LEU J 42 93.26 -57.99 -88.02
N GLU J 43 94.45 -57.66 -87.53
CA GLU J 43 94.86 -56.27 -87.37
C GLU J 43 94.89 -55.53 -88.71
N LYS J 44 95.44 -56.17 -89.75
CA LYS J 44 95.57 -55.51 -91.04
C LYS J 44 94.20 -55.14 -91.61
N GLU J 45 93.22 -56.03 -91.45
CA GLU J 45 91.86 -55.70 -91.86
C GLU J 45 91.28 -54.61 -90.96
N ASN J 46 91.62 -54.64 -89.66
CA ASN J 46 91.04 -53.69 -88.72
C ASN J 46 91.37 -52.25 -89.08
N LYS J 47 92.56 -52.02 -89.65
CA LYS J 47 93.02 -50.65 -89.89
C LYS J 47 92.04 -49.85 -90.73
N GLU J 48 91.26 -50.52 -91.58
CA GLU J 48 90.32 -49.81 -92.45
C GLU J 48 89.28 -49.07 -91.62
N LEU J 49 88.98 -47.84 -92.04
CA LEU J 49 88.04 -46.96 -91.34
C LEU J 49 86.65 -46.95 -91.97
N ARG J 50 86.41 -47.77 -93.00
CA ARG J 50 85.13 -47.71 -93.70
C ARG J 50 83.98 -48.07 -92.77
N LYS J 51 84.14 -49.11 -91.95
CA LYS J 51 83.13 -49.47 -90.97
C LYS J 51 82.90 -48.31 -90.00
N LEU J 52 84.00 -47.69 -89.56
CA LEU J 52 83.87 -46.54 -88.68
C LEU J 52 83.13 -45.41 -89.36
N VAL J 53 83.37 -45.21 -90.66
CA VAL J 53 82.67 -44.15 -91.38
C VAL J 53 81.17 -44.43 -91.41
N LEU J 54 80.79 -45.68 -91.63
CA LEU J 54 79.36 -46.03 -91.60
C LEU J 54 78.78 -45.75 -90.22
N GLN J 55 79.51 -46.11 -89.17
CA GLN J 55 79.03 -45.84 -87.81
C GLN J 55 78.89 -44.34 -87.56
N LYS J 56 79.84 -43.56 -88.08
CA LYS J 56 79.73 -42.10 -87.98
C LYS J 56 78.48 -41.62 -88.68
N ASP J 57 78.20 -42.16 -89.87
CA ASP J 57 77.02 -41.77 -90.61
C ASP J 57 75.76 -42.05 -89.81
N ASP J 58 75.71 -43.21 -89.15
CA ASP J 58 74.59 -43.50 -88.26
C ASP J 58 74.51 -42.49 -87.12
N LYS J 59 75.66 -42.14 -86.54
CA LYS J 59 75.67 -41.20 -85.41
C LYS J 59 75.34 -39.78 -85.86
N GLY J 60 75.87 -39.36 -87.01
CA GLY J 60 75.69 -37.99 -87.46
C GLY J 60 74.67 -37.85 -88.57
N ILE J 61 75.12 -37.50 -89.77
CA ILE J 61 74.24 -37.40 -90.94
C ILE J 61 74.22 -38.78 -91.59
N HIS J 62 73.10 -39.47 -91.45
CA HIS J 62 72.86 -40.75 -92.13
C HIS J 62 72.09 -40.54 -93.43
N HIS J 63 71.90 -39.28 -93.85
CA HIS J 63 71.30 -38.91 -95.13
C HIS J 63 69.94 -39.55 -95.36
N ARG J 64 69.33 -40.08 -94.30
CA ARG J 64 68.04 -40.75 -94.36
C ARG J 64 67.20 -40.31 -93.17
N LYS J 65 65.88 -40.37 -93.36
CA LYS J 65 64.97 -39.84 -92.34
C LYS J 65 65.22 -40.47 -90.99
N LEU J 66 65.66 -41.73 -90.97
CA LEU J 66 65.88 -42.43 -89.72
C LEU J 66 66.90 -41.72 -88.82
N LYS J 67 67.75 -40.88 -89.40
CA LYS J 67 68.88 -40.33 -88.66
C LYS J 67 68.42 -39.50 -87.47
N LYS J 68 69.20 -39.55 -86.40
CA LYS J 68 69.01 -38.71 -85.22
C LYS J 68 67.59 -38.83 -84.67
N SER J 69 67.03 -40.04 -84.72
CA SER J 69 65.71 -40.29 -84.18
C SER J 69 65.74 -40.22 -82.65
N LEU J 70 64.81 -39.47 -82.07
CA LEU J 70 64.80 -39.25 -80.63
C LEU J 70 64.44 -40.52 -79.86
N ILE J 71 63.51 -41.31 -80.39
CA ILE J 71 63.20 -42.62 -79.78
C ILE J 71 64.44 -43.50 -79.79
N ASP J 72 65.25 -43.41 -80.85
CA ASP J 72 66.48 -44.19 -80.91
C ASP J 72 67.39 -43.86 -79.73
N MET J 73 67.47 -42.58 -79.35
CA MET J 73 68.27 -42.20 -78.20
C MET J 73 67.60 -42.64 -76.90
N TYR J 74 66.27 -42.62 -76.85
CA TYR J 74 65.58 -43.10 -75.65
C TYR J 74 65.90 -44.57 -75.39
N SER J 75 66.05 -45.37 -76.45
CA SER J 75 66.41 -46.77 -76.25
C SER J 75 67.74 -46.88 -75.50
N GLU J 76 68.74 -46.08 -75.92
CA GLU J 76 70.03 -46.10 -75.23
C GLU J 76 69.88 -45.60 -73.81
N VAL J 77 69.03 -44.59 -73.60
CA VAL J 77 68.82 -44.06 -72.26
C VAL J 77 68.32 -45.17 -71.33
N LEU J 78 67.29 -45.90 -71.76
CA LEU J 78 66.76 -46.97 -70.91
C LEU J 78 67.80 -48.07 -70.71
N ASP J 79 68.58 -48.39 -71.74
CA ASP J 79 69.60 -49.41 -71.58
C ASP J 79 70.63 -49.01 -70.53
N VAL J 80 71.04 -47.73 -70.53
CA VAL J 80 72.02 -47.28 -69.54
C VAL J 80 71.42 -47.19 -68.14
N LEU J 81 70.13 -46.87 -68.03
CA LEU J 81 69.49 -47.01 -66.71
C LEU J 81 69.54 -48.45 -66.24
N SER J 82 69.26 -49.40 -67.12
CA SER J 82 69.37 -50.80 -66.72
C SER J 82 70.77 -51.16 -66.27
N ASP J 83 71.77 -50.68 -67.00
CA ASP J 83 73.16 -50.91 -66.62
C ASP J 83 73.49 -50.30 -65.25
N TYR J 84 72.96 -49.10 -64.97
CA TYR J 84 73.26 -48.47 -63.69
C TYR J 84 72.79 -49.34 -62.53
N ASP J 85 71.58 -49.90 -62.63
CA ASP J 85 70.97 -50.59 -61.50
C ASP J 85 70.23 -51.83 -62.01
N ALA J 86 70.72 -53.01 -61.61
CA ALA J 86 69.93 -54.23 -61.80
C ALA J 86 68.60 -54.13 -61.05
N SER J 87 68.62 -53.54 -59.86
CA SER J 87 67.39 -53.37 -59.08
C SER J 87 66.40 -52.49 -59.83
N TYR J 88 65.12 -52.82 -59.67
CA TYR J 88 64.06 -52.22 -60.48
C TYR J 88 63.87 -50.74 -60.19
N ASN J 89 64.21 -50.31 -58.97
CA ASN J 89 63.85 -48.97 -58.50
C ASN J 89 64.25 -47.89 -59.50
N THR J 90 65.51 -47.91 -59.95
CA THR J 90 65.99 -46.87 -60.86
C THR J 90 65.52 -47.07 -62.28
N GLN J 91 65.32 -48.31 -62.72
CA GLN J 91 64.72 -48.54 -64.03
C GLN J 91 63.32 -47.96 -64.07
N ASP J 92 62.62 -47.94 -62.93
CA ASP J 92 61.30 -47.34 -62.85
C ASP J 92 61.33 -45.83 -62.96
N HIS J 93 62.52 -45.21 -62.91
CA HIS J 93 62.60 -43.76 -63.01
C HIS J 93 62.07 -43.25 -64.35
N LEU J 94 62.29 -43.99 -65.43
CA LEU J 94 61.99 -43.46 -66.75
C LEU J 94 60.92 -44.27 -67.45
N PRO J 95 60.03 -43.60 -68.19
CA PRO J 95 58.91 -44.28 -68.83
C PRO J 95 59.31 -45.35 -69.84
N ARG J 96 58.45 -46.36 -69.93
CA ARG J 96 58.46 -47.38 -70.99
C ARG J 96 57.07 -47.99 -71.03
N VAL J 97 56.77 -48.74 -72.09
CA VAL J 97 55.50 -49.45 -72.17
C VAL J 97 55.76 -50.90 -71.76
N VAL J 98 55.09 -51.35 -70.71
CA VAL J 98 55.24 -52.70 -70.18
C VAL J 98 54.00 -53.49 -70.56
N VAL J 99 54.18 -54.61 -71.25
CA VAL J 99 53.09 -55.40 -71.79
C VAL J 99 53.02 -56.69 -70.96
N VAL J 100 51.88 -56.88 -70.29
CA VAL J 100 51.61 -58.10 -69.55
C VAL J 100 50.43 -58.78 -70.23
N GLY J 101 50.32 -60.09 -70.05
CA GLY J 101 49.18 -60.79 -70.63
C GLY J 101 49.01 -62.17 -70.03
N ASP J 102 47.81 -62.71 -70.23
CA ASP J 102 47.54 -64.07 -69.82
C ASP J 102 48.43 -65.04 -70.60
N GLN J 103 48.90 -66.07 -69.92
CA GLN J 103 49.78 -67.05 -70.56
C GLN J 103 49.12 -67.62 -71.81
N SER J 104 49.86 -67.64 -72.90
CA SER J 104 49.41 -68.19 -74.18
C SER J 104 48.21 -67.43 -74.72
N ALA J 105 48.12 -66.14 -74.40
CA ALA J 105 47.04 -65.30 -74.91
C ALA J 105 47.33 -64.77 -76.31
N GLY J 106 48.51 -65.02 -76.86
CA GLY J 106 48.92 -64.48 -78.13
C GLY J 106 49.69 -63.18 -78.06
N LYS J 107 50.11 -62.78 -76.86
CA LYS J 107 50.76 -61.49 -76.64
C LYS J 107 51.94 -61.26 -77.57
N THR J 108 52.73 -62.31 -77.83
CA THR J 108 53.84 -62.15 -78.77
C THR J 108 53.35 -61.88 -80.18
N SER J 109 52.19 -62.41 -80.57
CA SER J 109 51.64 -62.05 -81.88
C SER J 109 51.23 -60.58 -81.91
N VAL J 110 50.69 -60.07 -80.82
CA VAL J 110 50.37 -58.64 -80.73
C VAL J 110 51.64 -57.81 -80.87
N LEU J 111 52.70 -58.21 -80.16
CA LEU J 111 53.94 -57.45 -80.20
C LEU J 111 54.60 -57.55 -81.57
N GLU J 112 54.40 -58.66 -82.28
CA GLU J 112 54.92 -58.79 -83.63
C GLU J 112 54.15 -57.91 -84.60
N MET J 113 52.83 -57.84 -84.46
CA MET J 113 52.06 -56.95 -85.33
C MET J 113 52.45 -55.51 -85.10
N ILE J 114 52.68 -55.14 -83.83
CA ILE J 114 53.10 -53.77 -83.54
C ILE J 114 54.50 -53.53 -84.09
N ALA J 115 55.41 -54.49 -83.91
CA ALA J 115 56.75 -54.40 -84.48
C ALA J 115 56.79 -54.76 -85.96
N GLN J 116 55.69 -55.30 -86.50
CA GLN J 116 55.57 -55.59 -87.93
C GLN J 116 56.59 -56.63 -88.39
N ALA J 117 57.02 -57.51 -87.50
CA ALA J 117 57.99 -58.53 -87.86
C ALA J 117 57.84 -59.73 -86.92
N ARG J 118 58.21 -60.90 -87.42
CA ARG J 118 58.16 -62.14 -86.64
C ARG J 118 59.42 -62.23 -85.78
N ILE J 119 59.47 -61.39 -84.76
CA ILE J 119 60.65 -61.24 -83.92
C ILE J 119 60.39 -61.70 -82.48
N PHE J 120 59.21 -62.23 -82.20
CA PHE J 120 58.91 -62.72 -80.85
C PHE J 120 58.66 -64.23 -80.88
N PRO J 121 58.95 -64.94 -79.79
CA PRO J 121 58.72 -66.39 -79.77
C PRO J 121 57.25 -66.71 -80.06
N ARG J 122 57.04 -67.48 -81.12
CA ARG J 122 55.69 -67.87 -81.55
C ARG J 122 55.55 -69.37 -81.45
N GLY J 123 54.49 -69.82 -80.78
CA GLY J 123 54.21 -71.24 -80.64
C GLY J 123 52.74 -71.44 -80.36
N SER J 124 52.31 -72.69 -80.53
CA SER J 124 50.91 -73.06 -80.35
C SER J 124 50.70 -73.66 -78.97
N GLY J 125 49.85 -73.02 -78.17
CA GLY J 125 49.43 -73.56 -76.90
C GLY J 125 50.57 -73.85 -75.92
N GLU J 126 51.50 -72.91 -75.78
CA GLU J 126 52.63 -73.11 -74.89
C GLU J 126 53.11 -71.75 -74.39
N MET J 127 53.78 -71.75 -73.23
CA MET J 127 54.41 -70.53 -72.75
C MET J 127 55.37 -69.99 -73.79
N MET J 128 55.14 -68.76 -74.20
CA MET J 128 55.93 -68.10 -75.24
C MET J 128 56.99 -67.17 -74.65
N THR J 129 56.58 -66.30 -73.73
CA THR J 129 57.52 -65.43 -73.01
C THR J 129 57.81 -66.04 -71.65
N ARG J 130 59.09 -66.30 -71.37
CA ARG J 130 59.52 -66.78 -70.06
C ARG J 130 60.53 -65.86 -69.40
N SER J 131 61.29 -65.09 -70.16
CA SER J 131 62.10 -64.00 -69.64
C SER J 131 61.77 -62.71 -70.41
N PRO J 132 61.52 -61.61 -69.71
CA PRO J 132 61.02 -60.41 -70.40
C PRO J 132 62.01 -59.90 -71.44
N VAL J 133 61.48 -59.40 -72.56
CA VAL J 133 62.29 -58.90 -73.67
C VAL J 133 61.80 -57.51 -74.03
N LYS J 134 62.70 -56.53 -73.98
CA LYS J 134 62.35 -55.15 -74.29
C LYS J 134 62.81 -54.82 -75.71
N VAL J 135 61.84 -54.57 -76.59
CA VAL J 135 62.11 -54.18 -77.98
C VAL J 135 61.64 -52.74 -78.15
N THR J 136 62.50 -51.90 -78.72
CA THR J 136 62.16 -50.50 -78.98
C THR J 136 61.91 -50.32 -80.47
N LEU J 137 60.80 -49.67 -80.79
CA LEU J 137 60.36 -49.48 -82.17
C LEU J 137 60.53 -48.02 -82.58
N SER J 138 61.20 -47.81 -83.71
CA SER J 138 61.47 -46.51 -84.30
C SER J 138 61.29 -46.60 -85.81
N GLU J 139 60.98 -45.45 -86.43
CA GLU J 139 60.76 -45.40 -87.86
C GLU J 139 62.07 -45.52 -88.62
N GLY J 140 62.01 -46.12 -89.81
CA GLY J 140 63.16 -46.20 -90.69
C GLY J 140 62.90 -47.04 -91.93
N PRO J 141 63.49 -46.65 -93.07
CA PRO J 141 63.25 -47.42 -94.31
C PRO J 141 63.81 -48.83 -94.28
N HIS J 142 64.77 -49.12 -93.41
CA HIS J 142 65.42 -50.42 -93.34
C HIS J 142 64.78 -51.20 -92.19
N HIS J 143 64.07 -52.28 -92.52
CA HIS J 143 63.34 -53.07 -91.54
C HIS J 143 64.32 -54.08 -90.95
N VAL J 144 65.09 -53.64 -89.95
CA VAL J 144 66.21 -54.41 -89.43
C VAL J 144 66.18 -54.41 -87.91
N ALA J 145 66.67 -55.50 -87.33
CA ALA J 145 66.76 -55.67 -85.88
C ALA J 145 68.23 -55.85 -85.49
N LEU J 146 68.59 -55.37 -84.30
CA LEU J 146 69.95 -55.53 -83.80
C LEU J 146 69.93 -55.70 -82.29
N PHE J 147 70.67 -56.67 -81.79
CA PHE J 147 70.80 -56.86 -80.35
C PHE J 147 71.73 -55.81 -79.74
N LYS J 148 71.46 -55.50 -78.48
CA LYS J 148 72.37 -54.66 -77.70
C LYS J 148 73.76 -55.29 -77.61
N ASP J 149 73.84 -56.61 -77.51
CA ASP J 149 75.05 -57.31 -77.15
C ASP J 149 75.77 -57.93 -78.34
N SER J 150 75.35 -57.64 -79.57
CA SER J 150 75.89 -58.33 -80.73
C SER J 150 76.14 -57.33 -81.85
N SER J 151 76.72 -57.83 -82.95
CA SER J 151 76.97 -57.05 -84.14
C SER J 151 76.16 -57.54 -85.33
N ARG J 152 75.45 -58.65 -85.20
CA ARG J 152 74.64 -59.19 -86.28
C ARG J 152 73.34 -58.40 -86.40
N GLU J 153 73.07 -57.93 -87.61
CA GLU J 153 71.78 -57.32 -87.93
C GLU J 153 70.91 -58.36 -88.62
N PHE J 154 69.63 -58.37 -88.24
CA PHE J 154 68.67 -59.32 -88.76
C PHE J 154 67.72 -58.60 -89.71
N ASP J 155 67.62 -59.11 -90.94
CA ASP J 155 66.70 -58.56 -91.93
C ASP J 155 65.30 -59.09 -91.62
N LEU J 156 64.38 -58.19 -91.34
CA LEU J 156 63.06 -58.54 -90.84
C LEU J 156 62.07 -58.83 -91.95
N THR J 157 62.51 -58.83 -93.21
CA THR J 157 61.66 -59.18 -94.34
C THR J 157 61.91 -60.59 -94.85
N LYS J 158 62.83 -61.33 -94.22
CA LYS J 158 63.24 -62.64 -94.70
C LYS J 158 63.21 -63.65 -93.56
N GLU J 159 62.73 -64.85 -93.86
CA GLU J 159 62.39 -65.81 -92.80
C GLU J 159 63.63 -66.36 -92.13
N GLU J 160 64.74 -66.53 -92.86
CA GLU J 160 65.93 -67.11 -92.24
C GLU J 160 66.42 -66.24 -91.09
N ASP J 161 66.54 -64.94 -91.32
CA ASP J 161 67.01 -64.04 -90.26
C ASP J 161 65.98 -63.89 -89.15
N LEU J 162 64.69 -63.88 -89.51
CA LEU J 162 63.66 -63.78 -88.48
C LEU J 162 63.68 -65.01 -87.57
N ALA J 163 63.84 -66.19 -88.14
CA ALA J 163 63.92 -67.41 -87.34
C ALA J 163 65.18 -67.44 -86.49
N ALA J 164 66.32 -67.01 -87.07
CA ALA J 164 67.55 -66.93 -86.30
C ALA J 164 67.37 -65.99 -85.12
N LEU J 165 66.72 -64.85 -85.35
CA LEU J 165 66.48 -63.88 -84.28
C LEU J 165 65.57 -64.47 -83.21
N ARG J 166 64.47 -65.13 -83.63
CA ARG J 166 63.55 -65.69 -82.65
C ARG J 166 64.24 -66.73 -81.79
N HIS J 167 65.01 -67.62 -82.42
CA HIS J 167 65.63 -68.70 -81.65
C HIS J 167 66.79 -68.20 -80.81
N GLU J 168 67.50 -67.17 -81.28
CA GLU J 168 68.51 -66.54 -80.43
C GLU J 168 67.87 -65.89 -79.21
N ILE J 169 66.71 -65.25 -79.41
CA ILE J 169 65.97 -64.69 -78.28
C ILE J 169 65.55 -65.79 -77.32
N GLU J 170 65.09 -66.92 -77.87
CA GLU J 170 64.72 -68.06 -77.03
C GLU J 170 65.92 -68.55 -76.22
N LEU J 171 67.08 -68.66 -76.86
CA LEU J 171 68.27 -69.14 -76.17
C LEU J 171 68.70 -68.16 -75.08
N ARG J 172 68.64 -66.87 -75.37
CA ARG J 172 68.97 -65.86 -74.36
C ARG J 172 67.99 -65.92 -73.20
N MET J 173 66.71 -66.10 -73.51
CA MET J 173 65.67 -66.26 -72.50
C MET J 173 66.01 -67.41 -71.57
N ARG J 174 66.36 -68.55 -72.16
CA ARG J 174 66.71 -69.72 -71.36
C ARG J 174 67.96 -69.47 -70.54
N LYS J 175 68.96 -68.81 -71.13
CA LYS J 175 70.21 -68.52 -70.44
C LYS J 175 70.03 -67.54 -69.30
N ASN J 176 68.91 -66.82 -69.25
CA ASN J 176 68.62 -65.97 -68.11
C ASN J 176 67.98 -66.73 -66.95
N VAL J 177 67.69 -68.02 -67.13
CA VAL J 177 66.97 -68.82 -66.14
C VAL J 177 67.93 -69.84 -65.55
N LYS J 178 67.93 -69.96 -64.23
CA LYS J 178 68.76 -70.96 -63.57
C LYS J 178 68.27 -72.38 -63.89
N GLU J 179 69.19 -73.32 -63.86
CA GLU J 179 68.86 -74.71 -64.16
C GLU J 179 67.78 -75.21 -63.21
N GLY J 180 66.77 -75.88 -63.77
CA GLY J 180 65.66 -76.39 -63.00
C GLY J 180 64.49 -75.44 -62.89
N CYS J 181 64.69 -74.16 -63.17
CA CYS J 181 63.62 -73.16 -63.22
C CYS J 181 63.29 -72.83 -64.66
N THR J 182 62.20 -72.08 -64.84
CA THR J 182 61.66 -71.77 -66.16
C THR J 182 61.58 -70.29 -66.46
N VAL J 183 61.56 -69.43 -65.46
CA VAL J 183 61.25 -68.01 -65.63
C VAL J 183 62.31 -67.17 -64.93
N SER J 184 62.68 -66.04 -65.54
CA SER J 184 63.71 -65.15 -64.99
C SER J 184 63.44 -63.68 -65.33
N PRO J 185 63.83 -62.74 -64.46
CA PRO J 185 63.53 -61.32 -64.73
C PRO J 185 64.39 -60.67 -65.79
N GLU J 186 65.60 -61.18 -66.05
CA GLU J 186 66.56 -60.44 -66.86
C GLU J 186 65.97 -60.10 -68.22
N THR J 187 66.18 -58.85 -68.64
CA THR J 187 65.53 -58.29 -69.82
C THR J 187 66.48 -58.32 -71.02
N ILE J 188 66.00 -58.85 -72.13
CA ILE J 188 66.73 -58.84 -73.39
C ILE J 188 66.38 -57.57 -74.15
N SER J 189 67.40 -56.87 -74.66
CA SER J 189 67.23 -55.61 -75.35
C SER J 189 67.50 -55.80 -76.84
N LEU J 190 66.49 -55.54 -77.67
CA LEU J 190 66.60 -55.56 -79.11
C LEU J 190 66.12 -54.24 -79.67
N ASN J 191 66.93 -53.60 -80.51
CA ASN J 191 66.55 -52.36 -81.18
C ASN J 191 66.07 -52.72 -82.58
N VAL J 192 64.79 -52.43 -82.85
CA VAL J 192 64.15 -52.78 -84.11
C VAL J 192 63.72 -51.48 -84.79
N LYS J 193 64.05 -51.36 -86.08
CA LYS J 193 63.66 -50.22 -86.88
C LYS J 193 63.00 -50.70 -88.16
N GLY J 194 62.06 -49.91 -88.68
CA GLY J 194 61.38 -50.24 -89.90
C GLY J 194 60.28 -49.24 -90.22
N PRO J 195 59.79 -49.27 -91.46
CA PRO J 195 58.78 -48.29 -91.87
C PRO J 195 57.45 -48.55 -91.15
N GLY J 196 56.80 -47.46 -90.75
CA GLY J 196 55.52 -47.52 -90.11
C GLY J 196 55.57 -47.77 -88.61
N LEU J 197 56.75 -48.05 -88.06
CA LEU J 197 56.88 -48.27 -86.63
C LEU J 197 56.70 -46.96 -85.89
N GLN J 198 56.09 -47.04 -84.71
CA GLN J 198 55.91 -45.86 -83.87
C GLN J 198 57.05 -45.76 -82.88
N ARG J 199 57.15 -44.60 -82.25
CA ARG J 199 58.13 -44.38 -81.19
C ARG J 199 57.67 -45.07 -79.91
N MET J 200 57.98 -46.37 -79.71
CA MET J 200 57.38 -47.14 -78.57
C MET J 200 58.30 -48.19 -77.96
N VAL J 201 58.87 -47.95 -76.77
CA VAL J 201 59.54 -49.03 -76.07
C VAL J 201 58.49 -50.01 -75.53
N LEU J 202 58.66 -51.30 -75.83
CA LEU J 202 57.69 -52.34 -75.50
C LEU J 202 58.40 -53.48 -74.78
N VAL J 203 57.92 -53.82 -73.59
CA VAL J 203 58.56 -54.84 -72.76
C VAL J 203 57.63 -56.03 -72.67
N ASP J 204 57.97 -57.11 -73.38
CA ASP J 204 57.30 -58.38 -73.19
C ASP J 204 57.65 -58.96 -71.83
N LEU J 205 56.65 -59.57 -71.19
CA LEU J 205 56.72 -60.05 -69.83
C LEU J 205 56.34 -61.53 -69.77
N PRO J 206 56.92 -62.31 -68.84
CA PRO J 206 56.47 -63.70 -68.67
C PRO J 206 54.97 -63.82 -68.48
N GLY J 207 54.32 -64.69 -69.25
CA GLY J 207 52.88 -64.85 -69.16
C GLY J 207 52.40 -65.26 -67.78
N VAL J 208 51.32 -64.66 -67.31
CA VAL J 208 50.79 -64.91 -65.96
C VAL J 208 49.86 -66.09 -66.00
N ILE J 209 49.86 -66.88 -64.93
CA ILE J 209 49.12 -68.13 -64.84
C ILE J 209 48.18 -68.07 -63.65
N ASN J 210 46.91 -68.41 -63.88
CA ASN J 210 46.00 -68.64 -62.76
C ASN J 210 46.56 -69.72 -61.84
N THR J 211 46.92 -70.87 -62.41
CA THR J 211 47.61 -71.93 -61.69
C THR J 211 48.60 -72.60 -62.62
N VAL J 212 49.65 -73.18 -62.03
CA VAL J 212 50.62 -73.92 -62.83
C VAL J 212 49.97 -75.16 -63.41
N THR J 213 50.22 -75.39 -64.69
CA THR J 213 49.90 -76.68 -65.27
C THR J 213 50.91 -77.72 -64.78
N SER J 214 50.51 -78.98 -64.80
CA SER J 214 51.33 -80.02 -64.18
C SER J 214 52.71 -80.08 -64.82
N GLY J 215 52.78 -79.96 -66.15
CA GLY J 215 54.06 -80.04 -66.82
C GLY J 215 55.02 -78.94 -66.39
N MET J 216 54.51 -77.73 -66.24
CA MET J 216 55.35 -76.60 -65.87
C MET J 216 55.82 -76.70 -64.43
N ALA J 217 57.01 -76.16 -64.18
CA ALA J 217 57.54 -76.15 -62.83
C ALA J 217 56.68 -75.25 -61.94
N PRO J 218 56.45 -75.63 -60.68
CA PRO J 218 55.68 -74.75 -59.79
C PRO J 218 56.30 -73.38 -59.61
N ASP J 219 57.64 -73.31 -59.56
CA ASP J 219 58.36 -72.06 -59.34
C ASP J 219 57.70 -70.90 -60.06
N THR J 220 57.38 -71.11 -61.34
CA THR J 220 56.99 -70.00 -62.19
C THR J 220 55.90 -69.16 -61.56
N LYS J 221 54.94 -69.79 -60.87
CA LYS J 221 53.79 -69.03 -60.41
C LYS J 221 54.21 -67.91 -59.49
N GLU J 222 55.13 -68.19 -58.55
CA GLU J 222 55.63 -67.12 -57.71
C GLU J 222 56.58 -66.22 -58.47
N THR J 223 57.42 -66.80 -59.32
CA THR J 223 58.39 -65.99 -60.06
C THR J 223 57.69 -65.06 -61.04
N ILE J 224 56.79 -65.60 -61.87
CA ILE J 224 56.24 -64.84 -62.98
C ILE J 224 55.65 -63.52 -62.50
N PHE J 225 54.80 -63.59 -61.47
CA PHE J 225 54.15 -62.38 -61.02
C PHE J 225 55.15 -61.37 -60.47
N SER J 226 56.11 -61.85 -59.67
CA SER J 226 57.09 -60.92 -59.11
C SER J 226 57.78 -60.16 -60.22
N ILE J 227 58.27 -60.88 -61.23
CA ILE J 227 58.91 -60.25 -62.36
C ILE J 227 57.99 -59.20 -62.97
N SER J 228 56.74 -59.58 -63.21
CA SER J 228 55.82 -58.63 -63.81
C SER J 228 55.72 -57.38 -62.96
N LYS J 229 55.57 -57.56 -61.65
CA LYS J 229 55.45 -56.40 -60.77
C LYS J 229 56.66 -55.50 -60.95
N ALA J 230 57.85 -56.10 -61.01
CA ALA J 230 59.11 -55.34 -61.08
C ALA J 230 59.02 -54.29 -62.17
N TYR J 231 58.40 -54.65 -63.28
CA TYR J 231 58.29 -53.78 -64.44
C TYR J 231 56.98 -53.04 -64.48
N MET J 232 55.94 -53.64 -63.91
CA MET J 232 54.58 -53.09 -63.95
C MET J 232 54.45 -51.88 -63.03
N GLN J 233 55.14 -51.91 -61.88
CA GLN J 233 55.01 -50.89 -60.86
C GLN J 233 55.59 -49.54 -61.28
N ASN J 234 56.36 -49.51 -62.36
CA ASN J 234 56.99 -48.28 -62.81
C ASN J 234 55.95 -47.15 -62.84
N PRO J 235 56.06 -46.14 -61.98
CA PRO J 235 55.05 -45.07 -61.98
C PRO J 235 55.04 -44.24 -63.26
N ASN J 236 56.08 -44.37 -64.10
CA ASN J 236 56.18 -43.61 -65.34
C ASN J 236 55.88 -44.45 -66.57
N ALA J 237 55.32 -45.65 -66.40
CA ALA J 237 55.14 -46.58 -67.51
C ALA J 237 53.68 -46.79 -67.83
N ILE J 238 53.41 -47.19 -69.07
CA ILE J 238 52.09 -47.59 -69.51
C ILE J 238 51.95 -49.09 -69.34
N ILE J 239 50.78 -49.54 -68.90
CA ILE J 239 50.47 -50.95 -68.78
C ILE J 239 49.62 -51.36 -69.96
N LEU J 240 50.14 -52.27 -70.79
CA LEU J 240 49.36 -52.85 -71.88
C LEU J 240 48.94 -54.25 -71.47
N CYS J 241 47.63 -54.43 -71.28
CA CYS J 241 47.07 -55.66 -70.74
C CYS J 241 46.49 -56.51 -71.87
N ILE J 242 47.05 -57.71 -72.03
CA ILE J 242 46.66 -58.63 -73.10
C ILE J 242 45.88 -59.77 -72.46
N GLN J 243 44.59 -59.87 -72.74
CA GLN J 243 43.74 -60.89 -72.14
C GLN J 243 43.12 -61.75 -73.22
N ASP J 244 43.03 -63.06 -72.94
CA ASP J 244 42.46 -64.01 -73.88
C ASP J 244 40.94 -63.87 -73.85
N GLY J 245 40.37 -63.39 -74.94
CA GLY J 245 38.94 -63.18 -75.06
C GLY J 245 38.18 -64.32 -75.71
N SER J 246 38.85 -65.45 -75.98
CA SER J 246 38.19 -66.62 -76.54
C SER J 246 37.96 -67.71 -75.50
N VAL J 247 38.14 -67.38 -74.22
CA VAL J 247 37.97 -68.34 -73.13
C VAL J 247 37.10 -67.70 -72.06
N ASP J 248 36.63 -68.53 -71.14
CA ASP J 248 35.86 -68.03 -70.01
C ASP J 248 36.70 -67.02 -69.23
N ALA J 249 36.26 -65.77 -69.22
CA ALA J 249 37.05 -64.70 -68.61
C ALA J 249 37.24 -64.93 -67.12
N GLU J 250 36.39 -65.75 -66.49
CA GLU J 250 36.57 -66.04 -65.07
C GLU J 250 37.91 -66.71 -64.79
N ARG J 251 38.48 -67.37 -65.79
CA ARG J 251 39.74 -68.08 -65.63
C ARG J 251 40.96 -67.17 -65.80
N SER J 252 40.76 -65.94 -66.24
CA SER J 252 41.88 -65.03 -66.47
C SER J 252 42.46 -64.52 -65.14
N ILE J 253 43.73 -64.15 -65.19
CA ILE J 253 44.43 -63.64 -64.00
C ILE J 253 45.19 -62.34 -64.26
N VAL J 254 45.45 -61.95 -65.51
CA VAL J 254 46.29 -60.77 -65.75
C VAL J 254 45.65 -59.51 -65.19
N THR J 255 44.32 -59.42 -65.27
CA THR J 255 43.65 -58.19 -64.85
C THR J 255 43.80 -57.92 -63.36
N ASP J 256 44.00 -58.96 -62.55
CA ASP J 256 44.20 -58.74 -61.13
C ASP J 256 45.55 -58.10 -60.86
N LEU J 257 46.60 -58.58 -61.54
CA LEU J 257 47.90 -57.95 -61.41
C LEU J 257 47.89 -56.53 -61.96
N VAL J 258 47.16 -56.32 -63.07
CA VAL J 258 47.07 -54.96 -63.62
C VAL J 258 46.40 -54.03 -62.63
N SER J 259 45.30 -54.49 -62.01
CA SER J 259 44.61 -53.67 -61.01
C SER J 259 45.50 -53.43 -59.79
N GLN J 260 46.34 -54.40 -59.43
CA GLN J 260 47.27 -54.19 -58.33
C GLN J 260 48.31 -53.13 -58.67
N MET J 261 48.82 -53.16 -59.91
CA MET J 261 49.93 -52.30 -60.29
C MET J 261 49.47 -50.92 -60.71
N ASP J 262 48.25 -50.80 -61.22
CA ASP J 262 47.65 -49.51 -61.57
C ASP J 262 46.20 -49.50 -61.12
N PRO J 263 45.96 -49.21 -59.84
CA PRO J 263 44.59 -49.25 -59.32
C PRO J 263 43.64 -48.29 -60.02
N HIS J 264 44.15 -47.22 -60.63
CA HIS J 264 43.30 -46.18 -61.22
C HIS J 264 43.35 -46.15 -62.75
N GLY J 265 44.13 -47.01 -63.38
CA GLY J 265 44.23 -46.97 -64.82
C GLY J 265 44.87 -45.69 -65.34
N ARG J 266 45.82 -45.13 -64.57
CA ARG J 266 46.44 -43.87 -64.96
C ARG J 266 47.17 -43.99 -66.28
N ARG J 267 47.82 -45.12 -66.55
CA ARG J 267 48.46 -45.38 -67.83
C ARG J 267 48.22 -46.83 -68.25
N THR J 268 46.97 -47.28 -68.17
CA THR J 268 46.61 -48.66 -68.45
C THR J 268 45.82 -48.74 -69.76
N ILE J 269 46.26 -49.63 -70.65
CA ILE J 269 45.56 -49.92 -71.90
C ILE J 269 45.24 -51.40 -71.93
N PHE J 270 43.98 -51.74 -72.18
CA PHE J 270 43.50 -53.11 -72.14
C PHE J 270 43.24 -53.61 -73.55
N VAL J 271 43.67 -54.85 -73.82
CA VAL J 271 43.54 -55.46 -75.13
C VAL J 271 43.04 -56.89 -74.96
N LEU J 272 42.05 -57.28 -75.76
CA LEU J 272 41.68 -58.68 -75.91
C LEU J 272 42.41 -59.29 -77.09
N THR J 273 42.67 -60.59 -77.00
CA THR J 273 43.35 -61.33 -78.04
C THR J 273 42.53 -62.55 -78.46
N LYS J 274 42.99 -63.21 -79.52
CA LYS J 274 42.30 -64.37 -80.06
C LYS J 274 40.87 -64.02 -80.44
N VAL J 275 40.68 -62.83 -80.97
CA VAL J 275 39.33 -62.38 -81.31
C VAL J 275 38.74 -63.22 -82.43
N ASP J 276 39.55 -63.57 -83.44
CA ASP J 276 39.06 -64.42 -84.51
C ASP J 276 38.63 -65.78 -83.97
N LEU J 277 39.42 -66.35 -83.06
CA LEU J 277 39.00 -67.55 -82.36
C LEU J 277 37.78 -67.26 -81.48
N ALA J 278 37.72 -66.06 -80.90
CA ALA J 278 36.62 -65.69 -80.04
C ALA J 278 35.29 -65.64 -80.78
N GLU J 279 35.31 -65.48 -82.11
CA GLU J 279 34.05 -65.40 -82.85
C GLU J 279 33.20 -66.64 -82.61
N LYS J 280 33.81 -67.82 -82.67
CA LYS J 280 33.12 -69.07 -82.36
C LYS J 280 33.26 -69.45 -80.89
N ASN J 281 34.14 -68.79 -80.15
CA ASN J 281 34.42 -69.10 -78.75
C ASN J 281 34.44 -67.83 -77.92
N VAL J 282 33.48 -66.92 -78.16
CA VAL J 282 33.48 -65.63 -77.48
C VAL J 282 33.37 -65.83 -75.97
N ALA J 283 34.14 -65.05 -75.23
CA ALA J 283 33.99 -65.02 -73.79
C ALA J 283 32.63 -64.44 -73.43
N SER J 284 31.93 -65.09 -72.51
CA SER J 284 30.55 -64.73 -72.24
C SER J 284 30.48 -63.27 -71.77
N PRO J 285 29.41 -62.56 -72.11
CA PRO J 285 29.29 -61.16 -71.67
C PRO J 285 29.44 -61.00 -70.17
N SER J 286 28.88 -61.94 -69.39
CA SER J 286 28.73 -61.76 -67.95
C SER J 286 30.07 -61.65 -67.24
N ARG J 287 31.16 -62.03 -67.89
CA ARG J 287 32.48 -61.93 -67.27
C ARG J 287 33.42 -61.03 -68.06
N ILE J 288 33.30 -61.02 -69.39
CA ILE J 288 34.24 -60.25 -70.21
C ILE J 288 33.82 -58.78 -70.28
N GLN J 289 32.52 -58.49 -70.38
CA GLN J 289 32.09 -57.10 -70.46
C GLN J 289 32.33 -56.37 -69.15
N GLN J 290 32.24 -57.08 -68.02
CA GLN J 290 32.58 -56.48 -66.73
C GLN J 290 34.07 -56.20 -66.60
N ILE J 291 34.90 -56.87 -67.38
CA ILE J 291 36.32 -56.54 -67.47
C ILE J 291 36.53 -55.34 -68.38
N ILE J 292 35.85 -55.33 -69.52
CA ILE J 292 35.97 -54.23 -70.46
C ILE J 292 35.47 -52.93 -69.81
N GLU J 293 34.44 -53.04 -68.98
CA GLU J 293 33.87 -51.88 -68.30
C GLU J 293 34.57 -51.60 -66.97
N GLY J 294 35.56 -52.40 -66.58
CA GLY J 294 36.26 -52.17 -65.33
C GLY J 294 35.42 -52.42 -64.10
N LYS J 295 34.51 -53.39 -64.16
CA LYS J 295 33.61 -53.69 -63.05
C LYS J 295 33.91 -55.02 -62.36
N LEU J 296 34.31 -56.05 -63.12
CA LEU J 296 34.70 -57.30 -62.49
C LEU J 296 36.02 -57.16 -61.75
N PHE J 297 36.90 -56.28 -62.24
CA PHE J 297 38.18 -56.02 -61.63
C PHE J 297 38.35 -54.51 -61.43
N PRO J 298 39.11 -54.09 -60.41
CA PRO J 298 39.33 -52.65 -60.21
C PRO J 298 40.05 -51.99 -61.38
N MET J 299 40.63 -52.78 -62.28
CA MET J 299 41.39 -52.23 -63.41
C MET J 299 40.54 -51.23 -64.19
N LYS J 300 41.01 -49.98 -64.24
CA LYS J 300 40.54 -49.00 -65.20
C LYS J 300 41.59 -48.87 -66.30
N ALA J 301 41.19 -48.25 -67.40
CA ALA J 301 42.06 -48.20 -68.57
C ALA J 301 41.82 -46.90 -69.35
N LEU J 302 42.82 -46.56 -70.17
CA LEU J 302 42.68 -45.48 -71.12
C LEU J 302 41.79 -45.87 -72.30
N GLY J 303 41.43 -47.13 -72.38
CA GLY J 303 40.59 -47.65 -73.44
C GLY J 303 40.73 -49.16 -73.49
N TYR J 304 39.66 -49.81 -73.91
CA TYR J 304 39.59 -51.26 -73.94
C TYR J 304 39.61 -51.72 -75.38
N PHE J 305 40.71 -52.35 -75.76
CA PHE J 305 41.05 -52.65 -77.14
C PHE J 305 40.96 -54.15 -77.38
N ALA J 306 41.14 -54.54 -78.64
CA ALA J 306 41.25 -55.94 -78.98
C ALA J 306 41.99 -56.09 -80.30
N VAL J 307 42.83 -57.11 -80.37
CA VAL J 307 43.56 -57.46 -81.58
C VAL J 307 43.50 -58.97 -81.75
N VAL J 308 43.71 -59.42 -82.99
CA VAL J 308 43.72 -60.85 -83.28
C VAL J 308 45.16 -61.32 -83.29
N THR J 309 45.38 -62.53 -82.79
CA THR J 309 46.72 -63.09 -82.68
C THR J 309 46.92 -64.28 -83.61
N GLY J 310 45.93 -64.64 -84.41
CA GLY J 310 45.97 -65.80 -85.27
C GLY J 310 44.90 -66.80 -84.88
N LYS J 311 44.98 -67.99 -85.50
CA LYS J 311 44.12 -69.12 -85.16
C LYS J 311 44.86 -70.20 -84.40
N GLY J 312 45.96 -69.85 -83.73
CA GLY J 312 46.77 -70.81 -83.02
C GLY J 312 47.95 -71.33 -83.80
N ASN J 313 47.98 -71.10 -85.11
CA ASN J 313 49.15 -71.47 -85.90
C ASN J 313 50.29 -70.49 -85.60
N SER J 314 51.50 -71.04 -85.50
CA SER J 314 52.64 -70.25 -85.06
C SER J 314 53.37 -69.55 -86.20
N SER J 315 53.15 -69.98 -87.44
CA SER J 315 53.87 -69.43 -88.60
C SER J 315 53.11 -68.30 -89.28
N GLU J 316 51.95 -67.90 -88.77
CA GLU J 316 51.14 -66.89 -89.44
C GLU J 316 51.91 -65.58 -89.58
N SER J 317 51.79 -64.97 -90.75
CA SER J 317 52.46 -63.71 -91.04
C SER J 317 51.72 -62.54 -90.42
N ILE J 318 52.38 -61.37 -90.46
CA ILE J 318 51.79 -60.15 -89.92
C ILE J 318 50.54 -59.75 -90.73
N GLU J 319 50.68 -59.74 -92.06
CA GLU J 319 49.60 -59.29 -92.92
C GLU J 319 48.38 -60.19 -92.80
N ALA J 320 48.58 -61.50 -92.78
CA ALA J 320 47.45 -62.42 -92.61
C ALA J 320 46.70 -62.09 -91.34
N ILE J 321 47.40 -61.99 -90.21
CA ILE J 321 46.75 -61.76 -88.92
C ILE J 321 45.96 -60.46 -88.97
N ARG J 322 46.55 -59.41 -89.54
CA ARG J 322 45.84 -58.13 -89.62
C ARG J 322 44.57 -58.24 -90.48
N GLU J 323 44.65 -58.97 -91.59
CA GLU J 323 43.47 -59.18 -92.42
C GLU J 323 42.39 -59.90 -91.63
N TYR J 324 42.78 -60.93 -90.88
CA TYR J 324 41.79 -61.69 -90.13
C TYR J 324 41.16 -60.78 -89.07
N GLU J 325 41.98 -59.90 -88.49
CA GLU J 325 41.50 -58.90 -87.53
C GLU J 325 40.41 -58.04 -88.13
N GLU J 326 40.64 -57.55 -89.35
CA GLU J 326 39.67 -56.68 -89.99
C GLU J 326 38.36 -57.43 -90.25
N GLU J 327 38.44 -58.65 -90.75
CA GLU J 327 37.21 -59.43 -90.97
C GLU J 327 36.45 -59.62 -89.66
N PHE J 328 37.17 -60.04 -88.60
CA PHE J 328 36.50 -60.29 -87.32
C PHE J 328 35.78 -59.04 -86.83
N PHE J 329 36.51 -57.92 -86.75
CA PHE J 329 35.91 -56.72 -86.17
C PHE J 329 34.83 -56.13 -87.06
N GLN J 330 34.84 -56.40 -88.36
CA GLN J 330 33.68 -56.03 -89.15
C GLN J 330 32.45 -56.88 -88.82
N ASN J 331 32.64 -58.18 -88.54
CA ASN J 331 31.48 -59.07 -88.46
C ASN J 331 31.11 -59.58 -87.08
N SER J 332 31.93 -59.41 -86.06
CA SER J 332 31.80 -60.21 -84.85
C SER J 332 31.23 -59.43 -83.66
N LYS J 333 31.09 -60.17 -82.54
CA LYS J 333 30.31 -59.71 -81.39
C LYS J 333 31.01 -58.60 -80.62
N LEU J 334 32.34 -58.51 -80.69
CA LEU J 334 33.05 -57.57 -79.83
C LEU J 334 32.56 -56.13 -80.05
N LEU J 335 32.05 -55.83 -81.25
CA LEU J 335 31.48 -54.51 -81.54
C LEU J 335 29.97 -54.51 -81.66
N LYS J 336 29.36 -55.54 -82.26
CA LYS J 336 27.93 -55.49 -82.51
C LYS J 336 27.12 -55.37 -81.23
N THR J 337 27.64 -55.89 -80.12
CA THR J 337 26.98 -55.79 -78.82
C THR J 337 27.60 -54.73 -77.94
N SER J 338 28.49 -53.90 -78.49
CA SER J 338 28.99 -52.70 -77.81
C SER J 338 29.67 -53.04 -76.48
N MET J 339 30.69 -53.90 -76.55
CA MET J 339 31.61 -54.03 -75.42
C MET J 339 32.84 -53.15 -75.63
N LEU J 340 33.53 -53.35 -76.75
CA LEU J 340 34.71 -52.59 -77.12
C LEU J 340 34.31 -51.44 -78.02
N LYS J 341 35.18 -50.43 -78.07
CA LYS J 341 34.93 -49.25 -78.85
C LYS J 341 35.53 -49.42 -80.25
N ALA J 342 34.79 -48.96 -81.26
CA ALA J 342 35.21 -49.19 -82.64
C ALA J 342 36.56 -48.55 -82.94
N HIS J 343 36.83 -47.39 -82.35
CA HIS J 343 38.10 -46.71 -82.56
C HIS J 343 39.23 -47.33 -81.73
N GLN J 344 38.93 -48.36 -80.93
CA GLN J 344 39.92 -49.00 -80.08
C GLN J 344 40.18 -50.45 -80.47
N VAL J 345 39.82 -50.86 -81.68
CA VAL J 345 40.06 -52.23 -82.13
C VAL J 345 40.94 -52.21 -83.38
N THR J 346 41.54 -53.36 -83.66
CA THR J 346 42.45 -53.54 -84.78
C THR J 346 43.86 -53.11 -84.38
N THR J 347 44.87 -53.60 -85.10
CA THR J 347 46.25 -53.36 -84.69
C THR J 347 46.61 -51.89 -84.75
N ARG J 348 46.20 -51.19 -85.81
CA ARG J 348 46.66 -49.82 -86.01
C ARG J 348 46.18 -48.89 -84.90
N ASN J 349 44.93 -49.06 -84.47
CA ASN J 349 44.40 -48.17 -83.43
C ASN J 349 45.12 -48.38 -82.11
N LEU J 350 45.36 -49.64 -81.75
CA LEU J 350 46.09 -49.92 -80.52
C LEU J 350 47.51 -49.37 -80.60
N SER J 351 48.19 -49.58 -81.72
CA SER J 351 49.55 -49.09 -81.86
C SER J 351 49.61 -47.58 -81.75
N LEU J 352 48.68 -46.88 -82.41
CA LEU J 352 48.70 -45.42 -82.38
C LEU J 352 48.36 -44.90 -80.99
N ALA J 353 47.39 -45.51 -80.32
CA ALA J 353 47.06 -45.08 -78.96
C ALA J 353 48.25 -45.26 -78.04
N VAL J 354 48.92 -46.42 -78.13
CA VAL J 354 50.07 -46.66 -77.27
C VAL J 354 51.20 -45.68 -77.55
N SER J 355 51.48 -45.42 -78.83
CA SER J 355 52.56 -44.49 -79.16
C SER J 355 52.27 -43.08 -78.65
N ASP J 356 51.03 -42.63 -78.83
CA ASP J 356 50.69 -41.26 -78.44
C ASP J 356 50.78 -41.14 -76.92
N CYS J 357 50.14 -42.04 -76.19
CA CYS J 357 50.18 -41.98 -74.74
C CYS J 357 51.62 -42.13 -74.25
N PHE J 358 52.36 -43.06 -74.86
CA PHE J 358 53.73 -43.29 -74.45
C PHE J 358 54.58 -42.04 -74.62
N TRP J 359 54.54 -41.42 -75.80
CA TRP J 359 55.48 -40.34 -76.03
C TRP J 359 55.06 -39.07 -75.29
N LYS J 360 53.76 -38.85 -75.07
CA LYS J 360 53.40 -37.74 -74.19
C LYS J 360 53.90 -37.98 -72.77
N MET J 361 53.70 -39.19 -72.24
CA MET J 361 54.23 -39.53 -70.94
C MET J 361 55.75 -39.37 -70.90
N VAL J 362 56.42 -39.71 -72.00
CA VAL J 362 57.87 -39.55 -72.09
C VAL J 362 58.25 -38.08 -72.00
N ARG J 363 57.63 -37.23 -72.82
CA ARG J 363 57.98 -35.82 -72.78
C ARG J 363 57.75 -35.23 -71.40
N GLU J 364 56.71 -35.67 -70.70
CA GLU J 364 56.44 -35.11 -69.38
C GLU J 364 57.37 -35.66 -68.31
N SER J 365 57.71 -36.94 -68.36
CA SER J 365 58.43 -37.56 -67.26
C SER J 365 59.94 -37.61 -67.46
N VAL J 366 60.41 -37.73 -68.70
CA VAL J 366 61.84 -37.89 -68.93
C VAL J 366 62.58 -36.59 -68.65
N GLU J 367 61.99 -35.44 -68.96
CA GLU J 367 62.68 -34.19 -68.66
C GLU J 367 62.85 -34.01 -67.15
N GLN J 368 61.79 -34.28 -66.38
CA GLN J 368 61.92 -34.18 -64.93
C GLN J 368 62.94 -35.18 -64.41
N GLN J 369 62.89 -36.41 -64.90
CA GLN J 369 63.81 -37.42 -64.39
C GLN J 369 65.22 -37.21 -64.92
N ALA J 370 65.37 -36.47 -66.03
CA ALA J 370 66.71 -36.17 -66.55
C ALA J 370 67.36 -35.05 -65.75
N ASP J 371 66.59 -34.05 -65.37
CA ASP J 371 67.09 -33.10 -64.37
C ASP J 371 67.43 -33.85 -63.09
N SER J 372 66.58 -34.80 -62.71
CA SER J 372 66.85 -35.61 -61.53
C SER J 372 68.08 -36.51 -61.72
N PHE J 373 68.40 -36.88 -62.95
CA PHE J 373 69.60 -37.69 -63.20
C PHE J 373 70.87 -36.86 -63.23
N LYS J 374 70.78 -35.59 -63.65
CA LYS J 374 71.87 -34.67 -63.38
C LYS J 374 72.07 -34.59 -61.87
N ALA J 375 70.96 -34.42 -61.14
CA ALA J 375 71.02 -34.44 -59.69
C ALA J 375 71.60 -35.75 -59.19
N THR J 376 71.27 -36.87 -59.84
CA THR J 376 71.74 -38.17 -59.41
C THR J 376 73.25 -38.29 -59.56
N ARG J 377 73.80 -37.79 -60.67
CA ARG J 377 75.24 -37.85 -60.84
C ARG J 377 75.95 -36.94 -59.85
N PHE J 378 75.41 -35.74 -59.60
CA PHE J 378 75.99 -34.93 -58.52
C PHE J 378 75.84 -35.61 -57.16
N ASN J 379 74.74 -36.33 -56.96
CA ASN J 379 74.53 -37.03 -55.69
C ASN J 379 75.56 -38.12 -55.50
N LEU J 380 75.84 -38.88 -56.56
CA LEU J 380 76.92 -39.86 -56.49
C LEU J 380 78.26 -39.20 -56.25
N GLU J 381 78.47 -38.01 -56.83
CA GLU J 381 79.70 -37.28 -56.57
C GLU J 381 79.81 -36.93 -55.09
N THR J 382 78.70 -36.50 -54.49
CA THR J 382 78.66 -36.07 -53.10
C THR J 382 79.20 -37.17 -52.19
N GLU J 383 78.54 -38.34 -52.20
CA GLU J 383 78.97 -39.44 -51.35
C GLU J 383 80.36 -39.94 -51.75
N TRP J 384 80.59 -40.13 -53.06
CA TRP J 384 81.83 -40.77 -53.49
C TRP J 384 83.05 -39.98 -53.05
N LYS J 385 83.04 -38.66 -53.28
CA LYS J 385 84.21 -37.86 -52.95
C LYS J 385 84.51 -37.91 -51.45
N ASN J 386 83.47 -37.90 -50.63
CA ASN J 386 83.66 -38.08 -49.19
C ASN J 386 84.27 -39.44 -48.90
N ASN J 387 83.79 -40.49 -49.57
CA ASN J 387 84.31 -41.82 -49.31
C ASN J 387 85.77 -41.95 -49.70
N TYR J 388 86.13 -41.49 -50.90
CA TYR J 388 87.47 -41.67 -51.45
C TYR J 388 87.94 -40.35 -52.05
N PRO J 389 88.22 -39.35 -51.20
CA PRO J 389 88.73 -38.08 -51.73
C PRO J 389 90.06 -38.23 -52.45
N ARG J 390 90.98 -39.01 -51.89
CA ARG J 390 92.30 -39.16 -52.51
C ARG J 390 92.22 -39.94 -53.81
N LEU J 391 91.40 -40.99 -53.87
CA LEU J 391 91.35 -41.91 -54.99
C LEU J 391 89.95 -41.95 -55.58
N ARG J 392 89.86 -41.91 -56.90
CA ARG J 392 88.58 -41.90 -57.61
C ARG J 392 88.41 -43.15 -58.45
N GLU J 393 87.19 -43.65 -58.47
CA GLU J 393 86.77 -44.81 -59.26
C GLU J 393 87.81 -45.93 -59.26
N LEU J 394 88.18 -46.39 -58.06
CA LEU J 394 89.01 -47.58 -57.91
C LEU J 394 88.25 -48.89 -58.02
N ASP J 395 88.85 -49.87 -58.70
CA ASP J 395 88.28 -51.18 -58.90
C ASP J 395 89.01 -52.34 -58.25
N ARG J 396 88.29 -53.43 -57.95
CA ARG J 396 88.83 -54.47 -57.10
C ARG J 396 89.91 -55.22 -57.89
N ASN J 397 89.77 -55.34 -59.21
CA ASN J 397 90.80 -55.99 -60.01
C ASN J 397 92.10 -55.19 -60.01
N GLU J 398 91.99 -53.87 -60.13
CA GLU J 398 93.15 -52.99 -60.00
C GLU J 398 93.80 -53.16 -58.64
N LEU J 399 92.97 -53.23 -57.60
CA LEU J 399 93.47 -53.41 -56.25
C LEU J 399 94.22 -54.74 -56.13
N PHE J 400 93.69 -55.79 -56.74
CA PHE J 400 94.35 -57.09 -56.70
C PHE J 400 95.71 -57.02 -57.37
N GLU J 401 95.79 -56.38 -58.54
CA GLU J 401 97.07 -56.29 -59.22
C GLU J 401 98.08 -55.54 -58.35
N LYS J 402 97.64 -54.43 -57.74
CA LYS J 402 98.51 -53.67 -56.86
C LYS J 402 98.99 -54.52 -55.68
N ALA J 403 98.07 -55.28 -55.07
CA ALA J 403 98.43 -56.13 -53.95
C ALA J 403 99.40 -57.22 -54.38
N LYS J 404 99.20 -57.79 -55.57
CA LYS J 404 100.11 -58.80 -56.08
C LYS J 404 101.52 -58.24 -56.20
N ASN J 405 101.63 -57.05 -56.79
CA ASN J 405 102.95 -56.44 -56.91
C ASN J 405 103.58 -56.21 -55.55
N GLU J 406 102.80 -55.67 -54.60
CA GLU J 406 103.34 -55.39 -53.28
C GLU J 406 103.78 -56.66 -52.58
N ILE J 407 103.00 -57.73 -52.69
CA ILE J 407 103.30 -58.97 -51.99
C ILE J 407 104.54 -59.63 -52.57
N LEU J 408 104.67 -59.64 -53.91
CA LEU J 408 105.87 -60.21 -54.50
C LEU J 408 107.10 -59.37 -54.14
N ASP J 409 106.92 -58.05 -54.07
CA ASP J 409 108.00 -57.19 -53.60
C ASP J 409 108.36 -57.50 -52.15
N GLU J 410 107.38 -57.83 -51.32
CA GLU J 410 107.66 -58.20 -49.94
C GLU J 410 108.46 -59.49 -49.88
N VAL J 411 108.15 -60.45 -50.76
CA VAL J 411 108.97 -61.65 -50.82
C VAL J 411 110.42 -61.29 -51.17
N ILE J 412 110.58 -60.42 -52.17
CA ILE J 412 111.93 -60.00 -52.55
C ILE J 412 112.63 -59.32 -51.38
N SER J 413 111.90 -58.50 -50.64
CA SER J 413 112.47 -57.86 -49.45
C SER J 413 112.87 -58.90 -48.41
N LEU J 414 112.08 -59.96 -48.29
CA LEU J 414 112.47 -61.07 -47.42
C LEU J 414 113.81 -61.65 -47.85
N SER J 415 114.05 -61.78 -49.16
CA SER J 415 115.37 -62.22 -49.70
C SER J 415 116.42 -61.21 -49.21
N GLN J 416 116.07 -59.92 -49.08
CA GLN J 416 117.02 -58.88 -48.69
C GLN J 416 117.37 -58.92 -47.22
N VAL J 417 116.66 -59.70 -46.41
CA VAL J 417 117.00 -59.79 -44.99
C VAL J 417 118.44 -60.28 -44.86
N THR J 418 119.18 -59.64 -43.97
CA THR J 418 120.60 -59.92 -43.86
C THR J 418 120.80 -61.37 -43.41
N PRO J 419 121.82 -62.05 -43.93
CA PRO J 419 122.04 -63.45 -43.51
C PRO J 419 122.20 -63.60 -42.01
N LYS J 420 122.87 -62.64 -41.36
CA LYS J 420 123.08 -62.74 -39.92
C LYS J 420 121.75 -62.72 -39.18
N HIS J 421 120.76 -61.99 -39.69
CA HIS J 421 119.46 -61.97 -39.04
C HIS J 421 118.85 -63.37 -39.01
N TRP J 422 118.85 -64.04 -40.17
CA TRP J 422 118.31 -65.39 -40.24
C TRP J 422 119.10 -66.33 -39.34
N GLU J 423 120.44 -66.25 -39.40
CA GLU J 423 121.27 -67.13 -38.61
C GLU J 423 121.06 -66.91 -37.12
N GLU J 424 120.91 -65.65 -36.70
CA GLU J 424 120.66 -65.35 -35.29
C GLU J 424 119.36 -65.97 -34.82
N ILE J 425 118.29 -65.78 -35.59
CA ILE J 425 117.01 -66.37 -35.20
C ILE J 425 117.14 -67.89 -35.10
N LEU J 426 117.75 -68.49 -36.12
CA LEU J 426 117.85 -69.95 -36.17
C LEU J 426 118.66 -70.47 -34.99
N GLN J 427 119.81 -69.86 -34.70
CA GLN J 427 120.67 -70.36 -33.63
C GLN J 427 120.02 -70.15 -32.27
N GLN J 428 119.40 -69.00 -32.03
CA GLN J 428 118.79 -68.78 -30.73
C GLN J 428 117.67 -69.80 -30.50
N SER J 429 116.82 -70.00 -31.50
CA SER J 429 115.77 -71.00 -31.37
C SER J 429 116.36 -72.40 -31.18
N LEU J 430 117.43 -72.72 -31.92
CA LEU J 430 118.03 -74.03 -31.82
C LEU J 430 118.59 -74.29 -30.43
N TRP J 431 119.25 -73.29 -29.85
CA TRP J 431 119.79 -73.43 -28.51
C TRP J 431 118.70 -73.54 -27.46
N GLU J 432 117.58 -72.82 -27.65
CA GLU J 432 116.47 -72.98 -26.71
C GLU J 432 115.95 -74.40 -26.69
N ARG J 433 116.16 -75.14 -27.78
CA ARG J 433 115.55 -76.46 -27.95
C ARG J 433 116.38 -77.59 -27.31
N VAL J 434 117.60 -77.31 -26.87
CA VAL J 434 118.51 -78.38 -26.48
C VAL J 434 119.20 -78.12 -25.13
N SER J 435 119.32 -76.85 -24.74
CA SER J 435 120.16 -76.52 -23.59
C SER J 435 119.68 -77.23 -22.33
N THR J 436 118.36 -77.24 -22.11
CA THR J 436 117.82 -77.97 -20.97
C THR J 436 118.18 -79.45 -21.06
N HIS J 437 118.09 -80.02 -22.27
CA HIS J 437 118.51 -81.39 -22.47
C HIS J 437 120.03 -81.53 -22.33
N VAL J 438 120.78 -80.52 -22.76
CA VAL J 438 122.23 -80.57 -22.64
C VAL J 438 122.63 -80.77 -21.17
N ILE J 439 122.03 -80.01 -20.27
CA ILE J 439 122.41 -80.14 -18.87
C ILE J 439 121.74 -81.34 -18.22
N GLU J 440 120.44 -81.54 -18.47
CA GLU J 440 119.70 -82.57 -17.76
C GLU J 440 120.17 -83.97 -18.15
N ASN J 441 120.45 -84.19 -19.44
CA ASN J 441 120.74 -85.53 -19.94
C ASN J 441 122.23 -85.81 -20.06
N ILE J 442 123.06 -84.80 -20.30
CA ILE J 442 124.50 -84.96 -20.47
C ILE J 442 125.26 -84.44 -19.25
N TYR J 443 125.16 -83.14 -18.98
CA TYR J 443 126.09 -82.51 -18.05
C TYR J 443 125.98 -83.11 -16.66
N LEU J 444 124.75 -83.21 -16.14
CA LEU J 444 124.56 -83.69 -14.77
C LEU J 444 125.11 -85.09 -14.57
N PRO J 445 124.72 -86.09 -15.37
CA PRO J 445 125.32 -87.43 -15.20
C PRO J 445 126.78 -87.49 -15.61
N ALA J 446 127.20 -86.70 -16.59
CA ALA J 446 128.59 -86.77 -17.05
C ALA J 446 129.54 -86.20 -16.02
N ALA J 447 129.19 -85.06 -15.43
CA ALA J 447 130.08 -84.34 -14.53
C ALA J 447 130.22 -85.01 -13.17
N GLN J 448 129.40 -86.01 -12.86
CA GLN J 448 129.45 -86.70 -11.58
C GLN J 448 130.42 -87.87 -11.58
N THR J 449 131.10 -88.13 -12.70
CA THR J 449 131.96 -89.30 -12.78
C THR J 449 133.29 -89.06 -12.07
N MET J 450 133.94 -90.16 -11.72
CA MET J 450 135.32 -90.16 -11.23
C MET J 450 136.31 -90.43 -12.36
N ASN J 451 135.83 -90.53 -13.59
CA ASN J 451 136.66 -90.85 -14.74
C ASN J 451 136.12 -90.05 -15.91
N SER J 452 136.90 -89.06 -16.36
CA SER J 452 136.42 -88.17 -17.42
C SER J 452 136.11 -88.90 -18.71
N GLY J 453 136.64 -90.12 -18.89
CA GLY J 453 136.26 -90.92 -20.04
C GLY J 453 134.79 -91.26 -20.04
N THR J 454 134.21 -91.52 -18.86
CA THR J 454 132.78 -91.78 -18.78
C THR J 454 131.96 -90.50 -18.87
N PHE J 455 132.51 -89.38 -18.43
CA PHE J 455 131.93 -88.09 -18.74
C PHE J 455 131.75 -87.93 -20.25
N ASN J 456 132.83 -88.13 -21.00
CA ASN J 456 132.78 -87.95 -22.44
C ASN J 456 131.93 -89.05 -23.09
N THR J 457 131.89 -90.24 -22.48
CA THR J 457 131.05 -91.31 -23.03
C THR J 457 129.57 -90.95 -22.90
N THR J 458 129.16 -90.42 -21.75
CA THR J 458 127.79 -89.94 -21.61
C THR J 458 127.51 -88.84 -22.62
N VAL J 459 128.44 -87.89 -22.74
CA VAL J 459 128.34 -86.85 -23.77
C VAL J 459 128.04 -87.48 -25.12
N ASP J 460 128.89 -88.41 -25.55
CA ASP J 460 128.80 -88.92 -26.90
C ASP J 460 127.55 -89.77 -27.11
N ILE J 461 127.14 -90.53 -26.09
CA ILE J 461 125.91 -91.31 -26.21
C ILE J 461 124.75 -90.37 -26.52
N LYS J 462 124.57 -89.35 -25.68
CA LYS J 462 123.42 -88.48 -25.86
C LYS J 462 123.51 -87.69 -27.15
N LEU J 463 124.70 -87.16 -27.45
CA LEU J 463 124.86 -86.33 -28.65
C LEU J 463 124.65 -87.15 -29.91
N LYS J 464 125.18 -88.38 -29.95
CA LYS J 464 125.03 -89.20 -31.14
C LYS J 464 123.59 -89.61 -31.34
N GLN J 465 122.89 -89.97 -30.25
CA GLN J 465 121.48 -90.31 -30.40
C GLN J 465 120.69 -89.12 -30.92
N TRP J 466 120.92 -87.93 -30.36
CA TRP J 466 120.19 -86.75 -30.77
C TRP J 466 120.49 -86.40 -32.23
N THR J 467 121.77 -86.45 -32.61
CA THR J 467 122.15 -86.12 -33.97
C THR J 467 121.52 -87.10 -34.95
N ASP J 468 121.53 -88.38 -34.63
CA ASP J 468 121.02 -89.38 -35.55
C ASP J 468 119.51 -89.25 -35.72
N LYS J 469 118.77 -89.02 -34.63
CA LYS J 469 117.32 -89.08 -34.68
C LYS J 469 116.59 -87.80 -34.33
N GLN J 470 117.26 -86.79 -33.76
CA GLN J 470 116.55 -85.59 -33.32
C GLN J 470 116.99 -84.33 -34.05
N LEU J 471 118.28 -84.00 -34.03
CA LEU J 471 118.70 -82.67 -34.44
C LEU J 471 118.27 -82.32 -35.86
N PRO J 472 118.41 -83.20 -36.87
CA PRO J 472 117.95 -82.84 -38.22
C PRO J 472 116.45 -82.67 -38.31
N ASN J 473 115.68 -83.08 -37.30
CA ASN J 473 114.24 -82.89 -37.27
C ASN J 473 113.85 -81.60 -36.56
N LYS J 474 114.58 -81.23 -35.51
CA LYS J 474 114.31 -79.96 -34.84
C LYS J 474 114.77 -78.78 -35.70
N ALA J 475 115.90 -78.92 -36.40
CA ALA J 475 116.44 -77.80 -37.15
C ALA J 475 115.50 -77.39 -38.28
N VAL J 476 114.89 -78.35 -38.97
CA VAL J 476 114.00 -78.01 -40.06
C VAL J 476 112.74 -77.35 -39.53
N GLU J 477 112.24 -77.80 -38.39
CA GLU J 477 111.10 -77.14 -37.77
C GLU J 477 111.44 -75.70 -37.47
N VAL J 478 112.60 -75.47 -36.85
CA VAL J 478 113.01 -74.11 -36.50
C VAL J 478 113.07 -73.25 -37.75
N ALA J 479 113.72 -73.76 -38.81
CA ALA J 479 113.96 -72.94 -39.99
C ALA J 479 112.67 -72.63 -40.74
N TRP J 480 111.81 -73.62 -40.94
CA TRP J 480 110.62 -73.36 -41.75
C TRP J 480 109.62 -72.51 -40.96
N GLU J 481 109.54 -72.72 -39.63
CA GLU J 481 108.74 -71.82 -38.81
C GLU J 481 109.30 -70.40 -38.86
N THR J 482 110.64 -70.26 -38.83
CA THR J 482 111.24 -68.94 -38.88
C THR J 482 110.93 -68.24 -40.19
N LEU J 483 111.03 -68.96 -41.30
CA LEU J 483 110.70 -68.36 -42.59
C LEU J 483 109.23 -67.98 -42.65
N GLN J 484 108.35 -68.84 -42.15
CA GLN J 484 106.93 -68.50 -42.15
C GLN J 484 106.67 -67.26 -41.31
N GLU J 485 107.32 -67.16 -40.15
CA GLU J 485 107.06 -66.04 -39.25
C GLU J 485 107.60 -64.73 -39.81
N GLU J 486 108.82 -64.73 -40.36
CA GLU J 486 109.36 -63.51 -40.93
C GLU J 486 108.60 -63.12 -42.19
N PHE J 487 108.18 -64.10 -42.98
CA PHE J 487 107.32 -63.85 -44.12
C PHE J 487 106.03 -63.16 -43.70
N SER J 488 105.43 -63.63 -42.60
CA SER J 488 104.25 -62.97 -42.06
C SER J 488 104.56 -61.54 -41.62
N ARG J 489 105.70 -61.34 -40.95
CA ARG J 489 105.99 -60.03 -40.37
C ARG J 489 106.26 -58.98 -41.43
N PHE J 490 107.03 -59.32 -42.48
CA PHE J 490 107.26 -58.36 -43.55
C PHE J 490 105.95 -57.92 -44.19
N MET J 491 104.95 -58.80 -44.21
CA MET J 491 103.70 -58.53 -44.90
C MET J 491 102.68 -57.79 -44.05
N THR J 492 102.93 -57.61 -42.75
CA THR J 492 101.89 -57.08 -41.87
C THR J 492 102.36 -55.94 -40.97
N GLU J 493 103.62 -55.92 -40.57
CA GLU J 493 104.06 -54.94 -39.58
C GLU J 493 104.24 -53.58 -40.24
N PRO J 494 103.56 -52.53 -39.76
CA PRO J 494 103.71 -51.21 -40.39
C PRO J 494 105.09 -50.62 -40.14
N LYS J 495 105.59 -49.91 -41.14
CA LYS J 495 106.86 -49.16 -41.01
C LYS J 495 106.53 -47.73 -40.62
N GLY J 496 105.93 -47.60 -39.44
CA GLY J 496 105.54 -46.30 -38.93
C GLY J 496 104.27 -45.77 -39.56
N LYS J 497 104.10 -44.45 -39.46
CA LYS J 497 102.88 -43.80 -39.89
C LYS J 497 102.65 -43.87 -41.40
N GLU J 498 103.67 -44.23 -42.18
CA GLU J 498 103.55 -44.25 -43.63
C GLU J 498 102.95 -45.54 -44.16
N HIS J 499 102.64 -46.51 -43.30
CA HIS J 499 102.10 -47.79 -43.75
C HIS J 499 100.73 -47.62 -44.40
N ASP J 500 100.52 -48.33 -45.50
CA ASP J 500 99.22 -48.41 -46.17
C ASP J 500 98.69 -49.84 -46.02
N ASP J 501 97.57 -49.99 -45.32
CA ASP J 501 96.99 -51.29 -45.02
C ASP J 501 95.96 -51.75 -46.04
N ILE J 502 95.84 -51.05 -47.17
CA ILE J 502 94.79 -51.36 -48.14
C ILE J 502 94.87 -52.82 -48.59
N PHE J 503 96.08 -53.33 -48.79
CA PHE J 503 96.29 -54.69 -49.29
C PHE J 503 96.58 -55.68 -48.18
N ASP J 504 96.39 -55.31 -46.92
CA ASP J 504 96.70 -56.23 -45.83
C ASP J 504 95.84 -57.48 -45.90
N LYS J 505 94.55 -57.34 -46.24
CA LYS J 505 93.70 -58.50 -46.40
C LYS J 505 94.24 -59.43 -47.46
N LEU J 506 94.63 -58.87 -48.61
CA LEU J 506 95.16 -59.68 -49.70
C LEU J 506 96.49 -60.31 -49.32
N LYS J 507 97.32 -59.58 -48.57
CA LYS J 507 98.58 -60.16 -48.08
C LYS J 507 98.30 -61.36 -47.19
N GLU J 508 97.38 -61.23 -46.24
CA GLU J 508 97.07 -62.34 -45.35
C GLU J 508 96.50 -63.52 -46.12
N ALA J 509 95.65 -63.25 -47.10
CA ALA J 509 95.09 -64.33 -47.91
C ALA J 509 96.17 -65.06 -48.70
N VAL J 510 97.13 -64.31 -49.27
CA VAL J 510 98.22 -64.93 -50.01
C VAL J 510 99.08 -65.78 -49.07
N LYS J 511 99.31 -65.29 -47.85
CA LYS J 511 100.29 -65.90 -46.96
C LYS J 511 100.01 -67.39 -46.73
N GLU J 512 98.79 -67.72 -46.33
CA GLU J 512 98.50 -69.10 -45.95
C GLU J 512 98.57 -70.04 -47.14
N GLU J 513 98.00 -69.62 -48.27
CA GLU J 513 98.04 -70.46 -49.47
C GLU J 513 99.48 -70.67 -49.93
N SER J 514 100.29 -69.62 -49.92
CA SER J 514 101.67 -69.74 -50.37
C SER J 514 102.45 -70.69 -49.46
N ILE J 515 102.29 -70.53 -48.15
CA ILE J 515 103.01 -71.39 -47.21
C ILE J 515 102.58 -72.84 -47.39
N LYS J 516 101.28 -73.07 -47.51
CA LYS J 516 100.78 -74.44 -47.66
C LYS J 516 101.32 -75.08 -48.94
N ARG J 517 101.24 -74.36 -50.05
CA ARG J 517 101.76 -74.90 -51.30
C ARG J 517 103.26 -75.11 -51.22
N HIS J 518 103.97 -74.18 -50.60
CA HIS J 518 105.42 -74.29 -50.51
C HIS J 518 105.81 -75.28 -49.43
N LYS J 519 106.94 -75.96 -49.63
CA LYS J 519 107.53 -76.86 -48.65
C LYS J 519 109.00 -76.55 -48.48
N TRP J 520 109.51 -76.87 -47.30
CA TRP J 520 110.95 -76.90 -47.09
C TRP J 520 111.49 -78.20 -47.70
N ASN J 521 112.65 -78.11 -48.35
CA ASN J 521 113.14 -79.26 -49.09
C ASN J 521 113.49 -80.42 -48.15
N ASP J 522 113.19 -81.64 -48.61
CA ASP J 522 113.38 -82.83 -47.80
C ASP J 522 114.85 -83.08 -47.50
N PHE J 523 115.73 -82.82 -48.47
CA PHE J 523 117.13 -83.20 -48.35
C PHE J 523 117.75 -82.65 -47.08
N ALA J 524 117.34 -81.45 -46.66
CA ALA J 524 117.95 -80.76 -45.53
C ALA J 524 118.25 -81.70 -44.37
N GLU J 525 117.27 -82.52 -43.98
CA GLU J 525 117.42 -83.28 -42.75
C GLU J 525 118.64 -84.17 -42.79
N ASP J 526 118.96 -84.72 -43.95
CA ASP J 526 120.16 -85.55 -44.04
C ASP J 526 121.42 -84.71 -43.91
N SER J 527 121.50 -83.61 -44.66
CA SER J 527 122.71 -82.80 -44.63
C SER J 527 122.96 -82.29 -43.22
N LEU J 528 121.91 -81.77 -42.58
CA LEU J 528 122.03 -81.34 -41.20
C LEU J 528 122.56 -82.47 -40.33
N ARG J 529 121.97 -83.67 -40.49
CA ARG J 529 122.40 -84.80 -39.68
C ARG J 529 123.90 -85.00 -39.79
N VAL J 530 124.44 -84.86 -41.00
CA VAL J 530 125.89 -84.96 -41.15
C VAL J 530 126.55 -83.72 -40.57
N ILE J 531 126.10 -82.54 -40.96
CA ILE J 531 126.82 -81.32 -40.61
C ILE J 531 126.93 -81.21 -39.10
N GLN J 532 125.79 -81.32 -38.42
CA GLN J 532 125.79 -81.24 -36.97
C GLN J 532 126.80 -82.21 -36.38
N HIS J 533 126.77 -83.46 -36.84
CA HIS J 533 127.68 -84.46 -36.30
C HIS J 533 129.10 -83.96 -36.38
N ASN J 534 129.51 -83.49 -37.56
CA ASN J 534 130.90 -83.09 -37.71
C ASN J 534 131.23 -81.94 -36.78
N ALA J 535 130.31 -80.98 -36.63
CA ALA J 535 130.58 -79.86 -35.73
C ALA J 535 130.83 -80.35 -34.32
N LEU J 536 130.11 -81.39 -33.90
CA LEU J 536 130.38 -82.00 -32.61
C LEU J 536 131.64 -82.84 -32.66
N GLU J 537 131.84 -83.58 -33.75
CA GLU J 537 132.93 -84.54 -33.80
C GLU J 537 134.27 -83.84 -33.61
N ASP J 538 134.41 -82.62 -34.10
CA ASP J 538 135.61 -81.82 -33.83
C ASP J 538 135.60 -81.41 -32.37
N ARG J 539 136.58 -81.91 -31.62
CA ARG J 539 136.67 -81.67 -30.18
C ARG J 539 137.76 -80.68 -29.82
N SER J 540 138.45 -80.10 -30.81
CA SER J 540 139.66 -79.33 -30.57
C SER J 540 139.33 -77.84 -30.63
N ILE J 541 139.53 -77.15 -29.51
CA ILE J 541 139.34 -75.71 -29.45
C ILE J 541 140.57 -75.03 -30.04
N SER J 542 140.36 -74.25 -31.09
CA SER J 542 141.47 -73.78 -31.91
C SER J 542 142.29 -72.68 -31.24
N ASP J 543 141.71 -71.88 -30.35
CA ASP J 543 142.44 -70.74 -29.82
C ASP J 543 141.86 -70.32 -28.47
N LYS J 544 142.56 -69.39 -27.83
CA LYS J 544 142.13 -68.90 -26.52
C LYS J 544 140.79 -68.19 -26.58
N GLN J 545 140.55 -67.39 -27.61
CA GLN J 545 139.29 -66.66 -27.69
C GLN J 545 138.13 -67.62 -27.77
N GLN J 546 138.28 -68.69 -28.56
CA GLN J 546 137.25 -69.71 -28.63
C GLN J 546 137.05 -70.40 -27.29
N TRP J 547 138.14 -70.68 -26.58
CA TRP J 547 138.03 -71.30 -25.26
C TRP J 547 137.24 -70.40 -24.31
N ASP J 548 137.52 -69.10 -24.33
CA ASP J 548 136.81 -68.16 -23.49
C ASP J 548 135.34 -68.06 -23.86
N ALA J 549 135.04 -68.07 -25.17
CA ALA J 549 133.64 -68.06 -25.59
C ALA J 549 132.93 -69.32 -25.13
N ALA J 550 133.61 -70.46 -25.19
CA ALA J 550 133.04 -71.69 -24.67
C ALA J 550 132.72 -71.56 -23.19
N ILE J 551 133.64 -70.94 -22.42
CA ILE J 551 133.38 -70.78 -21.00
C ILE J 551 132.23 -69.82 -20.76
N TYR J 552 132.11 -68.76 -21.54
CA TYR J 552 130.97 -67.85 -21.39
C TYR J 552 129.65 -68.54 -21.69
N PHE J 553 129.62 -69.34 -22.75
CA PHE J 553 128.43 -70.07 -23.13
C PHE J 553 128.05 -71.09 -22.05
N MET J 554 129.05 -71.79 -21.51
CA MET J 554 128.85 -72.69 -20.39
C MET J 554 128.32 -71.96 -19.17
N GLU J 555 128.86 -70.76 -18.90
CA GLU J 555 128.38 -69.97 -17.77
C GLU J 555 126.93 -69.58 -17.97
N GLU J 556 126.54 -69.18 -19.18
CA GLU J 556 125.14 -68.88 -19.44
C GLU J 556 124.27 -70.06 -19.09
N ALA J 557 124.61 -71.25 -19.62
CA ALA J 557 123.76 -72.41 -19.39
C ALA J 557 123.69 -72.77 -17.91
N LEU J 558 124.84 -72.81 -17.25
CA LEU J 558 124.90 -73.23 -15.85
C LEU J 558 124.25 -72.22 -14.93
N GLN J 559 124.41 -70.92 -15.21
CA GLN J 559 123.76 -69.88 -14.42
C GLN J 559 122.26 -69.94 -14.59
N ALA J 560 121.79 -70.21 -15.82
CA ALA J 560 120.36 -70.29 -16.02
C ALA J 560 119.76 -71.45 -15.25
N ARG J 561 120.38 -72.63 -15.33
CA ARG J 561 119.81 -73.75 -14.59
C ARG J 561 119.96 -73.55 -13.09
N LEU J 562 121.03 -72.90 -12.65
CA LEU J 562 121.18 -72.64 -11.22
C LEU J 562 120.11 -71.68 -10.71
N LYS J 563 119.82 -70.60 -11.45
CA LYS J 563 118.80 -69.68 -10.96
C LYS J 563 117.44 -70.36 -10.96
N ASP J 564 117.17 -71.19 -11.98
CA ASP J 564 115.90 -71.90 -12.02
C ASP J 564 115.78 -72.85 -10.83
N THR J 565 116.86 -73.56 -10.50
CA THR J 565 116.84 -74.46 -9.36
C THR J 565 116.59 -73.69 -8.06
N GLU J 566 117.26 -72.54 -7.91
CA GLU J 566 117.06 -71.74 -6.70
C GLU J 566 115.63 -71.24 -6.58
N ASN J 567 115.05 -70.80 -7.69
CA ASN J 567 113.67 -70.32 -7.64
C ASN J 567 112.71 -71.46 -7.33
N ALA J 568 112.95 -72.65 -7.87
CA ALA J 568 112.12 -73.80 -7.53
C ALA J 568 112.26 -74.15 -6.06
N ILE J 569 113.47 -74.05 -5.51
CA ILE J 569 113.64 -74.28 -4.08
C ILE J 569 112.80 -73.30 -3.30
N GLU J 570 112.94 -72.00 -3.59
CA GLU J 570 112.14 -71.01 -2.87
C GLU J 570 110.66 -71.28 -3.02
N ASN J 571 110.25 -71.84 -4.16
CA ASN J 571 108.85 -72.17 -4.35
C ASN J 571 108.39 -73.28 -3.41
N MET J 572 109.23 -74.31 -3.21
CA MET J 572 108.80 -75.42 -2.36
C MET J 572 109.07 -75.19 -0.87
N VAL J 573 110.15 -74.51 -0.50
CA VAL J 573 110.52 -74.36 0.90
C VAL J 573 109.89 -73.14 1.56
N GLY J 574 109.46 -72.15 0.76
CA GLY J 574 108.78 -71.01 1.30
C GLY J 574 109.69 -69.91 1.78
N PRO J 575 109.09 -68.82 2.23
CA PRO J 575 109.84 -67.63 2.64
C PRO J 575 110.97 -67.85 3.63
N ASP J 576 111.93 -66.93 3.62
CA ASP J 576 112.92 -66.88 4.67
C ASP J 576 112.35 -66.26 5.94
N TRP J 577 113.09 -66.42 7.03
CA TRP J 577 112.75 -65.77 8.29
C TRP J 577 113.01 -64.27 8.21
N LYS J 578 114.12 -63.89 7.58
CA LYS J 578 114.35 -62.48 7.30
C LYS J 578 113.21 -61.92 6.47
N LYS J 579 112.67 -62.71 5.54
CA LYS J 579 111.45 -62.31 4.84
C LYS J 579 110.29 -62.17 5.80
N ARG J 580 110.23 -62.99 6.85
CA ARG J 580 109.14 -62.85 7.81
C ARG J 580 109.20 -61.49 8.50
N TRP J 581 110.35 -61.12 9.07
CA TRP J 581 110.43 -59.78 9.66
C TRP J 581 110.31 -58.68 8.61
N LEU J 582 110.79 -58.91 7.40
CA LEU J 582 110.82 -57.84 6.41
C LEU J 582 109.43 -57.54 5.88
N TYR J 583 108.74 -58.55 5.35
CA TYR J 583 107.41 -58.39 4.77
C TYR J 583 106.32 -59.19 5.50
N TRP J 584 106.61 -59.81 6.63
CA TRP J 584 105.60 -60.59 7.36
C TRP J 584 105.14 -61.79 6.54
N LYS J 585 106.08 -62.42 5.86
CA LYS J 585 105.79 -63.35 4.80
C LYS J 585 106.56 -64.64 5.06
N ASN J 586 105.83 -65.71 5.42
CA ASN J 586 106.39 -66.87 6.09
C ASN J 586 106.11 -68.13 5.29
N ARG J 587 106.66 -69.23 5.80
CA ARG J 587 106.48 -70.54 5.20
C ARG J 587 105.06 -71.02 5.40
N THR J 588 104.50 -71.63 4.37
CA THR J 588 103.30 -72.44 4.57
C THR J 588 103.71 -73.80 5.13
N GLN J 589 102.73 -74.54 5.66
CA GLN J 589 103.05 -75.78 6.35
C GLN J 589 103.83 -76.72 5.45
N GLU J 590 103.37 -76.90 4.21
CA GLU J 590 104.11 -77.69 3.24
C GLU J 590 105.48 -77.07 2.99
N GLN J 591 105.55 -75.74 2.90
CA GLN J 591 106.82 -75.07 2.76
C GLN J 591 107.69 -75.24 4.00
N CYS J 592 107.10 -75.28 5.19
CA CYS J 592 107.88 -75.56 6.39
C CYS J 592 108.53 -76.94 6.31
N VAL J 593 107.75 -77.95 5.90
CA VAL J 593 108.31 -79.29 5.78
C VAL J 593 109.41 -79.31 4.72
N HIS J 594 109.17 -78.64 3.60
CA HIS J 594 110.17 -78.62 2.53
C HIS J 594 111.46 -77.97 3.00
N ASN J 595 111.37 -76.87 3.76
CA ASN J 595 112.58 -76.21 4.18
C ASN J 595 113.35 -77.05 5.21
N GLU J 596 112.64 -77.69 6.14
CA GLU J 596 113.35 -78.52 7.10
C GLU J 596 114.08 -79.66 6.40
N THR J 597 113.41 -80.27 5.41
CA THR J 597 114.08 -81.28 4.59
C THR J 597 115.29 -80.69 3.89
N LYS J 598 115.14 -79.48 3.34
CA LYS J 598 116.25 -78.84 2.62
C LYS J 598 117.43 -78.60 3.54
N ASN J 599 117.17 -78.14 4.77
CA ASN J 599 118.26 -77.89 5.70
C ASN J 599 119.01 -79.17 6.04
N GLU J 600 118.26 -80.26 6.25
CA GLU J 600 118.94 -81.53 6.53
C GLU J 600 119.75 -82.00 5.32
N LEU J 601 119.20 -81.84 4.11
CA LEU J 601 119.93 -82.25 2.92
C LEU J 601 121.16 -81.39 2.69
N GLU J 602 121.07 -80.10 3.03
CA GLU J 602 122.21 -79.21 2.89
C GLU J 602 123.29 -79.59 3.90
N LYS J 603 122.89 -80.01 5.10
CA LYS J 603 123.88 -80.55 6.03
C LYS J 603 124.55 -81.78 5.44
N MET J 604 123.77 -82.65 4.80
CA MET J 604 124.36 -83.82 4.15
C MET J 604 125.40 -83.42 3.12
N LEU J 605 125.07 -82.46 2.26
CA LEU J 605 126.02 -82.04 1.24
C LEU J 605 127.22 -81.32 1.84
N LYS J 606 127.03 -80.59 2.94
CA LYS J 606 128.18 -79.99 3.63
C LYS J 606 129.13 -81.07 4.11
N CYS J 607 128.59 -82.13 4.72
CA CYS J 607 129.44 -83.22 5.19
C CYS J 607 130.11 -83.92 4.01
N ASN J 608 129.38 -84.11 2.91
CA ASN J 608 129.90 -84.78 1.73
C ASN J 608 129.51 -83.95 0.50
N GLU J 609 130.48 -83.19 -0.01
CA GLU J 609 130.25 -82.38 -1.20
C GLU J 609 130.19 -83.22 -2.47
N GLU J 610 130.62 -84.47 -2.42
CA GLU J 610 130.65 -85.35 -3.59
C GLU J 610 129.49 -86.33 -3.59
N HIS J 611 128.48 -86.11 -2.75
CA HIS J 611 127.34 -87.02 -2.69
C HIS J 611 126.76 -87.20 -4.10
N PRO J 612 126.42 -88.42 -4.50
CA PRO J 612 125.80 -88.61 -5.81
C PRO J 612 124.46 -87.93 -5.91
N ALA J 613 124.05 -87.63 -7.14
CA ALA J 613 122.83 -86.87 -7.38
C ALA J 613 121.59 -87.61 -6.91
N TYR J 614 121.68 -88.91 -6.69
CA TYR J 614 120.52 -89.72 -6.36
C TYR J 614 120.57 -90.15 -4.90
N LEU J 615 119.49 -89.90 -4.17
CA LEU J 615 119.33 -90.44 -2.83
C LEU J 615 118.75 -91.84 -2.92
N ALA J 616 119.45 -92.81 -2.34
CA ALA J 616 118.93 -94.16 -2.27
C ALA J 616 117.77 -94.21 -1.28
N SER J 617 116.99 -95.30 -1.34
CA SER J 617 115.83 -95.42 -0.47
C SER J 617 116.22 -95.32 1.00
N ASP J 618 117.39 -95.87 1.36
CA ASP J 618 117.84 -95.77 2.75
C ASP J 618 118.17 -94.33 3.12
N GLU J 619 118.82 -93.59 2.21
CA GLU J 619 119.08 -92.17 2.47
C GLU J 619 117.78 -91.41 2.61
N ILE J 620 116.82 -91.68 1.71
CA ILE J 620 115.53 -91.03 1.77
C ILE J 620 114.86 -91.33 3.10
N THR J 621 114.92 -92.59 3.52
CA THR J 621 114.30 -92.98 4.79
C THR J 621 115.00 -92.34 5.97
N THR J 622 116.33 -92.22 5.93
CA THR J 622 117.02 -91.54 7.00
C THR J 622 116.52 -90.11 7.14
N VAL J 623 116.37 -89.42 6.01
CA VAL J 623 115.82 -88.07 6.05
C VAL J 623 114.40 -88.09 6.59
N ARG J 624 113.58 -89.01 6.09
CA ARG J 624 112.18 -89.09 6.51
C ARG J 624 112.05 -89.24 8.00
N LYS J 625 112.80 -90.19 8.58
CA LYS J 625 112.59 -90.53 9.97
C LYS J 625 113.33 -89.60 10.90
N ASN J 626 114.44 -88.99 10.46
CA ASN J 626 115.04 -87.91 11.24
C ASN J 626 114.10 -86.72 11.32
N LEU J 627 113.45 -86.36 10.20
CA LEU J 627 112.49 -85.26 10.23
C LEU J 627 111.26 -85.62 11.03
N GLU J 628 110.82 -86.88 10.96
CA GLU J 628 109.75 -87.35 11.82
C GLU J 628 110.14 -87.24 13.29
N SER J 629 111.40 -87.51 13.61
CA SER J 629 111.89 -87.28 14.96
C SER J 629 111.84 -85.80 15.31
N ARG J 630 112.20 -84.92 14.36
CA ARG J 630 112.03 -83.50 14.55
C ARG J 630 110.56 -83.11 14.68
N GLY J 631 109.66 -83.99 14.27
CA GLY J 631 108.25 -83.67 14.19
C GLY J 631 107.81 -83.23 12.81
N VAL J 632 108.75 -83.00 11.90
CA VAL J 632 108.40 -82.67 10.53
C VAL J 632 107.90 -83.92 9.83
N GLU J 633 106.87 -83.76 9.00
CA GLU J 633 106.15 -84.86 8.39
C GLU J 633 106.61 -84.97 6.94
N VAL J 634 107.41 -86.00 6.65
CA VAL J 634 108.09 -86.10 5.37
C VAL J 634 107.80 -87.46 4.73
N ASP J 635 107.82 -87.46 3.41
CA ASP J 635 107.56 -88.63 2.57
C ASP J 635 108.60 -88.72 1.47
N PRO J 636 108.76 -89.89 0.86
CA PRO J 636 109.86 -90.07 -0.11
C PRO J 636 109.84 -89.12 -1.29
N SER J 637 108.68 -88.68 -1.76
CA SER J 637 108.64 -87.84 -2.95
C SER J 637 109.01 -86.40 -2.63
N LEU J 638 108.55 -85.90 -1.47
CA LEU J 638 108.97 -84.60 -0.99
C LEU J 638 110.49 -84.52 -0.97
N ILE J 639 111.14 -85.52 -0.38
CA ILE J 639 112.60 -85.51 -0.29
C ILE J 639 113.23 -85.71 -1.66
N LYS J 640 112.66 -86.56 -2.51
CA LYS J 640 113.29 -86.77 -3.81
C LYS J 640 113.34 -85.47 -4.60
N ASP J 641 112.24 -84.72 -4.61
CA ASP J 641 112.20 -83.48 -5.39
C ASP J 641 113.02 -82.37 -4.71
N THR J 642 112.92 -82.24 -3.39
CA THR J 642 113.72 -81.25 -2.69
C THR J 642 115.20 -81.54 -2.86
N TRP J 643 115.58 -82.81 -2.79
CA TRP J 643 116.95 -83.22 -3.03
C TRP J 643 117.38 -82.89 -4.45
N HIS J 644 116.54 -83.17 -5.43
CA HIS J 644 116.91 -82.80 -6.79
C HIS J 644 117.23 -81.32 -6.88
N GLN J 645 116.37 -80.48 -6.30
CA GLN J 645 116.60 -79.05 -6.41
C GLN J 645 117.86 -78.63 -5.62
N VAL J 646 118.00 -79.10 -4.38
CA VAL J 646 119.14 -78.69 -3.57
C VAL J 646 120.44 -79.18 -4.18
N TYR J 647 120.46 -80.44 -4.61
CA TYR J 647 121.65 -81.03 -5.18
C TYR J 647 122.04 -80.33 -6.47
N ARG J 648 121.06 -80.00 -7.32
CA ARG J 648 121.38 -79.30 -8.55
C ARG J 648 121.88 -77.90 -8.27
N ARG J 649 121.35 -77.24 -7.23
CA ARG J 649 121.92 -75.97 -6.82
C ARG J 649 123.39 -76.11 -6.47
N HIS J 650 123.70 -77.08 -5.59
CA HIS J 650 125.09 -77.35 -5.21
C HIS J 650 125.95 -77.67 -6.43
N PHE J 651 125.43 -78.53 -7.30
CA PHE J 651 126.19 -79.01 -8.44
C PHE J 651 126.47 -77.90 -9.43
N LEU J 652 125.49 -77.03 -9.67
CA LEU J 652 125.67 -75.96 -10.65
C LEU J 652 126.55 -74.84 -10.09
N LYS J 653 126.45 -74.56 -8.79
CA LYS J 653 127.39 -73.60 -8.21
C LYS J 653 128.82 -74.14 -8.28
N THR J 654 129.01 -75.43 -8.01
CA THR J 654 130.33 -76.02 -8.19
C THR J 654 130.78 -75.93 -9.65
N ALA J 655 129.84 -76.14 -10.58
CA ALA J 655 130.16 -76.05 -12.00
C ALA J 655 130.56 -74.64 -12.40
N LEU J 656 129.99 -73.62 -11.76
CA LEU J 656 130.40 -72.25 -12.06
C LEU J 656 131.75 -71.92 -11.43
N ASN J 657 132.02 -72.48 -10.25
CA ASN J 657 133.38 -72.36 -9.72
C ASN J 657 134.39 -73.00 -10.66
N HIS J 658 134.02 -74.13 -11.26
CA HIS J 658 134.88 -74.76 -12.26
C HIS J 658 134.97 -73.91 -13.52
N CYS J 659 133.87 -73.23 -13.88
CA CYS J 659 133.93 -72.25 -14.96
C CYS J 659 135.04 -71.26 -14.70
N ASN J 660 135.08 -70.70 -13.49
CA ASN J 660 136.12 -69.73 -13.15
C ASN J 660 137.51 -70.37 -13.17
N LEU J 661 137.63 -71.62 -12.68
CA LEU J 661 138.92 -72.28 -12.66
C LEU J 661 139.46 -72.50 -14.08
N CYS J 662 138.61 -72.97 -14.99
CA CYS J 662 139.09 -73.43 -16.29
C CYS J 662 139.69 -72.32 -17.13
N ARG J 663 139.49 -71.06 -16.76
CA ARG J 663 139.97 -69.96 -17.59
C ARG J 663 141.48 -70.04 -17.79
N ARG J 664 142.24 -70.21 -16.71
CA ARG J 664 143.69 -70.04 -16.78
C ARG J 664 144.32 -71.01 -17.75
N GLY J 665 144.05 -72.31 -17.60
CA GLY J 665 144.77 -73.30 -18.37
C GLY J 665 143.94 -74.33 -19.11
N PHE J 666 143.95 -74.22 -20.44
CA PHE J 666 143.50 -75.32 -21.28
C PHE J 666 144.51 -76.46 -21.20
N TYR J 667 145.78 -76.10 -21.00
CA TYR J 667 146.87 -77.06 -20.83
C TYR J 667 146.67 -77.92 -19.58
N TYR J 668 146.24 -77.33 -18.47
CA TYR J 668 145.92 -78.13 -17.30
C TYR J 668 144.89 -79.20 -17.67
N TYR J 669 143.90 -78.83 -18.48
CA TYR J 669 142.98 -79.83 -19.01
C TYR J 669 143.72 -80.88 -19.82
N GLN J 670 144.66 -80.44 -20.67
CA GLN J 670 145.37 -81.37 -21.54
C GLN J 670 146.14 -82.33 -20.64
N ARG J 671 146.66 -81.82 -19.52
CA ARG J 671 147.40 -82.68 -18.61
C ARG J 671 146.55 -83.88 -18.17
N HIS J 672 145.34 -83.62 -17.72
CA HIS J 672 144.43 -84.67 -17.25
C HIS J 672 145.12 -85.53 -16.20
N PHE J 673 145.92 -84.89 -15.35
CA PHE J 673 146.65 -85.65 -14.35
C PHE J 673 145.69 -86.25 -13.32
N VAL J 674 144.81 -85.45 -12.76
CA VAL J 674 143.93 -85.90 -11.68
C VAL J 674 142.77 -84.93 -11.55
N ASP J 675 141.68 -85.38 -10.93
CA ASP J 675 140.48 -84.54 -10.78
C ASP J 675 140.80 -83.21 -10.14
N SER J 676 141.68 -83.18 -9.14
CA SER J 676 142.03 -81.93 -8.49
C SER J 676 142.66 -80.96 -9.49
N GLU J 677 143.55 -81.47 -10.34
CA GLU J 677 144.01 -80.68 -11.47
C GLU J 677 142.82 -80.41 -12.39
N LEU J 678 142.89 -79.30 -13.12
CA LEU J 678 141.75 -78.90 -13.93
C LEU J 678 141.35 -80.04 -14.87
N GLU J 679 140.06 -80.37 -14.84
CA GLU J 679 139.48 -81.38 -15.70
C GLU J 679 138.33 -80.70 -16.45
N CYS J 680 138.69 -79.99 -17.51
CA CYS J 680 137.73 -79.15 -18.24
C CYS J 680 137.25 -79.84 -19.52
N ASN J 681 136.58 -80.97 -19.33
CA ASN J 681 135.75 -81.53 -20.39
C ASN J 681 134.47 -80.73 -20.58
N ASP J 682 134.11 -79.92 -19.58
CA ASP J 682 132.89 -79.14 -19.61
C ASP J 682 132.98 -78.03 -20.66
N VAL J 683 134.13 -77.33 -20.68
CA VAL J 683 134.32 -76.24 -21.63
C VAL J 683 134.33 -76.78 -23.04
N VAL J 684 134.99 -77.92 -23.26
CA VAL J 684 135.05 -78.48 -24.60
C VAL J 684 133.68 -78.98 -25.03
N LEU J 685 132.88 -79.49 -24.10
CA LEU J 685 131.50 -79.87 -24.41
C LEU J 685 130.69 -78.67 -24.89
N PHE J 686 130.73 -77.58 -24.14
CA PHE J 686 129.90 -76.44 -24.49
C PHE J 686 130.41 -75.76 -25.76
N TRP J 687 131.72 -75.83 -26.00
CA TRP J 687 132.29 -75.46 -27.29
C TRP J 687 131.77 -76.31 -28.44
N ARG J 688 131.74 -77.63 -28.25
CA ARG J 688 131.26 -78.49 -29.33
C ARG J 688 129.82 -78.16 -29.69
N ILE J 689 128.97 -77.96 -28.67
CA ILE J 689 127.58 -77.64 -28.98
C ILE J 689 127.45 -76.21 -29.51
N GLN J 690 128.35 -75.30 -29.09
CA GLN J 690 128.44 -74.00 -29.75
C GLN J 690 128.59 -74.17 -31.25
N ARG J 691 129.56 -75.00 -31.66
CA ARG J 691 129.78 -75.25 -33.08
C ARG J 691 128.56 -75.86 -33.72
N MET J 692 127.98 -76.86 -33.07
CA MET J 692 126.81 -77.53 -33.64
C MET J 692 125.69 -76.53 -33.91
N LEU J 693 125.37 -75.70 -32.91
CA LEU J 693 124.26 -74.78 -33.06
C LEU J 693 124.55 -73.72 -34.11
N ALA J 694 125.78 -73.17 -34.11
CA ALA J 694 126.10 -72.14 -35.08
C ALA J 694 126.06 -72.68 -36.50
N ILE J 695 126.63 -73.86 -36.72
CA ILE J 695 126.65 -74.43 -38.06
C ILE J 695 125.24 -74.81 -38.50
N THR J 696 124.42 -75.33 -37.59
CA THR J 696 123.04 -75.63 -37.94
C THR J 696 122.31 -74.36 -38.36
N ALA J 697 122.49 -73.27 -37.61
CA ALA J 697 121.84 -72.02 -37.93
C ALA J 697 122.27 -71.52 -39.30
N ASN J 698 123.58 -71.59 -39.60
CA ASN J 698 124.06 -71.07 -40.87
C ASN J 698 123.63 -71.94 -42.04
N THR J 699 123.61 -73.26 -41.86
CA THR J 699 123.12 -74.14 -42.92
C THR J 699 121.65 -73.86 -43.22
N LEU J 700 120.84 -73.71 -42.17
CA LEU J 700 119.43 -73.40 -42.36
C LEU J 700 119.27 -72.07 -43.06
N ARG J 701 120.04 -71.08 -42.65
CA ARG J 701 119.99 -69.76 -43.29
C ARG J 701 120.36 -69.85 -44.76
N GLN J 702 121.41 -70.61 -45.08
CA GLN J 702 121.85 -70.70 -46.47
C GLN J 702 120.78 -71.34 -47.33
N GLN J 703 120.22 -72.47 -46.88
CA GLN J 703 119.14 -73.07 -47.65
C GLN J 703 117.98 -72.12 -47.80
N LEU J 704 117.67 -71.37 -46.73
CA LEU J 704 116.59 -70.40 -46.79
C LEU J 704 116.84 -69.37 -47.89
N THR J 705 118.01 -68.72 -47.85
CA THR J 705 118.26 -67.55 -48.67
C THR J 705 118.60 -67.90 -50.12
N ASN J 706 119.09 -69.11 -50.39
CA ASN J 706 119.46 -69.48 -51.75
C ASN J 706 118.52 -70.50 -52.38
N THR J 707 117.75 -71.24 -51.59
CA THR J 707 116.84 -72.25 -52.13
C THR J 707 115.39 -71.93 -51.83
N GLU J 708 115.05 -71.65 -50.58
CA GLU J 708 113.65 -71.63 -50.18
C GLU J 708 112.97 -70.28 -50.46
N VAL J 709 113.72 -69.18 -50.42
CA VAL J 709 113.11 -67.87 -50.66
C VAL J 709 112.69 -67.73 -52.12
N ARG J 710 113.52 -68.20 -53.05
CA ARG J 710 113.14 -68.14 -54.46
C ARG J 710 111.98 -69.08 -54.78
N ARG J 711 111.98 -70.28 -54.19
CA ARG J 711 110.81 -71.15 -54.29
C ARG J 711 109.58 -70.48 -53.70
N LEU J 712 109.76 -69.73 -52.62
CA LEU J 712 108.66 -69.00 -52.00
C LEU J 712 108.11 -67.95 -52.95
N GLU J 713 109.00 -67.21 -53.62
CA GLU J 713 108.57 -66.21 -54.57
C GLU J 713 107.77 -66.85 -55.71
N LYS J 714 108.25 -68.00 -56.21
CA LYS J 714 107.53 -68.70 -57.26
C LYS J 714 106.14 -69.12 -56.78
N ASN J 715 106.06 -69.70 -55.57
CA ASN J 715 104.78 -70.13 -55.04
C ASN J 715 103.84 -68.95 -54.82
N VAL J 716 104.37 -67.82 -54.39
CA VAL J 716 103.54 -66.62 -54.18
C VAL J 716 103.02 -66.12 -55.51
N LYS J 717 103.84 -66.11 -56.55
CA LYS J 717 103.34 -65.71 -57.87
C LYS J 717 102.21 -66.64 -58.31
N GLU J 718 102.37 -67.95 -58.10
CA GLU J 718 101.30 -68.88 -58.46
C GLU J 718 100.03 -68.59 -57.67
N VAL J 719 100.16 -68.37 -56.37
CA VAL J 719 99.00 -68.12 -55.51
C VAL J 719 98.31 -66.82 -55.94
N LEU J 720 99.10 -65.81 -56.29
CA LEU J 720 98.52 -64.55 -56.73
C LEU J 720 97.87 -64.68 -58.11
N GLU J 721 98.35 -65.61 -58.94
CA GLU J 721 97.62 -65.91 -60.16
C GLU J 721 96.27 -66.53 -59.85
N ASP J 722 96.23 -67.44 -58.87
CA ASP J 722 94.95 -67.99 -58.44
C ASP J 722 94.04 -66.90 -57.88
N PHE J 723 94.62 -65.92 -57.19
CA PHE J 723 93.88 -64.70 -56.85
C PHE J 723 93.32 -64.02 -58.08
N ALA J 724 94.13 -63.93 -59.15
CA ALA J 724 93.66 -63.31 -60.38
C ALA J 724 92.43 -64.02 -60.92
N GLU J 725 92.43 -65.36 -60.84
CA GLU J 725 91.37 -66.13 -61.47
C GLU J 725 90.00 -65.89 -60.82
N ASP J 726 89.96 -65.74 -59.49
CA ASP J 726 88.70 -65.72 -58.77
C ASP J 726 88.38 -64.30 -58.32
N GLY J 727 87.23 -63.78 -58.78
CA GLY J 727 86.78 -62.47 -58.32
C GLY J 727 86.21 -62.49 -56.92
N GLU J 728 85.46 -63.54 -56.58
CA GLU J 728 85.00 -63.70 -55.20
C GLU J 728 86.16 -63.65 -54.24
N LYS J 729 87.28 -64.28 -54.60
CA LYS J 729 88.42 -64.30 -53.70
C LYS J 729 88.98 -62.90 -53.52
N LYS J 730 88.64 -61.98 -54.44
CA LYS J 730 88.88 -60.56 -54.21
C LYS J 730 87.87 -59.87 -53.29
N ILE J 731 86.56 -60.20 -53.35
CA ILE J 731 85.51 -59.64 -52.42
C ILE J 731 85.14 -60.72 -51.39
N LYS J 732 86.12 -61.42 -50.80
CA LYS J 732 85.76 -62.40 -49.76
C LYS J 732 85.31 -61.58 -48.55
N LEU J 733 86.00 -60.49 -48.27
CA LEU J 733 85.58 -59.57 -47.21
C LEU J 733 84.73 -58.48 -47.85
N LEU J 734 83.51 -58.30 -47.32
CA LEU J 734 82.50 -57.47 -47.97
C LEU J 734 82.72 -56.00 -47.61
N THR J 735 83.80 -55.46 -48.18
CA THR J 735 84.10 -54.03 -48.11
C THR J 735 84.16 -53.42 -49.51
N GLY J 736 83.39 -53.97 -50.45
CA GLY J 736 83.53 -53.72 -51.87
C GLY J 736 83.08 -52.38 -52.40
N LYS J 737 82.87 -51.38 -51.54
CA LYS J 737 82.34 -50.10 -52.03
C LYS J 737 83.14 -49.53 -53.18
N ARG J 738 84.46 -49.74 -53.19
CA ARG J 738 85.31 -49.11 -54.20
C ARG J 738 84.81 -49.42 -55.62
N VAL J 739 84.71 -50.71 -55.95
CA VAL J 739 84.44 -51.14 -57.31
C VAL J 739 83.02 -50.76 -57.72
N GLN J 740 82.05 -51.00 -56.84
CA GLN J 740 80.67 -50.71 -57.15
C GLN J 740 80.46 -49.21 -57.35
N LEU J 741 81.09 -48.40 -56.49
CA LEU J 741 80.95 -46.95 -56.60
C LEU J 741 81.57 -46.45 -57.90
N ALA J 742 82.74 -46.98 -58.28
CA ALA J 742 83.34 -46.57 -59.54
C ALA J 742 82.42 -46.89 -60.72
N GLU J 743 81.88 -48.12 -60.73
CA GLU J 743 81.00 -48.52 -61.82
C GLU J 743 79.76 -47.63 -61.87
N ASP J 744 79.20 -47.32 -60.70
CA ASP J 744 78.00 -46.49 -60.65
C ASP J 744 78.30 -45.09 -61.16
N LEU J 745 79.45 -44.52 -60.80
CA LEU J 745 79.79 -43.19 -61.27
C LEU J 745 79.86 -43.16 -62.80
N LYS J 746 80.56 -44.13 -63.38
CA LYS J 746 80.72 -44.14 -64.84
C LYS J 746 79.37 -44.31 -65.53
N LYS J 747 78.54 -45.23 -65.00
CA LYS J 747 77.25 -45.49 -65.63
C LYS J 747 76.28 -44.32 -65.47
N VAL J 748 76.33 -43.62 -64.34
CA VAL J 748 75.47 -42.44 -64.18
C VAL J 748 75.89 -41.35 -65.15
N ARG J 749 77.21 -41.19 -65.36
CA ARG J 749 77.63 -40.21 -66.36
C ARG J 749 77.09 -40.57 -67.73
N GLU J 750 77.13 -41.84 -68.11
CA GLU J 750 76.53 -42.22 -69.40
C GLU J 750 75.04 -41.93 -69.42
N ILE J 751 74.34 -42.25 -68.33
CA ILE J 751 72.90 -42.00 -68.26
C ILE J 751 72.61 -40.55 -68.58
N GLN J 752 73.30 -39.65 -67.88
CA GLN J 752 72.98 -38.23 -68.04
C GLN J 752 73.42 -37.72 -69.40
N GLU J 753 74.53 -38.24 -69.92
CA GLU J 753 74.99 -37.82 -71.24
C GLU J 753 73.95 -38.15 -72.31
N LYS J 754 73.35 -39.34 -72.24
CA LYS J 754 72.32 -39.67 -73.21
C LYS J 754 71.03 -38.90 -72.97
N LEU J 755 70.67 -38.67 -71.71
CA LEU J 755 69.44 -37.93 -71.42
C LEU J 755 69.54 -36.48 -71.88
N ASP J 756 70.75 -35.91 -71.88
CA ASP J 756 70.90 -34.52 -72.29
C ASP J 756 70.57 -34.35 -73.77
N ALA J 757 71.11 -35.22 -74.63
CA ALA J 757 70.79 -35.17 -76.05
C ALA J 757 69.32 -35.49 -76.26
N PHE J 758 68.76 -36.44 -75.49
CA PHE J 758 67.35 -36.74 -75.66
C PHE J 758 66.49 -35.50 -75.38
N ILE J 759 66.81 -34.78 -74.30
CA ILE J 759 65.99 -33.63 -73.92
C ILE J 759 66.16 -32.50 -74.93
N GLU J 760 67.39 -32.30 -75.43
CA GLU J 760 67.58 -31.28 -76.47
C GLU J 760 66.78 -31.64 -77.72
N ALA J 761 66.71 -32.93 -78.05
CA ALA J 761 65.89 -33.35 -79.18
C ALA J 761 64.41 -33.13 -78.91
N LEU J 762 63.98 -33.28 -77.65
CA LEU J 762 62.61 -32.91 -77.29
C LEU J 762 62.37 -31.43 -77.54
N HIS J 763 63.33 -30.58 -77.16
CA HIS J 763 63.17 -29.15 -77.40
C HIS J 763 63.11 -28.83 -78.89
N GLN J 764 63.93 -29.49 -79.69
CA GLN J 764 64.03 -29.17 -81.12
C GLN J 764 63.17 -30.06 -82.00
N GLU J 765 63.33 -31.39 -81.90
CA GLU J 765 62.69 -32.29 -82.87
C GLU J 765 61.21 -32.53 -82.53
N LYS J 766 60.95 -33.10 -81.36
CA LYS J 766 59.59 -33.50 -81.00
C LYS J 766 59.01 -34.41 -82.07
N ALA K 1 -1.35 68.84 -8.11
CA ALA K 1 -0.48 70.00 -8.03
C ALA K 1 0.99 69.59 -8.12
N THR K 2 1.27 68.34 -7.76
CA THR K 2 2.65 67.84 -7.85
C THR K 2 3.14 67.85 -9.30
N ASP K 3 2.28 67.46 -10.23
CA ASP K 3 2.60 67.50 -11.65
C ASP K 3 1.31 67.68 -12.43
N ARG K 4 1.38 68.45 -13.52
CA ARG K 4 0.19 68.84 -14.27
C ARG K 4 0.25 68.55 -15.76
N GLY K 5 1.43 68.45 -16.37
CA GLY K 5 1.49 68.27 -17.82
C GLY K 5 0.90 66.94 -18.28
N SER K 6 1.17 65.87 -17.53
CA SER K 6 0.69 64.55 -17.92
C SER K 6 -0.84 64.51 -17.93
N GLU K 7 -1.47 65.19 -16.97
CA GLU K 7 -2.93 65.24 -16.97
C GLU K 7 -3.46 65.93 -18.22
N SER K 8 -2.82 67.02 -18.63
CA SER K 8 -3.25 67.71 -19.85
C SER K 8 -3.08 66.82 -21.07
N ASP K 9 -1.95 66.12 -21.16
CA ASP K 9 -1.73 65.25 -22.30
C ASP K 9 -2.76 64.14 -22.35
N LYS K 10 -3.04 63.50 -21.21
CA LYS K 10 -4.05 62.44 -21.19
C LYS K 10 -5.43 63.00 -21.54
N HIS K 11 -5.77 64.18 -21.02
CA HIS K 11 -7.08 64.77 -21.29
C HIS K 11 -7.28 65.01 -22.77
N PHE K 12 -6.33 65.71 -23.41
CA PHE K 12 -6.54 66.02 -24.82
C PHE K 12 -6.36 64.80 -25.71
N ARG K 13 -5.58 63.80 -25.27
CA ARG K 13 -5.51 62.56 -26.02
C ARG K 13 -6.87 61.85 -26.01
N LYS K 14 -7.52 61.82 -24.85
CA LYS K 14 -8.85 61.22 -24.76
C LYS K 14 -9.87 62.02 -25.56
N VAL K 15 -9.74 63.36 -25.59
CA VAL K 15 -10.65 64.17 -26.40
C VAL K 15 -10.46 63.85 -27.89
N SER K 16 -9.20 63.76 -28.33
CA SER K 16 -8.94 63.39 -29.72
C SER K 16 -9.56 62.04 -30.04
N ASP K 17 -9.43 61.08 -29.12
CA ASP K 17 -10.06 59.78 -29.33
C ASP K 17 -11.58 59.92 -29.41
N LYS K 18 -12.18 60.64 -28.47
CA LYS K 18 -13.64 60.76 -28.47
C LYS K 18 -14.15 61.32 -29.78
N GLU K 19 -13.40 62.27 -30.38
CA GLU K 19 -13.89 62.87 -31.62
C GLU K 19 -13.55 62.06 -32.86
N LYS K 20 -12.40 61.37 -32.91
CA LYS K 20 -11.95 60.76 -34.15
C LYS K 20 -11.68 59.25 -34.06
N ILE K 21 -12.15 58.55 -33.02
CA ILE K 21 -11.76 57.16 -32.85
C ILE K 21 -12.33 56.28 -33.95
N ASP K 22 -13.52 56.62 -34.45
CA ASP K 22 -14.11 55.82 -35.52
C ASP K 22 -13.24 55.80 -36.78
N GLN K 23 -12.28 56.72 -36.88
CA GLN K 23 -11.28 56.69 -37.94
C GLN K 23 -9.92 56.22 -37.43
N LEU K 24 -9.56 56.59 -36.21
CA LEU K 24 -8.22 56.32 -35.69
C LEU K 24 -8.04 54.84 -35.35
N GLN K 25 -9.09 54.18 -34.86
CA GLN K 25 -8.98 52.75 -34.58
C GLN K 25 -8.78 51.96 -35.87
N GLU K 26 -9.40 52.43 -36.96
CA GLU K 26 -9.18 51.79 -38.26
C GLU K 26 -7.78 52.06 -38.77
N GLU K 27 -7.33 53.31 -38.71
CA GLU K 27 -6.06 53.66 -39.35
C GLU K 27 -4.86 53.17 -38.55
N LEU K 28 -4.93 53.21 -37.22
CA LEU K 28 -3.77 53.02 -36.36
C LEU K 28 -3.48 51.57 -36.03
N LEU K 29 -4.51 50.76 -35.75
CA LEU K 29 -4.26 49.41 -35.24
C LEU K 29 -4.88 48.33 -36.11
N HIS K 30 -6.13 48.52 -36.55
CA HIS K 30 -6.82 47.51 -37.33
C HIS K 30 -5.95 47.01 -38.48
N THR K 31 -5.58 47.92 -39.39
CA THR K 31 -4.73 47.54 -40.51
C THR K 31 -3.32 47.20 -40.04
N GLN K 32 -2.81 47.95 -39.06
CA GLN K 32 -1.42 47.76 -38.64
C GLN K 32 -1.20 46.42 -37.95
N LEU K 33 -2.24 45.84 -37.33
CA LEU K 33 -2.10 44.52 -36.74
C LEU K 33 -1.60 43.53 -37.77
N LYS K 34 -2.07 43.66 -39.02
CA LYS K 34 -1.66 42.79 -40.11
C LYS K 34 -0.52 43.38 -40.94
N TYR K 35 0.02 44.53 -40.57
CA TYR K 35 0.96 45.22 -41.45
C TYR K 35 2.17 44.36 -41.78
N GLN K 36 2.74 43.69 -40.79
CA GLN K 36 3.90 42.84 -41.07
C GLN K 36 3.55 41.76 -42.09
N ARG K 37 2.33 41.24 -42.01
CA ARG K 37 1.87 40.27 -43.01
C ARG K 37 1.71 40.92 -44.37
N ILE K 38 1.29 42.18 -44.41
CA ILE K 38 0.94 42.83 -45.69
C ILE K 38 2.15 42.86 -46.62
N LEU K 39 3.33 43.16 -46.09
CA LEU K 39 4.48 43.44 -46.94
C LEU K 39 4.77 42.28 -47.89
N GLU K 40 4.78 41.05 -47.37
CA GLU K 40 4.95 39.89 -48.24
C GLU K 40 3.75 39.71 -49.15
N ARG K 41 2.54 39.88 -48.62
CA ARG K 41 1.33 39.59 -49.38
C ARG K 41 1.17 40.57 -50.54
N LEU K 42 1.48 41.84 -50.32
CA LEU K 42 1.10 42.87 -51.27
C LEU K 42 2.04 42.97 -52.46
N GLU K 43 3.29 43.35 -52.22
CA GLU K 43 4.20 43.63 -53.33
C GLU K 43 4.83 42.36 -53.88
N LYS K 44 5.43 41.55 -53.00
CA LYS K 44 6.19 40.40 -53.48
C LYS K 44 5.32 39.50 -54.35
N GLU K 45 4.16 39.11 -53.83
CA GLU K 45 3.26 38.26 -54.60
C GLU K 45 2.95 38.90 -55.94
N ASN K 46 2.68 40.21 -55.93
CA ASN K 46 2.35 40.90 -57.17
C ASN K 46 3.46 40.71 -58.19
N LYS K 47 4.71 40.93 -57.79
CA LYS K 47 5.81 40.78 -58.75
C LYS K 47 5.82 39.37 -59.32
N GLU K 48 5.58 38.39 -58.47
CA GLU K 48 5.49 37.01 -58.96
C GLU K 48 4.29 36.85 -59.88
N LEU K 49 3.13 37.35 -59.47
CA LEU K 49 1.90 37.05 -60.19
C LEU K 49 1.99 37.51 -61.64
N ARG K 50 2.37 38.77 -61.87
CA ARG K 50 2.44 39.26 -63.24
C ARG K 50 3.41 38.40 -64.05
N LYS K 51 4.52 37.97 -63.42
CA LYS K 51 5.47 37.13 -64.14
C LYS K 51 4.80 35.85 -64.58
N LEU K 52 4.04 35.22 -63.67
CA LEU K 52 3.29 34.04 -64.05
C LEU K 52 2.35 34.34 -65.20
N VAL K 53 1.68 35.50 -65.14
CA VAL K 53 0.76 35.87 -66.21
C VAL K 53 1.50 35.94 -67.54
N LEU K 54 2.75 36.40 -67.50
CA LEU K 54 3.56 36.37 -68.72
C LEU K 54 3.99 34.95 -69.04
N GLN K 55 4.45 34.20 -68.04
CA GLN K 55 4.87 32.83 -68.27
C GLN K 55 3.70 31.96 -68.74
N LYS K 56 2.49 32.26 -68.26
CA LYS K 56 1.31 31.53 -68.72
C LYS K 56 1.10 31.70 -70.21
N ASP K 57 1.58 32.80 -70.79
CA ASP K 57 1.56 32.93 -72.25
C ASP K 57 2.36 31.82 -72.90
N ASP K 58 3.54 31.51 -72.35
CA ASP K 58 4.47 30.47 -72.89
C ASP K 58 3.82 29.08 -72.72
N LYS K 59 3.05 28.84 -71.65
CA LYS K 59 2.39 27.56 -71.38
C LYS K 59 3.40 26.42 -71.24
N GLY K 60 4.52 26.71 -70.53
CA GLY K 60 5.62 25.73 -70.38
C GLY K 60 5.21 24.60 -69.46
N ILE K 61 5.30 23.34 -69.94
CA ILE K 61 4.77 22.15 -69.19
C ILE K 61 5.64 22.00 -67.93
N HIS K 62 5.04 21.57 -66.82
CA HIS K 62 5.76 21.40 -65.54
C HIS K 62 6.86 20.34 -65.69
N HIS K 63 6.63 19.24 -66.41
CA HIS K 63 7.57 18.07 -66.49
C HIS K 63 8.76 18.29 -67.45
N ARG K 64 8.77 19.34 -68.28
CA ARG K 64 9.84 19.48 -69.32
C ARG K 64 11.25 19.78 -68.75
N LYS K 65 11.40 20.65 -67.72
CA LYS K 65 12.74 21.05 -67.11
C LYS K 65 13.34 22.12 -68.04
N LEU K 66 14.55 22.64 -67.75
CA LEU K 66 15.24 23.59 -68.70
C LEU K 66 14.25 24.73 -69.00
N LYS K 67 13.57 25.27 -67.98
CA LYS K 67 12.50 26.30 -68.18
C LYS K 67 13.13 27.54 -68.85
N LYS K 68 14.34 27.95 -68.45
CA LYS K 68 15.03 29.16 -68.98
C LYS K 68 16.46 28.85 -69.44
N SER K 69 16.97 29.51 -70.50
CA SER K 69 18.35 29.39 -70.96
C SER K 69 19.29 29.74 -69.80
N LEU K 70 20.44 29.05 -69.77
CA LEU K 70 21.33 29.17 -68.63
C LEU K 70 21.81 30.61 -68.45
N ILE K 71 22.14 31.28 -69.55
CA ILE K 71 22.66 32.64 -69.47
C ILE K 71 21.62 33.63 -68.98
N ASP K 72 20.36 33.43 -69.36
CA ASP K 72 19.31 34.31 -68.86
C ASP K 72 19.27 34.19 -67.35
N MET K 73 19.56 33.00 -66.83
CA MET K 73 19.58 32.78 -65.39
C MET K 73 20.85 33.37 -64.74
N TYR K 74 22.00 33.19 -65.40
CA TYR K 74 23.19 33.91 -64.98
C TYR K 74 23.08 35.43 -64.96
N SER K 75 22.19 36.00 -65.76
CA SER K 75 21.92 37.42 -65.66
C SER K 75 21.36 37.77 -64.28
N GLU K 76 20.42 36.94 -63.79
CA GLU K 76 19.91 37.14 -62.44
C GLU K 76 21.02 36.95 -61.41
N VAL K 77 21.93 36.00 -61.66
CA VAL K 77 23.05 35.79 -60.76
C VAL K 77 23.88 37.06 -60.64
N LEU K 78 24.26 37.62 -61.78
CA LEU K 78 25.06 38.85 -61.77
C LEU K 78 24.28 39.99 -61.15
N ASP K 79 22.97 40.07 -61.43
CA ASP K 79 22.16 41.13 -60.86
C ASP K 79 22.10 41.03 -59.34
N VAL K 80 21.98 39.82 -58.80
CA VAL K 80 21.93 39.67 -57.35
C VAL K 80 23.27 39.99 -56.71
N LEU K 81 24.38 39.61 -57.37
CA LEU K 81 25.67 40.07 -56.84
C LEU K 81 25.78 41.59 -56.88
N SER K 82 25.31 42.22 -57.95
CA SER K 82 25.36 43.67 -58.02
C SER K 82 24.52 44.31 -56.92
N ASP K 83 23.35 43.76 -56.67
CA ASP K 83 22.47 44.32 -55.64
C ASP K 83 23.07 44.14 -54.25
N TYR K 84 23.59 42.94 -53.96
CA TYR K 84 24.19 42.69 -52.66
C TYR K 84 25.35 43.63 -52.40
N ASP K 85 26.25 43.79 -53.37
CA ASP K 85 27.38 44.69 -53.25
C ASP K 85 27.78 45.14 -54.65
N ALA K 86 27.51 46.41 -54.96
CA ALA K 86 27.81 46.96 -56.28
C ALA K 86 29.29 47.29 -56.46
N SER K 87 30.08 47.27 -55.39
CA SER K 87 31.49 47.58 -55.50
C SER K 87 32.21 46.49 -56.29
N TYR K 88 33.32 46.88 -56.94
CA TYR K 88 34.11 45.93 -57.69
C TYR K 88 34.61 44.79 -56.82
N ASN K 89 34.73 45.01 -55.50
CA ASN K 89 35.20 43.97 -54.61
C ASN K 89 34.32 42.73 -54.67
N THR K 90 33.04 42.90 -55.01
CA THR K 90 32.13 41.78 -55.20
C THR K 90 31.89 41.46 -56.66
N GLN K 91 32.03 42.44 -57.56
CA GLN K 91 31.94 42.16 -58.98
C GLN K 91 33.03 41.20 -59.42
N ASP K 92 34.18 41.24 -58.76
CA ASP K 92 35.32 40.44 -59.19
C ASP K 92 35.04 38.95 -59.14
N HIS K 93 34.01 38.53 -58.40
CA HIS K 93 33.79 37.11 -58.17
C HIS K 93 33.34 36.36 -59.42
N LEU K 94 32.61 37.02 -60.31
CA LEU K 94 32.03 36.29 -61.44
C LEU K 94 32.40 36.91 -62.78
N PRO K 95 32.37 36.11 -63.86
CA PRO K 95 32.66 36.63 -65.19
C PRO K 95 31.74 37.77 -65.62
N ARG K 96 32.31 38.69 -66.40
CA ARG K 96 31.57 39.75 -67.06
C ARG K 96 32.23 40.05 -68.39
N VAL K 97 31.50 40.77 -69.25
CA VAL K 97 32.06 41.31 -70.47
C VAL K 97 31.88 42.82 -70.44
N VAL K 98 32.99 43.54 -70.53
CA VAL K 98 33.01 45.00 -70.51
C VAL K 98 33.10 45.50 -71.94
N VAL K 99 32.25 46.45 -72.29
CA VAL K 99 32.25 47.08 -73.61
C VAL K 99 32.73 48.52 -73.40
N VAL K 100 33.99 48.81 -73.71
CA VAL K 100 34.56 50.12 -73.48
C VAL K 100 35.26 50.58 -74.75
N GLY K 101 35.26 51.88 -75.01
CA GLY K 101 35.92 52.40 -76.19
C GLY K 101 35.92 53.90 -76.20
N ASP K 102 36.54 54.46 -77.24
CA ASP K 102 36.57 55.90 -77.43
C ASP K 102 35.15 56.45 -77.59
N GLN K 103 34.96 57.70 -77.18
CA GLN K 103 33.65 58.32 -77.32
C GLN K 103 33.17 58.26 -78.77
N SER K 104 31.92 57.82 -78.94
CA SER K 104 31.26 57.83 -80.25
C SER K 104 32.08 57.09 -81.30
N ALA K 105 32.75 56.02 -80.87
CA ALA K 105 33.52 55.19 -81.78
C ALA K 105 32.68 54.09 -82.43
N GLY K 106 31.40 53.99 -82.09
CA GLY K 106 30.57 52.90 -82.57
C GLY K 106 30.51 51.70 -81.66
N LYS K 107 31.08 51.79 -80.45
CA LYS K 107 31.05 50.67 -79.52
C LYS K 107 29.61 50.26 -79.18
N THR K 108 28.71 51.23 -79.07
CA THR K 108 27.30 50.88 -78.86
C THR K 108 26.77 50.09 -80.04
N SER K 109 27.19 50.45 -81.25
CA SER K 109 26.81 49.67 -82.43
C SER K 109 27.43 48.29 -82.39
N VAL K 110 28.66 48.16 -81.87
CA VAL K 110 29.26 46.84 -81.73
C VAL K 110 28.40 45.96 -80.82
N LEU K 111 28.01 46.51 -79.67
CA LEU K 111 27.18 45.74 -78.74
C LEU K 111 25.83 45.39 -79.37
N GLU K 112 25.21 46.36 -80.05
CA GLU K 112 23.90 46.14 -80.62
C GLU K 112 23.95 45.08 -81.73
N MET K 113 25.01 45.12 -82.55
CA MET K 113 25.18 44.10 -83.58
C MET K 113 25.40 42.73 -82.96
N ILE K 114 26.17 42.66 -81.88
CA ILE K 114 26.29 41.39 -81.16
C ILE K 114 24.92 40.97 -80.64
N ALA K 115 24.13 41.92 -80.15
CA ALA K 115 22.78 41.63 -79.68
C ALA K 115 21.79 41.44 -80.83
N GLN K 116 22.19 41.75 -82.07
CA GLN K 116 21.35 41.53 -83.24
C GLN K 116 20.10 42.40 -83.23
N ALA K 117 20.20 43.60 -82.68
CA ALA K 117 19.09 44.54 -82.71
C ALA K 117 19.57 45.90 -82.22
N ARG K 118 18.89 46.95 -82.68
CA ARG K 118 19.14 48.31 -82.21
C ARG K 118 18.37 48.52 -80.91
N ILE K 119 18.97 48.03 -79.83
CA ILE K 119 18.30 47.97 -78.54
C ILE K 119 18.55 49.22 -77.70
N PHE K 120 19.70 49.95 -77.93
CA PHE K 120 20.01 51.09 -77.06
C PHE K 120 19.70 52.40 -77.76
N PRO K 121 19.27 53.41 -76.99
CA PRO K 121 18.98 54.72 -77.61
C PRO K 121 20.23 55.41 -78.12
N ARG K 122 20.07 56.14 -79.21
CA ARG K 122 21.16 56.90 -79.82
C ARG K 122 20.65 58.30 -80.18
N GLY K 123 19.91 58.91 -79.25
CA GLY K 123 19.27 60.18 -79.56
C GLY K 123 20.24 61.27 -79.93
N SER K 124 21.36 61.35 -79.24
CA SER K 124 22.37 62.37 -79.48
C SER K 124 23.75 61.73 -79.50
N GLY K 125 24.72 62.49 -80.00
CA GLY K 125 26.09 62.02 -80.10
C GLY K 125 27.04 62.52 -79.05
N GLU K 126 26.56 63.28 -78.05
CA GLU K 126 27.45 63.81 -77.02
C GLU K 126 27.17 63.22 -75.65
N MET K 127 25.92 63.41 -75.17
CA MET K 127 25.60 62.94 -73.82
C MET K 127 25.08 61.51 -73.83
N MET K 128 24.53 61.05 -74.95
CA MET K 128 23.95 59.72 -75.02
C MET K 128 25.00 58.63 -75.24
N THR K 129 26.25 59.02 -75.49
CA THR K 129 27.34 58.07 -75.68
C THR K 129 28.28 58.01 -74.48
N ARG K 130 27.94 58.67 -73.37
CA ARG K 130 28.77 58.73 -72.19
C ARG K 130 28.02 58.28 -70.93
N SER K 131 27.14 57.30 -71.08
CA SER K 131 26.39 56.76 -69.96
C SER K 131 26.25 55.25 -70.09
N PRO K 132 26.18 54.52 -68.98
CA PRO K 132 26.21 53.05 -69.04
C PRO K 132 24.86 52.41 -69.29
N VAL K 133 24.89 51.26 -69.97
CA VAL K 133 23.78 50.32 -70.03
C VAL K 133 24.36 48.93 -69.83
N LYS K 134 23.53 47.98 -69.38
CA LYS K 134 23.91 46.57 -69.34
C LYS K 134 22.86 45.72 -70.02
N VAL K 135 23.30 44.77 -70.86
CA VAL K 135 22.39 43.87 -71.56
C VAL K 135 22.93 42.45 -71.49
N THR K 136 22.07 41.51 -71.11
CA THR K 136 22.38 40.10 -71.23
C THR K 136 21.99 39.60 -72.62
N LEU K 137 22.75 38.62 -73.11
CA LEU K 137 22.57 38.02 -74.42
C LEU K 137 22.30 36.53 -74.22
N SER K 138 21.19 36.05 -74.78
CA SER K 138 20.75 34.68 -74.59
C SER K 138 20.23 34.09 -75.89
N GLU K 139 20.37 32.77 -76.01
CA GLU K 139 19.77 32.04 -77.11
C GLU K 139 18.25 32.06 -77.00
N GLY K 140 17.58 32.06 -78.14
CA GLY K 140 16.14 32.01 -78.17
C GLY K 140 15.60 31.56 -79.51
N PRO K 141 14.31 31.19 -79.54
CA PRO K 141 13.64 30.91 -80.82
C PRO K 141 13.09 32.16 -81.49
N HIS K 142 13.07 33.30 -80.80
CA HIS K 142 12.54 34.54 -81.34
C HIS K 142 13.27 35.70 -80.69
N HIS K 143 13.50 36.76 -81.46
CA HIS K 143 14.27 37.91 -81.00
C HIS K 143 13.36 38.78 -80.15
N VAL K 144 13.48 38.66 -78.82
CA VAL K 144 12.60 39.35 -77.89
C VAL K 144 13.41 39.86 -76.70
N ALA K 145 13.01 41.00 -76.16
CA ALA K 145 13.72 41.63 -75.05
C ALA K 145 12.77 41.87 -73.89
N LEU K 146 13.32 41.79 -72.68
CA LEU K 146 12.55 41.96 -71.46
C LEU K 146 13.42 42.61 -70.40
N PHE K 147 12.87 43.60 -69.69
CA PHE K 147 13.60 44.29 -68.64
C PHE K 147 13.50 43.52 -67.32
N LYS K 148 14.48 43.77 -66.46
CA LYS K 148 14.41 43.29 -65.08
C LYS K 148 13.15 43.79 -64.39
N ASP K 149 12.81 45.06 -64.61
CA ASP K 149 11.77 45.74 -63.83
C ASP K 149 10.50 46.00 -64.64
N SER K 150 10.25 45.22 -65.69
CA SER K 150 9.05 45.43 -66.50
C SER K 150 8.53 44.09 -66.99
N SER K 151 7.20 43.98 -67.07
CA SER K 151 6.56 42.78 -67.60
C SER K 151 6.41 42.80 -69.11
N ARG K 152 6.71 43.93 -69.76
CA ARG K 152 6.53 44.05 -71.20
C ARG K 152 7.65 43.34 -71.95
N GLU K 153 7.27 42.56 -72.96
CA GLU K 153 8.22 41.96 -73.90
C GLU K 153 8.24 42.80 -75.16
N PHE K 154 9.44 42.98 -75.72
CA PHE K 154 9.64 43.84 -76.88
C PHE K 154 10.01 43.00 -78.09
N ASP K 155 9.30 43.19 -79.19
CA ASP K 155 9.61 42.50 -80.44
C ASP K 155 10.78 43.21 -81.09
N LEU K 156 11.89 42.49 -81.26
CA LEU K 156 13.13 43.09 -81.74
C LEU K 156 13.19 43.17 -83.26
N THR K 157 12.17 42.70 -83.97
CA THR K 157 12.11 42.78 -85.42
C THR K 157 11.20 43.90 -85.91
N LYS K 158 10.60 44.68 -85.01
CA LYS K 158 9.69 45.74 -85.38
C LYS K 158 10.19 47.07 -84.81
N GLU K 159 9.95 48.15 -85.55
CA GLU K 159 10.48 49.45 -85.15
C GLU K 159 9.79 49.98 -83.90
N GLU K 160 8.50 49.70 -83.74
CA GLU K 160 7.77 50.26 -82.60
C GLU K 160 8.31 49.73 -81.28
N ASP K 161 8.52 48.42 -81.19
CA ASP K 161 8.96 47.83 -79.92
C ASP K 161 10.42 48.17 -79.64
N LEU K 162 11.25 48.20 -80.68
CA LEU K 162 12.64 48.63 -80.49
C LEU K 162 12.69 50.09 -80.04
N ALA K 163 11.81 50.93 -80.59
CA ALA K 163 11.76 52.32 -80.18
C ALA K 163 11.32 52.45 -78.73
N ALA K 164 10.32 51.66 -78.31
CA ALA K 164 9.90 51.69 -76.91
C ALA K 164 11.01 51.18 -75.99
N LEU K 165 11.73 50.17 -76.43
CA LEU K 165 12.86 49.63 -75.66
C LEU K 165 13.94 50.69 -75.48
N ARG K 166 14.33 51.32 -76.59
CA ARG K 166 15.29 52.41 -76.53
C ARG K 166 14.78 53.54 -75.66
N HIS K 167 13.46 53.79 -75.69
CA HIS K 167 12.87 54.85 -74.91
C HIS K 167 12.98 54.58 -73.42
N GLU K 168 12.67 53.35 -72.99
CA GLU K 168 12.83 53.01 -71.59
C GLU K 168 14.27 53.13 -71.16
N ILE K 169 15.19 52.60 -71.96
CA ILE K 169 16.59 52.75 -71.61
C ILE K 169 16.96 54.21 -71.51
N GLU K 170 16.57 55.02 -72.51
CA GLU K 170 16.87 56.45 -72.51
C GLU K 170 16.32 57.15 -71.28
N LEU K 171 15.08 56.84 -70.90
CA LEU K 171 14.51 57.43 -69.70
C LEU K 171 15.39 57.16 -68.49
N ARG K 172 15.99 55.97 -68.45
CA ARG K 172 16.93 55.70 -67.36
C ARG K 172 18.29 56.38 -67.61
N MET K 173 18.69 56.50 -68.87
CA MET K 173 20.03 56.97 -69.22
C MET K 173 20.22 58.45 -68.95
N ARG K 174 19.25 59.28 -69.32
CA ARG K 174 19.43 60.71 -69.27
C ARG K 174 19.20 61.26 -67.88
N LYS K 175 18.90 60.38 -66.91
CA LYS K 175 18.71 60.76 -65.53
C LYS K 175 19.83 60.24 -64.63
N ASN K 176 20.46 59.12 -65.00
CA ASN K 176 21.53 58.52 -64.21
C ASN K 176 22.86 59.22 -64.52
N VAL K 177 22.87 60.53 -64.30
CA VAL K 177 24.02 61.37 -64.61
C VAL K 177 24.05 62.53 -63.64
N LYS K 178 25.24 62.83 -63.12
CA LYS K 178 25.40 64.01 -62.28
C LYS K 178 25.16 65.26 -63.11
N GLU K 179 24.49 66.25 -62.51
CA GLU K 179 24.15 67.46 -63.23
C GLU K 179 25.41 68.18 -63.67
N GLY K 180 25.46 68.55 -64.94
CA GLY K 180 26.65 69.13 -65.54
C GLY K 180 27.65 68.08 -65.97
N CYS K 181 27.96 67.14 -65.08
CA CYS K 181 28.86 66.04 -65.43
C CYS K 181 28.30 65.22 -66.57
N THR K 182 27.01 64.92 -66.54
CA THR K 182 26.34 64.11 -67.54
C THR K 182 26.88 62.67 -67.55
N VAL K 183 27.60 62.29 -66.48
CA VAL K 183 28.18 60.95 -66.37
C VAL K 183 28.12 60.50 -64.92
N SER K 184 27.39 59.41 -64.67
CA SER K 184 27.32 58.83 -63.34
C SER K 184 27.20 57.32 -63.47
N PRO K 185 27.80 56.56 -62.53
CA PRO K 185 27.59 55.11 -62.55
C PRO K 185 26.19 54.75 -62.09
N GLU K 186 25.60 53.78 -62.78
CA GLU K 186 24.29 53.25 -62.41
C GLU K 186 24.02 52.01 -63.26
N THR K 187 23.05 51.22 -62.82
CA THR K 187 22.77 49.93 -63.42
C THR K 187 21.43 49.98 -64.16
N ILE K 188 21.45 49.59 -65.43
CA ILE K 188 20.25 49.35 -66.22
C ILE K 188 20.40 47.95 -66.82
N SER K 189 19.43 47.09 -66.55
CA SER K 189 19.55 45.66 -66.85
C SER K 189 18.44 45.25 -67.81
N LEU K 190 18.83 44.86 -69.02
CA LEU K 190 17.93 44.35 -70.04
C LEU K 190 18.38 42.96 -70.46
N ASN K 191 17.43 42.05 -70.68
CA ASN K 191 17.71 40.72 -71.18
C ASN K 191 17.24 40.64 -72.63
N VAL K 192 18.18 40.43 -73.54
CA VAL K 192 17.89 40.34 -74.97
C VAL K 192 18.11 38.90 -75.41
N LYS K 193 17.11 38.34 -76.09
CA LYS K 193 17.06 36.93 -76.47
C LYS K 193 16.83 36.83 -77.97
N GLY K 194 17.29 35.73 -78.57
CA GLY K 194 16.99 35.46 -79.95
C GLY K 194 17.89 34.41 -80.59
N PRO K 195 17.47 33.89 -81.73
CA PRO K 195 18.32 32.93 -82.47
C PRO K 195 19.67 33.52 -82.83
N GLY K 196 20.71 32.69 -82.71
CA GLY K 196 22.04 33.09 -83.07
C GLY K 196 22.77 33.90 -82.02
N LEU K 197 22.07 34.30 -80.96
CA LEU K 197 22.68 35.11 -79.92
C LEU K 197 23.36 34.23 -78.88
N GLN K 198 24.53 34.66 -78.43
CA GLN K 198 25.36 33.86 -77.56
C GLN K 198 25.06 33.99 -76.06
N ARG K 199 25.75 33.17 -75.27
CA ARG K 199 25.64 33.19 -73.81
C ARG K 199 26.60 34.16 -73.15
N MET K 200 26.22 35.45 -73.16
CA MET K 200 27.09 36.53 -72.63
C MET K 200 26.36 37.52 -71.74
N VAL K 201 27.06 38.45 -71.11
CA VAL K 201 26.50 39.62 -70.41
C VAL K 201 27.42 40.81 -70.64
N LEU K 202 26.98 41.77 -71.46
CA LEU K 202 27.83 42.88 -71.87
C LEU K 202 27.42 44.17 -71.18
N VAL K 203 28.41 44.92 -70.72
CA VAL K 203 28.20 46.22 -70.08
C VAL K 203 28.79 47.30 -70.99
N ASP K 204 27.93 48.14 -71.55
CA ASP K 204 28.35 49.33 -72.29
C ASP K 204 28.61 50.45 -71.29
N LEU K 205 29.85 50.94 -71.26
CA LEU K 205 30.28 51.96 -70.31
C LEU K 205 30.50 53.29 -71.00
N PRO K 206 30.40 54.41 -70.26
CA PRO K 206 30.54 55.74 -70.89
C PRO K 206 31.73 55.85 -71.82
N GLY K 207 31.51 56.49 -72.97
CA GLY K 207 32.60 56.69 -73.91
C GLY K 207 33.75 57.43 -73.26
N VAL K 208 34.96 57.06 -73.65
CA VAL K 208 36.18 57.61 -73.05
C VAL K 208 36.56 58.90 -73.77
N ILE K 209 37.02 59.89 -73.02
CA ILE K 209 37.45 61.16 -73.58
C ILE K 209 38.85 61.50 -73.05
N ASN K 210 39.56 62.33 -73.81
CA ASN K 210 40.86 62.86 -73.39
C ASN K 210 40.84 64.35 -73.10
N THR K 211 39.89 65.09 -73.64
CA THR K 211 39.79 66.52 -73.44
C THR K 211 38.36 66.90 -73.08
N VAL K 212 38.21 68.10 -72.52
CA VAL K 212 36.90 68.62 -72.12
C VAL K 212 36.69 69.96 -72.80
N THR K 213 35.45 70.22 -73.18
CA THR K 213 35.06 71.43 -73.90
C THR K 213 34.05 72.22 -73.08
N SER K 214 33.60 73.35 -73.64
CA SER K 214 32.73 74.26 -72.90
C SER K 214 31.35 73.69 -72.65
N GLY K 215 30.94 72.68 -73.42
CA GLY K 215 29.66 72.04 -73.22
C GLY K 215 29.66 70.93 -72.20
N MET K 216 30.80 70.68 -71.57
CA MET K 216 30.94 69.59 -70.61
C MET K 216 31.72 70.08 -69.41
N ALA K 217 31.52 69.40 -68.28
CA ALA K 217 32.23 69.75 -67.06
C ALA K 217 33.69 69.30 -67.14
N PRO K 218 34.61 70.03 -66.50
CA PRO K 218 36.00 69.55 -66.47
C PRO K 218 36.15 68.20 -65.78
N ASP K 219 35.35 67.94 -64.75
CA ASP K 219 35.42 66.67 -64.05
C ASP K 219 34.96 65.50 -64.91
N THR K 220 34.23 65.78 -66.00
CA THR K 220 33.67 64.71 -66.80
C THR K 220 34.74 63.71 -67.23
N LYS K 221 35.93 64.21 -67.55
CA LYS K 221 37.00 63.33 -67.99
C LYS K 221 37.34 62.31 -66.91
N GLU K 222 37.43 62.75 -65.66
CA GLU K 222 37.82 61.84 -64.58
C GLU K 222 36.68 60.89 -64.22
N THR K 223 35.45 61.39 -64.13
CA THR K 223 34.33 60.55 -63.74
C THR K 223 34.20 59.35 -64.67
N ILE K 224 34.31 59.59 -65.98
CA ILE K 224 34.25 58.48 -66.93
C ILE K 224 35.29 57.44 -66.56
N PHE K 225 36.53 57.89 -66.32
CA PHE K 225 37.58 56.95 -65.98
C PHE K 225 37.19 56.14 -64.76
N SER K 226 36.63 56.80 -63.75
CA SER K 226 36.25 56.11 -62.52
C SER K 226 35.23 55.03 -62.82
N ILE K 227 34.26 55.32 -63.68
CA ILE K 227 33.33 54.28 -64.10
C ILE K 227 34.05 53.26 -64.95
N SER K 228 34.86 53.73 -65.90
CA SER K 228 35.53 52.84 -66.83
C SER K 228 36.43 51.87 -66.09
N LYS K 229 37.12 52.36 -65.08
CA LYS K 229 38.02 51.51 -64.30
C LYS K 229 37.25 50.53 -63.41
N ALA K 230 36.01 50.88 -63.03
CA ALA K 230 35.29 50.07 -62.05
C ALA K 230 35.03 48.64 -62.56
N TYR K 231 34.46 48.50 -63.77
CA TYR K 231 34.16 47.17 -64.30
C TYR K 231 35.39 46.50 -64.94
N MET K 232 36.35 47.28 -65.45
CA MET K 232 37.60 46.70 -65.92
C MET K 232 38.37 45.99 -64.81
N GLN K 233 38.20 46.42 -63.56
CA GLN K 233 39.00 45.84 -62.49
C GLN K 233 38.73 44.35 -62.36
N ASN K 234 37.52 43.91 -62.71
CA ASN K 234 37.15 42.51 -62.62
C ASN K 234 38.19 41.62 -63.32
N PRO K 235 38.94 40.81 -62.56
CA PRO K 235 39.89 39.91 -63.23
C PRO K 235 39.23 38.84 -64.07
N ASN K 236 37.93 38.59 -63.87
CA ASN K 236 37.19 37.63 -64.66
C ASN K 236 36.39 38.30 -65.77
N ALA K 237 36.73 39.53 -66.12
CA ALA K 237 36.04 40.22 -67.20
C ALA K 237 36.81 40.07 -68.51
N ILE K 238 36.07 39.98 -69.60
CA ILE K 238 36.61 40.12 -70.94
C ILE K 238 36.38 41.57 -71.37
N ILE K 239 37.45 42.31 -71.58
CA ILE K 239 37.37 43.74 -71.81
C ILE K 239 37.50 43.98 -73.31
N LEU K 240 36.43 44.48 -73.93
CA LEU K 240 36.45 44.84 -75.34
C LEU K 240 36.87 46.31 -75.44
N CYS K 241 38.12 46.51 -75.84
CA CYS K 241 38.71 47.83 -76.04
C CYS K 241 38.42 48.20 -77.48
N ILE K 242 37.47 49.10 -77.66
CA ILE K 242 36.88 49.41 -78.96
C ILE K 242 37.42 50.77 -79.39
N GLN K 243 38.15 50.79 -80.50
CA GLN K 243 38.82 51.98 -80.95
C GLN K 243 38.31 52.40 -82.32
N ASP K 244 38.23 53.70 -82.51
CA ASP K 244 37.76 54.30 -83.75
C ASP K 244 38.86 54.13 -84.79
N GLY K 245 38.58 53.34 -85.82
CA GLY K 245 39.57 53.04 -86.82
C GLY K 245 39.96 54.21 -87.70
N SER K 246 39.22 55.33 -87.62
CA SER K 246 39.51 56.49 -88.46
C SER K 246 40.63 57.35 -87.89
N VAL K 247 41.10 57.07 -86.67
CA VAL K 247 42.17 57.82 -86.05
C VAL K 247 43.32 56.88 -85.73
N ASP K 248 44.49 57.47 -85.51
CA ASP K 248 45.70 56.68 -85.27
C ASP K 248 45.53 55.79 -84.05
N ALA K 249 46.02 54.56 -84.16
CA ALA K 249 46.03 53.65 -83.02
C ALA K 249 46.88 54.21 -81.87
N GLU K 250 47.97 54.90 -82.21
CA GLU K 250 48.82 55.50 -81.18
C GLU K 250 48.08 56.56 -80.38
N ARG K 251 46.96 57.08 -80.90
CA ARG K 251 46.22 58.15 -80.24
C ARG K 251 45.00 57.63 -79.50
N SER K 252 44.86 56.31 -79.36
CA SER K 252 43.72 55.75 -78.64
C SER K 252 43.69 56.28 -77.22
N ILE K 253 42.49 56.65 -76.76
CA ILE K 253 42.30 57.17 -75.43
C ILE K 253 41.93 56.06 -74.44
N VAL K 254 41.08 55.14 -74.89
CA VAL K 254 40.65 54.04 -74.03
C VAL K 254 41.83 53.15 -73.64
N THR K 255 42.80 52.98 -74.53
CA THR K 255 43.93 52.11 -74.23
C THR K 255 44.63 52.54 -72.95
N ASP K 256 44.86 53.84 -72.79
CA ASP K 256 45.58 54.34 -71.62
C ASP K 256 44.82 54.05 -70.33
N LEU K 257 43.53 53.70 -70.41
CA LEU K 257 42.75 53.23 -69.27
C LEU K 257 42.83 51.72 -69.11
N VAL K 258 42.77 50.98 -70.22
CA VAL K 258 42.81 49.53 -70.14
C VAL K 258 44.14 49.07 -69.56
N SER K 259 45.23 49.75 -69.93
CA SER K 259 46.53 49.42 -69.39
C SER K 259 46.63 49.64 -67.89
N GLN K 260 45.69 50.38 -67.28
CA GLN K 260 45.68 50.53 -65.83
C GLN K 260 45.03 49.35 -65.12
N MET K 261 44.28 48.51 -65.84
CA MET K 261 43.71 47.29 -65.27
C MET K 261 44.33 46.03 -65.85
N ASP K 262 44.86 46.10 -67.07
CA ASP K 262 45.55 44.98 -67.69
C ASP K 262 46.73 45.55 -68.45
N PRO K 263 47.85 45.78 -67.78
CA PRO K 263 48.97 46.51 -68.42
C PRO K 263 49.44 45.87 -69.72
N HIS K 264 49.20 44.57 -69.91
CA HIS K 264 49.67 43.86 -71.10
C HIS K 264 48.52 43.31 -71.93
N GLY K 265 47.27 43.63 -71.59
CA GLY K 265 46.14 43.16 -72.37
C GLY K 265 45.88 41.67 -72.28
N ARG K 266 46.26 41.04 -71.16
CA ARG K 266 46.10 39.59 -71.05
C ARG K 266 44.65 39.16 -71.21
N ARG K 267 43.71 39.88 -70.58
CA ARG K 267 42.30 39.50 -70.61
C ARG K 267 41.47 40.43 -71.49
N THR K 268 42.12 41.13 -72.43
CA THR K 268 41.46 42.13 -73.25
C THR K 268 41.40 41.67 -74.70
N ILE K 269 40.47 42.27 -75.44
CA ILE K 269 40.31 42.05 -76.87
C ILE K 269 40.24 43.41 -77.54
N PHE K 270 40.84 43.51 -78.72
CA PHE K 270 40.84 44.74 -79.50
C PHE K 270 39.71 44.70 -80.53
N VAL K 271 38.97 45.79 -80.63
CA VAL K 271 37.89 45.94 -81.60
C VAL K 271 38.18 47.18 -82.43
N LEU K 272 38.19 47.02 -83.75
CA LEU K 272 38.43 48.11 -84.69
C LEU K 272 37.09 48.51 -85.30
N THR K 273 36.64 49.73 -85.04
CA THR K 273 35.34 50.19 -85.53
C THR K 273 35.51 51.06 -86.76
N LYS K 274 34.40 51.30 -87.45
CA LYS K 274 34.35 52.18 -88.62
C LYS K 274 35.35 51.71 -89.68
N VAL K 275 35.40 50.40 -89.89
CA VAL K 275 36.35 49.82 -90.84
C VAL K 275 36.06 50.28 -92.26
N ASP K 276 34.78 50.45 -92.60
CA ASP K 276 34.38 50.87 -93.93
C ASP K 276 34.40 52.38 -94.10
N LEU K 277 34.73 53.12 -93.05
CA LEU K 277 34.97 54.55 -93.12
C LEU K 277 36.44 54.92 -93.02
N ALA K 278 37.24 54.13 -92.30
CA ALA K 278 38.67 54.36 -92.17
C ALA K 278 39.43 53.71 -93.32
N GLU K 279 39.18 54.23 -94.53
CA GLU K 279 39.78 53.67 -95.72
C GLU K 279 41.30 53.72 -95.67
N LYS K 280 41.87 54.75 -95.04
CA LYS K 280 43.32 54.88 -95.01
C LYS K 280 44.00 53.70 -94.33
N ASN K 281 43.28 52.97 -93.47
CA ASN K 281 43.83 51.82 -92.77
C ASN K 281 43.43 50.50 -93.42
N VAL K 282 42.13 50.25 -93.58
CA VAL K 282 41.67 48.98 -94.09
C VAL K 282 42.23 48.68 -95.47
N ALA K 283 42.72 49.69 -96.17
CA ALA K 283 43.31 49.52 -97.50
C ALA K 283 44.83 49.39 -97.46
N SER K 284 45.45 49.39 -96.28
CA SER K 284 46.91 49.39 -96.19
C SER K 284 47.40 48.37 -95.17
N PRO K 285 48.10 47.31 -95.59
CA PRO K 285 48.60 46.34 -94.60
C PRO K 285 49.51 46.95 -93.55
N SER K 286 50.29 47.98 -93.91
CA SER K 286 51.31 48.49 -93.00
C SER K 286 50.73 49.01 -91.69
N ARG K 287 49.43 49.32 -91.67
CA ARG K 287 48.73 49.75 -90.47
C ARG K 287 47.90 48.64 -89.87
N ILE K 288 47.18 47.91 -90.73
CA ILE K 288 46.21 46.93 -90.26
C ILE K 288 46.89 45.72 -89.64
N GLN K 289 47.98 45.24 -90.23
CA GLN K 289 48.59 44.04 -89.68
C GLN K 289 49.17 44.32 -88.30
N GLN K 290 49.72 45.52 -88.09
CA GLN K 290 50.18 45.89 -86.76
C GLN K 290 49.00 46.07 -85.80
N ILE K 291 47.91 46.70 -86.27
CA ILE K 291 46.80 46.99 -85.37
C ILE K 291 46.09 45.71 -84.95
N ILE K 292 45.98 44.74 -85.86
CA ILE K 292 45.21 43.53 -85.61
C ILE K 292 46.07 42.38 -85.06
N GLU K 293 47.40 42.42 -85.27
CA GLU K 293 48.24 41.36 -84.72
C GLU K 293 48.65 41.64 -83.28
N GLY K 294 48.67 42.91 -82.89
CA GLY K 294 49.07 43.27 -81.54
C GLY K 294 50.45 43.89 -81.49
N LYS K 295 50.91 44.46 -82.61
CA LYS K 295 52.20 45.11 -82.69
C LYS K 295 52.10 46.63 -82.59
N LEU K 296 50.96 47.19 -82.99
CA LEU K 296 50.75 48.63 -82.90
C LEU K 296 50.32 49.08 -81.52
N PHE K 297 49.96 48.14 -80.64
CA PHE K 297 49.49 48.44 -79.30
C PHE K 297 50.43 47.84 -78.26
N PRO K 298 50.46 48.40 -77.04
CA PRO K 298 51.11 47.70 -75.92
C PRO K 298 50.33 46.47 -75.48
N MET K 299 49.10 46.29 -75.97
CA MET K 299 48.19 45.26 -75.50
C MET K 299 48.35 43.98 -76.32
N LYS K 300 48.54 42.87 -75.61
CA LYS K 300 48.63 41.53 -76.22
C LYS K 300 47.33 40.82 -75.87
N ALA K 301 46.35 40.94 -76.76
CA ALA K 301 44.97 40.63 -76.43
C ALA K 301 44.66 39.14 -76.52
N LEU K 302 43.49 38.80 -75.98
CA LEU K 302 42.88 37.49 -76.24
C LEU K 302 42.55 37.31 -77.72
N GLY K 303 42.38 38.41 -78.45
CA GLY K 303 42.04 38.35 -79.86
C GLY K 303 41.89 39.76 -80.40
N TYR K 304 41.77 39.83 -81.72
CA TYR K 304 41.67 41.12 -82.42
C TYR K 304 40.60 40.98 -83.49
N PHE K 305 39.67 41.94 -83.54
CA PHE K 305 38.53 41.84 -84.43
C PHE K 305 38.21 43.19 -85.06
N ALA K 306 37.68 43.14 -86.28
CA ALA K 306 37.28 44.32 -87.05
C ALA K 306 35.80 44.24 -87.37
N VAL K 307 35.09 45.36 -87.19
CA VAL K 307 33.64 45.40 -87.36
C VAL K 307 33.22 46.68 -88.07
N VAL K 308 32.03 46.64 -88.65
CA VAL K 308 31.38 47.81 -89.26
C VAL K 308 30.28 48.28 -88.33
N THR K 309 30.36 49.53 -87.90
CA THR K 309 29.45 50.08 -86.89
C THR K 309 28.44 51.07 -87.47
N GLY K 310 28.39 51.26 -88.78
CA GLY K 310 27.49 52.24 -89.36
C GLY K 310 28.23 53.33 -90.12
N LYS K 311 27.60 53.83 -91.18
CA LYS K 311 28.24 54.75 -92.12
C LYS K 311 28.00 56.20 -91.70
N GLY K 312 28.34 56.48 -90.45
CA GLY K 312 28.17 57.81 -89.90
C GLY K 312 26.77 58.14 -89.42
N ASN K 313 25.82 57.22 -89.59
CA ASN K 313 24.43 57.43 -89.16
C ASN K 313 24.22 56.76 -87.82
N SER K 314 24.05 57.57 -86.78
CA SER K 314 23.88 57.04 -85.42
C SER K 314 22.59 56.25 -85.26
N SER K 315 21.63 56.40 -86.16
CA SER K 315 20.33 55.75 -86.04
C SER K 315 20.11 54.68 -87.10
N GLU K 316 21.16 54.27 -87.79
CA GLU K 316 21.01 53.27 -88.84
C GLU K 316 20.63 51.92 -88.25
N SER K 317 19.79 51.18 -88.97
CA SER K 317 19.32 49.90 -88.48
C SER K 317 20.46 48.90 -88.36
N ILE K 318 20.42 48.09 -87.29
CA ILE K 318 21.48 47.12 -87.05
C ILE K 318 21.48 46.05 -88.12
N GLU K 319 20.31 45.64 -88.60
CA GLU K 319 20.26 44.59 -89.62
C GLU K 319 20.96 45.04 -90.90
N ALA K 320 20.68 46.26 -91.34
CA ALA K 320 21.37 46.79 -92.52
C ALA K 320 22.86 46.91 -92.25
N ILE K 321 23.24 47.30 -91.03
CA ILE K 321 24.65 47.44 -90.70
C ILE K 321 25.35 46.10 -90.80
N ARG K 322 24.70 45.02 -90.33
CA ARG K 322 25.33 43.70 -90.41
C ARG K 322 25.42 43.21 -91.84
N GLU K 323 24.37 43.45 -92.64
CA GLU K 323 24.44 43.06 -94.05
C GLU K 323 25.58 43.80 -94.75
N TYR K 324 25.71 45.09 -94.48
CA TYR K 324 26.79 45.87 -95.06
C TYR K 324 28.14 45.44 -94.52
N GLU K 325 28.20 45.00 -93.26
CA GLU K 325 29.45 44.49 -92.70
C GLU K 325 29.90 43.24 -93.46
N GLU K 326 28.97 42.30 -93.68
CA GLU K 326 29.34 41.09 -94.41
C GLU K 326 29.76 41.43 -95.84
N GLU K 327 29.07 42.38 -96.47
CA GLU K 327 29.43 42.75 -97.84
C GLU K 327 30.77 43.48 -97.91
N PHE K 328 31.07 44.32 -96.92
CA PHE K 328 32.23 45.20 -97.01
C PHE K 328 33.53 44.43 -97.03
N PHE K 329 33.72 43.49 -96.10
CA PHE K 329 34.98 42.78 -96.02
C PHE K 329 35.27 42.03 -97.31
N GLN K 330 34.25 41.46 -97.93
CA GLN K 330 34.42 40.86 -99.26
C GLN K 330 34.79 41.92 -100.28
N ASN K 331 34.13 43.08 -100.22
CA ASN K 331 34.46 44.15 -101.17
C ASN K 331 35.87 44.69 -100.93
N SER K 332 36.27 44.81 -99.67
CA SER K 332 37.51 45.50 -99.32
C SER K 332 38.73 44.70 -99.75
N LYS K 333 39.85 45.44 -99.88
CA LYS K 333 41.15 44.83 -100.14
C LYS K 333 41.55 43.87 -99.04
N LEU K 334 41.02 44.07 -97.83
CA LEU K 334 41.61 43.46 -96.64
C LEU K 334 41.58 41.93 -96.71
N LEU K 335 40.49 41.35 -97.21
CA LEU K 335 40.42 39.90 -97.31
C LEU K 335 41.38 39.36 -98.37
N LYS K 336 41.50 40.08 -99.49
CA LYS K 336 42.32 39.59 -100.59
C LYS K 336 43.81 39.55 -100.22
N THR K 337 44.29 40.59 -99.52
CA THR K 337 45.71 40.73 -99.24
C THR K 337 46.08 40.27 -97.83
N SER K 338 45.15 39.65 -97.11
CA SER K 338 45.43 39.01 -95.82
C SER K 338 46.07 39.99 -94.83
N MET K 339 45.53 41.20 -94.76
CA MET K 339 45.87 42.11 -93.66
C MET K 339 44.96 41.87 -92.46
N LEU K 340 43.72 41.47 -92.70
CA LEU K 340 42.83 40.93 -91.67
C LEU K 340 42.47 39.51 -92.05
N LYS K 341 42.47 38.63 -91.07
CA LYS K 341 42.14 37.23 -91.30
C LYS K 341 40.64 37.02 -91.14
N ALA K 342 40.13 35.98 -91.82
CA ALA K 342 38.69 35.79 -91.92
C ALA K 342 38.05 35.63 -90.54
N HIS K 343 38.74 35.00 -89.60
CA HIS K 343 38.22 34.83 -88.25
C HIS K 343 38.37 36.10 -87.40
N GLN K 344 39.01 37.14 -87.94
CA GLN K 344 39.19 38.40 -87.23
C GLN K 344 38.21 39.48 -87.65
N VAL K 345 37.20 39.15 -88.44
CA VAL K 345 36.31 40.15 -89.02
C VAL K 345 34.86 39.78 -88.73
N THR K 346 34.01 40.81 -88.73
CA THR K 346 32.56 40.66 -88.62
C THR K 346 32.11 40.37 -87.19
N THR K 347 30.81 40.53 -86.95
CA THR K 347 30.26 40.36 -85.61
C THR K 347 30.37 38.91 -85.14
N ARG K 348 30.14 37.96 -86.06
CA ARG K 348 30.04 36.56 -85.67
C ARG K 348 31.29 36.08 -84.93
N ASN K 349 32.47 36.41 -85.47
CA ASN K 349 33.71 35.87 -84.90
C ASN K 349 33.99 36.45 -83.53
N LEU K 350 33.83 37.77 -83.38
CA LEU K 350 34.01 38.42 -82.08
C LEU K 350 33.04 37.83 -81.06
N SER K 351 31.77 37.71 -81.45
CA SER K 351 30.76 37.21 -80.54
C SER K 351 31.08 35.79 -80.10
N LEU K 352 31.47 34.93 -81.05
CA LEU K 352 31.75 33.54 -80.71
C LEU K 352 32.96 33.41 -79.80
N ALA K 353 34.03 34.16 -80.09
CA ALA K 353 35.22 34.06 -79.24
C ALA K 353 34.92 34.51 -77.82
N VAL K 354 34.31 35.68 -77.67
CA VAL K 354 34.03 36.19 -76.33
C VAL K 354 33.03 35.29 -75.64
N SER K 355 32.05 34.75 -76.39
CA SER K 355 31.08 33.84 -75.81
C SER K 355 31.74 32.59 -75.26
N ASP K 356 32.65 31.98 -76.03
CA ASP K 356 33.27 30.76 -75.55
C ASP K 356 34.04 31.00 -74.28
N CYS K 357 34.90 32.02 -74.29
CA CYS K 357 35.67 32.31 -73.08
C CYS K 357 34.75 32.58 -71.90
N PHE K 358 33.80 33.50 -72.10
CA PHE K 358 32.93 33.94 -71.03
C PHE K 358 32.13 32.78 -70.45
N TRP K 359 31.49 31.98 -71.32
CA TRP K 359 30.57 30.98 -70.79
C TRP K 359 31.29 29.80 -70.16
N LYS K 360 32.45 29.40 -70.70
CA LYS K 360 33.21 28.36 -69.99
C LYS K 360 33.59 28.84 -68.60
N MET K 361 34.12 30.06 -68.53
CA MET K 361 34.55 30.58 -67.25
C MET K 361 33.35 30.82 -66.34
N VAL K 362 32.17 31.10 -66.91
CA VAL K 362 30.95 31.24 -66.11
C VAL K 362 30.54 29.92 -65.50
N ARG K 363 30.56 28.83 -66.29
CA ARG K 363 30.17 27.49 -65.81
C ARG K 363 31.05 27.17 -64.58
N GLU K 364 32.37 27.32 -64.69
CA GLU K 364 33.26 26.98 -63.58
C GLU K 364 33.17 28.02 -62.46
N SER K 365 33.00 29.28 -62.82
CA SER K 365 32.99 30.36 -61.83
C SER K 365 31.80 30.31 -60.88
N VAL K 366 30.61 29.98 -61.37
CA VAL K 366 29.47 29.86 -60.47
C VAL K 366 29.54 28.58 -59.65
N GLU K 367 30.04 27.50 -60.26
CA GLU K 367 30.25 26.28 -59.46
C GLU K 367 31.16 26.66 -58.30
N GLN K 368 32.14 27.53 -58.54
CA GLN K 368 33.03 27.97 -57.48
C GLN K 368 32.35 28.96 -56.53
N GLN K 369 31.60 29.92 -57.07
CA GLN K 369 31.14 31.05 -56.27
C GLN K 369 29.92 30.73 -55.43
N ALA K 370 29.10 29.75 -55.82
CA ALA K 370 28.06 29.31 -54.90
C ALA K 370 28.68 28.93 -53.55
N ASP K 371 29.71 28.09 -53.60
CA ASP K 371 30.42 27.70 -52.38
C ASP K 371 31.22 28.87 -51.81
N SER K 372 31.71 29.77 -52.67
CA SER K 372 32.40 30.95 -52.15
C SER K 372 31.51 31.76 -51.23
N PHE K 373 30.30 32.14 -51.69
CA PHE K 373 29.36 33.03 -50.92
C PHE K 373 28.77 32.21 -49.76
N LYS K 374 28.51 30.90 -49.94
CA LYS K 374 28.04 30.00 -48.83
C LYS K 374 29.18 29.93 -47.79
N ALA K 375 30.44 29.82 -48.22
CA ALA K 375 31.64 29.81 -47.35
C ALA K 375 31.71 31.17 -46.66
N THR K 376 31.37 32.26 -47.37
CA THR K 376 31.37 33.64 -46.81
C THR K 376 30.33 33.64 -45.67
N ARG K 377 29.15 33.00 -45.83
CA ARG K 377 28.16 32.92 -44.71
C ARG K 377 28.81 32.15 -43.55
N PHE K 378 29.53 31.06 -43.83
CA PHE K 378 30.23 30.26 -42.78
C PHE K 378 31.31 31.15 -42.12
N ASN K 379 32.09 31.93 -42.88
CA ASN K 379 33.14 32.85 -42.35
C ASN K 379 32.47 33.95 -41.52
N LEU K 380 31.34 34.48 -41.99
CA LEU K 380 30.56 35.55 -41.30
C LEU K 380 30.06 34.96 -39.97
N GLU K 381 29.74 33.65 -39.94
CA GLU K 381 29.19 32.98 -38.72
C GLU K 381 30.34 32.87 -37.69
N THR K 382 31.56 32.50 -38.10
CA THR K 382 32.63 32.34 -37.12
C THR K 382 32.86 33.66 -36.41
N GLU K 383 33.01 34.74 -37.18
CA GLU K 383 33.23 36.05 -36.57
C GLU K 383 32.08 36.45 -35.66
N TRP K 384 30.85 36.20 -36.11
CA TRP K 384 29.68 36.68 -35.37
C TRP K 384 29.50 35.92 -34.06
N LYS K 385 29.78 34.61 -34.08
CA LYS K 385 29.68 33.75 -32.87
C LYS K 385 30.84 34.15 -31.93
N ASN K 386 32.02 34.52 -32.45
CA ASN K 386 33.14 34.85 -31.57
C ASN K 386 32.97 36.22 -30.93
N ASN K 387 32.47 37.18 -31.70
CA ASN K 387 32.32 38.55 -31.19
C ASN K 387 31.29 38.62 -30.06
N TYR K 388 30.12 38.05 -30.28
CA TYR K 388 29.04 38.09 -29.31
C TYR K 388 28.43 36.71 -29.18
N PRO K 389 27.80 36.41 -28.05
CA PRO K 389 26.93 35.24 -28.01
C PRO K 389 25.87 35.37 -29.09
N ARG K 390 25.66 34.27 -29.84
CA ARG K 390 24.71 34.24 -30.99
C ARG K 390 23.44 35.01 -30.62
N LEU K 391 23.19 36.18 -31.23
CA LEU K 391 22.02 37.01 -31.00
C LEU K 391 21.86 37.99 -32.15
N ARG K 392 20.61 38.19 -32.58
CA ARG K 392 20.28 39.10 -33.67
C ARG K 392 19.10 39.99 -33.33
N GLU K 393 18.76 40.11 -32.04
CA GLU K 393 17.58 40.88 -31.64
C GLU K 393 17.74 42.36 -31.95
N LEU K 394 18.95 42.90 -31.76
CA LEU K 394 19.15 44.34 -31.86
C LEU K 394 19.31 44.79 -33.31
N ASP K 395 19.35 46.11 -33.49
CA ASP K 395 19.57 46.73 -34.79
C ASP K 395 19.99 48.18 -34.58
N ARG K 396 20.60 48.75 -35.60
CA ARG K 396 21.07 50.13 -35.52
C ARG K 396 19.92 51.08 -35.18
N ASN K 397 18.80 50.94 -35.88
CA ASN K 397 17.63 51.76 -35.58
C ASN K 397 17.07 51.43 -34.21
N GLU K 398 17.07 50.14 -33.85
CA GLU K 398 16.62 49.73 -32.53
C GLU K 398 17.51 50.29 -31.43
N LEU K 399 18.79 50.54 -31.72
CA LEU K 399 19.62 51.21 -30.73
C LEU K 399 19.09 52.60 -30.42
N PHE K 400 18.72 53.36 -31.45
CA PHE K 400 18.09 54.65 -31.21
C PHE K 400 16.79 54.48 -30.43
N GLU K 401 15.98 53.49 -30.78
CA GLU K 401 14.70 53.33 -30.09
C GLU K 401 14.92 53.01 -28.61
N LYS K 402 15.87 52.14 -28.30
CA LYS K 402 16.12 51.76 -26.91
C LYS K 402 16.74 52.90 -26.12
N ALA K 403 17.69 53.63 -26.72
CA ALA K 403 18.26 54.77 -26.00
C ALA K 403 17.22 55.86 -25.80
N LYS K 404 16.33 56.04 -26.78
CA LYS K 404 15.23 56.98 -26.63
C LYS K 404 14.35 56.61 -25.45
N ASN K 405 13.96 55.34 -25.36
CA ASN K 405 13.10 54.92 -24.25
C ASN K 405 13.82 55.01 -22.92
N GLU K 406 15.11 54.64 -22.88
CA GLU K 406 15.89 54.82 -21.67
C GLU K 406 15.91 56.28 -21.22
N ILE K 407 16.12 57.19 -22.17
CA ILE K 407 16.21 58.60 -21.83
C ILE K 407 14.87 59.10 -21.31
N LEU K 408 13.78 58.75 -21.99
CA LEU K 408 12.48 59.22 -21.55
C LEU K 408 12.09 58.62 -20.22
N ASP K 409 12.46 57.36 -19.96
CA ASP K 409 12.17 56.74 -18.68
C ASP K 409 12.95 57.44 -17.57
N GLU K 410 14.22 57.75 -17.80
CA GLU K 410 15.00 58.45 -16.79
C GLU K 410 14.48 59.86 -16.58
N VAL K 411 14.00 60.53 -17.63
CA VAL K 411 13.44 61.86 -17.48
C VAL K 411 12.16 61.81 -16.66
N ILE K 412 11.30 60.84 -16.93
CA ILE K 412 10.10 60.70 -16.11
C ILE K 412 10.48 60.43 -14.66
N SER K 413 11.35 59.43 -14.44
CA SER K 413 11.76 59.12 -13.07
C SER K 413 12.35 60.34 -12.38
N LEU K 414 13.11 61.14 -13.13
CA LEU K 414 13.57 62.43 -12.64
C LEU K 414 12.39 63.28 -12.17
N SER K 415 11.31 63.29 -12.96
CA SER K 415 10.14 64.06 -12.58
C SER K 415 9.46 63.51 -11.34
N GLN K 416 9.54 62.20 -11.09
CA GLN K 416 8.99 61.61 -9.86
C GLN K 416 10.06 61.33 -8.81
N VAL K 417 11.25 61.91 -8.92
CA VAL K 417 12.20 61.83 -7.81
C VAL K 417 11.57 62.43 -6.57
N THR K 418 11.77 61.78 -5.42
CA THR K 418 11.26 62.30 -4.16
C THR K 418 11.56 63.79 -4.07
N PRO K 419 10.54 64.64 -4.00
CA PRO K 419 10.82 66.09 -3.93
C PRO K 419 11.78 66.45 -2.83
N LYS K 420 11.64 65.82 -1.66
CA LYS K 420 12.45 66.20 -0.50
C LYS K 420 13.93 66.20 -0.86
N HIS K 421 14.33 65.28 -1.73
CA HIS K 421 15.71 65.24 -2.20
C HIS K 421 16.02 66.48 -3.03
N TRP K 422 15.06 66.92 -3.83
CA TRP K 422 15.24 68.14 -4.61
C TRP K 422 15.47 69.33 -3.69
N GLU K 423 14.65 69.46 -2.63
CA GLU K 423 14.85 70.58 -1.71
C GLU K 423 16.18 70.45 -0.99
N GLU K 424 16.59 69.24 -0.62
CA GLU K 424 17.88 69.11 0.05
C GLU K 424 19.01 69.62 -0.83
N ILE K 425 18.99 69.23 -2.10
CA ILE K 425 20.02 69.70 -3.03
C ILE K 425 19.98 71.23 -3.12
N LEU K 426 18.78 71.78 -3.32
CA LEU K 426 18.66 73.22 -3.49
C LEU K 426 19.10 73.97 -2.24
N GLN K 427 18.74 73.45 -1.06
CA GLN K 427 19.10 74.10 0.20
C GLN K 427 20.60 74.13 0.40
N GLN K 428 21.28 72.99 0.20
CA GLN K 428 22.72 72.99 0.42
C GLN K 428 23.42 73.89 -0.59
N SER K 429 22.98 73.85 -1.85
CA SER K 429 23.58 74.72 -2.86
C SER K 429 23.37 76.18 -2.52
N LEU K 430 22.15 76.53 -2.07
CA LEU K 430 21.86 77.92 -1.72
C LEU K 430 22.72 78.40 -0.57
N TRP K 431 22.89 77.56 0.46
CA TRP K 431 23.74 77.98 1.57
C TRP K 431 25.17 78.18 1.12
N GLU K 432 25.70 77.26 0.31
CA GLU K 432 27.07 77.43 -0.16
C GLU K 432 27.20 78.69 -0.99
N ARG K 433 26.17 79.02 -1.76
CA ARG K 433 26.22 80.19 -2.64
C ARG K 433 26.14 81.48 -1.83
N VAL K 434 25.40 81.47 -0.71
CA VAL K 434 25.08 82.71 0.00
C VAL K 434 25.91 82.98 1.26
N SER K 435 26.60 81.97 1.81
CA SER K 435 27.28 82.18 3.09
C SER K 435 28.27 83.34 3.03
N THR K 436 28.89 83.58 1.87
CA THR K 436 29.85 84.67 1.75
C THR K 436 29.19 86.01 2.03
N HIS K 437 28.03 86.26 1.42
CA HIS K 437 27.29 87.48 1.72
C HIS K 437 26.76 87.47 3.16
N VAL K 438 26.35 86.29 3.64
CA VAL K 438 25.76 86.20 4.97
C VAL K 438 26.74 86.68 6.03
N ILE K 439 27.99 86.23 5.95
CA ILE K 439 28.92 86.55 7.04
C ILE K 439 29.80 87.75 6.70
N GLU K 440 30.36 87.83 5.48
CA GLU K 440 31.32 88.89 5.20
C GLU K 440 30.65 90.26 5.17
N ASN K 441 29.45 90.35 4.59
CA ASN K 441 28.80 91.63 4.42
C ASN K 441 27.72 91.91 5.45
N ILE K 442 27.08 90.88 5.99
CA ILE K 442 25.91 91.06 6.83
C ILE K 442 26.28 90.87 8.29
N TYR K 443 26.76 89.67 8.64
CA TYR K 443 27.05 89.39 10.04
C TYR K 443 28.29 90.14 10.52
N LEU K 444 29.38 90.06 9.76
CA LEU K 444 30.68 90.54 10.23
C LEU K 444 30.61 92.02 10.61
N PRO K 445 30.10 92.89 9.74
CA PRO K 445 30.02 94.32 10.12
C PRO K 445 28.94 94.63 11.13
N ALA K 446 27.90 93.79 11.23
CA ALA K 446 26.75 94.14 12.07
C ALA K 446 27.00 93.81 13.54
N ALA K 447 27.62 92.66 13.81
CA ALA K 447 27.76 92.18 15.19
C ALA K 447 28.95 92.81 15.91
N GLN K 448 29.70 93.70 15.26
CA GLN K 448 30.77 94.42 15.92
C GLN K 448 30.28 95.62 16.72
N THR K 449 29.00 95.96 16.62
CA THR K 449 28.48 97.12 17.31
C THR K 449 28.17 96.79 18.77
N MET K 450 27.98 97.84 19.56
CA MET K 450 27.63 97.71 20.97
C MET K 450 26.14 97.93 21.20
N ASN K 451 25.33 97.77 20.16
CA ASN K 451 23.89 97.96 20.26
C ASN K 451 23.20 96.94 19.36
N SER K 452 22.31 96.15 19.95
CA SER K 452 21.59 95.14 19.17
C SER K 452 20.76 95.79 18.07
N GLY K 453 20.26 97.00 18.29
CA GLY K 453 19.51 97.69 17.26
C GLY K 453 20.38 98.03 16.05
N THR K 454 21.66 98.33 16.29
CA THR K 454 22.57 98.58 15.17
C THR K 454 23.00 97.30 14.48
N PHE K 455 23.15 96.21 15.23
CA PHE K 455 23.36 94.91 14.59
C PHE K 455 22.21 94.62 13.64
N ASN K 456 20.98 94.71 14.14
CA ASN K 456 19.83 94.41 13.30
C ASN K 456 19.66 95.42 12.17
N THR K 457 20.01 96.68 12.40
CA THR K 457 19.86 97.70 11.37
C THR K 457 20.84 97.48 10.23
N THR K 458 22.12 97.23 10.56
CA THR K 458 23.10 96.89 9.53
C THR K 458 22.66 95.64 8.79
N VAL K 459 22.27 94.60 9.54
CA VAL K 459 21.82 93.36 8.92
C VAL K 459 20.66 93.63 7.97
N ASP K 460 19.68 94.41 8.40
CA ASP K 460 18.47 94.59 7.61
C ASP K 460 18.71 95.47 6.39
N ILE K 461 19.59 96.46 6.49
CA ILE K 461 19.96 97.25 5.31
C ILE K 461 20.63 96.36 4.28
N LYS K 462 21.63 95.60 4.72
CA LYS K 462 22.34 94.72 3.81
C LYS K 462 21.40 93.66 3.24
N LEU K 463 20.49 93.15 4.07
CA LEU K 463 19.54 92.14 3.62
C LEU K 463 18.54 92.70 2.62
N LYS K 464 18.06 93.92 2.83
CA LYS K 464 17.14 94.48 1.84
C LYS K 464 17.84 94.64 0.50
N GLN K 465 19.04 95.20 0.52
CA GLN K 465 19.78 95.40 -0.72
C GLN K 465 20.10 94.06 -1.38
N TRP K 466 20.49 93.06 -0.56
CA TRP K 466 20.91 91.76 -1.07
C TRP K 466 19.73 90.93 -1.57
N THR K 467 18.64 90.88 -0.81
CA THR K 467 17.44 90.15 -1.20
C THR K 467 16.80 90.77 -2.42
N ASP K 468 17.04 92.05 -2.67
CA ASP K 468 16.49 92.65 -3.88
C ASP K 468 17.40 92.50 -5.09
N LYS K 469 18.72 92.58 -4.91
CA LYS K 469 19.62 92.63 -6.05
C LYS K 469 20.25 91.29 -6.43
N GLN K 470 21.08 90.73 -5.55
CA GLN K 470 21.84 89.53 -5.93
C GLN K 470 21.11 88.24 -5.56
N LEU K 471 20.60 88.16 -4.34
CA LEU K 471 20.13 86.88 -3.81
C LEU K 471 19.11 86.19 -4.69
N PRO K 472 18.08 86.87 -5.22
CA PRO K 472 17.14 86.17 -6.11
C PRO K 472 17.80 85.65 -7.38
N ASN K 473 18.71 86.43 -7.97
CA ASN K 473 19.39 85.99 -9.17
C ASN K 473 20.24 84.75 -8.88
N LYS K 474 20.94 84.76 -7.74
CA LYS K 474 21.74 83.61 -7.34
C LYS K 474 20.86 82.39 -7.14
N ALA K 475 19.70 82.57 -6.51
CA ALA K 475 18.79 81.44 -6.30
C ALA K 475 18.28 80.88 -7.62
N VAL K 476 17.96 81.75 -8.58
CA VAL K 476 17.50 81.28 -9.88
C VAL K 476 18.61 80.51 -10.60
N GLU K 477 19.84 81.02 -10.51
CA GLU K 477 20.97 80.30 -11.09
C GLU K 477 21.12 78.93 -10.44
N VAL K 478 20.98 78.87 -9.12
CA VAL K 478 21.11 77.60 -8.40
C VAL K 478 20.04 76.63 -8.88
N ALA K 479 18.80 77.09 -9.03
CA ALA K 479 17.73 76.20 -9.48
C ALA K 479 17.98 75.70 -10.90
N TRP K 480 18.38 76.59 -11.80
CA TRP K 480 18.68 76.17 -13.16
C TRP K 480 19.75 75.09 -13.16
N GLU K 481 20.87 75.35 -12.48
CA GLU K 481 21.96 74.38 -12.49
C GLU K 481 21.57 73.09 -11.77
N THR K 482 20.74 73.18 -10.73
CA THR K 482 20.27 71.97 -10.06
C THR K 482 19.48 71.08 -11.03
N LEU K 483 18.54 71.68 -11.75
CA LEU K 483 17.75 70.87 -12.67
C LEU K 483 18.63 70.29 -13.78
N GLN K 484 19.51 71.10 -14.36
CA GLN K 484 20.32 70.59 -15.47
C GLN K 484 21.32 69.54 -14.98
N GLU K 485 21.84 69.69 -13.76
CA GLU K 485 22.81 68.73 -13.25
C GLU K 485 22.15 67.41 -12.89
N GLU K 486 20.96 67.45 -12.28
CA GLU K 486 20.26 66.21 -12.00
C GLU K 486 19.85 65.52 -13.30
N PHE K 487 19.42 66.29 -14.30
CA PHE K 487 19.15 65.71 -15.60
C PHE K 487 20.39 65.03 -16.17
N SER K 488 21.54 65.70 -16.10
CA SER K 488 22.79 65.10 -16.58
C SER K 488 23.10 63.82 -15.83
N ARG K 489 22.91 63.83 -14.50
CA ARG K 489 23.20 62.64 -13.70
C ARG K 489 22.33 61.47 -14.13
N PHE K 490 21.04 61.70 -14.34
CA PHE K 490 20.16 60.62 -14.79
C PHE K 490 20.58 60.11 -16.16
N MET K 491 21.11 61.00 -17.00
CA MET K 491 21.51 60.61 -18.36
C MET K 491 22.82 59.83 -18.40
N THR K 492 23.60 59.81 -17.32
CA THR K 492 24.98 59.36 -17.40
C THR K 492 25.42 58.39 -16.31
N GLU K 493 24.61 58.14 -15.29
CA GLU K 493 25.07 57.36 -14.14
C GLU K 493 25.54 55.97 -14.60
N PRO K 494 26.76 55.55 -14.25
CA PRO K 494 27.21 54.17 -14.53
C PRO K 494 26.63 53.18 -13.53
N LYS K 495 25.39 52.77 -13.77
CA LYS K 495 24.63 52.01 -12.78
C LYS K 495 25.14 50.58 -12.65
N GLY K 496 26.35 50.43 -12.13
CA GLY K 496 26.87 49.10 -11.84
C GLY K 496 26.85 48.22 -13.07
N LYS K 497 26.28 47.04 -12.92
CA LYS K 497 26.20 46.07 -14.00
C LYS K 497 24.99 46.30 -14.91
N GLU K 498 24.08 47.21 -14.53
CA GLU K 498 22.84 47.51 -15.31
C GLU K 498 23.13 48.62 -16.35
N HIS K 499 24.37 49.13 -16.45
CA HIS K 499 24.69 50.16 -17.43
C HIS K 499 25.00 49.56 -18.79
N ASP K 500 24.57 50.25 -19.85
CA ASP K 500 24.87 49.88 -21.23
C ASP K 500 25.68 50.99 -21.87
N ASP K 501 26.89 50.64 -22.33
CA ASP K 501 27.75 51.64 -22.96
C ASP K 501 27.21 52.06 -24.32
N ILE K 502 26.59 51.14 -25.06
CA ILE K 502 26.24 51.39 -26.45
C ILE K 502 25.35 52.62 -26.57
N PHE K 503 24.39 52.77 -25.65
CA PHE K 503 23.44 53.87 -25.73
C PHE K 503 24.09 55.21 -25.36
N ASP K 504 25.27 55.19 -24.74
CA ASP K 504 25.82 56.40 -24.15
C ASP K 504 25.94 57.52 -25.17
N LYS K 505 26.31 57.19 -26.41
CA LYS K 505 26.48 58.22 -27.42
C LYS K 505 25.23 59.08 -27.54
N LEU K 506 24.05 58.46 -27.58
CA LEU K 506 22.84 59.27 -27.68
C LEU K 506 22.63 60.08 -26.39
N LYS K 507 22.89 59.46 -25.24
CA LYS K 507 22.66 60.14 -23.98
C LYS K 507 23.42 61.47 -23.93
N GLU K 508 24.60 61.53 -24.54
CA GLU K 508 25.36 62.76 -24.56
C GLU K 508 24.76 63.77 -25.54
N ALA K 509 24.36 63.32 -26.73
CA ALA K 509 23.84 64.25 -27.73
C ALA K 509 22.53 64.87 -27.28
N VAL K 510 21.64 64.07 -26.70
CA VAL K 510 20.36 64.60 -26.22
C VAL K 510 20.58 65.50 -25.01
N LYS K 511 21.38 65.03 -24.05
CA LYS K 511 21.61 65.78 -22.82
C LYS K 511 22.01 67.22 -23.14
N GLU K 512 22.92 67.37 -24.09
CA GLU K 512 23.32 68.72 -24.50
C GLU K 512 22.14 69.48 -25.08
N GLU K 513 21.45 68.90 -26.06
CA GLU K 513 20.41 69.65 -26.76
C GLU K 513 19.24 69.96 -25.83
N SER K 514 18.79 68.97 -25.05
CA SER K 514 17.62 69.18 -24.21
C SER K 514 17.84 70.34 -23.25
N ILE K 515 19.06 70.50 -22.76
CA ILE K 515 19.36 71.60 -21.85
C ILE K 515 19.20 72.94 -22.57
N LYS K 516 19.73 73.03 -23.80
CA LYS K 516 19.70 74.30 -24.51
C LYS K 516 18.29 74.71 -24.91
N ARG K 517 17.38 73.75 -25.07
CA ARG K 517 16.00 74.08 -25.42
C ARG K 517 15.15 74.42 -24.21
N HIS K 518 15.73 74.42 -23.00
CA HIS K 518 15.02 74.80 -21.80
C HIS K 518 15.56 76.14 -21.28
N LYS K 519 14.66 76.95 -20.73
CA LYS K 519 15.02 78.18 -20.04
C LYS K 519 14.19 78.27 -18.77
N TRP K 520 14.80 78.80 -17.71
CA TRP K 520 14.09 78.99 -16.46
C TRP K 520 13.32 80.31 -16.52
N ASN K 521 12.09 80.29 -15.99
CA ASN K 521 11.25 81.48 -16.02
C ASN K 521 11.88 82.56 -15.14
N ASP K 522 12.30 83.66 -15.76
CA ASP K 522 13.02 84.70 -15.03
C ASP K 522 12.17 85.38 -13.96
N PHE K 523 10.84 85.38 -14.11
CA PHE K 523 9.99 86.01 -13.11
C PHE K 523 10.28 85.51 -11.70
N ALA K 524 10.84 84.31 -11.57
CA ALA K 524 11.15 83.79 -10.25
C ALA K 524 11.94 84.80 -9.43
N GLU K 525 12.84 85.54 -10.08
CA GLU K 525 13.67 86.49 -9.34
C GLU K 525 12.81 87.42 -8.50
N ASP K 526 11.70 87.90 -9.06
CA ASP K 526 10.83 88.77 -8.28
C ASP K 526 10.07 88.00 -7.22
N SER K 527 9.51 86.84 -7.57
CA SER K 527 8.77 86.07 -6.58
C SER K 527 9.67 85.73 -5.40
N LEU K 528 10.86 85.23 -5.69
CA LEU K 528 11.80 84.91 -4.62
C LEU K 528 12.03 86.13 -3.73
N ARG K 529 12.18 87.31 -4.34
CA ARG K 529 12.39 88.51 -3.54
C ARG K 529 11.34 88.63 -2.46
N VAL K 530 10.06 88.48 -2.83
CA VAL K 530 9.02 88.51 -1.81
C VAL K 530 9.19 87.34 -0.84
N ILE K 531 9.30 86.12 -1.39
CA ILE K 531 9.27 84.94 -0.55
C ILE K 531 10.43 84.99 0.43
N GLN K 532 11.64 85.27 -0.08
CA GLN K 532 12.79 85.36 0.80
C GLN K 532 12.52 86.33 1.94
N HIS K 533 12.02 87.52 1.61
CA HIS K 533 11.77 88.50 2.66
C HIS K 533 10.90 87.88 3.75
N ASN K 534 9.83 87.19 3.35
CA ASN K 534 8.91 86.66 4.32
C ASN K 534 9.62 85.71 5.28
N ALA K 535 10.48 84.83 4.74
CA ALA K 535 11.17 83.90 5.62
C ALA K 535 12.08 84.64 6.59
N LEU K 536 12.76 85.69 6.11
CA LEU K 536 13.54 86.51 7.02
C LEU K 536 12.63 87.28 7.97
N GLU K 537 11.46 87.68 7.49
CA GLU K 537 10.64 88.63 8.23
C GLU K 537 10.34 88.13 9.64
N ASP K 538 10.23 86.81 9.82
CA ASP K 538 10.03 86.24 11.14
C ASP K 538 11.32 86.38 11.93
N ARG K 539 11.36 87.39 12.81
CA ARG K 539 12.50 87.63 13.69
C ARG K 539 12.26 87.11 15.09
N SER K 540 11.14 86.43 15.34
CA SER K 540 10.67 86.15 16.68
C SER K 540 10.93 84.68 17.00
N ILE K 541 11.84 84.44 17.94
CA ILE K 541 12.10 83.12 18.50
C ILE K 541 11.28 83.03 19.77
N SER K 542 10.16 82.31 19.71
CA SER K 542 9.17 82.34 20.78
C SER K 542 9.47 81.36 21.90
N ASP K 543 10.29 80.34 21.69
CA ASP K 543 10.44 79.28 22.69
C ASP K 543 11.83 78.67 22.59
N LYS K 544 12.08 77.71 23.48
CA LYS K 544 13.40 77.09 23.59
C LYS K 544 13.78 76.32 22.33
N GLN K 545 12.82 75.65 21.69
CA GLN K 545 13.14 74.79 20.56
C GLN K 545 13.71 75.62 19.39
N GLN K 546 13.05 76.73 19.05
CA GLN K 546 13.57 77.58 17.99
C GLN K 546 14.81 78.32 18.43
N TRP K 547 14.93 78.60 19.73
CA TRP K 547 16.17 79.19 20.24
C TRP K 547 17.35 78.27 19.97
N ASP K 548 17.15 76.98 20.22
CA ASP K 548 18.22 76.00 19.99
C ASP K 548 18.49 75.81 18.51
N ALA K 549 17.45 75.76 17.68
CA ALA K 549 17.68 75.65 16.23
C ALA K 549 18.47 76.86 15.73
N ALA K 550 18.11 78.04 16.21
CA ALA K 550 18.79 79.26 15.82
C ALA K 550 20.25 79.23 16.25
N ILE K 551 20.52 78.84 17.49
CA ILE K 551 21.89 78.77 17.96
C ILE K 551 22.67 77.72 17.18
N TYR K 552 22.03 76.60 16.82
CA TYR K 552 22.71 75.60 16.01
C TYR K 552 23.16 76.19 14.68
N PHE K 553 22.25 76.84 13.96
CA PHE K 553 22.65 77.34 12.65
C PHE K 553 23.72 78.42 12.78
N MET K 554 23.59 79.29 13.78
CA MET K 554 24.60 80.31 14.00
C MET K 554 25.95 79.68 14.31
N GLU K 555 25.97 78.67 15.16
CA GLU K 555 27.23 77.98 15.48
C GLU K 555 27.83 77.35 14.23
N GLU K 556 27.01 76.69 13.41
CA GLU K 556 27.54 76.04 12.22
C GLU K 556 28.15 77.06 11.26
N ALA K 557 27.39 78.11 10.95
CA ALA K 557 27.85 79.10 9.97
C ALA K 557 29.10 79.81 10.46
N LEU K 558 29.17 80.14 11.75
CA LEU K 558 30.33 80.85 12.26
C LEU K 558 31.53 79.92 12.44
N GLN K 559 31.30 78.65 12.78
CA GLN K 559 32.39 77.70 12.94
C GLN K 559 33.08 77.43 11.61
N ALA K 560 32.32 77.36 10.51
CA ALA K 560 32.97 77.15 9.22
C ALA K 560 33.97 78.27 8.93
N ARG K 561 33.53 79.52 9.09
CA ARG K 561 34.41 80.65 8.80
C ARG K 561 35.55 80.74 9.81
N LEU K 562 35.28 80.38 11.06
CA LEU K 562 36.33 80.38 12.07
C LEU K 562 37.42 79.36 11.74
N LYS K 563 37.02 78.18 11.27
CA LYS K 563 38.00 77.17 10.88
C LYS K 563 38.83 77.65 9.70
N ASP K 564 38.17 78.30 8.72
CA ASP K 564 38.93 78.83 7.59
C ASP K 564 39.93 79.89 8.06
N THR K 565 39.50 80.80 8.93
CA THR K 565 40.38 81.84 9.43
C THR K 565 41.53 81.23 10.23
N GLU K 566 41.25 80.19 11.03
CA GLU K 566 42.28 79.56 11.83
C GLU K 566 43.31 78.86 10.96
N ASN K 567 42.87 78.20 9.89
CA ASN K 567 43.83 77.59 8.98
C ASN K 567 44.71 78.65 8.33
N ALA K 568 44.09 79.76 7.88
CA ALA K 568 44.88 80.84 7.30
C ALA K 568 45.89 81.38 8.31
N ILE K 569 45.46 81.57 9.55
CA ILE K 569 46.33 82.12 10.58
C ILE K 569 47.46 81.16 10.92
N GLU K 570 47.16 79.85 10.96
CA GLU K 570 48.23 78.88 11.23
C GLU K 570 49.28 78.91 10.14
N ASN K 571 48.85 78.97 8.87
CA ASN K 571 49.84 79.06 7.80
C ASN K 571 50.61 80.37 7.88
N MET K 572 49.93 81.45 8.25
CA MET K 572 50.53 82.78 8.24
C MET K 572 51.53 82.96 9.37
N VAL K 573 51.20 82.45 10.55
CA VAL K 573 52.00 82.65 11.76
C VAL K 573 53.05 81.56 11.93
N GLY K 574 52.72 80.32 11.59
CA GLY K 574 53.66 79.23 11.66
C GLY K 574 53.34 78.24 12.76
N PRO K 575 54.16 77.19 12.86
CA PRO K 575 53.88 76.13 13.85
C PRO K 575 54.05 76.60 15.28
N ASP K 576 53.51 75.80 16.19
CA ASP K 576 53.64 76.03 17.61
C ASP K 576 55.04 75.60 18.06
N TRP K 577 55.40 75.91 19.30
CA TRP K 577 56.71 75.52 19.81
C TRP K 577 56.85 74.00 19.87
N LYS K 578 55.77 73.31 20.22
CA LYS K 578 55.80 71.86 20.32
C LYS K 578 56.26 71.25 19.00
N LYS K 579 55.73 71.77 17.89
CA LYS K 579 56.17 71.31 16.58
C LYS K 579 57.61 71.67 16.34
N ARG K 580 58.01 72.87 16.79
CA ARG K 580 59.35 73.38 16.48
C ARG K 580 60.44 72.51 17.09
N TRP K 581 60.22 71.97 18.30
CA TRP K 581 61.20 71.03 18.87
C TRP K 581 60.88 69.56 18.74
N LEU K 582 59.63 69.14 18.54
CA LEU K 582 59.35 67.72 18.41
C LEU K 582 59.44 67.24 16.98
N TYR K 583 58.98 68.04 16.02
CA TYR K 583 59.07 67.70 14.60
C TYR K 583 59.98 68.64 13.84
N TRP K 584 60.68 69.53 14.55
CA TRP K 584 61.64 70.45 13.96
C TRP K 584 60.99 71.30 12.87
N LYS K 585 59.75 71.72 13.13
CA LYS K 585 59.02 72.62 12.23
C LYS K 585 59.44 74.04 12.57
N ASN K 586 60.64 74.40 12.12
CA ASN K 586 61.16 75.73 12.37
C ASN K 586 60.40 76.77 11.56
N ARG K 587 60.19 77.94 12.17
CA ARG K 587 59.43 79.00 11.53
C ARG K 587 60.30 79.76 10.54
N THR K 588 59.63 80.37 9.56
CA THR K 588 60.28 81.30 8.66
C THR K 588 60.32 82.69 9.27
N GLN K 589 61.12 83.57 8.66
CA GLN K 589 61.22 84.94 9.14
C GLN K 589 59.86 85.64 9.06
N GLU K 590 59.13 85.43 7.96
CA GLU K 590 57.80 86.01 7.85
C GLU K 590 56.90 85.47 8.93
N GLN K 591 56.97 84.18 9.21
CA GLN K 591 56.13 83.59 10.25
C GLN K 591 56.44 84.19 11.62
N CYS K 592 57.72 84.39 11.93
CA CYS K 592 58.07 85.01 13.20
C CYS K 592 57.54 86.44 13.28
N VAL K 593 57.69 87.21 12.21
CA VAL K 593 57.18 88.58 12.21
C VAL K 593 55.67 88.59 12.41
N HIS K 594 54.98 87.72 11.67
CA HIS K 594 53.53 87.62 11.79
C HIS K 594 53.14 87.20 13.19
N ASN K 595 53.91 86.31 13.80
CA ASN K 595 53.63 85.87 15.17
C ASN K 595 53.72 87.03 16.15
N GLU K 596 54.77 87.85 16.02
CA GLU K 596 54.91 88.99 16.94
C GLU K 596 53.82 90.04 16.72
N THR K 597 53.47 90.31 15.46
CA THR K 597 52.39 91.25 15.20
C THR K 597 51.06 90.72 15.75
N LYS K 598 50.83 89.42 15.58
CA LYS K 598 49.64 88.78 16.15
C LYS K 598 49.64 88.92 17.66
N ASN K 599 50.79 88.76 18.30
CA ASN K 599 50.87 88.89 19.75
C ASN K 599 50.50 90.31 20.18
N GLU K 600 50.95 91.31 19.42
CA GLU K 600 50.57 92.69 19.71
C GLU K 600 49.05 92.87 19.62
N LEU K 601 48.48 92.46 18.49
CA LEU K 601 47.05 92.67 18.28
C LEU K 601 46.23 91.85 19.28
N GLU K 602 46.75 90.69 19.66
CA GLU K 602 46.03 89.80 20.55
C GLU K 602 46.10 90.28 22.00
N LYS K 603 47.21 90.87 22.43
CA LYS K 603 47.17 91.46 23.77
C LYS K 603 46.14 92.57 23.76
N MET K 604 46.09 93.36 22.68
CA MET K 604 45.09 94.42 22.63
C MET K 604 43.69 93.85 22.79
N LEU K 605 43.38 92.81 22.01
CA LEU K 605 42.03 92.24 22.04
C LEU K 605 41.74 91.51 23.36
N LYS K 606 42.74 90.86 23.95
CA LYS K 606 42.55 90.20 25.24
C LYS K 606 42.24 91.21 26.33
N CYS K 607 42.94 92.35 26.33
CA CYS K 607 42.65 93.39 27.31
C CYS K 607 41.27 93.98 27.08
N ASN K 608 40.85 94.11 25.82
CA ASN K 608 39.57 94.71 25.47
C ASN K 608 38.97 93.92 24.30
N GLU K 609 38.04 93.02 24.62
CA GLU K 609 37.36 92.23 23.59
C GLU K 609 36.38 93.06 22.77
N GLU K 610 36.04 94.26 23.22
CA GLU K 610 35.06 95.10 22.54
C GLU K 610 35.65 95.91 21.41
N HIS K 611 36.96 95.81 21.16
CA HIS K 611 37.59 96.66 20.17
C HIS K 611 36.98 96.36 18.79
N PRO K 612 36.64 97.39 18.02
CA PRO K 612 36.09 97.15 16.68
C PRO K 612 37.18 96.75 15.69
N ALA K 613 36.73 96.35 14.50
CA ALA K 613 37.67 95.88 13.50
C ALA K 613 38.67 96.96 13.10
N TYR K 614 38.22 98.21 12.98
CA TYR K 614 39.05 99.24 12.36
C TYR K 614 39.86 100.00 13.40
N LEU K 615 41.17 100.03 13.19
CA LEU K 615 42.12 100.73 14.02
C LEU K 615 42.38 102.13 13.45
N ALA K 616 43.07 102.95 14.24
CA ALA K 616 43.58 104.20 13.74
C ALA K 616 44.84 103.95 12.90
N SER K 617 45.11 104.88 11.97
CA SER K 617 46.35 104.80 11.22
C SER K 617 47.55 105.04 12.14
N ASP K 618 47.41 105.97 13.08
CA ASP K 618 48.46 106.15 14.10
C ASP K 618 48.59 104.90 14.97
N GLU K 619 47.50 104.14 15.14
CA GLU K 619 47.62 102.85 15.80
C GLU K 619 48.46 101.88 14.98
N ILE K 620 48.31 101.91 13.65
CA ILE K 620 49.17 101.10 12.80
C ILE K 620 50.62 101.52 12.98
N THR K 621 50.88 102.83 13.03
CA THR K 621 52.23 103.31 13.25
C THR K 621 52.76 102.88 14.60
N THR K 622 51.91 102.93 15.63
CA THR K 622 52.32 102.50 16.97
C THR K 622 52.67 101.02 16.98
N VAL K 623 51.87 100.20 16.31
CA VAL K 623 52.18 98.77 16.22
C VAL K 623 53.51 98.56 15.51
N ARG K 624 53.72 99.27 14.40
CA ARG K 624 55.01 99.16 13.71
C ARG K 624 56.14 99.54 14.64
N LYS K 625 55.95 100.62 15.39
CA LYS K 625 57.02 101.15 16.23
C LYS K 625 57.36 100.17 17.34
N ASN K 626 56.35 99.61 18.00
CA ASN K 626 56.62 98.64 19.06
C ASN K 626 57.27 97.38 18.50
N LEU K 627 56.77 96.87 17.37
CA LEU K 627 57.36 95.68 16.78
C LEU K 627 58.80 95.92 16.37
N GLU K 628 59.07 97.09 15.79
CA GLU K 628 60.43 97.46 15.44
C GLU K 628 61.31 97.58 16.68
N SER K 629 60.76 98.16 17.75
CA SER K 629 61.53 98.35 18.97
C SER K 629 61.94 97.01 19.57
N ARG K 630 61.02 96.05 19.62
CA ARG K 630 61.40 94.73 20.11
C ARG K 630 62.35 94.04 19.14
N GLY K 631 62.28 94.42 17.85
CA GLY K 631 63.17 93.85 16.87
C GLY K 631 62.45 93.09 15.78
N VAL K 632 61.24 93.51 15.45
CA VAL K 632 60.43 92.87 14.42
C VAL K 632 60.16 93.89 13.32
N GLU K 633 60.45 93.51 12.08
CA GLU K 633 60.24 94.36 10.93
C GLU K 633 58.78 94.25 10.49
N VAL K 634 58.08 95.38 10.44
CA VAL K 634 56.65 95.39 10.14
C VAL K 634 56.30 96.66 9.40
N ASP K 635 55.31 96.55 8.52
CA ASP K 635 54.82 97.63 7.68
C ASP K 635 53.30 97.63 7.74
N PRO K 636 52.66 98.73 7.32
CA PRO K 636 51.20 98.83 7.48
C PRO K 636 50.41 97.71 6.79
N SER K 637 50.97 97.15 5.72
CA SER K 637 50.24 96.11 4.99
C SER K 637 50.26 94.78 5.72
N LEU K 638 51.42 94.44 6.32
CA LEU K 638 51.47 93.25 7.16
C LEU K 638 50.51 93.39 8.33
N ILE K 639 50.46 94.57 8.95
CA ILE K 639 49.55 94.76 10.08
C ILE K 639 48.10 94.66 9.62
N LYS K 640 47.77 95.21 8.45
CA LYS K 640 46.37 95.16 8.04
C LYS K 640 45.94 93.74 7.70
N ASP K 641 46.79 92.95 7.04
CA ASP K 641 46.41 91.57 6.75
C ASP K 641 46.32 90.75 8.04
N THR K 642 47.33 90.87 8.91
CA THR K 642 47.32 90.14 10.16
C THR K 642 46.11 90.52 10.99
N TRP K 643 45.85 91.84 11.00
CA TRP K 643 44.71 92.43 11.73
C TRP K 643 43.41 91.83 11.20
N HIS K 644 43.22 91.79 9.91
CA HIS K 644 41.98 91.28 9.33
C HIS K 644 41.75 89.84 9.78
N GLN K 645 42.76 88.98 9.60
CA GLN K 645 42.56 87.58 9.98
C GLN K 645 42.37 87.44 11.48
N VAL K 646 43.17 88.14 12.28
CA VAL K 646 43.15 87.99 13.73
C VAL K 646 41.84 88.50 14.30
N TYR K 647 41.38 89.67 13.83
CA TYR K 647 40.13 90.22 14.33
C TYR K 647 38.95 89.36 13.92
N ARG K 648 38.98 88.79 12.71
CA ARG K 648 37.89 87.89 12.35
C ARG K 648 37.90 86.65 13.22
N ARG K 649 39.08 86.11 13.52
CA ARG K 649 39.14 84.96 14.44
C ARG K 649 38.59 85.32 15.80
N HIS K 650 39.02 86.45 16.36
CA HIS K 650 38.51 86.92 17.63
C HIS K 650 37.00 87.10 17.58
N PHE K 651 36.51 87.74 16.53
CA PHE K 651 35.10 87.99 16.36
C PHE K 651 34.29 86.71 16.35
N LEU K 652 34.71 85.74 15.55
CA LEU K 652 33.95 84.50 15.41
C LEU K 652 34.02 83.65 16.67
N LYS K 653 35.20 83.58 17.31
CA LYS K 653 35.32 82.79 18.52
C LYS K 653 34.56 83.43 19.68
N THR K 654 34.56 84.76 19.74
CA THR K 654 33.72 85.47 20.70
C THR K 654 32.25 85.19 20.44
N ALA K 655 31.85 85.14 19.17
CA ALA K 655 30.48 84.79 18.83
C ALA K 655 30.14 83.39 19.32
N LEU K 656 31.07 82.45 19.20
CA LEU K 656 30.79 81.08 19.66
C LEU K 656 30.78 80.97 21.18
N ASN K 657 31.62 81.76 21.87
CA ASN K 657 31.49 81.81 23.33
C ASN K 657 30.16 82.44 23.72
N HIS K 658 29.70 83.41 22.94
CA HIS K 658 28.37 83.98 23.15
C HIS K 658 27.29 82.95 22.86
N CYS K 659 27.55 82.02 21.94
CA CYS K 659 26.67 80.86 21.78
C CYS K 659 26.62 80.04 23.07
N ASN K 660 27.80 79.78 23.65
CA ASN K 660 27.87 79.00 24.88
C ASN K 660 27.07 79.67 25.99
N LEU K 661 27.06 81.00 26.02
CA LEU K 661 26.29 81.71 27.03
C LEU K 661 24.80 81.83 26.68
N CYS K 662 24.48 81.96 25.39
CA CYS K 662 23.07 82.00 24.98
C CYS K 662 22.37 80.69 25.32
N ARG K 663 23.09 79.57 25.16
CA ARG K 663 22.50 78.27 25.46
C ARG K 663 21.85 78.25 26.84
N ARG K 664 22.28 79.14 27.75
CA ARG K 664 21.71 79.22 29.07
C ARG K 664 21.44 80.68 29.46
N GLY K 665 20.90 81.46 28.54
CA GLY K 665 20.52 82.82 28.88
C GLY K 665 19.07 83.12 28.62
N PHE K 666 18.29 83.22 29.70
CA PHE K 666 16.91 83.70 29.67
C PHE K 666 16.53 84.60 30.84
N TYR K 667 17.20 84.48 31.99
CA TYR K 667 16.80 85.22 33.18
C TYR K 667 17.02 86.72 32.98
N TYR K 668 18.12 87.07 32.31
CA TYR K 668 18.50 88.47 32.17
C TYR K 668 17.35 89.29 31.59
N TYR K 669 16.62 88.70 30.65
CA TYR K 669 15.58 89.42 29.93
C TYR K 669 14.27 89.43 30.70
N GLN K 670 14.06 88.43 31.56
CA GLN K 670 12.96 88.51 32.52
C GLN K 670 13.17 89.65 33.50
N ARG K 671 14.41 89.86 33.94
CA ARG K 671 14.67 90.83 35.00
C ARG K 671 15.03 92.22 34.49
N HIS K 672 15.43 92.37 33.22
CA HIS K 672 15.87 93.67 32.70
C HIS K 672 17.05 94.20 33.51
N PHE K 673 17.93 93.30 33.96
CA PHE K 673 19.04 93.67 34.83
C PHE K 673 20.05 94.51 34.06
N VAL K 674 20.48 95.62 34.67
CA VAL K 674 21.23 96.64 33.94
C VAL K 674 22.68 96.26 33.68
N ASP K 675 23.29 95.45 34.53
CA ASP K 675 24.71 95.11 34.40
C ASP K 675 24.96 93.97 33.42
N SER K 676 23.93 93.52 32.71
CA SER K 676 24.01 92.33 31.86
C SER K 676 24.56 92.71 30.50
N GLU K 677 25.79 92.25 30.20
CA GLU K 677 26.36 92.45 28.88
C GLU K 677 25.67 91.57 27.83
N LEU K 678 25.35 90.33 28.18
CA LEU K 678 24.86 89.36 27.22
C LEU K 678 23.56 89.81 26.56
N GLU K 679 23.58 89.95 25.24
CA GLU K 679 22.36 90.12 24.45
C GLU K 679 22.47 89.21 23.23
N CYS K 680 21.55 88.27 23.12
CA CYS K 680 21.63 87.17 22.15
C CYS K 680 20.76 87.47 20.94
N ASN K 681 21.26 88.33 20.05
CA ASN K 681 20.51 88.75 18.86
C ASN K 681 21.04 88.18 17.56
N ASP K 682 22.29 87.73 17.51
CA ASP K 682 22.82 87.08 16.30
C ASP K 682 22.07 85.78 16.02
N VAL K 683 21.57 85.15 17.09
CA VAL K 683 20.82 83.91 17.00
C VAL K 683 19.62 84.10 16.07
N VAL K 684 18.94 85.25 16.18
CA VAL K 684 17.79 85.53 15.34
C VAL K 684 18.20 85.60 13.87
N LEU K 685 19.32 86.27 13.58
CA LEU K 685 19.79 86.36 12.20
C LEU K 685 19.99 84.98 11.58
N PHE K 686 20.74 84.12 12.26
CA PHE K 686 21.02 82.83 11.63
C PHE K 686 19.79 81.92 11.61
N TRP K 687 18.88 82.08 12.57
CA TRP K 687 17.59 81.41 12.49
C TRP K 687 16.84 81.83 11.23
N ARG K 688 16.76 83.14 11.00
CA ARG K 688 16.08 83.67 9.84
C ARG K 688 16.71 83.15 8.56
N ILE K 689 18.04 83.12 8.50
CA ILE K 689 18.71 82.70 7.28
C ILE K 689 18.52 81.21 7.04
N GLN K 690 18.56 80.39 8.10
CA GLN K 690 18.26 78.97 7.92
C GLN K 690 16.86 78.79 7.33
N ARG K 691 15.88 79.50 7.89
CA ARG K 691 14.51 79.34 7.39
C ARG K 691 14.38 79.90 5.97
N MET K 692 15.12 80.97 5.65
CA MET K 692 15.09 81.51 4.30
C MET K 692 15.73 80.56 3.30
N LEU K 693 16.80 79.90 3.69
CA LEU K 693 17.38 78.88 2.83
C LEU K 693 16.37 77.79 2.54
N ALA K 694 15.67 77.35 3.59
CA ALA K 694 14.64 76.33 3.38
C ALA K 694 13.56 76.82 2.43
N ILE K 695 13.10 78.07 2.61
CA ILE K 695 11.98 78.55 1.79
C ILE K 695 12.41 78.71 0.35
N THR K 696 13.62 79.24 0.12
CA THR K 696 14.09 79.42 -1.25
C THR K 696 14.27 78.08 -1.94
N ALA K 697 14.86 77.11 -1.25
CA ALA K 697 15.04 75.80 -1.84
C ALA K 697 13.69 75.17 -2.18
N ASN K 698 12.70 75.33 -1.29
CA ASN K 698 11.41 74.68 -1.53
C ASN K 698 10.66 75.35 -2.67
N THR K 699 10.70 76.68 -2.74
CA THR K 699 10.04 77.38 -3.83
C THR K 699 10.68 76.99 -5.17
N LEU K 700 12.01 76.93 -5.20
CA LEU K 700 12.68 76.54 -6.43
C LEU K 700 12.32 75.11 -6.80
N ARG K 701 12.23 74.22 -5.82
CA ARG K 701 11.84 72.84 -6.11
C ARG K 701 10.45 72.79 -6.70
N GLN K 702 9.51 73.56 -6.14
CA GLN K 702 8.14 73.51 -6.63
C GLN K 702 8.07 74.02 -8.06
N GLN K 703 8.75 75.14 -8.34
CA GLN K 703 8.81 75.63 -9.71
C GLN K 703 9.40 74.56 -10.63
N LEU K 704 10.41 73.85 -10.14
CA LEU K 704 11.05 72.79 -10.92
C LEU K 704 10.07 71.66 -11.22
N THR K 705 9.39 71.16 -10.19
CA THR K 705 8.64 69.92 -10.29
C THR K 705 7.27 70.09 -10.91
N ASN K 706 6.71 71.31 -10.94
CA ASN K 706 5.40 71.49 -11.56
C ASN K 706 5.44 72.27 -12.86
N THR K 707 6.47 73.08 -13.10
CA THR K 707 6.50 73.90 -14.31
C THR K 707 7.68 73.53 -15.20
N GLU K 708 8.89 73.53 -14.63
CA GLU K 708 10.08 73.42 -15.44
C GLU K 708 10.40 71.97 -15.82
N VAL K 709 10.13 71.00 -14.94
CA VAL K 709 10.48 69.63 -15.26
C VAL K 709 9.59 69.08 -16.37
N ARG K 710 8.32 69.45 -16.39
CA ARG K 710 7.43 69.03 -17.47
C ARG K 710 7.80 69.70 -18.79
N ARG K 711 8.22 70.97 -18.74
CA ARG K 711 8.74 71.63 -19.94
C ARG K 711 9.99 70.90 -20.42
N LEU K 712 10.83 70.45 -19.50
CA LEU K 712 12.02 69.70 -19.86
C LEU K 712 11.65 68.38 -20.52
N GLU K 713 10.64 67.69 -20.00
CA GLU K 713 10.19 66.45 -20.63
C GLU K 713 9.71 66.70 -22.05
N LYS K 714 8.95 67.78 -22.24
CA LYS K 714 8.50 68.14 -23.59
C LYS K 714 9.70 68.42 -24.51
N ASN K 715 10.67 69.18 -24.01
CA ASN K 715 11.84 69.51 -24.82
C ASN K 715 12.65 68.26 -25.15
N VAL K 716 12.76 67.33 -24.20
CA VAL K 716 13.48 66.09 -24.44
C VAL K 716 12.78 65.26 -25.49
N LYS K 717 11.44 65.18 -25.42
CA LYS K 717 10.72 64.44 -26.46
C LYS K 717 10.92 65.08 -27.83
N GLU K 718 10.92 66.41 -27.87
CA GLU K 718 11.16 67.10 -29.15
C GLU K 718 12.56 66.80 -29.68
N VAL K 719 13.56 66.83 -28.79
CA VAL K 719 14.94 66.55 -29.19
C VAL K 719 15.07 65.12 -29.68
N LEU K 720 14.45 64.18 -28.98
CA LEU K 720 14.52 62.78 -29.38
C LEU K 720 13.84 62.55 -30.72
N GLU K 721 12.72 63.22 -30.96
CA GLU K 721 12.08 63.10 -32.27
C GLU K 721 12.96 63.67 -33.36
N ASP K 722 13.57 64.83 -33.11
CA ASP K 722 14.43 65.44 -34.12
C ASP K 722 15.63 64.56 -34.41
N PHE K 723 16.18 63.91 -33.39
CA PHE K 723 17.31 63.01 -33.60
C PHE K 723 16.88 61.71 -34.26
N ALA K 724 15.64 61.26 -34.00
CA ALA K 724 15.13 60.07 -34.64
C ALA K 724 14.99 60.28 -36.14
N GLU K 725 14.52 61.46 -36.54
CA GLU K 725 14.40 61.74 -37.97
C GLU K 725 15.77 61.92 -38.61
N ASP K 726 16.76 62.36 -37.85
CA ASP K 726 18.10 62.60 -38.39
C ASP K 726 18.78 61.27 -38.66
N GLY K 727 18.93 60.92 -39.93
CA GLY K 727 19.65 59.70 -40.29
C GLY K 727 21.13 59.80 -39.96
N GLU K 728 21.72 60.98 -40.17
CA GLU K 728 23.14 61.16 -39.89
C GLU K 728 23.44 60.92 -38.41
N LYS K 729 22.56 61.39 -37.52
CA LYS K 729 22.80 61.17 -36.10
C LYS K 729 22.77 59.69 -35.74
N LYS K 730 21.84 58.94 -36.32
CA LYS K 730 21.84 57.50 -36.11
C LYS K 730 23.10 56.85 -36.67
N ILE K 731 23.57 57.36 -37.81
CA ILE K 731 24.80 56.81 -38.40
C ILE K 731 25.99 57.08 -37.49
N LYS K 732 26.08 58.28 -36.92
CA LYS K 732 27.24 58.68 -36.13
C LYS K 732 27.02 58.54 -34.62
N LEU K 733 25.86 58.04 -34.20
CA LEU K 733 25.64 57.64 -32.83
C LEU K 733 25.06 56.24 -32.79
N LEU K 734 25.27 55.56 -31.66
CA LEU K 734 24.71 54.24 -31.42
C LEU K 734 25.12 53.26 -32.52
N THR K 735 26.44 53.17 -32.74
CA THR K 735 27.01 52.38 -33.82
C THR K 735 27.65 51.09 -33.33
N GLY K 736 27.56 50.77 -32.04
CA GLY K 736 28.40 49.75 -31.44
C GLY K 736 27.98 48.32 -31.67
N LYS K 737 26.77 48.06 -32.13
CA LYS K 737 26.29 46.68 -32.15
C LYS K 737 26.94 45.89 -33.29
N ARG K 738 26.97 44.57 -33.11
CA ARG K 738 27.51 43.62 -34.08
C ARG K 738 26.48 43.17 -35.11
N VAL K 739 25.27 43.74 -35.08
CA VAL K 739 24.21 43.30 -36.00
C VAL K 739 24.65 43.50 -37.44
N GLN K 740 25.52 44.49 -37.68
CA GLN K 740 25.95 44.77 -39.05
C GLN K 740 26.60 43.56 -39.68
N LEU K 741 27.44 42.86 -38.92
CA LEU K 741 28.08 41.65 -39.41
C LEU K 741 27.05 40.59 -39.78
N ALA K 742 26.03 40.42 -38.95
CA ALA K 742 24.98 39.44 -39.22
C ALA K 742 24.13 39.81 -40.44
N GLU K 743 24.03 41.10 -40.75
CA GLU K 743 23.24 41.51 -41.89
C GLU K 743 23.81 40.93 -43.19
N ASP K 744 25.13 40.89 -43.32
CA ASP K 744 25.73 40.22 -44.48
C ASP K 744 25.41 38.73 -44.49
N LEU K 745 25.57 38.06 -43.35
CA LEU K 745 25.30 36.59 -43.23
C LEU K 745 23.91 36.32 -43.83
N LYS K 746 22.92 37.18 -43.55
CA LYS K 746 21.50 36.98 -43.97
C LYS K 746 21.30 37.48 -45.42
N LYS K 747 21.90 38.61 -45.83
CA LYS K 747 21.64 39.20 -47.15
C LYS K 747 22.21 38.36 -48.28
N VAL K 748 23.36 37.70 -48.10
CA VAL K 748 24.03 36.94 -49.21
C VAL K 748 23.18 35.69 -49.56
N ARG K 749 22.05 35.42 -48.87
CA ARG K 749 21.11 34.29 -49.18
C ARG K 749 20.52 34.38 -50.60
N GLU K 750 20.35 35.58 -51.20
CA GLU K 750 19.86 35.70 -52.57
C GLU K 750 20.93 35.26 -53.56
N ILE K 751 22.18 35.63 -53.31
CA ILE K 751 23.27 35.23 -54.19
C ILE K 751 23.38 33.72 -54.10
N GLN K 752 23.28 33.17 -52.88
CA GLN K 752 23.39 31.71 -52.62
C GLN K 752 22.31 30.96 -53.42
N GLU K 753 21.06 31.46 -53.46
CA GLU K 753 19.99 30.84 -54.23
C GLU K 753 20.18 30.90 -55.74
N LYS K 754 20.56 32.07 -56.26
CA LYS K 754 20.75 32.19 -57.70
C LYS K 754 21.86 31.26 -58.17
N LEU K 755 22.98 31.22 -57.43
CA LEU K 755 24.12 30.43 -57.87
C LEU K 755 23.83 28.93 -57.85
N ASP K 756 23.18 28.45 -56.79
CA ASP K 756 22.88 27.02 -56.68
C ASP K 756 21.88 26.58 -57.74
N ALA K 757 20.83 27.37 -57.95
CA ALA K 757 19.88 27.03 -59.00
C ALA K 757 20.53 27.05 -60.38
N PHE K 758 21.47 27.97 -60.61
CA PHE K 758 22.19 27.99 -61.88
C PHE K 758 23.05 26.73 -62.04
N ILE K 759 23.68 26.25 -60.96
CA ILE K 759 24.56 25.03 -61.01
C ILE K 759 23.68 23.82 -61.32
N GLU K 760 22.49 23.74 -60.69
CA GLU K 760 21.56 22.59 -60.94
C GLU K 760 21.19 22.68 -62.42
N ALA K 761 20.91 23.88 -62.95
CA ALA K 761 20.50 24.09 -64.37
C ALA K 761 21.65 23.64 -65.29
N LEU K 762 22.89 24.03 -64.98
CA LEU K 762 24.10 23.65 -65.79
C LEU K 762 24.04 22.12 -65.98
N HIS K 763 23.85 21.36 -64.87
CA HIS K 763 23.88 19.88 -64.90
C HIS K 763 22.75 19.34 -65.79
N GLN K 764 21.54 19.92 -65.72
CA GLN K 764 20.36 19.38 -66.48
C GLN K 764 20.67 19.51 -67.99
N GLU K 765 21.26 20.63 -68.42
CA GLU K 765 21.64 20.86 -69.86
C GLU K 765 22.73 19.85 -70.27
N LYS K 766 23.72 19.57 -69.40
CA LYS K 766 24.88 18.67 -69.72
C LYS K 766 24.50 17.21 -69.43
N ALA L 1 72.42 94.01 -13.53
CA ALA L 1 71.39 95.03 -13.68
C ALA L 1 70.04 94.48 -13.26
N THR L 2 69.84 93.17 -13.41
CA THR L 2 68.59 92.55 -13.01
C THR L 2 68.39 92.68 -11.51
N ASP L 3 67.14 92.91 -11.11
CA ASP L 3 66.77 93.02 -9.70
C ASP L 3 67.55 94.14 -9.01
N ARG L 4 67.74 95.26 -9.73
CA ARG L 4 68.40 96.44 -9.19
C ARG L 4 67.39 97.58 -9.14
N GLY L 5 67.31 98.25 -7.99
CA GLY L 5 66.32 99.31 -7.84
C GLY L 5 66.55 100.48 -8.76
N SER L 6 67.80 100.91 -8.89
CA SER L 6 68.10 102.05 -9.77
C SER L 6 67.78 101.72 -11.21
N GLU L 7 68.09 100.49 -11.65
CA GLU L 7 67.75 100.07 -13.00
C GLU L 7 66.23 100.10 -13.21
N SER L 8 65.48 99.65 -12.21
CA SER L 8 64.02 99.71 -12.29
C SER L 8 63.54 101.15 -12.41
N ASP L 9 64.14 102.06 -11.64
CA ASP L 9 63.77 103.47 -11.74
C ASP L 9 64.03 104.02 -13.14
N LYS L 10 65.18 103.68 -13.71
CA LYS L 10 65.51 104.18 -15.06
C LYS L 10 64.54 103.62 -16.10
N HIS L 11 64.19 102.34 -15.98
CA HIS L 11 63.20 101.75 -16.88
C HIS L 11 61.85 102.45 -16.75
N PHE L 12 61.44 102.74 -15.52
CA PHE L 12 60.19 103.46 -15.30
C PHE L 12 60.25 104.85 -15.93
N ARG L 13 61.40 105.52 -15.83
CA ARG L 13 61.53 106.84 -16.44
C ARG L 13 61.33 106.77 -17.94
N LYS L 14 61.95 105.79 -18.59
CA LYS L 14 61.77 105.64 -20.04
C LYS L 14 60.32 105.36 -20.39
N VAL L 15 59.69 104.46 -19.63
CA VAL L 15 58.31 104.07 -19.92
C VAL L 15 57.39 105.27 -19.75
N SER L 16 57.63 106.08 -18.73
CA SER L 16 56.80 107.25 -18.49
C SER L 16 57.03 108.33 -19.54
N ASP L 17 58.26 108.46 -20.05
CA ASP L 17 58.48 109.43 -21.11
C ASP L 17 57.73 109.05 -22.38
N LYS L 18 57.73 107.76 -22.74
CA LYS L 18 56.96 107.36 -23.92
C LYS L 18 55.48 107.68 -23.73
N GLU L 19 54.94 107.45 -22.52
CA GLU L 19 53.56 107.82 -22.27
C GLU L 19 53.37 109.33 -22.33
N LYS L 20 54.39 110.10 -21.93
CA LYS L 20 54.29 111.56 -22.02
C LYS L 20 54.21 112.03 -23.46
N ILE L 21 54.74 111.25 -24.41
CA ILE L 21 54.57 111.61 -25.82
C ILE L 21 53.54 110.70 -26.48
N ASP L 22 52.54 110.26 -25.72
CA ASP L 22 51.47 109.43 -26.25
C ASP L 22 50.55 110.24 -27.16
N GLN L 23 49.80 109.52 -28.02
CA GLN L 23 48.87 110.18 -28.92
C GLN L 23 47.80 110.96 -28.16
N LEU L 24 47.41 110.53 -26.97
CA LEU L 24 46.50 111.33 -26.16
C LEU L 24 47.11 112.70 -25.88
N GLN L 25 48.35 112.71 -25.38
CA GLN L 25 49.01 113.98 -25.09
C GLN L 25 49.26 114.79 -26.35
N GLU L 26 49.62 114.12 -27.45
CA GLU L 26 49.89 114.84 -28.70
C GLU L 26 48.62 115.51 -29.22
N GLU L 27 47.50 114.79 -29.21
CA GLU L 27 46.24 115.38 -29.61
C GLU L 27 45.83 116.49 -28.65
N LEU L 28 46.13 116.31 -27.36
CA LEU L 28 45.86 117.38 -26.40
C LEU L 28 46.62 118.65 -26.78
N LEU L 29 47.90 118.50 -27.14
CA LEU L 29 48.68 119.67 -27.55
C LEU L 29 48.12 120.30 -28.83
N HIS L 30 47.78 119.47 -29.82
CA HIS L 30 47.28 120.02 -31.08
C HIS L 30 45.97 120.75 -30.88
N THR L 31 45.04 120.17 -30.12
CA THR L 31 43.77 120.83 -29.86
C THR L 31 43.96 122.06 -28.99
N GLN L 32 44.88 121.99 -28.02
CA GLN L 32 45.14 123.12 -27.14
C GLN L 32 45.68 124.31 -27.92
N LEU L 33 46.49 124.06 -28.95
CA LEU L 33 47.03 125.17 -29.73
C LEU L 33 45.91 125.97 -30.38
N LYS L 34 44.90 125.29 -30.94
CA LYS L 34 43.75 126.01 -31.49
C LYS L 34 42.92 126.65 -30.38
N TYR L 35 42.80 125.96 -29.23
CA TYR L 35 41.99 126.51 -28.15
C TYR L 35 42.59 127.79 -27.58
N GLN L 36 43.92 127.91 -27.59
CA GLN L 36 44.55 129.13 -27.11
C GLN L 36 44.11 130.34 -27.94
N ARG L 37 43.72 130.10 -29.19
CA ARG L 37 43.20 131.15 -30.06
C ARG L 37 41.67 131.21 -30.04
N ILE L 38 41.01 130.05 -29.91
CA ILE L 38 39.56 130.02 -29.83
C ILE L 38 39.11 130.58 -28.49
N LEU L 39 38.04 131.38 -28.52
CA LEU L 39 37.54 132.07 -27.33
C LEU L 39 38.64 132.90 -26.66
N GLU L 40 39.51 133.40 -27.55
CA GLU L 40 40.64 134.22 -27.08
C GLU L 40 40.73 135.49 -27.92
N ARG L 41 41.68 136.39 -27.62
CA ARG L 41 41.88 137.73 -28.18
C ARG L 41 40.86 138.68 -27.56
N LEU L 42 39.93 138.18 -26.74
CA LEU L 42 39.09 139.05 -25.93
C LEU L 42 39.90 139.65 -24.77
N GLU L 43 40.88 138.89 -24.26
CA GLU L 43 41.55 139.25 -23.02
C GLU L 43 42.27 140.59 -23.14
N LYS L 44 42.97 140.81 -24.26
CA LYS L 44 43.74 142.04 -24.42
C LYS L 44 42.84 143.26 -24.37
N GLU L 45 41.67 143.18 -25.02
CA GLU L 45 40.69 144.26 -24.91
C GLU L 45 40.13 144.36 -23.49
N ASN L 46 39.97 143.23 -22.82
CA ASN L 46 39.35 143.24 -21.49
C ASN L 46 40.18 144.03 -20.50
N LYS L 47 41.51 144.03 -20.65
CA LYS L 47 42.37 144.65 -19.65
C LYS L 47 42.03 146.12 -19.41
N GLU L 48 41.45 146.78 -20.41
CA GLU L 48 41.14 148.21 -20.27
C GLU L 48 40.11 148.41 -19.16
N LEU L 49 40.34 149.45 -18.35
CA LEU L 49 39.49 149.77 -17.22
C LEU L 49 38.48 150.88 -17.51
N ARG L 50 38.42 151.38 -18.75
CA ARG L 50 37.55 152.52 -19.05
C ARG L 50 36.09 152.17 -18.80
N LYS L 51 35.66 150.99 -19.24
CA LYS L 51 34.30 150.54 -18.96
C LYS L 51 34.05 150.47 -17.47
N LEU L 52 35.03 149.93 -16.73
CA LEU L 52 34.92 149.86 -15.28
C LEU L 52 34.80 151.26 -14.69
N VAL L 53 35.56 152.23 -15.23
CA VAL L 53 35.49 153.59 -14.73
C VAL L 53 34.09 154.17 -14.93
N LEU L 54 33.49 153.91 -16.09
CA LEU L 54 32.11 154.37 -16.32
C LEU L 54 31.16 153.74 -15.33
N GLN L 55 31.33 152.43 -15.06
CA GLN L 55 30.47 151.77 -14.09
C GLN L 55 30.67 152.36 -12.69
N LYS L 56 31.92 152.68 -12.33
CA LYS L 56 32.18 153.35 -11.06
C LYS L 56 31.46 154.69 -11.00
N ASP L 57 31.49 155.44 -12.10
CA ASP L 57 30.82 156.73 -12.14
C ASP L 57 29.33 156.56 -11.91
N ASP L 58 28.73 155.54 -12.51
CA ASP L 58 27.33 155.24 -12.24
C ASP L 58 27.11 154.91 -10.77
N LYS L 59 28.02 154.11 -10.19
CA LYS L 59 27.87 153.71 -8.79
C LYS L 59 28.12 154.86 -7.83
N GLY L 60 29.14 155.69 -8.13
CA GLY L 60 29.51 156.76 -7.23
C GLY L 60 29.05 158.13 -7.70
N ILE L 61 29.98 159.00 -8.07
CA ILE L 61 29.66 160.32 -8.60
C ILE L 61 29.51 160.17 -10.10
N HIS L 62 28.26 160.24 -10.57
CA HIS L 62 27.97 160.25 -12.00
C HIS L 62 27.81 161.69 -12.52
N HIS L 63 28.14 162.68 -11.69
CA HIS L 63 28.18 164.11 -12.07
C HIS L 63 26.87 164.59 -12.70
N ARG L 64 25.81 163.81 -12.53
CA ARG L 64 24.50 164.13 -13.09
C ARG L 64 23.44 163.82 -12.04
N LYS L 65 22.31 164.53 -12.16
CA LYS L 65 21.27 164.45 -11.13
C LYS L 65 20.82 163.01 -10.92
N LEU L 66 20.87 162.20 -11.98
CA LEU L 66 20.41 160.82 -11.89
C LEU L 66 21.17 160.04 -10.83
N LYS L 67 22.38 160.47 -10.48
CA LYS L 67 23.25 159.66 -9.64
C LYS L 67 22.64 159.38 -8.27
N LYS L 68 22.92 158.18 -7.76
CA LYS L 68 22.54 157.80 -6.40
C LYS L 68 21.04 157.97 -6.16
N SER L 69 20.25 157.68 -7.19
CA SER L 69 18.80 157.76 -7.06
C SER L 69 18.29 156.63 -6.16
N LEU L 70 17.44 156.98 -5.19
CA LEU L 70 16.97 156.01 -4.22
C LEU L 70 16.01 154.98 -4.86
N ILE L 71 15.17 155.44 -5.78
CA ILE L 71 14.32 154.49 -6.52
C ILE L 71 15.18 153.51 -7.30
N ASP L 72 16.32 153.98 -7.82
CA ASP L 72 17.22 153.09 -8.54
C ASP L 72 17.69 151.95 -7.66
N MET L 73 17.98 152.23 -6.38
CA MET L 73 18.36 151.18 -5.46
C MET L 73 17.16 150.31 -5.09
N TYR L 74 15.97 150.89 -5.00
CA TYR L 74 14.79 150.08 -4.75
C TYR L 74 14.58 149.04 -5.83
N SER L 75 14.88 149.38 -7.08
CA SER L 75 14.76 148.40 -8.15
C SER L 75 15.63 147.17 -7.88
N GLU L 76 16.88 147.41 -7.48
CA GLU L 76 17.78 146.30 -7.14
C GLU L 76 17.26 145.54 -5.94
N VAL L 77 16.69 146.25 -4.96
CA VAL L 77 16.15 145.58 -3.78
C VAL L 77 15.07 144.59 -4.18
N LEU L 78 14.12 145.03 -5.00
CA LEU L 78 13.04 144.13 -5.40
C LEU L 78 13.59 142.98 -6.25
N ASP L 79 14.57 143.25 -7.11
CA ASP L 79 15.15 142.17 -7.91
C ASP L 79 15.79 141.11 -7.01
N VAL L 80 16.49 141.52 -5.96
CA VAL L 80 17.14 140.55 -5.08
C VAL L 80 16.11 139.81 -4.22
N LEU L 81 15.00 140.48 -3.84
CA LEU L 81 13.92 139.71 -3.22
C LEU L 81 13.39 138.64 -4.16
N SER L 82 13.21 138.97 -5.45
CA SER L 82 12.76 137.96 -6.40
C SER L 82 13.77 136.82 -6.49
N ASP L 83 15.05 137.14 -6.52
CA ASP L 83 16.08 136.11 -6.53
C ASP L 83 16.04 135.23 -5.29
N TYR L 84 15.79 135.82 -4.13
CA TYR L 84 15.76 135.02 -2.90
C TYR L 84 14.68 133.95 -2.98
N ASP L 85 13.49 134.31 -3.47
CA ASP L 85 12.33 133.41 -3.42
C ASP L 85 11.54 133.53 -4.71
N ALA L 86 11.49 132.45 -5.48
CA ALA L 86 10.53 132.37 -6.57
C ALA L 86 9.11 132.46 -6.05
N SER L 87 8.85 131.85 -4.91
CA SER L 87 7.52 131.90 -4.31
C SER L 87 7.14 133.33 -3.94
N TYR L 88 5.86 133.65 -4.09
CA TYR L 88 5.37 135.02 -4.02
C TYR L 88 5.50 135.59 -2.60
N ASN L 89 5.47 134.73 -1.58
CA ASN L 89 5.34 135.18 -0.20
C ASN L 89 6.36 136.27 0.14
N THR L 90 7.64 136.01 -0.16
CA THR L 90 8.68 136.97 0.21
C THR L 90 8.73 138.17 -0.73
N GLN L 91 8.38 137.99 -2.01
CA GLN L 91 8.27 139.14 -2.89
C GLN L 91 7.18 140.09 -2.40
N ASP L 92 6.17 139.56 -1.74
CA ASP L 92 5.12 140.39 -1.15
C ASP L 92 5.59 141.18 0.05
N HIS L 93 6.80 140.89 0.56
CA HIS L 93 7.30 141.62 1.73
C HIS L 93 7.46 143.11 1.44
N LEU L 94 7.86 143.47 0.22
CA LEU L 94 8.23 144.85 -0.05
C LEU L 94 7.30 145.48 -1.09
N PRO L 95 6.98 146.76 -0.90
CA PRO L 95 6.02 147.44 -1.80
C PRO L 95 6.46 147.50 -3.26
N ARG L 96 5.46 147.48 -4.13
CA ARG L 96 5.58 147.78 -5.56
C ARG L 96 4.19 148.16 -6.04
N VAL L 97 4.11 148.72 -7.24
CA VAL L 97 2.82 149.03 -7.86
C VAL L 97 2.51 147.91 -8.84
N VAL L 98 1.39 147.22 -8.62
CA VAL L 98 0.97 146.10 -9.46
C VAL L 98 -0.22 146.58 -10.29
N VAL L 99 -0.10 146.48 -11.62
CA VAL L 99 -1.09 147.01 -12.54
C VAL L 99 -1.81 145.82 -13.17
N VAL L 100 -3.12 145.72 -12.92
CA VAL L 100 -3.96 144.72 -13.53
C VAL L 100 -4.95 145.44 -14.43
N GLY L 101 -5.47 144.74 -15.44
CA GLY L 101 -6.46 145.35 -16.30
C GLY L 101 -7.20 144.33 -17.12
N ASP L 102 -8.34 144.77 -17.65
CA ASP L 102 -9.11 143.94 -18.56
C ASP L 102 -8.28 143.65 -19.81
N GLN L 103 -8.40 142.43 -20.33
CA GLN L 103 -7.65 142.06 -21.51
C GLN L 103 -7.94 143.02 -22.66
N SER L 104 -6.87 143.49 -23.30
CA SER L 104 -6.96 144.39 -24.44
C SER L 104 -7.63 145.71 -24.07
N ALA L 105 -7.48 146.13 -22.81
CA ALA L 105 -8.00 147.40 -22.35
C ALA L 105 -7.10 148.58 -22.68
N GLY L 106 -5.91 148.33 -23.23
CA GLY L 106 -4.93 149.36 -23.49
C GLY L 106 -3.92 149.56 -22.38
N LYS L 107 -3.88 148.66 -21.40
CA LYS L 107 -3.03 148.81 -20.22
C LYS L 107 -1.58 149.08 -20.58
N THR L 108 -1.06 148.43 -21.62
CA THR L 108 0.32 148.71 -22.03
C THR L 108 0.48 150.12 -22.56
N SER L 109 -0.56 150.68 -23.20
CA SER L 109 -0.47 152.09 -23.58
C SER L 109 -0.42 153.00 -22.37
N VAL L 110 -1.16 152.68 -21.31
CA VAL L 110 -1.09 153.44 -20.07
C VAL L 110 0.31 153.35 -19.49
N LEU L 111 0.88 152.15 -19.46
CA LEU L 111 2.21 151.96 -18.89
C LEU L 111 3.28 152.65 -19.74
N GLU L 112 3.05 152.74 -21.06
CA GLU L 112 3.97 153.46 -21.92
C GLU L 112 3.89 154.96 -21.69
N MET L 113 2.67 155.49 -21.52
CA MET L 113 2.55 156.92 -21.23
C MET L 113 3.21 157.25 -19.89
N ILE L 114 3.05 156.38 -18.90
CA ILE L 114 3.69 156.62 -17.62
C ILE L 114 5.21 156.51 -17.75
N ALA L 115 5.68 155.50 -18.49
CA ALA L 115 7.11 155.35 -18.76
C ALA L 115 7.59 156.28 -19.88
N GLN L 116 6.66 156.92 -20.60
CA GLN L 116 7.01 157.92 -21.61
C GLN L 116 7.80 157.32 -22.77
N ALA L 117 7.61 156.02 -23.02
CA ALA L 117 8.33 155.36 -24.11
C ALA L 117 7.53 154.16 -24.58
N ARG L 118 7.73 153.80 -25.86
CA ARG L 118 7.06 152.65 -26.46
C ARG L 118 7.84 151.39 -26.11
N ILE L 119 7.73 150.99 -24.84
CA ILE L 119 8.51 149.89 -24.29
C ILE L 119 7.63 148.72 -23.88
N PHE L 120 6.33 148.78 -24.13
CA PHE L 120 5.44 147.69 -23.80
C PHE L 120 4.81 147.10 -25.06
N PRO L 121 4.47 145.81 -25.06
CA PRO L 121 3.87 145.21 -26.26
C PRO L 121 2.59 145.94 -26.65
N ARG L 122 2.57 146.47 -27.87
CA ARG L 122 1.43 147.22 -28.39
C ARG L 122 0.86 146.49 -29.59
N GLY L 123 -0.45 146.27 -29.56
CA GLY L 123 -1.14 145.61 -30.66
C GLY L 123 -2.60 145.97 -30.65
N SER L 124 -3.27 145.70 -31.77
CA SER L 124 -4.68 146.04 -31.94
C SER L 124 -5.53 144.80 -31.67
N GLY L 125 -6.42 144.90 -30.68
CA GLY L 125 -7.39 143.87 -30.42
C GLY L 125 -6.82 142.48 -30.16
N GLU L 126 -5.80 142.39 -29.32
CA GLU L 126 -5.17 141.12 -29.03
C GLU L 126 -4.56 141.17 -27.64
N MET L 127 -4.39 140.00 -27.02
CA MET L 127 -3.68 139.93 -25.76
C MET L 127 -2.29 140.53 -25.91
N MET L 128 -2.00 141.53 -25.09
CA MET L 128 -0.74 142.26 -25.14
C MET L 128 0.23 141.77 -24.06
N THR L 129 -0.23 141.68 -22.82
CA THR L 129 0.58 141.14 -21.73
C THR L 129 0.16 139.68 -21.49
N ARG L 130 1.13 138.77 -21.59
CA ARG L 130 0.91 137.37 -21.30
C ARG L 130 1.81 136.84 -20.20
N SER L 131 2.98 137.44 -19.99
CA SER L 131 3.80 137.19 -18.82
C SER L 131 4.14 138.52 -18.16
N PRO L 132 3.96 138.64 -16.84
CA PRO L 132 4.10 139.97 -16.20
C PRO L 132 5.50 140.53 -16.38
N VAL L 133 5.57 141.86 -16.55
CA VAL L 133 6.83 142.55 -16.77
C VAL L 133 6.91 143.72 -15.78
N LYS L 134 7.96 143.73 -14.96
CA LYS L 134 8.13 144.79 -13.97
C LYS L 134 9.15 145.80 -14.48
N VAL L 135 8.70 147.02 -14.73
CA VAL L 135 9.54 148.13 -15.17
C VAL L 135 9.58 149.16 -14.06
N THR L 136 10.78 149.59 -13.69
CA THR L 136 10.96 150.61 -12.65
C THR L 136 11.33 151.93 -13.30
N LEU L 137 10.64 153.00 -12.91
CA LEU L 137 10.81 154.32 -13.49
C LEU L 137 11.50 155.24 -12.49
N SER L 138 12.58 155.89 -12.97
CA SER L 138 13.39 156.82 -12.21
C SER L 138 13.75 158.01 -13.11
N GLU L 139 14.02 159.15 -12.47
CA GLU L 139 14.37 160.36 -13.21
C GLU L 139 15.79 160.27 -13.77
N GLY L 140 16.00 160.91 -14.92
CA GLY L 140 17.32 161.01 -15.51
C GLY L 140 17.31 161.65 -16.87
N PRO L 141 18.36 162.43 -17.19
CA PRO L 141 18.40 163.10 -18.50
C PRO L 141 18.51 162.15 -19.68
N HIS L 142 18.96 160.92 -19.47
CA HIS L 142 19.15 159.95 -20.54
C HIS L 142 17.97 159.00 -20.54
N HIS L 143 17.16 159.06 -21.60
CA HIS L 143 15.93 158.28 -21.70
C HIS L 143 16.31 156.92 -22.25
N VAL L 144 16.75 156.03 -21.37
CA VAL L 144 17.34 154.75 -21.75
C VAL L 144 16.75 153.62 -20.93
N ALA L 145 16.68 152.45 -21.54
CA ALA L 145 16.18 151.24 -20.88
C ALA L 145 17.29 150.19 -20.86
N LEU L 146 17.31 149.36 -19.82
CA LEU L 146 18.29 148.29 -19.72
C LEU L 146 17.67 147.08 -19.02
N PHE L 147 17.88 145.90 -19.59
CA PHE L 147 17.43 144.67 -18.97
C PHE L 147 18.31 144.28 -17.79
N LYS L 148 17.69 143.60 -16.82
CA LYS L 148 18.44 143.00 -15.72
C LYS L 148 19.47 142.01 -16.23
N ASP L 149 19.13 141.26 -17.29
CA ASP L 149 19.89 140.10 -17.72
C ASP L 149 20.81 140.38 -18.90
N SER L 150 20.96 141.63 -19.33
CA SER L 150 21.69 141.93 -20.55
C SER L 150 22.59 143.14 -20.33
N SER L 151 23.37 143.44 -21.37
CA SER L 151 24.24 144.61 -21.38
C SER L 151 23.83 145.65 -22.42
N ARG L 152 22.85 145.34 -23.26
CA ARG L 152 22.39 146.27 -24.28
C ARG L 152 21.49 147.32 -23.65
N GLU L 153 21.81 148.59 -23.90
CA GLU L 153 20.95 149.69 -23.53
C GLU L 153 20.14 150.11 -24.75
N PHE L 154 18.87 150.41 -24.52
CA PHE L 154 17.94 150.79 -25.57
C PHE L 154 17.65 152.28 -25.46
N ASP L 155 17.87 153.00 -26.55
CA ASP L 155 17.56 154.43 -26.61
C ASP L 155 16.07 154.58 -26.84
N LEU L 156 15.39 155.22 -25.90
CA LEU L 156 13.93 155.27 -25.90
C LEU L 156 13.38 156.44 -26.72
N THR L 157 14.23 157.18 -27.41
CA THR L 157 13.81 158.25 -28.30
C THR L 157 13.83 157.84 -29.77
N LYS L 158 14.21 156.61 -30.07
CA LYS L 158 14.40 156.15 -31.44
C LYS L 158 13.68 154.83 -31.65
N GLU L 159 13.03 154.70 -32.81
CA GLU L 159 12.09 153.60 -33.03
C GLU L 159 12.78 152.26 -33.16
N GLU L 160 13.99 152.23 -33.73
CA GLU L 160 14.66 150.95 -33.91
C GLU L 160 14.92 150.27 -32.57
N ASP L 161 15.47 151.01 -31.60
CA ASP L 161 15.74 150.43 -30.29
C ASP L 161 14.46 150.13 -29.53
N LEU L 162 13.45 150.99 -29.67
CA LEU L 162 12.17 150.74 -29.00
C LEU L 162 11.53 149.46 -29.52
N ALA L 163 11.55 149.25 -30.83
CA ALA L 163 11.00 148.03 -31.42
C ALA L 163 11.81 146.81 -31.01
N ALA L 164 13.14 146.93 -31.01
CA ALA L 164 13.97 145.82 -30.55
C ALA L 164 13.64 145.47 -29.11
N LEU L 165 13.46 146.48 -28.26
CA LEU L 165 13.11 146.25 -26.87
C LEU L 165 11.75 145.59 -26.74
N ARG L 166 10.75 146.08 -27.48
CA ARG L 166 9.41 145.50 -27.40
C ARG L 166 9.42 144.04 -27.82
N HIS L 167 10.10 143.73 -28.93
CA HIS L 167 10.08 142.37 -29.44
C HIS L 167 10.94 141.44 -28.59
N GLU L 168 12.03 141.95 -28.00
CA GLU L 168 12.78 141.15 -27.04
C GLU L 168 11.94 140.85 -25.81
N ILE L 169 11.15 141.82 -25.35
CA ILE L 169 10.23 141.58 -24.24
C ILE L 169 9.20 140.54 -24.63
N GLU L 170 8.69 140.62 -25.85
CA GLU L 170 7.74 139.61 -26.34
C GLU L 170 8.37 138.22 -26.33
N LEU L 171 9.61 138.12 -26.82
CA LEU L 171 10.29 136.83 -26.87
C LEU L 171 10.54 136.28 -25.47
N ARG L 172 10.95 137.14 -24.54
CA ARG L 172 11.14 136.71 -23.16
C ARG L 172 9.83 136.26 -22.54
N MET L 173 8.74 137.00 -22.83
CA MET L 173 7.42 136.63 -22.37
C MET L 173 7.06 135.24 -22.84
N ARG L 174 7.28 134.97 -24.14
CA ARG L 174 6.98 133.65 -24.68
C ARG L 174 7.86 132.59 -24.05
N LYS L 175 9.14 132.88 -23.85
CA LYS L 175 10.08 131.93 -23.28
C LYS L 175 9.76 131.62 -21.82
N ASN L 176 8.95 132.45 -21.16
CA ASN L 176 8.50 132.13 -19.81
C ASN L 176 7.30 131.18 -19.81
N VAL L 177 6.76 130.83 -20.97
CA VAL L 177 5.54 130.04 -21.08
C VAL L 177 5.90 128.67 -21.63
N LYS L 178 5.37 127.62 -21.01
CA LYS L 178 5.59 126.26 -21.51
C LYS L 178 4.89 126.07 -22.86
N GLU L 179 5.45 125.16 -23.66
CA GLU L 179 4.88 124.88 -24.97
C GLU L 179 3.43 124.42 -24.83
N GLY L 180 2.56 124.98 -25.67
CA GLY L 180 1.15 124.67 -25.64
C GLY L 180 0.33 125.57 -24.75
N CYS L 181 0.96 126.31 -23.84
CA CYS L 181 0.30 127.30 -23.01
C CYS L 181 0.63 128.71 -23.50
N THR L 182 -0.07 129.68 -22.95
CA THR L 182 0.02 131.07 -23.39
C THR L 182 0.46 132.04 -22.33
N VAL L 183 0.31 131.71 -21.04
CA VAL L 183 0.48 132.66 -19.96
C VAL L 183 1.39 132.04 -18.89
N SER L 184 2.26 132.87 -18.29
CA SER L 184 3.21 132.41 -17.28
C SER L 184 3.50 133.49 -16.24
N PRO L 185 3.77 133.11 -14.98
CA PRO L 185 3.99 134.13 -13.93
C PRO L 185 5.33 134.84 -13.99
N GLU L 186 6.35 134.24 -14.59
CA GLU L 186 7.71 134.76 -14.46
C GLU L 186 7.79 136.22 -14.89
N THR L 187 8.46 137.03 -14.08
CA THR L 187 8.47 138.48 -14.24
C THR L 187 9.74 138.94 -14.95
N ILE L 188 9.58 139.74 -16.00
CA ILE L 188 10.71 140.34 -16.69
C ILE L 188 11.02 141.69 -16.04
N SER L 189 12.30 141.94 -15.76
CA SER L 189 12.74 143.15 -15.08
C SER L 189 13.48 144.04 -16.06
N LEU L 190 12.95 145.25 -16.28
CA LEU L 190 13.59 146.27 -17.09
C LEU L 190 13.71 147.55 -16.26
N ASN L 191 14.92 148.11 -16.22
CA ASN L 191 15.16 149.37 -15.54
C ASN L 191 15.15 150.48 -16.58
N VAL L 192 14.20 151.40 -16.46
CA VAL L 192 14.00 152.48 -17.42
C VAL L 192 14.21 153.80 -16.70
N LYS L 193 15.02 154.68 -17.32
CA LYS L 193 15.27 156.00 -16.78
C LYS L 193 15.03 157.03 -17.87
N GLY L 194 14.61 158.22 -17.46
CA GLY L 194 14.35 159.29 -18.39
C GLY L 194 13.76 160.51 -17.70
N PRO L 195 13.78 161.66 -18.39
CA PRO L 195 13.29 162.88 -17.76
C PRO L 195 11.78 162.84 -17.54
N GLY L 196 11.35 163.36 -16.39
CA GLY L 196 9.95 163.42 -16.06
C GLY L 196 9.38 162.16 -15.44
N LEU L 197 10.15 161.07 -15.41
CA LEU L 197 9.68 159.84 -14.82
C LEU L 197 9.61 159.98 -13.31
N GLN L 198 8.61 159.33 -12.71
CA GLN L 198 8.46 159.35 -11.27
C GLN L 198 9.14 158.12 -10.67
N ARG L 199 9.32 158.16 -9.36
CA ARG L 199 9.85 157.02 -8.62
C ARG L 199 8.79 155.94 -8.48
N MET L 200 8.63 155.03 -9.47
CA MET L 200 7.47 154.09 -9.48
C MET L 200 7.78 152.70 -10.05
N VAL L 201 7.91 151.67 -9.20
CA VAL L 201 7.96 150.32 -9.75
C VAL L 201 6.56 149.93 -10.24
N LEU L 202 6.47 149.46 -11.49
CA LEU L 202 5.20 149.17 -12.15
C LEU L 202 5.26 147.76 -12.73
N VAL L 203 4.31 146.91 -12.35
CA VAL L 203 4.30 145.52 -12.75
C VAL L 203 3.11 145.30 -13.68
N ASP L 204 3.38 145.17 -14.98
CA ASP L 204 2.36 144.73 -15.93
C ASP L 204 2.02 143.26 -15.68
N LEU L 205 0.73 142.96 -15.81
CA LEU L 205 0.15 141.66 -15.46
C LEU L 205 -0.60 141.10 -16.66
N PRO L 206 -0.65 139.76 -16.81
CA PRO L 206 -1.48 139.17 -17.88
C PRO L 206 -2.92 139.66 -17.82
N GLY L 207 -3.45 140.12 -18.95
CA GLY L 207 -4.81 140.64 -18.99
C GLY L 207 -5.85 139.62 -18.58
N VAL L 208 -6.83 140.04 -17.77
CA VAL L 208 -7.85 139.15 -17.23
C VAL L 208 -9.00 139.05 -18.22
N ILE L 209 -9.59 137.86 -18.29
CA ILE L 209 -10.63 137.55 -19.27
C ILE L 209 -11.89 137.10 -18.54
N ASN L 210 -13.03 137.69 -18.91
CA ASN L 210 -14.31 137.16 -18.46
C ASN L 210 -14.45 135.70 -18.87
N THR L 211 -14.23 135.42 -20.16
CA THR L 211 -14.17 134.06 -20.67
C THR L 211 -13.12 133.98 -21.77
N VAL L 212 -12.57 132.78 -21.97
CA VAL L 212 -11.61 132.58 -23.05
C VAL L 212 -12.32 132.73 -24.39
N THR L 213 -11.69 133.47 -25.29
CA THR L 213 -12.11 133.43 -26.68
C THR L 213 -11.66 132.12 -27.30
N SER L 214 -12.37 131.70 -28.36
CA SER L 214 -12.14 130.37 -28.91
C SER L 214 -10.69 130.19 -29.36
N GLY L 215 -10.11 131.22 -29.98
CA GLY L 215 -8.74 131.09 -30.46
C GLY L 215 -7.75 130.87 -29.33
N MET L 216 -7.94 131.56 -28.22
CA MET L 216 -7.01 131.44 -27.10
C MET L 216 -7.16 130.09 -26.40
N ALA L 217 -6.05 129.62 -25.85
CA ALA L 217 -6.06 128.36 -25.11
C ALA L 217 -6.90 128.51 -23.85
N PRO L 218 -7.68 127.49 -23.47
CA PRO L 218 -8.46 127.59 -22.22
C PRO L 218 -7.59 127.83 -21.00
N ASP L 219 -6.41 127.21 -20.95
CA ASP L 219 -5.51 127.31 -19.81
C ASP L 219 -5.51 128.71 -19.21
N THR L 220 -5.38 129.72 -20.08
CA THR L 220 -5.11 131.07 -19.60
C THR L 220 -6.08 131.49 -18.53
N LYS L 221 -7.36 131.11 -18.64
CA LYS L 221 -8.36 131.65 -17.73
C LYS L 221 -8.01 131.30 -16.29
N GLU L 222 -7.62 130.04 -16.05
CA GLU L 222 -7.19 129.68 -14.71
C GLU L 222 -5.83 130.26 -14.40
N THR L 223 -4.91 130.24 -15.38
CA THR L 223 -3.56 130.73 -15.13
C THR L 223 -3.57 132.24 -14.87
N ILE L 224 -4.22 133.01 -15.74
CA ILE L 224 -4.09 134.47 -15.71
C ILE L 224 -4.43 134.99 -14.31
N PHE L 225 -5.59 134.57 -13.79
CA PHE L 225 -6.00 135.12 -12.50
C PHE L 225 -5.04 134.72 -11.40
N SER L 226 -4.61 133.45 -11.38
CA SER L 226 -3.70 133.03 -10.32
C SER L 226 -2.46 133.91 -10.31
N ILE L 227 -1.85 134.09 -11.49
CA ILE L 227 -0.69 134.96 -11.60
C ILE L 227 -1.00 136.33 -11.03
N SER L 228 -2.13 136.91 -11.45
CA SER L 228 -2.46 138.23 -10.96
C SER L 228 -2.53 138.23 -9.44
N LYS L 229 -3.20 137.23 -8.86
CA LYS L 229 -3.31 137.18 -7.41
C LYS L 229 -1.92 137.18 -6.78
N ALA L 230 -1.00 136.40 -7.36
CA ALA L 230 0.34 136.25 -6.80
C ALA L 230 0.96 137.60 -6.52
N TYR L 231 0.71 138.56 -7.41
CA TYR L 231 1.28 139.89 -7.31
C TYR L 231 0.33 140.87 -6.68
N MET L 232 -0.98 140.63 -6.84
CA MET L 232 -2.02 141.53 -6.36
C MET L 232 -2.15 141.48 -4.85
N GLN L 233 -1.96 140.29 -4.26
CA GLN L 233 -2.17 140.07 -2.84
C GLN L 233 -1.14 140.76 -1.96
N ASN L 234 -0.04 141.24 -2.55
CA ASN L 234 1.01 141.88 -1.78
C ASN L 234 0.40 142.92 -0.83
N PRO L 235 0.47 142.70 0.48
CA PRO L 235 -0.13 143.67 1.41
C PRO L 235 0.55 145.02 1.40
N ASN L 236 1.74 145.13 0.81
CA ASN L 236 2.50 146.37 0.76
C ASN L 236 2.46 147.03 -0.61
N ALA L 237 1.56 146.59 -1.50
CA ALA L 237 1.57 147.06 -2.89
C ALA L 237 0.31 147.87 -3.20
N ILE L 238 0.44 148.73 -4.20
CA ILE L 238 -0.69 149.48 -4.74
C ILE L 238 -1.29 148.70 -5.90
N ILE L 239 -2.61 148.69 -5.99
CA ILE L 239 -3.32 148.07 -7.10
C ILE L 239 -3.75 149.15 -8.06
N LEU L 240 -3.22 149.10 -9.29
CA LEU L 240 -3.66 150.00 -10.35
C LEU L 240 -4.58 149.22 -11.29
N CYS L 241 -5.86 149.58 -11.29
CA CYS L 241 -6.90 148.84 -12.02
C CYS L 241 -7.23 149.55 -13.33
N ILE L 242 -7.00 148.86 -14.44
CA ILE L 242 -7.20 149.40 -15.78
C ILE L 242 -8.44 148.72 -16.35
N GLN L 243 -9.51 149.48 -16.55
CA GLN L 243 -10.76 148.93 -17.05
C GLN L 243 -11.15 149.61 -18.35
N ASP L 244 -11.69 148.82 -19.29
CA ASP L 244 -12.11 149.34 -20.58
C ASP L 244 -13.43 150.07 -20.40
N GLY L 245 -13.41 151.38 -20.58
CA GLY L 245 -14.58 152.22 -20.43
C GLY L 245 -15.32 152.51 -21.71
N SER L 246 -14.95 151.89 -22.83
CA SER L 246 -15.64 152.04 -24.09
C SER L 246 -16.52 150.85 -24.42
N VAL L 247 -16.75 149.95 -23.46
CA VAL L 247 -17.55 148.75 -23.65
C VAL L 247 -18.55 148.66 -22.51
N ASP L 248 -19.54 147.78 -22.69
CA ASP L 248 -20.50 147.51 -21.63
C ASP L 248 -19.76 147.04 -20.39
N ALA L 249 -19.81 147.83 -19.32
CA ALA L 249 -19.05 147.51 -18.11
C ALA L 249 -19.49 146.20 -17.49
N GLU L 250 -20.70 145.72 -17.80
CA GLU L 250 -21.14 144.44 -17.27
C GLU L 250 -20.23 143.30 -17.72
N ARG L 251 -19.54 143.47 -18.84
CA ARG L 251 -18.67 142.44 -19.38
C ARG L 251 -17.28 142.44 -18.74
N SER L 252 -16.96 143.45 -17.95
CA SER L 252 -15.63 143.55 -17.35
C SER L 252 -15.46 142.53 -16.23
N ILE L 253 -14.21 142.15 -15.97
CA ILE L 253 -13.90 141.20 -14.91
C ILE L 253 -12.77 141.65 -14.00
N VAL L 254 -11.97 142.66 -14.35
CA VAL L 254 -10.81 143.00 -13.53
C VAL L 254 -11.25 143.48 -12.16
N THR L 255 -12.37 144.20 -12.08
CA THR L 255 -12.79 144.78 -10.80
C THR L 255 -13.12 143.72 -9.77
N ASP L 256 -13.53 142.51 -10.20
CA ASP L 256 -13.82 141.46 -9.24
C ASP L 256 -12.55 140.95 -8.59
N LEU L 257 -11.50 140.76 -9.40
CA LEU L 257 -10.21 140.36 -8.85
C LEU L 257 -9.63 141.46 -7.96
N VAL L 258 -9.81 142.72 -8.36
CA VAL L 258 -9.32 143.82 -7.52
C VAL L 258 -10.04 143.84 -6.18
N SER L 259 -11.36 143.65 -6.20
CA SER L 259 -12.11 143.60 -4.95
C SER L 259 -11.71 142.40 -4.11
N GLN L 260 -11.35 141.28 -4.74
CA GLN L 260 -10.88 140.13 -3.98
C GLN L 260 -9.54 140.42 -3.32
N MET L 261 -8.65 141.10 -4.04
CA MET L 261 -7.28 141.29 -3.57
C MET L 261 -7.17 142.48 -2.63
N ASP L 262 -8.03 143.47 -2.77
CA ASP L 262 -8.08 144.63 -1.86
C ASP L 262 -9.53 144.94 -1.58
N PRO L 263 -10.14 144.22 -0.62
CA PRO L 263 -11.56 144.45 -0.33
C PRO L 263 -11.88 145.87 0.12
N HIS L 264 -10.91 146.61 0.67
CA HIS L 264 -11.17 147.92 1.24
C HIS L 264 -10.57 149.06 0.43
N GLY L 265 -9.86 148.78 -0.66
CA GLY L 265 -9.22 149.83 -1.42
C GLY L 265 -8.13 150.54 -0.66
N ARG L 266 -7.42 149.80 0.21
CA ARG L 266 -6.38 150.41 1.04
C ARG L 266 -5.26 151.02 0.19
N ARG L 267 -4.91 150.37 -0.92
CA ARG L 267 -3.93 150.93 -1.86
C ARG L 267 -4.40 150.65 -3.30
N THR L 268 -5.65 150.95 -3.59
CA THR L 268 -6.24 150.67 -4.90
C THR L 268 -6.48 151.98 -5.66
N ILE L 269 -6.02 152.02 -6.90
CA ILE L 269 -6.24 153.15 -7.80
C ILE L 269 -6.92 152.61 -9.06
N PHE L 270 -8.05 153.22 -9.42
CA PHE L 270 -8.86 152.75 -10.54
C PHE L 270 -8.70 153.69 -11.73
N VAL L 271 -8.56 153.11 -12.92
CA VAL L 271 -8.36 153.86 -14.15
C VAL L 271 -9.27 153.27 -15.22
N LEU L 272 -9.95 154.14 -15.97
CA LEU L 272 -10.62 153.75 -17.20
C LEU L 272 -9.69 154.01 -18.38
N THR L 273 -9.85 153.21 -19.43
CA THR L 273 -9.06 153.33 -20.64
C THR L 273 -9.97 153.43 -21.86
N LYS L 274 -9.35 153.71 -23.01
CA LYS L 274 -10.07 153.88 -24.26
C LYS L 274 -11.12 154.98 -24.14
N VAL L 275 -10.77 156.05 -23.42
CA VAL L 275 -11.72 157.12 -23.20
C VAL L 275 -12.06 157.83 -24.49
N ASP L 276 -11.06 158.06 -25.35
CA ASP L 276 -11.34 158.69 -26.65
C ASP L 276 -12.29 157.82 -27.47
N LEU L 277 -12.07 156.51 -27.47
CA LEU L 277 -13.04 155.60 -28.08
C LEU L 277 -14.36 155.64 -27.32
N ALA L 278 -14.29 155.79 -26.00
CA ALA L 278 -15.50 155.82 -25.18
C ALA L 278 -16.40 157.02 -25.51
N GLU L 279 -15.84 158.09 -26.10
CA GLU L 279 -16.67 159.26 -26.40
C GLU L 279 -17.85 158.88 -27.29
N LYS L 280 -17.60 158.08 -28.33
CA LYS L 280 -18.66 157.56 -29.18
C LYS L 280 -19.19 156.21 -28.70
N ASN L 281 -18.50 155.56 -27.77
CA ASN L 281 -18.85 154.24 -27.27
C ASN L 281 -18.80 154.21 -25.75
N VAL L 282 -19.32 155.26 -25.10
CA VAL L 282 -19.22 155.37 -23.65
C VAL L 282 -19.92 154.19 -22.99
N ALA L 283 -19.29 153.64 -21.95
CA ALA L 283 -19.94 152.64 -21.12
C ALA L 283 -21.12 153.27 -20.40
N SER L 284 -22.27 152.60 -20.43
CA SER L 284 -23.49 153.20 -19.93
C SER L 284 -23.34 153.57 -18.46
N PRO L 285 -23.97 154.66 -18.02
CA PRO L 285 -23.86 155.04 -16.59
C PRO L 285 -24.24 153.92 -15.65
N SER L 286 -25.27 153.14 -15.99
CA SER L 286 -25.88 152.22 -15.05
C SER L 286 -24.94 151.12 -14.60
N ARG L 287 -23.83 150.94 -15.30
CA ARG L 287 -22.85 149.91 -14.94
C ARG L 287 -21.47 150.51 -14.64
N ILE L 288 -21.09 151.57 -15.34
CA ILE L 288 -19.75 152.12 -15.18
C ILE L 288 -19.70 153.06 -13.98
N GLN L 289 -20.75 153.87 -13.76
CA GLN L 289 -20.71 154.78 -12.63
C GLN L 289 -20.79 154.04 -11.30
N GLN L 290 -21.47 152.90 -11.28
CA GLN L 290 -21.48 152.06 -10.08
C GLN L 290 -20.13 151.41 -9.81
N ILE L 291 -19.29 151.30 -10.84
CA ILE L 291 -17.90 150.87 -10.65
C ILE L 291 -17.05 152.04 -10.14
N ILE L 292 -17.23 153.21 -10.74
CA ILE L 292 -16.49 154.40 -10.33
C ILE L 292 -16.81 154.74 -8.89
N GLU L 293 -18.06 154.54 -8.49
CA GLU L 293 -18.50 154.83 -7.13
C GLU L 293 -18.30 153.66 -6.18
N GLY L 294 -17.77 152.53 -6.67
CA GLY L 294 -17.54 151.38 -5.82
C GLY L 294 -18.81 150.72 -5.33
N LYS L 295 -19.87 150.71 -6.15
CA LYS L 295 -21.16 150.14 -5.76
C LYS L 295 -21.50 148.87 -6.50
N LEU L 296 -21.15 148.76 -7.78
CA LEU L 296 -21.38 147.51 -8.50
C LEU L 296 -20.44 146.42 -8.01
N PHE L 297 -19.24 146.81 -7.58
CA PHE L 297 -18.24 145.90 -7.06
C PHE L 297 -17.76 146.38 -5.70
N PRO L 298 -17.36 145.46 -4.81
CA PRO L 298 -16.83 145.90 -3.50
C PRO L 298 -15.58 146.77 -3.61
N MET L 299 -14.95 146.81 -4.78
CA MET L 299 -13.71 147.56 -4.96
C MET L 299 -13.90 149.01 -4.53
N LYS L 300 -13.13 149.43 -3.53
CA LYS L 300 -12.92 150.83 -3.22
C LYS L 300 -11.55 151.25 -3.73
N ALA L 301 -11.34 152.56 -3.82
CA ALA L 301 -10.13 153.06 -4.44
C ALA L 301 -9.70 154.36 -3.78
N LEU L 302 -8.41 154.69 -3.96
CA LEU L 302 -7.89 155.99 -3.58
C LEU L 302 -8.35 157.10 -4.52
N GLY L 303 -8.99 156.72 -5.61
CA GLY L 303 -9.49 157.65 -6.61
C GLY L 303 -9.75 156.91 -7.90
N TYR L 304 -10.73 157.41 -8.64
CA TYR L 304 -11.18 156.76 -9.86
C TYR L 304 -10.76 157.61 -11.04
N PHE L 305 -9.80 157.09 -11.81
CA PHE L 305 -9.08 157.84 -12.81
C PHE L 305 -9.48 157.35 -14.20
N ALA L 306 -8.95 158.02 -15.22
CA ALA L 306 -9.12 157.56 -16.59
C ALA L 306 -8.02 158.15 -17.46
N VAL L 307 -7.51 157.33 -18.37
CA VAL L 307 -6.52 157.75 -19.35
C VAL L 307 -6.92 157.18 -20.70
N VAL L 308 -6.40 157.79 -21.77
CA VAL L 308 -6.67 157.33 -23.12
C VAL L 308 -5.52 156.45 -23.56
N THR L 309 -5.83 155.40 -24.30
CA THR L 309 -4.84 154.44 -24.76
C THR L 309 -4.64 154.47 -26.26
N GLY L 310 -5.32 155.36 -26.97
CA GLY L 310 -5.28 155.44 -28.41
C GLY L 310 -6.65 155.16 -29.01
N LYS L 311 -6.67 155.01 -30.34
CA LYS L 311 -7.86 154.63 -31.08
C LYS L 311 -7.79 153.19 -31.59
N GLY L 312 -6.96 152.36 -30.96
CA GLY L 312 -6.77 150.99 -31.40
C GLY L 312 -5.57 150.79 -32.30
N ASN L 313 -5.00 151.87 -32.82
CA ASN L 313 -3.76 151.77 -33.59
C ASN L 313 -2.61 151.48 -32.65
N SER L 314 -1.70 150.60 -33.08
CA SER L 314 -0.64 150.12 -32.22
C SER L 314 0.62 150.98 -32.28
N SER L 315 0.77 151.80 -33.30
CA SER L 315 1.97 152.60 -33.50
C SER L 315 1.86 154.00 -32.91
N GLU L 316 0.74 154.34 -32.27
CA GLU L 316 0.55 155.69 -31.76
C GLU L 316 1.64 156.07 -30.77
N SER L 317 2.12 157.30 -30.89
CA SER L 317 3.18 157.81 -30.03
C SER L 317 2.61 158.24 -28.66
N ILE L 318 3.52 158.52 -27.74
CA ILE L 318 3.13 158.97 -26.40
C ILE L 318 2.44 160.34 -26.48
N GLU L 319 3.05 161.28 -27.20
CA GLU L 319 2.53 162.64 -27.27
C GLU L 319 1.15 162.67 -27.92
N ALA L 320 0.96 161.94 -29.01
CA ALA L 320 -0.34 161.88 -29.65
C ALA L 320 -1.41 161.43 -28.66
N ILE L 321 -1.16 160.31 -27.98
CA ILE L 321 -2.15 159.76 -27.06
C ILE L 321 -2.49 160.77 -25.97
N ARG L 322 -1.47 161.43 -25.42
CA ARG L 322 -1.72 162.42 -24.38
C ARG L 322 -2.56 163.59 -24.91
N GLU L 323 -2.28 164.04 -26.13
CA GLU L 323 -3.08 165.11 -26.72
C GLU L 323 -4.53 164.66 -26.86
N TYR L 324 -4.74 163.43 -27.33
CA TYR L 324 -6.11 162.96 -27.52
C TYR L 324 -6.80 162.89 -26.16
N GLU L 325 -6.04 162.49 -25.13
CA GLU L 325 -6.55 162.46 -23.75
C GLU L 325 -7.07 163.82 -23.33
N GLU L 326 -6.29 164.87 -23.60
CA GLU L 326 -6.67 166.20 -23.19
C GLU L 326 -7.95 166.64 -23.90
N GLU L 327 -8.03 166.40 -25.22
CA GLU L 327 -9.25 166.75 -25.94
C GLU L 327 -10.45 166.02 -25.37
N PHE L 328 -10.33 164.70 -25.17
CA PHE L 328 -11.45 163.93 -24.65
C PHE L 328 -11.92 164.48 -23.32
N PHE L 329 -11.01 164.63 -22.35
CA PHE L 329 -11.43 165.03 -21.02
C PHE L 329 -11.90 166.48 -20.98
N GLN L 330 -11.50 167.33 -21.93
CA GLN L 330 -12.13 168.63 -22.02
C GLN L 330 -13.57 168.52 -22.51
N ASN L 331 -13.87 167.60 -23.44
CA ASN L 331 -15.17 167.66 -24.11
C ASN L 331 -16.15 166.55 -23.77
N SER L 332 -15.74 165.48 -23.08
CA SER L 332 -16.52 164.25 -23.10
C SER L 332 -17.26 163.99 -21.78
N LYS L 333 -17.99 162.86 -21.78
CA LYS L 333 -18.98 162.57 -20.74
C LYS L 333 -18.35 162.20 -19.41
N LEU L 334 -17.11 161.68 -19.42
CA LEU L 334 -16.53 161.18 -18.17
C LEU L 334 -16.51 162.25 -17.09
N LEU L 335 -16.43 163.53 -17.47
CA LEU L 335 -16.48 164.62 -16.51
C LEU L 335 -17.77 165.41 -16.53
N LYS L 336 -18.37 165.63 -17.70
CA LYS L 336 -19.54 166.51 -17.76
C LYS L 336 -20.70 165.98 -16.93
N THR L 337 -20.79 164.66 -16.77
CA THR L 337 -21.82 164.03 -15.96
C THR L 337 -21.31 163.59 -14.60
N SER L 338 -20.09 163.99 -14.24
CA SER L 338 -19.57 163.82 -12.88
C SER L 338 -19.54 162.36 -12.45
N MET L 339 -18.85 161.53 -13.23
CA MET L 339 -18.48 160.20 -12.76
C MET L 339 -17.07 160.22 -12.17
N LEU L 340 -16.10 160.65 -12.98
CA LEU L 340 -14.71 160.74 -12.58
C LEU L 340 -14.41 162.15 -12.09
N LYS L 341 -13.35 162.27 -11.31
CA LYS L 341 -12.96 163.55 -10.74
C LYS L 341 -11.96 164.24 -11.67
N ALA L 342 -12.12 165.56 -11.82
CA ALA L 342 -11.31 166.29 -12.77
C ALA L 342 -9.82 166.20 -12.44
N HIS L 343 -9.49 166.19 -11.16
CA HIS L 343 -8.09 166.08 -10.74
C HIS L 343 -7.56 164.66 -10.83
N GLN L 344 -8.40 163.70 -11.25
CA GLN L 344 -8.00 162.30 -11.35
C GLN L 344 -8.02 161.79 -12.78
N VAL L 345 -8.01 162.67 -13.78
CA VAL L 345 -8.01 162.24 -15.17
C VAL L 345 -6.76 162.78 -15.86
N THR L 346 -6.44 162.18 -17.01
CA THR L 346 -5.26 162.51 -17.80
C THR L 346 -4.04 161.79 -17.25
N THR L 347 -3.01 161.62 -18.08
CA THR L 347 -1.87 160.80 -17.71
C THR L 347 -1.12 161.38 -16.51
N ARG L 348 -0.91 162.71 -16.50
CA ARG L 348 -0.05 163.30 -15.48
C ARG L 348 -0.64 163.12 -14.09
N ASN L 349 -1.95 163.28 -13.95
CA ASN L 349 -2.56 163.18 -12.62
C ASN L 349 -2.47 161.75 -12.09
N LEU L 350 -2.73 160.76 -12.96
CA LEU L 350 -2.61 159.37 -12.54
C LEU L 350 -1.17 159.05 -12.16
N SER L 351 -0.21 159.48 -12.98
CA SER L 351 1.19 159.20 -12.68
C SER L 351 1.62 159.81 -11.36
N LEU L 352 1.22 161.07 -11.12
CA LEU L 352 1.62 161.73 -9.88
C LEU L 352 0.95 161.09 -8.66
N ALA L 353 -0.34 160.74 -8.78
CA ALA L 353 -1.01 160.08 -7.66
C ALA L 353 -0.34 158.75 -7.34
N VAL L 354 -0.02 157.96 -8.38
CA VAL L 354 0.62 156.67 -8.15
C VAL L 354 1.99 156.84 -7.52
N SER L 355 2.79 157.80 -8.00
CA SER L 355 4.12 157.99 -7.44
C SER L 355 4.05 158.42 -5.99
N ASP L 356 3.14 159.33 -5.66
CA ASP L 356 3.07 159.83 -4.29
C ASP L 356 2.63 158.72 -3.35
N CYS L 357 1.54 158.03 -3.69
CA CYS L 357 1.06 156.94 -2.84
C CYS L 357 2.11 155.86 -2.74
N PHE L 358 2.75 155.53 -3.88
CA PHE L 358 3.75 154.49 -3.88
C PHE L 358 4.91 154.82 -2.96
N TRP L 359 5.48 156.02 -3.10
CA TRP L 359 6.69 156.28 -2.35
C TRP L 359 6.39 156.52 -0.87
N LYS L 360 5.22 157.05 -0.52
CA LYS L 360 4.87 157.08 0.90
C LYS L 360 4.74 155.68 1.46
N MET L 361 4.04 154.80 0.74
CA MET L 361 3.94 153.41 1.16
C MET L 361 5.32 152.77 1.27
N VAL L 362 6.22 153.12 0.36
CA VAL L 362 7.58 152.61 0.41
C VAL L 362 8.30 153.07 1.68
N ARG L 363 8.27 154.38 1.95
CA ARG L 363 8.95 154.86 3.15
C ARG L 363 8.40 154.20 4.40
N GLU L 364 7.10 153.94 4.44
CA GLU L 364 6.52 153.34 5.64
C GLU L 364 6.81 151.84 5.76
N SER L 365 6.77 151.11 4.64
CA SER L 365 6.84 149.66 4.70
C SER L 365 8.25 149.11 4.50
N VAL L 366 9.09 149.77 3.72
CA VAL L 366 10.40 149.20 3.42
C VAL L 366 11.31 149.28 4.63
N GLU L 367 11.22 150.34 5.44
CA GLU L 367 12.06 150.39 6.63
C GLU L 367 11.70 149.26 7.60
N GLN L 368 10.40 149.03 7.83
CA GLN L 368 10.01 147.94 8.71
C GLN L 368 10.46 146.60 8.13
N GLN L 369 10.26 146.41 6.82
CA GLN L 369 10.62 145.12 6.24
C GLN L 369 12.13 144.98 6.07
N ALA L 370 12.87 146.09 6.08
CA ALA L 370 14.33 146.02 6.01
C ALA L 370 14.91 145.65 7.36
N ASP L 371 14.36 146.20 8.43
CA ASP L 371 14.69 145.67 9.75
C ASP L 371 14.33 144.20 9.83
N SER L 372 13.17 143.85 9.26
CA SER L 372 12.76 142.45 9.22
C SER L 372 13.67 141.61 8.33
N PHE L 373 14.32 142.21 7.34
CA PHE L 373 15.25 141.46 6.48
C PHE L 373 16.62 141.30 7.13
N LYS L 374 17.03 142.26 7.96
CA LYS L 374 18.15 141.99 8.85
C LYS L 374 17.80 140.82 9.74
N ALA L 375 16.60 140.84 10.31
CA ALA L 375 16.10 139.72 11.09
C ALA L 375 16.09 138.45 10.25
N THR L 376 15.73 138.57 8.97
CA THR L 376 15.63 137.40 8.10
C THR L 376 17.00 136.77 7.87
N ARG L 377 18.03 137.59 7.66
CA ARG L 377 19.36 137.03 7.48
C ARG L 377 19.88 136.39 8.77
N PHE L 378 19.62 137.03 9.92
CA PHE L 378 19.97 136.34 11.18
C PHE L 378 19.16 135.07 11.35
N ASN L 379 17.90 135.07 10.89
CA ASN L 379 17.05 133.88 11.01
C ASN L 379 17.60 132.74 10.18
N LEU L 380 18.04 133.05 8.96
CA LEU L 380 18.70 132.04 8.14
C LEU L 380 19.99 131.56 8.79
N GLU L 381 20.71 132.48 9.45
CA GLU L 381 21.91 132.06 10.18
C GLU L 381 21.56 131.06 11.27
N THR L 382 20.47 131.33 11.99
CA THR L 382 20.04 130.50 13.11
C THR L 382 19.88 129.06 12.68
N GLU L 383 18.99 128.81 11.72
CA GLU L 383 18.76 127.45 11.24
C GLU L 383 19.99 126.87 10.56
N TRP L 384 20.63 127.65 9.68
CA TRP L 384 21.71 127.11 8.88
C TRP L 384 22.87 126.61 9.74
N LYS L 385 23.29 127.40 10.73
CA LYS L 385 24.43 127.00 11.54
C LYS L 385 24.12 125.72 12.31
N ASN L 386 22.90 125.59 12.80
CA ASN L 386 22.51 124.33 13.43
C ASN L 386 22.57 123.17 12.44
N ASN L 387 22.10 123.40 11.20
CA ASN L 387 22.10 122.34 10.21
C ASN L 387 23.51 121.90 9.84
N TYR L 388 24.40 122.86 9.56
CA TYR L 388 25.75 122.58 9.08
C TYR L 388 26.73 123.44 9.84
N PRO L 389 26.95 123.14 11.13
CA PRO L 389 27.94 123.92 11.89
C PRO L 389 29.36 123.79 11.34
N ARG L 390 29.75 122.57 10.95
CA ARG L 390 31.10 122.37 10.46
C ARG L 390 31.31 123.02 9.09
N LEU L 391 30.30 122.93 8.21
CA LEU L 391 30.44 123.35 6.82
C LEU L 391 29.39 124.41 6.52
N ARG L 392 29.81 125.47 5.82
CA ARG L 392 28.93 126.59 5.49
C ARG L 392 28.75 126.70 3.97
N GLU L 393 27.52 127.04 3.58
CA GLU L 393 27.14 127.26 2.19
C GLU L 393 27.76 126.26 1.22
N LEU L 394 27.52 124.97 1.49
CA LEU L 394 27.88 123.92 0.55
C LEU L 394 26.89 123.72 -0.58
N ASP L 395 27.40 123.48 -1.78
CA ASP L 395 26.61 123.27 -2.98
C ASP L 395 26.71 121.90 -3.62
N ARG L 396 25.66 121.49 -4.34
CA ARG L 396 25.54 120.10 -4.76
C ARG L 396 26.59 119.84 -5.85
N ASN L 397 26.91 120.85 -6.67
CA ASN L 397 27.96 120.66 -7.67
C ASN L 397 29.33 120.45 -7.06
N GLU L 398 29.64 121.22 -6.00
CA GLU L 398 30.87 121.02 -5.24
C GLU L 398 30.89 119.62 -4.66
N LEU L 399 29.75 119.18 -4.12
CA LEU L 399 29.65 117.84 -3.55
C LEU L 399 29.90 116.78 -4.60
N PHE L 400 29.38 116.99 -5.82
CA PHE L 400 29.60 116.04 -6.90
C PHE L 400 31.07 115.95 -7.25
N GLU L 401 31.74 117.10 -7.35
CA GLU L 401 33.17 117.06 -7.67
C GLU L 401 33.95 116.32 -6.61
N LYS L 402 33.62 116.58 -5.34
CA LYS L 402 34.29 115.88 -4.24
C LYS L 402 34.05 114.38 -4.32
N ALA L 403 32.80 113.98 -4.60
CA ALA L 403 32.48 112.57 -4.70
C ALA L 403 33.20 111.92 -5.88
N LYS L 404 33.30 112.64 -7.00
CA LYS L 404 34.02 112.12 -8.15
C LYS L 404 35.47 111.84 -7.79
N ASN L 405 36.11 112.80 -7.12
CA ASN L 405 37.50 112.58 -6.72
C ASN L 405 37.62 111.38 -5.79
N GLU L 406 36.72 111.28 -4.80
CA GLU L 406 36.80 110.17 -3.85
C GLU L 406 36.58 108.83 -4.55
N ILE L 407 35.63 108.78 -5.49
CA ILE L 407 35.32 107.52 -6.15
C ILE L 407 36.45 107.07 -7.06
N LEU L 408 37.05 108.01 -7.79
CA LEU L 408 38.18 107.64 -8.63
C LEU L 408 39.36 107.20 -7.77
N ASP L 409 39.54 107.86 -6.63
CA ASP L 409 40.57 107.43 -5.67
C ASP L 409 40.28 106.03 -5.16
N GLU L 410 39.00 105.70 -4.94
CA GLU L 410 38.64 104.36 -4.50
C GLU L 410 38.97 103.33 -5.57
N VAL L 411 38.77 103.67 -6.85
CA VAL L 411 39.20 102.76 -7.91
C VAL L 411 40.70 102.55 -7.84
N ILE L 412 41.46 103.64 -7.66
CA ILE L 412 42.91 103.51 -7.57
C ILE L 412 43.29 102.63 -6.38
N SER L 413 42.58 102.79 -5.26
CA SER L 413 42.83 101.95 -4.09
C SER L 413 42.53 100.49 -4.41
N LEU L 414 41.49 100.25 -5.20
CA LEU L 414 41.22 98.89 -5.66
C LEU L 414 42.41 98.33 -6.42
N SER L 415 43.07 99.15 -7.26
CA SER L 415 44.32 98.73 -7.96
C SER L 415 45.35 98.36 -6.89
N GLN L 416 45.34 99.04 -5.72
CA GLN L 416 46.32 98.82 -4.67
C GLN L 416 46.08 97.53 -3.90
N VAL L 417 44.93 96.88 -4.08
CA VAL L 417 44.70 95.61 -3.40
C VAL L 417 45.80 94.63 -3.77
N THR L 418 46.31 93.92 -2.77
CA THR L 418 47.45 93.05 -3.00
C THR L 418 47.07 91.94 -3.96
N PRO L 419 47.98 91.53 -4.85
CA PRO L 419 47.64 90.46 -5.79
C PRO L 419 47.19 89.18 -5.10
N LYS L 420 47.81 88.85 -3.97
CA LYS L 420 47.44 87.62 -3.26
C LYS L 420 45.99 87.68 -2.80
N HIS L 421 45.50 88.86 -2.45
CA HIS L 421 44.10 88.97 -2.04
C HIS L 421 43.17 88.57 -3.17
N TRP L 422 43.42 89.12 -4.37
CA TRP L 422 42.60 88.77 -5.52
C TRP L 422 42.71 87.29 -5.84
N GLU L 423 43.93 86.77 -5.83
CA GLU L 423 44.15 85.36 -6.17
C GLU L 423 43.48 84.45 -5.16
N GLU L 424 43.53 84.80 -3.88
CA GLU L 424 42.89 84.00 -2.85
C GLU L 424 41.39 83.95 -3.06
N ILE L 425 40.75 85.11 -3.29
CA ILE L 425 39.31 85.12 -3.53
C ILE L 425 38.98 84.26 -4.75
N LEU L 426 39.74 84.46 -5.83
CA LEU L 426 39.44 83.75 -7.07
C LEU L 426 39.60 82.25 -6.90
N GLN L 427 40.68 81.81 -6.26
CA GLN L 427 40.91 80.37 -6.11
C GLN L 427 39.89 79.73 -5.19
N GLN L 428 39.56 80.39 -4.07
CA GLN L 428 38.60 79.80 -3.15
C GLN L 428 37.25 79.65 -3.85
N SER L 429 36.80 80.69 -4.55
CA SER L 429 35.55 80.60 -5.28
C SER L 429 35.62 79.52 -6.35
N LEU L 430 36.76 79.44 -7.06
CA LEU L 430 36.90 78.46 -8.13
C LEU L 430 36.81 77.04 -7.59
N TRP L 431 37.46 76.78 -6.45
CA TRP L 431 37.41 75.45 -5.86
C TRP L 431 36.02 75.12 -5.34
N GLU L 432 35.30 76.10 -4.81
CA GLU L 432 33.92 75.83 -4.40
C GLU L 432 33.07 75.38 -5.57
N ARG L 433 33.45 75.75 -6.79
CA ARG L 433 32.62 75.52 -7.96
C ARG L 433 32.81 74.13 -8.57
N VAL L 434 33.81 73.37 -8.14
CA VAL L 434 34.18 72.14 -8.85
C VAL L 434 34.36 70.96 -7.92
N SER L 435 34.68 71.21 -6.64
CA SER L 435 35.09 70.12 -5.76
C SER L 435 34.00 69.06 -5.65
N THR L 436 32.75 69.49 -5.50
CA THR L 436 31.65 68.53 -5.47
C THR L 436 31.61 67.73 -6.77
N HIS L 437 31.81 68.40 -7.90
CA HIS L 437 31.89 67.69 -9.18
C HIS L 437 33.15 66.85 -9.25
N VAL L 438 34.25 67.31 -8.66
CA VAL L 438 35.48 66.52 -8.68
C VAL L 438 35.24 65.16 -8.06
N ILE L 439 34.58 65.11 -6.91
CA ILE L 439 34.37 63.82 -6.26
C ILE L 439 33.20 63.07 -6.90
N GLU L 440 32.09 63.75 -7.15
CA GLU L 440 30.89 63.07 -7.61
C GLU L 440 31.08 62.48 -9.01
N ASN L 441 31.73 63.21 -9.91
CA ASN L 441 31.82 62.81 -11.30
C ASN L 441 33.11 62.09 -11.65
N ILE L 442 34.21 62.38 -10.96
CA ILE L 442 35.50 61.77 -11.23
C ILE L 442 35.88 60.76 -10.15
N TYR L 443 36.03 61.21 -8.91
CA TYR L 443 36.70 60.39 -7.91
C TYR L 443 35.92 59.12 -7.64
N LEU L 444 34.61 59.24 -7.40
CA LEU L 444 33.81 58.07 -7.05
C LEU L 444 33.86 57.00 -8.13
N PRO L 445 33.53 57.30 -9.40
CA PRO L 445 33.63 56.26 -10.43
C PRO L 445 35.06 55.87 -10.75
N ALA L 446 36.01 56.79 -10.64
CA ALA L 446 37.39 56.47 -11.00
C ALA L 446 38.02 55.53 -9.98
N ALA L 447 37.80 55.80 -8.68
CA ALA L 447 38.45 55.05 -7.62
C ALA L 447 37.89 53.66 -7.44
N GLN L 448 36.78 53.32 -8.08
CA GLN L 448 36.18 52.00 -7.96
C GLN L 448 36.72 51.00 -8.98
N THR L 449 37.66 51.40 -9.82
CA THR L 449 38.13 50.52 -10.87
C THR L 449 39.12 49.49 -10.32
N MET L 450 39.27 48.40 -11.06
CA MET L 450 40.32 47.41 -10.84
C MET L 450 41.54 47.67 -11.70
N ASN L 451 41.53 48.77 -12.46
CA ASN L 451 42.61 49.11 -13.37
C ASN L 451 42.79 50.62 -13.33
N SER L 452 43.90 51.08 -12.77
CA SER L 452 44.11 52.51 -12.59
C SER L 452 44.11 53.27 -13.91
N GLY L 453 44.33 52.58 -15.03
CA GLY L 453 44.19 53.23 -16.32
C GLY L 453 42.78 53.75 -16.57
N THR L 454 41.77 53.01 -16.12
CA THR L 454 40.39 53.47 -16.25
C THR L 454 40.04 54.53 -15.21
N PHE L 455 40.68 54.48 -14.04
CA PHE L 455 40.62 55.59 -13.12
C PHE L 455 41.07 56.88 -13.80
N ASN L 456 42.26 56.86 -14.41
CA ASN L 456 42.77 58.05 -15.06
C ASN L 456 41.97 58.39 -16.30
N THR L 457 41.39 57.40 -16.97
CA THR L 457 40.55 57.68 -18.13
C THR L 457 39.29 58.43 -17.72
N THR L 458 38.64 58.00 -16.63
CA THR L 458 37.50 58.75 -16.11
C THR L 458 37.92 60.17 -15.74
N VAL L 459 39.05 60.28 -15.04
CA VAL L 459 39.61 61.60 -14.74
C VAL L 459 39.68 62.45 -15.99
N ASP L 460 40.34 61.94 -17.02
CA ASP L 460 40.62 62.75 -18.20
C ASP L 460 39.36 63.07 -18.98
N ILE L 461 38.41 62.14 -19.04
CA ILE L 461 37.15 62.42 -19.72
C ILE L 461 36.48 63.62 -19.07
N LYS L 462 36.29 63.57 -17.75
CA LYS L 462 35.57 64.64 -17.09
C LYS L 462 36.35 65.94 -17.15
N LEU L 463 37.66 65.88 -16.90
CA LEU L 463 38.46 67.10 -16.87
C LEU L 463 38.51 67.75 -18.25
N LYS L 464 38.67 66.96 -19.31
CA LYS L 464 38.76 67.53 -20.64
C LYS L 464 37.43 68.14 -21.05
N GLN L 465 36.31 67.48 -20.74
CA GLN L 465 35.02 68.07 -21.06
C GLN L 465 34.84 69.39 -20.32
N TRP L 466 35.15 69.42 -19.02
CA TRP L 466 34.97 70.63 -18.24
C TRP L 466 35.87 71.75 -18.76
N THR L 467 37.14 71.43 -19.05
CA THR L 467 38.07 72.44 -19.53
C THR L 467 37.61 73.00 -20.86
N ASP L 468 37.14 72.14 -21.75
CA ASP L 468 36.75 72.59 -23.08
C ASP L 468 35.51 73.47 -23.02
N LYS L 469 34.52 73.10 -22.21
CA LYS L 469 33.23 73.76 -22.26
C LYS L 469 32.80 74.45 -20.97
N GLN L 470 33.45 74.19 -19.84
CA GLN L 470 33.00 74.76 -18.57
C GLN L 470 33.99 75.71 -17.93
N LEU L 471 35.22 75.26 -17.68
CA LEU L 471 36.11 76.02 -16.80
C LEU L 471 36.34 77.44 -17.27
N PRO L 472 36.61 77.71 -18.56
CA PRO L 472 36.79 79.11 -18.99
C PRO L 472 35.53 79.95 -18.85
N ASN L 473 34.37 79.34 -18.62
CA ASN L 473 33.13 80.07 -18.40
C ASN L 473 32.86 80.33 -16.92
N LYS L 474 33.24 79.38 -16.05
CA LYS L 474 33.10 79.60 -14.62
C LYS L 474 34.13 80.60 -14.12
N ALA L 475 35.35 80.55 -14.66
CA ALA L 475 36.43 81.39 -14.15
C ALA L 475 36.11 82.87 -14.39
N VAL L 476 35.56 83.20 -15.55
CA VAL L 476 35.27 84.60 -15.84
C VAL L 476 34.13 85.09 -14.97
N GLU L 477 33.14 84.24 -14.71
CA GLU L 477 32.08 84.62 -13.78
C GLU L 477 32.67 84.93 -12.41
N VAL L 478 33.53 84.04 -11.92
CA VAL L 478 34.12 84.24 -10.60
C VAL L 478 34.89 85.55 -10.57
N ALA L 479 35.70 85.81 -11.60
CA ALA L 479 36.57 86.97 -11.56
C ALA L 479 35.80 88.28 -11.68
N TRP L 480 34.84 88.34 -12.59
CA TRP L 480 34.14 89.62 -12.78
C TRP L 480 33.19 89.89 -11.61
N GLU L 481 32.58 88.84 -11.06
CA GLU L 481 31.82 89.01 -9.83
C GLU L 481 32.72 89.46 -8.69
N THR L 482 33.92 88.90 -8.59
CA THR L 482 34.84 89.29 -7.53
C THR L 482 35.24 90.76 -7.65
N LEU L 483 35.54 91.20 -8.87
CA LEU L 483 35.89 92.60 -9.06
C LEU L 483 34.71 93.50 -8.72
N GLN L 484 33.50 93.12 -9.16
CA GLN L 484 32.33 93.92 -8.83
C GLN L 484 32.13 94.00 -7.32
N GLU L 485 32.30 92.88 -6.62
CA GLU L 485 32.05 92.86 -5.20
C GLU L 485 33.08 93.66 -4.42
N GLU L 486 34.36 93.50 -4.75
CA GLU L 486 35.39 94.28 -4.06
C GLU L 486 35.29 95.76 -4.39
N PHE L 487 34.94 96.07 -5.64
CA PHE L 487 34.67 97.45 -6.04
C PHE L 487 33.55 98.04 -5.18
N SER L 488 32.49 97.27 -4.97
CA SER L 488 31.41 97.72 -4.08
C SER L 488 31.92 97.93 -2.66
N ARG L 489 32.74 96.99 -2.15
CA ARG L 489 33.14 97.05 -0.75
C ARG L 489 34.06 98.23 -0.46
N PHE L 490 35.03 98.49 -1.34
CA PHE L 490 35.89 99.65 -1.13
C PHE L 490 35.09 100.95 -1.07
N MET L 491 33.97 101.00 -1.79
CA MET L 491 33.18 102.22 -1.91
C MET L 491 32.16 102.39 -0.79
N THR L 492 31.96 101.38 0.06
CA THR L 492 30.85 101.45 1.01
C THR L 492 31.24 101.11 2.45
N GLU L 493 32.23 100.25 2.65
CA GLU L 493 32.51 99.77 4.00
C GLU L 493 33.29 100.82 4.78
N PRO L 494 32.79 101.27 5.93
CA PRO L 494 33.52 102.30 6.68
C PRO L 494 34.82 101.77 7.27
N LYS L 495 35.83 102.63 7.30
CA LYS L 495 37.10 102.32 7.96
C LYS L 495 37.06 102.85 9.40
N GLY L 496 36.13 102.30 10.16
CA GLY L 496 35.95 102.72 11.54
C GLY L 496 35.19 104.02 11.67
N LYS L 497 35.37 104.65 12.84
CA LYS L 497 34.60 105.85 13.18
C LYS L 497 34.95 107.05 12.29
N GLU L 498 36.05 106.99 11.55
CA GLU L 498 36.47 108.13 10.73
C GLU L 498 35.78 108.18 9.37
N HIS L 499 34.92 107.22 9.06
CA HIS L 499 34.26 107.19 7.75
C HIS L 499 33.32 108.39 7.58
N ASP L 500 33.33 108.97 6.39
CA ASP L 500 32.41 110.03 5.99
C ASP L 500 31.50 109.48 4.89
N ASP L 501 30.20 109.40 5.18
CA ASP L 501 29.23 108.81 4.28
C ASP L 501 28.56 109.83 3.37
N ILE L 502 29.06 111.08 3.33
CA ILE L 502 28.40 112.13 2.57
C ILE L 502 28.23 111.74 1.11
N PHE L 503 29.25 111.10 0.53
CA PHE L 503 29.25 110.73 -0.88
C PHE L 503 28.84 109.28 -1.12
N ASP L 504 28.29 108.60 -0.11
CA ASP L 504 27.92 107.20 -0.30
C ASP L 504 26.84 107.05 -1.35
N LYS L 505 25.86 107.97 -1.37
CA LYS L 505 24.84 107.92 -2.41
C LYS L 505 25.47 108.03 -3.79
N LEU L 506 26.39 108.98 -3.96
CA LEU L 506 27.04 109.17 -5.25
C LEU L 506 27.91 107.97 -5.60
N LYS L 507 28.58 107.38 -4.61
CA LYS L 507 29.34 106.17 -4.86
C LYS L 507 28.45 105.05 -5.38
N GLU L 508 27.32 104.83 -4.72
CA GLU L 508 26.42 103.76 -5.13
C GLU L 508 25.87 104.04 -6.53
N ALA L 509 25.54 105.29 -6.82
CA ALA L 509 25.05 105.64 -8.15
C ALA L 509 26.11 105.39 -9.22
N VAL L 510 27.37 105.75 -8.94
CA VAL L 510 28.45 105.50 -9.89
C VAL L 510 28.64 104.01 -10.12
N LYS L 511 28.52 103.21 -9.05
CA LYS L 511 28.90 101.80 -9.10
C LYS L 511 28.17 101.06 -10.21
N GLU L 512 26.84 101.15 -10.23
CA GLU L 512 26.06 100.34 -11.16
C GLU L 512 26.31 100.76 -12.60
N GLU L 513 26.34 102.07 -12.86
CA GLU L 513 26.59 102.55 -14.22
C GLU L 513 27.98 102.14 -14.69
N SER L 514 28.98 102.26 -13.83
CA SER L 514 30.34 101.91 -14.22
C SER L 514 30.44 100.42 -14.53
N ILE L 515 29.86 99.58 -13.67
CA ILE L 515 29.93 98.15 -13.90
C ILE L 515 29.21 97.79 -15.21
N LYS L 516 28.03 98.35 -15.43
CA LYS L 516 27.28 98.04 -16.64
C LYS L 516 28.05 98.45 -17.88
N ARG L 517 28.59 99.67 -17.89
CA ARG L 517 29.35 100.11 -19.05
C ARG L 517 30.61 99.27 -19.22
N HIS L 518 31.27 98.92 -18.12
CA HIS L 518 32.49 98.14 -18.21
C HIS L 518 32.17 96.67 -18.45
N LYS L 519 33.07 95.99 -19.17
CA LYS L 519 32.98 94.56 -19.39
C LYS L 519 34.31 93.91 -19.09
N TRP L 520 34.25 92.63 -18.73
CA TRP L 520 35.44 91.80 -18.68
C TRP L 520 35.78 91.39 -20.11
N ASN L 521 37.08 91.40 -20.43
CA ASN L 521 37.48 91.18 -21.81
C ASN L 521 37.12 89.77 -22.27
N ASP L 522 36.71 89.67 -23.54
CA ASP L 522 36.25 88.40 -24.09
C ASP L 522 37.38 87.38 -24.19
N PHE L 523 38.59 87.85 -24.53
CA PHE L 523 39.68 86.92 -24.81
C PHE L 523 39.93 85.94 -23.67
N ALA L 524 39.72 86.40 -22.44
CA ALA L 524 40.04 85.60 -21.25
C ALA L 524 39.64 84.13 -21.41
N GLU L 525 38.40 83.90 -21.85
CA GLU L 525 37.85 82.54 -21.82
C GLU L 525 38.72 81.59 -22.62
N ASP L 526 39.29 82.06 -23.74
CA ASP L 526 40.15 81.18 -24.52
C ASP L 526 41.46 80.92 -23.78
N SER L 527 42.11 81.96 -23.27
CA SER L 527 43.38 81.77 -22.60
C SER L 527 43.22 80.84 -21.42
N LEU L 528 42.20 81.09 -20.59
CA LEU L 528 41.91 80.20 -19.48
C LEU L 528 41.75 78.77 -19.97
N ARG L 529 40.96 78.58 -21.04
CA ARG L 529 40.75 77.24 -21.56
C ARG L 529 42.07 76.54 -21.83
N VAL L 530 43.04 77.27 -22.39
CA VAL L 530 44.34 76.68 -22.59
C VAL L 530 45.06 76.52 -21.27
N ILE L 531 45.13 77.60 -20.48
CA ILE L 531 45.97 77.58 -19.28
C ILE L 531 45.54 76.45 -18.37
N GLN L 532 44.24 76.40 -18.06
CA GLN L 532 43.73 75.36 -17.19
C GLN L 532 44.15 73.99 -17.71
N HIS L 533 43.95 73.76 -19.01
CA HIS L 533 44.29 72.46 -19.58
C HIS L 533 45.72 72.09 -19.25
N ASN L 534 46.65 73.02 -19.51
CA ASN L 534 48.05 72.70 -19.29
C ASN L 534 48.31 72.39 -17.83
N ALA L 535 47.70 73.15 -16.92
CA ALA L 535 47.91 72.90 -15.49
C ALA L 535 47.48 71.48 -15.15
N LEU L 536 46.40 71.00 -15.77
CA LEU L 536 46.01 69.62 -15.57
C LEU L 536 46.92 68.69 -16.34
N GLU L 537 47.29 69.07 -17.57
CA GLU L 537 48.02 68.14 -18.42
C GLU L 537 49.33 67.71 -17.78
N ASP L 538 49.97 68.61 -17.03
CA ASP L 538 51.15 68.25 -16.25
C ASP L 538 50.72 67.34 -15.11
N ARG L 539 51.18 66.09 -15.13
CA ARG L 539 50.80 65.09 -14.15
C ARG L 539 51.92 64.78 -13.16
N SER L 540 53.04 65.48 -13.24
CA SER L 540 54.23 65.12 -12.50
C SER L 540 54.37 66.03 -11.27
N ILE L 541 54.32 65.42 -10.09
CA ILE L 541 54.52 66.15 -8.85
C ILE L 541 56.01 66.35 -8.64
N SER L 542 56.42 67.62 -8.55
CA SER L 542 57.85 67.95 -8.63
C SER L 542 58.63 67.60 -7.38
N ASP L 543 58.00 67.58 -6.21
CA ASP L 543 58.77 67.39 -4.99
C ASP L 543 57.87 66.84 -3.88
N LYS L 544 58.51 66.48 -2.77
CA LYS L 544 57.78 65.92 -1.63
C LYS L 544 56.80 66.91 -1.03
N GLN L 545 57.19 68.18 -0.92
CA GLN L 545 56.29 69.16 -0.32
C GLN L 545 55.02 69.30 -1.13
N GLN L 546 55.16 69.31 -2.45
CA GLN L 546 54.00 69.36 -3.32
C GLN L 546 53.13 68.11 -3.16
N TRP L 547 53.77 66.94 -3.02
CA TRP L 547 53.01 65.71 -2.82
C TRP L 547 52.20 65.77 -1.54
N ASP L 548 52.83 66.29 -0.48
CA ASP L 548 52.13 66.42 0.81
C ASP L 548 51.00 67.42 0.72
N ALA L 549 51.20 68.53 0.02
CA ALA L 549 50.12 69.49 -0.17
C ALA L 549 48.96 68.88 -0.95
N ALA L 550 49.29 68.07 -1.96
CA ALA L 550 48.24 67.35 -2.69
C ALA L 550 47.47 66.44 -1.75
N ILE L 551 48.16 65.74 -0.85
CA ILE L 551 47.45 64.87 0.08
C ILE L 551 46.60 65.67 1.04
N TYR L 552 47.07 66.83 1.51
CA TYR L 552 46.25 67.66 2.39
C TYR L 552 45.00 68.16 1.69
N PHE L 553 45.15 68.59 0.43
CA PHE L 553 44.02 69.07 -0.36
C PHE L 553 43.01 67.95 -0.60
N MET L 554 43.52 66.76 -0.92
CA MET L 554 42.67 65.58 -1.06
C MET L 554 41.97 65.24 0.24
N GLU L 555 42.67 65.36 1.38
CA GLU L 555 42.03 65.11 2.66
C GLU L 555 40.92 66.12 2.93
N GLU L 556 41.15 67.39 2.60
CA GLU L 556 40.07 68.36 2.77
C GLU L 556 38.84 67.94 1.98
N ALA L 557 39.03 67.62 0.70
CA ALA L 557 37.87 67.28 -0.13
C ALA L 557 37.16 66.02 0.38
N LEU L 558 37.94 64.98 0.69
CA LEU L 558 37.36 63.70 1.09
C LEU L 558 36.71 63.80 2.46
N GLN L 559 37.31 64.54 3.39
CA GLN L 559 36.73 64.73 4.71
C GLN L 559 35.44 65.53 4.61
N ALA L 560 35.40 66.54 3.73
CA ALA L 560 34.18 67.31 3.59
C ALA L 560 33.04 66.45 3.07
N ARG L 561 33.31 65.66 2.01
CA ARG L 561 32.22 64.84 1.50
C ARG L 561 31.86 63.73 2.49
N LEU L 562 32.83 63.22 3.24
CA LEU L 562 32.50 62.20 4.24
C LEU L 562 31.62 62.77 5.34
N LYS L 563 31.93 63.96 5.85
CA LYS L 563 31.09 64.50 6.93
C LYS L 563 29.70 64.80 6.38
N ASP L 564 29.61 65.30 5.14
CA ASP L 564 28.30 65.56 4.56
C ASP L 564 27.49 64.27 4.43
N THR L 565 28.15 63.19 3.98
CA THR L 565 27.46 61.92 3.86
C THR L 565 26.97 61.42 5.23
N GLU L 566 27.82 61.55 6.25
CA GLU L 566 27.43 61.11 7.58
C GLU L 566 26.24 61.91 8.11
N ASN L 567 26.25 63.23 7.89
CA ASN L 567 25.14 64.05 8.35
C ASN L 567 23.86 63.71 7.60
N ALA L 568 23.96 63.44 6.29
CA ALA L 568 22.78 63.02 5.54
C ALA L 568 22.26 61.68 6.06
N ILE L 569 23.17 60.76 6.40
CA ILE L 569 22.73 59.50 6.99
C ILE L 569 21.96 59.76 8.27
N GLU L 570 22.54 60.53 9.19
CA GLU L 570 21.84 60.82 10.43
C GLU L 570 20.49 61.49 10.17
N ASN L 571 20.41 62.27 9.08
CA ASN L 571 19.13 62.89 8.75
C ASN L 571 18.09 61.87 8.34
N MET L 572 18.47 60.85 7.58
CA MET L 572 17.47 59.87 7.13
C MET L 572 17.23 58.73 8.13
N VAL L 573 18.24 58.29 8.86
CA VAL L 573 18.09 57.13 9.75
C VAL L 573 17.62 57.52 11.14
N GLY L 574 17.80 58.77 11.54
CA GLY L 574 17.31 59.23 12.81
C GLY L 574 18.24 58.97 13.98
N PRO L 575 17.84 59.44 15.15
CA PRO L 575 18.68 59.35 16.36
C PRO L 575 19.27 57.98 16.66
N ASP L 576 20.36 57.99 17.41
CA ASP L 576 20.89 56.77 18.00
C ASP L 576 20.07 56.38 19.22
N TRP L 577 20.29 55.13 19.67
CA TRP L 577 19.70 54.66 20.91
C TRP L 577 20.37 55.32 22.11
N LYS L 578 21.69 55.46 22.05
CA LYS L 578 22.37 56.23 23.07
C LYS L 578 21.82 57.65 23.11
N LYS L 579 21.46 58.22 21.96
CA LYS L 579 20.76 59.49 21.95
C LYS L 579 19.41 59.37 22.63
N ARG L 580 18.75 58.22 22.52
CA ARG L 580 17.46 58.07 23.20
C ARG L 580 17.63 58.17 24.71
N TRP L 581 18.55 57.39 25.29
CA TRP L 581 18.76 57.54 26.73
C TRP L 581 19.33 58.91 27.09
N LEU L 582 20.15 59.50 26.21
CA LEU L 582 20.83 60.73 26.57
C LEU L 582 19.87 61.92 26.57
N TYR L 583 19.16 62.14 25.45
CA TYR L 583 18.25 63.26 25.30
C TYR L 583 16.80 62.84 25.06
N TRP L 584 16.47 61.54 25.16
CA TRP L 584 15.09 61.09 24.94
C TRP L 584 14.66 61.35 23.50
N LYS L 585 15.57 61.13 22.57
CA LYS L 585 15.44 61.62 21.21
C LYS L 585 15.69 60.45 20.26
N ASN L 586 14.62 60.01 19.60
CA ASN L 586 14.55 58.70 18.97
C ASN L 586 14.25 58.82 17.49
N ARG L 587 14.25 57.67 16.83
CA ARG L 587 13.95 57.57 15.41
C ARG L 587 12.48 57.84 15.16
N THR L 588 12.21 58.59 14.10
CA THR L 588 10.85 58.59 13.57
C THR L 588 10.64 57.33 12.74
N GLN L 589 9.38 57.04 12.43
CA GLN L 589 9.06 55.78 11.76
C GLN L 589 9.83 55.65 10.46
N GLU L 590 9.83 56.71 9.65
CA GLU L 590 10.64 56.72 8.43
C GLU L 590 12.11 56.58 8.78
N GLN L 591 12.56 57.25 9.82
CA GLN L 591 13.93 57.09 10.27
C GLN L 591 14.21 55.68 10.78
N CYS L 592 13.22 55.04 11.42
CA CYS L 592 13.40 53.64 11.82
C CYS L 592 13.63 52.75 10.61
N VAL L 593 12.83 52.94 9.56
CA VAL L 593 12.99 52.14 8.36
C VAL L 593 14.35 52.42 7.73
N HIS L 594 14.75 53.69 7.68
CA HIS L 594 16.02 54.05 7.09
C HIS L 594 17.17 53.41 7.84
N ASN L 595 17.11 53.41 9.18
CA ASN L 595 18.22 52.85 9.94
C ASN L 595 18.29 51.33 9.78
N GLU L 596 17.14 50.65 9.77
CA GLU L 596 17.20 49.20 9.58
C GLU L 596 17.80 48.86 8.22
N THR L 597 17.41 49.62 7.19
CA THR L 597 18.02 49.45 5.88
C THR L 597 19.52 49.71 5.94
N LYS L 598 19.92 50.76 6.66
CA LYS L 598 21.33 51.10 6.77
C LYS L 598 22.12 49.98 7.44
N ASN L 599 21.57 49.40 8.50
CA ASN L 599 22.26 48.32 9.20
C ASN L 599 22.44 47.11 8.29
N GLU L 600 21.40 46.77 7.52
CA GLU L 600 21.57 45.65 6.59
C GLU L 600 22.61 45.97 5.51
N LEU L 601 22.60 47.20 4.99
CA LEU L 601 23.57 47.57 3.97
C LEU L 601 24.99 47.60 4.54
N GLU L 602 25.14 48.00 5.80
CA GLU L 602 26.45 47.99 6.43
C GLU L 602 26.93 46.57 6.64
N LYS L 603 26.02 45.65 6.97
CA LYS L 603 26.40 44.23 6.99
C LYS L 603 26.89 43.79 5.62
N MET L 604 26.19 44.21 4.56
CA MET L 604 26.63 43.87 3.21
C MET L 604 28.05 44.36 2.95
N LEU L 605 28.33 45.63 3.29
CA LEU L 605 29.67 46.16 3.05
C LEU L 605 30.72 45.51 3.95
N LYS L 606 30.34 45.11 5.17
CA LYS L 606 31.27 44.36 6.01
C LYS L 606 31.64 43.03 5.35
N CYS L 607 30.65 42.32 4.81
CA CYS L 607 30.94 41.07 4.13
C CYS L 607 31.77 41.31 2.88
N ASN L 608 31.48 42.38 2.15
CA ASN L 608 32.19 42.71 0.91
C ASN L 608 32.52 44.20 0.95
N GLU L 609 33.78 44.51 1.28
CA GLU L 609 34.24 45.90 1.31
C GLU L 609 34.43 46.48 -0.08
N GLU L 610 34.44 45.64 -1.12
CA GLU L 610 34.66 46.09 -2.49
C GLU L 610 33.36 46.16 -3.28
N HIS L 611 32.22 46.08 -2.61
CA HIS L 611 30.94 46.14 -3.30
C HIS L 611 30.88 47.37 -4.20
N PRO L 612 30.40 47.24 -5.43
CA PRO L 612 30.29 48.42 -6.30
C PRO L 612 29.30 49.43 -5.73
N ALA L 613 29.48 50.69 -6.15
CA ALA L 613 28.69 51.78 -5.61
C ALA L 613 27.21 51.65 -5.94
N TYR L 614 26.85 50.82 -6.91
CA TYR L 614 25.48 50.71 -7.37
C TYR L 614 24.88 49.39 -6.93
N LEU L 615 23.71 49.46 -6.28
CA LEU L 615 22.93 48.26 -5.99
C LEU L 615 22.07 47.94 -7.21
N ALA L 616 22.27 46.73 -7.79
CA ALA L 616 21.44 46.23 -8.94
C ALA L 616 19.97 46.28 -8.54
N SER L 617 19.02 46.16 -9.48
CA SER L 617 17.58 46.11 -9.14
C SER L 617 17.38 44.85 -8.28
N ASP L 618 18.10 43.76 -8.58
CA ASP L 618 18.00 42.48 -7.82
C ASP L 618 18.63 42.69 -6.42
N GLU L 619 19.74 43.43 -6.31
CA GLU L 619 20.42 43.73 -5.01
C GLU L 619 19.51 44.66 -4.18
N ILE L 620 18.81 45.60 -4.82
CA ILE L 620 17.85 46.52 -4.14
C ILE L 620 16.69 45.63 -3.65
N THR L 621 16.22 44.67 -4.47
CA THR L 621 15.11 43.74 -4.13
C THR L 621 15.54 42.88 -2.94
N THR L 622 16.80 42.43 -2.89
CA THR L 622 17.33 41.56 -1.78
C THR L 622 17.14 42.30 -0.45
N VAL L 623 17.42 43.60 -0.42
CA VAL L 623 17.33 44.44 0.83
C VAL L 623 15.84 44.61 1.19
N ARG L 624 14.92 44.87 0.25
CA ARG L 624 13.50 45.16 0.45
C ARG L 624 12.80 44.01 1.15
N LYS L 625 13.00 42.79 0.65
CA LYS L 625 12.21 41.68 1.12
C LYS L 625 12.78 41.08 2.40
N ASN L 626 14.09 41.20 2.63
CA ASN L 626 14.63 40.86 3.93
C ASN L 626 14.09 41.80 5.01
N LEU L 627 14.03 43.10 4.72
CA LEU L 627 13.46 44.04 5.68
C LEU L 627 11.96 43.83 5.86
N GLU L 628 11.27 43.47 4.78
CA GLU L 628 9.87 43.10 4.88
C GLU L 628 9.70 41.87 5.77
N SER L 629 10.64 40.93 5.69
CA SER L 629 10.64 39.79 6.60
C SER L 629 10.87 40.26 8.03
N ARG L 630 11.77 41.22 8.23
CA ARG L 630 11.93 41.83 9.54
C ARG L 630 10.69 42.59 9.97
N GLY L 631 9.79 42.90 9.04
CA GLY L 631 8.66 43.76 9.31
C GLY L 631 8.89 45.19 8.93
N VAL L 632 10.13 45.56 8.60
CA VAL L 632 10.41 46.92 8.13
C VAL L 632 9.88 47.07 6.71
N GLU L 633 9.32 48.25 6.43
CA GLU L 633 8.60 48.51 5.19
C GLU L 633 9.51 49.33 4.29
N VAL L 634 10.05 48.70 3.25
CA VAL L 634 11.11 49.29 2.44
C VAL L 634 10.71 49.27 0.98
N ASP L 635 11.21 50.25 0.23
CA ASP L 635 10.96 50.44 -1.19
C ASP L 635 12.27 50.75 -1.89
N PRO L 636 12.33 50.58 -3.22
CA PRO L 636 13.62 50.71 -3.93
C PRO L 636 14.29 52.07 -3.77
N SER L 637 13.55 53.16 -3.64
CA SER L 637 14.18 54.47 -3.57
C SER L 637 14.78 54.75 -2.21
N LEU L 638 14.08 54.33 -1.15
CA LEU L 638 14.63 54.39 0.19
C LEU L 638 16.00 53.72 0.22
N ILE L 639 16.09 52.50 -0.31
CA ILE L 639 17.36 51.78 -0.29
C ILE L 639 18.36 52.42 -1.23
N LYS L 640 17.94 52.92 -2.38
CA LYS L 640 18.92 53.50 -3.29
C LYS L 640 19.61 54.70 -2.65
N ASP L 641 18.83 55.56 -1.98
CA ASP L 641 19.42 56.75 -1.37
C ASP L 641 20.20 56.41 -0.10
N THR L 642 19.66 55.52 0.74
CA THR L 642 20.39 55.10 1.93
C THR L 642 21.69 54.41 1.54
N TRP L 643 21.65 53.58 0.51
CA TRP L 643 22.85 52.94 -0.01
C TRP L 643 23.85 53.96 -0.52
N HIS L 644 23.38 54.96 -1.27
CA HIS L 644 24.32 55.97 -1.72
C HIS L 644 25.03 56.61 -0.54
N GLN L 645 24.28 56.97 0.51
CA GLN L 645 24.92 57.62 1.65
C GLN L 645 25.86 56.66 2.38
N VAL L 646 25.40 55.45 2.67
CA VAL L 646 26.23 54.50 3.43
C VAL L 646 27.48 54.13 2.64
N TYR L 647 27.31 53.84 1.35
CA TYR L 647 28.43 53.45 0.51
C TYR L 647 29.43 54.58 0.38
N ARG L 648 28.95 55.82 0.21
CA ARG L 648 29.89 56.93 0.12
C ARG L 648 30.61 57.17 1.44
N ARG L 649 29.94 56.93 2.56
CA ARG L 649 30.64 56.98 3.85
C ARG L 649 31.78 55.97 3.87
N HIS L 650 31.46 54.71 3.53
CA HIS L 650 32.48 53.66 3.48
C HIS L 650 33.61 54.02 2.52
N PHE L 651 33.24 54.50 1.34
CA PHE L 651 34.20 54.78 0.28
C PHE L 651 35.12 55.94 0.67
N LEU L 652 34.57 56.98 1.28
CA LEU L 652 35.38 58.15 1.64
C LEU L 652 36.26 57.86 2.86
N LYS L 653 35.77 57.05 3.80
CA LYS L 653 36.65 56.65 4.89
C LYS L 653 37.81 55.79 4.37
N THR L 654 37.52 54.89 3.43
CA THR L 654 38.61 54.14 2.79
C THR L 654 39.56 55.07 2.06
N ALA L 655 39.02 56.10 1.41
CA ALA L 655 39.85 57.06 0.70
C ALA L 655 40.73 57.86 1.64
N LEU L 656 40.26 58.12 2.86
CA LEU L 656 41.11 58.81 3.83
C LEU L 656 42.17 57.88 4.42
N ASN L 657 41.84 56.60 4.58
CA ASN L 657 42.87 55.64 4.94
C ASN L 657 43.94 55.58 3.85
N HIS L 658 43.54 55.67 2.59
CA HIS L 658 44.49 55.72 1.50
C HIS L 658 45.26 57.04 1.51
N CYS L 659 44.60 58.13 1.92
CA CYS L 659 45.32 59.38 2.14
C CYS L 659 46.49 59.15 3.08
N ASN L 660 46.23 58.48 4.21
CA ASN L 660 47.29 58.22 5.17
C ASN L 660 48.36 57.30 4.59
N LEU L 661 47.94 56.28 3.82
CA LEU L 661 48.91 55.35 3.22
C LEU L 661 49.85 56.06 2.26
N CYS L 662 49.29 56.92 1.39
CA CYS L 662 50.07 57.46 0.27
C CYS L 662 51.22 58.35 0.72
N ARG L 663 51.25 58.77 1.99
CA ARG L 663 52.29 59.70 2.44
C ARG L 663 53.68 59.12 2.22
N ARG L 664 53.91 57.87 2.64
CA ARG L 664 55.27 57.35 2.72
C ARG L 664 55.93 57.33 1.33
N GLY L 665 55.28 56.71 0.35
CA GLY L 665 55.93 56.49 -0.92
C GLY L 665 55.18 56.94 -2.16
N PHE L 666 55.71 57.98 -2.80
CA PHE L 666 55.32 58.31 -4.18
C PHE L 666 55.88 57.23 -5.10
N TYR L 667 57.04 56.67 -4.72
CA TYR L 667 57.67 55.59 -5.47
C TYR L 667 56.82 54.33 -5.51
N TYR L 668 56.18 53.98 -4.38
CA TYR L 668 55.24 52.87 -4.41
C TYR L 668 54.17 53.10 -5.47
N TYR L 669 53.70 54.34 -5.59
CA TYR L 669 52.80 54.69 -6.69
C TYR L 669 53.48 54.45 -8.02
N GLN L 670 54.73 54.87 -8.14
CA GLN L 670 55.44 54.77 -9.42
C GLN L 670 55.54 53.28 -9.75
N ARG L 671 55.73 52.44 -8.73
CA ARG L 671 55.81 51.00 -8.98
C ARG L 671 54.56 50.49 -9.72
N HIS L 672 53.38 50.83 -9.21
CA HIS L 672 52.12 50.39 -9.81
C HIS L 672 52.12 48.88 -9.97
N PHE L 673 52.69 48.19 -8.99
CA PHE L 673 52.76 46.74 -9.10
C PHE L 673 51.37 46.12 -9.00
N VAL L 674 50.59 46.48 -8.01
CA VAL L 674 49.30 45.85 -7.77
C VAL L 674 48.48 46.75 -6.86
N ASP L 675 47.16 46.55 -6.85
CA ASP L 675 46.27 47.39 -6.05
C ASP L 675 46.67 47.41 -4.58
N SER L 676 47.10 46.26 -4.04
CA SER L 676 47.51 46.22 -2.65
C SER L 676 48.70 47.13 -2.41
N GLU L 677 49.67 47.12 -3.31
CA GLU L 677 50.71 48.14 -3.29
C GLU L 677 50.07 49.50 -3.54
N LEU L 678 50.70 50.54 -3.01
CA LEU L 678 50.09 51.87 -3.09
C LEU L 678 49.77 52.20 -4.54
N GLU L 679 48.52 52.62 -4.77
CA GLU L 679 48.03 53.05 -6.07
C GLU L 679 47.47 54.46 -5.87
N CYS L 680 48.38 55.44 -5.87
CA CYS L 680 48.04 56.82 -5.53
C CYS L 680 47.90 57.67 -6.80
N ASN L 681 46.92 57.30 -7.62
CA ASN L 681 46.43 58.22 -8.64
C ASN L 681 45.57 59.31 -8.04
N ASP L 682 45.11 59.11 -6.81
CA ASP L 682 44.24 60.07 -6.14
C ASP L 682 45.00 61.34 -5.78
N VAL L 683 46.22 61.17 -5.25
CA VAL L 683 47.03 62.31 -4.86
C VAL L 683 47.41 63.12 -6.09
N VAL L 684 47.78 62.44 -7.17
CA VAL L 684 48.17 63.15 -8.38
C VAL L 684 46.97 63.86 -9.00
N LEU L 685 45.78 63.27 -8.89
CA LEU L 685 44.56 63.96 -9.34
C LEU L 685 44.35 65.26 -8.58
N PHE L 686 44.41 65.19 -7.25
CA PHE L 686 44.10 66.39 -6.46
C PHE L 686 45.21 67.43 -6.61
N TRP L 687 46.45 66.97 -6.84
CA TRP L 687 47.52 67.86 -7.25
C TRP L 687 47.25 68.56 -8.57
N ARG L 688 46.79 67.81 -9.57
CA ARG L 688 46.54 68.42 -10.87
C ARG L 688 45.48 69.51 -10.75
N ILE L 689 44.41 69.23 -9.99
CA ILE L 689 43.37 70.25 -9.86
C ILE L 689 43.83 71.38 -8.95
N GLN L 690 44.72 71.10 -7.98
CA GLN L 690 45.40 72.17 -7.27
C GLN L 690 46.05 73.15 -8.24
N ARG L 691 46.83 72.61 -9.18
CA ARG L 691 47.49 73.46 -10.17
C ARG L 691 46.47 74.21 -11.00
N MET L 692 45.43 73.52 -11.47
CA MET L 692 44.42 74.16 -12.30
C MET L 692 43.80 75.34 -11.59
N LEU L 693 43.37 75.13 -10.33
CA LEU L 693 42.69 76.19 -9.60
C LEU L 693 43.63 77.35 -9.30
N ALA L 694 44.86 77.05 -8.88
CA ALA L 694 45.80 78.13 -8.55
C ALA L 694 46.13 78.95 -9.78
N ILE L 695 46.39 78.29 -10.92
CA ILE L 695 46.74 79.03 -12.12
C ILE L 695 45.56 79.81 -12.65
N THR L 696 44.36 79.27 -12.55
CA THR L 696 43.17 80.01 -12.96
C THR L 696 43.03 81.27 -12.11
N ALA L 697 43.19 81.13 -10.79
CA ALA L 697 43.08 82.28 -9.90
C ALA L 697 44.11 83.34 -10.24
N ASN L 698 45.35 82.93 -10.50
CA ASN L 698 46.39 83.92 -10.77
C ASN L 698 46.21 84.58 -12.13
N THR L 699 45.76 83.82 -13.14
CA THR L 699 45.47 84.43 -14.44
C THR L 699 44.36 85.46 -14.32
N LEU L 700 43.29 85.10 -13.60
CA LEU L 700 42.19 86.04 -13.42
C LEU L 700 42.66 87.27 -12.68
N ARG L 701 43.47 87.09 -11.63
CA ARG L 701 44.02 88.21 -10.89
C ARG L 701 44.87 89.11 -11.78
N GLN L 702 45.71 88.51 -12.62
CA GLN L 702 46.58 89.31 -13.46
C GLN L 702 45.78 90.15 -14.45
N GLN L 703 44.81 89.53 -15.12
CA GLN L 703 43.98 90.31 -16.03
C GLN L 703 43.25 91.40 -15.27
N LEU L 704 42.78 91.10 -14.06
CA LEU L 704 42.11 92.10 -13.24
C LEU L 704 43.02 93.30 -12.99
N THR L 705 44.22 93.05 -12.46
CA THR L 705 45.06 94.11 -11.95
C THR L 705 45.80 94.87 -13.03
N ASN L 706 46.01 94.28 -14.21
CA ASN L 706 46.73 94.96 -15.27
C ASN L 706 45.86 95.37 -16.45
N THR L 707 44.68 94.78 -16.60
CA THR L 707 43.80 95.12 -17.72
C THR L 707 42.48 95.71 -17.25
N GLU L 708 41.79 95.05 -16.32
CA GLU L 708 40.41 95.41 -16.04
C GLU L 708 40.28 96.56 -15.05
N VAL L 709 41.23 96.71 -14.13
CA VAL L 709 41.11 97.79 -13.15
C VAL L 709 41.33 99.16 -13.81
N ARG L 710 42.27 99.25 -14.74
CA ARG L 710 42.47 100.51 -15.45
C ARG L 710 41.31 100.83 -16.38
N ARG L 711 40.76 99.82 -17.05
CA ARG L 711 39.53 100.01 -17.81
C ARG L 711 38.40 100.45 -16.89
N LEU L 712 38.36 99.91 -15.67
CA LEU L 712 37.36 100.29 -14.70
C LEU L 712 37.50 101.77 -14.32
N GLU L 713 38.74 102.20 -14.09
CA GLU L 713 38.97 103.61 -13.77
C GLU L 713 38.51 104.51 -14.90
N LYS L 714 38.81 104.12 -16.15
CA LYS L 714 38.36 104.91 -17.28
C LYS L 714 36.84 104.98 -17.34
N ASN L 715 36.18 103.84 -17.16
CA ASN L 715 34.72 103.81 -17.20
C ASN L 715 34.11 104.64 -16.06
N VAL L 716 34.74 104.62 -14.88
CA VAL L 716 34.25 105.41 -13.76
C VAL L 716 34.40 106.89 -14.04
N LYS L 717 35.53 107.29 -14.64
CA LYS L 717 35.68 108.70 -15.00
C LYS L 717 34.59 109.11 -16.00
N GLU L 718 34.29 108.25 -16.97
CA GLU L 718 33.22 108.57 -17.91
C GLU L 718 31.87 108.69 -17.21
N VAL L 719 31.57 107.75 -16.31
CA VAL L 719 30.29 107.77 -15.60
C VAL L 719 30.19 109.02 -14.73
N LEU L 720 31.30 109.41 -14.11
CA LEU L 720 31.29 110.60 -13.27
C LEU L 720 31.18 111.87 -14.12
N GLU L 721 31.67 111.84 -15.36
CA GLU L 721 31.39 112.94 -16.26
C GLU L 721 29.89 113.03 -16.57
N ASP L 722 29.26 111.88 -16.80
CA ASP L 722 27.80 111.87 -16.97
C ASP L 722 27.08 112.39 -15.73
N PHE L 723 27.62 112.08 -14.55
CA PHE L 723 27.17 112.73 -13.32
C PHE L 723 27.31 114.25 -13.42
N ALA L 724 28.44 114.72 -13.95
CA ALA L 724 28.65 116.16 -14.08
C ALA L 724 27.56 116.78 -14.95
N GLU L 725 27.16 116.08 -16.01
CA GLU L 725 26.25 116.68 -16.98
C GLU L 725 24.86 116.92 -16.38
N ASP L 726 24.37 116.02 -15.54
CA ASP L 726 22.99 116.05 -15.07
C ASP L 726 22.92 116.54 -13.63
N GLY L 727 22.21 117.66 -13.41
CA GLY L 727 22.01 118.15 -12.07
C GLY L 727 20.98 117.34 -11.29
N GLU L 728 19.89 116.93 -11.97
CA GLU L 728 18.94 116.04 -11.32
C GLU L 728 19.63 114.79 -10.79
N LYS L 729 20.57 114.26 -11.55
CA LYS L 729 21.26 113.05 -11.11
C LYS L 729 22.08 113.33 -9.85
N LYS L 730 22.36 114.62 -9.58
CA LYS L 730 22.88 115.01 -8.28
C LYS L 730 21.83 115.11 -7.17
N ILE L 731 20.59 115.58 -7.43
CA ILE L 731 19.47 115.64 -6.43
C ILE L 731 18.47 114.52 -6.75
N LYS L 732 18.93 113.29 -7.04
CA LYS L 732 17.97 112.21 -7.27
C LYS L 732 17.34 111.90 -5.93
N LEU L 733 18.15 111.89 -4.87
CA LEU L 733 17.64 111.73 -3.52
C LEU L 733 17.40 113.12 -2.93
N LEU L 734 16.18 113.36 -2.45
CA LEU L 734 15.74 114.71 -2.08
C LEU L 734 16.21 115.04 -0.68
N THR L 735 17.52 115.23 -0.55
CA THR L 735 18.15 115.71 0.67
C THR L 735 18.89 117.04 0.41
N GLY L 736 18.40 117.82 -0.54
CA GLY L 736 19.12 118.95 -1.12
C GLY L 736 19.28 120.19 -0.27
N LYS L 737 19.05 120.12 1.04
CA LYS L 737 19.09 121.33 1.87
C LYS L 737 20.39 122.11 1.70
N ARG L 738 21.50 121.41 1.46
CA ARG L 738 22.81 122.09 1.40
C ARG L 738 22.80 123.23 0.39
N VAL L 739 22.49 122.90 -0.86
CA VAL L 739 22.63 123.85 -1.95
C VAL L 739 21.62 124.99 -1.82
N GLN L 740 20.36 124.65 -1.52
CA GLN L 740 19.33 125.66 -1.40
C GLN L 740 19.63 126.62 -0.25
N LEU L 741 20.09 126.08 0.87
CA LEU L 741 20.40 126.91 2.03
C LEU L 741 21.57 127.84 1.73
N ALA L 742 22.60 127.34 1.04
CA ALA L 742 23.71 128.21 0.67
C ALA L 742 23.23 129.36 -0.22
N GLU L 743 22.43 129.04 -1.23
CA GLU L 743 21.94 130.07 -2.14
C GLU L 743 21.10 131.09 -1.39
N ASP L 744 20.24 130.61 -0.47
CA ASP L 744 19.40 131.52 0.29
C ASP L 744 20.22 132.44 1.17
N LEU L 745 21.27 131.91 1.81
CA LEU L 745 22.11 132.74 2.65
C LEU L 745 22.74 133.87 1.84
N LYS L 746 23.32 133.53 0.68
CA LYS L 746 23.99 134.54 -0.12
C LYS L 746 22.99 135.60 -0.61
N LYS L 747 21.82 135.15 -1.05
CA LYS L 747 20.83 136.08 -1.59
C LYS L 747 20.23 136.96 -0.50
N VAL L 748 20.05 136.42 0.72
CA VAL L 748 19.54 137.25 1.81
C VAL L 748 20.57 138.30 2.19
N ARG L 749 21.86 137.95 2.15
CA ARG L 749 22.87 138.97 2.42
C ARG L 749 22.80 140.08 1.38
N GLU L 750 22.63 139.73 0.11
CA GLU L 750 22.47 140.79 -0.90
C GLU L 750 21.22 141.63 -0.62
N ILE L 751 20.11 140.97 -0.27
CA ILE L 751 18.88 141.71 0.01
C ILE L 751 19.13 142.77 1.07
N GLN L 752 19.73 142.36 2.18
CA GLN L 752 19.89 143.29 3.28
C GLN L 752 20.92 144.36 2.96
N GLU L 753 21.96 144.00 2.20
CA GLU L 753 22.97 144.97 1.81
C GLU L 753 22.35 146.10 0.99
N LYS L 754 21.46 145.75 0.06
CA LYS L 754 20.82 146.80 -0.73
C LYS L 754 19.79 147.57 0.09
N LEU L 755 19.07 146.90 0.98
CA LEU L 755 18.08 147.59 1.79
C LEU L 755 18.73 148.58 2.74
N ASP L 756 19.95 148.31 3.19
CA ASP L 756 20.62 149.21 4.12
C ASP L 756 20.91 150.55 3.46
N ALA L 757 21.47 150.52 2.25
CA ALA L 757 21.71 151.77 1.53
C ALA L 757 20.40 152.45 1.18
N PHE L 758 19.37 151.68 0.83
CA PHE L 758 18.09 152.30 0.53
C PHE L 758 17.56 153.07 1.73
N ILE L 759 17.64 152.47 2.92
CA ILE L 759 17.09 153.10 4.11
C ILE L 759 17.93 154.32 4.51
N GLU L 760 19.25 154.23 4.36
CA GLU L 760 20.08 155.41 4.64
C GLU L 760 19.73 156.54 3.68
N ALA L 761 19.43 156.21 2.42
CA ALA L 761 19.02 157.23 1.48
C ALA L 761 17.65 157.81 1.85
N LEU L 762 16.78 156.98 2.43
CA LEU L 762 15.52 157.51 2.97
C LEU L 762 15.80 158.52 4.08
N HIS L 763 16.75 158.20 4.96
CA HIS L 763 17.08 159.13 6.04
C HIS L 763 17.65 160.43 5.49
N GLN L 764 18.50 160.35 4.47
CA GLN L 764 19.20 161.53 3.96
C GLN L 764 18.52 162.15 2.75
N GLU L 765 18.26 161.37 1.70
CA GLU L 765 17.80 161.96 0.43
C GLU L 765 16.32 162.26 0.46
N LYS L 766 15.48 161.24 0.64
CA LYS L 766 14.03 161.40 0.54
C LYS L 766 13.67 162.03 -0.80
N ALA M 1 -29.05 -80.68 68.66
CA ALA M 1 -28.92 -80.03 67.36
C ALA M 1 -27.45 -79.85 66.98
N THR M 2 -26.58 -79.80 68.00
CA THR M 2 -25.15 -79.66 67.73
C THR M 2 -24.61 -80.85 66.95
N ASP M 3 -25.06 -82.07 67.29
CA ASP M 3 -24.70 -83.27 66.54
C ASP M 3 -25.83 -84.27 66.68
N ARG M 4 -26.08 -85.03 65.60
CA ARG M 4 -27.23 -85.92 65.55
C ARG M 4 -26.91 -87.36 65.17
N GLY M 5 -25.80 -87.63 64.48
CA GLY M 5 -25.54 -89.00 64.03
C GLY M 5 -25.32 -89.96 65.18
N SER M 6 -24.58 -89.52 66.21
CA SER M 6 -24.28 -90.39 67.33
C SER M 6 -25.55 -90.83 68.04
N GLU M 7 -26.52 -89.93 68.17
CA GLU M 7 -27.79 -90.29 68.79
C GLU M 7 -28.50 -91.38 67.99
N SER M 8 -28.49 -91.26 66.66
CA SER M 8 -29.11 -92.30 65.82
C SER M 8 -28.40 -93.63 65.99
N ASP M 9 -27.06 -93.62 66.00
CA ASP M 9 -26.33 -94.87 66.15
C ASP M 9 -26.64 -95.52 67.49
N LYS M 10 -26.64 -94.74 68.57
CA LYS M 10 -26.95 -95.30 69.88
C LYS M 10 -28.37 -95.82 69.93
N HIS M 11 -29.32 -95.09 69.34
CA HIS M 11 -30.71 -95.51 69.36
C HIS M 11 -30.89 -96.86 68.68
N PHE M 12 -30.40 -96.99 67.44
CA PHE M 12 -30.62 -98.24 66.72
C PHE M 12 -29.76 -99.36 67.29
N ARG M 13 -28.61 -99.05 67.89
CA ARG M 13 -27.84 -100.08 68.57
C ARG M 13 -28.63 -100.64 69.76
N LYS M 14 -29.26 -99.76 70.53
CA LYS M 14 -30.10 -100.22 71.64
C LYS M 14 -31.31 -101.00 71.15
N VAL M 15 -31.88 -100.58 70.01
CA VAL M 15 -33.01 -101.34 69.46
C VAL M 15 -32.57 -102.74 69.05
N SER M 16 -31.42 -102.84 68.38
CA SER M 16 -30.90 -104.14 68.01
C SER M 16 -30.68 -105.01 69.25
N ASP M 17 -30.15 -104.41 70.32
CA ASP M 17 -30.00 -105.17 71.56
C ASP M 17 -31.35 -105.60 72.10
N LYS M 18 -32.31 -104.69 72.18
CA LYS M 18 -33.61 -105.04 72.73
C LYS M 18 -34.23 -106.22 72.00
N GLU M 19 -34.04 -106.28 70.68
CA GLU M 19 -34.67 -107.37 69.93
C GLU M 19 -33.86 -108.67 69.94
N LYS M 20 -32.52 -108.60 69.95
CA LYS M 20 -31.71 -109.80 69.75
C LYS M 20 -30.71 -110.08 70.87
N ILE M 21 -30.84 -109.47 72.05
CA ILE M 21 -29.78 -109.62 73.05
C ILE M 21 -29.73 -111.04 73.58
N ASP M 22 -30.87 -111.72 73.66
CA ASP M 22 -30.87 -113.10 74.15
C ASP M 22 -30.02 -114.01 73.28
N GLN M 23 -29.67 -113.59 72.06
CA GLN M 23 -28.72 -114.29 71.22
C GLN M 23 -27.36 -113.60 71.17
N LEU M 24 -27.35 -112.26 71.18
CA LEU M 24 -26.11 -111.51 71.01
C LEU M 24 -25.21 -111.59 72.24
N GLN M 25 -25.80 -111.62 73.44
CA GLN M 25 -24.98 -111.76 74.64
C GLN M 25 -24.30 -113.13 74.69
N GLU M 26 -24.98 -114.16 74.17
CA GLU M 26 -24.36 -115.47 74.08
C GLU M 26 -23.26 -115.49 73.02
N GLU M 27 -23.54 -114.93 71.83
CA GLU M 27 -22.59 -115.08 70.73
C GLU M 27 -21.38 -114.17 70.88
N LEU M 28 -21.57 -112.96 71.41
CA LEU M 28 -20.56 -111.90 71.37
C LEU M 28 -19.57 -111.96 72.54
N LEU M 29 -20.06 -112.22 73.75
CA LEU M 29 -19.18 -112.08 74.91
C LEU M 29 -19.07 -113.36 75.73
N HIS M 30 -20.20 -114.05 75.97
CA HIS M 30 -20.19 -115.25 76.78
C HIS M 30 -19.10 -116.21 76.34
N THR M 31 -19.19 -116.67 75.10
CA THR M 31 -18.18 -117.59 74.57
C THR M 31 -16.85 -116.88 74.39
N GLN M 32 -16.87 -115.62 73.95
CA GLN M 32 -15.63 -114.92 73.63
C GLN M 32 -14.80 -114.63 74.87
N LEU M 33 -15.44 -114.50 76.04
CA LEU M 33 -14.67 -114.32 77.27
C LEU M 33 -13.64 -115.43 77.43
N LYS M 34 -14.01 -116.65 77.06
CA LYS M 34 -13.12 -117.80 77.14
C LYS M 34 -12.39 -118.09 75.83
N TYR M 35 -12.56 -117.25 74.80
CA TYR M 35 -12.06 -117.60 73.47
C TYR M 35 -10.56 -117.85 73.49
N GLN M 36 -9.80 -116.98 74.16
CA GLN M 36 -8.35 -117.17 74.20
C GLN M 36 -8.00 -118.51 74.83
N ARG M 37 -8.77 -118.93 75.83
CA ARG M 37 -8.58 -120.25 76.42
C ARG M 37 -8.94 -121.36 75.44
N ILE M 38 -9.95 -121.12 74.60
CA ILE M 38 -10.48 -122.20 73.75
C ILE M 38 -9.40 -122.72 72.81
N LEU M 39 -8.58 -121.83 72.24
CA LEU M 39 -7.69 -122.23 71.15
C LEU M 39 -6.77 -123.36 71.59
N GLU M 40 -6.16 -123.23 72.77
CA GLU M 40 -5.34 -124.32 73.29
C GLU M 40 -6.19 -125.54 73.61
N ARG M 41 -7.34 -125.33 74.25
CA ARG M 41 -8.15 -126.44 74.71
C ARG M 41 -8.71 -127.25 73.56
N LEU M 42 -9.12 -126.59 72.47
CA LEU M 42 -9.92 -127.26 71.45
C LEU M 42 -9.07 -128.08 70.48
N GLU M 43 -8.22 -127.40 69.70
CA GLU M 43 -7.50 -128.09 68.63
C GLU M 43 -6.27 -128.81 69.16
N LYS M 44 -5.40 -128.08 69.87
CA LYS M 44 -4.11 -128.66 70.26
C LYS M 44 -4.32 -129.94 71.03
N GLU M 45 -5.14 -129.90 72.08
CA GLU M 45 -5.41 -131.09 72.87
C GLU M 45 -5.89 -132.21 71.97
N ASN M 46 -6.80 -131.89 71.06
CA ASN M 46 -7.33 -132.91 70.16
C ASN M 46 -6.21 -133.61 69.41
N LYS M 47 -5.30 -132.84 68.82
CA LYS M 47 -4.21 -133.47 68.06
C LYS M 47 -3.43 -134.41 68.96
N GLU M 48 -3.18 -133.98 70.20
CA GLU M 48 -2.50 -134.86 71.14
C GLU M 48 -3.36 -136.08 71.46
N LEU M 49 -4.64 -135.86 71.74
CA LEU M 49 -5.47 -136.95 72.26
C LEU M 49 -5.51 -138.12 71.28
N ARG M 50 -5.83 -137.84 70.03
CA ARG M 50 -5.91 -138.94 69.07
C ARG M 50 -4.57 -139.67 68.99
N LYS M 51 -3.47 -138.93 69.07
CA LYS M 51 -2.16 -139.58 69.03
C LYS M 51 -2.02 -140.54 70.20
N LEU M 52 -2.42 -140.10 71.39
CA LEU M 52 -2.40 -140.99 72.54
C LEU M 52 -3.27 -142.22 72.27
N VAL M 53 -4.44 -142.00 71.67
CA VAL M 53 -5.33 -143.12 71.38
C VAL M 53 -4.64 -144.11 70.46
N LEU M 54 -3.81 -143.61 69.54
CA LEU M 54 -3.01 -144.51 68.72
C LEU M 54 -1.88 -145.12 69.54
N GLN M 55 -1.18 -144.29 70.33
CA GLN M 55 -0.09 -144.80 71.15
C GLN M 55 -0.60 -145.80 72.18
N LYS M 56 -1.81 -145.59 72.68
CA LYS M 56 -2.39 -146.55 73.62
C LYS M 56 -2.54 -147.93 72.99
N ASP M 57 -2.66 -148.00 71.67
CA ASP M 57 -2.63 -149.30 71.01
C ASP M 57 -1.32 -150.02 71.28
N ASP M 58 -0.20 -149.29 71.19
CA ASP M 58 1.11 -149.89 71.44
C ASP M 58 1.25 -150.34 72.89
N LYS M 59 0.72 -149.56 73.83
CA LYS M 59 0.81 -149.87 75.27
C LYS M 59 2.25 -149.81 75.77
N GLY M 60 2.92 -148.68 75.51
CA GLY M 60 4.29 -148.52 75.97
C GLY M 60 4.36 -148.38 77.48
N ILE M 61 5.52 -148.78 78.04
CA ILE M 61 5.74 -148.67 79.48
C ILE M 61 6.15 -147.25 79.85
N HIS M 62 5.84 -146.86 81.08
CA HIS M 62 6.16 -145.52 81.59
C HIS M 62 7.60 -145.45 82.08
N HIS M 63 8.28 -144.37 81.72
CA HIS M 63 9.69 -144.12 82.04
C HIS M 63 10.63 -145.10 81.35
N ARG M 64 10.14 -145.86 80.37
CA ARG M 64 11.02 -146.78 79.65
C ARG M 64 12.11 -146.03 78.91
N LYS M 65 11.77 -144.90 78.29
CA LYS M 65 12.66 -144.16 77.40
C LYS M 65 12.69 -144.89 76.06
N LEU M 66 13.48 -144.39 75.11
CA LEU M 66 13.58 -145.02 73.79
C LEU M 66 12.20 -145.17 73.16
N LYS M 67 11.36 -144.15 73.35
CA LYS M 67 9.97 -144.25 72.93
C LYS M 67 9.86 -144.45 71.42
N LYS M 68 10.68 -143.75 70.65
CA LYS M 68 10.64 -143.82 69.20
C LYS M 68 12.04 -144.03 68.65
N SER M 69 12.10 -144.57 67.43
CA SER M 69 13.38 -144.64 66.73
C SER M 69 13.90 -143.24 66.47
N LEU M 70 15.23 -143.10 66.52
CA LEU M 70 15.83 -141.77 66.46
C LEU M 70 15.48 -141.06 65.16
N ILE M 71 15.50 -141.78 64.04
CA ILE M 71 15.22 -141.16 62.74
C ILE M 71 13.79 -140.71 62.62
N ASP M 72 12.84 -141.46 63.21
CA ASP M 72 11.45 -141.02 63.18
C ASP M 72 11.37 -139.67 63.87
N MET M 73 12.18 -139.48 64.91
CA MET M 73 12.20 -138.21 65.63
C MET M 73 12.92 -137.10 64.84
N TYR M 74 14.04 -137.46 64.20
CA TYR M 74 14.65 -136.53 63.24
C TYR M 74 13.75 -136.09 62.09
N SER M 75 12.77 -136.91 61.72
CA SER M 75 11.79 -136.46 60.74
C SER M 75 11.02 -135.25 61.26
N GLU M 76 10.61 -135.29 62.54
CA GLU M 76 9.97 -134.13 63.14
C GLU M 76 10.93 -132.95 63.20
N VAL M 77 12.20 -133.22 63.44
CA VAL M 77 13.20 -132.14 63.47
C VAL M 77 13.24 -131.43 62.11
N LEU M 78 13.35 -132.22 61.04
CA LEU M 78 13.40 -131.63 59.70
C LEU M 78 12.09 -130.93 59.37
N ASP M 79 10.96 -131.52 59.80
CA ASP M 79 9.67 -130.90 59.55
C ASP M 79 9.55 -129.55 60.24
N VAL M 80 10.03 -129.44 61.48
CA VAL M 80 9.94 -128.18 62.20
C VAL M 80 10.87 -127.14 61.57
N LEU M 81 12.07 -127.55 61.12
CA LEU M 81 12.88 -126.59 60.37
C LEU M 81 12.18 -126.13 59.10
N SER M 82 11.54 -127.06 58.38
CA SER M 82 10.83 -126.69 57.16
C SER M 82 9.70 -125.72 57.46
N ASP M 83 8.97 -125.96 58.54
CA ASP M 83 7.84 -125.09 58.89
C ASP M 83 8.33 -123.71 59.32
N TYR M 84 9.38 -123.66 60.15
CA TYR M 84 9.92 -122.38 60.59
C TYR M 84 10.38 -121.54 59.40
N ASP M 85 11.15 -122.15 58.49
CA ASP M 85 11.63 -121.46 57.30
C ASP M 85 11.84 -122.50 56.21
N ALA M 86 10.98 -122.49 55.19
CA ALA M 86 11.06 -123.45 54.10
C ALA M 86 12.16 -123.13 53.10
N SER M 87 12.75 -121.94 53.17
CA SER M 87 13.80 -121.57 52.24
C SER M 87 15.05 -122.43 52.47
N TYR M 88 15.83 -122.61 51.41
CA TYR M 88 17.07 -123.36 51.53
C TYR M 88 18.01 -122.77 52.55
N ASN M 89 17.88 -121.46 52.83
CA ASN M 89 18.76 -120.82 53.80
C ASN M 89 18.66 -121.49 55.17
N THR M 90 17.52 -122.10 55.48
CA THR M 90 17.35 -122.84 56.71
C THR M 90 17.43 -124.35 56.51
N GLN M 91 17.09 -124.84 55.31
CA GLN M 91 17.28 -126.25 55.01
C GLN M 91 18.75 -126.63 55.13
N ASP M 92 19.66 -125.71 54.83
CA ASP M 92 21.08 -126.03 54.77
C ASP M 92 21.61 -126.50 56.12
N HIS M 93 20.89 -126.23 57.22
CA HIS M 93 21.43 -126.49 58.55
C HIS M 93 21.54 -127.98 58.85
N LEU M 94 20.64 -128.81 58.31
CA LEU M 94 20.62 -130.21 58.72
C LEU M 94 20.73 -131.16 57.52
N PRO M 95 21.20 -132.38 57.76
CA PRO M 95 21.29 -133.37 56.68
C PRO M 95 19.95 -133.68 56.03
N ARG M 96 20.01 -133.97 54.73
CA ARG M 96 18.88 -134.45 53.96
C ARG M 96 19.40 -135.41 52.89
N VAL M 97 18.48 -136.19 52.32
CA VAL M 97 18.77 -137.00 51.15
C VAL M 97 17.83 -136.56 50.03
N VAL M 98 18.40 -136.15 48.91
CA VAL M 98 17.66 -135.68 47.75
C VAL M 98 17.58 -136.82 46.75
N VAL M 99 16.40 -137.09 46.23
CA VAL M 99 16.19 -138.11 45.21
C VAL M 99 15.82 -137.37 43.93
N VAL M 100 16.77 -137.23 43.01
CA VAL M 100 16.55 -136.48 41.78
C VAL M 100 17.01 -137.32 40.61
N GLY M 101 16.35 -137.17 39.46
CA GLY M 101 16.74 -137.93 38.29
C GLY M 101 15.95 -137.49 37.08
N ASP M 102 16.27 -138.12 35.94
CA ASP M 102 15.56 -137.86 34.70
C ASP M 102 14.09 -138.23 34.84
N GLN M 103 13.23 -137.53 34.09
CA GLN M 103 11.81 -137.83 34.13
C GLN M 103 11.55 -139.30 33.84
N SER M 104 10.74 -139.93 34.68
CA SER M 104 10.28 -141.30 34.46
C SER M 104 11.44 -142.25 34.27
N ALA M 105 12.54 -142.00 34.99
CA ALA M 105 13.70 -142.88 34.95
C ALA M 105 13.61 -144.02 35.95
N GLY M 106 12.56 -144.08 36.75
CA GLY M 106 12.45 -145.07 37.81
C GLY M 106 12.95 -144.60 39.16
N LYS M 107 13.29 -143.31 39.30
CA LYS M 107 13.77 -142.81 40.57
C LYS M 107 12.74 -143.00 41.69
N THR M 108 11.46 -142.85 41.37
CA THR M 108 10.43 -143.14 42.36
C THR M 108 10.48 -144.60 42.77
N SER M 109 10.75 -145.50 41.82
CA SER M 109 10.93 -146.90 42.17
C SER M 109 12.18 -147.11 42.99
N VAL M 110 13.24 -146.33 42.75
CA VAL M 110 14.43 -146.43 43.59
C VAL M 110 14.08 -146.09 45.03
N LEU M 111 13.38 -144.98 45.24
CA LEU M 111 12.99 -144.58 46.58
C LEU M 111 12.08 -145.62 47.22
N GLU M 112 11.10 -146.12 46.47
CA GLU M 112 10.15 -147.08 47.02
C GLU M 112 10.83 -148.38 47.40
N MET M 113 11.78 -148.84 46.58
CA MET M 113 12.54 -150.04 46.91
C MET M 113 13.39 -149.82 48.15
N ILE M 114 13.99 -148.64 48.28
CA ILE M 114 14.70 -148.33 49.52
C ILE M 114 13.71 -148.34 50.69
N ALA M 115 12.50 -147.82 50.48
CA ALA M 115 11.47 -147.84 51.51
C ALA M 115 10.82 -149.22 51.65
N GLN M 116 11.10 -150.16 50.74
CA GLN M 116 10.60 -151.53 50.84
C GLN M 116 9.08 -151.59 50.73
N ALA M 117 8.50 -150.71 49.92
CA ALA M 117 7.06 -150.75 49.67
C ALA M 117 6.72 -149.78 48.55
N ARG M 118 5.64 -150.07 47.83
CA ARG M 118 5.10 -149.18 46.81
C ARG M 118 4.23 -148.12 47.50
N ILE M 119 4.92 -147.12 48.05
CA ILE M 119 4.25 -146.13 48.90
C ILE M 119 3.76 -144.92 48.11
N PHE M 120 4.38 -144.60 46.92
CA PHE M 120 3.98 -143.40 46.21
C PHE M 120 3.08 -143.73 45.02
N PRO M 121 2.13 -142.85 44.70
CA PRO M 121 1.24 -143.10 43.56
C PRO M 121 2.00 -143.03 42.25
N ARG M 122 1.57 -143.85 41.30
CA ARG M 122 2.15 -143.90 39.96
C ARG M 122 1.01 -143.96 38.92
N GLY M 123 -0.01 -143.12 39.14
CA GLY M 123 -1.20 -143.20 38.30
C GLY M 123 -0.90 -142.96 36.83
N SER M 124 -0.05 -141.99 36.53
CA SER M 124 0.29 -141.64 35.16
C SER M 124 1.81 -141.47 35.04
N GLY M 125 2.28 -141.45 33.79
CA GLY M 125 3.69 -141.32 33.51
C GLY M 125 4.15 -139.94 33.08
N GLU M 126 3.27 -138.94 33.08
CA GLU M 126 3.67 -137.60 32.66
C GLU M 126 3.61 -136.59 33.80
N MET M 127 2.43 -136.43 34.41
CA MET M 127 2.28 -135.42 35.45
C MET M 127 2.59 -135.99 36.83
N MET M 128 2.45 -137.30 37.01
CA MET M 128 2.66 -137.92 38.31
C MET M 128 4.13 -138.16 38.62
N THR M 129 5.02 -137.93 37.65
CA THR M 129 6.45 -138.09 37.83
C THR M 129 7.18 -136.76 37.93
N ARG M 130 6.45 -135.65 37.99
CA ARG M 130 7.04 -134.31 38.02
C ARG M 130 6.53 -133.50 39.21
N SER M 131 6.31 -134.15 40.35
CA SER M 131 5.85 -133.49 41.56
C SER M 131 6.54 -134.10 42.77
N PRO M 132 6.77 -133.30 43.82
CA PRO M 132 7.56 -133.79 44.96
C PRO M 132 6.76 -134.58 46.00
N VAL M 133 7.45 -135.52 46.63
CA VAL M 133 7.01 -136.16 47.87
C VAL M 133 8.22 -136.23 48.80
N LYS M 134 7.97 -136.32 50.11
CA LYS M 134 9.02 -136.60 51.08
C LYS M 134 8.62 -137.77 51.97
N VAL M 135 9.56 -138.68 52.21
CA VAL M 135 9.31 -139.84 53.05
C VAL M 135 10.50 -140.05 53.98
N THR M 136 10.22 -140.21 55.28
CA THR M 136 11.24 -140.66 56.22
C THR M 136 11.28 -142.18 56.26
N LEU M 137 12.48 -142.71 56.49
CA LEU M 137 12.74 -144.14 56.55
C LEU M 137 13.28 -144.47 57.93
N SER M 138 12.63 -145.43 58.61
CA SER M 138 12.95 -145.77 59.98
C SER M 138 12.93 -147.28 60.17
N GLU M 139 13.74 -147.74 61.13
CA GLU M 139 13.71 -149.13 61.55
C GLU M 139 12.39 -149.42 62.27
N GLY M 140 11.92 -150.65 62.13
CA GLY M 140 10.72 -151.08 62.81
C GLY M 140 10.60 -152.59 62.89
N PRO M 141 9.71 -153.07 63.76
CA PRO M 141 9.38 -154.50 63.78
C PRO M 141 8.32 -154.91 62.78
N HIS M 142 7.66 -153.94 62.14
CA HIS M 142 6.60 -154.21 61.18
C HIS M 142 6.57 -153.08 60.18
N HIS M 143 6.26 -153.42 58.92
CA HIS M 143 6.29 -152.44 57.83
C HIS M 143 4.99 -151.64 57.88
N VAL M 144 5.06 -150.44 58.44
CA VAL M 144 3.87 -149.61 58.65
C VAL M 144 4.19 -148.15 58.34
N ALA M 145 3.21 -147.42 57.82
CA ALA M 145 3.39 -146.05 57.42
C ALA M 145 2.36 -145.16 58.11
N LEU M 146 2.77 -143.92 58.40
CA LEU M 146 1.93 -142.95 59.09
C LEU M 146 2.24 -141.56 58.59
N PHE M 147 1.21 -140.77 58.32
CA PHE M 147 1.39 -139.41 57.86
C PHE M 147 1.58 -138.45 59.03
N LYS M 148 2.24 -137.32 58.73
CA LYS M 148 2.30 -136.22 59.68
C LYS M 148 0.92 -135.77 60.12
N ASP M 149 -0.03 -135.70 59.18
CA ASP M 149 -1.32 -135.07 59.40
C ASP M 149 -2.47 -136.07 59.45
N SER M 150 -2.20 -137.33 59.78
CA SER M 150 -3.24 -138.34 59.84
C SER M 150 -2.95 -139.32 60.96
N SER M 151 -4.01 -139.78 61.62
CA SER M 151 -3.90 -140.79 62.66
C SER M 151 -3.91 -142.22 62.12
N ARG M 152 -4.19 -142.40 60.83
CA ARG M 152 -4.29 -143.73 60.26
C ARG M 152 -2.90 -144.32 60.03
N GLU M 153 -2.74 -145.58 60.43
CA GLU M 153 -1.55 -146.36 60.11
C GLU M 153 -1.86 -147.26 58.92
N PHE M 154 -0.89 -147.41 58.02
CA PHE M 154 -1.07 -148.16 56.78
C PHE M 154 -0.21 -149.41 56.82
N ASP M 155 -0.83 -150.56 56.57
CA ASP M 155 -0.12 -151.82 56.49
C ASP M 155 0.57 -151.89 55.14
N LEU M 156 1.90 -151.96 55.13
CA LEU M 156 2.68 -151.90 53.91
C LEU M 156 2.82 -153.25 53.22
N THR M 157 2.24 -154.31 53.78
CA THR M 157 2.27 -155.63 53.18
C THR M 157 0.96 -156.00 52.51
N LYS M 158 -0.02 -155.11 52.49
CA LYS M 158 -1.34 -155.37 51.92
C LYS M 158 -1.65 -154.33 50.86
N GLU M 159 -2.35 -154.75 49.80
CA GLU M 159 -2.61 -153.85 48.68
C GLU M 159 -3.56 -152.74 49.06
N GLU M 160 -4.53 -153.02 49.93
CA GLU M 160 -5.54 -152.01 50.26
C GLU M 160 -4.91 -150.80 50.96
N ASP M 161 -4.06 -151.05 51.96
CA ASP M 161 -3.48 -149.95 52.71
C ASP M 161 -2.44 -149.20 51.89
N LEU M 162 -1.66 -149.92 51.08
CA LEU M 162 -0.73 -149.25 50.18
C LEU M 162 -1.48 -148.39 49.17
N ALA M 163 -2.62 -148.89 48.69
CA ALA M 163 -3.43 -148.10 47.75
C ALA M 163 -3.98 -146.85 48.42
N ALA M 164 -4.46 -146.98 49.66
CA ALA M 164 -4.94 -145.80 50.38
C ALA M 164 -3.81 -144.80 50.64
N LEU M 165 -2.62 -145.31 50.95
CA LEU M 165 -1.46 -144.46 51.18
C LEU M 165 -1.10 -143.70 49.90
N ARG M 166 -1.02 -144.42 48.78
CA ARG M 166 -0.77 -143.79 47.50
C ARG M 166 -1.86 -142.79 47.17
N HIS M 167 -3.11 -143.11 47.56
CA HIS M 167 -4.23 -142.23 47.28
C HIS M 167 -4.12 -140.91 48.03
N GLU M 168 -3.77 -140.98 49.32
CA GLU M 168 -3.57 -139.74 50.08
C GLU M 168 -2.44 -138.92 49.48
N ILE M 169 -1.32 -139.57 49.17
CA ILE M 169 -0.23 -138.83 48.56
C ILE M 169 -0.71 -138.20 47.26
N GLU M 170 -1.38 -138.98 46.41
CA GLU M 170 -1.85 -138.48 45.12
C GLU M 170 -2.79 -137.30 45.29
N LEU M 171 -3.72 -137.37 46.25
CA LEU M 171 -4.60 -136.25 46.51
C LEU M 171 -3.81 -134.99 46.79
N ARG M 172 -2.69 -135.13 47.50
CA ARG M 172 -1.84 -133.97 47.71
C ARG M 172 -1.01 -133.63 46.45
N MET M 173 -0.63 -134.65 45.67
CA MET M 173 0.29 -134.46 44.56
C MET M 173 -0.33 -133.73 43.39
N ARG M 174 -1.56 -134.08 43.03
CA ARG M 174 -2.18 -133.57 41.82
C ARG M 174 -2.77 -132.19 42.03
N LYS M 175 -2.64 -131.65 43.24
CA LYS M 175 -3.10 -130.31 43.57
C LYS M 175 -1.95 -129.34 43.83
N ASN M 176 -0.82 -129.85 44.29
CA ASN M 176 0.35 -129.01 44.58
C ASN M 176 1.14 -128.73 43.31
N VAL M 177 0.45 -128.14 42.34
CA VAL M 177 1.02 -127.87 41.03
C VAL M 177 0.35 -126.62 40.47
N LYS M 178 1.16 -125.73 39.89
CA LYS M 178 0.61 -124.57 39.20
C LYS M 178 -0.17 -125.04 37.98
N GLU M 179 -1.30 -124.37 37.74
CA GLU M 179 -2.17 -124.77 36.63
C GLU M 179 -1.44 -124.62 35.30
N GLY M 180 -1.48 -125.66 34.50
CA GLY M 180 -0.73 -125.72 33.26
C GLY M 180 0.71 -126.15 33.48
N CYS M 181 1.39 -125.52 34.44
CA CYS M 181 2.75 -125.93 34.77
C CYS M 181 2.80 -127.38 35.24
N THR M 182 1.85 -127.79 36.07
CA THR M 182 1.79 -129.12 36.64
C THR M 182 3.00 -129.40 37.53
N VAL M 183 3.72 -128.35 37.94
CA VAL M 183 4.90 -128.48 38.78
C VAL M 183 4.97 -127.30 39.75
N SER M 184 4.89 -127.59 41.03
CA SER M 184 5.03 -126.56 42.07
C SER M 184 5.73 -127.15 43.28
N PRO M 185 6.55 -126.37 43.97
CA PRO M 185 7.14 -126.86 45.23
C PRO M 185 6.10 -126.91 46.34
N GLU M 186 6.15 -128.00 47.11
CA GLU M 186 5.28 -128.17 48.27
C GLU M 186 5.77 -129.39 49.04
N THR M 187 5.33 -129.48 50.30
CA THR M 187 5.81 -130.49 51.22
C THR M 187 4.71 -131.51 51.50
N ILE M 188 5.04 -132.78 51.31
CA ILE M 188 4.21 -133.90 51.73
C ILE M 188 5.10 -134.82 52.55
N SER M 189 4.71 -135.09 53.79
CA SER M 189 5.58 -135.76 54.76
C SER M 189 4.93 -137.06 55.21
N LEU M 190 5.56 -138.18 54.88
CA LEU M 190 5.14 -139.51 55.31
C LEU M 190 6.29 -140.18 56.05
N ASN M 191 5.98 -140.91 57.12
CA ASN M 191 6.94 -141.69 57.85
C ASN M 191 6.70 -143.16 57.57
N VAL M 192 7.69 -143.81 56.95
CA VAL M 192 7.60 -145.22 56.59
C VAL M 192 8.57 -145.98 57.49
N LYS M 193 8.08 -147.05 58.11
CA LYS M 193 8.80 -147.82 59.10
C LYS M 193 8.78 -149.29 58.72
N GLY M 194 9.80 -150.04 59.15
CA GLY M 194 9.79 -151.47 58.97
C GLY M 194 11.15 -152.12 59.14
N PRO M 195 11.16 -153.44 59.31
CA PRO M 195 12.44 -154.17 59.41
C PRO M 195 13.31 -153.96 58.18
N GLY M 196 14.62 -153.82 58.42
CA GLY M 196 15.58 -153.67 57.35
C GLY M 196 15.68 -152.27 56.79
N LEU M 197 14.79 -151.37 57.20
CA LEU M 197 14.79 -150.01 56.67
C LEU M 197 15.75 -149.15 57.48
N GLN M 198 16.48 -148.29 56.78
CA GLN M 198 17.53 -147.49 57.39
C GLN M 198 17.09 -146.17 58.01
N ARG M 199 18.04 -145.50 58.65
CA ARG M 199 17.82 -144.18 59.26
C ARG M 199 18.08 -143.03 58.30
N MET M 200 17.09 -142.76 57.45
CA MET M 200 17.21 -141.72 56.39
C MET M 200 16.00 -140.81 56.27
N VAL M 201 16.07 -139.77 55.45
CA VAL M 201 14.93 -138.94 55.05
C VAL M 201 15.11 -138.55 53.59
N LEU M 202 14.30 -139.14 52.70
CA LEU M 202 14.48 -138.96 51.26
C LEU M 202 13.39 -138.06 50.69
N VAL M 203 13.80 -137.14 49.81
CA VAL M 203 12.90 -136.23 49.12
C VAL M 203 12.91 -136.58 47.64
N ASP M 204 11.78 -137.08 47.13
CA ASP M 204 11.59 -137.29 45.71
C ASP M 204 11.14 -135.97 45.08
N LEU M 205 11.94 -135.46 44.14
CA LEU M 205 11.69 -134.18 43.50
C LEU M 205 11.24 -134.36 42.05
N PRO M 206 10.52 -133.38 41.50
CA PRO M 206 9.99 -133.52 40.12
C PRO M 206 11.02 -134.03 39.13
N GLY M 207 10.60 -134.96 38.27
CA GLY M 207 11.50 -135.46 37.25
C GLY M 207 12.03 -134.34 36.38
N VAL M 208 13.29 -134.49 35.97
CA VAL M 208 13.98 -133.43 35.23
C VAL M 208 13.70 -133.63 33.75
N ILE M 209 13.51 -132.52 33.02
CA ILE M 209 13.26 -132.53 31.59
C ILE M 209 14.22 -131.57 30.90
N ASN M 210 14.45 -131.83 29.62
CA ASN M 210 15.25 -130.94 28.77
C ASN M 210 14.44 -130.24 27.69
N THR M 211 13.28 -130.78 27.31
CA THR M 211 12.43 -130.20 26.29
C THR M 211 11.00 -130.14 26.78
N VAL M 212 10.19 -129.31 26.11
CA VAL M 212 8.79 -129.14 26.44
C VAL M 212 7.96 -129.42 25.20
N THR M 213 6.80 -130.03 25.40
CA THR M 213 5.90 -130.43 24.33
C THR M 213 4.56 -129.72 24.48
N SER M 214 3.64 -130.02 23.56
CA SER M 214 2.36 -129.32 23.51
C SER M 214 1.48 -129.62 24.70
N GLY M 215 1.70 -130.74 25.39
CA GLY M 215 0.94 -131.10 26.55
C GLY M 215 1.45 -130.49 27.84
N MET M 216 2.49 -129.66 27.77
CA MET M 216 3.09 -129.07 28.96
C MET M 216 3.40 -127.62 28.68
N ALA M 217 3.50 -126.84 29.76
CA ALA M 217 3.81 -125.42 29.63
C ALA M 217 5.29 -125.24 29.31
N PRO M 218 5.65 -124.19 28.56
CA PRO M 218 7.08 -123.93 28.32
C PRO M 218 7.86 -123.66 29.60
N ASP M 219 7.22 -123.00 30.57
CA ASP M 219 7.89 -122.71 31.83
C ASP M 219 8.17 -123.98 32.64
N THR M 220 7.50 -125.09 32.32
CA THR M 220 7.64 -126.29 33.13
C THR M 220 9.11 -126.70 33.26
N LYS M 221 9.89 -126.51 32.20
CA LYS M 221 11.30 -126.90 32.26
C LYS M 221 12.03 -126.11 33.33
N GLU M 222 11.77 -124.80 33.43
CA GLU M 222 12.48 -123.98 34.41
C GLU M 222 11.98 -124.25 35.82
N THR M 223 10.66 -124.34 36.00
CA THR M 223 10.13 -124.54 37.35
C THR M 223 10.71 -125.77 38.00
N ILE M 224 10.79 -126.88 37.25
CA ILE M 224 11.40 -128.09 37.78
C ILE M 224 12.79 -127.78 38.30
N PHE M 225 13.59 -127.10 37.47
CA PHE M 225 14.95 -126.77 37.88
C PHE M 225 14.93 -126.00 39.18
N SER M 226 14.02 -125.03 39.29
CA SER M 226 13.97 -124.21 40.50
C SER M 226 13.69 -125.08 41.72
N ILE M 227 12.78 -126.04 41.59
CA ILE M 227 12.57 -126.98 42.69
C ILE M 227 13.79 -127.88 42.83
N SER M 228 14.30 -128.37 41.72
CA SER M 228 15.41 -129.32 41.77
C SER M 228 16.62 -128.69 42.43
N LYS M 229 16.87 -127.43 42.12
CA LYS M 229 18.02 -126.72 42.69
C LYS M 229 17.80 -126.41 44.17
N ALA M 230 16.54 -126.28 44.61
CA ALA M 230 16.26 -125.82 45.96
C ALA M 230 16.83 -126.78 47.02
N TYR M 231 16.51 -128.08 46.93
CA TYR M 231 17.00 -129.03 47.92
C TYR M 231 18.44 -129.50 47.65
N MET M 232 18.89 -129.48 46.39
CA MET M 232 20.30 -129.75 46.10
C MET M 232 21.23 -128.73 46.74
N GLN M 233 20.75 -127.50 46.98
CA GLN M 233 21.65 -126.47 47.51
C GLN M 233 22.19 -126.87 48.87
N ASN M 234 21.42 -127.66 49.63
CA ASN M 234 21.82 -128.08 50.96
C ASN M 234 23.23 -128.69 50.91
N PRO M 235 24.23 -128.04 51.52
CA PRO M 235 25.57 -128.66 51.55
C PRO M 235 25.63 -129.93 52.38
N ASN M 236 24.64 -130.16 53.24
CA ASN M 236 24.57 -131.38 54.05
C ASN M 236 23.64 -132.41 53.43
N ALA M 237 23.32 -132.29 52.16
CA ALA M 237 22.46 -133.25 51.50
C ALA M 237 23.30 -134.28 50.75
N ILE M 238 22.80 -135.51 50.73
CA ILE M 238 23.30 -136.55 49.85
C ILE M 238 22.37 -136.58 48.64
N ILE M 239 22.92 -136.27 47.47
CA ILE M 239 22.13 -136.09 46.26
C ILE M 239 22.23 -137.35 45.43
N LEU M 240 21.12 -138.05 45.27
CA LEU M 240 21.05 -139.24 44.43
C LEU M 240 20.66 -138.79 43.03
N CYS M 241 21.65 -138.75 42.14
CA CYS M 241 21.48 -138.39 40.74
C CYS M 241 21.15 -139.69 40.01
N ILE M 242 19.88 -139.83 39.64
CA ILE M 242 19.34 -141.09 39.16
C ILE M 242 19.12 -140.94 37.66
N GLN M 243 19.82 -141.75 36.89
CA GLN M 243 19.81 -141.63 35.44
C GLN M 243 19.27 -142.90 34.81
N ASP M 244 18.53 -142.70 33.72
CA ASP M 244 17.93 -143.80 32.96
C ASP M 244 19.03 -144.50 32.20
N GLY M 245 19.29 -145.76 32.56
CA GLY M 245 20.38 -146.51 31.95
C GLY M 245 20.16 -146.85 30.49
N SER M 246 18.95 -146.66 29.97
CA SER M 246 18.66 -147.00 28.58
C SER M 246 19.11 -145.92 27.60
N VAL M 247 19.55 -144.76 28.10
CA VAL M 247 20.02 -143.67 27.24
C VAL M 247 21.47 -143.35 27.61
N ASP M 248 22.13 -142.66 26.69
CA ASP M 248 23.55 -142.36 26.87
C ASP M 248 23.77 -141.54 28.14
N ALA M 249 24.84 -141.87 28.85
CA ALA M 249 25.22 -141.09 30.02
C ALA M 249 25.57 -139.66 29.64
N GLU M 250 26.15 -139.46 28.45
CA GLU M 250 26.48 -138.11 28.00
C GLU M 250 25.24 -137.26 27.79
N ARG M 251 24.07 -137.88 27.68
CA ARG M 251 22.82 -137.17 27.42
C ARG M 251 21.99 -136.98 28.69
N SER M 252 22.55 -137.27 29.85
CA SER M 252 21.82 -137.09 31.10
C SER M 252 21.39 -135.64 31.25
N ILE M 253 20.15 -135.43 31.67
CA ILE M 253 19.61 -134.10 31.87
C ILE M 253 19.79 -133.63 33.31
N VAL M 254 19.59 -134.54 34.26
CA VAL M 254 19.73 -134.19 35.67
C VAL M 254 21.16 -133.77 36.00
N THR M 255 22.14 -134.39 35.34
CA THR M 255 23.54 -134.06 35.65
C THR M 255 23.80 -132.58 35.49
N ASP M 256 23.31 -131.97 34.40
CA ASP M 256 23.56 -130.57 34.14
C ASP M 256 22.96 -129.66 35.22
N LEU M 257 22.05 -130.19 36.04
CA LEU M 257 21.54 -129.50 37.22
C LEU M 257 22.39 -129.78 38.45
N VAL M 258 22.80 -131.03 38.64
CA VAL M 258 23.59 -131.37 39.83
C VAL M 258 24.91 -130.62 39.82
N SER M 259 25.51 -130.46 38.63
CA SER M 259 26.76 -129.71 38.51
C SER M 259 26.59 -128.24 38.89
N GLN M 260 25.36 -127.73 38.95
CA GLN M 260 25.16 -126.36 39.40
C GLN M 260 25.16 -126.23 40.93
N MET M 261 25.02 -127.33 41.65
CA MET M 261 25.13 -127.34 43.10
C MET M 261 26.36 -128.06 43.60
N ASP M 262 26.87 -129.02 42.84
CA ASP M 262 28.10 -129.73 43.18
C ASP M 262 28.87 -129.95 41.89
N PRO M 263 29.64 -128.95 41.45
CA PRO M 263 30.27 -129.03 40.12
C PRO M 263 31.10 -130.28 39.91
N HIS M 264 31.59 -130.91 40.98
CA HIS M 264 32.45 -132.08 40.87
C HIS M 264 31.83 -133.32 41.51
N GLY M 265 30.58 -133.24 41.95
CA GLY M 265 29.93 -134.40 42.54
C GLY M 265 30.46 -134.82 43.88
N ARG M 266 31.02 -133.90 44.65
CA ARG M 266 31.64 -134.26 45.93
C ARG M 266 30.64 -134.92 46.88
N ARG M 267 29.43 -134.38 46.97
CA ARG M 267 28.42 -134.91 47.90
C ARG M 267 27.31 -135.65 47.18
N THR M 268 27.57 -136.13 45.97
CA THR M 268 26.55 -136.77 45.14
C THR M 268 26.87 -138.26 44.98
N ILE M 269 25.83 -139.00 44.62
CA ILE M 269 25.91 -140.43 44.32
C ILE M 269 25.20 -140.66 42.99
N PHE M 270 25.76 -141.54 42.18
CA PHE M 270 25.17 -141.89 40.89
C PHE M 270 24.33 -143.15 41.03
N VAL M 271 23.13 -143.13 40.46
CA VAL M 271 22.22 -144.26 40.45
C VAL M 271 21.89 -144.58 39.00
N LEU M 272 22.08 -145.83 38.61
CA LEU M 272 21.79 -146.32 37.26
C LEU M 272 20.50 -147.12 37.31
N THR M 273 19.46 -146.64 36.63
CA THR M 273 18.16 -147.30 36.66
C THR M 273 17.95 -148.13 35.40
N LYS M 274 16.92 -148.98 35.46
CA LYS M 274 16.54 -149.80 34.31
C LYS M 274 17.71 -150.65 33.81
N VAL M 275 18.46 -151.23 34.76
CA VAL M 275 19.64 -151.99 34.42
C VAL M 275 19.27 -153.25 33.63
N ASP M 276 18.12 -153.85 33.95
CA ASP M 276 17.67 -155.06 33.27
C ASP M 276 16.92 -154.77 31.98
N LEU M 277 16.73 -153.49 31.65
CA LEU M 277 16.19 -153.08 30.37
C LEU M 277 17.24 -152.48 29.44
N ALA M 278 18.27 -151.83 30.00
CA ALA M 278 19.36 -151.25 29.22
C ALA M 278 20.43 -152.30 28.93
N GLU M 279 20.04 -153.32 28.17
CA GLU M 279 20.95 -154.43 27.87
C GLU M 279 22.21 -153.95 27.17
N LYS M 280 22.10 -152.91 26.33
CA LYS M 280 23.27 -152.46 25.58
C LYS M 280 24.40 -152.00 26.48
N ASN M 281 24.10 -151.62 27.73
CA ASN M 281 25.11 -151.17 28.67
C ASN M 281 25.51 -152.26 29.66
N VAL M 282 24.54 -152.83 30.38
CA VAL M 282 24.86 -153.81 31.42
C VAL M 282 25.62 -154.99 30.86
N ALA M 283 25.56 -155.22 29.55
CA ALA M 283 26.25 -156.32 28.91
C ALA M 283 27.60 -155.92 28.33
N SER M 284 28.05 -154.68 28.52
CA SER M 284 29.27 -154.20 27.89
C SER M 284 30.14 -153.43 28.88
N PRO M 285 31.32 -153.94 29.24
CA PRO M 285 32.17 -153.19 30.18
C PRO M 285 32.53 -151.80 29.69
N SER M 286 32.70 -151.60 28.38
CA SER M 286 33.22 -150.34 27.86
C SER M 286 32.34 -149.15 28.22
N ARG M 287 31.08 -149.39 28.56
CA ARG M 287 30.17 -148.35 29.00
C ARG M 287 29.99 -148.36 30.51
N ILE M 288 29.83 -149.55 31.08
CA ILE M 288 29.48 -149.67 32.50
C ILE M 288 30.63 -149.28 33.39
N GLN M 289 31.86 -149.67 33.04
CA GLN M 289 32.96 -149.35 33.96
C GLN M 289 33.20 -147.84 34.01
N GLN M 290 33.02 -147.15 32.88
CA GLN M 290 33.10 -145.69 32.91
C GLN M 290 31.93 -145.09 33.66
N ILE M 291 30.72 -145.62 33.47
CA ILE M 291 29.54 -145.01 34.08
C ILE M 291 29.58 -145.19 35.60
N ILE M 292 30.07 -146.34 36.07
CA ILE M 292 30.02 -146.68 37.49
C ILE M 292 31.31 -146.29 38.22
N GLU M 293 32.43 -146.10 37.52
CA GLU M 293 33.65 -145.69 38.19
C GLU M 293 33.74 -144.18 38.35
N GLY M 294 33.06 -143.44 37.47
CA GLY M 294 33.09 -141.99 37.53
C GLY M 294 33.95 -141.38 36.43
N LYS M 295 34.13 -142.12 35.34
CA LYS M 295 34.89 -141.65 34.19
C LYS M 295 34.00 -141.14 33.07
N LEU M 296 32.78 -141.65 32.97
CA LEU M 296 31.84 -141.21 31.94
C LEU M 296 31.13 -139.92 32.32
N PHE M 297 31.24 -139.49 33.58
CA PHE M 297 30.58 -138.29 34.08
C PHE M 297 31.61 -137.26 34.54
N PRO M 298 31.25 -135.98 34.55
CA PRO M 298 32.07 -134.99 35.26
C PRO M 298 32.01 -135.15 36.77
N MET M 299 31.10 -135.98 37.28
CA MET M 299 30.82 -136.10 38.71
C MET M 299 31.70 -137.17 39.34
N LYS M 300 32.38 -136.82 40.42
CA LYS M 300 33.20 -137.73 41.21
C LYS M 300 32.45 -137.98 42.51
N ALA M 301 31.62 -139.02 42.50
CA ALA M 301 30.57 -139.19 43.50
C ALA M 301 31.10 -139.78 44.81
N LEU M 302 30.24 -139.71 45.83
CA LEU M 302 30.42 -140.51 47.04
C LEU M 302 30.35 -142.00 46.76
N GLY M 303 29.70 -142.39 45.67
CA GLY M 303 29.56 -143.79 45.32
C GLY M 303 28.74 -143.91 44.05
N TYR M 304 28.71 -145.13 43.53
CA TYR M 304 28.01 -145.42 42.28
C TYR M 304 27.26 -146.73 42.45
N PHE M 305 25.97 -146.74 42.08
CA PHE M 305 25.13 -147.90 42.33
C PHE M 305 24.21 -148.17 41.15
N ALA M 306 23.88 -149.44 40.96
CA ALA M 306 23.00 -149.90 39.89
C ALA M 306 21.79 -150.62 40.50
N VAL M 307 20.59 -150.32 39.98
CA VAL M 307 19.36 -150.83 40.55
C VAL M 307 18.39 -151.22 39.43
N VAL M 308 17.44 -152.10 39.78
CA VAL M 308 16.34 -152.49 38.91
C VAL M 308 15.08 -151.79 39.39
N THR M 309 14.46 -151.00 38.52
CA THR M 309 13.32 -150.17 38.89
C THR M 309 11.99 -150.67 38.33
N GLY M 310 11.96 -151.83 37.68
CA GLY M 310 10.74 -152.32 37.08
C GLY M 310 10.85 -152.49 35.58
N LYS M 311 10.15 -153.49 35.05
CA LYS M 311 10.29 -153.91 33.66
C LYS M 311 9.30 -153.15 32.77
N GLY M 312 9.33 -151.83 32.88
CA GLY M 312 8.45 -150.97 32.11
C GLY M 312 7.05 -150.83 32.66
N ASN M 313 6.73 -151.50 33.77
CA ASN M 313 5.42 -151.43 34.39
C ASN M 313 5.48 -150.45 35.55
N SER M 314 4.82 -149.30 35.39
CA SER M 314 4.85 -148.27 36.42
C SER M 314 4.14 -148.68 37.70
N SER M 315 3.32 -149.73 37.66
CA SER M 315 2.54 -150.16 38.81
C SER M 315 3.00 -151.51 39.37
N GLU M 316 4.17 -151.98 38.94
CA GLU M 316 4.65 -153.28 39.41
C GLU M 316 4.98 -153.24 40.88
N SER M 317 4.72 -154.34 41.58
CA SER M 317 4.94 -154.41 43.02
C SER M 317 6.42 -154.27 43.34
N ILE M 318 6.71 -153.54 44.42
CA ILE M 318 8.11 -153.32 44.82
C ILE M 318 8.76 -154.62 45.26
N GLU M 319 8.00 -155.50 45.92
CA GLU M 319 8.59 -156.76 46.39
C GLU M 319 9.07 -157.60 45.21
N ALA M 320 8.22 -157.72 44.19
CA ALA M 320 8.63 -158.46 42.99
C ALA M 320 9.81 -157.78 42.33
N ILE M 321 9.83 -156.45 42.31
CA ILE M 321 10.93 -155.73 41.69
C ILE M 321 12.24 -156.02 42.41
N ARG M 322 12.20 -156.08 43.74
CA ARG M 322 13.43 -156.37 44.50
C ARG M 322 13.88 -157.81 44.29
N GLU M 323 12.93 -158.76 44.27
CA GLU M 323 13.31 -160.14 43.98
C GLU M 323 13.95 -160.26 42.61
N TYR M 324 13.36 -159.59 41.62
CA TYR M 324 13.91 -159.60 40.27
C TYR M 324 15.25 -158.88 40.21
N GLU M 325 15.43 -157.83 41.03
CA GLU M 325 16.71 -157.15 41.10
C GLU M 325 17.80 -158.08 41.60
N GLU M 326 17.52 -158.81 42.68
CA GLU M 326 18.52 -159.74 43.19
C GLU M 326 18.82 -160.84 42.17
N GLU M 327 17.79 -161.33 41.48
CA GLU M 327 18.02 -162.37 40.49
C GLU M 327 18.79 -161.85 39.27
N PHE M 328 18.51 -160.62 38.84
CA PHE M 328 19.05 -160.12 37.58
C PHE M 328 20.57 -160.03 37.60
N PHE M 329 21.13 -159.41 38.63
CA PHE M 329 22.58 -159.19 38.66
C PHE M 329 23.31 -160.53 38.61
N GLN M 330 22.79 -161.54 39.31
CA GLN M 330 23.36 -162.88 39.18
C GLN M 330 23.21 -163.41 37.77
N ASN M 331 22.03 -163.19 37.16
CA ASN M 331 21.84 -163.66 35.78
C ASN M 331 22.73 -162.90 34.81
N SER M 332 22.90 -161.59 35.02
CA SER M 332 23.56 -160.75 34.04
C SER M 332 25.06 -161.03 33.95
N LYS M 333 25.63 -160.64 32.81
CA LYS M 333 27.08 -160.71 32.61
C LYS M 333 27.83 -159.87 33.62
N LEU M 334 27.18 -158.84 34.17
CA LEU M 334 27.89 -157.79 34.86
C LEU M 334 28.67 -158.30 36.07
N LEU M 335 28.09 -159.23 36.84
CA LEU M 335 28.80 -159.76 38.00
C LEU M 335 29.97 -160.64 37.57
N LYS M 336 29.80 -161.42 36.51
CA LYS M 336 30.85 -162.35 36.09
C LYS M 336 32.09 -161.63 35.60
N THR M 337 31.91 -160.56 34.81
CA THR M 337 33.02 -159.86 34.18
C THR M 337 33.45 -158.61 34.92
N SER M 338 32.93 -158.39 36.12
CA SER M 338 33.39 -157.31 37.01
C SER M 338 33.34 -155.94 36.33
N MET M 339 32.25 -155.67 35.62
CA MET M 339 31.97 -154.31 35.18
C MET M 339 31.23 -153.52 36.25
N LEU M 340 30.40 -154.19 37.04
CA LEU M 340 29.85 -153.65 38.27
C LEU M 340 30.31 -154.51 39.43
N LYS M 341 30.70 -153.86 40.53
CA LYS M 341 31.16 -154.59 41.70
C LYS M 341 29.98 -154.90 42.61
N ALA M 342 30.14 -155.97 43.40
CA ALA M 342 29.03 -156.50 44.18
C ALA M 342 28.46 -155.47 45.13
N HIS M 343 29.29 -154.60 45.69
CA HIS M 343 28.83 -153.54 46.58
C HIS M 343 28.23 -152.36 45.84
N GLN M 344 28.27 -152.37 44.51
CA GLN M 344 27.72 -151.30 43.69
C GLN M 344 26.35 -151.63 43.11
N VAL M 345 25.73 -152.73 43.52
CA VAL M 345 24.50 -153.20 42.90
C VAL M 345 23.44 -153.44 43.96
N THR M 346 22.18 -153.36 43.53
CA THR M 346 21.02 -153.69 44.35
C THR M 346 20.67 -152.59 45.34
N THR M 347 19.46 -152.67 45.89
CA THR M 347 18.97 -151.64 46.81
C THR M 347 19.78 -151.61 48.10
N ARG M 348 20.16 -152.79 48.61
CA ARG M 348 20.77 -152.87 49.93
C ARG M 348 22.02 -152.00 50.03
N ASN M 349 22.90 -152.07 49.02
CA ASN M 349 24.18 -151.39 49.12
C ASN M 349 24.00 -149.87 49.06
N LEU M 350 23.16 -149.40 48.13
CA LEU M 350 22.88 -147.97 48.05
C LEU M 350 22.28 -147.47 49.34
N SER M 351 21.29 -148.21 49.87
CA SER M 351 20.62 -147.78 51.09
C SER M 351 21.60 -147.72 52.24
N LEU M 352 22.46 -148.73 52.39
CA LEU M 352 23.39 -148.75 53.52
C LEU M 352 24.42 -147.64 53.41
N ALA M 353 24.96 -147.40 52.22
CA ALA M 353 25.95 -146.32 52.09
C ALA M 353 25.34 -144.97 52.43
N VAL M 354 24.20 -144.66 51.83
CA VAL M 354 23.59 -143.35 52.06
C VAL M 354 23.15 -143.25 53.52
N SER M 355 22.67 -144.36 54.08
CA SER M 355 22.27 -144.37 55.49
C SER M 355 23.43 -144.05 56.41
N ASP M 356 24.58 -144.69 56.18
CA ASP M 356 25.71 -144.45 57.07
C ASP M 356 26.14 -142.99 57.02
N CYS M 357 26.33 -142.47 55.81
CA CYS M 357 26.75 -141.07 55.70
C CYS M 357 25.72 -140.16 56.36
N PHE M 358 24.45 -140.33 55.98
CA PHE M 358 23.40 -139.45 56.44
C PHE M 358 23.28 -139.48 57.95
N TRP M 359 23.22 -140.68 58.55
CA TRP M 359 22.92 -140.75 59.97
C TRP M 359 24.09 -140.32 60.84
N LYS M 360 25.33 -140.62 60.43
CA LYS M 360 26.45 -140.07 61.20
C LYS M 360 26.41 -138.56 61.18
N MET M 361 26.24 -137.99 59.98
CA MET M 361 26.21 -136.54 59.87
C MET M 361 25.00 -135.96 60.59
N VAL M 362 23.90 -136.71 60.67
CA VAL M 362 22.72 -136.27 61.42
C VAL M 362 23.01 -136.21 62.91
N ARG M 363 23.65 -137.24 63.46
CA ARG M 363 23.95 -137.20 64.89
C ARG M 363 24.76 -135.94 65.21
N GLU M 364 25.85 -135.75 64.47
CA GLU M 364 26.70 -134.59 64.77
C GLU M 364 26.00 -133.28 64.42
N SER M 365 25.22 -133.27 63.34
CA SER M 365 24.56 -132.06 62.88
C SER M 365 23.51 -131.52 63.83
N VAL M 366 22.71 -132.39 64.44
CA VAL M 366 21.72 -131.91 65.40
C VAL M 366 22.39 -131.51 66.72
N GLU M 367 23.42 -132.26 67.13
CA GLU M 367 24.17 -131.83 68.30
C GLU M 367 24.65 -130.40 68.06
N GLN M 368 25.05 -130.11 66.81
CA GLN M 368 25.50 -128.76 66.47
C GLN M 368 24.32 -127.78 66.36
N GLN M 369 23.22 -128.20 65.72
CA GLN M 369 22.18 -127.26 65.34
C GLN M 369 21.24 -126.91 66.48
N ALA M 370 21.09 -127.77 67.48
CA ALA M 370 20.36 -127.34 68.66
C ALA M 370 20.97 -126.06 69.21
N ASP M 371 22.29 -126.06 69.40
CA ASP M 371 22.99 -124.87 69.86
C ASP M 371 23.01 -123.79 68.79
N SER M 372 23.03 -124.17 67.51
CA SER M 372 22.97 -123.17 66.45
C SER M 372 21.70 -122.32 66.57
N PHE M 373 20.52 -122.96 66.64
CA PHE M 373 19.21 -122.24 66.65
C PHE M 373 19.03 -121.58 68.03
N LYS M 374 19.50 -122.20 69.12
CA LYS M 374 19.49 -121.58 70.49
C LYS M 374 20.41 -120.34 70.44
N ALA M 375 21.57 -120.43 69.79
CA ALA M 375 22.53 -119.30 69.60
C ALA M 375 21.82 -118.25 68.74
N THR M 376 21.02 -118.68 67.74
CA THR M 376 20.25 -117.75 66.86
C THR M 376 19.27 -117.00 67.78
N ARG M 377 18.63 -117.64 68.76
CA ARG M 377 17.73 -116.91 69.72
C ARG M 377 18.59 -115.90 70.48
N PHE M 378 19.80 -116.29 70.92
CA PHE M 378 20.71 -115.36 71.66
C PHE M 378 21.11 -114.20 70.72
N ASN M 379 21.43 -114.46 69.44
CA ASN M 379 21.81 -113.42 68.43
C ASN M 379 20.60 -112.51 68.18
N LEU M 380 19.40 -113.10 68.08
CA LEU M 380 18.11 -112.36 67.85
C LEU M 380 17.90 -111.45 69.08
N GLU M 381 18.25 -111.90 70.30
CA GLU M 381 18.07 -111.14 71.57
C GLU M 381 19.09 -109.98 71.67
N THR M 382 20.30 -110.06 71.09
CA THR M 382 21.21 -108.92 71.12
C THR M 382 20.67 -107.81 70.23
N GLU M 383 20.29 -108.16 69.00
CA GLU M 383 19.75 -107.15 68.09
C GLU M 383 18.48 -106.52 68.65
N TRP M 384 17.60 -107.33 69.23
CA TRP M 384 16.30 -106.83 69.66
C TRP M 384 16.44 -105.90 70.87
N LYS M 385 17.29 -106.27 71.83
CA LYS M 385 17.60 -105.35 72.92
C LYS M 385 18.20 -104.05 72.38
N ASN M 386 19.18 -104.16 71.48
CA ASN M 386 19.89 -102.95 71.05
C ASN M 386 18.97 -102.01 70.28
N ASN M 387 18.11 -102.56 69.42
CA ASN M 387 17.23 -101.73 68.60
C ASN M 387 16.23 -100.96 69.46
N TYR M 388 15.55 -101.63 70.36
CA TYR M 388 14.52 -101.02 71.19
C TYR M 388 14.72 -101.48 72.63
N PRO M 389 14.25 -100.71 73.59
CA PRO M 389 14.12 -101.24 74.95
C PRO M 389 13.23 -102.47 74.90
N ARG M 390 13.61 -103.49 75.68
CA ARG M 390 12.93 -104.78 75.59
C ARG M 390 11.42 -104.58 75.69
N LEU M 391 10.70 -104.92 74.62
CA LEU M 391 9.26 -104.78 74.59
C LEU M 391 8.71 -105.60 73.43
N ARG M 392 7.58 -106.26 73.67
CA ARG M 392 6.92 -107.08 72.66
C ARG M 392 5.42 -106.82 72.61
N GLU M 393 4.96 -105.70 73.17
CA GLU M 393 3.53 -105.42 73.25
C GLU M 393 2.92 -105.23 71.87
N LEU M 394 3.65 -104.58 70.96
CA LEU M 394 3.09 -104.18 69.68
C LEU M 394 3.09 -105.33 68.68
N ASP M 395 2.45 -105.09 67.54
CA ASP M 395 2.42 -106.05 66.43
C ASP M 395 2.01 -105.31 65.17
N ARG M 396 2.32 -105.92 64.02
CA ARG M 396 1.98 -105.31 62.74
C ARG M 396 0.49 -105.03 62.63
N ASN M 397 -0.33 -106.02 62.98
CA ASN M 397 -1.78 -105.81 62.98
C ASN M 397 -2.19 -104.79 64.03
N GLU M 398 -1.54 -104.85 65.20
CA GLU M 398 -1.83 -103.88 66.25
C GLU M 398 -1.45 -102.47 65.83
N LEU M 399 -0.47 -102.32 64.94
CA LEU M 399 -0.19 -100.98 64.41
C LEU M 399 -1.40 -100.43 63.66
N PHE M 400 -2.03 -101.26 62.81
CA PHE M 400 -3.26 -100.82 62.16
C PHE M 400 -4.33 -100.51 63.18
N GLU M 401 -4.48 -101.34 64.21
CA GLU M 401 -5.53 -101.10 65.20
C GLU M 401 -5.31 -99.77 65.92
N LYS M 402 -4.07 -99.50 66.31
CA LYS M 402 -3.77 -98.27 67.05
C LYS M 402 -3.89 -97.03 66.16
N ALA M 403 -3.43 -97.11 64.92
CA ALA M 403 -3.58 -95.97 64.02
C ALA M 403 -5.06 -95.75 63.70
N LYS M 404 -5.83 -96.83 63.58
CA LYS M 404 -7.28 -96.71 63.38
C LYS M 404 -7.93 -95.97 64.53
N ASN M 405 -7.60 -96.36 65.77
CA ASN M 405 -8.19 -95.71 66.93
C ASN M 405 -7.74 -94.27 67.05
N GLU M 406 -6.46 -94.00 66.78
CA GLU M 406 -5.98 -92.62 66.76
C GLU M 406 -6.76 -91.78 65.75
N ILE M 407 -6.98 -92.31 64.55
CA ILE M 407 -7.67 -91.55 63.52
C ILE M 407 -9.11 -91.30 63.93
N LEU M 408 -9.79 -92.32 64.43
CA LEU M 408 -11.19 -92.13 64.82
C LEU M 408 -11.32 -91.18 66.01
N ASP M 409 -10.36 -91.23 66.94
CA ASP M 409 -10.39 -90.31 68.07
C ASP M 409 -10.18 -88.88 67.60
N GLU M 410 -9.25 -88.66 66.68
CA GLU M 410 -9.03 -87.33 66.16
C GLU M 410 -10.22 -86.85 65.35
N VAL M 411 -10.89 -87.75 64.62
CA VAL M 411 -12.08 -87.36 63.87
C VAL M 411 -13.21 -86.96 64.81
N ILE M 412 -13.41 -87.73 65.87
CA ILE M 412 -14.43 -87.35 66.85
C ILE M 412 -14.07 -86.00 67.46
N SER M 413 -12.84 -85.85 67.95
CA SER M 413 -12.44 -84.59 68.55
C SER M 413 -12.63 -83.44 67.57
N LEU M 414 -12.34 -83.68 66.29
CA LEU M 414 -12.66 -82.72 65.24
C LEU M 414 -14.14 -82.36 65.29
N SER M 415 -14.99 -83.37 65.46
CA SER M 415 -16.43 -83.11 65.52
C SER M 415 -16.83 -82.31 66.75
N GLN M 416 -16.09 -82.46 67.86
CA GLN M 416 -16.34 -81.65 69.06
C GLN M 416 -15.38 -80.48 69.22
N VAL M 417 -14.66 -80.08 68.17
CA VAL M 417 -13.90 -78.84 68.23
C VAL M 417 -14.86 -77.69 68.53
N THR M 418 -14.44 -76.77 69.40
CA THR M 418 -15.23 -75.60 69.71
C THR M 418 -15.77 -75.00 68.42
N PRO M 419 -17.09 -74.96 68.22
CA PRO M 419 -17.61 -74.40 66.97
C PRO M 419 -17.07 -73.02 66.67
N LYS M 420 -16.97 -72.17 67.70
CA LYS M 420 -16.57 -70.78 67.48
C LYS M 420 -15.29 -70.71 66.67
N HIS M 421 -14.38 -71.67 66.89
CA HIS M 421 -13.17 -71.74 66.10
C HIS M 421 -13.47 -72.05 64.65
N TRP M 422 -14.45 -72.92 64.42
CA TRP M 422 -14.88 -73.23 63.05
C TRP M 422 -15.38 -71.97 62.36
N GLU M 423 -16.23 -71.18 63.04
CA GLU M 423 -16.71 -69.95 62.42
C GLU M 423 -15.58 -68.96 62.19
N GLU M 424 -14.62 -68.88 63.12
CA GLU M 424 -13.51 -67.95 62.91
C GLU M 424 -12.75 -68.30 61.64
N ILE M 425 -12.46 -69.60 61.45
CA ILE M 425 -11.76 -70.03 60.26
C ILE M 425 -12.57 -69.67 59.01
N LEU M 426 -13.86 -70.01 59.03
CA LEU M 426 -14.71 -69.78 57.87
C LEU M 426 -14.83 -68.29 57.56
N GLN M 427 -14.95 -67.46 58.60
CA GLN M 427 -15.09 -66.02 58.41
C GLN M 427 -13.84 -65.41 57.78
N GLN M 428 -12.66 -65.75 58.30
CA GLN M 428 -11.45 -65.17 57.75
C GLN M 428 -11.25 -65.64 56.30
N SER M 429 -11.50 -66.93 56.05
CA SER M 429 -11.36 -67.43 54.68
C SER M 429 -12.33 -66.75 53.74
N LEU M 430 -13.57 -66.55 54.18
CA LEU M 430 -14.58 -65.91 53.35
C LEU M 430 -14.18 -64.48 53.02
N TRP M 431 -13.70 -63.73 54.02
CA TRP M 431 -13.29 -62.36 53.74
C TRP M 431 -12.14 -62.33 52.75
N GLU M 432 -11.14 -63.20 52.93
CA GLU M 432 -10.03 -63.22 51.99
C GLU M 432 -10.50 -63.58 50.59
N ARG M 433 -11.49 -64.47 50.50
CA ARG M 433 -11.99 -64.90 49.19
C ARG M 433 -12.80 -63.80 48.51
N VAL M 434 -13.50 -62.97 49.30
CA VAL M 434 -14.48 -62.05 48.72
C VAL M 434 -14.02 -60.59 48.62
N SER M 435 -12.95 -60.19 49.33
CA SER M 435 -12.59 -58.78 49.36
C SER M 435 -12.34 -58.22 47.96
N THR M 436 -11.85 -59.05 47.03
CA THR M 436 -11.59 -58.59 45.68
C THR M 436 -12.87 -58.10 45.02
N HIS M 437 -13.94 -58.90 45.10
CA HIS M 437 -15.24 -58.46 44.58
C HIS M 437 -15.79 -57.30 45.39
N VAL M 438 -15.56 -57.31 46.70
CA VAL M 438 -16.13 -56.28 47.56
C VAL M 438 -15.63 -54.90 47.15
N ILE M 439 -14.34 -54.76 46.91
CA ILE M 439 -13.79 -53.43 46.66
C ILE M 439 -13.64 -53.15 45.17
N GLU M 440 -13.11 -54.09 44.38
CA GLU M 440 -12.83 -53.77 42.98
C GLU M 440 -14.10 -53.59 42.18
N ASN M 441 -15.12 -54.41 42.42
CA ASN M 441 -16.34 -54.37 41.62
C ASN M 441 -17.48 -53.62 42.29
N ILE M 442 -17.53 -53.62 43.62
CA ILE M 442 -18.69 -53.10 44.33
C ILE M 442 -18.38 -51.71 44.89
N TYR M 443 -17.39 -51.62 45.77
CA TYR M 443 -17.10 -50.34 46.41
C TYR M 443 -16.49 -49.35 45.43
N LEU M 444 -15.46 -49.77 44.70
CA LEU M 444 -14.64 -48.84 43.91
C LEU M 444 -15.50 -48.08 42.92
N PRO M 445 -16.31 -48.76 42.09
CA PRO M 445 -17.15 -48.01 41.14
C PRO M 445 -18.32 -47.29 41.79
N ALA M 446 -18.78 -47.72 42.97
CA ALA M 446 -20.00 -47.16 43.53
C ALA M 446 -19.74 -45.85 44.26
N ALA M 447 -18.64 -45.76 45.01
CA ALA M 447 -18.38 -44.60 45.86
C ALA M 447 -17.75 -43.44 45.11
N GLN M 448 -17.52 -43.57 43.79
CA GLN M 448 -16.99 -42.45 42.95
C GLN M 448 -18.13 -41.49 42.59
N THR M 449 -19.41 -41.85 42.85
CA THR M 449 -20.51 -41.01 42.42
C THR M 449 -20.71 -39.85 43.39
N MET M 450 -21.49 -38.84 42.97
CA MET M 450 -21.80 -37.63 43.80
C MET M 450 -23.24 -37.81 44.33
N ASN M 451 -23.77 -39.05 44.43
CA ASN M 451 -25.09 -39.29 44.98
C ASN M 451 -25.07 -40.60 45.75
N SER M 452 -25.47 -40.54 47.02
CA SER M 452 -25.49 -41.74 47.85
C SER M 452 -26.45 -42.78 47.28
N GLY M 453 -27.52 -42.36 46.62
CA GLY M 453 -28.42 -43.30 46.00
C GLY M 453 -27.77 -44.07 44.88
N THR M 454 -26.86 -43.43 44.14
CA THR M 454 -26.12 -44.12 43.09
C THR M 454 -25.03 -45.02 43.64
N PHE M 455 -24.39 -44.62 44.75
CA PHE M 455 -23.50 -45.54 45.44
C PHE M 455 -24.24 -46.80 45.83
N ASN M 456 -25.37 -46.65 46.51
CA ASN M 456 -26.12 -47.81 46.95
C ASN M 456 -26.70 -48.59 45.77
N THR M 457 -27.08 -47.91 44.68
CA THR M 457 -27.65 -48.61 43.54
C THR M 457 -26.61 -49.45 42.82
N THR M 458 -25.43 -48.88 42.57
CA THR M 458 -24.33 -49.66 42.00
C THR M 458 -23.98 -50.83 42.91
N VAL M 459 -23.85 -50.55 44.21
CA VAL M 459 -23.54 -51.60 45.17
C VAL M 459 -24.56 -52.71 45.10
N ASP M 460 -25.85 -52.34 45.09
CA ASP M 460 -26.91 -53.34 45.18
C ASP M 460 -27.05 -54.14 43.89
N ILE M 461 -26.83 -53.51 42.74
CA ILE M 461 -26.85 -54.26 41.49
C ILE M 461 -25.73 -55.29 41.50
N LYS M 462 -24.51 -54.83 41.83
CA LYS M 462 -23.37 -55.75 41.84
C LYS M 462 -23.58 -56.83 42.89
N LEU M 463 -24.16 -56.47 44.04
CA LEU M 463 -24.39 -57.44 45.10
C LEU M 463 -25.45 -58.46 44.72
N LYS M 464 -26.51 -58.04 44.04
CA LYS M 464 -27.51 -59.02 43.62
C LYS M 464 -26.89 -60.02 42.66
N GLN M 465 -26.16 -59.51 41.66
CA GLN M 465 -25.54 -60.40 40.68
C GLN M 465 -24.51 -61.31 41.36
N TRP M 466 -23.74 -60.75 42.29
CA TRP M 466 -22.65 -61.49 42.95
C TRP M 466 -23.18 -62.50 43.95
N THR M 467 -24.14 -62.10 44.79
CA THR M 467 -24.74 -63.01 45.76
C THR M 467 -25.52 -64.12 45.08
N ASP M 468 -25.96 -63.90 43.84
CA ASP M 468 -26.65 -64.98 43.15
C ASP M 468 -25.69 -65.89 42.38
N LYS M 469 -24.63 -65.35 41.79
CA LYS M 469 -23.80 -66.14 40.88
C LYS M 469 -22.53 -66.71 41.54
N GLN M 470 -21.61 -65.85 41.95
CA GLN M 470 -20.31 -66.33 42.42
C GLN M 470 -20.29 -66.58 43.92
N LEU M 471 -20.78 -65.62 44.70
CA LEU M 471 -20.54 -65.63 46.14
C LEU M 471 -20.98 -66.93 46.81
N PRO M 472 -22.17 -67.48 46.53
CA PRO M 472 -22.53 -68.76 47.17
C PRO M 472 -21.59 -69.90 46.79
N ASN M 473 -21.19 -69.96 45.52
CA ASN M 473 -20.27 -71.02 45.09
C ASN M 473 -18.93 -70.89 45.81
N LYS M 474 -18.44 -69.65 45.93
CA LYS M 474 -17.19 -69.42 46.65
C LYS M 474 -17.31 -69.83 48.11
N ALA M 475 -18.45 -69.51 48.74
CA ALA M 475 -18.65 -69.89 50.13
C ALA M 475 -18.69 -71.41 50.29
N VAL M 476 -19.32 -72.11 49.37
CA VAL M 476 -19.37 -73.57 49.45
C VAL M 476 -17.97 -74.15 49.27
N GLU M 477 -17.20 -73.60 48.34
CA GLU M 477 -15.81 -74.03 48.18
C GLU M 477 -15.02 -73.80 49.47
N VAL M 478 -15.22 -72.64 50.10
CA VAL M 478 -14.52 -72.33 51.33
C VAL M 478 -14.86 -73.34 52.41
N ALA M 479 -16.15 -73.67 52.54
CA ALA M 479 -16.56 -74.63 53.57
C ALA M 479 -15.97 -76.01 53.30
N TRP M 480 -16.02 -76.47 52.04
CA TRP M 480 -15.43 -77.77 51.71
C TRP M 480 -13.96 -77.80 52.10
N GLU M 481 -13.20 -76.80 51.65
CA GLU M 481 -11.77 -76.80 51.93
C GLU M 481 -11.49 -76.63 53.41
N THR M 482 -12.32 -75.87 54.13
CA THR M 482 -12.14 -75.74 55.57
C THR M 482 -12.27 -77.09 56.27
N LEU M 483 -13.33 -77.84 55.93
CA LEU M 483 -13.50 -79.14 56.58
C LEU M 483 -12.35 -80.08 56.21
N GLN M 484 -11.99 -80.13 54.93
CA GLN M 484 -10.95 -81.08 54.54
C GLN M 484 -9.59 -80.69 55.11
N GLU M 485 -9.32 -79.39 55.24
CA GLU M 485 -8.04 -78.94 55.77
C GLU M 485 -7.95 -79.17 57.27
N GLU M 486 -9.03 -78.92 58.01
CA GLU M 486 -9.00 -79.22 59.43
C GLU M 486 -8.87 -80.72 59.66
N PHE M 487 -9.56 -81.52 58.84
CA PHE M 487 -9.38 -82.97 58.93
C PHE M 487 -7.93 -83.36 58.69
N SER M 488 -7.31 -82.78 57.65
CA SER M 488 -5.90 -83.06 57.38
C SER M 488 -5.03 -82.66 58.55
N ARG M 489 -5.30 -81.50 59.16
CA ARG M 489 -4.50 -81.04 60.28
C ARG M 489 -4.59 -82.01 61.46
N PHE M 490 -5.80 -82.48 61.77
CA PHE M 490 -5.94 -83.45 62.87
C PHE M 490 -5.21 -84.75 62.55
N MET M 491 -5.15 -85.11 61.26
CA MET M 491 -4.50 -86.35 60.86
C MET M 491 -2.98 -86.28 60.88
N THR M 492 -2.39 -85.08 60.96
CA THR M 492 -0.97 -84.92 60.67
C THR M 492 -0.19 -84.08 61.67
N GLU M 493 -0.83 -83.43 62.64
CA GLU M 493 -0.13 -82.51 63.49
C GLU M 493 1.02 -83.20 64.22
N PRO M 494 2.26 -82.67 64.13
CA PRO M 494 3.39 -83.22 64.93
C PRO M 494 3.34 -82.75 66.38
N LYS M 495 2.52 -83.43 67.18
CA LYS M 495 2.18 -82.95 68.51
C LYS M 495 3.34 -83.11 69.47
N GLY M 496 4.41 -82.36 69.25
CA GLY M 496 5.51 -82.35 70.19
C GLY M 496 6.06 -83.74 70.42
N LYS M 497 6.19 -84.10 71.69
CA LYS M 497 6.71 -85.40 72.08
C LYS M 497 5.63 -86.48 72.08
N GLU M 498 4.38 -86.11 71.89
CA GLU M 498 3.27 -87.06 71.90
C GLU M 498 3.00 -87.65 70.52
N HIS M 499 3.76 -87.24 69.50
CA HIS M 499 3.57 -87.74 68.15
C HIS M 499 4.27 -89.09 67.95
N ASP M 500 3.61 -89.97 67.19
CA ASP M 500 4.18 -91.26 66.80
C ASP M 500 4.35 -91.30 65.30
N ASP M 501 5.59 -91.50 64.85
CA ASP M 501 5.85 -91.55 63.41
C ASP M 501 5.28 -92.83 62.78
N ILE M 502 5.30 -93.94 63.52
CA ILE M 502 4.98 -95.23 62.93
C ILE M 502 3.60 -95.22 62.30
N PHE M 503 2.63 -94.59 62.98
CA PHE M 503 1.25 -94.59 62.49
C PHE M 503 1.08 -93.68 61.27
N ASP M 504 2.04 -92.80 61.00
CA ASP M 504 1.83 -91.75 60.01
C ASP M 504 1.43 -92.33 58.66
N LYS M 505 2.01 -93.46 58.28
CA LYS M 505 1.70 -94.04 56.98
C LYS M 505 0.21 -94.24 56.80
N LEU M 506 -0.47 -94.77 57.82
CA LEU M 506 -1.91 -94.94 57.69
C LEU M 506 -2.61 -93.59 57.63
N LYS M 507 -2.17 -92.64 58.47
CA LYS M 507 -2.82 -91.34 58.51
C LYS M 507 -2.87 -90.70 57.13
N GLU M 508 -1.85 -90.93 56.32
CA GLU M 508 -1.85 -90.38 54.97
C GLU M 508 -2.80 -91.13 54.05
N ALA M 509 -2.81 -92.47 54.13
CA ALA M 509 -3.64 -93.25 53.22
C ALA M 509 -5.13 -93.01 53.50
N VAL M 510 -5.51 -92.95 54.77
CA VAL M 510 -6.91 -92.70 55.11
C VAL M 510 -7.30 -91.26 54.77
N LYS M 511 -6.44 -90.31 55.16
CA LYS M 511 -6.75 -88.90 54.93
C LYS M 511 -7.12 -88.66 53.48
N GLU M 512 -6.36 -89.24 52.56
CA GLU M 512 -6.69 -89.12 51.15
C GLU M 512 -8.04 -89.73 50.84
N GLU M 513 -8.24 -90.98 51.24
CA GLU M 513 -9.47 -91.68 50.84
C GLU M 513 -10.70 -91.06 51.48
N SER M 514 -10.62 -90.76 52.78
CA SER M 514 -11.79 -90.24 53.48
C SER M 514 -12.29 -88.96 52.83
N ILE M 515 -11.37 -88.14 52.33
CA ILE M 515 -11.77 -86.90 51.68
C ILE M 515 -12.54 -87.20 50.39
N LYS M 516 -12.04 -88.16 49.60
CA LYS M 516 -12.67 -88.44 48.31
C LYS M 516 -14.05 -89.08 48.47
N ARG M 517 -14.30 -89.75 49.59
CA ARG M 517 -15.62 -90.34 49.81
C ARG M 517 -16.62 -89.36 50.40
N HIS M 518 -16.23 -88.10 50.61
CA HIS M 518 -17.13 -87.07 51.09
C HIS M 518 -17.41 -86.06 49.99
N LYS M 519 -18.64 -85.56 49.96
CA LYS M 519 -19.03 -84.47 49.08
C LYS M 519 -19.88 -83.49 49.88
N TRP M 520 -19.73 -82.20 49.59
CA TRP M 520 -20.55 -81.20 50.26
C TRP M 520 -21.87 -81.07 49.53
N ASN M 521 -22.94 -80.92 50.30
CA ASN M 521 -24.28 -80.82 49.71
C ASN M 521 -24.39 -79.52 48.92
N ASP M 522 -24.54 -79.65 47.60
CA ASP M 522 -24.54 -78.48 46.72
C ASP M 522 -25.70 -77.53 46.99
N PHE M 523 -26.81 -78.03 47.53
CA PHE M 523 -27.95 -77.15 47.80
C PHE M 523 -27.56 -75.93 48.62
N ALA M 524 -26.46 -76.01 49.37
CA ALA M 524 -26.04 -74.87 50.17
C ALA M 524 -25.97 -73.61 49.33
N GLU M 525 -25.53 -73.74 48.07
CA GLU M 525 -25.38 -72.56 47.22
C GLU M 525 -26.67 -71.75 47.19
N ASP M 526 -27.82 -72.43 47.09
CA ASP M 526 -29.08 -71.68 47.09
C ASP M 526 -29.40 -71.14 48.48
N SER M 527 -29.24 -71.96 49.52
CA SER M 527 -29.55 -71.48 50.86
C SER M 527 -28.72 -70.26 51.19
N LEU M 528 -27.40 -70.34 50.94
CA LEU M 528 -26.53 -69.21 51.18
C LEU M 528 -27.04 -67.97 50.45
N ARG M 529 -27.49 -68.14 49.20
CA ARG M 529 -27.99 -67.00 48.45
C ARG M 529 -29.04 -66.25 49.25
N VAL M 530 -30.01 -66.98 49.83
CA VAL M 530 -31.00 -66.31 50.66
C VAL M 530 -30.32 -65.73 51.90
N ILE M 531 -29.56 -66.56 52.60
CA ILE M 531 -29.02 -66.14 53.90
C ILE M 531 -28.14 -64.92 53.71
N GLN M 532 -27.23 -64.99 52.76
CA GLN M 532 -26.37 -63.84 52.49
C GLN M 532 -27.19 -62.58 52.29
N HIS M 533 -28.22 -62.66 51.43
CA HIS M 533 -29.03 -61.47 51.17
C HIS M 533 -29.52 -60.89 52.48
N ASN M 534 -30.04 -61.75 53.35
CA ASN M 534 -30.62 -61.27 54.60
C ASN M 534 -29.60 -60.48 55.40
N ALA M 535 -28.38 -61.00 55.51
CA ALA M 535 -27.37 -60.29 56.27
C ALA M 535 -27.06 -58.94 55.65
N LEU M 536 -27.01 -58.88 54.33
CA LEU M 536 -26.84 -57.60 53.67
C LEU M 536 -28.08 -56.74 53.83
N GLU M 537 -29.26 -57.38 53.86
CA GLU M 537 -30.51 -56.64 53.76
C GLU M 537 -30.62 -55.58 54.84
N ASP M 538 -30.03 -55.83 56.01
CA ASP M 538 -30.01 -54.84 57.08
C ASP M 538 -29.06 -53.72 56.70
N ARG M 539 -29.62 -52.61 56.23
CA ARG M 539 -28.84 -51.43 55.85
C ARG M 539 -28.89 -50.36 56.93
N SER M 540 -29.52 -50.64 58.06
CA SER M 540 -29.88 -49.62 59.04
C SER M 540 -28.92 -49.68 60.22
N ILE M 541 -28.09 -48.65 60.36
CA ILE M 541 -27.23 -48.46 61.52
C ILE M 541 -27.99 -47.54 62.47
N SER M 542 -28.55 -48.11 63.53
CA SER M 542 -29.49 -47.39 64.36
C SER M 542 -28.83 -46.57 65.47
N ASP M 543 -27.58 -46.85 65.82
CA ASP M 543 -26.98 -46.21 66.99
C ASP M 543 -25.47 -46.10 66.80
N LYS M 544 -24.82 -45.50 67.81
CA LYS M 544 -23.39 -45.23 67.76
C LYS M 544 -22.57 -46.50 67.70
N GLN M 545 -22.98 -47.54 68.42
CA GLN M 545 -22.17 -48.76 68.51
C GLN M 545 -22.02 -49.42 67.15
N GLN M 546 -23.13 -49.59 66.43
CA GLN M 546 -23.06 -50.17 65.10
C GLN M 546 -22.42 -49.22 64.11
N TRP M 547 -22.57 -47.91 64.33
CA TRP M 547 -21.87 -46.93 63.50
C TRP M 547 -20.36 -47.14 63.60
N ASP M 548 -19.86 -47.35 64.82
CA ASP M 548 -18.45 -47.55 65.03
C ASP M 548 -17.98 -48.90 64.49
N ALA M 549 -18.78 -49.95 64.66
CA ALA M 549 -18.42 -51.24 64.07
C ALA M 549 -18.33 -51.14 62.56
N ALA M 550 -19.29 -50.44 61.97
CA ALA M 550 -19.32 -50.24 60.53
C ALA M 550 -18.10 -49.48 60.05
N ILE M 551 -17.76 -48.39 60.73
CA ILE M 551 -16.59 -47.60 60.35
C ILE M 551 -15.33 -48.42 60.53
N TYR M 552 -15.26 -49.25 61.58
CA TYR M 552 -14.10 -50.11 61.76
C TYR M 552 -13.91 -51.02 60.56
N PHE M 553 -14.96 -51.75 60.17
CA PHE M 553 -14.77 -52.69 59.07
C PHE M 553 -14.45 -51.96 57.78
N MET M 554 -15.09 -50.82 57.54
CA MET M 554 -14.78 -50.05 56.34
C MET M 554 -13.32 -49.58 56.34
N GLU M 555 -12.85 -49.10 57.49
CA GLU M 555 -11.46 -48.68 57.59
C GLU M 555 -10.51 -49.84 57.33
N GLU M 556 -10.80 -51.01 57.91
CA GLU M 556 -9.92 -52.16 57.73
C GLU M 556 -9.85 -52.56 56.26
N ALA M 557 -11.01 -52.74 55.64
CA ALA M 557 -11.06 -53.22 54.27
C ALA M 557 -10.41 -52.23 53.31
N LEU M 558 -10.62 -50.94 53.53
CA LEU M 558 -10.05 -49.95 52.63
C LEU M 558 -8.57 -49.72 52.91
N GLN M 559 -8.13 -49.86 54.16
CA GLN M 559 -6.71 -49.70 54.47
C GLN M 559 -5.88 -50.81 53.87
N ALA M 560 -6.40 -52.04 53.84
CA ALA M 560 -5.63 -53.11 53.20
C ALA M 560 -5.35 -52.78 51.74
N ARG M 561 -6.38 -52.38 51.00
CA ARG M 561 -6.20 -52.07 49.58
C ARG M 561 -5.36 -50.82 49.39
N LEU M 562 -5.50 -49.85 50.29
CA LEU M 562 -4.69 -48.64 50.20
C LEU M 562 -3.22 -48.95 50.40
N LYS M 563 -2.90 -49.84 51.34
CA LYS M 563 -1.50 -50.23 51.55
C LYS M 563 -0.96 -50.95 50.34
N ASP M 564 -1.77 -51.83 49.74
CA ASP M 564 -1.31 -52.51 48.52
C ASP M 564 -1.05 -51.50 47.40
N THR M 565 -1.96 -50.55 47.21
CA THR M 565 -1.79 -49.54 46.17
C THR M 565 -0.57 -48.68 46.45
N GLU M 566 -0.34 -48.33 47.71
CA GLU M 566 0.80 -47.50 48.06
C GLU M 566 2.12 -48.23 47.82
N ASN M 567 2.17 -49.54 48.13
CA ASN M 567 3.39 -50.28 47.83
C ASN M 567 3.63 -50.33 46.32
N ALA M 568 2.57 -50.57 45.54
CA ALA M 568 2.73 -50.58 44.10
C ALA M 568 3.21 -49.22 43.59
N ILE M 569 2.65 -48.14 44.13
CA ILE M 569 3.02 -46.81 43.69
C ILE M 569 4.45 -46.48 44.09
N GLU M 570 4.88 -46.90 45.28
CA GLU M 570 6.26 -46.66 45.68
C GLU M 570 7.23 -47.37 44.76
N ASN M 571 6.94 -48.63 44.40
CA ASN M 571 7.82 -49.31 43.46
C ASN M 571 7.78 -48.64 42.09
N MET M 572 6.61 -48.17 41.68
CA MET M 572 6.43 -47.63 40.34
C MET M 572 7.09 -46.26 40.20
N VAL M 573 6.99 -45.42 41.22
CA VAL M 573 7.46 -44.04 41.16
C VAL M 573 8.91 -43.92 41.62
N GLY M 574 9.31 -44.69 42.62
CA GLY M 574 10.66 -44.69 43.10
C GLY M 574 10.82 -44.06 44.48
N PRO M 575 12.04 -44.05 44.98
CA PRO M 575 12.29 -43.55 46.34
C PRO M 575 12.08 -42.05 46.44
N ASP M 576 11.95 -41.60 47.69
CA ASP M 576 11.83 -40.19 48.00
C ASP M 576 13.21 -39.54 47.90
N TRP M 577 13.25 -38.20 47.96
CA TRP M 577 14.52 -37.50 47.88
C TRP M 577 15.43 -37.86 49.05
N LYS M 578 14.83 -38.03 50.24
CA LYS M 578 15.61 -38.36 51.42
C LYS M 578 16.43 -39.62 51.18
N LYS M 579 15.81 -40.63 50.58
CA LYS M 579 16.52 -41.84 50.24
C LYS M 579 17.58 -41.57 49.19
N ARG M 580 17.26 -40.69 48.23
CA ARG M 580 18.15 -40.48 47.09
C ARG M 580 19.48 -39.87 47.53
N TRP M 581 19.48 -38.99 48.53
CA TRP M 581 20.75 -38.48 49.07
C TRP M 581 21.26 -39.12 50.35
N LEU M 582 20.42 -39.76 51.16
CA LEU M 582 20.95 -40.37 52.37
C LEU M 582 21.40 -41.81 52.16
N TYR M 583 20.66 -42.58 51.36
CA TYR M 583 21.03 -43.95 51.04
C TYR M 583 21.38 -44.12 49.56
N TRP M 584 21.44 -43.01 48.82
CA TRP M 584 21.83 -43.04 47.41
C TRP M 584 20.92 -43.95 46.59
N LYS M 585 19.62 -43.93 46.93
CA LYS M 585 18.62 -44.68 46.19
C LYS M 585 18.20 -43.84 44.98
N ASN M 586 19.07 -43.82 43.98
CA ASN M 586 18.80 -43.05 42.78
C ASN M 586 17.68 -43.69 41.98
N ARG M 587 16.84 -42.86 41.38
CA ARG M 587 15.70 -43.33 40.62
C ARG M 587 16.11 -43.78 39.23
N THR M 588 15.31 -44.69 38.66
CA THR M 588 15.46 -45.06 37.27
C THR M 588 14.72 -44.07 36.37
N GLN M 589 14.98 -44.15 35.07
CA GLN M 589 14.31 -43.28 34.12
C GLN M 589 12.80 -43.52 34.15
N GLU M 590 12.38 -44.79 34.22
CA GLU M 590 10.96 -45.08 34.30
C GLU M 590 10.38 -44.48 35.57
N GLN M 591 11.10 -44.58 36.68
CA GLN M 591 10.61 -44.04 37.94
C GLN M 591 10.45 -42.53 37.86
N CYS M 592 11.41 -41.84 37.24
CA CYS M 592 11.27 -40.39 37.07
C CYS M 592 10.07 -40.04 36.20
N VAL M 593 9.87 -40.74 35.08
CA VAL M 593 8.72 -40.49 34.16
C VAL M 593 7.45 -40.70 34.98
N HIS M 594 7.36 -41.82 35.72
CA HIS M 594 6.17 -42.13 36.49
C HIS M 594 5.93 -41.07 37.56
N ASN M 595 7.01 -40.57 38.17
CA ASN M 595 6.89 -39.52 39.18
C ASN M 595 6.27 -38.26 38.58
N GLU M 596 6.75 -37.85 37.40
CA GLU M 596 6.21 -36.64 36.80
C GLU M 596 4.75 -36.83 36.36
N THR M 597 4.42 -38.02 35.83
CA THR M 597 3.04 -38.36 35.36
C THR M 597 2.14 -38.39 36.61
N LYS M 598 2.62 -38.86 37.77
CA LYS M 598 1.90 -38.84 39.04
C LYS M 598 1.70 -37.41 39.52
N ASN M 599 2.72 -36.57 39.37
CA ASN M 599 2.60 -35.18 39.79
C ASN M 599 1.51 -34.47 39.00
N GLU M 600 1.42 -34.78 37.69
CA GLU M 600 0.39 -34.19 36.76
C GLU M 600 -1.02 -34.65 37.20
N LEU M 601 -1.19 -35.93 37.53
CA LEU M 601 -2.52 -36.52 37.89
C LEU M 601 -2.83 -36.18 39.36
N GLU M 602 -1.83 -35.84 40.20
CA GLU M 602 -2.05 -35.47 41.58
C GLU M 602 -2.35 -33.99 41.73
N LYS M 603 -1.76 -33.12 40.92
CA LYS M 603 -2.21 -31.73 40.99
C LYS M 603 -3.67 -31.68 40.57
N MET M 604 -4.04 -32.44 39.53
CA MET M 604 -5.44 -32.49 39.02
C MET M 604 -6.36 -32.90 40.20
N LEU M 605 -6.02 -33.97 40.92
CA LEU M 605 -6.88 -34.51 42.02
C LEU M 605 -6.81 -33.59 43.27
N LYS M 606 -5.68 -32.93 43.54
CA LYS M 606 -5.60 -32.00 44.66
C LYS M 606 -6.49 -30.79 44.43
N CYS M 607 -6.48 -30.25 43.20
CA CYS M 607 -7.35 -29.13 42.88
C CYS M 607 -8.80 -29.54 42.95
N ASN M 608 -9.15 -30.77 42.50
CA ASN M 608 -10.58 -31.25 42.44
C ASN M 608 -10.68 -32.75 42.78
N GLU M 609 -10.97 -33.13 44.03
CA GLU M 609 -11.21 -34.55 44.46
C GLU M 609 -12.47 -35.07 43.73
N GLU M 610 -13.51 -34.23 43.55
CA GLU M 610 -14.84 -34.61 42.97
C GLU M 610 -14.73 -34.95 41.48
N HIS M 611 -13.64 -34.59 40.78
CA HIS M 611 -13.53 -34.77 39.30
C HIS M 611 -13.73 -36.26 38.96
N PRO M 612 -14.49 -36.66 37.90
CA PRO M 612 -14.81 -38.09 37.64
C PRO M 612 -13.51 -38.86 37.37
N ALA M 613 -13.37 -40.09 37.86
CA ALA M 613 -12.06 -40.81 37.78
C ALA M 613 -11.64 -41.03 36.32
N TYR M 614 -12.54 -41.46 35.44
CA TYR M 614 -12.12 -41.82 34.04
C TYR M 614 -11.61 -40.57 33.30
N LEU M 615 -10.53 -40.67 32.52
CA LEU M 615 -9.95 -39.56 31.72
C LEU M 615 -10.43 -39.77 30.27
N ALA M 616 -11.00 -38.75 29.60
CA ALA M 616 -11.55 -38.89 28.21
C ALA M 616 -10.36 -39.32 27.33
N SER M 617 -10.61 -40.05 26.24
CA SER M 617 -9.53 -40.52 25.31
C SER M 617 -8.61 -39.32 25.01
N ASP M 618 -9.14 -38.08 24.94
CA ASP M 618 -8.35 -36.84 24.65
C ASP M 618 -7.85 -36.23 25.97
N GLU M 619 -8.47 -36.51 27.12
CA GLU M 619 -7.94 -36.13 28.46
C GLU M 619 -6.59 -36.87 28.62
N ILE M 620 -6.43 -38.06 28.03
CA ILE M 620 -5.10 -38.76 28.05
C ILE M 620 -4.14 -37.84 27.28
N THR M 621 -4.57 -37.24 26.16
CA THR M 621 -3.72 -36.33 25.31
C THR M 621 -3.30 -35.06 26.10
N THR M 622 -4.16 -34.49 26.97
CA THR M 622 -3.69 -33.31 27.76
C THR M 622 -2.63 -33.73 28.76
N VAL M 623 -2.78 -34.90 29.40
CA VAL M 623 -1.80 -35.40 30.41
C VAL M 623 -0.48 -35.56 29.63
N ARG M 624 -0.58 -36.08 28.40
CA ARG M 624 0.64 -36.24 27.56
C ARG M 624 1.25 -34.87 27.28
N LYS M 625 0.47 -33.82 26.93
CA LYS M 625 1.04 -32.50 26.54
C LYS M 625 1.81 -31.85 27.69
N ASN M 626 1.24 -31.86 28.91
CA ASN M 626 1.89 -31.13 30.04
C ASN M 626 3.22 -31.84 30.29
N LEU M 627 3.21 -33.18 30.28
CA LEU M 627 4.44 -34.00 30.47
C LEU M 627 5.41 -33.76 29.30
N GLU M 628 4.93 -33.69 28.05
CA GLU M 628 5.79 -33.53 26.84
C GLU M 628 6.51 -32.17 26.93
N SER M 629 5.81 -31.12 27.37
CA SER M 629 6.37 -29.73 27.46
C SER M 629 7.54 -29.71 28.47
N ARG M 630 7.42 -30.40 29.61
CA ARG M 630 8.46 -30.33 30.70
C ARG M 630 9.66 -31.25 30.40
N GLY M 631 9.57 -32.21 29.46
CA GLY M 631 10.70 -33.05 29.12
C GLY M 631 10.58 -34.47 29.63
N VAL M 632 9.36 -35.04 29.66
CA VAL M 632 9.07 -36.42 30.17
C VAL M 632 8.52 -37.24 28.99
N GLU M 633 9.22 -38.26 28.48
CA GLU M 633 8.63 -39.13 27.42
C GLU M 633 7.44 -39.81 28.11
N VAL M 634 6.23 -39.77 27.52
CA VAL M 634 5.00 -40.42 28.09
C VAL M 634 4.14 -40.97 26.95
N ASP M 635 3.41 -42.08 27.14
CA ASP M 635 2.51 -42.70 26.13
C ASP M 635 1.17 -43.01 26.81
N PRO M 636 0.03 -43.15 26.09
CA PRO M 636 -1.28 -43.37 26.75
C PRO M 636 -1.34 -44.56 27.75
N SER M 637 -0.48 -45.58 27.66
CA SER M 637 -0.49 -46.75 28.52
C SER M 637 0.16 -46.46 29.87
N LEU M 638 1.21 -45.61 29.83
CA LEU M 638 1.87 -45.13 31.08
C LEU M 638 0.93 -44.08 31.71
N ILE M 639 0.02 -43.43 30.98
CA ILE M 639 -0.97 -42.46 31.61
C ILE M 639 -2.13 -43.27 32.22
N LYS M 640 -2.43 -44.47 31.71
CA LYS M 640 -3.61 -45.27 32.15
C LYS M 640 -3.18 -46.06 33.40
N ASP M 641 -1.99 -46.68 33.38
CA ASP M 641 -1.44 -47.45 34.54
C ASP M 641 -1.13 -46.50 35.71
N THR M 642 -0.51 -45.34 35.44
CA THR M 642 -0.14 -44.34 36.50
C THR M 642 -1.48 -43.86 37.08
N TRP M 643 -2.45 -43.56 36.22
CA TRP M 643 -3.79 -43.05 36.65
C TRP M 643 -4.53 -44.14 37.45
N HIS M 644 -4.49 -45.41 37.04
CA HIS M 644 -5.31 -46.44 37.73
C HIS M 644 -4.76 -46.53 39.16
N GLN M 645 -3.43 -46.59 39.32
CA GLN M 645 -2.79 -46.59 40.67
C GLN M 645 -3.04 -45.24 41.36
N VAL M 646 -2.91 -44.11 40.67
CA VAL M 646 -3.01 -42.75 41.30
C VAL M 646 -4.45 -42.57 41.82
N TYR M 647 -5.48 -43.05 41.12
CA TYR M 647 -6.90 -42.86 41.55
C TYR M 647 -7.29 -44.00 42.50
N ARG M 648 -6.61 -45.15 42.50
CA ARG M 648 -6.94 -46.21 43.50
C ARG M 648 -6.54 -45.65 44.88
N ARG M 649 -5.45 -44.88 44.94
CA ARG M 649 -4.89 -44.38 46.19
C ARG M 649 -5.66 -43.15 46.69
N HIS M 650 -5.91 -42.20 45.80
CA HIS M 650 -6.71 -41.02 46.16
C HIS M 650 -8.08 -41.42 46.68
N PHE M 651 -8.74 -42.33 45.98
CA PHE M 651 -10.06 -42.79 46.34
C PHE M 651 -10.07 -43.40 47.74
N LEU M 652 -9.13 -44.30 48.01
CA LEU M 652 -9.14 -45.01 49.30
C LEU M 652 -8.73 -44.08 50.43
N LYS M 653 -7.74 -43.20 50.21
CA LYS M 653 -7.33 -42.29 51.26
C LYS M 653 -8.40 -41.24 51.54
N THR M 654 -9.11 -40.80 50.50
CA THR M 654 -10.26 -39.93 50.70
C THR M 654 -11.34 -40.64 51.48
N ALA M 655 -11.55 -41.93 51.20
CA ALA M 655 -12.51 -42.72 51.97
C ALA M 655 -12.11 -42.78 53.44
N LEU M 656 -10.81 -42.91 53.73
CA LEU M 656 -10.39 -42.97 55.13
C LEU M 656 -10.46 -41.61 55.81
N ASN M 657 -10.22 -40.51 55.08
CA ASN M 657 -10.47 -39.21 55.66
C ASN M 657 -11.96 -39.02 55.91
N HIS M 658 -12.80 -39.57 55.04
CA HIS M 658 -14.24 -39.56 55.26
C HIS M 658 -14.58 -40.43 56.47
N CYS M 659 -13.81 -41.47 56.75
CA CYS M 659 -13.94 -42.20 58.01
C CYS M 659 -13.66 -41.26 59.18
N ASN M 660 -12.57 -40.51 59.09
CA ASN M 660 -12.20 -39.59 60.16
C ASN M 660 -13.33 -38.59 60.43
N LEU M 661 -14.02 -38.17 59.37
CA LEU M 661 -15.13 -37.24 59.55
C LEU M 661 -16.43 -37.92 59.99
N CYS M 662 -16.68 -39.15 59.53
CA CYS M 662 -17.86 -39.89 59.98
C CYS M 662 -17.79 -40.16 61.47
N ARG M 663 -16.59 -40.45 61.98
CA ARG M 663 -16.43 -40.71 63.40
C ARG M 663 -17.09 -39.62 64.26
N ARG M 664 -17.27 -38.43 63.70
CA ARG M 664 -17.90 -37.33 64.42
C ARG M 664 -18.91 -36.61 63.53
N GLY M 665 -19.70 -37.38 62.78
CA GLY M 665 -20.77 -36.77 62.00
C GLY M 665 -22.14 -37.30 62.32
N PHE M 666 -22.93 -36.49 63.02
CA PHE M 666 -24.36 -36.76 63.24
C PHE M 666 -25.24 -35.52 63.16
N TYR M 667 -24.71 -34.32 63.39
CA TYR M 667 -25.53 -33.12 63.44
C TYR M 667 -26.10 -32.80 62.07
N TYR M 668 -25.30 -33.01 61.02
CA TYR M 668 -25.70 -32.63 59.67
C TYR M 668 -27.04 -33.22 59.31
N TYR M 669 -27.29 -34.45 59.76
CA TYR M 669 -28.48 -35.18 59.36
C TYR M 669 -29.67 -34.82 60.25
N GLN M 670 -29.40 -34.38 61.48
CA GLN M 670 -30.44 -33.78 62.30
C GLN M 670 -30.95 -32.49 61.68
N ARG M 671 -30.04 -31.69 61.12
CA ARG M 671 -30.42 -30.37 60.63
C ARG M 671 -30.79 -30.32 59.15
N HIS M 672 -30.42 -31.34 58.36
CA HIS M 672 -30.68 -31.31 56.91
C HIS M 672 -30.02 -30.09 56.27
N PHE M 673 -28.84 -29.71 56.77
CA PHE M 673 -28.17 -28.51 56.31
C PHE M 673 -27.68 -28.70 54.87
N VAL M 674 -27.95 -27.69 54.03
CA VAL M 674 -27.77 -27.86 52.59
C VAL M 674 -26.32 -27.82 52.14
N ASP M 675 -25.45 -27.11 52.85
CA ASP M 675 -24.06 -26.95 52.42
C ASP M 675 -23.18 -28.11 52.84
N SER M 676 -23.76 -29.18 53.38
CA SER M 676 -23.00 -30.28 53.97
C SER M 676 -22.61 -31.27 52.89
N GLU M 677 -21.31 -31.35 52.59
CA GLU M 677 -20.83 -32.35 51.64
C GLU M 677 -20.86 -33.76 52.24
N LEU M 678 -20.52 -33.88 53.52
CA LEU M 678 -20.35 -35.20 54.14
C LEU M 678 -21.64 -36.01 54.12
N GLU M 679 -21.59 -37.17 53.48
CA GLU M 679 -22.64 -38.18 53.58
C GLU M 679 -21.97 -39.53 53.79
N CYS M 680 -22.27 -40.17 54.92
CA CYS M 680 -21.54 -41.35 55.37
C CYS M 680 -22.35 -42.60 55.06
N ASN M 681 -22.29 -43.03 53.79
CA ASN M 681 -23.05 -44.20 53.34
C ASN M 681 -22.19 -45.42 53.04
N ASP M 682 -20.88 -45.26 52.82
CA ASP M 682 -20.01 -46.42 52.63
C ASP M 682 -19.94 -47.27 53.90
N VAL M 683 -20.13 -46.60 55.03
CA VAL M 683 -20.12 -47.26 56.34
C VAL M 683 -21.15 -48.38 56.36
N VAL M 684 -22.33 -48.11 55.80
CA VAL M 684 -23.39 -49.11 55.78
C VAL M 684 -22.96 -50.32 54.96
N LEU M 685 -22.34 -50.10 53.81
CA LEU M 685 -21.87 -51.21 52.97
C LEU M 685 -20.93 -52.12 53.74
N PHE M 686 -19.90 -51.56 54.36
CA PHE M 686 -18.94 -52.45 55.02
C PHE M 686 -19.51 -53.05 56.30
N TRP M 687 -20.44 -52.37 56.95
CA TRP M 687 -21.18 -53.00 58.05
C TRP M 687 -21.94 -54.23 57.56
N ARG M 688 -22.67 -54.07 56.46
CA ARG M 688 -23.44 -55.17 55.88
C ARG M 688 -22.52 -56.32 55.51
N ILE M 689 -21.37 -56.02 54.92
CA ILE M 689 -20.48 -57.09 54.47
C ILE M 689 -19.84 -57.81 55.66
N GLN M 690 -19.47 -57.06 56.71
CA GLN M 690 -18.98 -57.73 57.91
C GLN M 690 -20.01 -58.69 58.46
N ARG M 691 -21.27 -58.24 58.56
CA ARG M 691 -22.31 -59.11 59.10
C ARG M 691 -22.59 -60.28 58.16
N MET M 692 -22.50 -60.06 56.85
CA MET M 692 -22.70 -61.15 55.89
C MET M 692 -21.58 -62.17 55.97
N LEU M 693 -20.35 -61.72 56.18
CA LEU M 693 -19.25 -62.66 56.39
C LEU M 693 -19.52 -63.51 57.61
N ALA M 694 -19.98 -62.88 58.70
CA ALA M 694 -20.30 -63.63 59.90
C ALA M 694 -21.40 -64.65 59.62
N ILE M 695 -22.45 -64.25 58.90
CA ILE M 695 -23.58 -65.15 58.71
C ILE M 695 -23.19 -66.32 57.81
N THR M 696 -22.42 -66.05 56.75
CA THR M 696 -22.01 -67.12 55.86
C THR M 696 -21.10 -68.10 56.58
N ALA M 697 -20.13 -67.59 57.35
CA ALA M 697 -19.26 -68.48 58.10
C ALA M 697 -20.04 -69.33 59.08
N ASN M 698 -21.05 -68.75 59.75
CA ASN M 698 -21.77 -69.50 60.76
C ASN M 698 -22.67 -70.55 60.12
N THR M 699 -23.34 -70.21 59.01
CA THR M 699 -24.16 -71.19 58.32
C THR M 699 -23.32 -72.35 57.83
N LEU M 700 -22.15 -72.04 57.25
CA LEU M 700 -21.27 -73.10 56.78
C LEU M 700 -20.81 -73.96 57.94
N ARG M 701 -20.48 -73.35 59.08
CA ARG M 701 -20.08 -74.13 60.24
C ARG M 701 -21.19 -75.06 60.68
N GLN M 702 -22.44 -74.57 60.72
CA GLN M 702 -23.53 -75.40 61.18
C GLN M 702 -23.76 -76.58 60.25
N GLN M 703 -23.73 -76.32 58.94
CA GLN M 703 -23.81 -77.42 57.97
C GLN M 703 -22.69 -78.42 58.20
N LEU M 704 -21.49 -77.91 58.52
CA LEU M 704 -20.35 -78.77 58.76
C LEU M 704 -20.56 -79.64 60.00
N THR M 705 -20.96 -79.02 61.11
CA THR M 705 -20.93 -79.68 62.40
C THR M 705 -22.14 -80.57 62.63
N ASN M 706 -23.25 -80.39 61.92
CA ASN M 706 -24.41 -81.25 62.11
C ASN M 706 -24.68 -82.21 60.96
N THR M 707 -24.21 -81.90 59.75
CA THR M 707 -24.51 -82.77 58.61
C THR M 707 -23.24 -83.37 58.03
N GLU M 708 -22.26 -82.53 57.70
CA GLU M 708 -21.12 -82.98 56.92
C GLU M 708 -20.06 -83.67 57.79
N VAL M 709 -19.86 -83.22 59.04
CA VAL M 709 -18.82 -83.83 59.86
C VAL M 709 -19.19 -85.25 60.27
N ARG M 710 -20.48 -85.49 60.54
CA ARG M 710 -20.91 -86.85 60.86
C ARG M 710 -20.85 -87.76 59.63
N ARG M 711 -21.16 -87.22 58.45
CA ARG M 711 -20.96 -87.99 57.22
C ARG M 711 -19.48 -88.31 57.04
N LEU M 712 -18.60 -87.37 57.39
CA LEU M 712 -17.17 -87.61 57.30
C LEU M 712 -16.75 -88.71 58.27
N GLU M 713 -17.30 -88.70 59.48
CA GLU M 713 -16.97 -89.76 60.44
C GLU M 713 -17.40 -91.12 59.89
N LYS M 714 -18.60 -91.18 59.30
CA LYS M 714 -19.05 -92.44 58.68
C LYS M 714 -18.10 -92.87 57.57
N ASN M 715 -17.72 -91.93 56.70
CA ASN M 715 -16.82 -92.27 55.60
C ASN M 715 -15.46 -92.72 56.10
N VAL M 716 -14.96 -92.09 57.17
CA VAL M 716 -13.68 -92.48 57.74
C VAL M 716 -13.76 -93.88 58.32
N LYS M 717 -14.86 -94.20 59.00
CA LYS M 717 -15.00 -95.56 59.52
C LYS M 717 -15.05 -96.57 58.38
N GLU M 718 -15.75 -96.22 57.29
CA GLU M 718 -15.79 -97.12 56.14
C GLU M 718 -14.40 -97.32 55.55
N VAL M 719 -13.64 -96.23 55.41
CA VAL M 719 -12.30 -96.31 54.85
C VAL M 719 -11.40 -97.15 55.74
N LEU M 720 -11.49 -96.94 57.06
CA LEU M 720 -10.67 -97.71 57.98
C LEU M 720 -11.02 -99.18 57.95
N GLU M 721 -12.31 -99.51 57.82
CA GLU M 721 -12.68 -100.92 57.71
C GLU M 721 -12.13 -101.51 56.42
N ASP M 722 -12.24 -100.78 55.31
CA ASP M 722 -11.75 -101.29 54.04
C ASP M 722 -10.24 -101.49 54.09
N PHE M 723 -9.52 -100.60 54.76
CA PHE M 723 -8.07 -100.76 54.88
C PHE M 723 -7.71 -101.86 55.86
N ALA M 724 -8.55 -102.08 56.88
CA ALA M 724 -8.31 -103.17 57.82
C ALA M 724 -8.42 -104.52 57.14
N GLU M 725 -9.40 -104.66 56.24
CA GLU M 725 -9.52 -105.92 55.51
C GLU M 725 -8.41 -106.09 54.49
N ASP M 726 -7.86 -104.99 53.99
CA ASP M 726 -6.80 -105.05 52.98
C ASP M 726 -5.50 -105.51 53.64
N GLY M 727 -5.10 -106.75 53.35
CA GLY M 727 -3.82 -107.23 53.86
C GLY M 727 -2.63 -106.51 53.24
N GLU M 728 -2.73 -106.19 51.94
CA GLU M 728 -1.65 -105.50 51.27
C GLU M 728 -1.39 -104.13 51.89
N LYS M 729 -2.45 -103.42 52.27
CA LYS M 729 -2.25 -102.11 52.89
C LYS M 729 -1.53 -102.22 54.23
N LYS M 730 -1.88 -103.23 55.02
CA LYS M 730 -1.15 -103.46 56.27
C LYS M 730 0.30 -103.83 55.99
N ILE M 731 0.53 -104.60 54.92
CA ILE M 731 1.91 -104.96 54.58
C ILE M 731 2.71 -103.73 54.18
N LYS M 732 2.11 -102.84 53.40
CA LYS M 732 2.83 -101.68 52.86
C LYS M 732 2.59 -100.41 53.66
N LEU M 733 1.83 -100.48 54.75
CA LEU M 733 1.73 -99.39 55.71
C LEU M 733 1.98 -99.93 57.11
N LEU M 734 2.42 -99.04 58.00
CA LEU M 734 2.60 -99.36 59.40
C LEU M 734 3.56 -100.55 59.56
N THR M 735 4.73 -100.42 58.96
CA THR M 735 5.72 -101.49 58.92
C THR M 735 6.90 -101.25 59.85
N GLY M 736 6.88 -100.18 60.64
CA GLY M 736 8.08 -99.71 61.31
C GLY M 736 8.49 -100.45 62.57
N LYS M 737 7.63 -101.28 63.14
CA LYS M 737 7.94 -101.84 64.45
C LYS M 737 9.00 -102.93 64.34
N ARG M 738 9.70 -103.15 65.47
CA ARG M 738 10.73 -104.17 65.60
C ARG M 738 10.18 -105.53 66.03
N VAL M 739 8.85 -105.66 66.13
CA VAL M 739 8.26 -106.91 66.59
C VAL M 739 8.63 -108.06 65.67
N GLN M 740 8.89 -107.77 64.40
CA GLN M 740 9.20 -108.81 63.44
C GLN M 740 10.45 -109.58 63.87
N LEU M 741 11.47 -108.85 64.35
CA LEU M 741 12.68 -109.50 64.83
C LEU M 741 12.39 -110.43 66.00
N ALA M 742 11.53 -109.99 66.92
CA ALA M 742 11.18 -110.80 68.08
C ALA M 742 10.37 -112.04 67.70
N GLU M 743 9.64 -111.97 66.58
CA GLU M 743 8.84 -113.11 66.16
C GLU M 743 9.73 -114.32 65.86
N ASP M 744 10.90 -114.10 65.26
CA ASP M 744 11.84 -115.20 65.06
C ASP M 744 12.34 -115.74 66.39
N LEU M 745 12.74 -114.83 67.31
CA LEU M 745 13.28 -115.24 68.65
C LEU M 745 12.28 -116.25 69.26
N LYS M 746 10.97 -115.99 69.14
CA LYS M 746 9.90 -116.83 69.77
C LYS M 746 9.60 -118.06 68.90
N LYS M 747 9.53 -117.95 67.56
CA LYS M 747 9.12 -119.04 66.69
C LYS M 747 10.14 -120.17 66.67
N VAL M 748 11.43 -119.90 66.75
CA VAL M 748 12.49 -120.95 66.61
C VAL M 748 12.44 -121.88 67.86
N ARG M 749 11.57 -121.63 68.86
CA ARG M 749 11.40 -122.50 70.07
C ARG M 749 10.95 -123.93 69.71
N GLU M 750 10.24 -124.18 68.59
CA GLU M 750 9.87 -125.53 68.18
C GLU M 750 11.09 -126.28 67.66
N ILE M 751 11.94 -125.59 66.90
CA ILE M 751 13.14 -126.22 66.37
C ILE M 751 14.02 -126.58 67.57
N GLN M 752 14.11 -125.63 68.53
CA GLN M 752 14.96 -125.79 69.75
C GLN M 752 14.49 -127.04 70.53
N GLU M 753 13.18 -127.27 70.67
CA GLU M 753 12.65 -128.44 71.36
C GLU M 753 12.90 -129.77 70.64
N LYS M 754 12.65 -129.79 69.33
CA LYS M 754 12.88 -131.02 68.58
C LYS M 754 14.34 -131.44 68.62
N LEU M 755 15.25 -130.47 68.45
CA LEU M 755 16.67 -130.80 68.39
C LEU M 755 17.20 -131.29 69.73
N ASP M 756 16.80 -130.64 70.83
CA ASP M 756 17.30 -131.04 72.14
C ASP M 756 16.76 -132.41 72.54
N ALA M 757 15.47 -132.66 72.30
CA ALA M 757 14.93 -133.97 72.60
C ALA M 757 15.58 -135.06 71.74
N PHE M 758 15.92 -134.74 70.49
CA PHE M 758 16.63 -135.71 69.66
C PHE M 758 18.02 -136.00 70.21
N ILE M 759 18.69 -134.97 70.76
CA ILE M 759 20.00 -135.18 71.36
C ILE M 759 19.86 -136.13 72.55
N GLU M 760 18.84 -135.89 73.38
CA GLU M 760 18.63 -136.77 74.52
C GLU M 760 18.36 -138.19 74.06
N ALA M 761 17.53 -138.37 73.03
CA ALA M 761 17.27 -139.71 72.51
C ALA M 761 18.54 -140.32 71.94
N LEU M 762 19.39 -139.52 71.31
CA LEU M 762 20.66 -140.02 70.82
C LEU M 762 21.47 -140.61 71.97
N HIS M 763 21.54 -139.89 73.09
CA HIS M 763 22.27 -140.42 74.23
C HIS M 763 21.61 -141.68 74.79
N GLN M 764 20.28 -141.70 74.86
CA GLN M 764 19.61 -142.89 75.39
C GLN M 764 19.89 -144.13 74.56
N GLU M 765 19.82 -144.01 73.23
CA GLU M 765 20.07 -145.19 72.40
C GLU M 765 21.53 -145.67 72.53
N LYS M 766 22.48 -144.75 72.58
CA LYS M 766 23.88 -145.13 72.72
C LYS M 766 24.10 -145.84 74.05
N ALA N 1 20.96 -58.38 12.91
CA ALA N 1 19.56 -58.49 12.50
C ALA N 1 18.66 -58.62 13.72
N THR N 2 19.19 -59.20 14.79
CA THR N 2 18.42 -59.36 16.01
C THR N 2 18.06 -58.00 16.60
N ASP N 3 16.84 -57.91 17.12
CA ASP N 3 16.35 -56.68 17.75
C ASP N 3 16.38 -55.51 16.77
N ARG N 4 16.02 -55.78 15.52
CA ARG N 4 15.92 -54.77 14.48
C ARG N 4 14.46 -54.65 14.04
N GLY N 5 13.93 -53.42 14.02
CA GLY N 5 12.50 -53.19 13.66
C GLY N 5 12.22 -53.59 12.22
N SER N 6 13.08 -53.19 11.26
CA SER N 6 12.89 -53.53 9.82
C SER N 6 12.99 -55.05 9.63
N GLU N 7 13.94 -55.72 10.31
CA GLU N 7 14.09 -57.21 10.24
C GLU N 7 12.83 -57.84 10.85
N SER N 8 12.32 -57.29 11.96
CA SER N 8 11.10 -57.79 12.64
C SER N 8 9.90 -57.63 11.69
N ASP N 9 9.82 -56.49 10.96
CA ASP N 9 8.72 -56.25 9.98
C ASP N 9 8.82 -57.29 8.87
N LYS N 10 10.02 -57.59 8.37
CA LYS N 10 10.22 -58.60 7.29
C LYS N 10 9.78 -59.97 7.84
N HIS N 11 10.14 -60.29 9.09
CA HIS N 11 9.76 -61.56 9.76
C HIS N 11 8.22 -61.58 9.91
N PHE N 12 7.62 -60.45 10.29
CA PHE N 12 6.14 -60.33 10.49
C PHE N 12 5.46 -60.58 9.13
N ARG N 13 6.00 -60.02 8.03
CA ARG N 13 5.41 -60.15 6.65
C ARG N 13 5.47 -61.62 6.18
N LYS N 14 6.54 -62.37 6.47
CA LYS N 14 6.71 -63.79 5.99
C LYS N 14 5.67 -64.68 6.70
N VAL N 15 5.46 -64.50 8.01
CA VAL N 15 4.45 -65.26 8.83
C VAL N 15 3.05 -64.91 8.31
N SER N 16 2.79 -63.64 8.00
CA SER N 16 1.47 -63.12 7.54
C SER N 16 1.11 -63.77 6.20
N ASP N 17 2.07 -63.94 5.28
CA ASP N 17 1.81 -64.47 3.90
C ASP N 17 1.47 -65.97 4.00
N LYS N 18 2.06 -66.70 4.96
CA LYS N 18 1.70 -68.11 5.17
C LYS N 18 0.27 -68.25 5.66
N GLU N 19 -0.17 -67.36 6.56
CA GLU N 19 -1.57 -67.38 6.99
C GLU N 19 -2.51 -67.05 5.84
N LYS N 20 -2.07 -66.18 4.92
CA LYS N 20 -2.91 -65.86 3.77
C LYS N 20 -3.11 -67.07 2.86
N ILE N 21 -2.17 -68.02 2.87
CA ILE N 21 -2.38 -69.24 2.11
C ILE N 21 -2.73 -70.41 3.04
N ASP N 22 -3.41 -70.10 4.14
CA ASP N 22 -3.85 -71.13 5.09
C ASP N 22 -4.98 -71.96 4.50
N GLN N 23 -5.16 -73.16 5.08
CA GLN N 23 -6.23 -74.05 4.62
C GLN N 23 -7.61 -73.41 4.77
N LEU N 24 -7.80 -72.55 5.77
CA LEU N 24 -9.07 -71.82 5.86
C LEU N 24 -9.29 -70.99 4.60
N GLN N 25 -8.28 -70.20 4.21
CA GLN N 25 -8.41 -69.38 3.02
C GLN N 25 -8.50 -70.23 1.76
N GLU N 26 -7.76 -71.34 1.70
CA GLU N 26 -7.81 -72.19 0.52
C GLU N 26 -9.19 -72.82 0.35
N GLU N 27 -9.77 -73.32 1.45
CA GLU N 27 -11.12 -73.86 1.39
C GLU N 27 -12.12 -72.75 1.05
N LEU N 28 -11.88 -71.54 1.56
CA LEU N 28 -12.75 -70.43 1.20
C LEU N 28 -12.73 -70.19 -0.30
N LEU N 29 -11.53 -70.22 -0.91
CA LEU N 29 -11.45 -70.05 -2.35
C LEU N 29 -12.15 -71.18 -3.10
N HIS N 30 -11.92 -72.42 -2.68
CA HIS N 30 -12.52 -73.55 -3.37
C HIS N 30 -14.04 -73.51 -3.30
N THR N 31 -14.59 -73.23 -2.10
CA THR N 31 -16.04 -73.14 -1.96
C THR N 31 -16.58 -71.92 -2.69
N GLN N 32 -15.84 -70.81 -2.68
CA GLN N 32 -16.28 -69.60 -3.35
C GLN N 32 -16.38 -69.82 -4.85
N LEU N 33 -15.48 -70.61 -5.42
CA LEU N 33 -15.54 -70.85 -6.86
C LEU N 33 -16.85 -71.53 -7.25
N LYS N 34 -17.30 -72.51 -6.46
CA LYS N 34 -18.61 -73.11 -6.74
C LYS N 34 -19.74 -72.13 -6.43
N TYR N 35 -19.58 -71.32 -5.37
CA TYR N 35 -20.59 -70.30 -4.95
C TYR N 35 -20.71 -69.24 -6.05
N GLN N 36 -19.64 -68.96 -6.81
CA GLN N 36 -19.71 -67.99 -7.94
C GLN N 36 -20.67 -68.60 -8.97
N ARG N 37 -20.62 -69.92 -9.25
CA ARG N 37 -21.61 -70.63 -10.12
C ARG N 37 -23.01 -70.63 -9.45
N ILE N 38 -23.10 -70.85 -8.13
CA ILE N 38 -24.40 -70.93 -7.36
C ILE N 38 -25.03 -69.54 -7.29
N LEU N 39 -26.37 -69.42 -7.38
CA LEU N 39 -27.09 -68.10 -7.27
C LEU N 39 -26.45 -67.18 -8.32
N GLU N 40 -26.08 -67.72 -9.49
CA GLU N 40 -25.43 -66.95 -10.60
C GLU N 40 -26.07 -67.44 -11.90
N ARG N 41 -26.08 -66.62 -12.97
CA ARG N 41 -26.81 -66.89 -14.26
C ARG N 41 -28.16 -66.17 -14.03
N LEU N 42 -28.56 -65.88 -12.76
CA LEU N 42 -29.75 -64.99 -12.56
C LEU N 42 -29.40 -63.58 -13.04
N GLU N 43 -28.14 -63.14 -12.86
CA GLU N 43 -27.71 -61.73 -13.17
C GLU N 43 -28.00 -61.39 -14.64
N LYS N 44 -27.71 -62.29 -15.59
CA LYS N 44 -27.90 -62.01 -17.06
C LYS N 44 -29.40 -61.79 -17.29
N GLU N 45 -30.27 -62.56 -16.61
CA GLU N 45 -31.76 -62.41 -16.70
C GLU N 45 -32.17 -61.06 -16.07
N ASN N 46 -31.54 -60.66 -14.96
CA ASN N 46 -31.86 -59.43 -14.18
C ASN N 46 -31.63 -58.18 -15.04
N LYS N 47 -30.62 -58.15 -15.92
CA LYS N 47 -30.25 -56.91 -16.67
C LYS N 47 -31.47 -56.49 -17.52
N GLU N 48 -32.20 -57.44 -18.12
CA GLU N 48 -33.41 -57.15 -18.97
C GLU N 48 -34.38 -56.20 -18.23
N LEU N 49 -34.80 -55.06 -18.81
CA LEU N 49 -35.79 -54.16 -18.24
C LEU N 49 -37.20 -54.37 -18.79
N ARG N 50 -37.40 -55.37 -19.64
CA ARG N 50 -38.71 -55.55 -20.28
C ARG N 50 -39.80 -55.81 -19.24
N LYS N 51 -39.52 -56.68 -18.27
CA LYS N 51 -40.46 -56.92 -17.19
C LYS N 51 -40.75 -55.64 -16.43
N LEU N 52 -39.71 -54.86 -16.16
CA LEU N 52 -39.88 -53.58 -15.49
C LEU N 52 -40.75 -52.65 -16.33
N VAL N 53 -40.58 -52.67 -17.65
CA VAL N 53 -41.38 -51.81 -18.51
C VAL N 53 -42.85 -52.21 -18.43
N LEU N 54 -43.13 -53.52 -18.40
CA LEU N 54 -44.52 -53.96 -18.23
C LEU N 54 -45.08 -53.49 -16.90
N GLN N 55 -44.28 -53.59 -15.83
CA GLN N 55 -44.74 -53.12 -14.53
C GLN N 55 -45.00 -51.61 -14.55
N LYS N 56 -44.13 -50.85 -15.23
CA LYS N 56 -44.37 -49.42 -15.39
C LYS N 56 -45.69 -49.17 -16.10
N ASP N 57 -45.95 -49.95 -17.15
CA ASP N 57 -47.20 -49.78 -17.91
C ASP N 57 -48.39 -50.02 -17.00
N ASP N 58 -48.31 -51.04 -16.14
CA ASP N 58 -49.37 -51.25 -15.16
C ASP N 58 -49.50 -50.06 -14.23
N LYS N 59 -48.36 -49.52 -13.76
CA LYS N 59 -48.40 -48.40 -12.83
C LYS N 59 -48.86 -47.11 -13.50
N GLY N 60 -48.41 -46.85 -14.73
CA GLY N 60 -48.73 -45.62 -15.42
C GLY N 60 -49.80 -45.76 -16.48
N ILE N 61 -49.42 -45.60 -17.75
CA ILE N 61 -50.34 -45.79 -18.86
C ILE N 61 -50.26 -47.26 -19.26
N HIS N 62 -51.32 -48.00 -18.94
CA HIS N 62 -51.47 -49.38 -19.38
C HIS N 62 -52.30 -49.47 -20.65
N HIS N 63 -52.62 -48.33 -21.27
CA HIS N 63 -53.28 -48.25 -22.58
C HIS N 63 -54.60 -49.03 -22.61
N ARG N 64 -55.11 -49.39 -21.45
CA ARG N 64 -56.34 -50.17 -21.33
C ARG N 64 -57.18 -49.59 -20.19
N LYS N 65 -58.49 -49.78 -20.30
CA LYS N 65 -59.41 -49.14 -19.35
C LYS N 65 -59.06 -49.50 -17.92
N LEU N 66 -58.51 -50.70 -17.70
CA LEU N 66 -58.19 -51.15 -16.36
C LEU N 66 -57.22 -50.20 -15.66
N LYS N 67 -56.46 -49.41 -16.41
CA LYS N 67 -55.35 -48.66 -15.84
C LYS N 67 -55.83 -47.66 -14.80
N LYS N 68 -55.04 -47.48 -13.73
CA LYS N 68 -55.37 -46.48 -12.66
C LYS N 68 -56.79 -46.74 -12.12
N SER N 69 -57.21 -48.01 -11.91
CA SER N 69 -58.54 -48.27 -11.26
C SER N 69 -58.40 -47.69 -9.84
N LEU N 70 -59.32 -46.86 -9.37
CA LEU N 70 -59.29 -46.33 -7.96
C LEU N 70 -59.51 -47.52 -6.99
N ILE N 71 -60.37 -48.49 -7.32
CA ILE N 71 -60.60 -49.72 -6.49
C ILE N 71 -59.27 -50.51 -6.38
N ASP N 72 -58.44 -50.53 -7.43
CA ASP N 72 -57.14 -51.21 -7.42
C ASP N 72 -56.23 -50.62 -6.36
N MET N 73 -56.10 -49.27 -6.39
CA MET N 73 -55.23 -48.54 -5.41
C MET N 73 -55.86 -48.78 -4.03
N TYR N 74 -57.19 -48.92 -3.96
CA TYR N 74 -57.92 -49.12 -2.68
C TYR N 74 -57.69 -50.56 -2.18
N SER N 75 -57.35 -51.52 -3.05
CA SER N 75 -56.92 -52.89 -2.63
C SER N 75 -55.56 -52.75 -1.97
N GLU N 76 -54.65 -51.96 -2.56
CA GLU N 76 -53.29 -51.71 -2.00
C GLU N 76 -53.46 -50.97 -0.65
N VAL N 77 -54.38 -49.98 -0.58
CA VAL N 77 -54.64 -49.15 0.65
C VAL N 77 -55.01 -50.08 1.81
N LEU N 78 -55.95 -51.00 1.60
CA LEU N 78 -56.37 -51.98 2.66
C LEU N 78 -55.20 -52.91 2.98
N ASP N 79 -54.42 -53.36 1.98
CA ASP N 79 -53.30 -54.33 2.20
C ASP N 79 -52.24 -53.67 3.10
N VAL N 80 -51.90 -52.39 2.88
CA VAL N 80 -50.90 -51.63 3.72
C VAL N 80 -51.46 -51.47 5.16
N LEU N 81 -52.80 -51.35 5.35
CA LEU N 81 -53.44 -51.17 6.71
C LEU N 81 -53.20 -52.45 7.53
N SER N 82 -53.45 -53.62 6.92
CA SER N 82 -53.21 -54.91 7.57
C SER N 82 -51.77 -55.06 8.00
N ASP N 83 -50.83 -54.65 7.14
CA ASP N 83 -49.42 -54.69 7.50
C ASP N 83 -49.10 -53.83 8.71
N TYR N 84 -49.72 -52.65 8.80
CA TYR N 84 -49.43 -51.77 9.93
C TYR N 84 -49.78 -52.45 11.25
N ASP N 85 -50.94 -53.11 11.31
CA ASP N 85 -51.45 -53.63 12.57
C ASP N 85 -52.09 -54.99 12.33
N ALA N 86 -51.50 -56.04 12.91
CA ALA N 86 -52.19 -57.32 12.98
C ALA N 86 -53.48 -57.20 13.77
N SER N 87 -53.49 -56.41 14.83
CA SER N 87 -54.69 -56.20 15.62
C SER N 87 -55.78 -55.54 14.78
N TYR N 88 -57.02 -55.94 15.07
CA TYR N 88 -58.16 -55.59 14.21
C TYR N 88 -58.46 -54.09 14.24
N ASN N 89 -58.12 -53.42 15.35
CA ASN N 89 -58.58 -52.05 15.58
C ASN N 89 -58.30 -51.15 14.39
N THR N 90 -57.07 -51.15 13.89
CA THR N 90 -56.71 -50.25 12.80
C THR N 90 -57.21 -50.74 11.44
N GLN N 91 -57.31 -52.06 11.26
CA GLN N 91 -57.94 -52.56 10.04
C GLN N 91 -59.39 -52.12 9.95
N ASP N 92 -60.04 -51.95 11.12
CA ASP N 92 -61.41 -51.45 11.15
C ASP N 92 -61.51 -49.98 10.77
N HIS N 93 -60.38 -49.27 10.64
CA HIS N 93 -60.43 -47.86 10.29
C HIS N 93 -61.04 -47.64 8.92
N LEU N 94 -60.66 -48.47 7.93
CA LEU N 94 -61.08 -48.25 6.51
C LEU N 94 -62.13 -49.27 6.06
N PRO N 95 -63.16 -48.84 5.29
CA PRO N 95 -64.26 -49.72 4.84
C PRO N 95 -63.80 -50.92 4.02
N ARG N 96 -64.57 -52.00 4.14
CA ARG N 96 -64.50 -53.17 3.29
C ARG N 96 -65.84 -53.89 3.43
N VAL N 97 -66.11 -54.84 2.55
CA VAL N 97 -67.32 -55.66 2.65
C VAL N 97 -66.92 -56.97 3.30
N VAL N 98 -67.52 -57.28 4.44
CA VAL N 98 -67.24 -58.49 5.20
C VAL N 98 -68.42 -59.44 5.03
N VAL N 99 -68.16 -60.64 4.53
CA VAL N 99 -69.20 -61.61 4.20
C VAL N 99 -69.14 -62.72 5.24
N VAL N 100 -70.22 -62.87 6.00
CA VAL N 100 -70.36 -63.96 6.96
C VAL N 100 -71.50 -64.84 6.47
N GLY N 101 -71.50 -66.10 6.88
CA GLY N 101 -72.59 -66.98 6.50
C GLY N 101 -72.62 -68.23 7.33
N ASP N 102 -73.78 -68.90 7.30
CA ASP N 102 -73.92 -70.18 7.95
C ASP N 102 -72.97 -71.19 7.32
N GLN N 103 -72.40 -72.05 8.15
CA GLN N 103 -71.46 -73.05 7.65
C GLN N 103 -72.11 -73.89 6.56
N SER N 104 -71.40 -74.05 5.44
CA SER N 104 -71.86 -74.87 4.31
C SER N 104 -73.14 -74.31 3.70
N ALA N 105 -73.32 -72.99 3.79
CA ALA N 105 -74.48 -72.34 3.19
C ALA N 105 -74.30 -72.06 1.71
N GLY N 106 -73.11 -72.31 1.16
CA GLY N 106 -72.80 -71.97 -0.22
C GLY N 106 -72.13 -70.63 -0.41
N LYS N 107 -71.72 -69.99 0.68
CA LYS N 107 -71.17 -68.64 0.64
C LYS N 107 -70.04 -68.49 -0.38
N THR N 108 -69.18 -69.50 -0.50
CA THR N 108 -68.12 -69.42 -1.50
C THR N 108 -68.68 -69.45 -2.91
N SER N 109 -69.80 -70.15 -3.15
CA SER N 109 -70.43 -70.06 -4.46
C SER N 109 -70.96 -68.66 -4.74
N VAL N 110 -71.50 -68.00 -3.72
CA VAL N 110 -71.94 -66.60 -3.89
C VAL N 110 -70.75 -65.72 -4.22
N LEU N 111 -69.64 -65.90 -3.51
CA LEU N 111 -68.46 -65.07 -3.74
C LEU N 111 -67.85 -65.36 -5.10
N GLU N 112 -67.98 -66.60 -5.59
CA GLU N 112 -67.50 -66.93 -6.92
C GLU N 112 -68.38 -66.30 -8.00
N MET N 113 -69.69 -66.32 -7.81
CA MET N 113 -70.56 -65.67 -8.78
C MET N 113 -70.29 -64.16 -8.82
N ILE N 114 -70.06 -63.55 -7.67
CA ILE N 114 -69.73 -62.13 -7.64
C ILE N 114 -68.37 -61.88 -8.29
N ALA N 115 -67.39 -62.72 -7.99
CA ALA N 115 -66.08 -62.64 -8.63
C ALA N 115 -66.06 -63.26 -10.02
N GLN N 116 -67.12 -63.97 -10.40
CA GLN N 116 -67.27 -64.52 -11.75
C GLN N 116 -66.19 -65.55 -12.07
N ALA N 117 -65.65 -66.22 -11.06
CA ALA N 117 -64.61 -67.21 -11.27
C ALA N 117 -64.63 -68.21 -10.14
N ARG N 118 -64.16 -69.43 -10.44
CA ARG N 118 -64.09 -70.51 -9.45
C ARG N 118 -62.79 -70.34 -8.66
N ILE N 119 -62.78 -69.33 -7.80
CA ILE N 119 -61.59 -68.94 -7.05
C ILE N 119 -61.76 -69.15 -5.55
N PHE N 120 -62.89 -69.71 -5.11
CA PHE N 120 -63.10 -69.97 -3.69
C PHE N 120 -63.21 -71.47 -3.45
N PRO N 121 -62.83 -71.94 -2.26
CA PRO N 121 -62.93 -73.38 -1.97
C PRO N 121 -64.37 -73.86 -2.13
N ARG N 122 -64.56 -74.83 -3.02
CA ARG N 122 -65.88 -75.39 -3.30
C ARG N 122 -65.88 -76.86 -2.93
N GLY N 123 -66.89 -77.25 -2.14
CA GLY N 123 -67.04 -78.64 -1.73
C GLY N 123 -68.48 -78.91 -1.35
N SER N 124 -68.80 -80.20 -1.27
CA SER N 124 -70.16 -80.63 -0.97
C SER N 124 -70.27 -80.99 0.50
N GLY N 125 -71.15 -80.29 1.21
CA GLY N 125 -71.46 -80.61 2.60
C GLY N 125 -70.28 -80.64 3.53
N GLU N 126 -69.42 -79.61 3.47
CA GLU N 126 -68.25 -79.55 4.32
C GLU N 126 -67.87 -78.09 4.55
N MET N 127 -67.17 -77.84 5.66
CA MET N 127 -66.63 -76.51 5.89
C MET N 127 -65.75 -76.10 4.72
N MET N 128 -66.10 -74.97 4.10
CA MET N 128 -65.40 -74.46 2.93
C MET N 128 -64.41 -73.35 3.30
N THR N 129 -64.86 -72.36 4.05
CA THR N 129 -63.98 -71.32 4.57
C THR N 129 -63.59 -71.64 6.00
N ARG N 130 -62.28 -71.74 6.26
CA ARG N 130 -61.76 -71.94 7.60
C ARG N 130 -60.81 -70.84 8.05
N SER N 131 -60.15 -70.16 7.11
CA SER N 131 -59.42 -68.94 7.39
C SER N 131 -59.88 -67.84 6.43
N PRO N 132 -60.19 -66.65 6.92
CA PRO N 132 -60.83 -65.64 6.06
C PRO N 132 -59.92 -65.26 4.89
N VAL N 133 -60.54 -65.02 3.74
CA VAL N 133 -59.81 -64.67 2.53
C VAL N 133 -60.42 -63.39 1.94
N LYS N 134 -59.61 -62.36 1.78
CA LYS N 134 -60.09 -61.09 1.24
C LYS N 134 -59.71 -60.99 -0.23
N VAL N 135 -60.71 -60.97 -1.10
CA VAL N 135 -60.54 -60.82 -2.54
C VAL N 135 -61.14 -59.48 -2.96
N THR N 136 -60.37 -58.69 -3.70
CA THR N 136 -60.83 -57.40 -4.19
C THR N 136 -61.15 -57.51 -5.67
N LEU N 137 -62.32 -57.01 -6.05
CA LEU N 137 -62.83 -57.11 -7.42
C LEU N 137 -62.80 -55.74 -8.08
N SER N 138 -62.19 -55.69 -9.27
CA SER N 138 -62.05 -54.50 -10.09
C SER N 138 -62.28 -54.88 -11.55
N GLU N 139 -62.70 -53.89 -12.34
CA GLU N 139 -62.97 -54.11 -13.75
C GLU N 139 -61.68 -54.27 -14.54
N GLY N 140 -61.73 -55.08 -15.60
CA GLY N 140 -60.61 -55.23 -16.51
C GLY N 140 -60.84 -56.29 -17.56
N PRO N 141 -60.34 -56.08 -18.79
CA PRO N 141 -60.54 -57.07 -19.85
C PRO N 141 -59.86 -58.40 -19.60
N HIS N 142 -58.86 -58.45 -18.73
CA HIS N 142 -58.10 -59.67 -18.47
C HIS N 142 -58.62 -60.27 -17.18
N HIS N 143 -59.25 -61.44 -17.27
CA HIS N 143 -59.87 -62.09 -16.12
C HIS N 143 -58.80 -62.91 -15.42
N VAL N 144 -58.03 -62.23 -14.56
CA VAL N 144 -56.83 -62.80 -13.97
C VAL N 144 -56.81 -62.53 -12.46
N ALA N 145 -56.21 -63.46 -11.72
CA ALA N 145 -56.04 -63.35 -10.28
C ALA N 145 -54.56 -63.34 -9.94
N LEU N 146 -54.20 -62.62 -8.87
CA LEU N 146 -52.82 -62.59 -8.42
C LEU N 146 -52.77 -62.48 -6.91
N PHE N 147 -51.92 -63.29 -6.27
CA PHE N 147 -51.74 -63.20 -4.83
C PHE N 147 -50.87 -62.01 -4.45
N LYS N 148 -51.13 -61.48 -3.26
CA LYS N 148 -50.26 -60.45 -2.69
C LYS N 148 -48.83 -60.93 -2.56
N ASP N 149 -48.64 -62.21 -2.23
CA ASP N 149 -47.36 -62.74 -1.81
C ASP N 149 -46.62 -63.50 -2.91
N SER N 150 -47.12 -63.48 -4.14
CA SER N 150 -46.56 -64.32 -5.20
C SER N 150 -46.43 -63.52 -6.49
N SER N 151 -45.84 -64.16 -7.49
CA SER N 151 -45.71 -63.60 -8.83
C SER N 151 -46.52 -64.36 -9.87
N ARG N 152 -47.12 -65.48 -9.51
CA ARG N 152 -47.92 -66.26 -10.44
C ARG N 152 -49.28 -65.62 -10.63
N GLU N 153 -49.64 -65.39 -11.89
CA GLU N 153 -50.98 -64.96 -12.25
C GLU N 153 -51.79 -66.16 -12.69
N PHE N 154 -53.05 -66.21 -12.26
CA PHE N 154 -53.94 -67.31 -12.56
C PHE N 154 -54.98 -66.85 -13.57
N ASP N 155 -55.08 -67.58 -14.68
CA ASP N 155 -56.07 -67.29 -15.70
C ASP N 155 -57.40 -67.86 -15.23
N LEU N 156 -58.40 -66.99 -15.08
CA LEU N 156 -59.66 -67.36 -14.45
C LEU N 156 -60.67 -67.92 -15.45
N THR N 157 -60.27 -68.11 -16.71
CA THR N 157 -61.12 -68.72 -17.71
C THR N 157 -60.76 -70.19 -17.98
N LYS N 158 -59.77 -70.73 -17.27
CA LYS N 158 -59.27 -72.07 -17.53
C LYS N 158 -59.17 -72.84 -16.23
N GLU N 159 -59.56 -74.12 -16.28
CA GLU N 159 -59.78 -74.90 -15.06
C GLU N 159 -58.47 -75.21 -14.36
N GLU N 160 -57.39 -75.42 -15.10
CA GLU N 160 -56.13 -75.79 -14.46
C GLU N 160 -55.66 -74.70 -13.50
N ASP N 161 -55.67 -73.44 -13.96
CA ASP N 161 -55.24 -72.34 -13.10
C ASP N 161 -56.24 -72.08 -11.99
N LEU N 162 -57.53 -72.22 -12.27
CA LEU N 162 -58.54 -72.02 -11.23
C LEU N 162 -58.38 -73.05 -10.12
N ALA N 163 -58.14 -74.31 -10.48
CA ALA N 163 -57.93 -75.35 -9.48
C ALA N 163 -56.64 -75.13 -8.71
N ALA N 164 -55.56 -74.73 -9.41
CA ALA N 164 -54.32 -74.41 -8.72
C ALA N 164 -54.54 -73.29 -7.73
N LEU N 165 -55.30 -72.26 -8.12
CA LEU N 165 -55.58 -71.14 -7.23
C LEU N 165 -56.40 -71.59 -6.03
N ARG N 166 -57.44 -72.40 -6.26
CA ARG N 166 -58.28 -72.84 -5.16
C ARG N 166 -57.48 -73.66 -4.16
N HIS N 167 -56.65 -74.58 -4.66
CA HIS N 167 -55.92 -75.45 -3.75
C HIS N 167 -54.78 -74.72 -3.08
N GLU N 168 -54.17 -73.73 -3.75
CA GLU N 168 -53.18 -72.88 -3.07
C GLU N 168 -53.84 -72.08 -1.95
N ILE N 169 -55.06 -71.58 -2.20
CA ILE N 169 -55.80 -70.88 -1.16
C ILE N 169 -56.10 -71.82 -0.01
N GLU N 170 -56.48 -73.06 -0.31
CA GLU N 170 -56.72 -74.06 0.73
C GLU N 170 -55.46 -74.30 1.55
N LEU N 171 -54.32 -74.44 0.89
CA LEU N 171 -53.07 -74.68 1.60
C LEU N 171 -52.68 -73.50 2.47
N ARG N 172 -52.85 -72.28 1.95
CA ARG N 172 -52.58 -71.09 2.75
C ARG N 172 -53.51 -71.01 3.95
N MET N 173 -54.79 -71.34 3.73
CA MET N 173 -55.76 -71.39 4.81
C MET N 173 -55.30 -72.33 5.91
N ARG N 174 -54.87 -73.53 5.52
CA ARG N 174 -54.40 -74.51 6.50
C ARG N 174 -53.15 -74.01 7.20
N LYS N 175 -52.22 -73.39 6.45
CA LYS N 175 -50.99 -72.89 7.02
C LYS N 175 -51.21 -71.74 7.98
N ASN N 176 -52.38 -71.11 7.94
CA ASN N 176 -52.71 -70.09 8.93
C ASN N 176 -53.24 -70.67 10.23
N VAL N 177 -53.42 -71.99 10.31
CA VAL N 177 -54.03 -72.65 11.45
C VAL N 177 -52.96 -73.47 12.16
N LYS N 178 -52.92 -73.35 13.49
CA LYS N 178 -51.99 -74.15 14.27
C LYS N 178 -52.37 -75.63 14.23
N GLU N 179 -51.36 -76.49 14.38
CA GLU N 179 -51.58 -77.92 14.35
C GLU N 179 -52.58 -78.33 15.43
N GLY N 180 -53.55 -79.16 15.05
CA GLY N 180 -54.59 -79.60 15.95
C GLY N 180 -55.83 -78.75 15.95
N CYS N 181 -55.75 -77.52 15.43
CA CYS N 181 -56.90 -76.65 15.26
C CYS N 181 -57.30 -76.60 13.80
N THR N 182 -58.46 -75.98 13.55
CA THR N 182 -59.07 -75.96 12.23
C THR N 182 -59.29 -74.57 11.66
N VAL N 183 -59.35 -73.54 12.50
CA VAL N 183 -59.79 -72.22 12.09
C VAL N 183 -58.78 -71.18 12.58
N SER N 184 -58.53 -70.15 11.76
CA SER N 184 -57.55 -69.10 12.10
C SER N 184 -57.96 -67.74 11.51
N PRO N 185 -57.63 -66.63 12.18
CA PRO N 185 -58.06 -65.32 11.67
C PRO N 185 -57.29 -64.79 10.48
N GLU N 186 -56.06 -65.26 10.25
CA GLU N 186 -55.19 -64.61 9.28
C GLU N 186 -55.84 -64.56 7.90
N THR N 187 -55.77 -63.40 7.26
CA THR N 187 -56.49 -63.11 6.04
C THR N 187 -55.60 -63.28 4.82
N ILE N 188 -56.07 -64.05 3.84
CA ILE N 188 -55.37 -64.20 2.57
C ILE N 188 -55.85 -63.12 1.61
N SER N 189 -54.92 -62.46 0.94
CA SER N 189 -55.23 -61.35 0.03
C SER N 189 -54.99 -61.79 -1.40
N LEU N 190 -56.06 -61.77 -2.21
CA LEU N 190 -55.97 -62.04 -3.64
C LEU N 190 -56.60 -60.88 -4.39
N ASN N 191 -55.88 -60.35 -5.37
CA ASN N 191 -56.38 -59.28 -6.23
C ASN N 191 -56.88 -59.91 -7.52
N VAL N 192 -58.18 -59.79 -7.78
CA VAL N 192 -58.84 -60.40 -8.92
C VAL N 192 -59.40 -59.29 -9.80
N LYS N 193 -59.13 -59.38 -11.10
CA LYS N 193 -59.65 -58.43 -12.08
C LYS N 193 -60.30 -59.19 -13.21
N GLY N 194 -61.31 -58.58 -13.82
CA GLY N 194 -62.01 -59.18 -14.93
C GLY N 194 -63.20 -58.35 -15.36
N PRO N 195 -63.73 -58.63 -16.55
CA PRO N 195 -64.84 -57.82 -17.07
C PRO N 195 -66.11 -58.05 -16.27
N GLY N 196 -66.84 -56.95 -16.04
CA GLY N 196 -68.09 -57.01 -15.32
C GLY N 196 -67.97 -56.98 -13.81
N LEU N 197 -66.75 -57.07 -13.27
CA LEU N 197 -66.55 -57.01 -11.84
C LEU N 197 -66.82 -55.60 -11.34
N GLN N 198 -67.37 -55.51 -10.14
CA GLN N 198 -67.63 -54.23 -9.51
C GLN N 198 -66.46 -53.86 -8.61
N ARG N 199 -66.42 -52.58 -8.20
CA ARG N 199 -65.41 -52.05 -7.24
C ARG N 199 -65.83 -52.61 -5.87
N MET N 200 -65.38 -53.79 -5.43
CA MET N 200 -65.87 -54.40 -4.15
C MET N 200 -64.84 -55.24 -3.40
N VAL N 201 -64.24 -54.73 -2.33
CA VAL N 201 -63.39 -55.56 -1.43
C VAL N 201 -64.39 -56.56 -0.82
N LEU N 202 -64.14 -57.88 -0.78
CA LEU N 202 -65.01 -58.91 -0.22
C LEU N 202 -64.19 -59.85 0.65
N VAL N 203 -64.58 -60.00 1.91
CA VAL N 203 -63.83 -60.79 2.88
C VAL N 203 -64.65 -62.03 3.23
N ASP N 204 -64.25 -63.17 2.71
CA ASP N 204 -64.80 -64.45 3.15
C ASP N 204 -64.36 -64.75 4.57
N LEU N 205 -65.28 -65.30 5.35
CA LEU N 205 -65.12 -65.53 6.78
C LEU N 205 -65.36 -66.99 7.11
N PRO N 206 -64.70 -67.54 8.14
CA PRO N 206 -65.01 -68.91 8.56
C PRO N 206 -66.50 -69.11 8.87
N GLY N 207 -67.10 -70.14 8.29
CA GLY N 207 -68.51 -70.41 8.48
C GLY N 207 -68.91 -70.60 9.93
N VAL N 208 -70.02 -70.00 10.34
CA VAL N 208 -70.47 -70.04 11.73
C VAL N 208 -71.31 -71.29 11.95
N ILE N 209 -71.19 -71.86 13.14
CA ILE N 209 -71.82 -73.13 13.49
C ILE N 209 -72.72 -72.92 14.70
N ASN N 210 -73.97 -73.41 14.59
CA ASN N 210 -74.81 -73.49 15.78
C ASN N 210 -74.14 -74.35 16.85
N THR N 211 -73.70 -75.54 16.47
CA THR N 211 -72.90 -76.41 17.33
C THR N 211 -71.88 -77.15 16.49
N VAL N 212 -70.78 -77.54 17.12
CA VAL N 212 -69.76 -78.32 16.43
C VAL N 212 -70.33 -79.70 16.10
N THR N 213 -70.11 -80.14 14.87
CA THR N 213 -70.33 -81.53 14.55
C THR N 213 -69.21 -82.37 15.16
N SER N 214 -69.51 -83.65 15.39
CA SER N 214 -68.59 -84.50 16.14
C SER N 214 -67.22 -84.57 15.46
N GLY N 215 -67.22 -84.68 14.13
CA GLY N 215 -65.95 -84.78 13.42
C GLY N 215 -65.08 -83.56 13.60
N MET N 216 -65.69 -82.38 13.56
CA MET N 216 -64.93 -81.13 13.67
C MET N 216 -64.41 -80.93 15.08
N ALA N 217 -63.26 -80.26 15.17
CA ALA N 217 -62.68 -79.97 16.48
C ALA N 217 -63.58 -78.99 17.23
N PRO N 218 -63.73 -79.16 18.56
CA PRO N 218 -64.55 -78.19 19.31
C PRO N 218 -64.05 -76.76 19.20
N ASP N 219 -62.72 -76.60 19.18
CA ASP N 219 -62.10 -75.27 19.15
C ASP N 219 -62.88 -74.31 18.26
N THR N 220 -63.22 -74.77 17.05
CA THR N 220 -63.73 -73.87 16.03
C THR N 220 -64.86 -73.02 16.57
N LYS N 221 -65.75 -73.58 17.39
CA LYS N 221 -66.95 -72.84 17.77
C LYS N 221 -66.59 -71.54 18.46
N GLU N 222 -65.62 -71.58 19.38
CA GLU N 222 -65.18 -70.34 20.00
C GLU N 222 -64.34 -69.52 19.04
N THR N 223 -63.48 -70.18 18.26
CA THR N 223 -62.61 -69.45 17.35
C THR N 223 -63.43 -68.76 16.25
N ILE N 224 -64.30 -69.52 15.59
CA ILE N 224 -64.96 -69.02 14.38
C ILE N 224 -65.63 -67.68 14.66
N PHE N 225 -66.44 -67.63 15.71
CA PHE N 225 -67.19 -66.41 15.98
C PHE N 225 -66.24 -65.25 16.28
N SER N 226 -65.23 -65.49 17.11
CA SER N 226 -64.31 -64.40 17.45
C SER N 226 -63.72 -63.80 16.19
N ILE N 227 -63.21 -64.65 15.30
CA ILE N 227 -62.66 -64.19 14.04
C ILE N 227 -63.69 -63.35 13.31
N SER N 228 -64.91 -63.86 13.19
CA SER N 228 -65.93 -63.11 12.48
C SER N 228 -66.10 -61.74 13.11
N LYS N 229 -66.20 -61.69 14.43
CA LYS N 229 -66.39 -60.40 15.09
C LYS N 229 -65.26 -59.45 14.70
N ALA N 230 -64.02 -59.96 14.69
CA ALA N 230 -62.85 -59.14 14.42
C ALA N 230 -63.05 -58.31 13.17
N TYR N 231 -63.69 -58.91 12.16
CA TYR N 231 -63.90 -58.27 10.87
C TYR N 231 -65.29 -57.65 10.77
N MET N 232 -66.25 -58.23 11.49
CA MET N 232 -67.64 -57.80 11.43
C MET N 232 -67.85 -56.46 12.12
N GLN N 233 -67.12 -56.22 13.21
CA GLN N 233 -67.29 -55.05 14.05
C GLN N 233 -66.85 -53.77 13.36
N ASN N 234 -66.12 -53.86 12.26
CA ASN N 234 -65.62 -52.69 11.56
C ASN N 234 -66.75 -51.68 11.39
N PRO N 235 -66.69 -50.51 12.05
CA PRO N 235 -67.79 -49.55 11.90
C PRO N 235 -67.91 -48.97 10.50
N ASN N 236 -66.90 -49.16 9.65
CA ASN N 236 -66.91 -48.64 8.30
C ASN N 236 -67.18 -49.71 7.26
N ALA N 237 -67.63 -50.89 7.65
CA ALA N 237 -67.76 -52.02 6.73
C ALA N 237 -69.22 -52.40 6.54
N ILE N 238 -69.48 -53.04 5.40
CA ILE N 238 -70.79 -53.61 5.09
C ILE N 238 -70.79 -55.06 5.54
N ILE N 239 -71.90 -55.51 6.11
CA ILE N 239 -72.09 -56.90 6.50
C ILE N 239 -72.94 -57.58 5.45
N LEU N 240 -72.38 -58.58 4.77
CA LEU N 240 -73.13 -59.40 3.84
C LEU N 240 -73.42 -60.74 4.52
N CYS N 241 -74.70 -60.99 4.80
CA CYS N 241 -75.14 -62.14 5.58
C CYS N 241 -75.68 -63.22 4.64
N ILE N 242 -75.03 -64.39 4.67
CA ILE N 242 -75.38 -65.50 3.80
C ILE N 242 -76.03 -66.57 4.68
N GLN N 243 -77.32 -66.81 4.48
CA GLN N 243 -78.05 -67.76 5.30
C GLN N 243 -78.64 -68.87 4.42
N ASP N 244 -78.60 -70.10 4.92
CA ASP N 244 -79.12 -71.25 4.20
C ASP N 244 -80.64 -71.23 4.28
N GLY N 245 -81.29 -70.99 3.15
CA GLY N 245 -82.74 -70.93 3.07
C GLY N 245 -83.41 -72.22 2.66
N SER N 246 -82.67 -73.32 2.56
CA SER N 246 -83.25 -74.63 2.26
C SER N 246 -83.34 -75.52 3.50
N VAL N 247 -83.15 -74.96 4.68
CA VAL N 247 -83.19 -75.70 5.94
C VAL N 247 -84.08 -74.95 6.91
N ASP N 248 -84.45 -75.64 7.99
CA ASP N 248 -85.21 -75.00 9.06
C ASP N 248 -84.43 -73.81 9.59
N ALA N 249 -84.99 -72.62 9.39
CA ALA N 249 -84.27 -71.40 9.77
C ALA N 249 -84.01 -71.33 11.27
N GLU N 250 -84.76 -72.09 12.08
CA GLU N 250 -84.51 -72.09 13.52
C GLU N 250 -83.11 -72.60 13.83
N ARG N 251 -82.52 -73.38 12.94
CA ARG N 251 -81.19 -73.96 13.17
C ARG N 251 -80.07 -73.00 12.78
N SER N 252 -80.38 -71.88 12.14
CA SER N 252 -79.36 -70.94 11.70
C SER N 252 -78.78 -70.17 12.88
N ILE N 253 -77.54 -69.71 12.71
CA ILE N 253 -76.85 -68.94 13.74
C ILE N 253 -76.21 -67.65 13.22
N VAL N 254 -76.02 -67.48 11.92
CA VAL N 254 -75.30 -66.31 11.44
C VAL N 254 -76.03 -65.02 11.79
N THR N 255 -77.36 -65.04 11.76
CA THR N 255 -78.12 -63.81 11.98
C THR N 255 -77.94 -63.28 13.39
N ASP N 256 -77.63 -64.13 14.37
CA ASP N 256 -77.40 -63.63 15.72
C ASP N 256 -76.10 -62.86 15.80
N LEU N 257 -75.04 -63.37 15.17
CA LEU N 257 -73.79 -62.63 15.11
C LEU N 257 -73.95 -61.34 14.32
N VAL N 258 -74.71 -61.38 13.23
CA VAL N 258 -74.94 -60.16 12.45
C VAL N 258 -75.67 -59.12 13.29
N SER N 259 -76.70 -59.54 14.03
CA SER N 259 -77.41 -58.62 14.91
C SER N 259 -76.51 -58.09 16.01
N GLN N 260 -75.57 -58.90 16.50
CA GLN N 260 -74.63 -58.42 17.50
C GLN N 260 -73.70 -57.38 16.92
N MET N 261 -73.24 -57.59 15.70
CA MET N 261 -72.21 -56.73 15.11
C MET N 261 -72.81 -55.48 14.47
N ASP N 262 -74.05 -55.56 14.01
CA ASP N 262 -74.76 -54.40 13.46
C ASP N 262 -76.19 -54.43 13.98
N PRO N 263 -76.41 -53.93 15.20
CA PRO N 263 -77.77 -53.97 15.78
C PRO N 263 -78.81 -53.23 14.97
N HIS N 264 -78.42 -52.25 14.15
CA HIS N 264 -79.37 -51.41 13.44
C HIS N 264 -79.38 -51.65 11.93
N GLY N 265 -78.55 -52.55 11.42
CA GLY N 265 -78.50 -52.76 9.98
C GLY N 265 -77.98 -51.56 9.22
N ARG N 266 -77.07 -50.80 9.82
CA ARG N 266 -76.57 -49.58 9.20
C ARG N 266 -75.88 -49.87 7.88
N ARG N 267 -75.14 -50.98 7.79
CA ARG N 267 -74.53 -51.43 6.54
C ARG N 267 -74.67 -52.94 6.40
N THR N 268 -75.87 -53.46 6.62
CA THR N 268 -76.11 -54.90 6.60
C THR N 268 -76.94 -55.27 5.37
N ILE N 269 -76.46 -56.28 4.63
CA ILE N 269 -77.16 -56.83 3.48
C ILE N 269 -77.36 -58.32 3.73
N PHE N 270 -78.59 -58.79 3.62
CA PHE N 270 -78.96 -60.16 3.92
C PHE N 270 -79.21 -60.94 2.63
N VAL N 271 -78.69 -62.16 2.56
CA VAL N 271 -78.81 -63.01 1.39
C VAL N 271 -79.20 -64.42 1.85
N LEU N 272 -80.17 -65.02 1.18
CA LEU N 272 -80.43 -66.45 1.31
C LEU N 272 -79.68 -67.21 0.21
N THR N 273 -79.31 -68.44 0.52
CA THR N 273 -78.60 -69.31 -0.41
C THR N 273 -79.33 -70.64 -0.55
N LYS N 274 -78.85 -71.44 -1.51
CA LYS N 274 -79.46 -72.74 -1.81
C LYS N 274 -80.93 -72.58 -2.16
N VAL N 275 -81.24 -71.51 -2.89
CA VAL N 275 -82.63 -71.24 -3.24
C VAL N 275 -83.18 -72.32 -4.16
N ASP N 276 -82.38 -72.77 -5.13
CA ASP N 276 -82.85 -73.84 -6.00
C ASP N 276 -83.13 -75.11 -5.21
N LEU N 277 -82.26 -75.45 -4.26
CA LEU N 277 -82.56 -76.53 -3.33
C LEU N 277 -83.77 -76.18 -2.47
N ALA N 278 -83.90 -74.90 -2.10
CA ALA N 278 -85.01 -74.47 -1.26
C ALA N 278 -86.36 -74.66 -1.93
N GLU N 279 -86.41 -74.73 -3.27
CA GLU N 279 -87.69 -74.89 -3.95
C GLU N 279 -88.42 -76.13 -3.46
N LYS N 280 -87.72 -77.25 -3.34
CA LYS N 280 -88.28 -78.47 -2.77
C LYS N 280 -88.06 -78.57 -1.27
N ASN N 281 -87.21 -77.72 -0.70
CA ASN N 281 -86.87 -77.75 0.72
C ASN N 281 -86.92 -76.34 1.31
N VAL N 282 -87.96 -75.58 0.96
CA VAL N 282 -88.05 -74.20 1.39
C VAL N 282 -88.09 -74.13 2.91
N ALA N 283 -87.36 -73.16 3.47
CA ALA N 283 -87.46 -72.89 4.90
C ALA N 283 -88.85 -72.35 5.21
N SER N 284 -89.46 -72.88 6.25
CA SER N 284 -90.86 -72.58 6.53
C SER N 284 -91.05 -71.08 6.74
N PRO N 285 -92.18 -70.51 6.32
CA PRO N 285 -92.40 -69.08 6.52
C PRO N 285 -92.22 -68.64 7.96
N SER N 286 -92.66 -69.46 8.91
CA SER N 286 -92.77 -69.04 10.31
C SER N 286 -91.44 -68.70 10.93
N ARG N 287 -90.34 -69.09 10.30
CA ARG N 287 -89.01 -68.79 10.82
C ARG N 287 -88.18 -67.99 9.83
N ILE N 288 -88.35 -68.22 8.53
CA ILE N 288 -87.51 -67.53 7.54
C ILE N 288 -88.05 -66.14 7.24
N GLN N 289 -89.37 -65.99 7.17
CA GLN N 289 -89.92 -64.67 6.85
C GLN N 289 -89.70 -63.69 7.99
N GLN N 290 -89.67 -64.19 9.24
CA GLN N 290 -89.35 -63.34 10.38
C GLN N 290 -87.89 -62.93 10.39
N ILE N 291 -87.03 -63.66 9.69
CA ILE N 291 -85.65 -63.24 9.48
C ILE N 291 -85.58 -62.21 8.36
N ILE N 292 -86.29 -62.47 7.27
CA ILE N 292 -86.31 -61.54 6.14
C ILE N 292 -86.89 -60.20 6.58
N GLU N 293 -87.88 -60.23 7.47
CA GLU N 293 -88.51 -59.01 7.96
C GLU N 293 -87.80 -58.44 9.18
N GLY N 294 -86.74 -59.07 9.64
CA GLY N 294 -86.01 -58.57 10.80
C GLY N 294 -86.79 -58.66 12.09
N LYS N 295 -87.60 -59.70 12.27
CA LYS N 295 -88.44 -59.86 13.45
C LYS N 295 -88.00 -61.00 14.34
N LEU N 296 -87.54 -62.12 13.76
CA LEU N 296 -87.03 -63.22 14.59
C LEU N 296 -85.70 -62.83 15.22
N PHE N 297 -84.92 -62.00 14.53
CA PHE N 297 -83.64 -61.52 15.02
C PHE N 297 -83.59 -60.00 14.95
N PRO N 298 -82.84 -59.35 15.85
CA PRO N 298 -82.74 -57.88 15.76
C PRO N 298 -82.12 -57.39 14.47
N MET N 299 -81.50 -58.28 13.69
CA MET N 299 -80.84 -57.89 12.46
C MET N 299 -81.79 -57.11 11.54
N LYS N 300 -81.43 -55.87 11.26
CA LYS N 300 -82.01 -55.11 10.17
C LYS N 300 -81.02 -55.09 9.00
N ALA N 301 -81.51 -54.72 7.82
CA ALA N 301 -80.69 -54.82 6.63
C ALA N 301 -81.06 -53.71 5.66
N LEU N 302 -80.14 -53.44 4.73
CA LEU N 302 -80.39 -52.56 3.60
C LEU N 302 -81.28 -53.22 2.56
N GLY N 303 -81.55 -54.51 2.72
CA GLY N 303 -82.35 -55.28 1.82
C GLY N 303 -82.10 -56.75 2.03
N TYR N 304 -83.12 -57.55 1.78
CA TYR N 304 -83.08 -58.99 2.03
C TYR N 304 -83.06 -59.69 0.68
N PHE N 305 -81.92 -60.30 0.37
CA PHE N 305 -81.61 -60.81 -0.95
C PHE N 305 -81.58 -62.33 -0.92
N ALA N 306 -81.40 -62.92 -2.10
CA ALA N 306 -81.19 -64.35 -2.18
C ALA N 306 -80.50 -64.69 -3.49
N VAL N 307 -79.56 -65.63 -3.43
CA VAL N 307 -78.86 -66.13 -4.59
C VAL N 307 -78.79 -67.65 -4.49
N VAL N 308 -78.58 -68.30 -5.62
CA VAL N 308 -78.47 -69.76 -5.67
C VAL N 308 -76.99 -70.11 -5.66
N THR N 309 -76.65 -71.18 -4.95
CA THR N 309 -75.27 -71.61 -4.82
C THR N 309 -74.99 -72.94 -5.53
N GLY N 310 -75.98 -73.50 -6.20
CA GLY N 310 -75.87 -74.80 -6.85
C GLY N 310 -76.83 -75.79 -6.23
N LYS N 311 -76.67 -77.05 -6.63
CA LYS N 311 -77.42 -78.17 -6.06
C LYS N 311 -76.57 -79.04 -5.15
N GLY N 312 -75.48 -78.49 -4.61
CA GLY N 312 -74.57 -79.25 -3.78
C GLY N 312 -73.37 -79.79 -4.52
N ASN N 313 -73.41 -79.81 -5.85
CA ASN N 313 -72.24 -80.21 -6.62
C ASN N 313 -71.18 -79.12 -6.55
N SER N 314 -69.92 -79.54 -6.42
CA SER N 314 -68.84 -78.60 -6.19
C SER N 314 -68.21 -78.06 -7.46
N SER N 315 -68.43 -78.72 -8.60
CA SER N 315 -67.81 -78.34 -9.86
C SER N 315 -68.68 -77.41 -10.70
N GLU N 316 -69.85 -77.02 -10.21
CA GLU N 316 -70.76 -76.22 -11.01
C GLU N 316 -70.13 -74.90 -11.41
N SER N 317 -70.33 -74.52 -12.66
CA SER N 317 -69.79 -73.28 -13.22
C SER N 317 -70.60 -72.07 -12.77
N ILE N 318 -70.05 -70.90 -13.04
CA ILE N 318 -70.73 -69.64 -12.71
C ILE N 318 -72.01 -69.50 -13.52
N GLU N 319 -71.93 -69.71 -14.83
CA GLU N 319 -73.08 -69.52 -15.70
C GLU N 319 -74.21 -70.47 -15.36
N ALA N 320 -73.89 -71.74 -15.11
CA ALA N 320 -74.93 -72.69 -14.73
C ALA N 320 -75.68 -72.20 -13.50
N ILE N 321 -74.94 -71.85 -12.45
CA ILE N 321 -75.56 -71.44 -11.20
C ILE N 321 -76.47 -70.24 -11.43
N ARG N 322 -75.99 -69.26 -12.21
CA ARG N 322 -76.80 -68.08 -12.49
C ARG N 322 -78.08 -68.44 -13.24
N GLU N 323 -77.98 -69.35 -14.21
CA GLU N 323 -79.17 -69.79 -14.92
C GLU N 323 -80.16 -70.44 -13.96
N TYR N 324 -79.65 -71.29 -13.07
CA TYR N 324 -80.55 -71.97 -12.15
C TYR N 324 -81.22 -70.94 -11.25
N GLU N 325 -80.45 -69.90 -10.87
CA GLU N 325 -80.98 -68.79 -10.07
C GLU N 325 -82.17 -68.14 -10.76
N GLU N 326 -82.02 -67.87 -12.06
CA GLU N 326 -83.08 -67.20 -12.79
C GLU N 326 -84.33 -68.08 -12.84
N GLU N 327 -84.16 -69.37 -13.13
CA GLU N 327 -85.34 -70.27 -13.15
C GLU N 327 -86.02 -70.27 -11.78
N PHE N 328 -85.25 -70.45 -10.71
CA PHE N 328 -85.84 -70.50 -9.38
C PHE N 328 -86.63 -69.24 -9.08
N PHE N 329 -86.01 -68.07 -9.24
CA PHE N 329 -86.69 -66.84 -8.85
C PHE N 329 -87.85 -66.50 -9.78
N GLN N 330 -87.86 -67.01 -11.00
CA GLN N 330 -89.08 -66.87 -11.80
C GLN N 330 -90.20 -67.74 -11.25
N ASN N 331 -89.91 -68.95 -10.75
CA ASN N 331 -90.98 -69.91 -10.47
C ASN N 331 -91.27 -70.19 -8.99
N SER N 332 -90.42 -69.76 -8.06
CA SER N 332 -90.44 -70.34 -6.73
C SER N 332 -91.04 -69.41 -5.67
N LYS N 333 -91.07 -69.93 -4.43
CA LYS N 333 -91.84 -69.35 -3.34
C LYS N 333 -91.22 -68.06 -2.81
N LEU N 334 -89.90 -67.89 -2.97
CA LEU N 334 -89.25 -66.73 -2.33
C LEU N 334 -89.87 -65.42 -2.78
N LEU N 335 -90.45 -65.37 -3.98
CA LEU N 335 -91.12 -64.19 -4.47
C LEU N 335 -92.64 -64.31 -4.51
N LYS N 336 -93.18 -65.48 -4.88
CA LYS N 336 -94.62 -65.59 -5.08
C LYS N 336 -95.39 -65.30 -3.80
N THR N 337 -94.79 -65.57 -2.64
CA THR N 337 -95.41 -65.29 -1.35
C THR N 337 -94.85 -64.04 -0.70
N SER N 338 -94.05 -63.27 -1.44
CA SER N 338 -93.64 -61.93 -1.00
C SER N 338 -92.88 -61.96 0.32
N MET N 339 -91.80 -62.73 0.36
CA MET N 339 -90.83 -62.58 1.45
C MET N 339 -89.69 -61.67 1.02
N LEU N 340 -89.03 -62.01 -0.07
CA LEU N 340 -87.92 -61.25 -0.63
C LEU N 340 -88.44 -60.31 -1.70
N LYS N 341 -87.67 -59.26 -1.97
CA LYS N 341 -88.05 -58.26 -2.94
C LYS N 341 -87.49 -58.64 -4.30
N ALA N 342 -88.30 -58.43 -5.35
CA ALA N 342 -87.91 -58.88 -6.68
C ALA N 342 -86.63 -58.20 -7.16
N HIS N 343 -86.44 -56.93 -6.80
CA HIS N 343 -85.23 -56.20 -7.18
C HIS N 343 -84.04 -56.56 -6.32
N GLN N 344 -84.21 -57.45 -5.34
CA GLN N 344 -83.14 -57.86 -4.44
C GLN N 344 -82.77 -59.33 -4.58
N VAL N 345 -83.14 -59.98 -5.67
CA VAL N 345 -82.80 -61.38 -5.88
C VAL N 345 -81.98 -61.52 -7.15
N THR N 346 -81.30 -62.66 -7.26
CA THR N 346 -80.40 -62.97 -8.38
C THR N 346 -79.02 -62.36 -8.13
N THR N 347 -78.00 -62.89 -8.79
CA THR N 347 -76.63 -62.48 -8.51
C THR N 347 -76.39 -61.01 -8.84
N ARG N 348 -76.91 -60.55 -9.99
CA ARG N 348 -76.57 -59.21 -10.46
C ARG N 348 -77.08 -58.14 -9.50
N ASN N 349 -78.30 -58.32 -8.98
CA ASN N 349 -78.87 -57.31 -8.11
C ASN N 349 -78.09 -57.21 -6.80
N LEU N 350 -77.73 -58.36 -6.23
CA LEU N 350 -76.93 -58.36 -5.00
C LEU N 350 -75.57 -57.72 -5.25
N SER N 351 -74.91 -58.08 -6.36
CA SER N 351 -73.60 -57.52 -6.64
C SER N 351 -73.67 -56.01 -6.81
N LEU N 352 -74.68 -55.52 -7.55
CA LEU N 352 -74.79 -54.08 -7.76
C LEU N 352 -75.12 -53.34 -6.47
N ALA N 353 -76.02 -53.90 -5.66
CA ALA N 353 -76.34 -53.25 -4.38
C ALA N 353 -75.10 -53.17 -3.50
N VAL N 354 -74.41 -54.31 -3.31
CA VAL N 354 -73.23 -54.35 -2.40
C VAL N 354 -72.27 -53.27 -2.91
N SER N 355 -71.95 -53.23 -4.21
CA SER N 355 -70.96 -52.25 -4.77
C SER N 355 -71.44 -50.80 -4.62
N ASP N 356 -72.72 -50.50 -4.90
CA ASP N 356 -73.23 -49.10 -4.84
C ASP N 356 -73.14 -48.63 -3.38
N CYS N 357 -73.57 -49.48 -2.44
CA CYS N 357 -73.52 -49.16 -0.99
C CYS N 357 -72.05 -49.05 -0.57
N PHE N 358 -71.21 -49.99 -1.04
CA PHE N 358 -69.78 -50.04 -0.62
C PHE N 358 -69.04 -48.80 -1.11
N TRP N 359 -69.23 -48.35 -2.34
CA TRP N 359 -68.42 -47.20 -2.87
C TRP N 359 -68.94 -45.90 -2.25
N LYS N 360 -70.26 -45.75 -2.02
CA LYS N 360 -70.81 -44.54 -1.31
C LYS N 360 -70.20 -44.53 0.10
N MET N 361 -70.10 -45.70 0.75
CA MET N 361 -69.47 -45.85 2.10
C MET N 361 -67.95 -45.54 1.98
N VAL N 362 -67.29 -45.88 0.87
CA VAL N 362 -65.82 -45.66 0.65
C VAL N 362 -65.60 -44.15 0.45
N ARG N 363 -66.37 -43.51 -0.44
CA ARG N 363 -66.20 -42.07 -0.76
C ARG N 363 -66.31 -41.28 0.56
N GLU N 364 -67.21 -41.69 1.48
CA GLU N 364 -67.44 -40.92 2.74
C GLU N 364 -66.40 -41.24 3.83
N SER N 365 -66.06 -42.53 4.07
CA SER N 365 -65.25 -42.88 5.22
C SER N 365 -63.75 -42.84 4.95
N VAL N 366 -63.32 -43.19 3.72
CA VAL N 366 -61.87 -43.30 3.39
C VAL N 366 -61.25 -41.90 3.42
N GLU N 367 -61.94 -40.82 2.99
CA GLU N 367 -61.36 -39.49 3.04
C GLU N 367 -61.15 -39.03 4.48
N GLN N 368 -62.15 -39.24 5.34
CA GLN N 368 -61.99 -38.86 6.73
C GLN N 368 -60.87 -39.67 7.38
N GLN N 369 -60.80 -40.96 7.06
CA GLN N 369 -59.76 -41.84 7.66
C GLN N 369 -58.41 -41.56 6.96
N ALA N 370 -58.39 -41.04 5.73
CA ALA N 370 -57.15 -40.69 4.99
C ALA N 370 -56.56 -39.45 5.67
N ASP N 371 -57.36 -38.45 6.05
CA ASP N 371 -56.91 -37.31 6.84
C ASP N 371 -56.46 -37.78 8.21
N SER N 372 -57.21 -38.71 8.80
CA SER N 372 -56.83 -39.27 10.09
C SER N 372 -55.55 -40.09 9.99
N PHE N 373 -55.22 -40.66 8.81
CA PHE N 373 -53.98 -41.49 8.58
C PHE N 373 -52.79 -40.54 8.34
N LYS N 374 -53.00 -39.33 7.80
CA LYS N 374 -51.98 -38.29 7.86
C LYS N 374 -51.73 -37.92 9.31
N ALA N 375 -52.83 -37.71 10.05
CA ALA N 375 -52.72 -37.46 11.49
C ALA N 375 -52.01 -38.61 12.18
N THR N 376 -52.27 -39.84 11.74
CA THR N 376 -51.67 -41.02 12.38
C THR N 376 -50.16 -41.04 12.18
N ARG N 377 -49.70 -40.71 10.98
CA ARG N 377 -48.27 -40.69 10.75
C ARG N 377 -47.60 -39.56 11.53
N PHE N 378 -48.23 -38.38 11.59
CA PHE N 378 -47.68 -37.34 12.47
C PHE N 378 -47.73 -37.78 13.93
N ASN N 379 -48.75 -38.53 14.32
CA ASN N 379 -48.87 -39.00 15.70
C ASN N 379 -47.74 -39.96 16.04
N LEU N 380 -47.43 -40.87 15.11
CA LEU N 380 -46.27 -41.75 15.30
C LEU N 380 -44.99 -40.93 15.35
N GLU N 381 -44.90 -39.86 14.56
CA GLU N 381 -43.72 -39.01 14.62
C GLU N 381 -43.59 -38.39 16.01
N THR N 382 -44.71 -37.94 16.58
CA THR N 382 -44.74 -37.28 17.88
C THR N 382 -44.08 -38.15 18.93
N GLU N 383 -44.64 -39.34 19.15
CA GLU N 383 -44.08 -40.23 20.17
C GLU N 383 -42.68 -40.69 19.80
N TRP N 384 -42.47 -41.10 18.54
CA TRP N 384 -41.20 -41.71 18.17
C TRP N 384 -40.03 -40.76 18.39
N LYS N 385 -40.17 -39.50 17.94
CA LYS N 385 -39.05 -38.57 18.06
C LYS N 385 -38.71 -38.32 19.53
N ASN N 386 -39.72 -38.24 20.39
CA ASN N 386 -39.46 -38.14 21.82
C ASN N 386 -38.72 -39.37 22.32
N ASN N 387 -39.13 -40.56 21.87
CA ASN N 387 -38.50 -41.79 22.34
C ASN N 387 -37.04 -41.87 21.90
N TYR N 388 -36.77 -41.61 20.63
CA TYR N 388 -35.44 -41.77 20.05
C TYR N 388 -35.11 -40.55 19.21
N PRO N 389 -34.88 -39.41 19.85
CA PRO N 389 -34.50 -38.22 19.07
C PRO N 389 -33.18 -38.37 18.33
N ARG N 390 -32.18 -38.98 18.97
CA ARG N 390 -30.88 -39.14 18.33
C ARG N 390 -30.94 -40.14 17.18
N LEU N 391 -31.67 -41.24 17.36
CA LEU N 391 -31.67 -42.36 16.42
C LEU N 391 -33.09 -42.61 15.92
N ARG N 392 -33.23 -42.82 14.62
CA ARG N 392 -34.52 -43.03 13.98
C ARG N 392 -34.62 -44.43 13.39
N GLU N 393 -35.79 -45.02 13.52
CA GLU N 393 -36.14 -46.34 12.97
C GLU N 393 -35.00 -47.35 13.12
N LEU N 394 -34.56 -47.55 14.36
CA LEU N 394 -33.61 -48.62 14.67
C LEU N 394 -34.27 -49.99 14.84
N ASP N 395 -33.61 -51.01 14.32
CA ASP N 395 -34.09 -52.39 14.39
C ASP N 395 -33.23 -53.36 15.19
N ARG N 396 -33.84 -54.42 15.71
CA ARG N 396 -33.18 -55.25 16.71
C ARG N 396 -32.08 -56.04 16.02
N ASN N 397 -32.25 -56.41 14.75
CA ASN N 397 -31.19 -57.11 14.03
C ASN N 397 -29.96 -56.22 13.81
N GLU N 398 -30.19 -54.96 13.47
CA GLU N 398 -29.11 -53.98 13.37
C GLU N 398 -28.39 -53.85 14.71
N LEU N 399 -29.19 -53.80 15.79
CA LEU N 399 -28.61 -53.69 17.13
C LEU N 399 -27.76 -54.92 17.45
N PHE N 400 -28.22 -56.10 17.06
CA PHE N 400 -27.44 -57.31 17.29
C PHE N 400 -26.12 -57.26 16.55
N GLU N 401 -26.14 -56.84 15.29
CA GLU N 401 -24.89 -56.77 14.55
C GLU N 401 -23.92 -55.80 15.21
N LYS N 402 -24.44 -54.64 15.64
CA LYS N 402 -23.60 -53.67 16.32
C LYS N 402 -23.01 -54.25 17.61
N ALA N 403 -23.84 -54.95 18.38
CA ALA N 403 -23.37 -55.56 19.62
C ALA N 403 -22.32 -56.63 19.35
N LYS N 404 -22.53 -57.42 18.30
CA LYS N 404 -21.54 -58.43 17.93
C LYS N 404 -20.20 -57.79 17.63
N ASN N 405 -20.21 -56.72 16.84
CA ASN N 405 -18.95 -56.04 16.54
C ASN N 405 -18.30 -55.52 17.81
N GLU N 406 -19.09 -54.88 18.68
CA GLU N 406 -18.52 -54.32 19.91
C GLU N 406 -17.95 -55.41 20.81
N ILE N 407 -18.65 -56.54 20.91
CA ILE N 407 -18.21 -57.61 21.82
C ILE N 407 -16.94 -58.26 21.30
N LEU N 408 -16.86 -58.50 19.99
CA LEU N 408 -15.64 -59.07 19.44
C LEU N 408 -14.48 -58.10 19.59
N ASP N 409 -14.76 -56.80 19.44
CA ASP N 409 -13.75 -55.78 19.69
C ASP N 409 -13.31 -55.80 21.14
N GLU N 410 -14.23 -56.04 22.07
CA GLU N 410 -13.87 -56.13 23.48
C GLU N 410 -12.97 -57.33 23.73
N VAL N 411 -13.22 -58.45 23.05
CA VAL N 411 -12.30 -59.59 23.16
C VAL N 411 -10.91 -59.17 22.68
N ILE N 412 -10.85 -58.49 21.55
CA ILE N 412 -9.55 -58.05 21.02
C ILE N 412 -8.88 -57.11 22.02
N SER N 413 -9.64 -56.23 22.65
CA SER N 413 -9.10 -55.34 23.66
C SER N 413 -8.57 -56.14 24.85
N LEU N 414 -9.25 -57.22 25.20
CA LEU N 414 -8.75 -58.12 26.23
C LEU N 414 -7.38 -58.65 25.84
N SER N 415 -7.17 -59.01 24.56
CA SER N 415 -5.85 -59.43 24.05
C SER N 415 -4.86 -58.28 24.30
N GLN N 416 -5.32 -57.01 24.22
CA GLN N 416 -4.46 -55.85 24.37
C GLN N 416 -4.04 -55.59 25.81
N VAL N 417 -4.66 -56.27 26.78
CA VAL N 417 -4.26 -56.08 28.16
C VAL N 417 -2.79 -56.42 28.30
N THR N 418 -2.07 -55.56 29.04
CA THR N 418 -0.63 -55.71 29.12
C THR N 418 -0.29 -57.04 29.82
N PRO N 419 0.78 -57.72 29.37
CA PRO N 419 1.12 -59.00 30.02
C PRO N 419 1.35 -58.86 31.51
N LYS N 420 1.96 -57.76 31.95
CA LYS N 420 2.22 -57.57 33.37
C LYS N 420 0.93 -57.52 34.16
N HIS N 421 -0.15 -56.97 33.57
CA HIS N 421 -1.42 -56.94 34.28
C HIS N 421 -1.90 -58.36 34.59
N TRP N 422 -1.89 -59.22 33.57
CA TRP N 422 -2.31 -60.60 33.76
C TRP N 422 -1.41 -61.30 34.77
N GLU N 423 -0.10 -61.12 34.64
CA GLU N 423 0.84 -61.78 35.53
C GLU N 423 0.66 -61.32 36.97
N GLU N 424 0.42 -60.02 37.16
CA GLU N 424 0.21 -59.48 38.50
C GLU N 424 -1.02 -60.11 39.14
N ILE N 425 -2.15 -60.14 38.40
CA ILE N 425 -3.35 -60.74 38.95
C ILE N 425 -3.09 -62.20 39.32
N LEU N 426 -2.47 -62.94 38.39
CA LEU N 426 -2.24 -64.36 38.61
C LEU N 426 -1.35 -64.60 39.81
N GLN N 427 -0.25 -63.86 39.93
CA GLN N 427 0.69 -64.08 41.03
C GLN N 427 0.07 -63.69 42.36
N GLN N 428 -0.63 -62.57 42.42
CA GLN N 428 -1.22 -62.16 43.69
C GLN N 428 -2.23 -63.20 44.16
N SER N 429 -3.10 -63.65 43.24
CA SER N 429 -4.06 -64.69 43.61
C SER N 429 -3.34 -65.97 44.00
N LEU N 430 -2.28 -66.34 43.29
CA LEU N 430 -1.55 -67.57 43.59
C LEU N 430 -0.94 -67.52 44.97
N TRP N 431 -0.35 -66.38 45.34
CA TRP N 431 0.25 -66.23 46.65
C TRP N 431 -0.79 -66.24 47.75
N GLU N 432 -1.96 -65.66 47.50
CA GLU N 432 -3.03 -65.73 48.50
C GLU N 432 -3.43 -67.17 48.79
N ARG N 433 -3.19 -68.08 47.85
CA ARG N 433 -3.68 -69.44 47.95
C ARG N 433 -2.75 -70.36 48.73
N VAL N 434 -1.53 -69.92 49.06
CA VAL N 434 -0.53 -70.83 49.59
C VAL N 434 0.18 -70.28 50.83
N SER N 435 0.21 -68.95 50.98
CA SER N 435 1.05 -68.35 52.01
C SER N 435 0.68 -68.85 53.40
N THR N 436 -0.62 -68.94 53.68
CA THR N 436 -1.06 -69.48 54.96
C THR N 436 -0.57 -70.92 55.11
N HIS N 437 -0.67 -71.70 54.04
CA HIS N 437 -0.12 -73.06 54.07
C HIS N 437 1.40 -73.04 54.15
N VAL N 438 2.05 -72.07 53.50
CA VAL N 438 3.50 -71.99 53.58
C VAL N 438 3.95 -71.88 55.02
N ILE N 439 3.32 -71.01 55.81
CA ILE N 439 3.76 -70.87 57.19
C ILE N 439 3.22 -71.99 58.07
N GLU N 440 1.94 -72.32 57.93
CA GLU N 440 1.31 -73.26 58.84
C GLU N 440 1.89 -74.67 58.69
N ASN N 441 2.14 -75.10 57.45
CA ASN N 441 2.54 -76.47 57.17
C ASN N 441 4.04 -76.66 57.04
N ILE N 442 4.77 -75.64 56.59
CA ILE N 442 6.21 -75.72 56.38
C ILE N 442 6.97 -74.93 57.44
N TYR N 443 6.76 -73.61 57.49
CA TYR N 443 7.66 -72.75 58.23
C TYR N 443 7.64 -73.10 59.72
N LEU N 444 6.45 -73.20 60.30
CA LEU N 444 6.35 -73.43 61.74
C LEU N 444 7.04 -74.73 62.15
N PRO N 445 6.70 -75.88 61.57
CA PRO N 445 7.42 -77.12 61.95
C PRO N 445 8.86 -77.15 61.49
N ALA N 446 9.19 -76.51 60.36
CA ALA N 446 10.55 -76.56 59.86
C ALA N 446 11.49 -75.73 60.72
N ALA N 447 11.06 -74.54 61.11
CA ALA N 447 11.92 -73.60 61.83
C ALA N 447 12.15 -73.99 63.28
N GLN N 448 11.44 -74.99 63.79
CA GLN N 448 11.59 -75.43 65.17
C GLN N 448 12.66 -76.50 65.33
N THR N 449 13.33 -76.91 64.25
CA THR N 449 14.27 -78.00 64.33
C THR N 449 15.59 -77.54 64.92
N MET N 450 16.36 -78.50 65.42
CA MET N 450 17.75 -78.30 65.84
C MET N 450 18.71 -78.70 64.73
N ASN N 451 18.20 -79.05 63.56
CA ASN N 451 19.01 -79.51 62.44
C ASN N 451 18.37 -78.97 61.18
N SER N 452 19.04 -78.03 60.52
CA SER N 452 18.46 -77.38 59.36
C SER N 452 18.17 -78.37 58.23
N GLY N 453 18.80 -79.55 58.24
CA GLY N 453 18.44 -80.56 57.28
C GLY N 453 17.00 -81.03 57.41
N THR N 454 16.49 -81.11 58.64
CA THR N 454 15.10 -81.46 58.84
C THR N 454 14.16 -80.29 58.55
N PHE N 455 14.64 -79.06 58.77
CA PHE N 455 13.92 -77.89 58.26
C PHE N 455 13.69 -78.03 56.76
N ASN N 456 14.76 -78.27 56.00
CA ASN N 456 14.63 -78.37 54.55
C ASN N 456 13.87 -79.63 54.16
N THR N 457 13.95 -80.69 54.96
CA THR N 457 13.18 -81.90 54.66
C THR N 457 11.68 -81.64 54.79
N THR N 458 11.27 -80.94 55.85
CA THR N 458 9.87 -80.55 55.97
C THR N 458 9.46 -79.68 54.79
N VAL N 459 10.30 -78.69 54.46
CA VAL N 459 10.07 -77.88 53.27
C VAL N 459 9.78 -78.75 52.07
N ASP N 460 10.69 -79.68 51.77
CA ASP N 460 10.61 -80.44 50.54
C ASP N 460 9.43 -81.40 50.56
N ILE N 461 9.12 -81.99 51.71
CA ILE N 461 7.95 -82.87 51.79
C ILE N 461 6.70 -82.10 51.39
N LYS N 462 6.47 -80.96 52.03
CA LYS N 462 5.24 -80.23 51.75
C LYS N 462 5.23 -79.68 50.33
N LEU N 463 6.35 -79.12 49.88
CA LEU N 463 6.40 -78.52 48.56
C LEU N 463 6.21 -79.58 47.47
N LYS N 464 6.84 -80.74 47.62
CA LYS N 464 6.74 -81.77 46.60
C LYS N 464 5.32 -82.32 46.56
N GLN N 465 4.70 -82.53 47.72
CA GLN N 465 3.31 -83.01 47.71
C GLN N 465 2.41 -81.98 47.02
N TRP N 466 2.56 -80.70 47.36
CA TRP N 466 1.71 -79.67 46.78
C TRP N 466 1.93 -79.57 45.27
N THR N 467 3.19 -79.59 44.83
CA THR N 467 3.50 -79.49 43.42
C THR N 467 2.92 -80.67 42.65
N ASP N 468 3.06 -81.87 43.22
CA ASP N 468 2.59 -83.05 42.50
C ASP N 468 1.08 -83.08 42.39
N LYS N 469 0.36 -82.71 43.46
CA LYS N 469 -1.08 -82.90 43.49
C LYS N 469 -1.91 -81.63 43.64
N GLN N 470 -1.31 -80.50 44.00
CA GLN N 470 -2.10 -79.28 44.24
C GLN N 470 -1.79 -78.16 43.28
N LEU N 471 -0.54 -77.72 43.19
CA LEU N 471 -0.25 -76.45 42.51
C LEU N 471 -0.76 -76.40 41.08
N PRO N 472 -0.57 -77.44 40.24
CA PRO N 472 -1.12 -77.36 38.88
C PRO N 472 -2.62 -77.33 38.82
N ASN N 473 -3.31 -77.61 39.92
CA ASN N 473 -4.76 -77.53 40.00
C ASN N 473 -5.25 -76.17 40.48
N LYS N 474 -4.51 -75.56 41.41
CA LYS N 474 -4.86 -74.21 41.85
C LYS N 474 -4.54 -73.17 40.79
N ALA N 475 -3.42 -73.36 40.07
CA ALA N 475 -3.00 -72.35 39.10
C ALA N 475 -4.01 -72.22 37.96
N VAL N 476 -4.56 -73.34 37.49
CA VAL N 476 -5.52 -73.27 36.40
C VAL N 476 -6.81 -72.64 36.86
N GLU N 477 -7.23 -72.92 38.09
CA GLU N 477 -8.41 -72.24 38.64
C GLU N 477 -8.18 -70.73 38.66
N VAL N 478 -7.02 -70.31 39.17
CA VAL N 478 -6.73 -68.89 39.25
C VAL N 478 -6.77 -68.26 37.86
N ALA N 479 -6.12 -68.90 36.89
CA ALA N 479 -5.99 -68.30 35.57
C ALA N 479 -7.33 -68.23 34.83
N TRP N 480 -8.10 -69.30 34.86
CA TRP N 480 -9.33 -69.28 34.08
C TRP N 480 -10.38 -68.39 34.76
N GLU N 481 -10.40 -68.36 36.09
CA GLU N 481 -11.24 -67.38 36.78
C GLU N 481 -10.81 -65.96 36.45
N THR N 482 -9.49 -65.71 36.40
CA THR N 482 -9.00 -64.38 36.08
C THR N 482 -9.42 -63.96 34.69
N LEU N 483 -9.29 -64.86 33.71
CA LEU N 483 -9.71 -64.53 32.36
C LEU N 483 -11.21 -64.27 32.31
N GLN N 484 -12.01 -65.10 32.99
CA GLN N 484 -13.44 -64.88 33.00
C GLN N 484 -13.78 -63.53 33.62
N GLU N 485 -13.10 -63.18 34.71
CA GLU N 485 -13.42 -61.93 35.41
C GLU N 485 -13.03 -60.71 34.60
N GLU N 486 -11.83 -60.72 34.01
CA GLU N 486 -11.42 -59.58 33.20
C GLU N 486 -12.25 -59.48 31.92
N PHE N 487 -12.60 -60.62 31.34
CA PHE N 487 -13.53 -60.65 30.21
C PHE N 487 -14.85 -59.99 30.58
N SER N 488 -15.38 -60.31 31.77
CA SER N 488 -16.59 -59.64 32.24
C SER N 488 -16.38 -58.15 32.39
N ARG N 489 -15.24 -57.74 32.97
CA ARG N 489 -15.05 -56.33 33.30
C ARG N 489 -14.90 -55.47 32.05
N PHE N 490 -14.14 -55.93 31.05
CA PHE N 490 -14.03 -55.17 29.81
C PHE N 490 -15.40 -54.96 29.17
N MET N 491 -16.31 -55.90 29.35
CA MET N 491 -17.61 -55.86 28.69
C MET N 491 -18.65 -55.05 29.45
N THR N 492 -18.38 -54.62 30.68
CA THR N 492 -19.43 -54.03 31.51
C THR N 492 -19.04 -52.71 32.15
N GLU N 493 -17.76 -52.52 32.48
CA GLU N 493 -17.38 -51.35 33.26
C GLU N 493 -17.33 -50.11 32.37
N PRO N 494 -18.08 -49.06 32.68
CA PRO N 494 -18.07 -47.86 31.83
C PRO N 494 -16.74 -47.13 31.89
N LYS N 495 -16.33 -46.58 30.75
CA LYS N 495 -15.14 -45.73 30.69
C LYS N 495 -15.57 -44.26 30.84
N GLY N 496 -16.11 -43.97 32.03
CA GLY N 496 -16.56 -42.60 32.36
C GLY N 496 -17.93 -42.31 31.79
N LYS N 497 -18.22 -41.04 31.51
CA LYS N 497 -19.51 -40.57 31.03
C LYS N 497 -19.78 -40.94 29.57
N GLU N 498 -18.76 -41.34 28.82
CA GLU N 498 -18.93 -41.64 27.40
C GLU N 498 -19.45 -43.05 27.14
N HIS N 499 -19.64 -43.86 28.18
CA HIS N 499 -20.08 -45.24 27.99
C HIS N 499 -21.48 -45.30 27.39
N ASP N 500 -21.67 -46.22 26.44
CA ASP N 500 -22.98 -46.51 25.86
C ASP N 500 -23.38 -47.93 26.29
N ASP N 501 -24.46 -48.04 27.06
CA ASP N 501 -24.91 -49.30 27.61
C ASP N 501 -25.93 -50.01 26.74
N ILE N 502 -26.15 -49.54 25.51
CA ILE N 502 -27.21 -50.11 24.67
C ILE N 502 -27.02 -51.61 24.48
N PHE N 503 -25.77 -52.06 24.31
CA PHE N 503 -25.47 -53.46 24.05
C PHE N 503 -25.05 -54.22 25.30
N ASP N 504 -25.23 -53.64 26.48
CA ASP N 504 -24.81 -54.32 27.70
C ASP N 504 -25.56 -55.62 27.91
N LYS N 505 -26.86 -55.63 27.62
CA LYS N 505 -27.63 -56.88 27.70
C LYS N 505 -27.03 -57.94 26.79
N LEU N 506 -26.74 -57.57 25.55
CA LEU N 506 -26.18 -58.52 24.59
C LEU N 506 -24.79 -58.97 25.02
N LYS N 507 -23.99 -58.05 25.58
CA LYS N 507 -22.68 -58.43 26.11
C LYS N 507 -22.82 -59.47 27.20
N GLU N 508 -23.72 -59.24 28.15
CA GLU N 508 -23.90 -60.18 29.25
C GLU N 508 -24.39 -61.53 28.74
N ALA N 509 -25.29 -61.51 27.76
CA ALA N 509 -25.79 -62.76 27.18
C ALA N 509 -24.67 -63.53 26.49
N VAL N 510 -23.81 -62.83 25.75
CA VAL N 510 -22.70 -63.48 25.08
C VAL N 510 -21.74 -64.07 26.10
N LYS N 511 -21.51 -63.36 27.20
CA LYS N 511 -20.45 -63.73 28.14
C LYS N 511 -20.59 -65.16 28.64
N GLU N 512 -21.77 -65.51 29.17
CA GLU N 512 -21.92 -66.81 29.80
C GLU N 512 -21.81 -67.94 28.79
N GLU N 513 -22.45 -67.79 27.62
CA GLU N 513 -22.37 -68.82 26.60
C GLU N 513 -20.95 -69.01 26.10
N SER N 514 -20.23 -67.90 25.89
CA SER N 514 -18.86 -68.00 25.41
C SER N 514 -17.98 -68.69 26.42
N ILE N 515 -18.10 -68.32 27.70
CA ILE N 515 -17.27 -68.94 28.73
C ILE N 515 -17.59 -70.43 28.83
N LYS N 516 -18.87 -70.78 28.83
CA LYS N 516 -19.24 -72.19 28.95
C LYS N 516 -18.71 -73.00 27.78
N ARG N 517 -18.89 -72.50 26.56
CA ARG N 517 -18.36 -73.22 25.40
C ARG N 517 -16.84 -73.29 25.44
N HIS N 518 -16.20 -72.20 25.85
CA HIS N 518 -14.74 -72.19 25.89
C HIS N 518 -14.22 -72.94 27.12
N LYS N 519 -13.06 -73.55 26.97
CA LYS N 519 -12.36 -74.20 28.07
C LYS N 519 -10.92 -73.76 28.10
N TRP N 520 -10.34 -73.82 29.30
CA TRP N 520 -8.89 -73.71 29.44
C TRP N 520 -8.27 -75.04 29.05
N ASN N 521 -7.15 -74.98 28.34
CA ASN N 521 -6.58 -76.20 27.79
C ASN N 521 -6.11 -77.14 28.90
N ASP N 522 -6.31 -78.44 28.67
CA ASP N 522 -5.99 -79.45 29.68
C ASP N 522 -4.49 -79.53 29.94
N PHE N 523 -3.68 -79.38 28.89
CA PHE N 523 -2.24 -79.62 29.02
C PHE N 523 -1.62 -78.80 30.14
N ALA N 524 -2.12 -77.59 30.35
CA ALA N 524 -1.54 -76.66 31.31
C ALA N 524 -1.11 -77.33 32.61
N GLU N 525 -2.01 -78.14 33.19
CA GLU N 525 -1.77 -78.66 34.53
C GLU N 525 -0.46 -79.45 34.58
N ASP N 526 -0.13 -80.17 33.52
CA ASP N 526 1.12 -80.91 33.52
C ASP N 526 2.31 -79.96 33.43
N SER N 527 2.27 -79.01 32.50
CA SER N 527 3.41 -78.12 32.33
C SER N 527 3.65 -77.35 33.61
N LEU N 528 2.58 -76.80 34.20
CA LEU N 528 2.72 -76.12 35.47
C LEU N 528 3.37 -77.03 36.50
N ARG N 529 2.89 -78.28 36.59
CA ARG N 529 3.43 -79.21 37.56
C ARG N 529 4.95 -79.30 37.41
N VAL N 530 5.43 -79.34 36.17
CA VAL N 530 6.87 -79.36 35.98
C VAL N 530 7.45 -78.00 36.30
N ILE N 531 6.89 -76.93 35.72
CA ILE N 531 7.51 -75.62 35.81
C ILE N 531 7.66 -75.23 37.27
N GLN N 532 6.56 -75.31 38.03
CA GLN N 532 6.60 -74.96 39.42
C GLN N 532 7.70 -75.72 40.13
N HIS N 533 7.77 -77.04 39.90
CA HIS N 533 8.78 -77.85 40.57
C HIS N 533 10.16 -77.27 40.33
N ASN N 534 10.48 -76.99 39.08
CA ASN N 534 11.82 -76.51 38.77
C ASN N 534 12.09 -75.18 39.47
N ALA N 535 11.09 -74.29 39.49
CA ALA N 535 11.29 -73.01 40.16
C ALA N 535 11.64 -73.23 41.63
N LEU N 536 11.01 -74.21 42.26
CA LEU N 536 11.39 -74.56 43.62
C LEU N 536 12.72 -75.29 43.65
N GLU N 537 12.93 -76.21 42.70
CA GLU N 537 14.11 -77.06 42.77
C GLU N 537 15.39 -76.24 42.77
N ASP N 538 15.41 -75.12 42.05
CA ASP N 538 16.54 -74.21 42.13
C ASP N 538 16.55 -73.54 43.49
N ARG N 539 17.59 -73.80 44.27
CA ARG N 539 17.70 -73.30 45.63
C ARG N 539 18.73 -72.19 45.76
N SER N 540 19.44 -71.82 44.68
CA SER N 540 20.60 -70.88 44.71
C SER N 540 20.17 -69.43 44.44
N ILE N 541 20.13 -68.55 45.45
CA ILE N 541 19.83 -67.09 45.27
C ILE N 541 20.98 -66.53 44.41
N SER N 542 20.71 -65.91 43.24
CA SER N 542 21.75 -65.51 42.30
C SER N 542 22.50 -64.25 42.72
N ASP N 543 21.88 -63.35 43.48
CA ASP N 543 22.53 -62.08 43.77
C ASP N 543 21.96 -61.47 45.04
N LYS N 544 22.60 -60.38 45.50
CA LYS N 544 22.23 -59.68 46.77
C LYS N 544 20.88 -58.98 46.63
N GLN N 545 20.45 -58.53 45.43
CA GLN N 545 19.12 -57.94 45.30
C GLN N 545 18.04 -58.99 45.44
N GLN N 546 18.25 -60.16 44.85
CA GLN N 546 17.31 -61.26 45.00
C GLN N 546 17.22 -61.71 46.45
N TRP N 547 18.39 -61.77 47.12
CA TRP N 547 18.52 -62.13 48.56
C TRP N 547 17.64 -61.18 49.38
N ASP N 548 17.68 -59.86 49.10
CA ASP N 548 16.93 -58.84 49.81
C ASP N 548 15.44 -58.92 49.50
N ALA N 549 15.09 -59.20 48.23
CA ALA N 549 13.69 -59.37 47.88
C ALA N 549 13.10 -60.57 48.59
N ALA N 550 13.88 -61.66 48.70
CA ALA N 550 13.43 -62.81 49.46
C ALA N 550 13.16 -62.43 50.91
N ILE N 551 14.04 -61.62 51.50
CA ILE N 551 13.82 -61.23 52.89
C ILE N 551 12.60 -60.32 53.02
N TYR N 552 12.36 -59.44 52.05
CA TYR N 552 11.16 -58.60 52.10
C TYR N 552 9.89 -59.44 52.00
N PHE N 553 9.89 -60.42 51.09
CA PHE N 553 8.75 -61.30 50.91
C PHE N 553 8.50 -62.13 52.18
N MET N 554 9.58 -62.64 52.77
CA MET N 554 9.49 -63.34 54.05
C MET N 554 8.95 -62.43 55.15
N GLU N 555 9.39 -61.18 55.18
CA GLU N 555 8.88 -60.24 56.16
C GLU N 555 7.39 -60.00 55.97
N GLU N 556 6.94 -59.86 54.72
CA GLU N 556 5.51 -59.71 54.49
C GLU N 556 4.74 -60.89 55.08
N ALA N 557 5.17 -62.11 54.76
CA ALA N 557 4.44 -63.28 55.23
C ALA N 557 4.46 -63.37 56.76
N LEU N 558 5.62 -63.19 57.36
CA LEU N 558 5.77 -63.35 58.80
C LEU N 558 5.05 -62.24 59.56
N GLN N 559 5.09 -61.01 59.05
CA GLN N 559 4.40 -59.90 59.67
C GLN N 559 2.90 -60.11 59.58
N ALA N 560 2.42 -60.62 58.46
CA ALA N 560 0.99 -60.86 58.33
C ALA N 560 0.51 -61.90 59.34
N ARG N 561 1.23 -63.02 59.43
CA ARG N 561 0.77 -64.03 60.39
C ARG N 561 0.96 -63.55 61.82
N LEU N 562 1.99 -62.74 62.09
CA LEU N 562 2.17 -62.22 63.43
C LEU N 562 1.03 -61.28 63.82
N LYS N 563 0.63 -60.37 62.92
CA LYS N 563 -0.45 -59.46 63.29
C LYS N 563 -1.75 -60.24 63.46
N ASP N 564 -1.97 -61.25 62.62
CA ASP N 564 -3.17 -62.05 62.78
C ASP N 564 -3.18 -62.78 64.12
N THR N 565 -2.03 -63.34 64.52
CA THR N 565 -1.93 -64.00 65.80
C THR N 565 -2.20 -63.03 66.95
N GLU N 566 -1.64 -61.82 66.86
CA GLU N 566 -1.85 -60.84 67.92
C GLU N 566 -3.31 -60.44 68.02
N ASN N 567 -3.98 -60.26 66.88
CA ASN N 567 -5.39 -59.88 66.91
C ASN N 567 -6.24 -61.02 67.47
N ALA N 568 -5.91 -62.26 67.13
CA ALA N 568 -6.63 -63.40 67.71
C ALA N 568 -6.40 -63.47 69.22
N ILE N 569 -5.19 -63.17 69.67
CA ILE N 569 -4.95 -63.13 71.11
C ILE N 569 -5.84 -62.08 71.75
N GLU N 570 -5.83 -60.85 71.22
CA GLU N 570 -6.68 -59.81 71.80
C GLU N 570 -8.15 -60.22 71.77
N ASN N 571 -8.54 -61.01 70.77
CA ASN N 571 -9.92 -61.48 70.72
C ASN N 571 -10.24 -62.43 71.85
N MET N 572 -9.31 -63.33 72.20
CA MET N 572 -9.61 -64.30 73.25
C MET N 572 -9.33 -63.79 74.67
N VAL N 573 -8.28 -62.97 74.85
CA VAL N 573 -7.88 -62.55 76.19
C VAL N 573 -8.60 -61.28 76.64
N GLY N 574 -9.13 -60.49 75.70
CA GLY N 574 -9.90 -59.32 76.06
C GLY N 574 -9.05 -58.08 76.30
N PRO N 575 -9.73 -56.98 76.57
CA PRO N 575 -9.08 -55.68 76.73
C PRO N 575 -7.89 -55.64 77.68
N ASP N 576 -7.02 -54.66 77.46
CA ASP N 576 -5.99 -54.34 78.43
C ASP N 576 -6.57 -53.55 79.60
N TRP N 577 -5.78 -53.45 80.66
CA TRP N 577 -6.14 -52.61 81.80
C TRP N 577 -6.01 -51.14 81.44
N LYS N 578 -4.96 -50.79 80.71
CA LYS N 578 -4.87 -49.44 80.17
C LYS N 578 -6.08 -49.13 79.31
N LYS N 579 -6.58 -50.12 78.57
CA LYS N 579 -7.84 -49.94 77.86
C LYS N 579 -8.99 -49.72 78.84
N ARG N 580 -8.93 -50.34 80.02
CA ARG N 580 -10.00 -50.11 80.99
C ARG N 580 -10.04 -48.65 81.43
N TRP N 581 -8.90 -48.10 81.86
CA TRP N 581 -8.92 -46.67 82.19
C TRP N 581 -9.16 -45.79 80.98
N LEU N 582 -8.70 -46.19 79.80
CA LEU N 582 -8.81 -45.33 78.64
C LEU N 582 -10.23 -45.23 78.12
N TYR N 583 -10.86 -46.38 77.84
CA TYR N 583 -12.21 -46.44 77.31
C TYR N 583 -13.20 -47.17 78.20
N TRP N 584 -12.82 -47.54 79.42
CA TRP N 584 -13.73 -48.26 80.32
C TRP N 584 -14.12 -49.61 79.75
N LYS N 585 -13.15 -50.28 79.15
CA LYS N 585 -13.40 -51.42 78.28
C LYS N 585 -12.51 -52.56 78.73
N ASN N 586 -13.13 -53.60 79.31
CA ASN N 586 -12.46 -54.57 80.15
C ASN N 586 -12.65 -55.99 79.61
N ARG N 587 -12.00 -56.92 80.27
CA ARG N 587 -12.09 -58.33 79.93
C ARG N 587 -13.45 -58.88 80.28
N THR N 588 -13.99 -59.71 79.39
CA THR N 588 -15.10 -60.55 79.79
C THR N 588 -14.56 -61.75 80.58
N GLN N 589 -15.46 -62.46 81.26
CA GLN N 589 -15.01 -63.53 82.16
C GLN N 589 -14.19 -64.56 81.40
N GLU N 590 -14.68 -64.99 80.23
CA GLU N 590 -13.90 -65.88 79.39
C GLU N 590 -12.60 -65.21 78.96
N GLN N 591 -12.65 -63.93 78.63
CA GLN N 591 -11.44 -63.20 78.31
C GLN N 591 -10.52 -63.07 79.52
N CYS N 592 -11.06 -62.94 80.73
CA CYS N 592 -10.22 -62.94 81.92
C CYS N 592 -9.45 -64.24 82.06
N VAL N 593 -10.15 -65.37 81.86
CA VAL N 593 -9.50 -66.66 81.96
C VAL N 593 -8.43 -66.79 80.87
N HIS N 594 -8.77 -66.36 79.66
CA HIS N 594 -7.81 -66.45 78.56
C HIS N 594 -6.56 -65.64 78.84
N ASN N 595 -6.72 -64.42 79.40
CA ASN N 595 -5.55 -63.59 79.63
C ASN N 595 -4.69 -64.18 80.75
N GLU N 596 -5.31 -64.70 81.81
CA GLU N 596 -4.49 -65.28 82.87
C GLU N 596 -3.70 -66.46 82.34
N THR N 597 -4.34 -67.29 81.52
CA THR N 597 -3.62 -68.39 80.86
C THR N 597 -2.48 -67.83 80.01
N LYS N 598 -2.76 -66.76 79.26
CA LYS N 598 -1.74 -66.19 78.39
C LYS N 598 -0.55 -65.68 79.19
N ASN N 599 -0.80 -65.03 80.32
CA ASN N 599 0.30 -64.53 81.14
C ASN N 599 1.15 -65.67 81.66
N GLU N 600 0.52 -66.76 82.11
CA GLU N 600 1.31 -67.89 82.57
C GLU N 600 2.12 -68.51 81.43
N LEU N 601 1.52 -68.62 80.24
CA LEU N 601 2.23 -69.18 79.10
C LEU N 601 3.37 -68.28 78.66
N GLU N 602 3.18 -66.96 78.76
CA GLU N 602 4.24 -66.03 78.42
C GLU N 602 5.38 -66.13 79.43
N LYS N 603 5.07 -66.35 80.70
CA LYS N 603 6.12 -66.64 81.66
C LYS N 603 6.88 -67.90 81.26
N MET N 604 6.16 -68.94 80.83
CA MET N 604 6.81 -70.16 80.38
C MET N 604 7.78 -69.87 79.24
N LEU N 605 7.34 -69.10 78.23
CA LEU N 605 8.22 -68.81 77.11
C LEU N 605 9.37 -67.90 77.51
N LYS N 606 9.17 -66.99 78.47
CA LYS N 606 10.28 -66.20 78.98
C LYS N 606 11.34 -67.09 79.61
N CYS N 607 10.91 -68.06 80.42
CA CYS N 607 11.87 -68.98 81.03
C CYS N 607 12.54 -69.83 79.97
N ASN N 608 11.81 -70.26 78.96
CA ASN N 608 12.33 -71.11 77.89
C ASN N 608 11.84 -70.54 76.55
N GLU N 609 12.72 -69.81 75.87
CA GLU N 609 12.38 -69.26 74.56
C GLU N 609 12.35 -70.31 73.47
N GLU N 610 12.89 -71.50 73.72
CA GLU N 610 12.95 -72.57 72.73
C GLU N 610 11.86 -73.62 72.96
N HIS N 611 10.88 -73.32 73.80
CA HIS N 611 9.83 -74.29 74.06
C HIS N 611 9.21 -74.77 72.74
N PRO N 612 8.97 -76.07 72.58
CA PRO N 612 8.33 -76.54 71.36
C PRO N 612 6.92 -76.00 71.21
N ALA N 613 6.46 -75.96 69.96
CA ALA N 613 5.16 -75.35 69.66
C ALA N 613 4.00 -76.09 70.32
N TYR N 614 4.21 -77.32 70.75
CA TYR N 614 3.13 -78.15 71.28
C TYR N 614 3.28 -78.29 72.79
N LEU N 615 2.21 -77.99 73.52
CA LEU N 615 2.14 -78.29 74.94
C LEU N 615 1.68 -79.73 75.12
N ALA N 616 2.47 -80.53 75.82
CA ALA N 616 2.06 -81.88 76.17
C ALA N 616 0.95 -81.83 77.20
N SER N 617 0.28 -82.97 77.38
CA SER N 617 -0.84 -83.02 78.31
C SER N 617 -0.41 -82.64 79.72
N ASP N 618 0.81 -83.01 80.11
CA ASP N 618 1.30 -82.63 81.45
C ASP N 618 1.53 -81.12 81.53
N GLU N 619 2.08 -80.52 80.48
CA GLU N 619 2.22 -79.06 80.47
C GLU N 619 0.85 -78.38 80.53
N ILE N 620 -0.09 -78.89 79.74
CA ILE N 620 -1.43 -78.33 79.75
C ILE N 620 -2.04 -78.44 81.14
N THR N 621 -1.86 -79.60 81.78
CA THR N 621 -2.39 -79.80 83.12
C THR N 621 -1.71 -78.90 84.14
N THR N 622 -0.40 -78.69 84.02
CA THR N 622 0.28 -77.77 84.91
C THR N 622 -0.35 -76.39 84.81
N VAL N 623 -0.59 -75.92 83.58
CA VAL N 623 -1.26 -74.63 83.41
C VAL N 623 -2.66 -74.66 84.02
N ARG N 624 -3.41 -75.73 83.74
CA ARG N 624 -4.78 -75.84 84.22
C ARG N 624 -4.83 -75.73 85.73
N LYS N 625 -4.00 -76.48 86.42
CA LYS N 625 -4.13 -76.60 87.86
C LYS N 625 -3.43 -75.45 88.58
N ASN N 626 -2.40 -74.85 87.97
CA ASN N 626 -1.87 -73.61 88.53
C ASN N 626 -2.90 -72.48 88.43
N LEU N 627 -3.61 -72.39 87.30
CA LEU N 627 -4.66 -71.38 87.18
C LEU N 627 -5.84 -71.69 88.11
N GLU N 628 -6.16 -72.97 88.27
CA GLU N 628 -7.17 -73.35 89.25
C GLU N 628 -6.74 -72.95 90.66
N SER N 629 -5.44 -73.05 90.96
CA SER N 629 -4.92 -72.54 92.22
C SER N 629 -5.09 -71.04 92.31
N ARG N 630 -4.84 -70.33 91.21
CA ARG N 630 -5.12 -68.91 91.15
C ARG N 630 -6.61 -68.62 91.28
N GLY N 631 -7.46 -69.62 91.08
CA GLY N 631 -8.89 -69.44 91.01
C GLY N 631 -9.42 -69.29 89.60
N VAL N 632 -8.53 -69.15 88.62
CA VAL N 632 -8.96 -69.11 87.22
C VAL N 632 -9.37 -70.50 86.78
N GLU N 633 -10.43 -70.57 85.99
CA GLU N 633 -11.08 -71.83 85.62
C GLU N 633 -10.66 -72.16 84.20
N VAL N 634 -9.78 -73.15 84.06
CA VAL N 634 -9.14 -73.44 82.78
C VAL N 634 -9.34 -74.89 82.41
N ASP N 635 -9.36 -75.15 81.10
CA ASP N 635 -9.55 -76.46 80.51
C ASP N 635 -8.55 -76.66 79.38
N PRO N 636 -8.30 -77.92 78.98
CA PRO N 636 -7.22 -78.18 78.02
C PRO N 636 -7.37 -77.45 76.68
N SER N 637 -8.58 -77.22 76.19
CA SER N 637 -8.74 -76.59 74.88
C SER N 637 -8.48 -75.10 74.93
N LEU N 638 -8.94 -74.44 75.99
CA LEU N 638 -8.61 -73.05 76.21
C LEU N 638 -7.10 -72.84 76.14
N ILE N 639 -6.35 -73.67 76.87
CA ILE N 639 -4.90 -73.53 76.88
C ILE N 639 -4.31 -73.92 75.55
N LYS N 640 -4.83 -74.94 74.89
CA LYS N 640 -4.22 -75.34 73.62
C LYS N 640 -4.32 -74.21 72.61
N ASP N 641 -5.47 -73.55 72.53
CA ASP N 641 -5.64 -72.49 71.54
C ASP N 641 -4.91 -71.21 71.96
N THR N 642 -4.97 -70.86 73.24
CA THR N 642 -4.24 -69.69 73.72
C THR N 642 -2.74 -69.90 73.53
N TRP N 643 -2.25 -71.11 73.81
CA TRP N 643 -0.86 -71.44 73.57
C TRP N 643 -0.50 -71.35 72.10
N HIS N 644 -1.35 -71.86 71.22
CA HIS N 644 -1.06 -71.72 69.80
C HIS N 644 -0.88 -70.25 69.44
N GLN N 645 -1.78 -69.40 69.90
CA GLN N 645 -1.67 -67.99 69.54
C GLN N 645 -0.43 -67.34 70.16
N VAL N 646 -0.21 -67.56 71.46
CA VAL N 646 0.92 -66.92 72.13
C VAL N 646 2.23 -67.43 71.55
N TYR N 647 2.35 -68.73 71.36
CA TYR N 647 3.57 -69.32 70.84
C TYR N 647 3.84 -68.84 69.42
N ARG N 648 2.81 -68.75 68.58
CA ARG N 648 3.03 -68.26 67.23
C ARG N 648 3.42 -66.78 67.24
N ARG N 649 2.87 -66.00 68.16
CA ARG N 649 3.34 -64.62 68.31
C ARG N 649 4.83 -64.59 68.62
N HIS N 650 5.24 -65.36 69.63
CA HIS N 650 6.66 -65.45 69.99
C HIS N 650 7.51 -65.91 68.80
N PHE N 651 7.04 -66.95 68.13
CA PHE N 651 7.81 -67.58 67.06
C PHE N 651 7.95 -66.64 65.87
N LEU N 652 6.88 -65.91 65.52
CA LEU N 652 6.94 -65.03 64.36
C LEU N 652 7.73 -63.76 64.67
N LYS N 653 7.67 -63.25 65.91
CA LYS N 653 8.54 -62.14 66.25
C LYS N 653 10.01 -62.56 66.21
N THR N 654 10.31 -63.77 66.69
CA THR N 654 11.68 -64.28 66.56
C THR N 654 12.05 -64.43 65.09
N ALA N 655 11.11 -64.86 64.26
CA ALA N 655 11.38 -65.01 62.84
C ALA N 655 11.64 -63.67 62.17
N LEU N 656 11.00 -62.59 62.65
CA LEU N 656 11.28 -61.28 62.09
C LEU N 656 12.62 -60.73 62.58
N ASN N 657 12.99 -61.05 63.82
CA ASN N 657 14.35 -60.72 64.26
C ASN N 657 15.37 -61.45 63.40
N HIS N 658 15.07 -62.70 63.03
CA HIS N 658 15.96 -63.42 62.12
C HIS N 658 15.93 -62.82 60.72
N CYS N 659 14.77 -62.29 60.30
CA CYS N 659 14.70 -61.53 59.07
C CYS N 659 15.74 -60.42 59.08
N ASN N 660 15.84 -59.67 60.19
CA ASN N 660 16.81 -58.54 60.31
C ASN N 660 18.24 -59.12 60.27
N LEU N 661 18.50 -60.22 60.98
CA LEU N 661 19.85 -60.87 61.07
C LEU N 661 20.31 -61.36 59.69
N CYS N 662 19.42 -61.95 58.88
CA CYS N 662 19.77 -62.55 57.55
C CYS N 662 20.30 -61.46 56.60
N ARG N 663 19.75 -60.24 56.65
CA ARG N 663 20.11 -59.16 55.69
C ARG N 663 21.63 -58.89 55.86
N ARG N 664 22.14 -58.93 57.09
CA ARG N 664 23.56 -58.56 57.38
C ARG N 664 24.55 -59.49 56.64
N GLY N 665 24.30 -60.83 56.58
CA GLY N 665 25.18 -61.78 55.84
C GLY N 665 24.46 -62.88 55.05
N PHE N 666 24.98 -63.28 53.88
CA PHE N 666 24.46 -64.45 53.12
C PHE N 666 25.58 -65.48 53.25
N TYR N 667 26.86 -65.08 53.24
CA TYR N 667 28.04 -65.94 53.58
C TYR N 667 27.87 -66.72 54.91
N TYR N 668 27.22 -66.16 55.94
CA TYR N 668 27.09 -66.84 57.27
C TYR N 668 26.05 -67.96 57.13
N TYR N 669 25.01 -67.79 56.29
CA TYR N 669 24.03 -68.89 55.99
C TYR N 669 24.80 -70.02 55.28
N GLN N 670 25.70 -69.68 54.36
CA GLN N 670 26.48 -70.68 53.56
C GLN N 670 27.34 -71.51 54.54
N ARG N 671 27.95 -70.88 55.56
CA ARG N 671 28.83 -71.58 56.54
C ARG N 671 28.03 -72.65 57.31
N HIS N 672 26.78 -72.36 57.72
CA HIS N 672 25.96 -73.29 58.55
C HIS N 672 26.87 -73.87 59.66
N PHE N 673 27.71 -73.05 60.33
CA PHE N 673 28.53 -73.56 61.42
C PHE N 673 27.66 -74.04 62.57
N VAL N 674 26.73 -73.22 63.02
CA VAL N 674 25.93 -73.54 64.21
C VAL N 674 24.70 -72.65 64.23
N ASP N 675 23.68 -73.06 64.97
CA ASP N 675 22.42 -72.31 65.02
C ASP N 675 22.64 -70.86 65.41
N SER N 676 23.55 -70.59 66.34
CA SER N 676 23.81 -69.22 66.74
C SER N 676 24.33 -68.40 65.56
N GLU N 677 25.23 -68.97 64.78
CA GLU N 677 25.57 -68.37 63.50
C GLU N 677 24.34 -68.37 62.60
N LEU N 678 24.30 -67.42 61.64
CA LEU N 678 23.11 -67.27 60.73
C LEU N 678 22.83 -68.62 60.05
N GLU N 679 21.60 -69.15 60.12
CA GLU N 679 21.20 -70.38 59.37
C GLU N 679 19.92 -69.94 58.65
N CYS N 680 20.03 -69.10 57.61
CA CYS N 680 18.86 -68.50 56.89
C CYS N 680 18.36 -69.49 55.83
N ASN N 681 17.79 -70.63 56.27
CA ASN N 681 17.11 -71.58 55.36
C ASN N 681 15.72 -70.96 55.14
N ASP N 682 15.38 -69.87 55.86
CA ASP N 682 14.10 -69.21 55.76
C ASP N 682 14.05 -68.30 54.53
N VAL N 683 15.13 -67.53 54.33
CA VAL N 683 15.19 -66.62 53.20
C VAL N 683 15.20 -67.39 51.90
N VAL N 684 15.98 -68.50 51.86
CA VAL N 684 16.12 -69.36 50.65
C VAL N 684 14.76 -70.06 50.40
N LEU N 685 13.96 -70.36 51.43
CA LEU N 685 12.61 -70.90 51.25
C LEU N 685 11.68 -69.87 50.60
N PHE N 686 11.65 -68.66 51.15
CA PHE N 686 10.71 -67.68 50.63
C PHE N 686 11.13 -67.20 49.25
N TRP N 687 12.43 -67.22 48.96
CA TRP N 687 12.92 -67.03 47.60
C TRP N 687 12.43 -68.12 46.64
N ARG N 688 12.51 -69.38 47.06
CA ARG N 688 12.07 -70.45 46.18
C ARG N 688 10.60 -70.31 45.84
N ILE N 689 9.78 -69.99 46.85
CA ILE N 689 8.35 -69.85 46.56
C ILE N 689 8.09 -68.55 45.78
N GLN N 690 8.91 -67.52 45.99
CA GLN N 690 8.88 -66.35 45.10
C GLN N 690 8.99 -66.78 43.65
N ARG N 691 10.00 -67.59 43.35
CA ARG N 691 10.20 -68.07 41.99
C ARG N 691 9.01 -68.89 41.52
N MET N 692 8.53 -69.80 42.37
CA MET N 692 7.41 -70.65 41.99
C MET N 692 6.20 -69.80 41.60
N LEU N 693 5.85 -68.84 42.45
CA LEU N 693 4.66 -68.03 42.20
C LEU N 693 4.83 -67.17 40.97
N ALA N 694 6.00 -66.53 40.80
CA ALA N 694 6.20 -65.67 39.65
C ALA N 694 6.16 -66.46 38.35
N ILE N 695 6.81 -67.63 38.32
CA ILE N 695 6.84 -68.42 37.10
C ILE N 695 5.46 -68.99 36.81
N THR N 696 4.71 -69.38 37.84
CA THR N 696 3.35 -69.85 37.61
C THR N 696 2.50 -68.75 37.00
N ALA N 697 2.61 -67.53 37.55
CA ALA N 697 1.84 -66.41 37.03
C ALA N 697 2.19 -66.13 35.58
N ASN N 698 3.48 -66.16 35.24
CA ASN N 698 3.88 -65.83 33.87
C ASN N 698 3.48 -66.94 32.90
N THR N 699 3.58 -68.20 33.31
CA THR N 699 3.12 -69.29 32.45
C THR N 699 1.63 -69.17 32.18
N LEU N 700 0.85 -68.90 33.23
CA LEU N 700 -0.58 -68.76 33.05
C LEU N 700 -0.89 -67.59 32.13
N ARG N 701 -0.19 -66.48 32.33
CA ARG N 701 -0.37 -65.30 31.47
C ARG N 701 -0.04 -65.63 30.02
N GLN N 702 1.06 -66.35 29.79
CA GLN N 702 1.45 -66.66 28.42
C GLN N 702 0.41 -67.53 27.73
N GLN N 703 -0.04 -68.59 28.41
CA GLN N 703 -1.08 -69.41 27.80
C GLN N 703 -2.33 -68.59 27.55
N LEU N 704 -2.67 -67.69 28.48
CA LEU N 704 -3.82 -66.83 28.30
C LEU N 704 -3.70 -66.01 27.03
N THR N 705 -2.60 -65.27 26.89
CA THR N 705 -2.47 -64.25 25.85
C THR N 705 -2.15 -64.83 24.48
N ASN N 706 -1.57 -66.02 24.41
CA ASN N 706 -1.22 -66.60 23.12
C ASN N 706 -2.08 -67.79 22.73
N THR N 707 -2.76 -68.43 23.67
CA THR N 707 -3.60 -69.60 23.38
C THR N 707 -5.06 -69.34 23.68
N GLU N 708 -5.38 -68.86 24.88
CA GLU N 708 -6.77 -68.88 25.33
C GLU N 708 -7.56 -67.66 24.85
N VAL N 709 -6.91 -66.51 24.66
CA VAL N 709 -7.64 -65.33 24.22
C VAL N 709 -8.12 -65.48 22.79
N ARG N 710 -7.29 -66.05 21.91
CA ARG N 710 -7.72 -66.28 20.54
C ARG N 710 -8.80 -67.35 20.44
N ARG N 711 -8.69 -68.41 21.24
CA ARG N 711 -9.77 -69.38 21.35
C ARG N 711 -11.04 -68.71 21.87
N LEU N 712 -10.88 -67.77 22.79
CA LEU N 712 -12.02 -67.02 23.32
C LEU N 712 -12.69 -66.21 22.24
N GLU N 713 -11.89 -65.53 21.41
CA GLU N 713 -12.45 -64.76 20.31
C GLU N 713 -13.22 -65.66 19.34
N LYS N 714 -12.66 -66.83 19.03
CA LYS N 714 -13.36 -67.77 18.16
C LYS N 714 -14.69 -68.21 18.78
N ASN N 715 -14.67 -68.56 20.06
CA ASN N 715 -15.89 -68.99 20.73
C ASN N 715 -16.92 -67.86 20.78
N VAL N 716 -16.48 -66.62 20.98
CA VAL N 716 -17.40 -65.48 21.01
C VAL N 716 -18.01 -65.27 19.64
N LYS N 717 -17.22 -65.39 18.57
CA LYS N 717 -17.80 -65.28 17.23
C LYS N 717 -18.86 -66.36 17.02
N GLU N 718 -18.59 -67.58 17.45
CA GLU N 718 -19.59 -68.64 17.32
C GLU N 718 -20.85 -68.33 18.11
N VAL N 719 -20.69 -67.86 19.34
CA VAL N 719 -21.83 -67.54 20.19
C VAL N 719 -22.65 -66.41 19.58
N LEU N 720 -21.96 -65.42 19.00
CA LEU N 720 -22.66 -64.31 18.38
C LEU N 720 -23.35 -64.74 17.08
N GLU N 721 -22.81 -65.76 16.41
CA GLU N 721 -23.56 -66.34 15.30
C GLU N 721 -24.84 -66.99 15.79
N ASP N 722 -24.77 -67.71 16.91
CA ASP N 722 -25.98 -68.27 17.50
C ASP N 722 -26.97 -67.17 17.90
N PHE N 723 -26.44 -66.03 18.37
CA PHE N 723 -27.27 -64.83 18.53
C PHE N 723 -27.92 -64.44 17.21
N ALA N 724 -27.17 -64.48 16.12
CA ALA N 724 -27.74 -64.12 14.81
C ALA N 724 -28.91 -65.02 14.48
N GLU N 725 -28.80 -66.31 14.79
CA GLU N 725 -29.81 -67.27 14.36
C GLU N 725 -31.16 -67.02 15.03
N ASP N 726 -31.18 -66.64 16.30
CA ASP N 726 -32.41 -66.59 17.08
C ASP N 726 -32.84 -65.14 17.29
N GLY N 727 -34.03 -64.80 16.79
CA GLY N 727 -34.59 -63.47 17.03
C GLY N 727 -35.09 -63.28 18.44
N GLU N 728 -35.74 -64.31 19.00
CA GLU N 728 -36.15 -64.25 20.40
C GLU N 728 -34.96 -63.93 21.29
N LYS N 729 -33.81 -64.53 20.99
CA LYS N 729 -32.64 -64.30 21.82
C LYS N 729 -32.19 -62.84 21.72
N LYS N 730 -32.64 -62.15 20.66
CA LYS N 730 -32.52 -60.69 20.63
C LYS N 730 -33.54 -59.93 21.46
N ILE N 731 -34.82 -60.36 21.53
CA ILE N 731 -35.89 -59.72 22.40
C ILE N 731 -36.13 -60.63 23.62
N LYS N 732 -35.08 -61.13 24.28
CA LYS N 732 -35.31 -61.92 25.48
C LYS N 732 -35.79 -60.94 26.55
N LEU N 733 -35.18 -59.76 26.60
CA LEU N 733 -35.64 -58.70 27.49
C LEU N 733 -36.61 -57.82 26.72
N LEU N 734 -37.81 -57.64 27.27
CA LEU N 734 -38.92 -57.03 26.53
C LEU N 734 -38.81 -55.50 26.60
N THR N 735 -37.81 -54.98 25.90
CA THR N 735 -37.62 -53.56 25.70
C THR N 735 -37.67 -53.20 24.21
N GLY N 736 -38.41 -53.98 23.43
CA GLY N 736 -38.34 -53.98 21.98
C GLY N 736 -38.91 -52.79 21.23
N LYS N 737 -39.18 -51.66 21.91
CA LYS N 737 -39.84 -50.55 21.24
C LYS N 737 -39.13 -50.12 19.96
N ARG N 738 -37.81 -50.24 19.92
CA ARG N 738 -37.05 -49.74 18.77
C ARG N 738 -37.57 -50.35 17.47
N VAL N 739 -37.57 -51.67 17.38
CA VAL N 739 -37.84 -52.35 16.12
C VAL N 739 -39.31 -52.17 15.73
N GLN N 740 -40.21 -52.32 16.68
CA GLN N 740 -41.64 -52.20 16.39
C GLN N 740 -41.98 -50.79 15.94
N LEU N 741 -41.40 -49.79 16.61
CA LEU N 741 -41.65 -48.40 16.24
C LEU N 741 -41.13 -48.09 14.85
N ALA N 742 -39.93 -48.59 14.51
CA ALA N 742 -39.41 -48.38 13.17
C ALA N 742 -40.34 -48.98 12.13
N GLU N 743 -40.78 -50.21 12.36
CA GLU N 743 -41.65 -50.87 11.40
C GLU N 743 -42.97 -50.11 11.26
N ASP N 744 -43.52 -49.63 12.38
CA ASP N 744 -44.77 -48.91 12.33
C ASP N 744 -44.62 -47.60 11.57
N LEU N 745 -43.50 -46.89 11.77
CA LEU N 745 -43.29 -45.65 11.05
C LEU N 745 -43.28 -45.89 9.54
N LYS N 746 -42.51 -46.89 9.10
CA LYS N 746 -42.40 -47.14 7.66
C LYS N 746 -43.77 -47.55 7.09
N LYS N 747 -44.50 -48.41 7.80
CA LYS N 747 -45.78 -48.89 7.30
C LYS N 747 -46.84 -47.79 7.30
N VAL N 748 -46.81 -46.89 8.28
CA VAL N 748 -47.77 -45.78 8.27
C VAL N 748 -47.46 -44.84 7.10
N ARG N 749 -46.18 -44.63 6.80
CA ARG N 749 -45.87 -43.81 5.62
C ARG N 749 -46.43 -44.45 4.36
N GLU N 750 -46.33 -45.79 4.25
CA GLU N 750 -46.93 -46.54 3.10
C GLU N 750 -48.45 -46.33 3.13
N ILE N 751 -49.10 -46.44 4.32
CA ILE N 751 -50.59 -46.40 4.36
C ILE N 751 -51.04 -45.05 3.82
N GLN N 752 -50.40 -43.98 4.30
CA GLN N 752 -50.80 -42.62 3.89
C GLN N 752 -50.47 -42.43 2.39
N GLU N 753 -49.33 -42.92 1.91
CA GLU N 753 -48.90 -42.71 0.49
C GLU N 753 -49.91 -43.41 -0.44
N LYS N 754 -50.37 -44.63 -0.11
CA LYS N 754 -51.40 -45.34 -0.92
C LYS N 754 -52.69 -44.51 -0.85
N LEU N 755 -53.05 -44.02 0.34
CA LEU N 755 -54.27 -43.19 0.55
C LEU N 755 -54.15 -41.87 -0.22
N ASP N 756 -52.98 -41.22 -0.25
CA ASP N 756 -52.85 -39.88 -0.89
C ASP N 756 -53.17 -40.05 -2.38
N ALA N 757 -52.63 -41.11 -3.00
CA ALA N 757 -52.89 -41.39 -4.44
C ALA N 757 -54.38 -41.68 -4.60
N PHE N 758 -54.98 -42.49 -3.70
CA PHE N 758 -56.43 -42.86 -3.75
C PHE N 758 -57.37 -41.66 -3.53
N ILE N 759 -57.11 -40.77 -2.56
CA ILE N 759 -57.94 -39.55 -2.25
C ILE N 759 -57.84 -38.54 -3.40
N GLU N 760 -56.64 -38.36 -3.98
CA GLU N 760 -56.44 -37.40 -5.11
C GLU N 760 -57.26 -37.96 -6.29
N ALA N 761 -57.42 -39.29 -6.36
CA ALA N 761 -58.20 -39.96 -7.43
C ALA N 761 -59.70 -39.66 -7.23
N LEU N 762 -60.21 -39.68 -5.99
CA LEU N 762 -61.67 -39.45 -5.70
C LEU N 762 -62.03 -38.00 -6.08
N HIS N 763 -61.13 -37.05 -5.86
CA HIS N 763 -61.36 -35.60 -6.16
C HIS N 763 -61.46 -35.39 -7.69
N GLN N 764 -60.61 -36.06 -8.49
CA GLN N 764 -60.56 -35.89 -9.99
C GLN N 764 -61.76 -36.62 -10.64
N GLU N 765 -62.33 -37.69 -10.04
CA GLU N 765 -63.45 -38.49 -10.64
C GLU N 765 -64.51 -38.94 -9.62
N LYS N 766 -64.14 -39.53 -8.46
CA LYS N 766 -65.05 -40.12 -7.40
C LYS N 766 -65.20 -41.62 -7.74
N ALA O 1 -47.26 107.71 25.86
CA ALA O 1 -46.30 108.76 26.20
C ALA O 1 -44.87 108.25 26.06
N THR O 2 -44.70 106.94 26.18
CA THR O 2 -43.37 106.35 26.03
C THR O 2 -42.82 106.59 24.63
N ASP O 3 -43.67 106.45 23.61
CA ASP O 3 -43.27 106.74 22.23
C ASP O 3 -44.51 107.19 21.47
N ARG O 4 -44.33 108.14 20.55
CA ARG O 4 -45.45 108.76 19.86
C ARG O 4 -45.36 108.75 18.34
N GLY O 5 -44.16 108.68 17.75
CA GLY O 5 -44.05 108.77 16.30
C GLY O 5 -44.72 107.62 15.58
N SER O 6 -44.58 106.40 16.11
CA SER O 6 -45.14 105.23 15.46
C SER O 6 -46.66 105.33 15.39
N GLU O 7 -47.29 105.85 16.45
CA GLU O 7 -48.73 106.04 16.43
C GLU O 7 -49.15 107.00 15.33
N SER O 8 -48.40 108.10 15.15
CA SER O 8 -48.72 109.03 14.07
C SER O 8 -48.58 108.38 12.71
N ASP O 9 -47.50 107.61 12.52
CA ASP O 9 -47.30 106.96 11.23
C ASP O 9 -48.42 105.98 10.93
N LYS O 10 -48.80 105.16 11.93
CA LYS O 10 -49.89 104.22 11.72
C LYS O 10 -51.20 104.95 11.43
N HIS O 11 -51.47 106.03 12.18
CA HIS O 11 -52.71 106.76 11.99
C HIS O 11 -52.83 107.30 10.57
N PHE O 12 -51.80 108.02 10.11
CA PHE O 12 -51.92 108.62 8.78
C PHE O 12 -51.80 107.58 7.68
N ARG O 13 -51.12 106.46 7.94
CA ARG O 13 -51.12 105.37 6.97
C ARG O 13 -52.53 104.80 6.80
N LYS O 14 -53.24 104.60 7.92
CA LYS O 14 -54.61 104.12 7.84
C LYS O 14 -55.52 105.15 7.18
N VAL O 15 -55.28 106.45 7.42
CA VAL O 15 -56.08 107.48 6.76
C VAL O 15 -55.87 107.43 5.25
N SER O 16 -54.61 107.32 4.83
CA SER O 16 -54.31 107.19 3.40
C SER O 16 -55.01 105.98 2.81
N ASP O 17 -55.00 104.86 3.53
CA ASP O 17 -55.73 103.70 3.04
C ASP O 17 -57.22 103.98 2.96
N LYS O 18 -57.82 104.55 4.01
CA LYS O 18 -59.25 104.80 3.99
C LYS O 18 -59.65 105.65 2.80
N GLU O 19 -58.81 106.61 2.41
CA GLU O 19 -59.20 107.48 1.31
C GLU O 19 -58.88 106.90 -0.06
N LYS O 20 -57.78 106.14 -0.21
CA LYS O 20 -57.32 105.72 -1.54
C LYS O 20 -57.17 104.22 -1.73
N ILE O 21 -57.76 103.39 -0.86
CA ILE O 21 -57.47 101.96 -0.96
C ILE O 21 -58.07 101.36 -2.22
N ASP O 22 -59.20 101.88 -2.69
CA ASP O 22 -59.81 101.36 -3.91
C ASP O 22 -58.89 101.51 -5.11
N GLN O 23 -57.85 102.34 -5.01
CA GLN O 23 -56.81 102.44 -6.02
C GLN O 23 -55.52 101.76 -5.59
N LEU O 24 -55.17 101.86 -4.30
CA LEU O 24 -53.89 101.37 -3.81
C LEU O 24 -53.85 99.85 -3.76
N GLN O 25 -54.97 99.20 -3.43
CA GLN O 25 -54.98 97.73 -3.44
C GLN O 25 -54.80 97.19 -4.86
N GLU O 26 -55.33 97.90 -5.85
CA GLU O 26 -55.11 97.51 -7.24
C GLU O 26 -53.67 97.75 -7.66
N GLU O 27 -53.12 98.92 -7.34
CA GLU O 27 -51.80 99.28 -7.86
C GLU O 27 -50.68 98.55 -7.13
N LEU O 28 -50.81 98.34 -5.83
CA LEU O 28 -49.70 97.89 -4.99
C LEU O 28 -49.55 96.37 -4.94
N LEU O 29 -50.65 95.62 -4.85
CA LEU O 29 -50.53 94.19 -4.61
C LEU O 29 -51.20 93.35 -5.68
N HIS O 30 -52.40 93.74 -6.11
CA HIS O 30 -53.13 92.95 -7.10
C HIS O 30 -52.26 92.61 -8.30
N THR O 31 -51.78 93.64 -9.00
CA THR O 31 -50.92 93.41 -10.15
C THR O 31 -49.56 92.87 -9.72
N GLN O 32 -49.04 93.36 -8.59
CA GLN O 32 -47.69 92.98 -8.18
C GLN O 32 -47.61 91.51 -7.77
N LEU O 33 -48.71 90.93 -7.29
CA LEU O 33 -48.71 89.50 -6.97
C LEU O 33 -48.25 88.68 -8.16
N LYS O 34 -48.65 89.09 -9.37
CA LYS O 34 -48.26 88.42 -10.60
C LYS O 34 -47.04 89.05 -11.27
N TYR O 35 -46.42 90.07 -10.66
CA TYR O 35 -45.40 90.83 -11.37
C TYR O 35 -44.25 89.95 -11.83
N GLN O 36 -43.78 89.04 -10.98
CA GLN O 36 -42.68 88.16 -11.38
C GLN O 36 -43.07 87.34 -12.59
N ARG O 37 -44.33 86.92 -12.66
CA ARG O 37 -44.81 86.20 -13.83
C ARG O 37 -44.86 87.12 -15.05
N ILE O 38 -45.18 88.41 -14.85
CA ILE O 38 -45.42 89.30 -15.98
C ILE O 38 -44.18 89.40 -16.86
N LEU O 39 -42.99 89.49 -16.25
CA LEU O 39 -41.80 89.83 -17.01
C LEU O 39 -41.56 88.85 -18.16
N GLU O 40 -41.85 87.56 -17.93
CA GLU O 40 -41.75 86.51 -18.99
C GLU O 40 -42.99 86.59 -19.92
N ARG O 41 -44.21 86.35 -19.42
CA ARG O 41 -45.39 86.23 -20.34
C ARG O 41 -45.63 87.54 -21.12
N LEU O 42 -45.57 88.70 -20.47
CA LEU O 42 -45.79 90.01 -21.16
C LEU O 42 -44.67 90.30 -22.18
N GLU O 43 -43.39 90.08 -21.84
CA GLU O 43 -42.25 90.53 -22.73
C GLU O 43 -41.58 89.38 -23.50
N LYS O 44 -41.18 88.29 -22.83
CA LYS O 44 -40.42 87.20 -23.51
C LYS O 44 -41.30 86.55 -24.59
N GLU O 45 -42.58 86.28 -24.28
CA GLU O 45 -43.51 85.65 -25.27
C GLU O 45 -43.68 86.64 -26.44
N ASN O 46 -43.81 87.94 -26.16
CA ASN O 46 -44.07 88.96 -27.23
C ASN O 46 -42.90 89.03 -28.21
N LYS O 47 -41.65 88.99 -27.71
CA LYS O 47 -40.44 89.06 -28.59
C LYS O 47 -40.46 87.81 -29.49
N GLU O 48 -40.77 86.64 -28.91
CA GLU O 48 -40.89 85.36 -29.67
C GLU O 48 -42.07 85.47 -30.66
N LEU O 49 -43.19 86.09 -30.27
CA LEU O 49 -44.46 86.09 -31.07
C LEU O 49 -44.30 86.92 -32.37
N ARG O 50 -43.59 88.06 -32.36
CA ARG O 50 -43.50 88.94 -33.58
C ARG O 50 -42.59 88.26 -34.62
N LYS O 51 -41.47 87.64 -34.23
CA LYS O 51 -40.57 86.88 -35.07
C LYS O 51 -41.32 85.76 -35.77
N LEU O 52 -42.16 85.05 -35.02
CA LEU O 52 -42.98 84.02 -35.64
C LEU O 52 -43.85 84.62 -36.74
N VAL O 53 -44.43 85.81 -36.48
CA VAL O 53 -45.27 86.44 -37.48
C VAL O 53 -44.46 86.71 -38.73
N LEU O 54 -43.18 87.04 -38.58
CA LEU O 54 -42.32 87.18 -39.75
C LEU O 54 -42.00 85.81 -40.34
N GLN O 55 -41.64 84.84 -39.48
CA GLN O 55 -41.32 83.50 -39.97
C GLN O 55 -42.54 82.85 -40.63
N LYS O 56 -43.74 83.16 -40.13
CA LYS O 56 -44.94 82.64 -40.76
C LYS O 56 -45.08 83.11 -42.20
N ASP O 57 -44.49 84.26 -42.54
CA ASP O 57 -44.44 84.67 -43.95
C ASP O 57 -43.70 83.64 -44.78
N ASP O 58 -42.57 83.13 -44.27
CA ASP O 58 -41.80 82.13 -45.00
C ASP O 58 -42.57 80.83 -45.14
N LYS O 59 -43.31 80.42 -44.11
CA LYS O 59 -44.08 79.17 -44.12
C LYS O 59 -43.17 77.94 -44.17
N GLY O 60 -42.20 77.89 -43.25
CA GLY O 60 -41.31 76.75 -43.21
C GLY O 60 -42.01 75.47 -42.77
N ILE O 61 -41.61 74.31 -43.31
CA ILE O 61 -42.37 73.03 -43.13
C ILE O 61 -41.88 72.30 -41.88
N HIS O 62 -42.74 71.56 -41.16
CA HIS O 62 -42.30 70.70 -40.01
C HIS O 62 -41.39 69.62 -40.63
N HIS O 63 -40.28 69.24 -39.97
CA HIS O 63 -39.30 68.20 -40.44
C HIS O 63 -38.32 68.81 -41.47
N ARG O 64 -38.37 70.11 -41.75
CA ARG O 64 -37.44 70.78 -42.72
C ARG O 64 -35.99 70.75 -42.20
N LYS O 65 -35.74 70.96 -40.89
CA LYS O 65 -34.34 71.12 -40.33
C LYS O 65 -33.68 72.29 -41.08
N LEU O 66 -32.37 72.55 -40.92
CA LEU O 66 -31.66 73.56 -41.79
C LEU O 66 -32.54 74.82 -41.83
N LYS O 67 -33.10 75.26 -40.68
CA LYS O 67 -34.03 76.39 -40.65
C LYS O 67 -33.35 77.66 -41.15
N LYS O 68 -32.10 77.90 -40.77
CA LYS O 68 -31.37 79.10 -41.14
C LYS O 68 -30.00 78.73 -41.69
N SER O 69 -29.44 79.64 -42.48
CA SER O 69 -28.06 79.49 -42.90
C SER O 69 -27.14 79.53 -41.69
N LEU O 70 -26.06 78.75 -41.76
CA LEU O 70 -25.21 78.58 -40.59
C LEU O 70 -24.62 79.90 -40.12
N ILE O 71 -24.19 80.74 -41.05
CA ILE O 71 -23.56 82.01 -40.70
C ILE O 71 -24.55 82.98 -40.06
N ASP O 72 -25.81 82.96 -40.51
CA ASP O 72 -26.81 83.81 -39.87
C ASP O 72 -26.91 83.42 -38.41
N MET O 73 -26.75 82.13 -38.12
CA MET O 73 -26.80 81.63 -36.76
C MET O 73 -25.53 81.97 -35.97
N TYR O 74 -24.37 81.82 -36.62
CA TYR O 74 -23.14 82.35 -36.05
C TYR O 74 -23.13 83.84 -35.72
N SER O 75 -23.93 84.63 -36.42
CA SER O 75 -24.09 86.03 -36.05
C SER O 75 -24.69 86.13 -34.65
N GLU O 76 -25.70 85.32 -34.35
CA GLU O 76 -26.25 85.30 -33.00
C GLU O 76 -25.21 84.82 -32.00
N VAL O 77 -24.37 83.87 -32.41
CA VAL O 77 -23.32 83.38 -31.53
C VAL O 77 -22.39 84.53 -31.15
N LEU O 78 -21.92 85.27 -32.14
CA LEU O 78 -21.02 86.39 -31.87
C LEU O 78 -21.73 87.47 -31.06
N ASP O 79 -23.01 87.70 -31.36
CA ASP O 79 -23.77 88.70 -30.61
C ASP O 79 -23.90 88.32 -29.14
N VAL O 80 -24.14 87.04 -28.85
CA VAL O 80 -24.27 86.61 -27.46
C VAL O 80 -22.92 86.69 -26.75
N LEU O 81 -21.83 86.35 -27.43
CA LEU O 81 -20.53 86.59 -26.79
C LEU O 81 -20.30 88.07 -26.52
N SER O 82 -20.67 88.93 -27.47
CA SER O 82 -20.49 90.37 -27.26
C SER O 82 -21.32 90.85 -26.07
N ASP O 83 -22.56 90.36 -25.96
CA ASP O 83 -23.43 90.79 -24.87
C ASP O 83 -22.92 90.29 -23.53
N TYR O 84 -22.50 89.02 -23.47
CA TYR O 84 -21.97 88.47 -22.22
C TYR O 84 -20.75 89.25 -21.75
N ASP O 85 -19.81 89.50 -22.65
CA ASP O 85 -18.61 90.27 -22.32
C ASP O 85 -18.12 90.95 -23.59
N ALA O 86 -18.27 92.27 -23.66
CA ALA O 86 -17.87 93.03 -24.83
C ALA O 86 -16.37 93.26 -24.91
N SER O 87 -15.62 92.97 -23.83
CA SER O 87 -14.19 93.16 -23.85
C SER O 87 -13.52 92.19 -24.82
N TYR O 88 -12.36 92.60 -25.35
CA TYR O 88 -11.62 91.73 -26.25
C TYR O 88 -11.25 90.41 -25.60
N ASN O 89 -11.17 90.38 -24.27
CA ASN O 89 -10.83 89.14 -23.58
C ASN O 89 -11.80 88.01 -23.91
N THR O 90 -13.04 88.35 -24.24
CA THR O 90 -14.03 87.37 -24.67
C THR O 90 -14.23 87.36 -26.18
N GLN O 91 -13.98 88.49 -26.86
CA GLN O 91 -14.03 88.50 -28.31
C GLN O 91 -13.01 87.53 -28.89
N ASP O 92 -11.87 87.35 -28.21
CA ASP O 92 -10.78 86.56 -28.76
C ASP O 92 -11.19 85.12 -29.01
N HIS O 93 -12.28 84.65 -28.39
CA HIS O 93 -12.62 83.24 -28.44
C HIS O 93 -13.08 82.78 -29.83
N LEU O 94 -13.72 83.66 -30.61
CA LEU O 94 -14.31 83.22 -31.85
C LEU O 94 -13.82 84.05 -33.05
N PRO O 95 -13.87 83.48 -34.25
CA PRO O 95 -13.47 84.22 -35.46
C PRO O 95 -14.28 85.49 -35.68
N ARG O 96 -13.61 86.49 -36.24
CA ARG O 96 -14.24 87.72 -36.70
C ARG O 96 -13.50 88.21 -37.94
N VAL O 97 -14.12 89.14 -38.66
CA VAL O 97 -13.47 89.86 -39.75
C VAL O 97 -13.53 91.35 -39.41
N VAL O 98 -12.36 91.97 -39.34
CA VAL O 98 -12.23 93.39 -39.02
C VAL O 98 -12.04 94.14 -40.32
N VAL O 99 -12.79 95.21 -40.51
CA VAL O 99 -12.67 96.09 -41.68
C VAL O 99 -12.10 97.41 -41.19
N VAL O 100 -10.80 97.64 -41.40
CA VAL O 100 -10.14 98.83 -40.91
C VAL O 100 -9.35 99.45 -42.04
N GLY O 101 -9.23 100.78 -42.04
CA GLY O 101 -8.49 101.45 -43.08
C GLY O 101 -8.37 102.94 -42.79
N ASP O 102 -7.66 103.62 -43.69
CA ASP O 102 -7.51 105.06 -43.59
C ASP O 102 -8.86 105.76 -43.69
N GLN O 103 -8.98 106.92 -43.05
CA GLN O 103 -10.23 107.66 -43.10
C GLN O 103 -10.64 107.91 -44.53
N SER O 104 -11.91 107.63 -44.83
CA SER O 104 -12.51 107.96 -46.13
C SER O 104 -11.71 107.36 -47.27
N ALA O 105 -11.15 106.17 -47.05
CA ALA O 105 -10.41 105.47 -48.08
C ALA O 105 -11.30 104.60 -48.96
N GLY O 106 -12.60 104.54 -48.68
CA GLY O 106 -13.49 103.64 -49.38
C GLY O 106 -13.69 102.29 -48.72
N LYS O 107 -13.17 102.10 -47.51
CA LYS O 107 -13.34 100.83 -46.81
C LYS O 107 -14.80 100.48 -46.60
N THR O 108 -15.64 101.49 -46.33
CA THR O 108 -17.07 101.24 -46.22
C THR O 108 -17.61 100.73 -47.56
N SER O 109 -17.12 101.29 -48.66
CA SER O 109 -17.50 100.78 -49.97
C SER O 109 -16.99 99.36 -50.19
N VAL O 110 -15.81 99.03 -49.67
CA VAL O 110 -15.32 97.66 -49.77
C VAL O 110 -16.29 96.72 -49.08
N LEU O 111 -16.68 97.05 -47.85
CA LEU O 111 -17.61 96.20 -47.11
C LEU O 111 -18.95 96.10 -47.83
N GLU O 112 -19.46 97.23 -48.32
CA GLU O 112 -20.77 97.23 -48.97
C GLU O 112 -20.75 96.41 -50.26
N MET O 113 -19.67 96.51 -51.03
CA MET O 113 -19.53 95.70 -52.24
C MET O 113 -19.45 94.23 -51.89
N ILE O 114 -18.73 93.87 -50.82
CA ILE O 114 -18.75 92.50 -50.36
C ILE O 114 -20.16 92.09 -49.97
N ALA O 115 -20.89 93.00 -49.32
CA ALA O 115 -22.29 92.74 -48.96
C ALA O 115 -23.23 92.87 -50.15
N GLN O 116 -22.76 93.37 -51.28
CA GLN O 116 -23.56 93.45 -52.52
C GLN O 116 -24.75 94.41 -52.35
N ALA O 117 -24.56 95.48 -51.58
CA ALA O 117 -25.59 96.49 -51.46
C ALA O 117 -25.03 97.69 -50.70
N ARG O 118 -25.61 98.86 -50.97
CA ARG O 118 -25.26 100.08 -50.23
C ARG O 118 -26.06 100.10 -48.94
N ILE O 119 -25.56 99.36 -47.96
CA ILE O 119 -26.30 99.13 -46.73
C ILE O 119 -25.98 100.16 -45.65
N PHE O 120 -24.76 100.80 -45.70
CA PHE O 120 -24.40 101.73 -44.63
C PHE O 120 -24.57 103.18 -45.06
N PRO O 121 -24.94 104.06 -44.12
CA PRO O 121 -25.12 105.47 -44.47
C PRO O 121 -23.79 106.13 -44.81
N ARG O 122 -23.84 107.08 -45.75
CA ARG O 122 -22.67 107.84 -46.17
C ARG O 122 -23.04 109.32 -46.26
N GLY O 123 -23.77 109.80 -45.26
CA GLY O 123 -24.31 111.15 -45.32
C GLY O 123 -23.23 112.22 -45.45
N SER O 124 -22.13 112.07 -44.71
CA SER O 124 -21.04 113.02 -44.73
C SER O 124 -19.72 112.28 -44.83
N GLY O 125 -18.66 113.02 -45.15
CA GLY O 125 -17.33 112.46 -45.31
C GLY O 125 -16.39 112.69 -44.14
N GLU O 126 -16.84 113.26 -43.04
CA GLU O 126 -15.97 113.51 -41.91
C GLU O 126 -16.37 112.70 -40.68
N MET O 127 -17.60 112.89 -40.20
CA MET O 127 -18.03 112.21 -38.98
C MET O 127 -18.65 110.85 -39.28
N MET O 128 -19.19 110.67 -40.49
CA MET O 128 -19.87 109.43 -40.83
C MET O 128 -18.90 108.32 -41.23
N THR O 129 -17.62 108.63 -41.36
CA THR O 129 -16.59 107.65 -41.70
C THR O 129 -15.72 107.28 -40.51
N ARG O 130 -16.07 107.74 -39.31
CA ARG O 130 -15.27 107.51 -38.12
C ARG O 130 -16.11 106.89 -37.00
N SER O 131 -17.06 106.03 -37.35
CA SER O 131 -17.91 105.36 -36.38
C SER O 131 -18.15 103.92 -36.80
N PRO O 132 -18.33 103.00 -35.85
CA PRO O 132 -18.41 101.58 -36.21
C PRO O 132 -19.81 101.11 -36.61
N VAL O 133 -19.84 100.11 -37.50
CA VAL O 133 -21.02 99.29 -37.77
C VAL O 133 -20.56 97.85 -37.83
N LYS O 134 -21.48 96.91 -37.60
CA LYS O 134 -21.21 95.49 -37.82
C LYS O 134 -22.30 94.88 -38.70
N VAL O 135 -21.90 94.08 -39.68
CA VAL O 135 -22.84 93.42 -40.57
C VAL O 135 -22.43 91.96 -40.76
N THR O 136 -23.38 91.05 -40.59
CA THR O 136 -23.17 89.66 -40.98
C THR O 136 -23.54 89.47 -42.45
N LEU O 137 -22.84 88.55 -43.10
CA LEU O 137 -23.01 88.22 -44.50
C LEU O 137 -23.40 86.76 -44.62
N SER O 138 -24.53 86.49 -45.29
CA SER O 138 -25.09 85.16 -45.37
C SER O 138 -25.59 84.87 -46.78
N GLU O 139 -25.56 83.59 -47.15
CA GLU O 139 -26.17 83.14 -48.39
C GLU O 139 -27.68 83.27 -48.31
N GLY O 140 -28.30 83.55 -49.46
CA GLY O 140 -29.74 83.63 -49.53
C GLY O 140 -30.26 83.50 -50.95
N PRO O 141 -31.57 83.24 -51.08
CA PRO O 141 -32.20 83.29 -52.40
C PRO O 141 -32.62 84.67 -52.84
N HIS O 142 -32.57 85.66 -51.94
CA HIS O 142 -32.98 87.02 -52.25
C HIS O 142 -32.19 87.97 -51.36
N HIS O 143 -31.84 89.14 -51.91
CA HIS O 143 -31.00 90.11 -51.21
C HIS O 143 -31.87 90.87 -50.22
N VAL O 144 -31.82 90.48 -48.95
CA VAL O 144 -32.68 91.06 -47.92
C VAL O 144 -31.88 91.25 -46.64
N ALA O 145 -32.22 92.31 -45.89
CA ALA O 145 -31.51 92.65 -44.67
C ALA O 145 -32.49 92.75 -43.51
N LEU O 146 -32.00 92.39 -42.32
CA LEU O 146 -32.81 92.38 -41.10
C LEU O 146 -31.94 92.75 -39.92
N PHE O 147 -32.43 93.63 -39.06
CA PHE O 147 -31.70 94.02 -37.86
C PHE O 147 -31.92 93.04 -36.72
N LYS O 148 -30.95 93.01 -35.80
CA LYS O 148 -31.12 92.29 -34.54
C LYS O 148 -32.37 92.76 -33.80
N ASP O 149 -32.61 94.08 -33.77
CA ASP O 149 -33.61 94.68 -32.92
C ASP O 149 -34.82 95.21 -33.70
N SER O 150 -35.09 94.67 -34.88
CA SER O 150 -36.22 95.13 -35.67
C SER O 150 -36.82 93.96 -36.43
N SER O 151 -38.15 93.97 -36.57
CA SER O 151 -38.87 92.97 -37.32
C SER O 151 -38.96 93.29 -38.82
N ARG O 152 -38.54 94.49 -39.22
CA ARG O 152 -38.65 94.90 -40.62
C ARG O 152 -37.56 94.25 -41.45
N GLU O 153 -37.95 93.71 -42.61
CA GLU O 153 -37.01 93.24 -43.62
C GLU O 153 -36.87 94.29 -44.69
N PHE O 154 -35.64 94.48 -45.17
CA PHE O 154 -35.32 95.52 -46.14
C PHE O 154 -34.96 94.88 -47.47
N ASP O 155 -35.61 95.35 -48.54
CA ASP O 155 -35.31 94.89 -49.89
C ASP O 155 -34.05 95.60 -50.36
N LEU O 156 -32.99 94.84 -50.63
CA LEU O 156 -31.69 95.41 -50.96
C LEU O 156 -31.54 95.77 -52.43
N THR O 157 -32.58 95.54 -53.24
CA THR O 157 -32.57 95.91 -54.65
C THR O 157 -33.37 97.17 -54.95
N LYS O 158 -33.92 97.81 -53.92
CA LYS O 158 -34.75 99.01 -54.10
C LYS O 158 -34.17 100.15 -53.27
N GLU O 159 -34.28 101.36 -53.79
CA GLU O 159 -33.66 102.51 -53.14
C GLU O 159 -34.36 102.84 -51.82
N GLU O 160 -35.68 102.65 -51.75
CA GLU O 160 -36.41 103.04 -50.55
C GLU O 160 -35.98 102.23 -49.34
N ASP O 161 -35.88 100.91 -49.49
CA ASP O 161 -35.54 100.05 -48.36
C ASP O 161 -34.07 100.20 -47.98
N LEU O 162 -33.19 100.36 -48.97
CA LEU O 162 -31.79 100.63 -48.67
C LEU O 162 -31.64 101.96 -47.94
N ALA O 163 -32.42 102.97 -48.34
CA ALA O 163 -32.38 104.25 -47.66
C ALA O 163 -32.87 104.13 -46.23
N ALA O 164 -33.95 103.38 -46.00
CA ALA O 164 -34.43 103.17 -44.63
C ALA O 164 -33.41 102.40 -43.80
N LEU O 165 -32.74 101.43 -44.41
CA LEU O 165 -31.71 100.66 -43.73
C LEU O 165 -30.55 101.56 -43.32
N ARG O 166 -30.06 102.37 -44.27
CA ARG O 166 -29.01 103.33 -43.97
C ARG O 166 -29.48 104.32 -42.91
N HIS O 167 -30.76 104.67 -42.93
CA HIS O 167 -31.30 105.62 -41.97
C HIS O 167 -31.28 105.06 -40.56
N GLU O 168 -31.70 103.81 -40.39
CA GLU O 168 -31.64 103.18 -39.08
C GLU O 168 -30.19 103.10 -38.59
N ILE O 169 -29.29 102.65 -39.46
CA ILE O 169 -27.90 102.60 -39.05
C ILE O 169 -27.43 103.99 -38.65
N GLU O 170 -27.71 105.00 -39.48
CA GLU O 170 -27.29 106.36 -39.20
C GLU O 170 -27.84 106.86 -37.87
N LEU O 171 -29.11 106.60 -37.59
CA LEU O 171 -29.70 107.00 -36.32
C LEU O 171 -28.89 106.42 -35.17
N ARG O 172 -28.38 105.20 -35.34
CA ARG O 172 -27.52 104.65 -34.29
C ARG O 172 -26.10 105.23 -34.37
N MET O 173 -25.63 105.57 -35.57
CA MET O 173 -24.25 105.97 -35.79
C MET O 173 -23.94 107.35 -35.23
N ARG O 174 -24.83 108.32 -35.46
CA ARG O 174 -24.55 109.70 -35.13
C ARG O 174 -24.80 109.98 -33.65
N LYS O 175 -25.20 108.96 -32.89
CA LYS O 175 -25.42 109.08 -31.47
C LYS O 175 -24.39 108.31 -30.66
N ASN O 176 -23.83 107.23 -31.22
CA ASN O 176 -22.84 106.40 -30.53
C ASN O 176 -21.45 107.02 -30.67
N VAL O 177 -21.35 108.26 -30.19
CA VAL O 177 -20.12 109.04 -30.31
C VAL O 177 -20.04 109.99 -29.12
N LYS O 178 -18.86 110.08 -28.52
CA LYS O 178 -18.65 111.06 -27.46
C LYS O 178 -18.74 112.45 -28.04
N GLU O 179 -19.35 113.36 -27.28
CA GLU O 179 -19.57 114.72 -27.76
C GLU O 179 -18.23 115.40 -28.02
N GLY O 180 -18.11 116.00 -29.19
CA GLY O 180 -16.84 116.58 -29.63
C GLY O 180 -15.91 115.54 -30.23
N CYS O 181 -15.71 114.42 -29.52
CA CYS O 181 -14.90 113.35 -30.05
C CYS O 181 -15.47 112.81 -31.36
N THR O 182 -16.78 112.63 -31.42
CA THR O 182 -17.46 112.07 -32.58
C THR O 182 -17.03 110.63 -32.85
N VAL O 183 -16.41 109.99 -31.85
CA VAL O 183 -15.94 108.61 -32.00
C VAL O 183 -16.09 107.90 -30.66
N SER O 184 -16.91 106.85 -30.64
CA SER O 184 -17.10 106.03 -29.45
C SER O 184 -17.33 104.58 -29.88
N PRO O 185 -16.84 103.62 -29.11
CA PRO O 185 -17.16 102.22 -29.40
C PRO O 185 -18.60 101.89 -29.06
N GLU O 186 -19.25 101.14 -29.94
CA GLU O 186 -20.60 100.67 -29.72
C GLU O 186 -20.93 99.65 -30.80
N THR O 187 -21.98 98.86 -30.55
CA THR O 187 -22.35 97.74 -31.40
C THR O 187 -23.63 98.04 -32.14
N ILE O 188 -23.59 97.90 -33.46
CA ILE O 188 -24.77 97.93 -34.32
C ILE O 188 -24.71 96.66 -35.18
N SER O 189 -25.76 95.86 -35.12
CA SER O 189 -25.74 94.51 -35.69
C SER O 189 -26.83 94.39 -36.74
N LEU O 190 -26.42 94.20 -37.99
CA LEU O 190 -27.32 93.97 -39.10
C LEU O 190 -26.96 92.66 -39.78
N ASN O 191 -27.97 91.89 -40.19
CA ASN O 191 -27.77 90.67 -40.94
C ASN O 191 -28.20 90.90 -42.39
N VAL O 192 -27.24 90.79 -43.30
CA VAL O 192 -27.46 91.00 -44.73
C VAL O 192 -27.35 89.66 -45.42
N LYS O 193 -28.35 89.34 -46.24
CA LYS O 193 -28.50 88.04 -46.88
C LYS O 193 -28.67 88.25 -48.38
N GLY O 194 -28.27 87.24 -49.16
CA GLY O 194 -28.54 87.26 -50.58
C GLY O 194 -27.69 86.30 -51.39
N PRO O 195 -28.11 86.03 -52.63
CA PRO O 195 -27.31 85.16 -53.50
C PRO O 195 -25.90 85.68 -53.71
N GLY O 196 -24.93 84.77 -53.73
CA GLY O 196 -23.55 85.10 -53.96
C GLY O 196 -22.81 85.63 -52.76
N LEU O 197 -23.52 85.88 -51.66
CA LEU O 197 -22.90 86.44 -50.47
C LEU O 197 -22.34 85.31 -49.60
N GLN O 198 -21.16 85.54 -49.04
CA GLN O 198 -20.44 84.51 -48.32
C GLN O 198 -20.79 84.38 -46.83
N ARG O 199 -20.20 83.37 -46.20
CA ARG O 199 -20.37 83.12 -44.77
C ARG O 199 -19.36 83.87 -43.90
N MET O 200 -19.63 85.15 -43.67
CA MET O 200 -18.71 86.03 -42.91
C MET O 200 -19.40 86.89 -41.87
N VAL O 201 -18.64 87.62 -41.06
CA VAL O 201 -19.15 88.67 -40.16
C VAL O 201 -18.12 89.80 -40.13
N LEU O 202 -18.45 90.94 -40.76
CA LEU O 202 -17.49 92.02 -40.93
C LEU O 202 -17.83 93.19 -40.01
N VAL O 203 -16.80 93.76 -39.37
CA VAL O 203 -16.94 94.92 -38.50
C VAL O 203 -16.22 96.09 -39.16
N ASP O 204 -16.99 97.10 -39.57
CA ASP O 204 -16.45 98.37 -40.05
C ASP O 204 -16.13 99.24 -38.84
N LEU O 205 -14.86 99.61 -38.69
CA LEU O 205 -14.39 100.39 -37.54
C LEU O 205 -14.04 101.81 -37.97
N PRO O 206 -14.08 102.77 -37.02
CA PRO O 206 -13.81 104.17 -37.37
C PRO O 206 -12.58 104.36 -38.24
N GLY O 207 -12.69 105.22 -39.25
CA GLY O 207 -11.55 105.50 -40.09
C GLY O 207 -10.37 106.00 -39.28
N VAL O 208 -9.18 105.61 -39.71
CA VAL O 208 -7.95 105.93 -38.98
C VAL O 208 -7.44 107.28 -39.42
N ILE O 209 -6.93 108.08 -38.48
CA ILE O 209 -6.36 109.39 -38.76
C ILE O 209 -4.98 109.49 -38.15
N ASN O 210 -4.17 110.39 -38.70
CA ASN O 210 -2.86 110.71 -38.16
C ASN O 210 -2.76 112.11 -37.59
N THR O 211 -3.63 113.03 -38.00
CA THR O 211 -3.61 114.40 -37.53
C THR O 211 -5.03 114.82 -37.14
N VAL O 212 -5.11 115.90 -36.36
CA VAL O 212 -6.37 116.45 -35.90
C VAL O 212 -6.46 117.91 -36.31
N THR O 213 -7.66 118.34 -36.67
CA THR O 213 -7.92 119.70 -37.14
C THR O 213 -8.90 120.40 -36.21
N SER O 214 -9.23 121.65 -36.56
CA SER O 214 -10.06 122.48 -35.68
C SER O 214 -11.48 121.98 -35.58
N GLY O 215 -11.95 121.19 -36.54
CA GLY O 215 -13.28 120.63 -36.52
C GLY O 215 -13.40 119.35 -35.73
N MET O 216 -12.32 118.88 -35.11
CA MET O 216 -12.32 117.63 -34.40
C MET O 216 -11.55 117.81 -33.10
N ALA O 217 -11.84 116.94 -32.12
CA ALA O 217 -11.16 116.99 -30.84
C ALA O 217 -9.75 116.43 -30.97
N PRO O 218 -8.80 116.94 -30.17
CA PRO O 218 -7.45 116.35 -30.20
C PRO O 218 -7.44 114.89 -29.79
N ASP O 219 -8.31 114.51 -28.85
CA ASP O 219 -8.37 113.12 -28.40
C ASP O 219 -8.89 112.18 -29.49
N THR O 220 -9.54 112.73 -30.53
CA THR O 220 -10.16 111.87 -31.54
C THR O 220 -9.15 110.90 -32.13
N LYS O 221 -7.90 111.35 -32.30
CA LYS O 221 -6.89 110.46 -32.88
C LYS O 221 -6.67 109.24 -32.01
N GLU O 222 -6.61 109.42 -30.69
CA GLU O 222 -6.35 108.29 -29.80
C GLU O 222 -7.58 107.40 -29.67
N THR O 223 -8.77 107.98 -29.52
CA THR O 223 -9.96 107.17 -29.33
C THR O 223 -10.14 106.19 -30.48
N ILE O 224 -9.96 106.66 -31.72
CA ILE O 224 -10.06 105.78 -32.86
C ILE O 224 -9.12 104.59 -32.67
N PHE O 225 -7.87 104.87 -32.32
CA PHE O 225 -6.91 103.80 -32.14
C PHE O 225 -7.43 102.81 -31.11
N SER O 226 -7.97 103.32 -29.99
CA SER O 226 -8.45 102.44 -28.94
C SER O 226 -9.54 101.52 -29.48
N ILE O 227 -10.45 102.05 -30.28
CA ILE O 227 -11.44 101.20 -30.92
C ILE O 227 -10.77 100.30 -31.94
N SER O 228 -9.89 100.88 -32.76
CA SER O 228 -9.25 100.13 -33.83
C SER O 228 -8.47 98.95 -33.27
N LYS O 229 -7.78 99.18 -32.15
CA LYS O 229 -6.99 98.13 -31.54
C LYS O 229 -7.87 97.06 -30.88
N ALA O 230 -9.09 97.43 -30.47
CA ALA O 230 -9.92 96.52 -29.69
C ALA O 230 -10.26 95.25 -30.47
N TYR O 231 -10.79 95.39 -31.69
CA TYR O 231 -11.17 94.22 -32.49
C TYR O 231 -9.98 93.58 -33.21
N MET O 232 -8.95 94.35 -33.53
CA MET O 232 -7.72 93.77 -34.07
C MET O 232 -7.06 92.80 -33.11
N GLN O 233 -7.25 92.98 -31.79
CA GLN O 233 -6.55 92.14 -30.83
C GLN O 233 -6.95 90.68 -31.01
N ASN O 234 -8.16 90.43 -31.48
CA ASN O 234 -8.65 89.08 -31.67
C ASN O 234 -7.66 88.26 -32.48
N PRO O 235 -7.01 87.25 -31.90
CA PRO O 235 -6.09 86.42 -32.69
C PRO O 235 -6.81 85.59 -33.75
N ASN O 236 -8.13 85.43 -33.64
CA ASN O 236 -8.91 84.69 -34.61
C ASN O 236 -9.60 85.63 -35.60
N ALA O 237 -9.16 86.88 -35.70
CA ALA O 237 -9.74 87.82 -36.64
C ALA O 237 -8.92 87.85 -37.92
N ILE O 238 -9.62 88.05 -39.03
CA ILE O 238 -9.00 88.39 -40.30
C ILE O 238 -9.12 89.90 -40.44
N ILE O 239 -7.97 90.57 -40.49
CA ILE O 239 -7.93 92.03 -40.44
C ILE O 239 -7.71 92.54 -41.85
N LEU O 240 -8.71 93.24 -42.40
CA LEU O 240 -8.61 93.86 -43.71
C LEU O 240 -8.07 95.27 -43.51
N CYS O 241 -6.78 95.44 -43.82
CA CYS O 241 -6.08 96.72 -43.75
C CYS O 241 -6.28 97.38 -45.11
N ILE O 242 -7.15 98.38 -45.12
CA ILE O 242 -7.65 98.98 -46.35
C ILE O 242 -6.99 100.35 -46.49
N GLN O 243 -6.21 100.51 -47.55
CA GLN O 243 -5.42 101.71 -47.75
C GLN O 243 -5.84 102.42 -49.02
N ASP O 244 -5.80 103.75 -48.95
CA ASP O 244 -6.17 104.61 -50.06
C ASP O 244 -5.05 104.54 -51.09
N GLY O 245 -5.35 103.99 -52.27
CA GLY O 245 -4.33 103.80 -53.28
C GLY O 245 -3.82 105.09 -53.90
N SER O 246 -4.46 106.22 -53.63
CA SER O 246 -4.04 107.50 -54.21
C SER O 246 -2.88 108.13 -53.45
N VAL O 247 -2.49 107.58 -52.30
CA VAL O 247 -1.40 108.11 -51.51
C VAL O 247 -0.34 107.03 -51.36
N ASP O 248 0.86 107.45 -50.99
CA ASP O 248 1.99 106.54 -50.88
C ASP O 248 1.70 105.45 -49.86
N ALA O 249 2.10 104.22 -50.19
CA ALA O 249 1.98 103.11 -49.25
C ALA O 249 2.81 103.37 -48.00
N GLU O 250 3.98 104.01 -48.16
CA GLU O 250 4.82 104.33 -47.02
C GLU O 250 4.13 105.27 -46.04
N ARG O 251 3.09 105.98 -46.48
CA ARG O 251 2.41 106.95 -45.65
C ARG O 251 1.12 106.41 -45.06
N SER O 252 0.87 105.11 -45.19
CA SER O 252 -0.35 104.53 -44.61
C SER O 252 -0.40 104.77 -43.12
N ILE O 253 -1.58 105.15 -42.64
CA ILE O 253 -1.79 105.42 -41.21
C ILE O 253 -2.28 104.17 -40.48
N VAL O 254 -3.19 103.43 -41.12
CA VAL O 254 -3.74 102.22 -40.51
C VAL O 254 -2.66 101.19 -40.27
N THR O 255 -1.66 101.11 -41.15
CA THR O 255 -0.61 100.10 -40.99
C THR O 255 0.06 100.21 -39.63
N ASP O 256 0.39 101.43 -39.21
CA ASP O 256 1.08 101.63 -37.96
C ASP O 256 0.25 101.16 -36.76
N LEU O 257 -1.06 100.97 -36.95
CA LEU O 257 -1.91 100.35 -35.94
C LEU O 257 -1.96 98.84 -36.08
N VAL O 258 -2.04 98.33 -37.31
CA VAL O 258 -2.12 96.88 -37.52
C VAL O 258 -0.86 96.22 -36.99
N SER O 259 0.29 96.85 -37.20
CA SER O 259 1.54 96.31 -36.69
C SER O 259 1.59 96.23 -35.17
N GLN O 260 0.69 96.92 -34.47
CA GLN O 260 0.62 96.79 -33.02
C GLN O 260 -0.15 95.56 -32.57
N MET O 261 -0.93 94.94 -33.46
CA MET O 261 -1.62 93.69 -33.16
C MET O 261 -1.07 92.52 -33.95
N ASP O 262 -0.49 92.78 -35.12
CA ASP O 262 0.14 91.73 -35.93
C ASP O 262 1.39 92.34 -36.54
N PRO O 263 2.50 92.33 -35.79
CA PRO O 263 3.70 93.07 -36.25
C PRO O 263 4.18 92.65 -37.63
N HIS O 264 3.84 91.44 -38.09
CA HIS O 264 4.30 90.94 -39.37
C HIS O 264 3.15 90.65 -40.33
N GLY O 265 1.91 91.02 -39.97
CA GLY O 265 0.79 90.80 -40.85
C GLY O 265 0.40 89.36 -41.06
N ARG O 266 0.67 88.49 -40.08
CA ARG O 266 0.40 87.06 -40.26
C ARG O 266 -1.08 86.80 -40.53
N ARG O 267 -1.98 87.47 -39.80
CA ARG O 267 -3.41 87.22 -39.95
C ARG O 267 -4.12 88.38 -40.64
N THR O 268 -3.38 89.17 -41.41
CA THR O 268 -3.92 90.37 -42.04
C THR O 268 -3.95 90.20 -43.56
N ILE O 269 -4.80 91.01 -44.19
CA ILE O 269 -4.92 91.09 -45.64
C ILE O 269 -4.85 92.56 -46.04
N PHE O 270 -4.19 92.82 -47.16
CA PHE O 270 -4.06 94.17 -47.67
C PHE O 270 -5.13 94.43 -48.73
N VAL O 271 -5.79 95.58 -48.64
CA VAL O 271 -6.80 96.01 -49.59
C VAL O 271 -6.37 97.36 -50.15
N LEU O 272 -6.33 97.45 -51.47
CA LEU O 272 -5.97 98.67 -52.19
C LEU O 272 -7.24 99.30 -52.74
N THR O 273 -7.61 100.48 -52.25
CA THR O 273 -8.83 101.14 -52.68
C THR O 273 -8.54 102.22 -53.72
N LYS O 274 -9.60 102.68 -54.37
CA LYS O 274 -9.52 103.75 -55.35
C LYS O 274 -8.52 103.42 -56.45
N VAL O 275 -8.57 102.17 -56.91
CA VAL O 275 -7.62 101.71 -57.93
C VAL O 275 -7.82 102.46 -59.24
N ASP O 276 -9.07 102.80 -59.57
CA ASP O 276 -9.37 103.49 -60.82
C ASP O 276 -9.22 105.01 -60.69
N LEU O 277 -8.88 105.50 -59.49
CA LEU O 277 -8.52 106.89 -59.29
C LEU O 277 -7.03 107.10 -59.08
N ALA O 278 -6.34 106.12 -58.50
CA ALA O 278 -4.89 106.20 -58.28
C ALA O 278 -4.14 105.72 -59.53
N GLU O 279 -4.30 106.49 -60.61
CA GLU O 279 -3.68 106.11 -61.89
C GLU O 279 -2.17 106.01 -61.77
N LYS O 280 -1.55 106.85 -60.94
CA LYS O 280 -0.10 106.85 -60.84
C LYS O 280 0.45 105.51 -60.39
N ASN O 281 -0.36 104.69 -59.70
CA ASN O 281 0.07 103.39 -59.24
C ASN O 281 -0.41 102.25 -60.14
N VAL O 282 -1.71 102.16 -60.38
CA VAL O 282 -2.26 101.04 -61.14
C VAL O 282 -1.65 100.97 -62.54
N ALA O 283 -1.06 102.05 -63.02
CA ALA O 283 -0.43 102.08 -64.32
C ALA O 283 1.07 101.82 -64.28
N SER O 284 1.64 101.53 -63.11
CA SER O 284 3.08 101.39 -62.98
C SER O 284 3.44 100.16 -62.16
N PRO O 285 4.08 99.14 -62.76
CA PRO O 285 4.46 97.96 -61.97
C PRO O 285 5.37 98.28 -60.78
N SER O 286 6.24 99.28 -60.91
CA SER O 286 7.26 99.52 -59.90
C SER O 286 6.66 99.83 -58.53
N ARG O 287 5.39 100.24 -58.49
CA ARG O 287 4.69 100.50 -57.24
C ARG O 287 3.73 99.35 -56.89
N ILE O 288 3.00 98.87 -57.90
CA ILE O 288 1.93 97.91 -57.66
C ILE O 288 2.49 96.55 -57.27
N GLN O 289 3.57 96.11 -57.91
CA GLN O 289 4.05 94.77 -57.58
C GLN O 289 4.58 94.72 -56.16
N GLN O 290 5.22 95.81 -55.71
CA GLN O 290 5.65 95.88 -54.31
C GLN O 290 4.45 95.97 -53.37
N ILE O 291 3.44 96.76 -53.74
CA ILE O 291 2.31 96.98 -52.83
C ILE O 291 1.49 95.71 -52.69
N ILE O 292 1.34 94.95 -53.78
CA ILE O 292 0.47 93.78 -53.78
C ILE O 292 1.21 92.48 -53.45
N GLU O 293 2.53 92.44 -53.61
CA GLU O 293 3.27 91.23 -53.26
C GLU O 293 3.64 91.20 -51.78
N GLY O 294 3.74 92.35 -51.14
CA GLY O 294 4.11 92.42 -49.75
C GLY O 294 5.53 92.89 -49.52
N LYS O 295 6.07 93.61 -50.50
CA LYS O 295 7.42 94.16 -50.42
C LYS O 295 7.43 95.63 -50.03
N LEU O 296 6.36 96.36 -50.35
CA LEU O 296 6.27 97.78 -49.99
C LEU O 296 5.82 97.98 -48.55
N PHE O 297 5.35 96.93 -47.89
CA PHE O 297 4.84 97.00 -46.53
C PHE O 297 5.68 96.14 -45.60
N PRO O 298 5.71 96.44 -44.30
CA PRO O 298 6.24 95.49 -43.33
C PRO O 298 5.35 94.27 -43.15
N MET O 299 4.14 94.30 -43.69
CA MET O 299 3.13 93.27 -43.45
C MET O 299 3.22 92.16 -44.50
N LYS O 300 3.29 90.92 -44.02
CA LYS O 300 3.31 89.73 -44.87
C LYS O 300 1.94 89.07 -44.71
N ALA O 301 1.01 89.45 -45.58
CA ALA O 301 -0.41 89.21 -45.36
C ALA O 301 -0.83 87.80 -45.74
N LEU O 302 -2.05 87.45 -45.32
CA LEU O 302 -2.75 86.29 -45.85
C LEU O 302 -3.04 86.43 -47.34
N GLY O 303 -3.08 87.66 -47.84
CA GLY O 303 -3.36 87.89 -49.25
C GLY O 303 -3.37 89.39 -49.51
N TYR O 304 -3.42 89.72 -50.79
CA TYR O 304 -3.39 91.11 -51.22
C TYR O 304 -4.42 91.29 -52.33
N PHE O 305 -5.27 92.32 -52.21
CA PHE O 305 -6.37 92.48 -53.15
C PHE O 305 -6.55 93.95 -53.51
N ALA O 306 -7.04 94.19 -54.73
CA ALA O 306 -7.31 95.52 -55.27
C ALA O 306 -8.78 95.64 -55.63
N VAL O 307 -9.40 96.76 -55.26
CA VAL O 307 -10.83 96.96 -55.44
C VAL O 307 -11.11 98.39 -55.91
N VAL O 308 -12.28 98.56 -56.53
CA VAL O 308 -12.80 99.87 -56.92
C VAL O 308 -13.91 100.25 -55.94
N THR O 309 -13.74 101.39 -55.26
CA THR O 309 -14.66 101.81 -54.20
C THR O 309 -15.55 102.98 -54.60
N GLY O 310 -15.52 103.42 -55.85
CA GLY O 310 -16.31 104.56 -56.25
C GLY O 310 -15.47 105.71 -56.76
N LYS O 311 -16.01 106.45 -57.73
CA LYS O 311 -15.24 107.48 -58.45
C LYS O 311 -15.39 108.83 -57.76
N GLY O 312 -15.09 108.84 -56.47
CA GLY O 312 -15.18 110.05 -55.67
C GLY O 312 -16.56 110.40 -55.18
N ASN O 313 -17.57 109.62 -55.54
CA ASN O 313 -18.95 109.86 -55.13
C ASN O 313 -19.28 108.96 -53.95
N SER O 314 -19.44 109.57 -52.77
CA SER O 314 -19.69 108.81 -51.56
C SER O 314 -21.06 108.12 -51.57
N SER O 315 -21.96 108.53 -52.46
CA SER O 315 -23.32 107.99 -52.50
C SER O 315 -23.58 107.16 -53.76
N GLU O 316 -22.53 106.79 -54.50
CA GLU O 316 -22.71 106.03 -55.72
C GLU O 316 -23.22 104.63 -55.42
N SER O 317 -24.09 104.13 -56.29
CA SER O 317 -24.68 102.82 -56.07
C SER O 317 -23.63 101.72 -56.11
N ILE O 318 -23.79 100.73 -55.23
CA ILE O 318 -22.82 99.64 -55.14
C ILE O 318 -22.85 98.79 -56.41
N GLU O 319 -24.03 98.59 -56.99
CA GLU O 319 -24.13 97.76 -58.19
C GLU O 319 -23.33 98.38 -59.33
N ALA O 320 -23.50 99.69 -59.55
CA ALA O 320 -22.71 100.37 -60.57
C ALA O 320 -21.23 100.30 -60.25
N ILE O 321 -20.88 100.42 -58.96
CA ILE O 321 -19.48 100.38 -58.58
C ILE O 321 -18.88 99.02 -58.92
N ARG O 322 -19.63 97.94 -58.69
CA ARG O 322 -19.11 96.61 -58.99
C ARG O 322 -19.00 96.39 -60.50
N GLU O 323 -19.99 96.86 -61.27
CA GLU O 323 -19.89 96.75 -62.72
C GLU O 323 -18.66 97.50 -63.23
N TYR O 324 -18.44 98.71 -62.71
CA TYR O 324 -17.28 99.49 -63.10
C TYR O 324 -15.99 98.84 -62.62
N GLU O 325 -16.02 98.17 -61.47
CA GLU O 325 -14.84 97.46 -61.00
C GLU O 325 -14.47 96.34 -61.95
N GLU O 326 -15.45 95.55 -62.38
CA GLU O 326 -15.15 94.47 -63.33
C GLU O 326 -14.65 95.04 -64.65
N GLU O 327 -15.23 96.16 -65.11
CA GLU O 327 -14.78 96.74 -66.36
C GLU O 327 -13.38 97.35 -66.25
N PHE O 328 -13.06 97.96 -65.11
CA PHE O 328 -11.83 98.74 -64.99
C PHE O 328 -10.59 97.87 -65.13
N PHE O 329 -10.53 96.75 -64.40
CA PHE O 329 -9.33 95.93 -64.42
C PHE O 329 -9.04 95.43 -65.83
N GLN O 330 -10.09 95.07 -66.57
CA GLN O 330 -9.90 94.73 -67.98
C GLN O 330 -9.40 95.93 -68.77
N ASN O 331 -9.96 97.12 -68.51
CA ASN O 331 -9.51 98.32 -69.21
C ASN O 331 -8.07 98.67 -68.84
N SER O 332 -7.72 98.51 -67.57
CA SER O 332 -6.46 99.01 -67.06
C SER O 332 -5.27 98.21 -67.60
N LYS O 333 -4.10 98.85 -67.56
CA LYS O 333 -2.85 98.20 -67.90
C LYS O 333 -2.57 97.01 -66.98
N LEU O 334 -3.12 97.02 -65.77
CA LEU O 334 -2.65 96.14 -64.72
C LEU O 334 -2.80 94.66 -65.09
N LEU O 335 -3.91 94.29 -65.71
CA LEU O 335 -4.09 92.89 -66.09
C LEU O 335 -3.13 92.49 -67.21
N LYS O 336 -2.90 93.39 -68.17
CA LYS O 336 -2.07 93.05 -69.31
C LYS O 336 -0.62 92.83 -68.93
N THR O 337 -0.08 93.65 -68.03
CA THR O 337 1.34 93.61 -67.68
C THR O 337 1.61 92.87 -66.38
N SER O 338 0.60 92.20 -65.82
CA SER O 338 0.76 91.32 -64.67
C SER O 338 1.44 92.02 -63.49
N MET O 339 1.00 93.24 -63.21
CA MET O 339 1.35 93.88 -61.94
C MET O 339 0.39 93.50 -60.83
N LEU O 340 -0.87 93.26 -61.18
CA LEU O 340 -1.84 92.62 -60.31
C LEU O 340 -2.31 91.33 -60.96
N LYS O 341 -2.42 90.27 -60.17
CA LYS O 341 -2.86 88.99 -60.68
C LYS O 341 -4.37 88.88 -60.60
N ALA O 342 -4.93 88.05 -61.49
CA ALA O 342 -6.38 87.99 -61.65
C ALA O 342 -7.09 87.64 -60.36
N HIS O 343 -6.49 86.77 -59.54
CA HIS O 343 -7.07 86.40 -58.26
C HIS O 343 -6.87 87.45 -57.18
N GLN O 344 -6.13 88.53 -57.48
CA GLN O 344 -5.87 89.60 -56.54
C GLN O 344 -6.74 90.82 -56.76
N VAL O 345 -7.74 90.74 -57.64
CA VAL O 345 -8.53 91.91 -58.03
C VAL O 345 -10.01 91.62 -57.87
N THR O 346 -10.77 92.70 -57.69
CA THR O 346 -12.23 92.65 -57.64
C THR O 346 -12.76 92.14 -56.31
N THR O 347 -14.06 92.37 -56.08
CA THR O 347 -14.68 91.98 -54.81
C THR O 347 -14.71 90.47 -54.64
N ARG O 348 -14.97 89.74 -55.73
CA ARG O 348 -15.20 88.30 -55.62
C ARG O 348 -14.02 87.59 -54.95
N ASN O 349 -12.80 87.91 -55.38
CA ASN O 349 -11.63 87.17 -54.90
C ASN O 349 -11.37 87.45 -53.42
N LEU O 350 -11.44 88.72 -53.03
CA LEU O 350 -11.26 89.09 -51.63
C LEU O 350 -12.32 88.40 -50.77
N SER O 351 -13.58 88.48 -51.21
CA SER O 351 -14.66 87.89 -50.44
C SER O 351 -14.47 86.39 -50.28
N LEU O 352 -14.11 85.70 -51.37
CA LEU O 352 -13.96 84.25 -51.29
C LEU O 352 -12.79 83.85 -50.40
N ALA O 353 -11.65 84.54 -50.51
CA ALA O 353 -10.52 84.18 -49.66
C ALA O 353 -10.86 84.36 -48.19
N VAL O 354 -11.37 85.54 -47.83
CA VAL O 354 -11.66 85.80 -46.43
C VAL O 354 -12.77 84.87 -45.95
N SER O 355 -13.74 84.58 -46.82
CA SER O 355 -14.82 83.66 -46.46
C SER O 355 -14.28 82.28 -46.14
N ASP O 356 -13.39 81.76 -46.98
CA ASP O 356 -12.90 80.40 -46.74
C ASP O 356 -12.16 80.33 -45.42
N CYS O 357 -11.22 81.27 -45.20
CA CYS O 357 -10.48 81.24 -43.95
C CYS O 357 -11.43 81.37 -42.76
N PHE O 358 -12.29 82.38 -42.81
CA PHE O 358 -13.17 82.68 -41.69
C PHE O 358 -14.09 81.51 -41.39
N TRP O 359 -14.75 80.95 -42.39
CA TRP O 359 -15.77 79.95 -42.11
C TRP O 359 -15.18 78.61 -41.70
N LYS O 360 -14.03 78.21 -42.26
CA LYS O 360 -13.39 77.00 -41.76
C LYS O 360 -13.04 77.17 -40.28
N MET O 361 -12.41 78.30 -39.97
CA MET O 361 -11.99 78.54 -38.59
C MET O 361 -13.21 78.70 -37.69
N VAL O 362 -14.33 79.18 -38.23
CA VAL O 362 -15.57 79.27 -37.45
C VAL O 362 -16.11 77.89 -37.11
N ARG O 363 -16.15 77.00 -38.11
CA ARG O 363 -16.67 75.61 -37.91
C ARG O 363 -15.88 74.97 -36.76
N GLU O 364 -14.54 75.05 -36.78
CA GLU O 364 -13.73 74.42 -35.74
C GLU O 364 -13.77 75.22 -34.44
N SER O 365 -13.83 76.55 -34.54
CA SER O 365 -13.80 77.41 -33.37
C SER O 365 -15.03 77.28 -32.48
N VAL O 366 -16.22 77.16 -33.06
CA VAL O 366 -17.41 76.97 -32.24
C VAL O 366 -17.46 75.56 -31.68
N GLU O 367 -17.03 74.57 -32.47
CA GLU O 367 -16.96 73.22 -31.92
C GLU O 367 -16.08 73.28 -30.68
N GLN O 368 -15.02 74.09 -30.73
CA GLN O 368 -14.14 74.23 -29.57
C GLN O 368 -14.79 75.08 -28.47
N GLN O 369 -15.43 76.19 -28.83
CA GLN O 369 -15.83 77.18 -27.83
C GLN O 369 -17.11 76.82 -27.11
N ALA O 370 -17.98 76.00 -27.70
CA ALA O 370 -19.10 75.49 -26.92
C ALA O 370 -18.57 74.80 -25.66
N ASP O 371 -17.61 73.90 -25.83
CA ASP O 371 -16.98 73.23 -24.70
C ASP O 371 -16.13 74.19 -23.89
N SER O 372 -15.52 75.19 -24.54
CA SER O 372 -14.76 76.18 -23.79
C SER O 372 -15.63 76.88 -22.75
N PHE O 373 -16.78 77.44 -23.16
CA PHE O 373 -17.67 78.25 -22.25
C PHE O 373 -18.38 77.28 -21.29
N LYS O 374 -18.74 76.06 -21.73
CA LYS O 374 -19.32 75.00 -20.83
C LYS O 374 -18.25 74.63 -19.79
N ALA O 375 -16.98 74.51 -20.20
CA ALA O 375 -15.82 74.21 -19.32
C ALA O 375 -15.68 75.41 -18.37
N THR O 376 -15.89 76.64 -18.87
CA THR O 376 -15.80 77.88 -18.05
C THR O 376 -16.90 77.76 -16.97
N ARG O 377 -18.11 77.26 -17.27
CA ARG O 377 -19.15 77.05 -16.23
C ARG O 377 -18.62 76.03 -15.21
N PHE O 378 -17.97 74.95 -15.69
CA PHE O 378 -17.39 73.91 -14.79
C PHE O 378 -16.28 74.54 -13.93
N ASN O 379 -15.40 75.38 -14.51
CA ASN O 379 -14.30 76.10 -13.79
C ASN O 379 -14.91 77.08 -12.77
N LEU O 380 -15.98 77.77 -13.16
CA LEU O 380 -16.71 78.76 -12.29
C LEU O 380 -17.31 77.96 -11.13
N GLU O 381 -17.73 76.72 -11.35
CA GLU O 381 -18.39 75.87 -10.29
C GLU O 381 -17.29 75.49 -9.29
N THR O 382 -16.09 75.08 -9.73
CA THR O 382 -15.08 74.64 -8.78
C THR O 382 -14.76 75.78 -7.80
N GLU O 383 -14.50 76.96 -8.35
CA GLU O 383 -14.21 78.11 -7.48
C GLU O 383 -15.37 78.42 -6.55
N TRP O 384 -16.58 78.50 -7.12
CA TRP O 384 -17.81 78.92 -6.37
C TRP O 384 -18.12 77.93 -5.24
N LYS O 385 -17.84 76.64 -5.43
CA LYS O 385 -18.11 75.58 -4.41
C LYS O 385 -16.96 75.61 -3.37
N ASN O 386 -15.72 75.93 -3.78
CA ASN O 386 -14.62 75.98 -2.82
C ASN O 386 -14.71 77.21 -1.93
N ASN O 387 -15.08 78.35 -2.51
CA ASN O 387 -15.15 79.59 -1.75
C ASN O 387 -16.22 79.53 -0.67
N TYR O 388 -17.42 79.12 -1.02
CA TYR O 388 -18.54 79.08 -0.09
C TYR O 388 -19.26 77.76 -0.26
N PRO O 389 -19.96 77.31 0.79
CA PRO O 389 -20.93 76.22 0.58
C PRO O 389 -21.92 76.65 -0.48
N ARG O 390 -22.21 75.72 -1.42
CA ARG O 390 -23.10 76.01 -2.59
C ARG O 390 -24.31 76.82 -2.11
N LEU O 391 -24.43 78.09 -2.51
CA LEU O 391 -25.55 78.95 -2.15
C LEU O 391 -25.57 80.14 -3.10
N ARG O 392 -26.79 80.53 -3.51
CA ARG O 392 -26.99 81.66 -4.42
C ARG O 392 -28.11 82.57 -3.92
N GLU O 393 -28.49 82.47 -2.65
CA GLU O 393 -29.62 83.24 -2.14
C GLU O 393 -29.33 84.74 -2.16
N LEU O 394 -28.10 85.13 -1.83
CA LEU O 394 -27.77 86.53 -1.64
C LEU O 394 -27.52 87.24 -2.97
N ASP O 395 -27.36 88.56 -2.89
CA ASP O 395 -27.03 89.40 -4.04
C ASP O 395 -26.51 90.74 -3.53
N ARG O 396 -25.81 91.44 -4.42
CA ARG O 396 -25.24 92.74 -4.06
C ARG O 396 -26.32 93.69 -3.57
N ASN O 397 -27.41 93.79 -4.32
CA ASN O 397 -28.53 94.63 -3.89
C ASN O 397 -29.17 94.10 -2.62
N GLU O 398 -29.28 92.77 -2.52
CA GLU O 398 -29.82 92.16 -1.32
C GLU O 398 -28.94 92.41 -0.11
N LEU O 399 -27.64 92.61 -0.31
CA LEU O 399 -26.80 93.00 0.82
C LEU O 399 -27.23 94.34 1.38
N PHE O 400 -27.49 95.32 0.51
CA PHE O 400 -28.04 96.58 0.97
C PHE O 400 -29.37 96.39 1.68
N GLU O 401 -30.24 95.55 1.10
CA GLU O 401 -31.55 95.38 1.72
C GLU O 401 -31.43 94.77 3.12
N LYS O 402 -30.56 93.77 3.28
CA LYS O 402 -30.41 93.11 4.57
C LYS O 402 -29.73 94.01 5.59
N ALA O 403 -28.70 94.76 5.17
CA ALA O 403 -28.07 95.68 6.11
C ALA O 403 -29.03 96.81 6.49
N LYS O 404 -29.87 97.24 5.54
CA LYS O 404 -30.90 98.24 5.84
C LYS O 404 -31.85 97.72 6.91
N ASN O 405 -32.33 96.50 6.74
CA ASN O 405 -33.27 95.95 7.70
C ASN O 405 -32.60 95.72 9.05
N GLU O 406 -31.36 95.24 9.05
CA GLU O 406 -30.62 95.11 10.31
C GLU O 406 -30.51 96.45 11.02
N ILE O 407 -30.18 97.51 10.28
CA ILE O 407 -29.99 98.81 10.90
C ILE O 407 -31.31 99.32 11.47
N LEU O 408 -32.39 99.21 10.69
CA LEU O 408 -33.67 99.69 11.19
C LEU O 408 -34.17 98.88 12.37
N ASP O 409 -33.91 97.56 12.37
CA ASP O 409 -34.30 96.74 13.51
C ASP O 409 -33.52 97.13 14.75
N GLU O 410 -32.22 97.38 14.62
CA GLU O 410 -31.44 97.81 15.76
C GLU O 410 -31.84 99.19 16.23
N VAL O 411 -32.22 100.07 15.31
CA VAL O 411 -32.68 101.41 15.71
C VAL O 411 -33.99 101.31 16.48
N ILE O 412 -34.92 100.49 16.00
CA ILE O 412 -36.16 100.30 16.74
C ILE O 412 -35.87 99.72 18.11
N SER O 413 -35.10 98.63 18.17
CA SER O 413 -34.77 98.03 19.46
C SER O 413 -34.10 99.03 20.38
N LEU O 414 -33.26 99.90 19.83
CA LEU O 414 -32.72 101.02 20.57
C LEU O 414 -33.84 101.85 21.16
N SER O 415 -34.88 102.12 20.36
CA SER O 415 -36.00 102.90 20.86
C SER O 415 -36.78 102.18 21.95
N GLN O 416 -36.81 100.85 21.94
CA GLN O 416 -37.46 100.09 23.01
C GLN O 416 -36.46 99.52 24.03
N VAL O 417 -35.22 100.00 24.06
CA VAL O 417 -34.34 99.62 25.16
C VAL O 417 -34.98 100.03 26.48
N THR O 418 -34.88 99.16 27.47
CA THR O 418 -35.39 99.46 28.80
C THR O 418 -34.98 100.88 29.19
N PRO O 419 -35.93 101.79 29.40
CA PRO O 419 -35.55 103.17 29.74
C PRO O 419 -34.60 103.23 30.93
N LYS O 420 -34.84 102.40 31.95
CA LYS O 420 -34.06 102.48 33.18
C LYS O 420 -32.57 102.42 32.87
N HIS O 421 -32.20 101.65 31.85
CA HIS O 421 -30.82 101.58 31.42
C HIS O 421 -30.37 102.92 30.85
N TRP O 422 -31.26 103.60 30.12
CA TRP O 422 -30.95 104.92 29.60
C TRP O 422 -30.67 105.89 30.75
N GLU O 423 -31.51 105.88 31.79
CA GLU O 423 -31.26 106.77 32.92
C GLU O 423 -29.99 106.41 33.64
N GLU O 424 -29.68 105.12 33.78
CA GLU O 424 -28.44 104.73 34.44
C GLU O 424 -27.24 105.31 33.71
N ILE O 425 -27.23 105.18 32.37
CA ILE O 425 -26.13 105.73 31.59
C ILE O 425 -26.04 107.24 31.79
N LEU O 426 -27.18 107.92 31.68
CA LEU O 426 -27.18 109.37 31.78
C LEU O 426 -26.74 109.83 33.17
N GLN O 427 -27.18 109.13 34.22
CA GLN O 427 -26.83 109.48 35.58
C GLN O 427 -25.34 109.34 35.83
N GLN O 428 -24.75 108.21 35.44
CA GLN O 428 -23.33 108.04 35.68
C GLN O 428 -22.51 109.06 34.89
N SER O 429 -22.90 109.30 33.63
CA SER O 429 -22.19 110.29 32.83
C SER O 429 -22.31 111.67 33.44
N LEU O 430 -23.49 112.03 33.92
CA LEU O 430 -23.70 113.34 34.52
C LEU O 430 -22.84 113.52 35.76
N TRP O 431 -22.80 112.49 36.63
CA TRP O 431 -21.97 112.60 37.82
C TRP O 431 -20.50 112.77 37.46
N GLU O 432 -20.01 111.98 36.49
CA GLU O 432 -18.61 112.11 36.10
C GLU O 432 -18.35 113.50 35.53
N ARG O 433 -19.32 114.05 34.81
CA ARG O 433 -19.13 115.37 34.19
C ARG O 433 -19.14 116.48 35.23
N VAL O 434 -19.92 116.32 36.31
CA VAL O 434 -20.17 117.42 37.23
C VAL O 434 -19.38 117.37 38.54
N SER O 435 -18.80 116.22 38.90
CA SER O 435 -18.16 116.12 40.21
C SER O 435 -17.08 117.17 40.42
N THR O 436 -16.41 117.58 39.34
CA THR O 436 -15.35 118.58 39.46
C THR O 436 -15.90 119.89 39.99
N HIS O 437 -17.01 120.36 39.41
CA HIS O 437 -17.68 121.56 39.91
C HIS O 437 -18.26 121.31 41.30
N VAL O 438 -18.78 120.11 41.53
CA VAL O 438 -19.44 119.82 42.80
C VAL O 438 -18.47 120.00 43.96
N ILE O 439 -17.26 119.47 43.84
CA ILE O 439 -16.35 119.49 44.98
C ILE O 439 -15.36 120.64 44.91
N GLU O 440 -14.75 120.91 43.75
CA GLU O 440 -13.70 121.91 43.71
C GLU O 440 -14.25 123.32 43.91
N ASN O 441 -15.41 123.62 43.34
CA ASN O 441 -15.95 124.97 43.40
C ASN O 441 -17.05 125.14 44.44
N ILE O 442 -17.79 124.08 44.75
CA ILE O 442 -18.98 124.20 45.58
C ILE O 442 -18.69 123.69 46.99
N TYR O 443 -18.32 122.42 47.11
CA TYR O 443 -18.11 121.84 48.44
C TYR O 443 -16.85 122.38 49.09
N LEU O 444 -15.73 122.36 48.36
CA LEU O 444 -14.42 122.62 48.95
C LEU O 444 -14.39 124.00 49.60
N PRO O 445 -14.78 125.07 48.91
CA PRO O 445 -14.77 126.39 49.55
C PRO O 445 -15.87 126.59 50.58
N ALA O 446 -16.97 125.85 50.48
CA ALA O 446 -18.12 126.13 51.34
C ALA O 446 -17.97 125.49 52.72
N ALA O 447 -17.46 124.27 52.79
CA ALA O 447 -17.41 123.54 54.05
C ALA O 447 -16.20 123.90 54.91
N GLN O 448 -15.37 124.83 54.46
CA GLN O 448 -14.26 125.32 55.28
C GLN O 448 -14.70 126.38 56.28
N THR O 449 -15.94 126.84 56.22
CA THR O 449 -16.39 127.89 57.11
C THR O 449 -16.79 127.31 58.46
N MET O 450 -16.92 128.20 59.43
CA MET O 450 -17.35 127.84 60.78
C MET O 450 -18.82 128.14 61.02
N ASN O 451 -19.60 128.25 59.94
CA ASN O 451 -21.02 128.54 60.03
C ASN O 451 -21.75 127.78 58.94
N SER O 452 -22.74 126.97 59.33
CA SER O 452 -23.50 126.21 58.36
C SER O 452 -24.22 127.12 57.38
N GLY O 453 -24.63 128.30 57.82
CA GLY O 453 -25.27 129.24 56.92
C GLY O 453 -24.33 129.72 55.84
N THR O 454 -23.05 129.86 56.15
CA THR O 454 -22.07 130.24 55.13
C THR O 454 -21.71 129.08 54.23
N PHE O 455 -21.67 127.85 54.74
CA PHE O 455 -21.56 126.70 53.86
C PHE O 455 -22.68 126.70 52.84
N ASN O 456 -23.92 126.80 53.32
CA ASN O 456 -25.05 126.76 52.41
C ASN O 456 -25.09 127.98 51.49
N THR O 457 -24.64 129.14 51.98
CA THR O 457 -24.67 130.34 51.16
C THR O 457 -23.65 130.26 50.02
N THR O 458 -22.42 129.85 50.34
CA THR O 458 -21.44 129.62 49.29
C THR O 458 -21.93 128.58 48.30
N VAL O 459 -22.45 127.46 48.83
CA VAL O 459 -22.97 126.40 47.97
C VAL O 459 -24.04 126.95 47.05
N ASP O 460 -24.99 127.71 47.60
CA ASP O 460 -26.14 128.15 46.82
C ASP O 460 -25.77 129.22 45.81
N ILE O 461 -24.82 130.09 46.13
CA ILE O 461 -24.35 131.06 45.15
C ILE O 461 -23.71 130.32 43.98
N LYS O 462 -22.78 129.40 44.29
CA LYS O 462 -22.11 128.67 43.22
C LYS O 462 -23.11 127.82 42.44
N LEU O 463 -24.09 127.24 43.13
CA LEU O 463 -25.09 126.43 42.46
C LEU O 463 -26.01 127.25 41.57
N LYS O 464 -26.39 128.44 41.99
CA LYS O 464 -27.22 129.27 41.12
C LYS O 464 -26.45 129.61 39.85
N GLN O 465 -25.21 130.06 40.01
CA GLN O 465 -24.41 130.42 38.85
C GLN O 465 -24.17 129.21 37.96
N TRP O 466 -23.89 128.05 38.56
CA TRP O 466 -23.56 126.83 37.83
C TRP O 466 -24.79 126.22 37.15
N THR O 467 -25.90 126.12 37.87
CA THR O 467 -27.13 125.59 37.30
C THR O 467 -27.68 126.48 36.20
N ASP O 468 -27.32 127.76 36.21
CA ASP O 468 -27.77 128.62 35.13
C ASP O 468 -26.81 128.63 33.94
N LYS O 469 -25.50 128.57 34.17
CA LYS O 469 -24.56 128.76 33.08
C LYS O 469 -24.03 127.46 32.46
N GLN O 470 -23.28 126.67 33.24
CA GLN O 470 -22.59 125.51 32.66
C GLN O 470 -23.44 124.24 32.75
N LEU O 471 -24.02 123.97 33.92
CA LEU O 471 -24.60 122.66 34.18
C LEU O 471 -25.64 122.25 33.15
N PRO O 472 -26.58 123.10 32.74
CA PRO O 472 -27.54 122.66 31.70
C PRO O 472 -26.87 122.34 30.38
N ASN O 473 -25.88 123.15 29.97
CA ASN O 473 -25.18 122.88 28.72
C ASN O 473 -24.45 121.54 28.79
N LYS O 474 -23.80 121.27 29.93
CA LYS O 474 -23.11 120.00 30.12
C LYS O 474 -24.09 118.84 30.06
N ALA O 475 -25.27 119.00 30.67
CA ALA O 475 -26.27 117.94 30.65
C ALA O 475 -26.76 117.68 29.22
N VAL O 476 -26.97 118.74 28.44
CA VAL O 476 -27.41 118.58 27.06
C VAL O 476 -26.34 117.88 26.24
N GLU O 477 -25.08 118.24 26.45
CA GLU O 477 -23.98 117.55 25.78
C GLU O 477 -23.96 116.07 26.15
N VAL O 478 -24.17 115.77 27.44
CA VAL O 478 -24.18 114.38 27.89
C VAL O 478 -25.30 113.61 27.21
N ALA O 479 -26.49 114.21 27.12
CA ALA O 479 -27.61 113.51 26.48
C ALA O 479 -27.33 113.27 24.99
N TRP O 480 -26.83 114.29 24.29
CA TRP O 480 -26.50 114.11 22.88
C TRP O 480 -25.52 112.96 22.69
N GLU O 481 -24.42 112.98 23.44
CA GLU O 481 -23.41 111.94 23.28
C GLU O 481 -23.93 110.59 23.72
N THR O 482 -24.79 110.53 24.74
CA THR O 482 -25.38 109.27 25.14
C THR O 482 -26.20 108.66 24.01
N LEU O 483 -27.06 109.46 23.37
CA LEU O 483 -27.88 108.92 22.29
C LEU O 483 -26.99 108.48 21.13
N GLN O 484 -26.03 109.31 20.74
CA GLN O 484 -25.21 108.95 19.58
C GLN O 484 -24.33 107.75 19.87
N GLU O 485 -23.86 107.61 21.11
CA GLU O 485 -22.98 106.49 21.46
C GLU O 485 -23.77 105.18 21.53
N GLU O 486 -24.97 105.22 22.12
CA GLU O 486 -25.78 104.01 22.12
C GLU O 486 -26.18 103.62 20.71
N PHE O 487 -26.50 104.60 19.86
CA PHE O 487 -26.77 104.31 18.46
C PHE O 487 -25.56 103.64 17.81
N SER O 488 -24.37 104.19 18.05
CA SER O 488 -23.15 103.59 17.49
C SER O 488 -22.97 102.16 17.99
N ARG O 489 -23.22 101.94 19.27
CA ARG O 489 -23.06 100.59 19.83
C ARG O 489 -24.00 99.60 19.18
N PHE O 490 -25.27 99.98 18.98
CA PHE O 490 -26.20 99.09 18.30
C PHE O 490 -25.77 98.82 16.86
N MET O 491 -25.13 99.80 16.22
CA MET O 491 -24.71 99.64 14.84
C MET O 491 -23.47 98.78 14.67
N THR O 492 -22.73 98.48 15.75
CA THR O 492 -21.38 97.93 15.62
C THR O 492 -21.08 96.74 16.51
N GLU O 493 -21.95 96.38 17.45
CA GLU O 493 -21.60 95.36 18.43
C GLU O 493 -21.24 94.05 17.72
N PRO O 494 -20.06 93.45 18.01
CA PRO O 494 -19.72 92.12 17.48
C PRO O 494 -20.41 91.01 18.26
N LYS O 495 -21.67 90.76 17.90
CA LYS O 495 -22.53 89.91 18.71
C LYS O 495 -22.15 88.43 18.58
N GLY O 496 -20.97 88.08 19.09
CA GLY O 496 -20.58 86.69 19.12
C GLY O 496 -20.60 86.06 17.75
N LYS O 497 -21.29 84.92 17.65
CA LYS O 497 -21.39 84.18 16.40
C LYS O 497 -22.53 84.70 15.53
N GLU O 498 -23.35 85.60 16.04
CA GLU O 498 -24.49 86.14 15.29
C GLU O 498 -24.12 87.37 14.48
N HIS O 499 -22.86 87.81 14.54
CA HIS O 499 -22.42 88.98 13.79
C HIS O 499 -22.10 88.62 12.34
N ASP O 500 -22.43 89.54 11.44
CA ASP O 500 -22.10 89.42 10.02
C ASP O 500 -21.16 90.55 9.63
N ASP O 501 -19.97 90.20 9.14
CA ASP O 501 -19.01 91.21 8.74
C ASP O 501 -19.45 91.94 7.47
N ILE O 502 -20.11 91.23 6.55
CA ILE O 502 -20.38 91.78 5.23
C ILE O 502 -21.17 93.07 5.33
N PHE O 503 -22.15 93.12 6.22
CA PHE O 503 -22.99 94.31 6.34
C PHE O 503 -22.27 95.48 6.98
N ASP O 504 -21.12 95.24 7.62
CA ASP O 504 -20.49 96.26 8.46
C ASP O 504 -20.24 97.55 7.67
N LYS O 505 -19.86 97.42 6.40
CA LYS O 505 -19.55 98.61 5.61
C LYS O 505 -20.72 99.59 5.63
N LEU O 506 -21.94 99.10 5.43
CA LEU O 506 -23.09 100.01 5.47
C LEU O 506 -23.28 100.57 6.87
N LYS O 507 -23.12 99.72 7.89
CA LYS O 507 -23.35 100.17 9.26
C LYS O 507 -22.49 101.39 9.59
N GLU O 508 -21.29 101.46 9.03
CA GLU O 508 -20.43 102.61 9.27
C GLU O 508 -20.90 103.83 8.50
N ALA O 509 -21.29 103.64 7.23
CA ALA O 509 -21.68 104.79 6.41
C ALA O 509 -22.95 105.44 6.94
N VAL O 510 -23.93 104.62 7.34
CA VAL O 510 -25.18 105.15 7.86
C VAL O 510 -24.94 105.78 9.24
N LYS O 511 -24.22 105.07 10.11
CA LYS O 511 -24.00 105.55 11.46
C LYS O 511 -23.47 106.98 11.44
N GLU O 512 -22.51 107.24 10.57
CA GLU O 512 -21.99 108.59 10.44
C GLU O 512 -23.07 109.55 9.98
N GLU O 513 -23.76 109.24 8.89
CA GLU O 513 -24.71 110.19 8.33
C GLU O 513 -25.89 110.42 9.27
N SER O 514 -26.45 109.34 9.82
CA SER O 514 -27.64 109.48 10.66
C SER O 514 -27.37 110.41 11.83
N ILE O 515 -26.15 110.38 12.37
CA ILE O 515 -25.81 111.25 13.49
C ILE O 515 -25.83 112.71 13.04
N LYS O 516 -25.24 112.99 11.88
CA LYS O 516 -25.14 114.37 11.42
C LYS O 516 -26.49 114.96 11.06
N ARG O 517 -27.47 114.13 10.69
CA ARG O 517 -28.80 114.64 10.37
C ARG O 517 -29.67 114.82 11.62
N HIS O 518 -29.16 114.54 12.81
CA HIS O 518 -29.88 114.75 14.04
C HIS O 518 -29.26 115.90 14.83
N LYS O 519 -30.11 116.67 15.50
CA LYS O 519 -29.68 117.71 16.42
C LYS O 519 -30.56 117.63 17.67
N TRP O 520 -29.96 117.89 18.83
CA TRP O 520 -30.71 117.90 20.07
C TRP O 520 -31.37 119.26 20.25
N ASN O 521 -32.61 119.25 20.72
CA ASN O 521 -33.35 120.50 20.90
C ASN O 521 -32.67 121.33 22.00
N ASP O 522 -32.14 122.48 21.62
CA ASP O 522 -31.37 123.31 22.55
C ASP O 522 -32.20 123.83 23.72
N PHE O 523 -33.52 123.98 23.53
CA PHE O 523 -34.37 124.47 24.61
C PHE O 523 -34.19 123.69 25.90
N ALA O 524 -33.72 122.44 25.81
CA ALA O 524 -33.51 121.66 27.02
C ALA O 524 -32.68 122.41 28.04
N GLU O 525 -31.70 123.19 27.57
CA GLU O 525 -30.83 123.90 28.51
C GLU O 525 -31.65 124.72 29.48
N ASP O 526 -32.69 125.40 29.00
CA ASP O 526 -33.52 126.18 29.91
C ASP O 526 -34.39 125.28 30.78
N SER O 527 -35.02 124.26 30.19
CA SER O 527 -35.86 123.39 30.99
C SER O 527 -35.05 122.76 32.10
N LEU O 528 -33.88 122.22 31.76
CA LEU O 528 -33.02 121.62 32.77
C LEU O 528 -32.73 122.61 33.88
N ARG O 529 -32.47 123.87 33.52
CA ARG O 529 -32.19 124.87 34.55
C ARG O 529 -33.28 124.88 35.60
N VAL O 530 -34.55 124.91 35.18
CA VAL O 530 -35.63 124.83 36.16
C VAL O 530 -35.59 123.49 36.87
N ILE O 531 -35.57 122.41 36.10
CA ILE O 531 -35.72 121.08 36.70
C ILE O 531 -34.60 120.83 37.71
N GLN O 532 -33.36 121.10 37.28
CA GLN O 532 -32.24 120.92 38.19
C GLN O 532 -32.48 121.68 39.49
N HIS O 533 -32.87 122.96 39.40
CA HIS O 533 -33.08 123.73 40.62
C HIS O 533 -34.04 122.99 41.53
N ASN O 534 -35.15 122.49 40.97
CA ASN O 534 -36.16 121.86 41.80
C ASN O 534 -35.56 120.69 42.57
N ALA O 535 -34.75 119.86 41.90
CA ALA O 535 -34.17 118.71 42.60
C ALA O 535 -33.25 119.17 43.71
N LEU O 536 -32.48 120.23 43.47
CA LEU O 536 -31.67 120.79 44.54
C LEU O 536 -32.56 121.43 45.60
N GLU O 537 -33.67 122.03 45.17
CA GLU O 537 -34.45 122.88 46.06
C GLU O 537 -34.85 122.15 47.34
N ASP O 538 -35.06 120.84 47.25
CA ASP O 538 -35.36 120.05 48.43
C ASP O 538 -34.11 119.92 49.28
N ARG O 539 -34.02 120.72 50.33
CA ARG O 539 -32.91 120.70 51.27
C ARG O 539 -33.25 119.93 52.55
N SER O 540 -34.43 119.33 52.62
CA SER O 540 -34.98 118.83 53.87
C SER O 540 -34.86 117.32 53.91
N ILE O 541 -34.01 116.83 54.80
CA ILE O 541 -33.88 115.40 55.09
C ILE O 541 -34.76 115.14 56.31
N SER O 542 -35.93 114.55 56.07
CA SER O 542 -36.95 114.46 57.10
C SER O 542 -36.80 113.26 58.02
N ASP O 543 -36.05 112.22 57.62
CA ASP O 543 -36.03 110.99 58.40
C ASP O 543 -34.68 110.29 58.24
N LYS O 544 -34.54 109.16 58.92
CA LYS O 544 -33.29 108.41 58.94
C LYS O 544 -32.92 107.88 57.57
N GLN O 545 -33.91 107.42 56.80
CA GLN O 545 -33.59 106.78 55.51
C GLN O 545 -32.92 107.76 54.55
N GLN O 546 -33.46 108.96 54.41
CA GLN O 546 -32.85 109.96 53.56
C GLN O 546 -31.57 110.50 54.17
N TRP O 547 -31.47 110.51 55.49
CA TRP O 547 -30.23 110.88 56.15
C TRP O 547 -29.11 109.92 55.73
N ASP O 548 -29.41 108.62 55.72
CA ASP O 548 -28.42 107.62 55.34
C ASP O 548 -28.10 107.69 53.85
N ALA O 549 -29.11 107.90 52.99
CA ALA O 549 -28.82 108.05 51.58
C ALA O 549 -27.92 109.26 51.33
N ALA O 550 -28.21 110.36 52.03
CA ALA O 550 -27.41 111.57 51.92
C ALA O 550 -25.98 111.33 52.36
N ILE O 551 -25.79 110.67 53.50
CA ILE O 551 -24.45 110.39 53.99
C ILE O 551 -23.73 109.46 53.04
N TYR O 552 -24.44 108.49 52.45
CA TYR O 552 -23.81 107.61 51.48
C TYR O 552 -23.25 108.39 50.31
N PHE O 553 -24.08 109.25 49.70
CA PHE O 553 -23.58 109.96 48.51
C PHE O 553 -22.44 110.89 48.89
N MET O 554 -22.54 111.56 50.04
CA MET O 554 -21.46 112.43 50.48
C MET O 554 -20.17 111.65 50.70
N GLU O 555 -20.27 110.48 51.33
CA GLU O 555 -19.10 109.64 51.54
C GLU O 555 -18.49 109.21 50.22
N GLU O 556 -19.32 108.79 49.26
CA GLU O 556 -18.80 108.33 47.98
C GLU O 556 -18.07 109.47 47.26
N ALA O 557 -18.72 110.62 47.13
CA ALA O 557 -18.15 111.72 46.38
C ALA O 557 -16.87 112.23 47.03
N LEU O 558 -16.84 112.29 48.36
CA LEU O 558 -15.64 112.79 49.03
C LEU O 558 -14.52 111.74 49.06
N GLN O 559 -14.87 110.45 49.14
CA GLN O 559 -13.86 109.40 49.14
C GLN O 559 -13.14 109.33 47.80
N ALA O 560 -13.86 109.54 46.70
CA ALA O 560 -13.17 109.52 45.41
C ALA O 560 -12.07 110.59 45.37
N ARG O 561 -12.41 111.83 45.76
CA ARG O 561 -11.43 112.90 45.71
C ARG O 561 -10.35 112.69 46.75
N LEU O 562 -10.69 112.13 47.91
CA LEU O 562 -9.69 111.85 48.92
C LEU O 562 -8.68 110.82 48.43
N LYS O 563 -9.14 109.79 47.73
CA LYS O 563 -8.23 108.79 47.18
C LYS O 563 -7.32 109.41 46.12
N ASP O 564 -7.88 110.29 45.28
CA ASP O 564 -7.04 110.96 44.30
C ASP O 564 -5.97 111.81 44.99
N THR O 565 -6.37 112.58 46.02
CA THR O 565 -5.43 113.42 46.73
C THR O 565 -4.37 112.58 47.43
N GLU O 566 -4.76 111.44 48.00
CA GLU O 566 -3.81 110.58 48.69
C GLU O 566 -2.82 109.96 47.72
N ASN O 567 -3.26 109.56 46.53
CA ASN O 567 -2.31 109.05 45.55
C ASN O 567 -1.32 110.14 45.14
N ALA O 568 -1.83 111.36 44.91
CA ALA O 568 -0.93 112.46 44.57
C ALA O 568 0.08 112.71 45.69
N ILE O 569 -0.40 112.69 46.93
CA ILE O 569 0.48 112.96 48.06
C ILE O 569 1.51 111.85 48.25
N GLU O 570 1.10 110.59 48.02
CA GLU O 570 2.07 109.51 48.13
C GLU O 570 3.17 109.64 47.09
N ASN O 571 2.81 109.98 45.85
CA ASN O 571 3.85 110.19 44.84
C ASN O 571 4.72 111.40 45.20
N MET O 572 4.11 112.44 45.75
CA MET O 572 4.82 113.69 46.01
C MET O 572 5.77 113.55 47.20
N VAL O 573 5.35 112.85 48.24
CA VAL O 573 6.11 112.75 49.48
C VAL O 573 7.07 111.57 49.47
N GLY O 574 6.64 110.44 48.88
CA GLY O 574 7.50 109.29 48.77
C GLY O 574 7.05 108.13 49.64
N PRO O 575 7.77 107.02 49.57
CA PRO O 575 7.37 105.82 50.31
C PRO O 575 7.53 105.99 51.82
N ASP O 576 6.87 105.08 52.53
CA ASP O 576 6.96 105.03 53.98
C ASP O 576 8.29 104.38 54.37
N TRP O 577 8.63 104.42 55.67
CA TRP O 577 9.87 103.84 56.12
C TRP O 577 9.89 102.32 55.88
N LYS O 578 8.74 101.68 56.07
CA LYS O 578 8.66 100.23 55.88
C LYS O 578 9.13 99.86 54.48
N LYS O 579 8.68 100.62 53.49
CA LYS O 579 9.14 100.37 52.12
C LYS O 579 10.63 100.66 51.99
N ARG O 580 11.10 101.70 52.68
CA ARG O 580 12.48 102.15 52.51
C ARG O 580 13.47 101.09 52.97
N TRP O 581 13.15 100.34 54.04
CA TRP O 581 14.03 99.24 54.45
C TRP O 581 13.60 97.84 54.02
N LEU O 582 12.33 97.59 53.71
CA LEU O 582 11.94 96.24 53.30
C LEU O 582 12.06 96.04 51.80
N TYR O 583 11.70 97.04 51.01
CA TYR O 583 11.82 96.98 49.56
C TYR O 583 12.85 97.97 49.02
N TRP O 584 13.58 98.64 49.91
CA TRP O 584 14.64 99.57 49.53
C TRP O 584 14.10 100.67 48.62
N LYS O 585 12.89 101.14 48.92
CA LYS O 585 12.28 102.24 48.18
C LYS O 585 12.79 103.55 48.80
N ASN O 586 14.04 103.87 48.47
CA ASN O 586 14.65 105.08 48.99
C ASN O 586 14.01 106.31 48.38
N ARG O 587 13.87 107.36 49.19
CA ARG O 587 13.23 108.58 48.75
C ARG O 587 14.19 109.44 47.95
N THR O 588 13.62 110.28 47.09
CA THR O 588 14.39 111.31 46.40
C THR O 588 14.51 112.55 47.28
N GLN O 589 15.40 113.45 46.87
CA GLN O 589 15.58 114.69 47.61
C GLN O 589 14.29 115.51 47.63
N GLU O 590 13.61 115.58 46.49
CA GLU O 590 12.33 116.28 46.46
C GLU O 590 11.33 115.63 47.40
N GLN O 591 11.30 114.30 47.42
CA GLN O 591 10.37 113.60 48.30
C GLN O 591 10.66 113.89 49.77
N CYS O 592 11.94 113.93 50.15
CA CYS O 592 12.29 114.26 51.53
C CYS O 592 11.86 115.69 51.87
N VAL O 593 12.12 116.63 50.97
CA VAL O 593 11.73 118.02 51.22
C VAL O 593 10.22 118.11 51.39
N HIS O 594 9.49 117.47 50.47
CA HIS O 594 8.04 117.47 50.52
C HIS O 594 7.54 116.83 51.82
N ASN O 595 8.21 115.77 52.26
CA ASN O 595 7.84 115.11 53.50
C ASN O 595 7.98 116.05 54.69
N GLU O 596 9.10 116.79 54.75
CA GLU O 596 9.29 117.70 55.88
C GLU O 596 8.30 118.86 55.84
N THR O 597 8.03 119.41 54.64
CA THR O 597 7.04 120.47 54.54
C THR O 597 5.65 119.96 54.94
N LYS O 598 5.31 118.74 54.52
CA LYS O 598 4.06 118.12 54.92
C LYS O 598 4.01 117.96 56.43
N ASN O 599 5.12 117.57 57.05
CA ASN O 599 5.14 117.43 58.50
C ASN O 599 4.86 118.76 59.19
N GLU O 600 5.42 119.84 58.66
CA GLU O 600 5.14 121.17 59.21
C GLU O 600 3.65 121.50 59.10
N LEU O 601 3.09 121.36 57.90
CA LEU O 601 1.69 121.72 57.70
C LEU O 601 0.78 120.82 58.50
N GLU O 602 1.18 119.55 58.65
CA GLU O 602 0.36 118.58 59.34
C GLU O 602 0.40 118.77 60.85
N LYS O 603 1.55 119.16 61.42
CA LYS O 603 1.48 119.49 62.84
C LYS O 603 0.54 120.66 63.03
N MET O 604 0.60 121.65 62.12
CA MET O 604 -0.30 122.79 62.26
C MET O 604 -1.75 122.32 62.25
N LEU O 605 -2.12 121.47 61.28
CA LEU O 605 -3.50 121.03 61.16
C LEU O 605 -3.90 120.10 62.30
N LYS O 606 -2.98 119.26 62.78
CA LYS O 606 -3.28 118.38 63.91
C LYS O 606 -3.56 119.18 65.17
N CYS O 607 -2.76 120.23 65.42
CA CYS O 607 -3.02 121.08 66.57
C CYS O 607 -4.34 121.83 66.42
N ASN O 608 -4.68 122.23 65.20
CA ASN O 608 -5.90 123.00 64.94
C ASN O 608 -6.51 122.50 63.63
N GLU O 609 -7.52 121.64 63.73
CA GLU O 609 -8.22 121.13 62.56
C GLU O 609 -9.10 122.17 61.89
N GLU O 610 -9.35 123.31 62.55
CA GLU O 610 -10.24 124.34 62.02
C GLU O 610 -9.52 125.30 61.08
N HIS O 611 -8.22 125.12 60.87
CA HIS O 611 -7.49 126.09 60.07
C HIS O 611 -8.05 126.13 58.65
N PRO O 612 -8.28 127.30 58.07
CA PRO O 612 -8.78 127.38 56.70
C PRO O 612 -7.69 127.08 55.68
N ALA O 613 -8.11 126.95 54.43
CA ALA O 613 -7.17 126.61 53.37
C ALA O 613 -6.08 127.65 53.22
N TYR O 614 -6.41 128.93 53.34
CA TYR O 614 -5.49 129.99 52.96
C TYR O 614 -4.66 130.46 54.15
N LEU O 615 -3.34 130.42 53.98
CA LEU O 615 -2.37 130.86 54.96
C LEU O 615 -1.98 132.31 54.68
N ALA O 616 -1.27 132.90 55.64
CA ALA O 616 -0.63 134.18 55.40
C ALA O 616 0.64 133.99 54.56
N SER O 617 1.02 135.04 53.83
CA SER O 617 2.30 135.00 53.12
C SER O 617 3.46 134.96 54.11
N ASP O 618 3.36 135.69 55.21
CA ASP O 618 4.36 135.58 56.26
C ASP O 618 4.35 134.19 56.87
N GLU O 619 3.21 133.51 56.86
CA GLU O 619 3.18 132.11 57.27
C GLU O 619 3.99 131.25 56.30
N ILE O 620 3.90 131.53 54.99
CA ILE O 620 4.73 130.84 54.02
C ILE O 620 6.20 131.08 54.33
N THR O 621 6.55 132.33 54.63
CA THR O 621 7.93 132.65 54.98
C THR O 621 8.37 131.93 56.24
N THR O 622 7.48 131.85 57.24
CA THR O 622 7.79 131.14 58.48
C THR O 622 8.02 129.65 58.21
N VAL O 623 7.19 129.05 57.36
CA VAL O 623 7.38 127.65 57.00
C VAL O 623 8.73 127.47 56.31
N ARG O 624 9.05 128.34 55.36
CA ARG O 624 10.34 128.25 54.70
C ARG O 624 11.46 128.35 55.72
N LYS O 625 11.33 129.29 56.66
CA LYS O 625 12.39 129.54 57.61
C LYS O 625 12.61 128.35 58.53
N ASN O 626 11.53 127.75 59.03
CA ASN O 626 11.67 126.59 59.88
C ASN O 626 12.25 125.40 59.11
N LEU O 627 11.75 125.17 57.89
CA LEU O 627 12.27 124.06 57.09
C LEU O 627 13.74 124.25 56.78
N GLU O 628 14.13 125.48 56.45
CA GLU O 628 15.53 125.79 56.21
C GLU O 628 16.36 125.60 57.47
N SER O 629 15.82 126.01 58.63
CA SER O 629 16.56 125.89 59.88
C SER O 629 16.83 124.43 60.21
N ARG O 630 15.83 123.56 60.06
CA ARG O 630 16.08 122.14 60.28
C ARG O 630 17.01 121.58 59.22
N GLY O 631 17.03 122.19 58.04
CA GLY O 631 17.92 121.75 56.98
C GLY O 631 17.19 121.27 55.74
N VAL O 632 16.02 121.85 55.47
CA VAL O 632 15.21 121.51 54.32
C VAL O 632 15.07 122.74 53.43
N GLU O 633 15.38 122.57 52.15
CA GLU O 633 15.28 123.66 51.18
C GLU O 633 13.85 123.74 50.69
N VAL O 634 13.25 124.93 50.84
CA VAL O 634 11.84 125.11 50.51
C VAL O 634 11.62 126.54 50.01
N ASP O 635 10.67 126.68 49.10
CA ASP O 635 10.30 127.94 48.49
C ASP O 635 8.78 128.07 48.49
N PRO O 636 8.25 129.27 48.29
CA PRO O 636 6.80 129.46 48.42
C PRO O 636 5.96 128.58 47.51
N SER O 637 6.51 128.18 46.36
CA SER O 637 5.73 127.36 45.42
C SER O 637 5.62 125.92 45.89
N LEU O 638 6.71 125.37 46.43
CA LEU O 638 6.64 124.05 47.03
C LEU O 638 5.64 124.03 48.18
N ILE O 639 5.66 125.08 49.02
CA ILE O 639 4.72 125.13 50.12
C ILE O 639 3.29 125.24 49.62
N LYS O 640 3.05 126.03 48.57
CA LYS O 640 1.68 126.20 48.11
C LYS O 640 1.14 124.91 47.49
N ASP O 641 1.96 124.20 46.73
CA ASP O 641 1.48 122.92 46.17
C ASP O 641 1.27 121.88 47.27
N THR O 642 2.25 121.75 48.16
CA THR O 642 2.13 120.79 49.26
C THR O 642 0.91 121.11 50.10
N TRP O 643 0.75 122.42 50.36
CA TRP O 643 -0.36 122.96 51.17
C TRP O 643 -1.68 122.59 50.49
N HIS O 644 -1.82 122.81 49.20
CA HIS O 644 -3.07 122.53 48.51
C HIS O 644 -3.43 121.06 48.67
N GLN O 645 -2.49 120.16 48.35
CA GLN O 645 -2.81 118.74 48.44
C GLN O 645 -3.08 118.33 49.89
N VAL O 646 -2.26 118.80 50.82
CA VAL O 646 -2.36 118.37 52.21
C VAL O 646 -3.65 118.88 52.84
N TYR O 647 -3.99 120.14 52.60
CA TYR O 647 -5.21 120.70 53.16
C TYR O 647 -6.44 120.04 52.56
N ARG O 648 -6.41 119.72 51.26
CA ARG O 648 -7.53 119.00 50.70
C ARG O 648 -7.67 117.61 51.31
N ARG O 649 -6.55 116.93 51.54
CA ARG O 649 -6.63 115.63 52.20
C ARG O 649 -7.22 115.76 53.60
N HIS O 650 -6.71 116.72 54.38
CA HIS O 650 -7.23 116.98 55.71
C HIS O 650 -8.72 117.30 55.66
N PHE O 651 -9.11 118.17 54.73
CA PHE O 651 -10.49 118.58 54.58
C PHE O 651 -11.41 117.39 54.29
N LEU O 652 -11.02 116.55 53.33
CA LEU O 652 -11.87 115.44 52.94
C LEU O 652 -11.93 114.36 54.01
N LYS O 653 -10.78 114.07 54.65
CA LYS O 653 -10.78 113.04 55.69
C LYS O 653 -11.54 113.53 56.92
N THR O 654 -11.44 114.82 57.24
CA THR O 654 -12.25 115.38 58.31
C THR O 654 -13.73 115.29 57.95
N ALA O 655 -14.06 115.52 56.69
CA ALA O 655 -15.45 115.36 56.26
C ALA O 655 -15.93 113.93 56.45
N LEU O 656 -15.07 112.95 56.17
CA LEU O 656 -15.48 111.56 56.34
C LEU O 656 -15.56 111.16 57.82
N ASN O 657 -14.70 111.72 58.67
CA ASN O 657 -14.89 111.50 60.11
C ASN O 657 -16.19 112.16 60.58
N HIS O 658 -16.53 113.30 59.99
CA HIS O 658 -17.80 113.93 60.27
C HIS O 658 -18.95 113.07 59.76
N CYS O 659 -18.73 112.31 58.67
CA CYS O 659 -19.70 111.29 58.28
C CYS O 659 -19.86 110.25 59.38
N ASN O 660 -18.74 109.78 59.91
CA ASN O 660 -18.79 108.77 60.98
C ASN O 660 -19.58 109.28 62.17
N LEU O 661 -19.48 110.58 62.47
CA LEU O 661 -20.24 111.15 63.58
C LEU O 661 -21.68 111.46 63.21
N CYS O 662 -21.96 111.87 61.97
CA CYS O 662 -23.33 112.11 61.54
C CYS O 662 -24.14 110.82 61.59
N ARG O 663 -23.51 109.70 61.24
CA ARG O 663 -24.22 108.42 61.26
C ARG O 663 -24.92 108.19 62.59
N ARG O 664 -24.47 108.85 63.66
CA ARG O 664 -25.09 108.72 64.97
C ARG O 664 -25.25 110.09 65.63
N GLY O 665 -25.68 111.09 64.85
CA GLY O 665 -25.97 112.38 65.45
C GLY O 665 -27.38 112.85 65.22
N PHE O 666 -28.19 112.81 66.28
CA PHE O 666 -29.53 113.40 66.29
C PHE O 666 -29.88 114.08 67.60
N TYR O 667 -29.28 113.70 68.72
CA TYR O 667 -29.67 114.23 70.03
C TYR O 667 -29.32 115.72 70.13
N TYR O 668 -28.17 116.09 69.57
CA TYR O 668 -27.67 117.46 69.72
C TYR O 668 -28.73 118.46 69.28
N TYR O 669 -29.46 118.13 68.22
CA TYR O 669 -30.40 119.06 67.62
C TYR O 669 -31.74 119.05 68.35
N GLN O 670 -32.07 117.91 68.99
CA GLN O 670 -33.20 117.90 69.91
C GLN O 670 -32.95 118.81 71.10
N ARG O 671 -31.71 118.83 71.62
CA ARG O 671 -31.42 119.56 72.85
C ARG O 671 -30.93 120.98 72.63
N HIS O 672 -30.47 121.33 71.43
CA HIS O 672 -29.89 122.66 71.18
C HIS O 672 -28.71 122.92 72.12
N PHE O 673 -27.93 121.88 72.39
CA PHE O 673 -26.84 121.98 73.36
C PHE O 673 -25.73 122.86 72.78
N VAL O 674 -25.24 123.80 73.61
CA VAL O 674 -24.38 124.86 73.11
C VAL O 674 -22.94 124.41 72.83
N ASP O 675 -22.44 123.40 73.53
CA ASP O 675 -21.05 122.96 73.36
C ASP O 675 -20.86 122.02 72.19
N SER O 676 -21.89 121.81 71.37
CA SER O 676 -21.86 120.81 70.32
C SER O 676 -21.21 121.38 69.06
N GLU O 677 -20.03 120.88 68.72
CA GLU O 677 -19.39 121.29 67.48
C GLU O 677 -20.09 120.69 66.26
N LEU O 678 -20.53 119.44 66.36
CA LEU O 678 -21.05 118.71 65.20
C LEU O 678 -22.28 119.39 64.63
N GLU O 679 -22.20 119.79 63.35
CA GLU O 679 -23.36 120.21 62.57
C GLU O 679 -23.27 119.54 61.21
N CYS O 680 -24.27 118.73 60.88
CA CYS O 680 -24.23 117.84 59.73
C CYS O 680 -25.02 118.44 58.58
N ASN O 681 -24.41 119.41 57.88
CA ASN O 681 -25.06 120.10 56.78
C ASN O 681 -24.53 119.75 55.40
N ASP O 682 -23.31 119.20 55.30
CA ASP O 682 -22.79 118.76 54.01
C ASP O 682 -23.63 117.61 53.46
N VAL O 683 -24.22 116.84 54.37
CA VAL O 683 -25.06 115.71 54.02
C VAL O 683 -26.20 116.17 53.11
N VAL O 684 -26.79 117.33 53.42
CA VAL O 684 -27.88 117.86 52.62
C VAL O 684 -27.41 118.19 51.21
N LEU O 685 -26.22 118.79 51.08
CA LEU O 685 -25.68 119.10 49.76
C LEU O 685 -25.57 117.86 48.90
N PHE O 686 -24.92 116.82 49.41
CA PHE O 686 -24.72 115.66 48.55
C PHE O 686 -26.01 114.88 48.32
N TRP O 687 -26.95 114.93 49.27
CA TRP O 687 -28.29 114.40 49.02
C TRP O 687 -28.94 115.12 47.84
N ARG O 688 -28.91 116.46 47.88
CA ARG O 688 -29.49 117.26 46.82
C ARG O 688 -28.85 116.94 45.48
N ILE O 689 -27.53 116.80 45.46
CA ILE O 689 -26.84 116.57 44.20
C ILE O 689 -27.14 115.17 43.67
N GLN O 690 -27.22 114.17 44.54
CA GLN O 690 -27.62 112.85 44.09
C GLN O 690 -29.00 112.90 43.44
N ARG O 691 -29.94 113.57 44.09
CA ARG O 691 -31.30 113.63 43.53
C ARG O 691 -31.32 114.46 42.25
N MET O 692 -30.48 115.50 42.16
CA MET O 692 -30.41 116.30 40.95
C MET O 692 -29.81 115.51 39.80
N LEU O 693 -28.81 114.67 40.08
CA LEU O 693 -28.28 113.81 39.04
C LEU O 693 -29.35 112.88 38.53
N ALA O 694 -30.14 112.31 39.45
CA ALA O 694 -31.23 111.44 39.03
C ALA O 694 -32.22 112.21 38.16
N ILE O 695 -32.60 113.42 38.56
CA ILE O 695 -33.64 114.15 37.83
C ILE O 695 -33.13 114.56 36.45
N THR O 696 -31.88 115.00 36.36
CA THR O 696 -31.33 115.40 35.07
C THR O 696 -31.23 114.21 34.14
N ALA O 697 -30.74 113.07 34.64
CA ALA O 697 -30.65 111.88 33.80
C ALA O 697 -32.03 111.46 33.31
N ASN O 698 -33.04 111.53 34.18
CA ASN O 698 -34.36 111.06 33.80
C ASN O 698 -35.01 111.99 32.79
N THR O 699 -34.86 113.30 32.98
CA THR O 699 -35.42 114.25 32.02
C THR O 699 -34.76 114.07 30.66
N LEU O 700 -33.43 113.90 30.65
CA LEU O 700 -32.74 113.69 29.40
C LEU O 700 -33.20 112.40 28.73
N ARG O 701 -33.39 111.35 29.52
CA ARG O 701 -33.89 110.09 28.96
C ARG O 701 -35.25 110.28 28.33
N GLN O 702 -36.14 111.00 29.01
CA GLN O 702 -37.49 111.17 28.48
C GLN O 702 -37.46 111.96 27.17
N GLN O 703 -36.69 113.05 27.13
CA GLN O 703 -36.51 113.78 25.88
C GLN O 703 -35.98 112.86 24.79
N LEU O 704 -35.06 111.97 25.16
CA LEU O 704 -34.47 111.05 24.20
C LEU O 704 -35.52 110.08 23.66
N THR O 705 -36.28 109.46 24.57
CA THR O 705 -37.13 108.32 24.21
C THR O 705 -38.45 108.73 23.58
N ASN O 706 -38.91 109.97 23.79
CA ASN O 706 -40.16 110.39 23.18
C ASN O 706 -40.02 111.40 22.05
N THR O 707 -38.91 112.15 22.01
CA THR O 707 -38.76 113.17 20.99
C THR O 707 -37.57 112.89 20.07
N GLU O 708 -36.40 112.66 20.67
CA GLU O 708 -35.18 112.60 19.88
C GLU O 708 -34.97 111.25 19.22
N VAL O 709 -35.35 110.15 19.90
CA VAL O 709 -35.10 108.83 19.33
C VAL O 709 -35.97 108.59 18.10
N ARG O 710 -37.22 109.07 18.12
CA ARG O 710 -38.08 108.93 16.95
C ARG O 710 -37.61 109.82 15.81
N ARG O 711 -37.09 111.01 16.12
CA ARG O 711 -36.47 111.83 15.09
C ARG O 711 -35.26 111.12 14.50
N LEU O 712 -34.50 110.41 15.34
CA LEU O 712 -33.36 109.65 14.87
C LEU O 712 -33.81 108.52 13.95
N GLU O 713 -34.89 107.83 14.30
CA GLU O 713 -35.40 106.77 13.44
C GLU O 713 -35.81 107.34 12.08
N LYS O 714 -36.47 108.50 12.08
CA LYS O 714 -36.82 109.15 10.81
C LYS O 714 -35.57 109.48 10.01
N ASN O 715 -34.57 110.05 10.66
CA ASN O 715 -33.34 110.43 9.96
C ASN O 715 -32.62 109.20 9.42
N VAL O 716 -32.63 108.10 10.18
CA VAL O 716 -31.99 106.87 9.72
C VAL O 716 -32.71 106.32 8.50
N LYS O 717 -34.05 106.35 8.52
CA LYS O 717 -34.79 105.88 7.34
C LYS O 717 -34.47 106.76 6.14
N GLU O 718 -34.37 108.08 6.34
CA GLU O 718 -34.01 108.96 5.24
C GLU O 718 -32.62 108.64 4.70
N VAL O 719 -31.66 108.42 5.60
CA VAL O 719 -30.29 108.10 5.18
C VAL O 719 -30.26 106.79 4.43
N LEU O 720 -30.99 105.79 4.92
CA LEU O 720 -31.01 104.49 4.26
C LEU O 720 -31.64 104.58 2.88
N GLU O 721 -32.70 105.38 2.74
CA GLU O 721 -33.29 105.57 1.42
C GLU O 721 -32.31 106.26 0.48
N ASP O 722 -31.63 107.30 0.97
CA ASP O 722 -30.68 108.01 0.13
C ASP O 722 -29.53 107.11 -0.31
N PHE O 723 -29.10 106.21 0.59
CA PHE O 723 -28.02 105.29 0.24
C PHE O 723 -28.53 104.18 -0.68
N ALA O 724 -29.81 103.80 -0.54
CA ALA O 724 -30.39 102.79 -1.42
C ALA O 724 -30.46 103.31 -2.84
N GLU O 725 -30.81 104.57 -3.02
CA GLU O 725 -30.84 105.13 -4.37
C GLU O 725 -29.43 105.31 -4.93
N ASP O 726 -28.44 105.51 -4.07
CA ASP O 726 -27.06 105.73 -4.51
C ASP O 726 -26.48 104.41 -5.01
N GLY O 727 -26.31 104.31 -6.33
CA GLY O 727 -25.68 103.12 -6.89
C GLY O 727 -24.20 103.02 -6.52
N GLU O 728 -23.52 104.18 -6.47
CA GLU O 728 -22.11 104.18 -6.13
C GLU O 728 -21.88 103.64 -4.71
N LYS O 729 -22.76 103.98 -3.77
CA LYS O 729 -22.60 103.49 -2.42
C LYS O 729 -22.76 101.97 -2.35
N LYS O 730 -23.73 101.43 -3.09
CA LYS O 730 -23.85 99.98 -3.17
C LYS O 730 -22.62 99.35 -3.81
N ILE O 731 -22.06 100.01 -4.82
CA ILE O 731 -20.86 99.49 -5.47
C ILE O 731 -19.69 99.47 -4.49
N LYS O 732 -19.52 100.53 -3.70
CA LYS O 732 -18.37 100.66 -2.81
C LYS O 732 -18.67 100.26 -1.37
N LEU O 733 -19.89 99.79 -1.09
CA LEU O 733 -20.20 99.17 0.18
C LEU O 733 -20.89 97.83 -0.07
N LEU O 734 -20.78 96.94 0.91
CA LEU O 734 -21.46 95.65 0.87
C LEU O 734 -21.08 94.87 -0.39
N THR O 735 -19.77 94.70 -0.59
CA THR O 735 -19.22 94.08 -1.79
C THR O 735 -18.70 92.67 -1.53
N GLY O 736 -18.87 92.13 -0.33
CA GLY O 736 -18.14 90.94 0.08
C GLY O 736 -18.67 89.62 -0.43
N LYS O 737 -19.87 89.56 -0.98
CA LYS O 737 -20.46 88.26 -1.28
C LYS O 737 -19.83 87.65 -2.53
N ARG O 738 -19.91 86.32 -2.61
CA ARG O 738 -19.41 85.53 -3.73
C ARG O 738 -20.43 85.37 -4.85
N VAL O 739 -21.58 86.04 -4.74
CA VAL O 739 -22.63 85.88 -5.76
C VAL O 739 -22.12 86.31 -7.13
N GLN O 740 -21.15 87.23 -7.15
CA GLN O 740 -20.65 87.75 -8.42
C GLN O 740 -20.07 86.61 -9.26
N LEU O 741 -19.33 85.72 -8.62
CA LEU O 741 -18.76 84.58 -9.33
C LEU O 741 -19.86 83.70 -9.93
N ALA O 742 -20.93 83.47 -9.18
CA ALA O 742 -22.04 82.66 -9.65
C ALA O 742 -22.80 83.31 -10.80
N GLU O 743 -22.78 84.65 -10.86
CA GLU O 743 -23.49 85.34 -11.92
C GLU O 743 -22.91 84.98 -13.29
N ASP O 744 -21.59 84.84 -13.39
CA ASP O 744 -21.00 84.36 -14.64
C ASP O 744 -21.44 82.94 -14.95
N LEU O 745 -21.38 82.04 -13.95
CA LEU O 745 -21.76 80.60 -14.14
C LEU O 745 -23.15 80.58 -14.81
N LYS O 746 -24.07 81.45 -14.39
CA LYS O 746 -25.49 81.47 -14.89
C LYS O 746 -25.59 82.24 -16.22
N LYS O 747 -24.88 83.37 -16.38
CA LYS O 747 -25.03 84.23 -17.56
C LYS O 747 -24.48 83.57 -18.83
N VAL O 748 -23.40 82.79 -18.74
CA VAL O 748 -22.75 82.20 -19.96
C VAL O 748 -23.69 81.13 -20.57
N ARG O 749 -24.86 80.83 -19.98
CA ARG O 749 -25.87 79.86 -20.52
C ARG O 749 -26.39 80.28 -21.91
N GLU O 750 -26.44 81.58 -22.28
CA GLU O 750 -26.85 82.01 -23.61
C GLU O 750 -25.78 81.66 -24.64
N ILE O 751 -24.52 81.88 -24.29
CA ILE O 751 -23.43 81.56 -25.20
C ILE O 751 -23.44 80.06 -25.41
N GLN O 752 -23.64 79.30 -24.31
CA GLN O 752 -23.65 77.80 -24.33
C GLN O 752 -24.76 77.32 -25.30
N GLU O 753 -25.95 77.93 -25.28
CA GLU O 753 -27.04 77.56 -26.18
C GLU O 753 -26.78 77.88 -27.64
N LYS O 754 -26.29 79.10 -27.92
CA LYS O 754 -26.03 79.47 -29.30
C LYS O 754 -24.97 78.57 -29.92
N LEU O 755 -23.90 78.28 -29.17
CA LEU O 755 -22.80 77.50 -29.72
C LEU O 755 -23.21 76.05 -30.00
N ASP O 756 -23.95 75.44 -29.07
CA ASP O 756 -24.35 74.05 -29.26
C ASP O 756 -25.34 73.90 -30.40
N ALA O 757 -26.32 74.81 -30.48
CA ALA O 757 -27.24 74.75 -31.61
C ALA O 757 -26.54 74.99 -32.94
N PHE O 758 -25.52 75.85 -32.95
CA PHE O 758 -24.74 76.04 -34.17
C PHE O 758 -23.98 74.78 -34.55
N ILE O 759 -23.48 74.04 -33.55
CA ILE O 759 -22.79 72.79 -33.84
C ILE O 759 -23.78 71.81 -34.46
N GLU O 760 -24.97 71.67 -33.85
CA GLU O 760 -26.03 70.75 -34.37
C GLU O 760 -26.31 71.19 -35.80
N ALA O 761 -26.45 72.51 -36.04
CA ALA O 761 -26.77 73.07 -37.38
C ALA O 761 -25.63 72.72 -38.35
N LEU O 762 -24.36 72.86 -37.93
CA LEU O 762 -23.19 72.57 -38.82
C LEU O 762 -23.47 71.18 -39.42
N HIS O 763 -23.74 70.19 -38.58
CA HIS O 763 -23.94 68.77 -39.02
C HIS O 763 -25.18 68.59 -39.93
N GLN O 764 -26.32 69.21 -39.61
CA GLN O 764 -27.57 68.98 -40.41
C GLN O 764 -27.32 69.51 -41.84
N GLU O 765 -26.67 70.68 -41.95
CA GLU O 765 -26.34 71.31 -43.27
C GLU O 765 -25.34 70.37 -44.00
N LYS O 766 -24.37 69.79 -43.28
CA LYS O 766 -23.38 68.81 -43.85
C LYS O 766 -24.10 67.44 -43.93
N ALA P 1 28.47 126.93 27.46
CA ALA P 1 27.53 128.04 27.48
C ALA P 1 26.12 127.55 27.76
N THR P 2 25.84 126.32 27.35
CA THR P 2 24.52 125.73 27.58
C THR P 2 24.25 125.59 29.08
N ASP P 3 23.01 125.85 29.47
CA ASP P 3 22.59 125.73 30.87
C ASP P 3 23.43 126.62 31.78
N ARG P 4 23.74 127.83 31.30
CA ARG P 4 24.46 128.82 32.08
C ARG P 4 23.55 130.01 32.32
N GLY P 5 23.46 130.46 33.58
CA GLY P 5 22.56 131.54 33.92
C GLY P 5 22.92 132.86 33.24
N SER P 6 24.21 133.20 33.23
CA SER P 6 24.65 134.44 32.60
C SER P 6 24.36 134.43 31.11
N GLU P 7 24.58 133.28 30.46
CA GLU P 7 24.27 133.16 29.04
C GLU P 7 22.78 133.36 28.80
N SER P 8 21.94 132.79 29.67
CA SER P 8 20.50 132.99 29.56
C SER P 8 20.15 134.47 29.70
N ASP P 9 20.79 135.17 30.65
CA ASP P 9 20.53 136.58 30.82
C ASP P 9 20.89 137.37 29.56
N LYS P 10 22.04 137.05 28.97
CA LYS P 10 22.47 137.76 27.76
C LYS P 10 21.49 137.51 26.60
N HIS P 11 21.04 136.26 26.45
CA HIS P 11 20.05 135.94 25.43
C HIS P 11 18.76 136.72 25.66
N PHE P 12 18.32 136.80 26.92
CA PHE P 12 17.13 137.57 27.23
C PHE P 12 17.32 139.05 26.89
N ARG P 13 18.52 139.58 27.15
CA ARG P 13 18.77 140.98 26.81
C ARG P 13 18.63 141.22 25.32
N LYS P 14 19.21 140.32 24.51
CA LYS P 14 19.08 140.48 23.05
C LYS P 14 17.62 140.40 22.61
N VAL P 15 16.89 139.42 23.16
CA VAL P 15 15.50 139.23 22.77
C VAL P 15 14.67 140.44 23.14
N SER P 16 14.93 141.01 24.32
CA SER P 16 14.18 142.19 24.76
C SER P 16 14.54 143.42 23.94
N ASP P 17 15.80 143.55 23.50
CA ASP P 17 16.16 144.68 22.65
C ASP P 17 15.41 144.61 21.31
N LYS P 18 15.34 143.43 20.71
CA LYS P 18 14.59 143.33 19.47
C LYS P 18 13.13 143.72 19.66
N GLU P 19 12.53 143.32 20.79
CA GLU P 19 11.16 143.75 21.07
C GLU P 19 11.09 145.26 21.30
N LYS P 20 12.16 145.85 21.86
CA LYS P 20 12.18 147.29 22.06
C LYS P 20 12.20 148.04 20.74
N ILE P 21 12.71 147.40 19.67
CA ILE P 21 12.63 148.04 18.36
C ILE P 21 11.57 147.38 17.50
N ASP P 22 10.50 146.89 18.14
CA ASP P 22 9.40 146.27 17.42
C ASP P 22 8.58 147.32 16.66
N GLN P 23 7.82 146.85 15.66
CA GLN P 23 6.98 147.74 14.88
C GLN P 23 5.95 148.46 15.74
N LEU P 24 5.47 147.83 16.82
CA LEU P 24 4.60 148.54 17.75
C LEU P 24 5.30 149.78 18.30
N GLN P 25 6.51 149.59 18.83
CA GLN P 25 7.26 150.71 19.38
C GLN P 25 7.63 151.72 18.30
N GLU P 26 7.99 151.25 17.11
CA GLU P 26 8.36 152.16 16.03
C GLU P 26 7.18 153.03 15.61
N GLU P 27 6.00 152.42 15.46
CA GLU P 27 4.80 153.18 15.14
C GLU P 27 4.45 154.12 16.28
N LEU P 28 4.68 153.68 17.53
CA LEU P 28 4.44 154.56 18.67
C LEU P 28 5.33 155.80 18.57
N LEU P 29 6.61 155.62 18.22
CA LEU P 29 7.50 156.77 18.06
C LEU P 29 7.04 157.68 16.93
N HIS P 30 6.68 157.09 15.78
CA HIS P 30 6.29 157.91 14.64
C HIS P 30 5.03 158.71 14.94
N THR P 31 4.03 158.08 15.54
CA THR P 31 2.79 158.78 15.90
C THR P 31 3.05 159.80 17.00
N GLN P 32 3.92 159.47 17.95
CA GLN P 32 4.22 160.38 19.04
C GLN P 32 4.89 161.65 18.53
N LEU P 33 5.73 161.52 17.50
CA LEU P 33 6.38 162.71 16.96
C LEU P 33 5.37 163.73 16.44
N LYS P 34 4.33 163.24 15.74
CA LYS P 34 3.27 164.15 15.30
C LYS P 34 2.44 164.63 16.50
N TYR P 35 2.21 163.77 17.48
CA TYR P 35 1.40 164.16 18.63
C TYR P 35 2.09 165.25 19.46
N GLN P 36 3.41 165.25 19.51
CA GLN P 36 4.13 166.31 20.23
C GLN P 36 3.82 167.67 19.64
N ARG P 37 3.46 167.72 18.35
CA ARG P 37 3.07 168.96 17.70
C ARG P 37 1.55 169.14 17.68
N ILE P 38 0.79 168.04 17.57
CA ILE P 38 -0.66 168.12 17.59
C ILE P 38 -1.12 168.45 19.01
N LEU P 39 -2.12 169.33 19.11
CA LEU P 39 -2.61 169.83 20.39
C LEU P 39 -1.48 170.41 21.23
N GLU P 40 -0.54 171.00 20.49
CA GLU P 40 0.63 171.61 21.15
C GLU P 40 0.87 173.00 20.57
N ARG P 41 1.87 173.75 21.07
CA ARG P 41 2.20 175.14 20.79
C ARG P 41 1.24 176.04 21.55
N LEU P 42 0.23 175.48 22.23
CA LEU P 42 -0.56 176.25 23.18
C LEU P 42 0.23 176.53 24.45
N GLU P 43 1.11 175.61 24.82
CA GLU P 43 1.77 175.66 26.13
C GLU P 43 2.60 176.94 26.29
N LYS P 44 3.36 177.30 25.26
CA LYS P 44 4.23 178.48 25.37
C LYS P 44 3.43 179.74 25.61
N GLU P 45 2.29 179.88 24.95
CA GLU P 45 1.40 181.00 25.23
C GLU P 45 0.79 180.88 26.62
N ASN P 46 0.49 179.66 27.05
CA ASN P 46 -0.17 179.46 28.34
C ASN P 46 0.68 179.98 29.50
N LYS P 47 2.01 179.89 29.38
CA LYS P 47 2.88 180.23 30.51
C LYS P 47 2.64 181.64 31.02
N GLU P 48 2.16 182.55 30.15
CA GLU P 48 1.95 183.93 30.56
C GLU P 48 0.91 184.01 31.66
N LEU P 49 1.17 184.85 32.65
CA LEU P 49 0.30 185.02 33.81
C LEU P 49 -0.60 186.24 33.71
N ARG P 50 -0.56 186.98 32.59
CA ARG P 50 -1.32 188.22 32.50
C ARG P 50 -2.82 187.97 32.64
N LYS P 51 -3.33 186.93 31.97
CA LYS P 51 -4.73 186.57 32.11
C LYS P 51 -5.05 186.22 33.55
N LEU P 52 -4.15 185.48 34.20
CA LEU P 52 -4.32 185.14 35.61
C LEU P 52 -4.35 186.41 36.46
N VAL P 53 -3.51 187.39 36.13
CA VAL P 53 -3.48 188.62 36.89
C VAL P 53 -4.82 189.35 36.76
N LEU P 54 -5.38 189.38 35.56
CA LEU P 54 -6.70 189.99 35.38
C LEU P 54 -7.75 189.25 36.22
N GLN P 55 -7.70 187.91 36.22
CA GLN P 55 -8.66 187.16 37.03
C GLN P 55 -8.47 187.45 38.51
N LYS P 56 -7.21 187.60 38.96
CA LYS P 56 -6.95 187.98 40.35
C LYS P 56 -7.57 189.33 40.64
N ASP P 57 -7.43 190.27 39.71
CA ASP P 57 -7.99 191.61 39.90
C ASP P 57 -9.50 191.53 40.06
N ASP P 58 -10.15 190.69 39.25
CA ASP P 58 -11.58 190.47 39.42
C ASP P 58 -11.88 189.88 40.79
N LYS P 59 -11.08 188.91 41.23
CA LYS P 59 -11.32 188.26 42.52
C LYS P 59 -11.01 189.19 43.69
N GLY P 60 -9.93 189.96 43.60
CA GLY P 60 -9.51 190.81 44.69
C GLY P 60 -9.84 192.28 44.49
N ILE P 61 -8.82 193.11 44.31
CA ILE P 61 -9.01 194.54 44.04
C ILE P 61 -9.11 194.70 42.54
N HIS P 62 -10.32 194.96 42.05
CA HIS P 62 -10.56 195.28 40.65
C HIS P 62 -10.57 196.79 40.42
N HIS P 63 -10.21 197.57 41.44
CA HIS P 63 -10.03 199.02 41.34
C HIS P 63 -11.27 199.74 40.79
N ARG P 64 -12.40 199.04 40.76
CA ARG P 64 -13.65 199.58 40.24
C ARG P 64 -14.78 199.17 41.18
N LYS P 65 -15.84 199.97 41.18
CA LYS P 65 -16.92 199.78 42.14
C LYS P 65 -17.49 198.38 42.05
N LEU P 66 -17.47 197.79 40.86
CA LEU P 66 -18.04 196.47 40.66
C LEU P 66 -17.39 195.43 41.56
N LYS P 67 -16.17 195.68 42.04
CA LYS P 67 -15.39 194.64 42.72
C LYS P 67 -16.09 194.17 43.99
N LYS P 68 -15.93 192.87 44.27
CA LYS P 68 -16.40 192.27 45.52
C LYS P 68 -17.89 192.52 45.74
N SER P 69 -18.66 192.51 44.66
CA SER P 69 -20.11 192.69 44.77
C SER P 69 -20.74 191.46 45.41
N LEU P 70 -21.59 191.69 46.41
CA LEU P 70 -22.18 190.58 47.15
C LEU P 70 -23.19 189.79 46.31
N ILE P 71 -23.96 190.48 45.46
CA ILE P 71 -24.85 189.78 44.53
C ILE P 71 -24.04 188.89 43.59
N ASP P 72 -22.85 189.35 43.21
CA ASP P 72 -21.98 188.55 42.35
C ASP P 72 -21.65 187.22 43.01
N MET P 73 -21.40 187.23 44.32
CA MET P 73 -21.14 185.99 45.04
C MET P 73 -22.41 185.16 45.20
N TYR P 74 -23.56 185.82 45.36
CA TYR P 74 -24.81 185.08 45.43
C TYR P 74 -25.05 184.28 44.15
N SER P 75 -24.67 184.84 43.00
CA SER P 75 -24.83 184.09 41.76
C SER P 75 -24.07 182.77 41.81
N GLU P 76 -22.83 182.81 42.29
CA GLU P 76 -22.04 181.58 42.42
C GLU P 76 -22.67 180.65 43.44
N VAL P 77 -23.22 181.21 44.52
CA VAL P 77 -23.86 180.38 45.54
C VAL P 77 -25.00 179.58 44.91
N LEU P 78 -25.87 180.26 44.18
CA LEU P 78 -27.00 179.54 43.57
C LEU P 78 -26.51 178.53 42.53
N ASP P 79 -25.48 178.88 41.77
CA ASP P 79 -24.95 177.92 40.80
C ASP P 79 -24.45 176.65 41.48
N VAL P 80 -23.75 176.80 42.61
CA VAL P 80 -23.23 175.63 43.31
C VAL P 80 -24.35 174.83 43.98
N LEU P 81 -25.40 175.51 44.44
CA LEU P 81 -26.58 174.73 44.87
C LEU P 81 -27.15 173.91 43.72
N SER P 82 -27.24 174.50 42.54
CA SER P 82 -27.72 173.72 41.39
C SER P 82 -26.82 172.54 41.10
N ASP P 83 -25.51 172.75 41.17
CA ASP P 83 -24.57 171.65 40.98
C ASP P 83 -24.74 170.56 42.03
N TYR P 84 -24.98 170.93 43.28
CA TYR P 84 -25.13 169.92 44.33
C TYR P 84 -26.29 168.98 44.02
N ASP P 85 -27.44 169.53 43.57
CA ASP P 85 -28.66 168.75 43.42
C ASP P 85 -29.38 169.19 42.15
N ALA P 86 -29.48 168.28 41.18
CA ALA P 86 -30.39 168.49 40.06
C ALA P 86 -31.82 168.61 40.55
N SER P 87 -32.19 167.81 41.56
CA SER P 87 -33.53 167.86 42.11
C SER P 87 -33.80 169.23 42.74
N TYR P 88 -35.05 169.67 42.62
CA TYR P 88 -35.44 171.04 42.96
C TYR P 88 -35.32 171.32 44.45
N ASN P 89 -35.45 170.28 45.27
CA ASN P 89 -35.61 170.47 46.72
C ASN P 89 -34.52 171.38 47.29
N THR P 90 -33.26 171.08 46.99
CA THR P 90 -32.16 171.85 47.56
C THR P 90 -31.97 173.19 46.88
N GLN P 91 -32.28 173.29 45.58
CA GLN P 91 -32.27 174.59 44.93
C GLN P 91 -33.28 175.53 45.57
N ASP P 92 -34.38 174.96 46.09
CA ASP P 92 -35.38 175.76 46.79
C ASP P 92 -34.89 176.26 48.14
N HIS P 93 -33.74 175.78 48.62
CA HIS P 93 -33.23 176.22 49.92
C HIS P 93 -32.94 177.72 49.92
N LEU P 94 -32.46 178.28 48.81
CA LEU P 94 -31.97 179.64 48.83
C LEU P 94 -32.80 180.54 47.91
N PRO P 95 -33.03 181.78 48.33
CA PRO P 95 -33.88 182.69 47.56
C PRO P 95 -33.38 183.00 46.16
N ARG P 96 -34.34 183.24 45.27
CA ARG P 96 -34.13 183.80 43.93
C ARG P 96 -35.46 184.38 43.49
N VAL P 97 -35.45 185.17 42.42
CA VAL P 97 -36.68 185.69 41.84
C VAL P 97 -37.03 184.82 40.65
N VAL P 98 -38.21 184.20 40.70
CA VAL P 98 -38.69 183.31 39.65
C VAL P 98 -39.79 184.04 38.90
N VAL P 99 -39.62 184.18 37.58
CA VAL P 99 -40.53 184.96 36.75
C VAL P 99 -41.31 183.98 35.89
N VAL P 100 -42.63 183.95 36.08
CA VAL P 100 -43.53 183.16 35.25
C VAL P 100 -44.41 184.13 34.48
N GLY P 101 -44.94 183.68 33.35
CA GLY P 101 -45.84 184.53 32.60
C GLY P 101 -46.63 183.75 31.58
N ASP P 102 -47.70 184.38 31.11
CA ASP P 102 -48.50 183.81 30.03
C ASP P 102 -47.65 183.70 28.77
N GLN P 103 -47.84 182.62 28.03
CA GLN P 103 -47.07 182.42 26.81
C GLN P 103 -47.23 183.60 25.87
N SER P 104 -46.09 184.09 25.36
CA SER P 104 -46.07 185.20 24.42
C SER P 104 -46.64 186.48 25.02
N ALA P 105 -46.51 186.62 26.34
CA ALA P 105 -46.96 187.83 27.02
C ALA P 105 -45.94 188.96 26.95
N GLY P 106 -44.76 188.71 26.40
CA GLY P 106 -43.69 189.70 26.37
C GLY P 106 -42.72 189.59 27.52
N LYS P 107 -42.78 188.52 28.31
CA LYS P 107 -41.99 188.37 29.53
C LYS P 107 -40.50 188.57 29.26
N THR P 108 -39.99 188.08 28.12
CA THR P 108 -38.58 188.32 27.81
C THR P 108 -38.29 189.79 27.57
N SER P 109 -39.24 190.55 27.04
CA SER P 109 -39.03 191.99 26.93
C SER P 109 -38.96 192.65 28.31
N VAL P 110 -39.77 192.19 29.25
CA VAL P 110 -39.69 192.69 30.62
C VAL P 110 -38.32 192.37 31.21
N LEU P 111 -37.85 191.14 31.01
CA LEU P 111 -36.58 190.74 31.58
C LEU P 111 -35.42 191.47 30.91
N GLU P 112 -35.58 191.84 29.64
CA GLU P 112 -34.56 192.62 28.95
C GLU P 112 -34.53 194.06 29.47
N MET P 113 -35.70 194.65 29.70
CA MET P 113 -35.73 196.00 30.26
C MET P 113 -35.11 196.02 31.65
N ILE P 114 -35.38 194.98 32.45
CA ILE P 114 -34.78 194.91 33.79
C ILE P 114 -33.27 194.69 33.66
N ALA P 115 -32.85 193.81 32.76
CA ALA P 115 -31.43 193.60 32.50
C ALA P 115 -30.83 194.67 31.60
N GLN P 116 -31.66 195.52 31.00
CA GLN P 116 -31.20 196.66 30.20
C GLN P 116 -30.41 196.22 28.98
N ALA P 117 -30.69 195.02 28.46
CA ALA P 117 -29.97 194.52 27.29
C ALA P 117 -30.85 193.51 26.56
N ARG P 118 -30.62 193.39 25.26
CA ARG P 118 -31.36 192.44 24.43
C ARG P 118 -30.70 191.06 24.54
N ILE P 119 -30.89 190.45 25.71
CA ILE P 119 -30.23 189.20 26.06
C ILE P 119 -31.21 188.05 26.21
N PHE P 120 -32.50 188.28 25.93
CA PHE P 120 -33.49 187.22 26.02
C PHE P 120 -34.09 186.94 24.65
N PRO P 121 -34.54 185.70 24.39
CA PRO P 121 -35.14 185.41 23.08
C PRO P 121 -36.34 186.30 22.81
N ARG P 122 -36.26 187.05 21.72
CA ARG P 122 -37.31 187.99 21.32
C ARG P 122 -37.89 187.55 19.99
N GLY P 123 -39.21 187.44 19.93
CA GLY P 123 -39.90 187.08 18.72
C GLY P 123 -41.33 187.55 18.76
N SER P 124 -41.96 187.56 17.59
CA SER P 124 -43.33 188.04 17.45
C SER P 124 -44.29 186.86 17.44
N GLY P 125 -45.21 186.84 18.41
CA GLY P 125 -46.28 185.87 18.43
C GLY P 125 -45.83 184.42 18.43
N GLU P 126 -44.85 184.08 19.27
CA GLU P 126 -44.34 182.71 19.33
C GLU P 126 -43.79 182.45 20.72
N MET P 127 -43.75 181.17 21.09
CA MET P 127 -43.10 180.79 22.34
C MET P 127 -41.66 181.30 22.35
N MET P 128 -41.33 182.10 23.36
CA MET P 128 -40.01 182.70 23.48
C MET P 128 -39.13 181.94 24.46
N THR P 129 -39.65 181.66 25.66
CA THR P 129 -38.95 180.84 26.64
C THR P 129 -39.47 179.40 26.58
N ARG P 130 -38.58 178.45 26.33
CA ARG P 130 -38.93 177.04 26.34
C ARG P 130 -38.13 176.23 27.34
N SER P 131 -36.92 176.67 27.69
CA SER P 131 -36.18 176.14 28.82
C SER P 131 -35.76 177.28 29.73
N PRO P 132 -35.97 177.17 31.05
CA PRO P 132 -35.77 178.33 31.93
C PRO P 132 -34.32 178.79 31.91
N VAL P 133 -34.14 180.11 31.99
CA VAL P 133 -32.82 180.73 31.95
C VAL P 133 -32.68 181.66 33.14
N LYS P 134 -31.67 181.43 33.98
CA LYS P 134 -31.46 182.25 35.16
C LYS P 134 -30.34 183.26 34.89
N VAL P 135 -30.69 184.54 34.88
CA VAL P 135 -29.74 185.64 34.68
C VAL P 135 -29.67 186.43 35.97
N THR P 136 -28.46 186.67 36.45
CA THR P 136 -28.24 187.45 37.67
C THR P 136 -27.74 188.84 37.30
N LEU P 137 -28.35 189.86 37.88
CA LEU P 137 -28.05 191.25 37.57
C LEU P 137 -27.33 191.90 38.75
N SER P 138 -26.19 192.53 38.43
CA SER P 138 -25.34 193.23 39.38
C SER P 138 -24.84 194.52 38.75
N GLU P 139 -24.52 195.50 39.60
CA GLU P 139 -24.04 196.79 39.12
C GLU P 139 -22.61 196.69 38.59
N GLY P 140 -22.29 197.51 37.59
CA GLY P 140 -20.95 197.60 37.08
C GLY P 140 -20.83 198.50 35.86
N PRO P 141 -19.72 199.23 35.73
CA PRO P 141 -19.57 200.14 34.58
C PRO P 141 -19.49 199.43 33.24
N HIS P 142 -19.15 198.14 33.21
CA HIS P 142 -18.99 197.39 31.98
C HIS P 142 -20.25 196.56 31.76
N HIS P 143 -21.00 196.89 30.71
CA HIS P 143 -22.28 196.25 30.43
C HIS P 143 -21.98 194.99 29.63
N VAL P 144 -21.66 193.91 30.34
CA VAL P 144 -21.15 192.69 29.73
C VAL P 144 -21.87 191.48 30.31
N ALA P 145 -22.01 190.45 29.48
CA ALA P 145 -22.62 189.18 29.86
C ALA P 145 -21.61 188.06 29.71
N LEU P 146 -21.70 187.05 30.58
CA LEU P 146 -20.81 185.89 30.49
C LEU P 146 -21.56 184.64 30.92
N PHE P 147 -21.42 183.58 30.13
CA PHE P 147 -22.00 182.30 30.50
C PHE P 147 -21.20 181.61 31.60
N LYS P 148 -21.91 180.82 32.40
CA LYS P 148 -21.27 179.95 33.38
C LYS P 148 -20.30 178.99 32.71
N ASP P 149 -20.65 178.49 31.53
CA ASP P 149 -19.96 177.38 30.90
C ASP P 149 -18.97 177.79 29.82
N SER P 150 -18.70 179.09 29.65
CA SER P 150 -17.91 179.55 28.52
C SER P 150 -16.92 180.60 29.00
N SER P 151 -16.07 181.04 28.07
CA SER P 151 -15.10 182.11 28.30
C SER P 151 -15.40 183.35 27.48
N ARG P 152 -16.36 183.30 26.57
CA ARG P 152 -16.70 184.44 25.74
C ARG P 152 -17.54 185.42 26.55
N GLU P 153 -17.10 186.68 26.54
CA GLU P 153 -17.88 187.77 27.10
C GLU P 153 -18.61 188.49 25.96
N PHE P 154 -19.87 188.84 26.21
CA PHE P 154 -20.70 189.50 25.23
C PHE P 154 -20.88 190.96 25.62
N ASP P 155 -20.56 191.86 24.70
CA ASP P 155 -20.74 193.28 24.91
C ASP P 155 -22.21 193.60 24.68
N LEU P 156 -22.88 194.12 25.69
CA LEU P 156 -24.32 194.30 25.67
C LEU P 156 -24.74 195.64 25.09
N THR P 157 -23.80 196.41 24.57
CA THR P 157 -24.11 197.67 23.89
C THR P 157 -24.05 197.55 22.38
N LYS P 158 -23.75 196.37 21.85
CA LYS P 158 -23.54 196.17 20.42
C LYS P 158 -24.36 194.98 19.94
N GLU P 159 -24.97 195.13 18.76
CA GLU P 159 -25.98 194.19 18.31
C GLU P 159 -25.39 192.84 17.94
N GLU P 160 -24.17 192.81 17.41
CA GLU P 160 -23.60 191.53 17.00
C GLU P 160 -23.45 190.59 18.19
N ASP P 161 -22.89 191.08 19.29
CA ASP P 161 -22.72 190.24 20.47
C ASP P 161 -24.05 189.92 21.12
N LEU P 162 -24.99 190.87 21.12
CA LEU P 162 -26.30 190.60 21.70
C LEU P 162 -27.02 189.51 20.92
N ALA P 163 -26.96 189.56 19.59
CA ALA P 163 -27.59 188.52 18.78
C ALA P 163 -26.89 187.18 18.95
N ALA P 164 -25.56 187.19 19.01
CA ALA P 164 -24.84 185.94 19.27
C ALA P 164 -25.26 185.35 20.61
N LEU P 165 -25.40 186.19 21.62
CA LEU P 165 -25.82 185.73 22.94
C LEU P 165 -27.24 185.18 22.90
N ARG P 166 -28.16 185.88 22.24
CA ARG P 166 -29.55 185.43 22.18
C ARG P 166 -29.63 184.07 21.47
N HIS P 167 -28.93 183.93 20.36
CA HIS P 167 -29.04 182.69 19.59
C HIS P 167 -28.30 181.55 20.26
N GLU P 168 -27.20 181.85 20.97
CA GLU P 168 -26.56 180.81 21.77
C GLU P 168 -27.47 180.35 22.89
N ILE P 169 -28.21 181.28 23.51
CA ILE P 169 -29.18 180.91 24.53
C ILE P 169 -30.27 180.05 23.92
N GLU P 170 -30.73 180.41 22.72
CA GLU P 170 -31.72 179.60 22.03
C GLU P 170 -31.21 178.20 21.76
N LEU P 171 -29.97 178.08 21.31
CA LEU P 171 -29.39 176.77 21.02
C LEU P 171 -29.25 175.94 22.30
N ARG P 172 -28.82 176.56 23.39
CA ARG P 172 -28.72 175.86 24.66
C ARG P 172 -30.09 175.42 25.15
N MET P 173 -31.09 176.29 24.98
CA MET P 173 -32.46 175.96 25.32
C MET P 173 -32.91 174.72 24.58
N ARG P 174 -32.66 174.68 23.27
CA ARG P 174 -33.04 173.53 22.47
C ARG P 174 -32.28 172.28 22.89
N LYS P 175 -30.98 172.43 23.18
CA LYS P 175 -30.15 171.31 23.59
C LYS P 175 -30.55 170.76 24.95
N ASN P 176 -31.33 171.50 25.73
CA ASN P 176 -31.86 170.97 26.98
C ASN P 176 -33.13 170.16 26.78
N VAL P 177 -33.65 170.08 25.55
CA VAL P 177 -34.92 169.43 25.26
C VAL P 177 -34.64 168.17 24.45
N LYS P 178 -35.28 167.07 24.84
CA LYS P 178 -35.15 165.82 24.10
C LYS P 178 -35.81 165.94 22.72
N GLU P 179 -35.29 165.17 21.77
CA GLU P 179 -35.82 165.19 20.42
C GLU P 179 -37.30 164.84 20.42
N GLY P 180 -38.09 165.63 19.68
CA GLY P 180 -39.52 165.44 19.62
C GLY P 180 -40.30 166.23 20.64
N CYS P 181 -39.66 166.71 21.69
CA CYS P 181 -40.28 167.58 22.68
C CYS P 181 -39.80 169.02 22.48
N THR P 182 -40.46 169.93 23.20
CA THR P 182 -40.23 171.36 23.03
C THR P 182 -39.76 172.07 24.28
N VAL P 183 -39.99 171.51 25.47
CA VAL P 183 -39.80 172.22 26.73
C VAL P 183 -38.99 171.33 27.67
N SER P 184 -38.08 171.95 28.45
CA SER P 184 -37.22 171.22 29.38
C SER P 184 -36.88 172.05 30.62
N PRO P 185 -36.69 171.41 31.79
CA PRO P 185 -36.45 172.19 33.01
C PRO P 185 -35.05 172.78 33.13
N GLU P 186 -34.06 172.22 32.45
CA GLU P 186 -32.67 172.58 32.73
C GLU P 186 -32.46 174.08 32.58
N THR P 187 -31.76 174.67 33.55
CA THR P 187 -31.62 176.11 33.68
C THR P 187 -30.28 176.59 33.11
N ILE P 188 -30.34 177.59 32.23
CA ILE P 188 -29.14 178.21 31.71
C ILE P 188 -28.75 179.38 32.61
N SER P 189 -27.46 179.45 32.97
CA SER P 189 -26.96 180.46 33.88
C SER P 189 -26.10 181.47 33.11
N LEU P 190 -26.53 182.73 33.12
CA LEU P 190 -25.78 183.83 32.54
C LEU P 190 -25.59 184.91 33.61
N ASN P 191 -24.34 185.34 33.80
CA ASN P 191 -24.02 186.43 34.72
C ASN P 191 -23.90 187.71 33.90
N VAL P 192 -24.79 188.67 34.18
CA VAL P 192 -24.86 189.93 33.45
C VAL P 192 -24.56 191.06 34.41
N LYS P 193 -23.68 191.96 34.00
CA LYS P 193 -23.33 193.13 34.79
C LYS P 193 -23.45 194.38 33.92
N GLY P 194 -23.79 195.50 34.54
CA GLY P 194 -23.91 196.74 33.83
C GLY P 194 -24.43 197.85 34.73
N PRO P 195 -24.29 199.10 34.28
CA PRO P 195 -24.72 200.23 35.12
C PRO P 195 -26.22 200.27 35.29
N GLY P 196 -26.66 200.59 36.50
CA GLY P 196 -28.07 200.71 36.81
C GLY P 196 -28.76 199.41 37.14
N LEU P 197 -28.08 198.28 36.98
CA LEU P 197 -28.67 196.99 37.31
C LEU P 197 -28.80 196.86 38.82
N GLN P 198 -29.87 196.20 39.25
CA GLN P 198 -30.09 195.95 40.66
C GLN P 198 -29.53 194.58 41.03
N ARG P 199 -29.42 194.34 42.33
CA ARG P 199 -29.00 193.04 42.84
C ARG P 199 -30.16 192.06 42.73
N MET P 200 -30.34 191.37 41.59
CA MET P 200 -31.57 190.54 41.36
C MET P 200 -31.35 189.27 40.55
N VAL P 201 -31.33 188.09 41.17
CA VAL P 201 -31.38 186.87 40.38
C VAL P 201 -32.78 186.70 39.78
N LEU P 202 -32.85 186.50 38.47
CA LEU P 202 -34.12 186.45 37.73
C LEU P 202 -34.13 185.18 36.89
N VAL P 203 -35.17 184.35 37.07
CA VAL P 203 -35.28 183.07 36.39
C VAL P 203 -36.44 183.14 35.41
N ASP P 204 -36.12 183.24 34.12
CA ASP P 204 -37.13 183.08 33.08
C ASP P 204 -37.60 181.63 33.03
N LEU P 205 -38.90 181.46 32.80
CA LEU P 205 -39.59 180.19 32.88
C LEU P 205 -40.34 179.93 31.57
N PRO P 206 -40.48 178.65 31.16
CA PRO P 206 -41.31 178.36 29.98
C PRO P 206 -42.72 178.94 30.09
N GLY P 207 -43.15 179.67 29.06
CA GLY P 207 -44.46 180.29 29.08
C GLY P 207 -45.60 179.31 29.26
N VAL P 208 -46.57 179.66 30.11
CA VAL P 208 -47.68 178.77 30.44
C VAL P 208 -48.80 178.95 29.42
N ILE P 209 -49.48 177.86 29.10
CA ILE P 209 -50.50 177.83 28.05
C ILE P 209 -51.82 177.37 28.64
N ASN P 210 -52.89 178.11 28.37
CA ASN P 210 -54.23 177.61 28.67
C ASN P 210 -54.46 176.28 27.97
N THR P 211 -54.21 176.24 26.66
CA THR P 211 -54.24 174.99 25.90
C THR P 211 -53.15 175.05 24.84
N VAL P 212 -52.69 173.86 24.42
CA VAL P 212 -51.71 173.79 23.35
C VAL P 212 -52.34 174.24 22.04
N THR P 213 -51.61 175.10 21.32
CA THR P 213 -51.98 175.36 19.94
C THR P 213 -51.60 174.15 19.09
N SER P 214 -52.29 174.02 17.95
CA SER P 214 -52.16 172.81 17.15
C SER P 214 -50.71 172.58 16.72
N GLY P 215 -50.02 173.66 16.33
CA GLY P 215 -48.64 173.51 15.88
C GLY P 215 -47.73 172.97 16.96
N MET P 216 -47.91 173.45 18.19
CA MET P 216 -47.04 173.05 19.29
C MET P 216 -47.33 171.61 19.70
N ALA P 217 -46.28 170.95 20.18
CA ALA P 217 -46.43 169.58 20.66
C ALA P 217 -47.31 169.55 21.90
N PRO P 218 -48.19 168.55 22.05
CA PRO P 218 -49.00 168.48 23.27
C PRO P 218 -48.17 168.41 24.54
N ASP P 219 -47.04 167.69 24.49
CA ASP P 219 -46.20 167.49 25.67
C ASP P 219 -46.11 168.74 26.52
N THR P 220 -45.86 169.88 25.88
CA THR P 220 -45.51 171.08 26.61
C THR P 220 -46.49 171.37 27.73
N LYS P 221 -47.79 171.14 27.49
CA LYS P 221 -48.78 171.58 28.48
C LYS P 221 -48.52 170.93 29.82
N GLU P 222 -48.24 169.62 29.82
CA GLU P 222 -47.91 168.97 31.08
C GLU P 222 -46.50 169.36 31.54
N THR P 223 -45.57 169.45 30.60
CA THR P 223 -44.19 169.77 30.96
C THR P 223 -44.09 171.18 31.52
N ILE P 224 -44.64 172.16 30.80
CA ILE P 224 -44.39 173.56 31.13
C ILE P 224 -44.75 173.84 32.58
N PHE P 225 -45.95 173.44 32.98
CA PHE P 225 -46.38 173.76 34.33
C PHE P 225 -45.50 173.08 35.36
N SER P 226 -45.17 171.80 35.16
CA SER P 226 -44.35 171.09 36.13
C SER P 226 -43.04 171.84 36.34
N ILE P 227 -42.38 172.20 35.24
CA ILE P 227 -41.13 172.96 35.33
C ILE P 227 -41.36 174.23 36.15
N SER P 228 -42.43 174.97 35.83
CA SER P 228 -42.67 176.20 36.55
C SER P 228 -42.80 175.91 38.04
N LYS P 229 -43.58 174.88 38.39
CA LYS P 229 -43.75 174.57 39.80
C LYS P 229 -42.40 174.33 40.45
N ALA P 230 -41.52 173.59 39.77
CA ALA P 230 -40.22 173.22 40.32
C ALA P 230 -39.51 174.43 40.88
N TYR P 231 -39.64 175.56 40.19
CA TYR P 231 -38.96 176.79 40.55
C TYR P 231 -39.87 177.72 41.34
N MET P 232 -41.18 177.62 41.11
CA MET P 232 -42.16 178.51 41.72
C MET P 232 -42.36 178.18 43.19
N GLN P 233 -42.30 176.89 43.53
CA GLN P 233 -42.59 176.41 44.88
C GLN P 233 -41.55 176.84 45.90
N ASN P 234 -40.38 177.31 45.45
CA ASN P 234 -39.31 177.70 46.35
C ASN P 234 -39.88 178.58 47.47
N PRO P 235 -39.90 178.11 48.72
CA PRO P 235 -40.46 178.94 49.80
C PRO P 235 -39.67 180.21 50.08
N ASN P 236 -38.45 180.31 49.54
CA ASN P 236 -37.59 181.47 49.76
C ASN P 236 -37.52 182.38 48.54
N ALA P 237 -38.40 182.21 47.56
CA ALA P 237 -38.30 182.92 46.30
C ALA P 237 -39.47 183.88 46.12
N ILE P 238 -39.23 184.91 45.31
CA ILE P 238 -40.28 185.84 44.89
C ILE P 238 -40.88 185.35 43.59
N ILE P 239 -42.19 185.48 43.46
CA ILE P 239 -42.90 185.14 42.23
C ILE P 239 -43.20 186.42 41.48
N LEU P 240 -42.63 186.57 40.29
CA LEU P 240 -42.95 187.68 39.42
C LEU P 240 -43.88 187.18 38.31
N CYS P 241 -45.13 187.66 38.34
CA CYS P 241 -46.20 187.16 37.46
C CYS P 241 -46.40 188.13 36.31
N ILE P 242 -46.19 187.64 35.09
CA ILE P 242 -46.28 188.44 33.87
C ILE P 242 -47.54 188.00 33.15
N GLN P 243 -48.54 188.87 33.08
CA GLN P 243 -49.81 188.54 32.44
C GLN P 243 -50.09 189.50 31.28
N ASP P 244 -50.65 188.95 30.20
CA ASP P 244 -50.97 189.73 29.02
C ASP P 244 -52.23 190.54 29.30
N GLY P 245 -52.09 191.86 29.39
CA GLY P 245 -53.20 192.74 29.66
C GLY P 245 -53.86 193.34 28.44
N SER P 246 -53.49 192.91 27.23
CA SER P 246 -54.11 193.37 26.01
C SER P 246 -55.07 192.33 25.43
N VAL P 247 -55.41 191.30 26.20
CA VAL P 247 -56.29 190.22 25.74
C VAL P 247 -57.35 190.00 26.82
N ASP P 248 -58.39 189.27 26.44
CA ASP P 248 -59.42 188.89 27.41
C ASP P 248 -58.77 188.12 28.55
N ALA P 249 -58.81 188.70 29.75
CA ALA P 249 -58.14 188.09 30.89
C ALA P 249 -58.70 186.73 31.24
N GLU P 250 -59.92 186.42 30.80
CA GLU P 250 -60.50 185.11 31.06
C GLU P 250 -59.66 184.00 30.42
N ARG P 251 -58.91 184.32 29.38
CA ARG P 251 -58.10 183.33 28.67
C ARG P 251 -56.75 183.09 29.33
N SER P 252 -56.38 183.89 30.32
CA SER P 252 -55.08 183.76 30.97
C SER P 252 -55.04 182.54 31.88
N ILE P 253 -53.84 182.01 32.08
CA ILE P 253 -53.65 180.85 32.94
C ILE P 253 -52.53 181.02 33.96
N VAL P 254 -51.63 182.00 33.83
CA VAL P 254 -50.49 182.09 34.74
C VAL P 254 -50.94 182.33 36.17
N THR P 255 -52.01 183.11 36.35
CA THR P 255 -52.44 183.47 37.70
C THR P 255 -52.91 182.26 38.50
N ASP P 256 -53.38 181.20 37.83
CA ASP P 256 -53.80 180.01 38.56
C ASP P 256 -52.60 179.28 39.13
N LEU P 257 -51.53 179.15 38.33
CA LEU P 257 -50.30 178.55 38.84
C LEU P 257 -49.69 179.41 39.93
N VAL P 258 -49.74 180.73 39.78
CA VAL P 258 -49.20 181.61 40.82
C VAL P 258 -49.97 181.42 42.12
N SER P 259 -51.31 181.35 42.04
CA SER P 259 -52.12 181.13 43.23
C SER P 259 -51.85 179.76 43.84
N GLN P 260 -51.56 178.76 43.00
CA GLN P 260 -51.21 177.45 43.53
C GLN P 260 -49.88 177.49 44.27
N MET P 261 -48.90 178.21 43.73
CA MET P 261 -47.55 178.18 44.27
C MET P 261 -47.37 179.16 45.42
N ASP P 262 -48.16 180.23 45.46
CA ASP P 262 -48.15 181.20 46.57
C ASP P 262 -49.59 181.57 46.87
N PRO P 263 -50.29 180.75 47.65
CA PRO P 263 -51.70 181.03 47.94
C PRO P 263 -51.93 182.36 48.65
N HIS P 264 -50.93 182.89 49.36
CA HIS P 264 -51.10 184.09 50.17
C HIS P 264 -50.36 185.31 49.61
N GLY P 265 -49.65 185.18 48.50
CA GLY P 265 -48.89 186.31 47.98
C GLY P 265 -47.78 186.75 48.89
N ARG P 266 -47.16 185.80 49.62
CA ARG P 266 -46.12 186.14 50.58
C ARG P 266 -44.92 186.80 49.90
N ARG P 267 -44.57 186.35 48.69
CA ARG P 267 -43.52 186.98 47.90
C ARG P 267 -43.93 187.04 46.43
N THR P 268 -45.14 187.50 46.17
CA THR P 268 -45.70 187.53 44.81
C THR P 268 -45.80 188.97 44.33
N ILE P 269 -45.29 189.21 43.12
CA ILE P 269 -45.37 190.50 42.45
C ILE P 269 -46.05 190.27 41.10
N PHE P 270 -47.10 191.03 40.82
CA PHE P 270 -47.90 190.86 39.62
C PHE P 270 -47.62 191.99 38.64
N VAL P 271 -47.46 191.64 37.36
CA VAL P 271 -47.15 192.60 36.30
C VAL P 271 -48.05 192.31 35.11
N LEU P 272 -48.64 193.36 34.54
CA LEU P 272 -49.27 193.27 33.24
C LEU P 272 -48.28 193.68 32.15
N THR P 273 -48.46 193.11 30.96
CA THR P 273 -47.60 193.39 29.82
C THR P 273 -48.44 193.80 28.62
N LYS P 274 -47.76 194.24 27.57
CA LYS P 274 -48.41 194.71 26.34
C LYS P 274 -49.37 195.86 26.66
N VAL P 275 -48.96 196.73 27.58
CA VAL P 275 -49.84 197.82 27.99
C VAL P 275 -50.06 198.79 26.84
N ASP P 276 -49.01 199.09 26.06
CA ASP P 276 -49.19 199.97 24.92
C ASP P 276 -50.16 199.37 23.92
N LEU P 277 -50.05 198.07 23.66
CA LEU P 277 -51.06 197.38 22.87
C LEU P 277 -52.41 197.39 23.58
N ALA P 278 -52.39 197.28 24.91
CA ALA P 278 -53.62 197.26 25.68
C ALA P 278 -54.40 198.57 25.56
N GLU P 279 -53.75 199.68 25.22
CA GLU P 279 -54.45 200.95 25.12
C GLU P 279 -55.62 200.85 24.15
N LYS P 280 -55.39 200.25 22.97
CA LYS P 280 -56.46 200.00 22.02
C LYS P 280 -57.11 198.63 22.21
N ASN P 281 -56.51 197.76 23.02
CA ASN P 281 -57.00 196.40 23.24
C ASN P 281 -57.00 196.08 24.72
N VAL P 282 -57.47 197.02 25.54
CA VAL P 282 -57.42 196.84 26.99
C VAL P 282 -58.25 195.62 27.39
N ALA P 283 -57.71 194.84 28.32
CA ALA P 283 -58.48 193.76 28.92
C ALA P 283 -59.64 194.35 29.71
N SER P 284 -60.82 193.78 29.53
CA SER P 284 -62.03 194.38 30.09
C SER P 284 -61.91 194.45 31.62
N PRO P 285 -62.46 195.48 32.25
CA PRO P 285 -62.38 195.58 33.72
C PRO P 285 -62.88 194.34 34.42
N SER P 286 -63.97 193.73 33.91
CA SER P 286 -64.69 192.70 34.63
C SER P 286 -63.86 191.46 34.88
N ARG P 287 -62.74 191.31 34.19
CA ARG P 287 -61.86 190.15 34.37
C ARG P 287 -60.46 190.56 34.81
N ILE P 288 -59.96 191.70 34.34
CA ILE P 288 -58.59 192.09 34.65
C ILE P 288 -58.52 192.77 36.01
N GLN P 289 -59.50 193.61 36.35
CA GLN P 289 -59.45 194.29 37.65
C GLN P 289 -59.63 193.32 38.80
N GLN P 290 -60.40 192.25 38.59
CA GLN P 290 -60.53 191.20 39.59
C GLN P 290 -59.26 190.40 39.76
N ILE P 291 -58.38 190.42 38.76
CA ILE P 291 -57.05 189.84 38.90
C ILE P 291 -56.12 190.80 39.64
N ILE P 292 -56.19 192.08 39.27
CA ILE P 292 -55.37 193.10 39.93
C ILE P 292 -55.73 193.20 41.41
N GLU P 293 -57.01 193.02 41.73
CA GLU P 293 -57.47 193.08 43.10
C GLU P 293 -57.41 191.74 43.81
N GLY P 294 -56.95 190.69 43.13
CA GLY P 294 -56.86 189.38 43.75
C GLY P 294 -58.20 188.76 44.07
N LYS P 295 -59.22 188.99 43.23
CA LYS P 295 -60.55 188.48 43.47
C LYS P 295 -60.97 187.40 42.48
N LEU P 296 -60.57 187.51 41.21
CA LEU P 296 -60.87 186.44 40.25
C LEU P 296 -60.04 185.20 40.55
N PHE P 297 -58.84 185.40 41.07
CA PHE P 297 -57.94 184.32 41.44
C PHE P 297 -57.48 184.48 42.89
N PRO P 298 -57.19 183.39 43.59
CA PRO P 298 -56.68 183.52 44.96
C PRO P 298 -55.37 184.27 45.06
N MET P 299 -54.69 184.49 43.94
CA MET P 299 -53.40 185.15 43.95
C MET P 299 -53.47 186.50 44.65
N LYS P 300 -52.72 186.64 45.73
CA LYS P 300 -52.42 187.94 46.31
C LYS P 300 -50.99 188.33 45.93
N ALA P 301 -50.67 189.61 46.10
CA ALA P 301 -49.39 190.11 45.63
C ALA P 301 -48.89 191.21 46.54
N LEU P 302 -47.59 191.47 46.46
CA LEU P 302 -46.98 192.62 47.10
C LEU P 302 -47.30 193.91 46.39
N GLY P 303 -47.92 193.82 45.22
CA GLY P 303 -48.29 194.96 44.41
C GLY P 303 -48.56 194.50 43.00
N TYR P 304 -49.47 195.22 42.33
CA TYR P 304 -49.91 194.86 40.99
C TYR P 304 -49.37 195.88 40.03
N PHE P 305 -48.43 195.44 39.20
CA PHE P 305 -47.61 196.30 38.37
C PHE P 305 -47.98 196.12 36.90
N ALA P 306 -47.36 196.93 36.06
CA ALA P 306 -47.50 196.75 34.62
C ALA P 306 -46.32 197.40 33.91
N VAL P 307 -45.84 196.73 32.86
CA VAL P 307 -44.78 197.24 32.02
C VAL P 307 -45.16 196.98 30.57
N VAL P 308 -44.55 197.74 29.67
CA VAL P 308 -44.80 197.56 28.24
C VAL P 308 -43.70 196.69 27.67
N THR P 309 -44.07 195.83 26.73
CA THR P 309 -43.14 194.89 26.12
C THR P 309 -42.87 195.20 24.66
N GLY P 310 -43.46 196.26 24.11
CA GLY P 310 -43.35 196.62 22.72
C GLY P 310 -44.69 196.56 22.03
N LYS P 311 -44.67 196.69 20.71
CA LYS P 311 -45.86 196.55 19.87
C LYS P 311 -45.88 195.24 19.10
N GLY P 312 -45.15 194.23 19.57
CA GLY P 312 -45.05 192.97 18.89
C GLY P 312 -43.82 192.85 18.00
N ASN P 313 -43.15 193.95 17.71
CA ASN P 313 -41.90 193.89 16.97
C ASN P 313 -40.80 193.32 17.86
N SER P 314 -39.96 192.47 17.30
CA SER P 314 -38.97 191.74 18.08
C SER P 314 -37.65 192.48 18.21
N SER P 315 -37.39 193.47 17.37
CA SER P 315 -36.12 194.19 17.38
C SER P 315 -36.13 195.45 18.22
N GLU P 316 -37.25 195.75 18.89
CA GLU P 316 -37.36 196.99 19.64
C GLU P 316 -36.30 197.08 20.73
N SER P 317 -35.70 198.27 20.86
CA SER P 317 -34.65 198.50 21.83
C SER P 317 -35.24 198.71 23.23
N ILE P 318 -34.35 198.73 24.22
CA ILE P 318 -34.76 198.95 25.60
C ILE P 318 -35.34 200.35 25.77
N GLU P 319 -34.62 201.36 25.27
CA GLU P 319 -35.03 202.75 25.46
C GLU P 319 -36.37 203.03 24.79
N ALA P 320 -36.57 202.53 23.57
CA ALA P 320 -37.85 202.72 22.89
C ALA P 320 -38.98 202.18 23.75
N ILE P 321 -38.86 200.93 24.20
CA ILE P 321 -39.93 200.30 24.96
C ILE P 321 -40.23 201.11 26.22
N ARG P 322 -39.18 201.56 26.92
CA ARG P 322 -39.40 202.35 28.13
C ARG P 322 -40.12 203.67 27.82
N GLU P 323 -39.75 204.32 26.71
CA GLU P 323 -40.45 205.54 26.32
C GLU P 323 -41.92 205.26 26.06
N TYR P 324 -42.20 204.17 25.35
CA TYR P 324 -43.58 203.86 25.04
C TYR P 324 -44.34 203.59 26.34
N GLU P 325 -43.67 202.94 27.30
CA GLU P 325 -44.24 202.69 28.62
C GLU P 325 -44.67 203.99 29.28
N GLU P 326 -43.79 204.99 29.24
CA GLU P 326 -44.09 206.25 29.89
C GLU P 326 -45.29 206.93 29.24
N GLU P 327 -45.33 206.95 27.90
CA GLU P 327 -46.49 207.55 27.22
C GLU P 327 -47.77 206.83 27.62
N PHE P 328 -47.76 205.49 27.56
CA PHE P 328 -48.96 204.73 27.88
C PHE P 328 -49.45 205.06 29.29
N PHE P 329 -48.57 204.93 30.28
CA PHE P 329 -49.02 205.11 31.66
C PHE P 329 -49.37 206.56 31.97
N GLN P 330 -48.85 207.52 31.22
CA GLN P 330 -49.38 208.87 31.37
C GLN P 330 -50.80 208.99 30.83
N ASN P 331 -51.13 208.30 29.73
CA ASN P 331 -52.38 208.60 29.04
C ASN P 331 -53.47 207.53 29.14
N SER P 332 -53.18 206.32 29.61
CA SER P 332 -54.05 205.18 29.34
C SER P 332 -54.87 204.74 30.56
N LYS P 333 -55.68 203.71 30.32
CA LYS P 333 -56.74 203.30 31.25
C LYS P 333 -56.19 202.63 32.51
N LEU P 334 -55.01 202.02 32.43
CA LEU P 334 -54.53 201.24 33.57
C LEU P 334 -54.46 202.07 34.84
N LEU P 335 -54.27 203.39 34.71
CA LEU P 335 -54.26 204.28 35.87
C LEU P 335 -55.50 205.17 35.97
N LYS P 336 -56.03 205.67 34.86
CA LYS P 336 -57.11 206.64 34.93
C LYS P 336 -58.35 206.05 35.61
N THR P 337 -58.55 204.75 35.51
CA THR P 337 -59.66 204.06 36.15
C THR P 337 -59.24 203.32 37.41
N SER P 338 -58.01 203.55 37.87
CA SER P 338 -57.57 203.07 39.18
C SER P 338 -57.68 201.56 39.32
N MET P 339 -57.01 200.84 38.42
CA MET P 339 -56.78 199.41 38.64
C MET P 339 -55.39 199.19 39.24
N LEU P 340 -54.36 199.68 38.57
CA LEU P 340 -52.99 199.58 39.01
C LEU P 340 -52.60 200.84 39.77
N LYS P 341 -51.56 200.71 40.59
CA LYS P 341 -51.11 201.82 41.41
C LYS P 341 -50.02 202.58 40.67
N ALA P 342 -50.06 203.91 40.77
CA ALA P 342 -49.15 204.74 40.00
C ALA P 342 -47.69 204.47 40.35
N HIS P 343 -47.40 204.18 41.62
CA HIS P 343 -46.05 203.87 42.04
C HIS P 343 -45.63 202.45 41.69
N GLN P 344 -46.52 201.66 41.07
CA GLN P 344 -46.24 200.28 40.71
C GLN P 344 -46.23 200.05 39.20
N VAL P 345 -46.11 201.11 38.40
CA VAL P 345 -46.08 200.96 36.94
C VAL P 345 -44.77 201.51 36.41
N THR P 346 -44.45 201.11 35.18
CA THR P 346 -43.21 201.49 34.51
C THR P 346 -42.08 200.56 34.93
N THR P 347 -41.03 200.48 34.11
CA THR P 347 -39.97 199.51 34.35
C THR P 347 -39.23 199.78 35.66
N ARG P 348 -38.92 201.05 35.93
CA ARG P 348 -38.06 201.35 37.07
C ARG P 348 -38.72 200.97 38.38
N ASN P 349 -40.02 201.21 38.52
CA ASN P 349 -40.70 200.91 39.77
C ASN P 349 -40.75 199.41 40.02
N LEU P 350 -41.03 198.63 38.98
CA LEU P 350 -41.04 197.18 39.12
C LEU P 350 -39.66 196.66 39.47
N SER P 351 -38.63 197.16 38.78
CA SER P 351 -37.27 196.70 39.05
C SER P 351 -36.86 197.02 40.48
N LEU P 352 -37.16 198.23 40.95
CA LEU P 352 -36.77 198.61 42.31
C LEU P 352 -37.54 197.80 43.35
N ALA P 353 -38.84 197.59 43.13
CA ALA P 353 -39.61 196.79 44.08
C ALA P 353 -39.06 195.37 44.15
N VAL P 354 -38.76 194.78 42.99
CA VAL P 354 -38.25 193.41 42.99
C VAL P 354 -36.89 193.34 43.68
N SER P 355 -36.00 194.29 43.41
CA SER P 355 -34.68 194.27 44.03
C SER P 355 -34.78 194.40 45.54
N ASP P 356 -35.63 195.32 46.01
CA ASP P 356 -35.72 195.56 47.45
C ASP P 356 -36.29 194.33 48.14
N CYS P 357 -37.42 193.81 47.63
CA CYS P 357 -38.01 192.63 48.25
C CYS P 357 -37.06 191.45 48.17
N PHE P 358 -36.40 191.29 47.01
CA PHE P 358 -35.48 190.19 46.83
C PHE P 358 -34.35 190.24 47.83
N TRP P 359 -33.68 191.39 47.95
CA TRP P 359 -32.48 191.39 48.77
C TRP P 359 -32.82 191.37 50.26
N LYS P 360 -33.97 191.92 50.67
CA LYS P 360 -34.37 191.71 52.06
C LYS P 360 -34.64 190.24 52.33
N MET P 361 -35.38 189.59 51.43
CA MET P 361 -35.61 188.15 51.57
C MET P 361 -34.29 187.38 51.59
N VAL P 362 -33.32 187.83 50.79
CA VAL P 362 -32.00 187.20 50.77
C VAL P 362 -31.32 187.34 52.12
N ARG P 363 -31.26 188.56 52.65
CA ARG P 363 -30.59 188.75 53.94
C ARG P 363 -31.24 187.91 55.02
N GLU P 364 -32.56 187.76 54.98
CA GLU P 364 -33.24 187.00 56.02
C GLU P 364 -33.07 185.50 55.84
N SER P 365 -33.12 185.00 54.60
CA SER P 365 -33.17 183.55 54.39
C SER P 365 -31.80 182.93 54.12
N VAL P 366 -30.87 183.66 53.51
CA VAL P 366 -29.60 183.04 53.14
C VAL P 366 -28.74 182.81 54.36
N GLU P 367 -28.79 183.69 55.36
CA GLU P 367 -28.00 183.44 56.56
C GLU P 367 -28.50 182.19 57.28
N GLN P 368 -29.81 182.03 57.42
CA GLN P 368 -30.33 180.83 58.07
C GLN P 368 -29.97 179.60 57.25
N GLN P 369 -30.12 179.67 55.92
CA GLN P 369 -29.84 178.50 55.12
C GLN P 369 -28.34 178.26 54.98
N ALA P 370 -27.52 179.27 55.21
CA ALA P 370 -26.07 179.09 55.16
C ALA P 370 -25.57 178.42 56.44
N ASP P 371 -26.13 178.80 57.59
CA ASP P 371 -25.89 178.00 58.78
C ASP P 371 -26.38 176.57 58.56
N SER P 372 -27.53 176.44 57.90
CA SER P 372 -28.05 175.12 57.58
C SER P 372 -27.17 174.39 56.57
N PHE P 373 -26.44 175.11 55.72
CA PHE P 373 -25.54 174.46 54.77
C PHE P 373 -24.22 174.06 55.41
N LYS P 374 -23.76 174.81 56.42
CA LYS P 374 -22.71 174.27 57.27
C LYS P 374 -23.19 172.98 57.90
N ALA P 375 -24.41 173.01 58.44
CA ALA P 375 -25.02 171.81 58.97
C ALA P 375 -25.11 170.72 57.90
N THR P 376 -25.39 171.11 56.66
CA THR P 376 -25.55 170.15 55.57
C THR P 376 -24.23 169.46 55.26
N ARG P 377 -23.13 170.21 55.25
CA ARG P 377 -21.84 169.59 55.00
C ARG P 377 -21.43 168.67 56.14
N PHE P 378 -21.69 169.08 57.40
CA PHE P 378 -21.45 168.14 58.50
C PHE P 378 -22.38 166.94 58.40
N ASN P 379 -23.60 167.14 57.92
CA ASN P 379 -24.55 166.03 57.79
C ASN P 379 -24.05 165.03 56.75
N LEU P 380 -23.54 165.52 55.62
CA LEU P 380 -22.93 164.64 54.64
C LEU P 380 -21.71 163.93 55.23
N GLU P 381 -20.95 164.63 56.08
CA GLU P 381 -19.81 163.98 56.74
C GLU P 381 -20.30 162.82 57.61
N THR P 382 -21.39 163.04 58.33
CA THR P 382 -21.94 162.06 59.26
C THR P 382 -22.19 160.74 58.54
N GLU P 383 -23.06 160.76 57.54
CA GLU P 383 -23.38 159.55 56.80
C GLU P 383 -22.16 159.01 56.05
N TRP P 384 -21.42 159.89 55.36
CA TRP P 384 -20.35 159.41 54.49
C TRP P 384 -19.28 158.66 55.27
N LYS P 385 -18.84 159.21 56.41
CA LYS P 385 -17.78 158.56 57.15
C LYS P 385 -18.21 157.19 57.64
N ASN P 386 -19.46 157.06 58.08
CA ASN P 386 -19.99 155.75 58.44
C ASN P 386 -19.97 154.81 57.24
N ASN P 387 -20.37 155.31 56.06
CA ASN P 387 -20.41 154.46 54.88
C ASN P 387 -19.02 153.98 54.48
N TYR P 388 -18.06 154.89 54.41
CA TYR P 388 -16.71 154.59 53.92
C TYR P 388 -15.69 155.20 54.86
N PRO P 389 -15.57 154.65 56.07
CA PRO P 389 -14.54 155.17 56.99
C PRO P 389 -13.13 155.02 56.47
N ARG P 390 -12.81 153.88 55.86
CA ARG P 390 -11.46 153.64 55.37
C ARG P 390 -11.14 154.53 54.17
N LEU P 391 -12.10 154.70 53.26
CA LEU P 391 -11.89 155.37 51.98
C LEU P 391 -12.82 156.56 51.86
N ARG P 392 -12.29 157.69 51.40
CA ARG P 392 -13.06 158.92 51.26
C ARG P 392 -13.17 159.34 49.80
N GLU P 393 -14.34 159.85 49.44
CA GLU P 393 -14.65 160.38 48.11
C GLU P 393 -14.06 159.52 46.98
N LEU P 394 -14.43 158.23 46.99
CA LEU P 394 -14.09 157.35 45.88
C LEU P 394 -15.06 157.46 44.70
N ASP P 395 -14.51 157.42 43.49
CA ASP P 395 -15.27 157.50 42.26
C ASP P 395 -15.25 156.28 41.37
N ARG P 396 -16.29 156.11 40.55
CA ARG P 396 -16.50 154.84 39.85
C ARG P 396 -15.44 154.71 38.77
N ASN P 397 -15.00 155.82 38.17
CA ASN P 397 -13.93 155.73 37.19
C ASN P 397 -12.60 155.29 37.79
N GLU P 398 -12.28 155.82 38.97
CA GLU P 398 -11.12 155.37 39.72
C GLU P 398 -11.23 153.88 40.02
N LEU P 399 -12.42 153.46 40.44
CA LEU P 399 -12.65 152.04 40.72
C LEU P 399 -12.44 151.19 39.49
N PHE P 400 -12.89 151.67 38.33
CA PHE P 400 -12.70 150.92 37.09
C PHE P 400 -11.22 150.78 36.76
N GLU P 401 -10.46 151.87 36.91
CA GLU P 401 -9.03 151.77 36.62
C GLU P 401 -8.35 150.77 37.55
N LYS P 402 -8.72 150.80 38.84
CA LYS P 402 -8.16 149.86 39.78
C LYS P 402 -8.51 148.43 39.41
N ALA P 403 -9.78 148.20 39.03
CA ALA P 403 -10.21 146.86 38.64
C ALA P 403 -9.49 146.39 37.38
N LYS P 404 -9.29 147.30 36.42
CA LYS P 404 -8.55 146.95 35.21
C LYS P 404 -7.15 146.49 35.55
N ASN P 405 -6.46 147.23 36.43
CA ASN P 405 -5.12 146.83 36.81
C ASN P 405 -5.14 145.46 37.48
N GLU P 406 -6.08 145.25 38.41
CA GLU P 406 -6.14 143.98 39.12
C GLU P 406 -6.43 142.83 38.18
N ILE P 407 -7.33 143.03 37.22
CA ILE P 407 -7.73 141.96 36.32
C ILE P 407 -6.59 141.60 35.37
N LEU P 408 -5.89 142.61 34.85
CA LEU P 408 -4.76 142.30 33.98
C LEU P 408 -3.65 141.61 34.77
N ASP P 409 -3.48 142.02 36.03
CA ASP P 409 -2.53 141.32 36.90
C ASP P 409 -2.95 139.87 37.14
N GLU P 410 -4.25 139.63 37.25
CA GLU P 410 -4.73 138.25 37.40
C GLU P 410 -4.44 137.43 36.17
N VAL P 411 -4.56 138.03 34.98
CA VAL P 411 -4.16 137.32 33.76
C VAL P 411 -2.68 136.95 33.84
N ILE P 412 -1.85 137.92 34.25
CA ILE P 412 -0.42 137.65 34.35
C ILE P 412 -0.17 136.52 35.35
N SER P 413 -0.91 136.53 36.47
CA SER P 413 -0.77 135.47 37.46
C SER P 413 -1.18 134.13 36.86
N LEU P 414 -2.20 134.13 36.00
CA LEU P 414 -2.56 132.91 35.27
C LEU P 414 -1.38 132.40 34.46
N SER P 415 -0.64 133.31 33.81
CA SER P 415 0.62 132.93 33.07
C SER P 415 1.57 132.28 34.09
N GLN P 416 1.56 132.72 35.37
CA GLN P 416 2.47 132.22 36.38
C GLN P 416 2.09 130.82 36.88
N VAL P 417 0.91 130.31 36.53
CA VAL P 417 0.55 128.97 36.95
C VAL P 417 1.57 127.98 36.42
N THR P 418 1.98 127.06 37.28
CA THR P 418 3.06 126.16 36.93
C THR P 418 2.63 125.28 35.75
N PRO P 419 3.55 124.98 34.82
CA PRO P 419 3.17 124.14 33.68
C PRO P 419 2.59 122.79 34.09
N LYS P 420 3.12 122.19 35.16
CA LYS P 420 2.62 120.89 35.60
C LYS P 420 1.16 120.99 36.02
N HIS P 421 0.75 122.12 36.60
CA HIS P 421 -0.65 122.28 36.98
C HIS P 421 -1.56 122.17 35.75
N TRP P 422 -1.22 122.93 34.70
CA TRP P 422 -2.00 122.88 33.48
C TRP P 422 -2.00 121.48 32.89
N GLU P 423 -0.82 120.86 32.82
CA GLU P 423 -0.70 119.53 32.23
C GLU P 423 -1.49 118.50 33.01
N GLU P 424 -1.47 118.61 34.35
CA GLU P 424 -2.22 117.67 35.18
C GLU P 424 -3.71 117.79 34.91
N ILE P 425 -4.23 119.03 34.89
CA ILE P 425 -5.66 119.21 34.63
C ILE P 425 -6.00 118.63 33.26
N LEU P 426 -5.18 118.97 32.26
CA LEU P 426 -5.48 118.54 30.89
C LEU P 426 -5.46 117.03 30.78
N GLN P 427 -4.44 116.37 31.34
CA GLN P 427 -4.34 114.93 31.21
C GLN P 427 -5.44 114.21 31.97
N GLN P 428 -5.76 114.67 33.18
CA GLN P 428 -6.82 114.00 33.94
C GLN P 428 -8.14 114.10 33.20
N SER P 429 -8.46 115.30 32.71
CA SER P 429 -9.69 115.45 31.94
C SER P 429 -9.66 114.60 30.67
N LEU P 430 -8.50 114.55 30.00
CA LEU P 430 -8.39 113.79 28.76
C LEU P 430 -8.62 112.30 29.01
N TRP P 431 -8.05 111.78 30.09
CA TRP P 431 -8.22 110.37 30.41
C TRP P 431 -9.66 110.06 30.82
N GLU P 432 -10.33 110.99 31.51
CA GLU P 432 -11.73 110.77 31.82
C GLU P 432 -12.57 110.62 30.57
N ARG P 433 -12.11 111.19 29.44
CA ARG P 433 -12.91 111.26 28.23
C ARG P 433 -12.80 110.01 27.37
N VAL P 434 -11.88 109.09 27.67
CA VAL P 434 -11.58 108.00 26.75
C VAL P 434 -11.53 106.64 27.44
N SER P 435 -11.25 106.62 28.75
CA SER P 435 -10.97 105.34 29.40
C SER P 435 -12.14 104.38 29.28
N THR P 436 -13.36 104.88 29.47
CA THR P 436 -14.54 104.02 29.28
C THR P 436 -14.58 103.50 27.86
N HIS P 437 -14.28 104.36 26.89
CA HIS P 437 -14.20 103.91 25.50
C HIS P 437 -13.02 102.98 25.29
N VAL P 438 -11.90 103.23 25.99
CA VAL P 438 -10.74 102.35 25.86
C VAL P 438 -11.12 100.92 26.18
N ILE P 439 -11.83 100.71 27.30
CA ILE P 439 -12.17 99.34 27.67
C ILE P 439 -13.36 98.83 26.86
N GLU P 440 -14.40 99.65 26.71
CA GLU P 440 -15.64 99.17 26.10
C GLU P 440 -15.44 98.84 24.62
N ASN P 441 -14.69 99.67 23.90
CA ASN P 441 -14.57 99.55 22.46
C ASN P 441 -13.33 98.79 22.01
N ILE P 442 -12.24 98.85 22.78
CA ILE P 442 -10.99 98.19 22.42
C ILE P 442 -10.74 96.96 23.29
N TYR P 443 -10.60 97.16 24.61
CA TYR P 443 -10.05 96.10 25.45
C TYR P 443 -10.95 94.87 25.44
N LEU P 444 -12.25 95.06 25.66
CA LEU P 444 -13.16 93.92 25.76
C LEU P 444 -13.15 93.08 24.50
N PRO P 445 -13.39 93.64 23.31
CA PRO P 445 -13.33 92.82 22.08
C PRO P 445 -11.93 92.37 21.73
N ALA P 446 -10.91 93.17 22.05
CA ALA P 446 -9.55 92.80 21.67
C ALA P 446 -9.04 91.63 22.51
N ALA P 447 -9.30 91.67 23.82
CA ALA P 447 -8.75 90.68 24.74
C ALA P 447 -9.42 89.32 24.62
N GLN P 448 -10.53 89.22 23.90
CA GLN P 448 -11.24 87.95 23.75
C GLN P 448 -10.75 87.12 22.58
N THR P 449 -9.73 87.60 21.85
CA THR P 449 -9.29 86.90 20.66
C THR P 449 -8.42 85.70 21.03
N MET P 450 -8.31 84.77 20.08
CA MET P 450 -7.36 83.66 20.15
C MET P 450 -6.09 83.98 19.38
N ASN P 451 -5.97 85.20 18.87
CA ASN P 451 -4.83 85.60 18.05
C ASN P 451 -4.54 87.06 18.39
N SER P 452 -3.41 87.31 19.06
CA SER P 452 -3.10 88.64 19.53
C SER P 452 -2.98 89.64 18.38
N GLY P 453 -2.78 89.17 17.15
CA GLY P 453 -2.81 90.07 16.02
C GLY P 453 -4.15 90.74 15.83
N THR P 454 -5.24 90.02 16.09
CA THR P 454 -6.57 90.62 16.02
C THR P 454 -6.88 91.48 17.24
N PHE P 455 -6.30 91.15 18.39
CA PHE P 455 -6.30 92.07 19.51
C PHE P 455 -5.73 93.42 19.10
N ASN P 456 -4.51 93.41 18.53
CA ASN P 456 -3.88 94.66 18.14
C ASN P 456 -4.59 95.30 16.97
N THR P 457 -5.23 94.50 16.11
CA THR P 457 -6.00 95.07 15.00
C THR P 457 -7.20 95.85 15.51
N THR P 458 -7.93 95.28 16.49
CA THR P 458 -9.03 96.01 17.11
C THR P 458 -8.52 97.28 17.76
N VAL P 459 -7.41 97.16 18.50
CA VAL P 459 -6.75 98.34 19.07
C VAL P 459 -6.56 99.41 18.01
N ASP P 460 -5.90 99.06 16.91
CA ASP P 460 -5.51 100.04 15.92
C ASP P 460 -6.71 100.61 15.20
N ILE P 461 -7.72 99.80 14.92
CA ILE P 461 -8.93 100.31 14.28
C ILE P 461 -9.53 101.42 15.13
N LYS P 462 -9.78 101.13 16.40
CA LYS P 462 -10.44 102.11 17.24
C LYS P 462 -9.55 103.33 17.46
N LEU P 463 -8.26 103.11 17.73
CA LEU P 463 -7.37 104.23 18.01
C LEU P 463 -7.20 105.12 16.80
N LYS P 464 -7.07 104.54 15.61
CA LYS P 464 -6.88 105.35 14.42
C LYS P 464 -8.13 106.14 14.10
N GLN P 465 -9.31 105.53 14.24
CA GLN P 465 -10.54 106.28 14.00
C GLN P 465 -10.65 107.45 14.98
N TRP P 466 -10.39 107.19 16.26
CA TRP P 466 -10.50 108.25 17.27
C TRP P 466 -9.48 109.36 17.00
N THR P 467 -8.25 109.00 16.70
CA THR P 467 -7.22 109.99 16.45
C THR P 467 -7.57 110.84 15.22
N ASP P 468 -8.07 110.20 14.17
CA ASP P 468 -8.36 110.94 12.95
C ASP P 468 -9.52 111.89 13.14
N LYS P 469 -10.58 111.46 13.84
CA LYS P 469 -11.81 112.23 13.88
C LYS P 469 -12.24 112.69 15.28
N GLN P 470 -11.66 112.17 16.35
CA GLN P 470 -12.13 112.52 17.69
C GLN P 470 -11.08 113.24 18.53
N LEU P 471 -9.91 112.63 18.73
CA LEU P 471 -8.99 113.12 19.76
C LEU P 471 -8.63 114.59 19.58
N PRO P 472 -8.29 115.08 18.38
CA PRO P 472 -7.98 116.52 18.25
C PRO P 472 -9.17 117.43 18.50
N ASN P 473 -10.39 116.88 18.57
CA ASN P 473 -11.57 117.67 18.89
C ASN P 473 -11.89 117.65 20.39
N LYS P 474 -11.62 116.53 21.07
CA LYS P 474 -11.80 116.49 22.51
C LYS P 474 -10.72 117.27 23.24
N ALA P 475 -9.48 117.22 22.72
CA ALA P 475 -8.37 117.86 23.41
C ALA P 475 -8.55 119.37 23.46
N VAL P 476 -9.02 119.96 22.37
CA VAL P 476 -9.19 121.42 22.35
C VAL P 476 -10.32 121.83 23.27
N GLU P 477 -11.38 121.03 23.33
CA GLU P 477 -12.46 121.31 24.28
C GLU P 477 -11.90 121.31 25.70
N VAL P 478 -11.14 120.27 26.04
CA VAL P 478 -10.58 120.15 27.38
C VAL P 478 -9.72 121.37 27.69
N ALA P 479 -8.84 121.74 26.76
CA ALA P 479 -7.87 122.80 27.04
C ALA P 479 -8.55 124.16 27.17
N TRP P 480 -9.47 124.50 26.25
CA TRP P 480 -10.04 125.83 26.29
C TRP P 480 -11.01 125.95 27.47
N GLU P 481 -11.73 124.87 27.79
CA GLU P 481 -12.54 124.87 29.01
C GLU P 481 -11.65 125.02 30.24
N THR P 482 -10.50 124.35 30.25
CA THR P 482 -9.60 124.45 31.40
C THR P 482 -9.08 125.86 31.58
N LEU P 483 -8.69 126.50 30.47
CA LEU P 483 -8.23 127.88 30.57
C LEU P 483 -9.34 128.80 31.04
N GLN P 484 -10.55 128.61 30.52
CA GLN P 484 -11.68 129.44 30.96
C GLN P 484 -11.93 129.25 32.45
N GLU P 485 -11.88 128.00 32.91
CA GLU P 485 -12.20 127.72 34.31
C GLU P 485 -11.14 128.27 35.25
N GLU P 486 -9.86 128.08 34.93
CA GLU P 486 -8.79 128.60 35.79
C GLU P 486 -8.77 130.12 35.75
N PHE P 487 -9.04 130.71 34.57
CA PHE P 487 -9.19 132.14 34.45
C PHE P 487 -10.28 132.65 35.37
N SER P 488 -11.41 131.96 35.40
CA SER P 488 -12.48 132.32 36.33
C SER P 488 -12.03 132.20 37.78
N ARG P 489 -11.31 131.12 38.12
CA ARG P 489 -10.97 130.87 39.51
C ARG P 489 -9.98 131.89 40.05
N PHE P 490 -8.94 132.23 39.27
CA PHE P 490 -8.00 133.25 39.72
C PHE P 490 -8.71 134.57 40.01
N MET P 491 -9.78 134.86 39.28
CA MET P 491 -10.46 136.14 39.39
C MET P 491 -11.51 136.19 40.50
N THR P 492 -11.83 135.05 41.12
CA THR P 492 -12.98 135.03 42.04
C THR P 492 -12.67 134.40 43.39
N GLU P 493 -11.78 133.43 43.44
CA GLU P 493 -11.58 132.67 44.67
C GLU P 493 -10.76 133.49 45.67
N PRO P 494 -11.26 133.75 46.88
CA PRO P 494 -10.49 134.55 47.83
C PRO P 494 -9.27 133.80 48.35
N LYS P 495 -8.19 134.56 48.56
CA LYS P 495 -6.98 134.01 49.18
C LYS P 495 -7.04 134.26 50.69
N GLY P 496 -8.05 133.66 51.31
CA GLY P 496 -8.25 133.81 52.74
C GLY P 496 -8.92 135.13 53.10
N LYS P 497 -8.73 135.51 54.37
CA LYS P 497 -9.41 136.68 54.92
C LYS P 497 -8.94 137.99 54.30
N GLU P 498 -7.81 137.98 53.58
CA GLU P 498 -7.27 139.21 53.02
C GLU P 498 -7.89 139.59 51.68
N HIS P 499 -8.81 138.79 51.15
CA HIS P 499 -9.41 139.06 49.86
C HIS P 499 -10.25 140.35 49.89
N ASP P 500 -10.13 141.14 48.83
CA ASP P 500 -10.94 142.34 48.63
C ASP P 500 -11.84 142.09 47.42
N ASP P 501 -13.15 142.06 47.65
CA ASP P 501 -14.14 141.75 46.63
C ASP P 501 -14.68 142.99 45.91
N ILE P 502 -14.09 144.16 46.14
CA ILE P 502 -14.63 145.39 45.58
C ILE P 502 -14.75 145.31 44.06
N PHE P 503 -13.77 144.70 43.40
CA PHE P 503 -13.75 144.61 41.94
C PHE P 503 -14.26 143.28 41.41
N ASP P 504 -14.90 142.46 42.26
CA ASP P 504 -15.37 141.16 41.79
C ASP P 504 -16.41 141.32 40.70
N LYS P 505 -17.32 142.30 40.84
CA LYS P 505 -18.29 142.55 39.78
C LYS P 505 -17.59 142.86 38.47
N LEU P 506 -16.59 143.75 38.50
CA LEU P 506 -15.88 144.12 37.29
C LEU P 506 -15.10 142.94 36.73
N LYS P 507 -14.52 142.11 37.61
CA LYS P 507 -13.83 140.91 37.16
C LYS P 507 -14.79 139.99 36.40
N GLU P 508 -15.97 139.75 36.97
CA GLU P 508 -16.93 138.87 36.34
C GLU P 508 -17.39 139.45 35.00
N ALA P 509 -17.60 140.76 34.95
CA ALA P 509 -18.01 141.40 33.71
C ALA P 509 -16.93 141.27 32.64
N VAL P 510 -15.67 141.45 33.02
CA VAL P 510 -14.57 141.30 32.07
C VAL P 510 -14.49 139.87 31.56
N LYS P 511 -14.71 138.91 32.45
CA LYS P 511 -14.45 137.50 32.14
C LYS P 511 -15.18 137.04 30.88
N GLU P 512 -16.50 137.25 30.84
CA GLU P 512 -17.30 136.71 29.75
C GLU P 512 -16.95 137.38 28.43
N GLU P 513 -16.81 138.70 28.43
CA GLU P 513 -16.46 139.41 27.20
C GLU P 513 -15.09 138.98 26.68
N SER P 514 -14.12 138.85 27.59
CA SER P 514 -12.78 138.46 27.17
C SER P 514 -12.78 137.05 26.58
N ILE P 515 -13.46 136.11 27.24
CA ILE P 515 -13.50 134.75 26.74
C ILE P 515 -14.18 134.71 25.38
N LYS P 516 -15.31 135.41 25.23
CA LYS P 516 -16.03 135.40 23.97
C LYS P 516 -15.18 135.97 22.85
N ARG P 517 -14.55 137.12 23.08
CA ARG P 517 -13.69 137.71 22.06
C ARG P 517 -12.51 136.81 21.76
N HIS P 518 -11.93 136.20 22.80
CA HIS P 518 -10.76 135.35 22.59
C HIS P 518 -11.19 133.98 22.05
N LYS P 519 -10.32 133.39 21.25
CA LYS P 519 -10.52 132.03 20.75
C LYS P 519 -9.25 131.22 20.95
N TRP P 520 -9.43 129.91 21.06
CA TRP P 520 -8.32 128.99 20.96
C TRP P 520 -7.94 128.84 19.50
N ASN P 521 -6.64 128.78 19.22
CA ASN P 521 -6.20 128.79 17.84
C ASN P 521 -6.64 127.54 17.10
N ASP P 522 -7.01 127.72 15.83
CA ASP P 522 -7.54 126.63 15.02
C ASP P 522 -6.50 125.55 14.77
N PHE P 523 -5.24 125.96 14.56
CA PHE P 523 -4.21 125.03 14.11
C PHE P 523 -4.10 123.83 15.06
N ALA P 524 -4.32 124.04 16.36
CA ALA P 524 -4.12 123.01 17.37
C ALA P 524 -4.64 121.65 16.91
N GLU P 525 -5.87 121.62 16.41
CA GLU P 525 -6.52 120.33 16.15
C GLU P 525 -5.70 119.47 15.21
N ASP P 526 -5.04 120.09 14.22
CA ASP P 526 -4.22 119.31 13.31
C ASP P 526 -2.97 118.79 14.02
N SER P 527 -2.27 119.67 14.74
CA SER P 527 -1.03 119.24 15.39
C SER P 527 -1.33 118.11 16.37
N LEU P 528 -2.36 118.30 17.19
CA LEU P 528 -2.76 117.23 18.10
C LEU P 528 -3.01 115.95 17.34
N ARG P 529 -3.77 116.04 16.23
CA ARG P 529 -4.07 114.84 15.45
C ARG P 529 -2.80 114.10 15.09
N VAL P 530 -1.76 114.84 14.71
CA VAL P 530 -0.49 114.18 14.43
C VAL P 530 0.15 113.70 15.73
N ILE P 531 0.26 114.60 16.71
CA ILE P 531 1.06 114.29 17.89
C ILE P 531 0.50 113.04 18.56
N GLN P 532 -0.81 113.04 18.82
CA GLN P 532 -1.45 111.90 19.45
C GLN P 532 -1.11 110.64 18.69
N HIS P 533 -1.28 110.67 17.37
CA HIS P 533 -1.02 109.47 16.57
C HIS P 533 0.37 108.93 16.86
N ASN P 534 1.37 109.81 16.81
CA ASN P 534 2.74 109.33 16.99
C ASN P 534 2.91 108.73 18.38
N ALA P 535 2.32 109.35 19.40
CA ALA P 535 2.45 108.81 20.75
C ALA P 535 1.89 107.40 20.80
N LEU P 536 0.81 107.14 20.08
CA LEU P 536 0.28 105.78 19.99
C LEU P 536 1.16 104.94 19.07
N GLU P 537 1.61 105.51 17.96
CA GLU P 537 2.31 104.71 16.95
C GLU P 537 3.55 104.06 17.54
N ASP P 538 4.23 104.73 18.46
CA ASP P 538 5.34 104.12 19.19
C ASP P 538 4.78 103.05 20.13
N ARG P 539 5.14 101.80 19.87
CA ARG P 539 4.63 100.66 20.63
C ARG P 539 5.67 100.08 21.57
N SER P 540 6.86 100.68 21.66
CA SER P 540 7.99 100.08 22.35
C SER P 540 8.14 100.71 23.73
N ILE P 541 7.99 99.90 24.77
CA ILE P 541 8.20 100.36 26.13
C ILE P 541 9.70 100.39 26.42
N SER P 542 10.20 101.58 26.76
CA SER P 542 11.64 101.79 26.79
C SER P 542 12.34 101.13 27.97
N ASP P 543 11.66 100.94 29.10
CA ASP P 543 12.35 100.46 30.28
C ASP P 543 11.36 99.79 31.22
N LYS P 544 11.92 99.16 32.27
CA LYS P 544 11.11 98.47 33.26
C LYS P 544 10.19 99.41 34.01
N GLN P 545 10.67 100.60 34.39
CA GLN P 545 9.83 101.51 35.14
C GLN P 545 8.61 101.91 34.32
N GLN P 546 8.80 102.16 33.04
CA GLN P 546 7.69 102.48 32.16
C GLN P 546 6.73 101.30 32.06
N TRP P 547 7.25 100.08 31.97
CA TRP P 547 6.40 98.90 31.91
C TRP P 547 5.54 98.79 33.17
N ASP P 548 6.15 99.03 34.33
CA ASP P 548 5.42 98.98 35.59
C ASP P 548 4.37 100.07 35.67
N ALA P 549 4.69 101.28 35.20
CA ALA P 549 3.70 102.36 35.17
C ALA P 549 2.54 102.00 34.26
N ALA P 550 2.84 101.37 33.11
CA ALA P 550 1.78 100.90 32.24
C ALA P 550 0.88 99.90 32.96
N ILE P 551 1.49 98.99 33.72
CA ILE P 551 0.67 98.01 34.44
C ILE P 551 -0.16 98.68 35.53
N TYR P 552 0.39 99.69 36.22
CA TYR P 552 -0.40 100.41 37.23
C TYR P 552 -1.58 101.13 36.59
N PHE P 553 -1.34 101.79 35.46
CA PHE P 553 -2.39 102.50 34.74
C PHE P 553 -3.48 101.54 34.27
N MET P 554 -3.05 100.38 33.73
CA MET P 554 -3.98 99.34 33.34
C MET P 554 -4.78 98.82 34.53
N GLU P 555 -4.12 98.66 35.68
CA GLU P 555 -4.83 98.22 36.87
C GLU P 555 -5.86 99.25 37.30
N GLU P 556 -5.52 100.54 37.24
CA GLU P 556 -6.53 101.55 37.56
C GLU P 556 -7.75 101.40 36.67
N ALA P 557 -7.53 101.32 35.36
CA ALA P 557 -8.67 101.24 34.45
C ALA P 557 -9.51 99.98 34.69
N LEU P 558 -8.83 98.84 34.81
CA LEU P 558 -9.52 97.56 34.94
C LEU P 558 -10.22 97.44 36.28
N GLN P 559 -9.60 97.94 37.35
CA GLN P 559 -10.22 97.93 38.66
C GLN P 559 -11.44 98.84 38.69
N ALA P 560 -11.36 99.99 38.02
CA ALA P 560 -12.51 100.88 38.00
C ALA P 560 -13.68 100.24 37.29
N ARG P 561 -13.44 99.65 36.11
CA ARG P 561 -14.57 99.04 35.42
C ARG P 561 -15.07 97.80 36.16
N LEU P 562 -14.18 97.06 36.83
CA LEU P 562 -14.62 95.91 37.60
C LEU P 562 -15.50 96.32 38.76
N LYS P 563 -15.11 97.37 39.51
CA LYS P 563 -15.96 97.76 40.63
C LYS P 563 -17.30 98.28 40.13
N ASP P 564 -17.29 99.02 39.01
CA ASP P 564 -18.55 99.50 38.46
C ASP P 564 -19.44 98.34 38.05
N THR P 565 -18.86 97.31 37.42
CA THR P 565 -19.64 96.14 37.03
C THR P 565 -20.22 95.45 38.26
N GLU P 566 -19.42 95.30 39.32
CA GLU P 566 -19.90 94.65 40.52
C GLU P 566 -21.04 95.44 41.16
N ASN P 567 -20.92 96.76 41.21
CA ASN P 567 -21.98 97.57 41.79
C ASN P 567 -23.26 97.49 40.96
N ALA P 568 -23.12 97.47 39.62
CA ALA P 568 -24.29 97.30 38.77
C ALA P 568 -24.94 95.94 39.00
N ILE P 569 -24.12 94.90 39.19
CA ILE P 569 -24.68 93.59 39.50
C ILE P 569 -25.48 93.67 40.78
N GLU P 570 -24.89 94.20 41.85
CA GLU P 570 -25.62 94.30 43.11
C GLU P 570 -26.89 95.13 42.94
N ASN P 571 -26.87 96.09 42.03
CA ASN P 571 -28.08 96.89 41.79
C ASN P 571 -29.18 96.05 41.17
N MET P 572 -28.84 95.17 40.23
CA MET P 572 -29.89 94.39 39.57
C MET P 572 -30.28 93.11 40.32
N VAL P 573 -29.33 92.44 40.98
CA VAL P 573 -29.62 91.16 41.62
C VAL P 573 -30.12 91.31 43.04
N GLY P 574 -29.85 92.44 43.68
CA GLY P 574 -30.36 92.70 45.02
C GLY P 574 -29.50 92.12 46.13
N PRO P 575 -29.91 92.39 47.36
CA PRO P 575 -29.14 92.01 48.54
C PRO P 575 -28.68 90.56 48.59
N ASP P 576 -27.61 90.32 49.35
CA ASP P 576 -27.22 88.97 49.72
C ASP P 576 -28.12 88.43 50.82
N TRP P 577 -28.02 87.11 51.01
CA TRP P 577 -28.70 86.46 52.12
C TRP P 577 -28.04 86.81 53.44
N LYS P 578 -26.71 86.84 53.45
CA LYS P 578 -26.00 87.35 54.62
C LYS P 578 -26.45 88.77 54.93
N LYS P 579 -26.71 89.58 53.89
CA LYS P 579 -27.30 90.89 54.12
C LYS P 579 -28.70 90.76 54.72
N ARG P 580 -29.43 89.71 54.36
CA ARG P 580 -30.75 89.54 54.97
C ARG P 580 -30.65 89.33 56.47
N TRP P 581 -29.83 88.39 56.92
CA TRP P 581 -29.65 88.24 58.36
C TRP P 581 -28.99 89.46 58.99
N LEU P 582 -28.09 90.12 58.28
CA LEU P 582 -27.34 91.21 58.88
C LEU P 582 -28.20 92.45 59.09
N TYR P 583 -28.82 92.94 58.02
CA TYR P 583 -29.65 94.14 58.07
C TYR P 583 -31.12 93.90 57.71
N TRP P 584 -31.55 92.65 57.55
CA TRP P 584 -32.95 92.37 57.19
C TRP P 584 -33.29 92.94 55.83
N LYS P 585 -32.37 92.82 54.90
CA LYS P 585 -32.39 93.57 53.67
C LYS P 585 -32.20 92.59 52.51
N ASN P 586 -33.28 92.38 51.73
CA ASN P 586 -33.42 91.22 50.87
C ASN P 586 -33.64 91.66 49.43
N ARG P 587 -33.70 90.65 48.56
CA ARG P 587 -33.94 90.86 47.14
C ARG P 587 -35.38 91.30 46.91
N THR P 588 -35.55 92.25 46.01
CA THR P 588 -36.87 92.48 45.46
C THR P 588 -37.15 91.42 44.38
N GLN P 589 -38.42 91.31 43.99
CA GLN P 589 -38.81 90.23 43.08
C GLN P 589 -37.99 90.29 41.80
N GLU P 590 -37.87 91.48 41.21
CA GLU P 590 -37.02 91.65 40.04
C GLU P 590 -35.57 91.32 40.39
N GLN P 591 -35.12 91.74 41.57
CA GLN P 591 -33.78 91.38 42.01
C GLN P 591 -33.65 89.88 42.24
N CYS P 592 -34.71 89.21 42.72
CA CYS P 592 -34.66 87.75 42.84
C CYS P 592 -34.44 87.10 41.49
N VAL P 593 -35.18 87.54 40.48
CA VAL P 593 -35.03 86.98 39.14
C VAL P 593 -33.62 87.26 38.61
N HIS P 594 -33.13 88.47 38.83
CA HIS P 594 -31.80 88.83 38.36
C HIS P 594 -30.74 87.96 39.00
N ASN P 595 -30.86 87.70 40.31
CA ASN P 595 -29.84 86.92 40.98
C ASN P 595 -29.88 85.46 40.52
N GLU P 596 -31.08 84.90 40.34
CA GLU P 596 -31.13 83.51 39.88
C GLU P 596 -30.50 83.39 38.49
N THR P 597 -30.79 84.36 37.63
CA THR P 597 -30.13 84.39 36.32
C THR P 597 -28.62 84.50 36.48
N LYS P 598 -28.18 85.35 37.40
CA LYS P 598 -26.74 85.54 37.61
C LYS P 598 -26.08 84.25 38.08
N ASN P 599 -26.72 83.53 38.99
CA ASN P 599 -26.15 82.27 39.48
C ASN P 599 -26.02 81.26 38.35
N GLU P 600 -27.05 81.16 37.49
CA GLU P 600 -26.94 80.24 36.37
C GLU P 600 -25.83 80.66 35.41
N LEU P 601 -25.72 81.96 35.14
CA LEU P 601 -24.67 82.44 34.25
C LEU P 601 -23.29 82.23 34.84
N GLU P 602 -23.16 82.37 36.16
CA GLU P 602 -21.88 82.13 36.81
C GLU P 602 -21.52 80.65 36.76
N LYS P 603 -22.52 79.77 36.87
CA LYS P 603 -22.26 78.35 36.62
C LYS P 603 -21.74 78.13 35.21
N MET P 604 -22.36 78.82 34.23
CA MET P 604 -21.89 78.70 32.86
C MET P 604 -20.43 79.11 32.73
N LEU P 605 -20.06 80.24 33.33
CA LEU P 605 -18.68 80.70 33.23
C LEU P 605 -17.72 79.80 34.01
N LYS P 606 -18.18 79.21 35.12
CA LYS P 606 -17.36 78.23 35.83
C LYS P 606 -17.06 77.04 34.93
N CYS P 607 -18.08 76.52 34.23
CA CYS P 607 -17.86 75.41 33.33
C CYS P 607 -16.96 75.80 32.17
N ASN P 608 -17.13 77.02 31.66
CA ASN P 608 -16.35 77.52 30.53
C ASN P 608 -15.90 78.94 30.87
N GLU P 609 -14.63 79.07 31.29
CA GLU P 609 -14.08 80.38 31.60
C GLU P 609 -13.78 81.20 30.35
N GLU P 610 -13.78 80.58 29.16
CA GLU P 610 -13.46 81.26 27.92
C GLU P 610 -14.73 81.59 27.12
N HIS P 611 -15.90 81.49 27.73
CA HIS P 611 -17.14 81.79 27.03
C HIS P 611 -17.06 83.17 26.39
N PRO P 612 -17.49 83.32 25.14
CA PRO P 612 -17.48 84.65 24.52
C PRO P 612 -18.39 85.62 25.25
N ALA P 613 -18.09 86.91 25.08
CA ALA P 613 -18.82 87.95 25.81
C ALA P 613 -20.29 88.01 25.42
N TYR P 614 -20.67 87.42 24.29
CA TYR P 614 -22.03 87.52 23.78
C TYR P 614 -22.75 86.19 23.94
N LEU P 615 -23.93 86.24 24.56
CA LEU P 615 -24.82 85.08 24.59
C LEU P 615 -25.66 85.07 23.31
N ALA P 616 -25.58 83.97 22.57
CA ALA P 616 -26.43 83.80 21.41
C ALA P 616 -27.88 83.59 21.85
N SER P 617 -28.83 83.87 20.95
CA SER P 617 -30.27 83.77 21.26
C SER P 617 -30.53 82.38 21.83
N ASP P 618 -29.93 81.32 21.27
CA ASP P 618 -30.07 79.93 21.80
C ASP P 618 -29.48 79.86 23.22
N GLU P 619 -28.31 80.49 23.49
CA GLU P 619 -27.70 80.56 24.87
C GLU P 619 -28.61 81.37 25.81
N ILE P 620 -29.24 82.46 25.34
CA ILE P 620 -30.22 83.26 26.13
C ILE P 620 -31.41 82.31 26.35
N THR P 621 -31.77 81.45 25.36
CA THR P 621 -32.89 80.45 25.42
C THR P 621 -32.47 79.31 26.37
N THR P 622 -31.18 79.04 26.55
CA THR P 622 -30.72 78.08 27.60
C THR P 622 -30.93 78.68 29.01
N VAL P 623 -30.47 79.91 29.23
CA VAL P 623 -30.53 80.55 30.59
C VAL P 623 -32.04 80.71 30.87
N ARG P 624 -32.76 81.33 29.95
CA ARG P 624 -34.24 81.45 30.03
C ARG P 624 -34.85 80.07 29.77
N LYS P 625 -36.10 79.81 30.19
CA LYS P 625 -36.80 78.48 29.98
C LYS P 625 -36.23 77.48 31.00
N ASN P 626 -34.90 77.26 31.09
CA ASN P 626 -34.32 76.44 32.20
C ASN P 626 -34.64 77.22 33.49
N LEU P 627 -34.52 78.56 33.49
CA LEU P 627 -34.95 79.40 34.65
C LEU P 627 -36.48 79.28 34.81
N GLU P 628 -37.26 79.22 33.73
CA GLU P 628 -38.76 79.02 33.79
C GLU P 628 -39.01 77.65 34.46
N SER P 629 -38.17 76.63 34.22
CA SER P 629 -38.27 75.31 34.92
C SER P 629 -38.05 75.55 36.44
N ARG P 630 -37.12 76.44 36.85
CA ARG P 630 -36.97 76.78 38.27
C ARG P 630 -38.17 77.54 38.80
N GLY P 631 -39.00 78.09 37.93
CA GLY P 631 -40.07 78.99 38.31
C GLY P 631 -39.70 80.44 38.24
N VAL P 632 -38.42 80.77 38.02
CA VAL P 632 -38.01 82.15 37.83
C VAL P 632 -38.46 82.63 36.45
N GLU P 633 -38.92 83.86 36.39
CA GLU P 633 -39.56 84.42 35.20
C GLU P 633 -38.55 85.33 34.51
N VAL P 634 -38.06 84.91 33.34
CA VAL P 634 -36.93 85.61 32.66
C VAL P 634 -37.30 86.01 31.22
N ASP P 635 -36.73 87.11 30.69
CA ASP P 635 -36.98 87.62 29.31
C ASP P 635 -35.60 87.85 28.65
N PRO P 636 -35.45 87.82 27.30
CA PRO P 636 -34.12 87.92 26.68
C PRO P 636 -33.27 89.14 27.10
N SER P 637 -33.88 90.23 27.59
CA SER P 637 -33.15 91.46 27.92
C SER P 637 -32.58 91.41 29.34
N LEU P 638 -33.36 90.85 30.27
CA LEU P 638 -32.85 90.61 31.62
C LEU P 638 -31.56 89.83 31.56
N ILE P 639 -31.53 88.72 30.77
CA ILE P 639 -30.33 87.81 30.68
C ILE P 639 -29.25 88.52 29.85
N LYS P 640 -29.58 89.38 28.90
CA LYS P 640 -28.52 90.03 28.15
C LYS P 640 -27.76 91.02 29.04
N ASP P 641 -28.48 91.80 29.84
CA ASP P 641 -27.83 92.80 30.68
C ASP P 641 -27.15 92.15 31.88
N THR P 642 -27.79 91.17 32.51
CA THR P 642 -27.15 90.47 33.62
C THR P 642 -25.90 89.75 33.14
N TRP P 643 -25.95 89.14 31.96
CA TRP P 643 -24.78 88.51 31.37
C TRP P 643 -23.69 89.52 31.08
N HIS P 644 -24.04 90.68 30.54
CA HIS P 644 -23.01 91.68 30.32
C HIS P 644 -22.29 92.01 31.62
N GLN P 645 -23.06 92.23 32.69
CA GLN P 645 -22.42 92.59 33.95
C GLN P 645 -21.59 91.43 34.51
N VAL P 646 -22.17 90.22 34.56
CA VAL P 646 -21.45 89.08 35.13
C VAL P 646 -20.20 88.76 34.32
N TYR P 647 -20.34 88.74 32.99
CA TYR P 647 -19.22 88.43 32.12
C TYR P 647 -18.12 89.47 32.24
N ARG P 648 -18.49 90.75 32.31
CA ARG P 648 -17.46 91.78 32.46
C ARG P 648 -16.78 91.69 33.81
N ARG P 649 -17.52 91.30 34.86
CA ARG P 649 -16.87 91.04 36.15
C ARG P 649 -15.82 89.94 36.00
N HIS P 650 -16.22 88.82 35.41
CA HIS P 650 -15.29 87.71 35.18
C HIS P 650 -14.10 88.15 34.34
N PHE P 651 -14.38 88.88 33.27
CA PHE P 651 -13.35 89.28 32.32
C PHE P 651 -12.36 90.24 32.95
N LEU P 652 -12.85 91.19 33.73
CA LEU P 652 -11.97 92.19 34.34
C LEU P 652 -11.17 91.60 35.50
N LYS P 653 -11.76 90.67 36.26
CA LYS P 653 -10.95 89.99 37.27
C LYS P 653 -9.85 89.16 36.62
N THR P 654 -10.17 88.48 35.51
CA THR P 654 -9.12 87.77 34.77
C THR P 654 -8.07 88.75 34.27
N ALA P 655 -8.50 89.93 33.81
CA ALA P 655 -7.56 90.92 33.32
C ALA P 655 -6.66 91.44 34.43
N LEU P 656 -7.15 91.50 35.67
CA LEU P 656 -6.30 91.92 36.77
C LEU P 656 -5.35 90.81 37.19
N ASN P 657 -5.79 89.56 37.10
CA ASN P 657 -4.85 88.46 37.29
C ASN P 657 -3.74 88.51 36.24
N HIS P 658 -4.09 88.88 35.01
CA HIS P 658 -3.07 89.06 33.97
C HIS P 658 -2.21 90.26 34.27
N CYS P 659 -2.79 91.32 34.86
CA CYS P 659 -1.98 92.44 35.34
C CYS P 659 -0.87 91.93 36.25
N ASN P 660 -1.25 91.09 37.22
CA ASN P 660 -0.25 90.55 38.14
C ASN P 660 0.76 89.66 37.41
N LEU P 661 0.30 88.86 36.45
CA LEU P 661 1.21 87.98 35.72
C LEU P 661 2.25 88.78 34.93
N CYS P 662 1.81 89.83 34.23
CA CYS P 662 2.67 90.50 33.27
C CYS P 662 3.87 91.19 33.92
N ARG P 663 3.87 91.35 35.23
CA ARG P 663 4.96 92.08 35.88
C ARG P 663 6.31 91.44 35.59
N ARG P 664 6.42 90.12 35.78
CA ARG P 664 7.73 89.48 35.77
C ARG P 664 8.45 89.66 34.44
N GLY P 665 7.79 89.30 33.34
CA GLY P 665 8.47 89.28 32.06
C GLY P 665 7.83 90.02 30.92
N PHE P 666 8.46 91.11 30.50
CA PHE P 666 8.15 91.72 29.21
C PHE P 666 8.67 90.81 28.11
N TYR P 667 9.75 90.08 28.40
CA TYR P 667 10.35 89.12 27.48
C TYR P 667 9.39 87.98 27.17
N TYR P 668 8.68 87.47 28.18
CA TYR P 668 7.66 86.46 27.92
C TYR P 668 6.65 86.99 26.90
N TYR P 669 6.28 88.26 27.01
CA TYR P 669 5.47 88.89 25.98
C TYR P 669 6.18 88.85 24.64
N GLN P 670 7.48 89.17 24.63
CA GLN P 670 8.22 89.26 23.38
C GLN P 670 8.22 87.86 22.77
N ARG P 671 8.29 86.83 23.61
CA ARG P 671 8.27 85.47 23.10
C ARG P 671 7.02 85.22 22.24
N HIS P 672 5.85 85.56 22.77
CA HIS P 672 4.59 85.35 22.06
C HIS P 672 4.47 83.90 21.60
N PHE P 673 4.95 82.98 22.44
CA PHE P 673 4.90 81.59 22.06
C PHE P 673 3.46 81.09 21.99
N VAL P 674 2.67 81.32 23.02
CA VAL P 674 1.32 80.76 23.10
C VAL P 674 0.53 81.54 24.14
N ASP P 675 -0.79 81.47 24.07
CA ASP P 675 -1.64 82.21 25.00
C ASP P 675 -1.31 81.90 26.45
N SER P 676 -1.00 80.64 26.76
CA SER P 676 -0.65 80.29 28.14
C SER P 676 0.59 81.04 28.59
N GLU P 677 1.60 81.12 27.73
CA GLU P 677 2.71 82.02 27.97
C GLU P 677 2.19 83.45 27.99
N LEU P 678 2.89 84.32 28.72
CA LEU P 678 2.39 85.68 28.88
C LEU P 678 2.15 86.32 27.52
N GLU P 679 0.96 86.88 27.34
CA GLU P 679 0.57 87.60 26.14
C GLU P 679 0.12 88.98 26.59
N CYS P 680 1.10 89.85 26.80
CA CYS P 680 0.84 91.17 27.39
C CYS P 680 0.83 92.26 26.32
N ASN P 681 -0.14 92.14 25.41
CA ASN P 681 -0.51 93.27 24.57
C ASN P 681 -1.30 94.30 25.34
N ASP P 682 -1.83 93.91 26.51
CA ASP P 682 -2.65 94.80 27.32
C ASP P 682 -1.80 95.89 27.94
N VAL P 683 -0.63 95.52 28.46
CA VAL P 683 0.25 96.50 29.09
C VAL P 683 0.76 97.49 28.06
N VAL P 684 1.12 97.00 26.87
CA VAL P 684 1.61 97.89 25.83
C VAL P 684 0.50 98.81 25.34
N LEU P 685 -0.74 98.32 25.30
CA LEU P 685 -1.87 99.18 24.95
C LEU P 685 -2.01 100.33 25.96
N PHE P 686 -2.03 100.00 27.24
CA PHE P 686 -2.26 101.04 28.24
C PHE P 686 -1.07 101.99 28.32
N TRP P 687 0.13 101.48 28.05
CA TRP P 687 1.30 102.34 27.85
C TRP P 687 1.14 103.30 26.68
N ARG P 688 0.66 102.80 25.54
CA ARG P 688 0.51 103.67 24.38
C ARG P 688 -0.46 104.80 24.68
N ILE P 689 -1.58 104.47 25.34
CA ILE P 689 -2.54 105.53 25.64
C ILE P 689 -2.02 106.43 26.76
N GLN P 690 -1.20 105.89 27.68
CA GLN P 690 -0.47 106.74 28.61
C GLN P 690 0.30 107.82 27.86
N ARG P 691 1.07 107.41 26.87
CA ARG P 691 1.83 108.37 26.08
C ARG P 691 0.91 109.35 25.37
N MET P 692 -0.15 108.85 24.75
CA MET P 692 -1.06 109.72 24.03
C MET P 692 -1.62 110.80 24.95
N LEU P 693 -2.12 110.40 26.13
CA LEU P 693 -2.74 111.35 27.03
C LEU P 693 -1.73 112.35 27.58
N ALA P 694 -0.54 111.87 27.96
CA ALA P 694 0.45 112.77 28.52
C ALA P 694 0.91 113.79 27.48
N ILE P 695 1.16 113.33 26.25
CA ILE P 695 1.63 114.25 25.23
C ILE P 695 0.53 115.23 24.83
N THR P 696 -0.71 114.77 24.79
CA THR P 696 -1.81 115.69 24.50
C THR P 696 -1.90 116.77 25.57
N ALA P 697 -1.80 116.37 26.84
CA ALA P 697 -1.86 117.32 27.93
C ALA P 697 -0.73 118.34 27.83
N ASN P 698 0.48 117.88 27.53
CA ASN P 698 1.61 118.81 27.49
C ASN P 698 1.54 119.73 26.27
N THR P 699 1.08 119.22 25.13
CA THR P 699 0.90 120.09 23.97
C THR P 699 -0.13 121.16 24.26
N LEU P 700 -1.26 120.77 24.86
CA LEU P 700 -2.29 121.75 25.20
C LEU P 700 -1.75 122.78 26.18
N ARG P 701 -1.00 122.32 27.18
CA ARG P 701 -0.40 123.23 28.15
C ARG P 701 0.55 124.20 27.48
N GLN P 702 1.38 123.71 26.56
CA GLN P 702 2.36 124.58 25.91
C GLN P 702 1.66 125.65 25.08
N GLN P 703 0.67 125.26 24.27
CA GLN P 703 -0.06 126.27 23.51
C GLN P 703 -0.73 127.26 24.45
N LEU P 704 -1.26 126.77 25.57
CA LEU P 704 -1.89 127.65 26.55
C LEU P 704 -0.90 128.69 27.04
N THR P 705 0.25 128.24 27.55
CA THR P 705 1.15 129.11 28.29
C THR P 705 2.01 130.00 27.40
N ASN P 706 2.21 129.63 26.13
CA ASN P 706 3.04 130.43 25.24
C ASN P 706 2.26 131.13 24.14
N THR P 707 1.04 130.69 23.84
CA THR P 707 0.24 131.30 22.79
C THR P 707 -1.05 131.92 23.33
N GLU P 708 -1.83 131.16 24.10
CA GLU P 708 -3.20 131.57 24.40
C GLU P 708 -3.27 132.52 25.59
N VAL P 709 -2.36 132.41 26.56
CA VAL P 709 -2.42 133.29 27.72
C VAL P 709 -2.08 134.73 27.34
N ARG P 710 -1.08 134.91 26.47
CA ARG P 710 -0.75 136.26 26.02
C ARG P 710 -1.85 136.86 25.15
N ARG P 711 -2.44 136.05 24.27
CA ARG P 711 -3.62 136.48 23.53
C ARG P 711 -4.75 136.84 24.49
N LEU P 712 -4.88 136.08 25.58
CA LEU P 712 -5.90 136.36 26.59
C LEU P 712 -5.66 137.71 27.24
N GLU P 713 -4.40 137.98 27.58
CA GLU P 713 -4.07 139.27 28.19
C GLU P 713 -4.39 140.42 27.24
N LYS P 714 -4.07 140.25 25.95
CA LYS P 714 -4.42 141.28 24.97
C LYS P 714 -5.93 141.49 24.89
N ASN P 715 -6.68 140.40 24.83
CA ASN P 715 -8.13 140.51 24.75
C ASN P 715 -8.72 141.15 26.01
N VAL P 716 -8.15 140.85 27.17
CA VAL P 716 -8.62 141.45 28.41
C VAL P 716 -8.33 142.93 28.43
N LYS P 717 -7.15 143.34 27.96
CA LYS P 717 -6.89 144.78 27.87
C LYS P 717 -7.89 145.46 26.96
N GLU P 718 -8.22 144.84 25.83
CA GLU P 718 -9.21 145.42 24.93
C GLU P 718 -10.58 145.52 25.61
N VAL P 719 -11.00 144.46 26.29
CA VAL P 719 -12.30 144.45 26.96
C VAL P 719 -12.33 145.51 28.05
N LEU P 720 -11.22 145.68 28.78
CA LEU P 720 -11.17 146.69 29.82
C LEU P 720 -11.14 148.09 29.24
N GLU P 721 -10.61 148.26 28.03
CA GLU P 721 -10.76 149.54 27.35
C GLU P 721 -12.23 149.82 27.02
N ASP P 722 -12.96 148.79 26.56
CA ASP P 722 -14.39 148.94 26.35
C ASP P 722 -15.11 149.28 27.64
N PHE P 723 -14.66 148.70 28.75
CA PHE P 723 -15.11 149.14 30.07
C PHE P 723 -14.83 150.62 30.28
N ALA P 724 -13.65 151.09 29.88
CA ALA P 724 -13.33 152.51 30.04
C ALA P 724 -14.32 153.37 29.29
N GLU P 725 -14.72 152.94 28.09
CA GLU P 725 -15.55 153.78 27.24
C GLU P 725 -16.94 154.02 27.84
N ASP P 726 -17.53 153.01 28.47
CA ASP P 726 -18.93 153.09 28.89
C ASP P 726 -19.02 153.29 30.40
N GLY P 727 -19.64 154.40 30.81
CA GLY P 727 -19.87 154.64 32.23
C GLY P 727 -21.00 153.79 32.80
N GLU P 728 -22.07 153.62 32.03
CA GLU P 728 -23.13 152.70 32.46
C GLU P 728 -22.57 151.33 32.76
N LYS P 729 -21.62 150.87 31.93
CA LYS P 729 -21.07 149.54 32.15
C LYS P 729 -20.28 149.50 33.46
N LYS P 730 -19.91 150.68 33.98
CA LYS P 730 -19.42 150.77 35.36
C LYS P 730 -20.51 150.74 36.43
N ILE P 731 -21.68 151.38 36.23
CA ILE P 731 -22.85 151.33 37.20
C ILE P 731 -23.92 150.38 36.63
N LYS P 732 -23.55 149.20 36.12
CA LYS P 732 -24.58 148.28 35.66
C LYS P 732 -25.29 147.76 36.89
N LEU P 733 -24.53 147.48 37.96
CA LEU P 733 -25.11 147.11 39.24
C LEU P 733 -25.26 148.37 40.08
N LEU P 734 -26.48 148.62 40.55
CA LEU P 734 -26.82 149.90 41.17
C LEU P 734 -26.39 149.92 42.63
N THR P 735 -25.07 149.97 42.83
CA THR P 735 -24.46 150.16 44.13
C THR P 735 -23.60 151.43 44.16
N GLY P 736 -23.99 152.43 43.36
CA GLY P 736 -23.16 153.57 43.04
C GLY P 736 -22.93 154.62 44.11
N LYS P 737 -23.23 154.31 45.38
CA LYS P 737 -23.12 155.33 46.42
C LYS P 737 -21.76 156.01 46.44
N ARG P 738 -20.70 155.29 46.11
CA ARG P 738 -19.34 155.84 46.22
C ARG P 738 -19.21 157.15 45.44
N VAL P 739 -19.50 157.10 44.14
CA VAL P 739 -19.23 158.22 43.26
C VAL P 739 -20.15 159.40 43.58
N GLN P 740 -21.44 159.11 43.79
CA GLN P 740 -22.40 160.17 44.07
C GLN P 740 -22.07 160.86 45.39
N LEU P 741 -21.72 160.08 46.40
CA LEU P 741 -21.38 160.64 47.70
C LEU P 741 -20.12 161.51 47.62
N ALA P 742 -19.11 161.06 46.87
CA ALA P 742 -17.92 161.89 46.72
C ALA P 742 -18.27 163.22 46.05
N GLU P 743 -19.05 163.17 44.98
CA GLU P 743 -19.42 164.39 44.28
C GLU P 743 -20.20 165.32 45.19
N ASP P 744 -21.13 164.76 45.97
CA ASP P 744 -21.93 165.58 46.87
C ASP P 744 -21.08 166.22 47.94
N LEU P 745 -20.11 165.49 48.48
CA LEU P 745 -19.23 166.08 49.50
C LEU P 745 -18.49 167.28 48.94
N LYS P 746 -17.88 167.11 47.75
CA LYS P 746 -17.10 168.20 47.18
C LYS P 746 -17.99 169.42 46.88
N LYS P 747 -19.17 169.16 46.33
CA LYS P 747 -20.06 170.26 45.96
C LYS P 747 -20.64 170.97 47.18
N VAL P 748 -20.91 170.23 48.26
CA VAL P 748 -21.40 170.87 49.47
C VAL P 748 -20.30 171.74 50.08
N ARG P 749 -19.04 171.28 50.01
CA ARG P 749 -17.97 172.14 50.50
C ARG P 749 -17.91 173.43 49.70
N GLU P 750 -18.05 173.35 48.38
CA GLU P 750 -18.08 174.59 47.60
C GLU P 750 -19.27 175.47 48.00
N ILE P 751 -20.44 174.86 48.19
CA ILE P 751 -21.63 175.63 48.57
C ILE P 751 -21.33 176.44 49.82
N GLN P 752 -20.82 175.77 50.85
CA GLN P 752 -20.63 176.46 52.12
C GLN P 752 -19.50 177.47 52.03
N GLU P 753 -18.46 177.17 51.25
CA GLU P 753 -17.37 178.12 51.09
C GLU P 753 -17.85 179.43 50.47
N LYS P 754 -18.72 179.35 49.47
CA LYS P 754 -19.25 180.58 48.89
C LYS P 754 -20.24 181.27 49.81
N LEU P 755 -21.06 180.50 50.53
CA LEU P 755 -22.03 181.11 51.44
C LEU P 755 -21.34 181.84 52.58
N ASP P 756 -20.16 181.37 53.00
CA ASP P 756 -19.46 182.03 54.11
C ASP P 756 -19.03 183.44 53.73
N ALA P 757 -18.42 183.59 52.55
CA ALA P 757 -18.05 184.93 52.10
C ALA P 757 -19.30 185.77 51.85
N PHE P 758 -20.36 185.18 51.32
CA PHE P 758 -21.58 185.95 51.12
C PHE P 758 -22.10 186.52 52.45
N ILE P 759 -22.12 185.69 53.49
CA ILE P 759 -22.67 186.13 54.77
C ILE P 759 -21.75 187.17 55.41
N GLU P 760 -20.44 187.01 55.29
CA GLU P 760 -19.53 188.02 55.80
C GLU P 760 -19.74 189.35 55.08
N ALA P 761 -20.00 189.30 53.78
CA ALA P 761 -20.30 190.51 53.03
C ALA P 761 -21.63 191.12 53.47
N LEU P 762 -22.59 190.28 53.86
CA LEU P 762 -23.82 190.80 54.46
C LEU P 762 -23.51 191.55 55.75
N HIS P 763 -22.64 190.98 56.58
CA HIS P 763 -22.27 191.65 57.83
C HIS P 763 -21.58 192.98 57.56
N GLN P 764 -20.69 193.03 56.57
CA GLN P 764 -19.88 194.22 56.31
C GLN P 764 -20.46 195.12 55.23
N GLU P 765 -20.73 194.59 54.04
CA GLU P 765 -21.08 195.44 52.90
C GLU P 765 -22.55 195.87 52.95
N LYS P 766 -23.46 194.90 52.90
CA LYS P 766 -24.88 195.20 52.79
C LYS P 766 -25.15 196.11 51.60
N ALA Q 1 35.88 -106.36 68.82
CA ALA Q 1 35.91 -105.96 67.42
C ALA Q 1 37.33 -105.72 66.94
N THR Q 2 38.23 -105.40 67.87
CA THR Q 2 39.63 -105.19 67.52
C THR Q 2 40.25 -106.46 66.95
N ASP Q 3 39.93 -107.62 67.53
CA ASP Q 3 40.38 -108.90 67.01
C ASP Q 3 39.35 -109.96 67.40
N ARG Q 4 39.14 -110.93 66.50
CA ARG Q 4 38.08 -111.92 66.67
C ARG Q 4 38.52 -113.36 66.56
N GLY Q 5 39.63 -113.67 65.88
CA GLY Q 5 40.00 -115.06 65.68
C GLY Q 5 40.36 -115.77 66.98
N SER Q 6 41.07 -115.07 67.86
CA SER Q 6 41.50 -115.68 69.12
C SER Q 6 40.30 -116.08 69.96
N GLU Q 7 39.26 -115.26 69.97
CA GLU Q 7 38.04 -115.60 70.70
C GLU Q 7 37.42 -116.88 70.17
N SER Q 8 37.37 -117.03 68.84
CA SER Q 8 36.82 -118.25 68.26
C SER Q 8 37.66 -119.46 68.64
N ASP Q 9 38.99 -119.33 68.58
CA ASP Q 9 39.85 -120.45 68.92
C ASP Q 9 39.65 -120.86 70.37
N LYS Q 10 39.61 -119.88 71.28
CA LYS Q 10 39.40 -120.21 72.69
C LYS Q 10 38.03 -120.84 72.91
N HIS Q 11 37.00 -120.31 72.25
CA HIS Q 11 35.65 -120.84 72.42
C HIS Q 11 35.58 -122.31 72.01
N PHE Q 12 36.05 -122.63 70.80
CA PHE Q 12 35.91 -124.01 70.35
C PHE Q 12 36.90 -124.93 71.06
N ARG Q 13 38.03 -124.40 71.54
CA ARG Q 13 38.92 -125.21 72.36
C ARG Q 13 38.23 -125.60 73.67
N LYS Q 14 37.53 -124.64 74.30
CA LYS Q 14 36.79 -124.95 75.52
C LYS Q 14 35.64 -125.91 75.24
N VAL Q 15 34.99 -125.78 74.08
CA VAL Q 15 33.92 -126.71 73.72
C VAL Q 15 34.48 -128.12 73.58
N SER Q 16 35.60 -128.25 72.88
CA SER Q 16 36.25 -129.55 72.75
C SER Q 16 36.59 -130.14 74.11
N ASP Q 17 37.09 -129.30 75.02
CA ASP Q 17 37.35 -129.79 76.37
C ASP Q 17 36.06 -130.22 77.06
N LYS Q 18 35.02 -129.40 77.00
CA LYS Q 18 33.78 -129.75 77.68
C LYS Q 18 33.26 -131.10 77.22
N GLU Q 19 33.41 -131.40 75.93
CA GLU Q 19 32.86 -132.67 75.43
C GLU Q 19 33.79 -133.86 75.66
N LYS Q 20 35.11 -133.68 75.58
CA LYS Q 20 36.03 -134.81 75.57
C LYS Q 20 37.09 -134.78 76.67
N ILE Q 21 36.94 -133.97 77.72
CA ILE Q 21 38.04 -133.83 78.66
C ILE Q 21 38.25 -135.11 79.47
N ASP Q 22 37.18 -135.86 79.72
CA ASP Q 22 37.33 -137.11 80.47
C ASP Q 22 38.23 -138.10 79.75
N GLN Q 23 38.50 -137.89 78.46
CA GLN Q 23 39.49 -138.66 77.71
C GLN Q 23 40.77 -137.88 77.46
N LEU Q 24 40.66 -136.57 77.22
CA LEU Q 24 41.80 -135.76 76.85
C LEU Q 24 42.75 -135.52 78.03
N GLN Q 25 42.21 -135.37 79.24
CA GLN Q 25 43.07 -135.20 80.39
C GLN Q 25 43.88 -136.46 80.66
N GLU Q 26 43.29 -137.63 80.39
CA GLU Q 26 44.03 -138.88 80.52
C GLU Q 26 45.09 -139.01 79.43
N GLU Q 27 44.72 -138.72 78.18
CA GLU Q 27 45.63 -138.99 77.07
C GLU Q 27 46.77 -137.96 76.99
N LEU Q 28 46.47 -136.69 77.28
CA LEU Q 28 47.38 -135.59 76.99
C LEU Q 28 48.40 -135.34 78.10
N LEU Q 29 47.98 -135.39 79.36
CA LEU Q 29 48.88 -134.95 80.43
C LEU Q 29 49.14 -136.04 81.47
N HIS Q 30 48.09 -136.75 81.89
CA HIS Q 30 48.24 -137.78 82.92
C HIS Q 30 49.41 -138.71 82.61
N THR Q 31 49.32 -139.40 81.48
CA THR Q 31 50.40 -140.31 81.09
C THR Q 31 51.65 -139.54 80.71
N GLN Q 32 51.49 -138.39 80.04
CA GLN Q 32 52.64 -137.67 79.52
C GLN Q 32 53.48 -137.07 80.66
N LEU Q 33 52.87 -136.78 81.80
CA LEU Q 33 53.65 -136.29 82.94
C LEU Q 33 54.78 -137.25 83.26
N LYS Q 34 54.53 -138.55 83.14
CA LYS Q 34 55.52 -139.58 83.39
C LYS Q 34 56.23 -140.06 82.13
N TYR Q 35 55.95 -139.46 80.96
CA TYR Q 35 56.45 -140.02 79.70
C TYR Q 35 57.97 -140.11 79.69
N GLN Q 36 58.66 -139.07 80.15
CA GLN Q 36 60.12 -139.12 80.15
C GLN Q 36 60.61 -140.28 81.01
N ARG Q 37 59.91 -140.57 82.11
CA ARG Q 37 60.26 -141.72 82.93
C ARG Q 37 59.97 -143.02 82.19
N ILE Q 38 58.91 -143.05 81.37
CA ILE Q 38 58.46 -144.31 80.77
C ILE Q 38 59.55 -144.91 79.90
N LEU Q 39 60.26 -144.08 79.13
CA LEU Q 39 61.15 -144.59 78.10
C LEU Q 39 62.19 -145.54 78.69
N GLU Q 40 62.83 -145.14 79.78
CA GLU Q 40 63.77 -146.03 80.46
C GLU Q 40 63.04 -147.23 81.06
N ARG Q 41 61.90 -146.99 81.70
CA ARG Q 41 61.21 -148.06 82.41
C ARG Q 41 60.69 -149.13 81.45
N LEU Q 42 60.19 -148.73 80.29
CA LEU Q 42 59.43 -149.66 79.46
C LEU Q 42 60.31 -150.57 78.62
N GLU Q 43 61.07 -149.99 77.69
CA GLU Q 43 61.82 -150.81 76.74
C GLU Q 43 63.14 -151.29 77.31
N LYS Q 44 63.94 -150.37 77.84
CA LYS Q 44 65.29 -150.75 78.26
C LYS Q 44 65.24 -151.88 79.28
N GLU Q 45 64.45 -151.69 80.34
CA GLU Q 45 64.33 -152.73 81.35
C GLU Q 45 63.92 -154.04 80.70
N ASN Q 46 62.95 -153.99 79.80
CA ASN Q 46 62.49 -155.21 79.14
C ASN Q 46 63.64 -155.94 78.48
N LYS Q 47 64.46 -155.22 77.71
CA LYS Q 47 65.58 -155.89 77.03
C LYS Q 47 66.49 -156.55 78.04
N GLU Q 48 66.72 -155.88 79.17
CA GLU Q 48 67.51 -156.50 80.23
C GLU Q 48 66.79 -157.70 80.81
N LEU Q 49 65.50 -157.55 81.11
CA LEU Q 49 64.80 -158.58 81.87
C LEU Q 49 64.83 -159.91 81.14
N ARG Q 50 64.45 -159.92 79.86
CA ARG Q 50 64.44 -161.19 79.14
C ARG Q 50 65.83 -161.80 79.13
N LYS Q 51 66.87 -160.96 79.02
CA LYS Q 51 68.22 -161.49 79.04
C LYS Q 51 68.49 -162.19 80.36
N LEU Q 52 68.10 -161.56 81.47
CA LEU Q 52 68.24 -162.21 82.76
C LEU Q 52 67.49 -163.53 82.78
N VAL Q 53 66.28 -163.54 82.20
CA VAL Q 53 65.49 -164.77 82.18
C VAL Q 53 66.25 -165.86 81.43
N LEU Q 54 66.99 -165.47 80.39
CA LEU Q 54 67.84 -166.45 79.72
C LEU Q 54 69.06 -166.78 80.58
N GLN Q 55 69.70 -165.76 81.16
CA GLN Q 55 70.87 -166.00 82.00
C GLN Q 55 70.49 -166.81 83.23
N LYS Q 56 69.27 -166.63 83.74
CA LYS Q 56 68.81 -167.43 84.87
C LYS Q 56 68.77 -168.91 84.53
N ASP Q 57 68.62 -169.25 83.25
CA ASP Q 57 68.75 -170.65 82.85
C ASP Q 57 70.13 -171.18 83.18
N ASP Q 58 71.17 -170.39 82.90
CA ASP Q 58 72.54 -170.81 83.20
C ASP Q 58 72.77 -170.95 84.69
N LYS Q 59 72.19 -170.05 85.50
CA LYS Q 59 72.37 -170.08 86.96
C LYS Q 59 73.81 -169.79 87.37
N GLY Q 60 74.36 -168.69 86.87
CA GLY Q 60 75.72 -168.31 87.21
C GLY Q 60 75.84 -167.88 88.67
N ILE Q 61 77.04 -168.07 89.23
CA ILE Q 61 77.30 -167.67 90.62
C ILE Q 61 77.59 -166.16 90.67
N HIS Q 62 77.29 -165.57 91.84
CA HIS Q 62 77.48 -164.14 92.06
C HIS Q 62 78.92 -163.85 92.45
N HIS Q 63 79.49 -162.80 91.86
CA HIS Q 63 80.89 -162.37 92.06
C HIS Q 63 81.89 -163.37 91.52
N ARG Q 64 81.44 -164.36 90.73
CA ARG Q 64 82.37 -165.32 90.15
C ARG Q 64 83.37 -164.64 89.23
N LYS Q 65 82.90 -163.68 88.42
CA LYS Q 65 83.68 -163.05 87.36
C LYS Q 65 83.74 -164.02 86.19
N LEU Q 66 84.46 -163.66 85.12
CA LEU Q 66 84.57 -164.52 83.94
C LEU Q 66 83.18 -164.91 83.43
N LYS Q 67 82.26 -163.95 83.46
CA LYS Q 67 80.87 -164.24 83.14
C LYS Q 67 80.73 -164.74 81.70
N LYS Q 68 81.46 -164.14 80.77
CA LYS Q 68 81.37 -164.49 79.36
C LYS Q 68 82.77 -164.68 78.80
N SER Q 69 82.84 -165.43 77.70
CA SER Q 69 84.10 -165.54 76.97
C SER Q 69 84.47 -164.17 76.42
N LEU Q 70 85.78 -163.91 76.36
CA LEU Q 70 86.26 -162.58 76.02
C LEU Q 70 85.80 -162.15 74.63
N ILE Q 71 85.85 -163.07 73.67
CA ILE Q 71 85.47 -162.75 72.29
C ILE Q 71 83.99 -162.46 72.16
N ASP Q 72 83.14 -163.16 72.93
CA ASP Q 72 81.72 -162.86 72.89
C ASP Q 72 81.52 -161.41 73.31
N MET Q 73 82.36 -160.94 74.24
CA MET Q 73 82.27 -159.56 74.71
C MET Q 73 82.85 -158.58 73.69
N TYR Q 74 83.98 -158.95 73.08
CA TYR Q 74 84.47 -158.19 71.93
C TYR Q 74 83.50 -158.05 70.77
N SER Q 75 82.59 -159.00 70.61
CA SER Q 75 81.54 -158.83 69.61
C SER Q 75 80.68 -157.63 69.94
N GLU Q 76 80.31 -157.45 71.21
CA GLU Q 76 79.59 -156.26 71.61
C GLU Q 76 80.43 -155.01 71.40
N VAL Q 77 81.74 -155.11 71.61
CA VAL Q 77 82.62 -153.97 71.38
C VAL Q 77 82.55 -153.55 69.92
N LEU Q 78 82.70 -154.50 69.01
CA LEU Q 78 82.65 -154.18 67.60
C LEU Q 78 81.26 -153.68 67.20
N ASP Q 79 80.22 -154.26 67.79
CA ASP Q 79 78.86 -153.82 67.49
C ASP Q 79 78.64 -152.38 67.92
N VAL Q 80 79.14 -151.99 69.10
CA VAL Q 80 78.97 -150.62 69.55
C VAL Q 80 79.77 -149.65 68.70
N LEU Q 81 80.98 -150.04 68.27
CA LEU Q 81 81.68 -149.17 67.31
C LEU Q 81 80.89 -149.04 66.01
N SER Q 82 80.32 -150.14 65.52
CA SER Q 82 79.55 -150.07 64.29
C SER Q 82 78.34 -149.16 64.45
N ASP Q 83 77.66 -149.26 65.60
CA ASP Q 83 76.48 -148.43 65.83
C ASP Q 83 76.85 -146.97 65.95
N TYR Q 84 77.90 -146.66 66.71
CA TYR Q 84 78.34 -145.28 66.87
C TYR Q 84 78.68 -144.65 65.53
N ASP Q 85 79.47 -145.37 64.71
CA ASP Q 85 79.84 -144.87 63.39
C ASP Q 85 80.12 -146.08 62.51
N ALA Q 86 79.23 -146.34 61.55
CA ALA Q 86 79.36 -147.49 60.67
C ALA Q 86 80.39 -147.27 59.56
N SER Q 87 80.87 -146.04 59.37
CA SER Q 87 81.85 -145.77 58.34
C SER Q 87 83.17 -146.45 58.67
N TYR Q 88 83.94 -146.77 57.62
CA TYR Q 88 85.25 -147.38 57.81
C TYR Q 88 86.16 -146.51 58.66
N ASN Q 89 85.93 -145.20 58.69
CA ASN Q 89 86.76 -144.30 59.48
C ASN Q 89 86.78 -144.69 60.95
N THR Q 90 85.70 -145.32 61.43
CA THR Q 90 85.65 -145.84 62.79
C THR Q 90 85.86 -147.34 62.87
N GLN Q 91 85.55 -148.08 61.80
CA GLN Q 91 85.85 -149.49 61.77
C GLN Q 91 87.35 -149.73 61.88
N ASP Q 92 88.15 -148.80 61.37
CA ASP Q 92 89.59 -149.00 61.31
C ASP Q 92 90.22 -149.16 62.69
N HIS Q 93 89.51 -148.74 63.74
CA HIS Q 93 90.11 -148.69 65.07
C HIS Q 93 90.37 -150.08 65.66
N LEU Q 94 89.54 -151.07 65.33
CA LEU Q 94 89.66 -152.36 65.99
C LEU Q 94 89.82 -153.50 64.99
N PRO Q 95 90.42 -154.62 65.44
CA PRO Q 95 90.56 -155.79 64.56
C PRO Q 95 89.24 -156.34 64.05
N ARG Q 96 89.29 -156.86 62.83
CA ARG Q 96 88.18 -157.59 62.22
C ARG Q 96 88.75 -158.69 61.34
N VAL Q 97 87.90 -159.63 60.96
CA VAL Q 97 88.22 -160.63 59.96
C VAL Q 97 87.21 -160.50 58.82
N VAL Q 98 87.71 -160.26 57.62
CA VAL Q 98 86.88 -160.09 56.43
C VAL Q 98 86.89 -161.41 55.67
N VAL Q 99 85.71 -161.88 55.28
CA VAL Q 99 85.56 -163.09 54.48
C VAL Q 99 85.08 -162.65 53.10
N VAL Q 100 85.98 -162.61 52.12
CA VAL Q 100 85.65 -162.13 50.78
C VAL Q 100 86.16 -163.14 49.77
N GLY Q 101 85.45 -163.28 48.66
CA GLY Q 101 85.86 -164.21 47.63
C GLY Q 101 85.00 -164.08 46.39
N ASP Q 102 85.34 -164.90 45.39
CA ASP Q 102 84.57 -164.94 44.16
C ASP Q 102 83.14 -165.40 44.43
N GLN Q 103 82.20 -164.94 43.61
CA GLN Q 103 80.81 -165.35 43.78
C GLN Q 103 80.69 -166.87 43.79
N SER Q 104 79.97 -167.39 44.77
CA SER Q 104 79.63 -168.81 44.84
C SER Q 104 80.88 -169.68 44.77
N ALA Q 105 81.96 -169.20 45.38
CA ALA Q 105 83.20 -169.95 45.45
C ALA Q 105 83.25 -170.89 46.66
N GLY Q 106 82.23 -170.88 47.51
CA GLY Q 106 82.25 -171.64 48.73
C GLY Q 106 82.76 -170.88 49.94
N LYS Q 107 82.97 -169.58 49.82
CA LYS Q 107 83.44 -168.79 50.95
C LYS Q 107 82.48 -168.85 52.13
N THR Q 108 81.17 -168.88 51.85
CA THR Q 108 80.22 -169.06 52.93
C THR Q 108 80.42 -170.40 53.61
N SER Q 109 80.74 -171.44 52.83
CA SER Q 109 81.06 -172.73 53.43
C SER Q 109 82.35 -172.66 54.22
N VAL Q 110 83.33 -171.86 53.78
CA VAL Q 110 84.55 -171.69 54.56
C VAL Q 110 84.21 -171.11 55.93
N LEU Q 111 83.41 -170.04 55.95
CA LEU Q 111 83.04 -169.42 57.21
C LEU Q 111 82.25 -170.39 58.09
N GLU Q 112 81.30 -171.12 57.49
CA GLU Q 112 80.46 -172.02 58.27
C GLU Q 112 81.28 -173.16 58.86
N MET Q 113 82.24 -173.70 58.08
CA MET Q 113 83.12 -174.74 58.60
C MET Q 113 83.99 -174.21 59.73
N ILE Q 114 84.48 -172.97 59.60
CA ILE Q 114 85.19 -172.37 60.72
C ILE Q 114 84.25 -172.23 61.93
N ALA Q 115 82.99 -171.87 61.67
CA ALA Q 115 82.00 -171.79 62.74
C ALA Q 115 81.49 -173.16 63.18
N GLN Q 116 81.83 -174.23 62.46
CA GLN Q 116 81.46 -175.59 62.84
C GLN Q 116 79.95 -175.80 62.81
N ALA Q 117 79.27 -175.14 61.88
CA ALA Q 117 77.83 -175.37 61.71
C ALA Q 117 77.37 -174.66 60.44
N ARG Q 118 76.28 -175.18 59.86
CA ARG Q 118 75.63 -174.55 58.71
C ARG Q 118 74.69 -173.46 59.24
N ILE Q 119 75.30 -172.31 59.54
CA ILE Q 119 74.57 -171.25 60.23
C ILE Q 119 73.93 -170.26 59.25
N PHE Q 120 74.48 -170.13 57.99
CA PHE Q 120 73.95 -169.12 57.08
C PHE Q 120 73.05 -169.75 56.03
N PRO Q 121 72.01 -169.04 55.59
CA PRO Q 121 71.12 -169.58 54.57
C PRO Q 121 71.81 -169.70 53.22
N ARG Q 122 71.43 -170.74 52.47
CA ARG Q 122 71.96 -170.98 51.14
C ARG Q 122 70.81 -171.34 50.19
N GLY Q 123 69.72 -170.58 50.29
CA GLY Q 123 68.52 -170.92 49.55
C GLY Q 123 68.74 -170.94 48.05
N SER Q 124 69.48 -169.97 47.52
CA SER Q 124 69.76 -169.88 46.10
C SER Q 124 71.24 -169.61 45.87
N GLY Q 125 71.67 -169.78 44.62
CA GLY Q 125 73.05 -169.58 44.25
C GLY Q 125 73.36 -168.28 43.55
N GLU Q 126 72.39 -167.38 43.40
CA GLU Q 126 72.65 -166.12 42.71
C GLU Q 126 72.52 -164.91 43.64
N MET Q 127 71.35 -164.74 44.26
CA MET Q 127 71.15 -163.56 45.10
C MET Q 127 71.55 -163.83 46.54
N MET Q 128 71.55 -165.09 46.97
CA MET Q 128 71.85 -165.42 48.36
C MET Q 128 73.36 -165.45 48.63
N THR Q 129 74.18 -165.36 47.60
CA THR Q 129 75.63 -165.35 47.72
C THR Q 129 76.23 -163.97 47.53
N ARG Q 130 75.40 -162.93 47.42
CA ARG Q 130 75.86 -161.57 47.16
C ARG Q 130 75.32 -160.59 48.20
N SER Q 131 75.20 -161.03 49.45
CA SER Q 131 74.72 -160.18 50.54
C SER Q 131 75.50 -160.48 51.81
N PRO Q 132 75.69 -159.49 52.67
CA PRO Q 132 76.56 -159.67 53.85
C PRO Q 132 75.87 -160.30 55.05
N VAL Q 133 76.67 -161.05 55.82
CA VAL Q 133 76.32 -161.46 57.18
C VAL Q 133 77.56 -161.25 58.04
N LYS Q 134 77.37 -161.10 59.36
CA LYS Q 134 78.47 -161.09 60.31
C LYS Q 134 78.22 -162.09 61.42
N VAL Q 135 79.25 -162.86 61.77
CA VAL Q 135 79.15 -163.85 62.84
C VAL Q 135 80.37 -163.78 63.74
N THR Q 136 80.16 -163.71 65.04
CA THR Q 136 81.24 -163.87 66.00
C THR Q 136 81.43 -165.34 66.33
N LEU Q 137 82.68 -165.72 66.60
CA LEU Q 137 83.08 -167.08 66.91
C LEU Q 137 83.69 -167.09 68.31
N SER Q 138 83.16 -167.95 69.18
CA SER Q 138 83.55 -167.99 70.58
C SER Q 138 83.68 -169.43 71.06
N GLU Q 139 84.57 -169.62 72.04
CA GLU Q 139 84.67 -170.90 72.72
C GLU Q 139 83.42 -171.16 73.55
N GLY Q 140 83.06 -172.43 73.67
CA GLY Q 140 81.93 -172.82 74.48
C GLY Q 140 81.96 -174.28 74.86
N PRO Q 141 81.14 -174.67 75.84
CA PRO Q 141 80.96 -176.09 76.15
C PRO Q 141 79.90 -176.77 75.30
N HIS Q 142 79.14 -176.00 74.52
CA HIS Q 142 78.08 -176.56 73.69
C HIS Q 142 77.91 -175.64 72.48
N HIS Q 143 77.60 -176.24 71.33
CA HIS Q 143 77.49 -175.50 70.07
C HIS Q 143 76.12 -174.82 70.04
N VAL Q 144 76.09 -173.53 70.36
CA VAL Q 144 74.84 -172.78 70.47
C VAL Q 144 75.02 -171.40 69.86
N ALA Q 145 73.95 -170.87 69.27
CA ALA Q 145 73.98 -169.58 68.60
C ALA Q 145 72.90 -168.67 69.17
N LEU Q 146 73.20 -167.37 69.20
CA LEU Q 146 72.30 -166.36 69.73
C LEU Q 146 72.46 -165.07 68.96
N PHE Q 147 71.34 -164.44 68.60
CA PHE Q 147 71.38 -163.18 67.87
C PHE Q 147 71.52 -162.00 68.83
N LYS Q 148 72.05 -160.91 68.29
CA LYS Q 148 72.04 -159.63 69.01
C LYS Q 148 70.64 -159.24 69.42
N ASP Q 149 69.66 -159.42 68.53
CA ASP Q 149 68.33 -158.88 68.70
C ASP Q 149 67.27 -159.95 68.99
N SER Q 150 67.68 -161.09 69.54
CA SER Q 150 66.73 -162.15 69.84
C SER Q 150 67.16 -162.87 71.12
N SER Q 151 66.17 -163.29 71.90
CA SER Q 151 66.42 -164.06 73.11
C SER Q 151 66.51 -165.56 72.85
N ARG Q 152 66.21 -166.01 71.64
CA ARG Q 152 66.21 -167.43 71.33
C ARG Q 152 67.65 -167.94 71.15
N GLU Q 153 67.95 -169.07 71.78
CA GLU Q 153 69.19 -169.79 71.54
C GLU Q 153 68.93 -170.93 70.57
N PHE Q 154 69.87 -171.16 69.67
CA PHE Q 154 69.72 -172.15 68.61
C PHE Q 154 70.70 -173.30 68.84
N ASP Q 155 70.18 -174.53 68.84
CA ASP Q 155 71.02 -175.71 68.97
C ASP Q 155 71.66 -175.99 67.61
N LEU Q 156 72.98 -175.93 67.57
CA LEU Q 156 73.72 -176.04 66.31
C LEU Q 156 73.96 -177.49 65.89
N THR Q 157 73.51 -178.46 66.67
CA THR Q 157 73.63 -179.87 66.33
C THR Q 157 72.34 -180.48 65.80
N LYS Q 158 71.28 -179.68 65.68
CA LYS Q 158 69.99 -180.17 65.23
C LYS Q 158 69.54 -179.38 64.00
N GLU Q 159 68.85 -180.06 63.09
CA GLU Q 159 68.47 -179.43 61.83
C GLU Q 159 67.43 -178.34 62.04
N GLU Q 160 66.51 -178.54 63.00
CA GLU Q 160 65.44 -177.57 63.18
C GLU Q 160 65.96 -176.21 63.60
N ASP Q 161 66.87 -176.18 64.58
CA ASP Q 161 67.37 -174.91 65.08
C ASP Q 161 68.31 -174.24 64.08
N LEU Q 162 69.12 -175.04 63.39
CA LEU Q 162 69.95 -174.48 62.33
C LEU Q 162 69.08 -173.90 61.21
N ALA Q 163 67.98 -174.58 60.88
CA ALA Q 163 67.08 -174.07 59.86
C ALA Q 163 66.43 -172.76 60.31
N ALA Q 164 66.01 -172.68 61.57
CA ALA Q 164 65.43 -171.43 62.08
C ALA Q 164 66.47 -170.32 62.09
N LEU Q 165 67.72 -170.65 62.43
CA LEU Q 165 68.80 -169.68 62.42
C LEU Q 165 69.04 -169.14 61.02
N ARG Q 166 69.16 -170.05 60.06
CA ARG Q 166 69.31 -169.66 58.66
C ARG Q 166 68.11 -168.85 58.21
N HIS Q 167 66.93 -169.19 58.71
CA HIS Q 167 65.71 -168.49 58.31
C HIS Q 167 65.72 -167.04 58.80
N GLU Q 168 66.11 -166.82 60.06
CA GLU Q 168 66.22 -165.45 60.55
C GLU Q 168 67.24 -164.66 59.75
N ILE Q 169 68.41 -165.26 59.53
CA ILE Q 169 69.40 -164.56 58.73
C ILE Q 169 68.83 -164.25 57.35
N GLU Q 170 68.21 -165.23 56.70
CA GLU Q 170 67.65 -165.04 55.38
C GLU Q 170 66.61 -163.92 55.36
N LEU Q 171 65.72 -163.89 56.36
CA LEU Q 171 64.73 -162.83 56.45
C LEU Q 171 65.42 -161.47 56.44
N ARG Q 172 66.58 -161.38 57.11
CA ARG Q 172 67.32 -160.12 57.04
C ARG Q 172 68.07 -159.96 55.71
N MET Q 173 68.51 -161.06 55.12
CA MET Q 173 69.38 -161.03 53.94
C MET Q 173 68.65 -160.60 52.69
N ARG Q 174 67.45 -161.12 52.47
CA ARG Q 174 66.75 -160.90 51.21
C ARG Q 174 66.04 -159.57 51.19
N LYS Q 175 66.16 -158.80 52.26
CA LYS Q 175 65.57 -157.46 52.36
C LYS Q 175 66.63 -156.37 52.36
N ASN Q 176 67.84 -156.67 52.86
CA ASN Q 176 68.92 -155.69 52.93
C ASN Q 176 69.63 -155.60 51.58
N VAL Q 177 68.86 -155.27 50.56
CA VAL Q 177 69.35 -155.21 49.19
C VAL Q 177 68.56 -154.16 48.44
N LYS Q 178 69.27 -153.34 47.67
CA LYS Q 178 68.59 -152.38 46.80
C LYS Q 178 67.81 -153.13 45.72
N GLU Q 179 66.61 -152.64 45.42
CA GLU Q 179 65.75 -153.31 44.45
C GLU Q 179 66.42 -153.37 43.09
N GLY Q 180 66.44 -154.54 42.50
CA GLY Q 180 67.16 -154.77 41.26
C GLY Q 180 68.64 -155.03 41.48
N CYS Q 181 69.28 -154.17 42.27
CA CYS Q 181 70.69 -154.38 42.60
C CYS Q 181 70.89 -155.70 43.32
N THR Q 182 70.01 -156.02 44.27
CA THR Q 182 70.11 -157.22 45.09
C THR Q 182 71.36 -157.21 45.96
N VAL Q 183 71.99 -156.05 46.12
CA VAL Q 183 73.21 -155.91 46.91
C VAL Q 183 73.19 -154.57 47.63
N SER Q 184 73.20 -154.60 48.95
CA SER Q 184 73.25 -153.38 49.75
C SER Q 184 74.06 -153.66 51.02
N PRO Q 185 74.82 -152.69 51.51
CA PRO Q 185 75.48 -152.87 52.80
C PRO Q 185 74.50 -152.81 53.96
N GLU Q 186 74.68 -153.71 54.92
CA GLU Q 186 73.87 -153.74 56.13
C GLU Q 186 74.50 -154.72 57.10
N THR Q 187 74.10 -154.61 58.36
CA THR Q 187 74.71 -155.38 59.45
C THR Q 187 73.72 -156.41 59.97
N ILE Q 188 74.16 -157.67 60.01
CA ILE Q 188 73.46 -158.75 60.68
C ILE Q 188 74.46 -159.41 61.61
N SER Q 189 74.14 -159.48 62.89
CA SER Q 189 75.09 -159.86 63.93
C SER Q 189 74.59 -161.10 64.65
N LEU Q 190 75.32 -162.20 64.51
CA LEU Q 190 75.04 -163.45 65.20
C LEU Q 190 76.27 -163.87 65.99
N ASN Q 191 76.06 -164.39 67.20
CA ASN Q 191 77.13 -164.93 68.02
C ASN Q 191 77.02 -166.44 68.03
N VAL Q 192 78.03 -167.12 67.50
CA VAL Q 192 78.07 -168.57 67.42
C VAL Q 192 79.13 -169.06 68.39
N LYS Q 193 78.77 -170.03 69.24
CA LYS Q 193 79.59 -170.52 70.33
C LYS Q 193 79.70 -172.04 70.22
N GLY Q 194 80.79 -172.59 70.74
CA GLY Q 194 80.92 -174.02 70.83
C GLY Q 194 82.33 -174.51 71.05
N PRO Q 195 82.48 -175.77 71.47
CA PRO Q 195 83.82 -176.35 71.65
C PRO Q 195 84.63 -176.30 70.36
N GLY Q 196 85.92 -176.00 70.50
CA GLY Q 196 86.83 -175.98 69.37
C GLY Q 196 86.79 -174.72 68.55
N LEU Q 197 85.82 -173.84 68.82
CA LEU Q 197 85.68 -172.62 68.05
C LEU Q 197 86.58 -171.52 68.63
N GLN Q 198 87.20 -170.76 67.74
CA GLN Q 198 88.19 -169.77 68.14
C GLN Q 198 87.65 -168.40 68.51
N ARG Q 199 88.56 -167.54 68.96
CA ARG Q 199 88.23 -166.16 69.32
C ARG Q 199 88.34 -165.18 68.15
N MET Q 200 87.30 -165.18 67.31
CA MET Q 200 87.29 -164.36 66.08
C MET Q 200 86.00 -163.59 65.85
N VAL Q 201 85.93 -162.73 64.84
CA VAL Q 201 84.71 -162.10 64.35
C VAL Q 201 84.81 -161.99 62.82
N LEU Q 202 84.03 -162.79 62.11
CA LEU Q 202 84.14 -162.89 60.65
C LEU Q 202 82.96 -162.22 59.98
N VAL Q 203 83.25 -161.45 58.92
CA VAL Q 203 82.24 -160.78 58.12
C VAL Q 203 82.24 -161.41 56.73
N ASP Q 204 81.14 -162.09 56.39
CA ASP Q 204 80.92 -162.60 55.04
C ASP Q 204 80.34 -161.46 54.20
N LEU Q 205 81.05 -161.09 53.14
CA LEU Q 205 80.67 -159.97 52.28
C LEU Q 205 80.18 -160.47 50.92
N PRO Q 206 79.35 -159.68 50.22
CA PRO Q 206 78.80 -160.14 48.93
C PRO Q 206 79.84 -160.74 48.00
N GLY Q 207 79.47 -161.84 47.36
CA GLY Q 207 80.38 -162.46 46.41
C GLY Q 207 80.79 -161.48 45.31
N VAL Q 208 82.03 -161.59 44.88
CA VAL Q 208 82.59 -160.65 43.91
C VAL Q 208 82.28 -161.15 42.51
N ILE Q 209 81.96 -160.22 41.60
CA ILE Q 209 81.67 -160.54 40.20
C ILE Q 209 82.51 -159.65 39.30
N ASN Q 210 82.73 -160.13 38.07
CA ASN Q 210 83.41 -159.37 37.04
C ASN Q 210 82.50 -158.95 35.89
N THR Q 211 81.39 -159.65 35.69
CA THR Q 211 80.46 -159.36 34.60
C THR Q 211 79.04 -159.33 35.16
N VAL Q 212 78.14 -158.72 34.38
CA VAL Q 212 76.73 -158.61 34.74
C VAL Q 212 75.89 -159.21 33.62
N THR Q 213 74.80 -159.86 34.00
CA THR Q 213 73.91 -160.54 33.07
C THR Q 213 72.51 -159.93 33.14
N SER Q 214 71.60 -160.48 32.34
CA SER Q 214 70.25 -159.91 32.22
C SER Q 214 69.44 -160.06 33.49
N GLY Q 215 69.80 -160.99 34.36
CA GLY Q 215 69.10 -161.19 35.63
C GLY Q 215 69.60 -160.29 36.74
N MET Q 216 70.55 -159.41 36.47
CA MET Q 216 71.14 -158.56 37.48
C MET Q 216 71.30 -157.16 36.92
N ALA Q 217 71.36 -156.18 37.82
CA ALA Q 217 71.54 -154.80 37.41
C ALA Q 217 72.98 -154.55 36.98
N PRO Q 218 73.21 -153.64 36.03
CA PRO Q 218 74.60 -153.31 35.68
C PRO Q 218 75.39 -152.72 36.83
N ASP Q 219 74.73 -151.95 37.69
CA ASP Q 219 75.40 -151.37 38.85
C ASP Q 219 75.83 -152.42 39.87
N THR Q 220 75.25 -153.62 39.79
CA THR Q 220 75.54 -154.64 40.81
C THR Q 220 77.03 -154.87 40.95
N LYS Q 221 77.76 -154.83 39.83
CA LYS Q 221 79.21 -155.07 39.89
C LYS Q 221 79.90 -154.04 40.76
N GLU Q 222 79.52 -152.76 40.61
CA GLU Q 222 80.17 -151.72 41.38
C GLU Q 222 79.74 -151.73 42.84
N THR Q 223 78.45 -151.91 43.12
CA THR Q 223 77.98 -151.88 44.49
C THR Q 223 78.71 -152.91 45.34
N ILE Q 224 78.87 -154.13 44.80
CA ILE Q 224 79.60 -155.16 45.53
C ILE Q 224 80.98 -154.64 45.90
N PHE Q 225 81.67 -154.06 44.92
CA PHE Q 225 83.01 -153.55 45.18
C PHE Q 225 82.97 -152.54 46.32
N SER Q 226 81.98 -151.65 46.30
CA SER Q 226 81.88 -150.62 47.33
C SER Q 226 81.73 -151.25 48.70
N ILE Q 227 80.91 -152.29 48.80
CA ILE Q 227 80.82 -153.02 50.06
C ILE Q 227 82.12 -153.76 50.32
N SER Q 228 82.65 -154.43 49.29
CA SER Q 228 83.84 -155.24 49.47
C SER Q 228 85.01 -154.40 49.93
N LYS Q 229 85.13 -153.19 49.38
CA LYS Q 229 86.22 -152.30 49.75
C LYS Q 229 86.02 -151.72 51.15
N ALA Q 230 84.77 -151.63 51.61
CA ALA Q 230 84.50 -150.93 52.88
C ALA Q 230 85.19 -151.62 54.06
N TYR Q 231 85.00 -152.93 54.23
CA TYR Q 231 85.60 -153.64 55.36
C TYR Q 231 87.07 -154.01 55.11
N MET Q 232 87.47 -154.19 53.85
CA MET Q 232 88.89 -154.39 53.54
C MET Q 232 89.74 -153.19 53.94
N GLN Q 233 89.16 -151.98 53.96
CA GLN Q 233 89.98 -150.81 54.23
C GLN Q 233 90.59 -150.88 55.62
N ASN Q 234 89.92 -151.56 56.55
CA ASN Q 234 90.41 -151.68 57.91
C ASN Q 234 91.86 -152.17 57.92
N PRO Q 235 92.82 -151.34 58.34
CA PRO Q 235 94.20 -151.81 58.42
C PRO Q 235 94.41 -152.89 59.47
N ASN Q 236 93.47 -153.04 60.40
CA ASN Q 236 93.55 -154.06 61.43
C ASN Q 236 92.70 -155.27 61.08
N ALA Q 237 92.33 -155.43 59.82
CA ALA Q 237 91.55 -156.57 59.39
C ALA Q 237 92.46 -157.65 58.82
N ILE Q 238 92.07 -158.90 59.05
CA ILE Q 238 92.64 -160.05 58.36
C ILE Q 238 91.68 -160.39 57.24
N ILE Q 239 92.16 -160.27 56.00
CA ILE Q 239 91.31 -160.39 54.82
C ILE Q 239 91.51 -161.78 54.24
N LEU Q 240 90.46 -162.59 54.27
CA LEU Q 240 90.48 -163.93 53.68
C LEU Q 240 90.00 -163.78 52.24
N CYS Q 241 90.96 -163.83 51.31
CA CYS Q 241 90.71 -163.77 49.88
C CYS Q 241 90.48 -165.21 49.42
N ILE Q 242 89.22 -165.54 49.16
CA ILE Q 242 88.78 -166.91 48.95
C ILE Q 242 88.50 -167.06 47.47
N GLN Q 243 89.25 -167.95 46.82
CA GLN Q 243 89.18 -168.11 45.39
C GLN Q 243 88.74 -169.53 45.03
N ASP Q 244 87.95 -169.61 43.97
CA ASP Q 244 87.43 -170.87 43.46
C ASP Q 244 88.57 -171.62 42.80
N GLY Q 245 88.96 -172.75 43.37
CA GLY Q 245 90.09 -173.51 42.86
C GLY Q 245 89.86 -174.15 41.50
N SER Q 246 88.62 -174.17 41.02
CA SER Q 246 88.32 -174.79 39.74
C SER Q 246 88.64 -173.89 38.55
N VAL Q 247 88.99 -172.62 38.79
CA VAL Q 247 89.31 -171.69 37.73
C VAL Q 247 90.73 -171.18 37.95
N ASP Q 248 91.30 -170.62 36.88
CA ASP Q 248 92.68 -170.16 36.93
C ASP Q 248 92.87 -169.10 38.00
N ALA Q 249 94.00 -169.20 38.71
CA ALA Q 249 94.34 -168.17 39.69
C ALA Q 249 94.52 -166.81 39.02
N GLU Q 250 95.05 -166.81 37.80
CA GLU Q 250 95.24 -165.55 37.08
C GLU Q 250 93.91 -164.86 36.78
N ARG Q 251 92.80 -165.59 36.85
CA ARG Q 251 91.48 -165.06 36.52
C ARG Q 251 90.69 -164.70 37.76
N SER Q 252 91.31 -164.70 38.94
CA SER Q 252 90.60 -164.35 40.16
C SER Q 252 90.04 -162.93 40.05
N ILE Q 253 88.80 -162.76 40.49
CA ILE Q 253 88.14 -161.46 40.46
C ILE Q 253 88.33 -160.71 41.77
N VAL Q 254 88.25 -161.42 42.89
CA VAL Q 254 88.40 -160.80 44.20
C VAL Q 254 89.79 -160.21 44.36
N THR Q 255 90.82 -160.85 43.79
CA THR Q 255 92.17 -160.36 43.95
C THR Q 255 92.29 -158.91 43.51
N ASP Q 256 91.70 -158.58 42.35
CA ASP Q 256 91.81 -157.23 41.82
C ASP Q 256 91.17 -156.20 42.73
N LEU Q 257 90.34 -156.63 43.69
CA LEU Q 257 89.82 -155.76 44.73
C LEU Q 257 90.72 -155.72 45.95
N VAL Q 258 91.25 -156.87 46.36
CA VAL Q 258 92.11 -156.91 47.54
C VAL Q 258 93.36 -156.05 47.31
N SER Q 259 93.90 -156.09 46.10
CA SER Q 259 95.06 -155.27 45.77
C SER Q 259 94.77 -153.77 45.86
N GLN Q 260 93.49 -153.37 45.90
CA GLN Q 260 93.18 -151.96 46.09
C GLN Q 260 93.22 -151.53 47.56
N MET Q 261 93.21 -152.49 48.49
CA MET Q 261 93.37 -152.20 49.90
C MET Q 261 94.67 -152.70 50.48
N ASP Q 262 95.24 -153.74 49.88
CA ASP Q 262 96.54 -154.26 50.29
C ASP Q 262 97.29 -154.66 49.02
N PRO Q 263 97.95 -153.70 48.36
CA PRO Q 263 98.54 -153.98 47.05
C PRO Q 263 99.48 -155.17 47.03
N HIS Q 264 100.07 -155.53 48.17
CA HIS Q 264 101.03 -156.63 48.24
C HIS Q 264 100.55 -157.77 49.15
N GLY Q 265 99.31 -157.72 49.62
CA GLY Q 265 98.79 -158.80 50.45
C GLY Q 265 99.41 -158.90 51.82
N ARG Q 266 99.90 -157.79 52.38
CA ARG Q 266 100.59 -157.85 53.66
C ARG Q 266 99.70 -158.39 54.77
N ARG Q 267 98.43 -157.96 54.82
CA ARG Q 267 97.52 -158.37 55.88
C ARG Q 267 96.45 -159.34 55.37
N THR Q 268 96.72 -160.02 54.27
CA THR Q 268 95.75 -160.89 53.63
C THR Q 268 96.20 -162.35 53.73
N ILE Q 269 95.22 -163.25 53.58
CA ILE Q 269 95.43 -164.68 53.55
C ILE Q 269 94.70 -165.23 52.32
N PHE Q 270 95.31 -166.21 51.67
CA PHE Q 270 94.72 -166.85 50.51
C PHE Q 270 94.00 -168.13 50.93
N VAL Q 271 92.80 -168.31 50.41
CA VAL Q 271 92.00 -169.51 50.67
C VAL Q 271 91.64 -170.13 49.33
N LEU Q 272 91.95 -171.41 49.17
CA LEU Q 272 91.65 -172.17 47.96
C LEU Q 272 90.44 -173.05 48.22
N THR Q 273 89.34 -172.80 47.52
CA THR Q 273 88.12 -173.55 47.74
C THR Q 273 87.95 -174.63 46.68
N LYS Q 274 87.01 -175.54 46.94
CA LYS Q 274 86.66 -176.61 46.01
C LYS Q 274 87.88 -177.42 45.62
N VAL Q 275 88.71 -177.74 46.61
CA VAL Q 275 89.96 -178.46 46.37
C VAL Q 275 89.68 -179.86 45.85
N ASP Q 276 88.61 -180.49 46.33
CA ASP Q 276 88.25 -181.84 45.93
C ASP Q 276 87.43 -181.87 44.64
N LEU Q 277 87.11 -180.71 44.09
CA LEU Q 277 86.49 -180.59 42.77
C LEU Q 277 87.45 -180.09 41.70
N ALA Q 278 88.43 -179.27 42.07
CA ALA Q 278 89.43 -178.77 41.14
C ALA Q 278 90.59 -179.75 41.01
N GLU Q 279 90.27 -180.93 40.47
CA GLU Q 279 91.28 -181.99 40.34
C GLU Q 279 92.47 -181.55 39.50
N LYS Q 280 92.23 -180.71 38.48
CA LYS Q 280 93.31 -180.31 37.60
C LYS Q 280 94.43 -179.58 38.34
N ASN Q 281 94.14 -179.00 39.51
CA ASN Q 281 95.13 -178.29 40.30
C ASN Q 281 95.67 -179.13 41.45
N VAL Q 282 94.78 -179.63 42.31
CA VAL Q 282 95.22 -180.35 43.51
C VAL Q 282 96.07 -181.56 43.14
N ALA Q 283 95.99 -182.03 41.90
CA ALA Q 283 96.77 -183.18 41.45
C ALA Q 283 98.05 -182.78 40.73
N SER Q 284 98.38 -181.49 40.66
CA SER Q 284 99.54 -181.04 39.89
C SER Q 284 100.35 -180.02 40.67
N PRO Q 285 101.58 -180.34 41.07
CA PRO Q 285 102.40 -179.36 41.80
C PRO Q 285 102.61 -178.06 41.04
N SER Q 286 102.71 -178.11 39.70
CA SER Q 286 103.10 -176.94 38.94
C SER Q 286 102.12 -175.78 39.10
N ARG Q 287 100.90 -176.06 39.55
CA ARG Q 287 99.90 -175.03 39.83
C ARG Q 287 99.78 -174.76 41.32
N ILE Q 288 99.76 -175.83 42.12
CA ILE Q 288 99.46 -175.71 43.54
C ILE Q 288 100.60 -175.04 44.28
N GLN Q 289 101.85 -175.38 43.95
CA GLN Q 289 102.94 -174.81 44.73
C GLN Q 289 103.03 -173.30 44.48
N GLN Q 290 102.76 -172.86 43.26
CA GLN Q 290 102.70 -171.43 43.00
C GLN Q 290 101.50 -170.79 43.68
N ILE Q 291 100.35 -171.45 43.67
CA ILE Q 291 99.15 -170.84 44.21
C ILE Q 291 99.24 -170.72 45.73
N ILE Q 292 99.85 -171.71 46.38
CA ILE Q 292 99.89 -171.76 47.84
C ILE Q 292 101.14 -171.13 48.42
N GLU Q 293 102.22 -170.99 47.64
CA GLU Q 293 103.42 -170.35 48.16
C GLU Q 293 103.37 -168.84 48.01
N GLY Q 294 102.60 -168.33 47.05
CA GLY Q 294 102.50 -166.90 46.82
C GLY Q 294 103.25 -166.45 45.59
N LYS Q 295 103.47 -167.37 44.65
CA LYS Q 295 104.14 -167.06 43.40
C LYS Q 295 103.17 -166.87 42.25
N LEU Q 296 101.99 -167.48 42.31
CA LEU Q 296 101.00 -167.33 41.27
C LEU Q 296 100.18 -166.06 41.43
N PHE Q 297 100.28 -165.39 42.57
CA PHE Q 297 99.54 -164.18 42.87
C PHE Q 297 100.47 -163.00 43.06
N PRO Q 298 99.99 -161.78 42.86
CA PRO Q 298 100.74 -160.60 43.33
C PRO Q 298 100.74 -160.47 44.85
N MET Q 299 99.93 -161.25 45.54
CA MET Q 299 99.72 -161.12 46.97
C MET Q 299 100.72 -161.97 47.75
N LYS Q 300 101.39 -161.35 48.72
CA LYS Q 300 102.33 -162.02 49.62
C LYS Q 300 101.64 -162.08 50.97
N ALA Q 301 100.91 -163.17 51.21
CA ALA Q 301 99.92 -163.23 52.28
C ALA Q 301 100.54 -163.51 53.64
N LEU Q 302 99.71 -163.32 54.67
CA LEU Q 302 100.01 -163.84 56.00
C LEU Q 302 100.07 -165.36 56.02
N GLY Q 303 99.43 -166.00 55.05
CA GLY Q 303 99.40 -167.46 54.99
C GLY Q 303 98.56 -167.89 53.81
N TYR Q 304 98.63 -169.20 53.52
CA TYR Q 304 97.92 -169.77 52.39
C TYR Q 304 97.30 -171.09 52.84
N PHE Q 305 96.01 -171.28 52.56
CA PHE Q 305 95.29 -172.44 53.07
C PHE Q 305 94.36 -173.01 52.00
N ALA Q 306 94.15 -174.33 52.07
CA ALA Q 306 93.28 -175.06 51.16
C ALA Q 306 92.17 -175.74 51.96
N VAL Q 307 90.93 -175.65 51.46
CA VAL Q 307 89.77 -176.15 52.17
C VAL Q 307 88.81 -176.83 51.20
N VAL Q 308 87.96 -177.70 51.76
CA VAL Q 308 86.88 -178.35 51.02
C VAL Q 308 85.57 -177.69 51.44
N THR Q 309 84.84 -177.14 50.45
CA THR Q 309 83.64 -176.35 50.72
C THR Q 309 82.35 -177.06 50.34
N GLY Q 310 82.42 -178.33 49.92
CA GLY Q 310 81.22 -179.03 49.49
C GLY Q 310 81.30 -179.48 48.05
N LYS Q 311 80.67 -180.62 47.75
CA LYS Q 311 80.81 -181.28 46.46
C LYS Q 311 79.72 -180.80 45.48
N GLY Q 312 79.63 -179.48 45.35
CA GLY Q 312 78.65 -178.88 44.47
C GLY Q 312 77.27 -178.74 45.06
N ASN Q 313 77.04 -179.21 46.28
CA ASN Q 313 75.75 -179.14 46.95
C ASN Q 313 75.76 -177.95 47.90
N SER Q 314 74.99 -176.92 47.55
CA SER Q 314 74.95 -175.70 48.37
C SER Q 314 74.33 -175.92 49.73
N SER Q 315 73.61 -177.02 49.94
CA SER Q 315 72.92 -177.29 51.19
C SER Q 315 73.52 -178.46 51.97
N GLU Q 316 74.72 -178.91 51.58
CA GLU Q 316 75.33 -180.05 52.25
C GLU Q 316 75.71 -179.69 53.68
N SER Q 317 75.57 -180.65 54.59
CA SER Q 317 75.84 -180.42 55.99
C SER Q 317 77.31 -180.10 56.21
N ILE Q 318 77.57 -179.14 57.12
CA ILE Q 318 78.95 -178.73 57.39
C ILE Q 318 79.74 -179.86 58.04
N GLU Q 319 79.10 -180.65 58.91
CA GLU Q 319 79.82 -181.74 59.57
C GLU Q 319 80.32 -182.75 58.56
N ALA Q 320 79.46 -183.15 57.61
CA ALA Q 320 79.90 -184.06 56.56
C ALA Q 320 80.99 -183.42 55.72
N ILE Q 321 80.88 -182.12 55.45
CA ILE Q 321 81.89 -181.44 54.65
C ILE Q 321 83.24 -181.48 55.34
N ARG Q 322 83.25 -181.28 56.66
CA ARG Q 322 84.52 -181.31 57.39
C ARG Q 322 85.10 -182.73 57.44
N GLU Q 323 84.25 -183.73 57.65
CA GLU Q 323 84.75 -185.11 57.62
C GLU Q 323 85.35 -185.43 56.25
N TYR Q 324 84.66 -185.03 55.18
CA TYR Q 324 85.18 -185.26 53.85
C TYR Q 324 86.43 -184.43 53.59
N GLU Q 325 86.54 -183.24 54.18
CA GLU Q 325 87.75 -182.45 54.04
C GLU Q 325 88.95 -183.16 54.66
N GLU Q 326 88.77 -183.69 55.86
CA GLU Q 326 89.87 -184.41 56.50
C GLU Q 326 90.24 -185.66 55.70
N GLU Q 327 89.24 -186.36 55.15
CA GLU Q 327 89.53 -187.56 54.38
C GLU Q 327 90.21 -187.22 53.04
N PHE Q 328 89.80 -186.11 52.41
CA PHE Q 328 90.25 -185.84 51.04
C PHE Q 328 91.75 -185.61 50.97
N PHE Q 329 92.28 -184.75 51.83
CA PHE Q 329 93.70 -184.41 51.75
C PHE Q 329 94.57 -185.65 51.92
N GLN Q 330 94.16 -186.55 52.81
CA GLN Q 330 94.84 -187.84 52.93
C GLN Q 330 94.70 -188.65 51.64
N ASN Q 331 93.49 -188.66 51.06
CA ASN Q 331 93.29 -189.39 49.81
C ASN Q 331 94.08 -188.76 48.67
N SER Q 332 94.14 -187.43 48.62
CA SER Q 332 94.68 -186.73 47.47
C SER Q 332 96.19 -186.91 47.36
N LYS Q 333 96.69 -186.70 46.13
CA LYS Q 333 98.12 -186.68 45.87
C LYS Q 333 98.83 -185.60 46.68
N LEU Q 334 98.10 -184.54 47.05
CA LEU Q 334 98.74 -183.31 47.49
C LEU Q 334 99.60 -183.52 48.73
N LEU Q 335 99.13 -184.31 49.69
CA LEU Q 335 99.93 -184.55 50.89
C LEU Q 335 101.17 -185.39 50.57
N LYS Q 336 101.04 -186.37 49.69
CA LYS Q 336 102.15 -187.28 49.41
C LYS Q 336 103.29 -186.56 48.72
N THR Q 337 102.99 -185.68 47.77
CA THR Q 337 104.01 -185.03 46.95
C THR Q 337 104.34 -183.62 47.42
N SER Q 338 103.84 -183.21 48.58
CA SER Q 338 104.23 -181.95 49.22
C SER Q 338 104.04 -180.75 48.30
N MET Q 339 102.90 -180.72 47.60
CA MET Q 339 102.47 -179.50 46.93
C MET Q 339 101.70 -178.58 47.86
N LEU Q 340 100.97 -179.16 48.81
CA LEU Q 340 100.40 -178.43 49.94
C LEU Q 340 100.98 -179.01 51.21
N LYS Q 341 101.34 -178.13 52.15
CA LYS Q 341 101.90 -178.57 53.41
C LYS Q 341 100.79 -178.81 54.44
N ALA Q 342 101.08 -179.68 55.40
CA ALA Q 342 100.05 -180.15 56.32
C ALA Q 342 99.40 -179.00 57.08
N HIS Q 343 100.18 -177.98 57.42
CA HIS Q 343 99.65 -176.81 58.12
C HIS Q 343 98.92 -175.85 57.20
N GLN Q 344 98.91 -176.11 55.89
CA GLN Q 344 98.24 -175.27 54.92
C GLN Q 344 96.89 -175.83 54.48
N VAL Q 345 96.39 -176.88 55.12
CA VAL Q 345 95.19 -177.55 54.66
C VAL Q 345 94.19 -177.68 55.81
N THR Q 346 92.91 -177.80 55.43
CA THR Q 346 91.82 -178.06 56.36
C THR Q 346 91.41 -176.83 57.14
N THR Q 347 90.23 -176.90 57.75
CA THR Q 347 89.67 -175.76 58.48
C THR Q 347 90.51 -175.41 59.70
N ARG Q 348 91.02 -176.42 60.40
CA ARG Q 348 91.68 -176.20 61.68
C ARG Q 348 92.85 -175.22 61.55
N ASN Q 349 93.69 -175.41 60.54
CA ASN Q 349 94.90 -174.62 60.43
C ASN Q 349 94.58 -173.16 60.09
N LEU Q 350 93.67 -172.95 59.14
CA LEU Q 350 93.25 -171.60 58.80
C LEU Q 350 92.64 -170.90 60.01
N SER Q 351 91.75 -171.60 60.70
CA SER Q 351 91.08 -171.02 61.86
C SER Q 351 92.09 -170.64 62.93
N LEU Q 352 93.04 -171.54 63.22
CA LEU Q 352 94.01 -171.25 64.28
C LEU Q 352 94.93 -170.10 63.92
N ALA Q 353 95.41 -170.03 62.67
CA ALA Q 353 96.29 -168.93 62.29
C ALA Q 353 95.56 -167.59 62.40
N VAL Q 354 94.37 -167.51 61.80
CA VAL Q 354 93.65 -166.24 61.82
C VAL Q 354 93.25 -165.89 63.24
N SER Q 355 92.89 -166.91 64.04
CA SER Q 355 92.54 -166.68 65.43
C SER Q 355 93.70 -166.10 66.22
N ASP Q 356 94.90 -166.66 66.06
CA ASP Q 356 96.03 -166.15 66.82
C ASP Q 356 96.31 -164.70 66.48
N CYS Q 357 96.42 -164.40 65.18
CA CYS Q 357 96.70 -163.03 64.78
C CYS Q 357 95.60 -162.10 65.31
N PHE Q 358 94.35 -162.45 65.04
CA PHE Q 358 93.23 -161.58 65.37
C PHE Q 358 93.17 -161.34 66.87
N TRP Q 359 93.25 -162.39 67.68
CA TRP Q 359 92.99 -162.21 69.11
C TRP Q 359 94.15 -161.53 69.82
N LYS Q 360 95.40 -161.78 69.41
CA LYS Q 360 96.49 -161.01 69.99
C LYS Q 360 96.31 -159.53 69.70
N MET Q 361 96.04 -159.22 68.43
CA MET Q 361 95.87 -157.84 68.05
C MET Q 361 94.62 -157.23 68.69
N VAL Q 362 93.61 -158.05 68.98
CA VAL Q 362 92.42 -157.57 69.69
C VAL Q 362 92.76 -157.20 71.13
N ARG Q 363 93.50 -158.05 71.83
CA ARG Q 363 93.85 -157.70 73.21
C ARG Q 363 94.53 -156.35 73.23
N GLU Q 364 95.59 -156.20 72.41
CA GLU Q 364 96.33 -154.94 72.45
C GLU Q 364 95.50 -153.79 71.90
N SER Q 365 94.69 -154.06 70.88
CA SER Q 365 93.90 -153.02 70.23
C SER Q 365 92.83 -152.40 71.10
N VAL Q 366 92.14 -153.20 71.91
CA VAL Q 366 91.14 -152.63 72.81
C VAL Q 366 91.81 -151.92 73.99
N GLU Q 367 92.93 -152.49 74.47
CA GLU Q 367 93.67 -151.77 75.52
C GLU Q 367 94.00 -150.39 74.98
N GLN Q 368 94.34 -150.31 73.69
CA GLN Q 368 94.63 -149.01 73.07
C GLN Q 368 93.37 -148.18 72.83
N GLN Q 369 92.30 -148.81 72.34
CA GLN Q 369 91.16 -148.06 71.84
C GLN Q 369 90.22 -147.58 72.93
N ALA Q 370 90.19 -148.24 74.09
CA ALA Q 370 89.46 -147.64 75.21
C ALA Q 370 89.97 -146.23 75.47
N ASP Q 371 91.29 -146.09 75.59
CA ASP Q 371 91.89 -144.77 75.78
C ASP Q 371 91.77 -143.92 74.53
N SER Q 372 91.78 -144.55 73.34
CA SER Q 372 91.59 -143.78 72.11
C SER Q 372 90.26 -143.04 72.13
N PHE Q 373 89.14 -143.75 72.38
CA PHE Q 373 87.77 -143.16 72.32
C PHE Q 373 87.58 -142.26 73.56
N LYS Q 374 88.14 -142.61 74.72
CA LYS Q 374 88.11 -141.74 75.94
C LYS Q 374 88.91 -140.46 75.61
N ALA Q 375 90.04 -140.58 74.93
CA ALA Q 375 90.88 -139.43 74.48
C ALA Q 375 90.05 -138.63 73.47
N THR Q 376 89.27 -139.30 72.62
CA THR Q 376 88.40 -138.64 71.62
C THR Q 376 87.37 -137.81 72.42
N ARG Q 377 86.82 -138.31 73.55
CA ARG Q 377 85.89 -137.48 74.38
C ARG Q 377 86.67 -136.26 74.90
N PHE Q 378 87.93 -136.45 75.35
CA PHE Q 378 88.78 -135.33 75.84
C PHE Q 378 89.04 -134.34 74.69
N ASN Q 379 89.34 -134.82 73.46
CA ASN Q 379 89.58 -133.97 72.25
C ASN Q 379 88.27 -133.23 71.89
N LEU Q 380 87.14 -133.92 71.98
CA LEU Q 380 85.78 -133.36 71.68
C LEU Q 380 85.52 -132.25 72.71
N GLU Q 381 85.96 -132.44 73.97
CA GLU Q 381 85.74 -131.45 75.09
C GLU Q 381 86.64 -130.21 74.91
N THR Q 382 87.85 -130.30 74.30
CA THR Q 382 88.64 -129.10 74.06
C THR Q 382 87.97 -128.23 73.00
N GLU Q 383 87.58 -128.84 71.89
CA GLU Q 383 86.92 -128.09 70.83
C GLU Q 383 85.62 -127.47 71.32
N TRP Q 384 84.84 -128.23 72.09
CA TRP Q 384 83.51 -127.76 72.48
C TRP Q 384 83.60 -126.61 73.48
N LYS Q 385 84.51 -126.71 74.45
CA LYS Q 385 84.77 -125.58 75.33
C LYS Q 385 85.23 -124.36 74.53
N ASN Q 386 86.18 -124.55 73.62
CA ASN Q 386 86.76 -123.39 72.93
C ASN Q 386 85.74 -122.70 72.04
N ASN Q 387 84.90 -123.48 71.35
CA ASN Q 387 83.92 -122.91 70.43
C ASN Q 387 82.88 -122.07 71.17
N TYR Q 388 82.29 -122.62 72.22
CA TYR Q 388 81.24 -121.95 72.97
C TYR Q 388 81.52 -122.10 74.45
N PRO Q 389 81.02 -121.20 75.28
CA PRO Q 389 80.99 -121.47 76.72
C PRO Q 389 80.22 -122.76 76.95
N ARG Q 390 80.71 -123.56 77.89
CA ARG Q 390 80.15 -124.90 78.07
C ARG Q 390 78.64 -124.82 78.22
N LEU Q 391 77.93 -125.42 77.27
CA LEU Q 391 76.48 -125.42 77.28
C LEU Q 391 75.97 -126.49 76.33
N ARG Q 392 74.91 -127.19 76.75
CA ARG Q 392 74.29 -128.25 75.94
C ARG Q 392 72.77 -128.13 75.92
N GLU Q 393 72.24 -126.96 76.29
CA GLU Q 393 70.79 -126.80 76.39
C GLU Q 393 70.11 -126.93 75.02
N LEU Q 394 70.75 -126.41 73.97
CA LEU Q 394 70.11 -126.32 72.66
C LEU Q 394 70.20 -127.64 71.90
N ASP Q 395 69.50 -127.68 70.77
CA ASP Q 395 69.52 -128.83 69.87
C ASP Q 395 69.00 -128.39 68.52
N ARG Q 396 69.33 -129.19 67.50
CA ARG Q 396 68.90 -128.87 66.14
C ARG Q 396 67.39 -128.74 66.06
N ASN Q 397 66.66 -129.71 66.62
CA ASN Q 397 65.21 -129.64 66.66
C ASN Q 397 64.74 -128.47 67.51
N GLU Q 398 65.42 -128.25 68.64
CA GLU Q 398 65.08 -127.12 69.49
C GLU Q 398 65.31 -125.80 68.80
N LEU Q 399 66.24 -125.73 67.84
CA LEU Q 399 66.37 -124.51 67.06
C LEU Q 399 65.10 -124.22 66.28
N PHE Q 400 64.52 -125.24 65.64
CA PHE Q 400 63.24 -125.05 64.98
C PHE Q 400 62.17 -124.64 65.98
N GLU Q 401 62.14 -125.27 67.15
CA GLU Q 401 61.10 -124.93 68.12
C GLU Q 401 61.22 -123.48 68.57
N LYS Q 402 62.44 -123.01 68.83
CA LYS Q 402 62.64 -121.66 69.31
C LYS Q 402 62.37 -120.63 68.21
N ALA Q 403 62.81 -120.91 66.98
CA ALA Q 403 62.51 -119.98 65.89
C ALA Q 403 61.01 -119.95 65.61
N LYS Q 404 60.34 -121.09 65.73
CA LYS Q 404 58.88 -121.14 65.59
C LYS Q 404 58.20 -120.25 66.62
N ASN Q 405 58.61 -120.37 67.88
CA ASN Q 405 58.00 -119.56 68.93
C ASN Q 405 58.32 -118.08 68.75
N GLU Q 406 59.56 -117.76 68.37
CA GLU Q 406 59.90 -116.37 68.05
C GLU Q 406 59.01 -115.82 66.95
N ILE Q 407 58.80 -116.59 65.89
CA ILE Q 407 58.01 -116.12 64.77
C ILE Q 407 56.57 -115.91 65.20
N LEU Q 408 56.00 -116.88 65.92
CA LEU Q 408 54.60 -116.73 66.33
C LEU Q 408 54.44 -115.58 67.32
N ASP Q 409 55.42 -115.37 68.20
CA ASP Q 409 55.33 -114.25 69.13
C ASP Q 409 55.39 -112.92 68.39
N GLU Q 410 56.27 -112.82 67.39
CA GLU Q 410 56.34 -111.58 66.62
C GLU Q 410 55.08 -111.38 65.79
N VAL Q 411 54.48 -112.46 65.28
CA VAL Q 411 53.24 -112.33 64.52
C VAL Q 411 52.11 -111.86 65.44
N ILE Q 412 52.02 -112.43 66.63
CA ILE Q 412 51.00 -111.95 67.57
C ILE Q 412 51.24 -110.47 67.90
N SER Q 413 52.47 -110.13 68.29
CA SER Q 413 52.77 -108.73 68.61
C SER Q 413 52.44 -107.82 67.45
N LEU Q 414 52.71 -108.28 66.23
CA LEU Q 414 52.27 -107.58 65.03
C LEU Q 414 50.76 -107.35 65.08
N SER Q 415 50.01 -108.38 65.48
CA SER Q 415 48.56 -108.23 65.56
C SER Q 415 48.14 -107.25 66.64
N GLN Q 416 48.91 -107.11 67.72
CA GLN Q 416 48.63 -106.12 68.75
C GLN Q 416 49.47 -104.84 68.63
N VAL Q 417 50.12 -104.61 67.49
CA VAL Q 417 50.76 -103.31 67.29
C VAL Q 417 49.71 -102.22 67.40
N THR Q 418 50.07 -101.12 68.06
CA THR Q 418 49.17 -99.98 68.19
C THR Q 418 48.54 -99.70 66.83
N PRO Q 419 47.22 -99.81 66.69
CA PRO Q 419 46.60 -99.55 65.39
C PRO Q 419 47.00 -98.21 64.80
N LYS Q 420 47.07 -97.17 65.64
CA LYS Q 420 47.32 -95.82 65.14
C LYS Q 420 48.56 -95.79 64.28
N HIS Q 421 49.55 -96.62 64.62
CA HIS Q 421 50.75 -96.73 63.81
C HIS Q 421 50.43 -97.34 62.46
N TRP Q 422 49.52 -98.33 62.44
CA TRP Q 422 49.09 -98.92 61.19
C TRP Q 422 48.44 -97.87 60.28
N GLU Q 423 47.55 -97.04 60.85
CA GLU Q 423 46.93 -96.00 60.03
C GLU Q 423 47.95 -94.98 59.56
N GLU Q 424 48.93 -94.63 60.41
CA GLU Q 424 49.94 -93.68 59.97
C GLU Q 424 50.69 -94.20 58.75
N ILE Q 425 51.09 -95.47 58.80
CA ILE Q 425 51.80 -96.07 57.67
C ILE Q 425 50.91 -96.03 56.43
N LEU Q 426 49.65 -96.47 56.58
CA LEU Q 426 48.75 -96.55 55.44
C LEU Q 426 48.49 -95.16 54.86
N GLN Q 427 48.32 -94.16 55.72
CA GLN Q 427 48.04 -92.80 55.27
C GLN Q 427 49.20 -92.22 54.48
N GLN Q 428 50.42 -92.35 55.00
CA GLN Q 428 51.55 -91.78 54.27
C GLN Q 428 51.75 -92.50 52.94
N SER Q 429 51.62 -93.84 52.94
CA SER Q 429 51.77 -94.58 51.70
C SER Q 429 50.70 -94.18 50.70
N LEU Q 430 49.46 -94.01 51.16
CA LEU Q 430 48.36 -93.63 50.27
C LEU Q 430 48.62 -92.26 49.65
N TRP Q 431 49.05 -91.30 50.46
CA TRP Q 431 49.33 -89.98 49.90
C TRP Q 431 50.45 -90.04 48.86
N GLU Q 432 51.52 -90.77 49.16
CA GLU Q 432 52.60 -90.87 48.19
C GLU Q 432 52.12 -91.53 46.90
N ARG Q 433 51.21 -92.51 47.03
CA ARG Q 433 50.71 -93.22 45.87
C ARG Q 433 49.78 -92.36 45.03
N VAL Q 434 49.03 -91.46 45.67
CA VAL Q 434 47.95 -90.74 44.99
C VAL Q 434 48.26 -89.30 44.58
N SER Q 435 49.32 -88.69 45.15
CA SER Q 435 49.54 -87.27 44.89
C SER Q 435 49.69 -86.97 43.40
N THR Q 436 50.22 -87.93 42.62
CA THR Q 436 50.40 -87.71 41.20
C THR Q 436 49.05 -87.47 40.52
N HIS Q 437 48.07 -88.33 40.80
CA HIS Q 437 46.72 -88.11 40.28
C HIS Q 437 46.08 -86.88 40.88
N VAL Q 438 46.36 -86.61 42.16
CA VAL Q 438 45.72 -85.48 42.83
C VAL Q 438 46.07 -84.18 42.14
N ILE Q 439 47.34 -83.97 41.82
CA ILE Q 439 47.74 -82.68 41.28
C ILE Q 439 47.82 -82.67 39.76
N GLU Q 440 48.41 -83.70 39.14
CA GLU Q 440 48.63 -83.64 37.70
C GLU Q 440 47.30 -83.72 36.93
N ASN Q 441 46.38 -84.56 37.38
CA ASN Q 441 45.14 -84.78 36.65
C ASN Q 441 43.96 -84.02 37.23
N ILE Q 442 43.95 -83.76 38.53
CA ILE Q 442 42.77 -83.22 39.19
C ILE Q 442 42.96 -81.73 39.46
N TYR Q 443 43.97 -81.38 40.25
CA TYR Q 443 44.15 -79.98 40.63
C TYR Q 443 44.64 -79.15 39.45
N LEU Q 444 45.68 -79.62 38.76
CA LEU Q 444 46.37 -78.80 37.77
C LEU Q 444 45.42 -78.32 36.69
N PRO Q 445 44.64 -79.21 36.05
CA PRO Q 445 43.70 -78.75 35.02
C PRO Q 445 42.49 -78.00 35.57
N ALA Q 446 42.12 -78.24 36.83
CA ALA Q 446 40.88 -77.69 37.35
C ALA Q 446 41.04 -76.24 37.80
N ALA Q 447 42.14 -75.92 38.46
CA ALA Q 447 42.32 -74.59 39.05
C ALA Q 447 42.80 -73.55 38.06
N GLN Q 448 43.00 -73.91 36.79
CA GLN Q 448 43.35 -72.95 35.77
C GLN Q 448 42.14 -72.20 35.22
N THR Q 449 40.94 -72.58 35.62
CA THR Q 449 39.74 -71.94 35.10
C THR Q 449 39.46 -70.64 35.85
N MET Q 450 38.58 -69.82 35.26
CA MET Q 450 38.15 -68.57 35.85
C MET Q 450 36.79 -68.69 36.53
N ASN Q 451 36.39 -69.91 36.87
CA ASN Q 451 35.11 -70.16 37.51
C ASN Q 451 35.28 -71.29 38.53
N SER Q 452 34.92 -71.02 39.78
CA SER Q 452 35.03 -72.04 40.81
C SER Q 452 34.16 -73.25 40.51
N GLY Q 453 33.03 -73.05 39.84
CA GLY Q 453 32.21 -74.17 39.46
C GLY Q 453 32.89 -75.08 38.45
N THR Q 454 33.71 -74.52 37.58
CA THR Q 454 34.47 -75.34 36.64
C THR Q 454 35.67 -76.01 37.31
N PHE Q 455 36.30 -75.35 38.27
CA PHE Q 455 37.31 -76.04 39.08
C PHE Q 455 36.69 -77.27 39.74
N ASN Q 456 35.57 -77.08 40.43
CA ASN Q 456 34.96 -78.20 41.12
C ASN Q 456 34.41 -79.24 40.15
N THR Q 457 33.94 -78.81 38.97
CA THR Q 457 33.39 -79.77 38.01
C THR Q 457 34.49 -80.64 37.41
N THR Q 458 35.60 -80.02 36.99
CA THR Q 458 36.75 -80.80 36.54
C THR Q 458 37.23 -81.74 37.63
N VAL Q 459 37.38 -81.21 38.85
CA VAL Q 459 37.83 -82.01 39.97
C VAL Q 459 36.91 -83.20 40.17
N ASP Q 460 35.59 -82.96 40.15
CA ASP Q 460 34.65 -84.01 40.49
C ASP Q 460 34.52 -85.05 39.38
N ILE Q 461 34.65 -84.64 38.12
CA ILE Q 461 34.67 -85.62 37.04
C ILE Q 461 35.88 -86.52 37.18
N LYS Q 462 37.05 -85.92 37.36
CA LYS Q 462 38.27 -86.71 37.49
C LYS Q 462 38.21 -87.57 38.74
N LEU Q 463 37.63 -87.05 39.82
CA LEU Q 463 37.53 -87.81 41.06
C LEU Q 463 36.55 -88.96 40.93
N LYS Q 464 35.44 -88.79 40.23
CA LYS Q 464 34.53 -89.91 40.07
C LYS Q 464 35.21 -91.02 39.29
N GLN Q 465 35.85 -90.65 38.17
CA GLN Q 465 36.52 -91.65 37.35
C GLN Q 465 37.65 -92.33 38.13
N TRP Q 466 38.40 -91.53 38.90
CA TRP Q 466 39.57 -92.02 39.63
C TRP Q 466 39.17 -92.88 40.84
N THR Q 467 38.20 -92.40 41.63
CA THR Q 467 37.73 -93.14 42.79
C THR Q 467 37.04 -94.43 42.37
N ASP Q 468 36.53 -94.50 41.14
CA ASP Q 468 35.94 -95.75 40.69
C ASP Q 468 36.95 -96.70 40.07
N LYS Q 469 37.94 -96.19 39.33
CA LYS Q 469 38.81 -97.07 38.55
C LYS Q 469 40.14 -97.40 39.23
N GLN Q 470 41.00 -96.40 39.44
CA GLN Q 470 42.35 -96.67 39.91
C GLN Q 470 42.44 -96.61 41.44
N LEU Q 471 41.89 -95.57 42.04
CA LEU Q 471 42.17 -95.28 43.45
C LEU Q 471 41.88 -96.46 44.37
N PRO Q 472 40.73 -97.15 44.26
CA PRO Q 472 40.52 -98.31 45.15
C PRO Q 472 41.54 -99.41 44.95
N ASN Q 473 41.92 -99.69 43.70
CA ASN Q 473 42.92 -100.72 43.43
C ASN Q 473 44.26 -100.34 44.04
N LYS Q 474 44.63 -99.06 43.90
CA LYS Q 474 45.88 -98.58 44.49
C LYS Q 474 45.85 -98.71 46.01
N ALA Q 475 44.70 -98.38 46.62
CA ALA Q 475 44.59 -98.50 48.08
C ALA Q 475 44.71 -99.95 48.52
N VAL Q 476 44.10 -100.87 47.78
CA VAL Q 476 44.20 -102.29 48.13
C VAL Q 476 45.64 -102.77 48.01
N GLU Q 477 46.33 -102.34 46.95
CA GLU Q 477 47.74 -102.68 46.80
C GLU Q 477 48.55 -102.13 47.98
N VAL Q 478 48.26 -100.89 48.39
CA VAL Q 478 48.98 -100.28 49.50
C VAL Q 478 48.75 -101.10 50.78
N ALA Q 479 47.51 -101.51 51.03
CA ALA Q 479 47.23 -102.29 52.24
C ALA Q 479 47.94 -103.63 52.22
N TRP Q 480 47.89 -104.33 51.07
CA TRP Q 480 48.59 -105.60 50.97
C TRP Q 480 50.07 -105.44 51.27
N GLU Q 481 50.72 -104.48 50.60
CA GLU Q 481 52.15 -104.30 50.80
C GLU Q 481 52.45 -103.82 52.21
N THR Q 482 51.58 -103.01 52.81
CA THR Q 482 51.80 -102.59 54.18
C THR Q 482 51.82 -103.79 55.13
N LEU Q 483 50.83 -104.68 55.01
CA LEU Q 483 50.80 -105.83 55.89
C LEU Q 483 52.02 -106.72 55.65
N GLN Q 484 52.34 -107.01 54.40
CA GLN Q 484 53.46 -107.91 54.13
C GLN Q 484 54.79 -107.29 54.56
N GLU Q 485 54.94 -105.98 54.41
CA GLU Q 485 56.19 -105.32 54.78
C GLU Q 485 56.36 -105.25 56.29
N GLU Q 486 55.28 -104.95 57.02
CA GLU Q 486 55.38 -104.97 58.48
C GLU Q 486 55.65 -106.38 58.99
N PHE Q 487 55.02 -107.38 58.38
CA PHE Q 487 55.33 -108.77 58.72
C PHE Q 487 56.81 -109.06 58.48
N SER Q 488 57.34 -108.64 57.32
CA SER Q 488 58.76 -108.86 57.04
C SER Q 488 59.63 -108.16 58.07
N ARG Q 489 59.26 -106.93 58.46
CA ARG Q 489 60.06 -106.19 59.44
C ARG Q 489 60.10 -106.92 60.78
N PHE Q 490 58.95 -107.43 61.23
CA PHE Q 490 58.94 -108.17 62.48
C PHE Q 490 59.78 -109.44 62.39
N MET Q 491 59.84 -110.05 61.20
CA MET Q 491 60.59 -111.28 61.01
C MET Q 491 62.09 -111.06 60.94
N THR Q 492 62.57 -109.83 60.75
CA THR Q 492 63.95 -109.61 60.37
C THR Q 492 64.69 -108.53 61.15
N GLU Q 493 64.01 -107.76 62.01
CA GLU Q 493 64.66 -106.62 62.64
C GLU Q 493 65.89 -107.06 63.42
N PRO Q 494 67.07 -106.46 63.17
CA PRO Q 494 68.26 -106.74 64.00
C PRO Q 494 68.22 -106.00 65.33
N LYS Q 495 67.49 -106.58 66.29
CA LYS Q 495 67.15 -105.88 67.52
C LYS Q 495 68.36 -105.74 68.44
N GLY Q 496 69.35 -104.96 68.02
CA GLY Q 496 70.47 -104.67 68.89
C GLY Q 496 71.16 -105.94 69.34
N LYS Q 497 71.36 -106.04 70.66
CA LYS Q 497 72.01 -107.20 71.26
C LYS Q 497 71.05 -108.34 71.53
N GLU Q 498 69.75 -108.13 71.33
CA GLU Q 498 68.75 -109.15 71.57
C GLU Q 498 68.49 -110.01 70.34
N HIS Q 499 69.17 -109.74 69.24
CA HIS Q 499 68.98 -110.51 68.02
C HIS Q 499 69.80 -111.80 68.04
N ASP Q 500 69.21 -112.87 67.49
CA ASP Q 500 69.88 -114.16 67.34
C ASP Q 500 70.00 -114.48 65.86
N ASP Q 501 71.24 -114.66 65.38
CA ASP Q 501 71.47 -114.96 63.97
C ASP Q 501 71.00 -116.37 63.63
N ILE Q 502 71.14 -117.32 64.56
CA ILE Q 502 70.93 -118.73 64.25
C ILE Q 502 69.52 -118.95 63.70
N PHE Q 503 68.53 -118.30 64.30
CA PHE Q 503 67.15 -118.51 63.89
C PHE Q 503 66.84 -117.87 62.53
N ASP Q 504 67.71 -116.98 62.05
CA ASP Q 504 67.37 -116.16 60.88
C ASP Q 504 66.97 -117.02 59.70
N LYS Q 505 67.65 -118.15 59.50
CA LYS Q 505 67.36 -119.00 58.36
C LYS Q 505 65.88 -119.36 58.29
N LEU Q 506 65.29 -119.74 59.43
CA LEU Q 506 63.87 -120.06 59.41
C LEU Q 506 63.05 -118.80 59.13
N LYS Q 507 63.42 -117.68 59.74
CA LYS Q 507 62.65 -116.45 59.57
C LYS Q 507 62.49 -116.10 58.10
N GLU Q 508 63.51 -116.40 57.29
CA GLU Q 508 63.41 -116.12 55.86
C GLU Q 508 62.51 -117.12 55.15
N ALA Q 509 62.62 -118.41 55.49
CA ALA Q 509 61.83 -119.42 54.80
C ALA Q 509 60.35 -119.25 55.09
N VAL Q 510 60.00 -118.99 56.35
CA VAL Q 510 58.60 -118.80 56.70
C VAL Q 510 58.07 -117.50 56.12
N LYS Q 511 58.84 -116.41 56.27
CA LYS Q 511 58.39 -115.11 55.80
C LYS Q 511 57.95 -115.19 54.34
N GLU Q 512 58.74 -115.87 53.52
CA GLU Q 512 58.35 -116.05 52.13
C GLU Q 512 57.05 -116.83 52.01
N GLU Q 513 56.99 -117.99 52.65
CA GLU Q 513 55.83 -118.86 52.45
C GLU Q 513 54.56 -118.23 53.03
N SER Q 514 54.65 -117.68 54.24
CA SER Q 514 53.45 -117.14 54.89
C SER Q 514 52.82 -116.06 54.02
N ILE Q 515 53.64 -115.27 53.34
CA ILE Q 515 53.10 -114.22 52.47
C ILE Q 515 52.32 -114.84 51.32
N LYS Q 516 52.87 -115.88 50.70
CA LYS Q 516 52.24 -116.46 49.52
C LYS Q 516 50.94 -117.17 49.87
N ARG Q 517 50.78 -117.64 51.10
CA ARG Q 517 49.54 -118.28 51.50
C ARG Q 517 48.46 -117.29 51.93
N HIS Q 518 48.74 -116.00 51.89
CA HIS Q 518 47.76 -114.97 52.21
C HIS Q 518 47.35 -114.22 50.94
N LYS Q 519 46.08 -113.84 50.89
CA LYS Q 519 45.56 -112.98 49.84
C LYS Q 519 44.64 -111.95 50.48
N TRP Q 520 44.66 -110.74 49.94
CA TRP Q 520 43.79 -109.68 50.44
C TRP Q 520 42.42 -109.81 49.78
N ASN Q 521 41.36 -109.62 50.55
CA ASN Q 521 40.01 -109.75 50.02
C ASN Q 521 39.76 -108.65 49.01
N ASP Q 522 39.57 -109.03 47.75
CA ASP Q 522 39.43 -108.07 46.66
C ASP Q 522 38.20 -107.19 46.80
N PHE Q 523 37.15 -107.66 47.48
CA PHE Q 523 35.95 -106.85 47.64
C PHE Q 523 36.25 -105.47 48.19
N ALA Q 524 37.37 -105.30 48.89
CA ALA Q 524 37.71 -104.00 49.44
C ALA Q 524 37.64 -102.93 48.36
N GLU Q 525 38.04 -103.26 47.13
CA GLU Q 525 38.05 -102.26 46.07
C GLU Q 525 36.70 -101.59 45.95
N ASP Q 526 35.61 -102.35 46.04
CA ASP Q 526 34.29 -101.74 45.97
C ASP Q 526 33.96 -100.98 47.23
N SER Q 527 34.23 -101.56 48.40
CA SER Q 527 33.92 -100.86 49.64
C SER Q 527 34.65 -99.53 49.69
N LEU Q 528 35.94 -99.54 49.39
CA LEU Q 528 36.71 -98.31 49.37
C LEU Q 528 36.07 -97.30 48.44
N ARG Q 529 35.60 -97.74 47.27
CA ARG Q 529 34.96 -96.80 46.35
C ARG Q 529 33.87 -96.01 47.05
N VAL Q 530 33.00 -96.70 47.79
CA VAL Q 530 31.98 -95.97 48.54
C VAL Q 530 32.64 -95.11 49.60
N ILE Q 531 33.50 -95.71 50.42
CA ILE Q 531 34.04 -95.01 51.58
C ILE Q 531 34.79 -93.77 51.12
N GLN Q 532 35.67 -93.94 50.14
CA GLN Q 532 36.42 -92.80 49.63
C GLN Q 532 35.47 -91.69 49.22
N HIS Q 533 34.43 -92.01 48.44
CA HIS Q 533 33.51 -90.97 48.01
C HIS Q 533 32.99 -90.20 49.21
N ASN Q 534 32.59 -90.91 50.26
CA ASN Q 534 32.01 -90.24 51.41
C ASN Q 534 32.98 -89.24 52.00
N ALA Q 535 34.24 -89.61 52.14
CA ALA Q 535 35.21 -88.68 52.71
C ALA Q 535 35.36 -87.46 51.83
N LEU Q 536 35.37 -87.66 50.51
CA LEU Q 536 35.39 -86.51 49.60
C LEU Q 536 34.08 -85.75 49.68
N GLU Q 537 32.97 -86.48 49.88
CA GLU Q 537 31.65 -85.88 49.71
C GLU Q 537 31.48 -84.64 50.58
N ASP Q 538 32.11 -84.61 51.73
CA ASP Q 538 32.08 -83.42 52.59
C ASP Q 538 32.92 -82.33 51.95
N ARG Q 539 32.23 -81.39 51.31
CA ARG Q 539 32.89 -80.24 50.68
C ARG Q 539 32.77 -78.98 51.53
N SER Q 540 32.21 -79.09 52.73
CA SER Q 540 31.79 -77.94 53.51
C SER Q 540 32.79 -77.68 54.64
N ILE Q 541 33.51 -76.58 54.53
CA ILE Q 541 34.39 -76.10 55.59
C ILE Q 541 33.59 -75.07 56.38
N SER Q 542 33.11 -75.48 57.56
CA SER Q 542 32.14 -74.69 58.30
C SER Q 542 32.75 -73.61 59.18
N ASP Q 543 34.04 -73.71 59.51
CA ASP Q 543 34.61 -72.80 60.51
C ASP Q 543 36.10 -72.60 60.23
N LYS Q 544 36.71 -71.76 61.07
CA LYS Q 544 38.11 -71.39 60.89
C LYS Q 544 39.05 -72.58 61.04
N GLN Q 545 38.76 -73.49 61.97
CA GLN Q 545 39.68 -74.58 62.25
C GLN Q 545 39.85 -75.49 61.03
N GLN Q 546 38.74 -75.88 60.40
CA GLN Q 546 38.82 -76.70 59.21
C GLN Q 546 39.33 -75.91 58.02
N TRP Q 547 39.08 -74.60 58.01
CA TRP Q 547 39.64 -73.75 56.97
C TRP Q 547 41.17 -73.79 57.03
N ASP Q 548 41.71 -73.72 58.24
CA ASP Q 548 43.16 -73.75 58.41
C ASP Q 548 43.73 -75.13 58.11
N ALA Q 549 43.05 -76.21 58.54
CA ALA Q 549 43.51 -77.55 58.18
C ALA Q 549 43.54 -77.74 56.67
N ALA Q 550 42.50 -77.25 56.00
CA ALA Q 550 42.40 -77.34 54.55
C ALA Q 550 43.53 -76.58 53.88
N ILE Q 551 43.78 -75.35 54.32
CA ILE Q 551 44.85 -74.56 53.74
C ILE Q 551 46.20 -75.21 54.01
N TYR Q 552 46.38 -75.81 55.19
CA TYR Q 552 47.62 -76.52 55.46
C TYR Q 552 47.86 -77.64 54.46
N PHE Q 553 46.86 -78.50 54.27
CA PHE Q 553 47.10 -79.62 53.36
C PHE Q 553 47.32 -79.14 51.94
N MET Q 554 46.56 -78.12 51.51
CA MET Q 554 46.76 -77.57 50.18
C MET Q 554 48.16 -76.99 50.02
N GLU Q 555 48.63 -76.25 51.03
CA GLU Q 555 49.98 -75.70 50.98
C GLU Q 555 51.02 -76.80 50.90
N GLU Q 556 50.86 -77.86 51.71
CA GLU Q 556 51.85 -78.94 51.70
C GLU Q 556 51.91 -79.61 50.33
N ALA Q 557 50.74 -80.02 49.82
CA ALA Q 557 50.70 -80.75 48.56
C ALA Q 557 51.22 -79.92 47.41
N LEU Q 558 50.88 -78.62 47.39
CA LEU Q 558 51.34 -77.78 46.29
C LEU Q 558 52.80 -77.39 46.44
N GLN Q 559 53.29 -77.23 47.67
CA GLN Q 559 54.69 -76.89 47.88
C GLN Q 559 55.61 -78.02 47.45
N ALA Q 560 55.21 -79.28 47.69
CA ALA Q 560 56.05 -80.37 47.23
C ALA Q 560 56.25 -80.31 45.71
N ARG Q 561 55.17 -80.16 44.96
CA ARG Q 561 55.27 -80.12 43.51
C ARG Q 561 55.97 -78.85 43.04
N LEU Q 562 55.77 -77.74 43.75
CA LEU Q 562 56.47 -76.51 43.39
C LEU Q 562 57.97 -76.65 43.56
N LYS Q 563 58.40 -77.30 44.65
CA LYS Q 563 59.82 -77.52 44.85
C LYS Q 563 60.40 -78.43 43.77
N ASP Q 564 59.65 -79.47 43.39
CA ASP Q 564 60.13 -80.32 42.30
C ASP Q 564 60.26 -79.53 41.00
N THR Q 565 59.25 -78.72 40.68
CA THR Q 565 59.30 -77.92 39.46
C THR Q 565 60.44 -76.92 39.51
N GLU Q 566 60.68 -76.31 40.67
CA GLU Q 566 61.75 -75.33 40.79
C GLU Q 566 63.12 -75.98 40.63
N ASN Q 567 63.31 -77.19 41.18
CA ASN Q 567 64.58 -77.88 40.97
C ASN Q 567 64.78 -78.20 39.48
N ALA Q 568 63.72 -78.67 38.82
CA ALA Q 568 63.83 -78.95 37.39
C ALA Q 568 64.17 -77.68 36.62
N ILE Q 569 63.53 -76.56 36.97
CA ILE Q 569 63.74 -75.32 36.26
C ILE Q 569 65.15 -74.79 36.52
N GLU Q 570 65.66 -74.94 37.75
CA GLU Q 570 67.02 -74.50 38.03
C GLU Q 570 68.03 -75.29 37.21
N ASN Q 571 67.85 -76.61 37.11
CA ASN Q 571 68.75 -77.39 36.27
C ASN Q 571 68.61 -77.00 34.80
N MET Q 572 67.37 -76.72 34.37
CA MET Q 572 67.12 -76.47 32.96
C MET Q 572 67.63 -75.11 32.53
N VAL Q 573 67.48 -74.09 33.37
CA VAL Q 573 67.82 -72.72 33.03
C VAL Q 573 69.27 -72.39 33.38
N GLY Q 574 69.76 -72.92 34.50
CA GLY Q 574 71.13 -72.70 34.90
C GLY Q 574 71.27 -71.80 36.12
N PRO Q 575 72.51 -71.59 36.55
CA PRO Q 575 72.75 -70.81 37.77
C PRO Q 575 72.39 -69.34 37.59
N ASP Q 576 72.26 -68.68 38.74
CA ASP Q 576 72.02 -67.24 38.79
C ASP Q 576 73.33 -66.51 38.48
N TRP Q 577 73.24 -65.19 38.30
CA TRP Q 577 74.44 -64.41 38.01
C TRP Q 577 75.42 -64.45 39.18
N LYS Q 578 74.89 -64.44 40.40
CA LYS Q 578 75.73 -64.47 41.59
C LYS Q 578 76.66 -65.67 41.56
N LYS Q 579 76.11 -66.83 41.20
CA LYS Q 579 76.92 -68.02 41.05
C LYS Q 579 77.91 -67.87 39.92
N ARG Q 580 77.48 -67.23 38.83
CA ARG Q 580 78.31 -67.15 37.63
C ARG Q 580 79.59 -66.36 37.87
N TRP Q 581 79.54 -65.30 38.69
CA TRP Q 581 80.78 -64.59 39.04
C TRP Q 581 81.39 -64.93 40.40
N LEU Q 582 80.64 -65.47 41.37
CA LEU Q 582 81.26 -65.79 42.64
C LEU Q 582 81.83 -67.19 42.69
N TYR Q 583 81.15 -68.16 42.08
CA TYR Q 583 81.63 -69.54 42.02
C TYR Q 583 81.95 -69.95 40.58
N TRP Q 584 81.88 -69.02 39.64
CA TRP Q 584 82.22 -69.27 38.24
C TRP Q 584 81.38 -70.41 37.66
N LYS Q 585 80.11 -70.43 38.05
CA LYS Q 585 79.14 -71.39 37.52
C LYS Q 585 78.61 -70.85 36.21
N ASN Q 586 79.45 -70.94 35.17
CA ASN Q 586 79.06 -70.45 33.86
C ASN Q 586 77.98 -71.34 33.25
N ARG Q 587 77.05 -70.70 32.55
CA ARG Q 587 75.93 -71.41 31.96
C ARG Q 587 76.34 -72.10 30.65
N THR Q 588 75.61 -73.15 30.31
CA THR Q 588 75.75 -73.78 29.00
C THR Q 588 74.88 -73.05 27.98
N GLN Q 589 75.12 -73.37 26.71
CA GLN Q 589 74.33 -72.76 25.64
C GLN Q 589 72.85 -73.10 25.78
N GLU Q 590 72.56 -74.37 26.11
CA GLU Q 590 71.17 -74.76 26.33
C GLU Q 590 70.58 -73.98 27.49
N GLN Q 591 71.35 -73.80 28.57
CA GLN Q 591 70.84 -73.07 29.72
C GLN Q 591 70.54 -71.62 29.35
N CYS Q 592 71.40 -70.99 28.57
CA CYS Q 592 71.12 -69.61 28.14
C CYS Q 592 69.87 -69.54 27.27
N VAL Q 593 69.71 -70.48 26.34
CA VAL Q 593 68.52 -70.48 25.49
C VAL Q 593 67.28 -70.66 26.35
N HIS Q 594 67.33 -71.61 27.28
CA HIS Q 594 66.20 -71.87 28.16
C HIS Q 594 65.90 -70.65 29.02
N ASN Q 595 66.94 -69.95 29.46
CA ASN Q 595 66.76 -68.74 30.26
C ASN Q 595 66.01 -67.68 29.47
N GLU Q 596 66.40 -67.46 28.21
CA GLU Q 596 65.73 -66.44 27.41
C GLU Q 596 64.28 -66.84 27.09
N THR Q 597 64.04 -68.11 26.79
CA THR Q 597 62.67 -68.55 26.55
C THR Q 597 61.82 -68.40 27.81
N LYS Q 598 62.41 -68.74 28.97
CA LYS Q 598 61.73 -68.53 30.24
C LYS Q 598 61.41 -67.07 30.45
N ASN Q 599 62.34 -66.18 30.09
CA ASN Q 599 62.09 -64.75 30.25
C ASN Q 599 60.92 -64.30 29.40
N GLU Q 600 60.83 -64.83 28.17
CA GLU Q 600 59.68 -64.53 27.31
C GLU Q 600 58.37 -64.97 27.97
N LEU Q 601 58.32 -66.24 28.37
CA LEU Q 601 57.08 -66.77 28.93
C LEU Q 601 56.74 -66.09 30.23
N GLU Q 602 57.77 -65.70 31.00
CA GLU Q 602 57.56 -65.08 32.30
C GLU Q 602 57.12 -63.65 32.17
N LYS Q 603 57.61 -62.89 31.18
CA LYS Q 603 57.02 -61.56 31.01
C LYS Q 603 55.55 -61.73 30.66
N MET Q 604 55.23 -62.71 29.81
CA MET Q 604 53.82 -62.92 29.47
C MET Q 604 53.00 -63.17 30.73
N LEU Q 605 53.46 -64.09 31.58
CA LEU Q 605 52.70 -64.43 32.78
C LEU Q 605 52.69 -63.30 33.81
N LYS Q 606 53.78 -62.54 33.92
CA LYS Q 606 53.80 -61.41 34.83
C LYS Q 606 52.79 -60.34 34.41
N CYS Q 607 52.71 -60.06 33.11
CA CYS Q 607 51.73 -59.10 32.63
C CYS Q 607 50.32 -59.61 32.84
N ASN Q 608 50.11 -60.92 32.70
CA ASN Q 608 48.78 -61.53 32.82
C ASN Q 608 48.92 -62.87 33.54
N GLU Q 609 48.65 -62.87 34.84
CA GLU Q 609 48.71 -64.10 35.63
C GLU Q 609 47.57 -65.06 35.32
N GLU Q 610 46.54 -64.61 34.61
CA GLU Q 610 45.38 -65.43 34.31
C GLU Q 610 45.57 -66.31 33.08
N HIS Q 611 46.72 -66.22 32.42
CA HIS Q 611 46.88 -66.96 31.18
C HIS Q 611 46.79 -68.46 31.45
N PRO Q 612 46.04 -69.20 30.63
CA PRO Q 612 45.94 -70.66 30.84
C PRO Q 612 47.19 -71.37 30.36
N ALA Q 613 47.25 -72.67 30.68
CA ALA Q 613 48.44 -73.45 30.34
C ALA Q 613 48.68 -73.49 28.84
N TYR Q 614 47.63 -73.60 28.04
CA TYR Q 614 47.79 -73.90 26.62
C TYR Q 614 47.86 -72.63 25.79
N LEU Q 615 48.93 -72.51 25.01
CA LEU Q 615 49.15 -71.40 24.10
C LEU Q 615 48.65 -71.77 22.70
N ALA Q 616 48.61 -70.76 21.84
CA ALA Q 616 48.39 -71.01 20.42
C ALA Q 616 49.67 -71.53 19.77
N SER Q 617 49.51 -72.28 18.68
CA SER Q 617 50.67 -72.70 17.91
C SER Q 617 51.36 -71.49 17.27
N ASP Q 618 50.57 -70.53 16.78
CA ASP Q 618 51.15 -69.29 16.30
C ASP Q 618 51.83 -68.52 17.42
N GLU Q 619 51.37 -68.69 18.66
CA GLU Q 619 52.10 -68.13 19.79
C GLU Q 619 53.45 -68.80 19.95
N ILE Q 620 53.52 -70.12 19.73
CA ILE Q 620 54.81 -70.80 19.74
C ILE Q 620 55.71 -70.22 18.66
N THR Q 621 55.15 -69.94 17.47
CA THR Q 621 55.89 -69.29 16.34
C THR Q 621 56.34 -67.90 16.79
N THR Q 622 55.45 -67.12 17.44
CA THR Q 622 55.78 -65.75 17.93
C THR Q 622 57.00 -65.88 18.82
N VAL Q 623 56.96 -66.83 19.77
CA VAL Q 623 58.03 -66.96 20.75
C VAL Q 623 59.33 -67.32 20.04
N ARG Q 624 59.28 -68.28 19.12
CA ARG Q 624 60.48 -68.64 18.37
C ARG Q 624 61.02 -67.43 17.65
N LYS Q 625 60.18 -66.71 16.91
CA LYS Q 625 60.67 -65.63 16.01
C LYS Q 625 61.15 -64.43 16.86
N ASN Q 626 60.69 -64.29 18.11
CA ASN Q 626 61.11 -63.19 19.04
C ASN Q 626 62.45 -63.60 19.67
N LEU Q 627 62.64 -64.88 20.07
CA LEU Q 627 63.89 -65.41 20.59
C LEU Q 627 64.98 -65.42 19.53
N GLU Q 628 64.61 -65.80 18.31
CA GLU Q 628 65.56 -65.78 17.20
C GLU Q 628 65.99 -64.35 16.89
N SER Q 629 65.03 -63.40 16.90
CA SER Q 629 65.30 -61.97 16.62
C SER Q 629 66.36 -61.46 17.61
N ARG Q 630 66.18 -61.71 18.92
CA ARG Q 630 67.16 -61.26 19.90
C ARG Q 630 68.48 -62.04 19.74
N GLY Q 631 68.41 -63.25 19.20
CA GLY Q 631 69.61 -64.04 18.96
C GLY Q 631 69.63 -65.34 19.74
N VAL Q 632 68.45 -65.91 19.98
CA VAL Q 632 68.33 -67.16 20.72
C VAL Q 632 67.71 -68.19 19.79
N GLU Q 633 68.35 -69.36 19.70
CA GLU Q 633 67.86 -70.45 18.86
C GLU Q 633 66.83 -71.24 19.65
N VAL Q 634 65.62 -71.36 19.10
CA VAL Q 634 64.52 -72.00 19.79
C VAL Q 634 63.61 -72.71 18.78
N ASP Q 635 63.02 -73.81 19.23
CA ASP Q 635 62.13 -74.63 18.42
C ASP Q 635 60.91 -74.96 19.26
N PRO Q 636 59.82 -75.42 18.62
CA PRO Q 636 58.57 -75.62 19.37
C PRO Q 636 58.69 -76.58 20.54
N SER Q 637 59.62 -77.53 20.50
CA SER Q 637 59.75 -78.50 21.57
C SER Q 637 60.42 -77.90 22.80
N LEU Q 638 61.44 -77.08 22.58
CA LEU Q 638 62.04 -76.36 23.70
C LEU Q 638 61.01 -75.46 24.36
N ILE Q 639 60.19 -74.76 23.55
CA ILE Q 639 59.17 -73.89 24.13
C ILE Q 639 58.14 -74.70 24.89
N LYS Q 640 57.74 -75.86 24.37
CA LYS Q 640 56.70 -76.62 25.06
C LYS Q 640 57.22 -77.17 26.39
N ASP Q 641 58.45 -77.67 26.43
CA ASP Q 641 58.99 -78.15 27.70
C ASP Q 641 59.18 -77.01 28.70
N THR Q 642 59.79 -75.91 28.24
CA THR Q 642 60.02 -74.76 29.11
C THR Q 642 58.69 -74.24 29.63
N TRP Q 643 57.73 -74.18 28.70
CA TRP Q 643 56.35 -73.70 28.98
C TRP Q 643 55.73 -74.59 30.06
N HIS Q 644 55.80 -75.89 29.92
CA HIS Q 644 55.19 -76.79 30.89
C HIS Q 644 55.76 -76.54 32.28
N GLN Q 645 57.09 -76.55 32.39
CA GLN Q 645 57.68 -76.34 33.72
C GLN Q 645 57.36 -74.95 34.26
N VAL Q 646 57.48 -73.94 33.42
CA VAL Q 646 57.33 -72.55 33.87
C VAL Q 646 55.89 -72.28 34.28
N TYR Q 647 54.93 -72.74 33.48
CA TYR Q 647 53.54 -72.52 33.81
C TYR Q 647 53.14 -73.29 35.06
N ARG Q 648 53.67 -74.50 35.24
CA ARG Q 648 53.38 -75.20 36.49
C ARG Q 648 53.95 -74.46 37.69
N ARG Q 649 55.17 -73.92 37.55
CA ARG Q 649 55.73 -73.13 38.65
C ARG Q 649 54.86 -71.92 38.95
N HIS Q 650 54.48 -71.18 37.90
CA HIS Q 650 53.60 -70.03 38.07
C HIS Q 650 52.30 -70.44 38.73
N PHE Q 651 51.70 -71.52 38.25
CA PHE Q 651 50.43 -72.01 38.76
C PHE Q 651 50.53 -72.34 40.25
N LEU Q 652 51.56 -73.09 40.64
CA LEU Q 652 51.67 -73.52 42.04
C LEU Q 652 52.02 -72.36 42.95
N LYS Q 653 52.91 -71.46 42.50
CA LYS Q 653 53.27 -70.33 43.35
C LYS Q 653 52.11 -69.35 43.47
N THR Q 654 51.33 -69.18 42.40
CA THR Q 654 50.11 -68.39 42.50
C THR Q 654 49.12 -69.03 43.46
N ALA Q 655 49.03 -70.35 43.43
CA ALA Q 655 48.18 -71.05 44.39
C ALA Q 655 48.63 -70.80 45.82
N LEU Q 656 49.94 -70.75 46.06
CA LEU Q 656 50.43 -70.50 47.42
C LEU Q 656 50.24 -69.04 47.84
N ASN Q 657 50.35 -68.11 46.90
CA ASN Q 657 49.99 -66.73 47.23
C ASN Q 657 48.50 -66.62 47.53
N HIS Q 658 47.70 -67.40 46.81
CA HIS Q 658 46.28 -67.48 47.11
C HIS Q 658 46.05 -68.12 48.47
N CYS Q 659 46.94 -69.03 48.90
CA CYS Q 659 46.91 -69.49 50.27
C CYS Q 659 47.14 -68.35 51.24
N ASN Q 660 48.15 -67.52 50.95
CA ASN Q 660 48.45 -66.39 51.81
C ASN Q 660 47.26 -65.45 51.93
N LEU Q 661 46.48 -65.30 50.85
CA LEU Q 661 45.27 -64.43 50.81
C LEU Q 661 44.11 -65.15 51.53
N CYS Q 662 43.94 -66.47 51.33
CA CYS Q 662 42.86 -67.20 51.97
C CYS Q 662 42.99 -67.17 53.48
N ARG Q 663 44.24 -67.24 53.97
CA ARG Q 663 44.46 -67.22 55.41
C ARG Q 663 43.74 -66.04 56.08
N ARG Q 664 43.53 -64.91 55.38
CA ARG Q 664 42.93 -63.66 55.98
C ARG Q 664 41.99 -62.93 55.01
N GLY Q 665 41.15 -63.60 54.20
CA GLY Q 665 40.14 -62.94 53.33
C GLY Q 665 38.75 -63.57 53.43
N PHE Q 666 38.08 -63.46 54.60
CA PHE Q 666 36.67 -63.94 54.80
C PHE Q 666 35.68 -62.79 54.55
N TYR Q 667 36.15 -61.54 54.49
CA TYR Q 667 35.28 -60.32 54.35
C TYR Q 667 34.54 -60.33 53.01
N TYR Q 668 35.22 -60.69 51.91
CA TYR Q 668 34.68 -60.59 50.52
C TYR Q 668 33.39 -61.40 50.35
N TYR Q 669 33.32 -62.60 50.94
CA TYR Q 669 32.13 -63.51 50.76
C TYR Q 669 30.90 -62.84 51.41
N GLN Q 670 31.05 -62.24 52.60
CA GLN Q 670 29.94 -61.52 53.32
C GLN Q 670 29.53 -60.29 52.48
N ARG Q 671 30.49 -59.58 51.86
CA ARG Q 671 30.23 -58.31 51.10
C ARG Q 671 29.35 -58.54 49.86
N HIS Q 672 29.37 -59.74 49.25
CA HIS Q 672 28.65 -59.97 47.95
C HIS Q 672 29.26 -58.97 46.96
N PHE Q 673 30.59 -58.90 46.91
CA PHE Q 673 31.26 -57.90 46.05
C PHE Q 673 31.87 -58.59 44.83
N VAL Q 674 31.53 -58.13 43.63
CA VAL Q 674 32.03 -58.75 42.35
C VAL Q 674 33.48 -58.32 42.15
N ASP Q 675 33.84 -57.07 42.48
CA ASP Q 675 35.21 -56.54 42.20
C ASP Q 675 36.24 -57.42 42.93
N SER Q 676 35.96 -57.82 44.18
CA SER Q 676 36.83 -58.71 44.99
C SER Q 676 37.35 -59.88 44.12
N GLU Q 677 38.66 -59.99 43.83
CA GLU Q 677 39.24 -61.14 43.08
C GLU Q 677 39.12 -62.49 43.81
N LEU Q 678 39.29 -62.53 45.14
CA LEU Q 678 39.45 -63.81 45.92
C LEU Q 678 38.30 -64.84 45.80
N GLU Q 679 38.59 -66.12 45.49
CA GLU Q 679 37.61 -67.26 45.47
C GLU Q 679 38.42 -68.47 46.01
N CYS Q 680 38.32 -68.84 47.29
CA CYS Q 680 39.18 -69.85 47.93
C CYS Q 680 38.49 -71.20 47.89
N ASN Q 681 38.54 -71.86 46.73
CA ASN Q 681 37.88 -73.16 46.55
C ASN Q 681 38.84 -74.34 46.45
N ASP Q 682 40.12 -74.11 46.13
CA ASP Q 682 41.09 -75.20 46.12
C ASP Q 682 41.28 -75.77 47.52
N VAL Q 683 41.07 -74.92 48.53
CA VAL Q 683 41.18 -75.30 49.92
C VAL Q 683 40.27 -76.48 50.21
N VAL Q 684 39.04 -76.44 49.68
CA VAL Q 684 38.08 -77.52 49.89
C VAL Q 684 38.60 -78.82 49.30
N LEU Q 685 39.17 -78.76 48.08
CA LEU Q 685 39.70 -79.97 47.46
C LEU Q 685 40.74 -80.63 48.35
N PHE Q 686 41.75 -79.88 48.79
CA PHE Q 686 42.81 -80.52 49.56
C PHE Q 686 42.34 -80.93 50.95
N TRP Q 687 41.36 -80.20 51.52
CA TRP Q 687 40.73 -80.67 52.74
C TRP Q 687 40.08 -82.04 52.53
N ARG Q 688 39.30 -82.16 51.47
CA ARG Q 688 38.63 -83.41 51.15
C ARG Q 688 39.63 -84.53 50.97
N ILE Q 689 40.73 -84.25 50.26
CA ILE Q 689 41.69 -85.31 49.98
C ILE Q 689 42.43 -85.72 51.26
N GLN Q 690 42.77 -84.76 52.12
CA GLN Q 690 43.36 -85.13 53.40
C GLN Q 690 42.44 -86.06 54.17
N ARG Q 691 41.15 -85.71 54.25
CA ARG Q 691 40.22 -86.54 55.00
C ARG Q 691 40.02 -87.89 54.31
N MET Q 692 40.04 -87.92 52.98
CA MET Q 692 39.92 -89.19 52.26
C MET Q 692 41.14 -90.07 52.48
N LEU Q 693 42.33 -89.50 52.53
CA LEU Q 693 43.51 -90.27 52.86
C LEU Q 693 43.36 -90.90 54.23
N ALA Q 694 42.89 -90.10 55.19
CA ALA Q 694 42.68 -90.63 56.53
C ALA Q 694 41.67 -91.78 56.51
N ILE Q 695 40.56 -91.61 55.79
CA ILE Q 695 39.51 -92.63 55.83
C ILE Q 695 39.99 -93.91 55.15
N THR Q 696 40.68 -93.78 54.02
CA THR Q 696 41.18 -94.97 53.32
C THR Q 696 42.19 -95.71 54.18
N ALA Q 697 43.13 -94.98 54.80
CA ALA Q 697 44.12 -95.63 55.65
C ALA Q 697 43.44 -96.35 56.80
N ASN Q 698 42.42 -95.72 57.40
CA ASN Q 698 41.79 -96.31 58.57
C ASN Q 698 40.98 -97.55 58.19
N THR Q 699 40.25 -97.49 57.07
CA THR Q 699 39.50 -98.65 56.63
C THR Q 699 40.43 -99.82 56.32
N LEU Q 700 41.55 -99.52 55.64
CA LEU Q 700 42.51 -100.57 55.33
C LEU Q 700 43.09 -101.15 56.62
N ARG Q 701 43.38 -100.30 57.60
CA ARG Q 701 43.89 -100.79 58.87
C ARG Q 701 42.90 -101.72 59.53
N GLN Q 702 41.62 -101.34 59.54
CA GLN Q 702 40.62 -102.16 60.20
C GLN Q 702 40.49 -103.51 59.52
N GLN Q 703 40.43 -103.52 58.19
CA GLN Q 703 40.42 -104.78 57.45
C GLN Q 703 41.65 -105.61 57.82
N LEU Q 704 42.79 -104.95 57.96
CA LEU Q 704 44.03 -105.65 58.31
C LEU Q 704 43.94 -106.27 59.69
N THR Q 705 43.53 -105.48 60.69
CA THR Q 705 43.64 -105.87 62.08
C THR Q 705 42.54 -106.81 62.54
N ASN Q 706 41.40 -106.86 61.85
CA ASN Q 706 40.33 -107.76 62.27
C ASN Q 706 40.12 -108.95 61.34
N THR Q 707 40.52 -108.86 60.07
CA THR Q 707 40.26 -109.94 59.13
C THR Q 707 41.56 -110.53 58.61
N GLU Q 708 42.44 -109.69 58.08
CA GLU Q 708 43.60 -110.18 57.35
C GLU Q 708 44.74 -110.60 58.28
N VAL Q 709 44.94 -109.91 59.40
CA VAL Q 709 46.06 -110.24 60.27
C VAL Q 709 45.84 -111.58 60.95
N ARG Q 710 44.59 -111.88 61.34
CA ARG Q 710 44.30 -113.19 61.92
C ARG Q 710 44.41 -114.30 60.90
N ARG Q 711 44.01 -114.04 59.65
CA ARG Q 711 44.24 -115.01 58.58
C ARG Q 711 45.74 -115.24 58.39
N LEU Q 712 46.53 -114.17 58.51
CA LEU Q 712 47.98 -114.30 58.40
C LEU Q 712 48.53 -115.14 59.54
N GLU Q 713 48.03 -114.94 60.75
CA GLU Q 713 48.48 -115.77 61.87
C GLU Q 713 48.17 -117.24 61.62
N LYS Q 714 46.96 -117.53 61.11
CA LYS Q 714 46.62 -118.89 60.77
C LYS Q 714 47.56 -119.46 59.72
N ASN Q 715 47.82 -118.68 58.66
CA ASN Q 715 48.71 -119.14 57.60
C ASN Q 715 50.13 -119.37 58.11
N VAL Q 716 50.60 -118.50 59.01
CA VAL Q 716 51.93 -118.66 59.58
C VAL Q 716 52.01 -119.93 60.41
N LYS Q 717 50.97 -120.20 61.21
CA LYS Q 717 50.96 -121.44 61.98
C LYS Q 717 50.97 -122.65 61.06
N GLU Q 718 50.21 -122.59 59.96
CA GLU Q 718 50.22 -123.68 59.00
C GLU Q 718 51.60 -123.87 58.38
N VAL Q 719 52.24 -122.78 58.01
CA VAL Q 719 53.58 -122.85 57.41
C VAL Q 719 54.57 -123.42 58.40
N LEU Q 720 54.51 -122.97 59.65
CA LEU Q 720 55.43 -123.45 60.66
C LEU Q 720 55.21 -124.94 60.93
N GLU Q 721 53.96 -125.40 60.94
CA GLU Q 721 53.73 -126.83 61.11
C GLU Q 721 54.28 -127.61 59.93
N ASP Q 722 54.07 -127.11 58.71
CA ASP Q 722 54.57 -127.82 57.53
C ASP Q 722 56.08 -127.89 57.54
N PHE Q 723 56.74 -126.82 58.00
CA PHE Q 723 58.19 -126.81 58.07
C PHE Q 723 58.70 -127.68 59.23
N ALA Q 724 57.91 -127.77 60.31
CA ALA Q 724 58.29 -128.62 61.43
C ALA Q 724 58.28 -130.08 61.01
N GLU Q 725 57.29 -130.49 60.22
CA GLU Q 725 57.26 -131.86 59.75
C GLU Q 725 58.36 -132.14 58.73
N ASP Q 726 58.79 -131.11 57.99
CA ASP Q 726 59.81 -131.27 56.97
C ASP Q 726 61.16 -131.48 57.63
N GLY Q 727 61.68 -132.71 57.56
CA GLY Q 727 63.01 -132.97 58.09
C GLY Q 727 64.10 -132.28 57.28
N GLU Q 728 63.92 -132.24 55.96
CA GLU Q 728 64.92 -131.60 55.11
C GLU Q 728 65.07 -130.12 55.44
N LYS Q 729 63.96 -129.44 55.73
CA LYS Q 729 64.05 -128.02 56.08
C LYS Q 729 64.82 -127.82 57.37
N LYS Q 730 64.59 -128.67 58.37
CA LYS Q 730 65.39 -128.59 59.60
C LYS Q 730 66.86 -128.87 59.32
N ILE Q 731 67.14 -129.82 58.41
CA ILE Q 731 68.52 -130.13 58.07
C ILE Q 731 69.19 -128.93 57.40
N LYS Q 732 68.49 -128.26 56.50
CA LYS Q 732 69.06 -127.17 55.72
C LYS Q 732 68.74 -125.79 56.27
N LEU Q 733 68.02 -125.72 57.39
CA LEU Q 733 67.85 -124.47 58.13
C LEU Q 733 68.19 -124.70 59.59
N LEU Q 734 68.57 -123.62 60.26
CA LEU Q 734 68.84 -123.64 61.70
C LEU Q 734 69.90 -124.68 62.04
N THR Q 735 71.05 -124.58 61.36
CA THR Q 735 72.12 -125.55 61.47
C THR Q 735 73.31 -125.04 62.28
N GLY Q 736 73.21 -123.84 62.85
CA GLY Q 736 74.38 -123.14 63.36
C GLY Q 736 74.91 -123.59 64.71
N LYS Q 737 74.15 -124.37 65.47
CA LYS Q 737 74.55 -124.62 66.85
C LYS Q 737 75.71 -125.63 66.90
N ARG Q 738 76.46 -125.57 68.00
CA ARG Q 738 77.58 -126.45 68.29
C ARG Q 738 77.17 -127.73 68.99
N VAL Q 739 75.87 -127.96 69.17
CA VAL Q 739 75.41 -129.14 69.90
C VAL Q 739 75.87 -130.41 69.19
N GLN Q 740 76.06 -130.34 67.88
CA GLN Q 740 76.44 -131.53 67.12
C GLN Q 740 77.76 -132.09 67.63
N LEU Q 741 78.72 -131.20 67.91
CA LEU Q 741 80.01 -131.63 68.44
C LEU Q 741 79.85 -132.33 69.78
N ALA Q 742 78.98 -131.80 70.64
CA ALA Q 742 78.75 -132.39 71.94
C ALA Q 742 78.04 -133.76 71.85
N GLU Q 743 77.28 -133.97 70.77
CA GLU Q 743 76.57 -135.23 70.63
C GLU Q 743 77.56 -136.39 70.52
N ASP Q 744 78.68 -136.19 69.82
CA ASP Q 744 79.72 -137.21 69.79
C ASP Q 744 80.31 -137.45 71.17
N LEU Q 745 80.65 -136.36 71.88
CA LEU Q 745 81.26 -136.44 73.25
C LEU Q 745 80.39 -137.39 74.08
N LYS Q 746 79.05 -137.28 73.98
CA LYS Q 746 78.09 -138.07 74.82
C LYS Q 746 77.87 -139.48 74.21
N LYS Q 747 77.77 -139.62 72.88
CA LYS Q 747 77.43 -140.90 72.26
C LYS Q 747 78.55 -141.92 72.40
N VAL Q 748 79.81 -141.52 72.35
CA VAL Q 748 80.96 -142.49 72.38
C VAL Q 748 81.05 -143.16 73.78
N ARG Q 749 80.18 -142.80 74.75
CA ARG Q 749 80.14 -143.42 76.11
C ARG Q 749 79.81 -144.93 76.06
N GLU Q 750 79.09 -145.45 75.04
CA GLU Q 750 78.84 -146.88 74.92
C GLU Q 750 80.10 -147.61 74.49
N ILE Q 751 80.86 -147.02 73.57
CA ILE Q 751 82.10 -147.63 73.12
C ILE Q 751 83.04 -147.66 74.31
N GLN Q 752 83.08 -146.55 75.07
CA GLN Q 752 83.98 -146.39 76.26
C GLN Q 752 83.66 -147.50 77.28
N GLU Q 753 82.37 -147.82 77.53
CA GLU Q 753 81.98 -148.88 78.45
C GLU Q 753 82.34 -150.28 77.99
N LYS Q 754 82.05 -150.59 76.72
CA LYS Q 754 82.36 -151.91 76.21
C LYS Q 754 83.86 -152.18 76.26
N LEU Q 755 84.66 -151.19 75.86
CA LEU Q 755 86.11 -151.39 75.78
C LEU Q 755 86.73 -151.58 77.16
N ASP Q 756 86.32 -150.76 78.13
CA ASP Q 756 86.88 -150.85 79.48
C ASP Q 756 86.49 -152.16 80.15
N ALA Q 757 85.22 -152.56 80.03
CA ALA Q 757 84.83 -153.84 80.61
C ALA Q 757 85.55 -155.01 79.94
N PHE Q 758 85.81 -154.90 78.63
CA PHE Q 758 86.58 -155.95 77.97
C PHE Q 758 88.01 -156.01 78.49
N ILE Q 759 88.60 -154.84 78.79
CA ILE Q 759 89.94 -154.82 79.36
C ILE Q 759 89.92 -155.52 80.71
N GLU Q 760 88.92 -155.21 81.54
CA GLU Q 760 88.84 -155.88 82.83
C GLU Q 760 88.67 -157.38 82.67
N ALA Q 761 87.84 -157.82 81.74
CA ALA Q 761 87.69 -159.25 81.50
C ALA Q 761 88.99 -159.86 80.98
N LEU Q 762 89.74 -159.12 80.16
CA LEU Q 762 91.04 -159.59 79.72
C LEU Q 762 91.93 -159.88 80.92
N HIS Q 763 91.99 -158.96 81.87
CA HIS Q 763 92.79 -159.18 83.06
C HIS Q 763 92.27 -160.37 83.88
N GLN Q 764 90.95 -160.49 84.02
CA GLN Q 764 90.41 -161.60 84.80
C GLN Q 764 90.79 -162.95 84.21
N GLU Q 765 90.66 -163.10 82.89
CA GLU Q 765 91.00 -164.39 82.28
C GLU Q 765 92.49 -164.70 82.43
N LYS Q 766 93.35 -163.72 82.25
CA LYS Q 766 94.79 -163.94 82.40
C LYS Q 766 95.12 -164.36 83.83
N ALA R 1 81.68 -91.05 7.38
CA ALA R 1 80.28 -91.36 7.07
C ALA R 1 79.44 -91.33 8.34
N THR R 2 80.06 -91.63 9.47
CA THR R 2 79.35 -91.63 10.75
C THR R 2 78.88 -90.22 11.07
N ASP R 3 77.68 -90.12 11.64
CA ASP R 3 77.09 -88.85 12.04
C ASP R 3 76.98 -87.89 10.85
N ARG R 4 76.60 -88.43 9.70
CA ARG R 4 76.37 -87.65 8.49
C ARG R 4 74.89 -87.75 8.11
N GLY R 5 74.26 -86.60 7.86
CA GLY R 5 72.84 -86.60 7.57
C GLY R 5 72.49 -87.34 6.29
N SER R 6 73.28 -87.11 5.21
CA SER R 6 73.07 -87.74 3.89
C SER R 6 73.36 -89.25 4.00
N GLU R 7 74.45 -89.63 4.68
CA GLU R 7 74.84 -91.08 4.83
C GLU R 7 73.72 -91.75 5.63
N SER R 8 73.17 -91.08 6.64
CA SER R 8 72.03 -91.58 7.47
C SER R 8 70.81 -91.73 6.54
N ASP R 9 70.58 -90.80 5.61
CA ASP R 9 69.46 -90.87 4.63
C ASP R 9 69.65 -92.11 3.75
N LYS R 10 70.88 -92.44 3.31
CA LYS R 10 71.04 -93.61 2.38
C LYS R 10 70.57 -94.84 3.19
N HIS R 11 70.98 -94.93 4.48
CA HIS R 11 70.59 -96.05 5.38
C HIS R 11 69.07 -96.03 5.63
N PHE R 12 68.50 -94.84 5.85
CA PHE R 12 67.05 -94.69 6.16
C PHE R 12 66.26 -95.19 4.95
N ARG R 13 66.67 -94.83 3.73
CA ARG R 13 66.02 -95.29 2.46
C ARG R 13 66.22 -96.81 2.30
N LYS R 14 67.39 -97.36 2.64
CA LYS R 14 67.69 -98.83 2.51
C LYS R 14 66.76 -99.64 3.43
N VAL R 15 66.51 -99.16 4.66
CA VAL R 15 65.63 -99.87 5.66
C VAL R 15 64.19 -99.74 5.15
N SER R 16 63.83 -98.61 4.54
CA SER R 16 62.47 -98.34 3.99
C SER R 16 62.15 -99.29 2.83
N ASP R 17 63.12 -99.58 1.95
CA ASP R 17 62.90 -100.40 0.71
C ASP R 17 62.70 -101.87 1.10
N LYS R 18 63.40 -102.37 2.13
CA LYS R 18 63.18 -103.73 2.62
C LYS R 18 61.79 -103.90 3.21
N GLU R 19 61.30 -102.89 3.94
CA GLU R 19 59.92 -102.95 4.43
C GLU R 19 58.92 -102.92 3.29
N LYS R 20 59.24 -102.22 2.20
CA LYS R 20 58.34 -102.20 1.06
C LYS R 20 58.23 -103.57 0.41
N ILE R 21 59.25 -104.42 0.55
CA ILE R 21 59.13 -105.78 0.05
C ILE R 21 58.92 -106.77 1.19
N ASP R 22 58.25 -106.32 2.26
CA ASP R 22 57.95 -107.17 3.40
C ASP R 22 56.88 -108.21 3.04
N GLN R 23 56.83 -109.28 3.84
CA GLN R 23 55.83 -110.33 3.62
C GLN R 23 54.41 -109.79 3.72
N LEU R 24 54.17 -108.78 4.54
CA LEU R 24 52.85 -108.15 4.55
C LEU R 24 52.51 -107.60 3.17
N GLN R 25 53.42 -106.82 2.59
CA GLN R 25 53.18 -106.26 1.26
C GLN R 25 53.11 -107.35 0.20
N GLU R 26 53.97 -108.38 0.32
CA GLU R 26 53.96 -109.45 -0.67
C GLU R 26 52.64 -110.21 -0.65
N GLU R 27 52.15 -110.54 0.55
CA GLU R 27 50.85 -111.19 0.66
C GLU R 27 49.74 -110.27 0.18
N LEU R 28 49.88 -108.96 0.43
CA LEU R 28 48.90 -108.02 -0.09
C LEU R 28 48.85 -108.07 -1.61
N LEU R 29 50.01 -108.11 -2.26
CA LEU R 29 50.05 -108.22 -3.72
C LEU R 29 49.43 -109.53 -4.20
N HIS R 30 49.79 -110.65 -3.55
CA HIS R 30 49.27 -111.94 -3.99
C HIS R 30 47.76 -112.01 -3.85
N THR R 31 47.22 -111.56 -2.71
CA THR R 31 45.78 -111.57 -2.51
C THR R 31 45.10 -110.56 -3.43
N GLN R 32 45.73 -109.41 -3.67
CA GLN R 32 45.15 -108.40 -4.53
C GLN R 32 45.02 -108.91 -5.96
N LEU R 33 45.98 -109.73 -6.41
CA LEU R 33 45.89 -110.24 -7.77
C LEU R 33 44.64 -111.08 -7.96
N LYS R 34 44.31 -111.94 -6.99
CA LYS R 34 43.06 -112.68 -7.07
C LYS R 34 41.85 -111.76 -6.90
N TYR R 35 41.95 -110.75 -6.03
CA TYR R 35 40.82 -109.86 -5.81
C TYR R 35 40.49 -109.05 -7.06
N GLN R 36 41.50 -108.74 -7.90
CA GLN R 36 41.33 -107.96 -9.17
C GLN R 36 40.45 -108.80 -10.12
N ARG R 37 40.34 -110.12 -9.91
CA ARG R 37 39.50 -111.05 -10.74
C ARG R 37 38.24 -111.43 -9.94
N ILE R 38 38.32 -111.48 -8.59
CA ILE R 38 37.17 -111.81 -7.69
C ILE R 38 36.24 -110.58 -7.68
N LEU R 39 34.92 -110.77 -7.73
CA LEU R 39 33.94 -109.68 -7.78
C LEU R 39 34.24 -108.70 -8.90
N GLU R 40 34.85 -109.18 -10.02
CA GLU R 40 35.36 -108.29 -11.12
C GLU R 40 35.03 -108.91 -12.50
N ARG R 41 34.99 -108.10 -13.58
CA ARG R 41 34.57 -108.48 -14.98
C ARG R 41 33.06 -108.22 -15.03
N LEU R 42 32.40 -107.95 -13.90
CA LEU R 42 31.00 -107.46 -13.83
C LEU R 42 31.07 -106.08 -14.47
N GLU R 43 32.15 -105.32 -14.20
CA GLU R 43 32.31 -103.89 -14.62
C GLU R 43 32.27 -103.75 -16.16
N LYS R 44 32.88 -104.68 -16.91
CA LYS R 44 32.94 -104.55 -18.41
C LYS R 44 31.49 -104.58 -18.94
N GLU R 45 30.63 -105.44 -18.40
CA GLU R 45 29.19 -105.58 -18.84
C GLU R 45 28.40 -104.36 -18.34
N ASN R 46 28.80 -103.76 -17.21
CA ASN R 46 28.09 -102.63 -16.60
C ASN R 46 28.14 -101.39 -17.49
N LYS R 47 29.24 -101.21 -18.24
CA LYS R 47 29.42 -99.97 -18.99
C LYS R 47 28.27 -99.70 -19.96
N GLU R 48 27.58 -100.75 -20.41
CA GLU R 48 26.49 -100.57 -21.35
C GLU R 48 25.37 -99.74 -20.74
N LEU R 49 24.84 -98.81 -21.53
CA LEU R 49 23.79 -97.90 -21.08
C LEU R 49 22.39 -98.33 -21.51
N ARG R 50 22.25 -99.50 -22.15
CA ARG R 50 20.95 -99.90 -22.68
C ARG R 50 19.92 -100.06 -21.55
N LYS R 51 20.32 -100.68 -20.45
CA LYS R 51 19.44 -100.80 -19.30
C LYS R 51 19.05 -99.42 -18.78
N LEU R 52 20.04 -98.52 -18.72
CA LEU R 52 19.76 -97.15 -18.29
C LEU R 52 18.78 -96.49 -19.25
N VAL R 53 18.91 -96.75 -20.55
CA VAL R 53 17.99 -96.14 -21.52
C VAL R 53 16.58 -96.65 -21.28
N LEU R 54 16.42 -97.95 -20.99
CA LEU R 54 15.09 -98.46 -20.68
C LEU R 54 14.53 -97.79 -19.42
N GLN R 55 15.36 -97.62 -18.40
CA GLN R 55 14.91 -96.94 -17.19
C GLN R 55 14.51 -95.49 -17.48
N LYS R 56 15.27 -94.81 -18.34
CA LYS R 56 14.91 -93.46 -18.76
C LYS R 56 13.55 -93.47 -19.45
N ASP R 57 13.32 -94.45 -20.32
CA ASP R 57 12.04 -94.55 -21.02
C ASP R 57 10.90 -94.70 -20.02
N ASP R 58 11.11 -95.52 -19.00
CA ASP R 58 10.10 -95.63 -17.94
C ASP R 58 9.89 -94.30 -17.24
N LYS R 59 10.99 -93.58 -16.94
CA LYS R 59 10.87 -92.31 -16.24
C LYS R 59 10.28 -91.22 -17.12
N GLY R 60 10.65 -91.17 -18.40
CA GLY R 60 10.19 -90.13 -19.29
C GLY R 60 9.12 -90.57 -20.25
N ILE R 61 9.44 -90.58 -21.57
CA ILE R 61 8.50 -91.05 -22.64
C ILE R 61 8.65 -92.58 -22.72
N HIS R 62 7.73 -93.36 -22.16
CA HIS R 62 7.70 -94.81 -22.31
C HIS R 62 6.84 -95.22 -23.51
N HIS R 63 6.40 -94.25 -24.32
CA HIS R 63 5.68 -94.49 -25.58
C HIS R 63 4.45 -95.37 -25.40
N ARG R 64 4.01 -95.55 -24.16
CA ARG R 64 2.86 -96.38 -23.84
C ARG R 64 2.02 -95.66 -22.79
N LYS R 65 0.72 -96.00 -22.78
CA LYS R 65 -0.22 -95.26 -21.94
C LYS R 65 0.21 -95.30 -20.48
N LEU R 66 0.88 -96.38 -20.07
CA LEU R 66 1.28 -96.53 -18.68
C LEU R 66 2.18 -95.39 -18.23
N LYS R 67 2.89 -94.72 -19.16
CA LYS R 67 3.93 -93.70 -18.82
C LYS R 67 3.37 -92.59 -17.92
N LYS R 68 4.21 -91.99 -17.05
CA LYS R 68 3.80 -90.83 -16.21
C LYS R 68 2.46 -91.11 -15.51
N SER R 69 2.19 -92.34 -15.04
CA SER R 69 0.94 -92.61 -14.28
C SER R 69 1.05 -91.79 -12.98
N LEU R 70 -0.03 -91.14 -12.51
CA LEU R 70 -0.01 -90.30 -11.27
C LEU R 70 -0.18 -91.22 -10.04
N ILE R 71 -0.80 -92.41 -10.16
CA ILE R 71 -0.83 -93.42 -9.10
C ILE R 71 0.55 -94.05 -8.93
N ASP R 72 1.28 -94.23 -10.04
CA ASP R 72 2.62 -94.77 -9.95
C ASP R 72 3.51 -93.90 -9.08
N MET R 73 3.35 -92.57 -9.21
CA MET R 73 4.15 -91.58 -8.42
C MET R 73 3.62 -91.56 -6.99
N TYR R 74 2.33 -91.86 -6.73
CA TYR R 74 1.81 -91.97 -5.37
C TYR R 74 2.41 -93.17 -4.64
N SER R 75 2.64 -94.26 -5.35
CA SER R 75 3.27 -95.42 -4.70
C SER R 75 4.63 -95.05 -4.12
N GLU R 76 5.44 -94.32 -4.91
CA GLU R 76 6.74 -93.88 -4.41
C GLU R 76 6.57 -92.91 -3.25
N VAL R 77 5.56 -92.04 -3.32
CA VAL R 77 5.32 -91.09 -2.24
C VAL R 77 5.09 -91.84 -0.93
N LEU R 78 4.19 -92.82 -0.95
CA LEU R 78 3.91 -93.57 0.28
C LEU R 78 5.14 -94.35 0.73
N ASP R 79 5.91 -94.91 -0.19
CA ASP R 79 7.11 -95.63 0.21
C ASP R 79 8.10 -94.70 0.92
N VAL R 80 8.27 -93.47 0.42
CA VAL R 80 9.20 -92.55 1.06
C VAL R 80 8.66 -92.04 2.39
N LEU R 81 7.34 -91.89 2.53
CA LEU R 81 6.80 -91.63 3.87
C LEU R 81 7.13 -92.77 4.82
N SER R 82 7.00 -94.01 4.38
CA SER R 82 7.37 -95.13 5.24
C SER R 82 8.85 -95.07 5.62
N ASP R 83 9.71 -94.76 4.66
CA ASP R 83 11.13 -94.61 4.93
C ASP R 83 11.39 -93.50 5.94
N TYR R 84 10.69 -92.37 5.84
CA TYR R 84 10.92 -91.27 6.76
C TYR R 84 10.68 -91.70 8.21
N ASP R 85 9.59 -92.44 8.45
CA ASP R 85 9.16 -92.75 9.81
C ASP R 85 8.66 -94.19 9.87
N ALA R 86 9.37 -95.05 10.61
CA ALA R 86 8.81 -96.35 10.96
C ALA R 86 7.52 -96.19 11.77
N SER R 87 7.49 -95.20 12.66
CA SER R 87 6.30 -94.95 13.45
C SER R 87 5.12 -94.56 12.57
N TYR R 88 3.93 -95.01 12.98
CA TYR R 88 2.74 -94.92 12.14
C TYR R 88 2.30 -93.49 11.89
N ASN R 89 2.62 -92.59 12.83
CA ASN R 89 2.03 -91.25 12.82
C ASN R 89 2.17 -90.56 11.47
N THR R 90 3.39 -90.56 10.92
CA THR R 90 3.63 -89.87 9.66
C THR R 90 3.13 -90.66 8.46
N GLN R 91 3.15 -91.99 8.52
CA GLN R 91 2.54 -92.77 7.46
C GLN R 91 1.05 -92.47 7.37
N ASP R 92 0.42 -92.14 8.50
CA ASP R 92 -0.98 -91.77 8.51
C ASP R 92 -1.24 -90.40 7.86
N HIS R 93 -0.18 -89.65 7.55
CA HIS R 93 -0.38 -88.34 6.93
C HIS R 93 -1.06 -88.45 5.58
N LEU R 94 -0.75 -89.49 4.80
CA LEU R 94 -1.21 -89.54 3.42
C LEU R 94 -2.16 -90.71 3.19
N PRO R 95 -3.18 -90.50 2.36
CA PRO R 95 -4.19 -91.54 2.13
C PRO R 95 -3.65 -92.83 1.53
N ARG R 96 -4.31 -93.93 1.90
CA ARG R 96 -4.16 -95.24 1.28
C ARG R 96 -5.42 -96.03 1.63
N VAL R 97 -5.63 -97.16 0.95
CA VAL R 97 -6.75 -98.04 1.27
C VAL R 97 -6.21 -99.16 2.14
N VAL R 98 -6.74 -99.29 3.35
CA VAL R 98 -6.31 -100.31 4.31
C VAL R 98 -7.40 -101.36 4.38
N VAL R 99 -7.05 -102.61 4.12
CA VAL R 99 -8.00 -103.71 4.03
C VAL R 99 -7.80 -104.60 5.26
N VAL R 100 -8.84 -104.69 6.08
CA VAL R 100 -8.85 -105.58 7.23
C VAL R 100 -9.91 -106.63 6.98
N GLY R 101 -9.77 -107.78 7.62
CA GLY R 101 -10.80 -108.81 7.47
C GLY R 101 -10.67 -109.87 8.53
N ASP R 102 -11.77 -110.63 8.68
CA ASP R 102 -11.77 -111.78 9.57
C ASP R 102 -10.75 -112.80 9.09
N GLN R 103 -10.07 -113.43 10.04
CA GLN R 103 -9.06 -114.42 9.69
C GLN R 103 -9.66 -115.51 8.82
N SER R 104 -8.97 -115.83 7.72
CA SER R 104 -9.39 -116.87 6.80
C SER R 104 -10.73 -116.56 6.15
N ALA R 105 -11.04 -115.28 6.00
CA ALA R 105 -12.27 -114.86 5.35
C ALA R 105 -12.16 -114.84 3.82
N GLY R 106 -10.98 -115.10 3.28
CA GLY R 106 -10.75 -115.02 1.85
C GLY R 106 -10.22 -113.68 1.37
N LYS R 107 -9.83 -112.80 2.29
CA LYS R 107 -9.42 -111.44 1.97
C LYS R 107 -8.34 -111.40 0.88
N THR R 108 -7.39 -112.34 0.93
CA THR R 108 -6.38 -112.37 -0.13
C THR R 108 -6.98 -112.72 -1.48
N SER R 109 -8.03 -113.53 -1.53
CA SER R 109 -8.71 -113.76 -2.79
C SER R 109 -9.38 -112.50 -3.30
N VAL R 110 -9.95 -111.69 -2.41
CA VAL R 110 -10.52 -110.41 -2.81
C VAL R 110 -9.44 -109.51 -3.37
N LEU R 111 -8.29 -109.45 -2.69
CA LEU R 111 -7.21 -108.58 -3.13
C LEU R 111 -6.61 -109.07 -4.45
N GLU R 112 -6.64 -110.39 -4.69
CA GLU R 112 -6.17 -110.93 -5.95
C GLU R 112 -7.14 -110.59 -7.09
N MET R 113 -8.44 -110.69 -6.83
CA MET R 113 -9.41 -110.32 -7.86
C MET R 113 -9.27 -108.84 -8.20
N ILE R 114 -9.06 -107.99 -7.19
CA ILE R 114 -8.88 -106.56 -7.46
C ILE R 114 -7.57 -106.33 -8.21
N ALA R 115 -6.50 -107.02 -7.80
CA ALA R 115 -5.22 -106.95 -8.52
C ALA R 115 -5.20 -107.82 -9.76
N GLN R 116 -6.20 -108.68 -9.95
CA GLN R 116 -6.33 -109.49 -11.16
C GLN R 116 -5.17 -110.47 -11.33
N ALA R 117 -4.54 -110.87 -10.23
CA ALA R 117 -3.42 -111.79 -10.32
C ALA R 117 -3.30 -112.56 -9.00
N ARG R 118 -2.74 -113.76 -9.09
CA ARG R 118 -2.52 -114.62 -7.93
C ARG R 118 -1.22 -114.19 -7.24
N ILE R 119 -1.29 -113.04 -6.59
CA ILE R 119 -0.11 -112.40 -6.00
C ILE R 119 -0.21 -112.32 -4.48
N PHE R 120 -1.25 -112.89 -3.88
CA PHE R 120 -1.40 -112.89 -2.44
C PHE R 120 -1.36 -114.32 -1.90
N PRO R 121 -0.90 -114.51 -0.66
CA PRO R 121 -0.86 -115.87 -0.10
C PRO R 121 -2.24 -116.50 -0.09
N ARG R 122 -2.37 -117.64 -0.76
CA ARG R 122 -3.64 -118.35 -0.88
C ARG R 122 -3.50 -119.72 -0.23
N GLY R 123 -4.43 -120.04 0.67
CA GLY R 123 -4.44 -121.32 1.34
C GLY R 123 -5.82 -121.63 1.84
N SER R 124 -6.03 -122.91 2.18
CA SER R 124 -7.32 -123.40 2.62
C SER R 124 -7.35 -123.46 4.15
N GLY R 125 -8.27 -122.71 4.76
CA GLY R 125 -8.50 -122.80 6.18
C GLY R 125 -7.29 -122.53 7.06
N GLU R 126 -6.55 -121.47 6.75
CA GLU R 126 -5.35 -121.14 7.52
C GLU R 126 -5.11 -119.65 7.44
N MET R 127 -4.39 -119.12 8.44
CA MET R 127 -3.98 -117.72 8.38
C MET R 127 -3.18 -117.48 7.12
N MET R 128 -3.65 -116.52 6.31
CA MET R 128 -3.05 -116.19 5.03
C MET R 128 -2.16 -114.96 5.13
N THR R 129 -2.67 -113.88 5.72
CA THR R 129 -1.88 -112.67 5.97
C THR R 129 -1.40 -112.68 7.41
N ARG R 130 -0.09 -112.61 7.62
CA ARG R 130 0.48 -112.50 8.95
C ARG R 130 1.35 -111.26 9.13
N SER R 131 1.91 -110.72 8.05
CA SER R 131 2.53 -109.41 8.06
C SER R 131 1.93 -108.57 6.94
N PRO R 132 1.52 -107.33 7.20
CA PRO R 132 0.77 -106.57 6.20
C PRO R 132 1.60 -106.35 4.94
N VAL R 133 0.93 -106.38 3.78
CA VAL R 133 1.57 -106.22 2.48
C VAL R 133 0.83 -105.14 1.70
N LYS R 134 1.53 -104.09 1.30
CA LYS R 134 0.92 -102.99 0.56
C LYS R 134 1.23 -103.15 -0.92
N VAL R 135 0.21 -103.39 -1.73
CA VAL R 135 0.31 -103.51 -3.17
C VAL R 135 -0.42 -102.33 -3.80
N THR R 136 0.25 -101.63 -4.72
CA THR R 136 -0.35 -100.51 -5.42
C THR R 136 -0.71 -100.93 -6.84
N LEU R 137 -1.95 -100.62 -7.25
CA LEU R 137 -2.47 -101.03 -8.54
C LEU R 137 -2.60 -99.82 -9.46
N SER R 138 -2.04 -99.94 -10.67
CA SER R 138 -2.03 -98.93 -11.71
C SER R 138 -2.28 -99.60 -13.05
N GLU R 139 -2.81 -98.83 -13.99
CA GLU R 139 -3.11 -99.34 -15.32
C GLU R 139 -1.83 -99.54 -16.13
N GLY R 140 -1.84 -100.54 -17.01
CA GLY R 140 -0.75 -100.76 -17.94
C GLY R 140 -0.91 -102.03 -18.74
N PRO R 141 -0.47 -102.01 -20.02
CA PRO R 141 -0.62 -103.20 -20.87
C PRO R 141 0.19 -104.39 -20.40
N HIS R 142 1.23 -104.19 -19.59
CA HIS R 142 2.11 -105.26 -19.13
C HIS R 142 1.70 -105.64 -17.72
N HIS R 143 1.17 -106.86 -17.56
CA HIS R 143 0.65 -107.33 -16.28
C HIS R 143 1.83 -107.89 -15.49
N VAL R 144 2.56 -107.01 -14.81
CA VAL R 144 3.82 -107.34 -14.18
C VAL R 144 3.86 -106.78 -12.77
N ALA R 145 4.58 -107.49 -11.89
CA ALA R 145 4.77 -107.10 -10.50
C ALA R 145 6.25 -106.89 -10.24
N LEU R 146 6.58 -105.95 -9.36
CA LEU R 146 7.98 -105.71 -8.99
C LEU R 146 8.05 -105.30 -7.53
N PHE R 147 8.99 -105.89 -6.80
CA PHE R 147 9.23 -105.51 -5.41
C PHE R 147 9.98 -104.20 -5.32
N LYS R 148 9.72 -103.48 -4.23
CA LYS R 148 10.49 -102.28 -3.91
C LYS R 148 11.98 -102.61 -3.77
N ASP R 149 12.30 -103.77 -3.20
CA ASP R 149 13.64 -104.09 -2.76
C ASP R 149 14.41 -104.99 -3.72
N SER R 150 13.87 -105.25 -4.92
CA SER R 150 14.47 -106.23 -5.82
C SER R 150 14.48 -105.68 -7.24
N SER R 151 15.09 -106.46 -8.14
CA SER R 151 15.13 -106.16 -9.56
C SER R 151 14.36 -107.16 -10.39
N ARG R 152 13.88 -108.25 -9.80
CA ARG R 152 13.13 -109.26 -10.52
C ARG R 152 11.71 -108.79 -10.76
N GLU R 153 11.29 -108.84 -12.02
CA GLU R 153 9.90 -108.60 -12.38
C GLU R 153 9.19 -109.94 -12.55
N PHE R 154 7.97 -110.01 -12.05
CA PHE R 154 7.17 -111.22 -12.09
C PHE R 154 6.06 -111.06 -13.12
N ASP R 155 5.99 -111.99 -14.05
CA ASP R 155 4.94 -112.00 -15.06
C ASP R 155 3.68 -112.58 -14.43
N LEU R 156 2.61 -111.79 -14.39
CA LEU R 156 1.42 -112.14 -13.65
C LEU R 156 0.43 -112.96 -14.47
N THR R 157 0.81 -113.35 -15.69
CA THR R 157 -0.01 -114.23 -16.52
C THR R 157 0.47 -115.67 -16.51
N LYS R 158 1.53 -115.98 -15.78
CA LYS R 158 2.16 -117.30 -15.79
C LYS R 158 2.37 -117.79 -14.37
N GLU R 159 2.09 -119.08 -14.16
CA GLU R 159 1.99 -119.62 -12.81
C GLU R 159 3.35 -119.69 -12.12
N GLU R 160 4.42 -119.94 -12.86
CA GLU R 160 5.73 -120.06 -12.23
C GLU R 160 6.12 -118.77 -11.52
N ASP R 161 5.99 -117.63 -12.21
CA ASP R 161 6.34 -116.35 -11.60
C ASP R 161 5.35 -115.96 -10.52
N LEU R 162 4.07 -116.28 -10.70
CA LEU R 162 3.09 -115.96 -9.67
C LEU R 162 3.38 -116.74 -8.38
N ALA R 163 3.72 -118.02 -8.51
CA ALA R 163 4.06 -118.83 -7.34
C ALA R 163 5.36 -118.34 -6.70
N ALA R 164 6.36 -118.00 -7.52
CA ALA R 164 7.59 -117.44 -6.95
C ALA R 164 7.29 -116.17 -6.19
N LEU R 165 6.44 -115.31 -6.74
CA LEU R 165 6.08 -114.07 -6.06
C LEU R 165 5.34 -114.35 -4.76
N ARG R 166 4.37 -115.26 -4.78
CA ARG R 166 3.61 -115.56 -3.57
C ARG R 166 4.52 -116.10 -2.47
N HIS R 167 5.42 -117.02 -2.82
CA HIS R 167 6.26 -117.64 -1.81
C HIS R 167 7.36 -116.69 -1.34
N GLU R 168 7.85 -115.81 -2.22
CA GLU R 168 8.76 -114.76 -1.76
C GLU R 168 8.06 -113.82 -0.80
N ILE R 169 6.80 -113.48 -1.06
CA ILE R 169 6.03 -112.66 -0.15
C ILE R 169 5.86 -113.38 1.18
N GLU R 170 5.59 -114.68 1.13
CA GLU R 170 5.48 -115.47 2.36
C GLU R 170 6.77 -115.44 3.15
N LEU R 171 7.91 -115.61 2.46
CA LEU R 171 9.20 -115.60 3.14
C LEU R 171 9.49 -114.24 3.75
N ARG R 172 9.20 -113.16 3.03
CA ARG R 172 9.39 -111.82 3.56
C ARG R 172 8.48 -111.58 4.78
N MET R 173 7.24 -112.07 4.70
CA MET R 173 6.31 -111.99 5.81
C MET R 173 6.89 -112.66 7.04
N ARG R 174 7.42 -113.87 6.86
CA ARG R 174 8.02 -114.59 7.97
C ARG R 174 9.24 -113.86 8.51
N LYS R 175 10.07 -113.33 7.61
CA LYS R 175 11.28 -112.62 8.01
C LYS R 175 10.98 -111.32 8.74
N ASN R 176 9.75 -110.81 8.65
CA ASN R 176 9.37 -109.65 9.44
C ASN R 176 8.93 -110.02 10.85
N VAL R 177 8.88 -111.31 11.19
CA VAL R 177 8.38 -111.78 12.47
C VAL R 177 9.54 -112.35 13.27
N LYS R 178 9.61 -111.98 14.54
CA LYS R 178 10.65 -112.52 15.43
C LYS R 178 10.41 -114.01 15.67
N GLU R 179 11.49 -114.72 15.93
CA GLU R 179 11.41 -116.16 16.19
C GLU R 179 10.49 -116.42 17.38
N GLY R 180 9.59 -117.40 17.22
CA GLY R 180 8.63 -117.75 18.23
C GLY R 180 7.31 -117.02 18.13
N CYS R 181 7.26 -115.91 17.39
CA CYS R 181 6.03 -115.19 17.11
C CYS R 181 5.57 -115.46 15.68
N THR R 182 4.35 -115.01 15.38
CA THR R 182 3.70 -115.31 14.11
C THR R 182 3.33 -114.07 13.30
N VAL R 183 3.20 -112.91 13.93
CA VAL R 183 2.63 -111.73 13.30
C VAL R 183 3.55 -110.53 13.54
N SER R 184 3.68 -109.66 12.53
CA SER R 184 4.55 -108.49 12.60
C SER R 184 4.01 -107.32 11.79
N PRO R 185 4.24 -106.07 12.22
CA PRO R 185 3.68 -104.92 11.49
C PRO R 185 4.35 -104.58 10.18
N GLU R 186 5.62 -104.96 9.98
CA GLU R 186 6.39 -104.45 8.86
C GLU R 186 5.69 -104.72 7.54
N THR R 187 5.63 -103.70 6.69
CA THR R 187 4.84 -103.72 5.47
C THR R 187 5.71 -104.05 4.26
N ILE R 188 5.28 -105.04 3.47
CA ILE R 188 5.95 -105.37 2.22
C ILE R 188 5.33 -104.55 1.10
N SER R 189 6.18 -103.94 0.27
CA SER R 189 5.74 -103.06 -0.82
C SER R 189 5.96 -103.75 -2.16
N LEU R 190 4.88 -103.98 -2.90
CA LEU R 190 4.93 -104.51 -4.25
C LEU R 190 4.18 -103.58 -5.17
N ASN R 191 4.82 -103.18 -6.27
CA ASN R 191 4.18 -102.36 -7.30
C ASN R 191 3.70 -103.27 -8.41
N VAL R 192 2.39 -103.30 -8.62
CA VAL R 192 1.75 -104.18 -9.60
C VAL R 192 1.06 -103.33 -10.64
N LYS R 193 1.30 -103.64 -11.92
CA LYS R 193 0.67 -102.95 -13.02
C LYS R 193 0.05 -103.96 -13.96
N GLY R 194 -1.04 -103.57 -14.61
CA GLY R 194 -1.72 -104.44 -15.56
C GLY R 194 -2.99 -103.81 -16.08
N PRO R 195 -3.53 -104.36 -17.16
CA PRO R 195 -4.72 -103.78 -17.77
C PRO R 195 -5.94 -103.94 -16.88
N GLY R 196 -6.76 -102.90 -16.81
CA GLY R 196 -7.98 -102.92 -16.04
C GLY R 196 -7.81 -102.58 -14.58
N LEU R 197 -6.58 -102.46 -14.10
CA LEU R 197 -6.33 -102.10 -12.72
C LEU R 197 -6.71 -100.65 -12.47
N GLN R 198 -7.24 -100.38 -11.29
CA GLN R 198 -7.59 -99.03 -10.91
C GLN R 198 -6.44 -98.39 -10.15
N ARG R 199 -6.49 -97.05 -10.01
CA ARG R 199 -5.49 -96.29 -9.20
C ARG R 199 -5.82 -96.58 -7.73
N MET R 200 -5.26 -97.63 -7.10
CA MET R 200 -5.65 -98.01 -5.70
C MET R 200 -4.52 -98.60 -4.86
N VAL R 201 -3.94 -97.84 -3.91
CA VAL R 201 -3.06 -98.48 -2.94
C VAL R 201 -3.88 -99.33 -1.98
N LEU R 202 -3.49 -100.60 -1.82
CA LEU R 202 -4.25 -101.57 -1.04
C LEU R 202 -3.30 -102.25 -0.05
N VAL R 203 -3.64 -102.19 1.23
CA VAL R 203 -2.79 -102.71 2.30
C VAL R 203 -3.47 -103.91 2.92
N ASP R 204 -2.98 -105.11 2.60
CA ASP R 204 -3.39 -106.31 3.31
C ASP R 204 -2.88 -106.29 4.74
N LEU R 205 -3.72 -106.76 5.66
CA LEU R 205 -3.49 -106.69 7.09
C LEU R 205 -3.59 -108.08 7.71
N PRO R 206 -2.83 -108.35 8.78
CA PRO R 206 -3.00 -109.64 9.48
C PRO R 206 -4.45 -109.90 9.88
N GLY R 207 -4.97 -111.08 9.55
CA GLY R 207 -6.35 -111.42 9.85
C GLY R 207 -6.66 -111.36 11.34
N VAL R 208 -7.82 -110.79 11.69
CA VAL R 208 -8.21 -110.60 13.08
C VAL R 208 -8.92 -111.85 13.57
N ILE R 209 -8.72 -112.17 14.85
CA ILE R 209 -9.22 -113.40 15.45
C ILE R 209 -10.10 -113.04 16.65
N ASN R 210 -11.28 -113.64 16.71
CA ASN R 210 -12.07 -113.56 17.93
C ASN R 210 -11.29 -114.13 19.11
N THR R 211 -10.75 -115.34 18.94
CA THR R 211 -9.85 -115.94 19.91
C THR R 211 -8.80 -116.74 19.16
N VAL R 212 -7.63 -116.90 19.80
CA VAL R 212 -6.58 -117.72 19.22
C VAL R 212 -7.01 -119.17 19.20
N THR R 213 -6.80 -119.83 18.06
CA THR R 213 -6.90 -121.28 18.02
C THR R 213 -5.69 -121.89 18.73
N SER R 214 -5.86 -123.11 19.21
CA SER R 214 -4.82 -123.71 20.06
C SER R 214 -3.49 -123.79 19.34
N GLY R 215 -3.51 -124.16 18.05
CA GLY R 215 -2.27 -124.29 17.31
C GLY R 215 -1.51 -122.98 17.21
N MET R 216 -2.23 -121.89 16.98
CA MET R 216 -1.60 -120.59 16.81
C MET R 216 -1.04 -120.07 18.14
N ALA R 217 0.03 -119.30 18.04
CA ALA R 217 0.62 -118.71 19.22
C ALA R 217 -0.34 -117.68 19.83
N PRO R 218 -0.43 -117.60 21.15
CA PRO R 218 -1.31 -116.58 21.76
C PRO R 218 -0.94 -115.17 21.36
N ASP R 219 0.37 -114.89 21.23
CA ASP R 219 0.85 -113.54 20.92
C ASP R 219 -0.04 -112.85 19.91
N THR R 220 -0.39 -113.56 18.83
CA THR R 220 -1.02 -112.92 17.68
C THR R 220 -2.20 -112.08 18.10
N LYS R 221 -3.00 -112.55 19.06
CA LYS R 221 -4.25 -111.87 19.36
C LYS R 221 -4.00 -110.42 19.77
N GLU R 222 -2.99 -110.20 20.63
CA GLU R 222 -2.65 -108.83 20.98
C GLU R 222 -1.94 -108.14 19.83
N THR R 223 -1.04 -108.86 19.16
CA THR R 223 -0.27 -108.26 18.07
C THR R 223 -1.18 -107.86 16.91
N ILE R 224 -2.01 -108.80 16.44
CA ILE R 224 -2.74 -108.60 15.20
C ILE R 224 -3.53 -107.30 15.26
N PHE R 225 -4.31 -107.12 16.32
CA PHE R 225 -5.16 -105.94 16.38
C PHE R 225 -4.32 -104.67 16.41
N SER R 226 -3.26 -104.66 17.22
CA SER R 226 -2.44 -103.45 17.30
C SER R 226 -1.95 -103.05 15.92
N ILE R 227 -1.39 -104.01 15.18
CA ILE R 227 -0.92 -103.76 13.83
C ILE R 227 -2.05 -103.18 13.01
N SER R 228 -3.23 -103.79 13.05
CA SER R 228 -4.34 -103.29 12.26
C SER R 228 -4.61 -101.84 12.62
N LYS R 229 -4.68 -101.54 13.92
CA LYS R 229 -4.95 -100.17 14.32
C LYS R 229 -3.94 -99.23 13.70
N ALA R 230 -2.67 -99.62 13.72
CA ALA R 230 -1.58 -98.76 13.25
C ALA R 230 -1.91 -98.21 11.87
N TYR R 231 -2.51 -99.05 11.04
CA TYR R 231 -2.83 -98.70 9.66
C TYR R 231 -4.27 -98.24 9.51
N MET R 232 -5.15 -98.74 10.38
CA MET R 232 -6.58 -98.45 10.30
C MET R 232 -6.89 -97.04 10.74
N GLN R 233 -6.14 -96.52 11.73
CA GLN R 233 -6.40 -95.22 12.34
C GLN R 233 -6.11 -94.06 11.39
N ASN R 234 -5.41 -94.31 10.29
CA ASN R 234 -5.04 -93.26 9.36
C ASN R 234 -6.27 -92.40 9.04
N PRO R 235 -6.31 -91.13 9.48
CA PRO R 235 -7.49 -90.31 9.21
C PRO R 235 -7.71 -90.03 7.74
N ASN R 236 -6.72 -90.29 6.88
CA ASN R 236 -6.82 -90.05 5.46
C ASN R 236 -7.02 -91.32 4.65
N ALA R 237 -7.35 -92.44 5.28
CA ALA R 237 -7.40 -93.73 4.61
C ALA R 237 -8.82 -94.27 4.57
N ILE R 238 -9.06 -95.13 3.58
CA ILE R 238 -10.31 -95.87 3.46
C ILE R 238 -10.16 -97.20 4.17
N ILE R 239 -11.21 -97.62 4.87
CA ILE R 239 -11.25 -98.92 5.53
C ILE R 239 -12.06 -99.87 4.67
N LEU R 240 -11.43 -100.92 4.17
CA LEU R 240 -12.13 -101.97 3.45
C LEU R 240 -12.28 -103.18 4.38
N CYS R 241 -13.52 -103.47 4.77
CA CYS R 241 -13.82 -104.49 5.78
C CYS R 241 -14.28 -105.76 5.10
N ILE R 242 -13.53 -106.84 5.30
CA ILE R 242 -13.79 -108.14 4.69
C ILE R 242 -14.31 -109.06 5.79
N GLN R 243 -15.58 -109.46 5.70
CA GLN R 243 -16.19 -110.29 6.72
C GLN R 243 -16.70 -111.59 6.10
N ASP R 244 -16.53 -112.68 6.83
CA ASP R 244 -16.96 -114.00 6.36
C ASP R 244 -18.48 -114.09 6.52
N GLY R 245 -19.18 -114.14 5.39
CA GLY R 245 -20.63 -114.22 5.38
C GLY R 245 -21.20 -115.62 5.26
N SER R 246 -20.35 -116.65 5.34
CA SER R 246 -20.81 -118.03 5.30
C SER R 246 -20.77 -118.67 6.70
N VAL R 247 -20.59 -117.87 7.74
CA VAL R 247 -20.53 -118.36 9.11
C VAL R 247 -21.45 -117.52 9.98
N ASP R 248 -21.72 -118.02 11.18
CA ASP R 248 -22.51 -117.25 12.14
C ASP R 248 -21.82 -115.92 12.40
N ALA R 249 -22.50 -114.82 12.01
CA ALA R 249 -21.89 -113.51 12.11
C ALA R 249 -21.58 -113.13 13.55
N GLU R 250 -22.23 -113.77 14.52
CA GLU R 250 -21.93 -113.48 15.93
C GLU R 250 -20.48 -113.79 16.27
N ARG R 251 -19.84 -114.69 15.52
CA ARG R 251 -18.47 -115.07 15.78
C ARG R 251 -17.46 -114.12 15.16
N SER R 252 -17.90 -113.18 14.33
CA SER R 252 -16.99 -112.26 13.66
C SER R 252 -16.44 -111.22 14.64
N ILE R 253 -15.25 -110.70 14.33
CA ILE R 253 -14.61 -109.69 15.16
C ILE R 253 -14.11 -108.49 14.38
N VAL R 254 -13.98 -108.54 13.05
CA VAL R 254 -13.39 -107.43 12.32
C VAL R 254 -14.22 -106.17 12.45
N THR R 255 -15.54 -106.30 12.51
CA THR R 255 -16.42 -105.13 12.52
C THR R 255 -16.24 -104.32 13.79
N ASP R 256 -15.81 -104.94 14.89
CA ASP R 256 -15.59 -104.17 16.12
C ASP R 256 -14.36 -103.28 15.98
N LEU R 257 -13.28 -103.81 15.40
CA LEU R 257 -12.11 -102.99 15.15
C LEU R 257 -12.42 -101.90 14.13
N VAL R 258 -13.21 -102.21 13.11
CA VAL R 258 -13.58 -101.20 12.13
C VAL R 258 -14.37 -100.08 12.79
N SER R 259 -15.33 -100.44 13.65
CA SER R 259 -16.11 -99.42 14.37
C SER R 259 -15.22 -98.61 15.31
N GLN R 260 -14.20 -99.23 15.90
CA GLN R 260 -13.27 -98.49 16.74
C GLN R 260 -12.46 -97.49 15.91
N MET R 261 -12.02 -97.91 14.73
CA MET R 261 -11.11 -97.09 13.95
C MET R 261 -11.83 -96.05 13.10
N ASP R 262 -13.08 -96.31 12.73
CA ASP R 262 -13.92 -95.35 12.02
C ASP R 262 -15.32 -95.40 12.60
N PRO R 263 -15.55 -94.69 13.71
CA PRO R 263 -16.87 -94.75 14.36
C PRO R 263 -18.01 -94.27 13.47
N HIS R 264 -17.74 -93.44 12.47
CA HIS R 264 -18.78 -92.84 11.65
C HIS R 264 -18.82 -93.38 10.22
N GLY R 265 -17.93 -94.27 9.85
CA GLY R 265 -17.90 -94.76 8.48
C GLY R 265 -17.54 -93.69 7.48
N ARG R 266 -16.68 -92.74 7.87
CA ARG R 266 -16.32 -91.63 7.00
C ARG R 266 -15.64 -92.11 5.73
N ARG R 267 -14.81 -93.15 5.82
CA ARG R 267 -14.20 -93.77 4.64
C ARG R 267 -14.19 -95.29 4.81
N THR R 268 -15.33 -95.86 5.18
CA THR R 268 -15.44 -97.29 5.44
C THR R 268 -16.26 -97.97 4.35
N ILE R 269 -15.72 -99.05 3.80
CA ILE R 269 -16.41 -99.88 2.82
C ILE R 269 -16.45 -101.31 3.36
N PHE R 270 -17.64 -101.89 3.38
CA PHE R 270 -17.86 -103.20 3.97
C PHE R 270 -18.09 -104.23 2.87
N VAL R 271 -17.45 -105.40 3.01
CA VAL R 271 -17.54 -106.47 2.03
C VAL R 271 -17.76 -107.79 2.76
N LEU R 272 -18.70 -108.59 2.27
CA LEU R 272 -18.81 -109.98 2.68
C LEU R 272 -18.04 -110.88 1.71
N THR R 273 -17.53 -111.99 2.23
CA THR R 273 -16.78 -112.95 1.45
C THR R 273 -17.39 -114.35 1.60
N LYS R 274 -16.87 -115.27 0.79
CA LYS R 274 -17.36 -116.65 0.78
C LYS R 274 -18.84 -116.69 0.47
N VAL R 275 -19.28 -115.81 -0.44
CA VAL R 275 -20.70 -115.74 -0.75
C VAL R 275 -21.18 -117.02 -1.43
N ASP R 276 -20.37 -117.57 -2.33
CA ASP R 276 -20.76 -118.84 -2.96
C ASP R 276 -20.89 -119.94 -1.92
N LEU R 277 -19.97 -120.01 -0.97
CA LEU R 277 -20.13 -120.92 0.16
C LEU R 277 -21.33 -120.51 0.99
N ALA R 278 -21.58 -119.20 1.13
CA ALA R 278 -22.70 -118.71 1.92
C ALA R 278 -24.05 -119.15 1.36
N GLU R 279 -24.12 -119.48 0.07
CA GLU R 279 -25.41 -119.88 -0.50
C GLU R 279 -26.00 -121.06 0.25
N LYS R 280 -25.19 -122.07 0.55
CA LYS R 280 -25.62 -123.20 1.37
C LYS R 280 -25.34 -122.99 2.85
N ASN R 281 -24.55 -121.97 3.20
CA ASN R 281 -24.17 -121.70 4.58
C ASN R 281 -24.33 -120.22 4.89
N VAL R 282 -25.45 -119.63 4.46
CA VAL R 282 -25.66 -118.20 4.63
C VAL R 282 -25.65 -117.84 6.11
N ALA R 283 -25.00 -116.72 6.43
CA ALA R 283 -25.08 -116.18 7.78
C ALA R 283 -26.51 -115.72 8.05
N SER R 284 -27.03 -116.09 9.21
CA SER R 284 -28.43 -115.87 9.48
C SER R 284 -28.76 -114.37 9.42
N PRO R 285 -29.96 -114.00 8.96
CA PRO R 285 -30.30 -112.57 8.89
C PRO R 285 -30.11 -111.85 10.21
N SER R 286 -30.45 -112.51 11.32
CA SER R 286 -30.56 -111.83 12.62
C SER R 286 -29.23 -111.26 13.10
N ARG R 287 -28.13 -111.68 12.50
CA ARG R 287 -26.81 -111.17 12.88
C ARG R 287 -26.09 -110.50 11.72
N ILE R 288 -26.28 -110.99 10.49
CA ILE R 288 -25.55 -110.44 9.36
C ILE R 288 -26.23 -109.19 8.82
N GLN R 289 -27.57 -109.17 8.78
CA GLN R 289 -28.24 -107.99 8.26
C GLN R 289 -28.07 -106.79 9.18
N GLN R 290 -27.97 -107.03 10.49
CA GLN R 290 -27.69 -105.96 11.43
C GLN R 290 -26.27 -105.43 11.29
N ILE R 291 -25.37 -106.20 10.71
CA ILE R 291 -24.05 -105.72 10.34
C ILE R 291 -24.10 -104.91 9.05
N ILE R 292 -24.83 -105.45 8.06
CA ILE R 292 -24.96 -104.75 6.78
C ILE R 292 -25.66 -103.42 6.98
N GLU R 293 -26.61 -103.36 7.90
CA GLU R 293 -27.34 -102.12 8.19
C GLU R 293 -26.65 -101.27 9.25
N GLY R 294 -25.50 -101.70 9.77
CA GLY R 294 -24.80 -100.93 10.77
C GLY R 294 -25.52 -100.83 12.09
N LYS R 295 -26.24 -101.88 12.50
CA LYS R 295 -27.01 -101.88 13.73
C LYS R 295 -26.44 -102.79 14.81
N LEU R 296 -25.89 -103.94 14.43
CA LEU R 296 -25.26 -104.81 15.41
C LEU R 296 -23.95 -104.20 15.90
N PHE R 297 -23.27 -103.46 15.03
CA PHE R 297 -22.02 -102.78 15.35
C PHE R 297 -22.12 -101.30 14.99
N PRO R 298 -21.41 -100.43 15.70
CA PRO R 298 -21.44 -99.00 15.33
C PRO R 298 -20.91 -98.72 13.94
N MET R 299 -20.25 -99.69 13.32
CA MET R 299 -19.67 -99.48 12.00
C MET R 299 -20.71 -98.99 11.01
N LYS R 300 -20.48 -97.80 10.47
CA LYS R 300 -21.17 -97.32 9.29
C LYS R 300 -20.22 -97.44 8.09
N ALA R 301 -20.79 -97.35 6.89
CA ALA R 301 -20.00 -97.60 5.69
C ALA R 301 -20.50 -96.74 4.54
N LEU R 302 -19.64 -96.58 3.54
CA LEU R 302 -20.02 -95.96 2.28
C LEU R 302 -20.87 -96.89 1.43
N GLY R 303 -21.01 -98.14 1.85
CA GLY R 303 -21.77 -99.14 1.14
C GLY R 303 -21.36 -100.51 1.62
N TYR R 304 -22.33 -101.43 1.58
CA TYR R 304 -22.13 -102.78 2.10
C TYR R 304 -22.10 -103.73 0.91
N PHE R 305 -20.92 -104.28 0.66
CA PHE R 305 -20.60 -105.01 -0.55
C PHE R 305 -20.42 -106.49 -0.24
N ALA R 306 -20.23 -107.29 -1.28
CA ALA R 306 -19.89 -108.68 -1.10
C ALA R 306 -19.21 -109.19 -2.36
N VAL R 307 -18.18 -110.03 -2.16
CA VAL R 307 -17.48 -110.69 -3.25
C VAL R 307 -17.26 -112.14 -2.85
N VAL R 308 -17.03 -112.98 -3.85
CA VAL R 308 -16.77 -114.39 -3.62
C VAL R 308 -15.27 -114.60 -3.63
N THR R 309 -14.81 -115.49 -2.75
CA THR R 309 -13.39 -115.78 -2.61
C THR R 309 -13.01 -117.18 -3.06
N GLY R 310 -13.96 -117.95 -3.56
CA GLY R 310 -13.76 -119.33 -3.96
C GLY R 310 -14.59 -120.26 -3.12
N LYS R 311 -14.33 -121.56 -3.27
CA LYS R 311 -14.94 -122.61 -2.47
C LYS R 311 -13.99 -123.21 -1.45
N GLY R 312 -12.94 -122.46 -1.09
CA GLY R 312 -11.93 -122.96 -0.17
C GLY R 312 -10.72 -123.54 -0.85
N ASN R 313 -10.79 -123.82 -2.15
CA ASN R 313 -9.62 -124.26 -2.89
C ASN R 313 -8.67 -123.08 -3.08
N SER R 314 -7.38 -123.36 -2.93
CA SER R 314 -6.37 -122.30 -2.94
C SER R 314 -5.84 -121.98 -4.33
N SER R 315 -6.04 -122.86 -5.30
CA SER R 315 -5.50 -122.67 -6.64
C SER R 315 -6.48 -122.01 -7.60
N GLU R 316 -7.67 -121.63 -7.14
CA GLU R 316 -8.69 -121.08 -8.03
C GLU R 316 -8.18 -119.81 -8.70
N SER R 317 -8.47 -119.70 -10.00
CA SER R 317 -8.05 -118.56 -10.80
C SER R 317 -8.96 -117.36 -10.54
N ILE R 318 -8.53 -116.22 -11.07
CA ILE R 318 -9.31 -114.99 -10.95
C ILE R 318 -10.64 -115.11 -11.70
N GLU R 319 -10.57 -115.57 -12.96
CA GLU R 319 -11.77 -115.65 -13.79
C GLU R 319 -12.80 -116.61 -13.21
N ALA R 320 -12.35 -117.78 -12.74
CA ALA R 320 -13.28 -118.72 -12.13
C ALA R 320 -14.02 -118.07 -10.99
N ILE R 321 -13.29 -117.45 -10.06
CA ILE R 321 -13.91 -116.86 -8.88
C ILE R 321 -14.93 -115.81 -9.29
N ARG R 322 -14.57 -114.96 -10.27
CA ARG R 322 -15.50 -113.94 -10.71
C ARG R 322 -16.77 -114.55 -11.32
N GLU R 323 -16.61 -115.62 -12.10
CA GLU R 323 -17.78 -116.29 -12.66
C GLU R 323 -18.67 -116.83 -11.54
N TYR R 324 -18.06 -117.44 -10.54
CA TYR R 324 -18.85 -118.00 -9.45
C TYR R 324 -19.58 -116.87 -8.74
N GLU R 325 -18.91 -115.72 -8.60
CA GLU R 325 -19.51 -114.53 -8.00
C GLU R 325 -20.78 -114.12 -8.74
N GLU R 326 -20.70 -114.10 -10.08
CA GLU R 326 -21.85 -113.69 -10.87
C GLU R 326 -23.01 -114.66 -10.70
N GLU R 327 -22.73 -115.96 -10.73
CA GLU R 327 -23.81 -116.94 -10.52
C GLU R 327 -24.45 -116.75 -9.15
N PHE R 328 -23.62 -116.63 -8.10
CA PHE R 328 -24.16 -116.49 -6.75
C PHE R 328 -25.06 -115.27 -6.66
N PHE R 329 -24.56 -114.10 -7.07
CA PHE R 329 -25.34 -112.88 -6.89
C PHE R 329 -26.56 -112.83 -7.81
N GLN R 330 -26.56 -113.57 -8.91
CA GLN R 330 -27.81 -113.69 -9.65
C GLN R 330 -28.84 -114.54 -8.90
N ASN R 331 -28.40 -115.59 -8.19
CA ASN R 331 -29.37 -116.57 -7.68
C ASN R 331 -29.58 -116.57 -6.16
N SER R 332 -28.74 -115.90 -5.38
CA SER R 332 -28.67 -116.21 -3.95
C SER R 332 -29.32 -115.15 -3.06
N LYS R 333 -29.26 -115.43 -1.75
CA LYS R 333 -30.05 -114.70 -0.75
C LYS R 333 -29.53 -113.28 -0.51
N LEU R 334 -28.24 -113.04 -0.76
CA LEU R 334 -27.68 -111.74 -0.38
C LEU R 334 -28.44 -110.58 -1.05
N LEU R 335 -29.06 -110.83 -2.21
CA LEU R 335 -29.86 -109.82 -2.88
C LEU R 335 -31.36 -110.08 -2.82
N LYS R 336 -31.79 -111.34 -2.93
CA LYS R 336 -33.22 -111.62 -3.04
C LYS R 336 -33.97 -111.15 -1.80
N THR R 337 -33.31 -111.13 -0.64
CA THR R 337 -33.91 -110.67 0.60
C THR R 337 -33.45 -109.27 0.98
N SER R 338 -32.76 -108.58 0.07
CA SER R 338 -32.46 -107.16 0.22
C SER R 338 -31.66 -106.87 1.49
N MET R 339 -30.51 -107.52 1.62
CA MET R 339 -29.52 -107.08 2.60
C MET R 339 -28.48 -106.17 1.95
N LEU R 340 -27.84 -106.67 0.91
CA LEU R 340 -26.83 -105.93 0.17
C LEU R 340 -27.47 -105.27 -1.04
N LYS R 341 -26.80 -104.23 -1.53
CA LYS R 341 -27.32 -103.47 -2.66
C LYS R 341 -26.76 -104.05 -3.96
N ALA R 342 -27.63 -104.12 -4.98
CA ALA R 342 -27.24 -104.79 -6.22
C ALA R 342 -26.05 -104.10 -6.88
N HIS R 343 -25.96 -102.77 -6.79
CA HIS R 343 -24.85 -102.04 -7.36
C HIS R 343 -23.59 -102.12 -6.49
N GLN R 344 -23.65 -102.81 -5.36
CA GLN R 344 -22.52 -102.94 -4.45
C GLN R 344 -22.01 -104.37 -4.33
N VAL R 345 -22.36 -105.25 -5.26
CA VAL R 345 -21.89 -106.63 -5.22
C VAL R 345 -21.10 -106.93 -6.48
N THR R 346 -20.31 -108.02 -6.40
CA THR R 346 -19.43 -108.45 -7.47
C THR R 346 -18.11 -107.69 -7.43
N THR R 347 -17.06 -108.26 -8.02
CA THR R 347 -15.73 -107.68 -7.90
C THR R 347 -15.65 -106.28 -8.51
N ARG R 348 -16.24 -106.11 -9.70
CA ARG R 348 -16.05 -104.86 -10.43
C ARG R 348 -16.63 -103.68 -9.67
N ASN R 349 -17.81 -103.85 -9.06
CA ASN R 349 -18.44 -102.74 -8.37
C ASN R 349 -17.63 -102.32 -7.15
N LEU R 350 -17.13 -103.30 -6.39
CA LEU R 350 -16.31 -103.00 -5.23
C LEU R 350 -15.03 -102.30 -5.66
N SER R 351 -14.37 -102.81 -6.71
CA SER R 351 -13.13 -102.21 -7.16
C SER R 351 -13.35 -100.77 -7.61
N LEU R 352 -14.42 -100.52 -8.37
CA LEU R 352 -14.67 -99.17 -8.85
C LEU R 352 -15.04 -98.23 -7.72
N ALA R 353 -15.85 -98.69 -6.77
CA ALA R 353 -16.18 -97.84 -5.63
C ALA R 353 -14.93 -97.48 -4.84
N VAL R 354 -14.06 -98.46 -4.59
CA VAL R 354 -12.85 -98.20 -3.83
C VAL R 354 -11.94 -97.23 -4.57
N SER R 355 -11.77 -97.42 -5.88
CA SER R 355 -10.89 -96.53 -6.64
C SER R 355 -11.42 -95.10 -6.65
N ASP R 356 -12.73 -94.94 -6.83
CA ASP R 356 -13.29 -93.59 -6.91
C ASP R 356 -13.15 -92.89 -5.56
N CYS R 357 -13.58 -93.56 -4.48
CA CYS R 357 -13.48 -92.95 -3.17
C CYS R 357 -12.02 -92.69 -2.82
N PHE R 358 -11.14 -93.64 -3.14
CA PHE R 358 -9.73 -93.51 -2.84
C PHE R 358 -9.14 -92.30 -3.53
N TRP R 359 -9.34 -92.19 -4.86
CA TRP R 359 -8.66 -91.13 -5.65
C TRP R 359 -9.25 -89.76 -5.30
N LYS R 360 -10.56 -89.66 -5.00
CA LYS R 360 -11.07 -88.37 -4.54
C LYS R 360 -10.46 -87.99 -3.19
N MET R 361 -10.41 -88.94 -2.25
CA MET R 361 -9.76 -88.69 -0.98
C MET R 361 -8.29 -88.30 -1.17
N VAL R 362 -7.63 -88.91 -2.15
CA VAL R 362 -6.25 -88.57 -2.45
C VAL R 362 -6.13 -87.13 -2.94
N ARG R 363 -6.95 -86.77 -3.93
CA ARG R 363 -6.92 -85.41 -4.53
C ARG R 363 -7.14 -84.39 -3.39
N GLU R 364 -8.03 -84.68 -2.42
CA GLU R 364 -8.34 -83.71 -1.37
C GLU R 364 -7.27 -83.68 -0.28
N SER R 365 -6.70 -84.82 0.10
CA SER R 365 -5.82 -84.88 1.26
C SER R 365 -4.34 -84.77 0.91
N VAL R 366 -3.91 -85.26 -0.25
CA VAL R 366 -2.50 -85.26 -0.56
C VAL R 366 -1.99 -83.87 -0.85
N GLU R 367 -2.83 -82.99 -1.44
CA GLU R 367 -2.44 -81.60 -1.81
C GLU R 367 -2.27 -80.78 -0.52
N GLN R 368 -3.08 -81.02 0.52
CA GLN R 368 -2.91 -80.38 1.82
C GLN R 368 -1.69 -80.94 2.53
N GLN R 369 -1.53 -82.26 2.52
CA GLN R 369 -0.42 -82.85 3.26
C GLN R 369 0.90 -82.64 2.52
N ALA R 370 0.86 -82.36 1.22
CA ALA R 370 2.08 -82.07 0.48
C ALA R 370 2.56 -80.66 0.75
N ASP R 371 1.63 -79.71 0.82
CA ASP R 371 2.00 -78.40 1.35
C ASP R 371 2.54 -78.55 2.77
N SER R 372 1.90 -79.41 3.56
CA SER R 372 2.38 -79.67 4.91
C SER R 372 3.72 -80.38 4.92
N PHE R 373 4.06 -81.12 3.86
CA PHE R 373 5.37 -81.77 3.80
C PHE R 373 6.46 -80.83 3.32
N LYS R 374 6.11 -79.85 2.49
CA LYS R 374 7.03 -78.73 2.30
C LYS R 374 7.30 -78.06 3.64
N ALA R 375 6.21 -77.81 4.38
CA ALA R 375 6.34 -77.28 5.73
C ALA R 375 7.18 -78.20 6.60
N THR R 376 7.03 -79.52 6.42
CA THR R 376 7.75 -80.48 7.24
C THR R 376 9.25 -80.42 6.97
N ARG R 377 9.64 -80.29 5.70
CA ARG R 377 11.06 -80.19 5.39
C ARG R 377 11.64 -78.88 5.91
N PHE R 378 10.90 -77.77 5.78
CA PHE R 378 11.38 -76.54 6.42
C PHE R 378 11.42 -76.68 7.93
N ASN R 379 10.48 -77.43 8.52
CA ASN R 379 10.46 -77.63 9.95
C ASN R 379 11.68 -78.40 10.41
N LEU R 380 12.05 -79.45 9.67
CA LEU R 380 13.29 -80.16 9.96
C LEU R 380 14.49 -79.25 9.79
N GLU R 381 14.45 -78.34 8.81
CA GLU R 381 15.54 -77.39 8.65
C GLU R 381 15.66 -76.51 9.89
N THR R 382 14.52 -76.07 10.41
CA THR R 382 14.47 -75.16 11.56
C THR R 382 15.25 -75.75 12.73
N GLU R 383 14.81 -76.92 13.21
CA GLU R 383 15.48 -77.55 14.33
C GLU R 383 16.91 -77.94 13.99
N TRP R 384 17.12 -78.57 12.82
CA TRP R 384 18.43 -79.13 12.52
C TRP R 384 19.50 -78.06 12.49
N LYS R 385 19.23 -76.93 11.81
CA LYS R 385 20.26 -75.90 11.70
C LYS R 385 20.63 -75.34 13.07
N ASN R 386 19.64 -75.18 13.95
CA ASN R 386 19.94 -74.78 15.33
C ASN R 386 20.81 -75.82 16.01
N ASN R 387 20.50 -77.11 15.82
CA ASN R 387 21.25 -78.17 16.48
C ASN R 387 22.70 -78.20 15.99
N TYR R 388 22.90 -78.17 14.68
CA TYR R 388 24.23 -78.33 14.08
C TYR R 388 24.41 -77.27 13.00
N PRO R 389 24.56 -76.01 13.40
CA PRO R 389 24.80 -74.96 12.39
C PRO R 389 26.09 -75.15 11.64
N ARG R 390 27.17 -75.53 12.32
CA ARG R 390 28.45 -75.69 11.66
C ARG R 390 28.45 -76.90 10.73
N LEU R 391 27.84 -78.01 11.15
CA LEU R 391 27.91 -79.27 10.44
C LEU R 391 26.51 -79.73 10.07
N ARG R 392 26.35 -80.21 8.83
CA ARG R 392 25.05 -80.65 8.33
C ARG R 392 25.08 -82.14 8.01
N GLU R 393 23.96 -82.81 8.31
CA GLU R 393 23.73 -84.22 8.04
C GLU R 393 24.97 -85.08 8.32
N LEU R 394 25.46 -85.00 9.55
CA LEU R 394 26.51 -85.91 10.01
C LEU R 394 26.00 -87.26 10.47
N ASP R 395 26.74 -88.32 10.13
CA ASP R 395 26.41 -89.68 10.48
C ASP R 395 27.36 -90.39 11.41
N ARG R 396 26.87 -91.39 12.15
CA ARG R 396 27.63 -91.96 13.25
C ARG R 396 28.79 -92.76 12.66
N ASN R 397 28.61 -93.38 11.50
CA ASN R 397 29.71 -94.11 10.87
C ASN R 397 30.84 -93.19 10.44
N GLU R 398 30.48 -92.03 9.87
CA GLU R 398 31.46 -91.01 9.54
C GLU R 398 32.20 -90.56 10.79
N LEU R 399 31.46 -90.36 11.88
CA LEU R 399 32.04 -89.95 13.14
C LEU R 399 33.03 -91.01 13.64
N PHE R 400 32.67 -92.29 13.50
CA PHE R 400 33.56 -93.36 13.92
C PHE R 400 34.85 -93.33 13.13
N GLU R 401 34.75 -93.17 11.80
CA GLU R 401 35.96 -93.13 11.00
C GLU R 401 36.86 -91.97 11.42
N LYS R 402 36.24 -90.80 11.65
CA LYS R 402 37.01 -89.64 12.09
C LYS R 402 37.69 -89.91 13.43
N ALA R 403 36.96 -90.52 14.37
CA ALA R 403 37.53 -90.84 15.67
C ALA R 403 38.65 -91.84 15.56
N LYS R 404 38.50 -92.83 14.68
CA LYS R 404 39.56 -93.81 14.46
C LYS R 404 40.83 -93.13 13.98
N ASN R 405 40.70 -92.22 13.01
CA ASN R 405 41.87 -91.52 12.52
C ASN R 405 42.51 -90.71 13.64
N GLU R 406 41.69 -89.98 14.41
CA GLU R 406 42.24 -89.15 15.47
C GLU R 406 42.95 -89.99 16.53
N ILE R 407 42.37 -91.13 16.89
CA ILE R 407 42.92 -91.96 17.95
C ILE R 407 44.24 -92.59 17.50
N LEU R 408 44.29 -93.07 16.25
CA LEU R 408 45.54 -93.63 15.77
C LEU R 408 46.62 -92.55 15.67
N ASP R 409 46.20 -91.34 15.29
CA ASP R 409 47.13 -90.21 15.29
C ASP R 409 47.62 -89.90 16.69
N GLU R 410 46.75 -90.04 17.70
CA GLU R 410 47.16 -89.82 19.08
C GLU R 410 48.18 -90.87 19.51
N VAL R 411 48.02 -92.11 19.07
CA VAL R 411 49.05 -93.11 19.35
C VAL R 411 50.38 -92.69 18.72
N ILE R 412 50.33 -92.23 17.48
CA ILE R 412 51.56 -91.79 16.82
C ILE R 412 52.18 -90.63 17.58
N SER R 413 51.34 -89.71 18.07
CA SER R 413 51.84 -88.60 18.87
C SER R 413 52.49 -89.10 20.16
N LEU R 414 51.91 -90.15 20.74
CA LEU R 414 52.53 -90.79 21.90
C LEU R 414 53.94 -91.26 21.55
N SER R 415 54.13 -91.83 20.35
CA SER R 415 55.48 -92.24 19.86
C SER R 415 56.36 -90.98 19.84
N GLN R 416 55.78 -89.79 19.54
CA GLN R 416 56.53 -88.56 19.41
C GLN R 416 56.96 -87.99 20.76
N VAL R 417 56.44 -88.51 21.88
CA VAL R 417 56.87 -88.02 23.18
C VAL R 417 58.38 -88.20 23.31
N THR R 418 59.04 -87.16 23.82
CA THR R 418 60.49 -87.17 23.86
C THR R 418 60.97 -88.29 24.78
N PRO R 419 62.08 -88.96 24.42
CA PRO R 419 62.57 -90.05 25.28
C PRO R 419 62.83 -89.61 26.71
N LYS R 420 63.34 -88.39 26.90
CA LYS R 420 63.63 -87.91 28.24
C LYS R 420 62.36 -87.82 29.07
N HIS R 421 61.23 -87.49 28.45
CA HIS R 421 59.98 -87.43 29.19
C HIS R 421 59.64 -88.79 29.79
N TRP R 422 59.71 -89.84 28.96
CA TRP R 422 59.42 -91.18 29.43
C TRP R 422 60.42 -91.60 30.51
N GLU R 423 61.70 -91.34 30.28
CA GLU R 423 62.73 -91.72 31.23
C GLU R 423 62.55 -91.00 32.56
N GLU R 424 62.20 -89.72 32.51
CA GLU R 424 61.98 -88.95 33.73
C GLU R 424 60.84 -89.55 34.54
N ILE R 425 59.70 -89.82 33.88
CA ILE R 425 58.57 -90.40 34.60
C ILE R 425 58.99 -91.74 35.22
N LEU R 426 59.65 -92.58 34.42
CA LEU R 426 60.01 -93.91 34.89
C LEU R 426 60.96 -93.84 36.07
N GLN R 427 61.99 -92.99 35.99
CA GLN R 427 62.97 -92.92 37.06
C GLN R 427 62.38 -92.33 38.32
N GLN R 428 61.56 -91.28 38.21
CA GLN R 428 60.98 -90.69 39.40
C GLN R 428 60.09 -91.70 40.11
N SER R 429 59.24 -92.39 39.34
CA SER R 429 58.40 -93.42 39.95
C SER R 429 59.25 -94.54 40.55
N LEU R 430 60.31 -94.94 39.86
CA LEU R 430 61.16 -96.02 40.35
C LEU R 430 61.82 -95.65 41.67
N TRP R 431 62.30 -94.42 41.77
CA TRP R 431 62.94 -93.97 43.01
C TRP R 431 61.93 -93.84 44.14
N GLU R 432 60.70 -93.43 43.85
CA GLU R 432 59.69 -93.39 44.89
C GLU R 432 59.43 -94.78 45.47
N ARG R 433 59.72 -95.83 44.70
CA ARG R 433 59.37 -97.18 45.10
C ARG R 433 60.40 -97.85 45.98
N VAL R 434 61.59 -97.25 46.16
CA VAL R 434 62.69 -97.95 46.80
C VAL R 434 63.37 -97.11 47.88
N SER R 435 63.29 -95.78 47.76
CA SER R 435 64.11 -94.93 48.63
C SER R 435 63.83 -95.18 50.10
N THR R 436 62.55 -95.31 50.47
CA THR R 436 62.21 -95.63 51.84
C THR R 436 62.84 -96.96 52.24
N HIS R 437 62.78 -97.95 51.34
CA HIS R 437 63.45 -99.22 51.59
C HIS R 437 64.96 -99.06 51.60
N VAL R 438 65.50 -98.18 50.75
CA VAL R 438 66.94 -97.95 50.72
C VAL R 438 67.43 -97.54 52.11
N ILE R 439 66.74 -96.59 52.74
CA ILE R 439 67.22 -96.14 54.05
C ILE R 439 66.82 -97.11 55.14
N GLU R 440 65.56 -97.57 55.14
CA GLU R 440 65.06 -98.37 56.25
C GLU R 440 65.76 -99.72 56.32
N ASN R 441 66.01 -100.36 55.19
CA ASN R 441 66.52 -101.72 55.15
C ASN R 441 68.03 -101.80 54.99
N ILE R 442 68.64 -100.83 54.30
CA ILE R 442 70.07 -100.82 54.04
C ILE R 442 70.79 -99.79 54.89
N TYR R 443 70.46 -98.50 54.70
CA TYR R 443 71.32 -97.44 55.23
C TYR R 443 71.38 -97.49 56.75
N LEU R 444 70.21 -97.58 57.41
CA LEU R 444 70.19 -97.53 58.87
C LEU R 444 71.00 -98.66 59.47
N PRO R 445 70.77 -99.94 59.14
CA PRO R 445 71.60 -101.00 59.72
C PRO R 445 73.02 -100.99 59.20
N ALA R 446 73.25 -100.57 57.95
CA ALA R 446 74.60 -100.60 57.39
C ALA R 446 75.48 -99.54 58.04
N ALA R 447 74.94 -98.32 58.21
CA ALA R 447 75.73 -97.20 58.70
C ALA R 447 76.06 -97.29 60.18
N GLN R 448 75.46 -98.21 60.91
CA GLN R 448 75.71 -98.37 62.34
C GLN R 448 76.87 -99.29 62.65
N THR R 449 77.53 -99.84 61.63
CA THR R 449 78.58 -100.81 61.87
C THR R 449 79.88 -100.13 62.29
N MET R 450 80.74 -100.91 62.94
CA MET R 450 82.11 -100.51 63.23
C MET R 450 83.08 -101.02 62.17
N ASN R 451 82.56 -101.64 61.12
CA ASN R 451 83.38 -102.24 60.07
C ASN R 451 82.65 -102.02 58.76
N SER R 452 83.20 -101.16 57.90
CA SER R 452 82.52 -100.81 56.66
C SER R 452 82.29 -102.02 55.76
N GLY R 453 83.03 -103.10 55.97
CA GLY R 453 82.74 -104.33 55.23
C GLY R 453 81.36 -104.87 55.52
N THR R 454 80.90 -104.75 56.76
CA THR R 454 79.55 -105.19 57.10
C THR R 454 78.50 -104.17 56.66
N PHE R 455 78.86 -102.90 56.61
CA PHE R 455 78.03 -101.92 55.91
C PHE R 455 77.76 -102.35 54.48
N ASN R 456 78.82 -102.65 53.73
CA ASN R 456 78.65 -103.04 52.34
C ASN R 456 78.00 -104.41 52.22
N THR R 457 78.20 -105.29 53.21
CA THR R 457 77.55 -106.59 53.19
C THR R 457 76.04 -106.44 53.34
N THR R 458 75.59 -105.59 54.27
CA THR R 458 74.17 -105.31 54.39
C THR R 458 73.63 -104.72 53.09
N VAL R 459 74.37 -103.75 52.53
CA VAL R 459 74.03 -103.20 51.23
C VAL R 459 73.79 -104.32 50.22
N ASP R 460 74.77 -105.20 50.06
CA ASP R 460 74.71 -106.19 49.00
C ASP R 460 73.63 -107.22 49.25
N ILE R 461 73.41 -107.61 50.52
CA ILE R 461 72.35 -108.55 50.83
C ILE R 461 71.02 -107.99 50.34
N LYS R 462 70.69 -106.76 50.77
CA LYS R 462 69.39 -106.21 50.42
C LYS R 462 69.28 -105.96 48.92
N LEU R 463 70.33 -105.40 48.32
CA LEU R 463 70.28 -105.06 46.91
C LEU R 463 70.16 -106.32 46.05
N LYS R 464 70.91 -107.38 46.40
CA LYS R 464 70.85 -108.58 45.59
C LYS R 464 69.50 -109.26 45.72
N GLN R 465 68.94 -109.30 46.93
CA GLN R 465 67.60 -109.87 47.08
C GLN R 465 66.58 -109.09 46.26
N TRP R 466 66.63 -107.76 46.34
CA TRP R 466 65.66 -106.94 45.61
C TRP R 466 65.83 -107.12 44.11
N THR R 467 67.07 -107.11 43.62
CA THR R 467 67.32 -107.26 42.19
C THR R 467 66.82 -108.61 41.70
N ASP R 468 67.10 -109.66 42.47
CA ASP R 468 66.72 -111.00 42.03
C ASP R 468 65.21 -111.18 41.99
N LYS R 469 64.51 -110.66 43.00
CA LYS R 469 63.09 -110.98 43.15
C LYS R 469 62.15 -109.78 43.09
N GLN R 470 62.65 -108.55 43.19
CA GLN R 470 61.75 -107.39 43.25
C GLN R 470 61.92 -106.44 42.07
N LEU R 471 63.12 -105.93 41.83
CA LEU R 471 63.27 -104.80 40.93
C LEU R 471 62.71 -105.07 39.53
N PRO R 472 62.96 -106.22 38.90
CA PRO R 472 62.38 -106.47 37.57
C PRO R 472 60.86 -106.57 37.59
N ASN R 473 60.24 -106.70 38.77
CA ASN R 473 58.80 -106.73 38.89
C ASN R 473 58.20 -105.35 39.14
N LYS R 474 58.91 -104.50 39.89
CA LYS R 474 58.45 -103.13 40.09
C LYS R 474 58.63 -102.30 38.83
N ALA R 475 59.73 -102.52 38.10
CA ALA R 475 60.02 -101.69 36.94
C ALA R 475 58.98 -101.87 35.85
N VAL R 476 58.52 -103.11 35.62
CA VAL R 476 57.52 -103.34 34.59
C VAL R 476 56.19 -102.73 34.99
N GLU R 477 55.84 -102.79 36.26
CA GLU R 477 54.63 -102.14 36.73
C GLU R 477 54.70 -100.65 36.45
N VAL R 478 55.83 -100.03 36.81
CA VAL R 478 56.00 -98.59 36.61
C VAL R 478 55.85 -98.26 35.13
N ALA R 479 56.53 -99.02 34.27
CA ALA R 479 56.56 -98.67 32.85
C ALA R 479 55.20 -98.86 32.19
N TRP R 480 54.52 -99.97 32.46
CA TRP R 480 53.26 -100.22 31.76
C TRP R 480 52.17 -99.30 32.29
N GLU R 481 52.19 -99.02 33.59
CA GLU R 481 51.29 -98.00 34.13
C GLU R 481 51.58 -96.64 33.52
N THR R 482 52.86 -96.30 33.34
CA THR R 482 53.20 -95.01 32.76
C THR R 482 52.70 -94.90 31.33
N LEU R 483 52.89 -95.96 30.54
CA LEU R 483 52.38 -95.94 29.17
C LEU R 483 50.87 -95.83 29.15
N GLN R 484 50.18 -96.57 30.01
CA GLN R 484 48.73 -96.48 30.06
C GLN R 484 48.29 -95.07 30.43
N GLU R 485 48.96 -94.45 31.40
CA GLU R 485 48.54 -93.14 31.86
C GLU R 485 48.80 -92.06 30.81
N GLU R 486 49.97 -92.08 30.18
CA GLU R 486 50.25 -91.08 29.14
C GLU R 486 49.37 -91.31 27.92
N PHE R 487 49.11 -92.57 27.58
CA PHE R 487 48.16 -92.90 26.52
C PHE R 487 46.79 -92.29 26.82
N SER R 488 46.34 -92.42 28.07
CA SER R 488 45.08 -91.79 28.48
C SER R 488 45.15 -90.27 28.34
N ARG R 489 46.26 -89.67 28.75
CA ARG R 489 46.34 -88.21 28.81
C ARG R 489 46.35 -87.60 27.41
N PHE R 490 47.12 -88.18 26.48
CA PHE R 490 47.12 -87.66 25.11
C PHE R 490 45.72 -87.70 24.51
N MET R 491 44.90 -88.66 24.91
CA MET R 491 43.59 -88.86 24.33
C MET R 491 42.49 -88.02 24.96
N THR R 492 42.77 -87.34 26.08
CA THR R 492 41.70 -86.69 26.83
C THR R 492 41.98 -85.24 27.19
N GLU R 493 43.24 -84.87 27.41
CA GLU R 493 43.54 -83.55 27.94
C GLU R 493 43.44 -82.51 26.82
N PRO R 494 42.60 -81.48 26.97
CA PRO R 494 42.48 -80.48 25.89
C PRO R 494 43.73 -79.63 25.76
N LYS R 495 44.05 -79.29 24.51
CA LYS R 495 45.15 -78.36 24.23
C LYS R 495 44.59 -76.95 24.12
N GLY R 496 44.04 -76.48 25.23
CA GLY R 496 43.44 -75.16 25.28
C GLY R 496 42.06 -75.11 24.66
N LYS R 497 41.67 -73.89 24.29
CA LYS R 497 40.32 -73.64 23.80
C LYS R 497 40.03 -74.30 22.46
N GLU R 498 41.06 -74.75 21.74
CA GLU R 498 40.88 -75.34 20.42
C GLU R 498 40.49 -76.82 20.46
N HIS R 499 40.41 -77.42 21.64
CA HIS R 499 40.10 -78.84 21.74
C HIS R 499 38.70 -79.13 21.24
N ASP R 500 38.56 -80.23 20.50
CA ASP R 500 37.26 -80.75 20.04
C ASP R 500 37.02 -82.09 20.75
N ASP R 501 35.98 -82.14 21.57
CA ASP R 501 35.66 -83.30 22.40
C ASP R 501 34.69 -84.26 21.72
N ILE R 502 34.38 -84.05 20.44
CA ILE R 502 33.36 -84.86 19.77
C ILE R 502 33.68 -86.35 19.87
N PHE R 503 34.96 -86.71 19.72
CA PHE R 503 35.38 -88.10 19.72
C PHE R 503 35.92 -88.56 21.06
N ASP R 504 35.72 -87.79 22.14
CA ASP R 504 36.24 -88.17 23.44
C ASP R 504 35.63 -89.48 23.92
N LYS R 505 34.32 -89.66 23.69
CA LYS R 505 33.68 -90.92 24.06
C LYS R 505 34.34 -92.09 23.34
N LEU R 506 34.57 -91.94 22.03
CA LEU R 506 35.18 -93.01 21.25
C LEU R 506 36.62 -93.24 21.68
N LYS R 507 37.34 -92.16 22.02
CA LYS R 507 38.70 -92.32 22.54
C LYS R 507 38.70 -93.13 23.82
N GLU R 508 37.81 -92.81 24.75
CA GLU R 508 37.76 -93.52 26.02
C GLU R 508 37.38 -94.98 25.79
N ALA R 509 36.44 -95.23 24.88
CA ALA R 509 36.05 -96.60 24.58
C ALA R 509 37.22 -97.40 23.98
N VAL R 510 37.97 -96.79 23.08
CA VAL R 510 39.13 -97.46 22.50
C VAL R 510 40.17 -97.76 23.56
N LYS R 511 40.37 -96.82 24.49
CA LYS R 511 41.49 -96.90 25.43
C LYS R 511 41.50 -98.22 26.19
N GLU R 512 40.39 -98.56 26.84
CA GLU R 512 40.37 -99.72 27.72
C GLU R 512 40.55 -101.02 26.94
N GLU R 513 39.86 -101.15 25.80
CA GLU R 513 40.01 -102.36 24.99
C GLU R 513 41.43 -102.50 24.47
N SER R 514 42.03 -101.41 24.01
CA SER R 514 43.39 -101.48 23.48
C SER R 514 44.37 -101.88 24.57
N ILE R 515 44.25 -101.27 25.75
CA ILE R 515 45.17 -101.60 26.84
C ILE R 515 45.00 -103.07 27.24
N LYS R 516 43.76 -103.52 27.36
CA LYS R 516 43.52 -104.90 27.77
C LYS R 516 44.09 -105.88 26.76
N ARG R 517 43.83 -105.65 25.47
CA ARG R 517 44.37 -106.54 24.45
C ARG R 517 45.90 -106.46 24.42
N HIS R 518 46.45 -105.27 24.58
CA HIS R 518 47.89 -105.11 24.55
C HIS R 518 48.51 -105.57 25.86
N LYS R 519 49.74 -106.09 25.78
CA LYS R 519 50.52 -106.45 26.95
C LYS R 519 51.92 -105.89 26.82
N TRP R 520 52.55 -105.66 27.97
CA TRP R 520 53.97 -105.40 28.02
C TRP R 520 54.71 -106.73 27.85
N ASN R 521 55.80 -106.71 27.09
CA ASN R 521 56.47 -107.96 26.76
C ASN R 521 57.05 -108.62 28.00
N ASP R 522 56.97 -109.95 28.04
CA ASP R 522 57.42 -110.71 29.20
C ASP R 522 58.92 -110.61 29.40
N PHE R 523 59.69 -110.59 28.30
CA PHE R 523 61.14 -110.69 28.40
C PHE R 523 61.72 -109.61 29.31
N ALA R 524 61.11 -108.43 29.31
CA ALA R 524 61.63 -107.28 30.04
C ALA R 524 62.16 -107.66 31.42
N GLU R 525 61.37 -108.41 32.19
CA GLU R 525 61.71 -108.64 33.59
C GLU R 525 63.08 -109.29 33.73
N ASP R 526 63.44 -110.17 32.81
CA ASP R 526 64.76 -110.79 32.88
C ASP R 526 65.85 -109.77 32.56
N SER R 527 65.69 -109.03 31.46
CA SER R 527 66.72 -108.09 31.07
C SER R 527 66.94 -107.06 32.17
N LEU R 528 65.85 -106.50 32.69
CA LEU R 528 65.96 -105.58 33.81
C LEU R 528 66.72 -106.22 34.96
N ARG R 529 66.36 -107.46 35.31
CA ARG R 529 67.04 -108.13 36.41
C ARG R 529 68.54 -108.12 36.21
N VAL R 530 68.98 -108.36 34.97
CA VAL R 530 70.41 -108.29 34.71
C VAL R 530 70.87 -106.84 34.74
N ILE R 531 70.19 -105.97 33.99
CA ILE R 531 70.69 -104.61 33.80
C ILE R 531 70.85 -103.93 35.14
N GLN R 532 69.78 -103.96 35.96
CA GLN R 532 69.84 -103.35 37.26
C GLN R 532 71.04 -103.86 38.04
N HIS R 533 71.21 -105.18 38.07
CA HIS R 533 72.32 -105.76 38.82
C HIS R 533 73.63 -105.11 38.41
N ASN R 534 73.89 -105.05 37.10
CA ASN R 534 75.16 -104.53 36.65
C ASN R 534 75.33 -103.08 37.07
N ALA R 535 74.25 -102.29 36.98
CA ALA R 535 74.35 -100.89 37.37
C ALA R 535 74.75 -100.78 38.83
N LEU R 536 74.25 -101.68 39.67
CA LEU R 536 74.70 -101.72 41.06
C LEU R 536 76.09 -102.31 41.16
N GLU R 537 76.37 -103.37 40.39
CA GLU R 537 77.62 -104.10 40.56
C GLU R 537 78.82 -103.18 40.35
N ASP R 538 78.70 -102.23 39.43
CA ASP R 538 79.75 -101.22 39.26
C ASP R 538 79.74 -100.30 40.48
N ARG R 539 80.82 -100.32 41.24
CA ARG R 539 80.93 -99.55 42.47
C ARG R 539 81.85 -98.34 42.34
N SER R 540 82.38 -98.09 41.14
CA SER R 540 83.43 -97.10 40.94
C SER R 540 82.83 -95.81 40.39
N ILE R 541 82.95 -94.73 41.17
CA ILE R 541 82.50 -93.41 40.73
C ILE R 541 83.56 -92.83 39.80
N SER R 542 83.15 -92.54 38.57
CA SER R 542 84.11 -92.24 37.51
C SER R 542 84.75 -90.85 37.65
N ASP R 543 84.07 -89.88 38.26
CA ASP R 543 84.60 -88.53 38.25
C ASP R 543 84.03 -87.74 39.42
N LYS R 544 84.58 -86.53 39.61
CA LYS R 544 84.14 -85.67 40.70
C LYS R 544 82.68 -85.24 40.54
N GLN R 545 82.25 -84.93 39.32
CA GLN R 545 80.87 -84.48 39.14
C GLN R 545 79.91 -85.57 39.54
N GLN R 546 80.21 -86.81 39.17
CA GLN R 546 79.38 -87.94 39.58
C GLN R 546 79.38 -88.11 41.09
N TRP R 547 80.54 -87.93 41.73
CA TRP R 547 80.61 -88.03 43.19
C TRP R 547 79.72 -86.98 43.84
N ASP R 548 79.75 -85.75 43.31
CA ASP R 548 78.93 -84.67 43.85
C ASP R 548 77.45 -84.95 43.64
N ALA R 549 77.09 -85.49 42.46
CA ALA R 549 75.70 -85.85 42.22
C ALA R 549 75.24 -86.94 43.18
N ALA R 550 76.12 -87.91 43.45
CA ALA R 550 75.80 -88.93 44.44
C ALA R 550 75.55 -88.30 45.80
N ILE R 551 76.38 -87.32 46.18
CA ILE R 551 76.16 -86.68 47.48
C ILE R 551 74.86 -85.88 47.50
N TYR R 552 74.51 -85.23 46.39
CA TYR R 552 73.24 -84.50 46.34
C TYR R 552 72.05 -85.45 46.46
N PHE R 553 72.13 -86.58 45.77
CA PHE R 553 71.06 -87.58 45.82
C PHE R 553 70.93 -88.16 47.23
N MET R 554 72.07 -88.45 47.85
CA MET R 554 72.09 -88.89 49.24
C MET R 554 71.51 -87.85 50.17
N GLU R 555 71.83 -86.57 49.94
CA GLU R 555 71.26 -85.51 50.76
C GLU R 555 69.75 -85.44 50.59
N GLU R 556 69.25 -85.59 49.36
CA GLU R 556 67.80 -85.61 49.19
C GLU R 556 67.17 -86.72 50.03
N ALA R 557 67.71 -87.94 49.92
CA ALA R 557 67.10 -89.04 50.64
C ALA R 557 67.17 -88.84 52.16
N LEU R 558 68.35 -88.44 52.65
CA LEU R 558 68.55 -88.30 54.09
C LEU R 558 67.76 -87.14 54.66
N GLN R 559 67.66 -86.03 53.92
CA GLN R 559 66.89 -84.89 54.36
C GLN R 559 65.41 -85.24 54.39
N ALA R 560 64.94 -86.00 53.40
CA ALA R 560 63.54 -86.38 53.40
C ALA R 560 63.20 -87.24 54.60
N ARG R 561 64.02 -88.25 54.87
CA ARG R 561 63.70 -89.09 56.02
C ARG R 561 63.89 -88.33 57.33
N LEU R 562 64.84 -87.40 57.39
CA LEU R 562 65.02 -86.61 58.60
C LEU R 562 63.81 -85.72 58.85
N LYS R 563 63.29 -85.04 57.82
CA LYS R 563 62.14 -84.17 58.06
C LYS R 563 60.94 -85.01 58.44
N ASP R 564 60.78 -86.18 57.83
CA ASP R 564 59.65 -87.04 58.20
C ASP R 564 59.76 -87.49 59.65
N THR R 565 60.97 -87.85 60.09
CA THR R 565 61.18 -88.25 61.47
C THR R 565 60.86 -87.10 62.42
N GLU R 566 61.30 -85.89 62.08
CA GLU R 566 61.03 -84.74 62.93
C GLU R 566 59.55 -84.45 63.03
N ASN R 567 58.83 -84.56 61.91
CA ASN R 567 57.39 -84.31 61.94
C ASN R 567 56.67 -85.39 62.76
N ALA R 568 57.10 -86.65 62.63
CA ALA R 568 56.52 -87.69 63.46
C ALA R 568 56.79 -87.45 64.94
N ILE R 569 57.98 -86.97 65.27
CA ILE R 569 58.27 -86.62 66.66
C ILE R 569 57.30 -85.56 67.13
N GLU R 570 57.18 -84.46 66.38
CA GLU R 570 56.26 -83.41 66.79
C GLU R 570 54.84 -83.94 66.92
N ASN R 571 54.49 -84.94 66.11
CA ASN R 571 53.15 -85.52 66.20
C ASN R 571 52.97 -86.26 67.53
N MET R 572 53.98 -86.99 67.98
CA MET R 572 53.80 -87.76 69.22
C MET R 572 54.10 -86.97 70.49
N VAL R 573 55.06 -86.04 70.47
CA VAL R 573 55.46 -85.33 71.67
C VAL R 573 54.65 -84.07 71.91
N GLY R 574 54.01 -83.52 70.87
CA GLY R 574 53.15 -82.38 71.04
C GLY R 574 53.88 -81.05 70.99
N PRO R 575 53.11 -79.98 71.09
CA PRO R 575 53.64 -78.62 70.96
C PRO R 575 54.85 -78.29 71.82
N ASP R 576 55.62 -77.30 71.38
CA ASP R 576 56.64 -76.71 72.22
C ASP R 576 56.02 -75.76 73.25
N TRP R 577 56.83 -75.39 74.23
CA TRP R 577 56.44 -74.37 75.20
C TRP R 577 56.41 -73.00 74.55
N LYS R 578 57.41 -72.71 73.72
CA LYS R 578 57.35 -71.48 72.93
C LYS R 578 56.09 -71.46 72.09
N LYS R 579 55.66 -72.61 71.57
CA LYS R 579 54.37 -72.68 70.90
C LYS R 579 53.24 -72.37 71.89
N ARG R 580 53.39 -72.75 73.15
CA ARG R 580 52.33 -72.42 74.12
C ARG R 580 52.17 -70.92 74.27
N TRP R 581 53.27 -70.19 74.53
CA TRP R 581 53.14 -68.73 74.59
C TRP R 581 52.76 -68.13 73.24
N LEU R 582 53.21 -68.72 72.14
CA LEU R 582 52.99 -68.10 70.84
C LEU R 582 51.54 -68.23 70.40
N TYR R 583 51.03 -69.47 70.36
CA TYR R 583 49.67 -69.74 69.92
C TYR R 583 48.79 -70.37 70.99
N TRP R 584 49.24 -70.47 72.24
CA TRP R 584 48.43 -71.07 73.31
C TRP R 584 48.14 -72.54 73.01
N LYS R 585 49.16 -73.23 72.51
CA LYS R 585 48.99 -74.52 71.89
C LYS R 585 49.99 -75.48 72.50
N ASN R 586 49.50 -76.43 73.29
CA ASN R 586 50.29 -77.17 74.27
C ASN R 586 50.21 -78.66 74.02
N ARG R 587 50.98 -79.40 74.82
CA ARG R 587 51.00 -80.85 74.75
C ARG R 587 49.71 -81.44 75.27
N THR R 588 49.22 -82.47 74.59
CA THR R 588 48.21 -83.30 75.20
C THR R 588 48.88 -84.28 76.16
N GLN R 589 48.09 -84.91 77.02
CA GLN R 589 48.67 -85.74 78.07
C GLN R 589 49.55 -86.83 77.48
N GLU R 590 49.08 -87.51 76.45
CA GLU R 590 49.90 -88.48 75.75
C GLU R 590 51.12 -87.80 75.15
N GLN R 591 50.93 -86.61 74.57
CA GLN R 591 52.07 -85.85 74.06
C GLN R 591 53.00 -85.42 75.17
N CYS R 592 52.49 -85.10 76.36
CA CYS R 592 53.37 -84.79 77.48
C CYS R 592 54.25 -85.99 77.83
N VAL R 593 53.66 -87.17 77.89
CA VAL R 593 54.44 -88.37 78.19
C VAL R 593 55.47 -88.61 77.10
N HIS R 594 55.07 -88.46 75.84
CA HIS R 594 55.98 -88.67 74.74
C HIS R 594 57.15 -87.72 74.80
N ASN R 595 56.90 -86.44 75.11
CA ASN R 595 58.00 -85.48 75.13
C ASN R 595 58.94 -85.76 76.29
N GLU R 596 58.41 -86.12 77.47
CA GLU R 596 59.32 -86.40 78.58
C GLU R 596 60.20 -87.60 78.25
N THR R 597 59.61 -88.63 77.62
CA THR R 597 60.42 -89.75 77.15
C THR R 597 61.46 -89.29 76.15
N LYS R 598 61.07 -88.40 75.22
CA LYS R 598 61.99 -87.92 74.21
C LYS R 598 63.16 -87.17 74.85
N ASN R 599 62.88 -86.33 75.84
CA ASN R 599 63.95 -85.59 76.49
C ASN R 599 64.93 -86.53 77.18
N GLU R 600 64.42 -87.57 77.85
CA GLU R 600 65.33 -88.52 78.48
C GLU R 600 66.14 -89.27 77.44
N LEU R 601 65.52 -89.66 76.33
CA LEU R 601 66.25 -90.37 75.28
C LEU R 601 67.29 -89.48 74.62
N GLU R 602 66.97 -88.18 74.48
CA GLU R 602 67.94 -87.25 73.92
C GLU R 602 69.12 -87.05 74.85
N LYS R 603 68.86 -87.04 76.17
CA LYS R 603 69.97 -87.05 77.12
C LYS R 603 70.83 -88.29 76.92
N MET R 604 70.18 -89.45 76.73
CA MET R 604 70.95 -90.67 76.49
C MET R 604 71.85 -90.53 75.26
N LEU R 605 71.30 -90.01 74.16
CA LEU R 605 72.11 -89.87 72.95
C LEU R 605 73.19 -88.80 73.12
N LYS R 606 72.92 -87.75 73.89
CA LYS R 606 73.97 -86.77 74.19
C LYS R 606 75.13 -87.44 74.93
N CYS R 607 74.82 -88.26 75.93
CA CYS R 607 75.88 -88.96 76.65
C CYS R 607 76.61 -89.94 75.74
N ASN R 608 75.87 -90.62 74.86
CA ASN R 608 76.44 -91.61 73.95
C ASN R 608 75.86 -91.36 72.56
N GLU R 609 76.63 -90.70 71.70
CA GLU R 609 76.20 -90.44 70.33
C GLU R 609 76.24 -91.69 69.46
N GLU R 610 76.89 -92.75 69.91
CA GLU R 610 77.03 -93.97 69.14
C GLU R 610 76.06 -95.06 69.61
N HIS R 611 75.07 -94.70 70.43
CA HIS R 611 74.13 -95.68 70.93
C HIS R 611 73.52 -96.45 69.77
N PRO R 612 73.40 -97.78 69.86
CA PRO R 612 72.76 -98.54 68.79
C PRO R 612 71.30 -98.15 68.61
N ALA R 613 70.79 -98.40 67.40
CA ALA R 613 69.44 -97.98 67.06
C ALA R 613 68.38 -98.67 67.89
N TYR R 614 68.72 -99.77 68.55
CA TYR R 614 67.74 -100.56 69.27
C TYR R 614 67.95 -100.41 70.78
N LEU R 615 66.88 -100.07 71.49
CA LEU R 615 66.88 -100.09 72.94
C LEU R 615 66.56 -101.50 73.42
N ALA R 616 67.46 -102.07 74.22
CA ALA R 616 67.20 -103.35 74.83
C ALA R 616 66.12 -103.20 75.90
N SER R 617 65.56 -104.34 76.31
CA SER R 617 64.48 -104.31 77.30
C SER R 617 64.92 -103.62 78.59
N ASP R 618 66.18 -103.80 78.98
CA ASP R 618 66.68 -103.14 80.18
C ASP R 618 66.77 -101.63 79.97
N GLU R 619 67.22 -101.18 78.79
CA GLU R 619 67.22 -99.75 78.50
C GLU R 619 65.81 -99.19 78.51
N ILE R 620 64.88 -99.93 77.88
CA ILE R 620 63.49 -99.50 77.84
C ILE R 620 62.95 -99.38 79.26
N THR R 621 63.26 -100.37 80.11
CA THR R 621 62.80 -100.37 81.49
C THR R 621 63.42 -99.22 82.27
N THR R 622 64.70 -98.94 82.04
CA THR R 622 65.31 -97.80 82.71
C THR R 622 64.56 -96.52 82.38
N VAL R 623 64.23 -96.33 81.10
CA VAL R 623 63.44 -95.16 80.73
C VAL R 623 62.07 -95.19 81.40
N ARG R 624 61.41 -96.36 81.36
CA ARG R 624 60.08 -96.49 81.93
C ARG R 624 60.06 -96.08 83.39
N LYS R 625 60.99 -96.62 84.16
CA LYS R 625 60.92 -96.46 85.60
C LYS R 625 61.53 -95.14 86.05
N ASN R 626 62.47 -94.58 85.30
CA ASN R 626 62.90 -93.22 85.57
C ASN R 626 61.77 -92.23 85.32
N LEU R 627 61.02 -92.42 84.23
CA LEU R 627 59.87 -91.54 83.97
C LEU R 627 58.76 -91.77 85.00
N GLU R 628 58.57 -93.01 85.42
CA GLU R 628 57.64 -93.28 86.50
C GLU R 628 58.07 -92.58 87.79
N SER R 629 59.38 -92.51 88.03
CA SER R 629 59.89 -91.73 89.16
C SER R 629 59.58 -90.25 88.95
N ARG R 630 59.73 -89.75 87.73
CA ARG R 630 59.30 -88.40 87.41
C ARG R 630 57.80 -88.22 87.56
N GLY R 631 57.05 -89.32 87.61
CA GLY R 631 55.61 -89.27 87.57
C GLY R 631 55.03 -89.44 86.19
N VAL R 632 55.87 -89.43 85.15
CA VAL R 632 55.39 -89.69 83.79
C VAL R 632 55.09 -91.17 83.65
N GLU R 633 54.01 -91.48 82.95
CA GLU R 633 53.48 -92.84 82.85
C GLU R 633 53.87 -93.41 81.49
N VAL R 634 54.84 -94.32 81.50
CA VAL R 634 55.46 -94.80 80.27
C VAL R 634 55.39 -96.31 80.19
N ASP R 635 55.35 -96.81 78.96
CA ASP R 635 55.27 -98.23 78.65
C ASP R 635 56.24 -98.55 77.53
N PRO R 636 56.59 -99.83 77.36
CA PRO R 636 57.67 -100.19 76.41
C PRO R 636 57.41 -99.76 74.97
N SER R 637 56.16 -99.72 74.51
CA SER R 637 55.89 -99.39 73.11
C SER R 637 56.02 -97.89 72.86
N LEU R 638 55.54 -97.08 73.81
CA LEU R 638 55.74 -95.64 73.74
C LEU R 638 57.22 -95.32 73.55
N ILE R 639 58.07 -95.93 74.39
CA ILE R 639 59.50 -95.66 74.30
C ILE R 639 60.08 -96.25 73.03
N LYS R 640 59.63 -97.44 72.60
CA LYS R 640 60.24 -98.01 71.41
C LYS R 640 60.00 -97.12 70.20
N ASP R 641 58.79 -96.59 70.06
CA ASP R 641 58.48 -95.75 68.91
C ASP R 641 59.10 -94.36 69.03
N THR R 642 59.05 -93.76 70.22
CA THR R 642 59.69 -92.47 70.43
C THR R 642 61.19 -92.58 70.20
N TRP R 643 61.80 -93.66 70.68
CA TRP R 643 63.21 -93.91 70.45
C TRP R 643 63.51 -94.07 68.97
N HIS R 644 62.68 -94.82 68.25
CA HIS R 644 62.92 -94.94 66.81
C HIS R 644 62.95 -93.57 66.17
N GLN R 645 61.97 -92.71 66.50
CA GLN R 645 61.94 -91.40 65.87
C GLN R 645 63.13 -90.54 66.30
N VAL R 646 63.41 -90.48 67.60
CA VAL R 646 64.50 -89.63 68.08
C VAL R 646 65.84 -90.12 67.54
N TYR R 647 66.07 -91.42 67.60
CA TYR R 647 67.32 -91.99 67.13
C TYR R 647 67.50 -91.78 65.64
N ARG R 648 66.44 -91.94 64.86
CA ARG R 648 66.57 -91.70 63.42
C ARG R 648 66.81 -90.23 63.13
N ARG R 649 66.23 -89.32 63.92
CA ARG R 649 66.57 -87.92 63.77
C ARG R 649 68.07 -87.69 63.99
N HIS R 650 68.58 -88.21 65.11
CA HIS R 650 70.01 -88.10 65.41
C HIS R 650 70.85 -88.72 64.30
N PHE R 651 70.47 -89.91 63.86
CA PHE R 651 71.24 -90.66 62.89
C PHE R 651 71.26 -89.96 61.54
N LEU R 652 70.13 -89.41 61.11
CA LEU R 652 70.06 -88.77 59.80
C LEU R 652 70.74 -87.40 59.83
N LYS R 653 70.66 -86.67 60.94
CA LYS R 653 71.44 -85.43 61.03
C LYS R 653 72.93 -85.73 60.99
N THR R 654 73.37 -86.79 61.68
CA THR R 654 74.77 -87.20 61.57
C THR R 654 75.11 -87.59 60.13
N ALA R 655 74.19 -88.27 59.46
CA ALA R 655 74.42 -88.66 58.07
C ALA R 655 74.53 -87.45 57.16
N LEU R 656 73.81 -86.37 57.45
CA LEU R 656 73.94 -85.16 56.64
C LEU R 656 75.24 -84.42 56.95
N ASN R 657 75.68 -84.46 58.20
CA ASN R 657 77.01 -83.93 58.50
C ASN R 657 78.08 -84.72 57.75
N HIS R 658 77.89 -86.03 57.63
CA HIS R 658 78.81 -86.85 56.83
C HIS R 658 78.67 -86.53 55.36
N CYS R 659 77.45 -86.20 54.90
CA CYS R 659 77.27 -85.70 53.55
C CYS R 659 78.20 -84.52 53.30
N ASN R 660 78.20 -83.56 54.22
CA ASN R 660 79.05 -82.39 54.08
C ASN R 660 80.53 -82.77 54.12
N LEU R 661 80.89 -83.70 55.01
CA LEU R 661 82.29 -84.11 55.12
C LEU R 661 82.79 -84.75 53.82
N CYS R 662 82.00 -85.66 53.24
CA CYS R 662 82.48 -86.48 52.15
C CYS R 662 82.83 -85.69 50.89
N ARG R 663 82.41 -84.42 50.82
CA ARG R 663 82.65 -83.65 49.59
C ARG R 663 84.13 -83.58 49.27
N ARG R 664 84.97 -83.20 50.25
CA ARG R 664 86.35 -82.85 49.95
C ARG R 664 87.10 -84.02 49.33
N GLY R 665 87.09 -85.19 49.98
CA GLY R 665 87.94 -86.27 49.53
C GLY R 665 87.27 -87.62 49.30
N PHE R 666 87.19 -88.01 48.03
CA PHE R 666 86.91 -89.40 47.69
C PHE R 666 88.13 -90.25 48.05
N TYR R 667 89.32 -89.64 47.97
CA TYR R 667 90.56 -90.31 48.35
C TYR R 667 90.59 -90.67 49.82
N TYR R 668 90.11 -89.77 50.69
CA TYR R 668 90.00 -90.12 52.10
C TYR R 668 89.17 -91.39 52.27
N TYR R 669 88.09 -91.52 51.49
CA TYR R 669 87.35 -92.76 51.45
C TYR R 669 88.23 -93.91 51.00
N GLN R 670 89.03 -93.68 49.96
CA GLN R 670 89.85 -94.75 49.40
C GLN R 670 90.83 -95.17 50.48
N ARG R 671 91.31 -94.21 51.27
CA ARG R 671 92.23 -94.56 52.35
C ARG R 671 91.65 -95.62 53.28
N HIS R 672 90.42 -95.39 53.75
CA HIS R 672 89.75 -96.33 54.66
C HIS R 672 90.64 -96.62 55.86
N PHE R 673 91.35 -95.59 56.32
CA PHE R 673 92.25 -95.80 57.44
C PHE R 673 91.47 -96.11 58.72
N VAL R 674 90.48 -95.31 59.05
CA VAL R 674 89.76 -95.46 60.31
C VAL R 674 88.45 -94.70 60.22
N ASP R 675 87.49 -95.05 61.09
CA ASP R 675 86.18 -94.41 61.05
C ASP R 675 86.26 -92.89 61.14
N SER R 676 87.18 -92.38 61.97
CA SER R 676 87.32 -90.93 62.07
C SER R 676 87.71 -90.32 60.74
N GLU R 677 88.64 -90.94 60.02
CA GLU R 677 88.89 -90.59 58.64
C GLU R 677 87.63 -90.86 57.83
N LEU R 678 87.46 -90.11 56.75
CA LEU R 678 86.23 -90.22 55.98
C LEU R 678 85.99 -91.67 55.57
N GLU R 679 84.79 -92.16 55.86
CA GLU R 679 84.36 -93.50 55.48
C GLU R 679 83.06 -93.32 54.68
N CYS R 680 83.24 -93.01 53.40
CA CYS R 680 82.11 -92.65 52.52
C CYS R 680 81.70 -93.83 51.64
N ASN R 681 81.25 -94.90 52.30
CA ASN R 681 80.50 -95.93 51.60
C ASN R 681 79.09 -95.47 51.29
N ASP R 682 78.63 -94.42 51.97
CA ASP R 682 77.29 -93.89 51.80
C ASP R 682 77.12 -93.25 50.43
N VAL R 683 78.12 -92.45 50.03
CA VAL R 683 78.05 -91.77 48.75
C VAL R 683 78.09 -92.78 47.61
N VAL R 684 78.94 -93.81 47.74
CA VAL R 684 79.04 -94.81 46.70
C VAL R 684 77.76 -95.63 46.63
N LEU R 685 77.12 -95.89 47.78
CA LEU R 685 75.82 -96.55 47.78
C LEU R 685 74.79 -95.76 46.99
N PHE R 686 74.66 -94.48 47.29
CA PHE R 686 73.61 -93.69 46.65
C PHE R 686 73.93 -93.46 45.18
N TRP R 687 75.22 -93.42 44.84
CA TRP R 687 75.65 -93.46 43.44
C TRP R 687 75.23 -94.74 42.74
N ARG R 688 75.44 -95.89 43.38
CA ARG R 688 75.09 -97.15 42.74
C ARG R 688 73.59 -97.20 42.46
N ILE R 689 72.78 -96.77 43.42
CA ILE R 689 71.34 -96.81 43.19
C ILE R 689 70.92 -95.72 42.21
N GLN R 690 71.65 -94.59 42.16
CA GLN R 690 71.47 -93.63 41.08
C GLN R 690 71.59 -94.32 39.72
N ARG R 691 72.66 -95.08 39.53
CA ARG R 691 72.85 -95.80 38.28
C ARG R 691 71.73 -96.79 38.04
N MET R 692 71.37 -97.56 39.07
CA MET R 692 70.32 -98.56 38.91
C MET R 692 69.03 -97.91 38.43
N LEU R 693 68.61 -96.83 39.10
CA LEU R 693 67.34 -96.20 38.76
C LEU R 693 67.39 -95.58 37.38
N ALA R 694 68.48 -94.89 37.04
CA ALA R 694 68.56 -94.26 35.73
C ALA R 694 68.56 -95.28 34.62
N ILE R 695 69.32 -96.37 34.77
CA ILE R 695 69.37 -97.38 33.73
C ILE R 695 68.05 -98.11 33.62
N THR R 696 67.38 -98.37 34.74
CA THR R 696 66.06 -98.98 34.68
C THR R 696 65.09 -98.09 33.91
N ALA R 697 65.10 -96.79 34.21
CA ALA R 697 64.22 -95.86 33.53
C ALA R 697 64.48 -95.85 32.03
N ASN R 698 65.76 -95.82 31.64
CA ASN R 698 66.07 -95.73 30.22
C ASN R 698 65.76 -97.04 29.49
N THR R 699 65.99 -98.19 30.14
CA THR R 699 65.62 -99.45 29.52
C THR R 699 64.11 -99.53 29.31
N LEU R 700 63.34 -99.13 30.32
CA LEU R 700 61.89 -99.15 30.20
C LEU R 700 61.45 -98.21 29.09
N ARG R 701 62.04 -97.01 29.03
CA ARG R 701 61.73 -96.06 27.97
C ARG R 701 62.03 -96.63 26.60
N GLN R 702 63.18 -97.28 26.46
CA GLN R 702 63.56 -97.82 25.14
C GLN R 702 62.59 -98.88 24.70
N GLN R 703 62.27 -99.83 25.58
CA GLN R 703 61.28 -100.85 25.21
C GLN R 703 59.95 -100.20 24.86
N LEU R 704 59.57 -99.18 25.62
CA LEU R 704 58.33 -98.46 25.33
C LEU R 704 58.33 -97.89 23.93
N THR R 705 59.36 -97.11 23.60
CA THR R 705 59.35 -96.30 22.39
C THR R 705 59.68 -97.10 21.13
N ASN R 706 60.36 -98.24 21.25
CA ASN R 706 60.73 -99.03 20.08
C ASN R 706 59.97 -100.34 19.97
N THR R 707 59.39 -100.84 21.05
CA THR R 707 58.65 -102.10 21.02
C THR R 707 57.18 -101.92 21.35
N GLU R 708 56.86 -101.25 22.45
CA GLU R 708 55.50 -101.30 22.97
C GLU R 708 54.58 -100.27 22.31
N VAL R 709 55.11 -99.14 21.86
CA VAL R 709 54.25 -98.12 21.25
C VAL R 709 53.74 -98.59 19.89
N ARG R 710 54.60 -99.25 19.10
CA ARG R 710 54.14 -99.77 17.81
C ARG R 710 53.17 -100.93 17.98
N ARG R 711 53.41 -101.80 18.97
CA ARG R 711 52.43 -102.82 19.31
C ARG R 711 51.13 -102.17 19.75
N LEU R 712 51.21 -101.06 20.47
CA LEU R 712 50.03 -100.33 20.91
C LEU R 712 49.25 -99.81 19.71
N GLU R 713 49.95 -99.23 18.74
CA GLU R 713 49.29 -98.74 17.54
C GLU R 713 48.58 -99.87 16.80
N LYS R 714 49.24 -101.02 16.70
CA LYS R 714 48.59 -102.18 16.06
C LYS R 714 47.34 -102.60 16.80
N ASN R 715 47.43 -102.69 18.14
CA ASN R 715 46.28 -103.09 18.93
C ASN R 715 45.15 -102.07 18.83
N VAL R 716 45.48 -100.78 18.75
CA VAL R 716 44.46 -99.75 18.61
C VAL R 716 43.78 -99.85 17.26
N LYS R 717 44.54 -100.10 16.20
CA LYS R 717 43.91 -100.32 14.90
C LYS R 717 42.95 -101.50 14.94
N GLU R 718 43.35 -102.59 15.59
CA GLU R 718 42.46 -103.74 15.71
C GLU R 718 41.19 -103.38 16.49
N VAL R 719 41.35 -102.68 17.60
CA VAL R 719 40.21 -102.30 18.43
C VAL R 719 39.27 -101.38 17.65
N LEU R 720 39.85 -100.47 16.87
CA LEU R 720 39.02 -99.56 16.09
C LEU R 720 38.34 -100.30 14.93
N GLU R 721 38.94 -101.37 14.43
CA GLU R 721 38.22 -102.22 13.49
C GLU R 721 37.02 -102.88 14.17
N ASP R 722 37.20 -103.35 15.40
CA ASP R 722 36.06 -103.89 16.15
C ASP R 722 35.00 -102.83 16.37
N PHE R 723 35.42 -101.58 16.59
CA PHE R 723 34.49 -100.45 16.56
C PHE R 723 33.75 -100.37 15.23
N ALA R 724 34.47 -100.56 14.13
CA ALA R 724 33.83 -100.52 12.81
C ALA R 724 32.74 -101.57 12.70
N GLU R 725 32.99 -102.75 13.25
CA GLU R 725 32.06 -103.85 13.06
C GLU R 725 30.71 -103.60 13.74
N ASP R 726 30.71 -102.99 14.92
CA ASP R 726 29.49 -102.88 15.74
C ASP R 726 28.94 -101.47 15.68
N GLY R 727 27.71 -101.34 15.20
CA GLY R 727 27.04 -100.04 15.20
C GLY R 727 26.55 -99.63 16.58
N GLU R 728 26.03 -100.58 17.35
CA GLU R 728 25.66 -100.28 18.73
C GLU R 728 26.85 -99.69 19.48
N LYS R 729 28.04 -100.23 19.24
CA LYS R 729 29.21 -99.75 19.96
C LYS R 729 29.51 -98.31 19.55
N LYS R 730 28.96 -97.87 18.42
CA LYS R 730 28.95 -96.44 18.09
C LYS R 730 27.87 -95.63 18.82
N ILE R 731 26.65 -96.15 19.04
CA ILE R 731 25.56 -95.45 19.81
C ILE R 731 25.45 -96.12 21.19
N LYS R 732 26.57 -96.38 21.89
CA LYS R 732 26.45 -96.95 23.23
C LYS R 732 25.92 -95.83 24.11
N LEU R 733 26.41 -94.61 23.91
CA LEU R 733 25.88 -93.44 24.60
C LEU R 733 24.80 -92.82 23.73
N LEU R 734 23.61 -92.63 24.29
CA LEU R 734 22.43 -92.27 23.51
C LEU R 734 22.39 -90.77 23.29
N THR R 735 23.31 -90.30 22.44
CA THR R 735 23.36 -88.92 21.97
C THR R 735 23.23 -88.87 20.44
N GLY R 736 22.54 -89.86 19.86
CA GLY R 736 22.56 -90.12 18.44
C GLY R 736 21.84 -89.16 17.51
N LYS R 737 21.50 -87.96 17.98
CA LYS R 737 20.71 -87.05 17.14
C LYS R 737 21.34 -86.83 15.77
N ARG R 738 22.67 -86.83 15.68
CA ARG R 738 23.34 -86.50 14.42
C ARG R 738 22.84 -87.38 13.29
N VAL R 739 22.96 -88.70 13.46
CA VAL R 739 22.71 -89.64 12.37
C VAL R 739 21.22 -89.66 12.02
N GLN R 740 20.36 -89.71 13.03
CA GLN R 740 18.93 -89.77 12.79
C GLN R 740 18.44 -88.50 12.10
N LEU R 741 18.95 -87.35 12.53
CA LEU R 741 18.54 -86.08 11.92
C LEU R 741 19.00 -86.01 10.47
N ALA R 742 20.22 -86.46 10.18
CA ALA R 742 20.68 -86.46 8.79
C ALA R 742 19.77 -87.32 7.93
N GLU R 743 19.46 -88.53 8.41
CA GLU R 743 18.62 -89.44 7.64
C GLU R 743 17.24 -88.83 7.42
N ASP R 744 16.68 -88.21 8.45
CA ASP R 744 15.36 -87.60 8.34
C ASP R 744 15.36 -86.46 7.33
N LEU R 745 16.42 -85.64 7.34
CA LEU R 745 16.48 -84.54 6.38
C LEU R 745 16.47 -85.07 4.95
N LYS R 746 17.31 -86.07 4.68
CA LYS R 746 17.39 -86.58 3.31
C LYS R 746 16.06 -87.22 2.89
N LYS R 747 15.44 -87.98 3.79
CA LYS R 747 14.20 -88.65 3.45
C LYS R 747 13.04 -87.68 3.30
N VAL R 748 13.01 -86.59 4.09
CA VAL R 748 11.96 -85.59 3.91
C VAL R 748 12.13 -84.88 2.59
N ARG R 749 13.37 -84.63 2.17
CA ARG R 749 13.56 -84.03 0.85
C ARG R 749 13.03 -84.94 -0.24
N GLU R 750 13.28 -86.25 -0.13
CA GLU R 750 12.71 -87.17 -1.12
C GLU R 750 11.18 -87.14 -1.08
N ILE R 751 10.60 -87.13 0.13
CA ILE R 751 9.15 -87.10 0.27
C ILE R 751 8.58 -85.93 -0.51
N GLN R 752 9.13 -84.74 -0.27
CA GLN R 752 8.55 -83.55 -0.88
C GLN R 752 8.82 -83.52 -2.37
N GLU R 753 9.98 -84.03 -2.80
CA GLU R 753 10.29 -84.06 -4.22
C GLU R 753 9.28 -84.91 -4.98
N LYS R 754 8.91 -86.07 -4.42
CA LYS R 754 7.91 -86.89 -5.09
C LYS R 754 6.51 -86.29 -5.00
N LEU R 755 6.18 -85.67 -3.86
CA LEU R 755 4.85 -85.07 -3.73
C LEU R 755 4.67 -83.89 -4.68
N ASP R 756 5.75 -83.19 -5.02
CA ASP R 756 5.62 -82.05 -5.92
C ASP R 756 5.18 -82.49 -7.31
N ALA R 757 5.84 -83.52 -7.85
CA ALA R 757 5.44 -84.05 -9.15
C ALA R 757 4.04 -84.65 -9.07
N PHE R 758 3.71 -85.31 -7.96
CA PHE R 758 2.37 -85.87 -7.84
C PHE R 758 1.32 -84.77 -7.92
N ILE R 759 1.47 -83.65 -7.20
CA ILE R 759 0.40 -82.59 -7.16
C ILE R 759 0.30 -81.98 -8.58
N GLU R 760 1.41 -81.81 -9.31
CA GLU R 760 1.36 -81.33 -10.73
C GLU R 760 0.62 -82.41 -11.55
N ALA R 761 0.80 -83.69 -11.23
CA ALA R 761 0.13 -84.81 -11.94
C ALA R 761 -1.37 -84.83 -11.59
N LEU R 762 -1.78 -84.42 -10.38
CA LEU R 762 -3.23 -84.31 -10.04
C LEU R 762 -3.80 -83.24 -10.99
N HIS R 763 -3.06 -82.17 -11.26
CA HIS R 763 -3.51 -81.10 -12.18
C HIS R 763 -3.58 -81.71 -13.61
N GLN R 764 -2.44 -81.99 -14.24
CA GLN R 764 -2.42 -82.40 -15.68
C GLN R 764 -3.14 -83.75 -15.88
N GLU R 765 -2.71 -84.76 -15.13
CA GLU R 765 -3.31 -86.14 -15.24
C GLU R 765 -4.77 -86.22 -14.80
N LYS R 766 -5.15 -85.55 -13.70
CA LYS R 766 -6.52 -85.71 -13.07
C LYS R 766 -7.02 -87.15 -13.31
#